data_8RBZ
#
_entry.id   8RBZ
#
_cell.length_a   1.00
_cell.length_b   1.00
_cell.length_c   1.00
_cell.angle_alpha   90.00
_cell.angle_beta   90.00
_cell.angle_gamma   90.00
#
_symmetry.space_group_name_H-M   'P 1'
#
loop_
_entity.id
_entity.type
_entity.pdbx_description
1 polymer UNK-UNK-UNK-UNK-UNK-UNK-UNK-UNK-UNK
2 polymer 'SOSS complex subunit B1'
3 polymer 'SOSS complex subunit C'
4 polymer 'DNA-directed RNA polymerase subunit'
5 polymer 'Integrator complex subunit 1'
6 polymer 'Integrator complex subunit 2'
7 polymer 'Integrator complex subunit 3'
8 polymer 'Integrator complex subunit 4'
9 polymer 'Integrator complex subunit 5'
10 polymer 'Integrator complex subunit 6'
11 polymer 'Integrator complex subunit 7'
12 polymer 'Integrator complex subunit 8'
13 polymer 'Integrator complex subunit 9'
14 polymer 'Integrator complex subunit 10'
15 polymer 'Integrator complex subunit 11'
16 polymer 'Integrator complex subunit 14'
17 polymer 'Integrator complex subunit 15'
18 polymer 'Serine/threonine-protein phosphatase 2A 65 kDa regulatory subunit A alpha isoform'
19 polymer 'Serine/threonine-protein phosphatase 2A catalytic subunit alpha isoform'
20 polymer DSS1
21 polymer 'Integrator complex subunit 13'
22 non-polymer 'ZINC ION'
23 non-polymer 'MANGANESE (II) ION'
#
loop_
_entity_poly.entity_id
_entity_poly.type
_entity_poly.pdbx_seq_one_letter_code
_entity_poly.pdbx_strand_id
1 'polypeptide(L)' (UNK)(UNK)(UNK)(UNK)(UNK)(UNK)(UNK)(UNK)(UNK) 1
2 'polypeptide(L)'
;SNMTTETFVKDIKPGLKNLNLIFIVLETGRVTKTKDGHEVRTCKVADKTGSINISVWDDVGNLIQPGDIIRLTKGYASVF
KGCLTLYTGRGGDLQKIGEFCMVYSEVPNFSEPNPEYSTQQAPNKAVQNDSNPSASQPTTGPSAASPASENQNGNGLSAP
PGPGGGPHPPHTPSHPPSTRITRSQPNHTPAGPPGPSSNPVSNGKETRRSSKR
;
B
3 'polypeptide(L)'
;SNMAANSSGQGFQNKNRVAILAELDKEKRKLLMQNQSSTNHPGASIALSRPSLNKDFRDHAEQQHIAAQQKAALQHAHAH
SSGYFITQDSAFGNLILPVLPRLDPE
;
C
4 'polypeptide(L)' SPSYSPTSPSYSP Y
5 'polypeptide(L)'
;SNMNRAKPTTVRRPSAAAKPSGHPPPGDFIALGSKGQANESKTASTLLKPAPSGLPSERKRDAAAALSSASALTGLTKRP
KLSSTPPLSALGRLAEAAVAEKRAISPSIKEPSVVPIEVLPTVLLDEIEAAELEGNDDRIEGVLCGAVKQLKVTRAKPDS
TLYLSLMYLAKIKPNIFATEGVIEALCSLLRRDASINFKAKGNSLVSVLACNLLMAAYEEDENWPEIFVKVYIEDSLGER
IWVDSPHCKTFVDNIQTAFNTRMPPRSVLLQGEAGRVAGDLGAGSSPHPSLTEEEDSQTELLIAEEKLSPEQEGQLMPRY
EELAESVEEYVLDMLRDQLNRRQPIDNVSRNLLRLLTSTCGYKEVRLLAVQKLEMWLQNPKLTRPAQDLLMSVCMNCNTH
GSEDMDVISHLIKIRLKPKVLLNHFMLCIRELLSAHKDNLGTTIKLVIFNELSSARNPNNMQVLYTALQHSSELAPKFLA
MVFQDLLTNKDDYLRASRALLREIIKQTKHEINFQAFCLGLMQERKEPQYLEMEFKERFVVHITDVLAVSMMLGITAQVK
EAGIAWDKGEKRNLEVLRSFQNQIAAIQRDAVWWLHTVVPSISKLAPKDYVHCLHKVLFTEQPETYYKWDNWPPESDRNF
FLRLCSEVPILEDTLMRILVIGLSRELPLGPADAMELADHLVKRAAAVQADDVEVLKVGRTQLIDAVLNLCTYHHPENIQ
LPPGYQPPNLAISTLYWKAWPLLLVVAAFNPENIGLAAWEEYPTLKMLMEMVMTNNYSYPPCTLTDEETRTEMLNRELQT
AQREKQEILAFEGHLAAASTKQTITESSSLLLSQLTSLDPQGPPRRPPPHILDQVKSLNQSLRLGHLLCRSRNPDFLLHI
IQRQASSQSMPWLADLVQSSEGSLDVLPVQCLCEFLLHDAVDDAASGEEDDEGESKEQKAKKRQRQQKQRQLLGRLQDLL
LGPKADEQTTCEVLDYFLRRLGSSQVASRVLAMKGLSLVLSEGSLRDGEEKEPPMEEDVGDTDVLQGYQWLLRDLPRLPL
FDSVRSTTALALQQAIHMETDPQTISAYLIYLSQHTPVEEQAQHSDLALDVARLVVERSTIMSHLFSKLSPSAASDAVLS
ALLSIFSRYVRRMRQSKEGEEVYSWSESQDQVFLRWSSGETATMHILVVHAMVILLTLGPPRADDSEFQALLDIWFPEEK
PLPTAFLVDTSEEALLLPDWLKLRMIRSEVLRLVDAALQDLEPQQLLLFVQSFGIPVSSMSKLLQFLDQAVAHDPQTLEQ
NIMDKNYMAHLVEVQHERGASGGQTFHSLLTASLPPRRDSTEAPKPKSSPEQPIGQGRIRVGTQLRVLGPEDDLAGMFLQ
IFPLSPDPRWQSSSPRPVALALQQALGQELARVVQGSPEVPGITVRVLQALATLLSSPHGGALVMSMHRSHFLACPLLRQ
LCQYQRCVPQDTGFSSLFLKVLLQMLQWLDSPGVEGGPLRAQLRMLASQASAGRRLSDVRGGLLRLAEALAFRQDLEVVS
STVRAVIATLRSGEQCSVEPDLISKVLQGLIEVRSPHLEELLTAFFSATADAASPFPACKPVVVVSSLLLQEEEPLAGGK
PGADGGSLEAVRLGPSSGLLVDWLEMLDPEVVSSCPDLQLRLLFSRRKGKGQAQVPSFRPYLLTLFTHQSSWPTLHQCIR
VLLGKSREQRFDPSASLDFLWACIHVPRIWQGRDQRTPQKRREELVLRVQGPELISLVELILAEAETRSQDGDTAACSLI
QARLPLLLSCCCGDDESVRKVTEHLSGCIQQWGDSVLGRRCRDLLLQLYLQRPELRVPVPEVLLHSEGAASSSVCKLDGL
IHRFITLLADTSDSRALENRGADASMACRKLAVAHPLLLLRHLPMIAALLHGRTHLNFQEFRQQNHLSCFLHVLGLLELL
QPHVFRSEHQGALWDCLLSFIRLLLNYRKSSRHLAAFINKFVQFIHKYITYNAPAAISFLQKHADPLHDLSFDNSDLVML
KSLLAGLSLPSRDDRTDRGLDEEGEEESSAGSLPLVSVSLFTPLTAAEMAPYMKRLSRGQTVEDLLEVLSDIDEMSRRRP
EILSFFSTNLQRLMSSAEECCRNLAFSLALRSMQNSPSIAAAFLPTFMYCLGSQDFEVVQTALRNLPEYALLCQEHAAVL
LHRAFLVGMYGQMDPSAQISEALRILHMEAVM
;
a
6 'polypeptide(L)'
;MKDQQTVIMTECTSLQFVSPFAFEAMQKVDVVCLASLSDPELRLLLPCLVRMALCAPADQSQSWAQDKKLILRLLSGVEA
VNSIVALLSVDFHALEQDASKEQQLRHKLGGGSGESILVSQLQHGLTLEFEHSDSPRRLRLVLSELLAIMNKVSESNGEF
FFKSSELFESPVYLEEAADVLCILQAELPSLLPIVDVAEALLHVRNGAWFLCLLVANVPDSFNEVCRGLIKNGERQDEES
LGGRRRTDALRFLCKMNPSQALKVRGMVVEECHLPGLGVALTLDHTKNEACEDGVSDLVCFVSGLLLGTNAKVRTWFGTF
IRNGQQRKRETSSSVLWQMRRQLLLELMGILPTVRSTRIVEEADVDMEPNVSVYSGLKEEHVVKASALLRLYCALMGIAG
LKPTEEEAEQLLQLMTSRPPATPAGVRFVSLSFCMLLAFSTLVSTPEQEQLMVVWLSWMIKEEAYFESTSGVSASFGEML
LLVAMYFHSNQLSAIIDLVCSTLGMKIVIKPSSLSRMKTIFTQEIFTEQVVTAHAVRVPVTSNLSANITGFLPIHCIYQL
LRSRSFTKHKVSIKDWIYRQLCETSTPLHPQLLPLIDVYINSILTPASKSNPEATNQPVTEQEILNIFQGVIGGDNIRLN
QRFSITAQLLVLYYILSYEEALLANTKTLAAMQRKPKSYSSSLMDQIPIKFLIRQAQGLQQELGGLHSALLRLLATNYPH
LCIVDDWICEEEITGTDALLRRMLLTNNAKNHSPKQLQEAFSAVPVNNTQVMQIIEHLTLLSASELIPYAEVLTSNMSQL
LNSGVPRRILQTVNKLWMVLNTVMPRRLWVMTVNALQPSIKFVRQQKYTQNDLMIDPLIVLRCDQRVHRCPPLMDITLHM
LNGYLLASKAYLSAHLKETEQDRPSQNNTIGLVGQTDAPEVTREELKNALLAAQDSAAVQILLEICLPTEEEKANGVNPD
SLLRNVQSVITTSAPNKGMEEGEDNLLCNLREVQCLICCLLHQMYIADPNIAKLVHFQGYPCELLPLTVAGIPSMHICLD
FIPELIAQPELEKQIFAIQLLSHLCIQYALPKSLSVARLAVNVMGTLLTVLTQAKRYAFFMPTLPSLVSFCRAFPPLYED
IMSLLIQIGQVCASDVATQTRDIDPIITRLQQIKEKPSGWSQICKDSSYKNGSRDTGSMDPDVQLCHCIERTVIEIINMS
VSGI
;
b
7 'polypeptide(L)'
;MELQKGKGAAAAAAASGAAGGGGGGAGAGAPGGGRLLLSTSLDAKDELEERLERCMSIVTSMTAGVSEREANDALNAYVC
KGLPQHEEICLGLFTLILTEPAQAQKCYRDLALVSRDGMNIVLNKINQILMEKYLKLQDTCRTQLVWLVRELVKSGVLGA
DGVCMTFMKQIAGGDVTAKNIWLAESVLDILTEQREWVLKSSILIAMAVYTYLRLIVDHHGTAQLQALRQKEVDFCISLL
RERFMECLMIGRDLVRLLQNVARIPEFELLWKDIIHNPQALSPQFTGILQLLQSRTSRKFLACRLTPDMETKLLFMTSRV
RFGQQKRYQDWFQRQYLSTPDSQSLRCDLIRYICGVVHPSNEVLSSDILPRWAIIGWLLTTCTSNVAASNAKLALFYDWL
FFSPDKDSIMNIEPAILVMHHSMKPHPAITATLLDFMCRIIPNFYPPLEGHVRQGVFSSLNHIVEKRVLAHLAPLFDNPK
LDKELRAMLREKFPEFCSSPSPPVEVKIEEPVSMEMDNHMSDKDESCYDNAEAAFSDDEEDLNSKGKKREFRFHPIKETV
VEEPVDITPYLDQLDESLRDKVLQLQKGSDTEAQCEVMQEIVDQVLEEDFDSEQLSVLASCLQELFKAHFRGEVLPEEIT
EESLEESVGKPLYLIFRNLCQMQEDNSSFSLLLDLLSELYQKQPKIGYHLLYYLRASKAAAGKMNLYESFAQATQLGDLH
TCLMMDMKACQEDDVRLLCHLTPSIYTEFPDETLRSGELLNMIVAVIDSAQLQELVCHVMMGNLVMFRKDSVLNILIQSL
DWETFEQYCAWQLFLAHNIPLETIIPILQHLKYKEHPEALSCLLLQLRREKPSEEMVKMVLSRPCHPDDQFTTSILRHWC
MKHDELLAEHIKSLLIKNNSLPRKRQSLRSSSSKLAQLTLEQILEHLDNLRLNLTNTKQNFFSQTPILQALQHVQASCDE
AHKMKFSDLFSLAEEYEDSSTKPPKSRRKAALSSPRSRKNATQPPNAEEESGSSSASEEEDTKPKPTKRKRKGSSAVGSD
SD
;
c
8 'polypeptide(L)'
;MAAHLKKRVYEEFTKVVQPQEEIATKKLRLTKPSKSAALHIDLCKATSPADALQYLLQFARKPVEAESVEGVVRILLEHY
YKENDPSVRLKIASLLGLLSKTAGFSPDCIMDDAINILQNEKSHQVLAQLLDTLLAIGTKLPENQAIQMRLVDVACKHLT
DTSHGVRNKCLQLLGNLGSLEKSVTKDAEGLAARDVQKIIGDYFSDQDPRVRTAAIKAMLQLHERGLKLHQTIYNQACKL
LSDDYEQVRSAAVQLIWVVSQLYPESIVPIPSSNEEIRLVDDAFGKICHMVSDGSWVVRVQAAKLLGSMEQVSSHFLEQT
LDKKLMSDLRRKRTAHERAKELYSSGEFSSGRKWGDDAPKEEVDTGAVNLIESGACGAFVHGLEDEMYEVRIAAVEALCM
LAQSSPSFAEKCLDFLVDMFNDEIEEVRLQSIHTMRKISNNITLREDQLDTVLAVLEDSSRDIREALHELLCCTNVSTKE
GIHLALVELLKNLTKYPTDRDSIWKCLKFLGSRHPTLVLPLVPELLSTHPFFDTAEPDMDDPAYIAVLVLIFNAAKTCPT
MPALFSDHTFRHYAYLRDSLSHLVPALRLPGRKLVSSAVSPSIIPQEDPSQQFLQQSLERVYSLQHLDPQGAQELLEFTI
RDLQRLGELQSELAGVADFSATYLRCQLLLIKALQEKLWNVAAPLYLKQSDLASAAAKQIMEETYKMEFMYSGVENKQVV
IIHHMRLQAKALQLIVTARTTRGLDPLFGMCEKFLQEVDFFQRYFIADLPHLQDSFVDKLLDLMPRLMTSKPAEVVKILQ
TMLRQSAFLHLPLPEQIHKASATIIEPAGESDNPLRFTSGLVVALDVDATLEHVQDPQNTVKVQVLYPDGQAQMIHPKPA
DFRNPGPGRHRLITQVYLSHTAWTEACQVEVRLLLAYNSSARIPKCPWMEGGEMSPQVETSIEGTIPFSKPVKVYIMPKP
ARR
;
d
9 'polypeptide(L)'
;SNMSALCDPPGAPGPPGPAPATHGPAPLSAQELSQEIKAFLTGVDPILGHQLSAREHARCGLLLLRSLPPARAAVLDHLR
GVFDESVRAHLAALDETPVAGPPHLRPPPPSHVPAGGPGLEDVVQEVQQVLSEFIRANPKAWAPVISAWSIDLMGQLSST
YSGQHQRVPHATGALNELLQLWMGCRATRTLMDIYVQCLSALIGSCPDACVDALLDTSVQHSPHFDWVVAHIGSSFPGTI
ISRVLSCGLKDFCVHGGAGGGAGSSGGSSSQTPSTDPFPGSPAIPAEKRVPKIASVVGILGHLASRHGDSIRRELLRMFH
DSLAGGSGGRSGDPSLQATVPFLLQLAVMSPALLGTVSGELVDCLKPPAVLSQLQQHLQGFPREELDNMLNLAVHLVSQA
SGAGAYRLLQFLVDTAMPASVITTQGLAVPDTVREACDRLIQLLLLHLQKLVHHRGGSPGEGVLGPPPPPRLVPFLDALK
NHVGELCGETLRLERKRFLWQHQLLGLLSVYTRPSCGPEALGHLLSRARSPEELSLATQLYAGLVVSLSGLLPLAFRSCL
ARVHAGTLQPPFTARFLRNLALLVGWEQQGGEGPAALGAHFGESASAHLSDLAPLLLHPEEEVAEAAASLLAICPFPSEA
LSPSQLLGLVRAGVHRFFASLRLHGPPGVASACQLLTRLSQTSPAGLKAVLQLLVEGALHRGNTELFGGQVDGDNETLSV
VSASLASASLLDTNRRHTAAVPGPGGIWSVFHAGVIGRGLKPPKFVQSRNQQEVIYNTQSLLSLLVHCCSAPGGTECGEC
WGAPILSPEAAKAVAVTLVESVCPDAAGAELAWPPEEHARATVERDLRIGRRFREQPLLFELLKLVAAAPPALCYCSVLL
RGLLAALLGHWEASRHPDTTHSPWHLEASCTLVAVMAEGSLLPPALGNMHEVFSQLAPFEVRLLLLSVWGFLREHGPLPQ
KFIFQSERGRFIRDFSREGGGEGGPHLAVLHSVLHRNIDRLGLFSGRFQAPSPSTLLRQGT
;
e
10 'polypeptide(L)'
;SNMPILLFLIDTSASMNQRSHLGTTYLDTAKGAVETFMKLRARDPASRGDRYMLVTFEEPPYAIKAGWKENHATFMNELK
NLQAEGLTTLGQSLRTAFDLLNLNRLVTGIDNYGQGRNPFFLEPAIIITITDGSKLTTTSGVQDELHLPLNSPLPGSELT
KEPFRWDQRLFALVLRLPGTMSVESEQLTGVPLDDSAITPMCEVTGGRSYSVCSPRMLNQCLESLVQKVQSGVVINFEKA
GPDPSPVEDGQPDISRPFGSQPWHSCHKLIYVRPNPKTGVPIGHWPVPESFWPDQNSPTLPPRTSHPVVKFSCTDCEPMV
IDKLPFDKYELEPSPLTQFILERKSPQTCWQVYVSNSAKYSELGHPFGYLKASTALNCVNLFVMPYNYPVLLPLLDDLFK
VHKAKPTLKWRQSFESYLKTMPPYYLGPLKKAVRMMGAPNLIADSMEYGLSYSVISYLKKLSQQAKIESDRVIGSVGKKV
VQETGIKVRSRSHGLSMAYRKDFQQLLQGISEDVPHRLLDLNMKEYTGFQVALLNKDLKPQTFRNAYDIPRRNLLDHLTR
MRSNLLKSTRRFLKGQDEDQVHSVPIAQMGNYQEYLKQVPSPLRELDPDQPRRLHTFGNPFKLDKKGMMIDEADEFVAGP
QNKHKRPGEPNMQGIPKRRRCMSPLLRGRQQNPVVNNHIGGKGPPAPTTQAQPDLIKPLPLHKISETTNDSIIHDVVENH
VADQLSSDITPNAMDTEFSASSPASLLERPTNHMEALGHDHLGTNDLTVGGFLENHEEPRDKEQCAEENIPASSLNKGKK
LMHCRSHEEVNTELKAQIMKEIRKPGRKYERIFTLLKHVQGSLQTRLIFLQNVIKEASRFKKRMLIEQLENFLDEIHRRA
NQINHINSN
;
f
11 'polypeptide(L)'
;SNMASNSTKSFLADAGYGEQELDANSALMELDKGLRSGKLGEQCEAVVRFPRLFQKYPFPILINSAFLKLADVFRVGNNF
LRLCVLKVTQQSEKHLEKILNVDEFVKRIFSVIHSNDPVARAITLRMLGSLASIIPERKNAHHSIRQSLDSHDNVEVEAA
VFAAANFSAQSKDFAVGICNKISEMIQGLATPVDLKLKLIPILQHMHHDAILASSARQLLQQLVTSYPSTKMVIVSLHTF
TLLAASSLVDTPKQIQLLLQYLKNDPRKAVKRLAIQDLKLLANKTPHTWSRENIQALCECALQTPYDSLKLGMLSVLSTL
SGTIAIKHYFSIVPGNVSSSPRSSDLVKLAQECCYHNNRGIAAHGVRVLTNITVSCQEKDLLALEQDAVFGLESLLVLCS
QDDSPGAQATLKIALNCMVKLAKGRPHLSQSVVETLLTQLHSAQDAARILMCHCLAAIAMQLPVLGDGMLGDLMELYKVI
GRSATDKQQELLVSLATVIFVASQKALSVESKAVIKQQLESVSNGWTVYRIARQASRMGNHDMAKELYQSLLTQVASEHF
YFWLNSLKEFSHAEQCLTGLQEENYSSALSCIAESLKFYHKGIASLTAASTPLNPLSFQCEFVKLRIDLLQAFSQLICTC
NSLKTSPPPAIATTIAMTLGNDLQRCGRISNQMKQSMEEFRSLASRYGDLYQASFDADSATLRNVELQQQSCLLISHAIE
ALILDPESASFQEYGSTGTAHADSEYERRMMSVYNHVLEEVESLNRKYTPVSYMHTACLCNAIIALLKVPLSFQRYFFQK
LQSTSIKLALSPSPRNPAEPIAVQNNQQLALKVEGVVQHGSKPGLFRKIQSVCLNVSSTLQSKSGQDYKIPIDNMTNEME
QRVEPHNDYFSTQFLLNFAILGTHNITVESSVKDANGIVWKTGPRTTIFVKSLEDPYSQQIRLQQQQAQQPLQQQQQRNA
YTRF
;
g
12 'polypeptide(L)'
;MSAEAADREAATSSRPCTPPQTCWFEFLLEESLLEKHLRKPCPDPAPVQLIVQFLEQASKPSVNEQNQVQPPPDNKRNRI
LKLLALKVAAHLKWDLDILEKSLSVPVLNMLLNELLCISKVPPGTKHVDMDLATLPPTTAMAVLLYNRWAIRTIVQSSFP
VKQAKPGPPQLSVMNQMQQEKELTENILKVLKEQAADSILVLEAALKLNKDLYVHTMRTLDLLAMEPGMVNGETESSTAG
LKVKTEEMQCQVCYDLGAAYFQQGSTNSAVYENAREKFFRTKELIAEIGSLSLHCTIDEKRLAGYCQACDVLVPSSDSTS
QQLTPYSQVHICLRSGNYQEVIQIFIEDNLTLSLPVQFRQSVLRELFKKAQQGNEALDEICFKVCACNTVRDILEGRTIS
VQFNQLFLRPNKEKIDFLLEVCSRSVNLEKASESLKGNMAAFLKNVCLGLEDLQYVFMISSHELFITLLKDEERKLLVDQ
MRKRSPRVNLCIKPVTSFYDIPASASVNIGQLEHQLILSVDPWRIRQILIELHGMTSERQFWTVSNKWEVPSVYSGVILG
IKDNLTRDLVYILMAKGLHCSTVKDFSHAKQLFAACLELVTEFSPKLRQVMLNEMLLLDIHTHEAGTGQAGERPPSDLIS
RVRGYLEMRLPDIPLRQVIAEECVAFMLNWRENEYLTLQVPAFLLQSNPYVKLGQLLAATCKELPGPKESRRTAKDLWEV
VVQICSVSSQHKRGNDGRVSLIKQRESTLGIMYRSELLSFIKKLREPLVLTIILSLFVKLHNVREDIVNDITAEHISIWP
SSIPNLQSVDFEAVAITVKELVRYTLSINPNNHSWLIIQADIYFATNQYSAALHYYLQAGAVCSDFFNKAVPPDVYTDQV
IKRMIKCCSLLNCHTQVAILCQFLREIDYKTAFKSLQEQNSHDAMDSYYDYIWDVTILEYLTYLHHKRGETDKRQIAIKA
IGQTELNASNPEEVLQLAAQRRKKKFLQAMAKLYF
;
h
13 'polypeptide(L)'
;MKLYCLSGHPTLPCNVLKFKSTTIMLDCGLDMTSTLNFLPLPLVQSPRLSNLPGWSLKDGNAFLDKELKECSGHVFVDSV
PEFCLPETELIDLSTVDVILISNYHCMMALPYITEHTGFTGTVYATEPTVQIGRLLMEELVNFIERVPKAQSASLWKNKD
IQRLLPSPLKDAVEVSTWRRCYTMQEVNSALSKIQLVGYSQKIELFGAVQVTPLSSGYALGSSNWIIQSHYEKVSYVSGS
SLLTTHPQPMDQASLKNSDVLVLTGLTQIPTANPDGMVGEFCSNLALTVRNGGNVLVPCYPSGVIYDLLECLYQYIDSAG
LSSVPLYFISPVANSSLEFSQIFAEWLCHNKQSKVYLPEPPFPHAELIQTNKLKHYPSIHGDFSNDFRQPCVVFTGHPSL
RFGDVVHFMELWGKSSLNTVIFTEPDFSYLEALAPYQPLAMKCIYCPIDTRLNFIQVSKLLKEVQPLHVVCPEQYTQPPP
AQSHRMDLMIDCQPPAMSYRRAEVLALPFKRRYEKIEIMPELADSLVPMEIKPGISLATVSAVLHTKDNKHLLQPPPRPA
QPTSGKKRKRVSDDVPDCKVLKPLLSGSIPVEQFVQTLEKHGFSDIKVEDTAKGHIVLLQEAETLIQIEEDSTHIICDND
EMLRVRLRDLVLKFLQKF
;
i
14 'polypeptide(L)'
;MSAQGDCEFLVQRARELVPQDLWAAKAWLITARSLYPADFNIQYEMYTIERNAERTATAGRLLYDMFVNFPDQPVVWREI
SIITSALRNDSQDKQTQFLRSLFETLPGRVQCEMLLKVTEQCFNTLERSEMLLLLLRRFPETVVQHGVGLGEALLEAETI
EEQESPVNCFRKLFVCDVLPLIINNHDVRLPANLLYKYLNKAAEFYINYVTRSTQIENQHQGAQDTSDLMSPSKRSSQKY
IIEGLTEKSSQIVDPWERLFKILNVVGMRCEWQMDKGRRSYGDILHRMKDLCRYMNNFDSEAHAKYKNQVVYSTMLVFFK
NAFQYVNSIQPSLFQGPNAPSQVPLVLLEDVSNVYGDVEIDRNKHIHKKRKLAEGREKTMSSDDEDCSAKGRNRHIVVNK
AELANSTEVLESFKLARESWELLYSLEFLDKEFTRICLAWKTDTWLWLRIFLTDMIIYQGQYKKAIASLHHLAALQGSIS
QPQITGQGTLEHQRALIQLATCHFALGEYRMTCEKVLDLMCYMVLPIQDGGKSQEEPSKVKPKFRKGSDLKLLPCTSKAI
MPYCLHLMLACFKLRAFTDNRDDMALGHVIVLLQQEWPRGENLFLKAVNKICQQGNFQYENFFNYVTNIDMLEEFAYLRT
QEGGKIHLELLPNQGMLIKHHTVTRGITKGVKEDFRLAMERQVSRCGENLMVVLHRFCINEKILLLQTLT
;
j
15 'polypeptide(L)'
;SNMPEIRVTPLGAGQDVGRSCILVSIAGKNVMLDCGMHMGFNDDRRFPDFSYITQNGRLTDFLDCVIISHFHLDHCGALP
YFSEMVGYDGPIYMTHPTQAICPILLEDYRKIAVDKKGEANFFTSQMIKDCMKKVVAVHLHQTVQVDDELEIKAYYAGHV
LGAAMFQIKVGSESVVYTGDYNMTPDRHLGAAWIDKCRPNLLITQSTYATTIRDSKRCRERDFLKKVHETVERGGKVLIP
VFALGRAQELCILLETFWERMNLKVPIYFSTGLTEKANHYYKLFIPWTNQKIRKTFVQRNMFEFKHIKAFDRAFADNPGP
MVVFATPGMLHAGQSLQIFRKWAGNEKNMVIMPGYCVQGTVGHKILSGQRKLEMEGRQVLEVKMQVEYMSFSAHADAKGI
MQLVGQAEPESVLLVHGEAKKMEFLKQKIEQELRVNCYMPANGETVTLPTSPSIPVGISLGLLKREMAQGLLPEAKKPRL
LHGTLIMKESNFRLVSSEQALKELGLAEHQLRFTCRVHLHDTRKEQETALRVYSHLKSVLKDHCVQHLPDGSVTVESVLL
QAAAPSEDPGTKVLLVSWTYQDEELGSFLTSLLKKGLPQAPS
;
k
16 'polypeptide(L)'
;MPTVVVMDVSLSMTRPVSIEGSEEYQRKHLAAHGLTMLFEHMATNYKLEFTALVVFSSLWELMVPFTRDYNTLQEALSNM
DDYDKTCLESALVGVCNIVQQEWGGAIPCQVVLVTDGCLGIGRGSLRHSLATQNQRSESNRFPLPFPFPSKLYIMCMANL
EELQSTDSLECLERLIDLNNGEGQIFTIDGPLCLKNVQSMFGKLIDLAYTPFHAVLKCGHLTADVQVFPRPEPFVVDEEI
DPIPKVINTDLEIVGFIDIADISSPPVLSRHLVLPIALNKEGDEVGTGITDDNEDENSANQIAGKIPNFCVLLHGSLKVE
GMVAIVQLGPEWHGMLYSQADSKKKSNLMMSLFEPGPEPLPWLGKMAQLGPISDAKENPYGEDDNKSPFPLQPKNKRSYA
QNVTVWIKPSGLQTDVQKILRNARKLPEKTQTFYKELNRLRKAALAFGFLDLLKGVADMLERECTLLPETAHPDAAFQLT
HAAQQLKLASTGTSEYAAYDQNITPLHTDFSGSSTERI
;
n
17 'polypeptide(L)'
;SNMSDIRHSLLRRDALSAAKEVLYHLDIYFSSQLQSAPLPIVDKGPVELLEEFVFQVPKERSAQPKRLNSLQELQLLEIM
CNYFQEQTKDSVRQIIFSSLFSPQGNKADDSRMSLLGKLVSMAVAVCRIPVLECAASWLQRTPVVYCVRLAKALVDDYCC
LVPGSIQTLKQIFSASPRFCCQFITSVTALYDLSSDDLIPPMDLLEMIVTWIFEDPRLILITFLNTPIAANLPIGFLELT
PLVGLIRWCVKAPLAYKRKKKPPLSNGHVSNKVTKDPGVGMDRDSHLLYSKLHLSVLQVLMTLQLHLTEKNLYGRLGLIL
FDHMVPLVEEINRLADELNPLNASQEIELSLDRLAQALQVAMASGALLCTRDDLRTLCSRLPHNNLLQLVISGPVQQSPH
AALPPGFYPHIHTPPLGYGAVPAHPAAHPALPTHPGHTFISGVTFPFRPIR
;
o
18 'polypeptide(L)'
;SNMAAADGDDSLYPIAVLIDELRNEDVQLRLNSIKKLSTIALALGVERTRSELLPFLTDTIYDEDEVLLALAEQLGTFTT
LVGGPEYVHCLLPPLESLATVEETVVRDKAVESLRAISHEHSPSDLEAHFVPLVKRLAGGDWFTSRTSACGLFSVCYPRV
SSAVKAELRQYFRNLCSDDTPMVRRAAASKLGEFAKVLELDNVKSEIIPMFSNLASDEQDSVRLLAVEACVNIAQLLPQE
DLEALVMPTLRQAAEDKSWRVRYMVADKFTELQKAVGPEITKTDLVPAFQNLMKDCEAEVRAAASHKVKEFCENLSADCR
ENVIMSQILPCIKELVSDANQHVKSALASVIMGLSPILGKDNTIEHLLPLFLAQLKDECPEVRLNIISNLDCVNEVIGIR
QLSQSLLPAIVELAEDAKWRVRLAIIEYMPLLAGQLGVEFFDEKLNSLCMAWLVDHVYAIREAATSNLKKLVEKFGKEWA
HATIIPKVLAMSGDPNYLHRMTTLFCINVLSEVCGQDITTKHMLPTVLRMAGDPVANVRFNVAKSLQKIGPILDNSTLQS
EVKPILEKLTQDQDVDVKYFAQEALTVLSLA
;
p
19 'polypeptide(L)'
;SNMDEKVFTKELDQWIEQLNECKQLSESQVKSLCEKAKEILTKESNVQEVRCPVTVCGDVHGQFHDLMELFRIGGKSPDT
NYLFMGDYVNRGYYSVETVTLLVALKVRYRERITILRGNHESRQITQVYGFYDECLRKYGNANVWKYFTDLFDYLPLTAL
VDGQIFCLHGGLSPSIDTLDHIRALDRLQEVPHEGPMCDLLWSDPDDRGGWGISPRGAGYTFGQDISETFNHANGLTLVS
RAHQLVMEGYNWCHDRNVVTIFSAPNYCYRCGNQAAIMELDDTLKYSFLQFDPAPRRGEPHVTRRTPDYFL
;
q
20 'polypeptide(L)' DVSVWEENWEDDIVQDDFNQQLRLEME r
21 'polypeptide(L)'
;MKIFSESHKTVFVVDHCPYMAESCRQHVEFDMLVKNRTQGIIPLAPISKSLWTCSVESSMEYCRIMYDIFPFKKLVNFIV
SDSGAHVLNSWTQEDQNLQELMAALAAVGPPNPRADPECCSILHGLVAAVETLCKITEYQHEARTLLMENAERVGNRGRI
ICITNAKSDSHVRMLEDCVQETIHEHNKLAANSDHLMQIQKCELVLIHTYPVGEDSLVSDRSKKELSPVLTSEVHSVRAG
RHLATKLNILVQQHFDLASTTITNIPMKEEQHANTSANYDVELLHHKDAHVDFLKSGDSHLGGGSREGSFKETITLKWCT
PRTNNIELHYCTGAYRISPVDVNSRPSSCLTNFLLNGRSVLLEQPRKSGSKVISHMLSSHGGEIFLHVLSSSRSILEDPP
SISEGCGGRVTDYRITDFGEFMRENRLTPFLDPRYKIDGSLEVPLERAKDQLEKHTRYWPMIISQTTIFNMQAVVPLASV
IVKESLTEEDVLNCQKTIYNLVDMERKNDPLPISTVGTRGKGPKRDEQYRIMWNELETLVRAHINNSEKHQRVLECLMAC
RSKPPEEEERKKRGRKREDKEDKSEKAVKDYEQEKSWQDSERLKGILERGKEELAEAEIIKDSPDSPEPPNKKPLVEMDE
TPQVEKSKGPVSLLSLWSNRINTANSRKHQEFAGRLNSVNNRAELYQHLKEENGMETTENGKASRQ
;
m
#
loop_
_chem_comp.id
_chem_comp.type
_chem_comp.name
_chem_comp.formula
MN non-polymer 'MANGANESE (II) ION' 'Mn 2'
ZN non-polymer 'ZINC ION' 'Zn 2'
#
# COMPACT_ATOMS: atom_id res chain seq x y z
N UNK A 1 -40.89 -9.22 -3.16
CA UNK A 1 -40.81 -8.16 -4.15
C UNK A 1 -40.45 -8.72 -5.53
N UNK A 2 -41.07 -8.17 -6.57
CA UNK A 2 -40.79 -8.59 -7.94
C UNK A 2 -39.50 -7.96 -8.42
N UNK A 3 -38.56 -8.79 -8.87
CA UNK A 3 -37.26 -8.33 -9.32
C UNK A 3 -37.06 -8.40 -10.82
N UNK A 4 -37.89 -9.15 -11.54
CA UNK A 4 -37.75 -9.26 -12.99
C UNK A 4 -39.13 -9.47 -13.60
N UNK A 5 -39.17 -9.47 -14.92
CA UNK A 5 -40.41 -9.69 -15.65
C UNK A 5 -40.98 -11.07 -15.36
N UNK A 6 -42.31 -11.14 -15.26
CA UNK A 6 -42.99 -12.38 -14.93
C UNK A 6 -42.77 -13.43 -16.03
N UNK A 7 -42.43 -14.64 -15.62
CA UNK A 7 -42.21 -15.74 -16.55
C UNK A 7 -43.54 -16.27 -17.06
N UNK A 8 -43.47 -17.33 -17.87
CA UNK A 8 -44.66 -17.98 -18.41
C UNK A 8 -45.16 -18.98 -17.38
N UNK A 9 -46.28 -18.66 -16.74
CA UNK A 9 -46.91 -19.48 -15.70
C UNK A 9 -45.98 -19.77 -14.53
N THR B 7 -12.29 -54.11 -0.67
CA THR B 7 -11.99 -54.27 0.75
C THR B 7 -12.95 -55.27 1.40
N PHE B 8 -12.46 -56.49 1.60
CA PHE B 8 -13.26 -57.55 2.20
C PHE B 8 -12.65 -57.97 3.54
N VAL B 9 -13.50 -58.45 4.44
CA VAL B 9 -13.03 -59.00 5.70
C VAL B 9 -12.19 -60.25 5.49
N LYS B 10 -12.45 -60.97 4.39
CA LYS B 10 -11.79 -62.26 4.12
C LYS B 10 -10.28 -62.15 3.96
N ASP B 11 -9.76 -60.98 3.57
CA ASP B 11 -8.37 -60.83 3.19
C ASP B 11 -7.47 -60.38 4.33
N ILE B 12 -7.76 -60.76 5.58
CA ILE B 12 -6.84 -60.52 6.69
C ILE B 12 -5.94 -61.75 6.80
N LYS B 13 -4.75 -61.64 6.23
CA LYS B 13 -3.77 -62.72 6.19
C LYS B 13 -2.56 -62.38 7.05
N PRO B 14 -1.80 -63.38 7.51
CA PRO B 14 -0.55 -63.08 8.20
C PRO B 14 0.50 -62.48 7.28
N GLY B 15 1.32 -61.59 7.84
CA GLY B 15 2.41 -60.98 7.12
C GLY B 15 2.04 -59.80 6.25
N LEU B 16 0.79 -59.37 6.27
CA LEU B 16 0.37 -58.22 5.47
C LEU B 16 0.92 -56.92 6.02
N LYS B 17 1.17 -55.97 5.12
CA LYS B 17 1.70 -54.66 5.45
C LYS B 17 0.75 -53.59 4.94
N ASN B 18 0.96 -52.36 5.43
CA ASN B 18 0.24 -51.13 5.06
C ASN B 18 -1.28 -51.32 5.03
N LEU B 19 -1.80 -51.98 6.08
CA LEU B 19 -3.23 -52.26 6.18
C LEU B 19 -4.03 -50.97 6.34
N ASN B 20 -5.15 -50.89 5.59
CA ASN B 20 -6.09 -49.78 5.70
C ASN B 20 -7.52 -50.30 5.76
N LEU B 21 -7.70 -51.53 6.25
CA LEU B 21 -9.01 -52.17 6.24
C LEU B 21 -9.97 -51.51 7.23
N ILE B 22 -11.25 -51.68 6.99
CA ILE B 22 -12.31 -51.06 7.78
C ILE B 22 -13.26 -52.15 8.28
N PHE B 23 -13.48 -52.18 9.59
CA PHE B 23 -14.39 -53.14 10.20
C PHE B 23 -15.19 -52.46 11.30
N ILE B 24 -16.36 -53.03 11.62
CA ILE B 24 -17.29 -52.46 12.59
C ILE B 24 -17.51 -53.48 13.70
N VAL B 25 -17.40 -53.02 14.95
CA VAL B 25 -17.61 -53.89 16.12
C VAL B 25 -19.08 -53.74 16.51
N LEU B 26 -19.94 -54.50 15.85
CA LEU B 26 -21.35 -54.52 16.20
C LEU B 26 -21.64 -55.32 17.47
N GLU B 27 -20.83 -56.34 17.75
CA GLU B 27 -21.03 -57.21 18.91
C GLU B 27 -20.18 -56.73 20.09
N THR B 28 -20.42 -57.35 21.24
CA THR B 28 -19.74 -57.04 22.48
C THR B 28 -18.97 -58.26 22.96
N GLY B 29 -17.75 -58.03 23.46
CA GLY B 29 -16.98 -59.11 24.05
C GLY B 29 -17.58 -59.60 25.35
N ARG B 30 -17.30 -60.86 25.67
CA ARG B 30 -17.85 -61.53 26.83
C ARG B 30 -16.72 -61.91 27.79
N VAL B 31 -17.00 -61.77 29.09
CA VAL B 31 -16.00 -62.08 30.12
C VAL B 31 -15.69 -63.57 30.08
N THR B 32 -14.40 -63.90 30.11
CA THR B 32 -13.94 -65.29 30.08
C THR B 32 -12.60 -65.34 30.80
N LYS B 33 -12.20 -66.54 31.21
CA LYS B 33 -10.95 -66.75 31.94
C LYS B 33 -9.89 -67.32 30.99
N THR B 34 -8.68 -66.79 31.09
CA THR B 34 -7.52 -67.33 30.37
C THR B 34 -6.29 -67.22 31.26
N LYS B 35 -5.51 -68.30 31.32
CA LYS B 35 -4.31 -68.43 32.14
C LYS B 35 -4.69 -68.19 33.59
N ASP B 36 -4.08 -67.25 34.30
CA ASP B 36 -4.43 -66.93 35.69
C ASP B 36 -4.07 -65.47 35.93
N GLY B 37 -5.08 -64.61 35.98
CA GLY B 37 -4.93 -63.21 36.29
C GLY B 37 -5.21 -62.26 35.13
N HIS B 38 -5.16 -62.75 33.90
CA HIS B 38 -5.38 -61.93 32.72
C HIS B 38 -6.72 -62.28 32.09
N GLU B 39 -7.41 -61.27 31.59
CA GLU B 39 -8.68 -61.45 30.88
C GLU B 39 -8.48 -60.99 29.44
N VAL B 40 -8.01 -61.90 28.59
CA VAL B 40 -7.84 -61.61 27.16
C VAL B 40 -9.16 -61.95 26.48
N ARG B 41 -10.07 -60.97 26.47
CA ARG B 41 -11.41 -61.16 25.92
C ARG B 41 -11.36 -61.32 24.41
N THR B 42 -12.43 -61.87 23.85
CA THR B 42 -12.54 -62.06 22.42
C THR B 42 -13.92 -61.62 21.95
N CYS B 43 -13.98 -61.04 20.76
CA CYS B 43 -15.22 -60.58 20.17
C CYS B 43 -15.24 -60.96 18.69
N LYS B 44 -16.45 -61.21 18.19
CA LYS B 44 -16.64 -61.63 16.81
C LYS B 44 -17.59 -60.66 16.12
N VAL B 45 -17.31 -60.40 14.83
CA VAL B 45 -18.13 -59.53 14.01
C VAL B 45 -18.35 -60.22 12.67
N ALA B 46 -19.39 -59.79 11.97
CA ALA B 46 -19.73 -60.38 10.68
C ALA B 46 -20.20 -59.32 9.71
N ASP B 47 -19.99 -59.58 8.42
CA ASP B 47 -20.42 -58.70 7.35
C ASP B 47 -20.82 -59.58 6.17
N LYS B 48 -21.17 -58.93 5.05
CA LYS B 48 -21.61 -59.66 3.87
C LYS B 48 -20.51 -60.51 3.26
N THR B 49 -19.24 -60.14 3.48
CA THR B 49 -18.14 -60.92 2.94
C THR B 49 -17.81 -62.12 3.84
N GLY B 50 -17.58 -61.87 5.13
CA GLY B 50 -17.25 -62.94 6.04
C GLY B 50 -17.23 -62.46 7.46
N SER B 51 -16.75 -63.33 8.34
CA SER B 51 -16.67 -63.04 9.77
C SER B 51 -15.28 -63.37 10.31
N ILE B 52 -14.80 -62.55 11.24
CA ILE B 52 -13.49 -62.74 11.83
C ILE B 52 -13.55 -62.27 13.28
N ASN B 53 -12.76 -62.92 14.13
CA ASN B 53 -12.70 -62.56 15.54
C ASN B 53 -11.62 -61.49 15.78
N ILE B 54 -11.83 -60.71 16.84
CA ILE B 54 -10.94 -59.61 17.19
C ILE B 54 -10.52 -59.79 18.64
N SER B 55 -9.20 -59.79 18.89
CA SER B 55 -8.71 -59.88 20.25
C SER B 55 -9.03 -58.59 21.00
N VAL B 56 -9.59 -58.72 22.19
CA VAL B 56 -10.01 -57.59 23.01
C VAL B 56 -9.28 -57.68 24.34
N TRP B 57 -8.47 -56.67 24.64
CA TRP B 57 -7.82 -56.61 25.94
C TRP B 57 -8.79 -56.09 27.00
N ASP B 58 -8.38 -56.24 28.26
CA ASP B 58 -9.22 -55.86 29.39
C ASP B 58 -9.51 -54.37 29.39
N ASP B 59 -8.50 -53.54 29.12
CA ASP B 59 -8.66 -52.10 29.15
C ASP B 59 -9.69 -51.63 28.12
N VAL B 60 -9.55 -52.08 26.88
CA VAL B 60 -10.50 -51.72 25.83
C VAL B 60 -11.85 -52.36 26.12
N GLY B 61 -11.85 -53.62 26.56
CA GLY B 61 -13.09 -54.36 26.81
C GLY B 61 -13.94 -53.81 27.93
N ASN B 62 -13.36 -53.06 28.86
CA ASN B 62 -14.16 -52.47 29.92
C ASN B 62 -15.00 -51.29 29.41
N LEU B 63 -14.41 -50.46 28.56
CA LEU B 63 -15.04 -49.22 28.11
C LEU B 63 -15.63 -49.31 26.70
N ILE B 64 -15.69 -50.50 26.12
CA ILE B 64 -16.13 -50.64 24.73
C ILE B 64 -17.65 -50.54 24.66
N GLN B 65 -18.14 -49.84 23.64
CA GLN B 65 -19.54 -49.80 23.25
C GLN B 65 -19.63 -50.08 21.76
N PRO B 66 -20.74 -50.65 21.27
CA PRO B 66 -20.75 -51.19 19.91
C PRO B 66 -20.72 -50.10 18.84
N GLY B 67 -20.23 -50.48 17.66
CA GLY B 67 -20.30 -49.64 16.49
C GLY B 67 -19.02 -48.92 16.08
N ASP B 68 -17.98 -48.92 16.92
CA ASP B 68 -16.77 -48.16 16.63
C ASP B 68 -16.05 -48.69 15.40
N ILE B 69 -15.36 -47.78 14.71
CA ILE B 69 -14.61 -48.08 13.50
C ILE B 69 -13.14 -47.82 13.79
N ILE B 70 -12.30 -48.84 13.62
CA ILE B 70 -10.86 -48.74 13.87
C ILE B 70 -10.12 -49.41 12.72
N ARG B 71 -8.92 -48.90 12.40
CA ARG B 71 -8.08 -49.49 11.36
C ARG B 71 -6.67 -49.68 11.89
N LEU B 72 -6.09 -50.83 11.58
CA LEU B 72 -4.77 -51.23 12.03
C LEU B 72 -3.73 -51.03 10.93
N THR B 73 -2.47 -50.90 11.34
CA THR B 73 -1.33 -50.84 10.43
C THR B 73 -0.24 -51.75 10.98
N LYS B 74 0.47 -52.42 10.06
CA LYS B 74 1.58 -53.32 10.39
C LYS B 74 1.14 -54.42 11.36
N GLY B 75 -0.06 -54.95 11.12
CA GLY B 75 -0.56 -56.04 11.93
C GLY B 75 -0.02 -57.39 11.50
N TYR B 76 -0.33 -58.40 12.30
CA TYR B 76 0.08 -59.78 12.01
C TYR B 76 -0.96 -60.73 12.56
N ALA B 77 -1.53 -61.56 11.69
CA ALA B 77 -2.61 -62.46 12.07
C ALA B 77 -2.13 -63.50 13.06
N SER B 78 -3.03 -63.93 13.94
CA SER B 78 -2.74 -64.94 14.95
C SER B 78 -3.90 -65.93 15.02
N VAL B 79 -3.60 -67.11 15.56
CA VAL B 79 -4.59 -68.17 15.72
C VAL B 79 -4.72 -68.47 17.21
N PHE B 80 -5.96 -68.67 17.66
CA PHE B 80 -6.27 -68.95 19.06
C PHE B 80 -7.20 -70.15 19.11
N LYS B 81 -6.62 -71.33 19.39
CA LYS B 81 -7.36 -72.59 19.55
C LYS B 81 -8.17 -72.92 18.29
N GLY B 82 -7.52 -72.80 17.13
CA GLY B 82 -8.14 -73.07 15.86
C GLY B 82 -8.98 -71.94 15.30
N CYS B 83 -9.09 -70.83 16.02
CA CYS B 83 -9.88 -69.69 15.59
C CYS B 83 -8.95 -68.50 15.32
N LEU B 84 -9.05 -67.92 14.13
CA LEU B 84 -8.21 -66.80 13.75
C LEU B 84 -8.51 -65.59 14.63
N THR B 85 -7.45 -64.85 14.98
CA THR B 85 -7.57 -63.71 15.88
C THR B 85 -6.56 -62.65 15.50
N LEU B 86 -7.01 -61.41 15.38
CA LEU B 86 -6.11 -60.31 15.02
C LEU B 86 -5.28 -59.92 16.25
N TYR B 87 -4.06 -59.45 15.99
CA TYR B 87 -3.14 -59.03 17.04
C TYR B 87 -2.52 -57.68 16.72
N THR B 88 -2.21 -56.94 17.77
CA THR B 88 -1.61 -55.61 17.64
C THR B 88 -0.46 -55.47 18.62
N GLY B 89 0.66 -54.95 18.14
CA GLY B 89 1.82 -54.74 18.97
C GLY B 89 3.07 -54.72 18.12
N ARG B 90 4.20 -54.58 18.81
CA ARG B 90 5.57 -54.52 18.25
C ARG B 90 5.65 -53.71 16.95
N GLY B 91 5.05 -52.52 16.98
CA GLY B 91 4.98 -51.63 15.83
C GLY B 91 3.58 -51.28 15.41
N GLY B 92 2.62 -52.19 15.62
CA GLY B 92 1.25 -51.92 15.25
C GLY B 92 0.61 -50.85 16.12
N ASP B 93 -0.37 -50.17 15.56
CA ASP B 93 -1.07 -49.09 16.25
C ASP B 93 -2.48 -48.94 15.68
N LEU B 94 -3.43 -48.62 16.55
CA LEU B 94 -4.83 -48.50 16.19
C LEU B 94 -5.22 -47.03 16.09
N GLN B 95 -6.31 -46.76 15.36
CA GLN B 95 -6.79 -45.39 15.17
C GLN B 95 -8.26 -45.43 14.77
N LYS B 96 -9.11 -44.76 15.56
CA LYS B 96 -10.52 -44.65 15.25
C LYS B 96 -10.78 -43.62 14.17
N ILE B 97 -11.78 -43.89 13.32
CA ILE B 97 -12.11 -43.06 12.16
C ILE B 97 -13.46 -42.38 12.33
N GLY B 98 -14.53 -43.16 12.41
CA GLY B 98 -15.87 -42.63 12.49
C GLY B 98 -16.79 -43.52 13.30
N GLU B 99 -18.09 -43.47 12.98
CA GLU B 99 -19.12 -44.20 13.70
C GLU B 99 -20.43 -44.12 12.92
N PHE B 100 -21.17 -45.23 12.89
CA PHE B 100 -22.58 -45.37 12.48
C PHE B 100 -22.80 -45.31 10.97
N CYS B 101 -21.77 -45.06 10.16
CA CYS B 101 -21.94 -44.94 8.72
C CYS B 101 -21.62 -46.27 8.02
N MET B 102 -22.36 -47.31 8.39
CA MET B 102 -22.14 -48.65 7.87
C MET B 102 -23.46 -49.39 7.72
N VAL B 103 -23.43 -50.43 6.87
CA VAL B 103 -24.51 -51.40 6.74
C VAL B 103 -23.93 -52.80 6.90
N TYR B 104 -24.56 -53.61 7.74
CA TYR B 104 -24.04 -54.92 8.11
C TYR B 104 -24.79 -56.03 7.37
N SER B 105 -24.30 -57.27 7.58
CA SER B 105 -25.01 -58.47 7.14
C SER B 105 -24.53 -59.61 8.04
N GLU B 106 -25.37 -60.02 8.99
CA GLU B 106 -24.98 -61.02 9.97
C GLU B 106 -25.10 -62.45 9.47
N VAL B 107 -25.67 -62.67 8.28
CA VAL B 107 -25.85 -64.03 7.76
C VAL B 107 -24.54 -64.78 7.56
N PRO B 108 -23.49 -64.21 6.88
CA PRO B 108 -22.28 -65.04 6.70
C PRO B 108 -21.35 -65.03 7.92
N ASN B 109 -21.74 -65.78 8.94
CA ASN B 109 -20.94 -65.95 10.15
C ASN B 109 -20.44 -67.39 10.22
N PHE B 110 -19.14 -67.54 10.42
CA PHE B 110 -18.48 -68.85 10.43
C PHE B 110 -18.25 -69.37 11.84
N SER B 111 -18.83 -68.74 12.86
CA SER B 111 -18.69 -69.19 14.23
C SER B 111 -19.77 -70.20 14.63
N GLU B 112 -20.65 -70.56 13.71
CA GLU B 112 -21.71 -71.51 14.00
C GLU B 112 -21.12 -72.93 14.11
N PRO B 113 -21.83 -73.89 14.73
CA PRO B 113 -21.33 -75.27 14.82
C PRO B 113 -21.03 -75.93 13.48
N GLN C 64 -68.59 -59.92 43.35
CA GLN C 64 -68.62 -59.00 42.20
C GLN C 64 -67.21 -58.41 42.03
N HIS C 65 -66.36 -59.12 41.29
CA HIS C 65 -64.98 -58.67 41.09
C HIS C 65 -64.89 -57.49 40.13
N ILE C 66 -65.92 -57.26 39.31
CA ILE C 66 -65.88 -56.12 38.38
C ILE C 66 -65.87 -54.81 39.14
N ALA C 67 -66.61 -54.74 40.25
CA ALA C 67 -66.63 -53.54 41.07
C ALA C 67 -65.26 -53.24 41.67
N ALA C 68 -64.61 -54.28 42.22
CA ALA C 68 -63.27 -54.10 42.78
C ALA C 68 -62.26 -53.72 41.71
N GLN C 69 -62.36 -54.33 40.52
CA GLN C 69 -61.46 -53.99 39.42
C GLN C 69 -61.65 -52.55 38.97
N GLN C 70 -62.91 -52.10 38.89
CA GLN C 70 -63.18 -50.72 38.53
C GLN C 70 -62.67 -49.74 39.58
N LYS C 71 -62.82 -50.07 40.87
CA LYS C 71 -62.29 -49.22 41.93
C LYS C 71 -60.76 -49.12 41.85
N ALA C 72 -60.09 -50.26 41.62
CA ALA C 72 -58.64 -50.25 41.45
C ALA C 72 -58.23 -49.44 40.23
N ALA C 73 -58.98 -49.56 39.14
CA ALA C 73 -58.70 -48.81 37.92
C ALA C 73 -58.85 -47.30 38.17
N LEU C 74 -59.91 -46.91 38.89
CA LEU C 74 -60.09 -45.50 39.24
C LEU C 74 -58.95 -45.00 40.10
N GLN C 75 -58.52 -45.81 41.07
CA GLN C 75 -57.41 -45.41 41.94
C GLN C 75 -56.12 -45.22 41.13
N HIS C 76 -55.84 -46.16 40.22
CA HIS C 76 -54.64 -46.06 39.39
C HIS C 76 -54.72 -44.85 38.45
N ALA C 77 -55.89 -44.61 37.87
CA ALA C 77 -56.06 -43.46 36.98
C ALA C 77 -55.88 -42.15 37.72
N HIS C 78 -56.45 -42.04 38.93
CA HIS C 78 -56.32 -40.82 39.71
C HIS C 78 -54.89 -40.62 40.17
N ALA C 79 -54.16 -41.72 40.43
CA ALA C 79 -52.78 -41.61 40.87
C ALA C 79 -51.85 -41.22 39.72
N HIS C 80 -52.10 -41.72 38.51
CA HIS C 80 -51.21 -41.49 37.39
C HIS C 80 -51.59 -40.31 36.50
N SER C 81 -52.88 -40.10 36.22
CA SER C 81 -53.30 -39.05 35.30
C SER C 81 -53.17 -37.69 35.98
N SER C 82 -52.26 -36.86 35.49
CA SER C 82 -52.07 -35.50 35.96
C SER C 82 -52.89 -34.49 35.17
N GLY C 83 -53.94 -34.94 34.48
CA GLY C 83 -54.79 -34.07 33.70
C GLY C 83 -56.22 -34.58 33.76
N TYR C 84 -57.13 -33.77 33.24
CA TYR C 84 -58.55 -34.12 33.21
C TYR C 84 -58.77 -35.37 32.36
N PHE C 85 -59.53 -36.32 32.90
CA PHE C 85 -59.72 -37.61 32.24
C PHE C 85 -61.10 -38.14 32.56
N ILE C 86 -61.60 -39.01 31.68
CA ILE C 86 -62.90 -39.65 31.84
C ILE C 86 -62.71 -41.15 31.77
N THR C 87 -63.31 -41.88 32.72
CA THR C 87 -63.31 -43.34 32.72
C THR C 87 -64.65 -43.85 32.20
N GLN C 88 -64.65 -44.39 30.98
CA GLN C 88 -65.88 -44.83 30.34
C GLN C 88 -65.71 -46.29 29.90
N ASP C 89 -66.69 -47.11 30.23
CA ASP C 89 -66.62 -48.54 29.92
C ASP C 89 -66.79 -48.77 28.42
N SER C 90 -66.19 -49.87 27.94
CA SER C 90 -66.26 -50.27 26.54
C SER C 90 -66.57 -51.76 26.47
N ALA C 91 -67.16 -52.17 25.35
CA ALA C 91 -67.55 -53.56 25.16
C ALA C 91 -66.35 -54.50 25.18
N PHE C 92 -65.26 -54.13 24.51
CA PHE C 92 -64.07 -54.98 24.49
C PHE C 92 -63.30 -54.96 25.81
N GLY C 93 -63.65 -54.07 26.73
CA GLY C 93 -62.98 -53.98 28.02
C GLY C 93 -62.15 -52.74 28.24
N ASN C 94 -62.01 -51.89 27.22
CA ASN C 94 -61.26 -50.64 27.37
C ASN C 94 -61.96 -49.70 28.36
N LEU C 95 -61.16 -49.01 29.17
CA LEU C 95 -61.73 -48.13 30.19
C LEU C 95 -61.21 -46.70 30.13
N ILE C 96 -60.05 -46.45 29.51
CA ILE C 96 -59.42 -45.14 29.56
C ILE C 96 -59.34 -44.59 28.14
N LEU C 97 -59.78 -43.34 27.96
CA LEU C 97 -59.78 -42.67 26.68
C LEU C 97 -59.71 -41.15 26.87
N PRO C 98 -58.59 -40.51 26.55
CA PRO C 98 -58.47 -39.07 26.81
C PRO C 98 -59.21 -38.25 25.77
N VAL C 99 -59.83 -37.16 26.24
CA VAL C 99 -60.56 -36.21 25.41
C VAL C 99 -60.29 -34.81 25.94
N LEU C 100 -60.82 -33.82 25.24
CA LEU C 100 -60.62 -32.42 25.59
C LEU C 100 -61.50 -32.04 26.78
N PRO C 101 -61.18 -30.94 27.48
CA PRO C 101 -62.02 -30.54 28.63
C PRO C 101 -63.43 -30.17 28.22
N ARG C 102 -64.37 -30.37 29.14
CA ARG C 102 -65.78 -30.08 28.91
C ARG C 102 -66.01 -28.59 28.64
N SER D 1 -22.22 -4.15 -7.42
CA SER D 1 -21.31 -3.08 -7.03
C SER D 1 -21.37 -1.89 -7.99
N PRO D 2 -22.49 -1.17 -8.03
CA PRO D 2 -22.59 -0.05 -8.99
C PRO D 2 -21.76 1.16 -8.61
N SER D 3 -21.31 1.27 -7.36
CA SER D 3 -20.54 2.43 -6.96
C SER D 3 -19.07 2.34 -7.32
N TYR D 4 -18.59 1.18 -7.79
CA TYR D 4 -17.20 1.03 -8.16
C TYR D 4 -17.11 0.50 -9.58
N SER D 5 -16.27 1.15 -10.39
CA SER D 5 -16.06 0.71 -11.76
C SER D 5 -15.39 -0.67 -11.74
N PRO D 6 -15.65 -1.52 -12.74
CA PRO D 6 -14.99 -2.84 -12.77
C PRO D 6 -13.48 -2.77 -12.90
N THR D 7 -12.93 -1.68 -13.43
CA THR D 7 -11.49 -1.52 -13.60
C THR D 7 -10.88 -0.68 -12.49
N SER D 8 -11.51 -0.66 -11.31
CA SER D 8 -11.03 0.01 -10.13
C SER D 8 -10.41 -0.99 -9.17
N PRO D 9 -9.55 -0.56 -8.24
CA PRO D 9 -8.93 -1.51 -7.30
C PRO D 9 -9.96 -2.19 -6.42
N SER D 10 -9.74 -3.46 -6.14
CA SER D 10 -10.64 -4.24 -5.31
C SER D 10 -10.14 -4.20 -3.87
N TYR D 11 -11.04 -3.87 -2.95
CA TYR D 11 -10.70 -3.84 -1.53
C TYR D 11 -10.82 -5.26 -0.99
N SER D 12 -9.72 -5.98 -1.01
CA SER D 12 -9.68 -7.31 -0.41
C SER D 12 -9.49 -7.16 1.09
N PRO D 13 -10.43 -7.64 1.92
CA PRO D 13 -10.33 -7.54 3.39
C PRO D 13 -9.14 -8.30 3.96
N LYS E 948 -24.63 1.91 116.72
CA LYS E 948 -23.98 1.47 117.95
C LYS E 948 -23.42 2.66 118.73
N GLN E 949 -22.68 3.52 118.04
CA GLN E 949 -22.03 4.66 118.68
C GLN E 949 -23.06 5.63 119.25
N ARG E 950 -24.12 5.91 118.50
CA ARG E 950 -25.16 6.84 118.95
C ARG E 950 -25.88 6.31 120.20
N GLN E 951 -26.20 5.00 120.21
CA GLN E 951 -26.85 4.42 121.37
C GLN E 951 -25.96 4.45 122.61
N LEU E 952 -24.65 4.16 122.42
CA LEU E 952 -23.70 4.24 123.52
C LEU E 952 -23.60 5.66 124.05
N LEU E 953 -23.55 6.64 123.15
CA LEU E 953 -23.50 8.05 123.55
C LEU E 953 -24.75 8.45 124.31
N GLY E 954 -25.92 8.01 123.84
CA GLY E 954 -27.17 8.30 124.52
C GLY E 954 -27.22 7.70 125.91
N ARG E 955 -26.73 6.46 126.06
CA ARG E 955 -26.65 5.84 127.37
C ARG E 955 -25.71 6.63 128.29
N LEU E 956 -24.57 7.07 127.74
CA LEU E 956 -23.63 7.85 128.54
C LEU E 956 -24.25 9.18 128.97
N GLN E 957 -25.09 9.75 128.10
CA GLN E 957 -25.71 11.05 128.42
C GLN E 957 -26.51 10.93 129.70
N ASP E 958 -27.31 9.86 129.79
CA ASP E 958 -28.12 9.64 130.98
C ASP E 958 -27.23 9.35 132.18
N LEU E 959 -26.15 8.57 131.96
CA LEU E 959 -25.25 8.25 133.07
C LEU E 959 -24.49 9.46 133.60
N LEU E 960 -24.36 10.53 132.81
CA LEU E 960 -23.67 11.74 133.27
C LEU E 960 -24.60 12.85 133.76
N LEU E 961 -25.72 13.10 133.07
CA LEU E 961 -26.60 14.20 133.45
C LEU E 961 -27.37 13.91 134.73
N GLY E 962 -27.59 12.64 135.06
CA GLY E 962 -28.34 12.32 136.25
C GLY E 962 -27.49 12.37 137.50
N PRO E 963 -28.12 12.08 138.64
CA PRO E 963 -27.38 12.08 139.92
C PRO E 963 -26.33 10.98 140.04
N LYS E 964 -26.36 9.97 139.16
CA LYS E 964 -25.39 8.87 139.21
C LYS E 964 -23.96 9.33 138.99
N ALA E 965 -23.76 10.51 138.38
CA ALA E 965 -22.43 11.05 138.13
C ALA E 965 -21.67 11.26 139.44
N ASP E 966 -20.40 10.86 139.44
CA ASP E 966 -19.52 10.96 140.59
C ASP E 966 -18.16 11.47 140.10
N GLU E 967 -17.23 11.63 141.03
CA GLU E 967 -15.91 12.18 140.72
C GLU E 967 -15.14 11.30 139.74
N GLN E 968 -15.04 10.00 140.02
CA GLN E 968 -14.19 9.11 139.24
C GLN E 968 -14.64 9.01 137.79
N THR E 969 -15.92 8.69 137.57
CA THR E 969 -16.41 8.48 136.21
C THR E 969 -16.35 9.78 135.39
N THR E 970 -16.82 10.89 135.97
CA THR E 970 -16.81 12.15 135.25
C THR E 970 -15.39 12.60 134.91
N CYS E 971 -14.47 12.49 135.88
CA CYS E 971 -13.09 12.88 135.63
C CYS E 971 -12.44 12.02 134.56
N GLU E 972 -12.65 10.69 134.62
CA GLU E 972 -12.05 9.81 133.61
C GLU E 972 -12.62 10.08 132.22
N VAL E 973 -13.96 10.25 132.12
CA VAL E 973 -14.58 10.51 130.83
C VAL E 973 -14.09 11.84 130.26
N LEU E 974 -14.00 12.87 131.10
CA LEU E 974 -13.54 14.17 130.63
C LEU E 974 -12.07 14.11 130.21
N ASP E 975 -11.23 13.43 130.99
CA ASP E 975 -9.82 13.33 130.66
C ASP E 975 -9.59 12.53 129.39
N TYR E 976 -10.46 11.55 129.10
CA TYR E 976 -10.33 10.79 127.87
C TYR E 976 -10.59 11.64 126.63
N PHE E 977 -11.20 12.83 126.79
CA PHE E 977 -11.40 13.76 125.69
C PHE E 977 -10.72 15.11 125.87
N LEU E 978 -10.38 15.51 127.10
CA LEU E 978 -9.72 16.81 127.31
C LEU E 978 -8.31 16.83 126.71
N ARG E 979 -7.60 15.69 126.75
CA ARG E 979 -6.24 15.62 126.23
C ARG E 979 -6.17 15.94 124.74
N ARG E 980 -7.23 15.62 123.99
CA ARG E 980 -7.24 15.89 122.56
C ARG E 980 -7.37 17.37 122.22
N LEU E 981 -7.80 18.20 123.19
CA LEU E 981 -7.91 19.64 122.94
C LEU E 981 -6.55 20.26 122.64
N GLY E 982 -5.53 19.90 123.42
CA GLY E 982 -4.20 20.43 123.21
C GLY E 982 -3.43 19.84 122.04
N SER E 983 -3.97 18.77 121.45
CA SER E 983 -3.31 18.13 120.31
C SER E 983 -3.24 19.09 119.13
N SER E 984 -2.11 19.07 118.42
CA SER E 984 -1.91 19.94 117.27
C SER E 984 -2.88 19.64 116.13
N GLN E 985 -3.41 18.41 116.07
CA GLN E 985 -4.36 18.05 115.02
C GLN E 985 -5.64 18.85 115.16
N VAL E 986 -6.00 19.59 114.10
CA VAL E 986 -7.20 20.41 114.11
C VAL E 986 -8.45 19.53 114.22
N ALA E 987 -8.47 18.42 113.46
CA ALA E 987 -9.62 17.52 113.46
C ALA E 987 -9.86 16.91 114.83
N SER E 988 -8.78 16.58 115.56
CA SER E 988 -8.92 16.00 116.89
C SER E 988 -9.61 16.97 117.84
N ARG E 989 -9.18 18.23 117.84
CA ARG E 989 -9.78 19.21 118.74
C ARG E 989 -11.22 19.52 118.33
N VAL E 990 -11.50 19.56 117.02
CA VAL E 990 -12.87 19.80 116.55
C VAL E 990 -13.79 18.66 117.01
N LEU E 991 -13.35 17.42 116.84
CA LEU E 991 -14.13 16.27 117.28
C LEU E 991 -14.32 16.27 118.79
N ALA E 992 -13.27 16.60 119.54
CA ALA E 992 -13.38 16.65 121.00
C ALA E 992 -14.38 17.71 121.45
N MET E 993 -14.32 18.90 120.85
CA MET E 993 -15.25 19.96 121.21
C MET E 993 -16.68 19.60 120.83
N LYS E 994 -16.86 18.97 119.66
CA LYS E 994 -18.20 18.56 119.24
C LYS E 994 -18.77 17.48 120.16
N GLY E 995 -17.93 16.53 120.57
CA GLY E 995 -18.38 15.52 121.52
C GLY E 995 -18.73 16.11 122.87
N LEU E 996 -17.93 17.08 123.33
CA LEU E 996 -18.23 17.79 124.58
C LEU E 996 -19.57 18.52 124.48
N SER E 997 -19.81 19.18 123.35
CA SER E 997 -21.08 19.88 123.14
C SER E 997 -22.25 18.91 123.13
N LEU E 998 -22.07 17.75 122.49
CA LEU E 998 -23.12 16.72 122.48
C LEU E 998 -23.41 16.22 123.89
N VAL E 999 -22.36 15.99 124.68
CA VAL E 999 -22.55 15.54 126.07
C VAL E 999 -23.30 16.59 126.87
N LEU E 1000 -22.92 17.85 126.74
CA LEU E 1000 -23.62 18.92 127.44
C LEU E 1000 -25.04 19.10 126.91
N SER E 1001 -25.22 18.96 125.60
CA SER E 1001 -26.54 19.09 124.97
C SER E 1001 -26.54 18.42 123.60
N ASP E 1023 -31.76 38.17 121.73
CA ASP E 1023 -30.80 37.28 122.39
C ASP E 1023 -29.41 37.53 121.80
N VAL E 1024 -28.38 37.34 122.63
CA VAL E 1024 -27.00 37.57 122.23
C VAL E 1024 -26.23 36.27 122.44
N LEU E 1025 -25.51 35.85 121.38
CA LEU E 1025 -24.67 34.64 121.38
C LEU E 1025 -25.47 33.40 121.77
N GLN E 1026 -26.62 33.22 121.09
CA GLN E 1026 -27.49 32.09 121.38
C GLN E 1026 -26.85 30.75 121.05
N GLY E 1027 -25.91 30.73 120.10
CA GLY E 1027 -25.27 29.50 119.70
C GLY E 1027 -24.11 29.06 120.58
N TYR E 1028 -23.83 29.81 121.65
CA TYR E 1028 -22.73 29.52 122.56
C TYR E 1028 -23.22 29.32 123.99
N GLN E 1029 -24.52 29.11 124.18
CA GLN E 1029 -25.08 28.90 125.51
C GLN E 1029 -24.59 27.60 126.15
N TRP E 1030 -24.13 26.63 125.35
CA TRP E 1030 -23.63 25.37 125.86
C TRP E 1030 -22.42 25.54 126.77
N LEU E 1031 -21.68 26.64 126.64
CA LEU E 1031 -20.54 26.92 127.50
C LEU E 1031 -20.86 27.93 128.59
N LEU E 1032 -21.82 28.82 128.36
CA LEU E 1032 -22.16 29.85 129.32
C LEU E 1032 -23.16 29.40 130.38
N ARG E 1033 -24.09 28.53 130.01
CA ARG E 1033 -25.20 28.12 130.88
C ARG E 1033 -25.21 26.62 131.15
N ASP E 1034 -24.97 25.80 130.14
CA ASP E 1034 -25.07 24.35 130.32
C ASP E 1034 -23.88 23.80 131.09
N LEU E 1035 -22.67 24.09 130.62
CA LEU E 1035 -21.46 23.54 131.24
C LEU E 1035 -21.26 24.00 132.69
N PRO E 1036 -21.41 25.28 133.07
CA PRO E 1036 -21.26 25.63 134.49
C PRO E 1036 -22.26 24.93 135.41
N ARG E 1037 -23.48 24.69 134.95
CA ARG E 1037 -24.50 24.03 135.76
C ARG E 1037 -24.22 22.53 135.74
N LEU E 1038 -23.21 22.14 136.52
CA LEU E 1038 -22.81 20.76 136.69
C LEU E 1038 -22.55 20.62 138.19
N PRO E 1039 -23.07 19.57 138.83
CA PRO E 1039 -22.83 19.41 140.28
C PRO E 1039 -21.35 19.29 140.63
N LEU E 1040 -20.56 18.64 139.78
CA LEU E 1040 -19.13 18.47 139.99
C LEU E 1040 -18.31 19.55 139.29
N PHE E 1041 -18.90 20.72 139.03
CA PHE E 1041 -18.20 21.78 138.29
C PHE E 1041 -16.97 22.29 139.04
N ASP E 1042 -17.09 22.50 140.35
CA ASP E 1042 -15.98 23.03 141.13
C ASP E 1042 -14.79 22.08 141.15
N SER E 1043 -15.05 20.77 141.15
CA SER E 1043 -13.97 19.79 141.21
C SER E 1043 -13.06 19.86 139.98
N VAL E 1044 -13.66 20.03 138.80
CA VAL E 1044 -12.93 20.02 137.55
C VAL E 1044 -12.72 21.42 136.98
N ARG E 1045 -13.11 22.46 137.73
CA ARG E 1045 -12.98 23.83 137.25
C ARG E 1045 -11.52 24.20 137.03
N SER E 1046 -10.64 23.83 137.98
CA SER E 1046 -9.22 24.08 137.82
C SER E 1046 -8.66 23.30 136.62
N THR E 1047 -9.08 22.04 136.47
CA THR E 1047 -8.66 21.24 135.32
C THR E 1047 -9.16 21.83 134.01
N THR E 1048 -10.42 22.28 133.98
CA THR E 1048 -10.98 22.90 132.79
C THR E 1048 -10.24 24.19 132.45
N ALA E 1049 -9.94 25.01 133.48
CA ALA E 1049 -9.21 26.25 133.26
C ALA E 1049 -7.81 25.98 132.72
N LEU E 1050 -7.12 24.98 133.28
CA LEU E 1050 -5.78 24.63 132.81
C LEU E 1050 -5.83 24.12 131.37
N ALA E 1051 -6.81 23.28 131.05
CA ALA E 1051 -6.95 22.74 129.70
C ALA E 1051 -7.20 23.84 128.70
N LEU E 1052 -8.09 24.79 129.05
CA LEU E 1052 -8.35 25.91 128.14
C LEU E 1052 -7.13 26.82 128.02
N GLN E 1053 -6.37 27.01 129.11
CA GLN E 1053 -5.16 27.82 129.02
C GLN E 1053 -4.10 27.17 128.14
N GLN E 1054 -4.04 25.84 128.12
CA GLN E 1054 -3.11 25.18 127.20
C GLN E 1054 -3.61 25.22 125.77
N ALA E 1055 -4.92 25.02 125.56
CA ALA E 1055 -5.49 24.97 124.21
C ALA E 1055 -5.72 26.35 123.60
N ILE E 1056 -5.64 27.42 124.40
CA ILE E 1056 -5.87 28.76 123.89
C ILE E 1056 -4.84 29.15 122.83
N HIS E 1057 -3.63 28.62 122.96
CA HIS E 1057 -2.56 28.89 121.99
C HIS E 1057 -2.60 27.93 120.81
N MET E 1058 -3.18 26.74 120.98
CA MET E 1058 -3.27 25.80 119.87
C MET E 1058 -4.44 26.14 118.95
N GLU E 1059 -5.63 26.31 119.53
CA GLU E 1059 -6.84 26.58 118.77
C GLU E 1059 -6.78 27.97 118.13
N THR E 1060 -7.46 28.12 116.98
CA THR E 1060 -7.27 29.29 116.12
C THR E 1060 -8.53 30.08 115.79
N ASP E 1061 -9.73 29.49 115.87
CA ASP E 1061 -10.96 30.19 115.48
C ASP E 1061 -11.23 31.37 116.41
N PRO E 1062 -11.40 32.58 115.88
CA PRO E 1062 -11.65 33.76 116.75
C PRO E 1062 -12.88 33.64 117.64
N GLN E 1063 -13.98 33.08 117.15
CA GLN E 1063 -15.19 32.98 117.95
C GLN E 1063 -15.00 32.01 119.13
N THR E 1064 -14.31 30.90 118.90
CA THR E 1064 -14.01 29.97 119.97
C THR E 1064 -13.08 30.61 121.01
N ILE E 1065 -12.11 31.41 120.53
CA ILE E 1065 -11.25 32.19 121.44
C ILE E 1065 -12.08 33.13 122.28
N SER E 1066 -13.08 33.78 121.66
CA SER E 1066 -13.97 34.68 122.37
C SER E 1066 -14.75 33.94 123.45
N ALA E 1067 -15.29 32.77 123.12
CA ALA E 1067 -16.04 31.98 124.09
C ALA E 1067 -15.15 31.55 125.25
N TYR E 1068 -13.92 31.12 124.95
CA TYR E 1068 -12.97 30.74 126.00
C TYR E 1068 -12.65 31.93 126.91
N LEU E 1069 -12.44 33.11 126.31
CA LEU E 1069 -12.13 34.30 127.10
C LEU E 1069 -13.28 34.67 128.02
N ILE E 1070 -14.53 34.61 127.52
CA ILE E 1070 -15.68 34.93 128.34
C ILE E 1070 -15.83 33.93 129.48
N TYR E 1071 -15.65 32.63 129.19
CA TYR E 1071 -15.73 31.62 130.25
C TYR E 1071 -14.66 31.84 131.32
N LEU E 1072 -13.43 32.13 130.89
CA LEU E 1072 -12.36 32.38 131.86
C LEU E 1072 -12.65 33.62 132.70
N SER E 1073 -13.19 34.67 132.08
CA SER E 1073 -13.55 35.88 132.83
C SER E 1073 -14.62 35.58 133.87
N GLN E 1074 -15.64 34.80 133.51
CA GLN E 1074 -16.72 34.49 134.44
C GLN E 1074 -16.28 33.47 135.49
N HIS E 1075 -15.50 32.48 135.10
CA HIS E 1075 -15.19 31.30 135.93
C HIS E 1075 -13.71 31.22 136.28
N THR E 1076 -13.11 32.35 136.64
CA THR E 1076 -11.70 32.33 137.04
C THR E 1076 -11.56 31.77 138.46
N PRO E 1077 -10.58 30.89 138.69
CA PRO E 1077 -10.18 30.55 140.06
C PRO E 1077 -9.45 31.71 140.73
N VAL E 1078 -10.21 32.70 141.20
CA VAL E 1078 -9.62 33.94 141.69
C VAL E 1078 -8.94 33.73 143.03
N GLU E 1079 -9.38 32.74 143.82
CA GLU E 1079 -8.94 32.61 145.21
C GLU E 1079 -7.44 32.36 145.33
N GLU E 1080 -6.85 31.64 144.37
CA GLU E 1080 -5.43 31.31 144.43
C GLU E 1080 -4.64 32.32 143.61
N GLN E 1081 -3.58 32.87 144.22
CA GLN E 1081 -2.75 33.86 143.53
C GLN E 1081 -2.04 33.25 142.33
N ALA E 1082 -1.55 32.01 142.48
CA ALA E 1082 -0.80 31.34 141.43
C ALA E 1082 -1.64 31.12 140.19
N GLN E 1083 -2.89 30.69 140.36
CA GLN E 1083 -3.77 30.46 139.22
C GLN E 1083 -4.08 31.77 138.49
N HIS E 1084 -4.30 32.84 139.25
CA HIS E 1084 -4.54 34.15 138.65
C HIS E 1084 -3.33 34.61 137.85
N SER E 1085 -2.12 34.43 138.41
CA SER E 1085 -0.90 34.80 137.70
C SER E 1085 -0.71 33.99 136.43
N ASP E 1086 -0.98 32.68 136.50
CA ASP E 1086 -0.84 31.84 135.32
C ASP E 1086 -1.84 32.21 134.23
N LEU E 1087 -3.09 32.50 134.62
CA LEU E 1087 -4.09 32.92 133.63
C LEU E 1087 -3.68 34.25 133.00
N ALA E 1088 -3.19 35.19 133.80
CA ALA E 1088 -2.72 36.47 133.26
C ALA E 1088 -1.55 36.26 132.30
N LEU E 1089 -0.63 35.36 132.65
CA LEU E 1089 0.51 35.05 131.78
C LEU E 1089 0.03 34.51 130.44
N ASP E 1090 -0.90 33.54 130.46
CA ASP E 1090 -1.38 32.94 129.22
C ASP E 1090 -2.13 33.96 128.36
N VAL E 1091 -2.94 34.81 128.99
CA VAL E 1091 -3.66 35.84 128.24
C VAL E 1091 -2.67 36.83 127.64
N ALA E 1092 -1.59 37.14 128.37
CA ALA E 1092 -0.56 38.03 127.83
C ALA E 1092 0.14 37.39 126.64
N ARG E 1093 0.39 36.08 126.70
CA ARG E 1093 0.96 35.39 125.55
C ARG E 1093 0.04 35.47 124.34
N LEU E 1094 -1.27 35.30 124.57
CA LEU E 1094 -2.24 35.47 123.50
C LEU E 1094 -2.17 36.86 122.89
N VAL E 1095 -2.15 37.89 123.74
CA VAL E 1095 -2.20 39.27 123.27
C VAL E 1095 -0.93 39.63 122.50
N VAL E 1096 0.23 39.17 122.98
CA VAL E 1096 1.50 39.60 122.41
C VAL E 1096 1.87 38.71 121.23
N GLU E 1097 2.03 37.41 121.48
CA GLU E 1097 2.49 36.48 120.46
C GLU E 1097 1.53 36.38 119.28
N ARG E 1098 0.23 36.25 119.57
CA ARG E 1098 -0.78 36.05 118.52
C ARG E 1098 -1.36 37.41 118.14
N SER E 1099 -0.97 37.91 116.97
CA SER E 1099 -1.41 39.22 116.51
C SER E 1099 -2.53 39.18 115.48
N THR E 1100 -2.48 38.22 114.54
CA THR E 1100 -3.55 38.11 113.54
C THR E 1100 -4.89 37.78 114.20
N ILE E 1101 -4.88 36.85 115.16
CA ILE E 1101 -6.09 36.53 115.91
C ILE E 1101 -6.56 37.74 116.72
N MET E 1102 -5.59 38.50 117.26
CA MET E 1102 -5.92 39.75 117.94
C MET E 1102 -6.60 40.72 116.98
N SER E 1103 -6.12 40.78 115.73
CA SER E 1103 -6.74 41.62 114.72
C SER E 1103 -8.18 41.17 114.45
N HIS E 1104 -8.40 39.85 114.38
CA HIS E 1104 -9.75 39.34 114.18
C HIS E 1104 -10.68 39.68 115.33
N LEU E 1105 -10.21 39.52 116.57
CA LEU E 1105 -11.08 39.71 117.73
C LEU E 1105 -11.59 41.14 117.85
N PHE E 1106 -10.84 42.11 117.33
CA PHE E 1106 -11.18 43.52 117.41
C PHE E 1106 -11.08 44.17 116.02
N SER E 1107 -11.66 43.50 115.02
CA SER E 1107 -11.63 43.98 113.65
C SER E 1107 -12.39 45.30 113.51
N LYS E 1108 -11.66 46.37 113.16
CA LYS E 1108 -12.28 47.67 112.96
C LYS E 1108 -13.22 47.70 111.76
N LEU E 1109 -13.07 46.77 110.82
CA LEU E 1109 -13.95 46.73 109.65
C LEU E 1109 -15.38 46.37 110.05
N SER E 1110 -15.55 45.39 110.91
CA SER E 1110 -16.86 44.90 111.32
C SER E 1110 -16.92 44.73 112.84
N PRO E 1111 -16.95 45.84 113.60
CA PRO E 1111 -17.13 45.73 115.05
C PRO E 1111 -18.47 45.09 115.40
N SER E 1112 -18.45 44.21 116.40
CA SER E 1112 -19.61 43.44 116.79
C SER E 1112 -19.75 43.44 118.31
N ALA E 1113 -20.92 43.00 118.77
CA ALA E 1113 -21.20 42.92 120.20
C ALA E 1113 -20.24 41.95 120.91
N ALA E 1114 -19.89 40.86 120.22
CA ALA E 1114 -18.96 39.88 120.80
C ALA E 1114 -17.59 40.50 121.03
N SER E 1115 -17.13 41.31 120.08
CA SER E 1115 -15.84 41.98 120.21
C SER E 1115 -15.83 42.91 121.43
N ASP E 1116 -16.89 43.69 121.60
CA ASP E 1116 -16.99 44.58 122.74
C ASP E 1116 -17.06 43.79 124.04
N ALA E 1117 -17.78 42.67 124.04
CA ALA E 1117 -17.90 41.84 125.23
C ALA E 1117 -16.54 41.26 125.64
N VAL E 1118 -15.79 40.73 124.68
CA VAL E 1118 -14.49 40.15 125.01
C VAL E 1118 -13.49 41.24 125.42
N LEU E 1119 -13.56 42.42 124.79
CA LEU E 1119 -12.71 43.53 125.21
C LEU E 1119 -12.99 43.93 126.65
N SER E 1120 -14.28 44.02 127.01
CA SER E 1120 -14.66 44.34 128.39
C SER E 1120 -14.20 43.25 129.34
N ALA E 1121 -14.31 41.98 128.93
CA ALA E 1121 -13.85 40.87 129.76
C ALA E 1121 -12.36 40.92 130.01
N LEU E 1122 -11.57 41.20 128.96
CA LEU E 1122 -10.12 41.31 129.12
C LEU E 1122 -9.75 42.47 130.03
N LEU E 1123 -10.44 43.62 129.86
CA LEU E 1123 -10.21 44.77 130.72
C LEU E 1123 -10.53 44.43 132.17
N SER E 1124 -11.65 43.73 132.41
CA SER E 1124 -12.02 43.33 133.76
C SER E 1124 -10.96 42.41 134.37
N ILE E 1125 -10.47 41.44 133.59
CA ILE E 1125 -9.46 40.50 134.08
C ILE E 1125 -8.20 41.24 134.49
N PHE E 1126 -7.72 42.13 133.61
CA PHE E 1126 -6.48 42.84 133.91
C PHE E 1126 -6.67 43.81 135.08
N SER E 1127 -7.83 44.46 135.16
CA SER E 1127 -8.11 45.38 136.26
C SER E 1127 -8.15 44.65 137.60
N ARG E 1128 -8.82 43.51 137.66
CA ARG E 1128 -8.85 42.76 138.92
C ARG E 1128 -7.48 42.21 139.25
N TYR E 1129 -6.68 41.84 138.24
CA TYR E 1129 -5.32 41.37 138.49
C TYR E 1129 -4.46 42.46 139.13
N VAL E 1130 -4.48 43.66 138.55
CA VAL E 1130 -3.68 44.75 139.10
C VAL E 1130 -4.21 45.18 140.47
N ARG E 1131 -5.54 45.11 140.66
CA ARG E 1131 -6.12 45.43 141.96
C ARG E 1131 -5.65 44.44 143.02
N ARG E 1132 -5.60 43.15 142.67
CA ARG E 1132 -5.07 42.15 143.61
C ARG E 1132 -3.60 42.38 143.91
N MET E 1133 -2.80 42.73 142.89
CA MET E 1133 -1.39 43.03 143.14
C MET E 1133 -1.21 44.28 144.00
N ARG E 1134 -2.15 45.22 143.93
CA ARG E 1134 -2.08 46.41 144.77
C ARG E 1134 -2.17 46.06 146.25
N GLN E 1135 -2.92 45.01 146.58
CA GLN E 1135 -3.12 44.60 147.97
C GLN E 1135 -1.85 44.04 148.61
N SER E 1136 -0.84 43.68 147.80
CA SER E 1136 0.39 43.09 148.29
C SER E 1136 1.11 44.02 149.25
N LYS E 1137 1.53 43.49 150.39
CA LYS E 1137 2.24 44.25 151.40
C LYS E 1137 3.75 44.17 151.20
N GLU E 1138 4.44 45.20 151.71
CA GLU E 1138 5.88 45.25 151.63
C GLU E 1138 6.52 44.31 152.64
N GLY E 1139 7.60 43.65 152.24
CA GLY E 1139 8.29 42.73 153.10
C GLY E 1139 7.70 41.32 153.13
N GLU E 1140 6.66 41.06 152.35
CA GLU E 1140 6.05 39.74 152.28
C GLU E 1140 7.02 38.73 151.67
N GLU E 1141 6.61 37.45 151.70
CA GLU E 1141 7.39 36.37 151.11
C GLU E 1141 7.15 36.21 149.62
N VAL E 1142 6.60 37.22 148.95
CA VAL E 1142 6.43 37.16 147.49
C VAL E 1142 7.79 37.06 146.80
N TYR E 1143 8.81 37.75 147.33
CA TYR E 1143 10.17 37.63 146.82
C TYR E 1143 10.71 36.25 147.17
N SER E 1144 10.78 35.36 146.18
CA SER E 1144 11.23 33.99 146.39
C SER E 1144 11.97 33.54 145.14
N TRP E 1145 12.22 32.23 145.04
CA TRP E 1145 12.88 31.66 143.87
C TRP E 1145 11.88 31.60 142.72
N SER E 1146 11.66 32.76 142.10
CA SER E 1146 10.71 32.89 141.00
C SER E 1146 11.13 32.03 139.82
N GLU E 1147 10.18 31.27 139.27
CA GLU E 1147 10.50 30.39 138.16
C GLU E 1147 10.77 31.12 136.86
N SER E 1148 10.44 32.41 136.77
CA SER E 1148 10.68 33.21 135.59
C SER E 1148 11.61 34.36 135.95
N GLN E 1149 12.65 34.55 135.13
CA GLN E 1149 13.57 35.67 135.33
C GLN E 1149 13.00 36.99 134.84
N ASP E 1150 11.85 36.97 134.17
CA ASP E 1150 11.24 38.17 133.61
C ASP E 1150 10.45 38.98 134.62
N GLN E 1151 10.24 38.45 135.83
CA GLN E 1151 9.51 39.16 136.87
C GLN E 1151 10.22 40.46 137.22
N VAL E 1152 9.47 41.55 137.27
CA VAL E 1152 10.02 42.87 137.49
C VAL E 1152 9.20 43.60 138.55
N PHE E 1153 9.91 44.29 139.45
CA PHE E 1153 9.27 45.04 140.52
C PHE E 1153 8.85 46.40 139.98
N LEU E 1154 7.55 46.70 140.05
CA LEU E 1154 6.99 47.93 139.51
C LEU E 1154 6.68 48.90 140.65
N ARG E 1155 7.14 50.14 140.51
CA ARG E 1155 6.86 51.19 141.48
C ARG E 1155 6.21 52.38 140.78
N TRP E 1156 5.06 52.80 141.28
CA TRP E 1156 4.34 53.92 140.71
C TRP E 1156 4.93 55.25 141.19
N SER E 1157 4.52 56.33 140.52
CA SER E 1157 4.92 57.66 140.94
C SER E 1157 4.30 58.05 142.27
N SER E 1158 3.08 57.58 142.55
CA SER E 1158 2.37 57.90 143.79
C SER E 1158 2.69 56.94 144.92
N GLY E 1159 3.82 56.24 144.86
CA GLY E 1159 4.29 55.42 145.96
C GLY E 1159 3.73 54.01 146.03
N GLU E 1160 2.93 53.59 145.06
CA GLU E 1160 2.42 52.22 145.09
C GLU E 1160 3.48 51.25 144.57
N THR E 1161 3.35 49.99 144.98
CA THR E 1161 4.31 48.95 144.65
C THR E 1161 3.58 47.67 144.28
N ALA E 1162 4.20 46.90 143.37
CA ALA E 1162 3.72 45.60 142.91
C ALA E 1162 4.80 44.96 142.05
N THR E 1163 4.78 43.64 141.99
CA THR E 1163 5.68 42.86 141.16
C THR E 1163 4.88 42.29 139.99
N MET E 1164 5.40 42.46 138.78
CA MET E 1164 4.66 42.12 137.58
C MET E 1164 5.55 41.43 136.56
N HIS E 1165 4.90 40.80 135.58
CA HIS E 1165 5.55 40.20 134.43
C HIS E 1165 5.50 41.22 133.29
N ILE E 1166 6.66 41.46 132.67
CA ILE E 1166 6.77 42.46 131.61
C ILE E 1166 5.83 42.14 130.44
N LEU E 1167 5.62 40.84 130.17
CA LEU E 1167 4.68 40.43 129.13
C LEU E 1167 3.25 40.86 129.46
N VAL E 1168 2.87 40.74 130.73
CA VAL E 1168 1.54 41.18 131.15
C VAL E 1168 1.42 42.69 131.03
N VAL E 1169 2.51 43.42 131.29
CA VAL E 1169 2.53 44.87 131.10
C VAL E 1169 2.30 45.21 129.64
N HIS E 1170 3.01 44.50 128.74
CA HIS E 1170 2.85 44.70 127.31
C HIS E 1170 1.41 44.42 126.87
N ALA E 1171 0.83 43.34 127.39
CA ALA E 1171 -0.55 43.01 127.05
C ALA E 1171 -1.51 44.09 127.53
N MET E 1172 -1.29 44.60 128.74
CA MET E 1172 -2.14 45.65 129.30
C MET E 1172 -2.10 46.92 128.45
N VAL E 1173 -0.90 47.36 128.07
CA VAL E 1173 -0.81 48.56 127.26
C VAL E 1173 -1.39 48.32 125.86
N ILE E 1174 -1.23 47.11 125.31
CA ILE E 1174 -1.78 46.82 123.99
C ILE E 1174 -3.31 46.86 124.03
N LEU E 1175 -3.92 46.32 125.10
CA LEU E 1175 -5.37 46.38 125.23
C LEU E 1175 -5.89 47.81 125.25
N LEU E 1176 -5.12 48.73 125.85
CA LEU E 1176 -5.51 50.14 125.86
C LEU E 1176 -5.52 50.72 124.45
N THR E 1177 -4.57 50.30 123.60
CA THR E 1177 -4.43 50.85 122.26
C THR E 1177 -5.64 50.58 121.37
N LEU E 1178 -6.44 49.56 121.69
CA LEU E 1178 -7.60 49.20 120.88
C LEU E 1178 -8.73 50.22 120.97
N GLY E 1179 -8.66 51.17 121.89
CA GLY E 1179 -9.67 52.18 122.06
C GLY E 1179 -10.66 51.83 123.15
N PRO E 1180 -11.63 52.71 123.38
CA PRO E 1180 -12.61 52.47 124.45
C PRO E 1180 -13.74 51.58 123.97
N PRO E 1181 -14.21 50.66 124.81
CA PRO E 1181 -15.40 49.88 124.46
C PRO E 1181 -16.64 50.76 124.38
N ARG E 1182 -17.56 50.37 123.50
CA ARG E 1182 -18.76 51.18 123.28
C ARG E 1182 -19.73 51.11 124.46
N ALA E 1183 -19.78 49.97 125.15
CA ALA E 1183 -20.75 49.81 126.24
C ALA E 1183 -20.24 50.43 127.54
N ASP E 1184 -19.11 49.94 128.05
CA ASP E 1184 -18.56 50.38 129.32
C ASP E 1184 -17.14 50.90 129.12
N ASP E 1185 -16.81 52.02 129.77
CA ASP E 1185 -15.48 52.57 129.71
C ASP E 1185 -14.89 52.91 131.07
N SER E 1186 -15.60 52.62 132.16
CA SER E 1186 -15.09 52.89 133.50
C SER E 1186 -13.82 52.09 133.79
N GLU E 1187 -13.82 50.81 133.44
CA GLU E 1187 -12.63 49.98 133.60
C GLU E 1187 -11.48 50.49 132.74
N PHE E 1188 -11.78 50.84 131.48
CA PHE E 1188 -10.75 51.34 130.56
C PHE E 1188 -10.15 52.64 131.07
N GLN E 1189 -11.01 53.58 131.49
CA GLN E 1189 -10.52 54.86 132.01
C GLN E 1189 -9.72 54.65 133.29
N ALA E 1190 -10.18 53.77 134.18
CA ALA E 1190 -9.47 53.51 135.42
C ALA E 1190 -8.08 52.94 135.16
N LEU E 1191 -7.98 51.96 134.26
CA LEU E 1191 -6.69 51.38 133.92
C LEU E 1191 -5.77 52.42 133.26
N LEU E 1192 -6.35 53.24 132.38
CA LEU E 1192 -5.58 54.28 131.70
C LEU E 1192 -5.02 55.29 132.70
N ASP E 1193 -5.83 55.74 133.66
CA ASP E 1193 -5.35 56.68 134.67
C ASP E 1193 -4.31 56.03 135.58
N ILE E 1194 -4.48 54.74 135.91
CA ILE E 1194 -3.49 54.07 136.76
C ILE E 1194 -2.15 54.01 136.04
N TRP E 1195 -2.16 53.68 134.74
CA TRP E 1195 -0.91 53.51 134.01
C TRP E 1195 -0.37 54.82 133.45
N PHE E 1196 -1.24 55.73 133.00
CA PHE E 1196 -0.80 56.96 132.33
C PHE E 1196 -1.50 58.16 132.97
N PRO E 1197 -1.03 58.62 134.12
CA PRO E 1197 -1.58 59.85 134.70
C PRO E 1197 -1.15 61.07 133.92
N GLU E 1198 -1.94 62.15 134.08
CA GLU E 1198 -1.71 63.39 133.36
C GLU E 1198 -0.76 64.29 134.14
N GLU E 1199 0.27 64.80 133.46
CA GLU E 1199 1.23 65.76 134.02
C GLU E 1199 1.92 65.21 135.27
N LYS E 1200 2.21 63.92 135.27
CA LYS E 1200 2.93 63.24 136.33
C LYS E 1200 3.87 62.23 135.70
N PRO E 1201 4.99 61.90 136.36
CA PRO E 1201 5.88 60.87 135.82
C PRO E 1201 5.19 59.52 135.75
N LEU E 1202 5.49 58.78 134.69
CA LEU E 1202 4.86 57.49 134.48
C LEU E 1202 5.50 56.44 135.39
N PRO E 1203 4.79 55.35 135.68
CA PRO E 1203 5.39 54.27 136.49
C PRO E 1203 6.62 53.68 135.81
N THR E 1204 7.60 53.31 136.62
CA THR E 1204 8.82 52.70 136.13
C THR E 1204 9.10 51.47 136.97
N ALA E 1205 9.69 50.46 136.33
CA ALA E 1205 10.03 49.21 136.98
C ALA E 1205 11.52 48.92 136.79
N PHE E 1206 12.12 48.27 137.78
CA PHE E 1206 13.52 47.91 137.74
C PHE E 1206 13.65 46.40 137.88
N LEU E 1207 14.51 45.81 137.04
CA LEU E 1207 14.73 44.36 137.06
C LEU E 1207 15.27 43.93 138.41
N VAL E 1208 14.61 42.94 139.03
CA VAL E 1208 15.05 42.49 140.34
C VAL E 1208 16.44 41.85 140.30
N ASP E 1209 16.79 41.18 139.20
CA ASP E 1209 18.07 40.50 139.10
C ASP E 1209 19.25 41.47 139.11
N THR E 1210 19.11 42.64 138.48
CA THR E 1210 20.23 43.56 138.31
C THR E 1210 19.97 45.02 138.69
N SER E 1211 18.74 45.40 139.01
CA SER E 1211 18.35 46.79 139.34
C SER E 1211 18.67 47.78 138.23
N GLU E 1212 18.50 47.35 136.98
CA GLU E 1212 18.73 48.20 135.82
C GLU E 1212 17.40 48.69 135.27
N GLU E 1213 17.47 49.73 134.43
CA GLU E 1213 16.28 50.30 133.80
C GLU E 1213 15.58 49.30 132.90
N ALA E 1214 14.40 48.83 133.32
CA ALA E 1214 13.65 47.87 132.52
C ALA E 1214 13.05 48.54 131.29
N LEU E 1215 13.16 47.86 130.14
CA LEU E 1215 12.63 48.37 128.88
C LEU E 1215 11.13 48.07 128.86
N LEU E 1216 10.38 48.92 129.58
CA LEU E 1216 8.94 48.73 129.71
C LEU E 1216 8.22 49.06 128.40
N LEU E 1217 8.80 49.93 127.59
CA LEU E 1217 8.20 50.34 126.31
C LEU E 1217 9.23 50.14 125.20
N PRO E 1218 9.39 48.91 124.69
CA PRO E 1218 10.26 48.69 123.53
C PRO E 1218 9.79 49.44 122.29
N ASP E 1219 10.67 49.47 121.29
CA ASP E 1219 10.42 50.25 120.08
C ASP E 1219 9.18 49.78 119.34
N TRP E 1220 9.00 48.45 119.21
CA TRP E 1220 7.85 47.92 118.50
C TRP E 1220 6.55 48.28 119.22
N LEU E 1221 6.55 48.20 120.55
CA LEU E 1221 5.37 48.53 121.34
C LEU E 1221 5.04 50.01 121.23
N LYS E 1222 6.07 50.87 121.26
CA LYS E 1222 5.87 52.30 121.09
C LYS E 1222 5.26 52.60 119.73
N LEU E 1223 5.83 51.97 118.68
CA LEU E 1223 5.30 52.14 117.32
C LEU E 1223 3.85 51.70 117.24
N ARG E 1224 3.52 50.58 117.88
CA ARG E 1224 2.14 50.11 117.91
C ARG E 1224 1.23 51.13 118.59
N MET E 1225 1.69 51.71 119.70
CA MET E 1225 0.82 52.58 120.47
C MET E 1225 0.71 53.99 119.88
N ILE E 1226 1.59 54.39 118.96
CA ILE E 1226 1.33 55.61 118.20
C ILE E 1226 0.09 55.44 117.31
N ARG E 1227 -0.11 54.23 116.77
CA ARG E 1227 -1.24 53.97 115.88
C ARG E 1227 -2.58 54.15 116.58
N SER E 1228 -2.62 53.96 117.89
CA SER E 1228 -3.85 54.13 118.66
C SER E 1228 -4.35 55.56 118.60
N GLU E 1229 -5.67 55.72 118.49
CA GLU E 1229 -6.27 57.04 118.35
C GLU E 1229 -6.28 57.83 119.65
N VAL E 1230 -5.97 57.20 120.79
CA VAL E 1230 -6.01 57.89 122.08
C VAL E 1230 -4.87 58.89 122.14
N LEU E 1231 -5.20 60.15 122.40
CA LEU E 1231 -4.20 61.22 122.38
C LEU E 1231 -3.22 61.09 123.54
N ARG E 1232 -3.71 60.65 124.72
CA ARG E 1232 -2.84 60.56 125.89
C ARG E 1232 -1.73 59.54 125.69
N LEU E 1233 -2.05 58.38 125.10
CA LEU E 1233 -1.05 57.33 124.87
C LEU E 1233 0.06 57.83 123.95
N VAL E 1234 -0.33 58.43 122.82
CA VAL E 1234 0.67 58.87 121.85
C VAL E 1234 1.49 60.03 122.40
N ASP E 1235 0.85 60.95 123.14
CA ASP E 1235 1.57 62.07 123.74
C ASP E 1235 2.59 61.58 124.77
N ALA E 1236 2.20 60.60 125.59
CA ALA E 1236 3.12 60.05 126.57
C ALA E 1236 4.26 59.30 125.90
N ALA E 1237 3.96 58.53 124.83
CA ALA E 1237 4.99 57.77 124.14
C ALA E 1237 5.99 58.67 123.44
N LEU E 1238 5.52 59.77 122.84
CA LEU E 1238 6.41 60.63 122.04
C LEU E 1238 7.47 61.34 122.90
N GLN E 1239 7.22 61.51 124.19
CA GLN E 1239 8.11 62.27 125.05
C GLN E 1239 9.48 61.59 125.15
N ASP E 1240 10.54 62.40 125.03
CA ASP E 1240 11.93 61.97 125.17
C ASP E 1240 12.27 60.87 124.16
N LEU E 1241 12.04 61.18 122.88
CA LEU E 1241 12.34 60.28 121.79
C LEU E 1241 13.64 60.67 121.11
N GLU E 1242 14.50 59.68 120.87
CA GLU E 1242 15.78 59.89 120.23
C GLU E 1242 15.58 60.02 118.72
N PRO E 1243 16.51 60.67 118.01
CA PRO E 1243 16.32 60.84 116.56
C PRO E 1243 16.20 59.54 115.78
N GLN E 1244 16.97 58.50 116.11
CA GLN E 1244 16.90 57.25 115.36
C GLN E 1244 15.53 56.58 115.52
N GLN E 1245 15.00 56.55 116.75
CA GLN E 1245 13.67 55.98 116.98
C GLN E 1245 12.60 56.81 116.28
N LEU E 1246 12.77 58.14 116.29
CA LEU E 1246 11.82 59.03 115.64
C LEU E 1246 11.79 58.78 114.14
N LEU E 1247 12.97 58.62 113.53
CA LEU E 1247 13.05 58.30 112.10
C LEU E 1247 12.44 56.93 111.79
N LEU E 1248 12.73 55.93 112.65
CA LEU E 1248 12.16 54.60 112.45
C LEU E 1248 10.63 54.66 112.53
N PHE E 1249 10.09 55.48 113.43
CA PHE E 1249 8.64 55.56 113.57
C PHE E 1249 7.99 56.26 112.38
N VAL E 1250 8.56 57.39 111.94
CA VAL E 1250 7.97 58.08 110.79
C VAL E 1250 8.16 57.27 109.50
N GLN E 1251 9.16 56.38 109.46
CA GLN E 1251 9.28 55.47 108.31
C GLN E 1251 8.13 54.49 108.24
N SER E 1252 7.54 54.13 109.37
CA SER E 1252 6.45 53.17 109.39
C SER E 1252 5.19 53.77 108.77
N PHE E 1253 4.23 52.89 108.51
CA PHE E 1253 2.97 53.22 107.86
C PHE E 1253 1.81 52.98 108.83
N GLY E 1254 0.61 53.30 108.37
CA GLY E 1254 -0.61 53.02 109.10
C GLY E 1254 -0.88 53.92 110.28
N ILE E 1255 -0.10 54.99 110.43
CA ILE E 1255 -0.24 55.92 111.54
C ILE E 1255 -1.29 56.95 111.13
N PRO E 1256 -2.22 57.33 112.01
CA PRO E 1256 -3.23 58.34 111.65
C PRO E 1256 -2.62 59.70 111.32
N VAL E 1257 -3.46 60.55 110.73
CA VAL E 1257 -2.98 61.84 110.22
C VAL E 1257 -2.55 62.75 111.36
N SER E 1258 -3.36 62.83 112.43
CA SER E 1258 -3.02 63.70 113.56
C SER E 1258 -1.75 63.24 114.25
N SER E 1259 -1.62 61.93 114.43
CA SER E 1259 -0.39 61.36 114.99
C SER E 1259 0.80 61.64 114.08
N MET E 1260 0.59 61.58 112.76
CA MET E 1260 1.66 61.92 111.82
C MET E 1260 2.08 63.37 111.98
N SER E 1261 1.10 64.26 112.18
CA SER E 1261 1.39 65.68 112.40
C SER E 1261 2.21 65.86 113.66
N LYS E 1262 1.85 65.13 114.74
CA LYS E 1262 2.61 65.22 115.98
C LYS E 1262 4.04 64.69 115.80
N LEU E 1263 4.19 63.61 115.01
CA LEU E 1263 5.52 63.09 114.68
C LEU E 1263 6.36 64.15 113.97
N LEU E 1264 5.76 64.83 112.99
CA LEU E 1264 6.47 65.88 112.26
C LEU E 1264 6.80 67.06 113.17
N GLN E 1265 5.90 67.41 114.08
CA GLN E 1265 6.18 68.49 115.03
C GLN E 1265 7.37 68.14 115.93
N PHE E 1266 7.41 66.89 116.43
CA PHE E 1266 8.55 66.48 117.23
C PHE E 1266 9.84 66.43 116.40
N LEU E 1267 9.73 66.07 115.12
CA LEU E 1267 10.87 66.14 114.22
C LEU E 1267 11.37 67.57 114.09
N ASP E 1268 10.46 68.53 113.96
CA ASP E 1268 10.83 69.94 113.89
C ASP E 1268 11.52 70.40 115.17
N GLN E 1269 10.99 69.97 116.33
CA GLN E 1269 11.61 70.32 117.60
C GLN E 1269 13.02 69.75 117.71
N ALA E 1270 13.19 68.49 117.28
CA ALA E 1270 14.52 67.87 117.30
C ALA E 1270 15.48 68.59 116.37
N VAL E 1271 15.01 68.99 115.18
CA VAL E 1271 15.85 69.73 114.25
C VAL E 1271 16.26 71.07 114.84
N ALA E 1272 15.31 71.77 115.48
CA ALA E 1272 15.63 73.04 116.11
C ALA E 1272 16.60 72.87 117.28
N HIS E 1273 16.53 71.74 117.98
CA HIS E 1273 17.40 71.53 119.14
C HIS E 1273 18.79 71.04 118.76
N ASP E 1274 18.88 69.87 118.13
CA ASP E 1274 20.15 69.22 117.82
C ASP E 1274 20.15 68.77 116.37
N PRO E 1275 20.32 69.69 115.41
CA PRO E 1275 20.29 69.29 114.01
C PRO E 1275 21.51 68.51 113.54
N GLN E 1276 22.69 68.75 114.12
CA GLN E 1276 23.91 68.13 113.60
C GLN E 1276 23.91 66.61 113.76
N THR E 1277 23.40 66.10 114.88
CA THR E 1277 23.38 64.65 115.10
C THR E 1277 22.35 63.97 114.23
N LEU E 1278 21.26 64.66 113.88
CA LEU E 1278 20.21 64.08 113.06
C LEU E 1278 20.74 63.73 111.66
N GLU E 1279 21.66 64.54 111.14
CA GLU E 1279 22.23 64.30 109.82
C GLU E 1279 23.00 62.98 109.79
N GLN E 1280 23.78 62.71 110.83
CA GLN E 1280 24.63 61.51 110.86
C GLN E 1280 23.82 60.22 110.98
N ASN E 1281 22.62 60.30 111.54
CA ASN E 1281 21.81 59.13 111.81
C ASN E 1281 20.94 58.70 110.63
N ILE E 1282 20.87 59.50 109.57
CA ILE E 1282 20.00 59.20 108.43
C ILE E 1282 20.78 58.33 107.45
N MET E 1283 20.26 57.14 107.17
CA MET E 1283 20.89 56.26 106.18
C MET E 1283 20.75 56.84 104.78
N ASP E 1284 19.55 57.26 104.40
CA ASP E 1284 19.30 57.80 103.07
C ASP E 1284 18.26 58.92 103.20
N LYS E 1285 18.66 60.15 102.84
CA LYS E 1285 17.77 61.30 102.95
C LYS E 1285 16.76 61.38 101.81
N ASN E 1286 16.97 60.65 100.71
CA ASN E 1286 16.04 60.69 99.59
C ASN E 1286 14.68 60.11 99.99
N TYR E 1287 14.69 58.93 100.62
CA TYR E 1287 13.45 58.29 101.03
C TYR E 1287 12.73 59.12 102.07
N MET E 1288 13.47 59.69 103.03
CA MET E 1288 12.86 60.52 104.06
C MET E 1288 12.26 61.78 103.46
N ALA E 1289 12.96 62.40 102.50
CA ALA E 1289 12.43 63.58 101.81
C ALA E 1289 11.14 63.23 101.07
N HIS E 1290 11.12 62.10 100.37
CA HIS E 1290 9.92 61.67 99.67
C HIS E 1290 8.78 61.42 100.65
N LEU E 1291 9.10 60.79 101.79
CA LEU E 1291 8.09 60.47 102.79
C LEU E 1291 7.46 61.73 103.38
N VAL E 1292 8.29 62.70 103.78
CA VAL E 1292 7.74 63.92 104.34
C VAL E 1292 6.97 64.70 103.27
N GLU E 1293 7.42 64.65 102.01
CA GLU E 1293 6.69 65.29 100.92
C GLU E 1293 5.30 64.68 100.73
N VAL E 1294 5.21 63.35 100.70
CA VAL E 1294 3.91 62.72 100.49
C VAL E 1294 3.01 62.91 101.72
N GLN E 1295 3.59 62.95 102.92
CA GLN E 1295 2.78 63.23 104.12
C GLN E 1295 2.24 64.65 104.09
N HIS E 1296 3.06 65.62 103.63
CA HIS E 1296 2.57 66.98 103.45
C HIS E 1296 1.44 67.03 102.42
N GLU E 1297 1.61 66.28 101.32
CA GLU E 1297 0.54 66.16 100.32
C GLU E 1297 -0.72 65.56 100.93
N ARG E 1298 -0.58 64.66 101.90
CA ARG E 1298 -1.72 64.10 102.61
C ARG E 1298 -2.43 65.14 103.47
N GLY E 1299 -1.74 66.20 103.86
CA GLY E 1299 -2.29 67.25 104.69
C GLY E 1299 -1.76 67.28 106.11
N ALA E 1300 -0.77 66.47 106.44
CA ALA E 1300 -0.17 66.48 107.77
C ALA E 1300 0.55 67.79 108.02
N SER E 1301 0.36 68.34 109.21
CA SER E 1301 0.97 69.62 109.57
C SER E 1301 2.35 69.39 110.18
N GLY E 1302 3.21 70.40 110.01
CA GLY E 1302 4.57 70.33 110.51
C GLY E 1302 5.52 69.65 109.55
N GLY E 1303 6.79 69.61 109.96
CA GLY E 1303 7.84 69.01 109.17
C GLY E 1303 8.49 69.92 108.14
N GLN E 1304 8.10 71.20 108.08
CA GLN E 1304 8.69 72.12 107.09
C GLN E 1304 10.18 72.31 107.32
N THR E 1305 10.60 72.48 108.58
CA THR E 1305 12.03 72.62 108.88
C THR E 1305 12.79 71.34 108.60
N PHE E 1306 12.21 70.18 108.93
CA PHE E 1306 12.83 68.90 108.64
C PHE E 1306 12.95 68.71 107.13
N HIS E 1307 11.90 69.08 106.38
CA HIS E 1307 11.95 68.99 104.92
C HIS E 1307 13.03 69.91 104.37
N SER E 1308 13.17 71.11 104.94
CA SER E 1308 14.21 72.04 104.52
C SER E 1308 15.60 71.45 104.74
N LEU E 1309 15.81 70.81 105.90
CA LEU E 1309 17.10 70.17 106.16
C LEU E 1309 17.37 69.04 105.17
N LEU E 1310 16.34 68.24 104.86
CA LEU E 1310 16.50 67.16 103.90
C LEU E 1310 16.81 67.70 102.51
N THR E 1311 16.17 68.79 102.10
CA THR E 1311 16.42 69.38 100.79
C THR E 1311 17.74 70.15 100.71
N ALA E 1312 18.44 70.34 101.85
CA ALA E 1312 19.73 71.03 101.82
C ALA E 1312 20.73 70.28 100.96
N SER E 1313 20.88 68.98 101.18
CA SER E 1313 21.75 68.14 100.37
C SER E 1313 20.98 67.48 99.23
N LEU E 1314 20.21 68.29 98.51
CA LEU E 1314 19.41 67.85 97.37
C LEU E 1314 19.27 69.00 96.39
N PRO E 1315 20.32 69.31 95.64
CA PRO E 1315 20.30 70.47 94.73
C PRO E 1315 19.28 70.28 93.62
N PRO E 1316 18.91 71.34 92.88
CA PRO E 1316 17.92 71.18 91.81
C PRO E 1316 18.40 70.22 90.73
N ARG E 1317 17.46 69.47 90.18
CA ARG E 1317 17.73 68.40 89.23
C ARG E 1317 17.00 68.70 87.91
N ARG E 1318 17.14 67.78 86.96
CA ARG E 1318 16.59 67.99 85.63
C ARG E 1318 15.07 67.94 85.65
N ASP E 1319 14.46 68.83 84.86
CA ASP E 1319 13.01 68.88 84.73
C ASP E 1319 12.59 67.98 83.56
N SER E 1320 11.31 68.06 83.17
CA SER E 1320 10.78 67.28 82.07
C SER E 1320 9.61 67.99 81.42
N ASP E 1353 -22.68 89.90 30.23
CA ASP E 1353 -22.34 90.09 28.82
C ASP E 1353 -21.57 88.88 28.32
N LEU E 1354 -21.71 88.58 27.03
CA LEU E 1354 -21.12 87.40 26.42
C LEU E 1354 -19.84 87.73 25.64
N ALA E 1355 -19.90 88.74 24.75
CA ALA E 1355 -18.73 89.11 23.97
C ALA E 1355 -17.61 89.63 24.84
N GLY E 1356 -17.94 90.33 25.93
CA GLY E 1356 -16.92 90.92 26.78
C GLY E 1356 -16.02 89.89 27.44
N MET E 1357 -16.61 88.85 28.01
CA MET E 1357 -15.81 87.80 28.65
C MET E 1357 -14.97 87.06 27.63
N PHE E 1358 -15.52 86.84 26.43
CA PHE E 1358 -14.78 86.21 25.34
C PHE E 1358 -13.54 87.04 25.00
N LEU E 1359 -13.72 88.34 24.75
CA LEU E 1359 -12.58 89.16 24.38
C LEU E 1359 -11.67 89.47 25.56
N GLN E 1360 -12.09 89.16 26.80
CA GLN E 1360 -11.22 89.34 27.94
C GLN E 1360 -10.36 88.11 28.27
N ILE E 1361 -10.91 86.91 28.14
CA ILE E 1361 -10.21 85.71 28.60
C ILE E 1361 -8.97 85.42 27.77
N PHE E 1362 -9.09 85.49 26.45
CA PHE E 1362 -8.01 84.98 25.60
C PHE E 1362 -6.79 85.90 25.45
N PRO E 1363 -6.94 87.21 25.15
CA PRO E 1363 -5.70 87.97 24.99
C PRO E 1363 -4.94 88.21 26.30
N ARG E 1376 -12.10 81.33 32.09
CA ARG E 1376 -11.76 79.90 32.03
C ARG E 1376 -12.94 79.00 32.51
N PRO E 1377 -13.40 79.09 33.78
CA PRO E 1377 -14.52 78.22 34.17
C PRO E 1377 -15.83 78.58 33.49
N VAL E 1378 -16.00 79.85 33.10
CA VAL E 1378 -17.23 80.28 32.43
C VAL E 1378 -17.37 79.61 31.07
N ALA E 1379 -16.25 79.32 30.40
CA ALA E 1379 -16.32 78.54 29.16
C ALA E 1379 -16.87 77.14 29.42
N LEU E 1380 -16.43 76.51 30.52
CA LEU E 1380 -16.96 75.21 30.92
C LEU E 1380 -18.45 75.30 31.21
N ALA E 1381 -18.87 76.37 31.90
CA ALA E 1381 -20.28 76.58 32.19
C ALA E 1381 -21.08 76.74 30.90
N LEU E 1382 -20.52 77.48 29.93
CA LEU E 1382 -21.16 77.63 28.63
C LEU E 1382 -21.30 76.28 27.92
N GLN E 1383 -20.26 75.44 28.01
CA GLN E 1383 -20.34 74.11 27.42
C GLN E 1383 -21.42 73.27 28.09
N GLN E 1384 -21.54 73.36 29.42
CA GLN E 1384 -22.58 72.64 30.14
C GLN E 1384 -23.96 73.12 29.72
N ALA E 1385 -24.14 74.44 29.59
CA ALA E 1385 -25.40 75.00 29.15
C ALA E 1385 -25.75 74.55 27.74
N LEU E 1386 -24.75 74.52 26.84
CA LEU E 1386 -24.96 74.06 25.49
C LEU E 1386 -25.39 72.60 25.46
N GLY E 1387 -24.73 71.77 26.27
CA GLY E 1387 -25.10 70.36 26.34
C GLY E 1387 -26.50 70.15 26.89
N GLN E 1388 -26.86 70.90 27.93
CA GLN E 1388 -28.20 70.80 28.50
C GLN E 1388 -29.27 71.26 27.51
N GLU E 1389 -28.99 72.34 26.77
CA GLU E 1389 -29.93 72.78 25.74
C GLU E 1389 -30.07 71.74 24.63
N LEU E 1390 -28.96 71.11 24.23
CA LEU E 1390 -29.03 70.04 23.23
C LEU E 1390 -29.86 68.87 23.73
N ALA E 1391 -29.69 68.52 25.01
CA ALA E 1391 -30.47 67.45 25.62
C ALA E 1391 -31.96 67.81 25.63
N ARG E 1392 -32.29 69.06 25.96
CA ARG E 1392 -33.67 69.50 25.95
C ARG E 1392 -34.26 69.45 24.55
N VAL E 1393 -33.46 69.82 23.54
CA VAL E 1393 -33.94 69.81 22.16
C VAL E 1393 -34.22 68.38 21.69
N VAL E 1394 -33.27 67.46 21.93
CA VAL E 1394 -33.45 66.09 21.48
C VAL E 1394 -34.59 65.40 22.23
N GLN E 1395 -34.70 65.61 23.55
CA GLN E 1395 -35.80 65.02 24.29
C GLN E 1395 -37.13 65.73 24.06
N GLY E 1396 -37.10 67.05 23.86
CA GLY E 1396 -38.32 67.81 23.64
C GLY E 1396 -38.88 67.67 22.24
N ILE E 1403 -30.43 79.85 22.65
CA ILE E 1403 -29.19 80.32 23.25
C ILE E 1403 -28.04 80.18 22.25
N THR E 1404 -28.07 79.08 21.48
CA THR E 1404 -27.03 78.86 20.47
C THR E 1404 -27.05 79.94 19.40
N VAL E 1405 -28.25 80.36 19.00
CA VAL E 1405 -28.39 81.44 18.02
C VAL E 1405 -27.82 82.73 18.59
N ARG E 1406 -28.15 83.04 19.85
CA ARG E 1406 -27.67 84.26 20.49
C ARG E 1406 -26.15 84.24 20.64
N VAL E 1407 -25.59 83.11 21.06
CA VAL E 1407 -24.14 83.00 21.23
C VAL E 1407 -23.43 83.15 19.90
N LEU E 1408 -23.95 82.49 18.85
CA LEU E 1408 -23.35 82.58 17.52
C LEU E 1408 -23.41 84.01 16.99
N GLN E 1409 -24.55 84.68 17.16
CA GLN E 1409 -24.68 86.06 16.72
C GLN E 1409 -23.73 86.98 17.48
N ALA E 1410 -23.61 86.77 18.80
CA ALA E 1410 -22.73 87.60 19.62
C ALA E 1410 -21.28 87.44 19.20
N LEU E 1411 -20.84 86.20 18.99
CA LEU E 1411 -19.44 85.99 18.61
C LEU E 1411 -19.18 86.47 17.19
N ALA E 1412 -20.18 86.36 16.30
CA ALA E 1412 -20.02 86.92 14.95
C ALA E 1412 -19.89 88.44 14.98
N THR E 1413 -20.72 89.11 15.80
CA THR E 1413 -20.63 90.56 15.93
C THR E 1413 -19.29 90.97 16.52
N LEU E 1414 -18.80 90.23 17.52
CA LEU E 1414 -17.47 90.49 18.06
C LEU E 1414 -16.40 90.29 17.00
N LEU E 1415 -16.54 89.25 16.18
CA LEU E 1415 -15.55 88.96 15.15
C LEU E 1415 -15.56 90.02 14.06
N SER E 1416 -16.71 90.66 13.81
CA SER E 1416 -16.76 91.76 12.87
C SER E 1416 -15.87 92.91 13.33
N SER E 1417 -15.90 93.23 14.62
CA SER E 1417 -15.02 94.26 15.16
C SER E 1417 -13.58 93.74 15.19
N PRO E 1418 -12.58 94.63 15.11
CA PRO E 1418 -11.19 94.18 15.24
C PRO E 1418 -10.86 93.67 16.64
N ALA E 1422 -6.15 89.93 16.58
CA ALA E 1422 -7.53 89.56 16.30
C ALA E 1422 -8.01 88.49 17.27
N LEU E 1423 -9.32 88.27 17.31
CA LEU E 1423 -9.87 87.27 18.21
C LEU E 1423 -9.43 85.86 17.80
N VAL E 1424 -9.35 85.62 16.48
CA VAL E 1424 -8.99 84.29 16.00
C VAL E 1424 -7.55 83.94 16.37
N MET E 1425 -6.65 84.93 16.37
CA MET E 1425 -5.26 84.70 16.77
C MET E 1425 -5.18 84.27 18.23
N SER E 1426 -5.91 84.96 19.11
CA SER E 1426 -5.91 84.60 20.53
C SER E 1426 -6.60 83.26 20.75
N MET E 1427 -7.63 82.95 19.94
CA MET E 1427 -8.29 81.66 20.04
C MET E 1427 -7.38 80.53 19.57
N HIS E 1428 -6.46 80.82 18.63
CA HIS E 1428 -5.55 79.80 18.14
C HIS E 1428 -4.65 79.27 19.24
N ARG E 1429 -4.13 80.17 20.09
CA ARG E 1429 -3.32 79.75 21.24
C ARG E 1429 -4.12 78.98 22.27
N SER E 1430 -5.44 79.14 22.30
CA SER E 1430 -6.33 78.43 23.20
C SER E 1430 -7.31 77.57 22.42
N HIS E 1431 -6.80 76.92 21.36
CA HIS E 1431 -7.64 76.11 20.48
C HIS E 1431 -8.29 74.96 21.22
N PHE E 1432 -7.64 74.46 22.27
CA PHE E 1432 -8.19 73.35 23.06
C PHE E 1432 -9.53 73.73 23.69
N LEU E 1433 -9.73 75.01 23.99
CA LEU E 1433 -10.99 75.50 24.54
C LEU E 1433 -11.94 76.00 23.46
N ALA E 1434 -11.40 76.44 22.32
CA ALA E 1434 -12.25 76.95 21.24
C ALA E 1434 -12.95 75.81 20.51
N CYS E 1435 -12.23 74.74 20.18
CA CYS E 1435 -12.78 73.67 19.34
C CYS E 1435 -14.03 72.98 19.92
N PRO E 1436 -14.12 72.65 21.23
CA PRO E 1436 -15.38 72.06 21.74
C PRO E 1436 -16.61 72.90 21.48
N LEU E 1437 -16.50 74.24 21.55
CA LEU E 1437 -17.64 75.09 21.25
C LEU E 1437 -18.10 74.91 19.81
N LEU E 1438 -17.16 74.86 18.86
CA LEU E 1438 -17.51 74.63 17.47
C LEU E 1438 -18.15 73.26 17.28
N ARG E 1439 -17.63 72.24 17.97
CA ARG E 1439 -18.22 70.91 17.86
C ARG E 1439 -19.64 70.87 18.41
N GLN E 1440 -19.88 71.55 19.53
CA GLN E 1440 -21.23 71.62 20.09
C GLN E 1440 -22.17 72.36 19.13
N LEU E 1441 -21.70 73.43 18.51
CA LEU E 1441 -22.54 74.15 17.55
C LEU E 1441 -22.86 73.28 16.35
N CYS E 1442 -21.88 72.50 15.86
CA CYS E 1442 -22.16 71.61 14.74
C CYS E 1442 -23.14 70.51 15.11
N GLN E 1443 -23.02 69.97 16.34
CA GLN E 1443 -23.99 68.98 16.80
C GLN E 1443 -25.39 69.58 16.88
N TYR E 1444 -25.49 70.82 17.36
CA TYR E 1444 -26.79 71.50 17.39
C TYR E 1444 -27.34 71.66 15.98
N GLN E 1445 -26.48 72.05 15.03
CA GLN E 1445 -26.92 72.26 13.65
C GLN E 1445 -27.41 70.95 13.03
N ARG E 1446 -26.60 69.89 13.11
CA ARG E 1446 -26.98 68.60 12.54
C ARG E 1446 -28.16 67.97 13.27
N CYS E 1447 -28.40 68.36 14.54
CA CYS E 1447 -29.53 67.82 15.29
C CYS E 1447 -30.86 68.25 14.70
N VAL E 1448 -30.92 69.46 14.13
CA VAL E 1448 -32.17 70.01 13.61
C VAL E 1448 -31.98 70.46 12.16
N PRO E 1449 -31.84 69.53 11.21
CA PRO E 1449 -31.65 69.94 9.80
C PRO E 1449 -32.83 70.71 9.23
N GLN E 1450 -34.06 70.47 9.71
CA GLN E 1450 -35.21 71.20 9.20
C GLN E 1450 -35.14 72.68 9.53
N ASP E 1451 -34.42 73.04 10.60
CA ASP E 1451 -34.30 74.44 11.04
C ASP E 1451 -33.34 75.15 10.09
N THR E 1452 -33.89 75.61 8.97
CA THR E 1452 -33.12 76.36 7.99
C THR E 1452 -32.68 77.71 8.55
N GLY E 1453 -31.79 78.37 7.83
CA GLY E 1453 -31.27 79.66 8.27
C GLY E 1453 -30.10 79.58 9.23
N PHE E 1454 -30.21 78.74 10.26
CA PHE E 1454 -29.10 78.55 11.21
C PHE E 1454 -27.87 77.98 10.50
N SER E 1455 -28.08 76.99 9.62
CA SER E 1455 -26.96 76.40 8.88
C SER E 1455 -26.31 77.41 7.94
N SER E 1456 -27.11 78.29 7.33
CA SER E 1456 -26.56 79.31 6.43
C SER E 1456 -25.65 80.26 7.19
N LEU E 1457 -26.12 80.77 8.33
CA LEU E 1457 -25.31 81.65 9.18
C LEU E 1457 -24.08 80.92 9.69
N PHE E 1458 -24.23 79.64 10.04
CA PHE E 1458 -23.13 78.82 10.52
C PHE E 1458 -22.03 78.74 9.46
N LEU E 1459 -22.42 78.42 8.23
CA LEU E 1459 -21.47 78.31 7.12
C LEU E 1459 -20.84 79.67 6.81
N LYS E 1460 -21.64 80.74 6.84
CA LYS E 1460 -21.11 82.08 6.58
C LYS E 1460 -20.06 82.46 7.60
N VAL E 1461 -20.32 82.20 8.89
CA VAL E 1461 -19.36 82.52 9.95
C VAL E 1461 -18.11 81.70 9.78
N LEU E 1462 -18.26 80.40 9.46
CA LEU E 1462 -17.11 79.53 9.28
C LEU E 1462 -16.23 79.99 8.11
N LEU E 1463 -16.86 80.33 6.98
CA LEU E 1463 -16.10 80.80 5.82
C LEU E 1463 -15.40 82.13 6.13
N GLN E 1464 -16.11 83.05 6.79
CA GLN E 1464 -15.53 84.35 7.11
C GLN E 1464 -14.33 84.21 8.04
N MET E 1465 -14.47 83.42 9.10
CA MET E 1465 -13.38 83.27 10.06
C MET E 1465 -12.22 82.47 9.48
N LEU E 1466 -12.50 81.49 8.59
CA LEU E 1466 -11.43 80.80 7.89
C LEU E 1466 -10.67 81.75 6.98
N GLN E 1467 -11.40 82.59 6.23
CA GLN E 1467 -10.78 83.57 5.35
C GLN E 1467 -9.90 84.54 6.12
N TRP E 1468 -10.37 85.00 7.28
CA TRP E 1468 -9.55 85.85 8.14
C TRP E 1468 -8.35 85.09 8.71
N LEU E 1469 -8.44 83.76 8.80
CA LEU E 1469 -7.36 82.93 9.34
C LEU E 1469 -6.47 82.33 8.26
N ASP E 1470 -6.74 82.59 6.98
CA ASP E 1470 -6.00 81.93 5.91
C ASP E 1470 -4.64 82.56 5.63
N SER E 1471 -4.26 83.63 6.32
CA SER E 1471 -2.95 84.23 6.09
C SER E 1471 -1.85 83.24 6.51
N PRO E 1472 -0.76 83.13 5.76
CA PRO E 1472 0.27 82.12 6.09
C PRO E 1472 1.00 82.39 7.40
N GLY E 1473 0.98 83.62 7.93
CA GLY E 1473 1.73 83.94 9.12
C GLY E 1473 1.07 83.57 10.43
N VAL E 1474 -0.11 82.95 10.41
CA VAL E 1474 -0.82 82.62 11.63
C VAL E 1474 -0.37 81.31 12.26
N GLU E 1475 0.44 80.51 11.54
CA GLU E 1475 0.88 79.19 11.97
C GLU E 1475 -0.31 78.25 12.21
N GLY E 1476 -1.01 77.97 11.11
CA GLY E 1476 -2.22 77.17 11.18
C GLY E 1476 -1.99 75.80 11.79
N GLY E 1477 -2.99 75.33 12.53
CA GLY E 1477 -2.88 74.12 13.31
C GLY E 1477 -4.20 73.37 13.42
N PRO E 1478 -4.47 72.77 14.58
CA PRO E 1478 -5.70 71.98 14.75
C PRO E 1478 -6.98 72.77 14.52
N LEU E 1479 -7.03 74.04 14.94
CA LEU E 1479 -8.21 74.84 14.73
C LEU E 1479 -8.44 75.08 13.24
N ARG E 1480 -7.37 75.25 12.47
CA ARG E 1480 -7.46 75.43 11.03
C ARG E 1480 -8.11 74.21 10.37
N ALA E 1481 -7.65 73.01 10.74
CA ALA E 1481 -8.21 71.79 10.18
C ALA E 1481 -9.66 71.60 10.60
N GLN E 1482 -9.98 71.92 11.85
CA GLN E 1482 -11.36 71.82 12.34
C GLN E 1482 -12.28 72.73 11.54
N LEU E 1483 -11.87 73.99 11.35
CA LEU E 1483 -12.67 74.92 10.56
C LEU E 1483 -12.81 74.44 9.12
N ARG E 1484 -11.72 73.93 8.54
CA ARG E 1484 -11.74 73.47 7.16
C ARG E 1484 -12.71 72.31 6.98
N MET E 1485 -12.67 71.32 7.88
CA MET E 1485 -13.58 70.18 7.76
C MET E 1485 -15.02 70.61 8.00
N LEU E 1486 -15.26 71.52 8.95
CA LEU E 1486 -16.62 72.02 9.19
C LEU E 1486 -17.16 72.72 7.96
N ALA E 1487 -16.33 73.58 7.34
CA ALA E 1487 -16.74 74.30 6.15
C ALA E 1487 -17.02 73.35 5.00
N SER E 1488 -16.16 72.35 4.81
CA SER E 1488 -16.35 71.39 3.72
C SER E 1488 -17.63 70.59 3.92
N GLN E 1489 -17.88 70.12 5.16
CA GLN E 1489 -19.08 69.36 5.45
C GLN E 1489 -20.33 70.19 5.26
N ALA E 1490 -20.30 71.45 5.71
CA ALA E 1490 -21.45 72.34 5.55
C ALA E 1490 -21.71 72.65 4.08
N SER E 1491 -20.64 72.89 3.31
CA SER E 1491 -20.79 73.16 1.88
C SER E 1491 -21.35 71.96 1.14
N ALA E 1492 -20.91 70.75 1.49
CA ALA E 1492 -21.47 69.55 0.89
C ALA E 1492 -22.95 69.36 1.20
N GLY E 1493 -23.45 70.00 2.26
CA GLY E 1493 -24.84 69.84 2.67
C GLY E 1493 -25.86 70.39 1.69
N ARG E 1494 -25.45 71.25 0.77
CA ARG E 1494 -26.38 71.83 -0.19
C ARG E 1494 -26.16 71.23 -1.57
N ARG E 1495 -27.15 71.41 -2.45
CA ARG E 1495 -27.08 70.90 -3.80
C ARG E 1495 -26.26 71.85 -4.67
N LEU E 1496 -26.02 71.45 -5.92
CA LEU E 1496 -25.39 72.30 -6.92
C LEU E 1496 -26.41 72.67 -7.98
N SER E 1497 -26.10 73.72 -8.74
CA SER E 1497 -27.03 74.25 -9.74
C SER E 1497 -27.28 73.24 -10.85
N ASP E 1498 -26.22 72.66 -11.42
CA ASP E 1498 -26.37 71.86 -12.62
C ASP E 1498 -25.25 70.83 -12.71
N VAL E 1499 -25.58 69.66 -13.23
CA VAL E 1499 -24.61 68.57 -13.38
C VAL E 1499 -23.57 68.93 -14.43
N ARG E 1500 -24.03 69.42 -15.59
CA ARG E 1500 -23.12 69.73 -16.69
C ARG E 1500 -22.14 70.85 -16.32
N GLY E 1501 -22.63 71.89 -15.65
CA GLY E 1501 -21.75 72.97 -15.21
C GLY E 1501 -20.72 72.50 -14.20
N GLY E 1502 -21.15 71.66 -13.25
CA GLY E 1502 -20.22 71.11 -12.28
C GLY E 1502 -19.16 70.24 -12.94
N LEU E 1503 -19.56 69.42 -13.92
CA LEU E 1503 -18.60 68.59 -14.65
C LEU E 1503 -17.60 69.45 -15.42
N LEU E 1504 -18.08 70.52 -16.08
CA LEU E 1504 -17.19 71.41 -16.81
C LEU E 1504 -16.20 72.11 -15.88
N ARG E 1505 -16.69 72.58 -14.72
CA ARG E 1505 -15.81 73.22 -13.74
C ARG E 1505 -14.78 72.24 -13.19
N LEU E 1506 -15.20 70.99 -12.96
CA LEU E 1506 -14.29 69.95 -12.52
C LEU E 1506 -13.22 69.67 -13.58
N ALA E 1507 -13.62 69.63 -14.85
CA ALA E 1507 -12.67 69.42 -15.94
C ALA E 1507 -11.67 70.57 -16.01
N GLU E 1508 -12.15 71.81 -15.83
CA GLU E 1508 -11.26 72.96 -15.82
C GLU E 1508 -10.28 72.89 -14.66
N ALA E 1509 -10.77 72.48 -13.48
CA ALA E 1509 -9.89 72.34 -12.32
C ALA E 1509 -8.81 71.29 -12.57
N LEU E 1510 -9.19 70.15 -13.15
CA LEU E 1510 -8.22 69.13 -13.49
C LEU E 1510 -7.23 69.61 -14.56
N ALA E 1511 -7.69 70.46 -15.48
CA ALA E 1511 -6.79 71.09 -16.43
C ALA E 1511 -5.78 71.99 -15.71
N PHE E 1512 -6.22 72.65 -14.64
CA PHE E 1512 -5.32 73.45 -13.82
C PHE E 1512 -4.36 72.58 -13.01
N ARG E 1513 -4.68 71.31 -12.79
CA ARG E 1513 -3.87 70.23 -12.19
C ARG E 1513 -3.75 70.35 -10.67
N GLN E 1514 -4.33 71.39 -10.05
CA GLN E 1514 -4.16 71.65 -8.62
C GLN E 1514 -5.51 72.11 -8.07
N ASP E 1515 -5.47 72.66 -6.85
CA ASP E 1515 -6.66 73.09 -6.09
C ASP E 1515 -7.52 71.87 -5.71
N LEU E 1516 -6.87 70.85 -5.15
CA LEU E 1516 -7.55 69.60 -4.82
C LEU E 1516 -8.66 69.79 -3.80
N GLU E 1517 -8.58 70.83 -2.96
CA GLU E 1517 -9.71 71.17 -2.11
C GLU E 1517 -10.91 71.63 -2.94
N VAL E 1518 -10.66 72.46 -3.96
CA VAL E 1518 -11.72 72.90 -4.86
C VAL E 1518 -12.26 71.71 -5.65
N VAL E 1519 -11.36 70.82 -6.07
CA VAL E 1519 -11.76 69.61 -6.80
C VAL E 1519 -12.67 68.74 -5.92
N SER E 1520 -12.29 68.59 -4.65
CA SER E 1520 -13.09 67.81 -3.71
C SER E 1520 -14.46 68.43 -3.51
N SER E 1521 -14.52 69.75 -3.35
CA SER E 1521 -15.81 70.43 -3.20
C SER E 1521 -16.69 70.21 -4.43
N THR E 1522 -16.10 70.34 -5.62
CA THR E 1522 -16.86 70.18 -6.85
C THR E 1522 -17.39 68.75 -7.00
N VAL E 1523 -16.55 67.76 -6.74
CA VAL E 1523 -16.99 66.37 -6.91
C VAL E 1523 -18.06 66.02 -5.87
N ARG E 1524 -17.92 66.53 -4.62
CA ARG E 1524 -18.97 66.28 -3.62
C ARG E 1524 -20.28 66.93 -4.04
N ALA E 1525 -20.22 68.15 -4.59
CA ALA E 1525 -21.44 68.81 -5.06
C ALA E 1525 -22.08 68.02 -6.21
N VAL E 1526 -21.26 67.54 -7.15
CA VAL E 1526 -21.78 66.75 -8.26
C VAL E 1526 -22.41 65.45 -7.76
N ILE E 1527 -21.79 64.79 -6.79
CA ILE E 1527 -22.33 63.55 -6.22
C ILE E 1527 -23.68 63.82 -5.56
N ALA E 1528 -23.76 64.91 -4.78
CA ALA E 1528 -25.02 65.27 -4.13
C ALA E 1528 -26.11 65.56 -5.15
N THR E 1529 -25.76 66.31 -6.22
CA THR E 1529 -26.74 66.63 -7.25
C THR E 1529 -27.23 65.38 -7.95
N LEU E 1530 -26.33 64.45 -8.27
CA LEU E 1530 -26.74 63.19 -8.90
C LEU E 1530 -27.62 62.37 -7.96
N ARG E 1531 -27.31 62.40 -6.66
CA ARG E 1531 -28.13 61.70 -5.68
C ARG E 1531 -29.53 62.28 -5.64
N SER E 1532 -29.65 63.60 -5.72
CA SER E 1532 -30.94 64.26 -5.61
C SER E 1532 -31.60 64.51 -6.97
N GLY E 1533 -30.90 65.23 -7.86
CA GLY E 1533 -31.51 65.74 -9.07
C GLY E 1533 -31.58 64.73 -10.21
N GLU E 1534 -32.04 65.23 -11.36
CA GLU E 1534 -32.24 64.44 -12.56
C GLU E 1534 -31.00 64.52 -13.45
N GLN E 1535 -30.79 63.46 -14.25
CA GLN E 1535 -29.69 63.41 -15.18
C GLN E 1535 -29.85 64.45 -16.30
N CYS E 1536 -28.73 65.06 -16.67
CA CYS E 1536 -28.66 66.10 -17.70
C CYS E 1536 -27.76 65.62 -18.84
N SER E 1537 -27.43 66.55 -19.74
CA SER E 1537 -26.55 66.29 -20.88
C SER E 1537 -25.22 65.70 -20.40
N VAL E 1538 -24.75 64.66 -21.08
CA VAL E 1538 -23.65 63.86 -20.57
C VAL E 1538 -22.32 64.15 -21.28
N GLU E 1539 -22.32 64.21 -22.62
CA GLU E 1539 -21.11 64.35 -23.44
C GLU E 1539 -20.11 63.25 -23.08
N PRO E 1540 -20.36 62.00 -23.51
CA PRO E 1540 -19.58 60.85 -22.98
C PRO E 1540 -18.07 60.96 -23.16
N ASP E 1541 -17.62 61.64 -24.22
CA ASP E 1541 -16.19 61.92 -24.37
C ASP E 1541 -15.69 62.79 -23.22
N LEU E 1542 -16.46 63.81 -22.85
CA LEU E 1542 -16.07 64.68 -21.75
C LEU E 1542 -16.09 63.94 -20.42
N ILE E 1543 -17.08 63.07 -20.20
CA ILE E 1543 -17.14 62.27 -18.98
C ILE E 1543 -15.93 61.36 -18.89
N SER E 1544 -15.56 60.71 -20.01
CA SER E 1544 -14.39 59.84 -20.02
C SER E 1544 -13.12 60.64 -19.73
N LYS E 1545 -13.00 61.84 -20.30
CA LYS E 1545 -11.84 62.68 -20.04
C LYS E 1545 -11.75 63.10 -18.57
N VAL E 1546 -12.90 63.44 -17.97
CA VAL E 1546 -12.93 63.83 -16.56
C VAL E 1546 -12.52 62.66 -15.68
N LEU E 1547 -13.06 61.47 -15.96
CA LEU E 1547 -12.70 60.29 -15.19
C LEU E 1547 -11.22 59.94 -15.37
N GLN E 1548 -10.68 60.11 -16.58
CA GLN E 1548 -9.26 59.89 -16.81
C GLN E 1548 -8.42 60.85 -15.98
N GLY E 1549 -8.81 62.12 -15.92
CA GLY E 1549 -8.10 63.08 -15.08
C GLY E 1549 -8.18 62.73 -13.61
N LEU E 1550 -9.35 62.31 -13.15
CA LEU E 1550 -9.53 61.92 -11.75
C LEU E 1550 -8.67 60.70 -11.41
N ILE E 1551 -8.59 59.73 -12.33
CA ILE E 1551 -7.73 58.57 -12.13
C ILE E 1551 -6.26 58.99 -12.13
N GLU E 1552 -5.93 60.01 -12.93
CA GLU E 1552 -4.57 60.55 -12.94
C GLU E 1552 -4.21 61.15 -11.59
N VAL E 1553 -5.14 61.89 -10.98
CA VAL E 1553 -4.88 62.47 -9.66
C VAL E 1553 -5.31 61.58 -8.50
N ARG E 1554 -6.09 60.52 -8.77
CA ARG E 1554 -6.54 59.54 -7.77
C ARG E 1554 -7.30 60.22 -6.63
N SER E 1555 -8.44 60.82 -6.98
CA SER E 1555 -9.28 61.44 -5.98
C SER E 1555 -9.90 60.39 -5.07
N PRO E 1556 -10.02 60.66 -3.77
CA PRO E 1556 -10.67 59.71 -2.86
C PRO E 1556 -12.14 59.45 -3.19
N HIS E 1557 -12.81 60.38 -3.87
CA HIS E 1557 -14.24 60.30 -4.13
C HIS E 1557 -14.57 59.52 -5.41
N LEU E 1558 -13.59 58.83 -5.99
CA LEU E 1558 -13.77 58.21 -7.29
C LEU E 1558 -14.86 57.15 -7.28
N GLU E 1559 -14.84 56.25 -6.27
CA GLU E 1559 -15.85 55.21 -6.19
C GLU E 1559 -17.24 55.78 -5.98
N GLU E 1560 -17.36 56.78 -5.10
CA GLU E 1560 -18.64 57.45 -4.88
C GLU E 1560 -19.14 58.11 -6.16
N LEU E 1561 -18.23 58.76 -6.90
CA LEU E 1561 -18.62 59.41 -8.14
C LEU E 1561 -19.12 58.40 -9.17
N LEU E 1562 -18.41 57.28 -9.33
CA LEU E 1562 -18.84 56.25 -10.26
C LEU E 1562 -20.19 55.66 -9.85
N THR E 1563 -20.37 55.43 -8.55
CA THR E 1563 -21.64 54.93 -8.06
C THR E 1563 -22.77 55.92 -8.32
N ALA E 1564 -22.48 57.22 -8.17
CA ALA E 1564 -23.47 58.25 -8.47
C ALA E 1564 -23.83 58.25 -9.95
N PHE E 1565 -22.82 58.15 -10.83
CA PHE E 1565 -23.09 58.19 -12.26
C PHE E 1565 -23.87 56.97 -12.73
N PHE E 1566 -23.41 55.77 -12.38
CA PHE E 1566 -23.97 54.54 -12.93
C PHE E 1566 -25.20 54.01 -12.18
N SER E 1567 -25.64 54.66 -11.10
CA SER E 1567 -26.93 54.33 -10.51
C SER E 1567 -28.10 55.00 -11.21
N ALA E 1568 -27.83 55.87 -12.18
CA ALA E 1568 -28.84 56.59 -12.95
C ALA E 1568 -28.21 56.95 -14.28
N THR E 1569 -28.82 57.90 -15.00
CA THR E 1569 -28.27 58.48 -16.22
C THR E 1569 -28.05 57.43 -17.31
N ALA E 1570 -29.17 56.84 -17.75
CA ALA E 1570 -29.13 55.87 -18.84
C ALA E 1570 -28.78 56.47 -20.19
N ASP E 1571 -28.76 57.80 -20.31
CA ASP E 1571 -28.44 58.49 -21.55
C ASP E 1571 -27.05 58.14 -22.10
N LYS E 1580 -23.49 55.51 -22.82
CA LYS E 1580 -23.58 54.15 -22.27
C LYS E 1580 -22.42 53.89 -21.33
N PRO E 1581 -22.73 53.39 -20.12
CA PRO E 1581 -21.67 53.12 -19.14
C PRO E 1581 -20.65 52.09 -19.59
N VAL E 1582 -21.08 51.09 -20.38
CA VAL E 1582 -20.16 50.07 -20.86
C VAL E 1582 -19.06 50.67 -21.70
N VAL E 1583 -19.44 51.60 -22.60
CA VAL E 1583 -18.48 52.25 -23.48
C VAL E 1583 -17.48 53.08 -22.67
N VAL E 1584 -17.97 53.81 -21.67
CA VAL E 1584 -17.10 54.64 -20.84
C VAL E 1584 -16.09 53.78 -20.09
N VAL E 1585 -16.57 52.71 -19.45
CA VAL E 1585 -15.69 51.86 -18.66
C VAL E 1585 -14.67 51.16 -19.56
N SER E 1586 -15.11 50.66 -20.72
CA SER E 1586 -14.21 49.98 -21.64
C SER E 1586 -13.15 50.94 -22.18
N SER E 1587 -13.56 52.16 -22.53
CA SER E 1587 -12.62 53.17 -23.03
C SER E 1587 -11.60 53.51 -21.96
N LEU E 1588 -12.04 53.63 -20.70
CA LEU E 1588 -11.10 53.86 -19.61
C LEU E 1588 -10.11 52.70 -19.47
N LEU E 1589 -10.61 51.46 -19.56
CA LEU E 1589 -9.75 50.30 -19.38
C LEU E 1589 -8.73 50.14 -20.50
N LEU E 1590 -9.11 50.50 -21.74
CA LEU E 1590 -8.21 50.33 -22.87
C LEU E 1590 -6.94 51.17 -22.74
N GLN E 1591 -7.08 52.41 -22.27
CA GLN E 1591 -5.93 53.28 -22.07
C GLN E 1591 -5.15 52.81 -20.84
N ARG E 1612 0.27 54.27 -15.15
CA ARG E 1612 -0.59 54.90 -16.14
C ARG E 1612 -2.03 54.85 -15.69
N LEU E 1613 -2.52 53.64 -15.45
CA LEU E 1613 -3.86 53.44 -14.90
C LEU E 1613 -3.87 53.38 -13.38
N GLY E 1614 -2.80 52.89 -12.77
CA GLY E 1614 -2.72 52.74 -11.34
C GLY E 1614 -3.59 51.60 -10.84
N PRO E 1615 -3.70 51.45 -9.53
CA PRO E 1615 -4.57 50.40 -8.97
C PRO E 1615 -6.06 50.71 -9.07
N SER E 1616 -6.43 51.89 -9.60
CA SER E 1616 -7.83 52.23 -9.81
C SER E 1616 -8.51 51.32 -10.83
N SER E 1617 -7.71 50.60 -11.64
CA SER E 1617 -8.24 49.67 -12.64
C SER E 1617 -9.15 48.61 -12.03
N GLY E 1618 -8.91 48.23 -10.77
CA GLY E 1618 -9.76 47.27 -10.12
C GLY E 1618 -11.19 47.74 -9.99
N LEU E 1619 -11.39 49.01 -9.63
CA LEU E 1619 -12.72 49.59 -9.53
C LEU E 1619 -13.43 49.55 -10.89
N LEU E 1620 -12.72 49.91 -11.96
CA LEU E 1620 -13.28 49.90 -13.31
C LEU E 1620 -13.64 48.48 -13.73
N VAL E 1621 -12.78 47.51 -13.40
CA VAL E 1621 -13.05 46.11 -13.74
C VAL E 1621 -14.29 45.62 -12.99
N ASP E 1622 -14.41 45.98 -11.71
CA ASP E 1622 -15.58 45.62 -10.93
C ASP E 1622 -16.84 46.21 -11.53
N TRP E 1623 -16.77 47.48 -11.95
CA TRP E 1623 -17.93 48.12 -12.57
C TRP E 1623 -18.31 47.43 -13.87
N LEU E 1624 -17.31 47.12 -14.71
CA LEU E 1624 -17.58 46.42 -15.97
C LEU E 1624 -18.22 45.07 -15.72
N GLU E 1625 -17.76 44.35 -14.70
CA GLU E 1625 -18.36 43.06 -14.36
C GLU E 1625 -19.80 43.23 -13.90
N MET E 1626 -20.05 44.20 -13.00
CA MET E 1626 -21.37 44.27 -12.38
C MET E 1626 -22.43 44.84 -13.34
N LEU E 1627 -22.08 45.83 -14.15
CA LEU E 1627 -23.10 46.47 -14.99
C LEU E 1627 -23.25 45.80 -16.35
N ASP E 1628 -22.26 45.01 -16.76
CA ASP E 1628 -22.33 44.27 -18.02
C ASP E 1628 -21.96 42.83 -17.69
N PRO E 1629 -22.89 42.05 -17.10
CA PRO E 1629 -22.52 40.71 -16.62
C PRO E 1629 -22.00 39.78 -17.70
N GLU E 1630 -22.67 39.71 -18.85
CA GLU E 1630 -22.18 38.91 -19.97
C GLU E 1630 -21.12 39.75 -20.69
N VAL E 1631 -19.84 39.46 -20.43
CA VAL E 1631 -18.76 40.13 -21.14
C VAL E 1631 -18.87 39.84 -22.63
N VAL E 1632 -18.87 40.92 -23.45
CA VAL E 1632 -18.86 41.01 -24.92
C VAL E 1632 -20.28 41.08 -25.47
N SER E 1633 -21.28 41.07 -24.58
CA SER E 1633 -22.66 41.20 -25.03
C SER E 1633 -22.93 42.57 -25.64
N SER E 1634 -22.64 43.64 -24.91
CA SER E 1634 -22.87 44.97 -25.46
C SER E 1634 -21.54 45.48 -26.02
N CYS E 1635 -21.63 46.25 -27.14
CA CYS E 1635 -20.52 46.76 -27.95
C CYS E 1635 -19.41 45.72 -28.06
N PRO E 1636 -19.63 44.61 -28.78
CA PRO E 1636 -18.67 43.48 -28.72
C PRO E 1636 -17.25 43.79 -29.13
N ASP E 1637 -17.04 44.74 -30.05
CA ASP E 1637 -15.70 45.02 -30.56
C ASP E 1637 -14.76 45.50 -29.47
N LEU E 1638 -15.27 46.36 -28.57
CA LEU E 1638 -14.43 46.88 -27.49
C LEU E 1638 -13.98 45.78 -26.54
N GLN E 1639 -14.90 44.88 -26.15
CA GLN E 1639 -14.51 43.78 -25.27
C GLN E 1639 -13.58 42.81 -25.97
N LEU E 1640 -13.81 42.52 -27.25
CA LEU E 1640 -12.90 41.65 -27.99
C LEU E 1640 -11.50 42.24 -28.07
N ARG E 1641 -11.42 43.57 -28.24
CA ARG E 1641 -10.13 44.24 -28.22
C ARG E 1641 -9.48 44.15 -26.84
N LEU E 1642 -10.28 44.32 -25.78
CA LEU E 1642 -9.76 44.23 -24.42
C LEU E 1642 -9.19 42.85 -24.12
N LEU E 1643 -9.98 41.81 -24.40
CA LEU E 1643 -9.56 40.44 -24.12
C LEU E 1643 -8.39 40.02 -25.01
N PHE E 1644 -8.42 40.37 -26.28
CA PHE E 1644 -7.40 39.94 -27.25
C PHE E 1644 -6.85 41.17 -27.93
N SER E 1645 -5.53 41.36 -27.84
CA SER E 1645 -4.86 42.52 -28.43
C SER E 1645 -3.38 42.19 -28.55
N ARG E 1646 -2.58 43.19 -28.90
CA ARG E 1646 -1.14 43.02 -29.02
C ARG E 1646 -0.40 43.94 -28.05
N PRO E 1656 -3.83 44.78 -20.06
CA PRO E 1656 -3.14 43.50 -20.23
C PRO E 1656 -2.96 42.75 -18.91
N SER E 1657 -2.68 43.51 -17.84
CA SER E 1657 -2.47 42.89 -16.53
C SER E 1657 -3.72 42.17 -16.04
N PHE E 1658 -4.88 42.80 -16.21
CA PHE E 1658 -6.16 42.25 -15.78
C PHE E 1658 -6.82 41.34 -16.82
N ARG E 1659 -6.14 41.06 -17.93
CA ARG E 1659 -6.68 40.21 -18.99
C ARG E 1659 -7.14 38.81 -18.55
N PRO E 1660 -6.37 38.02 -17.76
CA PRO E 1660 -6.87 36.68 -17.40
C PRO E 1660 -8.16 36.67 -16.60
N TYR E 1661 -8.37 37.67 -15.74
CA TYR E 1661 -9.60 37.72 -14.96
C TYR E 1661 -10.82 37.93 -15.86
N LEU E 1662 -10.76 38.90 -16.77
CA LEU E 1662 -11.86 39.13 -17.70
C LEU E 1662 -12.05 37.92 -18.63
N LEU E 1663 -10.95 37.27 -19.01
CA LEU E 1663 -11.06 36.07 -19.82
C LEU E 1663 -11.79 34.97 -19.08
N THR E 1664 -11.48 34.79 -17.79
CA THR E 1664 -12.16 33.80 -16.96
C THR E 1664 -13.64 34.13 -16.80
N LEU E 1665 -13.95 35.41 -16.57
CA LEU E 1665 -15.34 35.86 -16.48
C LEU E 1665 -16.10 35.52 -17.76
N PHE E 1666 -15.54 35.89 -18.91
CA PHE E 1666 -16.21 35.66 -20.18
C PHE E 1666 -16.34 34.17 -20.47
N THR E 1667 -15.35 33.38 -20.06
CA THR E 1667 -15.39 31.94 -20.30
C THR E 1667 -16.50 31.27 -19.49
N HIS E 1668 -16.56 31.56 -18.19
CA HIS E 1668 -17.49 30.85 -17.31
C HIS E 1668 -18.80 31.59 -17.08
N GLN E 1669 -19.02 32.72 -17.78
CA GLN E 1669 -20.17 33.55 -17.47
C GLN E 1669 -20.96 33.98 -18.70
N SER E 1670 -20.58 33.55 -19.90
CA SER E 1670 -21.26 33.94 -21.13
C SER E 1670 -22.04 32.77 -21.70
N SER E 1671 -23.22 33.06 -22.24
CA SER E 1671 -24.08 32.05 -22.83
C SER E 1671 -23.40 31.41 -24.03
N TRP E 1672 -23.76 30.16 -24.30
CA TRP E 1672 -23.13 29.40 -25.38
C TRP E 1672 -23.20 30.05 -26.76
N PRO E 1673 -24.31 30.67 -27.21
CA PRO E 1673 -24.24 31.44 -28.48
C PRO E 1673 -23.18 32.53 -28.46
N THR E 1674 -22.99 33.21 -27.33
CA THR E 1674 -21.96 34.23 -27.22
C THR E 1674 -20.57 33.65 -27.40
N LEU E 1675 -20.30 32.50 -26.76
CA LEU E 1675 -19.00 31.85 -26.92
C LEU E 1675 -18.78 31.39 -28.35
N HIS E 1676 -19.84 30.87 -28.99
CA HIS E 1676 -19.73 30.45 -30.39
C HIS E 1676 -19.41 31.63 -31.29
N GLN E 1677 -20.09 32.77 -31.05
CA GLN E 1677 -19.82 33.97 -31.84
C GLN E 1677 -18.39 34.47 -31.63
N CYS E 1678 -17.91 34.40 -30.39
CA CYS E 1678 -16.53 34.79 -30.11
C CYS E 1678 -15.54 33.89 -30.84
N ILE E 1679 -15.80 32.58 -30.87
CA ILE E 1679 -14.93 31.66 -31.61
C ILE E 1679 -14.94 32.00 -33.09
N ARG E 1680 -16.13 32.26 -33.65
CA ARG E 1680 -16.26 32.60 -35.06
C ARG E 1680 -15.49 33.86 -35.41
N VAL E 1681 -15.62 34.91 -34.58
CA VAL E 1681 -14.91 36.14 -34.90
C VAL E 1681 -13.42 36.04 -34.61
N LEU E 1682 -13.00 35.13 -33.72
CA LEU E 1682 -11.57 34.91 -33.50
C LEU E 1682 -10.91 34.21 -34.67
N LEU E 1683 -11.54 33.15 -35.20
CA LEU E 1683 -10.97 32.38 -36.30
C LEU E 1683 -11.52 32.75 -37.67
N GLY E 1684 -12.41 33.72 -37.77
CA GLY E 1684 -13.07 34.03 -39.03
C GLY E 1684 -12.27 34.78 -40.06
N LYS E 1685 -11.91 36.04 -39.75
CA LYS E 1685 -11.28 36.92 -40.73
C LYS E 1685 -9.89 36.42 -41.13
N SER E 1686 -9.10 35.96 -40.15
CA SER E 1686 -7.78 35.34 -40.31
C SER E 1686 -6.71 36.28 -40.86
N ARG E 1687 -7.01 37.55 -41.07
CA ARG E 1687 -6.04 38.49 -41.63
C ARG E 1687 -6.13 39.81 -40.84
N GLU E 1688 -6.25 39.70 -39.53
CA GLU E 1688 -6.33 40.87 -38.66
C GLU E 1688 -5.01 41.18 -37.95
N GLN E 1689 -4.27 40.15 -37.52
CA GLN E 1689 -3.00 40.28 -36.80
C GLN E 1689 -3.16 41.11 -35.53
N ARG E 1690 -4.33 41.00 -34.90
CA ARG E 1690 -4.66 41.75 -33.69
C ARG E 1690 -4.86 40.85 -32.48
N PHE E 1691 -5.44 39.66 -32.66
CA PHE E 1691 -5.74 38.79 -31.53
C PHE E 1691 -4.48 38.03 -31.12
N ASP E 1692 -4.16 38.10 -29.83
CA ASP E 1692 -2.98 37.42 -29.31
C ASP E 1692 -3.13 35.92 -29.44
N PRO E 1693 -2.16 35.22 -30.04
CA PRO E 1693 -2.24 33.75 -30.14
C PRO E 1693 -2.35 33.05 -28.80
N SER E 1694 -1.62 33.49 -27.78
CA SER E 1694 -1.65 32.82 -26.48
C SER E 1694 -3.02 32.91 -25.85
N ALA E 1695 -3.61 34.10 -25.84
CA ALA E 1695 -4.92 34.30 -25.22
C ALA E 1695 -5.99 33.51 -25.96
N SER E 1696 -5.97 33.53 -27.29
CA SER E 1696 -6.96 32.81 -28.08
C SER E 1696 -6.86 31.30 -27.88
N LEU E 1697 -5.62 30.77 -27.88
CA LEU E 1697 -5.43 29.34 -27.66
C LEU E 1697 -5.90 28.93 -26.26
N ASP E 1698 -5.56 29.73 -25.24
CA ASP E 1698 -6.03 29.44 -23.89
C ASP E 1698 -7.54 29.50 -23.80
N PHE E 1699 -8.17 30.48 -24.47
CA PHE E 1699 -9.61 30.61 -24.43
C PHE E 1699 -10.29 29.41 -25.08
N LEU E 1700 -9.78 28.96 -26.24
CA LEU E 1700 -10.34 27.78 -26.89
C LEU E 1700 -10.17 26.54 -26.02
N TRP E 1701 -8.99 26.36 -25.43
CA TRP E 1701 -8.72 25.20 -24.59
C TRP E 1701 -9.63 25.20 -23.35
N ALA E 1702 -9.86 26.39 -22.77
CA ALA E 1702 -10.78 26.50 -21.65
C ALA E 1702 -12.21 26.17 -22.07
N CYS E 1703 -12.63 26.67 -23.24
CA CYS E 1703 -13.99 26.43 -23.71
C CYS E 1703 -14.24 24.94 -23.94
N ILE E 1704 -13.24 24.23 -24.47
CA ILE E 1704 -13.38 22.78 -24.66
C ILE E 1704 -13.56 22.09 -23.31
N HIS E 1705 -12.80 22.53 -22.31
CA HIS E 1705 -12.74 21.86 -21.01
C HIS E 1705 -13.49 22.61 -19.92
N VAL E 1706 -14.65 23.18 -20.28
CA VAL E 1706 -15.54 23.75 -19.27
C VAL E 1706 -16.04 22.63 -18.37
N PRO E 1707 -15.99 22.78 -17.03
CA PRO E 1707 -16.42 21.69 -16.14
C PRO E 1707 -17.87 21.29 -16.29
N ARG E 1708 -18.74 22.22 -16.69
CA ARG E 1708 -20.15 21.88 -16.88
C ARG E 1708 -20.34 20.85 -18.00
N ILE E 1709 -19.61 21.03 -19.10
CA ILE E 1709 -19.71 20.13 -20.25
C ILE E 1709 -19.23 18.74 -19.91
N TRP E 1710 -18.27 18.63 -18.99
CA TRP E 1710 -17.68 17.33 -18.65
C TRP E 1710 -18.06 16.87 -17.25
N GLN E 1711 -19.08 17.48 -16.65
CA GLN E 1711 -19.54 17.07 -15.34
C GLN E 1711 -20.07 15.64 -15.39
N GLY E 1712 -19.79 14.88 -14.33
CA GLY E 1712 -20.23 13.50 -14.26
C GLY E 1712 -19.36 12.51 -14.98
N ARG E 1713 -18.30 12.96 -15.65
CA ARG E 1713 -17.36 12.08 -16.32
C ARG E 1713 -16.27 11.64 -15.35
N ASP E 1714 -15.59 10.55 -15.71
CA ASP E 1714 -14.52 10.00 -14.89
C ASP E 1714 -13.15 10.11 -15.55
N GLN E 1715 -13.04 10.89 -16.64
CA GLN E 1715 -11.77 11.25 -17.29
C GLN E 1715 -11.01 10.00 -17.74
N ARG E 1716 -11.62 9.27 -18.67
CA ARG E 1716 -11.01 8.08 -19.26
C ARG E 1716 -11.04 8.15 -20.78
N THR E 1717 -10.63 7.06 -21.43
CA THR E 1717 -10.61 6.99 -22.89
C THR E 1717 -12.00 7.15 -23.52
N VAL E 1726 -14.10 16.71 -28.30
CA VAL E 1726 -14.74 16.09 -29.45
C VAL E 1726 -15.69 17.12 -30.08
N LEU E 1727 -15.11 18.09 -30.78
CA LEU E 1727 -15.86 19.16 -31.41
C LEU E 1727 -15.42 19.28 -32.86
N ARG E 1728 -16.34 19.72 -33.73
CA ARG E 1728 -16.10 19.82 -35.16
C ARG E 1728 -15.99 21.28 -35.56
N VAL E 1729 -15.06 21.58 -36.47
CA VAL E 1729 -14.89 22.91 -37.03
C VAL E 1729 -14.70 22.80 -38.54
N GLN E 1730 -14.97 23.91 -39.22
CA GLN E 1730 -14.90 23.95 -40.68
C GLN E 1730 -13.45 24.02 -41.15
N GLY E 1731 -13.26 24.01 -42.47
CA GLY E 1731 -11.96 24.11 -43.09
C GLY E 1731 -11.21 25.40 -42.79
N PRO E 1732 -11.72 26.55 -43.26
CA PRO E 1732 -10.99 27.82 -43.05
C PRO E 1732 -10.79 28.18 -41.59
N GLU E 1733 -11.75 27.82 -40.73
CA GLU E 1733 -11.58 28.04 -39.28
C GLU E 1733 -10.40 27.24 -38.76
N LEU E 1734 -10.27 25.99 -39.22
CA LEU E 1734 -9.15 25.14 -38.83
C LEU E 1734 -7.83 25.69 -39.36
N ILE E 1735 -7.83 26.22 -40.59
CA ILE E 1735 -6.63 26.84 -41.14
C ILE E 1735 -6.21 28.04 -40.30
N SER E 1736 -7.18 28.86 -39.90
CA SER E 1736 -6.89 30.00 -39.04
C SER E 1736 -6.33 29.54 -37.69
N LEU E 1737 -6.90 28.47 -37.13
CA LEU E 1737 -6.43 27.97 -35.84
C LEU E 1737 -5.00 27.45 -35.92
N VAL E 1738 -4.68 26.71 -36.99
CA VAL E 1738 -3.32 26.16 -37.11
C VAL E 1738 -2.31 27.28 -37.40
N GLU E 1739 -2.71 28.29 -38.18
CA GLU E 1739 -1.84 29.46 -38.37
C GLU E 1739 -1.62 30.21 -37.07
N LEU E 1740 -2.66 30.27 -36.22
CA LEU E 1740 -2.53 30.91 -34.92
C LEU E 1740 -1.56 30.14 -34.02
N ILE E 1741 -1.65 28.80 -34.06
CA ILE E 1741 -0.69 27.96 -33.33
C ILE E 1741 0.73 28.24 -33.82
N LEU E 1742 0.90 28.36 -35.15
CA LEU E 1742 2.22 28.63 -35.70
C LEU E 1742 2.74 30.00 -35.27
N ALA E 1743 1.85 31.00 -35.21
CA ALA E 1743 2.24 32.32 -34.72
C ALA E 1743 2.69 32.26 -33.26
N GLU E 1744 1.97 31.50 -32.44
CA GLU E 1744 2.37 31.30 -31.04
C GLU E 1744 3.74 30.65 -30.95
N ALA E 1745 3.97 29.63 -31.78
CA ALA E 1745 5.28 28.99 -31.81
C ALA E 1745 6.37 29.95 -32.24
N GLU E 1746 6.07 30.80 -33.23
CA GLU E 1746 7.05 31.77 -33.72
C GLU E 1746 7.44 32.76 -32.63
N THR E 1747 6.45 33.34 -31.93
CA THR E 1747 6.79 34.25 -30.85
C THR E 1747 7.41 33.53 -29.66
N ARG E 1748 7.18 32.22 -29.51
CA ARG E 1748 7.84 31.46 -28.46
C ARG E 1748 9.31 31.18 -28.80
N SER E 1749 9.63 31.09 -30.10
CA SER E 1749 10.97 30.70 -30.53
C SER E 1749 12.04 31.66 -30.04
N GLN E 1750 11.78 32.97 -30.17
CA GLN E 1750 12.73 33.97 -29.71
C GLN E 1750 12.51 34.30 -28.24
N ALA E 1756 12.35 25.57 -28.27
CA ALA E 1756 12.11 24.15 -28.51
C ALA E 1756 10.68 23.91 -29.01
N CYS E 1757 10.29 22.63 -29.07
CA CYS E 1757 9.00 22.24 -29.59
C CYS E 1757 7.97 22.02 -28.48
N SER E 1758 8.27 22.51 -27.26
CA SER E 1758 7.41 22.23 -26.10
C SER E 1758 6.02 22.81 -26.27
N LEU E 1759 5.92 24.11 -26.62
CA LEU E 1759 4.62 24.75 -26.73
C LEU E 1759 3.79 24.19 -27.88
N ILE E 1760 4.46 23.76 -28.96
CA ILE E 1760 3.73 23.17 -30.08
C ILE E 1760 3.04 21.89 -29.65
N GLN E 1761 3.75 21.04 -28.91
CA GLN E 1761 3.14 19.83 -28.38
C GLN E 1761 2.10 20.16 -27.31
N ALA E 1762 2.29 21.25 -26.57
CA ALA E 1762 1.30 21.66 -25.58
C ALA E 1762 -0.02 22.08 -26.23
N ARG E 1763 0.06 22.79 -27.35
CA ARG E 1763 -1.13 23.28 -28.04
C ARG E 1763 -1.74 22.23 -28.97
N LEU E 1764 -0.96 21.23 -29.40
CA LEU E 1764 -1.45 20.23 -30.35
C LEU E 1764 -2.70 19.47 -29.93
N PRO E 1765 -2.93 19.08 -28.65
CA PRO E 1765 -4.21 18.44 -28.30
C PRO E 1765 -5.46 19.21 -28.68
N LEU E 1766 -5.42 20.55 -28.63
CA LEU E 1766 -6.55 21.34 -29.10
C LEU E 1766 -6.80 21.12 -30.59
N LEU E 1767 -5.73 21.08 -31.39
CA LEU E 1767 -5.88 20.86 -32.82
C LEU E 1767 -6.46 19.48 -33.10
N LEU E 1768 -6.00 18.46 -32.37
CA LEU E 1768 -6.54 17.11 -32.54
C LEU E 1768 -8.01 17.05 -32.13
N SER E 1769 -8.36 17.71 -31.02
CA SER E 1769 -9.75 17.74 -30.59
C SER E 1769 -10.65 18.45 -31.60
N CYS E 1770 -10.19 19.60 -32.12
CA CYS E 1770 -10.98 20.35 -33.08
C CYS E 1770 -11.13 19.61 -34.40
N CYS E 1771 -10.05 18.97 -34.88
CA CYS E 1771 -10.15 18.17 -36.09
C CYS E 1771 -11.06 16.97 -35.90
N CYS E 1772 -11.25 16.51 -34.66
CA CYS E 1772 -12.22 15.47 -34.29
C CYS E 1772 -11.95 14.14 -34.98
N GLY E 1773 -10.69 13.86 -35.29
CA GLY E 1773 -10.33 12.67 -36.05
C GLY E 1773 -10.92 12.62 -37.44
N ASP E 1774 -11.07 13.77 -38.09
CA ASP E 1774 -11.58 13.85 -39.45
C ASP E 1774 -10.42 13.73 -40.42
N ASP E 1775 -10.42 12.67 -41.23
CA ASP E 1775 -9.29 12.37 -42.11
C ASP E 1775 -9.07 13.49 -43.12
N GLU E 1776 -10.17 13.99 -43.71
CA GLU E 1776 -10.05 15.06 -44.71
C GLU E 1776 -9.47 16.32 -44.09
N SER E 1777 -9.92 16.67 -42.88
CA SER E 1777 -9.42 17.86 -42.20
C SER E 1777 -7.92 17.74 -41.88
N VAL E 1778 -7.51 16.56 -41.40
CA VAL E 1778 -6.10 16.33 -41.08
C VAL E 1778 -5.25 16.40 -42.34
N ARG E 1779 -5.76 15.83 -43.44
CA ARG E 1779 -5.05 15.87 -44.72
C ARG E 1779 -4.93 17.30 -45.23
N LYS E 1780 -6.00 18.09 -45.07
CA LYS E 1780 -5.99 19.50 -45.46
C LYS E 1780 -4.93 20.27 -44.66
N VAL E 1781 -4.87 20.04 -43.35
CA VAL E 1781 -3.86 20.69 -42.52
C VAL E 1781 -2.47 20.26 -42.96
N THR E 1782 -2.30 18.97 -43.27
CA THR E 1782 -1.00 18.44 -43.67
C THR E 1782 -0.52 19.10 -44.95
N GLU E 1783 -1.39 19.19 -45.96
CA GLU E 1783 -0.98 19.80 -47.23
C GLU E 1783 -0.78 21.31 -47.08
N HIS E 1784 -1.59 21.98 -46.24
CA HIS E 1784 -1.38 23.40 -45.99
C HIS E 1784 -0.04 23.65 -45.32
N LEU E 1785 0.33 22.82 -44.34
CA LEU E 1785 1.63 22.96 -43.68
C LEU E 1785 2.76 22.63 -44.64
N SER E 1786 2.56 21.67 -45.53
CA SER E 1786 3.56 21.38 -46.56
C SER E 1786 3.77 22.58 -47.46
N GLY E 1787 2.68 23.25 -47.86
CA GLY E 1787 2.79 24.46 -48.65
C GLY E 1787 3.51 25.57 -47.90
N CYS E 1788 3.23 25.70 -46.60
CA CYS E 1788 3.92 26.71 -45.79
C CYS E 1788 5.41 26.42 -45.70
N ILE E 1789 5.78 25.15 -45.54
CA ILE E 1789 7.20 24.78 -45.50
C ILE E 1789 7.87 25.07 -46.83
N GLN E 1790 7.19 24.77 -47.94
CA GLN E 1790 7.70 25.10 -49.27
C GLN E 1790 7.91 26.61 -49.41
N GLN E 1791 6.96 27.40 -48.91
CA GLN E 1791 7.08 28.86 -48.97
C GLN E 1791 8.28 29.36 -48.18
N TRP E 1792 8.28 29.15 -46.85
CA TRP E 1792 9.36 29.67 -46.01
C TRP E 1792 10.70 28.98 -46.30
N GLY E 1793 10.68 27.67 -46.50
CA GLY E 1793 11.91 26.92 -46.70
C GLY E 1793 12.63 26.53 -45.43
N ASP E 1794 13.41 27.43 -44.85
CA ASP E 1794 14.14 27.12 -43.62
C ASP E 1794 14.14 28.30 -42.65
N SER E 1795 13.12 29.16 -42.73
CA SER E 1795 12.99 30.25 -41.76
C SER E 1795 12.58 29.70 -40.40
N VAL E 1796 12.50 30.61 -39.41
CA VAL E 1796 11.99 30.23 -38.09
C VAL E 1796 10.56 29.74 -38.19
N LEU E 1797 9.73 30.46 -38.97
CA LEU E 1797 8.39 29.98 -39.26
C LEU E 1797 8.42 28.64 -40.00
N GLY E 1798 9.36 28.48 -40.93
CA GLY E 1798 9.52 27.20 -41.60
C GLY E 1798 9.92 26.09 -40.65
N ARG E 1799 10.82 26.38 -39.71
CA ARG E 1799 11.24 25.39 -38.71
C ARG E 1799 10.07 24.96 -37.85
N ARG E 1800 9.29 25.94 -37.36
CA ARG E 1800 8.16 25.58 -36.50
C ARG E 1800 7.05 24.90 -37.29
N CYS E 1801 6.91 25.22 -38.59
CA CYS E 1801 5.99 24.48 -39.44
C CYS E 1801 6.41 23.03 -39.58
N ARG E 1802 7.72 22.79 -39.77
CA ARG E 1802 8.22 21.42 -39.82
C ARG E 1802 7.97 20.68 -38.52
N ASP E 1803 8.21 21.34 -37.39
CA ASP E 1803 8.00 20.70 -36.09
C ASP E 1803 6.53 20.34 -35.88
N LEU E 1804 5.63 21.27 -36.20
CA LEU E 1804 4.20 21.00 -36.07
C LEU E 1804 3.76 19.88 -37.01
N LEU E 1805 4.29 19.87 -38.24
CA LEU E 1805 3.91 18.84 -39.20
C LEU E 1805 4.38 17.47 -38.73
N LEU E 1806 5.59 17.38 -38.20
CA LEU E 1806 6.09 16.08 -37.73
C LEU E 1806 5.33 15.61 -36.50
N GLN E 1807 4.98 16.53 -35.59
CA GLN E 1807 4.17 16.16 -34.44
C GLN E 1807 2.81 15.66 -34.88
N LEU E 1808 2.18 16.33 -35.85
CA LEU E 1808 0.87 15.91 -36.34
C LEU E 1808 0.96 14.57 -37.04
N TYR E 1809 2.03 14.35 -37.81
CA TYR E 1809 2.23 13.06 -38.48
C TYR E 1809 2.38 11.94 -37.48
N LEU E 1810 3.12 12.18 -36.39
CA LEU E 1810 3.22 11.17 -35.33
C LEU E 1810 1.86 10.92 -34.69
N GLN E 1811 1.10 12.00 -34.45
CA GLN E 1811 -0.23 11.84 -33.85
C GLN E 1811 -1.24 11.23 -34.81
N ARG E 1812 -1.07 11.43 -36.12
CA ARG E 1812 -1.96 10.87 -37.13
C ARG E 1812 -1.15 10.17 -38.22
N PRO E 1813 -0.57 9.00 -37.91
CA PRO E 1813 0.24 8.30 -38.91
C PRO E 1813 -0.57 7.41 -39.84
N GLU E 1814 -1.87 7.28 -39.63
CA GLU E 1814 -2.71 6.41 -40.46
C GLU E 1814 -2.79 6.88 -41.90
N LEU E 1815 -2.47 8.17 -42.17
CA LEU E 1815 -2.43 8.67 -43.53
C LEU E 1815 -1.40 7.90 -44.34
N ARG E 1816 -1.82 7.47 -45.55
CA ARG E 1816 -0.93 6.67 -46.39
C ARG E 1816 0.28 7.46 -46.88
N VAL E 1817 0.17 8.77 -46.97
CA VAL E 1817 1.29 9.60 -47.43
C VAL E 1817 2.42 9.52 -46.40
N PRO E 1818 3.65 9.21 -46.81
CA PRO E 1818 4.77 9.26 -45.86
C PRO E 1818 5.29 10.66 -45.57
N VAL E 1819 4.68 11.69 -46.18
CA VAL E 1819 5.00 13.12 -46.04
C VAL E 1819 6.24 13.43 -46.88
N PRO E 1820 6.36 14.63 -47.52
CA PRO E 1820 7.52 14.90 -48.37
C PRO E 1820 8.86 14.90 -47.63
N GLU E 1821 9.95 15.12 -48.38
CA GLU E 1821 11.31 15.07 -47.88
C GLU E 1821 11.62 16.12 -46.82
N VAL E 1822 10.77 17.15 -46.65
CA VAL E 1822 11.06 18.26 -45.74
C VAL E 1822 11.25 17.78 -44.30
N LEU E 1823 10.45 16.82 -43.86
CA LEU E 1823 10.61 16.26 -42.51
C LEU E 1823 11.62 15.12 -42.46
N LEU E 1824 11.95 14.51 -43.60
CA LEU E 1824 13.01 13.52 -43.65
C LEU E 1824 14.38 14.12 -43.38
N HIS E 1825 14.51 15.45 -43.44
CA HIS E 1825 15.75 16.14 -43.13
C HIS E 1825 15.80 16.66 -41.71
N SER E 1826 14.65 16.80 -41.05
CA SER E 1826 14.60 17.32 -39.69
C SER E 1826 14.94 16.25 -38.68
N GLU E 1827 15.29 16.70 -37.47
CA GLU E 1827 15.72 15.82 -36.39
C GLU E 1827 14.68 15.74 -35.26
N GLY E 1828 13.42 15.98 -35.58
CA GLY E 1828 12.38 15.93 -34.56
C GLY E 1828 11.94 14.55 -34.15
N ALA E 1829 12.44 13.51 -34.83
CA ALA E 1829 12.05 12.14 -34.51
C ALA E 1829 12.46 11.70 -33.11
N ALA E 1830 13.47 12.34 -32.52
CA ALA E 1830 13.92 11.99 -31.18
C ALA E 1830 13.19 12.76 -30.08
N SER E 1831 12.17 13.54 -30.43
CA SER E 1831 11.48 14.37 -29.45
C SER E 1831 10.74 13.52 -28.42
N SER E 1832 10.39 14.15 -27.30
CA SER E 1832 9.56 13.55 -26.25
C SER E 1832 8.10 13.55 -26.70
N SER E 1833 7.81 12.68 -27.67
CA SER E 1833 6.49 12.60 -28.28
C SER E 1833 6.07 11.15 -28.41
N VAL E 1834 4.75 10.93 -28.42
CA VAL E 1834 4.17 9.60 -28.51
C VAL E 1834 3.42 9.49 -29.83
N CYS E 1835 3.81 8.51 -30.65
CA CYS E 1835 3.14 8.23 -31.91
C CYS E 1835 1.90 7.38 -31.66
N LYS E 1836 0.87 7.61 -32.48
CA LYS E 1836 -0.34 6.81 -32.35
C LYS E 1836 -0.15 5.35 -32.79
N LEU E 1837 0.96 5.02 -33.46
CA LEU E 1837 1.18 3.69 -34.00
C LEU E 1837 2.40 2.97 -33.40
N ASP E 1838 3.16 3.65 -32.52
CA ASP E 1838 4.42 3.10 -32.02
C ASP E 1838 4.22 1.82 -31.21
N GLY E 1839 3.21 1.79 -30.34
CA GLY E 1839 2.98 0.60 -29.54
C GLY E 1839 2.67 -0.62 -30.39
N LEU E 1840 1.97 -0.40 -31.51
CA LEU E 1840 1.57 -1.49 -32.38
C LEU E 1840 2.77 -2.06 -33.14
N ILE E 1841 3.66 -1.18 -33.65
CA ILE E 1841 4.87 -1.69 -34.30
C ILE E 1841 5.80 -2.31 -33.26
N HIS E 1842 5.72 -1.86 -32.00
CA HIS E 1842 6.43 -2.53 -30.92
C HIS E 1842 5.92 -3.96 -30.74
N ARG E 1843 4.59 -4.13 -30.77
CA ARG E 1843 3.99 -5.46 -30.70
C ARG E 1843 4.49 -6.33 -31.84
N PHE E 1844 4.51 -5.77 -33.05
CA PHE E 1844 4.89 -6.58 -34.21
C PHE E 1844 6.38 -6.90 -34.20
N ILE E 1845 7.21 -5.98 -33.73
CA ILE E 1845 8.64 -6.25 -33.68
C ILE E 1845 8.97 -7.25 -32.56
N THR E 1846 8.20 -7.25 -31.46
CA THR E 1846 8.33 -8.33 -30.47
C THR E 1846 7.98 -9.67 -31.10
N LEU E 1847 6.89 -9.72 -31.87
CA LEU E 1847 6.50 -10.95 -32.55
C LEU E 1847 7.57 -11.39 -33.55
N LEU E 1848 8.19 -10.43 -34.23
CA LEU E 1848 9.26 -10.74 -35.19
C LEU E 1848 10.46 -11.36 -34.49
N ALA E 1849 10.96 -10.71 -33.44
CA ALA E 1849 12.18 -11.17 -32.78
C ALA E 1849 11.96 -12.49 -32.04
N ASP E 1850 10.89 -12.57 -31.24
CA ASP E 1850 10.62 -13.74 -30.41
C ASP E 1850 10.14 -14.87 -31.31
N THR E 1851 10.93 -15.95 -31.39
CA THR E 1851 10.60 -17.15 -32.15
C THR E 1851 11.27 -18.35 -31.51
N SER E 1852 10.80 -19.54 -31.89
CA SER E 1852 11.34 -20.80 -31.41
C SER E 1852 11.42 -21.75 -32.60
N ASP E 1853 11.67 -23.04 -32.31
CA ASP E 1853 11.73 -24.05 -33.36
C ASP E 1853 10.38 -24.32 -34.01
N SER E 1854 9.28 -23.87 -33.41
CA SER E 1854 7.95 -24.11 -33.94
C SER E 1854 7.79 -23.48 -35.33
N ARG E 1855 7.23 -24.27 -36.26
CA ARG E 1855 6.95 -23.74 -37.59
C ARG E 1855 5.74 -22.81 -37.57
N ALA E 1856 4.82 -23.00 -36.61
CA ALA E 1856 3.74 -22.03 -36.42
C ALA E 1856 4.29 -20.67 -35.98
N LEU E 1857 5.22 -20.67 -35.03
CA LEU E 1857 5.86 -19.42 -34.63
C LEU E 1857 6.71 -18.85 -35.77
N GLU E 1858 7.29 -19.70 -36.62
CA GLU E 1858 8.02 -19.20 -37.78
C GLU E 1858 7.08 -18.54 -38.78
N ASN E 1859 5.89 -19.11 -38.98
CA ASN E 1859 4.88 -18.47 -39.84
C ASN E 1859 4.46 -17.13 -39.24
N ARG E 1860 4.28 -17.09 -37.92
CA ARG E 1860 3.96 -15.84 -37.24
C ARG E 1860 5.07 -14.81 -37.43
N GLY E 1861 6.32 -15.24 -37.31
CA GLY E 1861 7.45 -14.34 -37.52
C GLY E 1861 7.55 -13.86 -38.95
N ALA E 1862 7.22 -14.73 -39.91
CA ALA E 1862 7.22 -14.32 -41.32
C ALA E 1862 6.14 -13.29 -41.58
N ASP E 1863 4.94 -13.47 -41.02
CA ASP E 1863 3.88 -12.47 -41.14
C ASP E 1863 4.30 -11.17 -40.45
N ALA E 1864 4.99 -11.28 -39.31
CA ALA E 1864 5.48 -10.10 -38.61
C ALA E 1864 6.51 -9.35 -39.46
N SER E 1865 7.41 -10.09 -40.10
CA SER E 1865 8.38 -9.48 -41.00
C SER E 1865 7.70 -8.81 -42.18
N MET E 1866 6.64 -9.45 -42.70
CA MET E 1866 5.87 -8.85 -43.80
C MET E 1866 5.26 -7.52 -43.39
N ALA E 1867 4.55 -7.49 -42.27
CA ALA E 1867 3.91 -6.26 -41.83
C ALA E 1867 4.94 -5.19 -41.51
N CYS E 1868 6.03 -5.59 -40.85
CA CYS E 1868 7.08 -4.63 -40.48
C CYS E 1868 7.77 -4.09 -41.72
N ARG E 1869 7.96 -4.93 -42.74
CA ARG E 1869 8.56 -4.48 -43.99
C ARG E 1869 7.66 -3.54 -44.75
N LYS E 1870 6.34 -3.82 -44.77
CA LYS E 1870 5.40 -2.92 -45.42
C LYS E 1870 5.37 -1.58 -44.69
N LEU E 1871 5.45 -1.60 -43.36
CA LEU E 1871 5.55 -0.35 -42.61
C LEU E 1871 6.87 0.35 -42.88
N ALA E 1872 7.95 -0.41 -43.09
CA ALA E 1872 9.25 0.19 -43.40
C ALA E 1872 9.21 0.95 -44.72
N VAL E 1873 8.71 0.29 -45.77
CA VAL E 1873 8.61 0.97 -47.07
C VAL E 1873 7.59 2.11 -47.01
N ALA E 1874 6.51 1.94 -46.24
CA ALA E 1874 5.46 2.96 -46.18
C ALA E 1874 5.81 4.10 -45.24
N HIS E 1875 6.18 3.79 -44.00
CA HIS E 1875 6.46 4.78 -42.95
C HIS E 1875 7.82 4.49 -42.32
N PRO E 1876 8.91 4.73 -43.05
CA PRO E 1876 10.25 4.40 -42.52
C PRO E 1876 10.64 5.12 -41.24
N LEU E 1877 10.20 6.38 -41.05
CA LEU E 1877 10.62 7.14 -39.87
C LEU E 1877 10.11 6.52 -38.57
N LEU E 1878 8.92 5.92 -38.60
CA LEU E 1878 8.34 5.33 -37.39
C LEU E 1878 9.18 4.16 -36.87
N LEU E 1879 9.63 3.29 -37.77
CA LEU E 1879 10.45 2.13 -37.37
C LEU E 1879 11.78 2.56 -36.78
N LEU E 1880 12.43 3.57 -37.38
CA LEU E 1880 13.75 3.99 -36.93
C LEU E 1880 13.74 4.55 -35.52
N ARG E 1881 12.59 5.03 -35.04
CA ARG E 1881 12.47 5.43 -33.65
C ARG E 1881 12.54 4.23 -32.71
N HIS E 1882 12.22 3.03 -33.20
CA HIS E 1882 12.31 1.81 -32.41
C HIS E 1882 13.59 1.04 -32.66
N LEU E 1883 14.55 1.64 -33.37
CA LEU E 1883 15.82 0.95 -33.66
C LEU E 1883 16.61 0.50 -32.42
N PRO E 1884 16.78 1.30 -31.35
CA PRO E 1884 17.54 0.80 -30.19
C PRO E 1884 16.96 -0.46 -29.57
N MET E 1885 15.63 -0.62 -29.61
CA MET E 1885 14.98 -1.82 -29.09
C MET E 1885 15.48 -3.08 -29.80
N ILE E 1886 15.27 -3.14 -31.12
CA ILE E 1886 15.69 -4.30 -31.90
C ILE E 1886 17.20 -4.45 -31.84
N ALA E 1887 17.94 -3.34 -31.69
CA ALA E 1887 19.38 -3.41 -31.49
C ALA E 1887 19.71 -4.17 -30.21
N ALA E 1888 18.99 -3.87 -29.11
CA ALA E 1888 19.20 -4.56 -27.85
C ALA E 1888 18.86 -6.04 -27.96
N LEU E 1889 17.77 -6.34 -28.69
CA LEU E 1889 17.39 -7.74 -28.90
C LEU E 1889 18.46 -8.49 -29.69
N LEU E 1890 19.02 -7.85 -30.72
CA LEU E 1890 20.13 -8.43 -31.48
C LEU E 1890 21.34 -8.66 -30.58
N HIS E 1891 21.62 -7.69 -29.70
CA HIS E 1891 22.69 -7.85 -28.72
C HIS E 1891 22.45 -9.07 -27.83
N GLY E 1892 21.21 -9.24 -27.38
CA GLY E 1892 20.89 -10.37 -26.52
C GLY E 1892 21.05 -11.71 -27.20
N ARG E 1893 20.63 -11.81 -28.47
CA ARG E 1893 20.56 -13.11 -29.12
C ARG E 1893 21.90 -13.59 -29.70
N THR E 1894 22.96 -12.79 -29.62
CA THR E 1894 24.19 -13.12 -30.36
C THR E 1894 25.01 -14.24 -29.73
N HIS E 1895 24.99 -14.38 -28.39
CA HIS E 1895 25.90 -15.30 -27.71
C HIS E 1895 25.67 -16.77 -28.07
N LEU E 1896 24.42 -17.16 -28.29
CA LEU E 1896 24.04 -18.57 -28.40
C LEU E 1896 24.80 -19.27 -29.51
N ASN E 1897 25.34 -20.47 -29.22
CA ASN E 1897 26.24 -21.18 -30.13
C ASN E 1897 25.52 -21.50 -31.45
N PHE E 1898 26.32 -21.94 -32.44
CA PHE E 1898 25.82 -22.08 -33.81
C PHE E 1898 24.71 -23.11 -33.93
N GLN E 1899 24.84 -24.26 -33.25
CA GLN E 1899 23.86 -25.33 -33.42
C GLN E 1899 22.47 -24.91 -32.92
N GLU E 1900 22.40 -24.31 -31.72
CA GLU E 1900 21.11 -23.84 -31.24
C GLU E 1900 20.66 -22.61 -32.04
N PHE E 1901 21.60 -21.81 -32.54
CA PHE E 1901 21.27 -20.67 -33.37
C PHE E 1901 20.55 -21.10 -34.65
N ARG E 1902 21.03 -22.17 -35.28
CA ARG E 1902 20.39 -22.67 -36.49
C ARG E 1902 19.09 -23.38 -36.17
N GLN E 1903 19.08 -24.21 -35.11
CA GLN E 1903 17.87 -24.97 -34.76
C GLN E 1903 16.74 -24.05 -34.29
N GLN E 1904 17.05 -23.03 -33.48
CA GLN E 1904 16.02 -22.12 -33.00
C GLN E 1904 15.50 -21.16 -34.06
N ASN E 1905 16.03 -21.23 -35.29
CA ASN E 1905 15.67 -20.37 -36.41
C ASN E 1905 16.06 -18.90 -36.18
N HIS E 1906 17.03 -18.66 -35.29
CA HIS E 1906 17.50 -17.30 -35.05
C HIS E 1906 18.12 -16.69 -36.31
N LEU E 1907 18.63 -17.53 -37.22
CA LEU E 1907 19.09 -17.02 -38.51
C LEU E 1907 17.96 -16.39 -39.31
N SER E 1908 16.72 -16.90 -39.16
CA SER E 1908 15.58 -16.26 -39.80
C SER E 1908 15.38 -14.84 -39.27
N CYS E 1909 15.47 -14.68 -37.94
CA CYS E 1909 15.37 -13.36 -37.34
C CYS E 1909 16.48 -12.45 -37.81
N PHE E 1910 17.71 -12.97 -37.87
CA PHE E 1910 18.85 -12.17 -38.30
C PHE E 1910 18.69 -11.70 -39.74
N LEU E 1911 18.26 -12.59 -40.64
CA LEU E 1911 18.10 -12.17 -42.03
C LEU E 1911 16.90 -11.24 -42.17
N HIS E 1912 15.86 -11.42 -41.36
CA HIS E 1912 14.73 -10.49 -41.39
C HIS E 1912 15.13 -9.08 -40.96
N VAL E 1913 15.85 -8.96 -39.84
CA VAL E 1913 16.28 -7.63 -39.41
C VAL E 1913 17.28 -7.04 -40.40
N LEU E 1914 18.14 -7.87 -41.01
CA LEU E 1914 19.08 -7.35 -41.99
C LEU E 1914 18.35 -6.83 -43.22
N GLY E 1915 17.35 -7.57 -43.71
CA GLY E 1915 16.54 -7.10 -44.82
C GLY E 1915 15.77 -5.84 -44.48
N LEU E 1916 15.24 -5.76 -43.26
CA LEU E 1916 14.54 -4.57 -42.81
C LEU E 1916 15.46 -3.36 -42.82
N LEU E 1917 16.69 -3.53 -42.32
CA LEU E 1917 17.66 -2.44 -42.32
C LEU E 1917 18.01 -2.03 -43.74
N GLU E 1918 18.13 -3.02 -44.65
CA GLU E 1918 18.34 -2.70 -46.07
C GLU E 1918 17.19 -1.89 -46.64
N LEU E 1919 15.96 -2.23 -46.25
CA LEU E 1919 14.80 -1.54 -46.81
C LEU E 1919 14.56 -0.19 -46.14
N LEU E 1920 15.17 0.05 -44.98
CA LEU E 1920 15.30 1.39 -44.43
C LEU E 1920 16.60 2.03 -44.87
N GLN E 1921 16.85 2.08 -46.17
CA GLN E 1921 18.19 2.42 -46.68
C GLN E 1921 18.59 3.88 -46.47
N PRO E 1922 17.93 4.88 -47.07
CA PRO E 1922 18.52 6.23 -47.06
C PRO E 1922 18.34 6.99 -45.75
N HIS E 1923 17.63 6.44 -44.78
CA HIS E 1923 17.36 7.13 -43.53
C HIS E 1923 18.09 6.55 -42.32
N VAL E 1924 18.49 5.27 -42.35
CA VAL E 1924 19.15 4.66 -41.20
C VAL E 1924 20.54 5.24 -40.95
N PHE E 1925 21.11 5.94 -41.93
CA PHE E 1925 22.47 6.46 -41.81
C PHE E 1925 22.53 7.85 -41.19
N ARG E 1926 21.40 8.38 -40.70
CA ARG E 1926 21.39 9.67 -40.05
C ARG E 1926 22.18 9.64 -38.74
N SER E 1927 22.36 10.82 -38.15
CA SER E 1927 23.13 10.91 -36.91
C SER E 1927 22.34 10.34 -35.73
N GLU E 1928 21.04 10.60 -35.66
CA GLU E 1928 20.25 10.13 -34.53
C GLU E 1928 20.17 8.61 -34.49
N HIS E 1929 20.04 7.97 -35.64
CA HIS E 1929 19.99 6.52 -35.72
C HIS E 1929 21.36 5.86 -35.71
N GLN E 1930 22.44 6.63 -35.61
CA GLN E 1930 23.80 6.11 -35.76
C GLN E 1930 24.14 5.10 -34.65
N GLY E 1931 23.78 5.42 -33.40
CA GLY E 1931 24.18 4.56 -32.29
C GLY E 1931 23.55 3.18 -32.35
N ALA E 1932 22.24 3.12 -32.53
CA ALA E 1932 21.55 1.83 -32.63
C ALA E 1932 21.96 1.08 -33.88
N LEU E 1933 22.25 1.80 -34.97
CA LEU E 1933 22.77 1.16 -36.17
C LEU E 1933 24.10 0.48 -35.90
N TRP E 1934 25.00 1.17 -35.19
CA TRP E 1934 26.28 0.58 -34.82
C TRP E 1934 26.08 -0.62 -33.90
N ASP E 1935 25.08 -0.55 -33.01
CA ASP E 1935 24.76 -1.69 -32.16
C ASP E 1935 24.34 -2.90 -32.96
N CYS E 1936 23.45 -2.69 -33.95
CA CYS E 1936 22.99 -3.79 -34.80
C CYS E 1936 24.15 -4.38 -35.59
N LEU E 1937 24.99 -3.52 -36.15
CA LEU E 1937 26.15 -4.00 -36.92
C LEU E 1937 27.13 -4.74 -36.03
N LEU E 1938 27.30 -4.28 -34.78
CA LEU E 1938 28.13 -4.97 -33.81
C LEU E 1938 27.59 -6.38 -33.55
N SER E 1939 26.27 -6.50 -33.38
CA SER E 1939 25.67 -7.82 -33.19
C SER E 1939 25.93 -8.71 -34.41
N PHE E 1940 25.80 -8.15 -35.62
CA PHE E 1940 26.02 -8.92 -36.84
C PHE E 1940 27.46 -9.42 -36.93
N ILE E 1941 28.43 -8.53 -36.69
CA ILE E 1941 29.83 -8.94 -36.80
C ILE E 1941 30.21 -9.91 -35.68
N ARG E 1942 29.62 -9.75 -34.49
CA ARG E 1942 29.85 -10.72 -33.42
C ARG E 1942 29.34 -12.09 -33.81
N LEU E 1943 28.17 -12.14 -34.45
CA LEU E 1943 27.65 -13.41 -34.97
C LEU E 1943 28.61 -14.00 -35.99
N LEU E 1944 29.12 -13.16 -36.90
CA LEU E 1944 30.03 -13.64 -37.93
C LEU E 1944 31.30 -14.23 -37.31
N LEU E 1945 31.85 -13.55 -36.31
CA LEU E 1945 33.08 -14.03 -35.68
C LEU E 1945 32.84 -15.34 -34.92
N ASN E 1946 31.74 -15.42 -34.17
CA ASN E 1946 31.52 -16.58 -33.30
C ASN E 1946 31.29 -17.87 -34.07
N TYR E 1947 30.64 -17.81 -35.23
CA TYR E 1947 30.30 -19.01 -36.00
C TYR E 1947 31.00 -19.01 -37.35
N ARG E 1948 32.26 -18.54 -37.36
CA ARG E 1948 33.04 -18.53 -38.60
C ARG E 1948 33.38 -19.93 -39.10
N LYS E 1949 33.32 -20.94 -38.23
CA LYS E 1949 33.56 -22.32 -38.67
C LYS E 1949 32.55 -22.75 -39.72
N SER E 1950 31.27 -22.60 -39.42
CA SER E 1950 30.17 -22.96 -40.33
C SER E 1950 29.68 -21.75 -41.11
N SER E 1951 30.60 -21.08 -41.82
CA SER E 1951 30.23 -19.90 -42.57
C SER E 1951 29.50 -20.22 -43.87
N ARG E 1952 29.57 -21.46 -44.35
CA ARG E 1952 28.97 -21.81 -45.63
C ARG E 1952 27.45 -21.76 -45.59
N HIS E 1953 26.84 -22.15 -44.46
CA HIS E 1953 25.39 -22.09 -44.36
C HIS E 1953 24.86 -20.66 -44.29
N LEU E 1954 25.73 -19.68 -44.05
CA LEU E 1954 25.35 -18.28 -43.93
C LEU E 1954 25.65 -17.49 -45.20
N ALA E 1955 25.70 -18.16 -46.35
CA ALA E 1955 26.10 -17.52 -47.61
C ALA E 1955 25.14 -16.39 -47.99
N ALA E 1956 23.83 -16.64 -47.90
CA ALA E 1956 22.86 -15.60 -48.18
C ALA E 1956 22.98 -14.44 -47.19
N PHE E 1957 23.16 -14.76 -45.91
CA PHE E 1957 23.33 -13.73 -44.89
C PHE E 1957 24.58 -12.90 -45.16
N ILE E 1958 25.69 -13.56 -45.55
CA ILE E 1958 26.93 -12.84 -45.84
C ILE E 1958 26.73 -11.92 -47.05
N ASN E 1959 26.05 -12.40 -48.09
CA ASN E 1959 25.79 -11.57 -49.26
C ASN E 1959 24.95 -10.34 -48.89
N LYS E 1960 23.89 -10.56 -48.11
CA LYS E 1960 23.02 -9.45 -47.70
C LYS E 1960 23.79 -8.44 -46.85
N PHE E 1961 24.59 -8.93 -45.90
CA PHE E 1961 25.35 -8.04 -45.02
C PHE E 1961 26.38 -7.24 -45.81
N VAL E 1962 27.05 -7.87 -46.76
CA VAL E 1962 28.06 -7.16 -47.54
C VAL E 1962 27.41 -6.12 -48.45
N GLN E 1963 26.23 -6.43 -49.00
CA GLN E 1963 25.49 -5.43 -49.78
C GLN E 1963 25.09 -4.25 -48.90
N PHE E 1964 24.64 -4.53 -47.67
CA PHE E 1964 24.29 -3.45 -46.75
C PHE E 1964 25.51 -2.60 -46.40
N ILE E 1965 26.67 -3.23 -46.23
CA ILE E 1965 27.91 -2.50 -45.97
C ILE E 1965 28.27 -1.63 -47.17
N HIS E 1966 28.09 -2.17 -48.38
CA HIS E 1966 28.32 -1.41 -49.61
C HIS E 1966 27.43 -0.17 -49.64
N LYS E 1967 26.14 -0.34 -49.37
CA LYS E 1967 25.24 0.81 -49.35
C LYS E 1967 25.62 1.78 -48.24
N TYR E 1968 26.11 1.28 -47.10
CA TYR E 1968 26.52 2.15 -46.01
C TYR E 1968 27.71 3.02 -46.41
N ILE E 1969 28.74 2.42 -47.00
CA ILE E 1969 29.89 3.21 -47.44
C ILE E 1969 29.50 4.15 -48.58
N THR E 1970 28.53 3.75 -49.41
CA THR E 1970 28.11 4.60 -50.52
C THR E 1970 27.37 5.84 -50.03
N TYR E 1971 26.25 5.66 -49.33
CA TYR E 1971 25.43 6.80 -48.92
C TYR E 1971 26.12 7.65 -47.85
N ASN E 1972 26.67 7.00 -46.82
CA ASN E 1972 27.31 7.72 -45.70
C ASN E 1972 28.68 7.11 -45.48
N ALA E 1973 29.67 7.59 -46.24
CA ALA E 1973 31.05 7.14 -46.05
C ALA E 1973 31.66 7.48 -44.69
N PRO E 1974 31.55 8.71 -44.13
CA PRO E 1974 32.24 8.98 -42.84
C PRO E 1974 31.80 8.09 -41.69
N ALA E 1975 30.48 7.89 -41.52
CA ALA E 1975 30.00 7.06 -40.41
C ALA E 1975 30.40 5.61 -40.60
N ALA E 1976 30.33 5.11 -41.84
CA ALA E 1976 30.75 3.74 -42.11
C ALA E 1976 32.23 3.54 -41.81
N ILE E 1977 33.08 4.50 -42.21
CA ILE E 1977 34.51 4.40 -41.93
C ILE E 1977 34.75 4.45 -40.42
N SER E 1978 34.05 5.34 -39.72
CA SER E 1978 34.21 5.48 -38.27
C SER E 1978 33.80 4.20 -37.56
N PHE E 1979 32.79 3.49 -38.08
CA PHE E 1979 32.44 2.19 -37.52
C PHE E 1979 33.51 1.16 -37.81
N LEU E 1980 34.02 1.14 -39.05
CA LEU E 1980 35.00 0.12 -39.45
C LEU E 1980 36.28 0.21 -38.63
N GLN E 1981 36.80 1.43 -38.42
CA GLN E 1981 37.99 1.61 -37.59
C GLN E 1981 37.73 1.22 -36.14
N LYS E 1982 36.52 1.45 -35.64
CA LYS E 1982 36.13 1.04 -34.29
C LYS E 1982 36.13 -0.48 -34.13
N HIS E 1983 35.99 -1.23 -35.22
CA HIS E 1983 35.91 -2.69 -35.20
C HIS E 1983 36.83 -3.30 -36.24
N ALA E 1984 38.01 -2.68 -36.44
CA ALA E 1984 38.92 -3.10 -37.51
C ALA E 1984 39.42 -4.52 -37.27
N ASP E 1985 39.90 -4.79 -36.05
CA ASP E 1985 40.52 -6.09 -35.77
C ASP E 1985 39.55 -7.28 -35.91
N PRO E 1986 38.27 -7.24 -35.49
CA PRO E 1986 37.37 -8.36 -35.85
C PRO E 1986 37.26 -8.61 -37.35
N LEU E 1987 37.21 -7.55 -38.15
CA LEU E 1987 37.16 -7.71 -39.60
C LEU E 1987 38.44 -8.32 -40.14
N HIS E 1988 39.60 -7.86 -39.64
CA HIS E 1988 40.87 -8.41 -40.10
C HIS E 1988 40.99 -9.89 -39.75
N ASP E 1989 40.63 -10.26 -38.51
CA ASP E 1989 40.72 -11.64 -38.09
C ASP E 1989 39.75 -12.53 -38.87
N LEU E 1990 38.53 -12.05 -39.10
CA LEU E 1990 37.57 -12.81 -39.88
C LEU E 1990 38.03 -12.99 -41.32
N SER E 1991 38.64 -11.94 -41.90
CA SER E 1991 39.15 -12.06 -43.26
C SER E 1991 40.30 -13.06 -43.33
N PHE E 1992 41.20 -13.04 -42.34
CA PHE E 1992 42.31 -14.00 -42.33
C PHE E 1992 41.81 -15.43 -42.16
N ASP E 1993 40.85 -15.65 -41.25
CA ASP E 1993 40.29 -16.99 -41.06
C ASP E 1993 39.38 -17.38 -42.21
N ASN E 1994 38.34 -16.59 -42.47
CA ASN E 1994 37.40 -16.84 -43.57
C ASN E 1994 37.86 -16.07 -44.80
N SER E 1995 39.01 -16.49 -45.33
CA SER E 1995 39.54 -15.94 -46.57
C SER E 1995 38.65 -16.21 -47.77
N ASP E 1996 37.80 -17.25 -47.70
CA ASP E 1996 36.89 -17.57 -48.79
C ASP E 1996 35.82 -16.50 -49.03
N LEU E 1997 35.63 -15.57 -48.09
CA LEU E 1997 34.74 -14.42 -48.28
C LEU E 1997 35.44 -13.43 -49.21
N VAL E 1998 35.37 -13.72 -50.52
CA VAL E 1998 36.02 -12.90 -51.53
C VAL E 1998 35.49 -11.46 -51.53
N MET E 1999 34.19 -11.28 -51.24
CA MET E 1999 33.62 -9.93 -51.15
C MET E 1999 34.22 -9.15 -49.98
N LEU E 2000 34.47 -9.83 -48.85
CA LEU E 2000 35.13 -9.18 -47.72
C LEU E 2000 36.54 -8.71 -48.10
N LYS E 2001 37.28 -9.54 -48.84
CA LYS E 2001 38.61 -9.15 -49.28
C LYS E 2001 38.54 -8.01 -50.29
N SER E 2002 37.46 -7.97 -51.09
CA SER E 2002 37.25 -6.83 -51.99
C SER E 2002 37.00 -5.56 -51.19
N LEU E 2003 36.25 -5.66 -50.09
CA LEU E 2003 36.07 -4.52 -49.20
C LEU E 2003 37.41 -4.07 -48.61
N LEU E 2004 38.24 -5.02 -48.19
CA LEU E 2004 39.58 -4.69 -47.68
C LEU E 2004 40.40 -3.98 -48.75
N ALA E 2005 40.29 -4.45 -50.00
CA ALA E 2005 40.94 -3.79 -51.14
C ALA E 2005 40.45 -2.35 -51.29
N GLY E 2006 39.14 -2.14 -51.13
CA GLY E 2006 38.61 -0.78 -51.13
C GLY E 2006 39.01 0.05 -49.93
N LEU E 2007 39.42 -0.59 -48.84
CA LEU E 2007 39.86 0.13 -47.66
C LEU E 2007 41.35 0.47 -47.74
N LEU E 2044 23.07 -7.78 -67.47
CA LEU E 2044 23.49 -9.08 -66.94
C LEU E 2044 22.26 -9.88 -66.51
N THR E 2045 21.66 -9.46 -65.39
CA THR E 2045 20.51 -10.16 -64.85
C THR E 2045 19.32 -10.12 -65.79
N ALA E 2046 19.08 -8.96 -66.41
CA ALA E 2046 17.94 -8.80 -67.32
C ALA E 2046 18.10 -9.65 -68.58
N ALA E 2047 19.34 -9.75 -69.08
CA ALA E 2047 19.60 -10.47 -70.32
C ALA E 2047 19.30 -11.97 -70.19
N GLU E 2048 19.53 -12.54 -69.01
CA GLU E 2048 19.34 -13.97 -68.81
C GLU E 2048 17.88 -14.39 -68.98
N MET E 2049 16.94 -13.51 -68.68
CA MET E 2049 15.53 -13.85 -68.65
C MET E 2049 14.79 -13.45 -69.92
N ALA E 2050 15.53 -13.20 -71.01
CA ALA E 2050 14.87 -12.94 -72.30
C ALA E 2050 14.18 -14.19 -72.85
N PRO E 2051 14.85 -15.34 -73.08
CA PRO E 2051 14.13 -16.50 -73.64
C PRO E 2051 13.01 -16.99 -72.75
N TYR E 2052 13.18 -16.93 -71.42
CA TYR E 2052 12.12 -17.33 -70.51
C TYR E 2052 10.88 -16.47 -70.69
N MET E 2053 11.07 -15.15 -70.77
CA MET E 2053 9.94 -14.23 -70.95
C MET E 2053 9.29 -14.43 -72.30
N LYS E 2054 10.10 -14.66 -73.35
CA LYS E 2054 9.54 -14.89 -74.68
C LYS E 2054 8.70 -16.16 -74.71
N ARG E 2055 9.23 -17.24 -74.12
CA ARG E 2055 8.49 -18.51 -74.09
C ARG E 2055 7.21 -18.38 -73.28
N LEU E 2056 7.28 -17.65 -72.15
CA LEU E 2056 6.10 -17.45 -71.32
C LEU E 2056 5.04 -16.62 -72.05
N SER E 2057 5.47 -15.60 -72.80
CA SER E 2057 4.53 -14.74 -73.50
C SER E 2057 3.88 -15.48 -74.67
N ARG E 2058 4.67 -16.22 -75.45
CA ARG E 2058 4.18 -16.87 -76.65
C ARG E 2058 3.65 -18.28 -76.41
N GLY E 2059 3.72 -18.80 -75.19
CA GLY E 2059 3.23 -20.14 -74.91
C GLY E 2059 1.71 -20.18 -74.89
N GLN E 2060 1.15 -21.25 -75.47
CA GLN E 2060 -0.28 -21.47 -75.50
C GLN E 2060 -0.70 -22.70 -74.69
N THR E 2061 -0.12 -23.86 -74.99
CA THR E 2061 -0.50 -25.10 -74.32
C THR E 2061 -0.09 -25.08 -72.86
N VAL E 2062 -0.83 -25.84 -72.04
CA VAL E 2062 -0.56 -25.93 -70.61
C VAL E 2062 0.84 -26.46 -70.32
N GLU E 2063 1.36 -27.35 -71.17
CA GLU E 2063 2.68 -27.93 -70.95
C GLU E 2063 3.76 -26.86 -70.98
N ASP E 2064 3.71 -25.97 -71.98
CA ASP E 2064 4.72 -24.93 -72.11
C ASP E 2064 4.67 -23.94 -70.95
N LEU E 2065 3.45 -23.52 -70.57
CA LEU E 2065 3.28 -22.59 -69.45
C LEU E 2065 3.81 -23.21 -68.16
N LEU E 2066 3.47 -24.49 -67.92
CA LEU E 2066 3.94 -25.17 -66.72
C LEU E 2066 5.45 -25.30 -66.73
N GLU E 2067 6.03 -25.62 -67.90
CA GLU E 2067 7.48 -25.78 -68.00
C GLU E 2067 8.20 -24.48 -67.70
N VAL E 2068 7.76 -23.37 -68.31
CA VAL E 2068 8.44 -22.09 -68.08
C VAL E 2068 8.23 -21.62 -66.65
N LEU E 2069 7.02 -21.83 -66.09
CA LEU E 2069 6.76 -21.45 -64.71
C LEU E 2069 7.61 -22.24 -63.74
N SER E 2070 7.79 -23.55 -63.99
CA SER E 2070 8.66 -24.35 -63.13
C SER E 2070 10.12 -23.92 -63.25
N ASP E 2071 10.56 -23.58 -64.47
CA ASP E 2071 11.94 -23.09 -64.64
C ASP E 2071 12.15 -21.77 -63.90
N ILE E 2072 11.15 -20.89 -63.91
CA ILE E 2072 11.26 -19.65 -63.15
C ILE E 2072 11.23 -19.93 -61.65
N ASP E 2073 10.37 -20.86 -61.21
CA ASP E 2073 10.21 -21.15 -59.80
C ASP E 2073 11.48 -21.74 -59.20
N GLU E 2074 12.11 -22.69 -59.90
CA GLU E 2074 13.25 -23.41 -59.35
C GLU E 2074 14.44 -22.49 -59.12
N MET E 2075 14.67 -21.54 -60.03
CA MET E 2075 15.80 -20.64 -59.92
C MET E 2075 15.47 -19.39 -59.11
N SER E 2076 14.19 -19.00 -59.03
CA SER E 2076 13.81 -17.85 -58.23
C SER E 2076 14.08 -18.05 -56.75
N ARG E 2077 14.06 -19.30 -56.27
CA ARG E 2077 14.49 -19.57 -54.91
C ARG E 2077 15.95 -19.20 -54.72
N ARG E 2078 16.79 -19.50 -55.71
CA ARG E 2078 18.19 -19.07 -55.68
C ARG E 2078 18.33 -17.56 -55.87
N ARG E 2079 17.52 -16.98 -56.76
CA ARG E 2079 17.62 -15.56 -57.14
C ARG E 2079 16.24 -14.91 -57.09
N PRO E 2080 15.77 -14.54 -55.88
CA PRO E 2080 14.43 -13.93 -55.77
C PRO E 2080 14.25 -12.63 -56.53
N GLU E 2081 15.31 -11.87 -56.77
CA GLU E 2081 15.22 -10.58 -57.45
C GLU E 2081 14.68 -10.69 -58.87
N ILE E 2082 14.78 -11.86 -59.51
CA ILE E 2082 14.44 -11.98 -60.92
C ILE E 2082 12.94 -11.82 -61.16
N LEU E 2083 12.11 -12.20 -60.17
CA LEU E 2083 10.66 -12.22 -60.36
C LEU E 2083 10.07 -10.83 -60.64
N SER E 2084 10.79 -9.75 -60.31
CA SER E 2084 10.30 -8.41 -60.61
C SER E 2084 10.14 -8.18 -62.11
N PHE E 2085 10.91 -8.90 -62.93
CA PHE E 2085 10.80 -8.74 -64.38
C PHE E 2085 9.56 -9.41 -64.92
N PHE E 2086 9.13 -10.51 -64.32
CA PHE E 2086 8.02 -11.31 -64.82
C PHE E 2086 6.67 -10.88 -64.27
N SER E 2087 6.59 -9.72 -63.62
CA SER E 2087 5.36 -9.29 -62.94
C SER E 2087 4.19 -9.17 -63.89
N THR E 2088 4.28 -8.26 -64.86
CA THR E 2088 3.18 -8.04 -65.81
C THR E 2088 2.87 -9.29 -66.61
N ASN E 2089 3.90 -10.05 -66.97
CA ASN E 2089 3.73 -11.23 -67.80
C ASN E 2089 2.92 -12.31 -67.07
N LEU E 2090 3.20 -12.52 -65.79
CA LEU E 2090 2.50 -13.58 -65.04
C LEU E 2090 1.28 -13.05 -64.30
N GLN E 2091 0.99 -11.75 -64.38
CA GLN E 2091 -0.30 -11.26 -63.91
C GLN E 2091 -1.44 -11.86 -64.74
N ARG E 2092 -1.23 -11.99 -66.05
CA ARG E 2092 -2.25 -12.58 -66.91
C ARG E 2092 -2.40 -14.07 -66.63
N LEU E 2093 -1.35 -14.72 -66.13
CA LEU E 2093 -1.45 -16.14 -65.78
C LEU E 2093 -2.30 -16.35 -64.53
N MET E 2094 -2.38 -15.36 -63.64
CA MET E 2094 -3.20 -15.50 -62.44
C MET E 2094 -4.69 -15.64 -62.76
N SER E 2095 -5.12 -15.18 -63.92
CA SER E 2095 -6.51 -15.32 -64.37
C SER E 2095 -6.72 -16.51 -65.29
N SER E 2096 -5.67 -17.31 -65.52
CA SER E 2096 -5.79 -18.47 -66.40
C SER E 2096 -6.75 -19.50 -65.81
N ALA E 2097 -7.58 -20.08 -66.66
CA ALA E 2097 -8.54 -21.08 -66.22
C ALA E 2097 -7.86 -22.35 -65.71
N GLU E 2098 -6.73 -22.74 -66.29
CA GLU E 2098 -6.03 -23.95 -65.88
C GLU E 2098 -5.57 -23.85 -64.42
N GLU E 2099 -5.76 -24.92 -63.66
CA GLU E 2099 -5.55 -24.87 -62.22
C GLU E 2099 -4.06 -24.77 -61.86
N CYS E 2100 -3.23 -25.63 -62.46
CA CYS E 2100 -1.84 -25.77 -62.03
C CYS E 2100 -1.04 -24.50 -62.32
N CYS E 2101 -1.14 -23.98 -63.54
CA CYS E 2101 -0.41 -22.76 -63.91
C CYS E 2101 -0.90 -21.57 -63.10
N ARG E 2102 -2.21 -21.51 -62.84
CA ARG E 2102 -2.76 -20.42 -62.03
C ARG E 2102 -2.22 -20.45 -60.61
N ASN E 2103 -2.19 -21.63 -59.99
CA ASN E 2103 -1.66 -21.76 -58.64
C ASN E 2103 -0.18 -21.38 -58.59
N LEU E 2104 0.60 -21.88 -59.57
CA LEU E 2104 2.03 -21.60 -59.58
C LEU E 2104 2.30 -20.11 -59.81
N ALA E 2105 1.51 -19.49 -60.69
CA ALA E 2105 1.65 -18.06 -60.95
C ALA E 2105 1.28 -17.24 -59.72
N PHE E 2106 0.23 -17.64 -59.00
CA PHE E 2106 -0.13 -16.96 -57.76
C PHE E 2106 0.99 -17.05 -56.73
N SER E 2107 1.59 -18.24 -56.58
CA SER E 2107 2.69 -18.40 -55.64
C SER E 2107 3.89 -17.53 -56.04
N LEU E 2108 4.23 -17.51 -57.33
CA LEU E 2108 5.35 -16.70 -57.80
C LEU E 2108 5.10 -15.21 -57.60
N ALA E 2109 3.87 -14.76 -57.89
CA ALA E 2109 3.52 -13.36 -57.68
C ALA E 2109 3.62 -12.98 -56.22
N LEU E 2110 3.11 -13.86 -55.34
CA LEU E 2110 3.17 -13.60 -53.91
C LEU E 2110 4.60 -13.52 -53.43
N ARG E 2111 5.47 -14.43 -53.90
CA ARG E 2111 6.88 -14.38 -53.54
C ARG E 2111 7.53 -13.09 -54.04
N SER E 2112 7.19 -12.69 -55.27
CA SER E 2112 7.76 -11.48 -55.87
C SER E 2112 7.42 -10.25 -55.04
N MET E 2113 6.14 -10.07 -54.74
CA MET E 2113 5.73 -8.92 -53.94
C MET E 2113 6.14 -9.07 -52.48
N GLN E 2114 6.40 -10.29 -52.03
CA GLN E 2114 7.01 -10.50 -50.72
C GLN E 2114 8.40 -9.89 -50.66
N ASN E 2115 9.22 -10.16 -51.69
CA ASN E 2115 10.54 -9.53 -51.75
C ASN E 2115 10.45 -8.02 -51.89
N SER E 2116 9.51 -7.54 -52.71
CA SER E 2116 9.33 -6.12 -53.01
C SER E 2116 7.91 -5.69 -52.68
N PRO E 2117 7.65 -5.23 -51.45
CA PRO E 2117 6.29 -4.79 -51.10
C PRO E 2117 5.78 -3.60 -51.92
N SER E 2118 6.67 -2.82 -52.53
CA SER E 2118 6.23 -1.66 -53.30
C SER E 2118 5.38 -2.06 -54.49
N ILE E 2119 5.77 -3.12 -55.22
CA ILE E 2119 5.02 -3.54 -56.41
C ILE E 2119 3.74 -4.27 -56.09
N ALA E 2120 3.42 -4.48 -54.81
CA ALA E 2120 2.20 -5.19 -54.44
C ALA E 2120 0.96 -4.45 -54.89
N ALA E 2121 0.97 -3.12 -54.79
CA ALA E 2121 -0.18 -2.32 -55.21
C ALA E 2121 -0.42 -2.41 -56.72
N ALA E 2122 0.60 -2.77 -57.49
CA ALA E 2122 0.44 -2.94 -58.93
C ALA E 2122 -0.43 -4.14 -59.27
N PHE E 2123 -0.47 -5.13 -58.38
CA PHE E 2123 -1.24 -6.36 -58.60
C PHE E 2123 -2.70 -6.22 -58.19
N LEU E 2124 -3.11 -5.04 -57.69
CA LEU E 2124 -4.49 -4.86 -57.25
C LEU E 2124 -5.54 -5.09 -58.34
N PRO E 2125 -5.43 -4.51 -59.57
CA PRO E 2125 -6.50 -4.76 -60.56
C PRO E 2125 -6.67 -6.22 -60.94
N THR E 2126 -5.57 -6.92 -61.20
CA THR E 2126 -5.67 -8.34 -61.58
C THR E 2126 -6.23 -9.19 -60.45
N PHE E 2127 -5.82 -8.92 -59.20
CA PHE E 2127 -6.34 -9.68 -58.07
C PHE E 2127 -7.83 -9.43 -57.87
N MET E 2128 -8.26 -8.16 -57.98
CA MET E 2128 -9.69 -7.84 -57.88
C MET E 2128 -10.47 -8.49 -59.01
N TYR E 2129 -9.90 -8.51 -60.21
CA TYR E 2129 -10.54 -9.19 -61.34
C TYR E 2129 -10.67 -10.67 -61.07
N CYS E 2130 -9.63 -11.29 -60.47
CA CYS E 2130 -9.68 -12.70 -60.12
C CYS E 2130 -10.79 -12.97 -59.12
N LEU E 2131 -10.95 -12.10 -58.12
CA LEU E 2131 -12.02 -12.27 -57.15
C LEU E 2131 -13.39 -12.20 -57.80
N GLY E 2132 -13.58 -11.27 -58.72
CA GLY E 2132 -14.84 -11.03 -59.38
C GLY E 2132 -15.09 -11.79 -60.67
N SER E 2133 -14.16 -12.64 -61.09
CA SER E 2133 -14.30 -13.34 -62.37
C SER E 2133 -15.40 -14.40 -62.30
N GLN E 2134 -15.86 -14.81 -63.47
CA GLN E 2134 -16.90 -15.83 -63.53
C GLN E 2134 -16.35 -17.22 -63.21
N ASP E 2135 -15.12 -17.50 -63.61
CA ASP E 2135 -14.48 -18.79 -63.35
C ASP E 2135 -14.35 -19.00 -61.85
N PHE E 2136 -15.12 -19.95 -61.31
CA PHE E 2136 -15.18 -20.14 -59.86
C PHE E 2136 -13.88 -20.67 -59.27
N GLU E 2137 -13.09 -21.41 -60.06
CA GLU E 2137 -11.77 -21.85 -59.62
C GLU E 2137 -10.88 -20.65 -59.34
N VAL E 2138 -10.95 -19.64 -60.22
CA VAL E 2138 -10.15 -18.43 -60.08
C VAL E 2138 -10.53 -17.70 -58.79
N VAL E 2139 -11.84 -17.58 -58.54
CA VAL E 2139 -12.30 -16.93 -57.31
C VAL E 2139 -11.84 -17.70 -56.09
N GLN E 2140 -11.91 -19.04 -56.14
CA GLN E 2140 -11.46 -19.87 -55.03
C GLN E 2140 -9.98 -19.64 -54.71
N THR E 2141 -9.12 -19.70 -55.73
CA THR E 2141 -7.69 -19.52 -55.48
C THR E 2141 -7.38 -18.09 -55.05
N ALA E 2142 -8.14 -17.10 -55.55
CA ALA E 2142 -7.97 -15.73 -55.09
C ALA E 2142 -8.30 -15.61 -53.61
N LEU E 2143 -9.34 -16.33 -53.17
CA LEU E 2143 -9.66 -16.38 -51.74
C LEU E 2143 -8.55 -17.07 -50.96
N ARG E 2144 -7.98 -18.14 -51.52
CA ARG E 2144 -6.93 -18.89 -50.84
C ARG E 2144 -5.72 -18.01 -50.52
N ASN E 2145 -5.32 -17.16 -51.46
CA ASN E 2145 -4.19 -16.26 -51.27
C ASN E 2145 -4.58 -14.91 -50.71
N LEU E 2146 -5.84 -14.73 -50.34
CA LEU E 2146 -6.32 -13.43 -49.87
C LEU E 2146 -5.63 -12.90 -48.60
N PRO E 2147 -5.45 -13.68 -47.51
CA PRO E 2147 -4.79 -13.09 -46.33
C PRO E 2147 -3.39 -12.58 -46.60
N GLU E 2148 -2.62 -13.31 -47.40
CA GLU E 2148 -1.24 -12.93 -47.68
C GLU E 2148 -1.19 -11.60 -48.44
N TYR E 2149 -1.93 -11.50 -49.55
CA TYR E 2149 -1.88 -10.27 -50.34
C TYR E 2149 -2.51 -9.11 -49.57
N ALA E 2150 -3.52 -9.40 -48.75
CA ALA E 2150 -4.10 -8.36 -47.90
C ALA E 2150 -3.06 -7.82 -46.93
N LEU E 2151 -2.25 -8.71 -46.34
CA LEU E 2151 -1.14 -8.27 -45.51
C LEU E 2151 -0.11 -7.49 -46.32
N LEU E 2152 0.05 -7.82 -47.60
CA LEU E 2152 1.01 -7.09 -48.44
C LEU E 2152 0.55 -5.67 -48.71
N CYS E 2153 -0.72 -5.47 -49.09
CA CYS E 2153 -1.13 -4.18 -49.62
C CYS E 2153 -1.45 -3.15 -48.51
N GLN E 2154 -2.50 -3.41 -47.72
CA GLN E 2154 -2.87 -2.68 -46.51
C GLN E 2154 -3.40 -1.26 -46.74
N GLU E 2155 -3.36 -0.76 -47.97
CA GLU E 2155 -4.10 0.46 -48.31
C GLU E 2155 -5.31 0.20 -49.18
N HIS E 2156 -5.24 -0.82 -50.03
CA HIS E 2156 -6.39 -1.33 -50.76
C HIS E 2156 -6.91 -2.62 -50.15
N ALA E 2157 -6.41 -3.00 -48.97
CA ALA E 2157 -6.99 -4.13 -48.24
C ALA E 2157 -8.45 -3.88 -47.89
N ALA E 2158 -8.85 -2.62 -47.72
CA ALA E 2158 -10.26 -2.30 -47.48
C ALA E 2158 -11.13 -2.78 -48.63
N VAL E 2159 -10.88 -2.25 -49.84
CA VAL E 2159 -11.67 -2.61 -51.01
C VAL E 2159 -11.48 -4.10 -51.35
N LEU E 2160 -10.28 -4.64 -51.11
CA LEU E 2160 -10.02 -6.05 -51.42
C LEU E 2160 -10.88 -6.98 -50.56
N LEU E 2161 -10.86 -6.75 -49.24
CA LEU E 2161 -11.70 -7.54 -48.35
C LEU E 2161 -13.19 -7.28 -48.60
N HIS E 2162 -13.54 -6.05 -48.98
CA HIS E 2162 -14.93 -5.76 -49.33
C HIS E 2162 -15.38 -6.57 -50.53
N ARG E 2163 -14.54 -6.66 -51.57
CA ARG E 2163 -14.84 -7.47 -52.74
C ARG E 2163 -14.97 -8.94 -52.34
N ALA E 2164 -14.07 -9.40 -51.48
CA ALA E 2164 -14.13 -10.78 -51.00
C ALA E 2164 -15.44 -11.05 -50.27
N PHE E 2165 -15.86 -10.13 -49.40
CA PHE E 2165 -17.13 -10.33 -48.71
C PHE E 2165 -18.29 -10.32 -49.69
N LEU E 2166 -18.25 -9.43 -50.68
CA LEU E 2166 -19.37 -9.36 -51.64
C LEU E 2166 -19.51 -10.65 -52.43
N VAL E 2167 -18.38 -11.18 -52.93
CA VAL E 2167 -18.43 -12.44 -53.67
C VAL E 2167 -18.85 -13.57 -52.74
N GLY E 2168 -18.47 -13.51 -51.46
CA GLY E 2168 -18.98 -14.48 -50.51
C GLY E 2168 -20.47 -14.34 -50.26
N MET E 2169 -20.96 -13.10 -50.28
CA MET E 2169 -22.37 -12.84 -49.96
C MET E 2169 -23.27 -13.32 -51.07
N TYR E 2170 -22.91 -13.06 -52.34
CA TYR E 2170 -23.76 -13.46 -53.45
C TYR E 2170 -23.36 -14.80 -54.06
N GLY E 2171 -22.10 -14.96 -54.46
CA GLY E 2171 -21.59 -16.30 -54.71
C GLY E 2171 -21.62 -17.11 -53.42
N GLN E 2172 -21.96 -18.39 -53.53
CA GLN E 2172 -22.26 -19.18 -52.35
C GLN E 2172 -21.03 -19.62 -51.54
N MET E 2173 -19.81 -19.27 -51.95
CA MET E 2173 -18.64 -19.65 -51.16
C MET E 2173 -18.65 -18.93 -49.80
N ASP E 2174 -17.95 -19.53 -48.83
CA ASP E 2174 -17.87 -19.03 -47.46
C ASP E 2174 -16.46 -18.50 -47.18
N PRO E 2175 -16.16 -17.24 -47.50
CA PRO E 2175 -14.83 -16.69 -47.22
C PRO E 2175 -14.65 -16.17 -45.80
N SER E 2176 -15.53 -16.56 -44.87
CA SER E 2176 -15.47 -16.07 -43.50
C SER E 2176 -14.13 -16.38 -42.85
N ALA E 2177 -13.58 -17.56 -43.11
CA ALA E 2177 -12.30 -17.94 -42.51
C ALA E 2177 -11.17 -17.06 -43.04
N GLN E 2178 -11.08 -16.91 -44.36
CA GLN E 2178 -9.99 -16.15 -44.97
C GLN E 2178 -10.08 -14.68 -44.61
N ILE E 2179 -11.29 -14.10 -44.72
CA ILE E 2179 -11.49 -12.71 -44.33
C ILE E 2179 -11.19 -12.53 -42.84
N SER E 2180 -11.55 -13.53 -42.03
CA SER E 2180 -11.28 -13.44 -40.59
C SER E 2180 -9.78 -13.38 -40.32
N GLU E 2181 -9.00 -14.26 -40.94
CA GLU E 2181 -7.56 -14.27 -40.70
C GLU E 2181 -6.91 -12.98 -41.21
N ALA E 2182 -7.29 -12.57 -42.43
CA ALA E 2182 -6.73 -11.35 -43.01
C ALA E 2182 -7.06 -10.13 -42.15
N LEU E 2183 -8.32 -10.03 -41.73
CA LEU E 2183 -8.77 -8.91 -40.93
C LEU E 2183 -8.13 -8.94 -39.55
N ARG E 2184 -7.91 -10.14 -39.01
CA ARG E 2184 -7.25 -10.30 -37.72
C ARG E 2184 -5.83 -9.75 -37.77
N ILE E 2185 -5.07 -10.13 -38.80
CA ILE E 2185 -3.70 -9.64 -38.94
C ILE E 2185 -3.70 -8.13 -39.17
N LEU E 2186 -4.58 -7.64 -40.04
CA LEU E 2186 -4.63 -6.21 -40.34
C LEU E 2186 -5.02 -5.39 -39.13
N HIS E 2187 -5.97 -5.88 -38.32
CA HIS E 2187 -6.35 -5.17 -37.10
C HIS E 2187 -5.22 -5.23 -36.08
N MET E 2188 -4.58 -6.39 -35.93
CA MET E 2188 -3.45 -6.56 -35.01
C MET E 2188 -2.25 -5.73 -35.44
N GLU E 2189 -2.24 -5.22 -36.67
CA GLU E 2189 -1.24 -4.24 -37.08
C GLU E 2189 -1.71 -2.80 -36.90
N ALA E 2190 -2.80 -2.43 -37.56
CA ALA E 2190 -3.13 -1.03 -37.80
C ALA E 2190 -3.72 -0.33 -36.58
N VAL E 2191 -4.58 -1.00 -35.81
CA VAL E 2191 -5.19 -0.37 -34.64
C VAL E 2191 -5.11 -1.28 -33.41
N MET E 2192 -4.19 -2.23 -33.42
CA MET E 2192 -3.92 -3.08 -32.25
C MET E 2192 -2.58 -3.78 -32.43
N LEU F 15 -14.71 35.54 103.84
CA LEU F 15 -14.26 35.22 102.49
C LEU F 15 -14.63 36.34 101.52
N GLN F 16 -13.65 36.76 100.72
CA GLN F 16 -13.82 37.87 99.79
C GLN F 16 -12.95 37.61 98.57
N PHE F 17 -13.40 38.11 97.42
CA PHE F 17 -12.66 38.01 96.17
C PHE F 17 -12.42 39.40 95.61
N VAL F 18 -11.27 39.56 94.95
CA VAL F 18 -10.91 40.84 94.33
C VAL F 18 -11.93 41.19 93.24
N SER F 19 -12.45 42.41 93.31
CA SER F 19 -13.44 42.86 92.35
C SER F 19 -12.83 43.02 90.96
N PRO F 20 -13.61 42.81 89.90
CA PRO F 20 -13.06 42.96 88.54
C PRO F 20 -12.57 44.35 88.22
N PHE F 21 -13.20 45.38 88.80
CA PHE F 21 -12.80 46.76 88.56
C PHE F 21 -11.37 47.00 89.02
N ALA F 22 -11.01 46.42 90.18
CA ALA F 22 -9.67 46.57 90.71
C ALA F 22 -8.63 45.92 89.80
N PHE F 23 -8.93 44.72 89.28
CA PHE F 23 -7.99 44.06 88.39
C PHE F 23 -7.81 44.84 87.09
N GLU F 24 -8.92 45.36 86.54
CA GLU F 24 -8.81 46.19 85.34
C GLU F 24 -8.01 47.45 85.62
N ALA F 25 -8.20 48.05 86.80
CA ALA F 25 -7.42 49.22 87.18
C ALA F 25 -5.93 48.90 87.24
N MET F 26 -5.57 47.76 87.83
CA MET F 26 -4.15 47.42 87.90
C MET F 26 -3.58 47.06 86.53
N GLN F 27 -4.38 46.44 85.66
CA GLN F 27 -3.95 46.21 84.29
C GLN F 27 -3.69 47.53 83.56
N LYS F 28 -4.58 48.50 83.73
CA LYS F 28 -4.44 49.83 83.15
C LYS F 28 -3.47 50.74 83.89
N VAL F 29 -2.92 50.30 85.04
CA VAL F 29 -1.96 50.99 85.92
C VAL F 29 -2.32 52.46 86.12
N ASP F 30 -3.59 52.74 86.40
CA ASP F 30 -4.04 54.06 86.77
C ASP F 30 -4.35 54.11 88.26
N VAL F 31 -3.78 55.10 88.94
CA VAL F 31 -3.75 55.10 90.41
C VAL F 31 -4.90 55.88 91.05
N VAL F 32 -5.55 56.80 90.33
CA VAL F 32 -6.63 57.59 90.93
C VAL F 32 -7.80 56.70 91.33
N CYS F 33 -8.21 55.81 90.42
CA CYS F 33 -9.29 54.88 90.74
C CYS F 33 -8.86 53.88 91.79
N LEU F 34 -7.57 53.51 91.83
CA LEU F 34 -7.05 52.68 92.91
C LEU F 34 -7.21 53.37 94.26
N ALA F 35 -6.94 54.67 94.31
CA ALA F 35 -7.22 55.45 95.52
C ALA F 35 -8.71 55.46 95.84
N SER F 36 -9.55 55.55 94.80
CA SER F 36 -11.00 55.50 94.99
C SER F 36 -11.50 54.13 95.44
N LEU F 37 -10.68 53.09 95.31
CA LEU F 37 -11.08 51.73 95.66
C LEU F 37 -11.22 51.57 97.18
N SER F 38 -12.03 50.59 97.58
CA SER F 38 -12.34 50.36 98.98
C SER F 38 -11.20 49.63 99.69
N ASP F 39 -11.26 49.64 101.03
CA ASP F 39 -10.19 49.09 101.85
C ASP F 39 -9.98 47.57 101.70
N PRO F 40 -11.01 46.70 101.76
CA PRO F 40 -10.72 45.25 101.61
C PRO F 40 -10.08 44.87 100.28
N GLU F 41 -10.50 45.52 99.19
CA GLU F 41 -9.86 45.28 97.90
C GLU F 41 -8.41 45.72 97.92
N LEU F 42 -8.12 46.85 98.58
CA LEU F 42 -6.73 47.27 98.76
C LEU F 42 -5.93 46.23 99.52
N ARG F 43 -6.53 45.66 100.57
CA ARG F 43 -5.85 44.61 101.34
C ARG F 43 -5.58 43.39 100.48
N LEU F 44 -6.53 43.04 99.61
CA LEU F 44 -6.35 41.92 98.68
C LEU F 44 -5.20 42.17 97.72
N LEU F 45 -5.10 43.39 97.19
CA LEU F 45 -4.09 43.74 96.20
C LEU F 45 -2.84 44.32 96.82
N LEU F 46 -2.75 44.29 98.14
CA LEU F 46 -1.67 44.97 98.87
C LEU F 46 -0.25 44.54 98.51
N PRO F 47 0.11 43.25 98.26
CA PRO F 47 1.52 42.93 97.95
C PRO F 47 2.07 43.66 96.74
N CYS F 48 1.31 43.69 95.64
CA CYS F 48 1.78 44.34 94.43
C CYS F 48 1.94 45.84 94.64
N LEU F 49 1.00 46.46 95.37
CA LEU F 49 1.10 47.88 95.68
C LEU F 49 2.33 48.18 96.52
N VAL F 50 2.61 47.34 97.52
CA VAL F 50 3.80 47.56 98.35
C VAL F 50 5.07 47.42 97.52
N ARG F 51 5.12 46.38 96.68
CA ARG F 51 6.26 46.20 95.77
C ARG F 51 6.40 47.34 94.77
N MET F 52 5.30 48.03 94.46
CA MET F 52 5.34 49.15 93.51
C MET F 52 6.23 50.27 94.02
N ALA F 53 5.85 50.88 95.14
CA ALA F 53 6.65 51.90 95.80
C ALA F 53 7.76 51.25 96.62
N LEU F 54 8.59 52.10 97.26
CA LEU F 54 9.71 51.69 98.12
C LEU F 54 10.58 50.60 97.50
N CYS F 55 10.82 50.72 96.20
CA CYS F 55 11.66 49.81 95.45
C CYS F 55 12.33 50.60 94.33
N ALA F 56 13.02 49.90 93.43
CA ALA F 56 13.74 50.55 92.35
C ALA F 56 12.75 51.25 91.41
N PRO F 57 13.10 52.44 90.90
CA PRO F 57 12.17 53.16 90.03
C PRO F 57 11.83 52.44 88.74
N ALA F 58 12.76 51.64 88.19
CA ALA F 58 12.59 50.88 86.95
C ALA F 58 12.37 51.80 85.76
N ASP F 59 11.21 52.47 85.70
CA ASP F 59 10.89 53.34 84.59
C ASP F 59 11.84 54.53 84.51
N GLN F 60 12.15 55.14 85.67
CA GLN F 60 12.95 56.37 85.76
C GLN F 60 12.30 57.52 85.01
N SER F 61 10.97 57.54 84.97
CA SER F 61 10.19 58.58 84.31
C SER F 61 9.40 59.35 85.35
N GLN F 62 9.35 60.68 85.17
CA GLN F 62 8.68 61.56 86.13
C GLN F 62 7.20 61.25 86.28
N SER F 63 6.54 60.83 85.19
CA SER F 63 5.13 60.43 85.28
C SER F 63 4.97 59.24 86.23
N TRP F 64 5.85 58.25 86.09
CA TRP F 64 5.81 57.12 87.02
C TRP F 64 6.22 57.55 88.42
N ALA F 65 7.05 58.59 88.54
CA ALA F 65 7.37 59.12 89.87
C ALA F 65 6.13 59.70 90.54
N GLN F 66 5.32 60.46 89.80
CA GLN F 66 4.07 60.97 90.36
C GLN F 66 3.11 59.84 90.70
N ASP F 67 3.04 58.82 89.83
CA ASP F 67 2.16 57.68 90.11
C ASP F 67 2.62 56.94 91.36
N LYS F 68 3.93 56.78 91.54
CA LYS F 68 4.47 56.16 92.74
C LYS F 68 4.18 57.00 93.99
N LYS F 69 4.23 58.33 93.84
CA LYS F 69 3.85 59.22 94.94
C LYS F 69 2.40 59.00 95.35
N LEU F 70 1.50 58.91 94.36
CA LEU F 70 0.09 58.66 94.64
C LEU F 70 -0.11 57.30 95.29
N ILE F 71 0.63 56.28 94.83
CA ILE F 71 0.52 54.93 95.41
C ILE F 71 0.97 54.95 96.87
N LEU F 72 2.09 55.63 97.15
CA LEU F 72 2.59 55.72 98.52
C LEU F 72 1.59 56.46 99.40
N ARG F 73 0.96 57.50 98.88
CA ARG F 73 -0.11 58.18 99.62
C ARG F 73 -1.28 57.24 99.89
N LEU F 74 -1.64 56.43 98.90
CA LEU F 74 -2.79 55.53 99.03
C LEU F 74 -2.54 54.47 100.11
N LEU F 75 -1.41 53.77 100.03
CA LEU F 75 -1.20 52.61 100.89
C LEU F 75 -0.66 52.97 102.27
N SER F 76 -0.43 54.26 102.55
CA SER F 76 0.06 54.66 103.86
C SER F 76 -0.97 54.42 104.97
N GLY F 77 -2.26 54.37 104.64
CA GLY F 77 -3.30 54.24 105.63
C GLY F 77 -3.73 52.82 105.94
N VAL F 78 -2.76 51.94 106.24
CA VAL F 78 -3.04 50.56 106.64
C VAL F 78 -1.77 50.00 107.27
N GLU F 79 -1.93 49.04 108.17
CA GLU F 79 -0.84 48.54 108.99
C GLU F 79 -0.17 47.28 108.45
N ALA F 80 -0.86 46.50 107.62
CA ALA F 80 -0.31 45.23 107.15
C ALA F 80 0.93 45.43 106.28
N VAL F 81 1.06 46.61 105.66
CA VAL F 81 2.22 46.91 104.84
C VAL F 81 3.50 46.94 105.66
N ASN F 82 3.42 47.18 106.97
CA ASN F 82 4.59 47.06 107.84
C ASN F 82 5.12 45.62 107.83
N SER F 83 4.21 44.66 108.01
CA SER F 83 4.60 43.25 107.95
C SER F 83 5.10 42.89 106.56
N ILE F 84 4.49 43.46 105.51
CA ILE F 84 4.94 43.17 104.15
C ILE F 84 6.37 43.67 103.93
N VAL F 85 6.67 44.89 104.41
CA VAL F 85 8.02 45.45 104.28
C VAL F 85 9.00 44.61 105.10
N ALA F 86 8.56 44.10 106.26
CA ALA F 86 9.39 43.18 107.04
C ALA F 86 9.70 41.93 106.22
N LEU F 87 8.70 41.40 105.51
CA LEU F 87 8.93 40.27 104.62
C LEU F 87 9.89 40.62 103.49
N LEU F 88 9.85 41.86 103.01
CA LEU F 88 10.73 42.28 101.92
C LEU F 88 12.18 42.45 102.35
N SER F 89 12.42 42.86 103.61
CA SER F 89 13.77 43.15 104.06
C SER F 89 14.69 41.93 104.13
N VAL F 90 14.13 40.72 104.17
CA VAL F 90 14.95 39.52 104.31
C VAL F 90 15.78 39.30 103.05
N ASP F 91 17.07 38.99 103.24
CA ASP F 91 17.95 38.71 102.12
C ASP F 91 17.50 37.42 101.45
N PHE F 92 17.36 37.46 100.12
CA PHE F 92 16.83 36.34 99.35
C PHE F 92 17.90 35.44 98.76
N HIS F 93 19.18 35.80 98.89
CA HIS F 93 20.26 34.91 98.41
C HIS F 93 20.30 33.62 99.20
N ALA F 94 20.25 33.71 100.53
CA ALA F 94 20.27 32.52 101.38
C ALA F 94 19.04 31.66 101.13
N LEU F 95 17.87 32.30 100.97
CA LEU F 95 16.64 31.57 100.67
C LEU F 95 16.74 30.87 99.33
N GLU F 96 17.34 31.54 98.34
CA GLU F 96 17.54 30.95 97.02
C GLU F 96 18.42 29.71 97.11
N GLN F 97 19.53 29.81 97.83
CA GLN F 97 20.43 28.67 97.99
C GLN F 97 19.74 27.53 98.73
N ASP F 98 18.99 27.84 99.79
CA ASP F 98 18.29 26.81 100.56
C ASP F 98 17.27 26.09 99.70
N ALA F 99 16.49 26.84 98.91
CA ALA F 99 15.48 26.23 98.04
C ALA F 99 16.13 25.36 96.98
N SER F 100 17.20 25.84 96.35
CA SER F 100 17.89 25.05 95.33
C SER F 100 18.49 23.78 95.92
N LYS F 101 19.11 23.88 97.10
CA LYS F 101 19.69 22.72 97.76
C LYS F 101 18.61 21.71 98.13
N GLU F 102 17.47 22.18 98.63
CA GLU F 102 16.38 21.28 98.98
C GLU F 102 15.84 20.56 97.74
N GLN F 103 15.66 21.31 96.65
CA GLN F 103 15.17 20.70 95.41
C GLN F 103 16.13 19.66 94.87
N GLN F 104 17.44 19.98 94.88
CA GLN F 104 18.43 19.01 94.41
C GLN F 104 18.49 17.79 95.32
N LEU F 105 18.44 17.99 96.64
CA LEU F 105 18.51 16.89 97.59
C LEU F 105 17.32 15.95 97.45
N ARG F 106 16.12 16.51 97.25
CA ARG F 106 14.93 15.68 97.08
C ARG F 106 15.00 14.83 95.81
N HIS F 107 15.77 15.25 94.82
CA HIS F 107 15.93 14.48 93.58
C HIS F 107 17.03 13.43 93.73
N GLY F 125 2.23 22.08 115.05
CA GLY F 125 1.39 22.41 113.92
C GLY F 125 2.00 23.46 113.00
N LEU F 126 1.66 23.39 111.72
CA LEU F 126 2.19 24.34 110.74
C LEU F 126 1.72 25.76 111.03
N THR F 127 0.44 25.93 111.37
CA THR F 127 -0.07 27.27 111.67
C THR F 127 0.53 27.82 112.96
N LEU F 128 0.79 26.96 113.95
CA LEU F 128 1.44 27.40 115.18
C LEU F 128 2.84 27.93 114.90
N GLU F 129 3.60 27.19 114.08
CA GLU F 129 4.93 27.64 113.68
C GLU F 129 4.85 28.93 112.88
N PHE F 130 3.85 29.02 111.99
CA PHE F 130 3.61 30.24 111.21
C PHE F 130 3.43 31.44 112.12
N GLU F 131 2.60 31.30 113.16
CA GLU F 131 2.40 32.38 114.13
C GLU F 131 3.70 32.70 114.88
N HIS F 132 4.45 31.68 115.25
CA HIS F 132 5.67 31.88 116.03
C HIS F 132 6.92 32.15 115.20
N SER F 133 6.82 32.13 113.86
CA SER F 133 7.97 32.36 113.02
C SER F 133 8.09 33.83 112.63
N ASP F 134 9.33 34.25 112.36
CA ASP F 134 9.60 35.59 111.87
C ASP F 134 9.48 35.53 110.34
N SER F 135 9.82 36.62 109.66
CA SER F 135 9.71 36.66 108.20
C SER F 135 10.55 35.61 107.47
N PRO F 136 11.88 35.49 107.68
CA PRO F 136 12.63 34.50 106.89
C PRO F 136 12.22 33.06 107.12
N ARG F 137 11.90 32.68 108.36
CA ARG F 137 11.45 31.31 108.62
C ARG F 137 10.09 31.04 107.99
N ARG F 138 9.19 32.04 108.00
CA ARG F 138 7.91 31.92 107.31
C ARG F 138 8.12 31.66 105.83
N LEU F 139 8.98 32.48 105.19
CA LEU F 139 9.29 32.28 103.78
C LEU F 139 9.84 30.89 103.52
N ARG F 140 10.79 30.46 104.36
CA ARG F 140 11.43 29.15 104.19
C ARG F 140 10.42 28.03 104.26
N LEU F 141 9.59 28.02 105.31
CA LEU F 141 8.66 26.91 105.51
C LEU F 141 7.60 26.88 104.41
N VAL F 142 7.01 28.02 104.06
CA VAL F 142 5.95 28.01 103.05
C VAL F 142 6.54 27.71 101.67
N LEU F 143 7.73 28.22 101.37
CA LEU F 143 8.40 27.90 100.11
C LEU F 143 8.73 26.42 100.02
N SER F 144 9.17 25.81 101.13
CA SER F 144 9.43 24.37 101.14
C SER F 144 8.15 23.59 100.87
N GLU F 145 7.04 24.00 101.51
CA GLU F 145 5.76 23.33 101.29
C GLU F 145 5.32 23.47 99.83
N LEU F 146 5.45 24.67 99.26
CA LEU F 146 5.04 24.91 97.89
C LEU F 146 5.90 24.11 96.92
N LEU F 147 7.22 24.05 97.16
CA LEU F 147 8.10 23.24 96.33
C LEU F 147 7.74 21.76 96.42
N ALA F 148 7.42 21.28 97.63
CA ALA F 148 7.02 19.89 97.81
C ALA F 148 5.76 19.58 97.03
N ILE F 149 4.76 20.47 97.11
CA ILE F 149 3.51 20.23 96.42
C ILE F 149 3.71 20.33 94.90
N MET F 150 4.57 21.24 94.44
CA MET F 150 4.88 21.36 93.02
C MET F 150 5.53 20.07 92.50
N ASN F 151 6.50 19.55 93.26
CA ASN F 151 7.17 18.32 92.87
C ASN F 151 6.22 17.14 92.87
N LYS F 152 5.33 17.08 93.87
CA LYS F 152 4.34 16.00 93.93
C LYS F 152 3.39 16.05 92.74
N VAL F 153 2.98 17.25 92.34
CA VAL F 153 2.09 17.38 91.18
C VAL F 153 2.83 16.99 89.90
N SER F 154 4.06 17.50 89.72
CA SER F 154 4.80 17.25 88.49
C SER F 154 5.15 15.77 88.33
N GLU F 155 5.59 15.12 89.41
CA GLU F 155 5.93 13.70 89.35
C GLU F 155 4.70 12.85 89.04
N SER F 156 3.57 13.14 89.68
CA SER F 156 2.35 12.39 89.45
C SER F 156 1.71 12.81 88.12
N ASN F 157 0.70 12.04 87.71
CA ASN F 157 -0.05 12.31 86.49
C ASN F 157 -1.24 13.21 86.73
N GLY F 158 -1.24 14.00 87.81
CA GLY F 158 -2.34 14.88 88.14
C GLY F 158 -3.64 14.16 88.42
N GLU F 159 -3.57 13.10 89.23
CA GLU F 159 -4.73 12.27 89.52
C GLU F 159 -5.55 12.80 90.70
N PHE F 160 -5.83 14.11 90.69
CA PHE F 160 -6.68 14.80 91.67
C PHE F 160 -6.17 14.60 93.10
N PHE F 161 -4.99 15.18 93.35
CA PHE F 161 -4.45 15.24 94.70
C PHE F 161 -5.28 16.24 95.51
N PHE F 162 -6.20 15.72 96.32
CA PHE F 162 -7.25 16.54 96.93
C PHE F 162 -6.67 17.59 97.88
N LYS F 163 -5.83 17.17 98.82
CA LYS F 163 -5.28 18.09 99.80
C LYS F 163 -3.95 17.54 100.30
N SER F 164 -2.84 18.15 99.87
CA SER F 164 -1.51 17.73 100.30
C SER F 164 -0.97 18.59 101.44
N SER F 165 -1.79 19.47 102.00
CA SER F 165 -1.34 20.36 103.06
C SER F 165 -2.54 20.84 103.86
N GLU F 166 -2.26 21.36 105.06
CA GLU F 166 -3.29 21.86 105.96
C GLU F 166 -2.85 23.17 106.60
N LEU F 167 -2.27 24.07 105.79
CA LEU F 167 -1.81 25.37 106.27
C LEU F 167 -2.55 26.51 105.56
N PHE F 168 -3.80 26.28 105.17
CA PHE F 168 -4.59 27.26 104.44
C PHE F 168 -6.00 27.34 105.02
N GLU F 169 -6.09 27.40 106.34
CA GLU F 169 -7.35 27.40 107.07
C GLU F 169 -7.96 28.80 107.10
N SER F 170 -9.21 28.86 107.56
CA SER F 170 -9.98 30.10 107.52
C SER F 170 -9.34 31.29 108.26
N PRO F 171 -8.75 31.16 109.47
CA PRO F 171 -8.12 32.34 110.10
C PRO F 171 -7.03 32.93 109.22
N VAL F 172 -6.91 34.26 109.25
CA VAL F 172 -5.98 34.97 108.37
C VAL F 172 -4.53 34.58 108.58
N TYR F 173 -4.18 34.06 109.77
CA TYR F 173 -2.82 33.59 110.03
C TYR F 173 -2.37 32.53 109.02
N LEU F 174 -3.33 31.79 108.47
CA LEU F 174 -3.06 30.81 107.42
C LEU F 174 -3.67 31.20 106.08
N GLU F 175 -4.46 32.27 106.02
CA GLU F 175 -5.19 32.63 104.81
C GLU F 175 -4.72 33.95 104.20
N GLU F 176 -4.75 35.05 104.96
CA GLU F 176 -4.47 36.36 104.38
C GLU F 176 -2.98 36.69 104.35
N ALA F 177 -2.30 36.55 105.48
CA ALA F 177 -0.86 36.72 105.51
C ALA F 177 -0.16 35.68 104.64
N ALA F 178 -0.70 34.45 104.63
CA ALA F 178 -0.14 33.40 103.79
C ALA F 178 -0.24 33.75 102.32
N ASP F 179 -1.39 34.28 101.89
CA ASP F 179 -1.57 34.64 100.48
C ASP F 179 -0.64 35.79 100.08
N VAL F 180 -0.49 36.78 100.95
CA VAL F 180 0.41 37.90 100.69
C VAL F 180 1.85 37.41 100.59
N LEU F 181 2.23 36.52 101.51
CA LEU F 181 3.56 35.94 101.51
C LEU F 181 3.79 35.12 100.24
N CYS F 182 2.76 34.37 99.80
CA CYS F 182 2.85 33.59 98.58
C CYS F 182 3.03 34.49 97.36
N ILE F 183 2.35 35.64 97.35
CA ILE F 183 2.52 36.61 96.27
C ILE F 183 3.96 37.11 96.26
N LEU F 184 4.49 37.44 97.44
CA LEU F 184 5.89 37.89 97.53
C LEU F 184 6.85 36.81 97.05
N GLN F 185 6.59 35.55 97.42
CA GLN F 185 7.41 34.43 96.97
C GLN F 185 7.36 34.29 95.45
N ALA F 186 6.16 34.42 94.87
CA ALA F 186 6.06 34.39 93.42
C ALA F 186 6.78 35.57 92.78
N GLU F 187 6.93 36.68 93.50
CA GLU F 187 7.61 37.84 92.95
C GLU F 187 9.13 37.73 93.07
N LEU F 188 9.65 37.66 94.32
CA LEU F 188 11.09 37.88 94.50
C LEU F 188 11.93 36.68 94.05
N PRO F 189 11.78 35.43 94.63
CA PRO F 189 12.48 34.31 94.00
C PRO F 189 11.77 33.84 92.74
N SER F 190 12.09 34.51 91.62
CA SER F 190 11.42 34.31 90.34
C SER F 190 11.67 32.96 89.70
N LEU F 191 12.50 32.09 90.28
CA LEU F 191 12.72 30.75 89.71
C LEU F 191 11.42 29.97 89.58
N LEU F 192 10.48 30.19 90.50
CA LEU F 192 9.14 29.63 90.43
C LEU F 192 8.37 30.29 89.30
N PRO F 193 8.02 29.56 88.24
CA PRO F 193 7.21 30.17 87.18
C PRO F 193 5.76 30.22 87.63
N ILE F 194 5.05 31.24 87.12
CA ILE F 194 3.68 31.47 87.53
C ILE F 194 2.78 30.28 87.16
N VAL F 195 3.05 29.65 86.01
CA VAL F 195 2.23 28.54 85.54
C VAL F 195 2.31 27.33 86.47
N ASP F 196 3.50 26.96 86.93
CA ASP F 196 3.62 25.79 87.81
C ASP F 196 3.02 26.07 89.18
N VAL F 197 3.15 27.30 89.68
CA VAL F 197 2.50 27.70 90.91
C VAL F 197 0.99 27.61 90.74
N ALA F 198 0.49 28.05 89.58
CA ALA F 198 -0.94 27.99 89.30
C ALA F 198 -1.44 26.55 89.28
N GLU F 199 -0.68 25.66 88.65
CA GLU F 199 -1.04 24.24 88.62
C GLU F 199 -1.04 23.65 90.03
N ALA F 200 -0.03 24.00 90.83
CA ALA F 200 0.05 23.52 92.20
C ALA F 200 -1.10 24.02 93.07
N LEU F 201 -1.49 25.29 92.90
CA LEU F 201 -2.52 25.90 93.76
C LEU F 201 -3.87 25.22 93.61
N LEU F 202 -4.13 24.58 92.46
CA LEU F 202 -5.41 23.90 92.26
C LEU F 202 -5.62 22.79 93.28
N HIS F 203 -4.54 22.10 93.65
CA HIS F 203 -4.61 21.00 94.60
C HIS F 203 -4.72 21.48 96.04
N VAL F 204 -4.50 22.76 96.30
CA VAL F 204 -4.69 23.30 97.64
C VAL F 204 -6.19 23.35 97.95
N ARG F 205 -6.53 23.17 99.23
CA ARG F 205 -7.94 23.07 99.64
C ARG F 205 -8.71 24.33 99.31
N ASN F 206 -8.11 25.50 99.57
CA ASN F 206 -8.76 26.78 99.30
C ASN F 206 -7.88 27.55 98.33
N GLY F 207 -7.42 26.87 97.27
CA GLY F 207 -6.40 27.43 96.40
C GLY F 207 -6.92 28.32 95.29
N ALA F 208 -8.22 28.26 94.98
CA ALA F 208 -8.78 29.10 93.93
C ALA F 208 -8.66 30.58 94.29
N TRP F 209 -8.91 30.92 95.55
CA TRP F 209 -8.78 32.29 96.01
C TRP F 209 -7.33 32.77 95.93
N PHE F 210 -6.39 31.90 96.31
CA PHE F 210 -4.97 32.24 96.20
C PHE F 210 -4.57 32.45 94.76
N LEU F 211 -5.08 31.60 93.86
CA LEU F 211 -4.83 31.77 92.43
C LEU F 211 -5.37 33.09 91.92
N CYS F 212 -6.59 33.44 92.31
CA CYS F 212 -7.21 34.68 91.86
C CYS F 212 -6.40 35.90 92.31
N LEU F 213 -6.06 35.95 93.59
CA LEU F 213 -5.32 37.12 94.07
C LEU F 213 -3.90 37.15 93.54
N LEU F 214 -3.27 35.99 93.34
CA LEU F 214 -1.94 35.94 92.75
C LEU F 214 -1.94 36.47 91.32
N VAL F 215 -2.92 36.04 90.51
CA VAL F 215 -3.03 36.56 89.15
C VAL F 215 -3.35 38.05 89.19
N ALA F 216 -4.15 38.49 90.17
CA ALA F 216 -4.46 39.91 90.30
C ALA F 216 -3.21 40.73 90.60
N ASN F 217 -2.32 40.22 91.45
CA ASN F 217 -1.07 40.90 91.77
C ASN F 217 -0.04 40.84 90.64
N VAL F 218 -0.25 40.00 89.63
CA VAL F 218 0.62 39.94 88.46
C VAL F 218 -0.30 40.02 87.23
N PRO F 219 -0.77 41.22 86.88
CA PRO F 219 -1.81 41.35 85.84
C PRO F 219 -1.43 40.80 84.48
N ASP F 220 -0.14 40.89 84.10
CA ASP F 220 0.29 40.44 82.77
C ASP F 220 0.25 38.92 82.63
N SER F 221 0.05 38.19 83.71
CA SER F 221 0.14 36.73 83.71
C SER F 221 -1.18 36.03 83.40
N PHE F 222 -2.25 36.77 83.12
CA PHE F 222 -3.58 36.17 83.02
C PHE F 222 -3.64 35.13 81.90
N ASN F 223 -3.25 35.51 80.69
CA ASN F 223 -3.41 34.61 79.55
C ASN F 223 -2.45 33.42 79.63
N GLU F 224 -1.24 33.61 80.16
CA GLU F 224 -0.31 32.49 80.26
C GLU F 224 -0.77 31.45 81.28
N VAL F 225 -1.29 31.90 82.44
CA VAL F 225 -1.78 30.93 83.42
C VAL F 225 -3.04 30.26 82.89
N CYS F 226 -3.89 31.00 82.17
CA CYS F 226 -5.06 30.38 81.54
C CYS F 226 -4.62 29.31 80.54
N ARG F 227 -3.60 29.60 79.73
CA ARG F 227 -3.09 28.64 78.76
C ARG F 227 -2.54 27.41 79.48
N GLY F 228 -1.80 27.62 80.57
CA GLY F 228 -1.24 26.50 81.31
C GLY F 228 -2.29 25.61 81.92
N LEU F 229 -3.32 26.21 82.55
CA LEU F 229 -4.36 25.42 83.18
C LEU F 229 -5.22 24.70 82.15
N ILE F 230 -5.55 25.35 81.03
CA ILE F 230 -6.42 24.76 80.03
C ILE F 230 -5.77 23.54 79.35
N LYS F 231 -4.45 23.40 79.43
CA LYS F 231 -3.78 22.29 78.77
C LYS F 231 -3.75 21.01 79.60
N ASN F 232 -4.67 20.87 80.56
CA ASN F 232 -4.77 19.68 81.40
C ASN F 232 -6.23 19.25 81.49
N GLY F 233 -6.52 18.05 80.99
CA GLY F 233 -7.86 17.50 81.03
C GLY F 233 -8.63 17.72 79.74
N GLU F 234 -8.80 16.68 78.94
CA GLU F 234 -9.47 16.82 77.65
C GLU F 234 -10.98 16.94 77.80
N ARG F 235 -11.62 15.90 78.35
CA ARG F 235 -13.05 15.92 78.58
C ARG F 235 -13.34 16.56 79.94
N GLN F 236 -14.57 16.45 80.42
CA GLN F 236 -14.93 16.95 81.73
C GLN F 236 -14.49 16.03 82.86
N ASP F 237 -13.78 14.95 82.55
CA ASP F 237 -13.28 13.95 83.50
C ASP F 237 -14.42 13.24 84.24
N GLU F 238 -15.59 13.15 83.59
CA GLU F 238 -16.81 12.58 84.17
C GLU F 238 -17.19 13.28 85.48
N GLU F 239 -17.07 14.62 85.48
CA GLU F 239 -17.31 15.48 86.65
C GLU F 239 -16.42 15.11 87.84
N SER F 240 -15.15 14.79 87.56
CA SER F 240 -14.22 14.44 88.62
C SER F 240 -13.92 15.64 89.52
N LEU F 241 -13.39 15.34 90.71
CA LEU F 241 -13.06 16.40 91.67
C LEU F 241 -12.01 17.35 91.11
N GLY F 242 -10.96 16.81 90.49
CA GLY F 242 -9.92 17.66 89.92
C GLY F 242 -10.43 18.52 88.79
N GLY F 243 -11.22 17.93 87.88
CA GLY F 243 -11.80 18.69 86.79
C GLY F 243 -12.75 19.77 87.28
N ARG F 244 -13.58 19.44 88.27
CA ARG F 244 -14.51 20.42 88.83
C ARG F 244 -13.75 21.57 89.49
N ARG F 245 -12.69 21.26 90.24
CA ARG F 245 -11.90 22.30 90.87
C ARG F 245 -11.23 23.21 89.84
N ARG F 246 -10.67 22.61 88.76
CA ARG F 246 -10.05 23.40 87.71
C ARG F 246 -11.07 24.29 87.02
N THR F 247 -12.25 23.75 86.72
CA THR F 247 -13.31 24.52 86.09
C THR F 247 -13.77 25.67 86.98
N ASP F 248 -13.93 25.40 88.29
CA ASP F 248 -14.33 26.44 89.23
C ASP F 248 -13.28 27.56 89.32
N ALA F 249 -12.00 27.17 89.35
CA ALA F 249 -10.94 28.17 89.41
C ALA F 249 -10.93 29.04 88.16
N LEU F 250 -11.11 28.42 86.98
CA LEU F 250 -11.18 29.20 85.75
C LEU F 250 -12.41 30.09 85.73
N ARG F 251 -13.54 29.62 86.29
CA ARG F 251 -14.74 30.45 86.40
C ARG F 251 -14.48 31.69 87.25
N PHE F 252 -13.83 31.50 88.40
CA PHE F 252 -13.51 32.64 89.26
C PHE F 252 -12.54 33.59 88.58
N LEU F 253 -11.55 33.05 87.86
CA LEU F 253 -10.59 33.88 87.13
C LEU F 253 -11.31 34.71 86.07
N CYS F 254 -12.20 34.09 85.30
CA CYS F 254 -12.93 34.79 84.26
C CYS F 254 -13.87 35.83 84.85
N LYS F 255 -14.53 35.51 85.96
CA LYS F 255 -15.37 36.48 86.64
C LYS F 255 -14.53 37.65 87.17
N MET F 256 -13.26 37.40 87.45
CA MET F 256 -12.35 38.44 87.89
C MET F 256 -11.92 39.35 86.75
N ASN F 257 -11.84 38.82 85.52
CA ASN F 257 -11.47 39.59 84.33
C ASN F 257 -12.50 39.30 83.25
N PRO F 258 -13.69 39.90 83.33
CA PRO F 258 -14.77 39.55 82.39
C PRO F 258 -14.43 39.79 80.92
N SER F 259 -13.62 40.82 80.62
CA SER F 259 -13.36 41.17 79.23
C SER F 259 -12.62 40.07 78.49
N GLN F 260 -11.77 39.32 79.18
CA GLN F 260 -11.00 38.24 78.58
C GLN F 260 -11.67 36.87 78.72
N ALA F 261 -12.94 36.83 79.13
CA ALA F 261 -13.63 35.54 79.30
C ALA F 261 -13.75 34.81 77.96
N LEU F 262 -14.19 35.52 76.93
CA LEU F 262 -14.35 34.91 75.61
C LEU F 262 -13.02 34.52 75.01
N LYS F 263 -11.93 35.18 75.42
CA LYS F 263 -10.59 34.72 75.05
C LYS F 263 -10.31 33.33 75.63
N VAL F 264 -10.71 33.12 76.89
CA VAL F 264 -10.57 31.81 77.52
C VAL F 264 -11.43 30.79 76.80
N ARG F 265 -12.63 31.21 76.38
CA ARG F 265 -13.50 30.29 75.62
C ARG F 265 -12.87 29.89 74.29
N GLY F 266 -12.28 30.87 73.58
CA GLY F 266 -11.59 30.55 72.34
C GLY F 266 -10.42 29.62 72.54
N MET F 267 -9.67 29.82 73.63
CA MET F 267 -8.57 28.93 73.97
C MET F 267 -9.08 27.53 74.29
N VAL F 268 -10.23 27.45 74.98
CA VAL F 268 -10.86 26.16 75.28
C VAL F 268 -11.21 25.42 73.99
N VAL F 269 -11.80 26.15 73.03
CA VAL F 269 -12.17 25.54 71.76
C VAL F 269 -10.93 25.09 70.99
N GLU F 270 -9.89 25.93 70.98
CA GLU F 270 -8.67 25.61 70.26
C GLU F 270 -7.97 24.38 70.83
N GLU F 271 -7.87 24.31 72.16
CA GLU F 271 -7.20 23.20 72.82
C GLU F 271 -8.09 21.97 72.97
N CYS F 272 -9.41 22.12 72.77
CA CYS F 272 -10.39 21.03 72.90
C CYS F 272 -10.36 20.41 74.29
N HIS F 273 -10.18 21.27 75.30
CA HIS F 273 -10.12 20.88 76.69
C HIS F 273 -11.17 21.64 77.49
N LEU F 274 -11.89 20.92 78.35
CA LEU F 274 -12.87 21.44 79.32
C LEU F 274 -14.05 22.11 78.61
N PRO F 275 -14.87 21.37 77.84
CA PRO F 275 -16.05 21.97 77.20
C PRO F 275 -17.08 22.55 78.17
N GLY F 276 -17.26 21.90 79.33
CA GLY F 276 -18.20 22.40 80.31
C GLY F 276 -17.82 23.79 80.78
N LEU F 277 -16.52 24.05 80.90
CA LEU F 277 -16.04 25.38 81.22
C LEU F 277 -16.46 26.39 80.17
N GLY F 278 -16.34 26.01 78.89
CA GLY F 278 -16.74 26.91 77.82
C GLY F 278 -18.23 27.23 77.85
N VAL F 279 -19.05 26.21 78.08
CA VAL F 279 -20.49 26.41 78.17
C VAL F 279 -20.83 27.32 79.35
N ALA F 280 -20.19 27.09 80.49
CA ALA F 280 -20.43 27.91 81.67
C ALA F 280 -19.99 29.35 81.45
N LEU F 281 -18.86 29.54 80.77
CA LEU F 281 -18.39 30.89 80.45
C LEU F 281 -19.36 31.61 79.54
N THR F 282 -19.90 30.90 78.54
CA THR F 282 -20.90 31.49 77.66
C THR F 282 -22.14 31.91 78.44
N LEU F 283 -22.61 31.03 79.33
CA LEU F 283 -23.79 31.32 80.15
C LEU F 283 -23.55 32.53 81.04
N ASP F 284 -22.36 32.61 81.64
CA ASP F 284 -22.02 33.73 82.51
C ASP F 284 -21.94 35.04 81.71
N HIS F 285 -21.36 34.97 80.50
CA HIS F 285 -21.19 36.18 79.72
C HIS F 285 -22.50 36.68 79.11
N THR F 286 -23.51 35.82 78.97
CA THR F 286 -24.80 36.26 78.42
C THR F 286 -25.43 37.37 79.26
N LYS F 287 -25.22 37.34 80.58
CA LYS F 287 -25.75 38.37 81.46
C LYS F 287 -24.89 38.53 82.71
N ASP F 293 -33.29 42.33 70.58
CA ASP F 293 -32.91 41.14 71.34
C ASP F 293 -31.89 40.29 70.59
N GLY F 294 -32.05 40.24 69.26
CA GLY F 294 -31.15 39.51 68.40
C GLY F 294 -31.19 38.01 68.67
N VAL F 295 -30.05 37.36 68.47
CA VAL F 295 -29.89 35.94 68.71
C VAL F 295 -28.82 35.74 69.77
N SER F 296 -29.11 34.89 70.75
CA SER F 296 -28.21 34.65 71.87
C SER F 296 -26.87 34.12 71.38
N ASP F 297 -25.79 34.61 71.97
CA ASP F 297 -24.44 34.15 71.63
C ASP F 297 -24.25 32.67 71.94
N LEU F 298 -25.01 32.11 72.89
CA LEU F 298 -24.92 30.69 73.20
C LEU F 298 -25.34 29.85 71.99
N VAL F 299 -26.41 30.27 71.32
CA VAL F 299 -26.89 29.55 70.13
C VAL F 299 -25.82 29.56 69.06
N CYS F 300 -25.22 30.72 68.81
CA CYS F 300 -24.15 30.84 67.82
C CYS F 300 -22.95 29.97 68.18
N PHE F 301 -22.58 29.96 69.46
CA PHE F 301 -21.42 29.20 69.91
C PHE F 301 -21.62 27.70 69.72
N VAL F 302 -22.78 27.18 70.18
CA VAL F 302 -23.03 25.75 70.08
C VAL F 302 -23.21 25.34 68.62
N SER F 303 -23.85 26.20 67.81
CA SER F 303 -24.01 25.93 66.39
C SER F 303 -22.64 25.88 65.69
N GLY F 304 -21.74 26.80 66.07
CA GLY F 304 -20.40 26.78 65.51
C GLY F 304 -19.65 25.52 65.88
N LEU F 305 -19.77 25.08 67.14
CA LEU F 305 -19.10 23.87 67.59
C LEU F 305 -19.61 22.65 66.83
N LEU F 306 -20.94 22.54 66.69
CA LEU F 306 -21.52 21.32 66.13
C LEU F 306 -21.42 21.29 64.60
N LEU F 307 -21.69 22.41 63.94
CA LEU F 307 -21.78 22.46 62.48
C LEU F 307 -20.54 23.04 61.82
N GLY F 308 -19.45 23.21 62.57
CA GLY F 308 -18.24 23.78 62.01
C GLY F 308 -17.47 22.80 61.15
N THR F 309 -16.44 23.33 60.49
CA THR F 309 -15.62 22.52 59.59
C THR F 309 -14.80 21.48 60.35
N ASN F 310 -14.16 21.90 61.45
CA ASN F 310 -13.28 21.05 62.24
C ASN F 310 -14.06 19.88 62.83
N ALA F 311 -13.78 18.67 62.34
CA ALA F 311 -14.49 17.49 62.83
C ALA F 311 -14.05 17.06 64.23
N LYS F 312 -12.80 17.38 64.60
CA LYS F 312 -12.31 17.03 65.93
C LYS F 312 -13.11 17.74 67.01
N VAL F 313 -13.40 19.02 66.82
CA VAL F 313 -14.20 19.78 67.77
C VAL F 313 -15.61 19.20 67.86
N ARG F 314 -16.19 18.83 66.71
CA ARG F 314 -17.53 18.26 66.69
C ARG F 314 -17.58 16.96 67.47
N THR F 315 -16.63 16.05 67.22
CA THR F 315 -16.61 14.77 67.90
C THR F 315 -16.38 14.95 69.40
N TRP F 316 -15.46 15.86 69.77
CA TRP F 316 -15.15 16.11 71.17
C TRP F 316 -16.35 16.66 71.92
N PHE F 317 -17.03 17.66 71.33
CA PHE F 317 -18.21 18.23 71.98
C PHE F 317 -19.34 17.22 72.05
N GLY F 318 -19.51 16.41 71.01
CA GLY F 318 -20.53 15.38 71.02
C GLY F 318 -20.31 14.35 72.11
N THR F 319 -19.07 13.89 72.26
CA THR F 319 -18.75 12.95 73.33
C THR F 319 -19.00 13.57 74.69
N PHE F 320 -18.62 14.84 74.87
CA PHE F 320 -18.87 15.54 76.13
C PHE F 320 -20.35 15.58 76.48
N ILE F 321 -21.18 16.04 75.54
CA ILE F 321 -22.59 16.21 75.83
C ILE F 321 -23.27 14.85 76.03
N ARG F 322 -22.86 13.83 75.27
CA ARG F 322 -23.41 12.50 75.46
C ARG F 322 -23.08 11.96 76.84
N ASN F 323 -21.82 12.11 77.28
CA ASN F 323 -21.43 11.66 78.61
C ASN F 323 -22.18 12.44 79.69
N GLY F 324 -22.34 13.76 79.49
CA GLY F 324 -23.08 14.56 80.45
C GLY F 324 -24.54 14.15 80.57
N GLN F 325 -25.17 13.82 79.44
CA GLN F 325 -26.54 13.33 79.47
C GLN F 325 -26.64 11.98 80.19
N GLN F 326 -25.68 11.08 79.92
CA GLN F 326 -25.74 9.74 80.47
C GLN F 326 -25.66 9.75 82.00
N ARG F 327 -24.74 10.55 82.55
CA ARG F 327 -24.39 10.47 83.96
C ARG F 327 -25.32 11.34 84.82
N LYS F 328 -25.59 10.83 86.02
CA LYS F 328 -26.22 11.47 87.18
C LYS F 328 -27.73 11.63 87.05
N ARG F 329 -28.33 11.38 85.88
CA ARG F 329 -29.79 11.39 85.66
C ARG F 329 -30.45 12.67 86.18
N GLU F 330 -29.90 13.82 85.74
CA GLU F 330 -30.44 15.16 86.02
C GLU F 330 -30.45 15.47 87.52
N THR F 331 -29.25 15.53 88.10
CA THR F 331 -29.08 16.05 89.45
C THR F 331 -28.85 17.56 89.50
N SER F 332 -28.90 18.24 88.34
CA SER F 332 -28.76 19.69 88.17
C SER F 332 -27.37 20.20 88.49
N SER F 333 -26.38 19.31 88.65
CA SER F 333 -25.02 19.75 88.94
C SER F 333 -24.28 20.15 87.67
N SER F 334 -24.39 19.35 86.61
CA SER F 334 -23.68 19.61 85.37
C SER F 334 -24.21 20.87 84.70
N VAL F 335 -23.31 21.58 84.01
CA VAL F 335 -23.68 22.78 83.26
C VAL F 335 -24.53 22.47 82.03
N LEU F 336 -24.58 21.19 81.62
CA LEU F 336 -25.39 20.81 80.46
C LEU F 336 -26.86 21.11 80.68
N TRP F 337 -27.36 20.85 81.89
CA TRP F 337 -28.76 21.15 82.18
C TRP F 337 -29.02 22.64 82.23
N GLN F 338 -28.04 23.43 82.70
CA GLN F 338 -28.16 24.89 82.62
C GLN F 338 -28.26 25.36 81.18
N MET F 339 -27.43 24.79 80.29
CA MET F 339 -27.49 25.15 78.87
C MET F 339 -28.84 24.77 78.28
N ARG F 340 -29.34 23.58 78.61
CA ARG F 340 -30.63 23.13 78.10
C ARG F 340 -31.76 24.02 78.60
N ARG F 341 -31.71 24.44 79.87
CA ARG F 341 -32.71 25.35 80.40
C ARG F 341 -32.64 26.71 79.72
N GLN F 342 -31.42 27.19 79.41
CA GLN F 342 -31.28 28.43 78.65
C GLN F 342 -31.94 28.31 77.28
N LEU F 343 -31.71 27.19 76.61
CA LEU F 343 -32.33 26.95 75.30
C LEU F 343 -33.84 26.89 75.43
N LEU F 344 -34.35 26.28 76.50
CA LEU F 344 -35.78 26.22 76.75
C LEU F 344 -36.36 27.62 76.94
N LEU F 345 -35.64 28.47 77.67
CA LEU F 345 -36.08 29.86 77.86
C LEU F 345 -36.13 30.59 76.52
N GLU F 346 -35.13 30.36 75.66
CA GLU F 346 -35.14 30.94 74.33
C GLU F 346 -36.34 30.44 73.51
N LEU F 347 -36.64 29.14 73.62
CA LEU F 347 -37.80 28.55 72.96
C LEU F 347 -39.09 29.24 73.40
N MET F 348 -39.30 29.36 74.71
CA MET F 348 -40.49 30.05 75.19
C MET F 348 -40.51 31.50 74.72
N GLY F 349 -39.34 32.12 74.59
CA GLY F 349 -39.27 33.49 74.08
C GLY F 349 -39.73 33.62 72.64
N ILE F 350 -39.31 32.70 71.77
CA ILE F 350 -39.65 32.87 70.36
C ILE F 350 -41.11 32.51 70.05
N LEU F 351 -41.70 31.58 70.80
CA LEU F 351 -43.09 31.20 70.55
C LEU F 351 -44.02 32.39 70.82
N PRO F 352 -45.20 32.44 70.17
CA PRO F 352 -46.03 33.63 70.38
C PRO F 352 -46.72 33.66 71.74
N GLY F 376 -49.53 32.88 64.99
CA GLY F 376 -48.27 32.56 64.33
C GLY F 376 -47.11 33.41 64.79
N LEU F 377 -45.93 33.11 64.27
CA LEU F 377 -44.73 33.85 64.63
C LEU F 377 -44.76 35.28 64.09
N LYS F 378 -44.04 36.17 64.77
CA LYS F 378 -43.89 37.55 64.35
C LYS F 378 -43.10 37.63 63.03
N GLU F 379 -42.95 38.86 62.52
CA GLU F 379 -42.29 39.06 61.23
C GLU F 379 -40.85 38.57 61.23
N GLU F 380 -40.01 39.13 62.09
CA GLU F 380 -38.59 38.81 62.06
C GLU F 380 -38.21 37.65 62.97
N HIS F 381 -39.13 37.16 63.80
CA HIS F 381 -38.83 36.04 64.69
C HIS F 381 -38.74 34.71 63.97
N VAL F 382 -39.14 34.64 62.69
CA VAL F 382 -39.14 33.39 61.96
C VAL F 382 -37.72 32.85 61.76
N VAL F 383 -36.76 33.75 61.46
CA VAL F 383 -35.39 33.31 61.20
C VAL F 383 -34.74 32.77 62.46
N LYS F 384 -34.98 33.42 63.61
CA LYS F 384 -34.43 32.94 64.88
C LYS F 384 -35.00 31.58 65.26
N ALA F 385 -36.31 31.40 65.04
CA ALA F 385 -36.95 30.11 65.32
C ALA F 385 -36.34 29.01 64.46
N SER F 386 -36.13 29.30 63.18
CA SER F 386 -35.50 28.32 62.29
C SER F 386 -34.08 28.00 62.74
N ALA F 387 -33.35 29.03 63.20
CA ALA F 387 -32.00 28.82 63.70
C ALA F 387 -32.00 27.91 64.93
N LEU F 388 -32.96 28.12 65.84
CA LEU F 388 -33.06 27.26 67.01
C LEU F 388 -33.42 25.84 66.61
N LEU F 389 -34.29 25.68 65.60
CA LEU F 389 -34.59 24.35 65.09
C LEU F 389 -33.36 23.67 64.52
N ARG F 390 -32.54 24.42 63.78
CA ARG F 390 -31.28 23.87 63.26
C ARG F 390 -30.34 23.48 64.38
N LEU F 391 -30.27 24.30 65.43
CA LEU F 391 -29.41 23.98 66.57
C LEU F 391 -29.86 22.71 67.27
N TYR F 392 -31.17 22.56 67.48
CA TYR F 392 -31.70 21.35 68.10
C TYR F 392 -31.54 20.14 67.20
N CYS F 393 -31.62 20.35 65.88
CA CYS F 393 -31.33 19.27 64.94
C CYS F 393 -29.89 18.81 65.07
N ALA F 394 -28.96 19.78 65.16
CA ALA F 394 -27.55 19.45 65.34
C ALA F 394 -27.34 18.66 66.62
N LEU F 395 -28.00 19.10 67.71
CA LEU F 395 -27.92 18.39 68.99
C LEU F 395 -28.42 16.95 68.85
N MET F 396 -29.70 16.79 68.53
CA MET F 396 -30.31 15.46 68.48
C MET F 396 -29.71 14.56 67.41
N GLY F 397 -29.03 15.11 66.42
CA GLY F 397 -28.40 14.30 65.40
C GLY F 397 -27.00 13.86 65.75
N ILE F 398 -26.11 14.84 66.00
CA ILE F 398 -24.71 14.51 66.25
C ILE F 398 -24.54 14.02 67.68
N ALA F 399 -25.06 14.79 68.64
CA ALA F 399 -24.88 14.48 70.06
C ALA F 399 -25.61 13.22 70.49
N GLY F 400 -26.71 12.89 69.82
CA GLY F 400 -27.57 11.83 70.34
C GLY F 400 -28.23 12.19 71.66
N LEU F 401 -28.59 13.45 71.84
CA LEU F 401 -29.23 13.89 73.07
C LEU F 401 -30.69 13.49 73.06
N LYS F 402 -31.08 12.56 73.92
CA LYS F 402 -32.47 12.16 74.03
C LYS F 402 -33.26 13.31 74.63
N PRO F 403 -34.24 13.86 73.92
CA PRO F 403 -35.00 15.00 74.46
C PRO F 403 -35.91 14.59 75.61
N THR F 404 -36.18 15.56 76.48
CA THR F 404 -37.11 15.36 77.58
C THR F 404 -38.53 15.65 77.09
N GLU F 405 -39.51 15.27 77.92
CA GLU F 405 -40.92 15.39 77.54
C GLU F 405 -41.32 16.86 77.33
N GLU F 406 -40.90 17.75 78.24
CA GLU F 406 -41.16 19.17 78.04
C GLU F 406 -40.43 19.70 76.80
N GLU F 407 -39.20 19.22 76.56
CA GLU F 407 -38.46 19.60 75.35
C GLU F 407 -39.24 19.20 74.10
N ALA F 408 -39.74 17.96 74.09
CA ALA F 408 -40.52 17.48 72.96
C ALA F 408 -41.79 18.32 72.77
N GLU F 409 -42.46 18.66 73.87
CA GLU F 409 -43.69 19.45 73.77
C GLU F 409 -43.41 20.83 73.18
N GLN F 410 -42.35 21.51 73.67
CA GLN F 410 -42.00 22.83 73.13
C GLN F 410 -41.61 22.74 71.67
N LEU F 411 -40.82 21.73 71.30
CA LEU F 411 -40.41 21.56 69.90
C LEU F 411 -41.62 21.36 69.01
N LEU F 412 -42.53 20.47 69.39
CA LEU F 412 -43.72 20.21 68.58
C LEU F 412 -44.61 21.44 68.49
N GLN F 413 -44.71 22.22 69.58
CA GLN F 413 -45.42 23.50 69.49
C GLN F 413 -44.76 24.43 68.48
N LEU F 414 -43.43 24.41 68.42
CA LEU F 414 -42.72 25.25 67.46
C LEU F 414 -42.95 24.78 66.02
N MET F 415 -43.03 23.47 65.80
CA MET F 415 -43.28 22.94 64.46
C MET F 415 -44.63 23.41 63.93
N THR F 416 -45.66 23.40 64.77
CA THR F 416 -47.04 23.65 64.37
C THR F 416 -47.32 25.08 63.95
N SER F 417 -46.39 26.01 64.17
CA SER F 417 -46.63 27.41 63.85
C SER F 417 -46.80 27.64 62.36
N ARG F 418 -47.34 28.82 62.03
CA ARG F 418 -47.73 29.17 60.66
C ARG F 418 -47.09 30.50 60.26
N PRO F 419 -45.84 30.47 59.82
CA PRO F 419 -45.16 31.72 59.38
C PRO F 419 -45.86 32.30 58.16
N PRO F 420 -45.58 33.58 57.81
CA PRO F 420 -46.42 34.23 56.78
C PRO F 420 -46.02 33.95 55.35
N ALA F 421 -45.72 32.68 55.03
CA ALA F 421 -45.53 32.19 53.65
C ALA F 421 -44.47 32.98 52.88
N THR F 422 -43.50 33.53 53.60
CA THR F 422 -42.35 34.21 53.01
C THR F 422 -41.30 33.16 52.66
N PRO F 423 -40.23 33.54 51.92
CA PRO F 423 -39.12 32.59 51.73
C PRO F 423 -38.55 32.06 53.04
N ALA F 424 -38.47 32.92 54.06
CA ALA F 424 -38.16 32.45 55.41
C ALA F 424 -39.19 31.46 55.89
N GLY F 425 -40.47 31.71 55.61
CA GLY F 425 -41.51 30.76 55.97
C GLY F 425 -41.35 29.43 55.26
N VAL F 426 -40.99 29.47 53.98
CA VAL F 426 -40.76 28.25 53.21
C VAL F 426 -39.60 27.46 53.81
N ARG F 427 -38.51 28.16 54.14
CA ARG F 427 -37.35 27.51 54.76
C ARG F 427 -37.75 26.90 56.10
N PHE F 428 -38.55 27.64 56.89
CA PHE F 428 -38.96 27.18 58.21
C PHE F 428 -39.82 25.94 58.11
N VAL F 429 -40.80 25.92 57.19
CA VAL F 429 -41.68 24.76 57.08
C VAL F 429 -40.91 23.56 56.54
N SER F 430 -39.97 23.76 55.62
CA SER F 430 -39.15 22.66 55.14
C SER F 430 -38.33 22.07 56.28
N LEU F 431 -37.72 22.94 57.10
CA LEU F 431 -36.93 22.49 58.25
C LEU F 431 -37.81 21.75 59.25
N SER F 432 -39.01 22.26 59.50
CA SER F 432 -39.90 21.59 60.44
C SER F 432 -40.34 20.23 59.92
N PHE F 433 -40.60 20.13 58.60
CA PHE F 433 -40.99 18.86 58.01
C PHE F 433 -39.84 17.86 58.08
N CYS F 434 -38.62 18.32 57.80
CA CYS F 434 -37.46 17.48 57.98
C CYS F 434 -37.28 17.08 59.43
N MET F 435 -37.60 18.00 60.35
CA MET F 435 -37.55 17.71 61.77
C MET F 435 -38.47 16.57 62.13
N LEU F 436 -39.72 16.65 61.66
CA LEU F 436 -40.69 15.60 61.94
C LEU F 436 -40.26 14.27 61.31
N LEU F 437 -39.70 14.33 60.10
CA LEU F 437 -39.21 13.12 59.44
C LEU F 437 -38.06 12.47 60.20
N ALA F 438 -37.11 13.26 60.70
CA ALA F 438 -35.90 12.67 61.27
C ALA F 438 -36.18 11.94 62.58
N PHE F 439 -37.06 12.51 63.42
CA PHE F 439 -37.27 12.07 64.80
C PHE F 439 -38.75 11.78 65.04
N SER F 440 -39.15 10.53 64.84
CA SER F 440 -40.51 10.12 65.15
C SER F 440 -40.73 9.94 66.65
N THR F 441 -39.65 9.79 67.43
CA THR F 441 -39.79 9.73 68.87
C THR F 441 -40.22 11.07 69.46
N LEU F 442 -39.97 12.17 68.74
CA LEU F 442 -40.32 13.50 69.22
C LEU F 442 -41.83 13.65 69.35
N VAL F 443 -42.58 13.22 68.33
CA VAL F 443 -44.02 13.37 68.34
C VAL F 443 -44.67 12.43 69.36
N SER F 444 -44.21 11.16 69.41
CA SER F 444 -44.60 10.18 70.42
C SER F 444 -46.10 9.88 70.47
N THR F 445 -46.82 10.56 71.36
CA THR F 445 -48.16 10.17 71.76
C THR F 445 -49.20 10.55 70.70
N PRO F 446 -50.38 9.90 70.70
CA PRO F 446 -51.34 10.12 69.59
C PRO F 446 -51.86 11.53 69.41
N GLU F 447 -52.10 12.30 70.49
CA GLU F 447 -52.65 13.65 70.32
C GLU F 447 -51.66 14.54 69.58
N GLN F 448 -50.37 14.42 69.88
CA GLN F 448 -49.36 15.15 69.13
C GLN F 448 -49.30 14.67 67.69
N GLU F 449 -49.55 13.37 67.47
CA GLU F 449 -49.57 12.83 66.11
C GLU F 449 -50.69 13.45 65.28
N GLN F 450 -51.91 13.50 65.83
CA GLN F 450 -53.01 14.10 65.06
C GLN F 450 -52.83 15.61 64.91
N LEU F 451 -52.18 16.25 65.90
CA LEU F 451 -51.78 17.64 65.75
C LEU F 451 -50.84 17.81 64.56
N MET F 452 -49.86 16.92 64.42
CA MET F 452 -48.94 17.03 63.30
C MET F 452 -49.62 16.73 61.97
N VAL F 453 -50.59 15.81 61.94
CA VAL F 453 -51.24 15.51 60.66
C VAL F 453 -52.17 16.64 60.24
N VAL F 454 -52.86 17.29 61.19
CA VAL F 454 -53.67 18.46 60.79
C VAL F 454 -52.75 19.59 60.35
N TRP F 455 -51.57 19.74 60.97
CA TRP F 455 -50.60 20.72 60.51
C TRP F 455 -50.14 20.41 59.08
N LEU F 456 -49.88 19.13 58.79
CA LEU F 456 -49.47 18.74 57.45
C LEU F 456 -50.58 19.01 56.43
N SER F 457 -51.83 18.74 56.80
CA SER F 457 -52.96 19.01 55.92
C SER F 457 -53.07 20.51 55.62
N TRP F 458 -52.91 21.34 56.65
CA TRP F 458 -52.94 22.79 56.44
C TRP F 458 -51.80 23.22 55.53
N MET F 459 -50.62 22.65 55.72
CA MET F 459 -49.48 22.98 54.86
C MET F 459 -49.76 22.58 53.41
N ILE F 460 -50.41 21.43 53.21
CA ILE F 460 -50.82 21.02 51.87
C ILE F 460 -51.76 22.06 51.26
N LYS F 461 -52.73 22.53 52.04
CA LYS F 461 -53.72 23.48 51.56
C LYS F 461 -53.11 24.83 51.18
N GLU F 462 -51.95 25.16 51.72
CA GLU F 462 -51.31 26.45 51.43
C GLU F 462 -50.76 26.44 50.00
N GLU F 463 -50.78 27.60 49.35
CA GLU F 463 -50.27 27.74 47.99
C GLU F 463 -49.07 28.67 47.85
N ALA F 464 -48.95 29.71 48.67
CA ALA F 464 -47.89 30.70 48.50
C ALA F 464 -46.49 30.16 48.76
N TYR F 465 -46.36 28.97 49.37
CA TYR F 465 -45.04 28.36 49.57
C TYR F 465 -44.33 28.03 48.27
N PHE F 466 -45.06 27.95 47.15
CA PHE F 466 -44.51 27.43 45.89
C PHE F 466 -44.08 28.54 44.95
N GLU F 467 -43.54 29.63 45.50
CA GLU F 467 -43.07 30.74 44.70
C GLU F 467 -41.74 31.28 45.24
N SER F 475 -38.13 24.78 46.54
CA SER F 475 -39.03 25.22 47.60
C SER F 475 -39.60 24.02 48.36
N PHE F 476 -40.54 24.30 49.27
CA PHE F 476 -41.08 23.28 50.15
C PHE F 476 -41.93 22.26 49.39
N GLY F 477 -42.72 22.72 48.41
CA GLY F 477 -43.59 21.81 47.68
C GLY F 477 -42.83 20.72 46.96
N GLU F 478 -41.66 21.06 46.39
CA GLU F 478 -40.86 20.09 45.66
C GLU F 478 -40.40 18.96 46.57
N MET F 479 -39.82 19.30 47.73
CA MET F 479 -39.34 18.26 48.62
C MET F 479 -40.49 17.47 49.23
N LEU F 480 -41.63 18.13 49.48
CA LEU F 480 -42.81 17.41 49.99
C LEU F 480 -43.28 16.37 48.98
N LEU F 481 -43.36 16.77 47.70
CA LEU F 481 -43.71 15.82 46.65
C LEU F 481 -42.68 14.70 46.57
N LEU F 482 -41.40 15.05 46.69
CA LEU F 482 -40.33 14.07 46.61
C LEU F 482 -40.45 13.03 47.72
N VAL F 483 -40.68 13.48 48.96
CA VAL F 483 -40.78 12.54 50.07
C VAL F 483 -42.03 11.69 49.94
N ALA F 484 -43.13 12.26 49.43
CA ALA F 484 -44.33 11.45 49.19
C ALA F 484 -44.05 10.34 48.19
N MET F 485 -43.38 10.67 47.08
CA MET F 485 -43.04 9.66 46.09
C MET F 485 -42.07 8.62 46.64
N TYR F 486 -41.10 9.06 47.45
CA TYR F 486 -40.16 8.10 48.04
C TYR F 486 -40.88 7.14 48.97
N PHE F 487 -41.81 7.64 49.79
CA PHE F 487 -42.60 6.76 50.65
C PHE F 487 -43.43 5.77 49.83
N HIS F 488 -44.05 6.25 48.75
CA HIS F 488 -44.83 5.36 47.89
C HIS F 488 -43.96 4.27 47.28
N SER F 489 -42.76 4.64 46.82
CA SER F 489 -41.78 3.68 46.31
C SER F 489 -41.01 2.97 47.40
N ASN F 490 -41.10 3.43 48.67
CA ASN F 490 -40.41 2.86 49.83
C ASN F 490 -38.89 3.01 49.71
N GLN F 491 -38.43 4.06 49.04
CA GLN F 491 -36.99 4.40 48.96
C GLN F 491 -36.59 5.23 50.18
N LEU F 492 -36.58 4.56 51.34
CA LEU F 492 -36.31 5.24 52.60
C LEU F 492 -34.89 5.80 52.65
N SER F 493 -33.92 5.10 52.06
CA SER F 493 -32.55 5.63 51.98
C SER F 493 -32.51 6.97 51.25
N ALA F 494 -33.33 7.12 50.21
CA ALA F 494 -33.44 8.40 49.51
C ALA F 494 -34.06 9.46 50.41
N ILE F 495 -35.01 9.05 51.26
CA ILE F 495 -35.58 9.96 52.25
C ILE F 495 -34.49 10.49 53.16
N ILE F 496 -33.62 9.59 53.63
CA ILE F 496 -32.54 9.99 54.52
C ILE F 496 -31.60 10.96 53.82
N ASP F 497 -31.26 10.66 52.56
CA ASP F 497 -30.36 11.53 51.80
C ASP F 497 -30.96 12.92 51.61
N LEU F 498 -32.24 12.99 51.22
CA LEU F 498 -32.90 14.27 51.00
C LEU F 498 -32.99 15.07 52.29
N VAL F 499 -33.35 14.41 53.39
CA VAL F 499 -33.50 15.09 54.68
C VAL F 499 -32.16 15.64 55.14
N CYS F 500 -31.10 14.82 55.04
CA CYS F 500 -29.77 15.26 55.45
C CYS F 500 -29.29 16.42 54.60
N SER F 501 -29.53 16.36 53.28
CA SER F 501 -29.13 17.47 52.41
C SER F 501 -29.89 18.75 52.77
N THR F 502 -31.19 18.63 53.05
CA THR F 502 -31.99 19.81 53.36
C THR F 502 -31.55 20.45 54.67
N LEU F 503 -31.26 19.64 55.69
CA LEU F 503 -30.88 20.20 56.98
C LEU F 503 -29.44 20.71 56.96
N GLY F 504 -28.49 19.83 56.63
CA GLY F 504 -27.10 20.24 56.53
C GLY F 504 -26.13 19.46 57.39
N MET F 505 -26.49 18.23 57.75
CA MET F 505 -25.60 17.36 58.50
C MET F 505 -25.96 15.92 58.21
N LYS F 506 -25.05 15.00 58.54
CA LYS F 506 -25.30 13.57 58.38
C LYS F 506 -25.79 12.98 59.70
N ILE F 507 -26.92 12.29 59.65
CA ILE F 507 -27.57 11.72 60.84
C ILE F 507 -28.06 10.32 60.51
N VAL F 508 -27.86 9.39 61.44
CA VAL F 508 -28.45 8.06 61.37
C VAL F 508 -29.88 8.14 61.88
N ILE F 509 -30.83 7.67 61.07
CA ILE F 509 -32.25 7.96 61.29
C ILE F 509 -33.04 6.73 61.73
N LYS F 510 -32.48 5.50 61.63
CA LYS F 510 -33.16 4.25 61.99
C LYS F 510 -34.47 4.12 61.21
N PRO F 511 -34.42 3.77 59.90
CA PRO F 511 -35.60 3.80 59.01
C PRO F 511 -36.89 3.13 59.47
N SER F 512 -36.85 2.29 60.51
CA SER F 512 -38.07 1.69 61.05
C SER F 512 -39.04 2.77 61.50
N SER F 513 -38.52 3.81 62.16
CA SER F 513 -39.33 4.98 62.51
C SER F 513 -39.92 5.64 61.28
N LEU F 514 -39.13 5.71 60.19
CA LEU F 514 -39.66 6.27 58.94
C LEU F 514 -40.78 5.40 58.37
N SER F 515 -40.69 4.07 58.53
CA SER F 515 -41.79 3.22 58.10
C SER F 515 -43.04 3.49 58.92
N ARG F 516 -42.88 3.66 60.24
CA ARG F 516 -44.02 3.96 61.10
C ARG F 516 -44.69 5.28 60.70
N MET F 517 -43.87 6.31 60.44
CA MET F 517 -44.42 7.59 59.97
C MET F 517 -45.07 7.43 58.60
N LYS F 518 -44.41 6.69 57.70
CA LYS F 518 -44.87 6.51 56.33
C LYS F 518 -46.23 5.84 56.29
N THR F 519 -46.50 4.92 57.22
CA THR F 519 -47.80 4.27 57.32
C THR F 519 -48.94 5.29 57.33
N ILE F 520 -48.98 6.13 58.37
CA ILE F 520 -50.03 7.14 58.50
C ILE F 520 -49.95 8.15 57.35
N PHE F 521 -48.72 8.57 57.00
CA PHE F 521 -48.50 9.58 55.95
C PHE F 521 -49.18 9.16 54.64
N THR F 522 -48.77 8.02 54.10
CA THR F 522 -49.34 7.53 52.86
C THR F 522 -50.82 7.18 53.02
N GLN F 523 -51.20 6.46 54.09
CA GLN F 523 -52.56 5.91 54.14
C GLN F 523 -53.60 7.01 54.34
N GLU F 524 -53.24 8.12 55.00
CA GLU F 524 -54.21 9.17 55.26
C GLU F 524 -53.87 10.49 54.57
N ILE F 525 -52.67 11.02 54.76
CA ILE F 525 -52.36 12.39 54.35
C ILE F 525 -51.90 12.49 52.90
N PHE F 526 -51.39 11.39 52.32
CA PHE F 526 -50.98 11.41 50.92
C PHE F 526 -51.38 10.10 50.23
N THR F 527 -52.59 10.10 49.68
CA THR F 527 -52.99 9.11 48.69
C THR F 527 -52.44 9.53 47.33
N GLU F 528 -52.56 8.61 46.35
CA GLU F 528 -52.03 8.88 45.02
C GLU F 528 -52.77 10.04 44.35
N GLN F 529 -54.07 10.18 44.59
CA GLN F 529 -54.85 11.26 43.99
C GLN F 529 -54.37 12.62 44.46
N VAL F 530 -54.26 12.80 45.78
CA VAL F 530 -53.91 14.11 46.33
C VAL F 530 -52.48 14.49 45.97
N VAL F 531 -51.55 13.52 46.00
CA VAL F 531 -50.18 13.82 45.62
C VAL F 531 -50.10 14.16 44.14
N THR F 532 -50.92 13.51 43.29
CA THR F 532 -50.97 13.87 41.88
C THR F 532 -51.46 15.30 41.69
N ALA F 533 -52.51 15.68 42.42
CA ALA F 533 -53.04 17.04 42.35
C ALA F 533 -51.99 18.06 42.80
N HIS F 534 -51.29 17.75 43.89
CA HIS F 534 -50.22 18.65 44.33
C HIS F 534 -49.11 18.74 43.29
N ALA F 535 -48.77 17.61 42.67
CA ALA F 535 -47.69 17.58 41.69
C ALA F 535 -48.00 18.46 40.49
N VAL F 536 -49.24 18.42 39.98
CA VAL F 536 -49.57 19.37 38.93
C VAL F 536 -49.58 20.80 39.48
N ARG F 537 -49.93 20.99 40.75
CA ARG F 537 -49.82 22.32 41.33
C ARG F 537 -48.36 22.76 41.50
N VAL F 538 -47.42 21.81 41.58
CA VAL F 538 -46.02 22.15 41.86
C VAL F 538 -45.46 22.97 40.71
N PRO F 539 -44.65 24.01 40.96
CA PRO F 539 -44.05 24.75 39.86
C PRO F 539 -42.95 23.97 39.17
N VAL F 540 -42.66 24.36 37.94
CA VAL F 540 -41.61 23.70 37.17
C VAL F 540 -40.24 24.21 37.63
N THR F 541 -39.20 23.44 37.28
CA THR F 541 -37.83 23.82 37.57
C THR F 541 -37.30 24.66 36.41
N SER F 542 -37.20 25.97 36.63
CA SER F 542 -36.75 26.87 35.57
C SER F 542 -35.31 26.59 35.19
N ASN F 543 -35.05 26.55 33.87
CA ASN F 543 -33.71 26.42 33.30
C ASN F 543 -33.02 25.13 33.76
N LEU F 544 -33.77 24.03 33.81
CA LEU F 544 -33.19 22.77 34.25
C LEU F 544 -32.20 22.25 33.20
N SER F 545 -31.22 21.48 33.68
CA SER F 545 -30.14 20.94 32.86
C SER F 545 -29.24 20.03 33.68
N ALA F 546 -28.27 19.41 33.02
CA ALA F 546 -27.31 18.54 33.70
C ALA F 546 -26.46 19.28 34.72
N ASN F 547 -26.38 20.61 34.63
CA ASN F 547 -25.66 21.40 35.63
C ASN F 547 -26.24 21.20 37.02
N ILE F 548 -27.56 21.29 37.16
CA ILE F 548 -28.23 21.02 38.41
C ILE F 548 -28.55 19.53 38.50
N THR F 549 -28.17 18.91 39.60
CA THR F 549 -28.26 17.47 39.74
C THR F 549 -29.21 17.13 40.89
N GLY F 550 -29.29 15.84 41.20
CA GLY F 550 -30.24 15.36 42.20
C GLY F 550 -31.64 15.26 41.63
N PHE F 551 -32.51 14.61 42.41
CA PHE F 551 -33.90 14.46 42.01
C PHE F 551 -34.60 15.81 41.92
N LEU F 552 -35.62 15.86 41.08
CA LEU F 552 -36.29 17.12 40.73
C LEU F 552 -37.74 16.79 40.46
N PRO F 553 -38.63 17.81 40.41
CA PRO F 553 -40.05 17.52 40.14
C PRO F 553 -40.29 16.82 38.81
N ILE F 554 -39.40 16.99 37.84
CA ILE F 554 -39.50 16.25 36.58
C ILE F 554 -39.44 14.76 36.82
N HIS F 555 -38.58 14.32 37.76
CA HIS F 555 -38.50 12.90 38.11
C HIS F 555 -39.81 12.41 38.70
N CYS F 556 -40.41 13.21 39.59
CA CYS F 556 -41.68 12.83 40.21
C CYS F 556 -42.78 12.72 39.16
N ILE F 557 -42.84 13.69 38.23
CA ILE F 557 -43.83 13.64 37.16
C ILE F 557 -43.61 12.42 36.29
N TYR F 558 -42.35 12.09 36.02
CA TYR F 558 -42.01 10.91 35.22
C TYR F 558 -42.46 9.63 35.90
N GLN F 559 -42.22 9.53 37.22
CA GLN F 559 -42.65 8.34 37.95
C GLN F 559 -44.17 8.22 37.98
N LEU F 560 -44.87 9.34 38.18
CA LEU F 560 -46.33 9.32 38.16
C LEU F 560 -46.86 8.92 36.80
N LEU F 561 -46.27 9.47 35.74
CA LEU F 561 -46.70 9.15 34.38
C LEU F 561 -46.44 7.69 34.03
N ARG F 562 -45.31 7.15 34.50
CA ARG F 562 -45.03 5.72 34.35
C ARG F 562 -46.13 4.87 34.99
N SER F 563 -46.67 5.32 36.12
CA SER F 563 -47.74 4.61 36.81
C SER F 563 -49.12 4.88 36.23
N ARG F 564 -49.22 5.74 35.20
CA ARG F 564 -50.50 6.08 34.54
C ARG F 564 -51.49 6.71 35.52
N SER F 565 -50.97 7.43 36.51
CA SER F 565 -51.80 7.93 37.60
C SER F 565 -52.72 9.07 37.16
N PHE F 566 -52.23 9.95 36.27
CA PHE F 566 -53.00 11.15 35.91
C PHE F 566 -54.32 10.80 35.25
N THR F 567 -54.30 9.83 34.32
CA THR F 567 -55.55 9.41 33.69
C THR F 567 -56.47 8.72 34.68
N LYS F 568 -55.92 7.98 35.64
CA LYS F 568 -56.73 7.38 36.69
C LYS F 568 -57.42 8.45 37.53
N HIS F 569 -56.71 9.52 37.86
CA HIS F 569 -57.22 10.55 38.76
C HIS F 569 -57.79 11.75 38.02
N LYS F 570 -57.85 11.70 36.69
CA LYS F 570 -58.47 12.74 35.84
C LYS F 570 -57.80 14.09 36.07
N VAL F 571 -56.50 14.15 35.75
CA VAL F 571 -55.70 15.36 35.94
C VAL F 571 -55.01 15.72 34.63
N SER F 572 -55.11 17.00 34.25
CA SER F 572 -54.55 17.52 33.00
C SER F 572 -53.08 17.84 33.16
N ILE F 573 -52.23 16.82 32.96
CA ILE F 573 -50.78 16.98 33.06
C ILE F 573 -50.20 17.82 31.92
N LYS F 574 -50.95 18.00 30.82
CA LYS F 574 -50.39 18.57 29.59
C LYS F 574 -49.85 19.98 29.79
N ASP F 575 -50.57 20.82 30.53
CA ASP F 575 -50.15 22.20 30.75
C ASP F 575 -48.81 22.25 31.48
N TRP F 576 -48.64 21.39 32.49
CA TRP F 576 -47.40 21.35 33.25
C TRP F 576 -46.22 20.95 32.37
N ILE F 577 -46.42 19.91 31.55
CA ILE F 577 -45.34 19.43 30.67
C ILE F 577 -44.97 20.50 29.66
N TYR F 578 -45.97 21.17 29.09
CA TYR F 578 -45.69 22.24 28.13
C TYR F 578 -44.90 23.36 28.78
N ARG F 579 -45.35 23.84 29.94
CA ARG F 579 -44.67 24.95 30.60
C ARG F 579 -43.27 24.55 31.06
N GLN F 580 -43.08 23.29 31.44
CA GLN F 580 -41.75 22.81 31.82
C GLN F 580 -40.83 22.84 30.61
N LEU F 581 -41.29 22.31 29.46
CA LEU F 581 -40.49 22.30 28.26
C LEU F 581 -40.15 23.71 27.78
N CYS F 582 -41.06 24.67 27.99
CA CYS F 582 -40.74 26.07 27.69
C CYS F 582 -39.56 26.59 28.50
N GLU F 583 -39.37 26.10 29.72
CA GLU F 583 -38.30 26.55 30.60
C GLU F 583 -37.16 25.52 30.54
N THR F 584 -36.17 25.78 29.69
CA THR F 584 -35.03 24.86 29.57
C THR F 584 -33.82 25.66 29.13
N SER F 585 -32.65 25.23 29.62
CA SER F 585 -31.36 25.84 29.30
C SER F 585 -30.61 24.92 28.35
N THR F 586 -29.41 25.37 27.94
CA THR F 586 -28.70 24.70 26.85
C THR F 586 -28.29 23.24 27.14
N PRO F 587 -27.73 22.85 28.29
CA PRO F 587 -27.46 21.42 28.48
C PRO F 587 -28.75 20.65 28.68
N LEU F 588 -28.77 19.41 28.20
CA LEU F 588 -29.98 18.60 28.20
C LEU F 588 -30.07 17.78 29.48
N HIS F 589 -31.12 18.02 30.26
CA HIS F 589 -31.39 17.18 31.40
C HIS F 589 -31.79 15.80 30.91
N PRO F 590 -31.16 14.73 31.40
CA PRO F 590 -31.40 13.39 30.82
C PRO F 590 -32.83 12.90 30.91
N GLN F 591 -33.62 13.39 31.85
CA GLN F 591 -34.97 12.87 32.08
C GLN F 591 -36.00 13.46 31.12
N LEU F 592 -35.64 14.47 30.32
CA LEU F 592 -36.62 15.12 29.45
C LEU F 592 -37.14 14.18 28.37
N LEU F 593 -36.23 13.46 27.70
CA LEU F 593 -36.64 12.59 26.60
C LEU F 593 -37.50 11.42 27.08
N PRO F 594 -37.13 10.67 28.15
CA PRO F 594 -38.08 9.67 28.66
C PRO F 594 -39.41 10.26 29.10
N LEU F 595 -39.40 11.48 29.65
CA LEU F 595 -40.65 12.14 30.04
C LEU F 595 -41.55 12.32 28.83
N ILE F 596 -41.00 12.86 27.74
CA ILE F 596 -41.80 13.08 26.53
C ILE F 596 -42.26 11.75 25.95
N ASP F 597 -41.40 10.73 25.95
CA ASP F 597 -41.78 9.42 25.43
C ASP F 597 -42.95 8.83 26.20
N VAL F 598 -42.86 8.86 27.53
CA VAL F 598 -43.94 8.31 28.36
C VAL F 598 -45.21 9.13 28.18
N TYR F 599 -45.09 10.45 28.11
CA TYR F 599 -46.25 11.32 27.94
C TYR F 599 -46.96 11.03 26.63
N ILE F 600 -46.20 10.85 25.55
CA ILE F 600 -46.79 10.46 24.27
C ILE F 600 -47.43 9.08 24.38
N ASN F 601 -46.76 8.15 25.07
CA ASN F 601 -47.34 6.84 25.34
C ASN F 601 -48.60 6.99 26.18
N SER F 602 -48.63 7.97 27.09
CA SER F 602 -49.80 8.24 27.92
C SER F 602 -50.99 8.75 27.10
N ILE F 603 -50.75 9.27 25.89
CA ILE F 603 -51.82 9.77 25.03
C ILE F 603 -52.53 8.63 24.31
N LEU F 604 -52.07 7.39 24.47
CA LEU F 604 -52.61 6.29 23.70
C LEU F 604 -53.13 5.18 24.60
N THR F 605 -53.88 5.54 25.63
CA THR F 605 -54.55 4.58 26.48
C THR F 605 -55.95 4.30 25.92
N PRO F 606 -56.46 3.04 25.99
CA PRO F 606 -57.76 2.75 25.34
C PRO F 606 -58.95 3.49 25.92
N ALA F 607 -59.18 3.37 27.22
CA ALA F 607 -60.40 3.94 27.82
C ALA F 607 -60.32 5.47 27.86
N SER F 608 -59.32 6.00 28.54
CA SER F 608 -59.14 7.44 28.63
C SER F 608 -57.65 7.75 28.69
N LYS F 609 -57.23 8.75 27.93
CA LYS F 609 -55.81 9.09 27.80
C LYS F 609 -55.61 10.58 28.09
N SER F 610 -54.38 10.92 28.46
CA SER F 610 -54.04 12.31 28.77
C SER F 610 -54.18 13.18 27.54
N ASN F 611 -54.57 14.43 27.75
CA ASN F 611 -54.82 15.35 26.66
C ASN F 611 -53.49 15.68 25.96
N PRO F 612 -53.41 15.55 24.64
CA PRO F 612 -52.20 15.97 23.93
C PRO F 612 -52.11 17.49 23.86
N GLU F 613 -50.90 17.96 23.57
CA GLU F 613 -50.66 19.40 23.43
C GLU F 613 -51.51 19.99 22.32
N ALA F 614 -52.03 21.19 22.56
CA ALA F 614 -52.97 21.83 21.66
C ALA F 614 -52.32 22.20 20.33
N THR F 615 -53.06 21.98 19.24
CA THR F 615 -52.60 22.38 17.91
C THR F 615 -52.45 23.89 17.80
N ASN F 616 -53.09 24.64 18.68
CA ASN F 616 -53.16 26.09 18.66
C ASN F 616 -51.88 26.71 19.22
N GLN F 617 -51.96 27.98 19.65
CA GLN F 617 -50.89 28.91 20.01
C GLN F 617 -49.67 28.34 20.73
N PRO F 618 -49.76 27.33 21.66
CA PRO F 618 -48.54 26.75 22.24
C PRO F 618 -47.49 26.33 21.21
N VAL F 619 -47.86 25.40 20.33
CA VAL F 619 -46.90 24.86 19.38
C VAL F 619 -46.51 25.92 18.35
N THR F 620 -47.49 26.68 17.85
CA THR F 620 -47.21 27.66 16.80
C THR F 620 -46.29 28.77 17.31
N GLU F 621 -46.65 29.39 18.44
CA GLU F 621 -45.82 30.45 19.01
C GLU F 621 -44.47 29.94 19.50
N GLN F 622 -44.36 28.64 19.82
CA GLN F 622 -43.04 28.10 20.15
C GLN F 622 -42.06 28.17 18.99
N GLU F 623 -42.54 28.23 17.76
CA GLU F 623 -41.70 28.07 16.58
C GLU F 623 -41.49 29.38 15.82
N ILE F 624 -41.78 30.52 16.45
CA ILE F 624 -41.54 31.83 15.87
C ILE F 624 -41.15 32.81 16.96
N GLN F 641 -41.08 37.54 22.81
CA GLN F 641 -41.62 36.26 23.24
C GLN F 641 -40.78 35.10 22.70
N ARG F 642 -39.46 35.31 22.67
CA ARG F 642 -38.53 34.27 22.23
C ARG F 642 -38.55 33.08 23.18
N PHE F 643 -38.15 31.93 22.64
CA PHE F 643 -38.03 30.72 23.42
C PHE F 643 -36.67 30.08 23.13
N SER F 644 -36.21 29.29 24.10
CA SER F 644 -34.90 28.65 24.01
C SER F 644 -34.85 27.68 22.83
N ILE F 645 -33.67 27.57 22.23
CA ILE F 645 -33.44 26.61 21.15
C ILE F 645 -33.71 25.19 21.64
N THR F 646 -33.35 24.89 22.89
CA THR F 646 -33.64 23.59 23.47
C THR F 646 -35.14 23.36 23.57
N ALA F 647 -35.91 24.39 23.95
CA ALA F 647 -37.36 24.25 24.02
C ALA F 647 -37.95 23.91 22.67
N GLN F 648 -37.51 24.60 21.62
CA GLN F 648 -37.98 24.35 20.27
C GLN F 648 -37.65 22.94 19.82
N LEU F 649 -36.42 22.50 20.09
CA LEU F 649 -36.02 21.15 19.69
C LEU F 649 -36.81 20.08 20.45
N LEU F 650 -37.06 20.30 21.75
CA LEU F 650 -37.82 19.34 22.54
C LEU F 650 -39.26 19.23 22.03
N VAL F 651 -39.91 20.37 21.78
CA VAL F 651 -41.29 20.31 21.29
C VAL F 651 -41.35 19.69 19.90
N LEU F 652 -40.35 19.97 19.04
CA LEU F 652 -40.30 19.36 17.72
C LEU F 652 -40.17 17.84 17.84
N TYR F 653 -39.30 17.37 18.73
CA TYR F 653 -39.17 15.94 19.00
C TYR F 653 -40.49 15.37 19.49
N TYR F 654 -41.23 16.14 20.28
CA TYR F 654 -42.55 15.70 20.73
C TYR F 654 -43.49 15.49 19.54
N ILE F 655 -43.50 16.44 18.60
CA ILE F 655 -44.37 16.30 17.42
C ILE F 655 -44.00 15.06 16.63
N LEU F 656 -42.71 14.88 16.36
CA LEU F 656 -42.29 13.76 15.51
C LEU F 656 -42.57 12.42 16.17
N SER F 657 -42.24 12.28 17.46
CA SER F 657 -42.53 11.05 18.17
C SER F 657 -44.03 10.81 18.28
N TYR F 658 -44.82 11.87 18.39
CA TYR F 658 -46.27 11.74 18.40
C TYR F 658 -46.77 11.21 17.07
N GLU F 659 -46.18 11.68 15.97
CA GLU F 659 -46.53 11.15 14.65
C GLU F 659 -46.21 9.66 14.55
N GLU F 660 -45.05 9.25 15.07
CA GLU F 660 -44.70 7.83 15.07
C GLU F 660 -45.69 7.03 15.90
N ALA F 661 -46.08 7.55 17.06
CA ALA F 661 -47.05 6.86 17.91
C ALA F 661 -48.39 6.74 17.20
N LEU F 662 -48.78 7.78 16.45
CA LEU F 662 -50.01 7.71 15.67
C LEU F 662 -49.93 6.62 14.62
N LEU F 663 -48.81 6.56 13.89
CA LEU F 663 -48.66 5.51 12.87
C LEU F 663 -48.63 4.12 13.49
N ALA F 664 -48.09 4.00 14.72
CA ALA F 664 -48.04 2.71 15.38
C ALA F 664 -49.41 2.29 15.90
N ASN F 665 -50.19 3.24 16.43
CA ASN F 665 -51.45 2.92 17.07
C ASN F 665 -52.58 2.77 16.05
N THR F 666 -52.66 3.67 15.07
CA THR F 666 -53.73 3.64 14.07
C THR F 666 -53.73 2.33 13.27
N LYS F 667 -52.59 1.63 13.24
CA LYS F 667 -52.54 0.24 12.75
C LYS F 667 -53.52 -0.66 13.50
N THR F 668 -53.75 -0.39 14.78
CA THR F 668 -54.70 -1.13 15.60
C THR F 668 -55.90 -0.28 16.00
N LEU F 669 -55.66 0.88 16.61
CA LEU F 669 -56.67 1.82 17.07
C LEU F 669 -57.63 1.13 18.05
N ALA F 670 -58.77 0.64 17.55
CA ALA F 670 -59.82 0.01 18.36
C ALA F 670 -60.28 0.90 19.51
N ALA F 671 -60.56 2.15 19.20
CA ALA F 671 -60.98 3.12 20.19
C ALA F 671 -61.88 4.16 19.54
N MET F 672 -62.10 5.27 20.24
CA MET F 672 -62.98 6.33 19.75
C MET F 672 -62.39 6.98 18.50
N GLN F 673 -63.28 7.51 17.66
CA GLN F 673 -62.86 8.16 16.41
C GLN F 673 -61.96 9.37 16.63
N ARG F 674 -62.01 9.99 17.81
CA ARG F 674 -61.12 11.10 18.13
C ARG F 674 -59.77 10.67 18.69
N LYS F 675 -59.52 9.36 18.81
CA LYS F 675 -58.24 8.87 19.32
C LYS F 675 -57.03 9.36 18.53
N PRO F 676 -57.00 9.36 17.14
CA PRO F 676 -55.84 9.94 16.44
C PRO F 676 -55.61 11.40 16.80
N LYS F 677 -56.61 12.26 16.52
CA LYS F 677 -56.54 13.70 16.79
C LYS F 677 -55.26 14.33 16.27
N SER F 678 -54.85 13.90 15.07
CA SER F 678 -53.54 14.24 14.53
C SER F 678 -53.41 15.73 14.25
N TYR F 679 -52.18 16.22 14.37
CA TYR F 679 -51.89 17.62 14.10
C TYR F 679 -52.11 17.92 12.61
N SER F 680 -52.63 19.10 12.34
CA SER F 680 -52.93 19.50 10.97
C SER F 680 -51.67 19.55 10.11
N SER F 681 -51.81 19.10 8.86
CA SER F 681 -50.72 19.21 7.90
C SER F 681 -50.29 20.66 7.67
N SER F 682 -51.23 21.60 7.83
CA SER F 682 -50.88 23.02 7.78
C SER F 682 -49.90 23.40 8.88
N LEU F 683 -50.12 22.86 10.08
CA LEU F 683 -49.18 23.10 11.19
C LEU F 683 -47.80 22.55 10.86
N MET F 684 -47.75 21.36 10.25
CA MET F 684 -46.47 20.76 9.85
C MET F 684 -45.73 21.63 8.86
N ASP F 685 -46.45 22.46 8.09
CA ASP F 685 -45.80 23.36 7.16
C ASP F 685 -45.02 24.46 7.87
N GLN F 686 -45.57 25.00 8.97
CA GLN F 686 -44.93 26.15 9.62
C GLN F 686 -43.64 25.77 10.31
N ILE F 687 -43.64 24.67 11.06
CA ILE F 687 -42.49 24.19 11.84
C ILE F 687 -41.27 23.96 10.95
N PRO F 688 -40.21 24.76 11.07
CA PRO F 688 -39.02 24.54 10.25
C PRO F 688 -38.17 23.40 10.80
N ILE F 689 -38.25 22.25 10.13
CA ILE F 689 -37.59 21.06 10.68
C ILE F 689 -36.11 21.06 10.35
N LYS F 690 -35.78 21.37 9.10
CA LYS F 690 -34.41 21.35 8.62
C LYS F 690 -33.54 22.38 9.35
N PHE F 691 -34.05 23.60 9.53
CA PHE F 691 -33.29 24.65 10.21
C PHE F 691 -33.02 24.28 11.67
N LEU F 692 -34.03 23.76 12.37
CA LEU F 692 -33.86 23.38 13.76
C LEU F 692 -32.89 22.20 13.89
N ILE F 693 -32.92 21.27 12.93
CA ILE F 693 -31.99 20.15 13.01
C ILE F 693 -30.56 20.60 12.66
N ARG F 694 -30.43 21.61 11.81
CA ARG F 694 -29.12 22.26 11.61
C ARG F 694 -28.60 22.82 12.92
N GLN F 695 -29.46 23.55 13.63
CA GLN F 695 -29.09 24.12 14.93
C GLN F 695 -28.71 23.02 15.92
N ALA F 696 -29.48 21.92 15.93
CA ALA F 696 -29.21 20.81 16.82
C ALA F 696 -27.85 20.18 16.50
N GLN F 697 -27.55 20.04 15.21
CA GLN F 697 -26.24 19.54 14.80
C GLN F 697 -25.13 20.47 15.29
N GLY F 698 -25.39 21.78 15.28
CA GLY F 698 -24.42 22.71 15.82
C GLY F 698 -24.18 22.52 17.31
N LEU F 699 -25.22 22.15 18.05
CA LEU F 699 -25.19 22.04 19.50
C LEU F 699 -25.28 20.60 19.97
N GLN F 700 -24.55 19.70 19.31
CA GLN F 700 -24.72 18.26 19.50
C GLN F 700 -24.38 17.84 20.93
N GLN F 701 -23.19 18.19 21.42
CA GLN F 701 -22.69 17.63 22.66
C GLN F 701 -23.49 18.06 23.89
N GLU F 702 -24.28 19.13 23.77
CA GLU F 702 -25.16 19.49 24.88
C GLU F 702 -26.46 18.70 24.87
N LEU F 703 -26.79 18.05 23.75
CA LEU F 703 -28.09 17.46 23.50
C LEU F 703 -27.96 16.10 22.83
N GLY F 704 -27.05 15.27 23.34
CA GLY F 704 -26.67 13.99 22.73
C GLY F 704 -27.81 13.09 22.34
N GLY F 705 -28.53 12.57 23.34
CA GLY F 705 -29.69 11.73 23.08
C GLY F 705 -30.75 12.43 22.24
N LEU F 706 -30.97 13.73 22.52
CA LEU F 706 -31.94 14.51 21.76
C LEU F 706 -31.56 14.57 20.29
N HIS F 707 -30.28 14.87 20.02
CA HIS F 707 -29.82 14.97 18.63
C HIS F 707 -29.94 13.63 17.92
N SER F 708 -29.55 12.54 18.60
CA SER F 708 -29.63 11.22 18.01
C SER F 708 -31.06 10.83 17.68
N ALA F 709 -31.97 11.06 18.62
CA ALA F 709 -33.38 10.75 18.40
C ALA F 709 -33.94 11.61 17.28
N LEU F 710 -33.56 12.90 17.25
CA LEU F 710 -34.04 13.80 16.21
C LEU F 710 -33.58 13.34 14.83
N LEU F 711 -32.32 12.91 14.72
CA LEU F 711 -31.82 12.43 13.44
C LEU F 711 -32.51 11.14 13.03
N ARG F 712 -32.79 10.25 14.00
CA ARG F 712 -33.55 9.04 13.69
C ARG F 712 -34.92 9.39 13.12
N LEU F 713 -35.61 10.34 13.76
CA LEU F 713 -36.94 10.75 13.30
C LEU F 713 -36.86 11.34 11.90
N LEU F 714 -35.87 12.21 11.65
CA LEU F 714 -35.72 12.81 10.34
C LEU F 714 -35.48 11.75 9.26
N ALA F 715 -34.55 10.83 9.51
CA ALA F 715 -34.22 9.81 8.52
C ALA F 715 -35.40 8.89 8.27
N THR F 716 -36.12 8.49 9.33
CA THR F 716 -37.17 7.51 9.17
C THR F 716 -38.48 8.11 8.63
N ASN F 717 -38.68 9.42 8.75
CA ASN F 717 -39.96 9.99 8.33
C ASN F 717 -39.87 11.24 7.46
N TYR F 718 -38.66 11.75 7.21
CA TYR F 718 -38.47 12.86 6.28
C TYR F 718 -37.21 12.61 5.45
N PRO F 719 -37.16 11.50 4.69
CA PRO F 719 -35.94 11.20 3.92
C PRO F 719 -35.59 12.25 2.88
N HIS F 720 -36.61 12.94 2.35
CA HIS F 720 -36.36 13.99 1.37
C HIS F 720 -35.58 15.16 1.96
N LEU F 721 -35.58 15.31 3.29
CA LEU F 721 -34.73 16.29 3.94
C LEU F 721 -33.34 15.76 4.20
N CYS F 722 -33.11 14.46 3.96
CA CYS F 722 -31.84 13.80 4.22
C CYS F 722 -31.02 13.57 2.96
N ILE F 723 -31.38 14.21 1.83
CA ILE F 723 -30.56 14.09 0.64
C ILE F 723 -29.21 14.76 0.88
N VAL F 724 -28.15 14.05 0.54
CA VAL F 724 -26.82 14.40 1.02
C VAL F 724 -26.24 15.65 0.37
N ASP F 725 -26.74 16.05 -0.80
CA ASP F 725 -26.22 17.23 -1.48
C ASP F 725 -26.42 18.51 -0.66
N ASP F 726 -27.61 18.66 -0.06
CA ASP F 726 -27.89 19.84 0.75
C ASP F 726 -27.02 19.89 1.99
N TRP F 727 -26.83 18.74 2.65
CA TRP F 727 -26.03 18.69 3.85
C TRP F 727 -24.56 18.99 3.54
N ILE F 728 -24.02 18.36 2.50
CA ILE F 728 -22.61 18.58 2.17
C ILE F 728 -22.41 20.00 1.61
N CYS F 729 -23.49 20.63 1.10
CA CYS F 729 -23.41 22.03 0.72
C CYS F 729 -23.14 22.92 1.93
N GLU F 730 -23.72 22.57 3.09
CA GLU F 730 -23.52 23.35 4.31
C GLU F 730 -22.10 23.25 4.85
N GLU F 731 -21.35 22.23 4.43
CA GLU F 731 -20.02 21.99 4.99
C GLU F 731 -19.07 23.13 4.63
N GLU F 732 -18.31 23.57 5.62
CA GLU F 732 -17.31 24.61 5.39
C GLU F 732 -16.26 24.13 4.40
N ILE F 733 -15.95 24.97 3.42
CA ILE F 733 -14.93 24.66 2.43
C ILE F 733 -13.60 25.25 2.88
N THR F 734 -13.53 26.58 2.92
CA THR F 734 -12.30 27.27 3.28
C THR F 734 -12.52 28.39 4.29
N GLY F 735 -13.76 28.82 4.51
CA GLY F 735 -14.03 29.93 5.40
C GLY F 735 -13.89 31.30 4.75
N THR F 736 -13.55 31.35 3.46
CA THR F 736 -13.50 32.61 2.72
C THR F 736 -14.86 33.31 2.68
N ASP F 737 -15.95 32.54 2.65
CA ASP F 737 -17.30 33.11 2.65
C ASP F 737 -17.55 33.94 3.91
N ALA F 738 -17.09 33.44 5.07
CA ALA F 738 -17.21 34.20 6.31
C ALA F 738 -16.44 35.51 6.24
N LEU F 739 -15.23 35.47 5.68
CA LEU F 739 -14.43 36.68 5.49
C LEU F 739 -15.17 37.70 4.65
N LEU F 740 -15.69 37.26 3.49
CA LEU F 740 -16.42 38.18 2.63
C LEU F 740 -17.70 38.68 3.28
N ARG F 741 -18.34 37.83 4.10
CA ARG F 741 -19.48 38.26 4.90
C ARG F 741 -19.11 39.41 5.81
N ARG F 742 -18.04 39.23 6.60
CA ARG F 742 -17.64 40.26 7.55
C ARG F 742 -17.13 41.52 6.85
N MET F 743 -16.66 41.40 5.61
CA MET F 743 -16.05 42.54 4.93
C MET F 743 -17.06 43.35 4.11
N LEU F 744 -17.71 42.71 3.13
CA LEU F 744 -18.58 43.45 2.22
C LEU F 744 -19.92 43.82 2.87
N LEU F 745 -20.52 42.92 3.65
CA LEU F 745 -21.84 43.19 4.23
C LEU F 745 -21.81 44.31 5.26
N THR F 746 -20.64 44.63 5.83
CA THR F 746 -20.48 45.72 6.78
C THR F 746 -20.68 47.09 6.14
N ASN F 747 -20.73 47.15 4.80
CA ASN F 747 -20.94 48.40 4.06
C ASN F 747 -22.28 49.07 4.38
N ASN F 748 -23.22 48.33 4.99
CA ASN F 748 -24.61 48.76 5.22
C ASN F 748 -25.33 49.04 3.92
N ALA F 749 -24.96 48.31 2.86
CA ALA F 749 -25.73 48.20 1.64
C ALA F 749 -26.86 47.18 1.74
N LYS F 750 -27.19 46.77 2.97
CA LYS F 750 -28.34 45.91 3.27
C LYS F 750 -29.68 46.59 3.03
N ASN F 751 -29.69 47.84 2.58
CA ASN F 751 -30.91 48.50 2.14
C ASN F 751 -31.59 47.78 0.98
N HIS F 752 -30.84 46.95 0.23
CA HIS F 752 -31.43 46.02 -0.72
C HIS F 752 -32.47 45.15 -0.01
N SER F 753 -33.73 45.32 -0.39
CA SER F 753 -34.86 44.70 0.26
C SER F 753 -35.65 43.87 -0.75
N PRO F 754 -36.49 42.93 -0.30
CA PRO F 754 -37.30 42.16 -1.26
C PRO F 754 -38.17 43.02 -2.15
N LYS F 755 -38.73 44.12 -1.62
CA LYS F 755 -39.53 45.02 -2.45
C LYS F 755 -38.67 45.67 -3.53
N GLN F 756 -37.44 46.06 -3.20
CA GLN F 756 -36.55 46.64 -4.19
C GLN F 756 -36.21 45.65 -5.29
N LEU F 757 -35.95 44.39 -4.91
CA LEU F 757 -35.65 43.35 -5.89
C LEU F 757 -36.86 43.09 -6.78
N GLN F 758 -38.06 43.07 -6.19
CA GLN F 758 -39.28 42.88 -6.97
C GLN F 758 -39.48 44.01 -7.96
N GLU F 759 -39.23 45.25 -7.52
CA GLU F 759 -39.31 46.40 -8.43
C GLU F 759 -38.30 46.28 -9.55
N ALA F 760 -37.07 45.84 -9.23
CA ALA F 760 -36.04 45.66 -10.24
C ALA F 760 -36.45 44.62 -11.27
N PHE F 761 -37.10 43.54 -10.82
CA PHE F 761 -37.56 42.52 -11.77
C PHE F 761 -38.65 43.06 -12.70
N SER F 762 -39.53 43.91 -12.18
CA SER F 762 -40.73 44.31 -12.91
C SER F 762 -40.54 45.59 -13.73
N ALA F 763 -39.33 45.88 -14.16
CA ALA F 763 -39.10 46.99 -15.07
C ALA F 763 -39.58 46.63 -16.47
N VAL F 764 -40.08 47.65 -17.19
CA VAL F 764 -40.51 47.44 -18.58
C VAL F 764 -39.37 46.95 -19.46
N PRO F 765 -38.16 47.57 -19.47
CA PRO F 765 -37.00 46.88 -20.03
C PRO F 765 -36.52 45.81 -19.04
N VAL F 766 -35.63 44.94 -19.53
CA VAL F 766 -35.11 43.85 -18.70
C VAL F 766 -34.37 44.42 -17.48
N ASN F 767 -33.52 45.43 -17.70
CA ASN F 767 -32.74 46.11 -16.65
C ASN F 767 -31.95 45.11 -15.79
N ASN F 768 -31.11 44.33 -16.47
CA ASN F 768 -30.38 43.26 -15.81
C ASN F 768 -29.36 43.77 -14.80
N THR F 769 -28.97 45.05 -14.87
CA THR F 769 -27.94 45.57 -13.99
C THR F 769 -28.39 45.61 -12.54
N GLN F 770 -29.61 46.13 -12.30
CA GLN F 770 -30.10 46.27 -10.92
C GLN F 770 -30.31 44.91 -10.27
N VAL F 771 -30.98 43.99 -10.98
CA VAL F 771 -31.20 42.65 -10.45
C VAL F 771 -29.86 41.95 -10.25
N MET F 772 -28.90 42.18 -11.16
CA MET F 772 -27.56 41.62 -11.02
C MET F 772 -26.91 42.06 -9.71
N GLN F 773 -26.89 43.37 -9.47
CA GLN F 773 -26.29 43.89 -8.24
C GLN F 773 -27.00 43.35 -7.00
N ILE F 774 -28.33 43.32 -7.03
CA ILE F 774 -29.09 42.89 -5.85
C ILE F 774 -28.81 41.43 -5.53
N ILE F 775 -28.94 40.54 -6.53
CA ILE F 775 -28.78 39.11 -6.24
C ILE F 775 -27.31 38.79 -5.96
N GLU F 776 -26.37 39.50 -6.60
CA GLU F 776 -24.96 39.31 -6.28
C GLU F 776 -24.69 39.68 -4.82
N HIS F 777 -25.33 40.76 -4.35
CA HIS F 777 -25.23 41.12 -2.94
C HIS F 777 -25.87 40.06 -2.05
N LEU F 778 -26.99 39.47 -2.49
CA LEU F 778 -27.69 38.48 -1.68
C LEU F 778 -26.89 37.20 -1.48
N THR F 779 -25.89 36.93 -2.34
CA THR F 779 -25.03 35.77 -2.16
C THR F 779 -24.29 35.84 -0.83
N LEU F 780 -23.93 37.06 -0.41
CA LEU F 780 -23.19 37.25 0.83
C LEU F 780 -24.07 36.99 2.05
N LEU F 781 -25.37 37.26 1.95
CA LEU F 781 -26.28 37.11 3.08
C LEU F 781 -26.27 35.69 3.63
N SER F 782 -26.24 35.59 4.96
CA SER F 782 -26.39 34.28 5.58
C SER F 782 -27.80 33.75 5.35
N ALA F 783 -27.95 32.45 5.54
CA ALA F 783 -29.17 31.75 5.17
C ALA F 783 -30.38 32.21 5.97
N SER F 784 -30.19 32.54 7.25
CA SER F 784 -31.31 32.89 8.11
C SER F 784 -32.01 34.16 7.63
N GLU F 785 -31.24 35.21 7.36
CA GLU F 785 -31.80 36.48 6.90
C GLU F 785 -32.19 36.48 5.44
N LEU F 786 -31.85 35.43 4.69
CA LEU F 786 -32.21 35.35 3.28
C LEU F 786 -33.62 34.80 3.07
N ILE F 787 -34.28 34.37 4.15
CA ILE F 787 -35.65 33.85 4.03
C ILE F 787 -36.63 34.86 3.44
N PRO F 788 -36.62 36.17 3.81
CA PRO F 788 -37.58 37.12 3.20
C PRO F 788 -37.54 37.18 1.67
N TYR F 789 -36.40 36.90 1.06
CA TYR F 789 -36.25 37.01 -0.38
C TYR F 789 -36.72 35.78 -1.13
N ALA F 790 -37.25 34.77 -0.42
CA ALA F 790 -37.72 33.55 -1.07
C ALA F 790 -38.88 33.84 -2.03
N GLU F 791 -39.81 34.71 -1.61
CA GLU F 791 -41.00 34.96 -2.42
C GLU F 791 -40.65 35.61 -3.76
N VAL F 792 -39.83 36.67 -3.72
CA VAL F 792 -39.55 37.44 -4.93
C VAL F 792 -38.66 36.63 -5.89
N LEU F 793 -37.67 35.90 -5.37
CA LEU F 793 -36.78 35.12 -6.24
C LEU F 793 -37.55 34.01 -6.96
N THR F 794 -38.42 33.30 -6.23
CA THR F 794 -39.16 32.20 -6.85
C THR F 794 -40.24 32.71 -7.78
N SER F 795 -40.97 33.76 -7.37
CA SER F 795 -42.08 34.25 -8.18
C SER F 795 -41.59 34.78 -9.53
N ASN F 796 -40.42 35.41 -9.55
CA ASN F 796 -39.92 36.05 -10.75
C ASN F 796 -38.99 35.18 -11.56
N MET F 797 -38.75 33.93 -11.16
CA MET F 797 -37.83 33.08 -11.91
C MET F 797 -38.40 32.66 -13.27
N SER F 798 -39.71 32.79 -13.47
CA SER F 798 -40.29 32.54 -14.79
C SER F 798 -39.76 33.55 -15.79
N GLN F 799 -39.57 34.80 -15.36
CA GLN F 799 -39.00 35.84 -16.21
C GLN F 799 -37.57 35.53 -16.61
N LEU F 800 -36.87 34.68 -15.87
CA LEU F 800 -35.50 34.32 -16.23
C LEU F 800 -35.44 33.41 -17.44
N LEU F 801 -36.56 32.80 -17.84
CA LEU F 801 -36.56 31.92 -19.00
C LEU F 801 -36.47 32.67 -20.33
N ASN F 802 -36.69 33.99 -20.33
CA ASN F 802 -36.69 34.76 -21.57
C ASN F 802 -35.30 34.76 -22.20
N SER F 803 -35.28 34.89 -23.53
CA SER F 803 -34.02 34.88 -24.27
C SER F 803 -33.15 36.08 -23.88
N GLY F 804 -31.84 35.85 -23.89
CA GLY F 804 -30.88 36.91 -23.63
C GLY F 804 -30.67 37.26 -22.17
N VAL F 805 -30.99 36.36 -21.26
CA VAL F 805 -30.69 36.56 -19.84
C VAL F 805 -29.24 36.17 -19.60
N PRO F 806 -28.44 37.00 -18.89
CA PRO F 806 -27.04 36.63 -18.64
C PRO F 806 -26.94 35.37 -17.80
N ARG F 807 -25.86 34.61 -18.04
CA ARG F 807 -25.65 33.36 -17.32
C ARG F 807 -25.47 33.58 -15.82
N ARG F 808 -24.79 34.67 -15.44
CA ARG F 808 -24.50 34.90 -14.03
C ARG F 808 -25.77 35.10 -13.21
N ILE F 809 -26.80 35.67 -13.82
CA ILE F 809 -28.08 35.83 -13.14
C ILE F 809 -28.62 34.47 -12.73
N LEU F 810 -28.63 33.53 -13.67
CA LEU F 810 -29.13 32.18 -13.40
C LEU F 810 -28.22 31.44 -12.42
N GLN F 811 -26.90 31.62 -12.53
CA GLN F 811 -25.98 30.97 -11.61
C GLN F 811 -26.19 31.43 -10.18
N THR F 812 -26.30 32.74 -9.97
CA THR F 812 -26.53 33.26 -8.63
C THR F 812 -27.91 32.87 -8.11
N VAL F 813 -28.92 32.82 -8.99
CA VAL F 813 -30.24 32.34 -8.57
C VAL F 813 -30.16 30.90 -8.13
N ASN F 814 -29.35 30.09 -8.83
CA ASN F 814 -29.13 28.71 -8.43
C ASN F 814 -28.47 28.62 -7.06
N LYS F 815 -27.45 29.45 -6.82
CA LYS F 815 -26.78 29.47 -5.53
C LYS F 815 -27.74 29.85 -4.41
N LEU F 816 -28.51 30.92 -4.61
CA LEU F 816 -29.46 31.38 -3.59
C LEU F 816 -30.54 30.33 -3.35
N TRP F 817 -31.02 29.68 -4.41
CA TRP F 817 -32.01 28.62 -4.27
C TRP F 817 -31.45 27.46 -3.47
N MET F 818 -30.18 27.10 -3.71
CA MET F 818 -29.56 26.03 -2.94
C MET F 818 -29.47 26.41 -1.46
N VAL F 819 -29.12 27.65 -1.16
CA VAL F 819 -29.06 28.11 0.23
C VAL F 819 -30.45 28.01 0.88
N LEU F 820 -31.46 28.57 0.21
CA LEU F 820 -32.83 28.52 0.71
C LEU F 820 -33.28 27.08 0.90
N ASN F 821 -32.89 26.18 -0.02
CA ASN F 821 -33.22 24.77 0.13
C ASN F 821 -32.54 24.17 1.36
N THR F 822 -31.30 24.60 1.64
CA THR F 822 -30.60 24.09 2.82
C THR F 822 -31.31 24.48 4.10
N VAL F 823 -31.96 25.66 4.15
CA VAL F 823 -32.61 26.07 5.39
C VAL F 823 -34.14 26.04 5.33
N MET F 824 -34.76 26.08 4.16
CA MET F 824 -36.20 26.33 4.04
C MET F 824 -36.75 25.39 2.96
N PRO F 825 -36.53 24.06 3.06
CA PRO F 825 -36.75 23.18 1.90
C PRO F 825 -38.18 23.05 1.37
N ARG F 826 -39.13 22.68 2.24
CA ARG F 826 -40.44 22.20 1.78
C ARG F 826 -41.26 23.30 1.13
N ARG F 827 -41.42 24.43 1.83
CA ARG F 827 -42.23 25.52 1.27
C ARG F 827 -41.55 26.12 0.05
N LEU F 828 -40.21 26.15 0.03
CA LEU F 828 -39.49 26.59 -1.17
C LEU F 828 -39.82 25.70 -2.35
N TRP F 829 -39.86 24.38 -2.13
CA TRP F 829 -40.20 23.46 -3.21
C TRP F 829 -41.62 23.71 -3.70
N VAL F 830 -42.56 23.90 -2.77
CA VAL F 830 -43.96 24.12 -3.16
C VAL F 830 -44.08 25.37 -4.02
N MET F 831 -43.49 26.48 -3.56
CA MET F 831 -43.61 27.74 -4.30
C MET F 831 -42.83 27.69 -5.61
N THR F 832 -41.71 26.95 -5.65
CA THR F 832 -40.92 26.86 -6.88
C THR F 832 -41.68 26.09 -7.94
N VAL F 833 -42.31 24.96 -7.58
CA VAL F 833 -43.13 24.24 -8.55
C VAL F 833 -44.30 25.10 -9.01
N ASN F 834 -44.94 25.80 -8.07
CA ASN F 834 -46.03 26.71 -8.44
C ASN F 834 -45.55 27.80 -9.39
N ALA F 835 -44.30 28.24 -9.25
CA ALA F 835 -43.76 29.30 -10.08
C ALA F 835 -43.39 28.83 -11.48
N LEU F 836 -42.91 27.59 -11.62
CA LEU F 836 -42.42 27.07 -12.89
C LEU F 836 -43.51 26.39 -13.72
N GLN F 837 -44.76 26.79 -13.54
CA GLN F 837 -45.84 26.32 -14.38
C GLN F 837 -45.64 26.83 -15.81
N PRO F 838 -46.30 26.23 -16.81
CA PRO F 838 -46.07 26.67 -18.21
C PRO F 838 -46.38 28.14 -18.49
N SER F 839 -47.26 28.76 -17.70
CA SER F 839 -47.69 30.16 -17.67
C SER F 839 -48.64 30.50 -18.83
N ILE F 840 -48.86 29.61 -19.80
CA ILE F 840 -49.91 29.85 -20.78
C ILE F 840 -51.28 29.65 -20.14
N LYS F 841 -51.37 28.70 -19.21
CA LYS F 841 -52.55 28.52 -18.38
C LYS F 841 -52.59 29.49 -17.20
N PHE F 842 -51.64 30.43 -17.13
CA PHE F 842 -51.58 31.50 -16.14
C PHE F 842 -51.46 30.98 -14.72
N VAL F 843 -52.58 30.93 -13.99
CA VAL F 843 -52.59 30.31 -12.67
C VAL F 843 -52.23 28.82 -12.76
N ARG F 844 -52.77 28.12 -13.75
CA ARG F 844 -52.42 26.72 -14.08
C ARG F 844 -52.56 25.80 -12.88
N GLN F 845 -53.58 26.05 -12.05
CA GLN F 845 -53.80 25.34 -10.79
C GLN F 845 -52.59 25.51 -9.86
N GLN F 846 -52.45 26.74 -9.35
CA GLN F 846 -51.44 27.10 -8.35
C GLN F 846 -51.65 26.42 -7.01
N LYS F 847 -52.66 25.57 -6.86
CA LYS F 847 -52.93 24.84 -5.63
C LYS F 847 -52.08 23.58 -5.50
N TYR F 848 -50.93 23.54 -6.16
CA TYR F 848 -49.96 22.45 -5.98
C TYR F 848 -49.33 22.59 -4.59
N THR F 849 -50.08 22.17 -3.57
CA THR F 849 -49.58 22.23 -2.21
C THR F 849 -48.51 21.18 -1.99
N GLN F 850 -48.02 21.13 -0.75
CA GLN F 850 -47.02 20.14 -0.35
C GLN F 850 -47.53 18.72 -0.59
N ASN F 851 -48.78 18.45 -0.19
CA ASN F 851 -49.36 17.12 -0.40
C ASN F 851 -49.52 16.82 -1.89
N ASP F 852 -49.88 17.84 -2.68
CA ASP F 852 -50.13 17.66 -4.11
C ASP F 852 -48.90 17.10 -4.81
N LEU F 853 -47.75 17.72 -4.57
CA LEU F 853 -46.52 17.20 -5.16
C LEU F 853 -46.10 15.90 -4.47
N MET F 854 -46.36 15.78 -3.17
CA MET F 854 -45.97 14.58 -2.45
C MET F 854 -46.71 13.33 -2.93
N ILE F 855 -47.90 13.47 -3.51
CA ILE F 855 -48.61 12.29 -4.02
C ILE F 855 -48.22 12.00 -5.47
N ASP F 856 -47.90 13.02 -6.26
CA ASP F 856 -47.60 12.88 -7.69
C ASP F 856 -46.31 13.64 -7.98
N PRO F 857 -45.16 12.99 -7.79
CA PRO F 857 -43.88 13.69 -8.00
C PRO F 857 -43.67 14.19 -9.42
N LEU F 858 -44.32 13.56 -10.41
CA LEU F 858 -44.13 13.92 -11.80
C LEU F 858 -44.67 15.30 -12.17
N ILE F 859 -45.41 15.95 -11.27
CA ILE F 859 -45.88 17.31 -11.50
C ILE F 859 -44.71 18.25 -11.78
N VAL F 860 -43.59 18.08 -11.05
CA VAL F 860 -42.44 18.97 -11.22
C VAL F 860 -41.89 18.89 -12.64
N LEU F 861 -42.07 17.74 -13.31
CA LEU F 861 -41.69 17.62 -14.70
C LEU F 861 -42.66 18.34 -15.63
N ARG F 862 -43.90 18.56 -15.19
CA ARG F 862 -44.84 19.39 -15.95
C ARG F 862 -44.46 20.84 -15.70
N CYS F 863 -43.46 21.30 -16.44
CA CYS F 863 -42.93 22.65 -16.29
C CYS F 863 -42.74 23.25 -17.68
N ASP F 864 -42.47 24.56 -17.69
CA ASP F 864 -42.28 25.30 -18.93
C ASP F 864 -41.13 24.67 -19.73
N GLN F 865 -41.32 24.56 -21.04
CA GLN F 865 -40.35 23.88 -21.90
C GLN F 865 -38.98 24.55 -21.87
N ARG F 866 -38.94 25.85 -21.60
CA ARG F 866 -37.68 26.59 -21.64
C ARG F 866 -36.69 26.11 -20.58
N VAL F 867 -37.16 25.55 -19.47
CA VAL F 867 -36.25 25.03 -18.45
C VAL F 867 -35.44 23.84 -18.96
N HIS F 868 -35.96 23.12 -19.96
CA HIS F 868 -35.25 21.96 -20.50
C HIS F 868 -33.94 22.32 -21.18
N ARG F 869 -33.73 23.59 -21.49
CA ARG F 869 -32.46 24.04 -22.06
C ARG F 869 -31.90 25.19 -21.23
N CYS F 870 -32.29 25.25 -19.96
CA CYS F 870 -31.78 26.23 -18.99
C CYS F 870 -31.09 25.44 -17.87
N PRO F 871 -29.79 25.22 -17.96
CA PRO F 871 -29.09 24.28 -17.04
C PRO F 871 -29.22 24.63 -15.56
N PRO F 872 -29.16 25.94 -15.12
CA PRO F 872 -29.34 26.18 -13.67
C PRO F 872 -30.71 25.77 -13.14
N LEU F 873 -31.77 26.29 -13.76
CA LEU F 873 -33.12 25.94 -13.31
C LEU F 873 -33.43 24.47 -13.56
N MET F 874 -32.80 23.86 -14.57
CA MET F 874 -32.93 22.41 -14.75
C MET F 874 -32.31 21.66 -13.58
N ASP F 875 -31.16 22.13 -13.09
CA ASP F 875 -30.54 21.54 -11.90
C ASP F 875 -31.46 21.70 -10.70
N ILE F 876 -32.08 22.87 -10.58
CA ILE F 876 -33.08 23.11 -9.54
C ILE F 876 -34.17 22.04 -9.62
N THR F 877 -34.75 21.88 -10.81
CA THR F 877 -35.85 20.94 -11.02
C THR F 877 -35.43 19.51 -10.71
N LEU F 878 -34.17 19.16 -11.01
CA LEU F 878 -33.69 17.82 -10.70
C LEU F 878 -33.61 17.59 -9.20
N HIS F 879 -33.12 18.60 -8.45
CA HIS F 879 -33.14 18.53 -6.99
C HIS F 879 -34.56 18.32 -6.47
N MET F 880 -35.50 19.07 -7.03
CA MET F 880 -36.91 18.97 -6.65
C MET F 880 -37.44 17.57 -6.92
N LEU F 881 -37.10 17.02 -8.09
CA LEU F 881 -37.61 15.73 -8.51
C LEU F 881 -37.11 14.62 -7.60
N ASN F 882 -35.82 14.64 -7.27
CA ASN F 882 -35.26 13.64 -6.37
C ASN F 882 -35.91 13.74 -4.99
N GLY F 883 -36.02 14.97 -4.47
CA GLY F 883 -36.63 15.16 -3.17
C GLY F 883 -38.06 14.68 -3.13
N TYR F 884 -38.84 14.98 -4.18
CA TYR F 884 -40.23 14.57 -4.15
C TYR F 884 -40.42 13.09 -4.42
N LEU F 885 -39.50 12.44 -5.13
CA LEU F 885 -39.56 10.98 -5.23
C LEU F 885 -39.41 10.34 -3.85
N LEU F 886 -38.37 10.73 -3.12
CA LEU F 886 -38.18 10.18 -1.76
C LEU F 886 -39.36 10.54 -0.85
N ALA F 887 -39.84 11.79 -0.96
CA ALA F 887 -40.94 12.25 -0.14
C ALA F 887 -42.19 11.44 -0.42
N SER F 888 -42.45 11.14 -1.70
CA SER F 888 -43.63 10.38 -2.07
C SER F 888 -43.52 8.95 -1.57
N LYS F 889 -42.31 8.38 -1.60
CA LYS F 889 -42.10 7.04 -1.04
C LYS F 889 -42.52 7.00 0.42
N ALA F 890 -41.95 7.92 1.23
CA ALA F 890 -42.28 7.96 2.64
C ALA F 890 -43.75 8.26 2.87
N TYR F 891 -44.32 9.15 2.04
CA TYR F 891 -45.70 9.58 2.19
C TYR F 891 -46.67 8.44 1.99
N LEU F 892 -46.54 7.72 0.87
CA LEU F 892 -47.48 6.65 0.62
C LEU F 892 -47.23 5.46 1.54
N SER F 893 -46.00 5.28 2.04
CA SER F 893 -45.77 4.31 3.10
C SER F 893 -46.58 4.66 4.35
N ALA F 894 -46.49 5.93 4.78
CA ALA F 894 -47.24 6.39 5.94
C ALA F 894 -48.74 6.29 5.71
N HIS F 895 -49.19 6.62 4.49
CA HIS F 895 -50.61 6.60 4.16
C HIS F 895 -51.16 5.18 4.24
N LEU F 896 -50.43 4.21 3.67
CA LEU F 896 -50.89 2.84 3.74
C LEU F 896 -50.83 2.31 5.17
N LYS F 897 -49.88 2.78 5.97
CA LYS F 897 -49.85 2.39 7.38
C LYS F 897 -51.08 2.90 8.12
N GLU F 898 -51.43 4.18 7.93
CA GLU F 898 -52.55 4.74 8.68
C GLU F 898 -53.90 4.29 8.16
N THR F 899 -53.99 3.92 6.88
CA THR F 899 -55.25 3.45 6.30
C THR F 899 -55.46 1.96 6.48
N GLU F 900 -54.56 1.27 7.19
CA GLU F 900 -54.73 -0.16 7.46
C GLU F 900 -56.01 -0.43 8.26
N GLN F 901 -56.26 0.40 9.28
CA GLN F 901 -57.43 0.30 10.17
C GLN F 901 -57.47 -1.02 10.92
N THR F 922 -50.49 -8.65 -1.63
CA THR F 922 -51.04 -7.72 -0.66
C THR F 922 -50.77 -6.28 -1.06
N ARG F 923 -51.22 -5.33 -0.23
CA ARG F 923 -51.07 -3.92 -0.54
C ARG F 923 -49.61 -3.48 -0.54
N GLU F 924 -48.76 -4.16 0.23
CA GLU F 924 -47.33 -3.82 0.24
C GLU F 924 -46.70 -4.10 -1.11
N GLU F 925 -47.12 -5.19 -1.77
CA GLU F 925 -46.63 -5.49 -3.11
C GLU F 925 -47.02 -4.39 -4.08
N LEU F 926 -48.26 -3.90 -3.96
CA LEU F 926 -48.72 -2.81 -4.81
C LEU F 926 -47.95 -1.54 -4.51
N LYS F 927 -47.58 -1.32 -3.25
CA LYS F 927 -46.74 -0.19 -2.87
C LYS F 927 -45.39 -0.24 -3.55
N ASN F 928 -44.72 -1.40 -3.48
CA ASN F 928 -43.41 -1.54 -4.10
C ASN F 928 -43.51 -1.39 -5.62
N ALA F 929 -44.55 -1.97 -6.22
CA ALA F 929 -44.73 -1.84 -7.67
C ALA F 929 -44.98 -0.39 -8.08
N LEU F 930 -45.82 0.32 -7.32
CA LEU F 930 -46.08 1.73 -7.62
C LEU F 930 -44.82 2.56 -7.51
N LEU F 931 -44.00 2.30 -6.48
CA LEU F 931 -42.77 3.06 -6.32
C LEU F 931 -41.78 2.78 -7.45
N ALA F 932 -41.63 1.51 -7.83
CA ALA F 932 -40.74 1.17 -8.94
C ALA F 932 -41.23 1.80 -10.23
N ALA F 933 -42.54 1.75 -10.48
CA ALA F 933 -43.10 2.38 -11.68
C ALA F 933 -42.87 3.88 -11.69
N GLN F 934 -43.04 4.53 -10.53
CA GLN F 934 -42.88 5.97 -10.44
C GLN F 934 -41.45 6.39 -10.70
N ASP F 935 -40.49 5.69 -10.08
CA ASP F 935 -39.07 5.99 -10.30
C ASP F 935 -38.68 5.77 -11.76
N SER F 936 -39.12 4.64 -12.34
CA SER F 936 -38.80 4.35 -13.74
C SER F 936 -39.42 5.39 -14.66
N ALA F 937 -40.66 5.83 -14.36
CA ALA F 937 -41.30 6.85 -15.18
C ALA F 937 -40.55 8.16 -15.12
N ALA F 938 -40.08 8.53 -13.93
CA ALA F 938 -39.27 9.74 -13.79
C ALA F 938 -38.00 9.63 -14.62
N VAL F 939 -37.34 8.46 -14.58
CA VAL F 939 -36.13 8.24 -15.36
C VAL F 939 -36.42 8.36 -16.85
N GLN F 940 -37.54 7.78 -17.31
CA GLN F 940 -37.89 7.84 -18.72
C GLN F 940 -38.17 9.26 -19.17
N ILE F 941 -38.87 10.04 -18.35
CA ILE F 941 -39.15 11.43 -18.71
C ILE F 941 -37.86 12.22 -18.81
N LEU F 942 -36.94 12.02 -17.85
CA LEU F 942 -35.65 12.70 -17.91
C LEU F 942 -34.86 12.31 -19.17
N LEU F 943 -34.87 11.01 -19.51
CA LEU F 943 -34.16 10.55 -20.70
C LEU F 943 -34.76 11.18 -21.95
N GLU F 944 -36.08 11.28 -22.03
CA GLU F 944 -36.71 11.95 -23.17
C GLU F 944 -36.38 13.43 -23.20
N ILE F 945 -36.17 14.03 -22.03
CA ILE F 945 -35.70 15.42 -21.99
C ILE F 945 -34.31 15.51 -22.60
N CYS F 946 -33.46 14.51 -22.35
CA CYS F 946 -32.11 14.50 -22.90
C CYS F 946 -32.08 14.45 -24.43
N LEU F 947 -33.17 13.99 -25.07
CA LEU F 947 -33.19 13.85 -26.51
C LEU F 947 -33.09 15.22 -27.17
N PRO F 948 -32.35 15.35 -28.27
CA PRO F 948 -32.42 16.58 -29.06
C PRO F 948 -33.77 16.66 -29.77
N THR F 949 -34.47 17.77 -29.57
CA THR F 949 -35.75 18.00 -30.22
C THR F 949 -35.56 18.18 -31.72
N GLU F 950 -36.68 18.31 -32.44
CA GLU F 950 -36.63 18.46 -33.89
C GLU F 950 -35.90 19.74 -34.27
N GLU F 951 -36.11 20.82 -33.52
CA GLU F 951 -35.41 22.08 -33.77
C GLU F 951 -33.90 21.91 -33.56
N GLU F 952 -33.52 21.26 -32.45
CA GLU F 952 -32.12 20.90 -32.23
C GLU F 952 -31.62 19.93 -33.30
N LYS F 953 -32.48 19.03 -33.76
CA LYS F 953 -32.13 18.19 -34.91
C LYS F 953 -31.93 19.01 -36.17
N ALA F 954 -32.72 20.07 -36.33
CA ALA F 954 -32.60 20.95 -37.48
C ALA F 954 -31.33 21.80 -37.40
N ASP F 984 -21.53 17.84 -34.06
CA ASP F 984 -21.76 19.23 -34.43
C ASP F 984 -22.59 19.91 -33.34
N ASN F 985 -22.12 21.09 -32.91
CA ASN F 985 -22.72 21.87 -31.83
C ASN F 985 -22.77 21.04 -30.54
N LEU F 986 -21.71 20.27 -30.29
CA LEU F 986 -21.63 19.42 -29.11
C LEU F 986 -21.47 20.20 -27.81
N LEU F 987 -21.17 21.50 -27.89
CA LEU F 987 -21.06 22.37 -26.73
C LEU F 987 -22.25 23.32 -26.74
N CYS F 988 -23.27 23.02 -25.94
CA CYS F 988 -24.48 23.82 -25.88
C CYS F 988 -25.21 23.49 -24.60
N ASN F 989 -26.33 24.20 -24.37
CA ASN F 989 -27.15 23.98 -23.18
C ASN F 989 -27.66 22.55 -23.08
N LEU F 990 -27.90 21.91 -24.23
CA LEU F 990 -28.39 20.54 -24.24
C LEU F 990 -27.38 19.58 -23.61
N ARG F 991 -26.09 19.77 -23.90
CA ARG F 991 -25.07 18.94 -23.29
C ARG F 991 -25.00 19.14 -21.78
N GLU F 992 -25.17 20.39 -21.33
CA GLU F 992 -25.17 20.69 -19.91
C GLU F 992 -26.34 19.98 -19.21
N VAL F 993 -27.52 20.07 -19.80
CA VAL F 993 -28.70 19.41 -19.23
C VAL F 993 -28.52 17.90 -19.24
N GLN F 994 -27.89 17.36 -20.29
CA GLN F 994 -27.62 15.94 -20.37
C GLN F 994 -26.68 15.50 -19.26
N CYS F 995 -25.65 16.29 -18.99
CA CYS F 995 -24.73 15.98 -17.90
C CYS F 995 -25.43 16.00 -16.55
N LEU F 996 -26.28 17.01 -16.33
CA LEU F 996 -27.03 17.10 -15.08
C LEU F 996 -27.91 15.88 -14.88
N ILE F 997 -28.64 15.51 -15.93
CA ILE F 997 -29.56 14.38 -15.84
C ILE F 997 -28.78 13.08 -15.66
N CYS F 998 -27.62 12.98 -16.31
CA CYS F 998 -26.77 11.79 -16.13
C CYS F 998 -26.28 11.67 -14.70
N CYS F 999 -25.89 12.81 -14.09
CA CYS F 999 -25.48 12.79 -12.68
C CYS F 999 -26.63 12.35 -11.78
N LEU F 1000 -27.84 12.88 -12.04
CA LEU F 1000 -29.00 12.49 -11.24
C LEU F 1000 -29.33 11.02 -11.40
N LEU F 1001 -29.25 10.51 -12.63
CA LEU F 1001 -29.54 9.10 -12.88
C LEU F 1001 -28.48 8.21 -12.25
N HIS F 1002 -27.23 8.67 -12.23
CA HIS F 1002 -26.18 7.96 -11.51
C HIS F 1002 -26.52 7.87 -10.03
N GLN F 1003 -26.98 8.98 -9.44
CA GLN F 1003 -27.39 8.96 -8.04
C GLN F 1003 -28.54 7.98 -7.80
N MET F 1004 -29.54 8.00 -8.68
CA MET F 1004 -30.68 7.10 -8.55
C MET F 1004 -30.25 5.64 -8.66
N TYR F 1005 -29.38 5.33 -9.62
CA TYR F 1005 -28.93 3.95 -9.82
C TYR F 1005 -28.12 3.47 -8.63
N ILE F 1006 -27.27 4.34 -8.06
CA ILE F 1006 -26.56 3.99 -6.84
C ILE F 1006 -27.54 3.73 -5.71
N ALA F 1007 -28.60 4.54 -5.62
CA ALA F 1007 -29.62 4.34 -4.59
C ALA F 1007 -30.32 3.00 -4.74
N ASP F 1008 -30.66 2.62 -5.99
CA ASP F 1008 -31.33 1.34 -6.24
C ASP F 1008 -31.03 0.90 -7.67
N PRO F 1009 -30.15 -0.09 -7.86
CA PRO F 1009 -29.88 -0.57 -9.22
C PRO F 1009 -31.07 -1.26 -9.88
N ASN F 1010 -32.03 -1.74 -9.09
CA ASN F 1010 -33.23 -2.36 -9.63
C ASN F 1010 -34.01 -1.38 -10.50
N ILE F 1011 -33.92 -0.08 -10.20
CA ILE F 1011 -34.54 0.92 -11.05
C ILE F 1011 -33.86 0.95 -12.42
N ALA F 1012 -32.53 0.82 -12.44
CA ALA F 1012 -31.82 0.74 -13.72
C ALA F 1012 -32.25 -0.48 -14.51
N LYS F 1013 -32.37 -1.63 -13.82
CA LYS F 1013 -32.82 -2.85 -14.49
C LYS F 1013 -34.22 -2.69 -15.06
N LEU F 1014 -35.14 -2.10 -14.28
CA LEU F 1014 -36.50 -1.91 -14.74
C LEU F 1014 -36.56 -0.97 -15.94
N VAL F 1015 -35.78 0.13 -15.89
CA VAL F 1015 -35.75 1.08 -16.99
C VAL F 1015 -35.25 0.42 -18.27
N HIS F 1016 -34.18 -0.36 -18.16
CA HIS F 1016 -33.63 -0.98 -19.36
C HIS F 1016 -34.53 -2.09 -19.89
N PHE F 1017 -35.25 -2.78 -19.00
CA PHE F 1017 -36.26 -3.72 -19.47
C PHE F 1017 -37.36 -2.98 -20.23
N GLN F 1018 -37.80 -1.83 -19.70
CA GLN F 1018 -38.73 -0.98 -20.42
C GLN F 1018 -38.11 -0.43 -21.70
N GLY F 1019 -36.78 -0.26 -21.71
CA GLY F 1019 -36.11 0.32 -22.86
C GLY F 1019 -36.33 1.82 -22.96
N TYR F 1020 -35.64 2.47 -23.91
CA TYR F 1020 -35.80 3.89 -24.18
C TYR F 1020 -35.16 4.19 -25.53
N PRO F 1021 -35.36 5.37 -26.14
CA PRO F 1021 -34.82 5.62 -27.48
C PRO F 1021 -33.31 5.43 -27.57
N CYS F 1022 -32.89 4.60 -28.53
CA CYS F 1022 -31.51 4.16 -28.65
C CYS F 1022 -30.51 5.27 -28.97
N GLU F 1023 -30.98 6.44 -29.39
CA GLU F 1023 -30.07 7.57 -29.64
C GLU F 1023 -29.35 7.99 -28.37
N LEU F 1024 -29.96 7.77 -27.21
CA LEU F 1024 -29.40 8.16 -25.93
C LEU F 1024 -28.31 7.21 -25.45
N LEU F 1025 -28.26 5.99 -25.98
CA LEU F 1025 -27.32 4.98 -25.51
C LEU F 1025 -25.86 5.41 -25.47
N PRO F 1026 -25.28 6.08 -26.48
CA PRO F 1026 -23.92 6.64 -26.29
C PRO F 1026 -23.85 7.60 -25.12
N LEU F 1027 -24.80 8.54 -25.05
CA LEU F 1027 -24.85 9.53 -23.98
C LEU F 1027 -24.97 8.84 -22.62
N THR F 1028 -25.94 7.95 -22.46
CA THR F 1028 -26.19 7.34 -21.16
C THR F 1028 -25.03 6.45 -20.73
N VAL F 1029 -24.47 5.69 -21.66
CA VAL F 1029 -23.36 4.80 -21.31
C VAL F 1029 -22.12 5.61 -20.95
N ALA F 1030 -21.87 6.72 -21.66
CA ALA F 1030 -20.70 7.53 -21.35
C ALA F 1030 -20.87 8.37 -20.09
N GLY F 1031 -22.09 8.75 -19.74
CA GLY F 1031 -22.29 9.69 -18.67
C GLY F 1031 -22.73 9.10 -17.34
N ILE F 1032 -23.03 7.81 -17.31
CA ILE F 1032 -23.53 7.16 -16.10
C ILE F 1032 -22.55 6.02 -15.76
N PRO F 1033 -21.53 6.29 -14.93
CA PRO F 1033 -20.53 5.25 -14.63
C PRO F 1033 -21.10 3.98 -13.99
N SER F 1034 -22.26 4.06 -13.32
CA SER F 1034 -22.87 2.87 -12.74
C SER F 1034 -23.53 1.96 -13.78
N MET F 1035 -23.54 2.35 -15.05
CA MET F 1035 -24.17 1.56 -16.10
C MET F 1035 -23.52 0.19 -16.29
N HIS F 1036 -22.29 0.00 -15.82
CA HIS F 1036 -21.57 -1.26 -16.02
C HIS F 1036 -22.28 -2.46 -15.42
N ILE F 1037 -23.18 -2.25 -14.45
CA ILE F 1037 -23.99 -3.33 -13.89
C ILE F 1037 -24.98 -3.91 -14.89
N CYS F 1038 -25.23 -3.22 -16.01
CA CYS F 1038 -26.17 -3.72 -17.01
C CYS F 1038 -25.74 -5.06 -17.59
N LEU F 1039 -24.42 -5.36 -17.58
CA LEU F 1039 -23.94 -6.63 -18.08
C LEU F 1039 -24.43 -7.81 -17.25
N ASP F 1040 -24.93 -7.57 -16.04
CA ASP F 1040 -25.43 -8.64 -15.20
C ASP F 1040 -26.75 -9.16 -15.74
N PHE F 1041 -27.69 -8.26 -16.07
CA PHE F 1041 -29.02 -8.66 -16.47
C PHE F 1041 -29.25 -8.66 -17.98
N ILE F 1042 -28.27 -8.19 -18.77
CA ILE F 1042 -28.40 -8.27 -20.23
C ILE F 1042 -28.65 -9.70 -20.73
N PRO F 1043 -28.00 -10.75 -20.19
CA PRO F 1043 -28.39 -12.12 -20.61
C PRO F 1043 -29.86 -12.44 -20.40
N GLU F 1044 -30.46 -11.96 -19.30
CA GLU F 1044 -31.88 -12.20 -19.08
C GLU F 1044 -32.73 -11.28 -19.94
N LEU F 1045 -32.27 -10.06 -20.20
CA LEU F 1045 -32.99 -9.17 -21.10
C LEU F 1045 -33.05 -9.76 -22.52
N ILE F 1046 -31.97 -10.44 -22.93
CA ILE F 1046 -31.92 -11.06 -24.26
C ILE F 1046 -33.01 -12.11 -24.39
N ALA F 1047 -33.26 -12.86 -23.33
CA ALA F 1047 -34.20 -13.98 -23.34
C ALA F 1047 -35.66 -13.54 -23.24
N GLN F 1048 -35.96 -12.26 -23.37
CA GLN F 1048 -37.34 -11.82 -23.35
C GLN F 1048 -38.02 -12.17 -24.68
N PRO F 1049 -39.35 -12.31 -24.68
CA PRO F 1049 -40.03 -12.61 -25.95
C PRO F 1049 -40.06 -11.43 -26.91
N GLU F 1050 -40.19 -10.22 -26.39
CA GLU F 1050 -40.39 -9.05 -27.26
C GLU F 1050 -39.16 -8.80 -28.11
N LEU F 1051 -39.36 -8.64 -29.42
CA LEU F 1051 -38.26 -8.34 -30.33
C LEU F 1051 -37.59 -7.02 -29.97
N GLU F 1052 -38.38 -6.04 -29.52
CA GLU F 1052 -37.85 -4.72 -29.18
C GLU F 1052 -36.87 -4.79 -28.03
N LYS F 1053 -37.17 -5.61 -27.02
CA LYS F 1053 -36.29 -5.74 -25.88
C LYS F 1053 -34.98 -6.38 -26.27
N GLN F 1054 -35.01 -7.39 -27.15
CA GLN F 1054 -33.78 -8.02 -27.62
C GLN F 1054 -32.94 -7.04 -28.43
N ILE F 1055 -33.58 -6.24 -29.29
CA ILE F 1055 -32.88 -5.23 -30.08
C ILE F 1055 -32.19 -4.23 -29.15
N PHE F 1056 -32.92 -3.77 -28.14
CA PHE F 1056 -32.38 -2.80 -27.19
C PHE F 1056 -31.23 -3.41 -26.41
N ALA F 1057 -31.35 -4.68 -26.03
CA ALA F 1057 -30.29 -5.36 -25.32
C ALA F 1057 -29.02 -5.43 -26.16
N ILE F 1058 -29.16 -5.73 -27.46
CA ILE F 1058 -28.01 -5.80 -28.34
C ILE F 1058 -27.32 -4.45 -28.44
N GLN F 1059 -28.11 -3.38 -28.62
CA GLN F 1059 -27.53 -2.03 -28.75
C GLN F 1059 -26.82 -1.62 -27.45
N LEU F 1060 -27.49 -1.85 -26.31
CA LEU F 1060 -26.91 -1.53 -25.01
C LEU F 1060 -25.61 -2.29 -24.78
N LEU F 1061 -25.60 -3.58 -25.10
CA LEU F 1061 -24.40 -4.38 -24.92
C LEU F 1061 -23.27 -3.86 -25.81
N SER F 1062 -23.61 -3.44 -27.03
CA SER F 1062 -22.59 -2.91 -27.94
C SER F 1062 -21.94 -1.67 -27.35
N HIS F 1063 -22.75 -0.74 -26.86
CA HIS F 1063 -22.21 0.48 -26.27
C HIS F 1063 -21.38 0.18 -25.03
N LEU F 1064 -21.84 -0.75 -24.18
CA LEU F 1064 -21.06 -1.10 -22.99
C LEU F 1064 -19.75 -1.76 -23.35
N CYS F 1065 -19.76 -2.65 -24.35
CA CYS F 1065 -18.53 -3.28 -24.81
C CYS F 1065 -17.54 -2.25 -25.31
N ILE F 1066 -18.03 -1.22 -26.01
CA ILE F 1066 -17.16 -0.11 -26.38
C ILE F 1066 -16.61 0.57 -25.12
N GLN F 1067 -17.47 0.75 -24.12
CA GLN F 1067 -17.05 1.46 -22.92
C GLN F 1067 -16.14 0.60 -22.06
N TYR F 1068 -16.66 -0.54 -21.60
CA TYR F 1068 -15.93 -1.47 -20.74
C TYR F 1068 -15.67 -2.76 -21.51
N ALA F 1069 -14.40 -3.01 -21.85
CA ALA F 1069 -14.01 -4.19 -22.60
C ALA F 1069 -13.46 -5.22 -21.61
N LEU F 1070 -14.37 -5.98 -21.02
CA LEU F 1070 -14.06 -6.90 -19.93
C LEU F 1070 -14.35 -8.34 -20.34
N PRO F 1071 -13.73 -9.33 -19.65
CA PRO F 1071 -14.03 -10.74 -20.00
C PRO F 1071 -15.50 -11.10 -19.90
N LYS F 1072 -16.19 -10.62 -18.86
CA LYS F 1072 -17.62 -10.87 -18.76
C LYS F 1072 -18.36 -10.18 -19.90
N SER F 1073 -17.91 -8.98 -20.28
CA SER F 1073 -18.47 -8.29 -21.44
C SER F 1073 -18.27 -9.12 -22.71
N LEU F 1074 -17.08 -9.73 -22.86
CA LEU F 1074 -16.83 -10.58 -24.01
C LEU F 1074 -17.75 -11.80 -24.02
N SER F 1075 -17.96 -12.42 -22.85
CA SER F 1075 -18.83 -13.59 -22.80
C SER F 1075 -20.26 -13.23 -23.15
N VAL F 1076 -20.75 -12.09 -22.64
CA VAL F 1076 -22.09 -11.65 -22.97
C VAL F 1076 -22.19 -11.28 -24.44
N ALA F 1077 -21.11 -10.73 -25.03
CA ALA F 1077 -21.08 -10.45 -26.45
C ALA F 1077 -21.14 -11.74 -27.25
N ARG F 1078 -20.45 -12.79 -26.79
CA ARG F 1078 -20.54 -14.10 -27.43
C ARG F 1078 -21.97 -14.61 -27.40
N LEU F 1079 -22.65 -14.44 -26.27
CA LEU F 1079 -24.05 -14.85 -26.16
C LEU F 1079 -24.92 -14.04 -27.13
N ALA F 1080 -24.62 -12.75 -27.26
CA ALA F 1080 -25.36 -11.89 -28.19
C ALA F 1080 -25.19 -12.35 -29.63
N VAL F 1081 -23.95 -12.67 -30.01
CA VAL F 1081 -23.68 -13.16 -31.35
C VAL F 1081 -24.41 -14.48 -31.57
N ASN F 1082 -24.41 -15.35 -30.56
CA ASN F 1082 -25.03 -16.65 -30.71
C ASN F 1082 -26.55 -16.54 -30.82
N VAL F 1083 -27.18 -15.63 -30.06
CA VAL F 1083 -28.63 -15.48 -30.18
C VAL F 1083 -28.98 -14.83 -31.51
N MET F 1084 -28.20 -13.85 -31.97
CA MET F 1084 -28.46 -13.27 -33.28
C MET F 1084 -28.36 -14.31 -34.39
N GLY F 1085 -27.34 -15.16 -34.32
CA GLY F 1085 -27.24 -16.26 -35.27
C GLY F 1085 -28.36 -17.26 -35.14
N THR F 1086 -28.85 -17.46 -33.91
CA THR F 1086 -29.89 -18.45 -33.67
C THR F 1086 -31.22 -18.00 -34.27
N LEU F 1087 -31.73 -16.85 -33.83
CA LEU F 1087 -33.02 -16.41 -34.31
C LEU F 1087 -32.96 -15.78 -35.70
N LEU F 1088 -31.78 -15.71 -36.32
CA LEU F 1088 -31.72 -15.45 -37.76
C LEU F 1088 -32.55 -16.47 -38.52
N THR F 1089 -32.56 -17.72 -38.05
CA THR F 1089 -33.31 -18.80 -38.65
C THR F 1089 -34.59 -19.11 -37.89
N VAL F 1090 -35.15 -18.12 -37.18
CA VAL F 1090 -36.43 -18.31 -36.50
C VAL F 1090 -37.38 -17.20 -36.93
N LEU F 1091 -36.83 -16.05 -37.29
CA LEU F 1091 -37.65 -14.91 -37.68
C LEU F 1091 -38.12 -15.02 -39.12
N THR F 1092 -39.34 -14.54 -39.37
CA THR F 1092 -39.85 -14.36 -40.72
C THR F 1092 -39.09 -13.23 -41.42
N GLN F 1093 -39.45 -13.02 -42.70
CA GLN F 1093 -38.79 -11.99 -43.51
C GLN F 1093 -38.95 -10.61 -42.91
N ALA F 1094 -40.20 -10.23 -42.59
CA ALA F 1094 -40.46 -8.93 -42.00
C ALA F 1094 -39.79 -8.80 -40.64
N LYS F 1095 -39.89 -9.86 -39.82
CA LYS F 1095 -39.23 -9.85 -38.52
C LYS F 1095 -37.71 -9.81 -38.67
N ARG F 1096 -37.17 -10.50 -39.68
CA ARG F 1096 -35.73 -10.44 -39.94
C ARG F 1096 -35.30 -9.01 -40.21
N TYR F 1097 -36.03 -8.31 -41.09
CA TYR F 1097 -35.69 -6.93 -41.41
C TYR F 1097 -35.78 -6.06 -40.17
N ALA F 1098 -36.91 -6.15 -39.45
CA ALA F 1098 -37.14 -5.28 -38.29
C ALA F 1098 -36.12 -5.53 -37.19
N PHE F 1099 -35.62 -6.76 -37.07
CA PHE F 1099 -34.66 -7.06 -36.01
C PHE F 1099 -33.24 -6.69 -36.43
N PHE F 1100 -32.87 -6.97 -37.68
CA PHE F 1100 -31.48 -6.84 -38.07
C PHE F 1100 -31.12 -5.46 -38.59
N MET F 1101 -32.10 -4.61 -38.90
CA MET F 1101 -31.74 -3.24 -39.25
C MET F 1101 -31.12 -2.48 -38.07
N PRO F 1102 -31.69 -2.51 -36.84
CA PRO F 1102 -31.05 -1.73 -35.75
C PRO F 1102 -29.83 -2.42 -35.17
N THR F 1103 -29.83 -3.76 -35.13
CA THR F 1103 -28.78 -4.48 -34.42
C THR F 1103 -27.56 -4.79 -35.27
N LEU F 1104 -27.53 -4.37 -36.51
CA LEU F 1104 -26.35 -4.60 -37.34
C LEU F 1104 -25.25 -3.60 -37.01
N PRO F 1105 -25.52 -2.29 -36.81
CA PRO F 1105 -24.46 -1.40 -36.33
C PRO F 1105 -23.84 -1.79 -34.98
N SER F 1106 -24.44 -2.71 -34.24
CA SER F 1106 -23.82 -3.21 -33.03
C SER F 1106 -22.65 -4.14 -33.31
N LEU F 1107 -22.64 -4.80 -34.48
CA LEU F 1107 -21.59 -5.75 -34.80
C LEU F 1107 -20.23 -5.08 -34.96
N VAL F 1108 -20.19 -3.87 -35.55
CA VAL F 1108 -18.92 -3.16 -35.67
C VAL F 1108 -18.39 -2.79 -34.30
N SER F 1109 -19.29 -2.40 -33.37
CA SER F 1109 -18.87 -2.12 -32.01
C SER F 1109 -18.33 -3.36 -31.32
N PHE F 1110 -18.98 -4.51 -31.54
CA PHE F 1110 -18.46 -5.76 -31.00
C PHE F 1110 -17.07 -6.07 -31.54
N CYS F 1111 -16.86 -5.85 -32.84
CA CYS F 1111 -15.55 -6.07 -33.43
C CYS F 1111 -14.51 -5.11 -32.84
N ARG F 1112 -14.91 -3.87 -32.58
CA ARG F 1112 -14.01 -2.92 -31.94
C ARG F 1112 -13.61 -3.37 -30.55
N ALA F 1113 -14.57 -3.86 -29.77
CA ALA F 1113 -14.27 -4.27 -28.40
C ALA F 1113 -13.39 -5.51 -28.38
N PHE F 1114 -13.75 -6.54 -29.14
CA PHE F 1114 -13.16 -7.87 -28.99
C PHE F 1114 -12.71 -8.44 -30.33
N PRO F 1115 -11.43 -8.34 -30.65
CA PRO F 1115 -10.88 -9.02 -31.85
C PRO F 1115 -11.18 -10.51 -31.90
N PRO F 1116 -11.14 -11.29 -30.79
CA PRO F 1116 -11.46 -12.72 -30.90
C PRO F 1116 -12.87 -13.03 -31.38
N LEU F 1117 -13.75 -12.04 -31.51
CA LEU F 1117 -15.06 -12.22 -32.12
C LEU F 1117 -15.07 -12.10 -33.63
N TYR F 1118 -13.93 -11.87 -34.28
CA TYR F 1118 -13.92 -11.68 -35.73
C TYR F 1118 -14.43 -12.91 -36.46
N GLU F 1119 -14.04 -14.10 -36.01
CA GLU F 1119 -14.48 -15.35 -36.64
C GLU F 1119 -16.00 -15.46 -36.63
N ASP F 1120 -16.62 -15.33 -35.45
CA ASP F 1120 -18.05 -15.53 -35.34
C ASP F 1120 -18.82 -14.38 -35.99
N ILE F 1121 -18.34 -13.14 -35.85
CA ILE F 1121 -19.00 -12.00 -36.48
C ILE F 1121 -19.01 -12.16 -37.99
N MET F 1122 -17.88 -12.55 -38.57
CA MET F 1122 -17.82 -12.69 -40.02
C MET F 1122 -18.63 -13.88 -40.50
N SER F 1123 -18.64 -14.98 -39.75
CA SER F 1123 -19.47 -16.13 -40.13
C SER F 1123 -20.95 -15.76 -40.10
N LEU F 1124 -21.37 -15.04 -39.05
CA LEU F 1124 -22.76 -14.60 -38.94
C LEU F 1124 -23.10 -13.63 -40.07
N LEU F 1125 -22.20 -12.70 -40.38
CA LEU F 1125 -22.44 -11.74 -41.45
C LEU F 1125 -22.56 -12.43 -42.79
N ILE F 1126 -21.73 -13.44 -43.04
CA ILE F 1126 -21.81 -14.19 -44.29
C ILE F 1126 -23.14 -14.92 -44.37
N GLN F 1127 -23.55 -15.56 -43.27
CA GLN F 1127 -24.81 -16.31 -43.29
C GLN F 1127 -26.01 -15.39 -43.54
N ILE F 1128 -26.06 -14.26 -42.82
CA ILE F 1128 -27.18 -13.35 -43.01
C ILE F 1128 -27.13 -12.73 -44.41
N GLY F 1129 -25.93 -12.47 -44.95
CA GLY F 1129 -25.84 -11.93 -46.28
C GLY F 1129 -26.36 -12.91 -47.33
N GLN F 1130 -26.04 -14.19 -47.17
CA GLN F 1130 -26.53 -15.18 -48.13
C GLN F 1130 -28.04 -15.38 -47.99
N VAL F 1131 -28.54 -15.37 -46.75
CA VAL F 1131 -29.99 -15.47 -46.53
C VAL F 1131 -30.71 -14.30 -47.18
N CYS F 1132 -30.21 -13.09 -46.96
CA CYS F 1132 -30.84 -11.90 -47.54
C CYS F 1132 -30.72 -11.89 -49.06
N ALA F 1133 -29.59 -12.37 -49.59
CA ALA F 1133 -29.42 -12.42 -51.04
C ALA F 1133 -30.42 -13.38 -51.67
N SER F 1134 -30.61 -14.55 -51.06
CA SER F 1134 -31.61 -15.50 -51.55
C SER F 1134 -33.01 -14.89 -51.45
N ASP F 1135 -33.30 -14.18 -50.35
CA ASP F 1135 -34.59 -13.54 -50.17
C ASP F 1135 -34.83 -12.49 -51.26
N VAL F 1136 -33.79 -11.74 -51.60
CA VAL F 1136 -33.86 -10.79 -52.72
C VAL F 1136 -34.16 -11.54 -54.01
N ALA F 1137 -33.50 -12.68 -54.22
CA ALA F 1137 -33.67 -13.43 -55.46
C ALA F 1137 -35.08 -14.00 -55.60
N THR F 1138 -35.77 -14.27 -54.50
CA THR F 1138 -37.10 -14.90 -54.57
C THR F 1138 -38.11 -14.02 -55.32
N GLN F 1139 -38.17 -12.74 -54.97
CA GLN F 1139 -39.14 -11.81 -55.54
C GLN F 1139 -38.43 -10.75 -56.37
N THR F 1140 -39.09 -10.33 -57.45
CA THR F 1140 -38.52 -9.28 -58.30
C THR F 1140 -38.40 -7.97 -57.54
N ARG F 1141 -37.24 -7.34 -57.63
CA ARG F 1141 -36.93 -6.13 -56.88
C ARG F 1141 -36.58 -5.00 -57.85
N ASP F 1142 -36.34 -3.83 -57.28
CA ASP F 1142 -36.02 -2.63 -58.06
C ASP F 1142 -34.53 -2.58 -58.39
N ILE F 1143 -33.68 -2.53 -57.36
CA ILE F 1143 -32.26 -2.30 -57.58
C ILE F 1143 -31.55 -3.59 -58.03
N ASP F 1144 -31.98 -4.77 -57.54
CA ASP F 1144 -31.38 -6.07 -57.81
C ASP F 1144 -29.91 -6.06 -57.40
N PRO F 1145 -29.60 -6.08 -56.10
CA PRO F 1145 -28.20 -5.96 -55.66
C PRO F 1145 -27.27 -7.09 -56.13
N ILE F 1146 -27.80 -8.27 -56.50
CA ILE F 1146 -26.95 -9.40 -56.87
C ILE F 1146 -26.09 -9.07 -58.09
N ILE F 1147 -26.71 -8.50 -59.13
CA ILE F 1147 -25.94 -8.09 -60.31
C ILE F 1147 -25.00 -6.92 -60.01
N THR F 1148 -25.27 -6.13 -58.97
CA THR F 1148 -24.37 -5.07 -58.53
C THR F 1148 -23.36 -5.62 -57.51
N ARG F 1149 -22.66 -6.68 -57.95
CA ARG F 1149 -21.76 -7.42 -57.07
C ARG F 1149 -20.36 -6.81 -57.01
N LEU F 1150 -20.02 -5.92 -57.94
CA LEU F 1150 -18.66 -5.37 -58.03
C LEU F 1150 -18.68 -3.87 -57.78
N GLN F 1151 -19.48 -3.42 -56.83
CA GLN F 1151 -19.58 -2.00 -56.50
C GLN F 1151 -18.43 -1.58 -55.60
N GLN F 1152 -18.21 -0.27 -55.54
CA GLN F 1152 -17.14 0.33 -54.76
C GLN F 1152 -17.67 0.79 -53.41
N ILE F 1153 -16.86 1.55 -52.69
CA ILE F 1153 -17.23 2.05 -51.36
C ILE F 1153 -18.16 3.25 -51.54
N LYS F 1154 -19.10 3.42 -50.61
CA LYS F 1154 -20.04 4.53 -50.66
C LYS F 1154 -20.42 4.89 -49.23
N GLU F 1155 -19.77 5.93 -48.71
CA GLU F 1155 -20.06 6.41 -47.36
C GLU F 1155 -21.23 7.39 -47.37
N LYS F 1156 -21.70 7.72 -46.18
CA LYS F 1156 -22.82 8.65 -46.03
C LYS F 1156 -22.32 10.10 -45.96
N GLY F 1177 -34.14 6.66 -48.77
CA GLY F 1177 -34.35 5.44 -49.52
C GLY F 1177 -35.51 4.61 -49.02
N SER F 1178 -36.65 4.70 -49.72
CA SER F 1178 -37.86 3.98 -49.34
C SER F 1178 -38.02 2.65 -50.07
N MET F 1179 -36.92 2.00 -50.47
CA MET F 1179 -36.98 0.74 -51.18
C MET F 1179 -37.56 -0.37 -50.29
N ASP F 1180 -37.69 -1.56 -50.87
CA ASP F 1180 -38.29 -2.69 -50.17
C ASP F 1180 -37.34 -3.16 -49.06
N PRO F 1181 -37.85 -3.92 -48.06
CA PRO F 1181 -37.00 -4.31 -46.92
C PRO F 1181 -35.72 -5.06 -47.26
N ASP F 1182 -35.74 -5.96 -48.23
CA ASP F 1182 -34.63 -6.90 -48.39
C ASP F 1182 -33.39 -6.22 -48.98
N VAL F 1183 -33.57 -5.34 -49.95
CA VAL F 1183 -32.41 -4.63 -50.50
C VAL F 1183 -31.83 -3.68 -49.46
N GLN F 1184 -32.70 -3.07 -48.63
CA GLN F 1184 -32.23 -2.23 -47.52
C GLN F 1184 -31.38 -3.06 -46.55
N LEU F 1185 -31.84 -4.27 -46.23
CA LEU F 1185 -31.09 -5.11 -45.30
C LEU F 1185 -29.76 -5.55 -45.92
N CYS F 1186 -29.75 -5.84 -47.23
CA CYS F 1186 -28.51 -6.18 -47.90
C CYS F 1186 -27.52 -5.01 -47.86
N HIS F 1187 -28.01 -3.79 -48.12
CA HIS F 1187 -27.14 -2.62 -48.07
C HIS F 1187 -26.65 -2.38 -46.64
N CYS F 1188 -27.48 -2.66 -45.64
CA CYS F 1188 -27.06 -2.53 -44.25
C CYS F 1188 -25.96 -3.53 -43.92
N ILE F 1189 -26.09 -4.77 -44.42
CA ILE F 1189 -25.04 -5.76 -44.23
C ILE F 1189 -23.75 -5.30 -44.87
N GLU F 1190 -23.86 -4.75 -46.08
CA GLU F 1190 -22.70 -4.22 -46.79
C GLU F 1190 -22.03 -3.11 -45.99
N ARG F 1191 -22.82 -2.16 -45.47
CA ARG F 1191 -22.25 -1.06 -44.71
C ARG F 1191 -21.62 -1.53 -43.41
N THR F 1192 -22.22 -2.54 -42.77
CA THR F 1192 -21.65 -3.10 -41.54
C THR F 1192 -20.27 -3.69 -41.82
N VAL F 1193 -20.16 -4.45 -42.91
CA VAL F 1193 -18.89 -5.07 -43.27
C VAL F 1193 -17.88 -3.98 -43.66
N ILE F 1194 -18.35 -2.94 -44.35
CA ILE F 1194 -17.47 -1.82 -44.72
C ILE F 1194 -16.89 -1.16 -43.49
N GLU F 1195 -17.74 -0.90 -42.49
CA GLU F 1195 -17.28 -0.26 -41.27
C GLU F 1195 -16.28 -1.12 -40.53
N ILE F 1196 -16.57 -2.43 -40.40
CA ILE F 1196 -15.67 -3.34 -39.70
C ILE F 1196 -14.30 -3.38 -40.38
N ILE F 1197 -14.29 -3.56 -41.70
CA ILE F 1197 -13.03 -3.66 -42.44
C ILE F 1197 -12.27 -2.35 -42.37
N ASN F 1198 -12.98 -1.23 -42.55
CA ASN F 1198 -12.34 0.07 -42.58
C ASN F 1198 -11.70 0.40 -41.23
N MET F 1199 -12.40 0.13 -40.12
CA MET F 1199 -11.80 0.45 -38.83
C MET F 1199 -10.63 -0.48 -38.52
N SER F 1200 -10.77 -1.79 -38.78
CA SER F 1200 -9.67 -2.71 -38.50
C SER F 1200 -8.44 -2.41 -39.35
N VAL F 1201 -8.65 -2.10 -40.63
CA VAL F 1201 -7.56 -1.77 -41.54
C VAL F 1201 -6.93 -0.43 -41.22
N SER F 1202 -7.61 0.43 -40.47
CA SER F 1202 -7.13 1.76 -40.06
C SER F 1202 -8.09 2.40 -39.07
N ARG G 35 -6.97 -31.26 28.03
CA ARG G 35 -7.84 -30.91 26.90
C ARG G 35 -9.11 -30.21 27.38
N LEU G 36 -10.04 -29.98 26.45
CA LEU G 36 -11.32 -29.33 26.76
C LEU G 36 -12.50 -30.30 26.77
N LEU G 37 -12.61 -31.14 25.74
CA LEU G 37 -13.71 -32.09 25.65
C LEU G 37 -13.28 -33.43 26.21
N LEU G 38 -14.11 -34.03 27.06
CA LEU G 38 -13.79 -35.31 27.67
C LEU G 38 -13.73 -36.40 26.60
N SER G 39 -12.66 -37.20 26.64
CA SER G 39 -12.39 -38.24 25.67
C SER G 39 -11.21 -39.07 26.18
N THR G 40 -10.84 -40.08 25.42
CA THR G 40 -9.74 -40.97 25.76
C THR G 40 -8.90 -41.19 24.52
N SER G 41 -7.92 -42.10 24.62
CA SER G 41 -7.03 -42.40 23.51
C SER G 41 -7.80 -42.96 22.32
N LEU G 42 -8.75 -43.87 22.58
CA LEU G 42 -9.49 -44.51 21.51
C LEU G 42 -10.42 -43.55 20.76
N ASP G 43 -10.79 -42.44 21.38
CA ASP G 43 -11.66 -41.46 20.71
C ASP G 43 -10.99 -40.87 19.47
N ALA G 44 -11.79 -40.70 18.42
CA ALA G 44 -11.28 -40.20 17.15
C ALA G 44 -10.76 -38.77 17.27
N LYS G 45 -9.67 -38.49 16.56
CA LYS G 45 -9.10 -37.15 16.52
C LYS G 45 -10.05 -36.24 15.75
N ASP G 46 -10.78 -35.41 16.48
CA ASP G 46 -11.85 -34.57 15.92
C ASP G 46 -11.24 -33.35 15.24
N GLU G 47 -11.34 -33.29 13.91
CA GLU G 47 -10.76 -32.19 13.13
C GLU G 47 -11.31 -30.83 13.55
N LEU G 48 -12.58 -30.76 13.94
CA LEU G 48 -13.12 -29.52 14.49
C LEU G 48 -12.37 -29.13 15.77
N GLU G 49 -12.10 -30.11 16.63
CA GLU G 49 -11.35 -29.83 17.85
C GLU G 49 -9.92 -29.42 17.53
N GLU G 50 -9.32 -29.97 16.46
CA GLU G 50 -7.99 -29.54 16.06
C GLU G 50 -8.01 -28.10 15.55
N ARG G 51 -9.08 -27.72 14.83
CA ARG G 51 -9.27 -26.32 14.46
C ARG G 51 -9.36 -25.44 15.71
N LEU G 52 -10.08 -25.91 16.73
CA LEU G 52 -10.16 -25.18 17.99
C LEU G 52 -8.79 -25.06 18.65
N GLU G 53 -7.99 -26.13 18.60
CA GLU G 53 -6.64 -26.09 19.18
C GLU G 53 -5.74 -25.10 18.46
N ARG G 54 -5.82 -25.05 17.13
CA ARG G 54 -5.07 -24.05 16.37
C ARG G 54 -5.53 -22.65 16.73
N CYS G 55 -6.84 -22.49 16.95
CA CYS G 55 -7.37 -21.21 17.42
C CYS G 55 -6.80 -20.85 18.78
N MET G 56 -6.70 -21.83 19.70
CA MET G 56 -6.06 -21.61 21.00
C MET G 56 -4.64 -21.12 20.82
N SER G 57 -3.90 -21.80 19.92
CA SER G 57 -2.50 -21.46 19.69
C SER G 57 -2.36 -20.01 19.23
N ILE G 58 -3.12 -19.63 18.19
CA ILE G 58 -2.95 -18.29 17.65
C ILE G 58 -3.40 -17.22 18.64
N VAL G 59 -4.53 -17.45 19.34
CA VAL G 59 -5.06 -16.40 20.23
C VAL G 59 -4.17 -16.24 21.45
N THR G 60 -3.59 -17.33 21.96
CA THR G 60 -2.81 -17.21 23.18
C THR G 60 -1.40 -16.75 22.87
N SER G 61 -0.71 -17.43 21.94
CA SER G 61 0.65 -17.06 21.59
C SER G 61 0.75 -15.65 21.03
N MET G 62 -0.31 -15.13 20.39
CA MET G 62 -0.23 -13.76 19.91
C MET G 62 -0.34 -12.75 21.05
N THR G 63 -1.13 -13.07 22.08
CA THR G 63 -1.26 -12.18 23.24
C THR G 63 0.06 -12.05 23.99
N ALA G 64 0.69 -13.18 24.31
CA ALA G 64 1.99 -13.26 24.98
C ALA G 64 1.99 -12.58 26.35
N GLY G 65 0.83 -12.49 26.99
CA GLY G 65 0.70 -11.88 28.30
C GLY G 65 1.03 -10.41 28.38
N VAL G 66 0.98 -9.70 27.25
CA VAL G 66 1.23 -8.26 27.22
C VAL G 66 -0.05 -7.57 27.67
N SER G 67 0.04 -6.26 27.94
CA SER G 67 -1.14 -5.48 28.28
C SER G 67 -2.13 -5.47 27.13
N GLU G 68 -3.42 -5.36 27.48
CA GLU G 68 -4.53 -5.52 26.54
C GLU G 68 -4.47 -4.54 25.37
N ARG G 69 -3.83 -3.38 25.56
CA ARG G 69 -3.81 -2.34 24.54
C ARG G 69 -3.11 -2.81 23.26
N GLU G 70 -1.81 -3.13 23.36
CA GLU G 70 -1.06 -3.61 22.21
C GLU G 70 -1.59 -4.95 21.71
N ALA G 71 -2.09 -5.76 22.64
CA ALA G 71 -2.67 -7.06 22.28
C ALA G 71 -3.84 -6.90 21.32
N ASN G 72 -4.79 -6.00 21.65
CA ASN G 72 -5.92 -5.80 20.77
C ASN G 72 -5.52 -5.06 19.50
N ASP G 73 -4.49 -4.20 19.57
CA ASP G 73 -3.96 -3.57 18.36
C ASP G 73 -3.48 -4.63 17.36
N ALA G 74 -2.61 -5.53 17.81
CA ALA G 74 -2.11 -6.59 16.96
C ALA G 74 -3.23 -7.53 16.52
N LEU G 75 -4.16 -7.81 17.44
CA LEU G 75 -5.30 -8.67 17.15
C LEU G 75 -6.14 -8.10 16.02
N ASN G 76 -6.43 -6.80 16.07
CA ASN G 76 -7.22 -6.17 15.01
C ASN G 76 -6.45 -6.20 13.70
N ALA G 77 -5.13 -5.99 13.74
CA ALA G 77 -4.32 -6.09 12.54
C ALA G 77 -4.47 -7.48 11.90
N TYR G 78 -4.34 -8.53 12.71
CA TYR G 78 -4.44 -9.90 12.20
C TYR G 78 -5.84 -10.17 11.67
N VAL G 79 -6.88 -9.66 12.35
CA VAL G 79 -8.25 -9.85 11.91
C VAL G 79 -8.48 -9.18 10.56
N CYS G 80 -8.01 -7.93 10.42
CA CYS G 80 -8.24 -7.20 9.18
C CYS G 80 -7.32 -7.64 8.04
N LYS G 81 -6.33 -8.50 8.33
CA LYS G 81 -5.51 -9.05 7.25
C LYS G 81 -6.37 -9.79 6.23
N GLY G 82 -7.29 -10.63 6.69
CA GLY G 82 -8.14 -11.38 5.78
C GLY G 82 -9.33 -11.98 6.51
N LEU G 83 -10.16 -12.68 5.74
CA LEU G 83 -11.40 -13.29 6.23
C LEU G 83 -11.15 -14.59 7.00
N PRO G 84 -10.44 -15.61 6.47
CA PRO G 84 -10.25 -16.85 7.27
C PRO G 84 -9.53 -16.62 8.59
N GLN G 85 -8.53 -15.73 8.64
CA GLN G 85 -7.88 -15.43 9.91
C GLN G 85 -8.81 -14.67 10.84
N HIS G 86 -9.71 -13.85 10.30
CA HIS G 86 -10.73 -13.19 11.12
C HIS G 86 -11.63 -14.24 11.78
N GLU G 87 -12.06 -15.24 10.99
CA GLU G 87 -12.88 -16.31 11.53
C GLU G 87 -12.11 -17.13 12.57
N GLU G 88 -10.82 -17.38 12.32
CA GLU G 88 -10.01 -18.12 13.28
C GLU G 88 -9.87 -17.37 14.60
N ILE G 89 -9.65 -16.05 14.54
CA ILE G 89 -9.57 -15.24 15.75
C ILE G 89 -10.89 -15.27 16.50
N CYS G 90 -12.01 -15.16 15.77
CA CYS G 90 -13.32 -15.19 16.41
C CYS G 90 -13.56 -16.52 17.12
N LEU G 91 -13.21 -17.64 16.47
CA LEU G 91 -13.39 -18.93 17.11
C LEU G 91 -12.46 -19.10 18.31
N GLY G 92 -11.25 -18.55 18.22
CA GLY G 92 -10.35 -18.58 19.37
C GLY G 92 -10.90 -17.80 20.55
N LEU G 93 -11.48 -16.63 20.29
CA LEU G 93 -12.13 -15.86 21.34
C LEU G 93 -13.31 -16.63 21.93
N PHE G 94 -14.08 -17.29 21.06
CA PHE G 94 -15.22 -18.09 21.52
C PHE G 94 -14.78 -19.23 22.42
N THR G 95 -13.71 -19.93 22.04
CA THR G 95 -13.21 -21.02 22.87
C THR G 95 -12.63 -20.51 24.18
N LEU G 96 -11.91 -19.39 24.14
CA LEU G 96 -11.43 -18.75 25.37
C LEU G 96 -12.57 -18.37 26.30
N ILE G 97 -13.72 -17.98 25.74
CA ILE G 97 -14.90 -17.71 26.56
C ILE G 97 -15.35 -18.99 27.28
N LEU G 98 -15.07 -20.15 26.69
CA LEU G 98 -15.38 -21.44 27.30
C LEU G 98 -14.24 -22.00 28.15
N THR G 99 -13.14 -21.27 28.32
CA THR G 99 -11.94 -21.80 28.97
C THR G 99 -11.86 -21.47 30.46
N GLU G 100 -11.81 -20.19 30.82
CA GLU G 100 -11.52 -19.74 32.17
C GLU G 100 -12.31 -18.47 32.40
N PRO G 101 -12.80 -18.19 33.66
CA PRO G 101 -13.69 -17.04 33.88
C PRO G 101 -13.10 -15.67 33.54
N ALA G 102 -11.95 -15.33 34.11
CA ALA G 102 -11.34 -14.02 33.86
C ALA G 102 -10.97 -13.89 32.39
N GLN G 103 -10.36 -14.94 31.83
CA GLN G 103 -10.06 -14.97 30.41
C GLN G 103 -11.32 -14.90 29.57
N ALA G 104 -12.43 -15.51 30.04
CA ALA G 104 -13.68 -15.41 29.29
C ALA G 104 -14.17 -13.97 29.26
N GLN G 105 -14.10 -13.27 30.39
CA GLN G 105 -14.49 -11.87 30.44
C GLN G 105 -13.66 -11.04 29.48
N LYS G 106 -12.32 -11.17 29.57
CA LYS G 106 -11.43 -10.37 28.74
C LYS G 106 -11.60 -10.68 27.26
N CYS G 107 -11.74 -11.96 26.90
CA CYS G 107 -11.86 -12.33 25.50
C CYS G 107 -13.23 -11.99 24.93
N TYR G 108 -14.29 -12.03 25.75
CA TYR G 108 -15.58 -11.55 25.28
C TYR G 108 -15.55 -10.05 25.04
N ARG G 109 -14.87 -9.31 25.94
CA ARG G 109 -14.64 -7.90 25.71
C ARG G 109 -13.93 -7.67 24.38
N ASP G 110 -12.85 -8.41 24.14
CA ASP G 110 -12.06 -8.25 22.92
C ASP G 110 -12.85 -8.64 21.68
N LEU G 111 -13.69 -9.68 21.79
CA LEU G 111 -14.51 -10.11 20.66
C LEU G 111 -15.54 -9.06 20.30
N ALA G 112 -16.22 -8.50 21.31
CA ALA G 112 -17.16 -7.42 21.05
C ALA G 112 -16.46 -6.19 20.48
N LEU G 113 -15.19 -5.98 20.85
CA LEU G 113 -14.43 -4.85 20.35
C LEU G 113 -13.93 -5.05 18.91
N VAL G 114 -13.65 -6.27 18.50
CA VAL G 114 -12.95 -6.52 17.24
C VAL G 114 -13.82 -7.19 16.18
N SER G 115 -15.00 -7.68 16.52
CA SER G 115 -15.88 -8.29 15.53
C SER G 115 -16.27 -7.28 14.46
N ARG G 116 -16.16 -7.71 13.20
CA ARG G 116 -16.41 -6.86 12.04
C ARG G 116 -17.85 -6.96 11.55
N ASP G 117 -18.30 -8.18 11.26
CA ASP G 117 -19.64 -8.44 10.73
C ASP G 117 -20.68 -8.67 11.82
N GLY G 118 -20.35 -8.35 13.07
CA GLY G 118 -21.23 -8.66 14.19
C GLY G 118 -21.22 -10.11 14.63
N MET G 119 -20.34 -10.93 14.05
CA MET G 119 -20.11 -12.33 14.43
C MET G 119 -21.30 -13.23 14.05
N ASN G 120 -21.98 -12.95 12.94
CA ASN G 120 -23.13 -13.76 12.55
C ASN G 120 -22.71 -15.17 12.13
N ILE G 121 -21.71 -15.27 11.26
CA ILE G 121 -21.19 -16.58 10.89
C ILE G 121 -20.49 -17.23 12.08
N VAL G 122 -19.95 -16.42 12.99
CA VAL G 122 -19.42 -16.96 14.24
C VAL G 122 -20.54 -17.59 15.06
N LEU G 123 -21.71 -16.94 15.10
CA LEU G 123 -22.87 -17.53 15.76
C LEU G 123 -23.31 -18.81 15.06
N ASN G 124 -23.19 -18.85 13.73
CA ASN G 124 -23.51 -20.07 12.98
C ASN G 124 -22.60 -21.21 13.43
N LYS G 125 -21.29 -20.95 13.50
CA LYS G 125 -20.35 -21.97 13.96
C LYS G 125 -20.60 -22.34 15.42
N ILE G 126 -21.05 -21.37 16.23
CA ILE G 126 -21.43 -21.66 17.61
C ILE G 126 -22.59 -22.67 17.64
N ASN G 127 -23.58 -22.46 16.77
CA ASN G 127 -24.70 -23.39 16.67
C ASN G 127 -24.22 -24.78 16.27
N GLN G 128 -23.34 -24.86 15.27
CA GLN G 128 -22.85 -26.17 14.82
C GLN G 128 -22.11 -26.89 15.95
N ILE G 129 -21.16 -26.20 16.58
CA ILE G 129 -20.38 -26.79 17.68
C ILE G 129 -21.32 -27.21 18.81
N LEU G 130 -22.33 -26.38 19.10
CA LEU G 130 -23.29 -26.67 20.15
C LEU G 130 -24.06 -27.96 19.87
N MET G 131 -24.82 -27.99 18.76
CA MET G 131 -25.68 -29.15 18.54
C MET G 131 -24.88 -30.41 18.16
N GLU G 132 -23.60 -30.27 17.83
CA GLU G 132 -22.80 -31.45 17.50
C GLU G 132 -22.04 -32.01 18.71
N LYS G 133 -21.34 -31.15 19.45
CA LYS G 133 -20.41 -31.57 20.48
C LYS G 133 -20.95 -31.43 21.90
N TYR G 134 -22.25 -31.17 22.08
CA TYR G 134 -22.82 -31.06 23.42
C TYR G 134 -22.74 -32.38 24.19
N LEU G 135 -22.70 -33.52 23.50
CA LEU G 135 -22.57 -34.81 24.18
C LEU G 135 -21.26 -34.94 24.96
N LYS G 136 -20.22 -34.20 24.54
CA LYS G 136 -18.90 -34.32 25.15
C LYS G 136 -18.44 -33.05 25.84
N LEU G 137 -19.30 -32.05 25.97
CA LEU G 137 -18.88 -30.76 26.50
C LEU G 137 -18.67 -30.86 28.02
N GLN G 138 -17.59 -30.26 28.50
CA GLN G 138 -17.27 -30.27 29.92
C GLN G 138 -18.22 -29.34 30.69
N ASP G 139 -18.38 -29.62 31.99
CA ASP G 139 -19.33 -28.89 32.81
C ASP G 139 -18.96 -27.41 32.97
N THR G 140 -17.69 -27.12 33.22
CA THR G 140 -17.25 -25.72 33.32
C THR G 140 -17.44 -25.00 31.99
N CYS G 141 -17.14 -25.68 30.88
CA CYS G 141 -17.37 -25.11 29.56
C CYS G 141 -18.86 -24.89 29.32
N ARG G 142 -19.70 -25.80 29.81
CA ARG G 142 -21.14 -25.62 29.73
C ARG G 142 -21.59 -24.36 30.47
N THR G 143 -21.09 -24.17 31.70
CA THR G 143 -21.47 -23.00 32.49
C THR G 143 -21.02 -21.71 31.81
N GLN G 144 -19.80 -21.70 31.28
CA GLN G 144 -19.29 -20.50 30.64
C GLN G 144 -20.00 -20.22 29.32
N LEU G 145 -20.41 -21.27 28.61
CA LEU G 145 -21.21 -21.10 27.39
C LEU G 145 -22.59 -20.53 27.73
N VAL G 146 -23.17 -20.98 28.85
CA VAL G 146 -24.45 -20.42 29.31
C VAL G 146 -24.29 -18.94 29.65
N TRP G 147 -23.17 -18.60 30.31
CA TRP G 147 -22.88 -17.20 30.60
C TRP G 147 -22.75 -16.38 29.32
N LEU G 148 -22.08 -16.94 28.30
CA LEU G 148 -21.96 -16.25 27.02
C LEU G 148 -23.33 -16.06 26.36
N VAL G 149 -24.19 -17.08 26.46
CA VAL G 149 -25.53 -16.97 25.89
C VAL G 149 -26.32 -15.88 26.59
N ARG G 150 -26.23 -15.81 27.92
CA ARG G 150 -26.90 -14.75 28.66
C ARG G 150 -26.37 -13.37 28.26
N GLU G 151 -25.05 -13.24 28.10
CA GLU G 151 -24.47 -11.97 27.69
C GLU G 151 -24.97 -11.56 26.31
N LEU G 152 -25.00 -12.50 25.36
CA LEU G 152 -25.47 -12.20 24.01
C LEU G 152 -26.93 -11.79 24.02
N VAL G 153 -27.77 -12.50 24.80
CA VAL G 153 -29.19 -12.17 24.85
C VAL G 153 -29.41 -10.79 25.48
N LYS G 154 -28.72 -10.51 26.58
CA LYS G 154 -28.86 -9.21 27.24
C LYS G 154 -28.40 -8.07 26.33
N SER G 155 -27.28 -8.27 25.64
CA SER G 155 -26.78 -7.25 24.72
C SER G 155 -27.64 -7.11 23.47
N GLY G 156 -28.51 -8.07 23.19
CA GLY G 156 -29.35 -8.02 22.01
C GLY G 156 -28.59 -8.12 20.70
N VAL G 157 -27.63 -9.03 20.63
CA VAL G 157 -26.91 -9.25 19.37
C VAL G 157 -27.81 -9.99 18.39
N LEU G 158 -27.77 -9.56 17.13
CA LEU G 158 -28.64 -10.11 16.10
C LEU G 158 -28.36 -11.59 15.85
N GLY G 159 -29.42 -12.35 15.64
CA GLY G 159 -29.32 -13.77 15.40
C GLY G 159 -29.30 -14.61 16.65
N ALA G 160 -29.43 -13.99 17.83
CA ALA G 160 -29.45 -14.73 19.09
C ALA G 160 -30.66 -15.65 19.21
N ASP G 161 -31.73 -15.37 18.46
CA ASP G 161 -32.91 -16.24 18.48
C ASP G 161 -32.56 -17.63 17.98
N GLY G 162 -31.72 -17.71 16.94
CA GLY G 162 -31.27 -19.00 16.44
C GLY G 162 -30.50 -19.77 17.48
N VAL G 163 -29.59 -19.09 18.18
CA VAL G 163 -28.81 -19.71 19.26
C VAL G 163 -29.73 -20.20 20.36
N CYS G 164 -30.72 -19.39 20.72
CA CYS G 164 -31.66 -19.75 21.77
C CYS G 164 -32.45 -20.99 21.40
N MET G 165 -32.95 -21.05 20.15
CA MET G 165 -33.80 -22.17 19.78
C MET G 165 -33.00 -23.44 19.50
N THR G 166 -31.74 -23.32 19.07
CA THR G 166 -30.94 -24.54 18.92
C THR G 166 -30.46 -25.07 20.26
N PHE G 167 -30.11 -24.17 21.21
CA PHE G 167 -29.76 -24.62 22.55
C PHE G 167 -30.98 -25.25 23.24
N MET G 168 -32.16 -24.66 23.03
CA MET G 168 -33.40 -25.22 23.54
C MET G 168 -33.65 -26.63 23.01
N LYS G 169 -33.26 -26.88 21.75
CA LYS G 169 -33.53 -28.16 21.10
C LYS G 169 -32.77 -29.32 21.74
N GLN G 170 -31.66 -29.03 22.42
CA GLN G 170 -30.82 -30.08 22.98
C GLN G 170 -31.38 -30.68 24.27
N ILE G 171 -32.40 -30.07 24.88
CA ILE G 171 -33.00 -30.62 26.08
C ILE G 171 -33.75 -31.90 25.71
N ALA G 172 -33.41 -32.99 26.37
CA ALA G 172 -34.01 -34.29 26.07
C ALA G 172 -35.27 -34.46 26.91
N GLY G 173 -36.38 -34.78 26.23
CA GLY G 173 -37.62 -34.98 26.94
C GLY G 173 -37.66 -36.32 27.65
N GLY G 174 -38.48 -36.39 28.69
CA GLY G 174 -38.63 -37.61 29.46
C GLY G 174 -37.37 -38.09 30.14
N ASP G 175 -36.59 -37.17 30.71
CA ASP G 175 -35.38 -37.51 31.44
C ASP G 175 -35.34 -36.70 32.73
N VAL G 176 -34.67 -37.26 33.75
CA VAL G 176 -34.63 -36.62 35.06
C VAL G 176 -33.21 -36.41 35.58
N THR G 177 -32.24 -36.28 34.68
CA THR G 177 -30.87 -36.03 35.10
C THR G 177 -30.75 -34.65 35.73
N ALA G 178 -30.00 -34.57 36.84
CA ALA G 178 -29.91 -33.34 37.62
C ALA G 178 -29.28 -32.21 36.80
N LYS G 179 -28.21 -32.52 36.07
CA LYS G 179 -27.50 -31.49 35.31
C LYS G 179 -28.36 -30.93 34.18
N ASN G 180 -29.11 -31.80 33.48
CA ASN G 180 -30.01 -31.34 32.43
C ASN G 180 -31.10 -30.45 32.98
N ILE G 181 -31.67 -30.82 34.14
CA ILE G 181 -32.72 -30.01 34.76
C ILE G 181 -32.16 -28.66 35.21
N TRP G 182 -30.92 -28.66 35.72
CA TRP G 182 -30.26 -27.41 36.10
C TRP G 182 -30.06 -26.51 34.89
N LEU G 183 -29.64 -27.10 33.76
CA LEU G 183 -29.46 -26.34 32.53
C LEU G 183 -30.78 -25.77 32.04
N ALA G 184 -31.85 -26.57 32.11
CA ALA G 184 -33.18 -26.09 31.73
C ALA G 184 -33.63 -24.93 32.61
N GLU G 185 -33.39 -25.04 33.92
CA GLU G 185 -33.74 -23.95 34.83
C GLU G 185 -32.93 -22.70 34.55
N SER G 186 -31.64 -22.85 34.23
CA SER G 186 -30.79 -21.70 33.94
C SER G 186 -31.24 -20.98 32.68
N VAL G 187 -31.51 -21.73 31.61
CA VAL G 187 -31.98 -21.08 30.38
C VAL G 187 -33.37 -20.50 30.58
N LEU G 188 -34.20 -21.14 31.41
CA LEU G 188 -35.51 -20.57 31.76
C LEU G 188 -35.35 -19.23 32.46
N ASP G 189 -34.39 -19.14 33.39
CA ASP G 189 -34.14 -17.89 34.09
C ASP G 189 -33.70 -16.81 33.10
N ILE G 190 -32.81 -17.19 32.16
CA ILE G 190 -32.34 -16.27 31.13
C ILE G 190 -33.52 -15.74 30.32
N LEU G 191 -34.40 -16.64 29.88
CA LEU G 191 -35.55 -16.25 29.07
C LEU G 191 -36.53 -15.38 29.85
N THR G 192 -36.75 -15.69 31.14
CA THR G 192 -37.67 -14.92 31.96
C THR G 192 -37.17 -13.48 32.16
N GLU G 193 -35.89 -13.32 32.48
CA GLU G 193 -35.37 -11.95 32.63
C GLU G 193 -35.38 -11.16 31.33
N GLN G 194 -35.40 -11.83 30.18
CA GLN G 194 -35.38 -11.17 28.88
C GLN G 194 -36.63 -11.53 28.08
N ARG G 195 -37.79 -11.51 28.76
CA ARG G 195 -39.05 -11.80 28.08
C ARG G 195 -39.37 -10.77 27.00
N GLU G 196 -38.88 -9.53 27.13
CA GLU G 196 -39.09 -8.53 26.09
C GLU G 196 -38.35 -8.93 24.81
N TRP G 197 -37.14 -9.48 24.95
CA TRP G 197 -36.41 -9.99 23.79
C TRP G 197 -37.15 -11.14 23.13
N VAL G 198 -37.91 -11.90 23.92
CA VAL G 198 -38.79 -12.91 23.35
C VAL G 198 -39.95 -12.24 22.62
N LEU G 199 -40.47 -11.15 23.20
CA LEU G 199 -41.61 -10.43 22.61
C LEU G 199 -41.28 -9.90 21.23
N LYS G 200 -40.10 -9.30 21.07
CA LYS G 200 -39.69 -8.81 19.75
C LYS G 200 -39.32 -9.92 18.77
N SER G 201 -39.14 -11.16 19.25
CA SER G 201 -38.88 -12.33 18.39
C SER G 201 -40.16 -13.16 18.30
N SER G 202 -40.90 -12.97 17.20
CA SER G 202 -42.27 -13.51 17.10
C SER G 202 -42.30 -15.03 17.16
N ILE G 203 -41.50 -15.71 16.33
CA ILE G 203 -41.55 -17.17 16.29
C ILE G 203 -41.02 -17.79 17.59
N LEU G 204 -40.03 -17.14 18.22
CA LEU G 204 -39.45 -17.66 19.46
C LEU G 204 -40.48 -17.72 20.59
N ILE G 205 -41.51 -16.87 20.55
CA ILE G 205 -42.60 -16.95 21.53
C ILE G 205 -43.27 -18.31 21.46
N ALA G 206 -43.65 -18.72 20.25
CA ALA G 206 -44.30 -20.01 20.05
C ALA G 206 -43.37 -21.16 20.40
N MET G 207 -42.11 -21.09 19.98
CA MET G 207 -41.15 -22.14 20.28
C MET G 207 -40.98 -22.31 21.78
N ALA G 208 -40.79 -21.19 22.49
CA ALA G 208 -40.56 -21.24 23.93
C ALA G 208 -41.78 -21.76 24.67
N VAL G 209 -42.98 -21.26 24.34
CA VAL G 209 -44.17 -21.67 25.07
C VAL G 209 -44.43 -23.16 24.85
N TYR G 210 -44.29 -23.65 23.61
CA TYR G 210 -44.48 -25.07 23.34
C TYR G 210 -43.47 -25.92 24.10
N THR G 211 -42.20 -25.53 24.07
CA THR G 211 -41.15 -26.30 24.73
C THR G 211 -41.36 -26.33 26.25
N TYR G 212 -41.78 -25.20 26.83
CA TYR G 212 -41.99 -25.18 28.27
C TYR G 212 -43.23 -25.95 28.66
N LEU G 213 -44.27 -26.00 27.81
CA LEU G 213 -45.40 -26.89 28.08
C LEU G 213 -44.96 -28.35 28.07
N ARG G 214 -44.11 -28.72 27.10
CA ARG G 214 -43.59 -30.09 27.05
C ARG G 214 -42.78 -30.38 28.32
N LEU G 215 -41.95 -29.43 28.76
CA LEU G 215 -41.19 -29.62 29.98
C LEU G 215 -42.13 -29.75 31.19
N ILE G 216 -43.20 -28.97 31.22
CA ILE G 216 -44.18 -29.02 32.31
C ILE G 216 -44.79 -30.41 32.40
N VAL G 217 -45.29 -30.94 31.27
CA VAL G 217 -45.85 -32.29 31.31
C VAL G 217 -44.77 -33.34 31.61
N ASP G 218 -43.50 -33.05 31.29
CA ASP G 218 -42.44 -33.97 31.67
C ASP G 218 -42.14 -33.92 33.17
N HIS G 219 -42.05 -32.73 33.74
CA HIS G 219 -41.46 -32.56 35.07
C HIS G 219 -42.54 -32.61 36.15
N HIS G 220 -42.24 -33.37 37.22
CA HIS G 220 -43.00 -33.47 38.46
C HIS G 220 -42.24 -34.39 39.41
N GLY G 221 -42.53 -34.25 40.70
CA GLY G 221 -42.05 -35.20 41.69
C GLY G 221 -41.47 -34.62 42.97
N THR G 222 -40.85 -33.44 42.90
CA THR G 222 -40.15 -32.87 44.03
C THR G 222 -40.62 -31.44 44.27
N ALA G 223 -40.41 -30.96 45.50
CA ALA G 223 -40.84 -29.61 45.87
C ALA G 223 -40.12 -28.55 45.05
N GLN G 224 -38.83 -28.73 44.80
CA GLN G 224 -38.11 -27.85 43.89
C GLN G 224 -38.71 -27.91 42.50
N LEU G 225 -39.03 -29.12 42.01
CA LEU G 225 -39.74 -29.25 40.75
C LEU G 225 -41.14 -28.65 40.82
N GLN G 226 -41.75 -28.64 42.00
CA GLN G 226 -43.07 -28.00 42.14
C GLN G 226 -42.96 -26.49 41.97
N ALA G 227 -41.96 -25.88 42.59
CA ALA G 227 -41.74 -24.44 42.42
C ALA G 227 -41.35 -24.11 40.99
N LEU G 228 -40.53 -24.96 40.37
CA LEU G 228 -40.18 -24.81 38.96
C LEU G 228 -41.41 -24.92 38.08
N ARG G 229 -42.32 -25.85 38.42
CA ARG G 229 -43.59 -25.99 37.73
C ARG G 229 -44.43 -24.73 37.84
N GLN G 230 -44.48 -24.14 39.04
CA GLN G 230 -45.24 -22.90 39.25
C GLN G 230 -44.68 -21.78 38.38
N LYS G 231 -43.35 -21.63 38.36
CA LYS G 231 -42.72 -20.58 37.56
C LYS G 231 -43.01 -20.79 36.07
N GLU G 232 -42.87 -22.04 35.59
CA GLU G 232 -43.10 -22.33 34.18
C GLU G 232 -44.56 -22.07 33.79
N VAL G 233 -45.51 -22.50 34.63
CA VAL G 233 -46.92 -22.34 34.27
C VAL G 233 -47.30 -20.86 34.32
N ASP G 234 -46.76 -20.09 35.27
CA ASP G 234 -47.03 -18.66 35.31
C ASP G 234 -46.51 -17.98 34.05
N PHE G 235 -45.27 -18.29 33.66
CA PHE G 235 -44.69 -17.69 32.46
C PHE G 235 -45.46 -18.08 31.21
N CYS G 236 -45.88 -19.36 31.11
CA CYS G 236 -46.60 -19.83 29.93
C CYS G 236 -47.99 -19.20 29.84
N ILE G 237 -48.69 -19.06 30.97
CA ILE G 237 -50.00 -18.42 30.97
C ILE G 237 -49.86 -16.95 30.57
N SER G 238 -48.84 -16.27 31.09
CA SER G 238 -48.60 -14.88 30.72
C SER G 238 -48.33 -14.73 29.24
N LEU G 239 -47.50 -15.63 28.68
CA LEU G 239 -47.23 -15.58 27.24
C LEU G 239 -48.48 -15.86 26.42
N LEU G 240 -49.26 -16.87 26.83
CA LEU G 240 -50.45 -17.26 26.08
C LEU G 240 -51.49 -16.14 26.06
N ARG G 241 -51.72 -15.50 27.21
CA ARG G 241 -52.66 -14.37 27.23
C ARG G 241 -52.12 -13.19 26.44
N GLU G 242 -50.87 -12.79 26.70
CA GLU G 242 -50.30 -11.61 26.04
C GLU G 242 -50.03 -11.83 24.56
N ARG G 243 -49.87 -13.07 24.10
CA ARG G 243 -49.53 -13.35 22.71
C ARG G 243 -50.40 -14.47 22.15
N PHE G 244 -51.72 -14.36 22.36
CA PHE G 244 -52.65 -15.37 21.85
C PHE G 244 -52.60 -15.45 20.33
N MET G 245 -52.54 -14.30 19.66
CA MET G 245 -52.48 -14.27 18.20
C MET G 245 -51.23 -14.99 17.69
N GLU G 246 -50.10 -14.81 18.38
CA GLU G 246 -48.87 -15.48 17.99
C GLU G 246 -48.92 -16.98 18.28
N CYS G 247 -49.63 -17.37 19.35
CA CYS G 247 -49.81 -18.78 19.68
C CYS G 247 -50.75 -19.51 18.73
N LEU G 248 -51.44 -18.79 17.83
CA LEU G 248 -52.37 -19.42 16.89
C LEU G 248 -51.65 -20.39 15.95
N MET G 249 -50.44 -20.05 15.52
CA MET G 249 -49.72 -20.84 14.53
C MET G 249 -48.96 -22.03 15.11
N ILE G 250 -49.08 -22.29 16.42
CA ILE G 250 -48.42 -23.46 17.00
C ILE G 250 -49.00 -24.75 16.44
N GLY G 251 -50.31 -24.84 16.35
CA GLY G 251 -50.98 -26.00 15.80
C GLY G 251 -51.86 -26.70 16.83
N ARG G 252 -52.49 -27.79 16.37
CA ARG G 252 -53.40 -28.55 17.21
C ARG G 252 -52.70 -29.21 18.40
N ASP G 253 -51.39 -29.47 18.30
CA ASP G 253 -50.65 -30.07 19.41
C ASP G 253 -50.61 -29.18 20.65
N LEU G 254 -50.86 -27.88 20.50
CA LEU G 254 -51.06 -27.00 21.65
C LEU G 254 -52.21 -27.49 22.52
N VAL G 255 -53.33 -27.88 21.90
CA VAL G 255 -54.45 -28.45 22.64
C VAL G 255 -54.04 -29.77 23.29
N ARG G 256 -53.19 -30.55 22.61
CA ARG G 256 -52.71 -31.81 23.15
C ARG G 256 -51.93 -31.60 24.43
N LEU G 257 -51.09 -30.56 24.44
CA LEU G 257 -50.39 -30.19 25.67
C LEU G 257 -51.35 -29.65 26.72
N LEU G 258 -52.38 -28.92 26.29
CA LEU G 258 -53.32 -28.32 27.23
C LEU G 258 -54.08 -29.38 28.01
N GLN G 259 -54.53 -30.45 27.31
CA GLN G 259 -55.38 -31.45 27.95
C GLN G 259 -54.67 -32.18 29.09
N ASN G 260 -53.34 -32.34 29.00
CA ASN G 260 -52.59 -33.00 30.06
C ASN G 260 -52.33 -32.11 31.27
N VAL G 261 -52.50 -30.80 31.12
CA VAL G 261 -52.24 -29.85 32.21
C VAL G 261 -53.51 -29.05 32.47
N ALA G 262 -54.65 -29.64 32.16
CA ALA G 262 -55.93 -28.97 32.36
C ALA G 262 -56.43 -28.98 33.80
N ARG G 263 -55.84 -29.79 34.69
CA ARG G 263 -56.28 -29.80 36.07
C ARG G 263 -55.94 -28.50 36.80
N ILE G 264 -54.90 -27.80 36.38
CA ILE G 264 -54.54 -26.52 37.01
C ILE G 264 -55.64 -25.50 36.72
N PRO G 265 -56.13 -24.76 37.72
CA PRO G 265 -57.27 -23.85 37.48
C PRO G 265 -57.00 -22.72 36.51
N GLU G 266 -55.73 -22.37 36.27
CA GLU G 266 -55.40 -21.33 35.30
C GLU G 266 -55.84 -21.72 33.90
N PHE G 267 -55.54 -22.95 33.49
CA PHE G 267 -55.90 -23.39 32.15
C PHE G 267 -57.41 -23.55 32.02
N GLU G 268 -58.08 -24.02 33.08
CA GLU G 268 -59.54 -24.10 33.08
C GLU G 268 -60.16 -22.71 32.94
N LEU G 269 -59.62 -21.72 33.67
CA LEU G 269 -60.10 -20.35 33.55
C LEU G 269 -59.90 -19.81 32.15
N LEU G 270 -58.73 -20.06 31.55
CA LEU G 270 -58.47 -19.61 30.19
C LEU G 270 -59.41 -20.26 29.19
N TRP G 271 -59.66 -21.56 29.34
CA TRP G 271 -60.58 -22.26 28.44
C TRP G 271 -61.99 -21.73 28.59
N LYS G 272 -62.44 -21.47 29.81
CA LYS G 272 -63.78 -20.90 30.02
C LYS G 272 -63.88 -19.50 29.43
N ASP G 273 -62.82 -18.70 29.54
CA ASP G 273 -62.82 -17.37 28.93
C ASP G 273 -62.88 -17.48 27.41
N ILE G 274 -62.19 -18.45 26.83
CA ILE G 274 -62.27 -18.68 25.38
C ILE G 274 -63.68 -19.08 24.99
N ILE G 275 -64.32 -19.95 25.78
CA ILE G 275 -65.68 -20.39 25.47
C ILE G 275 -66.66 -19.24 25.54
N HIS G 276 -66.59 -18.44 26.61
CA HIS G 276 -67.54 -17.34 26.81
C HIS G 276 -67.43 -16.27 25.74
N ASN G 277 -66.21 -15.87 25.39
CA ASN G 277 -65.98 -14.83 24.40
C ASN G 277 -64.57 -14.95 23.85
N PRO G 278 -64.36 -15.74 22.80
CA PRO G 278 -62.99 -15.89 22.25
C PRO G 278 -62.39 -14.59 21.75
N GLN G 279 -63.20 -13.67 21.23
CA GLN G 279 -62.72 -12.37 20.77
C GLN G 279 -62.22 -11.48 21.91
N ALA G 280 -62.61 -11.76 23.16
CA ALA G 280 -62.17 -10.93 24.28
C ALA G 280 -60.65 -10.95 24.45
N LEU G 281 -60.03 -12.12 24.35
CA LEU G 281 -58.59 -12.21 24.53
C LEU G 281 -57.81 -11.70 23.33
N SER G 282 -58.40 -11.73 22.14
CA SER G 282 -57.81 -11.17 20.94
C SER G 282 -58.92 -10.85 19.94
N PRO G 283 -59.07 -9.59 19.53
CA PRO G 283 -60.19 -9.21 18.64
C PRO G 283 -60.21 -9.93 17.30
N GLN G 284 -59.04 -10.15 16.70
CA GLN G 284 -58.98 -10.86 15.43
C GLN G 284 -59.18 -12.37 15.57
N PHE G 285 -58.97 -12.91 16.78
CA PHE G 285 -59.18 -14.33 17.03
C PHE G 285 -60.68 -14.61 17.09
N THR G 286 -61.25 -15.04 15.96
CA THR G 286 -62.69 -15.27 15.88
C THR G 286 -63.13 -16.40 16.80
N GLY G 287 -62.38 -17.48 16.87
CA GLY G 287 -62.75 -18.59 17.72
C GLY G 287 -61.83 -19.78 17.50
N ILE G 288 -62.29 -20.94 17.98
CA ILE G 288 -61.49 -22.16 17.86
C ILE G 288 -61.58 -22.79 16.47
N LEU G 289 -62.44 -22.26 15.60
CA LEU G 289 -62.58 -22.79 14.25
C LEU G 289 -61.28 -22.67 13.46
N GLN G 290 -60.64 -21.50 13.53
CA GLN G 290 -59.38 -21.28 12.82
C GLN G 290 -58.27 -22.18 13.37
N LEU G 291 -58.22 -22.37 14.69
CA LEU G 291 -57.21 -23.23 15.30
C LEU G 291 -57.40 -24.68 14.87
N LEU G 292 -58.65 -25.16 14.88
CA LEU G 292 -58.94 -26.54 14.49
C LEU G 292 -58.64 -26.77 13.02
N GLN G 293 -59.03 -25.83 12.15
CA GLN G 293 -58.78 -25.98 10.72
C GLN G 293 -57.31 -25.78 10.37
N SER G 294 -56.52 -25.18 11.25
CA SER G 294 -55.13 -24.89 10.96
C SER G 294 -54.30 -26.17 10.95
N ARG G 295 -53.00 -26.01 10.72
CA ARG G 295 -52.06 -27.10 10.58
C ARG G 295 -50.88 -26.85 11.52
N THR G 296 -50.23 -27.94 11.94
CA THR G 296 -49.05 -27.86 12.79
C THR G 296 -47.80 -27.91 11.92
N SER G 297 -46.90 -26.96 12.13
CA SER G 297 -45.66 -26.91 11.39
C SER G 297 -44.66 -27.91 11.97
N ARG G 298 -43.76 -28.39 11.10
CA ARG G 298 -42.80 -29.43 11.48
C ARG G 298 -41.80 -28.96 12.54
N LYS G 299 -41.60 -27.64 12.69
CA LYS G 299 -40.59 -27.15 13.61
C LYS G 299 -40.89 -27.53 15.06
N PHE G 300 -42.15 -27.44 15.47
CA PHE G 300 -42.51 -27.78 16.85
C PHE G 300 -42.30 -29.27 17.13
N LEU G 301 -42.74 -30.13 16.20
CA LEU G 301 -42.54 -31.56 16.39
C LEU G 301 -41.06 -31.92 16.37
N ALA G 302 -40.27 -31.25 15.53
CA ALA G 302 -38.87 -31.61 15.37
C ALA G 302 -38.01 -31.13 16.53
N CYS G 303 -38.32 -29.95 17.09
CA CYS G 303 -37.39 -29.27 17.99
C CYS G 303 -37.21 -29.97 19.33
N ARG G 304 -38.13 -30.86 19.73
CA ARG G 304 -37.95 -31.52 21.02
C ARG G 304 -36.93 -32.64 21.00
N LEU G 305 -36.52 -33.10 19.83
CA LEU G 305 -35.55 -34.18 19.70
C LEU G 305 -34.15 -33.62 19.54
N THR G 306 -33.19 -34.28 20.17
CA THR G 306 -31.79 -33.95 19.95
C THR G 306 -31.39 -34.37 18.53
N PRO G 307 -30.34 -33.74 17.96
CA PRO G 307 -29.96 -34.08 16.57
C PRO G 307 -29.57 -35.54 16.35
N ASP G 308 -29.01 -36.21 17.36
CA ASP G 308 -28.53 -37.58 17.18
C ASP G 308 -29.68 -38.53 16.82
N MET G 309 -30.81 -38.43 17.54
CA MET G 309 -31.93 -39.33 17.29
C MET G 309 -32.54 -39.09 15.91
N GLU G 310 -32.71 -37.82 15.54
CA GLU G 310 -33.26 -37.49 14.23
C GLU G 310 -32.34 -37.97 13.11
N THR G 311 -31.02 -37.81 13.28
CA THR G 311 -30.08 -38.29 12.28
C THR G 311 -30.10 -39.80 12.17
N LYS G 312 -30.22 -40.49 13.31
CA LYS G 312 -30.34 -41.95 13.29
C LYS G 312 -31.59 -42.40 12.54
N LEU G 313 -32.72 -41.73 12.79
CA LEU G 313 -33.95 -42.09 12.10
C LEU G 313 -33.86 -41.79 10.60
N LEU G 314 -33.23 -40.68 10.23
CA LEU G 314 -33.01 -40.37 8.82
C LEU G 314 -32.13 -41.42 8.15
N PHE G 315 -31.07 -41.84 8.85
CA PHE G 315 -30.20 -42.90 8.35
C PHE G 315 -30.96 -44.21 8.16
N MET G 316 -31.83 -44.55 9.13
CA MET G 316 -32.62 -45.77 9.03
C MET G 316 -33.59 -45.70 7.87
N THR G 317 -34.23 -44.55 7.66
CA THR G 317 -35.20 -44.39 6.59
C THR G 317 -34.54 -44.11 5.23
N SER G 318 -33.21 -43.93 5.19
CA SER G 318 -32.51 -43.63 3.96
C SER G 318 -31.48 -44.68 3.57
N ARG G 319 -30.97 -45.47 4.51
CA ARG G 319 -29.92 -46.45 4.22
C ARG G 319 -30.29 -47.86 4.66
N VAL G 320 -30.97 -48.01 5.79
CA VAL G 320 -31.26 -49.33 6.34
C VAL G 320 -32.36 -49.98 5.50
N ARG G 321 -32.09 -51.16 4.97
CA ARG G 321 -33.07 -51.96 4.25
C ARG G 321 -33.98 -52.69 5.24
N PHE G 322 -35.11 -53.17 4.74
CA PHE G 322 -36.09 -53.89 5.57
C PHE G 322 -35.45 -55.14 6.16
N GLY G 323 -35.44 -55.23 7.49
CA GLY G 323 -34.99 -56.42 8.17
C GLY G 323 -33.97 -56.13 9.27
N GLN G 324 -33.12 -55.13 9.04
CA GLN G 324 -32.07 -54.78 10.00
C GLN G 324 -32.53 -53.83 11.09
N GLN G 325 -33.80 -53.40 11.07
CA GLN G 325 -34.28 -52.36 11.98
C GLN G 325 -34.21 -52.77 13.45
N LYS G 326 -34.18 -54.07 13.74
CA LYS G 326 -34.24 -54.55 15.12
C LYS G 326 -33.06 -54.06 15.96
N ARG G 327 -31.84 -54.16 15.41
CA ARG G 327 -30.63 -53.88 16.19
C ARG G 327 -30.57 -52.42 16.63
N TYR G 328 -30.76 -51.50 15.68
CA TYR G 328 -30.65 -50.07 15.98
C TYR G 328 -31.70 -49.62 16.98
N GLN G 329 -32.95 -50.06 16.78
CA GLN G 329 -34.03 -49.62 17.66
C GLN G 329 -33.88 -50.22 19.05
N ASP G 330 -33.44 -51.49 19.14
CA ASP G 330 -33.18 -52.09 20.45
C ASP G 330 -32.06 -51.37 21.17
N TRP G 331 -30.99 -51.00 20.43
CA TRP G 331 -29.91 -50.22 21.02
C TRP G 331 -30.43 -48.92 21.59
N PHE G 332 -31.21 -48.17 20.80
CA PHE G 332 -31.74 -46.88 21.24
C PHE G 332 -32.67 -47.06 22.43
N GLN G 333 -33.48 -48.13 22.42
CA GLN G 333 -34.41 -48.39 23.51
C GLN G 333 -33.67 -48.68 24.81
N ARG G 334 -32.72 -49.63 24.78
CA ARG G 334 -32.02 -49.99 26.00
C ARG G 334 -31.17 -48.83 26.52
N GLN G 335 -30.53 -48.09 25.62
CA GLN G 335 -29.67 -46.98 26.05
C GLN G 335 -30.48 -45.84 26.65
N TYR G 336 -31.56 -45.43 25.98
CA TYR G 336 -32.33 -44.26 26.39
C TYR G 336 -33.75 -44.59 26.82
N LEU G 337 -34.53 -45.28 25.98
CA LEU G 337 -35.97 -45.47 26.24
C LEU G 337 -36.19 -46.58 27.26
N SER G 338 -35.66 -46.38 28.46
CA SER G 338 -35.77 -47.34 29.56
C SER G 338 -36.07 -46.62 30.88
N THR G 339 -36.97 -45.66 30.84
CA THR G 339 -37.33 -44.82 31.97
C THR G 339 -38.86 -44.79 32.07
N PRO G 340 -39.42 -44.43 33.23
CA PRO G 340 -40.89 -44.31 33.32
C PRO G 340 -41.49 -43.31 32.35
N ASP G 341 -40.81 -42.18 32.11
CA ASP G 341 -41.29 -41.18 31.16
C ASP G 341 -41.02 -41.55 29.71
N SER G 342 -40.27 -42.63 29.43
CA SER G 342 -39.99 -43.05 28.06
C SER G 342 -41.26 -43.42 27.31
N GLN G 343 -42.32 -43.82 28.02
CA GLN G 343 -43.58 -44.17 27.39
C GLN G 343 -44.18 -42.98 26.64
N SER G 344 -44.18 -41.79 27.28
CA SER G 344 -44.62 -40.59 26.59
C SER G 344 -43.62 -40.18 25.52
N LEU G 345 -42.34 -40.49 25.73
CA LEU G 345 -41.32 -40.21 24.72
C LEU G 345 -41.56 -41.05 23.46
N ARG G 346 -42.13 -42.24 23.62
CA ARG G 346 -42.53 -43.04 22.47
C ARG G 346 -43.60 -42.33 21.65
N CYS G 347 -44.57 -41.72 22.34
CA CYS G 347 -45.61 -40.94 21.66
C CYS G 347 -45.01 -39.74 20.96
N ASP G 348 -44.02 -39.09 21.59
CA ASP G 348 -43.33 -37.97 20.98
C ASP G 348 -42.62 -38.40 19.70
N LEU G 349 -41.94 -39.55 19.74
CA LEU G 349 -41.26 -40.07 18.57
C LEU G 349 -42.25 -40.44 17.47
N ILE G 350 -43.42 -40.98 17.85
CA ILE G 350 -44.46 -41.30 16.87
C ILE G 350 -44.96 -40.04 16.18
N ARG G 351 -45.20 -38.98 16.96
CA ARG G 351 -45.61 -37.70 16.39
C ARG G 351 -44.53 -37.13 15.48
N TYR G 352 -43.26 -37.25 15.88
CA TYR G 352 -42.17 -36.75 15.04
C TYR G 352 -42.11 -37.51 13.71
N ILE G 353 -42.27 -38.83 13.75
CA ILE G 353 -42.25 -39.61 12.52
C ILE G 353 -43.44 -39.24 11.62
N CYS G 354 -44.63 -39.11 12.20
CA CYS G 354 -45.82 -38.84 11.41
C CYS G 354 -45.79 -37.45 10.78
N GLY G 355 -45.45 -36.44 11.57
CA GLY G 355 -45.54 -35.07 11.10
C GLY G 355 -44.35 -34.57 10.29
N VAL G 356 -43.14 -34.96 10.68
CA VAL G 356 -41.93 -34.40 10.10
C VAL G 356 -41.43 -35.26 8.93
N VAL G 357 -41.31 -36.56 9.14
CA VAL G 357 -40.75 -37.46 8.14
C VAL G 357 -41.76 -37.59 7.00
N HIS G 358 -41.42 -37.04 5.85
CA HIS G 358 -42.25 -37.08 4.65
C HIS G 358 -41.40 -37.55 3.48
N PRO G 359 -41.18 -38.86 3.37
CA PRO G 359 -40.31 -39.37 2.29
C PRO G 359 -40.91 -39.16 0.91
N SER G 360 -40.04 -39.16 -0.09
CA SER G 360 -40.47 -39.03 -1.47
C SER G 360 -41.14 -40.31 -1.96
N ASN G 361 -41.96 -40.16 -3.01
CA ASN G 361 -42.58 -41.31 -3.64
C ASN G 361 -41.56 -42.20 -4.34
N GLU G 362 -40.47 -41.59 -4.84
CA GLU G 362 -39.44 -42.35 -5.53
C GLU G 362 -38.76 -43.34 -4.59
N VAL G 363 -38.42 -42.90 -3.37
CA VAL G 363 -37.85 -43.80 -2.38
C VAL G 363 -38.90 -44.79 -1.90
N LEU G 364 -40.18 -44.39 -1.91
CA LEU G 364 -41.27 -45.30 -1.56
C LEU G 364 -41.33 -46.48 -2.52
N SER G 365 -41.17 -46.21 -3.82
CA SER G 365 -41.22 -47.27 -4.83
C SER G 365 -40.09 -48.28 -4.64
N SER G 366 -38.94 -47.83 -4.15
CA SER G 366 -37.77 -48.70 -3.97
C SER G 366 -38.03 -49.73 -2.87
N ASP G 367 -37.07 -50.64 -2.69
CA ASP G 367 -37.18 -51.66 -1.66
C ASP G 367 -36.58 -51.23 -0.31
N ILE G 368 -36.45 -49.92 -0.07
CA ILE G 368 -36.01 -49.44 1.23
C ILE G 368 -37.05 -49.84 2.28
N LEU G 369 -36.60 -49.96 3.56
CA LEU G 369 -37.35 -50.35 4.74
C LEU G 369 -38.68 -49.60 4.84
N PRO G 370 -39.81 -50.28 4.65
CA PRO G 370 -41.10 -49.62 4.77
C PRO G 370 -41.35 -49.13 6.18
N ARG G 371 -42.16 -48.08 6.30
CA ARG G 371 -42.43 -47.46 7.58
C ARG G 371 -43.41 -48.27 8.44
N TRP G 372 -44.07 -49.27 7.85
CA TRP G 372 -45.00 -50.11 8.61
C TRP G 372 -44.27 -50.87 9.70
N ALA G 373 -43.04 -51.33 9.42
CA ALA G 373 -42.24 -51.99 10.44
C ALA G 373 -41.89 -51.03 11.57
N ILE G 374 -41.56 -49.78 11.23
CA ILE G 374 -41.23 -48.77 12.24
C ILE G 374 -42.43 -48.51 13.14
N ILE G 375 -43.61 -48.34 12.54
CA ILE G 375 -44.83 -48.11 13.29
C ILE G 375 -45.17 -49.30 14.17
N GLY G 376 -44.99 -50.52 13.63
CA GLY G 376 -45.23 -51.72 14.41
C GLY G 376 -44.32 -51.85 15.61
N TRP G 377 -43.03 -51.55 15.42
CA TRP G 377 -42.09 -51.58 16.55
C TRP G 377 -42.46 -50.52 17.59
N LEU G 378 -42.86 -49.32 17.13
CA LEU G 378 -43.25 -48.26 18.06
C LEU G 378 -44.47 -48.67 18.88
N LEU G 379 -45.45 -49.31 18.23
CA LEU G 379 -46.68 -49.65 18.93
C LEU G 379 -46.48 -50.83 19.88
N THR G 380 -45.74 -51.87 19.45
CA THR G 380 -45.61 -53.07 20.26
C THR G 380 -44.81 -52.84 21.54
N THR G 381 -44.06 -51.74 21.64
CA THR G 381 -43.26 -51.46 22.83
C THR G 381 -44.04 -50.73 23.93
N CYS G 382 -45.31 -50.42 23.70
CA CYS G 382 -46.15 -49.81 24.73
C CYS G 382 -46.56 -50.90 25.71
N THR G 383 -45.89 -50.95 26.86
CA THR G 383 -46.09 -52.04 27.82
C THR G 383 -47.16 -51.73 28.86
N SER G 384 -47.79 -50.56 28.79
CA SER G 384 -48.85 -50.18 29.70
C SER G 384 -50.03 -49.64 28.91
N ASN G 385 -51.23 -49.80 29.47
CA ASN G 385 -52.46 -49.38 28.80
C ASN G 385 -52.49 -47.87 28.59
N VAL G 386 -52.02 -47.10 29.58
CA VAL G 386 -51.97 -45.65 29.43
C VAL G 386 -51.02 -45.23 28.32
N ALA G 387 -49.86 -45.90 28.21
CA ALA G 387 -48.91 -45.59 27.14
C ALA G 387 -49.51 -45.89 25.78
N ALA G 388 -50.19 -47.03 25.65
CA ALA G 388 -50.84 -47.39 24.39
C ALA G 388 -51.93 -46.39 24.04
N SER G 389 -52.72 -45.96 25.04
CA SER G 389 -53.77 -44.98 24.82
C SER G 389 -53.19 -43.66 24.32
N ASN G 390 -52.10 -43.20 24.96
CA ASN G 390 -51.45 -41.96 24.55
C ASN G 390 -50.90 -42.08 23.13
N ALA G 391 -50.25 -43.22 22.81
CA ALA G 391 -49.68 -43.41 21.48
C ALA G 391 -50.78 -43.45 20.42
N LYS G 392 -51.90 -44.12 20.72
CA LYS G 392 -53.00 -44.18 19.76
C LYS G 392 -53.64 -42.81 19.57
N LEU G 393 -53.79 -42.04 20.66
CA LEU G 393 -54.29 -40.67 20.54
C LEU G 393 -53.35 -39.82 19.69
N ALA G 394 -52.04 -40.00 19.88
CA ALA G 394 -51.06 -39.30 19.04
C ALA G 394 -51.22 -39.67 17.58
N LEU G 395 -51.40 -40.97 17.29
CA LEU G 395 -51.61 -41.42 15.92
C LEU G 395 -52.88 -40.82 15.32
N PHE G 396 -53.96 -40.79 16.10
CA PHE G 396 -55.25 -40.32 15.60
C PHE G 396 -55.41 -38.80 15.67
N TYR G 397 -54.41 -38.08 16.19
CA TYR G 397 -54.53 -36.63 16.30
C TYR G 397 -54.60 -35.96 14.93
N ASP G 398 -53.78 -36.41 13.98
CA ASP G 398 -53.86 -35.87 12.63
C ASP G 398 -55.15 -36.28 11.91
N TRP G 399 -55.69 -37.45 12.24
CA TRP G 399 -56.89 -37.96 11.59
C TRP G 399 -58.15 -37.16 11.89
N LEU G 400 -58.12 -36.26 12.87
CA LEU G 400 -59.32 -35.54 13.28
C LEU G 400 -59.72 -34.52 12.22
N PHE G 401 -58.75 -33.86 11.61
CA PHE G 401 -58.99 -32.73 10.73
C PHE G 401 -58.20 -32.87 9.42
N PHE G 402 -58.32 -34.03 8.76
CA PHE G 402 -57.63 -34.25 7.48
C PHE G 402 -58.09 -33.27 6.40
N SER G 403 -57.13 -32.83 5.59
CA SER G 403 -57.31 -31.93 4.47
C SER G 403 -56.42 -32.36 3.30
N PRO G 404 -56.99 -32.95 2.24
CA PRO G 404 -56.14 -33.48 1.15
C PRO G 404 -55.24 -32.46 0.47
N ASP G 405 -55.70 -31.21 0.28
CA ASP G 405 -54.94 -30.24 -0.52
C ASP G 405 -53.62 -29.86 0.13
N LYS G 406 -53.61 -29.61 1.44
CA LYS G 406 -52.42 -29.11 2.13
C LYS G 406 -51.67 -30.19 2.90
N ASP G 407 -52.12 -31.43 2.85
CA ASP G 407 -51.51 -32.50 3.63
C ASP G 407 -51.18 -33.67 2.70
N SER G 408 -50.13 -34.41 3.07
CA SER G 408 -49.67 -35.54 2.29
C SER G 408 -50.31 -36.84 2.79
N ILE G 409 -50.29 -37.84 1.92
CA ILE G 409 -50.81 -39.17 2.24
C ILE G 409 -49.89 -39.93 3.18
N MET G 410 -48.69 -39.40 3.44
CA MET G 410 -47.72 -40.04 4.34
C MET G 410 -48.22 -40.17 5.77
N ASN G 411 -49.27 -39.43 6.15
CA ASN G 411 -49.82 -39.54 7.49
C ASN G 411 -50.72 -40.75 7.67
N ILE G 412 -51.13 -41.39 6.57
CA ILE G 412 -51.99 -42.58 6.66
C ILE G 412 -51.45 -43.77 5.91
N GLU G 413 -50.46 -43.62 5.02
CA GLU G 413 -49.87 -44.79 4.37
C GLU G 413 -49.23 -45.79 5.33
N PRO G 414 -48.42 -45.38 6.35
CA PRO G 414 -47.96 -46.40 7.32
C PRO G 414 -49.09 -47.11 8.03
N ALA G 415 -50.20 -46.42 8.30
CA ALA G 415 -51.32 -47.02 8.99
C ALA G 415 -51.94 -48.14 8.17
N ILE G 416 -52.30 -47.84 6.91
CA ILE G 416 -52.94 -48.83 6.05
C ILE G 416 -51.95 -49.97 5.75
N LEU G 417 -50.66 -49.66 5.61
CA LEU G 417 -49.66 -50.70 5.43
C LEU G 417 -49.59 -51.62 6.65
N VAL G 418 -49.68 -51.06 7.86
CA VAL G 418 -49.70 -51.88 9.07
C VAL G 418 -50.93 -52.77 9.09
N MET G 419 -52.10 -52.23 8.74
CA MET G 419 -53.32 -53.05 8.73
C MET G 419 -53.20 -54.19 7.72
N HIS G 420 -52.67 -53.91 6.53
CA HIS G 420 -52.57 -54.94 5.50
C HIS G 420 -51.50 -55.98 5.82
N HIS G 421 -50.40 -55.57 6.45
CA HIS G 421 -49.28 -56.47 6.72
C HIS G 421 -49.41 -57.25 8.02
N SER G 422 -50.14 -56.70 8.99
CA SER G 422 -50.34 -57.33 10.30
C SER G 422 -51.61 -58.16 10.39
N MET G 423 -52.33 -58.36 9.29
CA MET G 423 -53.53 -59.20 9.33
C MET G 423 -53.19 -60.64 9.70
N LYS G 424 -52.19 -61.24 9.06
CA LYS G 424 -51.80 -62.61 9.36
C LYS G 424 -50.91 -62.73 10.60
N PRO G 425 -49.73 -62.03 10.73
CA PRO G 425 -48.82 -62.38 11.83
C PRO G 425 -49.23 -61.83 13.19
N HIS G 426 -49.77 -60.62 13.25
CA HIS G 426 -50.13 -59.97 14.51
C HIS G 426 -51.53 -59.37 14.43
N PRO G 427 -52.58 -60.22 14.47
CA PRO G 427 -53.95 -59.70 14.45
C PRO G 427 -54.29 -58.81 15.64
N ALA G 428 -53.62 -59.00 16.77
CA ALA G 428 -53.96 -58.26 17.99
C ALA G 428 -53.74 -56.77 17.83
N ILE G 429 -52.61 -56.37 17.23
CA ILE G 429 -52.31 -54.95 17.04
C ILE G 429 -53.35 -54.31 16.13
N THR G 430 -53.67 -54.99 15.02
CA THR G 430 -54.66 -54.48 14.07
C THR G 430 -56.02 -54.32 14.74
N ALA G 431 -56.45 -55.34 15.50
CA ALA G 431 -57.74 -55.30 16.17
C ALA G 431 -57.80 -54.17 17.19
N THR G 432 -56.71 -54.00 17.97
CA THR G 432 -56.69 -52.93 18.99
C THR G 432 -56.77 -51.56 18.34
N LEU G 433 -55.98 -51.33 17.27
CA LEU G 433 -56.00 -50.04 16.61
C LEU G 433 -57.36 -49.76 15.98
N LEU G 434 -57.96 -50.77 15.33
CA LEU G 434 -59.28 -50.60 14.73
C LEU G 434 -60.35 -50.29 15.77
N ASP G 435 -60.32 -51.02 16.90
CA ASP G 435 -61.29 -50.78 17.96
C ASP G 435 -61.13 -49.39 18.54
N PHE G 436 -59.88 -48.95 18.77
CA PHE G 436 -59.66 -47.62 19.33
C PHE G 436 -60.12 -46.53 18.36
N MET G 437 -59.80 -46.67 17.07
CA MET G 437 -60.21 -45.64 16.12
C MET G 437 -61.71 -45.66 15.84
N CYS G 438 -62.37 -46.81 16.02
CA CYS G 438 -63.82 -46.82 15.87
C CYS G 438 -64.52 -46.21 17.08
N ARG G 439 -63.98 -46.46 18.28
CA ARG G 439 -64.63 -45.95 19.49
C ARG G 439 -64.26 -44.51 19.81
N ILE G 440 -63.19 -43.97 19.22
CA ILE G 440 -62.84 -42.58 19.49
C ILE G 440 -63.80 -41.60 18.81
N ILE G 441 -64.54 -42.06 17.78
CA ILE G 441 -65.36 -41.13 16.98
C ILE G 441 -66.44 -40.44 17.81
N PRO G 442 -67.33 -41.15 18.58
CA PRO G 442 -68.31 -40.40 19.38
C PRO G 442 -67.76 -39.89 20.71
N ASN G 443 -66.74 -40.57 21.23
CA ASN G 443 -66.21 -40.24 22.55
C ASN G 443 -65.44 -38.91 22.54
N PHE G 444 -64.75 -38.60 21.45
CA PHE G 444 -63.83 -37.46 21.42
C PHE G 444 -64.56 -36.15 21.72
N TYR G 445 -65.47 -35.74 20.83
CA TYR G 445 -66.28 -34.55 21.05
C TYR G 445 -67.55 -34.63 20.22
N PRO G 446 -68.70 -34.92 20.82
CA PRO G 446 -69.97 -34.97 20.05
C PRO G 446 -70.32 -33.68 19.33
N PRO G 447 -70.07 -32.47 19.88
CA PRO G 447 -70.31 -31.27 19.07
C PRO G 447 -69.43 -31.16 17.83
N LEU G 448 -68.30 -31.88 17.78
CA LEU G 448 -67.41 -31.85 16.63
C LEU G 448 -67.10 -33.25 16.11
N GLU G 449 -67.90 -34.25 16.48
CA GLU G 449 -67.71 -35.60 15.96
C GLU G 449 -67.92 -35.67 14.46
N GLY G 450 -68.77 -34.79 13.90
CA GLY G 450 -68.95 -34.73 12.47
C GLY G 450 -67.67 -34.44 11.72
N HIS G 451 -66.81 -33.58 12.30
CA HIS G 451 -65.51 -33.32 11.70
C HIS G 451 -64.61 -34.56 11.74
N VAL G 452 -64.72 -35.36 12.81
CA VAL G 452 -63.94 -36.61 12.89
C VAL G 452 -64.37 -37.56 11.79
N ARG G 453 -65.69 -37.72 11.60
CA ARG G 453 -66.19 -38.59 10.54
C ARG G 453 -65.81 -38.05 9.17
N GLN G 454 -65.82 -36.72 9.01
CA GLN G 454 -65.40 -36.09 7.75
C GLN G 454 -63.93 -36.39 7.46
N GLY G 455 -63.09 -36.29 8.48
CA GLY G 455 -61.67 -36.61 8.30
C GLY G 455 -61.44 -38.07 7.97
N VAL G 456 -62.18 -38.97 8.63
CA VAL G 456 -62.05 -40.39 8.33
C VAL G 456 -62.50 -40.69 6.91
N PHE G 457 -63.60 -40.07 6.47
CA PHE G 457 -64.08 -40.25 5.10
C PHE G 457 -63.08 -39.69 4.09
N SER G 458 -62.47 -38.54 4.40
CA SER G 458 -61.45 -37.96 3.53
C SER G 458 -60.23 -38.87 3.42
N SER G 459 -59.80 -39.45 4.55
CA SER G 459 -58.66 -40.37 4.52
C SER G 459 -58.98 -41.62 3.73
N LEU G 460 -60.19 -42.17 3.89
CA LEU G 460 -60.60 -43.33 3.12
C LEU G 460 -60.65 -43.02 1.63
N ASN G 461 -61.16 -41.83 1.28
CA ASN G 461 -61.20 -41.40 -0.12
C ASN G 461 -59.79 -41.21 -0.66
N HIS G 462 -58.86 -40.76 0.18
CA HIS G 462 -57.48 -40.57 -0.24
C HIS G 462 -56.81 -41.92 -0.50
N ILE G 463 -57.14 -42.92 0.32
CA ILE G 463 -56.63 -44.27 0.08
C ILE G 463 -57.25 -44.85 -1.19
N VAL G 464 -58.52 -44.54 -1.45
CA VAL G 464 -59.19 -45.08 -2.64
C VAL G 464 -58.60 -44.47 -3.90
N GLU G 465 -58.45 -43.14 -3.93
CA GLU G 465 -57.97 -42.46 -5.13
C GLU G 465 -56.53 -42.83 -5.47
N LYS G 466 -55.66 -42.92 -4.46
CA LYS G 466 -54.28 -43.38 -4.66
C LYS G 466 -54.22 -44.81 -4.11
N ARG G 467 -54.41 -45.78 -5.01
CA ARG G 467 -54.55 -47.17 -4.59
C ARG G 467 -53.22 -47.78 -4.17
N VAL G 468 -52.87 -47.62 -2.89
CA VAL G 468 -51.72 -48.34 -2.36
C VAL G 468 -51.97 -49.84 -2.39
N LEU G 469 -53.20 -50.24 -2.06
CA LEU G 469 -53.64 -51.63 -2.12
C LEU G 469 -54.57 -51.80 -3.32
N ALA G 470 -54.59 -53.02 -3.86
CA ALA G 470 -55.41 -53.31 -5.05
C ALA G 470 -56.89 -53.08 -4.77
N HIS G 471 -57.41 -53.67 -3.70
CA HIS G 471 -58.80 -53.47 -3.29
C HIS G 471 -58.86 -53.35 -1.78
N LEU G 472 -59.64 -52.39 -1.30
CA LEU G 472 -59.87 -52.24 0.13
C LEU G 472 -60.99 -53.14 0.64
N ALA G 473 -61.71 -53.82 -0.24
CA ALA G 473 -62.85 -54.64 0.17
C ALA G 473 -62.49 -55.78 1.15
N PRO G 474 -61.46 -56.61 0.92
CA PRO G 474 -61.20 -57.70 1.89
C PRO G 474 -60.88 -57.23 3.30
N LEU G 475 -60.21 -56.07 3.45
CA LEU G 475 -59.80 -55.62 4.78
C LEU G 475 -60.98 -55.09 5.59
N PHE G 476 -61.95 -54.44 4.93
CA PHE G 476 -63.10 -53.90 5.65
C PHE G 476 -63.93 -55.00 6.28
N ASP G 477 -64.09 -56.12 5.59
CA ASP G 477 -64.93 -57.21 6.10
C ASP G 477 -64.10 -58.47 6.30
N ASN G 478 -62.94 -58.31 6.96
CA ASN G 478 -62.03 -59.43 7.19
C ASN G 478 -62.72 -60.50 8.04
N PRO G 479 -62.62 -61.78 7.66
CA PRO G 479 -63.31 -62.83 8.43
C PRO G 479 -62.85 -62.98 9.86
N LYS G 480 -61.57 -62.74 10.15
CA LYS G 480 -61.05 -62.96 11.49
C LYS G 480 -61.26 -61.78 12.43
N LEU G 481 -61.75 -60.65 11.92
CA LEU G 481 -62.11 -59.54 12.77
C LEU G 481 -63.47 -59.79 13.44
N ASP G 482 -63.67 -59.14 14.58
CA ASP G 482 -64.88 -59.34 15.38
C ASP G 482 -66.10 -58.80 14.64
N LYS G 483 -67.28 -59.25 15.07
CA LYS G 483 -68.52 -58.96 14.37
C LYS G 483 -68.89 -57.47 14.45
N GLU G 484 -68.85 -56.90 15.66
CA GLU G 484 -69.34 -55.53 15.87
C GLU G 484 -68.51 -54.50 15.11
N LEU G 485 -67.20 -54.72 14.99
CA LEU G 485 -66.35 -53.79 14.24
C LEU G 485 -66.78 -53.71 12.78
N ARG G 486 -66.94 -54.86 12.13
CA ARG G 486 -67.37 -54.89 10.73
C ARG G 486 -68.78 -54.32 10.59
N ALA G 487 -69.65 -54.63 11.57
CA ALA G 487 -71.02 -54.12 11.53
C ALA G 487 -71.05 -52.60 11.55
N MET G 488 -70.30 -51.98 12.47
CA MET G 488 -70.30 -50.52 12.54
C MET G 488 -69.54 -49.90 11.37
N LEU G 489 -68.54 -50.59 10.83
CA LEU G 489 -67.87 -50.10 9.63
C LEU G 489 -68.84 -50.06 8.45
N ARG G 490 -69.66 -51.09 8.29
CA ARG G 490 -70.70 -51.06 7.27
C ARG G 490 -71.71 -49.95 7.55
N GLU G 491 -72.11 -49.81 8.83
CA GLU G 491 -73.16 -48.85 9.18
C GLU G 491 -72.73 -47.42 8.93
N LYS G 492 -71.48 -47.07 9.27
CA LYS G 492 -71.04 -45.68 9.20
C LYS G 492 -70.74 -45.24 7.77
N PHE G 493 -70.26 -46.14 6.93
CA PHE G 493 -69.81 -45.80 5.57
C PHE G 493 -70.41 -46.76 4.56
N PRO G 494 -71.68 -46.54 4.19
CA PRO G 494 -72.27 -47.33 3.08
C PRO G 494 -71.61 -47.09 1.73
N GLU G 495 -70.88 -45.98 1.55
CA GLU G 495 -70.27 -45.67 0.27
C GLU G 495 -69.24 -46.72 -0.14
N PHE G 496 -68.44 -47.19 0.81
CA PHE G 496 -67.42 -48.21 0.56
C PHE G 496 -67.97 -49.61 0.80
N CYS G 497 -69.11 -49.92 0.18
CA CYS G 497 -69.76 -51.22 0.30
C CYS G 497 -70.46 -51.57 -1.00
N LYS H 35 65.98 21.28 42.42
CA LYS H 35 66.85 20.99 43.54
C LYS H 35 67.73 19.78 43.26
N SER H 36 68.76 19.98 42.44
CA SER H 36 69.67 18.90 42.07
C SER H 36 70.46 18.37 43.24
N ALA H 37 70.66 19.19 44.28
CA ALA H 37 71.42 18.76 45.46
C ALA H 37 70.74 17.59 46.16
N ALA H 38 69.40 17.64 46.27
CA ALA H 38 68.66 16.55 46.91
C ALA H 38 68.84 15.24 46.15
N LEU H 39 68.73 15.29 44.82
CA LEU H 39 68.93 14.09 44.00
C LEU H 39 70.35 13.56 44.16
N HIS H 40 71.34 14.47 44.15
CA HIS H 40 72.74 14.08 44.28
C HIS H 40 73.00 13.38 45.60
N ILE H 41 72.55 13.98 46.70
CA ILE H 41 72.81 13.42 48.03
C ILE H 41 72.04 12.11 48.21
N ASP H 42 70.82 12.03 47.69
CA ASP H 42 70.04 10.80 47.79
C ASP H 42 70.72 9.67 47.01
N LEU H 43 71.26 9.98 45.83
CA LEU H 43 71.98 8.98 45.05
C LEU H 43 73.25 8.54 45.76
N CYS H 44 73.98 9.49 46.37
CA CYS H 44 75.20 9.14 47.09
C CYS H 44 74.90 8.26 48.30
N LYS H 45 73.86 8.60 49.07
CA LYS H 45 73.51 7.79 50.23
C LYS H 45 73.03 6.40 49.85
N ALA H 46 72.43 6.26 48.67
CA ALA H 46 71.92 4.96 48.22
C ALA H 46 73.05 3.98 48.02
N THR H 47 72.86 2.75 48.52
CA THR H 47 73.84 1.69 48.34
C THR H 47 73.93 1.30 46.87
N SER H 48 75.16 1.06 46.40
CA SER H 48 75.40 0.78 44.99
C SER H 48 74.70 -0.46 44.44
N PRO H 49 74.75 -1.68 45.07
CA PRO H 49 74.28 -2.88 44.35
C PRO H 49 72.79 -2.93 44.04
N ALA H 50 71.94 -2.76 45.05
CA ALA H 50 70.50 -2.97 44.89
C ALA H 50 69.69 -1.68 44.99
N ASP H 51 69.83 -0.94 46.09
CA ASP H 51 68.99 0.24 46.34
C ASP H 51 69.17 1.33 45.29
N ALA H 52 70.35 1.38 44.66
CA ALA H 52 70.59 2.33 43.59
C ALA H 52 69.63 2.11 42.43
N LEU H 53 69.39 0.85 42.06
CA LEU H 53 68.48 0.54 40.96
C LEU H 53 67.07 1.04 41.28
N GLN H 54 66.60 0.78 42.50
CA GLN H 54 65.25 1.21 42.88
C GLN H 54 65.15 2.73 42.91
N TYR H 55 66.17 3.41 43.44
CA TYR H 55 66.15 4.87 43.47
C TYR H 55 66.14 5.46 42.06
N LEU H 56 66.95 4.89 41.15
CA LEU H 56 66.96 5.39 39.78
C LEU H 56 65.62 5.15 39.10
N LEU H 57 65.00 3.99 39.35
CA LEU H 57 63.68 3.73 38.79
C LEU H 57 62.66 4.73 39.30
N GLN H 58 62.66 5.00 40.61
CA GLN H 58 61.72 5.95 41.20
C GLN H 58 61.94 7.35 40.65
N PHE H 59 63.19 7.74 40.46
CA PHE H 59 63.51 9.03 39.86
C PHE H 59 63.09 9.07 38.40
N ALA H 60 63.14 7.93 37.70
CA ALA H 60 62.77 7.90 36.30
C ALA H 60 61.27 8.06 36.11
N ARG H 61 60.47 7.42 36.97
CA ARG H 61 59.01 7.49 36.81
C ARG H 61 58.48 8.91 36.96
N LYS H 62 58.98 9.67 37.94
CA LYS H 62 58.53 11.04 38.12
C LYS H 62 59.04 11.90 36.96
N PRO H 63 58.34 12.99 36.61
CA PRO H 63 58.77 13.82 35.49
C PRO H 63 60.01 14.63 35.83
N VAL H 64 60.61 15.21 34.77
CA VAL H 64 61.86 15.97 34.87
C VAL H 64 61.74 17.25 34.06
N GLU H 65 62.65 18.20 34.35
CA GLU H 65 62.70 19.51 33.71
C GLU H 65 64.03 19.64 32.98
N ALA H 66 64.12 20.64 32.09
CA ALA H 66 65.25 20.80 31.18
C ALA H 66 66.58 20.95 31.94
N GLU H 67 66.65 21.90 32.87
CA GLU H 67 67.87 22.06 33.67
C GLU H 67 68.10 20.84 34.54
N SER H 68 67.02 20.26 35.08
CA SER H 68 67.13 19.05 35.87
C SER H 68 67.68 17.90 35.03
N VAL H 69 67.25 17.80 33.77
CA VAL H 69 67.81 16.81 32.85
C VAL H 69 69.30 17.07 32.65
N GLU H 70 69.65 18.35 32.39
CA GLU H 70 71.04 18.72 32.11
C GLU H 70 71.96 18.41 33.28
N GLY H 71 71.43 18.41 34.51
CA GLY H 71 72.24 18.06 35.65
C GLY H 71 72.31 16.56 35.90
N VAL H 72 71.13 15.91 35.90
CA VAL H 72 71.09 14.49 36.21
C VAL H 72 71.81 13.66 35.15
N VAL H 73 71.90 14.13 33.90
CA VAL H 73 72.64 13.37 32.90
C VAL H 73 74.13 13.30 33.27
N ARG H 74 74.70 14.41 33.76
CA ARG H 74 76.10 14.39 34.15
C ARG H 74 76.29 13.57 35.40
N ILE H 75 75.34 13.64 36.34
CA ILE H 75 75.44 12.81 37.54
C ILE H 75 75.38 11.33 37.18
N LEU H 76 74.48 10.97 36.24
CA LEU H 76 74.38 9.59 35.76
C LEU H 76 75.66 9.14 35.08
N LEU H 77 76.26 10.00 34.26
CA LEU H 77 77.52 9.64 33.59
C LEU H 77 78.64 9.44 34.60
N GLU H 78 78.72 10.31 35.61
CA GLU H 78 79.75 10.16 36.64
C GLU H 78 79.58 8.86 37.42
N HIS H 79 78.34 8.53 37.79
CA HIS H 79 78.11 7.27 38.49
C HIS H 79 78.32 6.07 37.57
N TYR H 80 78.04 6.23 36.28
CA TYR H 80 78.32 5.19 35.29
C TYR H 80 79.81 4.90 35.22
N TYR H 81 80.64 5.96 35.24
CA TYR H 81 82.08 5.76 35.33
C TYR H 81 82.46 5.08 36.65
N LYS H 82 81.87 5.54 37.75
CA LYS H 82 82.22 5.01 39.07
C LYS H 82 81.79 3.55 39.24
N GLU H 83 80.58 3.21 38.79
CA GLU H 83 80.04 1.87 38.98
C GLU H 83 80.48 0.97 37.82
N ASN H 84 80.65 -0.32 38.10
CA ASN H 84 81.10 -1.28 37.08
C ASN H 84 80.18 -2.48 36.93
N ASP H 85 79.02 -2.49 37.59
CA ASP H 85 78.08 -3.59 37.43
C ASP H 85 77.45 -3.53 36.03
N PRO H 86 77.13 -4.69 35.43
CA PRO H 86 76.45 -4.68 34.13
C PRO H 86 75.03 -4.13 34.16
N SER H 87 74.21 -4.63 35.09
CA SER H 87 72.79 -4.26 35.12
C SER H 87 72.61 -2.78 35.44
N VAL H 88 73.41 -2.25 36.37
CA VAL H 88 73.31 -0.85 36.74
C VAL H 88 73.66 0.04 35.54
N ARG H 89 74.74 -0.29 34.82
CA ARG H 89 75.12 0.47 33.64
C ARG H 89 74.06 0.37 32.55
N LEU H 90 73.44 -0.80 32.42
CA LEU H 90 72.33 -0.99 31.50
C LEU H 90 71.18 -0.05 31.84
N LYS H 91 70.84 0.04 33.13
CA LYS H 91 69.77 0.95 33.55
C LYS H 91 70.13 2.40 33.29
N ILE H 92 71.40 2.77 33.53
CA ILE H 92 71.85 4.14 33.26
C ILE H 92 71.72 4.46 31.77
N ALA H 93 72.09 3.50 30.92
CA ALA H 93 71.94 3.70 29.48
C ALA H 93 70.47 3.85 29.09
N SER H 94 69.59 3.05 29.70
CA SER H 94 68.17 3.15 29.43
C SER H 94 67.63 4.52 29.84
N LEU H 95 68.08 5.03 30.99
CA LEU H 95 67.66 6.34 31.45
C LEU H 95 68.20 7.43 30.55
N LEU H 96 69.42 7.25 30.02
CA LEU H 96 69.96 8.19 29.03
C LEU H 96 69.08 8.23 27.79
N GLY H 97 68.63 7.05 27.35
CA GLY H 97 67.70 7.01 26.23
C GLY H 97 66.39 7.72 26.52
N LEU H 98 65.86 7.50 27.72
CA LEU H 98 64.61 8.17 28.12
C LEU H 98 64.77 9.69 28.17
N LEU H 99 65.89 10.16 28.72
CA LEU H 99 66.16 11.60 28.77
C LEU H 99 66.33 12.18 27.38
N SER H 100 66.98 11.45 26.47
CA SER H 100 67.16 11.92 25.11
C SER H 100 65.83 12.16 24.40
N LYS H 101 64.79 11.40 24.73
CA LYS H 101 63.47 11.59 24.14
C LYS H 101 62.74 12.83 24.64
N THR H 102 63.25 13.51 25.67
CA THR H 102 62.62 14.75 26.16
C THR H 102 62.57 15.81 25.07
N ALA H 103 61.40 16.41 24.89
CA ALA H 103 61.17 17.34 23.78
C ALA H 103 61.92 18.66 23.99
N GLY H 104 61.83 19.24 25.18
CA GLY H 104 62.37 20.56 25.41
C GLY H 104 63.88 20.64 25.59
N PHE H 105 64.54 19.50 25.79
CA PHE H 105 65.97 19.49 26.04
C PHE H 105 66.75 19.79 24.77
N SER H 106 67.97 20.31 24.94
CA SER H 106 68.91 20.56 23.85
C SER H 106 70.08 19.59 23.93
N PRO H 107 69.92 18.36 23.44
CA PRO H 107 70.96 17.33 23.64
C PRO H 107 72.15 17.44 22.69
N ASP H 108 73.15 18.25 23.04
CA ASP H 108 74.34 18.41 22.20
C ASP H 108 75.61 17.86 22.83
N CYS H 109 75.96 18.31 24.04
CA CYS H 109 77.12 17.79 24.74
C CYS H 109 76.95 16.34 25.18
N ILE H 110 75.72 15.98 25.59
CA ILE H 110 75.47 14.60 26.02
C ILE H 110 75.64 13.62 24.86
N MET H 111 75.43 14.08 23.62
CA MET H 111 75.73 13.25 22.46
C MET H 111 77.23 12.94 22.40
N ASP H 112 78.07 13.95 22.64
CA ASP H 112 79.51 13.75 22.67
C ASP H 112 79.91 12.77 23.76
N ASP H 113 79.34 12.93 24.96
CA ASP H 113 79.65 12.02 26.04
C ASP H 113 79.16 10.60 25.72
N ALA H 114 78.01 10.50 25.03
CA ALA H 114 77.48 9.20 24.64
C ALA H 114 78.39 8.48 23.66
N ILE H 115 78.89 9.20 22.64
CA ILE H 115 79.81 8.53 21.72
C ILE H 115 81.13 8.18 22.41
N ASN H 116 81.57 9.02 23.36
CA ASN H 116 82.77 8.69 24.13
C ASN H 116 82.60 7.39 24.90
N ILE H 117 81.52 7.27 25.67
CA ILE H 117 81.28 6.04 26.44
C ILE H 117 81.03 4.87 25.50
N LEU H 118 80.48 5.14 24.30
CA LEU H 118 80.33 4.10 23.29
C LEU H 118 81.69 3.54 22.89
N GLN H 119 82.65 4.42 22.66
CA GLN H 119 84.03 3.98 22.41
C GLN H 119 84.60 3.23 23.60
N ASN H 120 84.24 3.62 24.82
CA ASN H 120 84.76 2.96 26.01
C ASN H 120 83.97 1.73 26.45
N GLU H 121 82.73 1.56 25.99
CA GLU H 121 81.87 0.49 26.49
C GLU H 121 82.40 -0.89 26.13
N LYS H 122 82.16 -1.85 27.02
CA LYS H 122 82.59 -3.24 26.82
C LYS H 122 81.41 -4.20 26.76
N SER H 123 80.49 -4.12 27.72
CA SER H 123 79.37 -5.06 27.79
C SER H 123 78.46 -4.90 26.58
N HIS H 124 78.01 -6.02 26.02
CA HIS H 124 77.21 -5.98 24.80
C HIS H 124 75.76 -5.55 25.04
N GLN H 125 75.16 -5.92 26.17
CA GLN H 125 73.80 -5.47 26.48
C GLN H 125 73.77 -3.96 26.70
N VAL H 126 74.71 -3.44 27.49
CA VAL H 126 74.79 -2.00 27.71
C VAL H 126 75.12 -1.29 26.42
N LEU H 127 75.94 -1.91 25.56
CA LEU H 127 76.25 -1.36 24.25
C LEU H 127 74.98 -1.24 23.40
N ALA H 128 74.13 -2.27 23.43
CA ALA H 128 72.87 -2.22 22.68
C ALA H 128 71.94 -1.15 23.22
N GLN H 129 71.91 -0.97 24.55
CA GLN H 129 71.11 0.10 25.13
C GLN H 129 71.61 1.48 24.68
N LEU H 130 72.93 1.67 24.67
CA LEU H 130 73.49 2.92 24.19
C LEU H 130 73.22 3.13 22.69
N LEU H 131 73.19 2.05 21.91
CA LEU H 131 72.79 2.17 20.51
C LEU H 131 71.30 2.56 20.39
N ASP H 132 70.48 2.12 21.35
CA ASP H 132 69.11 2.62 21.43
C ASP H 132 69.09 4.13 21.68
N THR H 133 69.99 4.59 22.57
CA THR H 133 70.10 6.03 22.81
C THR H 133 70.56 6.76 21.55
N LEU H 134 71.42 6.13 20.74
CA LEU H 134 71.82 6.72 19.47
C LEU H 134 70.66 6.76 18.48
N LEU H 135 69.82 5.74 18.48
CA LEU H 135 68.58 5.79 17.69
C LEU H 135 67.71 6.96 18.13
N ALA H 136 67.58 7.17 19.44
CA ALA H 136 66.79 8.26 19.98
C ALA H 136 67.35 9.61 19.53
N ILE H 137 68.67 9.78 19.62
CA ILE H 137 69.29 11.06 19.26
C ILE H 137 69.20 11.29 17.75
N GLY H 138 69.35 10.23 16.95
CA GLY H 138 69.20 10.36 15.51
C GLY H 138 67.79 10.77 15.10
N THR H 139 66.78 10.16 15.74
CA THR H 139 65.40 10.59 15.50
C THR H 139 65.17 12.03 15.95
N LYS H 140 65.77 12.41 17.08
CA LYS H 140 65.58 13.76 17.61
C LYS H 140 66.14 14.83 16.68
N LEU H 141 67.35 14.62 16.16
CA LEU H 141 68.07 15.64 15.41
C LEU H 141 68.58 15.08 14.08
N PRO H 142 67.71 14.96 13.08
CA PRO H 142 68.12 14.41 11.79
C PRO H 142 68.71 15.44 10.81
N GLU H 143 69.07 16.64 11.26
CA GLU H 143 69.52 17.68 10.36
C GLU H 143 71.04 17.80 10.27
N ASN H 144 71.77 17.57 11.37
CA ASN H 144 73.22 17.76 11.40
C ASN H 144 73.91 16.64 10.63
N GLN H 145 74.53 16.98 9.49
CA GLN H 145 75.16 15.97 8.65
C GLN H 145 76.41 15.38 9.32
N ALA H 146 77.20 16.24 9.96
CA ALA H 146 78.40 15.78 10.67
C ALA H 146 78.04 14.80 11.77
N ILE H 147 76.99 15.11 12.55
CA ILE H 147 76.52 14.20 13.58
C ILE H 147 76.07 12.88 12.95
N GLN H 148 75.38 12.96 11.81
CA GLN H 148 74.88 11.76 11.14
C GLN H 148 76.03 10.84 10.71
N MET H 149 77.07 11.41 10.10
CA MET H 149 78.18 10.58 9.66
C MET H 149 78.99 10.04 10.84
N ARG H 150 79.11 10.82 11.93
CA ARG H 150 79.71 10.31 13.16
C ARG H 150 78.94 9.10 13.67
N LEU H 151 77.61 9.19 13.70
CA LEU H 151 76.79 8.08 14.18
C LEU H 151 76.96 6.85 13.29
N VAL H 152 76.97 7.04 11.96
CA VAL H 152 77.05 5.86 11.09
C VAL H 152 78.44 5.22 11.17
N ASP H 153 79.51 6.02 11.27
CA ASP H 153 80.84 5.41 11.34
C ASP H 153 81.04 4.67 12.66
N VAL H 154 80.60 5.26 13.78
CA VAL H 154 80.72 4.54 15.05
C VAL H 154 79.82 3.31 15.05
N ALA H 155 78.66 3.39 14.38
CA ALA H 155 77.75 2.25 14.28
C ALA H 155 78.39 1.10 13.52
N CYS H 156 79.01 1.40 12.38
CA CYS H 156 79.66 0.34 11.63
C CYS H 156 80.93 -0.15 12.31
N LYS H 157 81.55 0.70 13.15
CA LYS H 157 82.67 0.24 13.98
C LYS H 157 82.21 -0.80 14.99
N HIS H 158 81.14 -0.50 15.73
CA HIS H 158 80.60 -1.43 16.72
C HIS H 158 79.86 -2.60 16.10
N LEU H 159 79.52 -2.53 14.82
CA LEU H 159 78.91 -3.65 14.11
C LEU H 159 79.85 -4.85 14.00
N THR H 160 81.15 -4.65 14.18
CA THR H 160 82.11 -5.74 14.23
C THR H 160 81.92 -6.67 15.43
N ASP H 161 81.15 -6.25 16.44
CA ASP H 161 80.90 -7.07 17.62
C ASP H 161 80.16 -8.34 17.24
N THR H 162 80.41 -9.41 18.01
CA THR H 162 79.81 -10.70 17.72
C THR H 162 78.35 -10.80 18.20
N SER H 163 77.97 -10.02 19.20
CA SER H 163 76.62 -10.05 19.73
C SER H 163 75.60 -9.63 18.68
N HIS H 164 74.53 -10.43 18.54
CA HIS H 164 73.55 -10.17 17.49
C HIS H 164 72.73 -8.92 17.75
N GLY H 165 72.48 -8.60 19.03
CA GLY H 165 71.63 -7.46 19.37
C GLY H 165 72.24 -6.13 18.93
N VAL H 166 73.52 -5.94 19.23
CA VAL H 166 74.19 -4.70 18.82
C VAL H 166 74.25 -4.60 17.31
N ARG H 167 74.41 -5.74 16.62
CA ARG H 167 74.36 -5.74 15.15
C ARG H 167 72.99 -5.27 14.66
N ASN H 168 71.91 -5.75 15.29
CA ASN H 168 70.58 -5.31 14.90
C ASN H 168 70.41 -3.81 15.12
N LYS H 169 70.87 -3.31 16.26
CA LYS H 169 70.74 -1.88 16.56
C LYS H 169 71.54 -1.03 15.58
N CYS H 170 72.76 -1.48 15.26
CA CYS H 170 73.60 -0.76 14.30
C CYS H 170 72.96 -0.72 12.92
N LEU H 171 72.40 -1.86 12.49
CA LEU H 171 71.70 -1.89 11.21
C LEU H 171 70.48 -0.98 11.21
N GLN H 172 69.77 -0.89 12.34
CA GLN H 172 68.67 0.06 12.45
C GLN H 172 69.16 1.49 12.29
N LEU H 173 70.28 1.83 12.92
CA LEU H 173 70.86 3.17 12.72
C LEU H 173 71.22 3.42 11.26
N LEU H 174 71.85 2.44 10.61
CA LEU H 174 72.23 2.60 9.20
C LEU H 174 71.00 2.79 8.32
N GLY H 175 69.92 2.03 8.59
CA GLY H 175 68.70 2.22 7.84
C GLY H 175 68.08 3.59 8.04
N ASN H 176 68.04 4.07 9.29
CA ASN H 176 67.41 5.36 9.58
C ASN H 176 68.23 6.52 9.01
N LEU H 177 69.55 6.46 9.11
CA LEU H 177 70.42 7.56 8.68
C LEU H 177 71.01 7.23 7.31
N GLY H 178 70.70 8.06 6.32
CA GLY H 178 71.16 7.80 4.97
C GLY H 178 71.23 9.04 4.10
N SER H 179 70.79 8.89 2.84
CA SER H 179 70.75 9.91 1.78
C SER H 179 72.16 10.30 1.30
N LEU H 180 72.26 10.64 0.02
CA LEU H 180 73.53 11.01 -0.59
C LEU H 180 74.06 12.32 -0.02
N ASP H 195 77.52 3.79 -0.22
CA ASP H 195 78.36 2.72 0.31
C ASP H 195 77.65 1.95 1.43
N VAL H 196 76.80 2.66 2.17
CA VAL H 196 76.06 2.05 3.28
C VAL H 196 75.15 0.93 2.77
N GLN H 197 74.53 1.12 1.59
CA GLN H 197 73.69 0.09 0.99
C GLN H 197 74.47 -1.18 0.73
N LYS H 198 75.68 -1.05 0.16
CA LYS H 198 76.51 -2.21 -0.09
C LYS H 198 76.94 -2.89 1.21
N ILE H 199 77.23 -2.08 2.25
CA ILE H 199 77.66 -2.63 3.53
C ILE H 199 76.55 -3.48 4.15
N ILE H 200 75.33 -2.94 4.19
CA ILE H 200 74.21 -3.70 4.76
C ILE H 200 73.87 -4.89 3.86
N GLY H 201 74.01 -4.75 2.54
CA GLY H 201 73.80 -5.87 1.64
C GLY H 201 74.76 -7.01 1.87
N ASP H 202 76.01 -6.69 2.24
CA ASP H 202 76.96 -7.74 2.62
C ASP H 202 76.48 -8.50 3.84
N TYR H 203 75.78 -7.84 4.75
CA TYR H 203 75.29 -8.46 5.97
C TYR H 203 73.99 -9.23 5.78
N PHE H 204 73.42 -9.20 4.56
CA PHE H 204 72.28 -10.05 4.26
C PHE H 204 72.60 -11.53 4.49
N SER H 205 73.83 -11.94 4.19
CA SER H 205 74.24 -13.33 4.29
C SER H 205 74.65 -13.74 5.71
N ASP H 206 74.32 -12.94 6.72
CA ASP H 206 74.68 -13.29 8.09
C ASP H 206 73.93 -14.55 8.52
N GLN H 207 74.55 -15.29 9.44
CA GLN H 207 73.96 -16.55 9.89
C GLN H 207 72.73 -16.33 10.76
N ASP H 208 72.72 -15.29 11.59
CA ASP H 208 71.63 -15.08 12.53
C ASP H 208 70.41 -14.54 11.78
N PRO H 209 69.25 -15.20 11.87
CA PRO H 209 68.05 -14.68 11.19
C PRO H 209 67.58 -13.33 11.70
N ARG H 210 67.79 -13.03 12.98
CA ARG H 210 67.39 -11.74 13.53
C ARG H 210 68.14 -10.60 12.85
N VAL H 211 69.44 -10.81 12.57
CA VAL H 211 70.23 -9.80 11.88
C VAL H 211 69.71 -9.61 10.46
N ARG H 212 69.29 -10.70 9.81
CA ARG H 212 68.75 -10.61 8.46
C ARG H 212 67.43 -9.83 8.46
N THR H 213 66.56 -10.07 9.44
CA THR H 213 65.32 -9.31 9.57
C THR H 213 65.62 -7.84 9.79
N ALA H 214 66.61 -7.55 10.64
CA ALA H 214 67.02 -6.17 10.87
C ALA H 214 67.53 -5.51 9.59
N ALA H 215 68.28 -6.27 8.79
CA ALA H 215 68.80 -5.75 7.52
C ALA H 215 67.67 -5.39 6.57
N ILE H 216 66.68 -6.29 6.44
CA ILE H 216 65.59 -6.01 5.50
C ILE H 216 64.73 -4.85 6.01
N LYS H 217 64.51 -4.79 7.32
CA LYS H 217 63.78 -3.66 7.89
C LYS H 217 64.53 -2.35 7.70
N ALA H 218 65.85 -2.37 7.83
CA ALA H 218 66.66 -1.19 7.56
C ALA H 218 66.54 -0.77 6.10
N MET H 219 66.52 -1.74 5.18
CA MET H 219 66.30 -1.43 3.77
C MET H 219 64.94 -0.79 3.54
N LEU H 220 63.90 -1.33 4.19
CA LEU H 220 62.56 -0.74 4.06
C LEU H 220 62.51 0.67 4.61
N GLN H 221 63.15 0.91 5.76
CA GLN H 221 63.23 2.25 6.32
C GLN H 221 63.95 3.20 5.38
N LEU H 222 65.08 2.75 4.81
CA LEU H 222 65.85 3.57 3.88
C LEU H 222 65.03 3.90 2.64
N HIS H 223 64.29 2.93 2.12
CA HIS H 223 63.37 3.19 1.00
C HIS H 223 62.30 4.20 1.40
N GLU H 224 61.78 4.09 2.63
CA GLU H 224 60.82 5.07 3.13
C GLU H 224 61.42 6.47 3.13
N ARG H 225 62.72 6.58 3.43
CA ARG H 225 63.40 7.86 3.36
C ARG H 225 63.49 8.39 1.93
N GLY H 226 63.38 7.51 0.94
CA GLY H 226 63.31 7.91 -0.46
C GLY H 226 64.58 7.76 -1.27
N LEU H 227 65.63 7.14 -0.72
CA LEU H 227 66.87 6.96 -1.46
C LEU H 227 66.66 6.00 -2.63
N LYS H 228 67.37 6.26 -3.73
CA LYS H 228 67.30 5.41 -4.91
C LYS H 228 68.06 4.10 -4.67
N LEU H 229 67.36 2.98 -4.79
CA LEU H 229 67.95 1.68 -4.50
C LEU H 229 68.72 1.15 -5.71
N HIS H 230 69.51 0.10 -5.46
CA HIS H 230 70.23 -0.60 -6.50
C HIS H 230 69.43 -1.80 -7.00
N GLN H 231 70.01 -2.54 -7.94
CA GLN H 231 69.37 -3.72 -8.50
C GLN H 231 69.95 -5.03 -8.01
N THR H 232 71.21 -5.04 -7.56
CA THR H 232 71.84 -6.24 -7.02
C THR H 232 71.11 -6.79 -5.79
N ILE H 233 70.39 -5.94 -5.06
CA ILE H 233 69.62 -6.38 -3.90
C ILE H 233 68.54 -7.39 -4.26
N TYR H 234 68.07 -7.39 -5.52
CA TYR H 234 67.02 -8.31 -5.94
C TYR H 234 67.48 -9.76 -5.84
N ASN H 235 68.64 -10.09 -6.40
CA ASN H 235 69.15 -11.45 -6.33
C ASN H 235 69.50 -11.86 -4.90
N GLN H 236 70.02 -10.91 -4.11
CA GLN H 236 70.32 -11.19 -2.70
C GLN H 236 69.05 -11.54 -1.94
N ALA H 237 67.97 -10.80 -2.16
CA ALA H 237 66.70 -11.10 -1.52
C ALA H 237 66.12 -12.41 -2.05
N CYS H 238 66.32 -12.69 -3.34
CA CYS H 238 65.91 -13.97 -3.92
C CYS H 238 66.60 -15.13 -3.22
N LYS H 239 67.88 -14.97 -2.88
CA LYS H 239 68.57 -15.96 -2.08
C LYS H 239 67.93 -16.08 -0.70
N LEU H 240 67.54 -14.95 -0.12
CA LEU H 240 66.90 -14.94 1.20
C LEU H 240 65.55 -15.65 1.22
N LEU H 241 64.87 -15.73 0.07
CA LEU H 241 63.54 -16.34 0.03
C LEU H 241 63.57 -17.83 0.39
N SER H 242 64.70 -18.51 0.20
CA SER H 242 64.83 -19.92 0.56
C SER H 242 65.07 -20.15 2.05
N ASP H 243 65.15 -19.10 2.86
CA ASP H 243 65.42 -19.23 4.28
C ASP H 243 64.31 -20.02 4.97
N ASP H 244 64.70 -20.82 5.96
CA ASP H 244 63.75 -21.63 6.72
C ASP H 244 62.78 -20.76 7.53
N TYR H 245 63.28 -19.69 8.14
CA TYR H 245 62.46 -18.95 9.09
C TYR H 245 61.49 -18.01 8.37
N GLU H 246 60.47 -17.57 9.13
CA GLU H 246 59.30 -16.93 8.56
C GLU H 246 59.44 -15.41 8.44
N GLN H 247 59.99 -14.77 9.47
CA GLN H 247 60.11 -13.31 9.46
C GLN H 247 61.00 -12.83 8.33
N VAL H 248 62.10 -13.56 8.08
CA VAL H 248 63.02 -13.22 6.99
C VAL H 248 62.30 -13.28 5.65
N ARG H 249 61.55 -14.36 5.42
CA ARG H 249 60.81 -14.50 4.16
C ARG H 249 59.75 -13.42 4.00
N SER H 250 59.01 -13.12 5.08
CA SER H 250 57.98 -12.10 5.02
C SER H 250 58.57 -10.74 4.71
N ALA H 251 59.70 -10.40 5.35
CA ALA H 251 60.39 -9.15 5.08
C ALA H 251 60.94 -9.11 3.66
N ALA H 252 61.48 -10.22 3.17
CA ALA H 252 62.04 -10.28 1.82
C ALA H 252 60.96 -10.24 0.74
N GLN H 254 58.50 -8.27 0.55
CA GLN H 254 58.31 -6.83 0.69
C GLN H 254 59.44 -6.12 -0.06
N LEU H 255 60.69 -6.54 0.19
CA LEU H 255 61.83 -5.90 -0.45
C LEU H 255 61.83 -6.12 -1.96
N ILE H 256 61.54 -7.35 -2.39
CA ILE H 256 61.45 -7.64 -3.82
C ILE H 256 60.27 -6.89 -4.44
N TRP H 257 59.17 -6.74 -3.69
CA TRP H 257 58.07 -5.90 -4.15
C TRP H 257 58.51 -4.46 -4.36
N VAL H 258 59.31 -3.93 -3.41
CA VAL H 258 59.81 -2.57 -3.51
C VAL H 258 60.66 -2.41 -4.76
N VAL H 259 61.61 -3.33 -4.95
CA VAL H 259 62.53 -3.21 -6.07
C VAL H 259 61.79 -3.42 -7.40
N SER H 260 60.78 -4.30 -7.42
CA SER H 260 59.96 -4.47 -8.62
C SER H 260 59.18 -3.20 -8.94
N GLN H 261 58.61 -2.55 -7.93
CA GLN H 261 57.90 -1.30 -8.14
C GLN H 261 58.83 -0.20 -8.65
N LEU H 262 60.06 -0.17 -8.14
CA LEU H 262 61.02 0.88 -8.52
C LEU H 262 61.44 0.76 -9.98
N TYR H 263 61.72 -0.45 -10.46
CA TYR H 263 62.19 -0.67 -11.83
C TYR H 263 61.44 -1.82 -12.51
N PRO H 264 60.13 -1.67 -12.74
CA PRO H 264 59.38 -2.79 -13.31
C PRO H 264 59.74 -3.11 -14.75
N GLU H 265 60.12 -2.10 -15.54
CA GLU H 265 60.48 -2.33 -16.93
C GLU H 265 61.88 -2.88 -17.12
N SER H 266 62.67 -2.97 -16.05
CA SER H 266 64.06 -3.40 -16.14
C SER H 266 64.16 -4.84 -16.63
N ILE H 267 65.09 -5.08 -17.55
CA ILE H 267 65.32 -6.41 -18.10
C ILE H 267 66.26 -7.17 -17.18
N VAL H 268 65.93 -8.42 -16.88
CA VAL H 268 66.72 -9.27 -15.99
C VAL H 268 66.92 -10.61 -16.67
N PRO H 269 68.13 -11.17 -16.71
CA PRO H 269 68.31 -12.50 -17.30
C PRO H 269 68.17 -13.63 -16.29
N ILE H 270 67.52 -14.69 -16.74
CA ILE H 270 67.38 -15.89 -15.91
C ILE H 270 68.74 -16.56 -15.78
N PRO H 271 69.15 -17.00 -14.59
CA PRO H 271 70.48 -17.66 -14.46
C PRO H 271 70.63 -18.89 -15.33
N SER H 272 69.57 -19.69 -15.46
CA SER H 272 69.62 -20.92 -16.27
C SER H 272 69.15 -20.68 -17.70
N SER H 273 67.91 -20.23 -17.86
CA SER H 273 67.36 -19.97 -19.18
C SER H 273 68.00 -18.74 -19.81
N ASN H 274 68.19 -18.79 -21.13
CA ASN H 274 68.77 -17.68 -21.88
C ASN H 274 67.78 -16.56 -22.15
N GLU H 275 66.47 -16.84 -22.05
CA GLU H 275 65.45 -15.86 -22.36
C GLU H 275 65.46 -14.72 -21.36
N GLU H 276 65.11 -13.53 -21.84
CA GLU H 276 65.09 -12.32 -21.03
C GLU H 276 63.66 -12.09 -20.51
N ILE H 277 63.56 -11.73 -19.24
CA ILE H 277 62.29 -11.49 -18.57
C ILE H 277 62.40 -10.17 -17.81
N ARG H 278 61.34 -9.37 -17.86
CA ARG H 278 61.33 -8.13 -17.10
C ARG H 278 61.33 -8.42 -15.61
N LEU H 279 61.79 -7.43 -14.82
CA LEU H 279 61.81 -7.56 -13.37
C LEU H 279 60.41 -7.81 -12.82
N VAL H 280 59.41 -7.15 -13.42
CA VAL H 280 58.04 -7.25 -12.93
C VAL H 280 57.53 -8.69 -13.05
N ASP H 281 57.79 -9.35 -14.19
CA ASP H 281 57.24 -10.68 -14.41
C ASP H 281 57.94 -11.73 -13.56
N ASP H 282 59.28 -11.67 -13.46
CA ASP H 282 59.98 -12.64 -12.62
C ASP H 282 59.63 -12.44 -11.16
N ALA H 283 59.50 -11.18 -10.71
CA ALA H 283 59.05 -10.93 -9.34
C ALA H 283 57.65 -11.46 -9.10
N PHE H 284 56.77 -11.31 -10.10
CA PHE H 284 55.40 -11.85 -10.00
C PHE H 284 55.44 -13.35 -9.83
N GLY H 285 56.26 -14.03 -10.64
CA GLY H 285 56.39 -15.48 -10.51
C GLY H 285 56.97 -15.90 -9.17
N LYS H 286 57.94 -15.12 -8.67
CA LYS H 286 58.53 -15.37 -7.35
C LYS H 286 57.45 -15.32 -6.28
N ILE H 287 56.64 -14.26 -6.27
CA ILE H 287 55.57 -14.15 -5.27
C ILE H 287 54.55 -15.27 -5.48
N CYS H 288 54.29 -15.65 -6.74
CA CYS H 288 53.31 -16.70 -7.02
C CYS H 288 53.72 -18.03 -6.42
N HIS H 289 54.95 -18.46 -6.67
CA HIS H 289 55.39 -19.73 -6.08
C HIS H 289 55.85 -19.59 -4.63
N MET H 290 55.96 -18.36 -4.12
CA MET H 290 56.20 -18.15 -2.70
C MET H 290 54.92 -18.25 -1.88
N VAL H 291 53.76 -17.92 -2.47
CA VAL H 291 52.47 -18.04 -1.78
C VAL H 291 52.18 -19.49 -1.37
N SER H 292 52.77 -20.47 -2.04
CA SER H 292 52.63 -21.87 -1.65
C SER H 292 53.25 -22.20 -0.29
N ASP H 293 54.08 -21.31 0.27
CA ASP H 293 54.70 -21.51 1.57
C ASP H 293 53.64 -21.73 2.65
N GLY H 294 53.99 -22.52 3.65
CA GLY H 294 53.07 -22.90 4.71
C GLY H 294 52.94 -21.93 5.86
N SER H 295 53.62 -20.77 5.81
CA SER H 295 53.48 -19.76 6.86
C SER H 295 52.35 -18.82 6.46
N TRP H 296 51.26 -18.83 7.24
CA TRP H 296 50.05 -18.13 6.86
C TRP H 296 50.23 -16.61 6.92
N VAL H 297 51.00 -16.11 7.89
CA VAL H 297 51.29 -14.67 7.93
C VAL H 297 52.06 -14.26 6.68
N VAL H 298 53.02 -15.09 6.28
CA VAL H 298 53.78 -14.84 5.06
C VAL H 298 52.86 -14.90 3.84
N ARG H 299 51.88 -15.82 3.85
CA ARG H 299 50.93 -15.90 2.74
C ARG H 299 50.08 -14.65 2.64
N VAL H 300 49.60 -14.14 3.78
CA VAL H 300 48.79 -12.91 3.79
C VAL H 300 49.62 -11.73 3.30
N GLN H 301 50.86 -11.62 3.80
CA GLN H 301 51.76 -10.56 3.37
C GLN H 301 52.02 -10.63 1.86
N ALA H 302 52.28 -11.83 1.35
CA ALA H 302 52.57 -12.02 -0.07
C ALA H 302 51.38 -11.64 -0.92
N ALA H 303 50.18 -12.07 -0.53
CA ALA H 303 48.98 -11.74 -1.30
C ALA H 303 48.72 -10.23 -1.29
N LYS H 304 48.84 -9.59 -0.11
CA LYS H 304 48.59 -8.15 -0.01
C LYS H 304 49.57 -7.36 -0.86
N LEU H 305 50.87 -7.64 -0.74
CA LEU H 305 51.85 -6.94 -1.56
C LEU H 305 51.76 -7.32 -3.03
N LEU H 306 51.22 -8.50 -3.34
CA LEU H 306 51.03 -8.88 -4.73
C LEU H 306 49.90 -8.07 -5.35
N GLY H 307 48.87 -7.77 -4.56
CA GLY H 307 47.80 -6.91 -5.04
C GLY H 307 48.26 -5.52 -5.43
N SER H 308 49.27 -4.99 -4.74
CA SER H 308 49.78 -3.65 -5.01
C SER H 308 50.51 -3.56 -6.35
N MET H 309 50.78 -4.68 -7.01
CA MET H 309 51.42 -4.69 -8.32
C MET H 309 50.35 -4.58 -9.41
N GLU H 310 50.41 -3.50 -10.19
CA GLU H 310 49.50 -3.31 -11.31
C GLU H 310 50.24 -2.77 -12.54
N GLN H 311 51.42 -3.33 -12.81
CA GLN H 311 52.26 -2.92 -13.94
C GLN H 311 52.79 -4.14 -14.67
N VAL H 312 51.94 -5.14 -14.88
CA VAL H 312 52.33 -6.41 -15.46
C VAL H 312 51.31 -6.76 -16.56
N SER H 313 51.79 -7.47 -17.59
CA SER H 313 50.92 -7.87 -18.68
C SER H 313 49.88 -8.89 -18.24
N SER H 314 48.65 -8.73 -18.74
CA SER H 314 47.55 -9.59 -18.34
C SER H 314 47.67 -11.01 -18.89
N HIS H 315 48.38 -11.20 -20.01
CA HIS H 315 48.53 -12.54 -20.58
C HIS H 315 49.23 -13.48 -19.61
N PHE H 316 50.27 -12.99 -18.94
CA PHE H 316 51.00 -13.80 -17.97
C PHE H 316 50.13 -14.13 -16.78
N LEU H 317 49.30 -13.17 -16.34
CA LEU H 317 48.38 -13.41 -15.24
C LEU H 317 47.36 -14.49 -15.60
N GLU H 318 46.82 -14.42 -16.82
CA GLU H 318 45.89 -15.44 -17.29
C GLU H 318 46.56 -16.80 -17.37
N GLN H 319 47.82 -16.84 -17.82
CA GLN H 319 48.56 -18.08 -17.89
C GLN H 319 48.76 -18.70 -16.51
N THR H 320 49.10 -17.86 -15.52
CA THR H 320 49.46 -18.36 -14.20
C THR H 320 48.25 -18.58 -13.29
N LEU H 321 47.08 -18.05 -13.65
CA LEU H 321 45.89 -18.27 -12.81
C LEU H 321 45.15 -19.54 -13.14
N ASP H 322 45.28 -20.09 -14.35
CA ASP H 322 44.57 -21.30 -14.71
C ASP H 322 45.16 -22.52 -14.00
N LYS H 323 44.41 -23.61 -14.02
CA LYS H 323 44.82 -24.87 -13.41
C LYS H 323 45.69 -25.73 -14.32
N LYS H 324 45.95 -25.30 -15.54
CA LYS H 324 46.77 -26.09 -16.46
C LYS H 324 47.44 -25.20 -17.51
N SER H 373 55.54 -25.32 -15.14
CA SER H 373 56.01 -24.55 -14.00
C SER H 373 55.08 -24.70 -12.81
N GLY H 374 55.56 -24.31 -11.63
CA GLY H 374 54.79 -24.39 -10.42
C GLY H 374 53.96 -23.15 -10.09
N ALA H 375 53.92 -22.17 -11.00
CA ALA H 375 53.18 -20.94 -10.77
C ALA H 375 51.72 -21.05 -11.22
N CYS H 376 51.32 -22.18 -11.79
CA CYS H 376 49.94 -22.36 -12.22
C CYS H 376 49.00 -22.42 -11.03
N GLY H 377 47.85 -21.77 -11.17
CA GLY H 377 46.82 -21.80 -10.14
C GLY H 377 47.22 -21.17 -8.82
N ALA H 378 48.02 -20.11 -8.86
CA ALA H 378 48.39 -19.38 -7.64
C ALA H 378 47.15 -18.79 -6.97
N PHE H 379 46.34 -18.07 -7.75
CA PHE H 379 45.11 -17.52 -7.20
C PHE H 379 44.08 -18.61 -6.90
N VAL H 380 44.15 -19.73 -7.63
CA VAL H 380 43.29 -20.87 -7.31
C VAL H 380 43.61 -21.39 -5.91
N HIS H 381 44.90 -21.53 -5.60
CA HIS H 381 45.31 -21.95 -4.26
C HIS H 381 44.95 -20.89 -3.22
N GLY H 382 45.13 -19.62 -3.57
CA GLY H 382 44.82 -18.56 -2.62
C GLY H 382 43.35 -18.48 -2.26
N LEU H 383 42.47 -18.61 -3.25
CA LEU H 383 41.04 -18.53 -2.97
C LEU H 383 40.53 -19.80 -2.29
N GLU H 384 41.16 -20.94 -2.57
CA GLU H 384 40.83 -22.18 -1.89
C GLU H 384 41.54 -22.37 -0.56
N ASP H 385 42.36 -21.39 -0.14
CA ASP H 385 43.11 -21.51 1.10
C ASP H 385 42.18 -21.61 2.30
N GLU H 386 42.65 -22.30 3.34
CA GLU H 386 41.82 -22.62 4.49
C GLU H 386 41.61 -21.43 5.41
N MET H 387 42.44 -20.39 5.34
CA MET H 387 42.31 -19.23 6.21
C MET H 387 41.61 -18.11 5.47
N TYR H 388 40.56 -17.56 6.08
CA TYR H 388 39.81 -16.49 5.44
C TYR H 388 40.61 -15.21 5.29
N GLU H 389 41.66 -15.00 6.08
CA GLU H 389 42.53 -13.84 5.88
C GLU H 389 43.24 -13.92 4.54
N VAL H 390 43.75 -15.11 4.18
CA VAL H 390 44.40 -15.32 2.90
C VAL H 390 43.41 -15.07 1.77
N ARG H 391 42.19 -15.59 1.92
CA ARG H 391 41.19 -15.41 0.88
C ARG H 391 40.79 -13.95 0.72
N ILE H 392 40.68 -13.21 1.83
CA ILE H 392 40.37 -11.77 1.75
C ILE H 392 41.49 -11.02 1.04
N ALA H 393 42.75 -11.34 1.38
CA ALA H 393 43.88 -10.70 0.71
C ALA H 393 43.89 -11.04 -0.78
N ALA H 394 43.58 -12.29 -1.14
CA ALA H 394 43.47 -12.68 -2.54
C ALA H 394 42.35 -11.90 -3.23
N VAL H 395 41.24 -11.66 -2.53
CA VAL H 395 40.14 -10.88 -3.07
C VAL H 395 40.60 -9.45 -3.37
N GLU H 396 41.35 -8.85 -2.46
CA GLU H 396 41.88 -7.50 -2.68
C GLU H 396 42.82 -7.48 -3.88
N ALA H 397 43.67 -8.51 -4.00
CA ALA H 397 44.59 -8.59 -5.13
C ALA H 397 43.82 -8.70 -6.45
N LEU H 398 42.76 -9.52 -6.45
CA LEU H 398 41.90 -9.64 -7.61
C LEU H 398 41.26 -8.30 -7.96
N CYS H 399 40.84 -7.55 -6.93
CA CYS H 399 40.25 -6.22 -7.14
C CYS H 399 41.22 -5.28 -7.84
N MET H 400 42.45 -5.17 -7.30
CA MET H 400 43.42 -4.24 -7.88
C MET H 400 43.78 -4.65 -9.32
N LEU H 401 44.04 -5.95 -9.53
CA LEU H 401 44.43 -6.42 -10.85
C LEU H 401 43.30 -6.24 -11.86
N ALA H 402 42.06 -6.53 -11.45
CA ALA H 402 40.91 -6.33 -12.33
C ALA H 402 40.72 -4.85 -12.65
N GLN H 403 40.90 -3.97 -11.67
CA GLN H 403 40.89 -2.54 -11.95
C GLN H 403 41.99 -2.15 -12.94
N SER H 404 43.08 -2.92 -12.97
CA SER H 404 44.10 -2.70 -13.99
C SER H 404 43.69 -3.30 -15.33
N SER H 405 43.35 -4.58 -15.36
CA SER H 405 43.09 -5.30 -16.60
C SER H 405 41.65 -5.77 -16.66
N PRO H 406 40.94 -5.52 -17.76
CA PRO H 406 39.56 -6.03 -17.88
C PRO H 406 39.46 -7.49 -18.34
N SER H 407 40.40 -7.93 -19.18
CA SER H 407 40.39 -9.31 -19.64
C SER H 407 40.59 -10.29 -18.49
N PHE H 408 41.51 -9.96 -17.58
CA PHE H 408 41.71 -10.77 -16.39
C PHE H 408 40.45 -10.80 -15.53
N ALA H 409 39.77 -9.66 -15.43
CA ALA H 409 38.51 -9.60 -14.69
C ALA H 409 37.48 -10.55 -15.29
N GLU H 410 37.34 -10.52 -16.62
CA GLU H 410 36.41 -11.41 -17.32
C GLU H 410 36.77 -12.86 -17.04
N LYS H 411 38.07 -13.18 -17.04
CA LYS H 411 38.51 -14.54 -16.76
C LYS H 411 38.14 -14.94 -15.34
N CYS H 412 38.31 -14.03 -14.38
CA CYS H 412 38.19 -14.34 -12.97
C CYS H 412 36.81 -14.11 -12.38
N LEU H 413 35.81 -13.73 -13.19
CA LEU H 413 34.43 -13.62 -12.69
C LEU H 413 33.95 -14.90 -12.01
N ASP H 414 34.23 -16.05 -12.63
CA ASP H 414 33.74 -17.33 -12.13
C ASP H 414 34.26 -17.63 -10.73
N PHE H 415 35.53 -17.32 -10.48
CA PHE H 415 36.10 -17.55 -9.16
C PHE H 415 35.48 -16.63 -8.11
N LEU H 416 35.18 -15.39 -8.49
CA LEU H 416 34.45 -14.49 -7.60
C LEU H 416 33.06 -15.04 -7.31
N VAL H 417 32.39 -15.61 -8.32
CA VAL H 417 31.10 -16.24 -8.12
C VAL H 417 31.22 -17.39 -7.13
N ASP H 418 32.31 -18.16 -7.21
CA ASP H 418 32.56 -19.21 -6.22
C ASP H 418 32.73 -18.61 -4.83
N MET H 419 33.44 -17.49 -4.73
CA MET H 419 33.58 -16.80 -3.46
C MET H 419 32.24 -16.29 -2.94
N PHE H 420 31.27 -16.04 -3.82
CA PHE H 420 29.93 -15.73 -3.34
C PHE H 420 29.27 -16.92 -2.65
N ASN H 421 29.75 -18.14 -2.90
CA ASN H 421 29.34 -19.32 -2.15
C ASN H 421 30.19 -19.60 -0.92
N ASP H 422 31.16 -18.72 -0.60
CA ASP H 422 32.11 -18.97 0.47
C ASP H 422 31.41 -19.09 1.81
N GLU H 423 31.92 -19.96 2.67
CA GLU H 423 31.27 -20.23 3.93
C GLU H 423 31.43 -19.06 4.92
N ILE H 424 32.52 -18.31 4.84
CA ILE H 424 32.72 -17.17 5.72
C ILE H 424 31.96 -15.96 5.17
N GLU H 425 31.19 -15.30 6.05
CA GLU H 425 30.36 -14.16 5.63
C GLU H 425 31.19 -12.97 5.18
N GLU H 426 32.28 -12.67 5.89
CA GLU H 426 33.11 -11.51 5.55
C GLU H 426 33.74 -11.68 4.18
N VAL H 427 34.17 -12.90 3.85
CA VAL H 427 34.75 -13.19 2.55
C VAL H 427 33.71 -12.93 1.46
N ARG H 428 32.48 -13.38 1.68
CA ARG H 428 31.40 -13.14 0.73
C ARG H 428 31.16 -11.64 0.54
N LEU H 429 31.10 -10.89 1.65
CA LEU H 429 30.85 -9.46 1.58
C LEU H 429 31.93 -8.75 0.78
N GLN H 430 33.18 -9.07 1.07
CA GLN H 430 34.29 -8.38 0.41
C GLN H 430 34.38 -8.76 -1.06
N SER H 431 34.16 -10.04 -1.39
CA SER H 431 34.12 -10.46 -2.79
C SER H 431 33.02 -9.75 -3.57
N ILE H 432 31.84 -9.60 -2.95
CA ILE H 432 30.75 -8.90 -3.60
C ILE H 432 31.10 -7.44 -3.83
N HIS H 433 31.73 -6.80 -2.84
CA HIS H 433 32.14 -5.41 -2.99
C HIS H 433 33.16 -5.23 -4.11
N THR H 434 34.12 -6.15 -4.21
CA THR H 434 35.09 -6.08 -5.30
C THR H 434 34.42 -6.30 -6.65
N MET H 435 33.50 -7.26 -6.73
CA MET H 435 32.75 -7.50 -7.97
C MET H 435 32.00 -6.24 -8.39
N ARG H 436 31.37 -5.57 -7.42
CA ARG H 436 30.75 -4.27 -7.68
C ARG H 436 31.78 -3.27 -8.20
N LYS H 437 32.97 -3.26 -7.61
CA LYS H 437 34.00 -2.31 -7.99
C LYS H 437 34.48 -2.53 -9.42
N ILE H 438 34.42 -3.77 -9.90
CA ILE H 438 34.99 -4.12 -11.20
C ILE H 438 33.93 -4.42 -12.23
N SER H 439 32.65 -4.18 -11.90
CA SER H 439 31.56 -4.52 -12.80
C SER H 439 31.45 -3.60 -14.01
N ASN H 440 32.17 -2.47 -14.01
CA ASN H 440 31.97 -1.40 -14.99
C ASN H 440 32.26 -1.84 -16.42
N ASN H 441 33.00 -2.92 -16.61
CA ASN H 441 33.41 -3.38 -17.93
C ASN H 441 32.89 -4.77 -18.27
N ILE H 442 32.87 -5.69 -17.30
CA ILE H 442 32.43 -7.06 -17.54
C ILE H 442 30.94 -7.09 -17.86
N THR H 443 30.50 -8.22 -18.41
CA THR H 443 29.09 -8.48 -18.62
C THR H 443 28.85 -9.96 -18.34
N LEU H 444 27.79 -10.26 -17.61
CA LEU H 444 27.57 -11.63 -17.13
C LEU H 444 26.80 -12.46 -18.15
N ARG H 445 26.70 -13.75 -17.86
CA ARG H 445 25.91 -14.72 -18.61
C ARG H 445 24.81 -15.27 -17.69
N GLU H 446 23.97 -16.14 -18.26
CA GLU H 446 22.85 -16.69 -17.50
C GLU H 446 23.31 -17.49 -16.28
N ASP H 447 24.38 -18.29 -16.43
CA ASP H 447 24.94 -19.02 -15.29
C ASP H 447 25.35 -18.08 -14.17
N GLN H 448 26.12 -17.04 -14.51
CA GLN H 448 26.56 -16.07 -13.51
C GLN H 448 25.36 -15.39 -12.87
N LEU H 449 24.36 -15.02 -13.68
CA LEU H 449 23.21 -14.31 -13.15
C LEU H 449 22.40 -15.18 -12.19
N ASP H 450 22.15 -16.44 -12.53
CA ASP H 450 21.38 -17.29 -11.62
C ASP H 450 22.15 -17.59 -10.35
N THR H 451 23.47 -17.79 -10.46
CA THR H 451 24.28 -17.97 -9.24
C THR H 451 24.24 -16.74 -8.35
N VAL H 452 24.33 -15.55 -8.94
CA VAL H 452 24.30 -14.31 -8.16
C VAL H 452 22.95 -14.14 -7.50
N LEU H 453 21.87 -14.39 -8.23
CA LEU H 453 20.54 -14.27 -7.63
C LEU H 453 20.29 -15.34 -6.56
N ALA H 454 20.98 -16.48 -6.66
CA ALA H 454 20.84 -17.52 -5.65
C ALA H 454 21.33 -17.06 -4.27
N VAL H 455 22.54 -16.50 -4.20
CA VAL H 455 23.09 -16.05 -2.92
C VAL H 455 22.29 -14.88 -2.35
N LEU H 456 21.61 -14.11 -3.21
CA LEU H 456 20.72 -13.04 -2.74
C LEU H 456 19.58 -13.56 -1.87
N GLU H 457 19.20 -14.84 -2.03
CA GLU H 457 18.14 -15.43 -1.22
C GLU H 457 18.51 -15.52 0.26
N ASP H 458 19.81 -15.50 0.59
CA ASP H 458 20.33 -15.80 1.91
C ASP H 458 19.73 -14.89 2.99
N SER H 459 19.79 -15.36 4.24
CA SER H 459 19.01 -14.71 5.29
C SER H 459 19.66 -13.46 5.85
N SER H 460 20.98 -13.45 5.98
CA SER H 460 21.68 -12.33 6.60
C SER H 460 21.47 -11.04 5.82
N ARG H 461 21.08 -9.98 6.54
CA ARG H 461 20.68 -8.74 5.89
C ARG H 461 21.85 -8.06 5.17
N ASP H 462 23.03 -8.05 5.80
CA ASP H 462 24.16 -7.30 5.27
C ASP H 462 24.63 -7.85 3.91
N ILE H 463 24.70 -9.17 3.77
CA ILE H 463 25.10 -9.74 2.48
C ILE H 463 24.04 -9.45 1.41
N ARG H 464 22.76 -9.43 1.79
CA ARG H 464 21.72 -9.03 0.85
C ARG H 464 21.90 -7.58 0.41
N GLU H 465 22.25 -6.70 1.36
CA GLU H 465 22.55 -5.32 1.01
C GLU H 465 23.74 -5.25 0.06
N ALA H 466 24.75 -6.10 0.29
CA ALA H 466 25.90 -6.14 -0.59
C ALA H 466 25.51 -6.58 -2.00
N LEU H 467 24.64 -7.60 -2.10
CA LEU H 467 24.11 -8.00 -3.41
C LEU H 467 23.37 -6.84 -4.06
N HIS H 468 22.62 -6.07 -3.27
CA HIS H 468 21.92 -4.92 -3.81
C HIS H 468 22.90 -3.88 -4.37
N GLU H 469 23.99 -3.63 -3.65
CA GLU H 469 25.00 -2.72 -4.15
C GLU H 469 25.62 -3.26 -5.43
N LEU H 470 25.82 -4.58 -5.50
CA LEU H 470 26.38 -5.22 -6.68
C LEU H 470 25.47 -5.01 -7.89
N LEU H 471 24.18 -5.32 -7.73
CA LEU H 471 23.26 -5.30 -8.87
C LEU H 471 23.05 -3.90 -9.42
N CYS H 472 23.28 -2.86 -8.61
CA CYS H 472 23.18 -1.48 -9.08
C CYS H 472 24.16 -1.19 -10.21
N CYS H 473 25.32 -1.85 -10.22
CA CYS H 473 26.36 -1.58 -11.20
C CYS H 473 26.55 -2.69 -12.23
N THR H 474 26.00 -3.89 -12.00
CA THR H 474 26.24 -5.03 -12.87
C THR H 474 25.64 -4.83 -14.27
N ASN H 475 26.32 -5.40 -15.26
CA ASN H 475 25.82 -5.40 -16.63
C ASN H 475 25.01 -6.67 -16.90
N VAL H 476 24.37 -6.70 -18.07
CA VAL H 476 23.54 -7.84 -18.48
C VAL H 476 23.33 -7.75 -19.98
N SER H 477 23.25 -8.91 -20.64
CA SER H 477 23.12 -9.00 -22.09
C SER H 477 21.70 -9.27 -22.54
N THR H 478 21.06 -10.31 -22.00
CA THR H 478 19.75 -10.73 -22.45
C THR H 478 18.66 -10.12 -21.58
N LYS H 479 17.52 -9.82 -22.21
CA LYS H 479 16.35 -9.36 -21.48
C LYS H 479 15.88 -10.40 -20.46
N GLU H 480 16.06 -11.68 -20.77
CA GLU H 480 15.68 -12.74 -19.85
C GLU H 480 16.50 -12.68 -18.57
N GLY H 481 17.74 -12.21 -18.65
CA GLY H 481 18.51 -11.94 -17.45
C GLY H 481 17.83 -10.92 -16.55
N ILE H 482 17.35 -9.82 -17.15
CA ILE H 482 16.62 -8.81 -16.39
C ILE H 482 15.34 -9.40 -15.81
N HIS H 483 14.68 -10.27 -16.57
CA HIS H 483 13.45 -10.91 -16.09
C HIS H 483 13.73 -11.79 -14.88
N LEU H 484 14.81 -12.57 -14.94
CA LEU H 484 15.22 -13.40 -13.81
C LEU H 484 15.57 -12.54 -12.60
N ALA H 485 16.30 -11.44 -12.84
CA ALA H 485 16.65 -10.52 -11.78
C ALA H 485 15.41 -9.99 -11.08
N LEU H 486 14.42 -9.54 -11.88
CA LEU H 486 13.20 -8.99 -11.31
C LEU H 486 12.43 -10.05 -10.53
N VAL H 487 12.33 -11.27 -11.07
CA VAL H 487 11.54 -12.31 -10.39
C VAL H 487 12.18 -12.68 -9.07
N GLU H 488 13.51 -12.85 -9.05
CA GLU H 488 14.18 -13.15 -7.79
C GLU H 488 14.11 -11.99 -6.81
N LEU H 489 14.14 -10.74 -7.31
CA LEU H 489 13.98 -9.60 -6.42
C LEU H 489 12.58 -9.57 -5.81
N LEU H 490 11.54 -9.91 -6.59
CA LEU H 490 10.19 -9.96 -6.03
C LEU H 490 10.07 -11.07 -4.99
N LYS H 491 10.70 -12.22 -5.24
CA LYS H 491 10.75 -13.26 -4.22
C LYS H 491 11.44 -12.74 -2.95
N ASN H 492 12.51 -11.97 -3.13
CA ASN H 492 13.19 -11.37 -1.99
C ASN H 492 12.27 -10.38 -1.25
N LEU H 493 11.48 -9.60 -2.00
CA LEU H 493 10.48 -8.72 -1.40
C LEU H 493 9.52 -9.50 -0.52
N THR H 494 9.01 -10.62 -1.04
CA THR H 494 8.09 -11.46 -0.28
C THR H 494 8.78 -11.99 0.98
N LYS H 495 10.02 -12.43 0.84
CA LYS H 495 10.75 -13.00 1.97
C LYS H 495 11.08 -11.92 3.00
N TYR H 496 11.69 -10.82 2.56
CA TYR H 496 12.30 -9.82 3.43
C TYR H 496 11.87 -8.43 3.00
N PRO H 497 10.62 -8.04 3.32
CA PRO H 497 10.08 -6.77 2.80
C PRO H 497 10.81 -5.51 3.29
N THR H 498 11.55 -5.59 4.40
CA THR H 498 12.24 -4.43 4.95
C THR H 498 13.31 -3.86 4.01
N ASP H 499 13.78 -4.65 3.05
CA ASP H 499 14.80 -4.24 2.09
C ASP H 499 14.20 -3.56 0.86
N ARG H 500 12.95 -3.09 0.94
CA ARG H 500 12.25 -2.58 -0.24
C ARG H 500 12.92 -1.35 -0.82
N ASP H 501 13.43 -0.45 0.03
CA ASP H 501 14.09 0.77 -0.47
C ASP H 501 15.33 0.44 -1.29
N SER H 502 16.16 -0.48 -0.78
CA SER H 502 17.37 -0.87 -1.51
C SER H 502 17.03 -1.54 -2.83
N ILE H 503 15.99 -2.38 -2.85
CA ILE H 503 15.58 -3.05 -4.08
C ILE H 503 15.05 -2.04 -5.09
N TRP H 504 14.35 -1.00 -4.60
CA TRP H 504 13.88 0.05 -5.50
C TRP H 504 15.06 0.82 -6.08
N LYS H 505 16.10 1.05 -5.27
CA LYS H 505 17.33 1.64 -5.79
C LYS H 505 17.96 0.75 -6.85
N CYS H 506 17.98 -0.56 -6.61
CA CYS H 506 18.47 -1.53 -7.59
C CYS H 506 17.75 -1.40 -8.91
N LEU H 507 16.41 -1.36 -8.86
CA LEU H 507 15.62 -1.29 -10.07
C LEU H 507 15.78 0.05 -10.76
N LYS H 508 15.96 1.12 -9.98
CA LYS H 508 16.30 2.42 -10.53
C LYS H 508 17.55 2.33 -11.39
N PHE H 509 18.62 1.76 -10.83
CA PHE H 509 19.88 1.68 -11.57
C PHE H 509 19.77 0.71 -12.75
N LEU H 510 19.00 -0.37 -12.58
CA LEU H 510 18.79 -1.33 -13.65
C LEU H 510 18.11 -0.68 -14.84
N GLY H 511 17.03 0.07 -14.58
CA GLY H 511 16.35 0.78 -15.64
C GLY H 511 17.23 1.81 -16.31
N SER H 512 17.93 2.62 -15.49
CA SER H 512 18.76 3.69 -16.05
C SER H 512 19.90 3.14 -16.91
N ARG H 513 20.55 2.08 -16.44
CA ARG H 513 21.71 1.55 -17.16
C ARG H 513 21.36 0.54 -18.24
N HIS H 514 20.11 0.06 -18.30
CA HIS H 514 19.70 -0.90 -19.32
C HIS H 514 18.33 -0.52 -19.87
N PRO H 515 18.18 0.70 -20.43
CA PRO H 515 16.84 1.12 -20.87
C PRO H 515 16.28 0.33 -22.05
N THR H 516 17.10 0.13 -23.08
CA THR H 516 16.63 -0.56 -24.29
C THR H 516 16.26 -2.01 -24.02
N LEU H 517 17.02 -2.69 -23.15
CA LEU H 517 16.78 -4.09 -22.87
C LEU H 517 15.53 -4.35 -22.02
N VAL H 518 14.91 -3.31 -21.48
CA VAL H 518 13.76 -3.48 -20.59
C VAL H 518 12.45 -3.41 -21.37
N LEU H 519 12.32 -2.38 -22.22
CA LEU H 519 11.04 -2.08 -22.85
C LEU H 519 10.40 -3.20 -23.68
N PRO H 520 11.13 -4.16 -24.28
CA PRO H 520 10.44 -5.34 -24.83
C PRO H 520 9.67 -6.15 -23.79
N LEU H 521 10.06 -6.04 -22.51
CA LEU H 521 9.40 -6.77 -21.44
C LEU H 521 8.33 -5.95 -20.73
N VAL H 522 8.07 -4.72 -21.19
CA VAL H 522 7.08 -3.82 -20.60
C VAL H 522 5.69 -4.46 -20.60
N PRO H 523 5.08 -4.84 -21.74
CA PRO H 523 3.67 -5.31 -21.66
C PRO H 523 3.45 -6.53 -20.79
N GLU H 524 4.46 -7.38 -20.61
CA GLU H 524 4.34 -8.46 -19.65
C GLU H 524 4.43 -7.97 -18.21
N LEU H 525 5.34 -7.03 -17.94
CA LEU H 525 5.51 -6.51 -16.58
C LEU H 525 4.27 -5.76 -16.11
N LEU H 526 3.71 -4.92 -16.97
CA LEU H 526 2.47 -4.24 -16.63
C LEU H 526 1.25 -5.13 -16.79
N SER H 527 1.42 -6.31 -17.40
CA SER H 527 0.36 -7.30 -17.60
C SER H 527 -0.79 -6.75 -18.45
N THR H 528 -0.49 -5.79 -19.32
CA THR H 528 -1.53 -5.19 -20.16
C THR H 528 -2.05 -6.20 -21.16
N HIS H 529 -3.36 -6.30 -21.26
CA HIS H 529 -3.95 -7.21 -22.22
C HIS H 529 -4.02 -6.54 -23.58
N PRO H 530 -3.98 -7.32 -24.68
CA PRO H 530 -4.10 -6.71 -26.01
C PRO H 530 -5.37 -5.90 -26.23
N PHE H 531 -6.52 -6.35 -25.71
CA PHE H 531 -7.76 -5.64 -26.02
C PHE H 531 -8.58 -5.34 -24.77
N PHE H 532 -8.47 -6.18 -23.74
CA PHE H 532 -9.17 -5.89 -22.49
C PHE H 532 -8.60 -4.64 -21.82
N ASP H 533 -9.30 -4.18 -20.79
CA ASP H 533 -8.80 -3.11 -19.92
C ASP H 533 -8.53 -3.70 -18.55
N THR H 534 -7.25 -3.85 -18.20
CA THR H 534 -6.88 -4.53 -16.97
C THR H 534 -7.35 -3.73 -15.75
N ALA H 535 -7.68 -4.46 -14.68
CA ALA H 535 -8.04 -3.84 -13.42
C ALA H 535 -6.88 -3.02 -12.87
N GLU H 536 -7.21 -1.90 -12.23
CA GLU H 536 -6.20 -0.98 -11.70
C GLU H 536 -5.41 -1.68 -10.61
N PRO H 537 -4.08 -1.80 -10.76
CA PRO H 537 -3.29 -2.48 -9.73
C PRO H 537 -3.34 -1.74 -8.40
N ASP H 538 -3.21 -2.51 -7.32
CA ASP H 538 -3.24 -1.98 -5.96
C ASP H 538 -2.03 -1.07 -5.76
N MET H 539 -2.26 0.24 -5.72
CA MET H 539 -1.19 1.17 -5.39
C MET H 539 -0.71 0.95 -3.97
N ASP H 540 0.52 1.39 -3.71
CA ASP H 540 1.28 1.28 -2.46
C ASP H 540 1.76 -0.15 -2.19
N ASP H 541 1.55 -1.07 -3.11
CA ASP H 541 2.08 -2.42 -2.97
C ASP H 541 3.58 -2.40 -3.22
N PRO H 542 4.37 -3.20 -2.48
CA PRO H 542 5.83 -3.20 -2.70
C PRO H 542 6.26 -3.67 -4.08
N ALA H 543 5.82 -4.86 -4.51
CA ALA H 543 6.29 -5.42 -5.77
C ALA H 543 5.87 -4.56 -6.96
N TYR H 544 4.63 -4.07 -6.95
CA TYR H 544 4.18 -3.24 -8.06
C TYR H 544 4.94 -1.92 -8.14
N ILE H 545 5.25 -1.31 -6.98
CA ILE H 545 6.08 -0.10 -6.96
C ILE H 545 7.47 -0.42 -7.50
N ALA H 546 8.01 -1.59 -7.14
CA ALA H 546 9.32 -2.01 -7.65
C ALA H 546 9.31 -2.11 -9.17
N VAL H 547 8.29 -2.76 -9.71
CA VAL H 547 8.16 -2.93 -11.16
C VAL H 547 8.04 -1.57 -11.83
N LEU H 548 7.22 -0.68 -11.27
CA LEU H 548 7.03 0.64 -11.84
C LEU H 548 8.32 1.45 -11.81
N VAL H 549 9.09 1.35 -10.73
CA VAL H 549 10.36 2.07 -10.64
C VAL H 549 11.31 1.60 -11.73
N LEU H 550 11.40 0.28 -11.93
CA LEU H 550 12.23 -0.24 -13.02
C LEU H 550 11.77 0.30 -14.36
N ILE H 551 10.46 0.25 -14.62
CA ILE H 551 9.92 0.65 -15.92
C ILE H 551 10.17 2.13 -16.18
N PHE H 552 9.88 2.98 -15.18
CA PHE H 552 10.04 4.42 -15.35
C PHE H 552 11.50 4.80 -15.52
N ASN H 553 12.41 4.20 -14.75
CA ASN H 553 13.82 4.53 -14.91
C ASN H 553 14.35 4.01 -16.24
N ALA H 554 13.77 2.93 -16.76
CA ALA H 554 14.09 2.52 -18.12
C ALA H 554 13.59 3.55 -19.12
N ALA H 555 12.44 4.15 -18.85
CA ALA H 555 11.78 5.05 -19.79
C ALA H 555 12.32 6.47 -19.77
N LYS H 556 13.27 6.80 -18.88
CA LYS H 556 13.82 8.15 -18.85
C LYS H 556 14.52 8.52 -20.15
N THR H 557 15.33 7.62 -20.69
CA THR H 557 16.01 7.88 -21.95
C THR H 557 15.17 7.46 -23.16
N CYS H 558 14.62 6.25 -23.11
CA CYS H 558 13.86 5.71 -24.24
C CYS H 558 12.57 6.50 -24.45
N PRO H 559 12.28 6.95 -25.67
CA PRO H 559 11.03 7.65 -25.93
C PRO H 559 9.85 6.77 -26.32
N THR H 560 10.09 5.52 -26.69
CA THR H 560 9.00 4.64 -27.12
C THR H 560 8.35 3.90 -25.96
N MET H 561 8.98 3.89 -24.79
CA MET H 561 8.42 3.18 -23.63
C MET H 561 7.04 3.70 -23.17
N PRO H 562 6.80 5.00 -22.95
CA PRO H 562 5.53 5.41 -22.32
C PRO H 562 4.29 5.11 -23.15
N ALA H 563 4.44 4.88 -24.45
CA ALA H 563 3.30 4.59 -25.32
C ALA H 563 2.59 3.30 -24.96
N LEU H 564 3.23 2.39 -24.23
CA LEU H 564 2.62 1.13 -23.84
C LEU H 564 1.93 1.24 -22.49
N PHE H 565 1.85 2.44 -21.93
CA PHE H 565 1.25 2.64 -20.63
C PHE H 565 -0.24 2.86 -20.78
N SER H 566 -1.01 2.26 -19.88
CA SER H 566 -2.42 2.57 -19.76
C SER H 566 -2.58 3.84 -18.94
N ASP H 567 -3.83 4.31 -18.85
CA ASP H 567 -4.12 5.55 -18.13
C ASP H 567 -3.77 5.45 -16.65
N HIS H 568 -4.11 4.33 -16.01
CA HIS H 568 -3.78 4.15 -14.61
C HIS H 568 -2.28 4.05 -14.39
N THR H 569 -1.54 3.61 -15.41
CA THR H 569 -0.08 3.62 -15.31
C THR H 569 0.45 5.06 -15.25
N PHE H 570 -0.13 5.97 -16.03
CA PHE H 570 0.24 7.39 -15.93
C PHE H 570 -0.15 7.96 -14.57
N ARG H 571 -1.33 7.58 -14.08
CA ARG H 571 -1.79 8.05 -12.77
C ARG H 571 -0.83 7.59 -11.66
N HIS H 572 -0.45 6.31 -11.69
CA HIS H 572 0.52 5.78 -10.76
C HIS H 572 1.89 6.40 -10.95
N TYR H 573 2.23 6.79 -12.19
CA TYR H 573 3.47 7.51 -12.43
C TYR H 573 3.47 8.83 -11.68
N ALA H 574 2.37 9.58 -11.78
CA ALA H 574 2.27 10.85 -11.06
C ALA H 574 2.38 10.63 -9.56
N TYR H 575 1.69 9.61 -9.04
CA TYR H 575 1.73 9.29 -7.62
C TYR H 575 3.15 8.98 -7.16
N LEU H 576 3.83 8.07 -7.87
CA LEU H 576 5.19 7.70 -7.51
C LEU H 576 6.13 8.89 -7.65
N ARG H 577 5.95 9.71 -8.69
CA ARG H 577 6.82 10.85 -8.92
C ARG H 577 6.74 11.85 -7.78
N ASP H 578 5.52 12.14 -7.30
CA ASP H 578 5.43 13.07 -6.17
C ASP H 578 5.94 12.42 -4.88
N SER H 579 5.62 11.15 -4.66
CA SER H 579 6.00 10.50 -3.40
C SER H 579 7.46 10.05 -3.38
N LEU H 580 7.94 9.45 -4.47
CA LEU H 580 9.29 8.92 -4.54
C LEU H 580 10.10 9.62 -5.63
N SER H 581 10.15 10.96 -5.58
CA SER H 581 10.88 11.74 -6.59
C SER H 581 12.35 11.34 -6.66
N HIS H 582 12.96 10.99 -5.52
CA HIS H 582 14.37 10.64 -5.54
C HIS H 582 14.63 9.33 -6.28
N LEU H 583 13.61 8.47 -6.37
CA LEU H 583 13.71 7.22 -7.12
C LEU H 583 13.22 7.37 -8.55
N VAL H 584 11.96 7.75 -8.72
CA VAL H 584 11.34 7.85 -10.04
C VAL H 584 11.77 9.17 -10.68
N PRO H 585 12.35 9.14 -11.87
CA PRO H 585 12.74 10.38 -12.55
C PRO H 585 11.55 11.03 -13.25
N ALA H 586 11.84 12.13 -13.93
CA ALA H 586 10.84 12.86 -14.71
C ALA H 586 10.44 12.05 -15.94
N ASP H 608 20.02 36.73 2.84
CA ASP H 608 18.92 35.95 3.38
C ASP H 608 17.97 36.87 4.13
N PRO H 609 16.69 36.89 3.74
CA PRO H 609 15.71 37.71 4.47
C PRO H 609 15.58 37.33 5.94
N SER H 610 15.67 36.04 6.25
CA SER H 610 15.53 35.60 7.64
C SER H 610 16.70 36.05 8.49
N GLN H 611 17.92 35.91 7.96
CA GLN H 611 19.12 36.29 8.71
C GLN H 611 19.10 37.79 9.02
N GLN H 612 18.85 38.61 8.00
CA GLN H 612 18.81 40.05 8.23
C GLN H 612 17.61 40.45 9.09
N PHE H 613 16.51 39.69 9.04
CA PHE H 613 15.39 39.93 9.93
C PHE H 613 15.79 39.72 11.39
N LEU H 614 16.49 38.62 11.66
CA LEU H 614 16.98 38.36 13.01
C LEU H 614 17.95 39.45 13.45
N GLN H 615 18.85 39.86 12.53
CA GLN H 615 19.83 40.90 12.85
C GLN H 615 19.15 42.21 13.20
N GLN H 616 18.15 42.62 12.41
CA GLN H 616 17.50 43.90 12.66
C GLN H 616 16.62 43.84 13.92
N SER H 617 16.03 42.67 14.22
CA SER H 617 15.29 42.53 15.47
C SER H 617 16.22 42.70 16.67
N LEU H 618 17.39 42.04 16.63
CA LEU H 618 18.35 42.19 17.71
C LEU H 618 18.87 43.62 17.81
N GLU H 619 19.06 44.27 16.65
CA GLU H 619 19.48 45.68 16.66
C GLU H 619 18.40 46.56 17.28
N ARG H 620 17.13 46.25 17.01
CA ARG H 620 16.02 46.97 17.63
C ARG H 620 16.06 46.84 19.15
N VAL H 621 16.31 45.61 19.64
CA VAL H 621 16.39 45.39 21.08
C VAL H 621 17.56 46.15 21.68
N TYR H 622 18.73 46.11 21.01
CA TYR H 622 19.90 46.81 21.52
C TYR H 622 19.71 48.32 21.52
N SER H 623 18.95 48.86 20.56
CA SER H 623 18.72 50.30 20.52
C SER H 623 17.66 50.74 21.53
N LEU H 624 16.64 49.92 21.76
CA LEU H 624 15.48 50.31 22.55
C LEU H 624 15.51 49.80 23.98
N GLN H 625 16.67 49.34 24.46
CA GLN H 625 16.75 48.85 25.85
C GLN H 625 16.59 49.94 26.90
N HIS H 626 16.68 51.21 26.51
CA HIS H 626 16.70 52.32 27.45
C HIS H 626 15.30 52.80 27.84
N LEU H 627 14.26 52.06 27.48
CA LEU H 627 12.89 52.44 27.85
C LEU H 627 12.65 52.24 29.34
N ASP H 628 11.43 52.58 29.76
CA ASP H 628 10.99 52.32 31.12
C ASP H 628 10.79 50.81 31.31
N PRO H 629 10.69 50.32 32.56
CA PRO H 629 10.60 48.85 32.76
C PRO H 629 9.43 48.15 32.07
N GLN H 630 8.27 48.80 32.00
CA GLN H 630 7.12 48.20 31.31
C GLN H 630 7.41 47.99 29.83
N GLY H 631 7.90 49.03 29.15
CA GLY H 631 8.24 48.92 27.74
C GLY H 631 9.34 47.91 27.49
N ALA H 632 10.35 47.90 28.38
CA ALA H 632 11.45 46.94 28.25
C ALA H 632 10.94 45.51 28.36
N GLN H 633 10.08 45.24 29.35
CA GLN H 633 9.52 43.91 29.50
C GLN H 633 8.68 43.50 28.30
N GLU H 634 7.85 44.42 27.79
CA GLU H 634 7.01 44.11 26.64
C GLU H 634 7.85 43.80 25.41
N LEU H 635 8.86 44.63 25.15
CA LEU H 635 9.73 44.42 24.00
C LEU H 635 10.50 43.12 24.12
N LEU H 636 10.98 42.81 25.33
CA LEU H 636 11.70 41.57 25.58
C LEU H 636 10.80 40.36 25.33
N GLU H 637 9.56 40.41 25.81
CA GLU H 637 8.62 39.31 25.60
C GLU H 637 8.34 39.11 24.12
N PHE H 638 8.08 40.21 23.40
CA PHE H 638 7.79 40.09 21.97
C PHE H 638 9.00 39.54 21.22
N THR H 639 10.20 39.97 21.59
CA THR H 639 11.39 39.53 20.87
C THR H 639 11.69 38.06 21.16
N ILE H 640 11.55 37.61 22.41
CA ILE H 640 11.82 36.20 22.68
C ILE H 640 10.77 35.32 22.01
N ARG H 641 9.51 35.79 21.95
CA ARG H 641 8.49 35.07 21.20
C ARG H 641 8.85 34.98 19.72
N ASP H 642 9.30 36.09 19.13
CA ASP H 642 9.67 36.10 17.72
C ASP H 642 10.86 35.19 17.44
N LEU H 643 11.86 35.20 18.34
CA LEU H 643 13.04 34.36 18.16
C LEU H 643 12.68 32.88 18.27
N GLN H 644 11.82 32.52 19.23
CA GLN H 644 11.36 31.15 19.33
C GLN H 644 10.59 30.73 18.08
N ARG H 645 9.72 31.61 17.58
CA ARG H 645 8.96 31.30 16.37
C ARG H 645 9.88 31.13 15.17
N LEU H 646 10.93 31.95 15.08
CA LEU H 646 11.88 31.82 13.98
C LEU H 646 12.64 30.51 14.07
N GLY H 647 13.07 30.14 15.29
CA GLY H 647 13.74 28.86 15.47
C GLY H 647 12.87 27.68 15.10
N GLU H 648 11.60 27.72 15.47
CA GLU H 648 10.66 26.68 15.05
C GLU H 648 10.47 26.67 13.54
N LEU H 649 10.37 27.85 12.94
CA LEU H 649 10.00 27.96 11.53
C LEU H 649 11.14 27.52 10.61
N GLN H 650 12.36 27.97 10.89
CA GLN H 650 13.53 27.59 10.10
C GLN H 650 14.49 26.82 10.99
N SER H 651 14.80 25.58 10.61
CA SER H 651 15.68 24.75 11.42
C SER H 651 17.15 25.13 11.29
N GLU H 652 17.53 25.82 10.21
CA GLU H 652 18.92 26.21 10.01
C GLU H 652 19.36 27.20 11.08
N LEU H 653 18.55 28.22 11.33
CA LEU H 653 18.86 29.27 12.29
C LEU H 653 18.41 28.93 13.70
N ALA H 654 17.91 27.71 13.93
CA ALA H 654 17.42 27.29 15.24
C ALA H 654 18.49 27.42 16.33
N GLY H 655 19.75 27.19 15.98
CA GLY H 655 20.84 27.37 16.92
C GLY H 655 20.97 28.78 17.45
N VAL H 656 21.23 29.73 16.54
CA VAL H 656 21.37 31.13 16.92
C VAL H 656 20.07 31.66 17.51
N ALA H 657 18.92 31.21 16.99
CA ALA H 657 17.63 31.68 17.50
C ALA H 657 17.44 31.29 18.96
N ASP H 658 17.65 30.01 19.29
CA ASP H 658 17.50 29.58 20.68
C ASP H 658 18.58 30.19 21.58
N PHE H 659 19.79 30.36 21.06
CA PHE H 659 20.86 31.01 21.83
C PHE H 659 20.45 32.43 22.21
N SER H 660 20.02 33.22 21.23
CA SER H 660 19.60 34.59 21.49
C SER H 660 18.36 34.62 22.37
N ALA H 661 17.45 33.66 22.17
CA ALA H 661 16.25 33.59 23.01
C ALA H 661 16.62 33.37 24.46
N THR H 662 17.58 32.48 24.72
CA THR H 662 18.03 32.24 26.09
C THR H 662 18.69 33.49 26.68
N TYR H 663 19.53 34.17 25.89
CA TYR H 663 20.20 35.38 26.40
C TYR H 663 19.20 36.48 26.73
N LEU H 664 18.25 36.73 25.82
CA LEU H 664 17.25 37.76 26.07
C LEU H 664 16.30 37.35 27.20
N ARG H 665 16.07 36.04 27.38
CA ARG H 665 15.26 35.61 28.51
C ARG H 665 16.00 35.82 29.82
N CYS H 666 17.32 35.63 29.81
CA CYS H 666 18.14 36.00 30.97
C CYS H 666 18.00 37.49 31.28
N GLN H 667 18.08 38.33 30.25
CA GLN H 667 17.93 39.77 30.44
C GLN H 667 16.55 40.11 30.98
N LEU H 668 15.51 39.47 30.45
CA LEU H 668 14.15 39.72 30.92
C LEU H 668 13.98 39.32 32.38
N LEU H 669 14.53 38.17 32.75
CA LEU H 669 14.46 37.71 34.14
C LEU H 669 15.20 38.68 35.06
N LEU H 670 16.36 39.19 34.62
CA LEU H 670 17.09 40.18 35.41
C LEU H 670 16.27 41.46 35.57
N ILE H 671 15.64 41.91 34.48
CA ILE H 671 14.86 43.16 34.52
C ILE H 671 13.65 43.01 35.44
N LYS H 672 12.93 41.90 35.34
CA LYS H 672 11.73 41.69 36.14
C LYS H 672 12.05 41.63 37.62
N ALA H 673 13.17 41.01 37.98
CA ALA H 673 13.56 40.89 39.38
C ALA H 673 13.80 42.25 40.00
N LEU H 674 14.43 43.16 39.25
CA LEU H 674 14.77 44.49 39.77
C LEU H 674 13.55 45.39 39.95
N GLN H 675 12.38 44.99 39.46
CA GLN H 675 11.15 45.76 39.63
C GLN H 675 10.22 45.18 40.68
N GLU H 676 10.68 44.22 41.48
CA GLU H 676 9.85 43.56 42.47
C GLU H 676 9.55 44.51 43.62
N LYS H 677 8.49 44.21 44.38
CA LYS H 677 8.03 45.08 45.46
C LYS H 677 9.06 45.23 46.58
N LEU H 678 9.89 44.22 46.81
CA LEU H 678 10.77 44.19 48.00
C LEU H 678 11.84 45.29 47.99
N TRP H 679 12.09 45.93 46.85
CA TRP H 679 13.11 46.97 46.80
C TRP H 679 12.70 48.27 47.49
N ASN H 680 11.44 48.39 47.88
CA ASN H 680 10.97 49.57 48.60
C ASN H 680 10.24 49.15 49.86
N VAL H 681 10.72 48.08 50.50
CA VAL H 681 10.27 47.66 51.83
C VAL H 681 11.50 47.29 52.63
N ALA H 682 11.49 47.64 53.91
CA ALA H 682 12.63 47.39 54.77
C ALA H 682 12.88 45.89 54.93
N ALA H 683 14.13 45.54 55.22
CA ALA H 683 14.51 44.13 55.37
C ALA H 683 13.73 43.37 56.45
N PRO H 684 13.43 43.91 57.65
CA PRO H 684 12.60 43.14 58.60
C PRO H 684 11.23 42.76 58.06
N LEU H 685 10.62 43.64 57.26
CA LEU H 685 9.28 43.40 56.72
C LEU H 685 9.28 42.43 55.55
N TYR H 686 10.45 42.09 55.02
CA TYR H 686 10.55 41.18 53.88
C TYR H 686 10.06 39.78 54.23
N LEU H 687 9.38 39.16 53.28
CA LEU H 687 8.92 37.77 53.40
C LEU H 687 9.26 37.04 52.11
N LYS H 688 9.91 35.88 52.25
CA LYS H 688 10.45 35.16 51.10
C LYS H 688 9.44 34.25 50.43
N GLN H 689 8.21 34.16 50.95
CA GLN H 689 7.19 33.33 50.32
C GLN H 689 6.76 33.91 48.97
N SER H 690 6.67 35.23 48.86
CA SER H 690 6.27 35.89 47.63
C SER H 690 7.46 36.33 46.79
N ASP H 691 8.67 35.98 47.23
CA ASP H 691 9.89 36.46 46.57
C ASP H 691 10.03 35.86 45.17
N LEU H 692 10.49 36.67 44.22
CA LEU H 692 10.80 36.23 42.88
C LEU H 692 12.27 36.38 42.50
N ALA H 693 13.04 37.22 43.21
CA ALA H 693 14.42 37.47 42.85
C ALA H 693 15.29 36.21 42.96
N SER H 694 15.07 35.40 44.01
CA SER H 694 15.86 34.18 44.17
C SER H 694 15.61 33.20 43.03
N ALA H 695 14.33 32.99 42.68
CA ALA H 695 13.99 32.12 41.57
C ALA H 695 14.52 32.69 40.26
N ALA H 696 14.48 34.02 40.10
CA ALA H 696 15.02 34.66 38.92
C ALA H 696 16.52 34.39 38.80
N ALA H 697 17.25 34.53 39.90
CA ALA H 697 18.69 34.29 39.89
C ALA H 697 18.99 32.84 39.57
N LYS H 698 18.22 31.91 40.14
CA LYS H 698 18.39 30.48 39.85
C LYS H 698 18.19 30.19 38.36
N GLN H 699 17.09 30.71 37.80
CA GLN H 699 16.80 30.48 36.39
C GLN H 699 17.87 31.09 35.49
N ILE H 700 18.37 32.29 35.83
CA ILE H 700 19.43 32.92 35.04
C ILE H 700 20.70 32.08 35.12
N MET H 701 20.99 31.51 36.30
CA MET H 701 22.16 30.64 36.45
C MET H 701 22.05 29.42 35.53
N GLU H 702 20.89 28.75 35.56
CA GLU H 702 20.69 27.56 34.73
C GLU H 702 20.77 27.90 33.25
N GLU H 703 20.15 29.03 32.85
CA GLU H 703 20.17 29.43 31.45
C GLU H 703 21.56 29.85 30.99
N THR H 704 22.36 30.46 31.88
CA THR H 704 23.74 30.79 31.54
C THR H 704 24.56 29.52 31.31
N TYR H 705 24.34 28.50 32.16
CA TYR H 705 25.03 27.23 31.94
C TYR H 705 24.61 26.61 30.62
N LYS H 706 23.31 26.67 30.30
CA LYS H 706 22.81 26.20 29.01
C LYS H 706 23.46 26.96 27.86
N MET H 707 23.57 28.28 27.98
CA MET H 707 24.20 29.09 26.93
C MET H 707 25.66 28.70 26.74
N GLU H 708 26.37 28.48 27.84
CA GLU H 708 27.79 28.17 27.76
C GLU H 708 28.04 26.79 27.13
N PHE H 709 27.34 25.77 27.61
CA PHE H 709 27.72 24.40 27.27
C PHE H 709 26.86 23.75 26.18
N MET H 710 25.55 24.00 26.15
CA MET H 710 24.67 23.30 25.24
C MET H 710 25.01 23.59 23.77
N TYR H 711 25.27 24.86 23.46
CA TYR H 711 25.44 25.27 22.07
C TYR H 711 26.91 25.13 21.66
N SER H 712 27.13 24.56 20.48
CA SER H 712 28.47 24.35 19.94
C SER H 712 28.86 25.49 19.02
N GLY H 713 30.16 25.76 18.96
CA GLY H 713 30.68 26.83 18.13
C GLY H 713 30.77 28.18 18.80
N VAL H 714 30.45 28.28 20.09
CA VAL H 714 30.54 29.54 20.80
C VAL H 714 32.00 29.93 21.01
N GLU H 715 32.34 31.16 20.62
CA GLU H 715 33.69 31.65 20.73
C GLU H 715 33.88 32.36 22.08
N ASN H 716 35.10 32.85 22.32
CA ASN H 716 35.41 33.53 23.58
C ASN H 716 34.57 34.79 23.74
N LYS H 717 34.30 35.51 22.63
CA LYS H 717 33.54 36.75 22.68
C LYS H 717 32.09 36.54 23.12
N GLN H 718 31.58 35.32 23.06
CA GLN H 718 30.28 35.01 23.65
C GLN H 718 30.42 34.52 25.08
N VAL H 719 31.51 33.80 25.38
CA VAL H 719 31.74 33.28 26.73
C VAL H 719 31.91 34.43 27.72
N VAL H 720 32.52 35.54 27.29
CA VAL H 720 32.70 36.68 28.18
C VAL H 720 31.35 37.25 28.61
N ILE H 721 30.42 37.39 27.67
CA ILE H 721 29.11 37.94 28.00
C ILE H 721 28.28 36.95 28.80
N ILE H 722 28.41 35.65 28.51
CA ILE H 722 27.70 34.64 29.29
C ILE H 722 28.18 34.66 30.74
N HIS H 723 29.50 34.75 30.94
CA HIS H 723 30.04 34.83 32.30
C HIS H 723 29.67 36.15 32.96
N HIS H 724 29.55 37.22 32.18
CA HIS H 724 29.07 38.50 32.72
C HIS H 724 27.64 38.39 33.24
N MET H 725 26.78 37.71 32.47
CA MET H 725 25.41 37.49 32.92
C MET H 725 25.38 36.61 34.16
N ARG H 726 26.27 35.61 34.20
CA ARG H 726 26.40 34.76 35.39
C ARG H 726 26.84 35.59 36.59
N LEU H 727 27.76 36.53 36.40
CA LEU H 727 28.20 37.41 37.46
C LEU H 727 27.06 38.29 37.95
N GLN H 728 26.24 38.80 37.03
CA GLN H 728 25.08 39.59 37.41
C GLN H 728 24.09 38.75 38.21
N ALA H 729 23.90 37.49 37.81
CA ALA H 729 23.02 36.60 38.56
C ALA H 729 23.55 36.34 39.96
N LYS H 730 24.86 36.14 40.08
CA LYS H 730 25.47 35.95 41.39
C LYS H 730 25.32 37.19 42.25
N ALA H 731 25.46 38.37 41.64
CA ALA H 731 25.25 39.63 42.35
C ALA H 731 23.80 39.73 42.85
N LEU H 732 22.83 39.36 42.02
CA LEU H 732 21.43 39.38 42.43
C LEU H 732 21.18 38.41 43.58
N GLN H 733 21.81 37.23 43.52
CA GLN H 733 21.70 36.25 44.61
C GLN H 733 22.27 36.83 45.90
N LEU H 734 23.41 37.52 45.80
CA LEU H 734 24.00 38.18 46.96
C LEU H 734 23.05 39.24 47.53
N ILE H 735 22.41 40.00 46.64
CA ILE H 735 21.48 41.05 47.05
C ILE H 735 20.32 40.45 47.84
N VAL H 736 19.69 39.40 47.30
CA VAL H 736 18.52 38.83 47.96
C VAL H 736 18.91 38.15 49.28
N THR H 737 20.07 37.48 49.31
CA THR H 737 20.52 36.85 50.56
C THR H 737 20.81 37.90 51.63
N ALA H 738 21.41 39.03 51.23
CA ALA H 738 21.62 40.12 52.18
C ALA H 738 20.30 40.69 52.66
N ARG H 739 19.31 40.77 51.77
CA ARG H 739 18.00 41.28 52.14
C ARG H 739 17.33 40.39 53.18
N THR H 740 17.39 39.07 52.98
CA THR H 740 16.64 38.17 53.86
C THR H 740 17.33 37.95 55.21
N THR H 741 18.66 37.94 55.25
CA THR H 741 19.40 37.62 56.47
C THR H 741 19.68 38.88 57.29
N ARG H 742 20.20 38.65 58.50
CA ARG H 742 20.45 39.74 59.44
C ARG H 742 21.82 39.64 60.12
N GLY H 743 22.51 38.52 60.05
CA GLY H 743 23.80 38.39 60.71
C GLY H 743 24.92 38.95 59.86
N LEU H 744 25.74 39.83 60.46
CA LEU H 744 26.77 40.55 59.70
C LEU H 744 27.80 39.60 59.11
N ASP H 745 28.22 38.58 59.87
CA ASP H 745 29.28 37.68 59.42
C ASP H 745 28.93 36.91 58.15
N PRO H 746 27.74 36.30 57.99
CA PRO H 746 27.43 35.69 56.68
C PRO H 746 27.44 36.69 55.53
N LEU H 747 26.99 37.93 55.78
CA LEU H 747 27.09 38.97 54.74
C LEU H 747 28.54 39.22 54.35
N PHE H 748 29.42 39.33 55.35
CA PHE H 748 30.84 39.57 55.07
C PHE H 748 31.43 38.42 54.28
N GLY H 749 31.13 37.19 54.67
CA GLY H 749 31.65 36.03 53.96
C GLY H 749 31.14 35.94 52.53
N MET H 750 29.83 36.15 52.34
CA MET H 750 29.24 36.10 51.01
C MET H 750 29.81 37.19 50.12
N CYS H 751 29.96 38.41 50.66
CA CYS H 751 30.51 39.50 49.89
C CYS H 751 31.97 39.24 49.52
N GLU H 752 32.75 38.67 50.44
CA GLU H 752 34.13 38.34 50.13
C GLU H 752 34.22 37.29 49.03
N LYS H 753 33.34 36.28 49.10
CA LYS H 753 33.30 35.27 48.05
C LYS H 753 32.90 35.88 46.71
N PHE H 754 31.91 36.79 46.71
CA PHE H 754 31.48 37.45 45.48
C PHE H 754 32.60 38.29 44.90
N LEU H 755 33.34 39.01 45.75
CA LEU H 755 34.48 39.80 45.27
C LEU H 755 35.58 38.90 44.73
N GLN H 756 35.76 37.71 45.32
CA GLN H 756 36.68 36.73 44.77
C GLN H 756 36.27 36.31 43.37
N GLU H 757 34.97 36.07 43.17
CA GLU H 757 34.48 35.72 41.83
C GLU H 757 34.68 36.86 40.84
N VAL H 758 34.46 38.11 41.29
CA VAL H 758 34.68 39.26 40.41
C VAL H 758 36.15 39.35 40.01
N ASP H 759 37.05 39.16 40.97
CA ASP H 759 38.48 39.16 40.69
C ASP H 759 38.86 38.05 39.71
N PHE H 760 38.30 36.85 39.92
CA PHE H 760 38.56 35.72 39.03
C PHE H 760 38.10 36.02 37.61
N PHE H 761 36.91 36.62 37.48
CA PHE H 761 36.40 36.97 36.16
C PHE H 761 37.31 37.99 35.48
N GLN H 762 37.62 39.09 36.18
CA GLN H 762 38.38 40.16 35.54
C GLN H 762 39.81 39.73 35.23
N ARG H 763 40.41 38.83 36.01
CA ARG H 763 41.73 38.32 35.64
C ARG H 763 41.64 37.32 34.49
N TYR H 764 40.54 36.55 34.41
CA TYR H 764 40.41 35.55 33.36
C TYR H 764 40.34 36.20 31.98
N PHE H 765 39.62 37.32 31.87
CA PHE H 765 39.34 37.94 30.58
C PHE H 765 39.98 39.32 30.44
N ILE H 766 41.27 39.46 30.81
CA ILE H 766 41.96 40.75 30.80
C ILE H 766 41.97 41.38 29.41
N ALA H 767 41.95 40.57 28.36
CA ALA H 767 42.05 41.08 27.00
C ALA H 767 40.73 41.59 26.44
N ASP H 768 39.64 41.55 27.23
CA ASP H 768 38.33 41.90 26.71
C ASP H 768 37.63 43.06 27.43
N LEU H 769 38.17 43.55 28.55
CA LEU H 769 37.52 44.65 29.28
C LEU H 769 37.21 45.91 28.47
N PRO H 770 38.08 46.40 27.55
CA PRO H 770 37.69 47.62 26.79
C PRO H 770 36.40 47.50 26.00
N HIS H 771 35.96 46.29 25.64
CA HIS H 771 34.77 46.10 24.82
C HIS H 771 33.51 45.85 25.66
N LEU H 772 33.59 46.01 26.99
CA LEU H 772 32.46 45.89 27.89
C LEU H 772 32.18 47.22 28.61
N GLN H 773 32.30 48.33 27.88
CA GLN H 773 32.09 49.65 28.47
C GLN H 773 30.66 49.80 28.98
N ASP H 774 30.51 50.52 30.09
CA ASP H 774 29.25 50.83 30.76
C ASP H 774 28.56 49.59 31.33
N SER H 775 29.23 48.46 31.40
CA SER H 775 28.65 47.22 31.91
C SER H 775 28.78 47.17 33.43
N PHE H 776 28.18 46.12 34.01
CA PHE H 776 28.21 45.95 35.45
C PHE H 776 29.64 45.69 35.95
N VAL H 777 30.37 44.79 35.29
CA VAL H 777 31.71 44.46 35.74
C VAL H 777 32.66 45.65 35.58
N ASP H 778 32.49 46.44 34.50
CA ASP H 778 33.32 47.62 34.29
C ASP H 778 33.13 48.63 35.41
N LYS H 779 31.88 48.91 35.76
CA LYS H 779 31.60 49.85 36.85
C LYS H 779 32.07 49.30 38.19
N LEU H 780 31.97 47.98 38.40
CA LEU H 780 32.53 47.40 39.62
C LEU H 780 34.04 47.57 39.69
N LEU H 781 34.73 47.36 38.57
CA LEU H 781 36.18 47.56 38.52
C LEU H 781 36.55 49.02 38.79
N ASP H 782 35.78 49.97 38.24
CA ASP H 782 36.03 51.38 38.51
C ASP H 782 35.88 51.71 39.99
N LEU H 783 35.02 50.97 40.71
CA LEU H 783 34.76 51.19 42.12
C LEU H 783 35.37 50.10 43.00
N MET H 784 36.26 49.27 42.46
CA MET H 784 36.82 48.10 43.16
C MET H 784 37.44 48.39 44.53
N PRO H 785 38.32 49.40 44.72
CA PRO H 785 38.86 49.61 46.07
C PRO H 785 37.79 50.01 47.08
N ARG H 786 36.86 50.88 46.68
CA ARG H 786 35.77 51.28 47.56
C ARG H 786 34.90 50.08 47.94
N LEU H 787 34.58 49.23 46.97
CA LEU H 787 33.79 48.04 47.25
C LEU H 787 34.51 47.11 48.22
N MET H 788 35.82 46.93 48.02
CA MET H 788 36.59 46.04 48.88
C MET H 788 36.69 46.57 50.31
N THR H 789 36.91 47.88 50.47
CA THR H 789 37.07 48.45 51.81
C THR H 789 35.75 48.64 52.56
N SER H 790 34.65 48.83 51.86
CA SER H 790 33.40 49.24 52.50
C SER H 790 32.78 48.12 53.32
N LYS H 791 31.87 48.51 54.21
CA LYS H 791 31.16 47.59 55.08
C LYS H 791 30.17 46.79 54.24
N PRO H 792 29.70 45.63 54.75
CA PRO H 792 28.71 44.84 53.96
C PRO H 792 27.44 45.58 53.58
N ALA H 793 26.88 46.41 54.47
CA ALA H 793 25.68 47.16 54.13
C ALA H 793 25.94 48.19 53.03
N GLU H 794 27.01 48.97 53.18
CA GLU H 794 27.32 50.00 52.18
C GLU H 794 27.64 49.37 50.82
N VAL H 795 28.43 48.28 50.82
CA VAL H 795 28.81 47.67 49.56
C VAL H 795 27.62 47.00 48.89
N VAL H 796 26.74 46.35 49.68
CA VAL H 796 25.58 45.71 49.07
C VAL H 796 24.62 46.77 48.51
N LYS H 797 24.47 47.90 49.20
CA LYS H 797 23.61 48.97 48.70
C LYS H 797 24.16 49.57 47.41
N ILE H 798 25.47 49.86 47.39
CA ILE H 798 26.05 50.52 46.23
C ILE H 798 26.08 49.58 45.03
N LEU H 799 26.32 48.28 45.25
CA LEU H 799 26.28 47.36 44.12
C LEU H 799 24.85 47.12 43.66
N GLN H 800 23.87 47.21 44.58
CA GLN H 800 22.47 47.09 44.19
C GLN H 800 22.07 48.24 43.28
N THR H 801 22.35 49.48 43.69
CA THR H 801 22.03 50.61 42.83
C THR H 801 22.90 50.64 41.57
N MET H 802 24.07 50.03 41.60
CA MET H 802 24.90 49.94 40.41
C MET H 802 24.31 48.94 39.40
N LEU H 803 23.85 47.79 39.89
CA LEU H 803 23.25 46.77 39.02
C LEU H 803 22.03 47.29 38.28
N ARG H 804 21.27 48.20 38.91
CA ARG H 804 20.07 48.74 38.30
C ARG H 804 20.40 49.58 37.06
N GLN H 805 21.50 50.32 37.10
CA GLN H 805 21.88 51.22 36.02
C GLN H 805 22.81 50.59 35.00
N SER H 806 23.08 49.29 35.12
CA SER H 806 24.01 48.62 34.22
C SER H 806 23.45 48.57 32.80
N ALA H 807 24.33 48.72 31.83
CA ALA H 807 23.94 48.67 30.42
C ALA H 807 23.78 47.21 29.97
N PHE H 808 23.13 47.05 28.82
CA PHE H 808 22.86 45.75 28.24
C PHE H 808 23.85 45.49 27.11
N LEU H 809 24.77 44.54 27.33
CA LEU H 809 25.82 44.27 26.36
C LEU H 809 25.27 43.70 25.06
N HIS H 810 25.88 44.09 23.95
CA HIS H 810 25.50 43.59 22.63
C HIS H 810 26.16 42.24 22.38
N LEU H 811 25.35 41.19 22.35
CA LEU H 811 25.89 39.85 22.13
C LEU H 811 26.27 39.69 20.66
N PRO H 812 27.50 39.30 20.35
CA PRO H 812 27.87 39.07 18.95
C PRO H 812 27.41 37.69 18.47
N LEU H 813 26.73 37.67 17.34
CA LEU H 813 26.23 36.42 16.80
C LEU H 813 27.38 35.59 16.25
N PRO H 814 27.45 34.30 16.57
CA PRO H 814 28.49 33.45 15.98
C PRO H 814 28.29 33.28 14.48
N GLU H 815 29.39 32.99 13.80
CA GLU H 815 29.33 32.73 12.36
C GLU H 815 28.47 31.52 12.04
N GLN H 816 28.60 30.45 12.82
CA GLN H 816 27.76 29.27 12.67
C GLN H 816 27.61 28.62 14.03
N ILE H 817 26.39 28.29 14.41
CA ILE H 817 26.11 27.76 15.75
C ILE H 817 24.90 26.83 15.66
N HIS H 818 25.01 25.68 16.34
CA HIS H 818 23.94 24.70 16.41
C HIS H 818 23.70 24.32 17.87
N LYS H 819 22.44 24.15 18.23
CA LYS H 819 22.08 23.67 19.56
C LYS H 819 22.17 22.14 19.62
N ALA H 820 22.67 21.63 20.73
CA ALA H 820 22.76 20.19 20.92
C ALA H 820 21.44 19.65 21.45
N SER H 821 21.12 18.43 21.04
CA SER H 821 19.86 17.80 21.44
C SER H 821 19.99 16.30 21.30
N ALA H 822 19.30 15.58 22.18
CA ALA H 822 19.19 14.13 22.10
C ALA H 822 17.72 13.73 22.18
N THR H 823 17.40 12.58 21.59
CA THR H 823 16.05 12.03 21.57
C THR H 823 16.15 10.53 21.80
N ILE H 824 15.65 10.07 22.94
CA ILE H 824 15.70 8.65 23.27
C ILE H 824 14.72 7.90 22.38
N ILE H 825 15.15 6.77 21.84
CA ILE H 825 14.28 6.01 20.94
C ILE H 825 14.16 4.53 21.31
N GLU H 826 15.06 3.94 22.10
CA GLU H 826 14.91 2.53 22.46
C GLU H 826 13.65 2.24 23.28
N PRO H 827 13.34 2.96 24.38
CA PRO H 827 12.03 2.74 25.01
C PRO H 827 10.89 3.37 24.24
N ALA H 828 11.18 4.27 23.30
CA ALA H 828 10.21 5.02 22.49
C ALA H 828 9.31 5.80 23.46
N GLY H 829 8.03 5.97 23.11
CA GLY H 829 7.10 6.57 24.03
C GLY H 829 6.55 5.65 25.09
N GLU H 830 7.15 4.45 25.23
CA GLU H 830 6.81 3.40 26.19
C GLU H 830 5.44 2.81 25.94
N SER H 831 5.01 1.94 26.85
CA SER H 831 3.72 1.26 26.74
C SER H 831 3.34 0.76 28.12
N ASP H 832 2.09 0.30 28.24
CA ASP H 832 1.60 -0.25 29.50
C ASP H 832 2.35 -1.51 29.93
N ASN H 833 2.92 -2.26 28.97
CA ASN H 833 3.66 -3.49 29.21
C ASN H 833 4.87 -3.29 30.12
N PRO H 834 4.85 -3.81 31.34
CA PRO H 834 5.99 -3.67 32.24
C PRO H 834 7.01 -4.79 32.11
N LEU H 835 8.26 -4.45 32.41
CA LEU H 835 9.38 -5.39 32.34
C LEU H 835 9.41 -6.22 33.62
N ARG H 836 8.66 -7.32 33.63
CA ARG H 836 8.60 -8.18 34.81
C ARG H 836 9.93 -8.91 35.02
N PHE H 837 10.35 -9.00 36.28
CA PHE H 837 11.57 -9.69 36.68
C PHE H 837 11.56 -9.82 38.20
N THR H 838 12.39 -10.71 38.72
CA THR H 838 12.43 -10.96 40.16
C THR H 838 13.05 -9.76 40.90
N SER H 839 12.58 -9.55 42.12
CA SER H 839 13.07 -8.44 42.91
C SER H 839 14.49 -8.70 43.41
N GLY H 840 15.19 -7.62 43.70
CA GLY H 840 16.60 -7.69 44.10
C GLY H 840 17.56 -7.82 42.94
N LEU H 841 17.33 -8.77 42.04
CA LEU H 841 18.13 -8.92 40.83
C LEU H 841 17.96 -7.73 39.90
N VAL H 842 18.70 -7.72 38.80
CA VAL H 842 18.78 -6.58 37.91
C VAL H 842 18.26 -6.96 36.53
N VAL H 843 17.45 -6.05 35.95
CA VAL H 843 16.97 -6.17 34.58
C VAL H 843 17.65 -5.08 33.77
N ALA H 844 18.22 -5.46 32.62
CA ALA H 844 18.95 -4.53 31.79
C ALA H 844 18.02 -3.94 30.73
N LEU H 845 18.07 -2.63 30.59
CA LEU H 845 17.22 -1.90 29.64
C LEU H 845 18.12 -1.27 28.59
N ASP H 846 17.79 -1.49 27.33
CA ASP H 846 18.53 -0.89 26.23
C ASP H 846 18.21 0.61 26.14
N VAL H 847 19.21 1.38 25.74
CA VAL H 847 19.08 2.82 25.58
C VAL H 847 19.66 3.19 24.23
N ASP H 848 18.87 3.91 23.43
CA ASP H 848 19.29 4.38 22.12
C ASP H 848 18.85 5.82 21.99
N ALA H 849 19.77 6.68 21.55
CA ALA H 849 19.46 8.09 21.37
C ALA H 849 20.29 8.61 20.21
N THR H 850 19.79 9.69 19.62
CA THR H 850 20.47 10.36 18.52
C THR H 850 20.96 11.70 19.03
N LEU H 851 22.28 11.83 19.15
CA LEU H 851 22.91 13.04 19.67
C LEU H 851 23.41 13.87 18.51
N GLU H 852 23.12 15.16 18.53
CA GLU H 852 23.53 16.07 17.45
C GLU H 852 24.33 17.22 18.03
N HIS H 853 25.43 17.57 17.35
CA HIS H 853 26.23 18.76 17.61
C HIS H 853 26.77 18.81 19.04
N VAL H 854 27.06 17.64 19.61
CA VAL H 854 27.66 17.55 20.92
C VAL H 854 29.17 17.55 20.76
N GLN H 855 29.85 18.47 21.46
CA GLN H 855 31.28 18.67 21.29
C GLN H 855 32.08 17.43 21.70
N ASP H 856 31.85 16.93 22.91
CA ASP H 856 32.59 15.80 23.45
C ASP H 856 31.60 14.82 24.08
N PRO H 857 30.78 14.15 23.27
CA PRO H 857 29.73 13.28 23.83
C PRO H 857 30.23 12.14 24.69
N GLN H 858 31.38 11.54 24.36
CA GLN H 858 31.88 10.41 25.14
C GLN H 858 32.24 10.79 26.57
N ASN H 859 32.48 12.07 26.84
CA ASN H 859 32.79 12.56 28.18
C ASN H 859 31.67 13.37 28.80
N THR H 860 31.11 14.32 28.05
CA THR H 860 30.13 15.25 28.63
C THR H 860 28.75 14.61 28.82
N VAL H 861 28.35 13.72 27.94
CA VAL H 861 27.00 13.15 27.99
C VAL H 861 26.96 12.00 28.99
N LYS H 862 26.01 12.06 29.92
CA LYS H 862 25.79 11.03 30.92
C LYS H 862 24.32 10.63 30.94
N VAL H 863 24.06 9.32 30.93
CA VAL H 863 22.70 8.82 31.03
C VAL H 863 22.29 8.82 32.50
N GLN H 864 21.05 9.24 32.78
CA GLN H 864 20.52 9.31 34.13
C GLN H 864 19.18 8.61 34.22
N VAL H 865 18.99 7.84 35.28
CA VAL H 865 17.74 7.13 35.52
C VAL H 865 17.24 7.53 36.91
N LEU H 866 15.97 7.88 36.98
CA LEU H 866 15.37 8.34 38.24
C LEU H 866 14.35 7.29 38.63
N TYR H 867 14.60 6.60 39.73
CA TYR H 867 13.59 5.74 40.30
C TYR H 867 12.48 6.59 40.91
N PRO H 868 11.28 6.02 41.11
CA PRO H 868 10.19 6.83 41.68
C PRO H 868 10.31 7.09 43.18
N ASP H 869 11.39 7.77 43.56
CA ASP H 869 11.75 8.12 44.93
C ASP H 869 12.97 9.04 44.84
N GLY H 870 13.53 9.40 46.00
CA GLY H 870 14.70 10.27 46.05
C GLY H 870 15.94 9.72 45.36
N GLN H 871 16.03 8.39 45.21
CA GLN H 871 17.19 7.76 44.61
C GLN H 871 17.26 8.09 43.11
N ALA H 872 18.19 8.96 42.74
CA ALA H 872 18.43 9.34 41.35
C ALA H 872 19.79 8.79 40.93
N GLN H 873 19.80 7.54 40.46
CA GLN H 873 21.04 6.89 40.06
C GLN H 873 21.58 7.53 38.78
N MET H 874 22.91 7.53 38.65
CA MET H 874 23.58 8.19 37.54
C MET H 874 24.57 7.21 36.93
N ILE H 875 24.80 7.32 35.61
CA ILE H 875 25.59 6.35 34.86
C ILE H 875 26.52 7.10 33.91
N HIS H 876 27.71 6.55 33.70
CA HIS H 876 28.70 7.12 32.78
C HIS H 876 28.90 6.11 31.64
N PRO H 877 28.29 6.35 30.47
CA PRO H 877 28.53 5.46 29.32
C PRO H 877 29.99 5.46 28.89
N LYS H 878 30.47 4.28 28.48
CA LYS H 878 31.86 4.14 28.10
C LYS H 878 32.10 4.79 26.73
N PRO H 879 33.31 5.30 26.48
CA PRO H 879 33.55 5.97 25.18
C PRO H 879 33.45 5.06 23.98
N ALA H 880 33.61 3.74 24.17
CA ALA H 880 33.58 2.80 23.05
C ALA H 880 32.21 2.74 22.39
N ASP H 881 31.13 2.75 23.17
CA ASP H 881 29.80 2.55 22.63
C ASP H 881 29.36 3.71 21.72
N PHE H 882 29.90 4.90 21.94
CA PHE H 882 29.58 6.04 21.07
C PHE H 882 30.11 5.79 19.66
N ARG H 883 29.25 5.95 18.66
CA ARG H 883 29.64 5.69 17.29
C ARG H 883 29.12 6.81 16.40
N ASN H 884 29.88 7.11 15.34
CA ASN H 884 29.63 8.26 14.48
C ASN H 884 29.25 7.76 13.09
N PRO H 885 27.96 7.73 12.73
CA PRO H 885 27.58 7.31 11.37
C PRO H 885 27.79 8.38 10.31
N GLY H 886 27.60 9.64 10.68
CA GLY H 886 27.78 10.76 9.77
C GLY H 886 28.11 12.03 10.50
N PRO H 887 28.67 13.02 9.79
CA PRO H 887 29.16 14.23 10.45
C PRO H 887 28.03 15.02 11.12
N GLY H 888 28.38 15.66 12.23
CA GLY H 888 27.44 16.49 12.97
C GLY H 888 26.45 15.73 13.82
N ARG H 889 26.66 14.44 14.05
CA ARG H 889 25.75 13.66 14.88
C ARG H 889 26.52 12.59 15.62
N HIS H 890 25.84 11.92 16.55
CA HIS H 890 26.43 10.85 17.35
C HIS H 890 25.35 9.87 17.79
N ARG H 891 25.56 8.60 17.49
CA ARG H 891 24.70 7.53 17.97
C ARG H 891 25.19 7.07 19.35
N LEU H 892 24.25 6.62 20.17
CA LEU H 892 24.58 6.19 21.53
C LEU H 892 23.79 4.93 21.83
N ILE H 893 24.49 3.81 21.98
CA ILE H 893 23.89 2.52 22.32
C ILE H 893 24.37 2.13 23.70
N THR H 894 23.45 2.05 24.66
CA THR H 894 23.81 1.74 26.03
C THR H 894 22.81 0.71 26.56
N GLN H 895 23.29 -0.13 27.46
CA GLN H 895 22.50 -1.19 28.08
C GLN H 895 22.53 -0.87 29.58
N VAL H 896 21.61 -0.01 30.02
CA VAL H 896 21.58 0.40 31.42
C VAL H 896 20.95 -0.69 32.26
N TYR H 897 21.46 -0.84 33.48
CA TYR H 897 21.08 -1.92 34.38
C TYR H 897 20.32 -1.35 35.57
N LEU H 898 19.11 -1.87 35.80
CA LEU H 898 18.23 -1.36 36.83
C LEU H 898 17.79 -2.46 37.78
N SER H 899 17.91 -2.22 39.08
CA SER H 899 17.46 -3.16 40.11
C SER H 899 16.80 -2.40 41.24
N HIS H 900 15.89 -3.09 41.94
CA HIS H 900 15.22 -2.57 43.13
C HIS H 900 14.47 -3.70 43.81
N THR H 901 13.96 -3.40 45.01
CA THR H 901 13.21 -4.35 45.81
C THR H 901 11.80 -4.53 45.26
N ALA H 902 11.01 -5.36 45.93
CA ALA H 902 9.67 -5.69 45.43
C ALA H 902 8.71 -4.52 45.53
N TRP H 903 7.86 -4.37 44.51
CA TRP H 903 6.86 -3.33 44.45
C TRP H 903 5.47 -3.97 44.47
N THR H 904 4.51 -3.25 45.06
CA THR H 904 3.14 -3.77 45.16
C THR H 904 2.50 -3.98 43.80
N GLU H 905 2.87 -3.18 42.81
CA GLU H 905 2.38 -3.32 41.44
C GLU H 905 3.33 -2.59 40.52
N ALA H 906 3.11 -2.77 39.22
CA ALA H 906 3.96 -2.13 38.21
C ALA H 906 3.93 -0.62 38.34
N CYS H 907 5.10 0.00 38.22
CA CYS H 907 5.26 1.44 38.33
C CYS H 907 6.18 1.93 37.22
N GLN H 908 6.13 3.22 36.98
CA GLN H 908 6.90 3.84 35.90
C GLN H 908 8.20 4.42 36.42
N VAL H 909 9.28 4.18 35.67
CA VAL H 909 10.61 4.64 36.02
C VAL H 909 11.09 5.58 34.92
N GLU H 910 11.67 6.71 35.30
CA GLU H 910 12.08 7.76 34.38
C GLU H 910 13.56 7.64 34.05
N VAL H 911 13.89 7.82 32.76
CA VAL H 911 15.27 7.86 32.29
C VAL H 911 15.46 9.14 31.47
N ARG H 912 16.64 9.76 31.60
CA ARG H 912 16.88 11.02 30.94
C ARG H 912 18.36 11.16 30.62
N LEU H 913 18.66 11.95 29.61
CA LEU H 913 20.03 12.31 29.27
C LEU H 913 20.44 13.59 30.01
N LEU H 914 21.65 13.58 30.55
CA LEU H 914 22.22 14.76 31.20
C LEU H 914 23.52 15.14 30.52
N LEU H 915 23.75 16.44 30.42
CA LEU H 915 24.96 16.99 29.80
C LEU H 915 25.82 17.56 30.94
N ALA H 916 26.86 16.81 31.30
CA ALA H 916 27.72 17.18 32.41
C ALA H 916 28.75 18.22 31.99
N TYR H 917 29.21 19.00 32.95
CA TYR H 917 30.17 20.06 32.71
C TYR H 917 31.02 20.25 33.96
N ASN H 918 32.01 21.14 33.85
CA ASN H 918 32.88 21.46 34.97
C ASN H 918 33.08 22.97 35.10
N GLY H 944 28.99 20.41 37.54
CA GLY H 944 27.60 20.03 37.63
C GLY H 944 27.05 19.46 36.33
N THR H 945 25.73 19.30 36.27
CA THR H 945 25.09 18.76 35.06
C THR H 945 23.72 19.39 34.91
N ILE H 946 23.19 19.28 33.70
CA ILE H 946 21.92 19.92 33.34
C ILE H 946 21.07 18.91 32.59
N PRO H 947 19.74 19.08 32.56
CA PRO H 947 18.92 18.25 31.69
C PRO H 947 19.26 18.49 30.22
N PHE H 948 19.12 17.45 29.41
CA PHE H 948 19.58 17.47 28.03
C PHE H 948 18.56 16.97 27.02
N SER H 949 17.59 16.17 27.44
CA SER H 949 16.61 15.63 26.50
C SER H 949 15.26 15.50 27.19
N LYS H 950 14.25 15.15 26.39
CA LYS H 950 12.91 14.94 26.92
C LYS H 950 12.93 13.75 27.87
N PRO H 951 12.39 13.88 29.09
CA PRO H 951 12.44 12.75 30.02
C PRO H 951 11.49 11.63 29.65
N VAL H 952 12.07 10.56 29.12
CA VAL H 952 11.31 9.36 28.78
C VAL H 952 11.13 8.54 30.05
N LYS H 953 10.04 7.77 30.11
CA LYS H 953 9.79 6.93 31.27
C LYS H 953 9.29 5.58 30.79
N VAL H 954 9.56 4.54 31.59
CA VAL H 954 9.21 3.18 31.24
C VAL H 954 8.65 2.51 32.49
N TYR H 955 7.85 1.47 32.27
CA TYR H 955 7.15 0.76 33.35
C TYR H 955 7.94 -0.46 33.76
N ILE H 956 8.11 -0.64 35.07
CA ILE H 956 8.87 -1.74 35.64
C ILE H 956 8.02 -2.42 36.69
N MET H 957 8.02 -3.75 36.70
CA MET H 957 7.22 -4.56 37.64
C MET H 957 8.10 -5.62 38.29
N PRO H 958 8.88 -5.26 39.31
CA PRO H 958 9.75 -6.25 39.94
C PRO H 958 8.99 -7.25 40.80
N LYS H 959 8.86 -8.48 40.30
CA LYS H 959 8.09 -9.50 41.00
C LYS H 959 8.87 -9.96 42.24
N PRO H 960 8.17 -10.51 43.26
CA PRO H 960 8.89 -11.00 44.45
C PRO H 960 9.73 -12.25 44.19
N ALA H 961 10.39 -12.74 45.24
CA ALA H 961 11.20 -13.94 45.16
C ALA H 961 10.39 -15.18 44.79
N ALA I 26 82.72 0.11 -29.51
CA ALA I 26 82.75 -0.03 -30.97
C ALA I 26 83.51 -1.29 -31.43
N PRO I 27 82.97 -2.48 -31.12
CA PRO I 27 83.67 -3.71 -31.52
C PRO I 27 83.80 -3.90 -33.03
N LEU I 28 82.95 -3.26 -33.82
CA LEU I 28 82.97 -3.41 -35.27
C LEU I 28 84.23 -2.74 -35.82
N SER I 29 85.21 -3.54 -36.22
CA SER I 29 86.45 -3.02 -36.74
C SER I 29 86.39 -2.89 -38.27
N ALA I 30 87.29 -2.07 -38.80
CA ALA I 30 87.34 -1.84 -40.24
C ALA I 30 87.75 -3.09 -41.01
N GLN I 31 88.48 -4.01 -40.38
CA GLN I 31 88.95 -5.21 -41.05
C GLN I 31 87.80 -6.09 -41.51
N GLU I 32 86.80 -6.28 -40.63
CA GLU I 32 85.64 -7.10 -40.98
C GLU I 32 84.87 -6.51 -42.14
N LEU I 33 84.63 -5.19 -42.10
CA LEU I 33 83.91 -4.51 -43.18
C LEU I 33 84.68 -4.60 -44.49
N SER I 34 86.01 -4.41 -44.43
CA SER I 34 86.84 -4.49 -45.64
C SER I 34 86.80 -5.89 -46.24
N GLN I 35 86.92 -6.91 -45.39
CA GLN I 35 86.86 -8.29 -45.87
C GLN I 35 85.52 -8.60 -46.49
N GLU I 36 84.43 -8.17 -45.83
CA GLU I 36 83.08 -8.45 -46.33
C GLU I 36 82.84 -7.78 -47.68
N ILE I 37 83.23 -6.50 -47.81
CA ILE I 37 82.97 -5.79 -49.05
C ILE I 37 83.86 -6.34 -50.17
N LYS I 38 85.10 -6.71 -49.86
CA LYS I 38 85.97 -7.33 -50.87
C LYS I 38 85.41 -8.66 -51.33
N ALA I 39 84.91 -9.48 -50.39
CA ALA I 39 84.33 -10.76 -50.74
C ALA I 39 83.09 -10.59 -51.61
N PHE I 40 82.24 -9.60 -51.27
CA PHE I 40 81.05 -9.33 -52.07
C PHE I 40 81.42 -8.87 -53.47
N LEU I 41 82.40 -7.96 -53.58
CA LEU I 41 82.80 -7.43 -54.89
C LEU I 41 83.42 -8.50 -55.76
N THR I 42 84.28 -9.36 -55.19
CA THR I 42 84.88 -10.44 -55.96
C THR I 42 83.83 -11.46 -56.41
N GLY I 43 82.79 -11.67 -55.61
CA GLY I 43 81.70 -12.55 -55.94
C GLY I 43 81.84 -13.97 -55.39
N VAL I 44 83.03 -14.35 -54.95
CA VAL I 44 83.29 -15.66 -54.37
C VAL I 44 84.08 -15.46 -53.08
N ASP I 45 83.64 -16.11 -52.00
CA ASP I 45 84.34 -16.00 -50.73
C ASP I 45 85.72 -16.67 -50.85
N PRO I 46 86.80 -16.00 -50.41
CA PRO I 46 88.13 -16.59 -50.60
C PRO I 46 88.46 -17.69 -49.61
N ILE I 47 87.82 -17.74 -48.45
CA ILE I 47 88.14 -18.72 -47.42
C ILE I 47 87.08 -19.80 -47.40
N LEU I 48 85.83 -19.42 -47.10
CA LEU I 48 84.74 -20.39 -47.02
C LEU I 48 84.47 -21.04 -48.37
N GLY I 49 84.45 -20.24 -49.44
CA GLY I 49 84.16 -20.75 -50.77
C GLY I 49 82.79 -21.38 -50.92
N HIS I 50 81.79 -20.84 -50.22
CA HIS I 50 80.44 -21.36 -50.24
C HIS I 50 79.47 -20.26 -50.66
N GLN I 51 78.63 -20.56 -51.65
CA GLN I 51 77.63 -19.60 -52.11
C GLN I 51 76.58 -19.42 -51.02
N LEU I 52 76.61 -18.26 -50.37
CA LEU I 52 75.70 -17.99 -49.27
C LEU I 52 74.26 -17.89 -49.75
N SER I 53 73.33 -18.23 -48.86
CA SER I 53 71.91 -18.18 -49.18
C SER I 53 71.46 -16.75 -49.44
N ALA I 54 70.37 -16.62 -50.21
CA ALA I 54 69.81 -15.30 -50.50
C ALA I 54 69.35 -14.59 -49.23
N ARG I 55 68.94 -15.35 -48.21
CA ARG I 55 68.58 -14.75 -46.94
C ARG I 55 69.78 -14.11 -46.26
N GLU I 56 70.96 -14.74 -46.35
CA GLU I 56 72.17 -14.16 -45.81
C GLU I 56 72.54 -12.87 -46.54
N HIS I 57 72.39 -12.86 -47.87
CA HIS I 57 72.63 -11.64 -48.63
C HIS I 57 71.66 -10.54 -48.23
N ALA I 58 70.39 -10.89 -48.00
CA ALA I 58 69.41 -9.91 -47.54
C ALA I 58 69.77 -9.38 -46.16
N ARG I 59 70.23 -10.26 -45.25
CA ARG I 59 70.63 -9.83 -43.92
C ARG I 59 71.81 -8.86 -43.99
N CYS I 60 72.81 -9.19 -44.80
CA CYS I 60 73.98 -8.31 -44.94
C CYS I 60 73.57 -6.98 -45.55
N GLY I 61 72.68 -7.01 -46.55
CA GLY I 61 72.20 -5.79 -47.15
C GLY I 61 71.45 -4.91 -46.18
N LEU I 62 70.59 -5.51 -45.35
CA LEU I 62 69.86 -4.73 -44.35
C LEU I 62 70.80 -4.14 -43.31
N LEU I 63 71.82 -4.90 -42.90
CA LEU I 63 72.80 -4.36 -41.95
C LEU I 63 73.56 -3.18 -42.55
N LEU I 64 73.95 -3.28 -43.82
CA LEU I 64 74.62 -2.15 -44.48
C LEU I 64 73.68 -0.97 -44.69
N LEU I 65 72.39 -1.23 -44.95
CA LEU I 65 71.41 -0.18 -45.20
C LEU I 65 71.25 0.74 -43.99
N ARG I 66 71.39 0.20 -42.78
CA ARG I 66 71.32 1.02 -41.57
C ARG I 66 72.39 2.12 -41.56
N SER I 67 73.49 1.93 -42.28
CA SER I 67 74.62 2.86 -42.23
C SER I 67 74.89 3.55 -43.56
N LEU I 68 75.01 2.79 -44.66
CA LEU I 68 75.50 3.33 -45.92
C LEU I 68 74.36 3.57 -46.90
N PRO I 69 74.04 4.82 -47.26
CA PRO I 69 73.04 5.09 -48.32
C PRO I 69 73.42 4.52 -49.69
N PRO I 70 74.70 4.51 -50.13
CA PRO I 70 74.99 3.76 -51.38
C PRO I 70 74.64 2.29 -51.29
N ALA I 71 74.94 1.66 -50.14
CA ALA I 71 74.52 0.29 -49.92
C ALA I 71 73.00 0.19 -49.86
N ARG I 72 72.31 1.24 -49.41
CA ARG I 72 70.85 1.24 -49.44
C ARG I 72 70.35 1.21 -50.88
N ALA I 73 71.00 1.97 -51.77
CA ALA I 73 70.65 1.94 -53.19
C ALA I 73 70.89 0.55 -53.78
N ALA I 74 72.02 -0.06 -53.43
CA ALA I 74 72.29 -1.44 -53.86
C ALA I 74 71.24 -2.40 -53.33
N VAL I 75 70.77 -2.17 -52.09
CA VAL I 75 69.73 -3.02 -51.51
C VAL I 75 68.43 -2.89 -52.27
N LEU I 76 68.08 -1.66 -52.68
CA LEU I 76 66.87 -1.47 -53.50
C LEU I 76 67.03 -2.17 -54.84
N ASP I 77 68.22 -2.08 -55.45
CA ASP I 77 68.48 -2.78 -56.71
C ASP I 77 68.31 -4.28 -56.58
N HIS I 78 68.82 -4.86 -55.47
CA HIS I 78 68.63 -6.28 -55.22
C HIS I 78 67.17 -6.61 -54.87
N LEU I 79 66.49 -5.69 -54.19
CA LEU I 79 65.10 -5.90 -53.81
C LEU I 79 64.19 -5.93 -55.02
N ARG I 80 64.58 -5.26 -56.11
CA ARG I 80 63.85 -5.41 -57.37
C ARG I 80 63.76 -6.88 -57.76
N GLY I 81 64.91 -7.56 -57.80
CA GLY I 81 64.91 -8.98 -58.13
C GLY I 81 64.24 -9.84 -57.07
N VAL I 82 64.42 -9.48 -55.79
CA VAL I 82 63.80 -10.23 -54.70
C VAL I 82 62.28 -10.19 -54.81
N PHE I 83 61.72 -8.99 -55.04
CA PHE I 83 60.28 -8.85 -55.20
C PHE I 83 59.80 -9.50 -56.49
N ASP I 84 60.61 -9.49 -57.56
CA ASP I 84 60.25 -10.23 -58.76
C ASP I 84 60.11 -11.72 -58.48
N GLU I 85 61.07 -12.28 -57.74
CA GLU I 85 61.02 -13.69 -57.36
C GLU I 85 59.80 -13.98 -56.49
N SER I 86 59.53 -13.12 -55.50
CA SER I 86 58.39 -13.33 -54.61
C SER I 86 57.06 -13.27 -55.36
N VAL I 87 56.92 -12.30 -56.26
CA VAL I 87 55.68 -12.17 -57.04
C VAL I 87 55.51 -13.38 -57.96
N ARG I 88 56.60 -13.82 -58.62
CA ARG I 88 56.51 -14.99 -59.49
C ARG I 88 56.13 -16.24 -58.69
N ALA I 89 56.69 -16.39 -57.49
CA ALA I 89 56.34 -17.53 -56.65
C ALA I 89 54.87 -17.49 -56.24
N HIS I 90 54.38 -16.29 -55.88
CA HIS I 90 52.98 -16.15 -55.50
C HIS I 90 52.05 -16.44 -56.67
N LEU I 91 52.41 -15.96 -57.88
CA LEU I 91 51.60 -16.24 -59.06
C LEU I 91 51.60 -17.73 -59.40
N ALA I 92 52.75 -18.39 -59.26
CA ALA I 92 52.82 -19.83 -59.48
C ALA I 92 51.94 -20.58 -58.48
N ALA I 93 51.98 -20.17 -57.22
CA ALA I 93 51.14 -20.80 -56.19
C ALA I 93 49.66 -20.61 -56.51
N LEU I 94 49.28 -19.40 -56.93
CA LEU I 94 47.89 -19.13 -57.29
C LEU I 94 47.45 -19.97 -58.49
N ASP I 95 48.30 -20.06 -59.51
CA ASP I 95 47.91 -20.75 -60.74
C ASP I 95 47.82 -22.27 -60.51
N GLU I 96 48.82 -22.85 -59.85
CA GLU I 96 48.83 -24.30 -59.64
C GLU I 96 47.67 -24.75 -58.76
N THR I 97 47.38 -23.99 -57.69
CA THR I 97 46.28 -24.34 -56.79
C THR I 97 44.94 -23.90 -57.37
N GLY I 117 59.14 -17.81 -50.47
CA GLY I 117 59.77 -18.76 -49.57
C GLY I 117 59.01 -18.95 -48.27
N PRO I 118 59.56 -19.76 -47.37
CA PRO I 118 58.90 -19.97 -46.07
C PRO I 118 58.97 -18.72 -45.21
N GLY I 119 58.05 -18.64 -44.25
CA GLY I 119 57.95 -17.50 -43.37
C GLY I 119 57.62 -16.23 -44.12
N LEU I 120 56.61 -16.30 -44.99
CA LEU I 120 56.18 -15.15 -45.78
C LEU I 120 55.81 -13.95 -44.92
N GLU I 121 55.26 -14.17 -43.73
CA GLU I 121 54.86 -13.05 -42.90
C GLU I 121 56.07 -12.37 -42.26
N ASP I 122 57.03 -13.15 -41.77
CA ASP I 122 58.13 -12.59 -40.98
C ASP I 122 59.07 -11.72 -41.82
N VAL I 123 59.47 -12.21 -43.00
CA VAL I 123 60.39 -11.45 -43.84
C VAL I 123 59.74 -10.16 -44.33
N VAL I 124 58.46 -10.23 -44.73
CA VAL I 124 57.73 -9.04 -45.17
C VAL I 124 57.59 -8.04 -44.03
N GLN I 125 57.28 -8.54 -42.82
CA GLN I 125 57.19 -7.66 -41.65
C GLN I 125 58.52 -6.98 -41.37
N GLU I 126 59.62 -7.72 -41.44
CA GLU I 126 60.95 -7.16 -41.18
C GLU I 126 61.29 -6.08 -42.20
N VAL I 127 61.04 -6.35 -43.48
CA VAL I 127 61.34 -5.37 -44.53
C VAL I 127 60.48 -4.13 -44.36
N GLN I 128 59.19 -4.32 -44.05
CA GLN I 128 58.29 -3.20 -43.85
C GLN I 128 58.72 -2.33 -42.66
N GLN I 129 59.11 -2.98 -41.56
CA GLN I 129 59.55 -2.23 -40.38
C GLN I 129 60.85 -1.48 -40.65
N VAL I 130 61.80 -2.11 -41.37
CA VAL I 130 63.06 -1.44 -41.70
C VAL I 130 62.79 -0.21 -42.57
N LEU I 131 61.95 -0.36 -43.59
CA LEU I 131 61.64 0.77 -44.47
C LEU I 131 60.88 1.86 -43.71
N SER I 132 59.97 1.46 -42.82
CA SER I 132 59.20 2.43 -42.03
C SER I 132 60.12 3.24 -41.13
N GLU I 133 61.05 2.58 -40.43
CA GLU I 133 62.00 3.30 -39.58
C GLU I 133 62.91 4.19 -40.41
N PHE I 134 63.35 3.70 -41.57
CA PHE I 134 64.22 4.47 -42.46
C PHE I 134 63.53 5.73 -42.94
N ILE I 135 62.24 5.63 -43.28
CA ILE I 135 61.46 6.81 -43.67
C ILE I 135 61.23 7.72 -42.47
N ARG I 136 61.00 7.14 -41.29
CA ARG I 136 60.70 7.93 -40.10
C ARG I 136 61.88 8.79 -39.68
N ALA I 137 63.09 8.25 -39.79
CA ALA I 137 64.28 8.99 -39.34
C ALA I 137 64.50 10.28 -40.13
N ASN I 138 64.24 10.26 -41.45
CA ASN I 138 64.43 11.44 -42.29
C ASN I 138 63.62 11.32 -43.58
N PRO I 139 62.31 11.56 -43.55
CA PRO I 139 61.47 11.29 -44.73
C PRO I 139 61.82 12.10 -45.97
N LYS I 140 62.43 13.27 -45.80
CA LYS I 140 62.66 14.21 -46.91
C LYS I 140 63.45 13.57 -48.04
N ALA I 141 64.55 12.90 -47.72
CA ALA I 141 65.42 12.33 -48.73
C ALA I 141 65.09 10.87 -49.04
N TRP I 142 64.56 10.13 -48.07
CA TRP I 142 64.34 8.70 -48.25
C TRP I 142 62.99 8.35 -48.85
N ALA I 143 61.92 9.04 -48.43
CA ALA I 143 60.58 8.72 -48.93
C ALA I 143 60.42 8.87 -50.45
N PRO I 144 60.85 9.96 -51.12
CA PRO I 144 60.60 10.06 -52.56
C PRO I 144 61.32 8.98 -53.38
N VAL I 145 62.60 8.72 -53.09
CA VAL I 145 63.35 7.74 -53.87
C VAL I 145 62.80 6.33 -53.65
N ILE I 146 62.44 5.98 -52.41
CA ILE I 146 61.89 4.66 -52.14
C ILE I 146 60.54 4.49 -52.83
N SER I 147 59.69 5.53 -52.78
CA SER I 147 58.39 5.48 -53.46
C SER I 147 58.57 5.34 -54.97
N ALA I 148 59.52 6.09 -55.54
CA ALA I 148 59.79 6.00 -56.97
C ALA I 148 60.30 4.62 -57.36
N TRP I 149 61.19 4.05 -56.54
CA TRP I 149 61.70 2.70 -56.79
C TRP I 149 60.56 1.68 -56.78
N SER I 150 59.69 1.77 -55.76
CA SER I 150 58.60 0.82 -55.63
C SER I 150 57.63 0.93 -56.80
N ILE I 151 57.26 2.16 -57.18
CA ILE I 151 56.28 2.34 -58.26
C ILE I 151 56.89 1.94 -59.60
N ASP I 152 58.17 2.23 -59.84
CA ASP I 152 58.81 1.81 -61.08
C ASP I 152 58.91 0.29 -61.16
N LEU I 153 59.25 -0.35 -60.04
CA LEU I 153 59.29 -1.81 -60.00
C LEU I 153 57.92 -2.41 -60.28
N MET I 154 56.88 -1.86 -59.65
CA MET I 154 55.53 -2.36 -59.86
C MET I 154 55.09 -2.19 -61.31
N GLY I 155 55.40 -1.02 -61.90
CA GLY I 155 55.04 -0.78 -63.28
C GLY I 155 55.75 -1.71 -64.25
N GLN I 156 57.06 -1.92 -64.03
CA GLN I 156 57.83 -2.79 -64.91
C GLN I 156 57.34 -4.24 -64.80
N LEU I 157 57.07 -4.70 -63.58
CA LEU I 157 56.57 -6.07 -63.39
C LEU I 157 55.19 -6.24 -64.03
N SER I 158 54.32 -5.23 -63.86
CA SER I 158 52.99 -5.29 -64.47
C SER I 158 53.09 -5.27 -65.99
N SER I 159 54.04 -4.51 -66.53
CA SER I 159 54.26 -4.50 -67.98
C SER I 159 54.65 -5.87 -68.48
N THR I 160 55.58 -6.54 -67.77
CA THR I 160 56.01 -7.88 -68.17
C THR I 160 54.87 -8.90 -68.06
N TYR I 161 54.10 -8.83 -66.96
CA TYR I 161 53.08 -9.84 -66.71
C TYR I 161 51.82 -9.66 -67.56
N SER I 162 51.60 -8.47 -68.12
CA SER I 162 50.44 -8.23 -68.98
C SER I 162 50.77 -8.73 -70.37
N GLY I 163 50.66 -10.06 -70.53
CA GLY I 163 50.99 -10.70 -71.78
C GLY I 163 51.67 -12.04 -71.59
N GLN I 164 52.36 -12.20 -70.46
CA GLN I 164 53.06 -13.43 -70.13
C GLN I 164 52.28 -14.31 -69.16
N HIS I 165 51.03 -13.96 -68.86
CA HIS I 165 50.21 -14.71 -67.93
C HIS I 165 48.79 -14.81 -68.46
N GLN I 166 48.07 -15.82 -67.98
CA GLN I 166 46.65 -15.97 -68.31
C GLN I 166 45.74 -15.18 -67.38
N ARG I 167 46.25 -14.76 -66.21
CA ARG I 167 45.43 -14.04 -65.25
C ARG I 167 45.07 -12.63 -65.72
N VAL I 168 45.80 -12.11 -66.71
CA VAL I 168 45.50 -10.80 -67.30
C VAL I 168 45.61 -10.89 -68.81
N GLY I 173 34.02 -2.75 -64.52
CA GLY I 173 34.01 -3.88 -65.42
C GLY I 173 35.33 -4.61 -65.50
N ALA I 174 36.05 -4.41 -66.60
CA ALA I 174 37.34 -5.07 -66.82
C ALA I 174 38.36 -4.65 -65.77
N LEU I 175 38.54 -3.34 -65.56
CA LEU I 175 39.50 -2.87 -64.57
C LEU I 175 39.08 -3.22 -63.16
N ASN I 176 37.78 -3.37 -62.91
CA ASN I 176 37.32 -3.86 -61.61
C ASN I 176 37.82 -5.28 -61.35
N GLU I 177 37.70 -6.15 -62.37
CA GLU I 177 38.20 -7.51 -62.26
C GLU I 177 39.71 -7.53 -62.10
N LEU I 178 40.40 -6.64 -62.82
CA LEU I 178 41.85 -6.51 -62.67
C LEU I 178 42.21 -6.12 -61.24
N LEU I 179 41.46 -5.18 -60.68
CA LEU I 179 41.68 -4.75 -59.29
C LEU I 179 41.47 -5.90 -58.33
N GLN I 180 40.42 -6.70 -58.54
CA GLN I 180 40.15 -7.85 -57.67
C GLN I 180 41.30 -8.84 -57.72
N LEU I 181 41.72 -9.23 -58.94
CA LEU I 181 42.75 -10.24 -59.07
C LEU I 181 44.10 -9.74 -58.59
N TRP I 182 44.38 -8.44 -58.71
CA TRP I 182 45.66 -7.91 -58.27
C TRP I 182 45.72 -7.72 -56.75
N MET I 183 44.72 -7.04 -56.17
CA MET I 183 44.64 -6.91 -54.72
C MET I 183 44.48 -8.26 -54.03
N GLY I 184 44.03 -9.30 -54.75
CA GLY I 184 43.82 -10.60 -54.13
C GLY I 184 45.10 -11.20 -53.59
N CYS I 185 46.20 -11.01 -54.30
CA CYS I 185 47.51 -11.53 -53.90
C CYS I 185 47.94 -10.91 -52.57
N ARG I 186 49.02 -11.47 -51.99
CA ARG I 186 49.45 -11.07 -50.66
C ARG I 186 50.66 -10.13 -50.71
N ALA I 187 51.75 -10.58 -51.35
CA ALA I 187 52.98 -9.78 -51.41
C ALA I 187 52.77 -8.47 -52.16
N THR I 188 52.08 -8.52 -53.31
CA THR I 188 51.78 -7.31 -54.06
C THR I 188 50.86 -6.39 -53.27
N ARG I 189 49.90 -6.95 -52.54
CA ARG I 189 49.03 -6.12 -51.69
C ARG I 189 49.82 -5.42 -50.60
N THR I 190 50.76 -6.12 -49.97
CA THR I 190 51.57 -5.49 -48.94
C THR I 190 52.47 -4.41 -49.52
N LEU I 191 53.03 -4.66 -50.71
CA LEU I 191 53.83 -3.64 -51.38
C LEU I 191 53.00 -2.40 -51.70
N MET I 192 51.75 -2.62 -52.15
CA MET I 192 50.85 -1.50 -52.42
C MET I 192 50.51 -0.76 -51.13
N ASP I 193 50.35 -1.47 -50.01
CA ASP I 193 50.12 -0.83 -48.72
C ASP I 193 51.32 0.03 -48.33
N ILE I 194 52.53 -0.47 -48.55
CA ILE I 194 53.74 0.29 -48.24
C ILE I 194 53.79 1.55 -49.09
N TYR I 195 53.45 1.43 -50.39
CA TYR I 195 53.45 2.61 -51.26
C TYR I 195 52.38 3.61 -50.84
N VAL I 196 51.21 3.13 -50.41
CA VAL I 196 50.14 4.01 -49.95
C VAL I 196 50.56 4.74 -48.68
N GLN I 197 51.23 4.03 -47.77
CA GLN I 197 51.76 4.68 -46.57
C GLN I 197 52.79 5.73 -46.92
N CYS I 198 53.68 5.42 -47.88
CA CYS I 198 54.69 6.37 -48.32
C CYS I 198 54.04 7.62 -48.91
N LEU I 199 53.00 7.44 -49.71
CA LEU I 199 52.32 8.59 -50.32
C LEU I 199 51.58 9.41 -49.28
N SER I 200 50.88 8.74 -48.34
CA SER I 200 50.20 9.44 -47.26
C SER I 200 51.19 10.24 -46.41
N ALA I 201 52.44 9.76 -46.31
CA ALA I 201 53.48 10.58 -45.69
C ALA I 201 53.88 11.73 -46.62
N LEU I 202 53.83 11.50 -47.93
CA LEU I 202 54.32 12.49 -48.91
C LEU I 202 53.24 13.46 -49.39
N ILE I 203 51.95 13.14 -49.21
CA ILE I 203 50.88 13.99 -49.74
C ILE I 203 50.93 15.37 -49.10
N GLY I 204 51.10 15.42 -47.77
CA GLY I 204 51.15 16.71 -47.09
C GLY I 204 52.36 17.53 -47.47
N SER I 205 53.51 16.86 -47.64
CA SER I 205 54.76 17.56 -47.90
C SER I 205 54.83 18.06 -49.35
N CYS I 206 54.81 17.13 -50.30
CA CYS I 206 54.99 17.43 -51.72
C CYS I 206 53.89 16.76 -52.55
N PRO I 207 52.69 17.33 -52.56
CA PRO I 207 51.64 16.72 -53.39
C PRO I 207 51.84 16.93 -54.88
N ASP I 208 52.25 18.14 -55.28
CA ASP I 208 52.42 18.44 -56.71
C ASP I 208 53.53 17.60 -57.34
N ALA I 209 54.65 17.44 -56.64
CA ALA I 209 55.77 16.66 -57.19
C ALA I 209 55.39 15.19 -57.32
N CYS I 210 54.71 14.64 -56.31
CA CYS I 210 54.27 13.25 -56.38
C CYS I 210 53.27 13.05 -57.51
N VAL I 211 52.34 14.00 -57.69
CA VAL I 211 51.39 13.93 -58.78
C VAL I 211 52.10 14.00 -60.13
N ASP I 212 53.10 14.89 -60.25
CA ASP I 212 53.85 15.03 -61.48
C ASP I 212 54.60 13.73 -61.82
N ALA I 213 55.24 13.13 -60.82
CA ALA I 213 55.96 11.87 -61.03
C ALA I 213 54.98 10.76 -61.43
N LEU I 214 53.82 10.71 -60.77
CA LEU I 214 52.84 9.67 -61.07
C LEU I 214 52.33 9.81 -62.49
N LEU I 215 52.01 11.04 -62.92
CA LEU I 215 51.49 11.23 -64.27
C LEU I 215 52.56 11.02 -65.33
N ASP I 216 53.83 11.35 -65.04
CA ASP I 216 54.91 11.04 -65.97
C ASP I 216 55.06 9.54 -66.16
N THR I 217 55.05 8.79 -65.04
CA THR I 217 55.14 7.34 -65.11
C THR I 217 53.92 6.77 -65.84
N SER I 218 52.75 7.38 -65.64
CA SER I 218 51.53 6.94 -66.30
C SER I 218 51.65 7.13 -67.81
N VAL I 219 52.02 8.33 -68.26
CA VAL I 219 52.14 8.59 -69.70
C VAL I 219 53.21 7.68 -70.31
N GLN I 220 54.23 7.31 -69.53
CA GLN I 220 55.22 6.35 -70.02
C GLN I 220 54.72 4.90 -69.96
N HIS I 221 53.93 4.54 -68.95
CA HIS I 221 53.54 3.13 -68.71
C HIS I 221 52.04 2.99 -68.41
N SER I 222 51.19 3.56 -69.28
CA SER I 222 49.75 3.61 -69.01
C SER I 222 49.06 2.25 -68.85
N PRO I 223 49.19 1.25 -69.75
CA PRO I 223 48.31 0.08 -69.62
C PRO I 223 48.78 -0.92 -68.58
N HIS I 224 49.69 -0.51 -67.70
CA HIS I 224 50.38 -1.45 -66.82
C HIS I 224 49.98 -1.32 -65.35
N PHE I 225 50.12 -0.14 -64.74
CA PHE I 225 49.85 0.03 -63.31
C PHE I 225 48.67 0.96 -63.02
N ASP I 226 47.78 1.19 -64.00
CA ASP I 226 46.67 2.12 -63.81
C ASP I 226 45.72 1.68 -62.70
N TRP I 227 45.61 0.38 -62.45
CA TRP I 227 44.71 -0.09 -61.39
C TRP I 227 45.19 0.39 -60.02
N VAL I 228 46.50 0.48 -59.81
CA VAL I 228 47.00 1.08 -58.56
C VAL I 228 46.65 2.57 -58.52
N VAL I 229 46.76 3.25 -59.67
CA VAL I 229 46.33 4.64 -59.76
C VAL I 229 44.83 4.75 -59.50
N ALA I 230 44.06 3.78 -59.99
CA ALA I 230 42.62 3.76 -59.75
C ALA I 230 42.32 3.60 -58.25
N HIS I 231 43.05 2.70 -57.58
CA HIS I 231 42.88 2.53 -56.13
C HIS I 231 43.22 3.81 -55.38
N ILE I 232 44.34 4.46 -55.76
CA ILE I 232 44.76 5.70 -55.09
C ILE I 232 43.72 6.79 -55.30
N GLY I 233 43.18 6.87 -56.52
CA GLY I 233 42.11 7.82 -56.79
C GLY I 233 40.85 7.54 -56.00
N SER I 234 40.49 6.25 -55.86
CA SER I 234 39.33 5.90 -55.04
C SER I 234 39.53 6.31 -53.59
N SER I 235 40.73 6.11 -53.05
CA SER I 235 41.02 6.55 -51.68
C SER I 235 41.00 8.07 -51.55
N PHE I 236 41.50 8.79 -52.55
CA PHE I 236 41.63 10.25 -52.51
C PHE I 236 40.99 10.83 -53.75
N PRO I 237 39.66 11.00 -53.76
CA PRO I 237 38.93 11.32 -55.00
C PRO I 237 39.31 12.60 -55.72
N GLY I 238 39.19 13.75 -55.07
CA GLY I 238 39.18 15.04 -55.74
C GLY I 238 40.38 15.38 -56.60
N THR I 239 41.53 15.63 -55.96
CA THR I 239 42.70 16.09 -56.70
C THR I 239 43.23 15.03 -57.65
N ILE I 240 43.22 13.77 -57.22
CA ILE I 240 43.75 12.68 -58.05
C ILE I 240 42.92 12.51 -59.32
N ILE I 241 41.59 12.47 -59.18
CA ILE I 241 40.75 12.29 -60.37
C ILE I 241 40.77 13.54 -61.23
N SER I 242 40.89 14.72 -60.63
CA SER I 242 41.04 15.95 -61.41
C SER I 242 42.30 15.92 -62.25
N ARG I 243 43.41 15.47 -61.66
CA ARG I 243 44.66 15.37 -62.42
C ARG I 243 44.60 14.29 -63.49
N VAL I 244 43.91 13.18 -63.22
CA VAL I 244 43.75 12.15 -64.24
C VAL I 244 42.96 12.68 -65.43
N LEU I 245 41.88 13.41 -65.15
CA LEU I 245 41.08 14.01 -66.22
C LEU I 245 41.89 15.04 -66.99
N SER I 246 42.69 15.85 -66.28
CA SER I 246 43.55 16.84 -66.93
C SER I 246 44.57 16.17 -67.84
N CYS I 247 45.19 15.08 -67.37
CA CYS I 247 46.15 14.34 -68.19
C CYS I 247 45.47 13.75 -69.43
N GLY I 248 44.27 13.19 -69.25
CA GLY I 248 43.56 12.59 -70.38
C GLY I 248 43.22 13.62 -71.43
N LEU I 249 42.67 14.76 -71.00
CA LEU I 249 42.30 15.81 -71.95
C LEU I 249 43.53 16.45 -72.59
N LYS I 250 44.64 16.56 -71.85
CA LYS I 250 45.87 17.08 -72.41
C LYS I 250 46.42 16.16 -73.49
N ASP I 251 46.40 14.84 -73.24
CA ASP I 251 46.83 13.89 -74.26
C ASP I 251 45.90 13.92 -75.47
N PHE I 252 44.60 14.08 -75.23
CA PHE I 252 43.63 14.19 -76.32
C PHE I 252 43.92 15.40 -77.18
N CYS I 253 44.22 16.54 -76.55
CA CYS I 253 44.57 17.74 -77.30
C CYS I 253 45.88 17.58 -78.06
N VAL I 254 46.86 16.87 -77.45
CA VAL I 254 48.12 16.61 -78.13
C VAL I 254 47.90 15.79 -79.39
N HIS I 255 47.07 14.74 -79.30
CA HIS I 255 46.73 13.95 -80.48
C HIS I 255 45.91 14.72 -81.50
N GLY I 256 45.32 15.84 -81.11
CA GLY I 256 44.54 16.65 -82.03
C GLY I 256 43.12 16.16 -82.22
N LYS I 292 45.78 3.53 -76.01
CA LYS I 292 45.36 4.93 -75.93
C LYS I 292 45.21 5.38 -74.49
N ILE I 293 45.69 6.59 -74.20
CA ILE I 293 45.64 7.12 -72.84
C ILE I 293 44.20 7.38 -72.40
N ALA I 294 43.34 7.80 -73.35
CA ALA I 294 41.98 8.18 -73.01
C ALA I 294 41.18 7.00 -72.47
N SER I 295 41.32 5.83 -73.10
CA SER I 295 40.59 4.65 -72.64
C SER I 295 41.01 4.24 -71.24
N VAL I 296 42.32 4.27 -70.97
CA VAL I 296 42.83 3.94 -69.65
C VAL I 296 42.36 4.96 -68.62
N VAL I 297 42.34 6.24 -69.00
CA VAL I 297 41.87 7.29 -68.10
C VAL I 297 40.40 7.07 -67.75
N GLY I 298 39.58 6.73 -68.76
CA GLY I 298 38.17 6.46 -68.51
C GLY I 298 37.97 5.25 -67.61
N ILE I 299 38.76 4.20 -67.84
CA ILE I 299 38.69 2.99 -67.00
C ILE I 299 39.05 3.32 -65.57
N LEU I 300 40.13 4.07 -65.37
CA LEU I 300 40.56 4.46 -64.02
C LEU I 300 39.51 5.33 -63.34
N GLY I 301 38.91 6.25 -64.08
CA GLY I 301 37.85 7.08 -63.52
C GLY I 301 36.64 6.27 -63.11
N HIS I 302 36.27 5.27 -63.94
CA HIS I 302 35.17 4.38 -63.58
C HIS I 302 35.48 3.56 -62.34
N LEU I 303 36.72 3.05 -62.25
CA LEU I 303 37.12 2.26 -61.09
C LEU I 303 37.12 3.11 -59.82
N ALA I 304 37.61 4.36 -59.92
CA ALA I 304 37.65 5.28 -58.80
C ALA I 304 36.31 5.91 -58.49
N SER I 305 35.31 5.73 -59.37
CA SER I 305 33.97 6.24 -59.11
C SER I 305 33.36 5.59 -57.87
N ARG I 306 33.54 4.28 -57.72
CA ARG I 306 33.16 3.63 -56.47
C ARG I 306 33.91 4.27 -55.31
N HIS I 307 33.17 4.78 -54.33
CA HIS I 307 33.70 5.61 -53.25
C HIS I 307 34.40 6.86 -53.81
N GLY I 308 33.61 7.70 -54.48
CA GLY I 308 34.19 8.84 -55.18
C GLY I 308 33.50 9.31 -56.45
N ASP I 309 32.36 8.70 -56.80
CA ASP I 309 31.62 9.09 -58.01
C ASP I 309 31.13 10.54 -57.93
N SER I 310 30.66 10.98 -56.76
CA SER I 310 30.18 12.35 -56.63
C SER I 310 31.29 13.36 -56.88
N ILE I 311 32.49 13.11 -56.34
CA ILE I 311 33.62 14.01 -56.55
C ILE I 311 34.04 14.01 -58.01
N ARG I 312 34.01 12.85 -58.66
CA ARG I 312 34.35 12.77 -60.08
C ARG I 312 33.34 13.54 -60.92
N ARG I 313 32.05 13.42 -60.59
CA ARG I 313 31.02 14.17 -61.30
C ARG I 313 31.20 15.67 -61.10
N GLU I 314 31.55 16.09 -59.88
CA GLU I 314 31.81 17.50 -59.61
C GLU I 314 33.01 17.99 -60.43
N LEU I 315 34.07 17.17 -60.52
CA LEU I 315 35.23 17.54 -61.31
C LEU I 315 34.88 17.66 -62.79
N LEU I 316 34.05 16.73 -63.30
CA LEU I 316 33.61 16.81 -64.69
C LEU I 316 32.78 18.05 -64.95
N ARG I 317 31.89 18.40 -64.00
CA ARG I 317 31.10 19.62 -64.13
C ARG I 317 31.98 20.86 -64.12
N MET I 318 33.00 20.87 -63.24
CA MET I 318 33.93 21.99 -63.21
C MET I 318 34.70 22.12 -64.51
N PHE I 319 35.14 20.99 -65.07
CA PHE I 319 35.83 21.01 -66.35
C PHE I 319 34.93 21.53 -67.46
N HIS I 320 33.67 21.09 -67.48
CA HIS I 320 32.70 21.57 -68.47
C HIS I 320 32.32 23.03 -68.26
N ASP I 321 32.53 23.56 -67.04
CA ASP I 321 32.13 24.94 -66.74
C ASP I 321 32.90 25.95 -67.60
N SER I 322 34.19 25.72 -67.80
CA SER I 322 35.03 26.61 -68.58
C SER I 322 34.61 26.68 -70.05
N VAL I 340 36.81 20.14 -74.78
CA VAL I 340 35.36 20.15 -74.58
C VAL I 340 34.70 18.79 -74.97
N PRO I 341 34.92 18.23 -76.17
CA PRO I 341 34.36 16.89 -76.44
C PRO I 341 35.08 15.77 -75.71
N PHE I 342 36.17 16.04 -74.99
CA PHE I 342 36.82 15.01 -74.18
C PHE I 342 35.89 14.50 -73.08
N LEU I 343 35.14 15.41 -72.44
CA LEU I 343 34.18 15.00 -71.42
C LEU I 343 33.10 14.11 -72.02
N LEU I 344 32.62 14.46 -73.21
CA LEU I 344 31.61 13.65 -73.89
C LEU I 344 32.15 12.28 -74.25
N GLN I 345 33.39 12.22 -74.75
CA GLN I 345 34.01 10.94 -75.09
C GLN I 345 34.19 10.07 -73.86
N LEU I 346 34.63 10.67 -72.75
CA LEU I 346 34.81 9.92 -71.50
C LEU I 346 33.47 9.40 -71.00
N ALA I 347 32.41 10.23 -71.09
CA ALA I 347 31.09 9.81 -70.67
C ALA I 347 30.58 8.65 -71.53
N VAL I 348 30.84 8.72 -72.84
CA VAL I 348 30.41 7.65 -73.75
C VAL I 348 31.14 6.34 -73.43
N MET I 349 32.45 6.41 -73.18
CA MET I 349 33.21 5.18 -72.98
C MET I 349 33.11 4.62 -71.56
N SER I 350 32.63 5.41 -70.59
CA SER I 350 32.56 5.00 -69.19
C SER I 350 31.10 4.95 -68.74
N PRO I 351 30.49 3.77 -68.64
CA PRO I 351 29.10 3.67 -68.15
C PRO I 351 28.85 4.27 -66.77
N ALA I 352 29.77 4.11 -65.82
CA ALA I 352 29.60 4.72 -64.51
C ALA I 352 29.66 6.25 -64.61
N LEU I 353 30.68 6.76 -65.30
CA LEU I 353 30.74 8.19 -65.57
C LEU I 353 29.56 8.65 -66.43
N LEU I 354 29.04 7.76 -67.29
CA LEU I 354 27.86 8.11 -68.07
C LEU I 354 26.66 8.34 -67.17
N GLY I 355 26.45 7.45 -66.19
CA GLY I 355 25.36 7.66 -65.24
C GLY I 355 25.56 8.90 -64.39
N THR I 356 26.80 9.15 -63.96
CA THR I 356 27.10 10.36 -63.19
C THR I 356 26.83 11.61 -64.01
N VAL I 357 27.21 11.62 -65.28
CA VAL I 357 26.99 12.76 -66.14
C VAL I 357 25.51 12.95 -66.43
N SER I 358 24.78 11.84 -66.58
CA SER I 358 23.34 11.92 -66.77
C SER I 358 22.66 12.56 -65.56
N GLY I 359 23.06 12.13 -64.35
CA GLY I 359 22.53 12.76 -63.15
C GLY I 359 22.88 14.23 -63.05
N GLU I 360 24.12 14.57 -63.41
CA GLU I 360 24.55 15.97 -63.37
C GLU I 360 23.75 16.83 -64.35
N LEU I 361 23.55 16.33 -65.58
CA LEU I 361 22.77 17.05 -66.56
C LEU I 361 21.31 17.18 -66.14
N VAL I 362 20.78 16.14 -65.49
CA VAL I 362 19.41 16.21 -64.95
C VAL I 362 19.34 17.29 -63.87
N ASP I 363 20.40 17.41 -63.05
CA ASP I 363 20.44 18.45 -62.03
C ASP I 363 20.43 19.85 -62.64
N CYS I 364 21.23 20.05 -63.69
CA CYS I 364 21.37 21.33 -64.40
C CYS I 364 22.28 21.16 -65.61
N PRO I 368 19.67 27.49 -66.96
CA PRO I 368 20.94 27.24 -67.65
C PRO I 368 21.08 28.07 -68.94
N ALA I 369 20.47 29.25 -68.95
CA ALA I 369 20.56 30.13 -70.12
C ALA I 369 22.00 30.56 -70.38
N VAL I 370 22.76 30.84 -69.31
CA VAL I 370 24.18 31.14 -69.46
C VAL I 370 24.94 29.93 -70.01
N LEU I 371 24.58 28.73 -69.54
CA LEU I 371 25.19 27.52 -70.06
C LEU I 371 24.84 27.32 -71.53
N SER I 372 23.61 27.65 -71.91
CA SER I 372 23.21 27.56 -73.31
C SER I 372 24.00 28.55 -74.16
N GLN I 373 24.21 29.76 -73.66
CA GLN I 373 25.03 30.75 -74.36
C GLN I 373 26.46 30.28 -74.52
N LEU I 374 27.01 29.67 -73.46
CA LEU I 374 28.36 29.11 -73.53
C LEU I 374 28.45 28.00 -74.56
N GLN I 375 27.44 27.12 -74.62
CA GLN I 375 27.41 26.06 -75.62
C GLN I 375 27.32 26.64 -77.03
N GLN I 376 26.51 27.69 -77.20
CA GLN I 376 26.40 28.36 -78.50
C GLN I 376 27.73 28.97 -78.92
N HIS I 377 28.47 29.55 -77.96
CA HIS I 377 29.79 30.08 -78.26
C HIS I 377 30.74 28.98 -78.74
N LEU I 378 30.70 27.81 -78.08
CA LEU I 378 31.47 26.66 -78.50
C LEU I 378 30.90 25.98 -79.76
N GLN I 379 29.69 26.35 -80.17
CA GLN I 379 29.05 25.77 -81.35
C GLN I 379 29.57 26.32 -82.67
N GLY I 380 30.53 27.24 -82.64
CA GLY I 380 31.14 27.77 -83.84
C GLY I 380 32.20 26.89 -84.48
N PHE I 381 32.44 25.70 -83.92
CA PHE I 381 33.42 24.73 -84.37
C PHE I 381 33.11 24.24 -85.80
N PRO I 382 34.02 23.51 -86.47
CA PRO I 382 33.71 23.04 -87.83
C PRO I 382 32.53 22.08 -87.87
N ARG I 383 31.83 22.08 -89.02
CA ARG I 383 30.56 21.37 -89.15
C ARG I 383 30.73 19.87 -88.98
N GLU I 384 31.79 19.30 -89.55
CA GLU I 384 32.01 17.85 -89.46
C GLU I 384 32.20 17.40 -88.01
N GLU I 385 33.01 18.15 -87.25
CA GLU I 385 33.21 17.83 -85.83
C GLU I 385 31.90 17.96 -85.06
N LEU I 386 31.09 18.97 -85.38
CA LEU I 386 29.80 19.15 -84.72
C LEU I 386 28.86 17.98 -85.02
N ASP I 387 28.84 17.52 -86.27
CA ASP I 387 28.00 16.39 -86.65
C ASP I 387 28.45 15.11 -85.95
N ASN I 388 29.77 14.89 -85.87
CA ASN I 388 30.29 13.73 -85.16
C ASN I 388 29.95 13.79 -83.68
N MET I 389 30.05 14.99 -83.09
CA MET I 389 29.69 15.17 -81.69
C MET I 389 28.21 14.91 -81.46
N LEU I 390 27.36 15.34 -82.40
CA LEU I 390 25.92 15.08 -82.28
C LEU I 390 25.62 13.59 -82.37
N ASN I 391 26.30 12.88 -83.28
CA ASN I 391 26.13 11.43 -83.38
C ASN I 391 26.56 10.74 -82.09
N LEU I 392 27.70 11.14 -81.54
CA LEU I 392 28.15 10.59 -80.28
C LEU I 392 27.18 10.92 -79.14
N ALA I 393 26.59 12.12 -79.18
CA ALA I 393 25.64 12.53 -78.16
C ALA I 393 24.36 11.70 -78.21
N VAL I 394 23.82 11.44 -79.42
CA VAL I 394 22.62 10.61 -79.50
C VAL I 394 22.94 9.18 -79.07
N HIS I 395 24.13 8.67 -79.43
CA HIS I 395 24.54 7.35 -78.96
C HIS I 395 24.62 7.30 -77.44
N LEU I 396 25.20 8.34 -76.83
CA LEU I 396 25.35 8.38 -75.38
C LEU I 396 24.00 8.46 -74.69
N VAL I 397 23.10 9.33 -75.17
CA VAL I 397 21.81 9.47 -74.53
C VAL I 397 20.96 8.21 -74.74
N SER I 398 21.17 7.49 -75.84
CA SER I 398 20.44 6.24 -76.05
C SER I 398 20.97 5.13 -75.13
N GLN I 399 22.29 5.00 -75.00
CA GLN I 399 22.89 3.84 -74.36
C GLN I 399 23.40 4.12 -72.95
N ALA I 400 23.09 5.29 -72.37
CA ALA I 400 23.64 5.63 -71.07
C ALA I 400 22.61 5.99 -70.02
N SER I 401 21.54 6.70 -70.39
CA SER I 401 20.61 7.23 -69.40
C SER I 401 19.87 6.13 -68.67
N GLY I 402 19.93 6.14 -67.34
CA GLY I 402 19.36 5.08 -66.54
C GLY I 402 18.29 5.48 -65.54
N ALA I 403 18.40 6.66 -64.95
CA ALA I 403 17.42 7.06 -63.95
C ALA I 403 16.77 8.41 -64.24
N GLY I 404 17.52 9.36 -64.79
CA GLY I 404 17.01 10.69 -65.10
C GLY I 404 16.52 10.83 -66.53
N ALA I 405 16.24 9.71 -67.18
CA ALA I 405 15.92 9.71 -68.61
C ALA I 405 14.65 10.50 -68.91
N TYR I 406 13.61 10.34 -68.10
CA TYR I 406 12.36 11.04 -68.39
C TYR I 406 12.51 12.55 -68.18
N ARG I 407 13.18 12.96 -67.09
CA ARG I 407 13.42 14.37 -66.85
C ARG I 407 14.31 14.99 -67.93
N LEU I 408 15.37 14.26 -68.32
CA LEU I 408 16.25 14.73 -69.39
C LEU I 408 15.50 14.90 -70.70
N LEU I 409 14.68 13.91 -71.05
CA LEU I 409 13.91 14.00 -72.29
C LEU I 409 12.89 15.13 -72.23
N GLN I 410 12.24 15.32 -71.08
CA GLN I 410 11.29 16.41 -70.92
C GLN I 410 11.97 17.75 -71.10
N PHE I 411 13.16 17.92 -70.50
CA PHE I 411 13.92 19.16 -70.68
C PHE I 411 14.32 19.36 -72.14
N LEU I 412 14.78 18.29 -72.79
CA LEU I 412 15.23 18.39 -74.18
C LEU I 412 14.07 18.74 -75.12
N VAL I 413 12.90 18.15 -74.88
CA VAL I 413 11.72 18.46 -75.69
C VAL I 413 11.25 19.89 -75.41
N ASP I 414 11.33 20.32 -74.14
CA ASP I 414 10.97 21.69 -73.79
C ASP I 414 11.86 22.70 -74.50
N THR I 415 13.16 22.40 -74.58
CA THR I 415 14.06 23.25 -75.36
C THR I 415 13.71 23.21 -76.85
N ALA I 416 13.15 22.10 -77.33
CA ALA I 416 12.79 21.94 -78.73
C ALA I 416 11.30 22.17 -78.98
N MET I 417 10.66 22.96 -78.13
CA MET I 417 9.23 23.25 -78.25
C MET I 417 8.90 24.01 -79.53
N PRO I 430 18.14 31.49 -78.02
CA PRO I 430 18.99 30.99 -79.10
C PRO I 430 18.25 30.04 -80.06
N ASP I 431 17.86 30.57 -81.21
CA ASP I 431 17.11 29.78 -82.19
C ASP I 431 17.97 28.66 -82.78
N THR I 432 19.26 28.90 -82.95
CA THR I 432 20.16 27.86 -83.44
C THR I 432 20.24 26.68 -82.48
N VAL I 433 20.21 26.95 -81.17
CA VAL I 433 20.15 25.89 -80.17
C VAL I 433 18.83 25.13 -80.28
N ARG I 434 17.75 25.83 -80.61
CA ARG I 434 16.45 25.19 -80.78
C ARG I 434 16.48 24.20 -81.94
N GLU I 435 17.01 24.62 -83.09
CA GLU I 435 17.12 23.70 -84.23
C GLU I 435 18.13 22.59 -83.98
N ALA I 436 19.19 22.87 -83.22
CA ALA I 436 20.14 21.82 -82.85
C ALA I 436 19.46 20.77 -81.99
N CYS I 437 18.63 21.19 -81.03
CA CYS I 437 17.89 20.24 -80.21
C CYS I 437 16.86 19.47 -81.03
N ASP I 438 16.24 20.13 -82.01
CA ASP I 438 15.32 19.43 -82.90
C ASP I 438 16.04 18.34 -83.69
N ARG I 439 17.22 18.66 -84.23
CA ARG I 439 18.01 17.66 -84.93
C ARG I 439 18.45 16.54 -83.98
N LEU I 440 18.78 16.91 -82.74
CA LEU I 440 19.17 15.94 -81.73
C LEU I 440 18.04 14.95 -81.45
N ILE I 441 16.81 15.46 -81.31
CA ILE I 441 15.68 14.59 -81.02
C ILE I 441 15.35 13.72 -82.23
N GLN I 442 15.48 14.28 -83.46
CA GLN I 442 15.25 13.47 -84.66
C GLN I 442 16.24 12.32 -84.75
N LEU I 443 17.53 12.60 -84.57
CA LEU I 443 18.54 11.56 -84.62
C LEU I 443 18.38 10.57 -83.46
N LEU I 444 17.93 11.05 -82.30
CA LEU I 444 17.67 10.14 -81.18
C LEU I 444 16.55 9.15 -81.53
N LEU I 445 15.46 9.66 -82.11
CA LEU I 445 14.36 8.77 -82.49
C LEU I 445 14.79 7.77 -83.55
N LEU I 446 15.56 8.22 -84.54
CA LEU I 446 16.05 7.31 -85.58
C LEU I 446 16.99 6.26 -84.99
N HIS I 447 17.87 6.67 -84.08
CA HIS I 447 18.80 5.74 -83.46
C HIS I 447 18.06 4.71 -82.61
N LEU I 448 17.02 5.14 -81.88
CA LEU I 448 16.22 4.20 -81.09
C LEU I 448 15.48 3.23 -82.01
N GLN I 449 14.98 3.74 -83.14
CA GLN I 449 14.34 2.87 -84.13
C GLN I 449 15.30 1.83 -84.66
N LYS I 450 16.55 2.24 -84.92
CA LYS I 450 17.57 1.30 -85.37
C LYS I 450 17.86 0.26 -84.29
N LEU I 451 17.97 0.69 -83.04
CA LEU I 451 18.32 -0.21 -81.94
C LEU I 451 17.22 -1.24 -81.70
N VAL I 452 15.96 -0.79 -81.64
CA VAL I 452 14.86 -1.70 -81.33
C VAL I 452 14.63 -2.68 -82.47
N HIS I 453 14.76 -2.20 -83.70
CA HIS I 453 14.50 -2.99 -84.90
C HIS I 453 15.85 -3.26 -85.57
N HIS I 454 16.45 -4.40 -85.26
CA HIS I 454 17.67 -4.89 -85.90
C HIS I 454 17.93 -6.31 -85.43
N ARG I 455 18.79 -7.01 -86.18
CA ARG I 455 19.32 -8.33 -85.85
C ARG I 455 18.21 -9.34 -85.59
N GLY I 456 17.48 -9.65 -86.66
CA GLY I 456 16.44 -10.66 -86.59
C GLY I 456 15.89 -11.06 -87.95
N PRO I 468 19.69 -15.12 -82.16
CA PRO I 468 19.19 -13.74 -82.09
C PRO I 468 19.22 -13.16 -80.67
N PRO I 469 20.38 -12.69 -80.22
CA PRO I 469 20.47 -12.12 -78.87
C PRO I 469 19.67 -10.83 -78.79
N PRO I 470 19.15 -10.49 -77.61
CA PRO I 470 18.31 -9.29 -77.48
C PRO I 470 19.10 -8.02 -77.19
N ARG I 471 18.82 -6.97 -77.95
CA ARG I 471 19.41 -5.66 -77.67
C ARG I 471 18.85 -5.12 -76.35
N LEU I 472 19.66 -4.32 -75.66
CA LEU I 472 19.24 -3.69 -74.41
C LEU I 472 19.51 -2.20 -74.49
N VAL I 473 18.46 -1.40 -74.31
CA VAL I 473 18.54 0.05 -74.35
C VAL I 473 18.16 0.58 -72.98
N PRO I 474 19.15 1.00 -72.17
CA PRO I 474 18.83 1.53 -70.83
C PRO I 474 17.91 2.74 -70.84
N PHE I 475 17.98 3.59 -71.88
CA PHE I 475 17.13 4.77 -71.96
C PHE I 475 15.65 4.39 -71.99
N LEU I 476 15.31 3.43 -72.86
CA LEU I 476 13.92 2.99 -72.96
C LEU I 476 13.49 2.20 -71.73
N ASP I 477 14.42 1.45 -71.12
CA ASP I 477 14.10 0.73 -69.89
C ASP I 477 13.75 1.71 -68.78
N ALA I 478 14.49 2.82 -68.68
CA ALA I 478 14.18 3.85 -67.71
C ALA I 478 12.81 4.48 -67.99
N LEU I 479 12.53 4.75 -69.26
CA LEU I 479 11.29 5.40 -69.67
C LEU I 479 10.08 4.48 -69.59
N LYS I 480 10.29 3.17 -69.42
CA LYS I 480 9.17 2.24 -69.29
C LYS I 480 8.31 2.57 -68.07
N ASN I 481 8.95 3.01 -66.98
CA ASN I 481 8.21 3.41 -65.78
C ASN I 481 7.33 4.62 -66.06
N HIS I 482 7.85 5.59 -66.81
CA HIS I 482 7.12 6.81 -67.11
C HIS I 482 6.34 6.69 -68.43
N VAL I 483 5.53 5.64 -68.54
CA VAL I 483 4.69 5.48 -69.72
C VAL I 483 3.39 6.29 -69.58
N GLY I 484 2.82 6.35 -68.37
CA GLY I 484 1.60 7.10 -68.15
C GLY I 484 1.78 8.60 -68.37
N GLU I 485 2.86 9.16 -67.84
CA GLU I 485 3.13 10.58 -68.05
C GLU I 485 3.39 10.89 -69.51
N LEU I 486 4.09 9.98 -70.20
CA LEU I 486 4.37 10.17 -71.62
C LEU I 486 3.08 10.13 -72.43
N CYS I 487 2.17 9.21 -72.09
CA CYS I 487 0.87 9.18 -72.76
C CYS I 487 0.07 10.45 -72.48
N GLY I 488 0.10 10.92 -71.24
CA GLY I 488 -0.62 12.15 -70.89
C GLY I 488 -0.11 13.36 -71.63
N GLU I 489 1.22 13.49 -71.76
CA GLU I 489 1.81 14.61 -72.48
C GLU I 489 1.52 14.55 -73.97
N THR I 490 1.40 13.34 -74.53
CA THR I 490 1.09 13.20 -75.95
C THR I 490 -0.32 13.69 -76.27
N LEU I 491 -1.24 13.53 -75.32
CA LEU I 491 -2.63 13.92 -75.53
C LEU I 491 -2.84 15.43 -75.50
N ARG I 492 -1.91 16.18 -74.90
CA ARG I 492 -2.07 17.62 -74.77
C ARG I 492 -1.85 18.34 -76.09
N LEU I 493 -1.22 17.68 -77.08
CA LEU I 493 -1.08 18.17 -78.46
C LEU I 493 -0.35 19.52 -78.50
N GLU I 494 0.92 19.48 -78.09
CA GLU I 494 1.76 20.67 -78.09
C GLU I 494 2.45 20.83 -79.44
N ARG I 495 1.65 21.21 -80.45
CA ARG I 495 2.12 21.62 -81.77
C ARG I 495 2.82 20.48 -82.48
N LYS I 496 4.16 20.47 -82.48
CA LYS I 496 4.92 19.40 -83.12
C LYS I 496 5.53 18.42 -82.13
N ARG I 497 5.45 18.70 -80.82
CA ARG I 497 6.06 17.84 -79.82
C ARG I 497 5.37 16.47 -79.75
N PHE I 498 4.04 16.45 -79.92
CA PHE I 498 3.30 15.19 -79.79
C PHE I 498 3.68 14.19 -80.87
N LEU I 499 4.19 14.65 -82.02
CA LEU I 499 4.74 13.74 -83.02
C LEU I 499 5.90 12.93 -82.44
N TRP I 500 6.87 13.63 -81.85
CA TRP I 500 8.03 12.96 -81.24
C TRP I 500 7.60 12.06 -80.10
N GLN I 501 6.71 12.55 -79.23
CA GLN I 501 6.29 11.77 -78.08
C GLN I 501 5.51 10.52 -78.51
N HIS I 502 4.65 10.64 -79.52
CA HIS I 502 3.89 9.51 -80.03
C HIS I 502 4.79 8.48 -80.68
N GLN I 503 5.77 8.93 -81.47
CA GLN I 503 6.70 8.00 -82.09
C GLN I 503 7.54 7.29 -81.03
N LEU I 504 7.94 8.03 -80.00
CA LEU I 504 8.67 7.43 -78.89
C LEU I 504 7.81 6.43 -78.13
N LEU I 505 6.52 6.71 -77.99
CA LEU I 505 5.60 5.74 -77.37
C LEU I 505 5.54 4.46 -78.18
N GLY I 506 5.46 4.59 -79.51
CA GLY I 506 5.49 3.42 -80.36
C GLY I 506 6.77 2.61 -80.21
N LEU I 507 7.90 3.30 -80.21
CA LEU I 507 9.21 2.65 -80.06
C LEU I 507 9.31 1.93 -78.71
N LEU I 508 8.88 2.60 -77.63
CA LEU I 508 8.96 2.01 -76.30
C LEU I 508 8.06 0.79 -76.19
N SER I 509 6.85 0.88 -76.74
CA SER I 509 5.91 -0.24 -76.70
C SER I 509 6.43 -1.43 -77.49
N VAL I 510 7.09 -1.18 -78.62
CA VAL I 510 7.70 -2.29 -79.35
C VAL I 510 8.90 -2.86 -78.59
N TYR I 511 9.63 -1.99 -77.86
CA TYR I 511 10.89 -2.42 -77.26
C TYR I 511 10.68 -3.34 -76.06
N THR I 512 9.72 -3.00 -75.19
CA THR I 512 9.54 -3.73 -73.93
C THR I 512 9.22 -5.20 -74.16
N ARG I 513 9.94 -6.07 -73.47
CA ARG I 513 9.74 -7.51 -73.62
C ARG I 513 8.35 -7.99 -73.22
N PRO I 514 7.71 -7.52 -72.14
CA PRO I 514 6.29 -7.87 -71.93
C PRO I 514 5.32 -7.16 -72.86
N SER I 515 5.81 -6.32 -73.79
CA SER I 515 5.00 -5.64 -74.79
C SER I 515 3.95 -4.73 -74.13
N CYS I 516 4.46 -3.66 -73.51
CA CYS I 516 3.66 -2.70 -72.75
C CYS I 516 2.73 -1.82 -73.62
N GLY I 517 2.54 -2.08 -74.92
CA GLY I 517 1.64 -1.31 -75.75
C GLY I 517 0.19 -1.24 -75.30
N PRO I 518 -0.43 -2.34 -74.85
CA PRO I 518 -1.82 -2.24 -74.36
C PRO I 518 -2.00 -1.29 -73.19
N GLU I 519 -0.99 -1.17 -72.31
CA GLU I 519 -1.07 -0.19 -71.23
C GLU I 519 -1.16 1.22 -71.77
N ALA I 520 -0.31 1.54 -72.76
CA ALA I 520 -0.34 2.87 -73.37
C ALA I 520 -1.66 3.10 -74.09
N LEU I 521 -2.18 2.08 -74.78
CA LEU I 521 -3.46 2.20 -75.45
C LEU I 521 -4.59 2.45 -74.46
N GLY I 522 -4.58 1.74 -73.34
CA GLY I 522 -5.59 1.94 -72.31
C GLY I 522 -5.54 3.34 -71.72
N HIS I 523 -4.31 3.83 -71.44
CA HIS I 523 -4.16 5.18 -70.91
C HIS I 523 -4.67 6.22 -71.91
N LEU I 524 -4.34 6.05 -73.19
CA LEU I 524 -4.78 7.00 -74.20
C LEU I 524 -6.31 6.98 -74.33
N LEU I 525 -6.91 5.80 -74.35
CA LEU I 525 -8.37 5.70 -74.46
C LEU I 525 -9.07 6.29 -73.24
N SER I 526 -8.51 6.07 -72.05
CA SER I 526 -9.14 6.56 -70.83
C SER I 526 -9.03 8.08 -70.73
N ARG I 527 -7.91 8.65 -71.15
CA ARG I 527 -7.65 10.07 -70.96
C ARG I 527 -8.02 10.94 -72.16
N ALA I 528 -8.53 10.37 -73.25
CA ALA I 528 -8.82 11.11 -74.48
C ALA I 528 -10.22 11.74 -74.43
N ARG I 529 -10.27 13.07 -74.46
CA ARG I 529 -11.55 13.78 -74.49
C ARG I 529 -12.07 13.94 -75.92
N SER I 530 -11.32 14.62 -76.78
CA SER I 530 -11.73 15.02 -78.11
C SER I 530 -11.47 13.92 -79.12
N PRO I 531 -12.11 13.95 -80.30
CA PRO I 531 -11.80 12.95 -81.35
C PRO I 531 -10.38 13.00 -81.89
N GLU I 532 -9.67 14.12 -81.72
CA GLU I 532 -8.26 14.17 -82.15
C GLU I 532 -7.39 13.26 -81.30
N GLU I 533 -7.65 13.23 -79.99
CA GLU I 533 -6.91 12.33 -79.12
C GLU I 533 -7.27 10.87 -79.40
N LEU I 534 -8.53 10.61 -79.72
CA LEU I 534 -8.92 9.28 -80.20
C LEU I 534 -8.18 8.93 -81.49
N SER I 535 -7.97 9.92 -82.35
CA SER I 535 -7.18 9.70 -83.56
C SER I 535 -5.75 9.36 -83.22
N LEU I 536 -5.20 10.00 -82.18
CA LEU I 536 -3.87 9.66 -81.68
C LEU I 536 -3.80 8.19 -81.25
N ALA I 537 -4.82 7.74 -80.52
CA ALA I 537 -4.87 6.35 -80.07
C ALA I 537 -4.93 5.39 -81.26
N THR I 538 -5.76 5.71 -82.26
CA THR I 538 -5.85 4.86 -83.45
C THR I 538 -4.54 4.84 -84.21
N GLN I 539 -3.85 5.99 -84.27
CA GLN I 539 -2.56 6.05 -84.94
C GLN I 539 -1.53 5.17 -84.22
N LEU I 540 -1.52 5.20 -82.89
CA LEU I 540 -0.60 4.33 -82.16
C LEU I 540 -0.92 2.85 -82.41
N TYR I 541 -2.21 2.50 -82.43
CA TYR I 541 -2.57 1.11 -82.71
C TYR I 541 -2.17 0.71 -84.13
N ALA I 542 -2.34 1.62 -85.10
CA ALA I 542 -1.96 1.34 -86.48
C ALA I 542 -0.45 1.17 -86.59
N GLY I 543 0.31 1.97 -85.84
CA GLY I 543 1.76 1.82 -85.84
C GLY I 543 2.21 0.51 -85.23
N LEU I 544 1.53 0.08 -84.16
CA LEU I 544 1.96 -1.11 -83.44
C LEU I 544 1.44 -2.42 -84.05
N VAL I 545 0.35 -2.38 -84.81
CA VAL I 545 -0.25 -3.61 -85.32
C VAL I 545 0.67 -4.32 -86.30
N VAL I 546 1.46 -3.58 -87.08
CA VAL I 546 2.36 -4.20 -88.05
C VAL I 546 3.44 -5.01 -87.35
N SER I 547 3.82 -4.64 -86.13
CA SER I 547 4.84 -5.33 -85.36
C SER I 547 4.27 -6.29 -84.32
N LEU I 548 3.36 -5.82 -83.48
CA LEU I 548 2.80 -6.62 -82.40
C LEU I 548 1.43 -7.18 -82.79
N SER I 549 0.95 -8.11 -81.95
CA SER I 549 -0.32 -8.78 -82.19
C SER I 549 -1.12 -8.85 -80.90
N GLY I 550 -2.45 -8.88 -81.05
CA GLY I 550 -3.35 -9.02 -79.92
C GLY I 550 -3.27 -7.89 -78.90
N LEU I 551 -3.15 -6.66 -79.38
CA LEU I 551 -3.07 -5.51 -78.48
C LEU I 551 -4.42 -5.17 -77.86
N LEU I 552 -5.48 -5.18 -78.67
CA LEU I 552 -6.79 -4.74 -78.21
C LEU I 552 -7.38 -5.62 -77.10
N PRO I 553 -7.37 -6.97 -77.18
CA PRO I 553 -7.90 -7.75 -76.04
C PRO I 553 -7.18 -7.46 -74.72
N LEU I 554 -5.85 -7.41 -74.75
CA LEU I 554 -5.08 -7.13 -73.54
C LEU I 554 -5.36 -5.72 -73.03
N ALA I 555 -5.46 -4.75 -73.93
CA ALA I 555 -5.72 -3.37 -73.53
C ALA I 555 -7.09 -3.24 -72.87
N PHE I 556 -8.10 -3.85 -73.49
CA PHE I 556 -9.46 -3.80 -72.93
C PHE I 556 -9.52 -4.52 -71.59
N ARG I 557 -8.84 -5.68 -71.50
CA ARG I 557 -8.79 -6.43 -70.25
C ARG I 557 -8.16 -5.60 -69.14
N SER I 558 -7.00 -5.00 -69.40
CA SER I 558 -6.31 -4.22 -68.38
C SER I 558 -7.13 -3.00 -67.97
N CYS I 559 -7.71 -2.30 -68.94
CA CYS I 559 -8.49 -1.11 -68.62
C CYS I 559 -9.72 -1.45 -67.81
N LEU I 560 -10.43 -2.52 -68.17
CA LEU I 560 -11.60 -2.94 -67.41
C LEU I 560 -11.23 -3.43 -66.02
N ALA I 561 -10.10 -4.13 -65.90
CA ALA I 561 -9.62 -4.56 -64.60
C ALA I 561 -9.32 -3.36 -63.70
N ARG I 562 -8.72 -2.32 -64.28
CA ARG I 562 -8.48 -1.09 -63.52
C ARG I 562 -9.80 -0.41 -63.16
N VAL I 563 -10.80 -0.47 -64.05
CA VAL I 563 -12.11 0.10 -63.78
C VAL I 563 -12.77 -0.58 -62.59
N HIS I 564 -12.75 -1.91 -62.58
CA HIS I 564 -13.41 -2.66 -61.50
C HIS I 564 -12.68 -2.48 -60.17
N ALA I 565 -11.35 -2.38 -60.22
CA ALA I 565 -10.59 -2.07 -59.02
C ALA I 565 -10.81 -0.60 -58.63
N GLY I 566 -10.24 -0.22 -57.47
CA GLY I 566 -10.41 1.14 -56.99
C GLY I 566 -9.79 2.20 -57.88
N THR I 567 -8.78 1.84 -58.66
CA THR I 567 -8.11 2.79 -59.55
C THR I 567 -9.04 3.19 -60.70
N LEU I 568 -8.58 4.16 -61.49
CA LEU I 568 -9.26 4.64 -62.70
C LEU I 568 -10.66 5.17 -62.35
N GLN I 569 -10.64 6.29 -61.62
CA GLN I 569 -11.79 6.99 -61.05
C GLN I 569 -12.90 7.26 -62.08
N PRO I 570 -14.15 7.52 -61.66
CA PRO I 570 -15.31 7.54 -62.61
C PRO I 570 -15.18 8.51 -63.79
N PRO I 571 -14.56 9.71 -63.65
CA PRO I 571 -14.37 10.53 -64.87
C PRO I 571 -13.63 9.80 -65.99
N PHE I 572 -12.46 9.22 -65.69
CA PHE I 572 -11.73 8.50 -66.72
C PHE I 572 -12.47 7.24 -67.15
N THR I 573 -13.25 6.63 -66.26
CA THR I 573 -14.05 5.47 -66.64
C THR I 573 -15.09 5.84 -67.71
N ALA I 574 -15.81 6.95 -67.47
CA ALA I 574 -16.79 7.41 -68.44
C ALA I 574 -16.13 7.82 -69.74
N ARG I 575 -14.96 8.47 -69.65
CA ARG I 575 -14.22 8.85 -70.86
C ARG I 575 -13.81 7.62 -71.66
N PHE I 576 -13.31 6.58 -70.97
CA PHE I 576 -12.90 5.35 -71.64
C PHE I 576 -14.08 4.68 -72.32
N LEU I 577 -15.23 4.61 -71.63
CA LEU I 577 -16.40 3.97 -72.21
C LEU I 577 -16.92 4.74 -73.42
N ARG I 578 -16.94 6.08 -73.33
CA ARG I 578 -17.38 6.90 -74.46
C ARG I 578 -16.43 6.73 -75.64
N ASN I 579 -15.12 6.69 -75.38
CA ASN I 579 -14.15 6.53 -76.46
C ASN I 579 -14.29 5.16 -77.13
N LEU I 580 -14.49 4.11 -76.33
CA LEU I 580 -14.70 2.78 -76.90
C LEU I 580 -15.98 2.72 -77.72
N ALA I 581 -17.04 3.39 -77.25
CA ALA I 581 -18.27 3.47 -78.02
C ALA I 581 -18.05 4.20 -79.33
N LEU I 582 -17.30 5.30 -79.29
CA LEU I 582 -16.97 6.04 -80.51
C LEU I 582 -16.21 5.16 -81.50
N LEU I 583 -15.24 4.39 -80.99
CA LEU I 583 -14.47 3.51 -81.86
C LEU I 583 -15.33 2.43 -82.50
N VAL I 584 -16.22 1.81 -81.70
CA VAL I 584 -17.09 0.76 -82.23
C VAL I 584 -18.04 1.33 -83.27
N GLY I 585 -18.64 2.49 -82.99
CA GLY I 585 -19.53 3.11 -83.96
C GLY I 585 -18.81 3.52 -85.23
N TRP I 586 -17.59 4.04 -85.09
CA TRP I 586 -16.79 4.40 -86.25
C TRP I 586 -16.44 3.18 -87.10
N GLU I 587 -16.10 2.05 -86.46
CA GLU I 587 -15.80 0.84 -87.22
C GLU I 587 -17.04 0.32 -87.92
N GLN I 588 -18.21 0.42 -87.27
CA GLN I 588 -19.46 -0.01 -87.91
C GLN I 588 -19.77 0.82 -89.14
N GLN I 589 -19.43 2.10 -89.13
CA GLN I 589 -19.57 2.96 -90.30
C GLN I 589 -18.50 2.55 -91.31
N GLY I 590 -18.88 1.72 -92.28
CA GLY I 590 -17.92 1.05 -93.14
C GLY I 590 -17.27 1.92 -94.19
N GLY I 591 -16.43 2.86 -93.76
CA GLY I 591 -15.61 3.64 -94.66
C GLY I 591 -14.35 2.90 -95.07
N GLU I 592 -13.43 3.65 -95.67
CA GLU I 592 -12.15 3.07 -96.05
C GLU I 592 -11.24 2.88 -94.84
N GLY I 593 -11.31 3.81 -93.88
CA GLY I 593 -10.48 3.79 -92.70
C GLY I 593 -10.67 2.58 -91.79
N PRO I 594 -11.91 2.23 -91.43
CA PRO I 594 -12.11 1.00 -90.64
C PRO I 594 -11.58 -0.26 -91.30
N ALA I 595 -11.75 -0.38 -92.62
CA ALA I 595 -11.22 -1.54 -93.33
C ALA I 595 -9.70 -1.52 -93.34
N ALA I 596 -9.09 -0.36 -93.56
CA ALA I 596 -7.64 -0.24 -93.62
C ALA I 596 -7.01 -0.55 -92.27
N LEU I 597 -7.63 -0.07 -91.18
CA LEU I 597 -7.07 -0.22 -89.84
C LEU I 597 -7.00 -1.69 -89.42
N GLY I 598 -8.06 -2.45 -89.70
CA GLY I 598 -8.11 -3.85 -89.30
C GLY I 598 -8.04 -4.06 -87.81
N ALA I 599 -8.79 -3.28 -87.04
CA ALA I 599 -8.68 -3.30 -85.58
C ALA I 599 -9.61 -4.32 -84.93
N HIS I 600 -10.84 -4.44 -85.42
CA HIS I 600 -11.88 -5.32 -84.86
C HIS I 600 -12.20 -4.93 -83.41
N PHE I 601 -12.58 -3.66 -83.24
CA PHE I 601 -13.02 -3.19 -81.93
C PHE I 601 -14.27 -3.93 -81.47
N GLY I 602 -15.15 -4.27 -82.40
CA GLY I 602 -16.39 -4.95 -82.05
C GLY I 602 -16.17 -6.29 -81.41
N GLU I 603 -15.30 -7.12 -82.00
CA GLU I 603 -15.03 -8.46 -81.46
C GLU I 603 -14.39 -8.37 -80.08
N SER I 604 -13.36 -7.53 -79.94
CA SER I 604 -12.65 -7.39 -78.68
C SER I 604 -13.57 -6.85 -77.58
N ALA I 605 -14.42 -5.88 -77.92
CA ALA I 605 -15.40 -5.37 -76.97
C ALA I 605 -16.41 -6.44 -76.60
N SER I 606 -16.83 -7.25 -77.58
CA SER I 606 -17.78 -8.33 -77.33
C SER I 606 -17.18 -9.39 -76.40
N ALA I 607 -15.86 -9.57 -76.45
CA ALA I 607 -15.22 -10.57 -75.59
C ALA I 607 -15.40 -10.24 -74.11
N HIS I 608 -15.60 -8.97 -73.78
CA HIS I 608 -15.70 -8.49 -72.41
C HIS I 608 -17.10 -7.96 -72.10
N LEU I 609 -18.13 -8.63 -72.62
CA LEU I 609 -19.50 -8.19 -72.36
C LEU I 609 -19.91 -8.45 -70.91
N SER I 610 -19.47 -9.57 -70.35
CA SER I 610 -19.76 -9.86 -68.95
C SER I 610 -19.12 -8.84 -68.02
N ASP I 611 -17.97 -8.28 -68.43
CA ASP I 611 -17.32 -7.23 -67.65
C ASP I 611 -17.99 -5.87 -67.81
N LEU I 612 -18.59 -5.60 -68.98
CA LEU I 612 -19.23 -4.32 -69.22
C LEU I 612 -20.63 -4.23 -68.65
N ALA I 613 -21.31 -5.37 -68.47
CA ALA I 613 -22.67 -5.36 -67.96
C ALA I 613 -22.82 -4.74 -66.56
N PRO I 614 -21.96 -4.98 -65.55
CA PRO I 614 -22.13 -4.27 -64.28
C PRO I 614 -22.08 -2.75 -64.38
N LEU I 615 -21.34 -2.20 -65.36
CA LEU I 615 -21.22 -0.75 -65.47
C LEU I 615 -22.54 -0.06 -65.78
N LEU I 616 -23.53 -0.80 -66.31
CA LEU I 616 -24.87 -0.26 -66.49
C LEU I 616 -25.52 0.12 -65.16
N LEU I 617 -25.09 -0.51 -64.07
CA LEU I 617 -25.64 -0.30 -62.74
C LEU I 617 -24.80 0.65 -61.90
N HIS I 618 -23.83 1.33 -62.51
CA HIS I 618 -22.89 2.15 -61.77
C HIS I 618 -23.61 3.31 -61.09
N PRO I 619 -23.25 3.66 -59.86
CA PRO I 619 -23.89 4.80 -59.19
C PRO I 619 -23.68 6.12 -59.91
N GLU I 620 -22.53 6.31 -60.55
CA GLU I 620 -22.28 7.53 -61.31
C GLU I 620 -23.09 7.50 -62.60
N GLU I 621 -23.91 8.53 -62.80
CA GLU I 621 -24.83 8.55 -63.95
C GLU I 621 -24.07 8.59 -65.28
N GLU I 622 -22.98 9.35 -65.35
CA GLU I 622 -22.24 9.49 -66.61
C GLU I 622 -21.63 8.17 -67.04
N VAL I 623 -21.06 7.40 -66.09
CA VAL I 623 -20.52 6.08 -66.40
C VAL I 623 -21.65 5.17 -66.87
N ALA I 624 -22.81 5.25 -66.22
CA ALA I 624 -23.95 4.42 -66.57
C ALA I 624 -24.41 4.69 -67.99
N GLU I 625 -24.55 5.96 -68.37
CA GLU I 625 -25.03 6.26 -69.72
C GLU I 625 -23.98 5.97 -70.77
N ALA I 626 -22.69 6.16 -70.45
CA ALA I 626 -21.63 5.78 -71.37
C ALA I 626 -21.66 4.28 -71.64
N ALA I 627 -21.79 3.48 -70.58
CA ALA I 627 -21.91 2.04 -70.73
C ALA I 627 -23.17 1.67 -71.48
N ALA I 628 -24.26 2.41 -71.25
CA ALA I 628 -25.51 2.14 -71.95
C ALA I 628 -25.36 2.33 -73.45
N SER I 629 -24.71 3.43 -73.85
CA SER I 629 -24.47 3.67 -75.28
C SER I 629 -23.56 2.60 -75.88
N LEU I 630 -22.49 2.26 -75.15
CA LEU I 630 -21.56 1.24 -75.63
C LEU I 630 -22.27 -0.10 -75.81
N LEU I 631 -23.09 -0.51 -74.82
CA LEU I 631 -23.86 -1.74 -74.94
C LEU I 631 -24.86 -1.67 -76.08
N ALA I 632 -25.45 -0.49 -76.30
CA ALA I 632 -26.44 -0.33 -77.36
C ALA I 632 -25.81 -0.59 -78.72
N ILE I 633 -24.60 -0.07 -78.95
CA ILE I 633 -23.99 -0.24 -80.27
C ILE I 633 -23.06 -1.44 -80.39
N CYS I 634 -22.46 -1.94 -79.29
CA CYS I 634 -21.46 -2.99 -79.39
C CYS I 634 -22.08 -4.29 -79.87
N PRO I 635 -21.45 -4.98 -80.81
CA PRO I 635 -22.03 -6.24 -81.31
C PRO I 635 -21.84 -7.36 -80.30
N PHE I 636 -22.85 -8.23 -80.21
CA PHE I 636 -22.80 -9.40 -79.37
C PHE I 636 -21.81 -10.42 -79.98
N PRO I 637 -21.33 -11.39 -79.19
CA PRO I 637 -20.35 -12.34 -79.75
C PRO I 637 -20.94 -13.12 -80.91
N SER I 638 -20.06 -13.45 -81.86
CA SER I 638 -20.49 -14.06 -83.12
C SER I 638 -21.26 -15.35 -82.89
N GLU I 639 -20.78 -16.19 -81.97
CA GLU I 639 -21.44 -17.45 -81.68
C GLU I 639 -22.83 -17.22 -81.10
N ALA I 640 -22.88 -16.65 -79.88
CA ALA I 640 -24.10 -16.41 -79.10
C ALA I 640 -23.76 -15.82 -77.73
N LEU I 641 -24.79 -15.47 -76.97
CA LEU I 641 -24.65 -15.08 -75.57
C LEU I 641 -24.98 -16.25 -74.65
N SER I 642 -24.12 -16.49 -73.67
CA SER I 642 -24.36 -17.52 -72.67
C SER I 642 -25.60 -17.16 -71.85
N PRO I 643 -26.31 -18.16 -71.29
CA PRO I 643 -27.49 -17.85 -70.46
C PRO I 643 -27.21 -16.94 -69.27
N SER I 644 -26.08 -17.12 -68.59
CA SER I 644 -25.72 -16.19 -67.52
C SER I 644 -25.46 -14.80 -68.08
N GLN I 645 -24.72 -14.72 -69.18
CA GLN I 645 -24.45 -13.45 -69.83
C GLN I 645 -25.73 -12.80 -70.32
N LEU I 646 -26.61 -13.59 -70.94
CA LEU I 646 -27.87 -13.06 -71.44
C LEU I 646 -28.75 -12.54 -70.30
N LEU I 647 -28.84 -13.31 -69.21
CA LEU I 647 -29.65 -12.88 -68.07
C LEU I 647 -29.09 -11.61 -67.43
N GLY I 648 -27.76 -11.56 -67.26
CA GLY I 648 -27.14 -10.38 -66.70
C GLY I 648 -27.36 -9.16 -67.57
N LEU I 649 -27.19 -9.31 -68.88
CA LEU I 649 -27.39 -8.19 -69.80
C LEU I 649 -28.84 -7.72 -69.79
N VAL I 650 -29.80 -8.65 -69.77
CA VAL I 650 -31.21 -8.25 -69.78
C VAL I 650 -31.58 -7.54 -68.48
N ARG I 651 -31.15 -8.09 -67.33
CA ARG I 651 -31.48 -7.45 -66.05
C ARG I 651 -30.84 -6.07 -65.94
N ALA I 652 -29.57 -5.95 -66.33
CA ALA I 652 -28.92 -4.64 -66.32
C ALA I 652 -29.59 -3.68 -67.28
N GLY I 653 -30.00 -4.16 -68.45
CA GLY I 653 -30.66 -3.30 -69.42
C GLY I 653 -32.00 -2.79 -68.95
N VAL I 654 -32.82 -3.66 -68.36
CA VAL I 654 -34.13 -3.22 -67.89
C VAL I 654 -33.97 -2.28 -66.69
N HIS I 655 -33.00 -2.56 -65.80
CA HIS I 655 -32.74 -1.66 -64.67
C HIS I 655 -32.30 -0.30 -65.16
N ARG I 656 -31.41 -0.26 -66.16
CA ARG I 656 -30.95 1.00 -66.72
C ARG I 656 -32.10 1.73 -67.43
N PHE I 657 -32.96 0.98 -68.12
CA PHE I 657 -34.14 1.55 -68.77
C PHE I 657 -35.02 2.28 -67.75
N PHE I 658 -35.38 1.59 -66.67
CA PHE I 658 -36.27 2.22 -65.68
C PHE I 658 -35.57 3.36 -64.94
N ALA I 659 -34.28 3.19 -64.62
CA ALA I 659 -33.55 4.24 -63.91
C ALA I 659 -33.42 5.49 -64.76
N SER I 660 -33.08 5.34 -66.04
CA SER I 660 -32.96 6.49 -66.93
C SER I 660 -34.32 7.11 -67.24
N LEU I 661 -35.38 6.29 -67.30
CA LEU I 661 -36.72 6.82 -67.45
C LEU I 661 -37.11 7.68 -66.26
N ARG I 662 -36.76 7.24 -65.05
CA ARG I 662 -37.00 8.05 -63.86
C ARG I 662 -36.16 9.32 -63.87
N LEU I 663 -34.90 9.22 -64.28
CA LEU I 663 -33.97 10.33 -64.15
C LEU I 663 -34.17 11.38 -65.25
N HIS I 664 -33.92 11.01 -66.50
CA HIS I 664 -33.97 11.95 -67.61
C HIS I 664 -35.32 12.00 -68.31
N GLY I 665 -36.27 11.13 -67.95
CA GLY I 665 -37.52 11.07 -68.65
C GLY I 665 -37.36 10.27 -69.93
N PRO I 666 -38.37 10.35 -70.81
CA PRO I 666 -38.32 9.62 -72.10
C PRO I 666 -37.11 9.94 -72.98
N PRO I 667 -36.60 11.20 -73.07
CA PRO I 667 -35.46 11.43 -73.98
C PRO I 667 -34.21 10.60 -73.71
N GLY I 668 -33.87 10.34 -72.45
CA GLY I 668 -32.65 9.63 -72.11
C GLY I 668 -32.79 8.13 -72.03
N VAL I 669 -33.58 7.55 -72.93
CA VAL I 669 -33.97 6.15 -72.85
C VAL I 669 -33.54 5.33 -74.06
N ALA I 670 -33.08 6.00 -75.13
CA ALA I 670 -32.87 5.35 -76.43
C ALA I 670 -31.83 4.24 -76.38
N SER I 671 -30.74 4.44 -75.62
CA SER I 671 -29.65 3.46 -75.57
C SER I 671 -30.14 2.14 -74.97
N ALA I 672 -30.83 2.21 -73.83
CA ALA I 672 -31.34 1.01 -73.18
C ALA I 672 -32.38 0.33 -74.06
N CYS I 673 -33.22 1.12 -74.73
CA CYS I 673 -34.22 0.55 -75.65
C CYS I 673 -33.55 -0.21 -76.78
N GLN I 674 -32.49 0.36 -77.37
CA GLN I 674 -31.77 -0.31 -78.44
C GLN I 674 -31.14 -1.61 -77.94
N LEU I 675 -30.54 -1.56 -76.76
CA LEU I 675 -29.92 -2.75 -76.16
C LEU I 675 -30.97 -3.86 -75.96
N LEU I 676 -32.13 -3.50 -75.41
CA LEU I 676 -33.16 -4.49 -75.12
C LEU I 676 -33.77 -5.05 -76.41
N THR I 677 -33.95 -4.21 -77.43
CA THR I 677 -34.46 -4.71 -78.71
C THR I 677 -33.48 -5.70 -79.33
N ARG I 678 -32.18 -5.40 -79.29
CA ARG I 678 -31.18 -6.35 -79.79
C ARG I 678 -31.21 -7.65 -79.01
N LEU I 679 -31.28 -7.56 -77.67
CA LEU I 679 -31.30 -8.75 -76.83
C LEU I 679 -32.52 -9.61 -77.13
N SER I 680 -33.68 -8.96 -77.34
CA SER I 680 -34.88 -9.70 -77.72
C SER I 680 -34.71 -10.36 -79.08
N GLN I 681 -34.08 -9.65 -80.03
CA GLN I 681 -33.86 -10.19 -81.36
C GLN I 681 -32.81 -11.30 -81.41
N THR I 682 -32.00 -11.47 -80.36
CA THR I 682 -30.96 -12.50 -80.38
C THR I 682 -31.54 -13.90 -80.50
N SER I 683 -32.53 -14.23 -79.66
CA SER I 683 -33.06 -15.57 -79.57
C SER I 683 -34.46 -15.49 -78.95
N PRO I 684 -35.32 -16.50 -79.16
CA PRO I 684 -36.62 -16.50 -78.46
C PRO I 684 -36.51 -16.50 -76.95
N ALA I 685 -35.53 -17.20 -76.39
CA ALA I 685 -35.32 -17.16 -74.94
C ALA I 685 -34.98 -15.74 -74.49
N GLY I 686 -34.12 -15.05 -75.25
CA GLY I 686 -33.82 -13.66 -74.96
C GLY I 686 -35.05 -12.78 -75.04
N LEU I 687 -35.90 -13.01 -76.05
CA LEU I 687 -37.14 -12.27 -76.21
C LEU I 687 -38.04 -12.44 -74.99
N LYS I 688 -38.24 -13.69 -74.57
CA LYS I 688 -39.09 -13.98 -73.42
C LYS I 688 -38.53 -13.35 -72.16
N ALA I 689 -37.21 -13.45 -71.96
CA ALA I 689 -36.59 -12.86 -70.77
C ALA I 689 -36.75 -11.34 -70.76
N VAL I 690 -36.52 -10.69 -71.90
CA VAL I 690 -36.64 -9.23 -71.98
C VAL I 690 -38.06 -8.79 -71.66
N LEU I 691 -39.04 -9.44 -72.30
CA LEU I 691 -40.43 -9.06 -72.09
C LEU I 691 -40.87 -9.28 -70.65
N GLN I 692 -40.55 -10.46 -70.09
CA GLN I 692 -40.95 -10.80 -68.73
C GLN I 692 -40.34 -9.86 -67.71
N LEU I 693 -39.02 -9.67 -67.78
CA LEU I 693 -38.33 -8.80 -66.82
C LEU I 693 -38.80 -7.36 -66.96
N LEU I 694 -39.02 -6.89 -68.19
CA LEU I 694 -39.42 -5.51 -68.41
C LEU I 694 -40.80 -5.23 -67.82
N VAL I 695 -41.78 -6.11 -68.10
CA VAL I 695 -43.12 -5.87 -67.57
C VAL I 695 -43.15 -6.08 -66.06
N GLU I 696 -42.37 -7.04 -65.53
CA GLU I 696 -42.32 -7.25 -64.09
C GLU I 696 -41.74 -6.03 -63.38
N GLY I 697 -40.68 -5.44 -63.93
CA GLY I 697 -40.16 -4.21 -63.35
C GLY I 697 -41.11 -3.05 -63.51
N ALA I 698 -41.92 -3.06 -64.58
CA ALA I 698 -42.94 -2.02 -64.76
C ALA I 698 -44.05 -2.13 -63.72
N LEU I 699 -44.45 -3.34 -63.38
CA LEU I 699 -45.52 -3.57 -62.41
C LEU I 699 -45.02 -3.65 -60.97
N HIS I 700 -43.71 -3.60 -60.76
CA HIS I 700 -43.13 -3.68 -59.43
C HIS I 700 -43.56 -2.47 -58.60
N ARG I 701 -43.62 -2.65 -57.28
CA ARG I 701 -44.01 -1.57 -56.39
C ARG I 701 -43.12 -0.34 -56.56
N GLY I 702 -41.84 -0.55 -56.83
CA GLY I 702 -41.02 0.50 -57.39
C GLY I 702 -41.16 0.54 -58.91
N ASN I 703 -41.10 1.77 -59.45
CA ASN I 703 -41.30 2.17 -60.86
C ASN I 703 -42.78 2.18 -61.27
N THR I 704 -43.71 1.78 -60.40
CA THR I 704 -45.12 1.87 -60.74
C THR I 704 -45.62 3.31 -60.73
N GLU I 705 -44.93 4.21 -60.02
CA GLU I 705 -45.31 5.61 -60.04
C GLU I 705 -44.96 6.27 -61.37
N LEU I 706 -44.04 5.67 -62.14
CA LEU I 706 -43.73 6.18 -63.47
C LEU I 706 -44.89 6.02 -64.44
N PHE I 707 -45.84 5.13 -64.15
CA PHE I 707 -46.93 4.82 -65.06
C PHE I 707 -48.26 5.01 -64.37
N GLY I 708 -48.36 6.01 -63.49
CA GLY I 708 -49.62 6.34 -62.86
C GLY I 708 -50.12 5.39 -61.81
N GLY I 709 -49.25 4.54 -61.25
CA GLY I 709 -49.67 3.62 -60.22
C GLY I 709 -49.94 4.30 -58.89
N GLN I 710 -50.59 3.55 -58.00
CA GLN I 710 -50.91 4.01 -56.66
C GLN I 710 -50.02 3.30 -55.66
N VAL I 711 -49.24 4.08 -54.91
CA VAL I 711 -48.30 3.60 -53.88
C VAL I 711 -47.28 2.62 -54.46
N ALA I 728 -40.05 11.59 -27.32
CA ALA I 728 -40.98 12.70 -27.14
C ALA I 728 -42.34 12.20 -26.68
N SER I 729 -42.56 10.89 -26.81
CA SER I 729 -43.83 10.25 -26.44
C SER I 729 -44.18 10.47 -24.98
N LEU I 730 -43.31 9.98 -24.08
CA LEU I 730 -43.55 10.05 -22.64
C LEU I 730 -43.64 11.50 -22.16
N LEU I 731 -42.73 12.36 -22.64
CA LEU I 731 -42.70 13.74 -22.20
C LEU I 731 -43.97 14.48 -22.60
N ASP I 732 -44.37 14.36 -23.87
CA ASP I 732 -45.60 15.01 -24.34
C ASP I 732 -46.82 14.45 -23.61
N THR I 733 -46.81 13.14 -23.33
CA THR I 733 -47.90 12.52 -22.59
C THR I 733 -48.00 13.12 -21.19
N ASN I 734 -46.86 13.33 -20.54
CA ASN I 734 -46.87 13.99 -19.23
C ASN I 734 -47.35 15.43 -19.34
N ARG I 735 -47.00 16.11 -20.45
CA ARG I 735 -47.48 17.46 -20.67
C ARG I 735 -49.01 17.52 -20.74
N ARG I 736 -49.60 16.59 -21.49
CA ARG I 736 -51.05 16.56 -21.63
C ARG I 736 -51.74 16.28 -20.29
N HIS I 737 -51.22 15.31 -19.54
CA HIS I 737 -51.81 14.91 -18.27
C HIS I 737 -51.68 16.01 -17.22
N ILE I 747 -58.59 15.03 -13.58
CA ILE I 747 -57.21 15.51 -13.65
C ILE I 747 -56.24 14.42 -13.21
N TRP I 748 -56.36 14.00 -11.95
CA TRP I 748 -55.51 12.97 -11.39
C TRP I 748 -56.10 11.56 -11.57
N SER I 749 -56.98 11.38 -12.56
CA SER I 749 -57.50 10.07 -12.91
C SER I 749 -57.35 9.87 -14.41
N VAL I 750 -57.19 8.61 -14.80
CA VAL I 750 -56.92 8.26 -16.20
C VAL I 750 -58.10 8.58 -17.10
N PHE I 751 -59.33 8.55 -16.55
CA PHE I 751 -60.59 8.73 -17.27
C PHE I 751 -60.77 7.61 -18.29
N HIS I 752 -59.97 7.62 -19.35
CA HIS I 752 -60.04 6.58 -20.36
C HIS I 752 -59.32 5.33 -19.88
N ALA I 753 -59.91 4.16 -20.15
CA ALA I 753 -59.38 2.90 -19.66
C ALA I 753 -58.15 2.45 -20.41
N GLY I 754 -57.87 3.01 -21.58
CA GLY I 754 -56.69 2.64 -22.34
C GLY I 754 -56.82 3.12 -23.76
N VAL I 755 -55.77 2.84 -24.53
CA VAL I 755 -55.71 3.22 -25.94
C VAL I 755 -56.00 1.99 -26.78
N ILE I 756 -56.95 2.12 -27.69
CA ILE I 756 -57.32 1.01 -28.58
C ILE I 756 -56.25 0.87 -29.65
N GLY I 757 -55.57 -0.28 -29.66
CA GLY I 757 -54.50 -0.53 -30.61
C GLY I 757 -53.31 0.39 -30.42
N ARG I 758 -52.61 0.64 -31.52
CA ARG I 758 -51.43 1.51 -31.51
C ARG I 758 -51.80 2.98 -31.77
N GLY I 759 -52.75 3.50 -30.98
CA GLY I 759 -53.09 4.91 -31.05
C GLY I 759 -53.71 5.32 -32.37
N LEU I 760 -53.53 6.60 -32.70
CA LEU I 760 -54.13 7.18 -33.89
C LEU I 760 -53.50 6.60 -35.16
N LYS I 761 -54.31 6.53 -36.22
CA LYS I 761 -53.82 6.10 -37.52
C LYS I 761 -52.92 7.18 -38.11
N PRO I 762 -52.05 6.84 -39.07
CA PRO I 762 -51.10 7.84 -39.59
C PRO I 762 -51.81 8.91 -40.40
N PRO I 763 -51.08 9.93 -40.95
CA PRO I 763 -51.77 10.95 -41.77
C PRO I 763 -52.19 10.50 -43.16
N LYS I 764 -52.13 9.19 -43.44
CA LYS I 764 -52.60 8.54 -44.68
C LYS I 764 -51.65 8.82 -45.83
N PHE I 765 -51.73 8.03 -46.89
CA PHE I 765 -50.81 8.15 -48.01
C PHE I 765 -51.36 9.12 -49.05
N VAL I 766 -50.44 9.88 -49.65
CA VAL I 766 -50.76 10.85 -50.69
C VAL I 766 -49.87 10.60 -51.90
N GLN I 767 -50.32 11.06 -53.05
CA GLN I 767 -49.59 10.88 -54.29
C GLN I 767 -49.88 12.05 -55.22
N SER I 768 -48.90 12.36 -56.08
CA SER I 768 -49.02 13.46 -57.03
C SER I 768 -47.94 13.35 -58.11
N ARG I 769 -48.36 13.35 -59.36
CA ARG I 769 -47.45 13.34 -60.49
C ARG I 769 -48.18 13.90 -61.70
N ASN I 770 -47.42 14.56 -62.58
CA ASN I 770 -47.98 15.12 -63.80
C ASN I 770 -48.48 13.98 -64.68
N GLN I 771 -49.71 14.14 -65.20
CA GLN I 771 -50.30 13.10 -66.01
C GLN I 771 -49.68 13.04 -67.40
N GLN I 772 -49.16 14.16 -67.88
CA GLN I 772 -48.43 14.18 -69.14
C GLN I 772 -47.18 13.31 -69.07
N GLU I 773 -46.43 13.42 -67.98
CA GLU I 773 -45.23 12.60 -67.80
C GLU I 773 -45.59 11.12 -67.72
N VAL I 774 -46.71 10.81 -67.04
CA VAL I 774 -47.19 9.43 -66.96
C VAL I 774 -47.50 8.90 -68.36
N ILE I 775 -48.22 9.71 -69.14
CA ILE I 775 -48.63 9.29 -70.50
C ILE I 775 -47.40 9.01 -71.36
N TYR I 776 -46.39 9.88 -71.30
CA TYR I 776 -45.27 9.69 -72.20
C TYR I 776 -44.29 8.63 -71.70
N ASN I 777 -44.19 8.42 -70.39
CA ASN I 777 -43.47 7.25 -69.89
C ASN I 777 -44.13 5.95 -70.35
N THR I 778 -45.46 5.89 -70.26
CA THR I 778 -46.18 4.72 -70.76
C THR I 778 -45.97 4.56 -72.26
N GLN I 779 -45.92 5.69 -72.99
CA GLN I 779 -45.65 5.64 -74.42
C GLN I 779 -44.27 5.08 -74.72
N SER I 780 -43.26 5.49 -73.95
CA SER I 780 -41.90 4.98 -74.16
C SER I 780 -41.85 3.49 -73.89
N LEU I 781 -42.46 3.04 -72.78
CA LEU I 781 -42.47 1.62 -72.45
C LEU I 781 -43.20 0.81 -73.52
N LEU I 782 -44.35 1.30 -73.97
CA LEU I 782 -45.13 0.58 -74.97
C LEU I 782 -44.43 0.56 -76.32
N SER I 783 -43.73 1.65 -76.67
CA SER I 783 -42.96 1.66 -77.91
C SER I 783 -41.83 0.65 -77.86
N LEU I 784 -41.14 0.56 -76.72
CA LEU I 784 -40.11 -0.46 -76.56
C LEU I 784 -40.70 -1.86 -76.67
N LEU I 785 -41.85 -2.08 -76.05
CA LEU I 785 -42.49 -3.39 -76.11
C LEU I 785 -42.91 -3.75 -77.53
N VAL I 786 -43.44 -2.77 -78.28
CA VAL I 786 -43.83 -3.01 -79.66
C VAL I 786 -42.61 -3.31 -80.53
N HIS I 787 -41.51 -2.59 -80.27
CA HIS I 787 -40.25 -2.85 -80.97
C HIS I 787 -39.76 -4.28 -80.70
N CYS I 788 -39.78 -4.69 -79.44
CA CYS I 788 -39.33 -6.03 -79.08
C CYS I 788 -40.26 -7.11 -79.61
N CYS I 789 -41.54 -6.81 -79.75
CA CYS I 789 -42.50 -7.83 -80.18
C CYS I 789 -42.59 -7.96 -81.69
N SER I 790 -42.52 -6.85 -82.42
CA SER I 790 -42.69 -6.88 -83.87
C SER I 790 -41.57 -7.67 -84.53
N ALA I 791 -41.93 -8.47 -85.53
CA ALA I 791 -40.95 -9.30 -86.21
C ALA I 791 -40.00 -8.44 -87.05
N PRO I 792 -38.75 -8.89 -87.22
CA PRO I 792 -37.83 -8.16 -88.10
C PRO I 792 -38.25 -8.21 -89.55
N GLY I 793 -37.86 -7.18 -90.29
CA GLY I 793 -38.15 -7.09 -91.72
C GLY I 793 -39.62 -7.07 -92.07
N GLY I 798 -37.09 -7.90 -95.54
CA GLY I 798 -38.46 -7.45 -95.47
C GLY I 798 -39.00 -6.99 -96.80
N GLU I 799 -39.72 -5.87 -96.79
CA GLU I 799 -40.29 -5.30 -98.00
C GLU I 799 -40.41 -3.79 -97.82
N CYS I 800 -40.67 -3.10 -98.93
CA CYS I 800 -40.72 -1.64 -98.93
C CYS I 800 -42.04 -1.06 -98.43
N TRP I 801 -43.09 -1.87 -98.29
CA TRP I 801 -44.37 -1.35 -97.84
C TRP I 801 -45.11 -2.39 -97.02
N GLY I 802 -45.89 -1.91 -96.04
CA GLY I 802 -46.66 -2.77 -95.19
C GLY I 802 -46.25 -2.63 -93.74
N ALA I 803 -47.21 -2.29 -92.88
CA ALA I 803 -46.92 -2.15 -91.46
C ALA I 803 -46.61 -3.51 -90.86
N PRO I 804 -45.72 -3.56 -89.85
CA PRO I 804 -45.31 -4.85 -89.29
C PRO I 804 -46.42 -5.48 -88.47
N ILE I 805 -46.25 -6.78 -88.23
CA ILE I 805 -47.21 -7.60 -87.50
C ILE I 805 -46.62 -7.94 -86.13
N LEU I 806 -47.42 -7.70 -85.08
CA LEU I 806 -47.01 -8.10 -83.74
C LEU I 806 -46.93 -9.62 -83.66
N SER I 807 -45.82 -10.12 -83.14
CA SER I 807 -45.62 -11.57 -83.08
C SER I 807 -46.54 -12.18 -82.03
N PRO I 808 -47.37 -13.16 -82.39
CA PRO I 808 -48.21 -13.81 -81.37
C PRO I 808 -47.42 -14.54 -80.29
N GLU I 809 -46.19 -14.97 -80.56
CA GLU I 809 -45.39 -15.60 -79.51
C GLU I 809 -44.95 -14.60 -78.46
N ALA I 810 -44.44 -13.44 -78.89
CA ALA I 810 -44.03 -12.41 -77.94
C ALA I 810 -45.21 -11.88 -77.14
N ALA I 811 -46.34 -11.66 -77.81
CA ALA I 811 -47.54 -11.19 -77.13
C ALA I 811 -48.09 -12.26 -76.19
N LYS I 812 -47.96 -13.54 -76.56
CA LYS I 812 -48.33 -14.63 -75.66
C LYS I 812 -47.45 -14.63 -74.42
N ALA I 813 -46.15 -14.37 -74.59
CA ALA I 813 -45.25 -14.27 -73.44
C ALA I 813 -45.66 -13.13 -72.53
N VAL I 814 -45.99 -11.96 -73.11
CA VAL I 814 -46.44 -10.82 -72.32
C VAL I 814 -47.74 -11.15 -71.60
N ALA I 815 -48.63 -11.87 -72.28
CA ALA I 815 -49.92 -12.26 -71.68
C ALA I 815 -49.71 -13.16 -70.48
N VAL I 816 -48.88 -14.20 -70.63
CA VAL I 816 -48.72 -15.18 -69.56
C VAL I 816 -48.00 -14.56 -68.37
N THR I 817 -47.00 -13.69 -68.62
CA THR I 817 -46.34 -13.04 -67.48
C THR I 817 -47.25 -12.02 -66.81
N LEU I 818 -48.13 -11.36 -67.58
CA LEU I 818 -49.14 -10.49 -66.97
C LEU I 818 -50.06 -11.29 -66.05
N VAL I 819 -50.50 -12.47 -66.52
CA VAL I 819 -51.37 -13.33 -65.71
C VAL I 819 -50.65 -13.76 -64.43
N GLU I 820 -49.36 -14.12 -64.55
CA GLU I 820 -48.59 -14.51 -63.37
C GLU I 820 -48.43 -13.35 -62.39
N SER I 821 -48.19 -12.14 -62.90
CA SER I 821 -47.96 -10.99 -62.02
C SER I 821 -49.21 -10.57 -61.28
N VAL I 822 -50.33 -10.42 -62.02
CA VAL I 822 -51.53 -9.81 -61.42
C VAL I 822 -52.17 -10.76 -60.41
N CYS I 823 -52.60 -11.92 -60.88
CA CYS I 823 -53.26 -12.93 -60.08
C CYS I 823 -52.31 -14.13 -59.89
N PRO I 824 -52.61 -15.06 -58.97
CA PRO I 824 -51.71 -16.20 -58.80
C PRO I 824 -51.87 -17.29 -59.85
N ASP I 825 -52.80 -17.13 -60.81
CA ASP I 825 -53.12 -18.15 -61.83
C ASP I 825 -53.51 -19.47 -61.16
N ALA I 826 -54.24 -19.36 -60.04
CA ALA I 826 -54.38 -20.48 -59.11
C ALA I 826 -55.41 -21.52 -59.59
N ALA I 827 -56.67 -21.11 -59.71
CA ALA I 827 -57.75 -22.05 -59.99
C ALA I 827 -58.66 -21.49 -61.06
N GLY I 828 -59.35 -22.39 -61.77
CA GLY I 828 -60.14 -21.98 -62.92
C GLY I 828 -59.32 -21.34 -64.01
N ALA I 829 -58.08 -21.81 -64.19
CA ALA I 829 -57.15 -21.23 -65.13
C ALA I 829 -57.32 -21.73 -66.56
N GLU I 830 -58.14 -22.75 -66.78
CA GLU I 830 -58.44 -23.18 -68.14
C GLU I 830 -59.14 -22.07 -68.90
N LEU I 831 -58.86 -22.00 -70.21
CA LEU I 831 -59.33 -20.88 -71.01
C LEU I 831 -60.85 -20.88 -71.18
N ALA I 832 -61.48 -22.06 -71.15
CA ALA I 832 -62.94 -22.14 -71.25
C ALA I 832 -63.58 -21.49 -70.04
N TRP I 833 -64.52 -20.58 -70.28
CA TRP I 833 -65.13 -19.88 -69.17
C TRP I 833 -66.13 -20.77 -68.43
N PRO I 834 -66.26 -20.60 -67.12
CA PRO I 834 -67.20 -21.41 -66.36
C PRO I 834 -68.55 -20.72 -66.24
N PRO I 835 -69.57 -21.38 -65.68
CA PRO I 835 -70.83 -20.67 -65.40
C PRO I 835 -70.65 -19.54 -64.41
N GLU I 836 -71.67 -18.69 -64.33
CA GLU I 836 -71.66 -17.55 -63.42
C GLU I 836 -71.71 -18.00 -61.95
N GLU I 837 -72.14 -19.23 -61.69
CA GLU I 837 -72.04 -19.79 -60.35
C GLU I 837 -70.61 -19.79 -59.87
N HIS I 838 -69.66 -20.12 -60.76
CA HIS I 838 -68.25 -20.01 -60.41
C HIS I 838 -67.82 -18.56 -60.23
N ALA I 839 -68.45 -17.63 -60.95
CA ALA I 839 -68.17 -16.22 -60.75
C ALA I 839 -68.55 -15.79 -59.33
N ARG I 840 -69.66 -16.33 -58.82
CA ARG I 840 -70.03 -16.03 -57.44
C ARG I 840 -69.19 -16.81 -56.43
N ALA I 841 -68.49 -17.85 -56.86
CA ALA I 841 -67.71 -18.70 -55.97
C ALA I 841 -66.25 -18.27 -55.85
N THR I 842 -65.80 -17.29 -56.62
CA THR I 842 -64.40 -16.86 -56.64
C THR I 842 -64.30 -15.35 -56.61
N VAL I 843 -65.19 -14.71 -55.85
CA VAL I 843 -65.29 -13.25 -55.83
C VAL I 843 -64.05 -12.59 -55.25
N GLU I 844 -63.31 -13.30 -54.37
CA GLU I 844 -62.14 -12.72 -53.73
C GLU I 844 -61.02 -12.49 -54.74
N ARG I 845 -60.72 -13.50 -55.56
CA ARG I 845 -59.72 -13.33 -56.61
C ARG I 845 -60.13 -12.26 -57.60
N ASP I 846 -61.42 -12.20 -57.94
CA ASP I 846 -61.91 -11.19 -58.86
C ASP I 846 -61.72 -9.79 -58.29
N LEU I 847 -61.99 -9.61 -57.00
CA LEU I 847 -61.78 -8.30 -56.38
C LEU I 847 -60.30 -7.95 -56.31
N ARG I 848 -59.43 -8.94 -56.07
CA ARG I 848 -57.99 -8.68 -56.10
C ARG I 848 -57.56 -8.20 -57.47
N ILE I 849 -58.04 -8.86 -58.53
CA ILE I 849 -57.72 -8.46 -59.89
C ILE I 849 -58.25 -7.07 -60.19
N GLY I 850 -59.49 -6.79 -59.75
CA GLY I 850 -60.07 -5.48 -59.97
C GLY I 850 -59.30 -4.37 -59.28
N ARG I 851 -58.88 -4.61 -58.04
CA ARG I 851 -58.10 -3.62 -57.30
C ARG I 851 -56.74 -3.41 -57.96
N ARG I 852 -56.12 -4.48 -58.46
CA ARG I 852 -54.86 -4.33 -59.18
C ARG I 852 -55.03 -3.49 -60.44
N PHE I 853 -56.13 -3.71 -61.17
CA PHE I 853 -56.40 -2.90 -62.36
C PHE I 853 -56.68 -1.45 -61.99
N ARG I 854 -57.36 -1.22 -60.86
CA ARG I 854 -57.70 0.14 -60.46
C ARG I 854 -56.47 0.91 -60.02
N GLU I 855 -55.55 0.25 -59.31
CA GLU I 855 -54.38 0.95 -58.81
C GLU I 855 -53.38 1.24 -59.92
N GLN I 856 -53.27 0.33 -60.88
CA GLN I 856 -52.25 0.42 -61.94
C GLN I 856 -52.93 0.59 -63.28
N PRO I 857 -53.04 1.81 -63.80
CA PRO I 857 -53.62 2.01 -65.14
C PRO I 857 -52.79 1.40 -66.27
N LEU I 858 -51.52 1.08 -66.02
CA LEU I 858 -50.65 0.51 -67.05
C LEU I 858 -51.12 -0.86 -67.51
N LEU I 859 -51.89 -1.57 -66.67
CA LEU I 859 -52.35 -2.92 -67.00
C LEU I 859 -53.25 -2.94 -68.23
N PHE I 860 -54.14 -1.97 -68.36
CA PHE I 860 -55.03 -1.91 -69.51
C PHE I 860 -54.24 -1.71 -70.80
N GLU I 861 -53.22 -0.84 -70.76
CA GLU I 861 -52.38 -0.60 -71.93
C GLU I 861 -51.67 -1.88 -72.36
N LEU I 862 -51.13 -2.62 -71.39
CA LEU I 862 -50.52 -3.91 -71.71
C LEU I 862 -51.57 -4.90 -72.21
N LEU I 863 -52.81 -4.80 -71.70
CA LEU I 863 -53.87 -5.68 -72.18
C LEU I 863 -54.18 -5.44 -73.65
N LYS I 864 -54.27 -4.17 -74.07
CA LYS I 864 -54.55 -3.90 -75.48
C LYS I 864 -53.32 -4.14 -76.35
N LEU I 865 -52.11 -4.01 -75.78
CA LEU I 865 -50.91 -4.47 -76.47
C LEU I 865 -51.00 -5.97 -76.76
N VAL I 866 -51.42 -6.76 -75.78
CA VAL I 866 -51.61 -8.19 -75.98
C VAL I 866 -52.70 -8.44 -77.02
N ALA I 867 -53.81 -7.69 -76.91
CA ALA I 867 -54.95 -7.82 -77.80
C ALA I 867 -54.64 -7.43 -79.25
N ALA I 868 -53.60 -6.63 -79.47
CA ALA I 868 -53.20 -6.30 -80.85
C ALA I 868 -52.88 -7.56 -81.65
N ALA I 869 -52.12 -8.48 -81.05
CA ALA I 869 -51.96 -9.81 -81.62
C ALA I 869 -53.18 -10.65 -81.27
N PRO I 870 -53.90 -11.20 -82.24
CA PRO I 870 -55.18 -11.89 -81.95
C PRO I 870 -55.06 -13.07 -80.99
N PRO I 871 -54.20 -14.09 -81.24
CA PRO I 871 -54.29 -15.30 -80.39
C PRO I 871 -53.91 -15.07 -78.93
N ALA I 872 -53.11 -14.05 -78.63
CA ALA I 872 -52.51 -13.90 -77.31
C ALA I 872 -53.53 -13.55 -76.23
N LEU I 873 -54.56 -12.77 -76.57
CA LEU I 873 -55.52 -12.34 -75.55
C LEU I 873 -56.31 -13.50 -74.96
N CYS I 874 -56.34 -14.64 -75.65
CA CYS I 874 -57.00 -15.83 -75.11
C CYS I 874 -56.33 -16.30 -73.82
N TYR I 875 -55.02 -16.12 -73.70
CA TYR I 875 -54.31 -16.56 -72.52
C TYR I 875 -54.54 -15.65 -71.32
N CYS I 876 -55.08 -14.45 -71.54
CA CYS I 876 -55.53 -13.58 -70.46
C CYS I 876 -56.97 -13.85 -70.06
N SER I 877 -57.50 -15.03 -70.39
CA SER I 877 -58.90 -15.36 -70.09
C SER I 877 -59.19 -15.28 -68.59
N VAL I 878 -58.21 -15.63 -67.76
CA VAL I 878 -58.41 -15.54 -66.31
C VAL I 878 -58.51 -14.08 -65.89
N LEU I 879 -57.63 -13.22 -66.44
CA LEU I 879 -57.65 -11.80 -66.11
C LEU I 879 -58.95 -11.14 -66.55
N LEU I 880 -59.36 -11.39 -67.80
CA LEU I 880 -60.59 -10.82 -68.32
C LEU I 880 -61.80 -11.32 -67.53
N ARG I 881 -61.81 -12.62 -67.22
CA ARG I 881 -62.89 -13.21 -66.45
C ARG I 881 -63.00 -12.58 -65.06
N GLY I 882 -61.86 -12.43 -64.39
CA GLY I 882 -61.87 -11.84 -63.05
C GLY I 882 -62.31 -10.39 -63.05
N LEU I 883 -61.77 -9.60 -63.98
CA LEU I 883 -62.15 -8.19 -64.07
C LEU I 883 -63.62 -8.03 -64.42
N LEU I 884 -64.12 -8.88 -65.33
CA LEU I 884 -65.54 -8.82 -65.70
C LEU I 884 -66.42 -9.21 -64.52
N ALA I 885 -66.00 -10.21 -63.74
CA ALA I 885 -66.77 -10.61 -62.56
C ALA I 885 -66.80 -9.49 -61.52
N ALA I 886 -65.67 -8.81 -61.32
CA ALA I 886 -65.63 -7.68 -60.41
C ALA I 886 -66.56 -6.56 -60.86
N LEU I 887 -66.55 -6.25 -62.17
CA LEU I 887 -67.43 -5.22 -62.69
C LEU I 887 -68.89 -5.62 -62.56
N LEU I 888 -69.20 -6.90 -62.81
CA LEU I 888 -70.57 -7.39 -62.64
C LEU I 888 -71.03 -7.24 -61.20
N GLY I 889 -70.16 -7.59 -60.25
CA GLY I 889 -70.50 -7.40 -58.85
C GLY I 889 -70.75 -5.94 -58.51
N HIS I 890 -69.91 -5.05 -59.03
CA HIS I 890 -70.08 -3.63 -58.79
C HIS I 890 -71.40 -3.11 -59.36
N TRP I 891 -71.72 -3.50 -60.60
CA TRP I 891 -72.95 -3.01 -61.22
C TRP I 891 -74.19 -3.58 -60.55
N GLU I 892 -74.11 -4.84 -60.08
CA GLU I 892 -75.20 -5.39 -59.29
C GLU I 892 -75.38 -4.61 -58.00
N ALA I 893 -74.26 -4.28 -57.34
CA ALA I 893 -74.32 -3.59 -56.06
C ALA I 893 -74.66 -2.10 -56.21
N SER I 894 -74.45 -1.53 -57.39
CA SER I 894 -74.64 -0.10 -57.59
C SER I 894 -76.11 0.28 -57.40
N ARG I 895 -76.33 1.47 -56.80
CA ARG I 895 -77.67 1.97 -56.55
C ARG I 895 -77.99 3.27 -57.26
N HIS I 896 -77.01 3.92 -57.87
CA HIS I 896 -77.27 5.17 -58.58
C HIS I 896 -78.13 4.91 -59.82
N PRO I 897 -78.92 5.89 -60.27
CA PRO I 897 -79.69 5.69 -61.50
C PRO I 897 -78.82 5.84 -62.73
N ASP I 898 -77.86 6.75 -62.68
CA ASP I 898 -76.94 7.01 -63.77
C ASP I 898 -75.67 6.18 -63.57
N THR I 899 -75.07 5.78 -64.67
CA THR I 899 -73.84 4.99 -64.65
C THR I 899 -72.58 5.84 -64.55
N THR I 900 -72.70 7.16 -64.57
CA THR I 900 -71.53 8.03 -64.50
C THR I 900 -71.14 8.38 -63.08
N HIS I 901 -71.96 8.05 -62.09
CA HIS I 901 -71.57 8.23 -60.69
C HIS I 901 -70.43 7.30 -60.30
N SER I 902 -70.21 6.23 -61.07
CA SER I 902 -69.08 5.33 -60.92
C SER I 902 -68.11 5.55 -62.08
N PRO I 903 -67.24 6.56 -62.01
CA PRO I 903 -66.40 6.89 -63.18
C PRO I 903 -65.42 5.79 -63.58
N TRP I 904 -64.62 5.28 -62.63
CA TRP I 904 -63.63 4.27 -62.98
C TRP I 904 -64.29 2.99 -63.45
N HIS I 905 -65.37 2.57 -62.81
CA HIS I 905 -66.00 1.31 -63.21
C HIS I 905 -66.61 1.41 -64.60
N LEU I 906 -67.21 2.56 -64.93
CA LEU I 906 -67.72 2.77 -66.28
C LEU I 906 -66.59 2.74 -67.30
N GLU I 907 -65.50 3.46 -67.01
CA GLU I 907 -64.35 3.47 -67.92
C GLU I 907 -63.74 2.08 -68.06
N ALA I 908 -63.68 1.33 -66.96
CA ALA I 908 -63.11 -0.01 -66.97
C ALA I 908 -63.98 -0.96 -67.78
N SER I 909 -65.30 -0.87 -67.63
CA SER I 909 -66.20 -1.69 -68.44
C SER I 909 -66.05 -1.39 -69.92
N CYS I 910 -65.99 -0.10 -70.27
CA CYS I 910 -65.83 0.29 -71.67
C CYS I 910 -64.51 -0.21 -72.23
N THR I 911 -63.42 0.00 -71.48
CA THR I 911 -62.10 -0.44 -71.91
C THR I 911 -62.02 -1.95 -72.02
N LEU I 912 -62.63 -2.66 -71.07
CA LEU I 912 -62.61 -4.12 -71.08
C LEU I 912 -63.33 -4.67 -72.31
N VAL I 913 -64.51 -4.12 -72.61
CA VAL I 913 -65.26 -4.57 -73.78
C VAL I 913 -64.50 -4.24 -75.06
N ALA I 914 -63.90 -3.05 -75.13
CA ALA I 914 -63.13 -2.66 -76.30
C ALA I 914 -61.93 -3.57 -76.51
N VAL I 915 -61.21 -3.91 -75.43
CA VAL I 915 -60.05 -4.78 -75.51
C VAL I 915 -60.46 -6.17 -75.96
N MET I 916 -61.59 -6.69 -75.43
CA MET I 916 -62.08 -7.99 -75.86
C MET I 916 -62.44 -7.98 -77.34
N ALA I 917 -63.01 -6.86 -77.82
CA ALA I 917 -63.32 -6.73 -79.24
C ALA I 917 -62.05 -6.69 -80.09
N GLU I 918 -60.99 -6.01 -79.59
CA GLU I 918 -59.75 -5.89 -80.36
C GLU I 918 -59.10 -7.25 -80.60
N GLY I 919 -59.10 -8.11 -79.59
CA GLY I 919 -58.55 -9.45 -79.68
C GLY I 919 -59.42 -10.47 -80.35
N SER I 920 -60.55 -10.06 -80.93
CA SER I 920 -61.49 -10.92 -81.65
C SER I 920 -62.07 -12.01 -80.76
N LEU I 921 -62.26 -11.71 -79.48
CA LEU I 921 -62.99 -12.58 -78.57
C LEU I 921 -64.50 -12.32 -78.60
N LEU I 922 -64.93 -11.25 -79.26
CA LEU I 922 -66.33 -10.90 -79.42
C LEU I 922 -66.59 -10.56 -80.88
N PRO I 923 -67.83 -10.67 -81.34
CA PRO I 923 -68.15 -10.22 -82.70
C PRO I 923 -68.22 -8.70 -82.75
N PRO I 924 -68.28 -8.10 -83.94
CA PRO I 924 -68.39 -6.63 -84.01
C PRO I 924 -69.63 -6.09 -83.33
N ALA I 925 -70.74 -6.85 -83.36
CA ALA I 925 -71.98 -6.37 -82.75
C ALA I 925 -71.84 -6.26 -81.25
N LEU I 926 -71.35 -7.32 -80.58
CA LEU I 926 -71.08 -7.24 -79.16
C LEU I 926 -69.96 -6.24 -78.87
N GLY I 927 -68.96 -6.17 -79.75
CA GLY I 927 -67.83 -5.29 -79.54
C GLY I 927 -68.16 -3.82 -79.50
N ASN I 928 -69.32 -3.42 -80.03
CA ASN I 928 -69.70 -2.01 -80.05
C ASN I 928 -70.52 -1.59 -78.84
N MET I 929 -70.79 -2.50 -77.90
CA MET I 929 -71.66 -2.16 -76.78
C MET I 929 -71.01 -1.17 -75.82
N HIS I 930 -69.69 -1.02 -75.83
CA HIS I 930 -69.08 -0.06 -74.92
C HIS I 930 -69.40 1.38 -75.31
N GLU I 931 -69.83 1.62 -76.55
CA GLU I 931 -70.24 2.94 -76.98
C GLU I 931 -71.48 3.44 -76.24
N VAL I 932 -72.31 2.53 -75.73
CA VAL I 932 -73.59 2.89 -75.14
C VAL I 932 -73.59 2.74 -73.62
N PHE I 933 -72.52 2.20 -73.03
CA PHE I 933 -72.46 1.98 -71.58
C PHE I 933 -72.63 3.27 -70.78
N SER I 934 -72.14 4.40 -71.30
CA SER I 934 -72.21 5.67 -70.58
C SER I 934 -73.63 6.20 -70.42
N GLN I 935 -74.61 5.67 -71.15
CA GLN I 935 -75.97 6.19 -71.09
C GLN I 935 -76.92 5.34 -70.24
N LEU I 936 -76.61 4.07 -70.06
CA LEU I 936 -77.52 3.11 -69.45
C LEU I 936 -77.53 3.21 -67.93
N ALA I 937 -78.53 2.57 -67.34
CA ALA I 937 -78.61 2.34 -65.91
C ALA I 937 -77.71 1.15 -65.55
N PRO I 938 -77.34 1.00 -64.26
CA PRO I 938 -76.44 -0.10 -63.87
C PRO I 938 -76.94 -1.49 -64.23
N PHE I 939 -78.23 -1.76 -64.07
CA PHE I 939 -78.71 -3.12 -64.34
C PHE I 939 -78.64 -3.45 -65.82
N GLU I 940 -78.84 -2.46 -66.70
CA GLU I 940 -78.74 -2.71 -68.14
C GLU I 940 -77.32 -3.05 -68.55
N VAL I 941 -76.33 -2.30 -68.07
CA VAL I 941 -74.93 -2.60 -68.41
C VAL I 941 -74.52 -3.92 -67.78
N ARG I 942 -75.04 -4.24 -66.60
CA ARG I 942 -74.79 -5.56 -66.02
C ARG I 942 -75.37 -6.66 -66.90
N LEU I 943 -76.56 -6.45 -67.44
CA LEU I 943 -77.17 -7.45 -68.33
C LEU I 943 -76.34 -7.62 -69.60
N LEU I 944 -75.82 -6.52 -70.16
CA LEU I 944 -74.98 -6.63 -71.35
C LEU I 944 -73.68 -7.38 -71.06
N LEU I 945 -73.06 -7.10 -69.92
CA LEU I 945 -71.83 -7.81 -69.56
C LEU I 945 -72.11 -9.27 -69.28
N LEU I 946 -73.27 -9.59 -68.71
CA LEU I 946 -73.65 -10.99 -68.52
C LEU I 946 -73.91 -11.66 -69.86
N SER I 947 -74.43 -10.93 -70.84
CA SER I 947 -74.56 -11.47 -72.18
C SER I 947 -73.21 -11.76 -72.79
N VAL I 948 -72.23 -10.89 -72.54
CA VAL I 948 -70.85 -11.14 -72.97
C VAL I 948 -70.32 -12.43 -72.33
N TRP I 949 -70.57 -12.59 -71.03
CA TRP I 949 -70.16 -13.80 -70.32
C TRP I 949 -70.81 -15.04 -70.92
N GLY I 950 -72.10 -14.96 -71.23
CA GLY I 950 -72.80 -16.09 -71.83
C GLY I 950 -72.26 -16.43 -73.21
N PHE I 951 -71.97 -15.41 -74.01
CA PHE I 951 -71.39 -15.64 -75.33
C PHE I 951 -70.04 -16.33 -75.22
N LEU I 952 -69.19 -15.85 -74.29
CA LEU I 952 -67.89 -16.48 -74.11
C LEU I 952 -68.03 -17.88 -73.52
N ARG I 953 -69.12 -18.16 -72.81
CA ARG I 953 -69.39 -19.55 -72.43
C ARG I 953 -69.69 -20.39 -73.67
N GLU I 954 -70.51 -19.86 -74.58
CA GLU I 954 -70.93 -20.62 -75.76
C GLU I 954 -69.76 -20.90 -76.70
N HIS I 955 -69.00 -19.86 -77.06
CA HIS I 955 -67.91 -20.00 -78.02
C HIS I 955 -66.56 -20.18 -77.35
N GLY I 956 -66.12 -19.21 -76.56
CA GLY I 956 -64.91 -19.33 -75.78
C GLY I 956 -63.68 -18.78 -76.49
N PRO I 957 -62.73 -18.29 -75.70
CA PRO I 957 -61.45 -17.80 -76.26
C PRO I 957 -60.42 -18.93 -76.38
N LEU I 958 -60.67 -19.82 -77.33
CA LEU I 958 -59.78 -20.95 -77.58
C LEU I 958 -58.85 -20.60 -78.73
N PRO I 959 -57.53 -20.65 -78.55
CA PRO I 959 -56.62 -20.27 -79.65
C PRO I 959 -56.74 -21.16 -80.87
N GLN I 960 -57.19 -22.41 -80.70
CA GLN I 960 -57.39 -23.30 -81.85
C GLN I 960 -58.47 -22.77 -82.79
N LYS I 961 -59.44 -22.01 -82.26
CA LYS I 961 -60.47 -21.40 -83.10
C LYS I 961 -59.91 -20.36 -84.06
N PHE I 962 -58.74 -19.79 -83.75
CA PHE I 962 -58.11 -18.80 -84.63
C PHE I 962 -57.44 -19.52 -85.79
N ILE I 963 -57.88 -19.20 -87.00
CA ILE I 963 -57.33 -19.81 -88.21
C ILE I 963 -56.21 -18.93 -88.72
N PHE I 964 -55.06 -19.53 -89.00
CA PHE I 964 -53.88 -18.79 -89.45
C PHE I 964 -54.06 -18.44 -90.92
N GLN I 965 -54.22 -17.16 -91.22
CA GLN I 965 -54.37 -16.68 -92.59
C GLN I 965 -52.97 -16.44 -93.15
N SER I 966 -52.46 -17.41 -93.90
CA SER I 966 -51.13 -17.32 -94.50
C SER I 966 -51.03 -16.24 -95.57
N GLU I 967 -52.16 -15.68 -96.02
CA GLU I 967 -52.14 -14.59 -97.00
C GLU I 967 -51.38 -13.38 -96.49
N ARG I 968 -51.36 -13.16 -95.17
CA ARG I 968 -50.64 -12.05 -94.59
C ARG I 968 -49.86 -12.44 -93.34
N GLY I 969 -49.74 -13.73 -93.04
CA GLY I 969 -49.06 -14.20 -91.84
C GLY I 969 -49.72 -13.68 -90.58
N ARG I 970 -50.98 -14.04 -90.36
CA ARG I 970 -51.72 -13.53 -89.22
C ARG I 970 -52.85 -14.50 -88.90
N PHE I 971 -53.20 -14.58 -87.61
CA PHE I 971 -54.34 -15.37 -87.17
C PHE I 971 -55.59 -14.51 -87.22
N ILE I 972 -56.69 -15.10 -87.68
CA ILE I 972 -57.96 -14.40 -87.83
C ILE I 972 -59.06 -15.29 -87.25
N ARG I 973 -59.95 -14.69 -86.46
CA ARG I 973 -61.08 -15.39 -85.88
C ARG I 973 -62.27 -15.25 -86.83
N ASP I 974 -62.77 -16.39 -87.31
CA ASP I 974 -63.93 -16.43 -88.20
C ASP I 974 -65.15 -16.75 -87.34
N PHE I 975 -66.06 -15.78 -87.23
CA PHE I 975 -67.29 -16.00 -86.48
C PHE I 975 -68.42 -16.54 -87.36
N SER I 976 -68.39 -16.23 -88.66
CA SER I 976 -69.39 -16.77 -89.58
C SER I 976 -69.34 -18.30 -89.64
N ARG I 977 -68.13 -18.86 -89.70
CA ARG I 977 -67.99 -20.31 -89.69
C ARG I 977 -68.29 -20.91 -88.32
N GLU I 978 -68.11 -20.12 -87.25
CA GLU I 978 -68.28 -20.62 -85.90
C GLU I 978 -69.70 -21.07 -85.61
N GLY I 979 -70.68 -20.48 -86.27
CA GLY I 979 -72.07 -20.82 -86.05
C GLY I 979 -72.65 -20.00 -84.92
N GLY I 980 -73.69 -19.22 -85.22
CA GLY I 980 -74.21 -18.26 -84.26
C GLY I 980 -73.20 -17.20 -83.88
N GLY I 981 -72.26 -16.87 -84.78
CA GLY I 981 -71.25 -15.88 -84.50
C GLY I 981 -71.81 -14.49 -84.23
N GLU I 982 -72.96 -14.18 -84.85
CA GLU I 982 -73.63 -12.92 -84.56
C GLU I 982 -74.22 -12.88 -83.14
N GLY I 983 -74.34 -14.03 -82.48
CA GLY I 983 -74.87 -14.06 -81.13
C GLY I 983 -76.34 -13.74 -81.01
N GLY I 984 -77.19 -14.63 -81.51
CA GLY I 984 -78.64 -14.46 -81.57
C GLY I 984 -79.30 -13.99 -80.29
N PRO I 985 -79.28 -14.82 -79.23
CA PRO I 985 -79.85 -14.39 -77.94
C PRO I 985 -79.18 -13.15 -77.38
N HIS I 986 -77.88 -13.02 -77.57
CA HIS I 986 -77.15 -11.88 -77.03
C HIS I 986 -77.55 -10.59 -77.75
N LEU I 987 -77.66 -10.66 -79.09
CA LEU I 987 -78.16 -9.50 -79.83
C LEU I 987 -79.61 -9.21 -79.49
N ALA I 988 -80.40 -10.24 -79.17
CA ALA I 988 -81.76 -9.99 -78.71
C ALA I 988 -81.77 -9.21 -77.40
N VAL I 989 -80.90 -9.58 -76.47
CA VAL I 989 -80.79 -8.86 -75.20
C VAL I 989 -80.34 -7.43 -75.44
N LEU I 990 -79.34 -7.25 -76.31
CA LEU I 990 -78.83 -5.92 -76.62
C LEU I 990 -79.89 -5.06 -77.28
N HIS I 991 -80.68 -5.64 -78.20
CA HIS I 991 -81.76 -4.91 -78.85
C HIS I 991 -82.84 -4.52 -77.86
N SER I 992 -83.15 -5.41 -76.91
CA SER I 992 -84.12 -5.08 -75.88
C SER I 992 -83.64 -3.92 -75.03
N VAL I 993 -82.36 -3.93 -74.64
CA VAL I 993 -81.80 -2.83 -73.85
C VAL I 993 -81.85 -1.52 -74.62
N LEU I 994 -81.49 -1.56 -75.91
CA LEU I 994 -81.54 -0.37 -76.76
C LEU I 994 -82.98 0.13 -76.91
N HIS I 995 -83.91 -0.79 -77.10
CA HIS I 995 -85.31 -0.43 -77.34
C HIS I 995 -85.93 0.20 -76.09
N ARG I 996 -85.56 -0.30 -74.90
CA ARG I 996 -86.11 0.26 -73.67
C ARG I 996 -85.76 1.73 -73.52
N ASN I 997 -84.52 2.11 -73.82
CA ASN I 997 -84.03 3.47 -73.71
C ASN I 997 -83.88 4.11 -75.09
N ILE I 998 -84.84 3.84 -75.98
CA ILE I 998 -84.75 4.28 -77.38
C ILE I 998 -84.72 5.80 -77.52
N ASP I 999 -85.27 6.53 -76.53
CA ASP I 999 -85.28 7.99 -76.60
C ASP I 999 -83.87 8.58 -76.63
N ARG I 1000 -82.96 8.02 -75.83
CA ARG I 1000 -81.58 8.49 -75.78
C ARG I 1000 -80.64 7.72 -76.69
N LEU I 1001 -81.01 6.51 -77.10
CA LEU I 1001 -80.13 5.62 -77.85
C LEU I 1001 -80.55 5.43 -79.31
N GLY I 1002 -81.40 6.31 -79.83
CA GLY I 1002 -81.84 6.17 -81.21
C GLY I 1002 -80.70 6.27 -82.20
N LEU I 1003 -79.82 7.26 -82.01
CA LEU I 1003 -78.70 7.47 -82.93
C LEU I 1003 -77.71 6.29 -82.90
N PHE I 1004 -77.54 5.65 -81.75
CA PHE I 1004 -76.60 4.54 -81.63
C PHE I 1004 -77.15 3.21 -82.16
N SER I 1005 -78.37 3.19 -82.69
CA SER I 1005 -78.97 1.94 -83.18
C SER I 1005 -78.20 1.36 -84.36
N GLY I 1006 -77.55 2.20 -85.17
CA GLY I 1006 -76.84 1.72 -86.35
C GLY I 1006 -75.55 1.00 -86.05
N ARG I 1007 -74.97 1.22 -84.87
CA ARG I 1007 -73.70 0.57 -84.50
C ARG I 1007 -73.83 -0.94 -84.31
N PHE I 1008 -75.05 -1.45 -84.18
CA PHE I 1008 -75.29 -2.87 -83.88
C PHE I 1008 -76.04 -3.56 -85.02
N GLN I 1009 -75.90 -3.03 -86.23
CA GLN I 1009 -76.47 -3.68 -87.40
C GLN I 1009 -75.65 -4.90 -87.80
N ALA I 1010 -76.29 -5.78 -88.58
CA ALA I 1010 -75.63 -7.00 -89.05
C ALA I 1010 -74.72 -6.70 -90.24
N MET J 3 -75.44 -48.78 -23.75
CA MET J 3 -74.20 -48.15 -23.30
C MET J 3 -73.01 -48.26 -24.28
N PRO J 4 -73.13 -47.72 -25.49
CA PRO J 4 -72.05 -47.86 -26.47
C PRO J 4 -70.95 -46.83 -26.22
N ILE J 5 -69.87 -46.97 -26.98
CA ILE J 5 -68.74 -46.06 -26.97
C ILE J 5 -68.51 -45.53 -28.38
N LEU J 6 -68.37 -44.22 -28.50
CA LEU J 6 -68.11 -43.58 -29.79
C LEU J 6 -66.78 -42.85 -29.70
N LEU J 7 -65.74 -43.42 -30.31
CA LEU J 7 -64.41 -42.82 -30.32
C LEU J 7 -64.21 -42.10 -31.64
N PHE J 8 -63.91 -40.80 -31.57
CA PHE J 8 -63.61 -39.99 -32.73
C PHE J 8 -62.10 -39.80 -32.82
N LEU J 9 -61.47 -40.49 -33.76
CA LEU J 9 -60.03 -40.36 -33.98
C LEU J 9 -59.82 -39.26 -35.01
N ILE J 10 -59.92 -38.02 -34.54
CA ILE J 10 -59.80 -36.87 -35.41
C ILE J 10 -58.35 -36.73 -35.87
N ASP J 11 -58.16 -36.58 -37.17
CA ASP J 11 -56.84 -36.30 -37.71
C ASP J 11 -56.42 -34.89 -37.31
N THR J 12 -55.23 -34.77 -36.69
CA THR J 12 -54.66 -33.48 -36.38
C THR J 12 -53.31 -33.28 -37.06
N SER J 13 -53.04 -34.03 -38.11
CA SER J 13 -51.88 -33.74 -38.94
C SER J 13 -52.08 -32.40 -39.64
N ALA J 14 -50.97 -31.73 -39.91
CA ALA J 14 -51.03 -30.40 -40.51
C ALA J 14 -51.66 -30.40 -41.90
N SER J 15 -51.77 -31.57 -42.56
CA SER J 15 -52.52 -31.67 -43.81
C SER J 15 -53.99 -31.31 -43.64
N MET J 16 -54.52 -31.36 -42.41
CA MET J 16 -55.91 -31.00 -42.18
C MET J 16 -56.14 -29.50 -42.18
N ASN J 17 -55.12 -28.70 -42.51
CA ASN J 17 -55.30 -27.27 -42.70
C ASN J 17 -55.68 -26.92 -44.13
N GLN J 18 -55.80 -27.91 -45.01
CA GLN J 18 -56.20 -27.65 -46.39
C GLN J 18 -57.61 -27.06 -46.42
N ARG J 19 -57.79 -26.03 -47.23
CA ARG J 19 -59.11 -25.43 -47.37
C ARG J 19 -59.90 -26.12 -48.48
N SER J 20 -61.19 -25.85 -48.49
CA SER J 20 -62.12 -26.32 -49.51
C SER J 20 -62.96 -25.14 -49.98
N HIS J 21 -63.86 -25.41 -50.93
CA HIS J 21 -64.76 -24.38 -51.43
C HIS J 21 -65.65 -23.79 -50.34
N LEU J 22 -65.87 -24.54 -49.25
CA LEU J 22 -66.57 -23.98 -48.08
C LEU J 22 -65.84 -22.79 -47.48
N GLY J 23 -64.53 -22.68 -47.70
CA GLY J 23 -63.72 -21.66 -47.09
C GLY J 23 -63.12 -22.06 -45.76
N THR J 24 -63.50 -23.21 -45.22
CA THR J 24 -63.00 -23.72 -43.96
C THR J 24 -62.00 -24.83 -44.20
N THR J 25 -61.12 -25.04 -43.22
CA THR J 25 -60.12 -26.10 -43.30
C THR J 25 -60.79 -27.46 -43.13
N TYR J 26 -60.01 -28.51 -43.44
CA TYR J 26 -60.52 -29.87 -43.26
C TYR J 26 -60.77 -30.18 -41.79
N LEU J 27 -59.95 -29.63 -40.88
CA LEU J 27 -60.19 -29.83 -39.46
C LEU J 27 -61.52 -29.22 -39.02
N ASP J 28 -61.87 -28.06 -39.59
CA ASP J 28 -63.16 -27.44 -39.31
C ASP J 28 -64.30 -28.32 -39.77
N THR J 29 -64.18 -28.90 -40.96
CA THR J 29 -65.22 -29.80 -41.46
C THR J 29 -65.28 -31.08 -40.64
N ALA J 30 -64.15 -31.52 -40.08
CA ALA J 30 -64.16 -32.69 -39.20
C ALA J 30 -64.89 -32.39 -37.90
N LYS J 31 -64.63 -31.23 -37.31
CA LYS J 31 -65.36 -30.81 -36.11
C LYS J 31 -66.85 -30.69 -36.39
N GLY J 32 -67.20 -30.08 -37.53
CA GLY J 32 -68.60 -29.99 -37.91
C GLY J 32 -69.23 -31.34 -38.18
N ALA J 33 -68.46 -32.28 -38.71
CA ALA J 33 -68.95 -33.63 -38.93
C ALA J 33 -69.25 -34.32 -37.61
N VAL J 34 -68.39 -34.14 -36.61
CA VAL J 34 -68.66 -34.70 -35.29
C VAL J 34 -69.90 -34.06 -34.67
N GLU J 35 -70.03 -32.73 -34.81
CA GLU J 35 -71.19 -32.03 -34.28
C GLU J 35 -72.49 -32.54 -34.91
N THR J 36 -72.49 -32.67 -36.25
CA THR J 36 -73.68 -33.14 -36.94
C THR J 36 -73.94 -34.62 -36.65
N PHE J 37 -72.90 -35.42 -36.46
CA PHE J 37 -73.09 -36.81 -36.03
C PHE J 37 -73.79 -36.86 -34.68
N MET J 38 -73.38 -36.00 -33.74
CA MET J 38 -74.06 -35.92 -32.46
C MET J 38 -75.52 -35.51 -32.62
N LYS J 39 -75.76 -34.51 -33.49
CA LYS J 39 -77.13 -34.04 -33.70
C LYS J 39 -78.01 -35.13 -34.28
N LEU J 40 -77.52 -35.87 -35.28
CA LEU J 40 -78.28 -36.96 -35.86
C LEU J 40 -78.47 -38.11 -34.88
N ARG J 41 -77.44 -38.41 -34.08
CA ARG J 41 -77.52 -39.47 -33.08
C ARG J 41 -78.57 -39.15 -32.03
N ALA J 42 -78.64 -37.88 -31.60
CA ALA J 42 -79.58 -37.47 -30.56
C ALA J 42 -81.04 -37.68 -30.94
N ARG J 43 -81.34 -37.84 -32.24
CA ARG J 43 -82.70 -38.11 -32.67
C ARG J 43 -83.23 -39.41 -32.09
N ASP J 44 -82.36 -40.42 -31.96
CA ASP J 44 -82.77 -41.71 -31.40
C ASP J 44 -82.91 -41.60 -29.88
N PRO J 45 -83.95 -42.19 -29.30
CA PRO J 45 -84.08 -42.22 -27.83
C PRO J 45 -82.93 -42.92 -27.13
N ALA J 46 -82.34 -43.94 -27.76
CA ALA J 46 -81.27 -44.72 -27.16
C ALA J 46 -79.97 -43.94 -26.99
N SER J 47 -79.87 -42.76 -27.61
CA SER J 47 -78.63 -41.98 -27.63
C SER J 47 -78.22 -41.44 -26.26
N ARG J 48 -79.13 -41.43 -25.28
CA ARG J 48 -78.77 -40.90 -23.96
C ARG J 48 -77.72 -41.73 -23.25
N GLY J 49 -77.53 -42.99 -23.66
CA GLY J 49 -76.62 -43.92 -23.02
C GLY J 49 -75.19 -43.96 -23.55
N ASP J 50 -74.88 -43.22 -24.62
CA ASP J 50 -73.55 -43.30 -25.20
C ASP J 50 -72.56 -42.40 -24.45
N ARG J 51 -71.28 -42.74 -24.59
CA ARG J 51 -70.20 -41.93 -24.04
C ARG J 51 -69.13 -41.76 -25.11
N TYR J 52 -68.79 -40.51 -25.39
CA TYR J 52 -67.89 -40.17 -26.49
C TYR J 52 -66.44 -40.16 -26.02
N MET J 53 -65.53 -40.46 -26.97
CA MET J 53 -64.10 -40.46 -26.71
C MET J 53 -63.39 -39.71 -27.83
N LEU J 54 -62.30 -39.05 -27.47
CA LEU J 54 -61.55 -38.24 -28.42
C LEU J 54 -60.08 -38.62 -28.36
N VAL J 55 -59.47 -38.86 -29.53
CA VAL J 55 -58.05 -39.16 -29.67
C VAL J 55 -57.59 -38.38 -30.91
N THR J 56 -56.35 -37.90 -30.87
CA THR J 56 -55.80 -37.08 -31.93
C THR J 56 -54.44 -37.61 -32.34
N PHE J 57 -53.85 -37.02 -33.37
CA PHE J 57 -52.56 -37.47 -33.88
C PHE J 57 -51.42 -36.69 -33.22
N GLU J 58 -51.40 -36.69 -31.89
CA GLU J 58 -50.35 -36.06 -31.11
C GLU J 58 -49.50 -37.14 -30.45
N GLU J 59 -48.58 -36.71 -29.59
CA GLU J 59 -47.73 -37.63 -28.86
C GLU J 59 -48.58 -38.44 -27.87
N PRO J 60 -48.09 -39.60 -27.42
CA PRO J 60 -48.89 -40.45 -26.48
C PRO J 60 -49.33 -39.72 -25.21
N PRO J 61 -48.49 -38.92 -24.53
CA PRO J 61 -49.00 -38.26 -23.31
C PRO J 61 -50.13 -37.27 -23.56
N TYR J 62 -50.29 -36.77 -24.79
CA TYR J 62 -51.34 -35.82 -25.11
C TYR J 62 -52.32 -36.30 -26.17
N ALA J 63 -52.17 -37.54 -26.67
CA ALA J 63 -53.04 -38.03 -27.74
C ALA J 63 -54.48 -38.15 -27.25
N ILE J 64 -54.66 -38.74 -26.08
CA ILE J 64 -56.00 -38.89 -25.51
C ILE J 64 -56.34 -37.61 -24.75
N LYS J 65 -57.46 -36.99 -25.12
CA LYS J 65 -57.92 -35.79 -24.46
C LYS J 65 -59.38 -35.88 -24.01
N ALA J 66 -60.07 -36.96 -24.35
CA ALA J 66 -61.37 -37.28 -23.75
C ALA J 66 -61.45 -38.80 -23.67
N GLY J 67 -61.07 -39.33 -22.50
CA GLY J 67 -61.10 -40.76 -22.24
C GLY J 67 -62.29 -41.14 -21.39
N TRP J 68 -62.07 -42.07 -20.47
CA TRP J 68 -63.12 -42.44 -19.54
C TRP J 68 -63.18 -41.39 -18.43
N LYS J 69 -64.33 -41.36 -17.73
CA LYS J 69 -64.57 -40.45 -16.61
C LYS J 69 -64.49 -38.99 -17.05
N GLU J 70 -64.86 -38.72 -18.29
CA GLU J 70 -64.87 -37.38 -18.87
C GLU J 70 -66.29 -37.04 -19.30
N ASN J 71 -66.82 -35.94 -18.77
CA ASN J 71 -68.17 -35.52 -19.07
C ASN J 71 -68.26 -34.95 -20.50
N HIS J 72 -69.50 -34.75 -20.95
CA HIS J 72 -69.75 -34.30 -22.31
C HIS J 72 -69.20 -32.89 -22.56
N ALA J 73 -69.31 -32.01 -21.56
CA ALA J 73 -68.82 -30.63 -21.70
C ALA J 73 -67.32 -30.61 -21.94
N THR J 74 -66.57 -31.45 -21.22
CA THR J 74 -65.14 -31.56 -21.44
C THR J 74 -64.82 -32.04 -22.85
N PHE J 75 -65.61 -33.00 -23.35
CA PHE J 75 -65.44 -33.48 -24.73
C PHE J 75 -65.62 -32.34 -25.71
N MET J 76 -66.70 -31.56 -25.55
CA MET J 76 -66.97 -30.47 -26.48
C MET J 76 -65.86 -29.41 -26.42
N ASN J 77 -65.41 -29.08 -25.19
CA ASN J 77 -64.36 -28.08 -25.04
C ASN J 77 -63.06 -28.54 -25.69
N GLU J 78 -62.71 -29.82 -25.53
CA GLU J 78 -61.52 -30.35 -26.18
C GLU J 78 -61.68 -30.38 -27.69
N LEU J 79 -62.87 -30.73 -28.18
CA LEU J 79 -63.11 -30.82 -29.62
C LEU J 79 -63.01 -29.47 -30.30
N LYS J 80 -63.48 -28.40 -29.65
CA LYS J 80 -63.40 -27.07 -30.23
C LYS J 80 -61.95 -26.64 -30.42
N ASN J 81 -61.12 -26.84 -29.40
CA ASN J 81 -59.75 -26.33 -29.40
C ASN J 81 -58.76 -27.39 -29.91
N LEU J 82 -59.01 -27.87 -31.13
CA LEU J 82 -58.09 -28.79 -31.79
C LEU J 82 -57.25 -28.04 -32.80
N GLN J 83 -55.94 -28.26 -32.76
CA GLN J 83 -54.99 -27.66 -33.69
C GLN J 83 -54.35 -28.75 -34.54
N ALA J 84 -54.43 -28.59 -35.86
CA ALA J 84 -53.85 -29.54 -36.80
C ALA J 84 -52.40 -29.15 -37.03
N GLU J 85 -51.49 -29.77 -36.26
CA GLU J 85 -50.08 -29.39 -36.30
C GLU J 85 -49.09 -30.54 -36.24
N GLY J 86 -49.54 -31.80 -36.26
CA GLY J 86 -48.65 -32.93 -36.13
C GLY J 86 -48.37 -33.64 -37.46
N LEU J 87 -47.71 -34.79 -37.35
CA LEU J 87 -47.54 -35.69 -38.48
C LEU J 87 -48.81 -36.49 -38.70
N THR J 88 -48.87 -37.18 -39.84
CA THR J 88 -49.94 -38.14 -40.09
C THR J 88 -49.55 -39.51 -39.52
N THR J 89 -49.29 -39.52 -38.22
CA THR J 89 -48.92 -40.75 -37.50
C THR J 89 -50.17 -41.59 -37.22
N LEU J 90 -50.74 -42.11 -38.31
CA LEU J 90 -52.01 -42.84 -38.23
C LEU J 90 -51.86 -44.13 -37.43
N GLY J 91 -50.76 -44.86 -37.66
CA GLY J 91 -50.59 -46.14 -36.99
C GLY J 91 -50.46 -46.03 -35.49
N GLN J 92 -49.60 -45.13 -35.01
CA GLN J 92 -49.38 -44.97 -33.58
C GLN J 92 -50.65 -44.48 -32.89
N SER J 93 -51.34 -43.52 -33.51
CA SER J 93 -52.58 -42.99 -32.93
C SER J 93 -53.66 -44.06 -32.90
N LEU J 94 -53.76 -44.87 -33.97
CA LEU J 94 -54.74 -45.94 -34.00
C LEU J 94 -54.44 -46.98 -32.92
N ARG J 95 -53.16 -47.29 -32.72
CA ARG J 95 -52.76 -48.17 -31.63
C ARG J 95 -53.14 -47.58 -30.28
N THR J 96 -52.94 -46.28 -30.11
CA THR J 96 -53.34 -45.61 -28.87
C THR J 96 -54.85 -45.71 -28.66
N ALA J 97 -55.63 -45.54 -29.73
CA ALA J 97 -57.08 -45.62 -29.63
C ALA J 97 -57.53 -47.02 -29.24
N PHE J 98 -56.95 -48.04 -29.89
CA PHE J 98 -57.31 -49.42 -29.55
C PHE J 98 -56.89 -49.79 -28.13
N ASP J 99 -55.71 -49.33 -27.70
CA ASP J 99 -55.27 -49.58 -26.33
C ASP J 99 -56.17 -48.88 -25.32
N LEU J 100 -56.61 -47.67 -25.64
CA LEU J 100 -57.56 -46.98 -24.77
C LEU J 100 -58.87 -47.75 -24.66
N LEU J 101 -59.39 -48.25 -25.78
CA LEU J 101 -60.64 -49.01 -25.72
C LEU J 101 -60.48 -50.32 -24.96
N ASN J 102 -59.36 -51.01 -25.17
CA ASN J 102 -59.09 -52.27 -24.49
C ASN J 102 -58.42 -52.10 -23.14
N LEU J 103 -58.47 -50.89 -22.58
CA LEU J 103 -57.81 -50.64 -21.31
C LEU J 103 -58.48 -51.42 -20.18
N ASN J 104 -59.80 -51.43 -20.14
CA ASN J 104 -60.58 -51.99 -19.04
C ASN J 104 -61.04 -53.42 -19.28
N ARG J 105 -60.66 -54.06 -20.39
CA ARG J 105 -61.19 -55.38 -20.72
C ARG J 105 -60.72 -56.44 -19.73
N LEU J 106 -59.40 -56.50 -19.47
CA LEU J 106 -58.84 -57.55 -18.65
C LEU J 106 -59.27 -57.44 -17.18
N VAL J 107 -59.30 -56.21 -16.63
CA VAL J 107 -59.62 -56.03 -15.23
C VAL J 107 -61.03 -56.50 -14.92
N THR J 108 -61.97 -56.23 -15.82
CA THR J 108 -63.34 -56.73 -15.64
C THR J 108 -63.53 -58.11 -16.24
N GLY J 109 -62.52 -58.62 -16.96
CA GLY J 109 -62.56 -59.97 -17.52
C GLY J 109 -63.67 -60.19 -18.52
N ILE J 110 -64.02 -59.18 -19.31
CA ILE J 110 -65.06 -59.34 -20.32
C ILE J 110 -64.62 -60.33 -21.41
N ASP J 111 -63.35 -60.34 -21.76
CA ASP J 111 -62.82 -61.34 -22.69
C ASP J 111 -62.55 -62.63 -21.92
N ASN J 112 -63.46 -63.59 -22.03
CA ASN J 112 -63.31 -64.87 -21.33
C ASN J 112 -62.26 -65.70 -22.06
N TYR J 113 -60.99 -65.40 -21.78
CA TYR J 113 -59.91 -66.12 -22.42
C TYR J 113 -59.89 -67.57 -21.96
N GLY J 114 -59.73 -68.49 -22.90
CA GLY J 114 -59.71 -69.90 -22.59
C GLY J 114 -61.00 -70.46 -22.05
N GLN J 115 -62.11 -69.73 -22.19
CA GLN J 115 -63.43 -70.18 -21.74
C GLN J 115 -64.49 -69.84 -22.77
N GLY J 116 -64.15 -69.98 -24.05
CA GLY J 116 -65.07 -69.64 -25.12
C GLY J 116 -65.36 -68.16 -25.25
N ARG J 117 -65.99 -67.75 -26.34
CA ARG J 117 -66.31 -66.36 -26.57
C ARG J 117 -67.80 -66.13 -26.32
N ASN J 118 -68.11 -65.11 -25.52
CA ASN J 118 -69.48 -64.82 -25.11
C ASN J 118 -69.98 -63.57 -25.81
N PRO J 119 -70.87 -63.69 -26.81
CA PRO J 119 -71.43 -62.49 -27.45
C PRO J 119 -72.17 -61.56 -26.51
N PHE J 120 -72.69 -62.08 -25.40
CA PHE J 120 -73.40 -61.27 -24.42
C PHE J 120 -72.47 -60.51 -23.48
N PHE J 121 -71.19 -60.86 -23.44
CA PHE J 121 -70.18 -60.05 -22.75
C PHE J 121 -69.46 -59.20 -23.78
N LEU J 122 -70.08 -58.07 -24.11
CA LEU J 122 -69.53 -57.15 -25.09
C LEU J 122 -69.61 -55.72 -24.57
N GLU J 123 -68.70 -54.89 -25.06
CA GLU J 123 -68.65 -53.45 -24.74
C GLU J 123 -68.62 -52.73 -26.08
N PRO J 124 -69.77 -52.56 -26.73
CA PRO J 124 -69.78 -52.18 -28.16
C PRO J 124 -69.22 -50.80 -28.40
N ALA J 125 -68.21 -50.73 -29.28
CA ALA J 125 -67.57 -49.48 -29.64
C ALA J 125 -67.27 -49.46 -31.13
N ILE J 126 -67.33 -48.26 -31.71
CA ILE J 126 -66.89 -48.01 -33.08
C ILE J 126 -65.97 -46.80 -33.06
N ILE J 127 -64.90 -46.85 -33.85
CA ILE J 127 -63.94 -45.77 -33.94
C ILE J 127 -64.18 -45.06 -35.27
N ILE J 128 -64.63 -43.82 -35.20
CA ILE J 128 -64.85 -43.00 -36.39
C ILE J 128 -63.64 -42.11 -36.57
N THR J 129 -62.74 -42.49 -37.48
CA THR J 129 -61.53 -41.73 -37.75
C THR J 129 -61.80 -40.81 -38.95
N ILE J 130 -61.83 -39.52 -38.69
CA ILE J 130 -62.03 -38.51 -39.72
C ILE J 130 -60.65 -38.00 -40.12
N THR J 131 -60.32 -38.11 -41.40
CA THR J 131 -58.98 -37.77 -41.88
C THR J 131 -59.06 -37.34 -43.33
N ASP J 132 -57.98 -36.74 -43.80
CA ASP J 132 -57.79 -36.47 -45.21
C ASP J 132 -57.12 -37.65 -45.90
N GLY J 133 -56.97 -37.57 -47.22
CA GLY J 133 -56.36 -38.65 -47.96
C GLY J 133 -54.85 -38.64 -48.10
N SER J 134 -54.17 -37.61 -47.61
CA SER J 134 -52.72 -37.48 -47.81
C SER J 134 -51.98 -38.62 -47.12
N LYS J 135 -50.85 -39.00 -47.70
CA LYS J 135 -50.11 -40.19 -47.29
C LYS J 135 -49.59 -40.04 -45.86
N LEU J 136 -49.31 -41.19 -45.24
CA LEU J 136 -48.83 -41.20 -43.87
C LEU J 136 -47.42 -40.63 -43.77
N THR J 137 -47.16 -39.89 -42.70
CA THR J 137 -45.87 -39.26 -42.48
C THR J 137 -45.39 -39.50 -41.06
N THR J 138 -44.07 -39.63 -40.93
CA THR J 138 -43.38 -39.69 -39.65
C THR J 138 -42.09 -38.89 -39.81
N THR J 139 -41.42 -38.64 -38.68
CA THR J 139 -40.19 -37.86 -38.69
C THR J 139 -39.11 -38.50 -39.58
N SER J 140 -39.12 -39.83 -39.71
CA SER J 140 -38.17 -40.49 -40.59
C SER J 140 -38.51 -40.24 -42.05
N GLY J 141 -39.80 -40.28 -42.38
CA GLY J 141 -40.21 -40.13 -43.77
C GLY J 141 -41.67 -40.49 -43.95
N VAL J 142 -42.04 -40.75 -45.20
CA VAL J 142 -43.38 -41.21 -45.55
C VAL J 142 -43.41 -42.73 -45.53
N GLN J 143 -44.40 -43.30 -44.85
CA GLN J 143 -44.48 -44.75 -44.68
C GLN J 143 -45.21 -45.45 -45.81
N ASP J 144 -46.19 -44.78 -46.43
CA ASP J 144 -46.94 -45.23 -47.61
C ASP J 144 -47.61 -46.60 -47.44
N GLU J 145 -47.75 -47.08 -46.20
CA GLU J 145 -48.47 -48.30 -45.88
C GLU J 145 -48.71 -48.39 -44.38
N LEU J 146 -49.96 -48.58 -43.99
CA LEU J 146 -50.34 -48.49 -42.57
C LEU J 146 -49.81 -49.70 -41.81
N HIS J 147 -49.03 -49.45 -40.76
CA HIS J 147 -48.50 -50.48 -39.89
C HIS J 147 -48.74 -50.06 -38.46
N LEU J 148 -49.48 -50.88 -37.71
CA LEU J 148 -49.69 -50.63 -36.29
C LEU J 148 -48.44 -50.98 -35.51
N PRO J 149 -47.86 -50.07 -34.73
CA PRO J 149 -46.71 -50.42 -33.90
C PRO J 149 -47.11 -51.15 -32.62
N LEU J 150 -46.22 -52.02 -32.18
CA LEU J 150 -46.40 -52.84 -30.98
C LEU J 150 -45.21 -52.68 -30.04
N ASN J 151 -44.63 -51.47 -29.97
CA ASN J 151 -43.39 -51.30 -29.22
C ASN J 151 -43.60 -51.44 -27.71
N SER J 152 -44.74 -51.01 -27.20
CA SER J 152 -45.02 -51.04 -25.76
C SER J 152 -46.38 -51.68 -25.54
N PRO J 153 -46.49 -53.01 -25.69
CA PRO J 153 -47.79 -53.67 -25.56
C PRO J 153 -48.40 -53.51 -24.17
N LEU J 154 -49.72 -53.36 -24.15
CA LEU J 154 -50.46 -53.43 -22.91
C LEU J 154 -50.37 -54.87 -22.39
N PRO J 155 -50.36 -55.06 -21.06
CA PRO J 155 -50.22 -56.42 -20.52
C PRO J 155 -51.36 -57.33 -20.98
N GLY J 156 -51.02 -58.57 -21.30
CA GLY J 156 -51.99 -59.53 -21.78
C GLY J 156 -52.43 -59.35 -23.22
N SER J 157 -51.77 -58.46 -23.98
CA SER J 157 -52.19 -58.20 -25.35
C SER J 157 -51.98 -59.40 -26.27
N GLU J 158 -50.95 -60.24 -26.01
CA GLU J 158 -50.63 -61.35 -26.90
C GLU J 158 -51.74 -62.40 -26.96
N LEU J 159 -52.67 -62.39 -25.99
CA LEU J 159 -53.71 -63.40 -25.94
C LEU J 159 -54.68 -63.27 -27.13
N THR J 160 -54.83 -62.05 -27.67
CA THR J 160 -55.71 -61.83 -28.81
C THR J 160 -54.92 -61.60 -30.11
N LYS J 161 -53.62 -61.26 -29.99
CA LYS J 161 -52.64 -61.08 -31.09
C LYS J 161 -53.12 -60.16 -32.20
N GLU J 162 -54.07 -59.26 -31.91
CA GLU J 162 -54.60 -58.26 -32.83
C GLU J 162 -55.07 -57.09 -31.95
N PRO J 163 -54.76 -55.85 -32.31
CA PRO J 163 -55.18 -54.70 -31.50
C PRO J 163 -56.70 -54.55 -31.42
N PHE J 164 -57.36 -54.48 -32.57
CA PHE J 164 -58.82 -54.42 -32.59
C PHE J 164 -59.42 -55.69 -32.02
N ARG J 165 -60.51 -55.54 -31.29
CA ARG J 165 -61.12 -56.64 -30.55
C ARG J 165 -62.40 -57.11 -31.23
N TRP J 166 -63.07 -58.06 -30.57
CA TRP J 166 -64.24 -58.72 -31.11
C TRP J 166 -65.37 -57.75 -31.40
N ASP J 167 -65.60 -56.80 -30.51
CA ASP J 167 -66.77 -55.94 -30.53
C ASP J 167 -66.44 -54.51 -30.96
N GLN J 168 -65.42 -54.35 -31.79
CA GLN J 168 -64.93 -53.04 -32.20
C GLN J 168 -64.88 -52.97 -33.72
N ARG J 169 -65.12 -51.77 -34.25
CA ARG J 169 -65.12 -51.53 -35.69
C ARG J 169 -64.54 -50.15 -35.96
N LEU J 170 -63.99 -49.98 -37.17
CA LEU J 170 -63.30 -48.76 -37.57
C LEU J 170 -63.93 -48.24 -38.86
N PHE J 171 -64.61 -47.11 -38.77
CA PHE J 171 -65.20 -46.44 -39.91
C PHE J 171 -64.39 -45.19 -40.22
N ALA J 172 -63.79 -45.15 -41.40
CA ALA J 172 -62.97 -44.01 -41.81
C ALA J 172 -63.80 -43.04 -42.63
N LEU J 173 -63.70 -41.76 -42.31
CA LEU J 173 -64.42 -40.72 -43.01
C LEU J 173 -63.35 -39.88 -43.67
N VAL J 174 -62.94 -40.30 -44.87
CA VAL J 174 -61.82 -39.67 -45.57
C VAL J 174 -62.34 -38.42 -46.29
N LEU J 175 -61.90 -37.26 -45.84
CA LEU J 175 -62.34 -36.00 -46.44
C LEU J 175 -61.56 -35.75 -47.72
N ARG J 176 -62.27 -35.65 -48.84
CA ARG J 176 -61.69 -35.40 -50.14
C ARG J 176 -62.34 -34.20 -50.80
N LEU J 177 -62.69 -33.20 -50.00
CA LEU J 177 -63.39 -32.03 -50.52
C LEU J 177 -62.45 -31.22 -51.40
N PRO J 178 -62.75 -31.05 -52.69
CA PRO J 178 -61.82 -30.33 -53.56
C PRO J 178 -61.78 -28.85 -53.21
N GLY J 179 -60.66 -28.22 -53.55
CA GLY J 179 -60.49 -26.81 -53.31
C GLY J 179 -61.49 -25.98 -54.07
N THR J 180 -61.37 -25.98 -55.39
CA THR J 180 -62.36 -25.33 -56.24
C THR J 180 -63.57 -26.23 -56.43
N MET J 181 -64.75 -25.63 -56.41
CA MET J 181 -65.99 -26.39 -56.57
C MET J 181 -66.03 -27.03 -57.95
N SER J 182 -66.45 -28.30 -57.97
CA SER J 182 -66.60 -29.07 -59.20
C SER J 182 -67.94 -29.79 -59.13
N VAL J 183 -68.99 -29.15 -59.64
CA VAL J 183 -70.31 -29.75 -59.63
C VAL J 183 -70.34 -30.94 -60.57
N GLU J 184 -70.79 -32.09 -60.06
CA GLU J 184 -70.83 -33.32 -60.84
C GLU J 184 -72.16 -34.02 -60.60
N SER J 185 -72.80 -34.45 -61.69
CA SER J 185 -74.02 -35.25 -61.57
C SER J 185 -73.77 -36.64 -61.02
N GLU J 186 -72.51 -37.11 -61.08
CA GLU J 186 -72.15 -38.40 -60.51
C GLU J 186 -72.27 -38.43 -58.99
N GLN J 187 -72.31 -37.26 -58.34
CA GLN J 187 -72.42 -37.19 -56.89
C GLN J 187 -73.73 -37.77 -56.36
N LEU J 188 -74.77 -37.84 -57.19
CA LEU J 188 -76.06 -38.38 -56.76
C LEU J 188 -76.00 -39.88 -56.44
N THR J 189 -74.96 -40.58 -56.86
CA THR J 189 -74.82 -41.99 -56.60
C THR J 189 -74.37 -42.22 -55.15
N GLY J 190 -74.29 -43.49 -54.75
CA GLY J 190 -73.91 -43.82 -53.40
C GLY J 190 -72.46 -43.48 -53.09
N VAL J 191 -72.18 -43.37 -51.80
CA VAL J 191 -70.83 -43.01 -51.33
C VAL J 191 -69.87 -44.14 -51.68
N PRO J 192 -68.73 -43.86 -52.32
CA PRO J 192 -67.81 -44.91 -52.70
C PRO J 192 -66.77 -45.20 -51.63
N LEU J 193 -66.04 -46.30 -51.83
CA LEU J 193 -64.95 -46.65 -50.94
C LEU J 193 -63.68 -45.92 -51.33
N ASP J 194 -62.85 -45.64 -50.33
CA ASP J 194 -61.61 -44.90 -50.53
C ASP J 194 -60.45 -45.86 -50.79
N ASP J 195 -59.44 -45.38 -51.50
CA ASP J 195 -58.26 -46.17 -51.81
C ASP J 195 -57.08 -45.97 -50.85
N SER J 196 -57.22 -45.15 -49.81
CA SER J 196 -56.11 -44.79 -48.94
C SER J 196 -55.67 -45.99 -48.10
N ALA J 197 -54.62 -45.77 -47.29
CA ALA J 197 -54.04 -46.83 -46.49
C ALA J 197 -54.96 -47.31 -45.37
N ILE J 198 -55.98 -46.54 -45.01
CA ILE J 198 -56.84 -46.92 -43.89
C ILE J 198 -57.90 -47.93 -44.30
N THR J 199 -58.20 -48.04 -45.61
CA THR J 199 -59.31 -48.90 -46.05
C THR J 199 -59.10 -50.39 -45.72
N PRO J 200 -57.92 -51.02 -45.95
CA PRO J 200 -57.78 -52.42 -45.52
C PRO J 200 -57.96 -52.63 -44.02
N MET J 201 -57.46 -51.69 -43.21
CA MET J 201 -57.60 -51.78 -41.76
C MET J 201 -59.06 -51.63 -41.34
N CYS J 202 -59.84 -50.84 -42.09
CA CYS J 202 -61.27 -50.76 -41.85
C CYS J 202 -61.97 -52.05 -42.24
N GLU J 203 -61.58 -52.64 -43.38
CA GLU J 203 -62.21 -53.85 -43.87
C GLU J 203 -61.99 -55.04 -42.95
N VAL J 204 -60.77 -55.20 -42.43
CA VAL J 204 -60.47 -56.38 -41.60
C VAL J 204 -61.26 -56.36 -40.30
N THR J 205 -61.49 -55.18 -39.72
CA THR J 205 -62.14 -55.07 -38.42
C THR J 205 -63.66 -54.87 -38.55
N GLY J 206 -64.25 -55.23 -39.69
CA GLY J 206 -65.69 -55.19 -39.85
C GLY J 206 -66.26 -53.87 -40.33
N GLY J 207 -65.49 -52.78 -40.29
CA GLY J 207 -65.96 -51.49 -40.74
C GLY J 207 -65.66 -51.25 -42.20
N ARG J 208 -65.87 -50.01 -42.62
CA ARG J 208 -65.55 -49.60 -43.98
C ARG J 208 -65.20 -48.12 -43.99
N SER J 209 -64.45 -47.73 -45.02
CA SER J 209 -64.06 -46.33 -45.18
C SER J 209 -65.10 -45.59 -46.02
N TYR J 210 -65.04 -44.26 -45.96
CA TYR J 210 -65.91 -43.42 -46.76
C TYR J 210 -65.11 -42.28 -47.35
N SER J 211 -65.37 -41.97 -48.62
CA SER J 211 -64.65 -40.93 -49.35
C SER J 211 -65.64 -39.83 -49.75
N VAL J 212 -65.84 -38.86 -48.86
CA VAL J 212 -66.76 -37.76 -49.14
C VAL J 212 -66.06 -36.71 -50.00
N CYS J 213 -66.80 -36.16 -50.96
CA CYS J 213 -66.25 -35.17 -51.88
C CYS J 213 -67.12 -33.93 -52.01
N SER J 214 -68.04 -33.72 -51.08
CA SER J 214 -68.95 -32.59 -51.08
C SER J 214 -69.72 -32.58 -49.77
N PRO J 215 -70.23 -31.41 -49.33
CA PRO J 215 -70.98 -31.37 -48.06
C PRO J 215 -72.22 -32.26 -48.05
N ARG J 216 -72.93 -32.37 -49.17
CA ARG J 216 -74.10 -33.24 -49.20
C ARG J 216 -73.68 -34.71 -49.09
N MET J 217 -72.55 -35.07 -49.70
CA MET J 217 -72.02 -36.43 -49.54
C MET J 217 -71.56 -36.65 -48.11
N LEU J 218 -71.04 -35.60 -47.46
CA LEU J 218 -70.70 -35.69 -46.04
C LEU J 218 -71.94 -35.95 -45.20
N ASN J 219 -73.04 -35.26 -45.50
CA ASN J 219 -74.28 -35.49 -44.75
C ASN J 219 -74.82 -36.90 -44.99
N GLN J 220 -74.74 -37.37 -46.23
CA GLN J 220 -75.15 -38.75 -46.53
C GLN J 220 -74.30 -39.76 -45.77
N CYS J 221 -72.99 -39.53 -45.73
CA CYS J 221 -72.09 -40.43 -45.01
C CYS J 221 -72.39 -40.43 -43.53
N LEU J 222 -72.66 -39.26 -42.94
CA LEU J 222 -72.97 -39.19 -41.52
C LEU J 222 -74.31 -39.83 -41.22
N GLU J 223 -75.28 -39.71 -42.12
CA GLU J 223 -76.55 -40.43 -41.96
C GLU J 223 -76.31 -41.93 -41.97
N SER J 224 -75.45 -42.40 -42.88
CA SER J 224 -75.12 -43.82 -42.94
C SER J 224 -74.40 -44.29 -41.68
N LEU J 225 -73.52 -43.45 -41.13
CA LEU J 225 -72.78 -43.79 -39.92
C LEU J 225 -73.69 -43.98 -38.72
N VAL J 226 -74.70 -43.10 -38.58
CA VAL J 226 -75.61 -43.18 -37.44
C VAL J 226 -76.39 -44.49 -37.48
N GLN J 227 -76.74 -44.95 -38.68
CA GLN J 227 -77.42 -46.23 -38.81
C GLN J 227 -76.49 -47.41 -38.55
N LYS J 228 -75.17 -47.20 -38.57
CA LYS J 228 -74.22 -48.28 -38.43
C LYS J 228 -73.73 -48.47 -37.01
N VAL J 229 -74.17 -47.65 -36.06
CA VAL J 229 -73.87 -47.89 -34.65
C VAL J 229 -74.98 -48.76 -34.06
N GLN J 230 -74.58 -49.90 -33.50
CA GLN J 230 -75.50 -50.88 -32.95
C GLN J 230 -74.70 -51.89 -32.15
N SER J 231 -75.22 -52.25 -30.97
CA SER J 231 -74.53 -53.17 -30.09
C SER J 231 -74.43 -54.55 -30.74
N GLY J 232 -73.22 -55.06 -30.88
CA GLY J 232 -73.03 -56.36 -31.50
C GLY J 232 -71.55 -56.68 -31.61
N VAL J 233 -71.28 -57.88 -32.12
CA VAL J 233 -69.92 -58.37 -32.32
C VAL J 233 -69.74 -58.76 -33.77
N VAL J 234 -68.49 -58.83 -34.19
CA VAL J 234 -68.12 -59.10 -35.58
C VAL J 234 -67.58 -60.51 -35.68
N ILE J 235 -68.13 -61.30 -36.59
CA ILE J 235 -67.74 -62.68 -36.81
C ILE J 235 -67.31 -62.84 -38.27
N ASN J 236 -66.19 -63.52 -38.48
CA ASN J 236 -65.72 -63.88 -39.81
C ASN J 236 -66.35 -65.21 -40.20
N PHE J 237 -67.02 -65.23 -41.35
CA PHE J 237 -67.68 -66.41 -41.86
C PHE J 237 -66.85 -67.01 -42.99
N GLU J 238 -67.04 -68.32 -43.21
CA GLU J 238 -66.28 -69.04 -44.22
C GLU J 238 -67.11 -70.21 -44.71
N LYS J 239 -67.10 -70.46 -46.01
CA LYS J 239 -67.84 -71.59 -46.57
C LYS J 239 -67.01 -72.85 -46.41
N ALA J 240 -67.50 -73.78 -45.60
CA ALA J 240 -66.82 -75.04 -45.37
C ALA J 240 -67.18 -76.05 -46.43
N GLY J 241 -66.19 -76.84 -46.87
CA GLY J 241 -66.39 -77.84 -47.88
C GLY J 241 -66.49 -77.22 -49.26
N PRO J 242 -67.07 -77.96 -50.20
CA PRO J 242 -67.27 -77.41 -51.56
C PRO J 242 -68.17 -76.18 -51.54
N ASP J 243 -67.64 -75.07 -52.05
CA ASP J 243 -68.41 -73.85 -52.07
C ASP J 243 -69.53 -73.95 -53.11
N PRO J 244 -70.59 -73.12 -52.97
CA PRO J 244 -71.66 -73.18 -53.98
C PRO J 244 -71.27 -72.63 -55.34
N SER J 260 -64.17 -66.04 -56.67
CA SER J 260 -65.16 -66.22 -55.62
C SER J 260 -65.83 -64.90 -55.25
N GLN J 261 -67.16 -64.91 -55.19
CA GLN J 261 -67.91 -63.72 -54.83
C GLN J 261 -67.69 -63.38 -53.35
N PRO J 262 -67.95 -62.13 -52.94
CA PRO J 262 -67.67 -61.75 -51.53
C PRO J 262 -68.48 -62.50 -50.48
N TRP J 263 -69.64 -63.07 -50.84
CA TRP J 263 -70.46 -63.77 -49.85
C TRP J 263 -69.85 -65.08 -49.37
N HIS J 264 -68.81 -65.59 -50.04
CA HIS J 264 -68.14 -66.81 -49.58
C HIS J 264 -67.52 -66.61 -48.20
N SER J 265 -66.86 -65.47 -47.99
CA SER J 265 -66.20 -65.20 -46.71
C SER J 265 -66.10 -63.69 -46.53
N CYS J 266 -66.81 -63.18 -45.52
CA CYS J 266 -66.83 -61.75 -45.26
C CYS J 266 -67.10 -61.50 -43.78
N HIS J 267 -66.40 -60.52 -43.21
CA HIS J 267 -66.68 -60.11 -41.84
C HIS J 267 -68.06 -59.48 -41.75
N LYS J 268 -68.81 -59.87 -40.72
CA LYS J 268 -70.18 -59.40 -40.58
C LYS J 268 -70.53 -59.28 -39.11
N LEU J 269 -71.59 -58.52 -38.83
CA LEU J 269 -72.02 -58.20 -37.48
C LEU J 269 -73.29 -58.98 -37.15
N ILE J 270 -73.44 -59.33 -35.88
CA ILE J 270 -74.68 -59.90 -35.36
C ILE J 270 -75.14 -59.02 -34.21
N TYR J 271 -76.43 -58.71 -34.18
CA TYR J 271 -76.95 -57.82 -33.16
C TYR J 271 -77.18 -58.61 -31.88
N VAL J 272 -76.65 -58.08 -30.77
CA VAL J 272 -76.82 -58.69 -29.46
C VAL J 272 -77.79 -57.82 -28.67
N ARG J 273 -79.06 -58.16 -28.73
CA ARG J 273 -80.04 -57.37 -28.02
C ARG J 273 -80.16 -57.84 -26.57
N PRO J 274 -80.44 -56.93 -25.64
CA PRO J 274 -80.63 -57.34 -24.25
C PRO J 274 -82.07 -57.77 -23.97
N ASN J 275 -82.24 -58.41 -22.82
CA ASN J 275 -83.53 -58.91 -22.32
C ASN J 275 -84.17 -59.91 -23.27
N VAL J 280 -79.79 -55.81 -19.27
CA VAL J 280 -78.45 -55.99 -19.78
C VAL J 280 -78.47 -57.20 -20.73
N PRO J 281 -77.41 -57.43 -21.53
CA PRO J 281 -77.39 -58.64 -22.38
C PRO J 281 -77.40 -59.91 -21.54
N ILE J 282 -78.05 -60.94 -22.08
CA ILE J 282 -78.15 -62.23 -21.42
C ILE J 282 -77.97 -63.33 -22.45
N GLY J 283 -77.19 -64.34 -22.10
CA GLY J 283 -77.04 -65.52 -22.93
C GLY J 283 -76.33 -66.62 -22.19
N HIS J 284 -76.40 -67.82 -22.75
CA HIS J 284 -75.95 -69.01 -22.06
C HIS J 284 -74.74 -69.66 -22.75
N TRP J 285 -74.86 -70.00 -24.04
CA TRP J 285 -73.83 -70.79 -24.71
C TRP J 285 -72.74 -69.87 -25.26
N PRO J 286 -71.49 -70.04 -24.86
CA PRO J 286 -70.40 -69.30 -25.51
C PRO J 286 -69.99 -69.91 -26.83
N VAL J 287 -69.52 -69.06 -27.73
CA VAL J 287 -68.95 -69.53 -29.00
C VAL J 287 -67.67 -70.30 -28.70
N PRO J 288 -67.44 -71.48 -29.30
CA PRO J 288 -66.26 -72.26 -28.93
C PRO J 288 -64.95 -71.61 -29.35
N GLU J 289 -63.89 -71.94 -28.62
CA GLU J 289 -62.55 -71.46 -28.95
C GLU J 289 -62.05 -72.10 -30.25
N SER J 290 -60.91 -71.62 -30.69
CA SER J 290 -60.23 -72.15 -31.87
C SER J 290 -59.19 -73.21 -31.52
N PHE J 291 -59.11 -73.61 -30.26
CA PHE J 291 -58.14 -74.61 -29.82
C PHE J 291 -58.80 -75.55 -28.82
N TRP J 292 -58.24 -76.74 -28.69
CA TRP J 292 -58.70 -77.68 -27.69
C TRP J 292 -58.04 -77.35 -26.36
N PRO J 293 -58.81 -77.00 -25.32
CA PRO J 293 -58.19 -76.70 -24.02
C PRO J 293 -57.53 -77.92 -23.40
N ASP J 294 -56.49 -77.66 -22.62
CA ASP J 294 -55.80 -78.72 -21.88
C ASP J 294 -55.09 -78.06 -20.70
N GLN J 295 -55.14 -78.74 -19.55
CA GLN J 295 -54.60 -78.20 -18.30
C GLN J 295 -53.08 -78.24 -18.23
N ASN J 296 -52.41 -78.97 -19.14
CA ASN J 296 -50.97 -79.12 -19.04
C ASN J 296 -50.19 -77.96 -19.65
N SER J 297 -50.74 -77.29 -20.66
CA SER J 297 -49.99 -76.25 -21.35
C SER J 297 -49.73 -75.05 -20.43
N PRO J 298 -48.56 -74.42 -20.53
CA PRO J 298 -48.28 -73.26 -19.65
C PRO J 298 -49.12 -72.05 -20.01
N THR J 299 -49.33 -71.77 -21.30
CA THR J 299 -50.00 -70.57 -21.76
C THR J 299 -51.05 -70.94 -22.79
N LEU J 300 -52.11 -70.14 -22.84
CA LEU J 300 -53.15 -70.34 -23.84
C LEU J 300 -52.63 -69.94 -25.22
N PRO J 301 -53.16 -70.55 -26.28
CA PRO J 301 -52.83 -70.09 -27.63
C PRO J 301 -53.42 -68.72 -27.88
N PRO J 302 -52.84 -67.93 -28.77
CA PRO J 302 -53.45 -66.64 -29.12
C PRO J 302 -54.63 -66.83 -30.07
N ARG J 303 -55.76 -66.24 -29.71
CA ARG J 303 -56.99 -66.40 -30.48
C ARG J 303 -57.23 -65.16 -31.33
N THR J 304 -57.57 -65.38 -32.60
CA THR J 304 -57.89 -64.27 -33.49
C THR J 304 -59.10 -63.51 -32.95
N SER J 305 -59.08 -62.18 -33.12
CA SER J 305 -60.12 -61.34 -32.53
C SER J 305 -61.50 -61.70 -33.08
N HIS J 306 -61.58 -62.00 -34.36
CA HIS J 306 -62.84 -62.40 -34.97
C HIS J 306 -62.88 -63.92 -35.06
N PRO J 307 -63.82 -64.57 -34.38
CA PRO J 307 -63.88 -66.04 -34.45
C PRO J 307 -64.32 -66.55 -35.81
N VAL J 308 -63.41 -67.18 -36.54
CA VAL J 308 -63.72 -67.64 -37.88
C VAL J 308 -64.59 -68.89 -37.80
N VAL J 309 -65.89 -68.70 -37.97
CA VAL J 309 -66.86 -69.78 -37.95
C VAL J 309 -67.07 -70.25 -39.39
N LYS J 310 -67.06 -71.56 -39.59
CA LYS J 310 -67.24 -72.15 -40.90
C LYS J 310 -68.61 -72.78 -41.00
N PHE J 311 -69.35 -72.46 -42.06
CA PHE J 311 -70.70 -72.97 -42.26
C PHE J 311 -70.71 -74.00 -43.39
N SER J 312 -71.57 -75.00 -43.24
CA SER J 312 -71.73 -76.05 -44.23
C SER J 312 -72.97 -75.76 -45.07
N CYS J 313 -72.78 -75.72 -46.39
CA CYS J 313 -73.88 -75.38 -47.30
C CYS J 313 -74.98 -76.44 -47.33
N THR J 314 -74.69 -77.66 -46.85
CA THR J 314 -75.68 -78.73 -46.88
C THR J 314 -76.84 -78.41 -45.94
N ASP J 315 -78.05 -78.71 -46.39
CA ASP J 315 -79.23 -78.50 -45.57
C ASP J 315 -79.24 -79.45 -44.37
N CYS J 316 -79.82 -78.99 -43.27
CA CYS J 316 -79.92 -79.77 -42.05
C CYS J 316 -81.19 -79.40 -41.30
N GLU J 317 -81.60 -80.29 -40.39
CA GLU J 317 -82.81 -80.09 -39.60
C GLU J 317 -82.57 -79.12 -38.45
N PRO J 318 -83.30 -78.01 -38.37
CA PRO J 318 -83.20 -77.10 -37.21
C PRO J 318 -83.95 -77.62 -35.98
N MET J 319 -83.30 -78.54 -35.26
CA MET J 319 -83.94 -79.15 -34.11
C MET J 319 -83.97 -78.19 -32.93
N VAL J 320 -84.92 -78.43 -32.03
CA VAL J 320 -85.08 -77.63 -30.82
C VAL J 320 -85.95 -78.44 -29.86
N ILE J 321 -85.76 -78.20 -28.56
CA ILE J 321 -86.52 -78.88 -27.51
C ILE J 321 -86.99 -77.84 -26.51
N ASP J 322 -87.99 -78.21 -25.72
CA ASP J 322 -88.58 -77.30 -24.76
C ASP J 322 -87.61 -77.02 -23.61
N LYS J 323 -87.74 -75.82 -23.02
CA LYS J 323 -86.96 -75.39 -21.86
C LYS J 323 -85.46 -75.41 -22.14
N LEU J 324 -85.08 -75.20 -23.39
CA LEU J 324 -83.69 -75.22 -23.81
C LEU J 324 -83.14 -73.81 -23.84
N PRO J 325 -82.11 -73.49 -23.05
CA PRO J 325 -81.49 -72.18 -23.17
C PRO J 325 -80.75 -72.03 -24.49
N PHE J 326 -81.34 -71.27 -25.40
CA PHE J 326 -80.77 -71.03 -26.71
C PHE J 326 -80.86 -69.54 -27.02
N ASP J 327 -79.94 -69.05 -27.84
CA ASP J 327 -79.83 -67.64 -28.16
C ASP J 327 -80.02 -67.43 -29.65
N LYS J 328 -80.85 -66.44 -30.00
CA LYS J 328 -81.09 -66.05 -31.37
C LYS J 328 -80.39 -64.73 -31.61
N TYR J 329 -79.46 -64.72 -32.55
CA TYR J 329 -78.72 -63.52 -32.93
C TYR J 329 -78.97 -63.22 -34.39
N GLU J 330 -79.35 -61.99 -34.69
CA GLU J 330 -79.72 -61.58 -36.03
C GLU J 330 -78.53 -60.93 -36.73
N LEU J 331 -78.07 -61.54 -37.82
CA LEU J 331 -76.96 -61.01 -38.59
C LEU J 331 -77.34 -59.67 -39.20
N GLU J 332 -76.35 -58.79 -39.35
CA GLU J 332 -76.58 -57.53 -40.02
C GLU J 332 -76.94 -57.79 -41.49
N PRO J 333 -77.85 -57.02 -42.08
CA PRO J 333 -78.22 -57.30 -43.48
C PRO J 333 -77.07 -56.97 -44.42
N SER J 334 -76.81 -57.89 -45.34
CA SER J 334 -75.96 -57.67 -46.49
C SER J 334 -76.75 -58.05 -47.74
N PRO J 335 -76.54 -57.35 -48.87
CA PRO J 335 -77.45 -57.54 -50.01
C PRO J 335 -77.44 -58.94 -50.62
N LEU J 336 -76.26 -59.48 -50.93
CA LEU J 336 -76.20 -60.79 -51.59
C LEU J 336 -76.66 -61.92 -50.67
N THR J 337 -76.34 -61.84 -49.37
CA THR J 337 -76.78 -62.86 -48.43
C THR J 337 -78.31 -62.89 -48.33
N GLN J 338 -78.93 -61.71 -48.24
CA GLN J 338 -80.38 -61.63 -48.23
C GLN J 338 -80.97 -62.13 -49.54
N PHE J 339 -80.30 -61.79 -50.66
CA PHE J 339 -80.79 -62.18 -51.98
C PHE J 339 -80.80 -63.69 -52.15
N ILE J 340 -79.72 -64.35 -51.74
CA ILE J 340 -79.68 -65.81 -51.84
C ILE J 340 -80.63 -66.45 -50.83
N LEU J 341 -80.68 -65.92 -49.60
CA LEU J 341 -81.66 -66.36 -48.61
C LEU J 341 -83.08 -65.90 -48.92
N GLU J 342 -83.28 -65.02 -49.91
CA GLU J 342 -84.64 -64.68 -50.34
C GLU J 342 -85.39 -65.90 -50.85
N ARG J 343 -84.67 -66.90 -51.37
CA ARG J 343 -85.25 -68.19 -51.67
C ARG J 343 -85.90 -68.76 -50.43
N LYS J 344 -87.22 -68.94 -50.49
CA LYS J 344 -88.02 -69.30 -49.31
C LYS J 344 -87.64 -70.71 -48.84
N SER J 345 -86.86 -70.77 -47.77
CA SER J 345 -86.51 -72.03 -47.13
C SER J 345 -86.30 -71.87 -45.63
N PRO J 346 -87.27 -71.35 -44.86
CA PRO J 346 -87.05 -71.24 -43.40
C PRO J 346 -87.03 -72.58 -42.70
N GLN J 347 -87.72 -73.59 -43.25
CA GLN J 347 -87.79 -74.90 -42.59
C GLN J 347 -86.42 -75.57 -42.49
N THR J 348 -85.48 -75.23 -43.36
CA THR J 348 -84.14 -75.78 -43.32
C THR J 348 -83.13 -74.74 -42.84
N CYS J 349 -81.94 -75.22 -42.48
CA CYS J 349 -80.90 -74.36 -41.93
C CYS J 349 -79.53 -74.89 -42.31
N TRP J 350 -78.54 -74.01 -42.26
CA TRP J 350 -77.15 -74.34 -42.55
C TRP J 350 -76.38 -74.37 -41.24
N GLN J 351 -75.77 -75.52 -40.92
CA GLN J 351 -75.01 -75.67 -39.69
C GLN J 351 -73.73 -74.84 -39.74
N VAL J 352 -73.16 -74.58 -38.57
CA VAL J 352 -71.93 -73.81 -38.45
C VAL J 352 -71.06 -74.41 -37.36
N TYR J 353 -69.75 -74.50 -37.64
CA TYR J 353 -68.77 -74.97 -36.66
C TYR J 353 -67.48 -74.18 -36.81
N VAL J 354 -66.70 -74.13 -35.73
CA VAL J 354 -65.41 -73.45 -35.71
C VAL J 354 -64.30 -74.50 -35.82
N SER J 355 -63.32 -74.20 -36.68
CA SER J 355 -62.24 -75.15 -36.93
C SER J 355 -61.38 -75.33 -35.70
N ASN J 356 -60.74 -76.51 -35.60
CA ASN J 356 -59.77 -76.84 -34.55
C ASN J 356 -60.39 -76.71 -33.16
N SER J 357 -61.66 -77.11 -33.04
CA SER J 357 -62.33 -77.18 -31.75
C SER J 357 -62.41 -78.60 -31.20
N ALA J 358 -62.31 -79.61 -32.05
CA ALA J 358 -62.35 -80.99 -31.61
C ALA J 358 -60.95 -81.46 -31.20
N LYS J 359 -60.92 -82.36 -30.21
CA LYS J 359 -59.64 -82.86 -29.70
C LYS J 359 -58.86 -83.61 -30.77
N TYR J 360 -59.55 -84.28 -31.70
CA TYR J 360 -58.90 -85.05 -32.75
C TYR J 360 -59.10 -84.46 -34.13
N SER J 361 -60.35 -84.21 -34.52
CA SER J 361 -60.64 -83.70 -35.84
C SER J 361 -60.19 -82.25 -35.99
N GLU J 362 -59.83 -81.88 -37.21
CA GLU J 362 -59.47 -80.50 -37.53
C GLU J 362 -60.66 -79.68 -38.01
N LEU J 363 -61.86 -80.26 -38.02
CA LEU J 363 -63.06 -79.59 -38.49
C LEU J 363 -63.98 -79.18 -37.34
N GLY J 364 -64.22 -80.07 -36.39
CA GLY J 364 -65.09 -79.80 -35.27
C GLY J 364 -66.54 -80.12 -35.56
N HIS J 365 -67.32 -80.18 -34.50
CA HIS J 365 -68.73 -80.53 -34.58
C HIS J 365 -69.58 -79.26 -34.62
N PRO J 366 -70.78 -79.32 -35.22
CA PRO J 366 -71.61 -78.10 -35.30
C PRO J 366 -72.12 -77.68 -33.93
N PHE J 367 -71.96 -76.40 -33.62
CA PHE J 367 -72.48 -75.81 -32.39
C PHE J 367 -73.67 -74.90 -32.62
N GLY J 368 -74.16 -74.83 -33.85
CA GLY J 368 -75.26 -73.92 -34.15
C GLY J 368 -75.60 -73.99 -35.62
N TYR J 369 -76.58 -73.18 -36.01
CA TYR J 369 -77.02 -73.17 -37.39
C TYR J 369 -77.57 -71.80 -37.74
N LEU J 370 -77.61 -71.52 -39.05
CA LEU J 370 -78.14 -70.28 -39.59
C LEU J 370 -79.51 -70.60 -40.20
N LYS J 371 -80.57 -70.33 -39.43
CA LYS J 371 -81.94 -70.53 -39.88
C LYS J 371 -82.58 -69.17 -40.10
N ALA J 372 -82.87 -68.85 -41.37
CA ALA J 372 -83.58 -67.63 -41.69
C ALA J 372 -85.00 -67.69 -41.11
N SER J 373 -85.49 -66.54 -40.64
CA SER J 373 -86.82 -66.47 -40.05
C SER J 373 -87.90 -66.84 -41.05
N THR J 374 -89.08 -67.18 -40.52
CA THR J 374 -90.21 -67.60 -41.35
C THR J 374 -90.63 -66.50 -42.30
N ALA J 375 -90.69 -65.26 -41.82
CA ALA J 375 -91.03 -64.12 -42.65
C ALA J 375 -89.96 -63.76 -43.67
N LEU J 376 -88.76 -64.35 -43.56
CA LEU J 376 -87.59 -64.08 -44.40
C LEU J 376 -87.07 -62.66 -44.24
N ASN J 377 -87.49 -61.96 -43.19
CA ASN J 377 -87.04 -60.59 -42.97
C ASN J 377 -85.57 -60.55 -42.54
N CYS J 378 -85.15 -61.48 -41.69
CA CYS J 378 -83.80 -61.49 -41.17
C CYS J 378 -83.28 -62.91 -41.08
N VAL J 379 -81.96 -63.04 -41.20
CA VAL J 379 -81.26 -64.32 -41.07
C VAL J 379 -80.69 -64.39 -39.66
N ASN J 380 -81.14 -65.37 -38.89
CA ASN J 380 -80.82 -65.46 -37.47
C ASN J 380 -79.87 -66.63 -37.22
N LEU J 381 -78.83 -66.37 -36.43
CA LEU J 381 -77.91 -67.41 -35.99
C LEU J 381 -78.37 -67.92 -34.63
N PHE J 382 -78.61 -69.22 -34.54
CA PHE J 382 -78.98 -69.88 -33.29
C PHE J 382 -77.76 -70.61 -32.76
N VAL J 383 -77.36 -70.32 -31.53
CA VAL J 383 -76.20 -70.94 -30.92
C VAL J 383 -76.67 -71.99 -29.91
N MET J 384 -76.06 -73.16 -29.96
CA MET J 384 -76.47 -74.34 -29.23
C MET J 384 -75.25 -74.93 -28.52
N PRO J 385 -75.37 -76.04 -27.71
CA PRO J 385 -74.16 -76.72 -27.20
C PRO J 385 -73.16 -77.11 -28.27
N TYR J 386 -71.94 -77.48 -27.85
CA TYR J 386 -70.81 -77.63 -28.77
C TYR J 386 -71.10 -78.66 -29.86
N ASN J 387 -71.68 -79.80 -29.49
CA ASN J 387 -72.14 -80.78 -30.46
C ASN J 387 -73.61 -81.06 -30.15
N TYR J 388 -74.49 -80.22 -30.72
CA TYR J 388 -75.92 -80.31 -30.43
C TYR J 388 -76.68 -81.45 -31.11
N PRO J 389 -76.43 -81.86 -32.37
CA PRO J 389 -77.30 -82.91 -32.97
C PRO J 389 -77.24 -84.24 -32.26
N VAL J 390 -76.22 -84.50 -31.46
CA VAL J 390 -76.16 -85.72 -30.66
C VAL J 390 -76.75 -85.50 -29.27
N LEU J 391 -76.46 -84.36 -28.62
CA LEU J 391 -76.95 -84.14 -27.26
C LEU J 391 -78.45 -83.93 -27.21
N LEU J 392 -79.00 -83.13 -28.14
CA LEU J 392 -80.42 -82.80 -28.07
C LEU J 392 -81.37 -84.00 -28.16
N PRO J 393 -81.15 -85.01 -29.03
CA PRO J 393 -81.98 -86.23 -28.91
C PRO J 393 -81.93 -86.89 -27.54
N LEU J 394 -80.75 -86.94 -26.91
CA LEU J 394 -80.63 -87.57 -25.60
C LEU J 394 -81.40 -86.79 -24.54
N LEU J 395 -81.26 -85.47 -24.53
CA LEU J 395 -81.97 -84.64 -23.56
C LEU J 395 -83.47 -84.72 -23.77
N ASP J 396 -83.90 -84.72 -25.04
CA ASP J 396 -85.31 -84.87 -25.36
C ASP J 396 -85.83 -86.23 -24.91
N ASP J 397 -85.04 -87.28 -25.10
CA ASP J 397 -85.41 -88.62 -24.66
C ASP J 397 -85.58 -88.66 -23.15
N LEU J 398 -84.66 -88.05 -22.40
CA LEU J 398 -84.79 -88.00 -20.95
C LEU J 398 -86.06 -87.26 -20.54
N PHE J 399 -86.29 -86.08 -21.12
CA PHE J 399 -87.44 -85.28 -20.69
C PHE J 399 -88.77 -85.83 -21.20
N LYS J 400 -88.75 -86.73 -22.18
CA LYS J 400 -89.98 -87.35 -22.65
C LYS J 400 -90.28 -88.65 -21.93
N VAL J 401 -89.35 -89.62 -22.01
CA VAL J 401 -89.55 -90.92 -21.38
C VAL J 401 -89.58 -90.80 -19.86
N HIS J 402 -88.66 -90.01 -19.29
CA HIS J 402 -88.57 -89.90 -17.84
C HIS J 402 -89.16 -88.58 -17.36
N LYS J 405 -84.87 -90.03 -13.73
CA LYS J 405 -84.28 -91.36 -13.61
C LYS J 405 -83.66 -91.89 -14.91
N PRO J 406 -82.58 -91.28 -15.40
CA PRO J 406 -82.00 -91.72 -16.67
C PRO J 406 -81.43 -93.13 -16.58
N THR J 407 -81.42 -93.80 -17.73
CA THR J 407 -80.89 -95.15 -17.82
C THR J 407 -79.36 -95.12 -17.80
N LEU J 408 -78.78 -96.28 -17.47
CA LEU J 408 -77.32 -96.39 -17.41
C LEU J 408 -76.69 -96.17 -18.77
N LYS J 409 -77.28 -96.71 -19.84
CA LYS J 409 -76.79 -96.51 -21.19
C LYS J 409 -76.82 -95.04 -21.58
N TRP J 410 -77.89 -94.33 -21.18
CA TRP J 410 -78.00 -92.90 -21.45
C TRP J 410 -76.87 -92.12 -20.79
N ARG J 411 -76.56 -92.46 -19.54
CA ARG J 411 -75.48 -91.78 -18.83
C ARG J 411 -74.12 -92.13 -19.41
N GLN J 412 -73.95 -93.38 -19.88
CA GLN J 412 -72.72 -93.74 -20.56
C GLN J 412 -72.54 -92.94 -21.84
N SER J 413 -73.63 -92.76 -22.59
CA SER J 413 -73.58 -91.93 -23.81
C SER J 413 -73.24 -90.49 -23.46
N PHE J 414 -73.82 -89.97 -22.37
CA PHE J 414 -73.49 -88.61 -21.93
C PHE J 414 -72.02 -88.48 -21.58
N GLU J 415 -71.47 -89.49 -20.87
CA GLU J 415 -70.05 -89.46 -20.51
C GLU J 415 -69.17 -89.50 -21.76
N SER J 416 -69.54 -90.32 -22.74
CA SER J 416 -68.82 -90.37 -24.01
C SER J 416 -68.86 -89.02 -24.71
N TYR J 417 -70.02 -88.35 -24.68
CA TYR J 417 -70.15 -87.01 -25.23
C TYR J 417 -69.22 -86.03 -24.52
N LEU J 418 -69.21 -86.08 -23.18
CA LEU J 418 -68.39 -85.18 -22.38
C LEU J 418 -66.91 -85.39 -22.63
N LYS J 419 -66.51 -86.62 -22.97
CA LYS J 419 -65.12 -86.86 -23.39
C LYS J 419 -64.77 -86.07 -24.66
N THR J 420 -65.76 -85.75 -25.48
CA THR J 420 -65.56 -85.03 -26.73
C THR J 420 -66.24 -83.67 -26.69
N MET J 421 -66.11 -82.96 -25.57
CA MET J 421 -66.72 -81.66 -25.37
C MET J 421 -65.78 -80.82 -24.52
N PRO J 422 -65.42 -79.61 -24.98
CA PRO J 422 -64.41 -78.82 -24.29
C PRO J 422 -64.89 -78.42 -22.90
N PRO J 423 -63.97 -78.33 -21.93
CA PRO J 423 -64.38 -78.20 -20.52
C PRO J 423 -65.21 -76.96 -20.19
N TYR J 424 -64.91 -75.82 -20.81
CA TYR J 424 -65.60 -74.57 -20.45
C TYR J 424 -67.10 -74.60 -20.71
N TYR J 425 -67.56 -75.47 -21.62
CA TYR J 425 -68.99 -75.60 -21.90
C TYR J 425 -69.79 -76.17 -20.74
N LEU J 426 -69.15 -76.89 -19.80
CA LEU J 426 -69.90 -77.61 -18.78
C LEU J 426 -70.62 -76.65 -17.85
N GLY J 427 -70.02 -75.49 -17.56
CA GLY J 427 -70.60 -74.50 -16.68
C GLY J 427 -71.93 -73.98 -17.19
N PRO J 428 -71.97 -73.42 -18.41
CA PRO J 428 -73.27 -73.07 -19.01
C PRO J 428 -74.21 -74.26 -19.10
N LEU J 429 -73.68 -75.45 -19.41
CA LEU J 429 -74.52 -76.64 -19.43
C LEU J 429 -75.01 -76.99 -18.03
N LYS J 430 -74.18 -76.74 -17.00
CA LYS J 430 -74.61 -76.96 -15.62
C LYS J 430 -75.78 -76.04 -15.27
N LYS J 431 -75.68 -74.75 -15.64
CA LYS J 431 -76.79 -73.84 -15.40
C LYS J 431 -78.02 -74.25 -16.19
N ALA J 432 -77.82 -74.73 -17.42
CA ALA J 432 -78.94 -75.15 -18.26
C ALA J 432 -79.69 -76.33 -17.65
N VAL J 433 -78.96 -77.36 -17.21
CA VAL J 433 -79.62 -78.51 -16.58
C VAL J 433 -80.23 -78.11 -15.24
N ARG J 434 -79.59 -77.18 -14.50
CA ARG J 434 -80.15 -76.71 -13.24
C ARG J 434 -81.50 -76.05 -13.44
N MET J 435 -81.61 -75.17 -14.45
CA MET J 435 -82.89 -74.53 -14.72
C MET J 435 -83.88 -75.48 -15.40
N MET J 436 -83.38 -76.54 -16.03
CA MET J 436 -84.25 -77.45 -16.78
C MET J 436 -85.04 -78.37 -15.86
N GLY J 437 -84.45 -78.79 -14.75
CA GLY J 437 -85.13 -79.71 -13.84
C GLY J 437 -84.31 -80.95 -13.53
N ALA J 438 -83.00 -80.88 -13.72
CA ALA J 438 -82.08 -81.93 -13.30
C ALA J 438 -80.94 -81.30 -12.50
N PRO J 439 -81.22 -80.83 -11.27
CA PRO J 439 -80.24 -80.03 -10.53
C PRO J 439 -78.93 -80.75 -10.23
N ASN J 440 -78.97 -82.05 -9.99
CA ASN J 440 -77.81 -82.81 -9.55
C ASN J 440 -77.39 -83.86 -10.59
N LEU J 441 -77.39 -83.46 -11.87
CA LEU J 441 -76.84 -84.28 -12.93
C LEU J 441 -75.31 -84.39 -12.76
N ILE J 442 -74.67 -85.14 -13.67
CA ILE J 442 -73.23 -85.43 -13.58
C ILE J 442 -72.37 -84.17 -13.66
N ALA J 443 -72.95 -83.05 -14.14
CA ALA J 443 -72.21 -81.79 -14.23
C ALA J 443 -71.82 -81.24 -12.86
N ASP J 444 -72.43 -81.74 -11.78
CA ASP J 444 -72.14 -81.26 -10.42
C ASP J 444 -70.70 -81.53 -9.98
N SER J 445 -69.98 -82.42 -10.68
CA SER J 445 -68.59 -82.71 -10.35
C SER J 445 -67.71 -81.48 -10.42
N MET J 446 -68.02 -80.54 -11.33
CA MET J 446 -67.39 -79.24 -11.51
C MET J 446 -65.99 -79.34 -12.08
N GLU J 447 -65.60 -78.36 -12.90
CA GLU J 447 -64.28 -78.25 -13.52
C GLU J 447 -64.22 -76.93 -14.28
N TYR J 448 -62.99 -76.49 -14.53
CA TYR J 448 -62.74 -75.26 -15.28
C TYR J 448 -61.82 -75.54 -16.46
N GLY J 449 -60.91 -76.50 -16.30
CA GLY J 449 -60.09 -76.98 -17.39
C GLY J 449 -59.01 -76.04 -17.91
N LEU J 450 -58.24 -75.45 -17.00
CA LEU J 450 -57.05 -74.70 -17.36
C LEU J 450 -55.97 -74.98 -16.33
N SER J 451 -54.77 -74.47 -16.60
CA SER J 451 -53.66 -74.60 -15.67
C SER J 451 -53.74 -73.54 -14.58
N TYR J 452 -53.27 -73.91 -13.38
CA TYR J 452 -53.13 -72.94 -12.29
C TYR J 452 -52.20 -71.79 -12.68
N SER J 453 -51.19 -72.09 -13.52
CA SER J 453 -50.33 -71.04 -14.05
C SER J 453 -51.14 -70.03 -14.85
N VAL J 454 -52.08 -70.52 -15.66
CA VAL J 454 -52.92 -69.64 -16.49
C VAL J 454 -53.80 -68.76 -15.60
N ILE J 455 -54.37 -69.33 -14.54
CA ILE J 455 -55.27 -68.56 -13.67
C ILE J 455 -54.48 -67.52 -12.87
N SER J 456 -53.30 -67.89 -12.37
CA SER J 456 -52.45 -66.91 -11.70
C SER J 456 -52.00 -65.81 -12.66
N TYR J 457 -51.73 -66.19 -13.92
CA TYR J 457 -51.39 -65.22 -14.95
C TYR J 457 -52.54 -64.25 -15.18
N LEU J 458 -53.77 -64.77 -15.22
CA LEU J 458 -54.94 -63.91 -15.38
C LEU J 458 -55.12 -62.97 -14.19
N LYS J 459 -54.88 -63.47 -12.98
CA LYS J 459 -54.95 -62.61 -11.79
C LYS J 459 -53.93 -61.48 -11.87
N LYS J 460 -52.69 -61.82 -12.25
CA LYS J 460 -51.64 -60.81 -12.37
C LYS J 460 -51.96 -59.81 -13.49
N LEU J 461 -52.54 -60.31 -14.59
CA LEU J 461 -52.95 -59.41 -15.67
C LEU J 461 -54.07 -58.49 -15.22
N SER J 462 -54.98 -58.99 -14.38
CA SER J 462 -56.04 -58.13 -13.83
C SER J 462 -55.43 -57.03 -12.97
N GLN J 463 -54.47 -57.39 -12.11
CA GLN J 463 -53.82 -56.39 -11.26
C GLN J 463 -53.08 -55.35 -12.10
N GLN J 464 -52.30 -55.80 -13.09
CA GLN J 464 -51.57 -54.89 -13.96
C GLN J 464 -52.52 -54.02 -14.78
N ALA J 465 -53.63 -54.59 -15.24
CA ALA J 465 -54.61 -53.83 -16.01
C ALA J 465 -55.24 -52.74 -15.16
N LYS J 466 -55.56 -53.07 -13.90
CA LYS J 466 -56.10 -52.05 -12.99
C LYS J 466 -55.09 -50.94 -12.76
N ILE J 467 -53.82 -51.30 -12.54
CA ILE J 467 -52.77 -50.30 -12.31
C ILE J 467 -52.62 -49.39 -13.52
N GLU J 468 -52.50 -49.98 -14.71
CA GLU J 468 -52.29 -49.20 -15.93
C GLU J 468 -53.52 -48.37 -16.26
N SER J 469 -54.72 -48.90 -16.02
CA SER J 469 -55.95 -48.15 -16.25
C SER J 469 -56.04 -46.94 -15.35
N ASP J 470 -55.73 -47.12 -14.06
CA ASP J 470 -55.72 -45.99 -13.12
C ASP J 470 -54.69 -44.96 -13.55
N ARG J 471 -53.51 -45.42 -14.00
CA ARG J 471 -52.48 -44.50 -14.47
C ARG J 471 -52.96 -43.69 -15.68
N VAL J 472 -53.60 -44.36 -16.64
CA VAL J 472 -54.06 -43.69 -17.85
C VAL J 472 -55.15 -42.68 -17.53
N ILE J 473 -56.11 -43.06 -16.66
CA ILE J 473 -57.17 -42.13 -16.28
C ILE J 473 -56.59 -40.94 -15.52
N GLY J 474 -55.54 -41.17 -14.71
CA GLY J 474 -54.86 -40.06 -14.08
C GLY J 474 -54.15 -39.15 -15.08
N SER J 475 -53.62 -39.73 -16.15
CA SER J 475 -52.78 -39.03 -17.11
C SER J 475 -53.55 -38.39 -18.27
N VAL J 476 -54.86 -38.56 -18.37
CA VAL J 476 -55.60 -37.96 -19.48
C VAL J 476 -55.61 -36.43 -19.39
N GLY J 477 -55.43 -35.87 -18.19
CA GLY J 477 -55.40 -34.44 -18.00
C GLY J 477 -54.25 -33.74 -18.68
N LYS J 478 -53.01 -34.04 -18.23
CA LYS J 478 -51.78 -33.46 -18.78
C LYS J 478 -51.79 -31.94 -18.69
N LYS J 479 -52.01 -31.43 -17.48
CA LYS J 479 -52.10 -29.98 -17.24
C LYS J 479 -50.70 -29.39 -17.25
N VAL J 480 -50.18 -29.22 -18.47
CA VAL J 480 -48.86 -28.64 -18.70
C VAL J 480 -48.81 -28.18 -20.14
N VAL J 481 -47.93 -27.23 -20.42
CA VAL J 481 -47.78 -26.70 -21.77
C VAL J 481 -46.39 -27.06 -22.29
N GLN J 482 -46.16 -26.75 -23.57
CA GLN J 482 -44.89 -27.02 -24.21
C GLN J 482 -43.79 -26.15 -23.62
N GLU J 483 -42.58 -26.71 -23.54
CA GLU J 483 -41.43 -25.99 -23.03
C GLU J 483 -41.12 -24.77 -23.90
N THR J 484 -40.86 -23.64 -23.26
CA THR J 484 -40.60 -22.39 -23.98
C THR J 484 -39.16 -22.28 -24.47
N GLY J 485 -38.33 -23.30 -24.26
CA GLY J 485 -36.94 -23.26 -24.68
C GLY J 485 -36.77 -23.17 -26.20
N ILE J 486 -35.51 -23.00 -26.59
CA ILE J 486 -35.14 -22.92 -28.00
C ILE J 486 -34.02 -23.89 -28.37
N LYS J 487 -33.26 -24.41 -27.39
CA LYS J 487 -32.09 -25.28 -27.62
C LYS J 487 -31.04 -24.53 -28.45
N VAL J 488 -30.73 -23.31 -27.99
CA VAL J 488 -29.80 -22.42 -28.67
C VAL J 488 -28.43 -23.07 -28.79
N ARG J 489 -27.85 -22.98 -29.99
CA ARG J 489 -26.60 -23.63 -30.35
C ARG J 489 -25.44 -22.64 -30.31
N SER J 490 -24.27 -23.15 -29.92
CA SER J 490 -23.05 -22.35 -29.88
C SER J 490 -22.29 -22.46 -31.20
N ARG J 491 -22.98 -22.12 -32.28
CA ARG J 491 -22.40 -22.16 -33.61
C ARG J 491 -21.77 -20.83 -33.97
N GLY J 528 -26.47 -23.31 -22.11
CA GLY J 528 -27.87 -23.70 -22.17
C GLY J 528 -28.83 -22.53 -22.02
N PHE J 529 -28.41 -21.36 -22.50
CA PHE J 529 -29.22 -20.17 -22.40
C PHE J 529 -30.21 -20.11 -23.54
N GLN J 530 -31.48 -19.88 -23.21
CA GLN J 530 -32.56 -19.93 -24.18
C GLN J 530 -33.45 -18.71 -24.01
N VAL J 531 -34.18 -18.39 -25.07
CA VAL J 531 -35.12 -17.26 -25.09
C VAL J 531 -36.55 -17.82 -25.13
N ALA J 532 -37.34 -17.47 -24.12
CA ALA J 532 -38.66 -18.05 -24.02
C ALA J 532 -39.59 -17.48 -25.10
N LEU J 533 -40.67 -18.22 -25.36
CA LEU J 533 -41.68 -17.80 -26.31
C LEU J 533 -42.62 -16.80 -25.62
N LEU J 534 -43.68 -16.39 -26.32
CA LEU J 534 -44.69 -15.56 -25.69
C LEU J 534 -45.31 -16.30 -24.51
N ASN J 535 -45.46 -15.58 -23.39
CA ASN J 535 -45.97 -16.16 -22.16
C ASN J 535 -47.48 -16.37 -22.26
N LYS J 536 -47.85 -17.46 -22.94
CA LYS J 536 -49.25 -17.80 -23.12
C LYS J 536 -49.91 -18.11 -21.77
N ASP J 537 -51.10 -17.52 -21.54
CA ASP J 537 -51.86 -17.65 -20.30
C ASP J 537 -51.05 -17.21 -19.08
N LEU J 538 -50.19 -16.21 -19.25
CA LEU J 538 -49.39 -15.73 -18.13
C LEU J 538 -50.23 -14.97 -17.11
N LYS J 539 -51.23 -14.19 -17.58
CA LYS J 539 -52.03 -13.27 -16.79
C LYS J 539 -51.09 -12.26 -16.13
N PRO J 540 -50.49 -11.35 -16.90
CA PRO J 540 -49.53 -10.39 -16.31
C PRO J 540 -50.15 -9.51 -15.24
N GLN J 541 -49.64 -9.66 -14.02
CA GLN J 541 -50.12 -8.87 -12.87
C GLN J 541 -49.49 -7.50 -12.95
N THR J 542 -50.09 -6.66 -13.81
CA THR J 542 -49.55 -5.32 -14.08
C THR J 542 -49.53 -4.46 -12.83
N PHE J 543 -50.61 -4.51 -12.04
CA PHE J 543 -50.63 -3.77 -10.78
C PHE J 543 -49.58 -4.31 -9.80
N ARG J 544 -49.45 -5.63 -9.71
CA ARG J 544 -48.57 -6.23 -8.72
C ARG J 544 -47.10 -6.11 -9.10
N ASN J 545 -46.77 -6.17 -10.40
CA ASN J 545 -45.38 -6.19 -10.86
C ASN J 545 -45.17 -5.01 -11.80
N ALA J 546 -44.08 -4.28 -11.58
CA ALA J 546 -43.79 -3.10 -12.37
C ALA J 546 -43.09 -3.40 -13.68
N TYR J 547 -42.59 -4.62 -13.86
CA TYR J 547 -41.93 -4.99 -15.11
C TYR J 547 -42.91 -5.31 -16.23
N ASP J 548 -44.19 -5.45 -15.92
CA ASP J 548 -45.19 -5.81 -16.91
C ASP J 548 -45.81 -4.60 -17.57
N ILE J 549 -45.34 -3.40 -17.27
CA ILE J 549 -45.87 -2.17 -17.83
C ILE J 549 -45.05 -1.82 -19.08
N PRO J 550 -45.64 -1.86 -20.27
CA PRO J 550 -44.92 -1.38 -21.45
C PRO J 550 -44.64 0.11 -21.35
N ARG J 551 -43.50 0.52 -21.90
CA ARG J 551 -43.16 1.95 -21.95
C ARG J 551 -44.21 2.74 -22.75
N ARG J 552 -44.91 2.06 -23.67
CA ARG J 552 -45.91 2.70 -24.51
C ARG J 552 -47.00 3.37 -23.68
N ASN J 553 -47.38 2.75 -22.57
CA ASN J 553 -48.47 3.21 -21.72
C ASN J 553 -48.05 3.20 -20.25
N LEU J 554 -46.84 3.69 -19.97
CA LEU J 554 -46.34 3.68 -18.59
C LEU J 554 -47.10 4.67 -17.71
N LEU J 555 -47.27 5.91 -18.20
CA LEU J 555 -47.88 6.96 -17.38
C LEU J 555 -49.33 6.66 -17.04
N ASP J 556 -50.10 6.15 -18.01
CA ASP J 556 -51.51 5.88 -17.77
C ASP J 556 -51.69 4.80 -16.73
N HIS J 557 -50.94 3.70 -16.84
CA HIS J 557 -51.03 2.65 -15.85
C HIS J 557 -50.49 3.11 -14.51
N LEU J 558 -49.47 3.98 -14.53
CA LEU J 558 -48.96 4.58 -13.29
C LEU J 558 -50.06 5.32 -12.56
N THR J 559 -50.80 6.15 -13.29
CA THR J 559 -51.91 6.91 -12.70
C THR J 559 -52.98 5.97 -12.17
N ARG J 560 -53.31 4.94 -12.95
CA ARG J 560 -54.37 4.01 -12.54
C ARG J 560 -53.98 3.24 -11.28
N MET J 561 -52.75 2.73 -11.22
CA MET J 561 -52.33 1.98 -10.05
C MET J 561 -52.17 2.89 -8.83
N ARG J 562 -51.74 4.14 -9.05
CA ARG J 562 -51.69 5.11 -7.95
C ARG J 562 -53.08 5.35 -7.37
N SER J 563 -54.05 5.65 -8.23
CA SER J 563 -55.41 5.91 -7.77
C SER J 563 -56.02 4.68 -7.10
N ASN J 564 -55.75 3.50 -7.65
CA ASN J 564 -56.23 2.27 -7.05
C ASN J 564 -55.62 2.03 -5.69
N LEU J 565 -54.34 2.39 -5.51
CA LEU J 565 -53.65 2.12 -4.25
C LEU J 565 -54.23 2.96 -3.11
N LEU J 566 -54.62 4.19 -3.41
CA LEU J 566 -55.21 5.07 -2.39
C LEU J 566 -56.58 4.54 -1.96
N LYS J 567 -57.21 5.30 -1.05
CA LYS J 567 -58.52 4.94 -0.50
C LYS J 567 -59.58 4.78 -1.58
N SER J 568 -59.45 5.51 -2.69
CA SER J 568 -60.35 5.37 -3.82
C SER J 568 -60.22 4.00 -4.47
N GLN J 580 -57.84 -7.49 -16.47
CA GLN J 580 -58.16 -8.91 -16.39
C GLN J 580 -59.67 -9.14 -16.30
N VAL J 581 -60.36 -8.25 -15.59
CA VAL J 581 -61.82 -8.27 -15.60
C VAL J 581 -62.33 -7.89 -16.99
N HIS J 582 -63.57 -8.29 -17.28
CA HIS J 582 -64.21 -8.13 -18.60
C HIS J 582 -63.42 -8.86 -19.68
N SER J 583 -62.84 -10.00 -19.31
CA SER J 583 -62.19 -10.92 -20.25
C SER J 583 -62.61 -12.34 -19.94
N VAL J 584 -63.88 -12.51 -19.58
CA VAL J 584 -64.48 -13.80 -19.25
C VAL J 584 -64.50 -14.65 -20.51
N PRO J 585 -64.41 -15.98 -20.42
CA PRO J 585 -64.61 -16.82 -21.61
C PRO J 585 -65.99 -16.66 -22.23
N ILE J 586 -66.07 -17.03 -23.51
CA ILE J 586 -67.29 -16.80 -24.29
C ILE J 586 -68.45 -17.61 -23.75
N ALA J 587 -68.18 -18.83 -23.26
CA ALA J 587 -69.24 -19.67 -22.70
C ALA J 587 -69.85 -19.02 -21.47
N GLN J 588 -69.02 -18.45 -20.59
CA GLN J 588 -69.46 -17.79 -19.38
C GLN J 588 -69.77 -16.31 -19.59
N MET J 589 -69.93 -15.88 -20.83
CA MET J 589 -70.15 -14.45 -21.11
C MET J 589 -71.62 -14.08 -20.99
N GLY J 590 -72.52 -14.95 -21.41
CA GLY J 590 -73.93 -14.63 -21.40
C GLY J 590 -74.76 -15.70 -20.72
N ASN J 591 -74.17 -16.37 -19.73
CA ASN J 591 -74.86 -17.38 -18.94
C ASN J 591 -75.59 -16.67 -17.81
N TYR J 592 -76.77 -16.12 -18.14
CA TYR J 592 -77.55 -15.35 -17.18
C TYR J 592 -78.02 -16.16 -15.99
N GLN J 593 -78.12 -17.48 -16.12
CA GLN J 593 -78.60 -18.32 -15.03
C GLN J 593 -77.69 -18.23 -13.81
N GLU J 594 -76.39 -18.41 -14.01
CA GLU J 594 -75.44 -18.35 -12.90
C GLU J 594 -75.39 -16.94 -12.30
N TYR J 595 -75.41 -15.91 -13.15
CA TYR J 595 -75.35 -14.53 -12.68
C TYR J 595 -76.57 -14.19 -11.82
N LEU J 596 -77.76 -14.63 -12.25
CA LEU J 596 -78.96 -14.38 -11.46
C LEU J 596 -78.97 -15.19 -10.18
N LYS J 597 -78.50 -16.44 -10.24
CA LYS J 597 -78.43 -17.27 -9.03
C LYS J 597 -77.49 -16.65 -7.99
N GLN J 598 -76.35 -16.10 -8.45
CA GLN J 598 -75.44 -15.42 -7.55
C GLN J 598 -76.08 -14.16 -6.96
N VAL J 599 -76.83 -13.42 -7.78
CA VAL J 599 -77.42 -12.15 -7.37
C VAL J 599 -78.58 -12.44 -6.42
N PRO J 600 -78.98 -11.50 -5.55
CA PRO J 600 -80.13 -11.77 -4.67
C PRO J 600 -81.43 -11.86 -5.46
N SER J 601 -82.34 -12.67 -4.95
CA SER J 601 -83.63 -12.88 -5.61
C SER J 601 -84.52 -11.65 -5.44
N PRO J 602 -85.35 -11.33 -6.44
CA PRO J 602 -86.28 -10.21 -6.31
C PRO J 602 -87.55 -10.58 -5.57
N LEU J 603 -88.51 -9.67 -5.52
CA LEU J 603 -89.81 -9.95 -4.93
C LEU J 603 -90.48 -11.14 -5.62
N ARG J 604 -91.19 -11.95 -4.84
CA ARG J 604 -91.81 -13.16 -5.36
C ARG J 604 -92.84 -12.82 -6.42
N GLU J 605 -92.93 -13.69 -7.44
CA GLU J 605 -93.83 -13.47 -8.56
C GLU J 605 -95.29 -13.40 -8.10
N LEU J 606 -96.04 -12.48 -8.71
CA LEU J 606 -97.46 -12.32 -8.43
C LEU J 606 -98.27 -13.39 -9.16
N GLY J 627 -86.33 -20.44 -41.52
CA GLY J 627 -86.18 -19.71 -40.27
C GLY J 627 -85.06 -20.27 -39.40
N MET J 628 -84.46 -19.39 -38.60
CA MET J 628 -83.40 -19.77 -37.69
C MET J 628 -83.95 -20.06 -36.30
N MET J 629 -83.21 -20.87 -35.54
CA MET J 629 -83.76 -21.48 -34.33
C MET J 629 -83.43 -20.66 -33.09
N ILE J 630 -82.14 -20.48 -32.78
CA ILE J 630 -81.73 -19.84 -31.54
C ILE J 630 -81.52 -18.36 -31.78
N ASP J 631 -82.03 -17.52 -30.86
CA ASP J 631 -81.74 -16.09 -30.86
C ASP J 631 -81.50 -15.58 -29.45
N GLU J 632 -81.11 -16.48 -28.53
CA GLU J 632 -80.72 -16.23 -27.14
C GLU J 632 -81.92 -15.90 -26.25
N ALA J 633 -81.82 -16.25 -24.97
CA ALA J 633 -82.89 -16.08 -23.97
C ALA J 633 -84.18 -16.76 -24.38
N ASP J 634 -84.05 -17.95 -24.99
CA ASP J 634 -85.16 -18.82 -25.43
C ASP J 634 -86.02 -18.09 -26.47
N ASP K 23 -21.62 -0.45 31.62
CA ASP K 23 -20.24 -0.76 31.27
C ASP K 23 -19.93 -0.15 29.90
N ALA K 24 -18.65 0.15 29.67
CA ALA K 24 -18.23 0.75 28.41
C ALA K 24 -18.48 -0.18 27.23
N ASN K 25 -17.99 -1.42 27.32
CA ASN K 25 -18.13 -2.36 26.22
C ASN K 25 -19.59 -2.76 26.00
N SER K 26 -20.34 -2.89 27.09
CA SER K 26 -21.77 -3.21 27.00
C SER K 26 -22.50 -2.13 26.23
N ALA K 27 -22.27 -0.86 26.59
CA ALA K 27 -22.87 0.26 25.88
C ALA K 27 -22.42 0.28 24.43
N LEU K 28 -21.14 -0.01 24.19
CA LEU K 28 -20.58 0.00 22.84
C LEU K 28 -21.32 -0.99 21.94
N MET K 29 -21.46 -2.23 22.40
CA MET K 29 -22.08 -3.23 21.53
C MET K 29 -23.60 -3.06 21.48
N GLU K 30 -24.22 -2.55 22.56
CA GLU K 30 -25.64 -2.22 22.53
C GLU K 30 -25.92 -1.09 21.56
N LEU K 31 -24.96 -0.19 21.38
CA LEU K 31 -25.06 0.83 20.35
C LEU K 31 -24.75 0.25 18.97
N ASP K 32 -23.83 -0.71 18.92
CA ASP K 32 -23.42 -1.35 17.66
C ASP K 32 -24.58 -2.10 17.01
N LYS K 33 -25.40 -2.81 17.79
CA LYS K 33 -26.52 -3.55 17.22
C LYS K 33 -27.49 -2.63 16.46
N GLY K 34 -27.58 -1.36 16.88
CA GLY K 34 -28.30 -0.38 16.08
C GLY K 34 -27.66 -0.14 14.72
N LEU K 35 -26.33 -0.11 14.68
CA LEU K 35 -25.62 0.11 13.41
C LEU K 35 -25.92 -0.99 12.41
N ARG K 36 -26.05 -2.22 12.89
CA ARG K 36 -26.33 -3.38 12.04
C ARG K 36 -27.80 -3.54 11.68
N SER K 37 -28.68 -2.66 12.18
CA SER K 37 -30.12 -2.83 12.03
C SER K 37 -30.59 -2.79 10.58
N GLY K 38 -29.83 -2.18 9.70
CA GLY K 38 -30.22 -2.06 8.30
C GLY K 38 -31.06 -0.83 8.01
N LYS K 39 -32.11 -0.61 8.79
CA LYS K 39 -32.92 0.61 8.66
C LYS K 39 -32.05 1.83 8.92
N LEU K 40 -32.13 2.82 8.02
CA LEU K 40 -31.20 3.94 8.03
C LEU K 40 -31.32 4.80 9.28
N GLY K 41 -32.54 4.95 9.82
CA GLY K 41 -32.75 5.77 11.01
C GLY K 41 -31.95 5.31 12.22
N GLU K 42 -32.03 4.00 12.51
CA GLU K 42 -31.27 3.46 13.64
C GLU K 42 -29.77 3.57 13.40
N GLN K 43 -29.34 3.34 12.15
CA GLN K 43 -27.92 3.41 11.82
C GLN K 43 -27.36 4.81 12.07
N CYS K 44 -28.02 5.84 11.52
CA CYS K 44 -27.53 7.20 11.73
C CYS K 44 -27.68 7.61 13.20
N GLU K 45 -28.70 7.10 13.88
CA GLU K 45 -28.87 7.34 15.31
C GLU K 45 -27.64 6.85 16.08
N ALA K 46 -27.23 5.60 15.82
CA ALA K 46 -26.06 5.03 16.50
C ALA K 46 -24.81 5.83 16.16
N VAL K 47 -24.64 6.17 14.88
CA VAL K 47 -23.44 6.88 14.43
C VAL K 47 -23.30 8.20 15.19
N VAL K 48 -24.38 8.99 15.25
CA VAL K 48 -24.30 10.24 16.00
C VAL K 48 -24.33 10.02 17.51
N ARG K 49 -24.70 8.82 17.98
CA ARG K 49 -24.59 8.54 19.40
C ARG K 49 -23.14 8.30 19.81
N PHE K 50 -22.29 7.90 18.86
CA PHE K 50 -20.89 7.56 19.18
C PHE K 50 -20.11 8.62 19.96
N PRO K 51 -20.11 9.92 19.60
CA PRO K 51 -19.27 10.88 20.35
C PRO K 51 -19.60 10.99 21.84
N ARG K 52 -20.88 10.85 22.20
CA ARG K 52 -21.27 10.79 23.61
C ARG K 52 -20.59 9.63 24.31
N LEU K 53 -20.52 8.48 23.64
CA LEU K 53 -19.85 7.32 24.20
C LEU K 53 -18.36 7.60 24.43
N PHE K 54 -17.74 8.33 23.50
CA PHE K 54 -16.35 8.76 23.70
C PHE K 54 -16.23 9.67 24.90
N GLN K 55 -17.19 10.58 25.08
CA GLN K 55 -17.20 11.46 26.25
C GLN K 55 -17.29 10.66 27.55
N LYS K 56 -18.15 9.65 27.57
CA LYS K 56 -18.29 8.83 28.77
C LYS K 56 -17.04 8.01 29.05
N TYR K 57 -16.41 7.46 28.01
CA TYR K 57 -15.33 6.49 28.15
C TYR K 57 -14.15 6.87 27.27
N PRO K 58 -13.29 7.79 27.72
CA PRO K 58 -12.06 8.10 26.96
C PRO K 58 -10.99 7.02 27.12
N PHE K 59 -11.34 5.79 26.74
CA PHE K 59 -10.45 4.64 26.84
C PHE K 59 -9.94 4.29 25.45
N PRO K 60 -8.63 4.39 25.20
CA PRO K 60 -8.10 4.24 23.83
C PRO K 60 -8.46 2.93 23.15
N ILE K 61 -8.59 1.85 23.93
CA ILE K 61 -9.08 0.57 23.40
C ILE K 61 -10.48 0.74 22.80
N LEU K 62 -11.39 1.36 23.56
CA LEU K 62 -12.75 1.56 23.09
C LEU K 62 -12.80 2.51 21.90
N ILE K 63 -12.01 3.58 21.97
CA ILE K 63 -11.98 4.56 20.87
C ILE K 63 -11.48 3.91 19.59
N ASN K 64 -10.43 3.09 19.70
CA ASN K 64 -9.87 2.42 18.53
C ASN K 64 -10.91 1.47 17.91
N SER K 65 -11.54 0.63 18.73
CA SER K 65 -12.53 -0.31 18.22
C SER K 65 -13.72 0.41 17.60
N ALA K 66 -14.21 1.46 18.28
CA ALA K 66 -15.35 2.21 17.78
C ALA K 66 -15.05 2.88 16.46
N PHE K 67 -13.86 3.48 16.33
CA PHE K 67 -13.50 4.11 15.06
C PHE K 67 -13.31 3.09 13.95
N LEU K 68 -12.82 1.88 14.28
CA LEU K 68 -12.74 0.83 13.26
C LEU K 68 -14.13 0.45 12.77
N LYS K 69 -15.08 0.32 13.70
CA LYS K 69 -16.47 0.05 13.30
C LYS K 69 -17.03 1.19 12.47
N LEU K 70 -16.72 2.43 12.86
CA LEU K 70 -17.12 3.62 12.11
C LEU K 70 -16.59 3.56 10.68
N ALA K 71 -15.33 3.20 10.53
CA ALA K 71 -14.71 3.17 9.22
C ALA K 71 -15.30 2.05 8.36
N ASP K 72 -15.60 0.90 8.98
CA ASP K 72 -16.25 -0.19 8.26
C ASP K 72 -17.62 0.23 7.73
N VAL K 73 -18.44 0.83 8.59
CA VAL K 73 -19.77 1.24 8.15
C VAL K 73 -19.67 2.38 7.14
N PHE K 74 -18.63 3.24 7.27
CA PHE K 74 -18.39 4.29 6.29
C PHE K 74 -18.09 3.67 4.93
N ARG K 75 -17.29 2.60 4.91
CA ARG K 75 -16.96 1.95 3.66
C ARG K 75 -18.20 1.32 3.02
N VAL K 76 -18.97 0.57 3.81
CA VAL K 76 -20.07 -0.18 3.24
C VAL K 76 -21.38 0.62 3.16
N GLY K 77 -21.57 1.62 4.01
CA GLY K 77 -22.83 2.34 4.08
C GLY K 77 -23.06 3.29 2.92
N ASN K 78 -24.26 3.84 2.88
CA ASN K 78 -24.67 4.78 1.84
C ASN K 78 -24.08 6.16 2.13
N ASN K 79 -24.47 7.16 1.35
CA ASN K 79 -23.83 8.48 1.43
C ASN K 79 -24.24 9.23 2.68
N PHE K 80 -25.51 9.15 3.09
CA PHE K 80 -25.97 9.89 4.27
C PHE K 80 -25.29 9.38 5.53
N LEU K 81 -25.17 8.06 5.65
CA LEU K 81 -24.46 7.47 6.78
C LEU K 81 -22.99 7.87 6.78
N ARG K 82 -22.39 7.96 5.58
CA ARG K 82 -21.01 8.43 5.47
C ARG K 82 -20.88 9.87 5.94
N LEU K 83 -21.84 10.71 5.60
CA LEU K 83 -21.81 12.11 6.04
C LEU K 83 -22.00 12.19 7.56
N CYS K 84 -22.83 11.31 8.12
CA CYS K 84 -22.99 11.25 9.57
C CYS K 84 -21.67 10.87 10.24
N VAL K 85 -20.96 9.90 9.67
CA VAL K 85 -19.66 9.51 10.21
C VAL K 85 -18.66 10.66 10.06
N LEU K 86 -18.76 11.43 8.98
CA LEU K 86 -17.93 12.62 8.82
C LEU K 86 -18.20 13.65 9.91
N LYS K 87 -19.47 13.88 10.22
CA LYS K 87 -19.85 14.79 11.30
C LYS K 87 -19.27 14.31 12.63
N VAL K 88 -19.35 13.00 12.88
CA VAL K 88 -18.83 12.42 14.12
C VAL K 88 -17.32 12.59 14.20
N THR K 89 -16.62 12.34 13.09
CA THR K 89 -15.17 12.48 13.06
C THR K 89 -14.76 13.93 13.31
N GLN K 90 -15.49 14.88 12.71
CA GLN K 90 -15.20 16.29 12.94
C GLN K 90 -15.42 16.68 14.39
N GLN K 91 -16.52 16.19 14.99
CA GLN K 91 -16.82 16.49 16.38
C GLN K 91 -15.85 15.81 17.32
N SER K 92 -15.49 14.56 17.04
CA SER K 92 -14.57 13.80 17.89
C SER K 92 -13.11 14.04 17.50
N GLU K 93 -12.71 15.31 17.47
CA GLU K 93 -11.34 15.66 17.10
C GLU K 93 -10.36 15.33 18.22
N LYS K 94 -10.74 15.62 19.47
CA LYS K 94 -9.82 15.45 20.59
C LYS K 94 -9.47 13.99 20.88
N HIS K 95 -10.29 13.04 20.43
CA HIS K 95 -10.12 11.64 20.80
C HIS K 95 -9.35 10.80 19.78
N LEU K 96 -9.17 11.28 18.56
CA LEU K 96 -8.66 10.43 17.49
C LEU K 96 -7.14 10.29 17.47
N GLU K 97 -6.39 11.03 18.28
CA GLU K 97 -4.96 10.75 18.38
C GLU K 97 -4.66 9.50 19.19
N LYS K 98 -5.65 8.95 19.91
CA LYS K 98 -5.49 7.71 20.64
C LYS K 98 -5.85 6.48 19.80
N ILE K 99 -5.79 6.58 18.47
CA ILE K 99 -6.07 5.44 17.61
C ILE K 99 -4.84 4.56 17.49
N LEU K 100 -5.01 3.27 17.79
CA LEU K 100 -3.90 2.32 17.71
C LEU K 100 -3.67 1.87 16.28
N ASN K 101 -4.70 1.31 15.65
CA ASN K 101 -4.59 0.79 14.29
C ASN K 101 -5.01 1.88 13.31
N VAL K 102 -4.16 2.91 13.22
CA VAL K 102 -4.42 3.98 12.26
C VAL K 102 -4.31 3.48 10.83
N ASP K 103 -3.42 2.50 10.57
CA ASP K 103 -3.20 2.00 9.22
C ASP K 103 -4.46 1.35 8.64
N GLU K 104 -5.04 0.40 9.36
CA GLU K 104 -6.25 -0.28 8.88
C GLU K 104 -7.41 0.69 8.75
N PHE K 105 -7.57 1.56 9.75
CA PHE K 105 -8.66 2.53 9.78
C PHE K 105 -8.60 3.43 8.55
N VAL K 106 -7.44 4.03 8.28
CA VAL K 106 -7.34 4.92 7.13
C VAL K 106 -7.40 4.12 5.83
N LYS K 107 -6.92 2.87 5.83
CA LYS K 107 -6.96 2.05 4.62
C LYS K 107 -8.38 1.75 4.18
N ARG K 108 -9.22 1.34 5.13
CA ARG K 108 -10.61 1.06 4.77
C ARG K 108 -11.38 2.35 4.52
N ILE K 109 -11.02 3.45 5.20
CA ILE K 109 -11.60 4.75 4.85
C ILE K 109 -11.19 5.15 3.43
N PHE K 110 -9.92 4.97 3.08
CA PHE K 110 -9.39 5.42 1.80
C PHE K 110 -9.97 4.65 0.62
N SER K 111 -10.50 3.44 0.84
CA SER K 111 -10.96 2.61 -0.26
C SER K 111 -12.12 3.24 -1.02
N VAL K 112 -12.94 4.05 -0.33
CA VAL K 112 -14.10 4.67 -0.97
C VAL K 112 -13.69 5.70 -2.03
N ILE K 113 -12.44 6.21 -2.00
CA ILE K 113 -12.01 7.24 -2.95
C ILE K 113 -12.04 6.73 -4.39
N HIS K 114 -11.98 5.42 -4.60
CA HIS K 114 -12.05 4.86 -5.94
C HIS K 114 -13.47 4.72 -6.45
N SER K 115 -14.47 5.04 -5.65
CA SER K 115 -15.87 4.98 -6.09
C SER K 115 -16.13 5.98 -7.21
N ASN K 116 -16.85 5.53 -8.23
CA ASN K 116 -17.23 6.46 -9.31
C ASN K 116 -18.22 7.52 -8.86
N ASP K 117 -18.93 7.30 -7.75
CA ASP K 117 -19.89 8.24 -7.20
C ASP K 117 -19.17 9.48 -6.70
N PRO K 118 -19.30 10.63 -7.37
CA PRO K 118 -18.53 11.83 -6.95
C PRO K 118 -18.85 12.30 -5.54
N VAL K 119 -20.09 12.13 -5.09
CA VAL K 119 -20.47 12.54 -3.73
C VAL K 119 -19.70 11.73 -2.70
N ALA K 120 -19.60 10.42 -2.92
CA ALA K 120 -18.85 9.56 -2.00
C ALA K 120 -17.38 9.96 -1.97
N ARG K 121 -16.82 10.31 -3.14
CA ARG K 121 -15.44 10.78 -3.17
C ARG K 121 -15.27 12.08 -2.40
N ALA K 122 -16.25 12.99 -2.52
CA ALA K 122 -16.19 14.25 -1.77
C ALA K 122 -16.25 14.00 -0.27
N ILE K 123 -17.14 13.10 0.16
CA ILE K 123 -17.26 12.79 1.58
C ILE K 123 -15.97 12.16 2.09
N THR K 124 -15.35 11.30 1.27
CA THR K 124 -14.09 10.68 1.66
C THR K 124 -12.96 11.70 1.76
N LEU K 125 -12.93 12.66 0.83
CA LEU K 125 -11.92 13.73 0.89
C LEU K 125 -12.10 14.56 2.16
N ARG K 126 -13.35 14.89 2.51
CA ARG K 126 -13.60 15.62 3.74
C ARG K 126 -13.20 14.79 4.95
N MET K 127 -13.45 13.47 4.91
CA MET K 127 -13.03 12.58 5.98
C MET K 127 -11.53 12.62 6.17
N LEU K 128 -10.78 12.52 5.07
CA LEU K 128 -9.32 12.58 5.15
C LEU K 128 -8.85 13.92 5.70
N GLY K 129 -9.50 15.01 5.27
CA GLY K 129 -9.16 16.32 5.80
C GLY K 129 -9.37 16.40 7.31
N SER K 130 -10.44 15.79 7.81
CA SER K 130 -10.67 15.76 9.25
C SER K 130 -9.61 14.92 9.95
N LEU K 131 -9.17 13.84 9.32
CA LEU K 131 -8.18 12.91 9.87
C LEU K 131 -6.75 13.37 9.63
N ALA K 132 -6.54 14.53 8.99
CA ALA K 132 -5.20 14.96 8.61
C ALA K 132 -4.26 15.11 9.80
N SER K 133 -4.81 15.38 10.99
CA SER K 133 -3.98 15.56 12.18
C SER K 133 -3.22 14.28 12.54
N ILE K 134 -3.91 13.14 12.49
CA ILE K 134 -3.27 11.88 12.91
C ILE K 134 -2.52 11.19 11.78
N ILE K 135 -2.80 11.53 10.52
CA ILE K 135 -2.13 10.86 9.42
C ILE K 135 -1.60 11.87 8.40
N PRO K 136 -0.65 12.73 8.76
CA PRO K 136 0.07 13.49 7.74
C PRO K 136 1.17 12.62 7.15
N GLU K 137 1.79 13.13 6.09
CA GLU K 137 2.90 12.47 5.38
C GLU K 137 2.49 11.14 4.76
N ARG K 138 1.19 10.92 4.57
CA ARG K 138 0.69 9.71 3.92
C ARG K 138 0.51 10.02 2.44
N LYS K 139 1.36 9.41 1.61
CA LYS K 139 1.51 9.85 0.22
C LYS K 139 0.27 9.56 -0.62
N ASN K 140 -0.35 8.39 -0.43
CA ASN K 140 -1.53 8.06 -1.23
C ASN K 140 -2.68 9.03 -0.96
N ALA K 141 -2.85 9.43 0.31
CA ALA K 141 -3.84 10.44 0.64
C ALA K 141 -3.54 11.76 -0.06
N HIS K 142 -2.26 12.17 -0.06
CA HIS K 142 -1.86 13.40 -0.73
C HIS K 142 -2.15 13.33 -2.22
N HIS K 143 -1.85 12.20 -2.85
CA HIS K 143 -2.13 12.03 -4.27
C HIS K 143 -3.62 12.06 -4.56
N SER K 144 -4.42 11.49 -3.65
CA SER K 144 -5.87 11.57 -3.80
C SER K 144 -6.37 13.00 -3.73
N ILE K 145 -5.82 13.79 -2.80
CA ILE K 145 -6.19 15.21 -2.70
C ILE K 145 -5.81 15.92 -3.98
N ARG K 146 -4.62 15.65 -4.50
CA ARG K 146 -4.12 16.34 -5.69
C ARG K 146 -4.93 15.97 -6.92
N GLN K 147 -5.33 14.69 -7.02
CA GLN K 147 -6.12 14.23 -8.16
C GLN K 147 -7.48 14.91 -8.21
N SER K 148 -8.21 14.88 -7.09
CA SER K 148 -9.57 15.42 -7.03
C SER K 148 -9.61 16.92 -7.25
N LEU K 149 -8.50 17.62 -7.02
CA LEU K 149 -8.49 19.08 -7.16
C LEU K 149 -8.75 19.52 -8.60
N ASP K 150 -8.43 18.66 -9.57
CA ASP K 150 -8.63 18.97 -10.98
C ASP K 150 -9.81 18.21 -11.58
N SER K 151 -10.75 17.75 -10.76
CA SER K 151 -11.90 17.02 -11.24
C SER K 151 -12.93 17.97 -11.85
N HIS K 152 -14.06 17.42 -12.27
CA HIS K 152 -15.12 18.22 -12.87
C HIS K 152 -16.28 18.49 -11.92
N ASP K 153 -16.60 17.55 -11.04
CA ASP K 153 -17.71 17.74 -10.10
C ASP K 153 -17.31 18.75 -9.04
N ASN K 154 -18.04 19.88 -9.00
CA ASN K 154 -17.71 20.97 -8.09
C ASN K 154 -17.72 20.56 -6.61
N VAL K 155 -18.60 19.62 -6.23
CA VAL K 155 -18.63 19.14 -4.85
C VAL K 155 -17.31 18.45 -4.49
N GLU K 156 -16.81 17.60 -5.39
CA GLU K 156 -15.54 16.92 -5.15
C GLU K 156 -14.39 17.91 -5.11
N VAL K 157 -14.43 18.91 -5.97
CA VAL K 157 -13.36 19.92 -6.00
C VAL K 157 -13.33 20.71 -4.70
N GLU K 158 -14.51 21.11 -4.20
CA GLU K 158 -14.56 21.85 -2.94
C GLU K 158 -14.08 20.99 -1.77
N ALA K 159 -14.48 19.72 -1.75
CA ALA K 159 -13.99 18.81 -0.72
C ALA K 159 -12.48 18.67 -0.79
N ALA K 160 -11.94 18.58 -2.01
CA ALA K 160 -10.49 18.49 -2.20
C ALA K 160 -9.81 19.74 -1.68
N VAL K 161 -10.41 20.91 -1.90
CA VAL K 161 -9.84 22.16 -1.41
C VAL K 161 -9.79 22.16 0.12
N PHE K 162 -10.88 21.71 0.76
CA PHE K 162 -10.91 21.65 2.23
C PHE K 162 -9.85 20.70 2.76
N ALA K 163 -9.77 19.51 2.15
CA ALA K 163 -8.79 18.52 2.59
C ALA K 163 -7.36 19.02 2.36
N ALA K 164 -7.15 19.73 1.25
CA ALA K 164 -5.84 20.32 0.97
C ALA K 164 -5.48 21.34 2.04
N ALA K 165 -6.45 22.17 2.45
CA ALA K 165 -6.22 23.11 3.55
C ALA K 165 -5.75 22.39 4.79
N ASN K 166 -6.48 21.35 5.19
CA ASN K 166 -6.13 20.63 6.41
C ASN K 166 -4.74 19.98 6.32
N PHE K 167 -4.49 19.25 5.23
CA PHE K 167 -3.22 18.55 5.10
C PHE K 167 -2.05 19.53 4.99
N SER K 168 -2.21 20.62 4.24
CA SER K 168 -1.18 21.64 4.17
C SER K 168 -0.94 22.30 5.52
N ALA K 169 -1.99 22.39 6.35
CA ALA K 169 -1.79 22.83 7.72
C ALA K 169 -0.91 21.84 8.46
N GLN K 170 -1.13 20.54 8.24
CA GLN K 170 -0.34 19.53 8.94
C GLN K 170 1.01 19.30 8.27
N SER K 171 1.00 18.85 7.00
CA SER K 171 2.21 18.42 6.33
C SER K 171 3.02 19.61 5.81
N LYS K 172 4.24 19.31 5.35
CA LYS K 172 5.16 20.30 4.81
C LYS K 172 5.44 20.11 3.32
N ASP K 173 5.86 18.92 2.91
CA ASP K 173 6.07 18.62 1.49
C ASP K 173 4.79 18.78 0.69
N PHE K 174 3.67 18.29 1.23
CA PHE K 174 2.37 18.50 0.61
C PHE K 174 2.08 19.98 0.41
N ALA K 175 2.54 20.83 1.35
CA ALA K 175 2.30 22.27 1.23
C ALA K 175 2.97 22.87 0.00
N VAL K 176 4.26 22.53 -0.23
CA VAL K 176 4.94 23.10 -1.39
C VAL K 176 4.39 22.51 -2.69
N GLY K 177 4.06 21.22 -2.68
CA GLY K 177 3.43 20.63 -3.87
C GLY K 177 2.12 21.31 -4.24
N ILE K 178 1.26 21.52 -3.24
CA ILE K 178 -0.01 22.19 -3.48
C ILE K 178 0.20 23.65 -3.83
N CYS K 179 1.25 24.29 -3.30
CA CYS K 179 1.57 25.67 -3.67
C CYS K 179 1.85 25.76 -5.17
N ASN K 180 2.69 24.84 -5.68
CA ASN K 180 2.99 24.81 -7.09
C ASN K 180 1.74 24.54 -7.92
N LYS K 181 0.92 23.58 -7.48
CA LYS K 181 -0.30 23.24 -8.22
C LYS K 181 -1.28 24.41 -8.25
N ILE K 182 -1.42 25.13 -7.13
CA ILE K 182 -2.33 26.25 -7.07
C ILE K 182 -1.82 27.39 -7.95
N SER K 183 -0.50 27.59 -7.98
CA SER K 183 0.06 28.60 -8.87
C SER K 183 -0.30 28.29 -10.32
N GLU K 184 -0.01 27.06 -10.77
CA GLU K 184 -0.31 26.73 -12.15
C GLU K 184 -1.81 26.59 -12.43
N MET K 185 -2.63 26.46 -11.39
CA MET K 185 -4.08 26.36 -11.58
C MET K 185 -4.73 27.73 -11.68
N ILE K 186 -4.40 28.65 -10.75
CA ILE K 186 -4.90 30.01 -10.82
C ILE K 186 -4.40 30.69 -12.08
N GLN K 187 -3.14 30.45 -12.46
CA GLN K 187 -2.64 30.94 -13.75
C GLN K 187 -3.43 30.33 -14.91
N GLY K 188 -3.94 29.12 -14.74
CA GLY K 188 -4.78 28.52 -15.76
C GLY K 188 -6.11 29.21 -15.89
N LEU K 189 -6.77 28.95 -17.02
CA LEU K 189 -8.03 29.61 -17.36
C LEU K 189 -9.25 28.72 -17.16
N ALA K 190 -9.06 27.41 -16.95
CA ALA K 190 -10.19 26.51 -16.75
C ALA K 190 -10.94 26.80 -15.46
N THR K 191 -10.22 27.24 -14.42
CA THR K 191 -10.81 27.44 -13.11
C THR K 191 -11.81 28.58 -13.14
N PRO K 192 -13.02 28.40 -12.60
CA PRO K 192 -13.95 29.53 -12.47
C PRO K 192 -13.56 30.47 -11.32
N VAL K 193 -14.21 31.64 -11.32
CA VAL K 193 -13.86 32.72 -10.38
C VAL K 193 -14.12 32.30 -8.94
N ASP K 194 -15.28 31.67 -8.69
CA ASP K 194 -15.63 31.28 -7.32
C ASP K 194 -14.67 30.24 -6.77
N LEU K 195 -14.27 29.28 -7.60
CA LEU K 195 -13.30 28.28 -7.19
C LEU K 195 -11.95 28.93 -6.92
N LYS K 196 -11.58 29.94 -7.71
CA LYS K 196 -10.35 30.68 -7.45
C LYS K 196 -10.43 31.38 -6.09
N LEU K 197 -11.58 31.96 -5.77
CA LEU K 197 -11.79 32.55 -4.45
C LEU K 197 -11.60 31.53 -3.34
N LYS K 198 -12.20 30.35 -3.52
CA LYS K 198 -12.07 29.29 -2.53
C LYS K 198 -10.64 28.76 -2.44
N LEU K 199 -9.86 28.87 -3.51
CA LEU K 199 -8.54 28.28 -3.55
C LEU K 199 -7.48 29.12 -2.86
N ILE K 200 -7.63 30.45 -2.89
CA ILE K 200 -6.55 31.33 -2.42
C ILE K 200 -6.17 31.13 -0.96
N PRO K 201 -7.14 31.06 0.03
CA PRO K 201 -6.70 30.96 1.45
C PRO K 201 -5.96 29.68 1.83
N ILE K 202 -5.83 28.73 0.90
CA ILE K 202 -4.94 27.59 1.10
C ILE K 202 -3.51 28.07 1.36
N LEU K 203 -3.12 29.16 0.70
CA LEU K 203 -1.75 29.68 0.79
C LEU K 203 -1.37 30.19 2.17
N GLN K 204 -2.35 30.38 3.06
CA GLN K 204 -2.03 30.87 4.40
C GLN K 204 -1.28 29.83 5.23
N HIS K 205 -1.21 28.58 4.77
CA HIS K 205 -0.51 27.52 5.48
C HIS K 205 0.87 27.25 4.91
N MET K 206 1.38 28.12 4.03
CA MET K 206 2.70 27.93 3.43
C MET K 206 3.82 28.46 4.30
N HIS K 207 3.59 28.64 5.59
CA HIS K 207 4.57 29.17 6.52
C HIS K 207 5.49 28.10 7.10
N HIS K 208 5.59 26.93 6.45
CA HIS K 208 6.40 25.85 7.00
C HIS K 208 7.89 26.14 6.90
N ASP K 209 8.31 26.92 5.90
CA ASP K 209 9.71 27.29 5.74
C ASP K 209 9.78 28.60 4.98
N ALA K 210 10.98 29.20 4.99
CA ALA K 210 11.16 30.54 4.44
C ALA K 210 11.00 30.59 2.93
N ILE K 211 11.64 29.67 2.19
CA ILE K 211 11.60 29.73 0.73
C ILE K 211 10.18 29.47 0.22
N LEU K 212 9.46 28.53 0.84
CA LEU K 212 8.08 28.27 0.47
C LEU K 212 7.21 29.51 0.70
N ALA K 213 7.41 30.18 1.84
CA ALA K 213 6.67 31.40 2.13
C ALA K 213 6.98 32.48 1.10
N SER K 214 8.25 32.61 0.71
CA SER K 214 8.63 33.62 -0.28
C SER K 214 8.00 33.32 -1.64
N SER K 215 7.97 32.05 -2.04
CA SER K 215 7.31 31.67 -3.30
C SER K 215 5.82 32.00 -3.24
N ALA K 216 5.18 31.69 -2.10
CA ALA K 216 3.78 32.04 -1.92
C ALA K 216 3.58 33.55 -2.00
N ARG K 217 4.55 34.32 -1.47
CA ARG K 217 4.46 35.77 -1.54
C ARG K 217 4.51 36.26 -2.99
N GLN K 218 5.42 35.70 -3.78
CA GLN K 218 5.46 36.03 -5.21
C GLN K 218 4.14 35.67 -5.89
N LEU K 219 3.57 34.52 -5.54
CA LEU K 219 2.29 34.11 -6.12
C LEU K 219 1.19 35.10 -5.76
N LEU K 220 1.15 35.55 -4.50
CA LEU K 220 0.12 36.47 -4.06
C LEU K 220 0.29 37.83 -4.72
N GLN K 221 1.54 38.25 -4.94
CA GLN K 221 1.81 39.48 -5.66
C GLN K 221 1.28 39.38 -7.09
N GLN K 222 1.54 38.23 -7.75
CA GLN K 222 0.99 37.98 -9.08
C GLN K 222 -0.53 38.05 -9.05
N LEU K 223 -1.14 37.44 -8.02
CA LEU K 223 -2.59 37.42 -7.88
C LEU K 223 -3.16 38.84 -7.80
N VAL K 224 -2.62 39.66 -6.90
CA VAL K 224 -3.18 41.00 -6.73
C VAL K 224 -2.92 41.86 -7.96
N THR K 225 -1.84 41.59 -8.71
CA THR K 225 -1.60 42.34 -9.94
C THR K 225 -2.60 41.96 -11.03
N SER K 226 -2.83 40.66 -11.22
CA SER K 226 -3.54 40.17 -12.40
C SER K 226 -4.98 39.75 -12.14
N TYR K 227 -5.54 40.11 -11.00
CA TYR K 227 -6.93 39.82 -10.67
C TYR K 227 -7.50 40.95 -9.81
N PRO K 228 -7.60 42.17 -10.34
CA PRO K 228 -7.83 43.34 -9.47
C PRO K 228 -9.26 43.54 -9.01
N SER K 229 -10.19 42.63 -9.29
CA SER K 229 -11.56 42.81 -8.83
C SER K 229 -11.64 42.63 -7.31
N THR K 230 -12.78 43.02 -6.74
CA THR K 230 -12.87 43.24 -5.30
C THR K 230 -12.69 41.94 -4.51
N LYS K 231 -13.43 40.89 -4.86
CA LYS K 231 -13.51 39.69 -4.02
C LYS K 231 -12.14 39.01 -3.88
N MET K 232 -11.42 38.85 -4.98
CA MET K 232 -10.20 38.06 -4.88
C MET K 232 -9.02 38.89 -4.40
N VAL K 233 -8.98 40.21 -4.63
CA VAL K 233 -7.96 41.00 -3.93
C VAL K 233 -8.21 40.97 -2.43
N ILE K 234 -9.49 41.06 -2.01
CA ILE K 234 -9.86 40.91 -0.59
C ILE K 234 -9.27 39.61 -0.05
N VAL K 235 -9.64 38.49 -0.67
CA VAL K 235 -9.23 37.18 -0.17
C VAL K 235 -7.71 37.03 -0.20
N SER K 236 -7.08 37.47 -1.29
CA SER K 236 -5.65 37.28 -1.47
C SER K 236 -4.84 38.09 -0.48
N LEU K 237 -5.18 39.37 -0.29
CA LEU K 237 -4.39 40.18 0.63
C LEU K 237 -4.69 39.80 2.09
N HIS K 238 -5.89 39.30 2.38
CA HIS K 238 -6.13 38.75 3.72
C HIS K 238 -5.30 37.50 3.96
N THR K 239 -5.20 36.64 2.95
CA THR K 239 -4.37 35.45 3.04
C THR K 239 -2.89 35.82 3.21
N PHE K 240 -2.45 36.86 2.49
CA PHE K 240 -1.09 37.35 2.64
C PHE K 240 -0.85 37.88 4.04
N THR K 241 -1.84 38.57 4.61
CA THR K 241 -1.74 39.05 5.98
C THR K 241 -1.57 37.90 6.96
N LEU K 242 -2.38 36.85 6.81
CA LEU K 242 -2.27 35.69 7.70
C LEU K 242 -0.93 34.98 7.52
N LEU K 243 -0.47 34.86 6.28
CA LEU K 243 0.82 34.22 6.00
C LEU K 243 1.96 34.99 6.64
N ALA K 244 1.94 36.32 6.51
CA ALA K 244 2.96 37.17 7.11
C ALA K 244 2.89 37.09 8.63
N ALA K 245 1.69 37.01 9.20
CA ALA K 245 1.56 36.87 10.63
C ALA K 245 2.19 35.56 11.10
N SER K 246 1.93 34.46 10.38
CA SER K 246 2.52 33.18 10.74
C SER K 246 4.03 33.18 10.53
N SER K 247 4.47 33.60 9.35
CA SER K 247 5.90 33.64 9.01
C SER K 247 6.39 35.07 9.20
N LEU K 248 7.12 35.32 10.30
CA LEU K 248 7.47 36.67 10.70
C LEU K 248 8.50 37.34 9.80
N VAL K 249 9.08 36.61 8.85
CA VAL K 249 10.18 37.16 8.05
C VAL K 249 9.67 38.29 7.13
N ASP K 250 8.47 38.15 6.58
CA ASP K 250 7.97 39.07 5.57
C ASP K 250 6.95 40.07 6.11
N THR K 251 6.84 40.18 7.43
CA THR K 251 5.90 41.15 8.00
C THR K 251 6.14 42.61 7.60
N PRO K 252 7.39 43.16 7.58
CA PRO K 252 7.54 44.57 7.15
C PRO K 252 7.05 44.87 5.75
N LYS K 253 7.42 44.04 4.76
CA LYS K 253 6.95 44.27 3.41
C LYS K 253 5.44 44.09 3.30
N GLN K 254 4.86 43.20 4.10
CA GLN K 254 3.41 43.06 4.11
C GLN K 254 2.74 44.33 4.63
N ILE K 255 3.30 44.92 5.70
CA ILE K 255 2.76 46.17 6.22
C ILE K 255 2.89 47.28 5.18
N GLN K 256 4.04 47.32 4.49
CA GLN K 256 4.26 48.31 3.44
C GLN K 256 3.25 48.15 2.31
N LEU K 257 2.99 46.92 1.91
CA LEU K 257 2.02 46.63 0.85
C LEU K 257 0.61 47.03 1.29
N LEU K 258 0.27 46.73 2.56
CA LEU K 258 -1.05 47.10 3.08
C LEU K 258 -1.23 48.61 3.10
N LEU K 259 -0.19 49.34 3.51
CA LEU K 259 -0.25 50.80 3.49
C LEU K 259 -0.38 51.33 2.07
N GLN K 260 0.33 50.71 1.13
CA GLN K 260 0.23 51.11 -0.28
C GLN K 260 -1.18 50.92 -0.80
N TYR K 261 -1.78 49.77 -0.51
CA TYR K 261 -3.16 49.53 -0.93
C TYR K 261 -4.14 50.44 -0.20
N LEU K 262 -3.81 50.85 1.02
CA LEU K 262 -4.69 51.77 1.74
C LEU K 262 -4.66 53.16 1.12
N LYS K 263 -3.47 53.63 0.75
CA LYS K 263 -3.38 54.98 0.20
C LYS K 263 -3.84 55.04 -1.27
N ASN K 264 -3.56 54.01 -2.06
CA ASN K 264 -3.78 54.10 -3.49
C ASN K 264 -5.14 53.58 -3.94
N ASP K 265 -5.53 52.38 -3.50
CA ASP K 265 -6.73 51.73 -4.01
C ASP K 265 -7.96 52.56 -3.65
N PRO K 266 -8.88 52.79 -4.60
CA PRO K 266 -10.01 53.68 -4.31
C PRO K 266 -11.20 52.99 -3.65
N ARG K 267 -11.30 51.67 -3.78
CA ARG K 267 -12.46 50.94 -3.29
C ARG K 267 -12.55 51.02 -1.76
N LYS K 268 -13.77 51.23 -1.27
CA LYS K 268 -13.99 51.32 0.18
C LYS K 268 -13.76 49.98 0.86
N ALA K 269 -14.23 48.88 0.25
CA ALA K 269 -14.12 47.56 0.86
C ALA K 269 -12.66 47.13 1.01
N VAL K 270 -11.85 47.39 -0.02
CA VAL K 270 -10.43 47.04 0.04
C VAL K 270 -9.74 47.84 1.13
N LYS K 271 -10.09 49.13 1.25
CA LYS K 271 -9.54 49.98 2.31
C LYS K 271 -9.92 49.44 3.68
N ARG K 272 -11.18 49.04 3.86
CA ARG K 272 -11.63 48.55 5.17
C ARG K 272 -10.94 47.24 5.53
N LEU K 273 -10.71 46.37 4.54
CA LEU K 273 -9.93 45.15 4.81
C LEU K 273 -8.50 45.51 5.19
N ALA K 274 -7.92 46.51 4.52
CA ALA K 274 -6.57 46.96 4.87
C ALA K 274 -6.55 47.42 6.32
N ILE K 275 -7.58 48.14 6.75
CA ILE K 275 -7.69 48.58 8.14
C ILE K 275 -7.73 47.37 9.08
N GLN K 276 -8.55 46.38 8.74
CA GLN K 276 -8.68 45.22 9.63
C GLN K 276 -7.39 44.43 9.70
N ASP K 277 -6.71 44.25 8.56
CA ASP K 277 -5.45 43.52 8.54
C ASP K 277 -4.36 44.26 9.32
N LEU K 278 -4.29 45.59 9.18
CA LEU K 278 -3.34 46.35 9.98
C LEU K 278 -3.67 46.28 11.46
N LYS K 279 -4.97 46.25 11.80
CA LYS K 279 -5.37 46.05 13.19
C LYS K 279 -4.88 44.71 13.71
N LEU K 280 -5.02 43.66 12.91
CA LEU K 280 -4.57 42.33 13.31
C LEU K 280 -3.05 42.32 13.52
N LEU K 281 -2.31 42.93 12.59
CA LEU K 281 -0.85 42.95 12.71
C LEU K 281 -0.41 43.79 13.90
N ALA K 282 -1.10 44.90 14.17
CA ALA K 282 -0.78 45.71 15.34
C ALA K 282 -1.05 44.94 16.62
N ASN K 283 -2.16 44.21 16.68
CA ASN K 283 -2.45 43.37 17.83
C ASN K 283 -1.49 42.19 17.96
N LYS K 284 -0.83 41.78 16.87
CA LYS K 284 -0.04 40.57 16.90
C LYS K 284 1.47 40.80 16.84
N THR K 285 1.92 41.99 16.41
CA THR K 285 3.34 42.30 16.32
C THR K 285 3.59 43.81 16.21
N PRO K 286 3.27 44.59 17.25
CA PRO K 286 3.51 46.05 17.18
C PRO K 286 4.96 46.45 17.01
N HIS K 287 5.90 45.71 17.59
CA HIS K 287 7.31 46.10 17.56
C HIS K 287 7.89 46.11 16.15
N THR K 288 7.41 45.24 15.27
CA THR K 288 7.95 45.17 13.91
C THR K 288 7.63 46.42 13.09
N TRP K 289 6.63 47.20 13.49
CA TRP K 289 6.28 48.42 12.77
C TRP K 289 7.42 49.42 12.82
N SER K 290 7.64 50.09 11.70
CA SER K 290 8.67 51.11 11.57
C SER K 290 8.07 52.50 11.65
N ARG K 291 8.96 53.49 11.77
CA ARG K 291 8.53 54.89 11.77
C ARG K 291 7.87 55.26 10.44
N GLU K 292 8.40 54.72 9.34
CA GLU K 292 7.84 55.01 8.01
C GLU K 292 6.41 54.53 7.88
N ASN K 293 6.13 53.33 8.41
CA ASN K 293 4.77 52.79 8.35
C ASN K 293 3.78 53.66 9.13
N ILE K 294 4.18 54.11 10.32
CA ILE K 294 3.31 54.97 11.11
C ILE K 294 3.12 56.30 10.42
N GLN K 295 4.18 56.83 9.80
CA GLN K 295 4.08 58.08 9.04
C GLN K 295 3.08 57.93 7.89
N ALA K 296 3.17 56.82 7.16
CA ALA K 296 2.26 56.57 6.04
C ALA K 296 0.82 56.43 6.53
N LEU K 297 0.62 55.73 7.65
CA LEU K 297 -0.72 55.54 8.18
C LEU K 297 -1.32 56.86 8.62
N CYS K 298 -0.52 57.71 9.27
CA CYS K 298 -1.01 59.02 9.69
C CYS K 298 -1.34 59.90 8.48
N GLU K 299 -0.50 59.84 7.44
CA GLU K 299 -0.80 60.57 6.21
C GLU K 299 -2.11 60.09 5.58
N CYS K 300 -2.31 58.77 5.54
CA CYS K 300 -3.55 58.21 5.01
C CYS K 300 -4.76 58.67 5.82
N ALA K 301 -4.62 58.70 7.14
CA ALA K 301 -5.70 59.15 8.01
C ALA K 301 -6.03 60.61 7.75
N LEU K 302 -5.01 61.45 7.59
CA LEU K 302 -5.23 62.87 7.32
C LEU K 302 -5.93 63.07 5.98
N GLN K 303 -5.51 62.33 4.95
CA GLN K 303 -5.99 62.63 3.61
C GLN K 303 -7.43 62.18 3.40
N THR K 304 -7.80 61.00 3.92
CA THR K 304 -9.09 60.41 3.59
C THR K 304 -10.23 61.25 4.16
N PRO K 305 -11.31 61.47 3.40
CA PRO K 305 -12.46 62.23 3.90
C PRO K 305 -13.56 61.40 4.55
N TYR K 306 -13.57 60.09 4.36
CA TYR K 306 -14.67 59.26 4.83
C TYR K 306 -14.54 59.01 6.32
N ASP K 307 -15.67 59.14 7.04
CA ASP K 307 -15.65 59.01 8.50
C ASP K 307 -15.33 57.59 8.93
N SER K 308 -15.86 56.58 8.23
CA SER K 308 -15.68 55.19 8.66
C SER K 308 -14.24 54.75 8.51
N LEU K 309 -13.61 55.08 7.38
CA LEU K 309 -12.22 54.73 7.14
C LEU K 309 -11.31 55.42 8.15
N LYS K 310 -11.57 56.71 8.41
CA LYS K 310 -10.82 57.46 9.41
C LYS K 310 -10.95 56.81 10.78
N LEU K 311 -12.18 56.42 11.15
CA LEU K 311 -12.43 55.78 12.43
C LEU K 311 -11.64 54.50 12.56
N GLY K 312 -11.67 53.67 11.51
CA GLY K 312 -10.97 52.39 11.57
C GLY K 312 -9.46 52.55 11.66
N MET K 313 -8.89 53.42 10.82
CA MET K 313 -7.44 53.57 10.84
C MET K 313 -6.97 54.27 12.11
N LEU K 314 -7.81 55.13 12.68
CA LEU K 314 -7.46 55.70 13.98
C LEU K 314 -7.58 54.66 15.09
N SER K 315 -8.49 53.69 14.94
CA SER K 315 -8.52 52.57 15.87
C SER K 315 -7.24 51.76 15.80
N VAL K 316 -6.74 51.53 14.57
CA VAL K 316 -5.46 50.85 14.40
C VAL K 316 -4.33 51.63 15.06
N LEU K 317 -4.32 52.95 14.84
CA LEU K 317 -3.30 53.80 15.45
C LEU K 317 -3.38 53.80 16.97
N SER K 318 -4.60 53.82 17.52
CA SER K 318 -4.78 53.77 18.96
C SER K 318 -4.28 52.45 19.53
N THR K 319 -4.57 51.35 18.84
CA THR K 319 -4.08 50.05 19.25
C THR K 319 -2.55 50.01 19.25
N LEU K 320 -1.95 50.63 18.22
CA LEU K 320 -0.49 50.75 18.19
C LEU K 320 0.03 51.59 19.34
N SER K 321 -0.67 52.68 19.67
CA SER K 321 -0.21 53.62 20.68
C SER K 321 -0.16 53.02 22.08
N GLY K 322 -0.92 51.96 22.34
CA GLY K 322 -0.95 51.34 23.65
C GLY K 322 0.13 50.30 23.84
N THR K 323 1.16 50.35 23.00
CA THR K 323 2.28 49.42 23.05
C THR K 323 3.57 50.22 22.90
N ILE K 324 4.67 49.52 22.63
CA ILE K 324 5.98 50.16 22.49
C ILE K 324 6.18 50.81 21.13
N ALA K 325 5.15 50.81 20.26
CA ALA K 325 5.29 51.40 18.93
C ALA K 325 5.57 52.89 18.98
N ILE K 326 5.08 53.58 20.02
CA ILE K 326 5.32 55.01 20.17
C ILE K 326 6.81 55.28 20.35
N LYS K 327 7.45 54.48 21.20
CA LYS K 327 8.89 54.65 21.44
C LYS K 327 9.70 54.42 20.17
N HIS K 328 9.34 53.39 19.40
CA HIS K 328 9.99 53.15 18.12
C HIS K 328 9.74 54.29 17.14
N TYR K 329 8.55 54.92 17.23
CA TYR K 329 8.22 56.02 16.34
C TYR K 329 9.13 57.23 16.59
N PHE K 330 9.44 57.51 17.85
CA PHE K 330 10.35 58.60 18.18
C PHE K 330 11.76 58.07 18.41
N ARG K 342 7.66 65.58 20.62
CA ARG K 342 7.83 66.44 19.46
C ARG K 342 6.52 66.59 18.70
N SER K 343 6.48 67.54 17.78
CA SER K 343 5.32 67.77 16.93
C SER K 343 5.56 67.09 15.59
N SER K 344 4.67 66.16 15.24
CA SER K 344 4.82 65.38 14.02
C SER K 344 3.44 65.11 13.44
N ASP K 345 3.40 64.23 12.43
CA ASP K 345 2.14 63.89 11.77
C ASP K 345 1.18 63.20 12.74
N LEU K 346 1.69 62.29 13.56
CA LEU K 346 0.84 61.56 14.51
C LEU K 346 0.20 62.52 15.51
N VAL K 347 0.99 63.46 16.05
CA VAL K 347 0.47 64.39 17.03
C VAL K 347 -0.59 65.30 16.41
N LYS K 348 -0.31 65.83 15.22
CA LYS K 348 -1.26 66.70 14.53
C LYS K 348 -2.55 65.96 14.21
N LEU K 349 -2.43 64.71 13.75
CA LEU K 349 -3.59 63.88 13.45
C LEU K 349 -4.41 63.64 14.71
N ALA K 350 -3.76 63.29 15.81
CA ALA K 350 -4.46 63.00 17.06
C ALA K 350 -5.17 64.24 17.59
N GLN K 351 -4.52 65.40 17.52
CA GLN K 351 -5.15 66.64 17.95
C GLN K 351 -6.34 66.98 17.07
N GLU K 352 -6.20 66.81 15.75
CA GLU K 352 -7.29 67.11 14.82
C GLU K 352 -8.47 66.19 15.06
N CYS K 353 -8.20 64.89 15.27
CA CYS K 353 -9.27 63.91 15.38
C CYS K 353 -9.98 63.98 16.73
N CYS K 354 -9.30 64.43 17.78
CA CYS K 354 -9.94 64.48 19.10
C CYS K 354 -11.08 65.48 19.14
N TYR K 355 -11.10 66.46 18.24
CA TYR K 355 -12.20 67.42 18.11
C TYR K 355 -13.11 67.10 16.93
N HIS K 356 -12.97 65.93 16.33
CA HIS K 356 -13.84 65.53 15.22
C HIS K 356 -15.27 65.33 15.72
N ASN K 357 -16.22 65.51 14.81
CA ASN K 357 -17.63 65.41 15.18
C ASN K 357 -18.01 64.00 15.63
N ASN K 358 -17.57 62.99 14.89
CA ASN K 358 -17.92 61.62 15.20
C ASN K 358 -17.35 61.22 16.56
N ARG K 359 -18.18 60.51 17.35
CA ARG K 359 -17.78 60.11 18.70
C ARG K 359 -16.59 59.15 18.70
N GLY K 360 -16.63 58.14 17.82
CA GLY K 360 -15.57 57.15 17.81
C GLY K 360 -14.22 57.72 17.41
N ILE K 361 -14.21 58.60 16.41
CA ILE K 361 -12.98 59.24 15.98
C ILE K 361 -12.39 60.07 17.12
N ALA K 362 -13.24 60.81 17.82
CA ALA K 362 -12.79 61.60 18.97
C ALA K 362 -12.22 60.72 20.05
N ALA K 363 -12.89 59.60 20.33
CA ALA K 363 -12.43 58.67 21.37
C ALA K 363 -11.07 58.11 21.03
N HIS K 364 -10.88 57.67 19.79
CA HIS K 364 -9.60 57.09 19.40
C HIS K 364 -8.50 58.14 19.38
N GLY K 365 -8.82 59.37 18.95
CA GLY K 365 -7.84 60.44 18.96
C GLY K 365 -7.39 60.80 20.37
N VAL K 366 -8.34 60.94 21.29
CA VAL K 366 -7.98 61.30 22.65
C VAL K 366 -7.25 60.14 23.31
N ARG K 367 -7.55 58.88 22.92
CA ARG K 367 -6.78 57.76 23.44
C ARG K 367 -5.34 57.79 22.93
N VAL K 368 -5.14 58.18 21.67
CA VAL K 368 -3.79 58.34 21.14
C VAL K 368 -3.04 59.42 21.92
N LEU K 369 -3.71 60.55 22.20
CA LEU K 369 -3.08 61.61 22.98
C LEU K 369 -2.76 61.16 24.39
N THR K 370 -3.68 60.41 25.02
CA THR K 370 -3.45 59.89 26.37
C THR K 370 -2.24 58.96 26.40
N ASN K 371 -2.18 58.04 25.44
CA ASN K 371 -1.06 57.10 25.39
C ASN K 371 0.26 57.82 25.16
N ILE K 372 0.27 58.78 24.22
CA ILE K 372 1.50 59.48 23.89
C ILE K 372 1.95 60.36 25.07
N THR K 373 1.00 60.91 25.83
CA THR K 373 1.36 61.71 27.00
C THR K 373 1.91 60.85 28.12
N VAL K 374 1.24 59.73 28.41
CA VAL K 374 1.66 58.89 29.54
C VAL K 374 2.98 58.19 29.24
N SER K 375 3.17 57.74 28.00
CA SER K 375 4.31 56.89 27.66
C SER K 375 5.65 57.62 27.83
N CYS K 376 5.72 58.87 27.38
CA CYS K 376 6.98 59.60 27.34
C CYS K 376 6.80 60.99 27.92
N GLN K 377 7.89 61.54 28.44
CA GLN K 377 7.89 62.83 29.14
C GLN K 377 8.66 63.90 28.37
N GLU K 378 8.56 63.90 27.04
CA GLU K 378 9.22 64.92 26.24
C GLU K 378 8.51 66.25 26.41
N LYS K 379 9.24 67.33 26.08
CA LYS K 379 8.77 68.68 26.39
C LYS K 379 7.50 69.04 25.63
N ASP K 380 7.45 68.73 24.34
CA ASP K 380 6.25 68.99 23.56
C ASP K 380 5.05 68.21 24.08
N LEU K 381 5.28 67.00 24.61
CA LEU K 381 4.20 66.23 25.22
C LEU K 381 3.66 66.93 26.47
N LEU K 382 4.54 67.48 27.31
CA LEU K 382 4.09 68.26 28.44
C LEU K 382 3.36 69.53 27.99
N ALA K 383 3.72 70.06 26.82
CA ALA K 383 3.02 71.22 26.29
C ALA K 383 1.61 70.85 25.83
N LEU K 384 1.47 69.71 25.17
CA LEU K 384 0.21 69.28 24.59
C LEU K 384 -0.68 68.49 25.54
N GLU K 385 -0.20 68.18 26.76
CA GLU K 385 -1.00 67.39 27.70
C GLU K 385 -2.30 68.09 28.09
N GLN K 386 -2.30 69.43 28.10
CA GLN K 386 -3.53 70.19 28.35
C GLN K 386 -4.57 69.94 27.26
N ASP K 387 -4.12 69.85 26.01
CA ASP K 387 -5.01 69.61 24.87
C ASP K 387 -5.75 68.29 25.06
N ALA K 388 -5.05 67.25 25.49
CA ALA K 388 -5.67 65.95 25.73
C ALA K 388 -6.74 66.05 26.79
N VAL K 389 -6.45 66.76 27.89
CA VAL K 389 -7.41 66.89 28.99
C VAL K 389 -8.67 67.61 28.52
N PHE K 390 -8.50 68.74 27.83
CA PHE K 390 -9.66 69.52 27.41
C PHE K 390 -10.48 68.78 26.36
N GLY K 391 -9.82 68.09 25.41
CA GLY K 391 -10.55 67.26 24.47
C GLY K 391 -11.31 66.15 25.16
N LEU K 392 -10.72 65.60 26.24
CA LEU K 392 -11.38 64.56 27.02
C LEU K 392 -12.63 65.12 27.70
N GLU K 393 -12.54 66.34 28.23
CA GLU K 393 -13.71 67.01 28.80
C GLU K 393 -14.80 67.23 27.76
N SER K 394 -14.41 67.64 26.55
CA SER K 394 -15.39 67.84 25.48
C SER K 394 -16.09 66.54 25.13
N LEU K 395 -15.33 65.44 25.05
CA LEU K 395 -15.95 64.15 24.78
C LEU K 395 -16.89 63.76 25.91
N LEU K 396 -16.48 64.04 27.16
CA LEU K 396 -17.30 63.74 28.32
C LEU K 396 -18.64 64.47 28.26
N VAL K 397 -18.61 65.78 27.97
CA VAL K 397 -19.86 66.54 27.90
C VAL K 397 -20.69 66.09 26.70
N LEU K 398 -20.04 65.66 25.61
CA LEU K 398 -20.78 65.13 24.46
C LEU K 398 -21.51 63.85 24.80
N CYS K 399 -20.86 62.93 25.52
CA CYS K 399 -21.44 61.62 25.79
C CYS K 399 -22.23 61.55 27.09
N SER K 400 -22.38 62.65 27.81
CA SER K 400 -23.03 62.61 29.12
C SER K 400 -24.54 62.44 29.05
N GLN K 401 -25.16 62.64 27.88
CA GLN K 401 -26.61 62.49 27.77
C GLN K 401 -27.05 61.81 26.48
N ASP K 402 -26.12 61.27 25.67
CA ASP K 402 -26.49 60.64 24.42
C ASP K 402 -27.34 59.38 24.65
N ASP K 403 -26.94 58.54 25.61
CA ASP K 403 -27.69 57.36 26.05
C ASP K 403 -27.91 56.38 24.88
N SER K 404 -26.81 55.86 24.37
CA SER K 404 -26.83 54.81 23.36
C SER K 404 -25.65 53.88 23.61
N PRO K 405 -25.74 52.61 23.19
CA PRO K 405 -24.62 51.67 23.46
C PRO K 405 -23.28 52.11 22.90
N GLY K 406 -23.27 52.69 21.69
CA GLY K 406 -22.03 53.25 21.17
C GLY K 406 -21.53 54.41 22.03
N ALA K 407 -22.45 55.25 22.50
CA ALA K 407 -22.09 56.33 23.42
C ALA K 407 -21.55 55.76 24.72
N GLN K 408 -22.13 54.66 25.20
CA GLN K 408 -21.63 54.00 26.41
C GLN K 408 -20.21 53.51 26.21
N ALA K 409 -19.93 52.90 25.05
CA ALA K 409 -18.58 52.41 24.75
C ALA K 409 -17.58 53.55 24.67
N THR K 410 -17.95 54.64 23.99
CA THR K 410 -17.04 55.78 23.88
C THR K 410 -16.81 56.42 25.25
N LEU K 411 -17.85 56.48 26.08
CA LEU K 411 -17.72 57.02 27.43
C LEU K 411 -16.79 56.15 28.27
N LYS K 412 -16.92 54.83 28.15
CA LYS K 412 -16.02 53.92 28.87
C LYS K 412 -14.57 54.13 28.42
N ILE K 413 -14.36 54.30 27.12
CA ILE K 413 -13.02 54.52 26.59
C ILE K 413 -12.44 55.83 27.16
N ALA K 414 -13.24 56.90 27.14
CA ALA K 414 -12.77 58.20 27.64
C ALA K 414 -12.46 58.14 29.12
N LEU K 415 -13.29 57.47 29.91
CA LEU K 415 -13.07 57.39 31.35
C LEU K 415 -11.84 56.56 31.67
N ASN K 416 -11.63 55.45 30.95
CA ASN K 416 -10.41 54.66 31.14
C ASN K 416 -9.18 55.49 30.77
N CYS K 417 -9.29 56.29 29.71
CA CYS K 417 -8.17 57.13 29.28
C CYS K 417 -7.82 58.14 30.35
N MET K 418 -8.82 58.79 30.94
CA MET K 418 -8.50 59.80 31.95
C MET K 418 -8.03 59.15 33.26
N VAL K 419 -8.49 57.94 33.57
CA VAL K 419 -7.93 57.20 34.70
C VAL K 419 -6.44 56.94 34.50
N LYS K 420 -6.07 56.47 33.31
CA LYS K 420 -4.66 56.22 33.01
C LYS K 420 -3.85 57.51 33.04
N LEU K 421 -4.41 58.59 32.49
CA LEU K 421 -3.72 59.88 32.46
C LEU K 421 -3.48 60.39 33.88
N ALA K 422 -4.49 60.27 34.75
CA ALA K 422 -4.34 60.66 36.14
C ALA K 422 -3.29 59.81 36.85
N LYS K 423 -3.27 58.50 36.57
CA LYS K 423 -2.21 57.65 37.09
C LYS K 423 -0.84 58.10 36.62
N GLY K 424 -0.78 58.75 35.46
CA GLY K 424 0.48 59.27 34.95
C GLY K 424 0.77 60.69 35.40
N ARG K 425 -0.25 61.55 35.44
CA ARG K 425 -0.08 62.99 35.68
C ARG K 425 -0.97 63.48 36.82
N PRO K 426 -0.50 63.43 38.07
CA PRO K 426 -1.32 63.92 39.20
C PRO K 426 -1.73 65.38 39.11
N HIS K 427 -0.82 66.26 38.67
CA HIS K 427 -1.16 67.68 38.56
C HIS K 427 -2.24 67.90 37.51
N LEU K 428 -2.30 67.02 36.49
CA LEU K 428 -3.46 66.97 35.62
C LEU K 428 -4.66 66.29 36.28
N SER K 429 -4.39 65.31 37.17
CA SER K 429 -5.46 64.56 37.83
C SER K 429 -6.36 65.47 38.65
N GLN K 430 -5.80 66.54 39.21
CA GLN K 430 -6.62 67.46 40.00
C GLN K 430 -7.71 68.11 39.12
N SER K 431 -7.30 68.65 37.97
CA SER K 431 -8.28 69.22 37.04
C SER K 431 -9.22 68.16 36.50
N VAL K 432 -8.72 66.93 36.33
CA VAL K 432 -9.56 65.80 35.89
C VAL K 432 -10.66 65.56 36.91
N VAL K 433 -10.31 65.55 38.20
CA VAL K 433 -11.28 65.40 39.27
C VAL K 433 -12.29 66.55 39.24
N GLU K 434 -11.79 67.78 39.04
CA GLU K 434 -12.65 68.95 39.01
C GLU K 434 -13.71 68.84 37.92
N THR K 435 -13.27 68.52 36.69
CA THR K 435 -14.24 68.42 35.58
C THR K 435 -15.19 67.24 35.77
N LEU K 436 -14.69 66.12 36.33
CA LEU K 436 -15.56 64.99 36.63
C LEU K 436 -16.69 65.40 37.57
N LEU K 437 -16.36 66.14 38.63
CA LEU K 437 -17.38 66.58 39.56
C LEU K 437 -18.34 67.58 38.91
N THR K 438 -17.83 68.48 38.07
CA THR K 438 -18.69 69.45 37.41
C THR K 438 -19.71 68.75 36.49
N GLN K 439 -19.26 67.76 35.73
CA GLN K 439 -20.16 67.05 34.83
C GLN K 439 -20.98 65.96 35.50
N LEU K 440 -20.67 65.60 36.75
CA LEU K 440 -21.43 64.56 37.44
C LEU K 440 -22.90 64.96 37.62
N HIS K 441 -23.14 66.23 37.99
CA HIS K 441 -24.47 66.68 38.36
C HIS K 441 -25.44 66.63 37.19
N SER K 442 -24.99 67.04 36.00
CA SER K 442 -25.87 67.14 34.83
C SER K 442 -25.88 65.89 33.96
N ALA K 443 -25.12 64.87 34.30
CA ALA K 443 -25.05 63.67 33.48
C ALA K 443 -26.25 62.77 33.72
N GLN K 444 -26.45 61.82 32.82
CA GLN K 444 -27.53 60.87 32.91
C GLN K 444 -27.15 59.74 33.87
N ASP K 445 -28.11 58.84 34.13
CA ASP K 445 -27.95 57.82 35.16
C ASP K 445 -26.81 56.85 34.85
N ALA K 446 -26.82 56.27 33.65
CA ALA K 446 -25.75 55.34 33.28
C ALA K 446 -24.41 56.06 33.17
N ALA K 447 -24.43 57.27 32.60
CA ALA K 447 -23.23 58.11 32.56
C ALA K 447 -22.74 58.41 33.96
N ARG K 448 -23.67 58.67 34.90
CA ARG K 448 -23.27 58.92 36.28
C ARG K 448 -22.63 57.68 36.90
N ILE K 449 -23.17 56.50 36.59
CA ILE K 449 -22.62 55.25 37.14
C ILE K 449 -21.18 55.06 36.65
N LEU K 450 -20.97 55.23 35.34
CA LEU K 450 -19.62 55.07 34.80
C LEU K 450 -18.68 56.16 35.32
N MET K 451 -19.19 57.39 35.46
CA MET K 451 -18.39 58.48 36.01
C MET K 451 -17.98 58.20 37.44
N CYS K 452 -18.89 57.64 38.24
CA CYS K 452 -18.59 57.28 39.61
C CYS K 452 -17.56 56.16 39.68
N HIS K 453 -17.66 55.17 38.77
CA HIS K 453 -16.64 54.12 38.72
C HIS K 453 -15.27 54.71 38.40
N CYS K 454 -15.22 55.61 37.41
CA CYS K 454 -13.97 56.26 37.06
C CYS K 454 -13.41 57.07 38.23
N LEU K 455 -14.27 57.83 38.91
CA LEU K 455 -13.85 58.66 40.04
C LEU K 455 -13.37 57.80 41.20
N ALA K 456 -14.02 56.66 41.42
CA ALA K 456 -13.58 55.71 42.44
C ALA K 456 -12.17 55.20 42.13
N ALA K 457 -11.92 54.86 40.87
CA ALA K 457 -10.57 54.44 40.47
C ALA K 457 -9.55 55.56 40.71
N ILE K 458 -9.93 56.79 40.34
CA ILE K 458 -9.06 57.96 40.50
C ILE K 458 -8.69 58.13 41.97
N ALA K 459 -9.71 58.12 42.83
CA ALA K 459 -9.51 58.33 44.26
C ALA K 459 -8.70 57.19 44.88
N MET K 460 -8.99 55.95 44.48
CA MET K 460 -8.29 54.80 45.03
C MET K 460 -6.79 54.86 44.71
N GLN K 461 -6.45 55.16 43.47
CA GLN K 461 -5.02 55.20 43.12
C GLN K 461 -4.34 56.45 43.67
N LEU K 462 -4.98 57.62 43.55
CA LEU K 462 -4.38 58.87 44.00
C LEU K 462 -4.99 59.33 45.31
N PRO K 463 -4.20 59.40 46.40
CA PRO K 463 -4.79 59.67 47.72
C PRO K 463 -5.33 61.09 47.91
N VAL K 464 -4.59 62.11 47.49
CA VAL K 464 -4.98 63.49 47.82
C VAL K 464 -6.00 63.95 46.79
N LEU K 465 -7.25 63.61 47.03
CA LEU K 465 -8.35 63.99 46.16
C LEU K 465 -9.05 65.28 46.57
N GLY K 466 -8.89 65.71 47.82
CA GLY K 466 -9.57 66.90 48.27
C GLY K 466 -10.93 66.57 48.86
N ASP K 467 -11.13 66.88 50.15
CA ASP K 467 -12.43 66.67 50.78
C ASP K 467 -13.52 67.59 50.25
N GLY K 468 -13.16 68.62 49.48
CA GLY K 468 -14.15 69.40 48.76
C GLY K 468 -14.96 68.58 47.77
N MET K 469 -14.40 67.47 47.29
CA MET K 469 -15.18 66.50 46.52
C MET K 469 -16.40 66.01 47.29
N LEU K 470 -16.22 65.72 48.59
CA LEU K 470 -17.24 65.03 49.38
C LEU K 470 -18.55 65.80 49.44
N GLY K 471 -18.48 67.13 49.43
CA GLY K 471 -19.70 67.93 49.44
C GLY K 471 -20.52 67.74 48.17
N ASP K 472 -19.86 67.76 47.02
CA ASP K 472 -20.56 67.58 45.74
C ASP K 472 -21.17 66.18 45.66
N LEU K 473 -20.42 65.16 46.10
CA LEU K 473 -20.93 63.80 46.07
C LEU K 473 -22.13 63.64 47.00
N MET K 474 -22.07 64.25 48.20
CA MET K 474 -23.20 64.19 49.12
C MET K 474 -24.42 64.90 48.54
N GLU K 475 -24.22 66.06 47.92
CA GLU K 475 -25.33 66.78 47.29
C GLU K 475 -25.95 65.96 46.17
N LEU K 476 -25.11 65.33 45.34
CA LEU K 476 -25.61 64.48 44.28
C LEU K 476 -26.36 63.28 44.84
N TYR K 477 -25.85 62.70 45.93
CA TYR K 477 -26.52 61.56 46.58
C TYR K 477 -27.88 61.96 47.10
N LYS K 478 -28.02 63.18 47.62
CA LYS K 478 -29.29 63.65 48.15
C LYS K 478 -30.37 63.71 47.07
N VAL K 479 -30.08 64.37 45.94
CA VAL K 479 -31.08 64.55 44.89
C VAL K 479 -31.43 63.21 44.23
N ILE K 480 -30.46 62.31 44.08
CA ILE K 480 -30.70 61.01 43.47
C ILE K 480 -31.58 60.11 44.32
N GLY K 481 -31.81 60.46 45.60
CA GLY K 481 -32.63 59.65 46.49
C GLY K 481 -34.04 59.41 46.01
N ARG K 482 -34.58 60.32 45.20
CA ARG K 482 -35.93 60.22 44.65
C ARG K 482 -35.90 60.41 43.14
N SER K 483 -34.96 59.73 42.49
CA SER K 483 -34.76 59.86 41.04
C SER K 483 -35.56 58.83 40.25
N ALA K 484 -35.34 57.55 40.52
CA ALA K 484 -35.98 56.46 39.79
C ALA K 484 -36.13 55.27 40.71
N THR K 485 -36.40 54.10 40.14
CA THR K 485 -36.51 52.87 40.92
C THR K 485 -35.65 51.74 40.39
N ASP K 486 -35.51 51.63 39.06
CA ASP K 486 -34.81 50.48 38.47
C ASP K 486 -33.29 50.70 38.36
N LYS K 487 -32.87 51.77 37.67
CA LYS K 487 -31.45 52.08 37.52
C LYS K 487 -30.90 52.87 38.71
N GLN K 488 -31.76 53.32 39.63
CA GLN K 488 -31.32 54.04 40.81
C GLN K 488 -30.44 53.18 41.72
N GLN K 489 -30.58 51.85 41.65
CA GLN K 489 -29.87 50.96 42.56
C GLN K 489 -28.36 50.99 42.34
N GLU K 490 -27.92 50.80 41.08
CA GLU K 490 -26.50 50.77 40.79
C GLU K 490 -25.86 52.14 40.98
N LEU K 491 -26.59 53.20 40.62
CA LEU K 491 -26.13 54.55 40.87
C LEU K 491 -25.94 54.79 42.36
N LEU K 492 -26.88 54.30 43.18
CA LEU K 492 -26.77 54.45 44.63
C LEU K 492 -25.53 53.75 45.17
N VAL K 493 -25.31 52.50 44.75
CA VAL K 493 -24.17 51.77 45.30
C VAL K 493 -22.85 52.38 44.84
N SER K 494 -22.77 52.84 43.58
CA SER K 494 -21.55 53.47 43.11
C SER K 494 -21.29 54.80 43.82
N LEU K 495 -22.36 55.59 44.04
CA LEU K 495 -22.24 56.84 44.77
C LEU K 495 -21.79 56.59 46.21
N ALA K 496 -22.34 55.57 46.85
CA ALA K 496 -21.91 55.24 48.21
C ALA K 496 -20.45 54.81 48.21
N THR K 497 -20.03 54.08 47.17
CA THR K 497 -18.64 53.65 47.06
C THR K 497 -17.71 54.86 46.97
N VAL K 498 -18.04 55.83 46.12
CA VAL K 498 -17.15 57.00 46.01
C VAL K 498 -17.20 57.82 47.30
N ILE K 499 -18.34 57.85 47.99
CA ILE K 499 -18.43 58.54 49.28
C ILE K 499 -17.45 57.90 50.28
N PHE K 500 -17.49 56.58 50.39
CA PHE K 500 -16.60 55.89 51.33
C PHE K 500 -15.14 56.04 50.95
N VAL K 501 -14.82 55.94 49.66
CA VAL K 501 -13.41 56.06 49.24
C VAL K 501 -12.91 57.48 49.49
N ALA K 502 -13.76 58.49 49.24
CA ALA K 502 -13.37 59.87 49.46
C ALA K 502 -13.15 60.16 50.94
N SER K 503 -13.99 59.61 51.81
CA SER K 503 -13.91 59.88 53.25
C SER K 503 -12.74 59.09 53.82
N GLN K 504 -11.54 59.65 53.68
CA GLN K 504 -10.36 59.06 54.29
C GLN K 504 -10.44 59.07 55.81
N LYS K 505 -11.20 60.01 56.38
CA LYS K 505 -11.42 60.08 57.81
C LYS K 505 -12.79 59.51 58.15
N ALA K 506 -13.21 59.65 59.40
CA ALA K 506 -14.49 59.14 59.85
C ALA K 506 -15.64 59.94 59.25
N LEU K 507 -16.86 59.53 59.55
CA LEU K 507 -18.05 60.16 59.01
C LEU K 507 -18.66 61.12 60.03
N SER K 508 -19.83 61.64 59.71
CA SER K 508 -20.55 62.61 60.53
C SER K 508 -22.04 62.39 60.33
N VAL K 509 -22.84 63.39 60.65
CA VAL K 509 -24.30 63.35 60.45
C VAL K 509 -24.67 63.12 58.98
N GLU K 510 -23.76 63.38 58.05
CA GLU K 510 -23.94 62.97 56.65
C GLU K 510 -24.19 61.47 56.52
N SER K 511 -23.56 60.65 57.38
CA SER K 511 -23.89 59.22 57.42
C SER K 511 -25.34 58.99 57.84
N LYS K 512 -25.84 59.79 58.79
CA LYS K 512 -27.25 59.72 59.17
C LYS K 512 -28.14 60.05 57.99
N ALA K 513 -27.77 61.07 57.21
CA ALA K 513 -28.54 61.41 56.01
C ALA K 513 -28.53 60.25 55.01
N VAL K 514 -27.37 59.62 54.83
CA VAL K 514 -27.25 58.51 53.89
C VAL K 514 -28.13 57.34 54.30
N ILE K 515 -28.08 56.96 55.58
CA ILE K 515 -28.87 55.81 56.05
C ILE K 515 -30.36 56.15 56.01
N LYS K 516 -30.72 57.40 56.33
CA LYS K 516 -32.13 57.81 56.26
C LYS K 516 -32.64 57.71 54.83
N GLN K 517 -31.85 58.18 53.86
CA GLN K 517 -32.22 58.07 52.45
C GLN K 517 -32.37 56.62 52.04
N GLN K 518 -31.43 55.76 52.49
CA GLN K 518 -31.49 54.34 52.16
C GLN K 518 -32.77 53.70 52.70
N LEU K 519 -33.05 53.91 53.99
CA LEU K 519 -34.22 53.31 54.61
C LEU K 519 -35.52 53.82 53.98
N GLU K 520 -35.55 55.10 53.63
CA GLU K 520 -36.77 55.68 53.06
C GLU K 520 -37.02 55.21 51.64
N SER K 521 -35.99 55.17 50.80
CA SER K 521 -36.19 55.01 49.35
C SER K 521 -35.82 53.65 48.77
N VAL K 522 -34.84 52.95 49.32
CA VAL K 522 -34.30 51.75 48.69
C VAL K 522 -35.29 50.59 48.68
N SER K 523 -35.63 50.09 49.87
CA SER K 523 -36.58 48.99 50.06
C SER K 523 -36.22 47.76 49.22
N ASN K 524 -34.91 47.48 49.13
CA ASN K 524 -34.39 46.41 48.28
C ASN K 524 -33.43 45.48 49.02
N GLY K 525 -32.62 46.01 49.93
CA GLY K 525 -31.70 45.19 50.71
C GLY K 525 -30.38 44.79 50.08
N TRP K 526 -30.41 44.29 48.84
CA TRP K 526 -29.17 43.88 48.16
C TRP K 526 -28.25 45.08 47.95
N THR K 527 -28.81 46.21 47.54
CA THR K 527 -28.05 47.44 47.45
C THR K 527 -27.54 47.88 48.81
N VAL K 528 -28.36 47.71 49.85
CA VAL K 528 -27.93 47.98 51.22
C VAL K 528 -26.74 47.10 51.57
N TYR K 529 -26.81 45.82 51.20
CA TYR K 529 -25.71 44.89 51.47
C TYR K 529 -24.45 45.33 50.77
N ARG K 530 -24.55 45.75 49.50
CA ARG K 530 -23.36 46.13 48.75
C ARG K 530 -22.78 47.43 49.28
N ILE K 531 -23.63 48.37 49.72
CA ILE K 531 -23.13 49.60 50.32
C ILE K 531 -22.41 49.31 51.64
N ALA K 532 -22.98 48.41 52.45
CA ALA K 532 -22.31 48.02 53.69
C ALA K 532 -20.99 47.31 53.41
N ARG K 533 -20.97 46.50 52.35
CA ARG K 533 -19.75 45.80 51.94
C ARG K 533 -18.67 46.79 51.54
N GLN K 534 -19.04 47.82 50.78
CA GLN K 534 -18.09 48.87 50.42
C GLN K 534 -17.62 49.64 51.64
N ALA K 535 -18.54 49.90 52.59
CA ALA K 535 -18.18 50.57 53.83
C ALA K 535 -17.14 49.79 54.60
N SER K 536 -17.35 48.47 54.73
CA SER K 536 -16.36 47.62 55.39
C SER K 536 -15.06 47.56 54.60
N ARG K 537 -15.15 47.64 53.27
CA ARG K 537 -13.96 47.67 52.43
C ARG K 537 -13.11 48.90 52.70
N MET K 538 -13.74 50.07 52.81
CA MET K 538 -13.01 51.31 52.96
C MET K 538 -12.77 51.70 54.42
N GLY K 539 -13.21 50.88 55.37
CA GLY K 539 -12.94 51.14 56.77
C GLY K 539 -13.98 51.95 57.50
N ASN K 540 -15.03 52.41 56.83
CA ASN K 540 -16.13 53.11 57.50
C ASN K 540 -17.03 52.08 58.19
N HIS K 541 -16.50 51.53 59.29
CA HIS K 541 -17.12 50.35 59.90
C HIS K 541 -18.39 50.69 60.66
N ASP K 542 -18.53 51.92 61.18
CA ASP K 542 -19.76 52.30 61.86
C ASP K 542 -20.96 52.27 60.92
N MET K 543 -20.77 52.79 59.70
CA MET K 543 -21.82 52.75 58.69
C MET K 543 -22.17 51.31 58.34
N ALA K 544 -21.16 50.46 58.22
CA ALA K 544 -21.37 49.04 57.95
C ALA K 544 -22.17 48.39 59.07
N LYS K 545 -21.86 48.72 60.32
CA LYS K 545 -22.58 48.17 61.46
C LYS K 545 -24.04 48.57 61.43
N GLU K 546 -24.31 49.86 61.15
CA GLU K 546 -25.68 50.33 61.06
C GLU K 546 -26.45 49.60 59.96
N LEU K 547 -25.84 49.48 58.77
CA LEU K 547 -26.53 48.85 57.65
C LEU K 547 -26.76 47.36 57.89
N TYR K 548 -25.75 46.64 58.40
CA TYR K 548 -25.91 45.22 58.68
C TYR K 548 -26.97 44.99 59.76
N GLN K 549 -26.99 45.83 60.79
CA GLN K 549 -28.02 45.72 61.82
C GLN K 549 -29.42 45.94 61.22
N SER K 550 -29.54 46.93 60.34
CA SER K 550 -30.82 47.20 59.68
C SER K 550 -31.24 46.05 58.76
N LEU K 551 -30.27 45.35 58.18
CA LEU K 551 -30.53 44.39 57.11
C LEU K 551 -30.79 42.97 57.63
N LEU K 552 -30.61 42.73 58.94
CA LEU K 552 -30.68 41.37 59.48
C LEU K 552 -32.05 40.74 59.32
N THR K 553 -33.12 41.54 59.33
CA THR K 553 -34.46 40.96 59.32
C THR K 553 -34.85 40.44 57.95
N GLN K 554 -34.33 41.05 56.88
CA GLN K 554 -34.74 40.70 55.52
C GLN K 554 -34.35 39.27 55.15
N VAL K 555 -33.22 38.78 55.69
CA VAL K 555 -32.68 37.48 55.29
C VAL K 555 -33.63 36.35 55.67
N ALA K 556 -33.45 35.20 55.03
CA ALA K 556 -34.39 34.09 55.20
C ALA K 556 -33.72 32.77 55.60
N SER K 557 -32.45 32.59 55.23
CA SER K 557 -31.75 31.35 55.54
C SER K 557 -31.00 31.45 56.87
N GLU K 558 -30.33 30.36 57.24
CA GLU K 558 -29.62 30.28 58.52
C GLU K 558 -28.21 30.81 58.38
N HIS K 559 -27.43 30.19 57.48
CA HIS K 559 -26.02 30.54 57.33
C HIS K 559 -25.86 31.98 56.87
N PHE K 560 -26.77 32.46 56.02
CA PHE K 560 -26.73 33.86 55.62
C PHE K 560 -27.03 34.78 56.79
N TYR K 561 -27.98 34.39 57.65
CA TYR K 561 -28.28 35.20 58.84
C TYR K 561 -27.06 35.28 59.76
N PHE K 562 -26.41 34.15 60.00
CA PHE K 562 -25.22 34.14 60.85
C PHE K 562 -24.10 34.93 60.21
N TRP K 563 -23.96 34.87 58.88
CA TRP K 563 -22.93 35.62 58.18
C TRP K 563 -23.16 37.13 58.33
N LEU K 564 -24.40 37.58 58.14
CA LEU K 564 -24.71 38.99 58.32
C LEU K 564 -24.48 39.44 59.76
N ASN K 565 -24.87 38.60 60.72
CA ASN K 565 -24.64 38.93 62.13
C ASN K 565 -23.16 39.03 62.43
N SER K 566 -22.36 38.12 61.87
CA SER K 566 -20.91 38.15 62.08
C SER K 566 -20.29 39.40 61.47
N LEU K 567 -20.75 39.79 60.27
CA LEU K 567 -20.27 41.03 59.67
C LEU K 567 -20.63 42.24 60.51
N LYS K 568 -21.85 42.25 61.07
CA LYS K 568 -22.27 43.32 61.95
C LYS K 568 -21.38 43.40 63.18
N GLU K 569 -21.07 42.26 63.78
CA GLU K 569 -20.22 42.24 64.98
C GLU K 569 -18.79 42.68 64.66
N PHE K 570 -18.25 42.25 63.51
CA PHE K 570 -16.91 42.70 63.12
C PHE K 570 -16.87 44.20 62.89
N SER K 571 -17.91 44.74 62.24
CA SER K 571 -17.99 46.18 62.02
C SER K 571 -18.07 46.92 63.35
N HIS K 572 -18.86 46.40 64.31
CA HIS K 572 -18.94 47.02 65.63
C HIS K 572 -17.58 46.97 66.34
N ALA K 573 -16.89 45.84 66.24
CA ALA K 573 -15.57 45.68 66.86
C ALA K 573 -14.58 46.68 66.28
N GLU K 574 -14.63 46.89 64.97
CA GLU K 574 -13.71 47.83 64.35
C GLU K 574 -14.10 49.27 64.65
N GLN K 575 -15.40 49.55 64.79
CA GLN K 575 -15.82 50.89 65.20
C GLN K 575 -15.37 51.18 66.62
N CYS K 576 -15.27 50.12 67.45
CA CYS K 576 -14.66 50.27 68.76
C CYS K 576 -13.19 50.65 68.66
N LEU K 577 -12.49 50.18 67.62
CA LEU K 577 -11.07 50.51 67.46
C LEU K 577 -10.86 51.99 67.20
N THR K 578 -11.85 52.68 66.63
CA THR K 578 -11.71 54.09 66.31
C THR K 578 -11.65 54.99 67.54
N GLY K 579 -11.93 54.48 68.73
CA GLY K 579 -11.88 55.27 69.94
C GLY K 579 -10.50 55.53 70.49
N LEU K 580 -9.46 54.98 69.87
CA LEU K 580 -8.08 55.20 70.32
C LEU K 580 -7.67 56.66 70.18
N GLN K 581 -6.86 57.13 71.12
CA GLN K 581 -6.21 58.42 71.03
C GLN K 581 -4.74 58.25 71.37
N GLU K 582 -3.91 59.14 70.84
CA GLU K 582 -2.46 59.01 70.99
C GLU K 582 -2.05 59.21 72.45
N GLU K 583 -1.15 58.34 72.90
CA GLU K 583 -0.43 58.33 74.19
C GLU K 583 -1.30 57.88 75.36
N ASN K 584 -2.58 57.60 75.16
CA ASN K 584 -3.45 57.06 76.21
C ASN K 584 -3.44 55.55 76.06
N TYR K 585 -2.85 54.86 77.03
CA TYR K 585 -2.67 53.41 76.97
C TYR K 585 -3.72 52.63 77.76
N SER K 586 -4.23 53.21 78.85
CA SER K 586 -5.33 52.58 79.58
C SER K 586 -6.58 52.47 78.73
N SER K 587 -7.00 53.59 78.11
CA SER K 587 -8.14 53.56 77.20
C SER K 587 -7.87 52.67 76.00
N ALA K 588 -6.61 52.61 75.57
CA ALA K 588 -6.23 51.73 74.46
C ALA K 588 -6.48 50.27 74.81
N LEU K 589 -6.03 49.86 76.00
CA LEU K 589 -6.25 48.48 76.44
C LEU K 589 -7.74 48.19 76.62
N SER K 590 -8.49 49.18 77.13
CA SER K 590 -9.94 49.01 77.29
C SER K 590 -10.62 48.78 75.95
N CYS K 591 -10.27 49.60 74.95
CA CYS K 591 -10.84 49.45 73.61
C CYS K 591 -10.45 48.12 72.99
N ILE K 592 -9.20 47.69 73.18
CA ILE K 592 -8.75 46.40 72.66
C ILE K 592 -9.56 45.27 73.28
N ALA K 593 -9.81 45.33 74.59
CA ALA K 593 -10.58 44.28 75.25
C ALA K 593 -12.02 44.25 74.75
N GLU K 594 -12.64 45.42 74.60
CA GLU K 594 -14.01 45.48 74.10
C GLU K 594 -14.10 44.95 72.67
N SER K 595 -13.12 45.31 71.84
CA SER K 595 -13.08 44.80 70.47
C SER K 595 -12.85 43.30 70.44
N LEU K 596 -12.05 42.76 71.37
CA LEU K 596 -11.90 41.31 71.47
C LEU K 596 -13.22 40.63 71.82
N LYS K 597 -13.99 41.22 72.74
CA LYS K 597 -15.30 40.69 73.06
C LYS K 597 -16.20 40.63 71.82
N PHE K 598 -16.28 41.76 71.09
CA PHE K 598 -17.15 41.80 69.91
C PHE K 598 -16.63 40.87 68.82
N TYR K 599 -15.31 40.76 68.66
CA TYR K 599 -14.73 39.85 67.68
C TYR K 599 -15.04 38.40 68.02
N HIS K 600 -14.99 38.05 69.31
CA HIS K 600 -15.30 36.67 69.70
C HIS K 600 -16.76 36.34 69.43
N LYS K 601 -17.67 37.28 69.73
CA LYS K 601 -19.08 37.07 69.37
C LYS K 601 -19.23 36.90 67.86
N GLY K 602 -18.53 37.75 67.10
CA GLY K 602 -18.63 37.69 65.64
C GLY K 602 -18.09 36.40 65.07
N ILE K 603 -16.97 35.91 65.61
CA ILE K 603 -16.40 34.68 65.08
C ILE K 603 -17.23 33.48 65.49
N ALA K 604 -17.88 33.51 66.67
CA ALA K 604 -18.84 32.47 67.02
C ALA K 604 -19.98 32.42 66.00
N SER K 605 -20.54 33.58 65.67
CA SER K 605 -21.59 33.64 64.65
C SER K 605 -21.09 33.17 63.29
N LEU K 606 -19.87 33.56 62.91
CA LEU K 606 -19.33 33.21 61.61
C LEU K 606 -19.11 31.70 61.50
N THR K 607 -18.44 31.10 62.48
CA THR K 607 -18.22 29.67 62.43
C THR K 607 -19.52 28.89 62.61
N ALA K 608 -20.59 29.54 63.09
CA ALA K 608 -21.91 28.95 62.99
C ALA K 608 -22.44 28.96 61.55
N ALA K 609 -21.98 29.91 60.73
CA ALA K 609 -22.47 30.04 59.37
C ALA K 609 -21.85 29.07 58.38
N SER K 610 -20.77 28.39 58.75
CA SER K 610 -20.09 27.51 57.82
C SER K 610 -20.98 26.31 57.47
N THR K 611 -20.95 25.93 56.20
CA THR K 611 -21.74 24.82 55.66
C THR K 611 -20.88 24.06 54.66
N PRO K 612 -21.25 22.81 54.32
CA PRO K 612 -20.46 22.09 53.29
C PRO K 612 -20.41 22.82 51.96
N LEU K 613 -21.50 23.47 51.56
CA LEU K 613 -21.51 24.29 50.35
C LEU K 613 -20.95 25.66 50.70
N ASN K 614 -19.79 25.99 50.10
CA ASN K 614 -19.03 27.22 50.32
C ASN K 614 -18.67 27.32 51.80
N PRO K 615 -17.77 26.47 52.32
CA PRO K 615 -17.31 26.65 53.70
C PRO K 615 -16.41 27.87 53.83
N LEU K 616 -16.75 28.75 54.78
CA LEU K 616 -16.05 30.00 54.98
C LEU K 616 -14.70 29.71 55.64
N SER K 617 -13.75 29.26 54.83
CA SER K 617 -12.42 28.91 55.33
C SER K 617 -11.54 30.14 55.48
N PHE K 618 -11.44 30.95 54.40
CA PHE K 618 -10.63 32.17 54.45
C PHE K 618 -11.14 33.14 55.49
N GLN K 619 -12.45 33.34 55.56
CA GLN K 619 -13.00 34.28 56.53
C GLN K 619 -12.72 33.83 57.95
N CYS K 620 -12.92 32.54 58.23
CA CYS K 620 -12.67 32.01 59.57
C CYS K 620 -11.21 32.18 59.96
N GLU K 621 -10.29 31.79 59.05
CA GLU K 621 -8.87 31.90 59.36
C GLU K 621 -8.43 33.37 59.51
N PHE K 622 -8.94 34.25 58.64
CA PHE K 622 -8.59 35.66 58.71
C PHE K 622 -9.07 36.29 60.02
N VAL K 623 -10.30 35.96 60.44
CA VAL K 623 -10.83 36.49 61.69
C VAL K 623 -10.07 35.92 62.88
N LYS K 624 -9.70 34.63 62.82
CA LYS K 624 -8.89 34.03 63.88
C LYS K 624 -7.55 34.74 64.02
N LEU K 625 -6.90 35.03 62.89
CA LEU K 625 -5.60 35.71 62.94
C LEU K 625 -5.74 37.15 63.42
N ARG K 626 -6.83 37.82 63.04
CA ARG K 626 -7.09 39.17 63.54
C ARG K 626 -7.28 39.16 65.06
N ILE K 627 -8.05 38.19 65.56
CA ILE K 627 -8.28 38.06 67.00
C ILE K 627 -6.96 37.78 67.71
N ASP K 628 -6.15 36.88 67.15
CA ASP K 628 -4.88 36.53 67.78
C ASP K 628 -3.91 37.71 67.78
N LEU K 629 -3.91 38.50 66.70
CA LEU K 629 -3.09 39.70 66.65
C LEU K 629 -3.52 40.72 67.71
N LEU K 630 -4.83 40.91 67.85
CA LEU K 630 -5.32 41.84 68.86
C LEU K 630 -5.01 41.33 70.27
N GLN K 631 -5.11 40.03 70.49
CA GLN K 631 -4.75 39.44 71.78
C GLN K 631 -3.26 39.64 72.07
N ALA K 632 -2.43 39.49 71.03
CA ALA K 632 -1.00 39.72 71.17
C ALA K 632 -0.72 41.18 71.53
N PHE K 633 -1.44 42.12 70.89
CA PHE K 633 -1.29 43.53 71.25
C PHE K 633 -1.73 43.77 72.69
N SER K 634 -2.82 43.14 73.13
CA SER K 634 -3.29 43.29 74.50
C SER K 634 -2.26 42.79 75.49
N GLN K 635 -1.68 41.61 75.23
CA GLN K 635 -0.65 41.06 76.10
C GLN K 635 0.59 41.94 76.11
N LEU K 636 0.93 42.52 74.95
CA LEU K 636 2.12 43.37 74.87
C LEU K 636 1.91 44.67 75.65
N ILE K 637 0.70 45.24 75.59
CA ILE K 637 0.35 46.39 76.42
C ILE K 637 0.43 46.00 77.89
N CYS K 638 -0.06 44.81 78.22
CA CYS K 638 0.02 44.32 79.60
C CYS K 638 1.46 44.21 80.08
N THR K 639 2.37 43.79 79.20
CA THR K 639 3.78 43.69 79.59
C THR K 639 4.42 45.07 79.73
N CYS K 640 4.07 45.99 78.83
CA CYS K 640 4.54 47.38 78.95
C CYS K 640 4.07 48.00 80.26
N ASN K 641 2.87 47.65 80.69
CA ASN K 641 2.40 48.08 82.01
C ASN K 641 3.10 47.31 83.12
N SER K 642 3.42 46.03 82.89
CA SER K 642 4.12 45.23 83.88
C SER K 642 5.52 45.73 84.17
N LEU K 643 6.12 46.46 83.22
CA LEU K 643 7.43 47.08 83.47
C LEU K 643 7.40 47.97 84.71
N LYS K 644 6.30 48.69 84.93
CA LYS K 644 6.15 49.47 86.14
C LYS K 644 5.32 48.76 87.21
N THR K 645 4.56 47.73 86.82
CA THR K 645 3.74 47.00 87.77
C THR K 645 4.48 45.87 88.47
N SER K 646 5.55 45.36 87.88
CA SER K 646 6.33 44.26 88.45
C SER K 646 7.80 44.66 88.47
N PRO K 647 8.23 45.41 89.49
CA PRO K 647 9.63 45.87 89.57
C PRO K 647 10.60 44.71 89.67
N PRO K 648 11.87 44.89 89.29
CA PRO K 648 12.83 43.77 89.30
C PRO K 648 13.05 43.22 90.70
N PRO K 649 13.25 41.91 90.83
CA PRO K 649 13.57 41.34 92.14
C PRO K 649 14.89 41.86 92.67
N ALA K 650 14.98 41.96 94.00
CA ALA K 650 16.22 42.36 94.66
C ALA K 650 17.35 41.35 94.47
N ILE K 651 17.02 40.11 94.10
CA ILE K 651 18.04 39.10 93.82
C ILE K 651 18.92 39.53 92.66
N ALA K 652 18.32 40.06 91.61
CA ALA K 652 19.07 40.56 90.45
C ALA K 652 19.72 41.89 90.76
N LEU K 663 21.49 41.99 80.59
CA LEU K 663 20.22 42.67 80.79
C LEU K 663 19.19 41.74 81.43
N GLN K 664 19.66 40.92 82.37
CA GLN K 664 18.79 39.99 83.09
C GLN K 664 18.24 40.58 84.37
N ARG K 665 18.46 41.88 84.62
CA ARG K 665 17.95 42.51 85.84
C ARG K 665 16.43 42.47 85.89
N CYS K 666 15.78 42.90 84.82
CA CYS K 666 14.32 42.80 84.71
C CYS K 666 13.99 41.44 84.10
N GLY K 667 14.11 40.40 84.94
CA GLY K 667 13.96 39.03 84.48
C GLY K 667 12.58 38.72 83.94
N ARG K 668 11.55 39.15 84.68
CA ARG K 668 10.17 38.89 84.26
C ARG K 668 9.86 39.58 82.94
N ILE K 669 10.29 40.84 82.79
CA ILE K 669 10.04 41.57 81.56
C ILE K 669 10.79 40.93 80.40
N SER K 670 12.02 40.45 80.64
CA SER K 670 12.79 39.78 79.61
C SER K 670 12.07 38.52 79.13
N ASN K 671 11.60 37.70 80.08
CA ASN K 671 10.89 36.47 79.71
C ASN K 671 9.58 36.79 78.98
N GLN K 672 8.84 37.81 79.44
CA GLN K 672 7.59 38.18 78.80
C GLN K 672 7.82 38.69 77.39
N MET K 673 8.88 39.47 77.17
CA MET K 673 9.21 39.92 75.83
C MET K 673 9.63 38.75 74.94
N LYS K 674 10.32 37.75 75.51
CA LYS K 674 10.61 36.53 74.76
C LYS K 674 9.32 35.85 74.31
N GLN K 675 8.35 35.72 75.23
CA GLN K 675 7.07 35.11 74.88
C GLN K 675 6.33 35.93 73.83
N SER K 676 6.39 37.26 73.94
CA SER K 676 5.74 38.13 72.96
C SER K 676 6.36 37.99 71.59
N MET K 677 7.70 37.93 71.53
CA MET K 677 8.38 37.71 70.26
C MET K 677 8.00 36.37 69.65
N GLU K 678 7.93 35.32 70.48
CA GLU K 678 7.51 34.01 70.00
C GLU K 678 6.10 34.06 69.43
N GLU K 679 5.19 34.72 70.14
CA GLU K 679 3.80 34.80 69.71
C GLU K 679 3.67 35.57 68.40
N PHE K 680 4.41 36.68 68.27
CA PHE K 680 4.32 37.46 67.04
C PHE K 680 4.98 36.75 65.87
N ARG K 681 6.07 36.02 66.11
CA ARG K 681 6.67 35.22 65.06
C ARG K 681 5.72 34.13 64.59
N SER K 682 5.03 33.47 65.53
CA SER K 682 4.04 32.46 65.17
C SER K 682 2.87 33.08 64.40
N LEU K 683 2.46 34.29 64.81
CA LEU K 683 1.39 35.00 64.10
C LEU K 683 1.80 35.33 62.67
N ALA K 684 3.04 35.79 62.48
CA ALA K 684 3.54 36.06 61.13
C ALA K 684 3.59 34.81 60.29
N SER K 685 4.03 33.69 60.89
CA SER K 685 4.08 32.42 60.18
C SER K 685 2.68 31.97 59.79
N ARG K 686 1.70 32.17 60.68
CA ARG K 686 0.33 31.77 60.37
C ARG K 686 -0.29 32.67 59.31
N TYR K 687 0.06 33.96 59.31
CA TYR K 687 -0.38 34.84 58.23
C TYR K 687 0.23 34.42 56.90
N GLY K 688 1.50 34.00 56.92
CA GLY K 688 2.09 33.45 55.71
C GLY K 688 1.41 32.19 55.24
N ASP K 689 1.00 31.33 56.19
CA ASP K 689 0.28 30.11 55.85
C ASP K 689 -1.07 30.46 55.23
N LEU K 690 -1.75 31.47 55.76
CA LEU K 690 -3.01 31.94 55.18
C LEU K 690 -2.78 32.48 53.77
N TYR K 691 -1.69 33.24 53.57
CA TYR K 691 -1.33 33.74 52.25
C TYR K 691 -1.15 32.60 51.26
N GLN K 692 -0.40 31.57 51.66
CA GLN K 692 -0.16 30.43 50.78
C GLN K 692 -1.44 29.67 50.51
N ALA K 693 -2.34 29.58 51.50
CA ALA K 693 -3.58 28.84 51.30
C ALA K 693 -4.55 29.61 50.41
N SER K 694 -4.48 30.94 50.42
CA SER K 694 -5.41 31.76 49.66
C SER K 694 -4.91 31.92 48.22
N PHE K 695 -4.90 30.80 47.50
CA PHE K 695 -4.49 30.81 46.11
C PHE K 695 -5.56 31.42 45.21
N ASP K 696 -6.83 31.18 45.54
CA ASP K 696 -7.94 31.69 44.75
C ASP K 696 -8.10 33.20 44.85
N ALA K 697 -7.52 33.82 45.88
CA ALA K 697 -7.76 35.23 46.16
C ALA K 697 -7.12 36.12 45.10
N ASP K 698 -7.64 37.34 45.01
CA ASP K 698 -7.15 38.34 44.05
C ASP K 698 -5.90 39.02 44.59
N SER K 699 -5.35 39.96 43.81
CA SER K 699 -4.13 40.65 44.20
C SER K 699 -4.33 41.49 45.45
N ALA K 700 -5.47 42.18 45.55
CA ALA K 700 -5.73 43.09 46.66
C ALA K 700 -5.78 42.34 47.98
N THR K 701 -6.44 41.19 48.02
CA THR K 701 -6.55 40.41 49.24
C THR K 701 -5.17 39.91 49.68
N LEU K 702 -4.36 39.46 48.71
CA LEU K 702 -3.01 39.01 49.02
C LEU K 702 -2.16 40.14 49.57
N ARG K 703 -2.29 41.34 48.99
CA ARG K 703 -1.54 42.49 49.48
C ARG K 703 -1.98 42.87 50.88
N ASN K 704 -3.28 42.77 51.17
CA ASN K 704 -3.77 43.06 52.52
C ASN K 704 -3.22 42.06 53.54
N VAL K 705 -3.22 40.77 53.20
CA VAL K 705 -2.68 39.75 54.10
C VAL K 705 -1.18 39.95 54.28
N GLU K 706 -0.48 40.33 53.21
CA GLU K 706 0.93 40.65 53.32
C GLU K 706 1.18 41.85 54.24
N LEU K 707 0.29 42.85 54.18
CA LEU K 707 0.40 43.99 55.08
C LEU K 707 0.21 43.58 56.54
N GLN K 708 -0.75 42.69 56.80
CA GLN K 708 -0.94 42.20 58.16
C GLN K 708 0.29 41.46 58.67
N GLN K 709 0.85 40.58 57.81
CA GLN K 709 2.07 39.86 58.17
C GLN K 709 3.23 40.83 58.41
N GLN K 710 3.31 41.88 57.59
CA GLN K 710 4.37 42.88 57.75
C GLN K 710 4.21 43.65 59.06
N SER K 711 2.96 43.92 59.48
CA SER K 711 2.74 44.54 60.78
C SER K 711 3.24 43.63 61.90
N CYS K 712 2.93 42.33 61.80
CA CYS K 712 3.41 41.38 62.80
C CYS K 712 4.93 41.35 62.85
N LEU K 713 5.58 41.32 61.67
CA LEU K 713 7.03 41.31 61.61
C LEU K 713 7.62 42.62 62.11
N LEU K 714 6.94 43.75 61.88
CA LEU K 714 7.40 45.03 62.40
C LEU K 714 7.40 45.03 63.91
N ILE K 715 6.33 44.54 64.53
CA ILE K 715 6.28 44.48 65.99
C ILE K 715 7.35 43.55 66.53
N SER K 716 7.54 42.40 65.87
CA SER K 716 8.58 41.45 66.30
C SER K 716 9.97 42.07 66.22
N HIS K 717 10.27 42.73 65.10
CA HIS K 717 11.59 43.36 64.93
C HIS K 717 11.80 44.50 65.91
N ALA K 718 10.73 45.27 66.18
CA ALA K 718 10.82 46.33 67.18
C ALA K 718 11.15 45.76 68.55
N ILE K 719 10.48 44.66 68.92
CA ILE K 719 10.76 43.97 70.17
C ILE K 719 12.23 43.56 70.22
N GLU K 720 12.70 42.90 69.15
CA GLU K 720 14.08 42.42 69.10
C GLU K 720 15.08 43.55 69.29
N ALA K 721 14.96 44.60 68.47
CA ALA K 721 15.92 45.69 68.48
C ALA K 721 15.89 46.45 69.79
N LEU K 722 14.70 46.69 70.35
CA LEU K 722 14.61 47.51 71.55
C LEU K 722 15.03 46.72 72.79
N ILE K 723 14.73 45.43 72.87
CA ILE K 723 14.90 44.67 74.10
C ILE K 723 16.00 43.61 73.96
N LEU K 724 15.82 42.64 73.05
CA LEU K 724 16.58 41.40 73.17
C LEU K 724 18.04 41.56 72.76
N ASP K 725 18.31 42.27 71.67
CA ASP K 725 19.69 42.44 71.20
C ASP K 725 19.82 43.62 70.27
N PRO K 726 19.91 44.85 70.80
CA PRO K 726 20.20 46.00 69.94
C PRO K 726 21.55 45.92 69.24
N GLU K 727 22.52 45.18 69.81
CA GLU K 727 23.80 44.98 69.14
C GLU K 727 23.64 44.23 67.82
N SER K 728 22.77 43.21 67.81
CA SER K 728 22.51 42.44 66.60
C SER K 728 21.68 43.21 65.58
N ALA K 729 21.12 44.37 65.94
CA ALA K 729 20.25 45.13 65.04
C ALA K 729 21.10 46.00 64.12
N SER K 730 21.74 45.35 63.16
CA SER K 730 22.47 46.03 62.09
C SER K 730 21.57 46.27 60.87
N PHE K 731 20.42 46.89 61.10
CA PHE K 731 19.42 47.06 60.05
C PHE K 731 19.89 48.06 59.00
N GLN K 732 19.62 47.75 57.74
CA GLN K 732 19.88 48.64 56.62
C GLN K 732 18.58 49.27 56.09
N GLU K 733 17.68 49.63 57.00
CA GLU K 733 16.34 50.12 56.63
C GLU K 733 16.37 51.41 55.82
N TYR K 734 17.48 52.16 55.86
CA TYR K 734 17.62 53.39 55.09
C TYR K 734 17.55 53.12 53.59
N GLY K 735 16.49 53.58 52.94
CA GLY K 735 16.32 53.33 51.52
C GLY K 735 15.18 54.09 50.90
N SER K 736 14.61 53.55 49.82
CA SER K 736 13.52 54.18 49.08
C SER K 736 12.17 53.56 49.44
N THR K 737 11.98 53.22 50.72
CA THR K 737 10.75 52.56 51.16
C THR K 737 9.53 53.45 50.95
N GLY K 738 9.66 54.75 51.24
CA GLY K 738 8.53 55.66 51.10
C GLY K 738 8.12 55.95 49.67
N THR K 739 8.99 55.64 48.70
CA THR K 739 8.69 55.92 47.30
C THR K 739 7.86 54.83 46.63
N ALA K 740 7.50 53.77 47.36
CA ALA K 740 6.71 52.68 46.79
C ALA K 740 5.33 53.17 46.37
N HIS K 741 4.85 52.65 45.24
CA HIS K 741 3.54 53.01 44.71
C HIS K 741 2.47 52.16 45.40
N ALA K 742 1.74 52.77 46.32
CA ALA K 742 0.68 52.10 47.05
C ALA K 742 -0.62 52.18 46.24
N ASP K 743 -1.33 51.05 46.16
CA ASP K 743 -2.53 50.94 45.34
C ASP K 743 -3.81 51.21 46.13
N SER K 744 -3.72 51.53 47.42
CA SER K 744 -4.90 51.77 48.23
C SER K 744 -4.55 52.71 49.36
N GLU K 745 -5.58 53.41 49.87
CA GLU K 745 -5.39 54.32 50.99
C GLU K 745 -4.97 53.56 52.25
N TYR K 746 -5.60 52.40 52.50
CA TYR K 746 -5.23 51.58 53.65
C TYR K 746 -3.80 51.11 53.55
N GLU K 747 -3.39 50.65 52.36
CA GLU K 747 -2.02 50.18 52.15
C GLU K 747 -1.03 51.32 52.35
N ARG K 748 -1.36 52.50 51.83
CA ARG K 748 -0.47 53.66 51.95
C ARG K 748 -0.31 54.07 53.40
N ARG K 749 -1.41 54.09 54.17
CA ARG K 749 -1.33 54.44 55.58
C ARG K 749 -0.53 53.40 56.35
N MET K 750 -0.73 52.11 56.03
CA MET K 750 0.04 51.06 56.68
C MET K 750 1.53 51.20 56.39
N MET K 751 1.89 51.51 55.14
CA MET K 751 3.31 51.69 54.83
C MET K 751 3.87 52.93 55.52
N SER K 752 3.08 54.00 55.62
CA SER K 752 3.52 55.21 56.30
C SER K 752 3.80 54.96 57.78
N VAL K 753 2.88 54.25 58.45
CA VAL K 753 3.10 53.94 59.86
C VAL K 753 4.27 52.98 60.01
N TYR K 754 4.46 52.05 59.06
CA TYR K 754 5.63 51.18 59.08
C TYR K 754 6.92 51.98 59.04
N ASN K 755 6.99 52.94 58.11
CA ASN K 755 8.19 53.76 57.98
C ASN K 755 8.43 54.59 59.24
N HIS K 756 7.36 55.18 59.79
CA HIS K 756 7.49 55.99 61.00
C HIS K 756 7.99 55.16 62.17
N VAL K 757 7.43 53.96 62.36
CA VAL K 757 7.85 53.10 63.47
C VAL K 757 9.29 52.64 63.28
N LEU K 758 9.66 52.31 62.03
CA LEU K 758 11.03 51.87 61.75
C LEU K 758 12.04 52.97 62.04
N GLU K 759 11.77 54.20 61.61
CA GLU K 759 12.71 55.28 61.91
C GLU K 759 12.71 55.62 63.40
N GLU K 760 11.57 55.43 64.08
CA GLU K 760 11.53 55.63 65.53
C GLU K 760 12.41 54.60 66.25
N VAL K 761 12.39 53.35 65.80
CA VAL K 761 13.19 52.30 66.43
C VAL K 761 14.67 52.60 66.30
N GLU K 762 15.10 53.08 65.12
CA GLU K 762 16.52 53.34 64.88
C GLU K 762 17.07 54.41 65.81
N SER K 763 16.29 55.46 66.08
CA SER K 763 16.73 56.52 66.98
C SER K 763 16.95 56.01 68.40
N LEU K 764 16.26 54.93 68.78
CA LEU K 764 16.38 54.35 70.11
C LEU K 764 17.23 53.08 70.12
N ASN K 765 18.07 52.89 69.10
CA ASN K 765 18.84 51.64 68.98
C ASN K 765 19.83 51.50 70.14
N ARG K 766 20.50 52.60 70.51
CA ARG K 766 21.54 52.56 71.53
C ARG K 766 21.41 53.67 72.56
N LYS K 767 20.38 54.51 72.48
CA LYS K 767 20.32 55.72 73.28
C LYS K 767 19.89 55.47 74.72
N TYR K 768 19.48 54.25 75.07
CA TYR K 768 18.97 53.98 76.41
C TYR K 768 19.31 52.56 76.80
N THR K 769 19.17 52.29 78.11
CA THR K 769 19.36 50.96 78.66
C THR K 769 18.32 50.00 78.08
N PRO K 770 18.62 48.69 77.99
CA PRO K 770 17.74 47.79 77.22
C PRO K 770 16.31 47.67 77.74
N VAL K 771 16.03 48.03 78.99
CA VAL K 771 14.69 47.88 79.55
C VAL K 771 14.22 49.27 79.98
N SER K 772 14.63 50.29 79.22
CA SER K 772 14.20 51.65 79.51
C SER K 772 12.70 51.83 79.27
N TYR K 773 12.12 52.82 79.95
CA TYR K 773 10.71 53.14 79.74
C TYR K 773 10.44 53.66 78.33
N MET K 774 11.45 54.26 77.70
CA MET K 774 11.30 54.77 76.34
C MET K 774 11.05 53.65 75.33
N HIS K 775 11.67 52.48 75.55
CA HIS K 775 11.46 51.35 74.66
C HIS K 775 10.00 50.90 74.66
N THR K 776 9.44 50.69 75.85
CA THR K 776 8.03 50.30 75.95
C THR K 776 7.11 51.40 75.47
N ALA K 777 7.47 52.65 75.74
CA ALA K 777 6.67 53.79 75.27
C ALA K 777 6.58 53.80 73.74
N CYS K 778 7.74 53.69 73.07
CA CYS K 778 7.76 53.64 71.62
C CYS K 778 7.02 52.42 71.09
N LEU K 779 7.16 51.29 71.77
CA LEU K 779 6.54 50.04 71.31
C LEU K 779 5.01 50.15 71.37
N CYS K 780 4.47 50.60 72.51
CA CYS K 780 3.02 50.72 72.62
C CYS K 780 2.50 51.87 71.78
N ASN K 781 3.31 52.90 71.55
CA ASN K 781 2.95 53.94 70.59
C ASN K 781 2.79 53.35 69.20
N ALA K 782 3.72 52.47 68.82
CA ALA K 782 3.61 51.79 67.54
C ALA K 782 2.37 50.92 67.48
N ILE K 783 2.05 50.24 68.59
CA ILE K 783 0.86 49.39 68.63
C ILE K 783 -0.40 50.22 68.39
N ILE K 784 -0.55 51.33 69.12
CA ILE K 784 -1.75 52.14 68.96
C ILE K 784 -1.77 52.82 67.61
N ALA K 785 -0.60 53.16 67.05
CA ALA K 785 -0.55 53.73 65.72
C ALA K 785 -1.01 52.74 64.66
N LEU K 786 -0.57 51.48 64.76
CA LEU K 786 -1.03 50.44 63.84
C LEU K 786 -2.53 50.22 63.98
N LEU K 787 -3.02 50.19 65.22
CA LEU K 787 -4.44 49.95 65.44
C LEU K 787 -5.32 51.16 65.11
N LYS K 788 -4.72 52.35 64.96
CA LYS K 788 -5.50 53.55 64.66
C LYS K 788 -6.19 53.42 63.30
N VAL K 789 -5.49 52.93 62.30
CA VAL K 789 -6.07 52.82 60.95
C VAL K 789 -7.06 51.67 60.94
N PRO K 790 -8.20 51.81 60.26
CA PRO K 790 -9.21 50.74 60.31
C PRO K 790 -8.83 49.58 59.41
N LEU K 791 -9.15 48.38 59.88
CA LEU K 791 -8.97 47.18 59.08
C LEU K 791 -9.87 47.24 57.85
N SER K 792 -9.30 46.90 56.70
CA SER K 792 -10.04 46.90 55.44
C SER K 792 -10.15 45.48 54.92
N PHE K 793 -11.39 45.03 54.69
CA PHE K 793 -11.62 43.76 54.05
C PHE K 793 -11.42 43.90 52.53
N GLN K 794 -11.42 42.77 51.85
CA GLN K 794 -11.12 42.74 50.42
C GLN K 794 -12.08 41.77 49.74
N ARG K 795 -11.86 41.58 48.43
CA ARG K 795 -12.78 40.81 47.58
C ARG K 795 -12.99 39.39 48.10
N TYR K 796 -11.90 38.67 48.37
CA TYR K 796 -11.97 37.25 48.70
C TYR K 796 -12.69 36.98 50.02
N PHE K 797 -12.84 38.00 50.86
CA PHE K 797 -13.62 37.85 52.09
C PHE K 797 -15.09 37.69 51.78
N PHE K 798 -15.61 38.45 50.81
CA PHE K 798 -17.02 38.40 50.44
C PHE K 798 -17.25 37.55 49.20
N GLN K 799 -16.60 37.88 48.08
CA GLN K 799 -16.82 37.22 46.80
C GLN K 799 -15.58 36.40 46.44
N LYS K 800 -15.78 35.12 46.17
CA LYS K 800 -14.70 34.23 45.82
C LYS K 800 -14.79 33.85 44.35
N LEU K 801 -13.68 34.02 43.64
CA LEU K 801 -13.57 33.69 42.23
C LEU K 801 -12.42 32.71 42.05
N GLN K 802 -12.34 32.13 40.84
CA GLN K 802 -11.27 31.20 40.46
C GLN K 802 -11.24 30.00 41.42
N SER K 803 -12.43 29.53 41.80
CA SER K 803 -12.53 28.40 42.72
C SER K 803 -11.95 27.15 42.08
N THR K 804 -10.80 26.70 42.58
CA THR K 804 -10.13 25.51 42.09
C THR K 804 -9.76 24.61 43.26
N SER K 805 -10.02 23.32 43.09
CA SER K 805 -9.70 22.31 44.10
C SER K 805 -9.11 21.10 43.40
N ILE K 806 -8.69 20.12 44.19
CA ILE K 806 -8.11 18.88 43.68
C ILE K 806 -8.90 17.74 44.28
N LYS K 807 -9.42 16.85 43.41
CA LYS K 807 -10.07 15.64 43.90
C LYS K 807 -9.07 14.72 44.60
N LEU K 808 -7.87 14.58 44.02
CA LEU K 808 -6.78 13.78 44.56
C LEU K 808 -7.20 12.33 44.84
N ALA K 809 -7.56 11.64 43.77
CA ALA K 809 -7.83 10.22 43.88
C ALA K 809 -6.53 9.44 44.08
N LEU K 810 -6.65 8.22 44.58
CA LEU K 810 -5.50 7.39 44.84
C LEU K 810 -5.92 5.93 44.76
N SER K 811 -4.93 5.04 44.87
CA SER K 811 -5.13 3.60 44.79
C SER K 811 -4.88 2.91 46.13
N PRO K 812 -5.83 2.94 47.07
CA PRO K 812 -5.59 2.26 48.34
C PRO K 812 -5.70 0.74 48.24
N PRO K 820 -6.88 0.65 58.30
CA PRO K 820 -7.86 -0.09 57.49
C PRO K 820 -7.24 -0.64 56.22
N ILE K 821 -5.94 -0.44 56.07
CA ILE K 821 -5.16 -0.92 54.93
C ILE K 821 -3.90 -1.57 55.50
N ALA K 822 -3.36 -2.56 54.78
CA ALA K 822 -2.16 -3.25 55.20
C ALA K 822 -1.41 -3.75 53.98
N VAL K 823 -0.13 -4.06 54.17
CA VAL K 823 0.72 -4.53 53.07
C VAL K 823 1.95 -5.20 53.67
N GLN K 824 2.49 -6.18 52.92
CA GLN K 824 3.67 -6.91 53.35
C GLN K 824 4.89 -5.99 53.42
N ASN K 825 5.71 -6.17 54.46
CA ASN K 825 6.87 -5.30 54.63
C ASN K 825 7.95 -5.55 53.57
N ASN K 826 8.13 -6.81 53.14
CA ASN K 826 9.11 -7.10 52.10
C ASN K 826 8.78 -6.40 50.79
N GLN K 827 7.51 -6.43 50.39
CA GLN K 827 7.05 -5.77 49.17
C GLN K 827 6.73 -4.32 49.52
N GLN K 828 7.67 -3.42 49.24
CA GLN K 828 7.49 -2.01 49.56
C GLN K 828 6.34 -1.40 48.77
N LEU K 829 5.60 -0.51 49.43
CA LEU K 829 4.34 -0.01 48.88
C LEU K 829 4.60 0.92 47.69
N ALA K 830 3.85 0.72 46.62
CA ALA K 830 3.84 1.61 45.47
C ALA K 830 2.44 2.18 45.33
N LEU K 831 2.28 3.48 45.58
CA LEU K 831 0.98 4.11 45.60
C LEU K 831 0.87 5.05 44.41
N LYS K 832 -0.18 4.89 43.62
CA LYS K 832 -0.47 5.77 42.50
C LYS K 832 -1.47 6.83 42.91
N VAL K 833 -1.16 8.09 42.61
CA VAL K 833 -2.01 9.21 42.96
C VAL K 833 -2.32 9.97 41.68
N GLU K 834 -3.50 10.59 41.65
CA GLU K 834 -3.95 11.34 40.48
C GLU K 834 -5.15 12.19 40.89
N GLY K 835 -5.18 13.42 40.39
CA GLY K 835 -6.26 14.31 40.73
C GLY K 835 -6.71 15.21 39.59
N VAL K 836 -8.00 15.28 39.36
CA VAL K 836 -8.54 16.27 38.44
C VAL K 836 -8.53 17.62 39.14
N VAL K 837 -8.25 18.68 38.40
CA VAL K 837 -8.17 20.03 38.95
C VAL K 837 -9.42 20.79 38.51
N GLN K 838 -10.40 20.87 39.41
CA GLN K 838 -11.66 21.52 39.09
C GLN K 838 -11.47 23.02 38.92
N HIS K 839 -12.39 23.64 38.18
CA HIS K 839 -12.41 25.07 38.00
C HIS K 839 -13.85 25.56 37.98
N GLY K 840 -14.02 26.83 38.33
CA GLY K 840 -15.32 27.46 38.35
C GLY K 840 -15.31 28.69 37.46
N SER K 841 -16.11 28.67 36.40
CA SER K 841 -16.22 29.72 35.39
C SER K 841 -14.86 29.92 34.74
N LYS K 842 -14.24 31.09 34.95
CA LYS K 842 -12.95 31.38 34.32
C LYS K 842 -11.85 30.64 35.06
N PRO K 843 -11.12 29.71 34.41
CA PRO K 843 -10.03 29.03 35.12
C PRO K 843 -8.88 29.94 35.51
N GLY K 844 -8.31 30.65 34.53
CA GLY K 844 -7.14 31.47 34.79
C GLY K 844 -7.42 32.94 34.99
N LEU K 845 -8.35 33.28 35.88
CA LEU K 845 -8.72 34.68 36.08
C LEU K 845 -7.56 35.49 36.64
N PHE K 846 -7.12 35.18 37.86
CA PHE K 846 -5.98 35.85 38.47
C PHE K 846 -4.69 35.05 38.28
N ARG K 847 -4.67 33.82 38.78
CA ARG K 847 -3.50 32.96 38.71
C ARG K 847 -3.65 32.01 37.51
N LYS K 848 -2.63 31.18 37.32
CA LYS K 848 -2.65 30.10 36.33
C LYS K 848 -1.73 29.00 36.83
N ILE K 849 -2.31 27.89 37.27
CA ILE K 849 -1.55 26.74 37.77
C ILE K 849 -0.61 26.22 36.69
N GLN K 850 0.70 26.35 36.92
CA GLN K 850 1.70 25.94 35.95
C GLN K 850 2.28 24.55 36.21
N SER K 851 2.22 24.07 37.46
CA SER K 851 2.71 22.74 37.82
C SER K 851 2.26 22.33 39.20
N VAL K 852 1.67 21.15 39.32
CA VAL K 852 1.28 20.61 40.61
C VAL K 852 2.53 20.09 41.31
N CYS K 853 2.61 20.27 42.62
CA CYS K 853 3.72 19.77 43.42
C CYS K 853 3.15 18.87 44.50
N LEU K 854 3.62 17.63 44.55
CA LEU K 854 3.13 16.63 45.48
C LEU K 854 4.23 16.27 46.48
N ASN K 855 3.87 16.27 47.76
CA ASN K 855 4.78 15.89 48.83
C ASN K 855 4.05 14.92 49.75
N VAL K 856 4.69 13.80 50.06
CA VAL K 856 4.07 12.75 50.85
C VAL K 856 5.02 12.37 51.98
N SER K 857 4.45 12.06 53.15
CA SER K 857 5.22 11.71 54.33
C SER K 857 4.65 10.46 54.97
N SER K 858 5.51 9.74 55.68
CA SER K 858 5.14 8.52 56.38
C SER K 858 5.51 8.64 57.85
N THR K 859 4.66 8.09 58.72
CA THR K 859 4.93 8.14 60.14
C THR K 859 4.27 6.92 60.80
N LEU K 860 4.87 6.47 61.89
CA LEU K 860 4.32 5.37 62.67
C LEU K 860 3.51 5.92 63.83
N GLN K 861 3.07 5.03 64.72
CA GLN K 861 2.32 5.35 65.94
C GLN K 861 1.00 6.07 65.65
N SER K 862 0.43 5.83 64.48
CA SER K 862 -0.83 6.43 64.03
C SER K 862 -1.24 5.84 62.69
N ASN K 874 7.41 10.54 62.01
CA ASN K 874 8.72 9.91 61.88
C ASN K 874 9.44 10.40 60.63
N MET K 875 8.66 10.66 59.57
CA MET K 875 9.13 11.16 58.28
C MET K 875 10.12 10.19 57.63
N THR K 876 9.63 8.97 57.36
CA THR K 876 10.50 7.94 56.80
C THR K 876 10.46 7.87 55.26
N ASN K 877 9.36 8.29 54.64
CA ASN K 877 9.25 8.26 53.17
C ASN K 877 8.99 9.68 52.68
N GLU K 878 10.07 10.42 52.44
CA GLU K 878 9.99 11.83 52.05
C GLU K 878 10.59 12.00 50.66
N MET K 879 9.74 12.37 49.70
CA MET K 879 10.20 12.72 48.36
C MET K 879 9.17 13.65 47.74
N GLU K 880 9.65 14.55 46.90
CA GLU K 880 8.81 15.56 46.25
C GLU K 880 8.73 15.27 44.76
N GLN K 881 7.54 15.45 44.19
CA GLN K 881 7.31 15.25 42.77
C GLN K 881 6.58 16.45 42.19
N ARG K 882 7.04 16.90 41.02
CA ARG K 882 6.41 17.99 40.29
C ARG K 882 5.84 17.45 38.98
N VAL K 883 4.54 17.64 38.78
CA VAL K 883 3.86 17.14 37.60
C VAL K 883 2.88 18.21 37.11
N GLU K 884 2.81 18.38 35.79
CA GLU K 884 1.92 19.37 35.20
C GLU K 884 0.53 18.77 35.05
N PRO K 885 -0.52 19.61 35.01
CA PRO K 885 -1.87 19.06 34.79
C PRO K 885 -2.03 18.30 33.49
N HIS K 886 -1.41 18.77 32.41
CA HIS K 886 -1.40 18.12 31.08
C HIS K 886 -2.80 17.66 30.63
N ASN K 887 -3.69 18.67 30.48
CA ASN K 887 -5.12 18.59 30.14
C ASN K 887 -5.94 18.49 31.43
N ASP K 888 -5.47 19.20 32.47
CA ASP K 888 -6.18 19.36 33.74
C ASP K 888 -6.53 18.04 34.41
N TYR K 889 -5.61 17.09 34.32
CA TYR K 889 -5.74 15.81 35.02
C TYR K 889 -4.33 15.20 35.04
N PHE K 890 -3.68 15.26 36.18
CA PHE K 890 -2.34 14.70 36.34
C PHE K 890 -2.41 13.31 36.94
N SER K 891 -1.25 12.66 37.03
CA SER K 891 -1.09 11.34 37.61
C SER K 891 0.40 11.05 37.75
N THR K 892 0.73 10.27 38.77
CA THR K 892 2.09 9.84 39.09
C THR K 892 1.99 8.83 40.23
N GLN K 893 3.13 8.28 40.62
CA GLN K 893 3.20 7.29 41.67
C GLN K 893 4.34 7.63 42.63
N PHE K 894 4.33 6.96 43.78
CA PHE K 894 5.40 7.07 44.76
C PHE K 894 5.76 5.68 45.24
N LEU K 895 7.02 5.49 45.61
CA LEU K 895 7.49 4.24 46.20
C LEU K 895 7.86 4.51 47.65
N LEU K 896 7.18 3.82 48.56
CA LEU K 896 7.38 3.99 49.99
C LEU K 896 7.73 2.64 50.61
N ASN K 897 8.48 2.68 51.72
CA ASN K 897 8.91 1.49 52.43
C ASN K 897 8.59 1.63 53.91
N PHE K 898 8.33 0.49 54.55
CA PHE K 898 7.95 0.45 55.97
C PHE K 898 8.78 -0.62 56.66
N ALA K 899 9.93 -0.23 57.18
CA ALA K 899 10.80 -1.17 57.90
C ALA K 899 10.20 -1.56 59.25
N ILE K 900 9.44 -0.67 59.88
CA ILE K 900 8.91 -0.89 61.21
C ILE K 900 7.53 -1.52 61.10
N LEU K 901 7.35 -2.67 61.76
CA LEU K 901 6.05 -3.32 61.82
C LEU K 901 5.13 -2.59 62.80
N GLY K 902 3.92 -2.29 62.35
CA GLY K 902 2.94 -1.62 63.18
C GLY K 902 2.01 -0.76 62.35
N THR K 903 1.42 0.23 63.01
CA THR K 903 0.47 1.14 62.38
C THR K 903 1.22 2.32 61.77
N HIS K 904 1.00 2.55 60.48
CA HIS K 904 1.64 3.64 59.75
C HIS K 904 0.60 4.56 59.16
N ASN K 905 0.82 5.87 59.31
CA ASN K 905 -0.04 6.89 58.72
C ASN K 905 0.68 7.49 57.52
N ILE K 906 -0.01 7.60 56.40
CA ILE K 906 0.56 8.11 55.17
C ILE K 906 -0.11 9.45 54.89
N THR K 907 0.63 10.54 55.12
CA THR K 907 0.14 11.88 54.87
C THR K 907 0.65 12.34 53.51
N VAL K 908 -0.27 12.70 52.62
CA VAL K 908 0.06 13.19 51.29
C VAL K 908 -0.40 14.63 51.18
N GLU K 909 0.51 15.52 50.84
CA GLU K 909 0.19 16.94 50.69
C GLU K 909 0.32 17.35 49.23
N SER K 910 -0.45 18.34 48.84
CA SER K 910 -0.49 18.84 47.46
C SER K 910 -0.24 20.34 47.48
N SER K 911 0.68 20.79 46.64
CA SER K 911 1.00 22.20 46.49
C SER K 911 0.97 22.59 45.02
N VAL K 912 0.72 23.87 44.77
CA VAL K 912 0.53 24.38 43.42
C VAL K 912 1.60 25.42 43.12
N LYS K 913 2.28 25.28 42.00
CA LYS K 913 3.25 26.24 41.51
C LYS K 913 2.63 27.00 40.34
N ASP K 914 2.55 28.32 40.48
CA ASP K 914 1.92 29.15 39.45
C ASP K 914 2.92 29.51 38.36
N ALA K 915 2.48 30.34 37.41
CA ALA K 915 3.34 30.76 36.31
C ALA K 915 4.54 31.56 36.81
N ASN K 916 4.34 32.39 37.83
CA ASN K 916 5.40 33.22 38.38
C ASN K 916 6.48 32.42 39.11
N GLY K 917 6.26 31.14 39.37
CA GLY K 917 7.19 30.34 40.14
C GLY K 917 6.94 30.31 41.63
N ILE K 918 5.97 31.08 42.11
CA ILE K 918 5.59 31.05 43.53
C ILE K 918 5.00 29.69 43.86
N VAL K 919 5.28 29.18 45.06
CA VAL K 919 4.76 27.91 45.51
C VAL K 919 3.58 28.19 46.43
N TRP K 920 2.43 27.59 46.12
CA TRP K 920 1.20 27.79 46.88
C TRP K 920 0.77 26.46 47.50
N LYS K 921 0.60 26.46 48.82
CA LYS K 921 0.11 25.29 49.56
C LYS K 921 -1.41 25.37 49.60
N THR K 922 -2.06 24.72 48.63
CA THR K 922 -3.50 24.88 48.42
C THR K 922 -4.28 23.59 48.67
N GLY K 923 -3.89 22.50 48.03
CA GLY K 923 -4.69 21.30 47.95
C GLY K 923 -4.97 20.59 49.26
N PRO K 924 -5.78 19.52 49.18
CA PRO K 924 -6.17 18.79 50.39
C PRO K 924 -4.98 18.19 51.14
N ARG K 925 -5.11 18.15 52.45
CA ARG K 925 -4.15 17.45 53.31
C ARG K 925 -4.64 16.04 53.62
N THR K 926 -4.86 15.28 52.55
CA THR K 926 -5.39 13.93 52.65
C THR K 926 -4.38 13.03 53.37
N THR K 927 -4.90 12.09 54.15
CA THR K 927 -4.07 11.18 54.93
C THR K 927 -4.75 9.82 54.97
N ILE K 928 -3.96 8.75 54.85
CA ILE K 928 -4.47 7.39 54.89
C ILE K 928 -3.59 6.56 55.82
N PHE K 929 -4.21 5.58 56.48
CA PHE K 929 -3.52 4.72 57.43
C PHE K 929 -3.25 3.37 56.77
N VAL K 930 -2.03 2.85 56.96
CA VAL K 930 -1.64 1.56 56.39
C VAL K 930 -0.96 0.77 57.50
N LYS K 931 -1.20 -0.54 57.52
CA LYS K 931 -0.58 -1.40 58.51
C LYS K 931 0.63 -2.10 57.91
N SER K 932 1.62 -2.35 58.76
CA SER K 932 2.87 -2.99 58.34
C SER K 932 2.97 -4.37 58.97
N LEU K 933 3.25 -5.38 58.14
CA LEU K 933 3.31 -6.76 58.59
C LEU K 933 4.14 -7.55 57.59
N GLU K 934 4.53 -8.75 57.98
CA GLU K 934 5.34 -9.62 57.14
C GLU K 934 4.59 -10.91 56.84
N ASP K 935 5.11 -11.67 55.88
CA ASP K 935 4.49 -12.92 55.48
C ASP K 935 4.76 -13.99 56.54
N PRO K 936 3.97 -15.08 56.56
CA PRO K 936 4.15 -16.08 57.63
C PRO K 936 5.50 -16.80 57.62
N TYR K 937 5.93 -17.31 56.47
CA TYR K 937 7.14 -18.14 56.44
C TYR K 937 8.39 -17.35 56.76
N SER K 938 8.46 -16.08 56.38
CA SER K 938 9.60 -15.23 56.74
C SER K 938 9.70 -15.08 58.26
N GLN K 939 8.57 -14.82 58.91
CA GLN K 939 8.54 -14.73 60.36
C GLN K 939 8.91 -16.05 61.01
N GLN K 940 8.44 -17.17 60.43
CA GLN K 940 8.75 -18.49 60.98
C GLN K 940 10.24 -18.79 60.92
N ILE K 941 10.86 -18.56 59.75
CA ILE K 941 12.29 -18.83 59.62
C ILE K 941 13.10 -17.85 60.48
N ARG K 942 12.64 -16.60 60.60
CA ARG K 942 13.30 -15.64 61.47
C ARG K 942 13.29 -16.10 62.93
N LEU K 943 12.13 -16.56 63.40
CA LEU K 943 12.01 -17.05 64.77
C LEU K 943 12.87 -18.29 64.98
N GLN K 944 12.87 -19.20 64.01
CA GLN K 944 13.64 -20.44 64.11
C GLN K 944 15.14 -20.16 64.14
N GLN K 945 15.61 -19.20 63.34
CA GLN K 945 17.02 -18.89 63.25
C GLN K 945 17.47 -17.79 64.21
N GLN K 946 16.58 -17.27 65.06
CA GLN K 946 16.94 -16.22 66.00
C GLN K 946 17.66 -16.82 67.21
N GLN K 947 18.89 -17.23 66.98
CA GLN K 947 19.72 -17.82 68.04
C GLN K 947 20.43 -16.74 68.83
N THR L 22 -112.39 3.96 -47.59
CA THR L 22 -113.23 2.86 -48.05
C THR L 22 -112.37 1.69 -48.53
N CYS L 23 -113.02 0.68 -49.10
CA CYS L 23 -112.36 -0.51 -49.61
C CYS L 23 -113.29 -1.20 -50.59
N TRP L 24 -112.95 -2.45 -50.94
CA TRP L 24 -113.68 -3.21 -51.94
C TRP L 24 -115.15 -3.40 -51.57
N PHE L 25 -115.41 -3.82 -50.33
CA PHE L 25 -116.80 -4.04 -49.92
C PHE L 25 -117.52 -2.74 -49.63
N GLU L 26 -116.80 -1.73 -49.12
CA GLU L 26 -117.41 -0.46 -48.73
C GLU L 26 -118.03 0.24 -49.94
N PHE L 27 -117.30 0.26 -51.06
CA PHE L 27 -117.75 0.93 -52.28
C PHE L 27 -118.87 0.18 -53.00
N LEU L 28 -119.14 -1.07 -52.64
CA LEU L 28 -120.15 -1.86 -53.34
C LEU L 28 -121.54 -1.25 -53.17
N LEU L 29 -121.85 -0.76 -51.99
CA LEU L 29 -123.18 -0.23 -51.67
C LEU L 29 -123.28 1.28 -51.81
N GLU L 30 -122.21 2.01 -51.54
CA GLU L 30 -122.22 3.47 -51.67
C GLU L 30 -121.61 3.87 -53.01
N GLU L 31 -122.32 4.72 -53.74
CA GLU L 31 -121.93 5.16 -55.08
C GLU L 31 -121.54 6.63 -55.12
N SER L 32 -120.79 7.09 -54.10
CA SER L 32 -120.38 8.48 -54.03
C SER L 32 -118.87 8.69 -53.95
N LEU L 33 -118.09 7.67 -53.60
CA LEU L 33 -116.64 7.80 -53.53
C LEU L 33 -115.97 7.95 -54.88
N LEU L 34 -116.65 7.61 -55.98
CA LEU L 34 -116.04 7.64 -57.30
C LEU L 34 -115.60 9.06 -57.69
N GLU L 35 -116.43 10.06 -57.40
CA GLU L 35 -116.16 11.43 -57.80
C GLU L 35 -115.50 12.25 -56.69
N LYS L 36 -115.25 11.66 -55.53
CA LYS L 36 -114.80 12.41 -54.37
C LYS L 36 -113.35 12.15 -53.98
N HIS L 37 -112.85 10.92 -54.17
CA HIS L 37 -111.54 10.55 -53.68
C HIS L 37 -110.43 11.30 -54.42
N LEU L 38 -109.44 11.76 -53.65
CA LEU L 38 -108.25 12.40 -54.23
C LEU L 38 -107.01 11.57 -53.90
N PRO L 47 -107.52 5.70 -57.35
CA PRO L 47 -108.37 5.07 -58.38
C PRO L 47 -107.84 3.72 -58.83
N VAL L 48 -106.54 3.65 -59.16
CA VAL L 48 -105.92 2.38 -59.52
C VAL L 48 -105.97 1.39 -58.36
N GLN L 49 -105.83 1.90 -57.12
CA GLN L 49 -105.98 1.07 -55.93
C GLN L 49 -107.36 0.42 -55.88
N LEU L 50 -108.39 1.20 -56.20
CA LEU L 50 -109.75 0.66 -56.25
C LEU L 50 -109.86 -0.42 -57.32
N ILE L 51 -109.24 -0.19 -58.49
CA ILE L 51 -109.33 -1.14 -59.59
C ILE L 51 -108.69 -2.47 -59.20
N VAL L 52 -107.48 -2.42 -58.63
CA VAL L 52 -106.81 -3.66 -58.24
C VAL L 52 -107.55 -4.33 -57.09
N GLN L 53 -108.14 -3.56 -56.16
CA GLN L 53 -108.93 -4.15 -55.09
C GLN L 53 -110.15 -4.90 -55.62
N PHE L 54 -110.89 -4.27 -56.56
CA PHE L 54 -112.04 -4.94 -57.16
C PHE L 54 -111.63 -6.19 -57.92
N LEU L 55 -110.54 -6.11 -58.67
CA LEU L 55 -110.06 -7.26 -59.44
C LEU L 55 -109.65 -8.40 -58.51
N GLU L 56 -108.94 -8.09 -57.42
CA GLU L 56 -108.54 -9.11 -56.46
C GLU L 56 -109.75 -9.73 -55.78
N GLN L 57 -110.75 -8.91 -55.44
CA GLN L 57 -111.97 -9.43 -54.82
C GLN L 57 -112.71 -10.37 -55.76
N ALA L 58 -112.80 -9.99 -57.04
CA ALA L 58 -113.43 -10.86 -58.04
C ALA L 58 -112.61 -12.12 -58.30
N SER L 59 -111.28 -12.03 -58.12
CA SER L 59 -110.41 -13.18 -58.38
C SER L 59 -110.61 -14.33 -57.40
N LYS L 60 -111.20 -14.07 -56.25
CA LYS L 60 -111.40 -15.09 -55.23
C LYS L 60 -112.38 -16.15 -55.73
N PRO L 61 -111.99 -17.44 -55.78
CA PRO L 61 -112.88 -18.52 -56.20
C PRO L 61 -114.02 -18.75 -55.21
N ASN L 75 -123.86 -14.90 -60.09
CA ASN L 75 -122.96 -14.10 -59.28
C ASN L 75 -123.20 -12.60 -59.50
N LYS L 76 -124.21 -12.07 -58.81
CA LYS L 76 -124.54 -10.65 -58.94
C LYS L 76 -123.41 -9.76 -58.42
N ARG L 77 -122.77 -10.17 -57.32
CA ARG L 77 -121.68 -9.37 -56.75
C ARG L 77 -120.51 -9.25 -57.71
N ASN L 78 -120.18 -10.34 -58.42
CA ASN L 78 -119.10 -10.29 -59.39
C ASN L 78 -119.42 -9.31 -60.52
N ARG L 79 -120.66 -9.36 -61.02
CA ARG L 79 -121.07 -8.43 -62.08
C ARG L 79 -121.04 -6.99 -61.60
N ILE L 80 -121.48 -6.74 -60.36
CA ILE L 80 -121.47 -5.40 -59.80
C ILE L 80 -120.05 -4.88 -59.66
N LEU L 81 -119.15 -5.74 -59.17
CA LEU L 81 -117.74 -5.36 -59.03
C LEU L 81 -117.11 -5.06 -60.39
N LYS L 82 -117.40 -5.90 -61.39
CA LYS L 82 -116.88 -5.66 -62.73
C LYS L 82 -117.41 -4.36 -63.32
N LEU L 83 -118.70 -4.08 -63.12
CA LEU L 83 -119.29 -2.84 -63.62
C LEU L 83 -118.64 -1.63 -62.95
N LEU L 84 -118.41 -1.71 -61.64
CA LEU L 84 -117.74 -0.62 -60.93
C LEU L 84 -116.33 -0.43 -61.44
N ALA L 85 -115.61 -1.53 -61.68
CA ALA L 85 -114.24 -1.47 -62.20
C ALA L 85 -114.22 -0.82 -63.58
N LEU L 86 -115.15 -1.19 -64.47
CA LEU L 86 -115.20 -0.58 -65.79
C LEU L 86 -115.55 0.91 -65.69
N LYS L 87 -116.46 1.27 -64.78
CA LYS L 87 -116.84 2.67 -64.62
C LYS L 87 -115.66 3.52 -64.15
N VAL L 88 -114.93 3.05 -63.15
CA VAL L 88 -113.77 3.80 -62.67
C VAL L 88 -112.67 3.83 -63.72
N ALA L 89 -112.50 2.73 -64.47
CA ALA L 89 -111.53 2.71 -65.56
C ALA L 89 -111.85 3.75 -66.62
N ALA L 90 -113.14 3.86 -66.99
CA ALA L 90 -113.60 4.91 -67.90
C ALA L 90 -113.44 6.31 -67.30
N HIS L 91 -113.46 6.43 -65.97
CA HIS L 91 -113.25 7.73 -65.33
C HIS L 91 -111.90 8.34 -65.69
N LEU L 92 -110.87 7.51 -65.89
CA LEU L 92 -109.57 7.97 -66.32
C LEU L 92 -109.45 8.15 -67.83
N LYS L 93 -110.54 7.92 -68.58
CA LYS L 93 -110.61 8.07 -70.04
C LYS L 93 -109.73 7.05 -70.76
N TRP L 94 -109.52 5.89 -70.13
CA TRP L 94 -108.77 4.76 -70.70
C TRP L 94 -107.33 5.15 -71.02
N ASP L 95 -106.68 5.79 -70.05
CA ASP L 95 -105.26 6.15 -70.15
C ASP L 95 -104.45 4.88 -70.00
N LEU L 96 -104.28 4.17 -71.11
CA LEU L 96 -103.76 2.80 -71.12
C LEU L 96 -102.35 2.71 -70.55
N ASP L 97 -101.58 3.80 -70.63
CA ASP L 97 -100.26 3.82 -70.00
C ASP L 97 -100.38 3.68 -68.49
N ILE L 98 -101.30 4.44 -67.87
CA ILE L 98 -101.46 4.44 -66.41
C ILE L 98 -101.92 3.06 -65.94
N LEU L 99 -102.92 2.50 -66.61
CA LEU L 99 -103.44 1.18 -66.24
C LEU L 99 -102.37 0.11 -66.45
N GLU L 100 -101.61 0.21 -67.55
CA GLU L 100 -100.59 -0.78 -67.86
C GLU L 100 -99.49 -0.77 -66.81
N LYS L 101 -99.01 0.43 -66.43
CA LYS L 101 -97.91 0.47 -65.48
C LYS L 101 -98.37 0.16 -64.06
N SER L 102 -99.54 0.66 -63.64
CA SER L 102 -99.96 0.47 -62.26
C SER L 102 -100.51 -0.94 -62.04
N LEU L 103 -101.58 -1.29 -62.74
CA LEU L 103 -102.16 -2.62 -62.62
C LEU L 103 -101.22 -3.68 -63.23
N SER L 104 -101.33 -4.90 -62.72
CA SER L 104 -100.51 -6.00 -63.20
C SER L 104 -100.94 -6.43 -64.60
N VAL L 105 -100.25 -7.41 -65.14
CA VAL L 105 -100.58 -7.98 -66.45
C VAL L 105 -101.85 -8.84 -66.35
N PRO L 106 -101.97 -9.87 -65.48
CA PRO L 106 -103.22 -10.66 -65.49
C PRO L 106 -104.45 -9.87 -65.10
N VAL L 107 -104.32 -8.89 -64.20
CA VAL L 107 -105.46 -8.05 -63.81
C VAL L 107 -105.99 -7.28 -65.01
N LEU L 108 -105.09 -6.65 -65.77
CA LEU L 108 -105.52 -5.88 -66.93
C LEU L 108 -106.02 -6.80 -68.05
N ASN L 109 -105.44 -7.99 -68.18
CA ASN L 109 -105.93 -8.96 -69.14
C ASN L 109 -107.35 -9.38 -68.84
N MET L 110 -107.62 -9.68 -67.56
CA MET L 110 -108.98 -10.04 -67.14
C MET L 110 -109.94 -8.88 -67.33
N LEU L 111 -109.49 -7.66 -67.03
CA LEU L 111 -110.32 -6.48 -67.23
C LEU L 111 -110.70 -6.30 -68.69
N LEU L 112 -109.73 -6.44 -69.59
CA LEU L 112 -110.00 -6.29 -71.01
C LEU L 112 -110.89 -7.41 -71.54
N ASN L 113 -110.67 -8.64 -71.05
CA ASN L 113 -111.53 -9.75 -71.46
C ASN L 113 -112.97 -9.55 -70.99
N GLU L 114 -113.14 -9.06 -69.76
CA GLU L 114 -114.47 -8.78 -69.26
C GLU L 114 -115.14 -7.67 -70.06
N LEU L 115 -114.37 -6.63 -70.43
CA LEU L 115 -114.90 -5.56 -71.26
C LEU L 115 -115.33 -6.08 -72.63
N LEU L 116 -114.53 -6.98 -73.20
CA LEU L 116 -114.88 -7.58 -74.49
C LEU L 116 -116.15 -8.41 -74.37
N CYS L 117 -116.29 -9.17 -73.28
CA CYS L 117 -117.45 -10.02 -73.08
C CYS L 117 -118.72 -9.19 -72.91
N ILE L 118 -118.67 -8.15 -72.08
CA ILE L 118 -119.89 -7.36 -71.84
C ILE L 118 -120.23 -6.53 -73.07
N SER L 119 -119.23 -5.96 -73.75
CA SER L 119 -119.49 -5.06 -74.87
C SER L 119 -119.88 -5.81 -76.15
N LYS L 120 -119.25 -6.96 -76.41
CA LYS L 120 -119.48 -7.67 -77.67
C LYS L 120 -119.39 -9.17 -77.42
N VAL L 121 -119.36 -9.93 -78.51
CA VAL L 121 -119.30 -11.40 -78.53
C VAL L 121 -120.53 -11.99 -77.84
N LYS L 126 -111.46 -15.27 -83.31
CA LYS L 126 -110.69 -14.83 -84.47
C LYS L 126 -111.05 -13.40 -84.86
N HIS L 127 -110.34 -12.44 -84.27
CA HIS L 127 -110.58 -11.03 -84.54
C HIS L 127 -110.26 -10.67 -85.99
N VAL L 128 -109.26 -11.32 -86.58
CA VAL L 128 -108.87 -11.05 -87.97
C VAL L 128 -110.02 -11.36 -88.92
N ASP L 129 -110.74 -12.45 -88.67
CA ASP L 129 -111.90 -12.78 -89.49
C ASP L 129 -113.09 -11.88 -89.15
N MET L 130 -113.15 -11.37 -87.92
CA MET L 130 -114.25 -10.51 -87.49
C MET L 130 -114.35 -9.22 -88.29
N ASP L 131 -113.33 -8.35 -88.16
CA ASP L 131 -113.23 -7.06 -88.86
C ASP L 131 -114.49 -6.25 -88.53
N LEU L 132 -115.24 -5.77 -89.52
CA LEU L 132 -116.52 -5.06 -89.34
C LEU L 132 -116.33 -3.77 -88.54
N ALA L 133 -115.50 -2.88 -89.09
CA ALA L 133 -115.27 -1.58 -88.47
C ALA L 133 -116.56 -0.77 -88.37
N THR L 134 -117.49 -0.96 -89.31
CA THR L 134 -118.81 -0.30 -89.27
C THR L 134 -119.67 -0.99 -88.21
N LEU L 135 -119.32 -0.75 -86.95
CA LEU L 135 -119.99 -1.34 -85.80
C LEU L 135 -120.19 -0.24 -84.76
N PRO L 136 -120.84 -0.47 -83.62
CA PRO L 136 -120.95 0.59 -82.59
C PRO L 136 -119.59 1.07 -82.13
N PRO L 137 -119.43 2.36 -81.84
CA PRO L 137 -118.14 2.88 -81.38
C PRO L 137 -117.62 2.22 -80.11
N THR L 138 -118.51 1.77 -79.21
CA THR L 138 -118.07 1.13 -77.97
C THR L 138 -117.30 -0.15 -78.26
N THR L 139 -117.86 -1.03 -79.10
CA THR L 139 -117.19 -2.27 -79.44
C THR L 139 -115.89 -2.00 -80.21
N ALA L 140 -115.93 -1.01 -81.10
CA ALA L 140 -114.75 -0.66 -81.89
C ALA L 140 -113.60 -0.20 -80.99
N MET L 141 -113.88 0.74 -80.07
CA MET L 141 -112.83 1.20 -79.17
C MET L 141 -112.39 0.10 -78.21
N ALA L 142 -113.29 -0.80 -77.82
CA ALA L 142 -112.90 -1.91 -76.96
C ALA L 142 -111.91 -2.84 -77.65
N VAL L 143 -112.21 -3.20 -78.90
CA VAL L 143 -111.31 -4.08 -79.66
C VAL L 143 -109.99 -3.36 -79.93
N LEU L 144 -110.05 -2.07 -80.26
CA LEU L 144 -108.84 -1.28 -80.49
C LEU L 144 -107.96 -1.24 -79.25
N LEU L 145 -108.58 -1.00 -78.09
CA LEU L 145 -107.83 -0.95 -76.83
C LEU L 145 -107.23 -2.30 -76.50
N TYR L 146 -107.99 -3.38 -76.73
CA TYR L 146 -107.46 -4.72 -76.45
C TYR L 146 -106.24 -5.03 -77.32
N ASN L 147 -106.31 -4.72 -78.61
CA ASN L 147 -105.19 -5.00 -79.50
C ASN L 147 -103.99 -4.11 -79.19
N ARG L 148 -104.25 -2.84 -78.86
CA ARG L 148 -103.19 -1.94 -78.42
C ARG L 148 -102.50 -2.47 -77.18
N TRP L 149 -103.30 -2.92 -76.20
CA TRP L 149 -102.74 -3.49 -74.98
C TRP L 149 -101.93 -4.74 -75.28
N ALA L 150 -102.42 -5.57 -76.22
CA ALA L 150 -101.72 -6.78 -76.59
C ALA L 150 -100.33 -6.48 -77.13
N ILE L 151 -100.25 -5.59 -78.13
CA ILE L 151 -98.95 -5.30 -78.74
C ILE L 151 -98.03 -4.56 -77.76
N ARG L 152 -98.60 -3.65 -76.95
CA ARG L 152 -97.79 -2.94 -75.96
C ARG L 152 -97.24 -3.89 -74.90
N THR L 153 -98.04 -4.86 -74.47
CA THR L 153 -97.55 -5.84 -73.50
C THR L 153 -96.47 -6.72 -74.11
N ILE L 154 -96.61 -7.07 -75.39
CA ILE L 154 -95.55 -7.81 -76.08
C ILE L 154 -94.25 -7.02 -76.05
N VAL L 155 -94.32 -5.73 -76.42
CA VAL L 155 -93.14 -4.88 -76.46
C VAL L 155 -92.53 -4.72 -75.06
N GLN L 156 -93.37 -4.49 -74.05
CA GLN L 156 -92.88 -4.30 -72.69
C GLN L 156 -92.23 -5.58 -72.15
N SER L 157 -92.86 -6.74 -72.39
CA SER L 157 -92.27 -8.01 -71.97
C SER L 157 -90.97 -8.28 -72.70
N SER L 158 -90.80 -7.72 -73.91
CA SER L 158 -89.51 -7.83 -74.58
C SER L 158 -88.42 -7.08 -73.83
N PHE L 159 -88.77 -5.98 -73.16
CA PHE L 159 -87.79 -5.15 -72.47
C PHE L 159 -87.25 -5.87 -71.23
N PRO L 160 -86.06 -5.48 -70.75
CA PRO L 160 -85.58 -6.04 -69.49
C PRO L 160 -86.11 -5.27 -68.30
N VAL L 161 -86.17 -5.97 -67.16
CA VAL L 161 -86.66 -5.40 -65.91
C VAL L 161 -85.61 -5.68 -64.84
N LYS L 162 -85.61 -4.85 -63.80
CA LYS L 162 -84.67 -5.01 -62.71
C LYS L 162 -84.91 -6.33 -62.00
N GLN L 163 -83.82 -6.95 -61.52
CA GLN L 163 -83.86 -8.29 -60.97
C GLN L 163 -84.74 -8.36 -59.73
N ALA L 164 -85.42 -9.50 -59.56
CA ALA L 164 -86.29 -9.75 -58.41
C ALA L 164 -85.43 -10.26 -57.28
N LYS L 165 -84.88 -9.33 -56.50
CA LYS L 165 -84.03 -9.69 -55.36
C LYS L 165 -84.72 -10.54 -54.28
N PRO L 166 -85.97 -10.24 -53.83
CA PRO L 166 -86.53 -11.15 -52.81
C PRO L 166 -86.77 -12.59 -53.30
N GLN L 176 -97.72 -16.05 -53.20
CA GLN L 176 -98.73 -15.53 -54.12
C GLN L 176 -98.07 -14.94 -55.37
N MET L 177 -96.87 -14.39 -55.19
CA MET L 177 -96.13 -13.83 -56.31
C MET L 177 -95.76 -14.89 -57.35
N GLN L 178 -95.52 -16.12 -56.92
CA GLN L 178 -95.21 -17.20 -57.85
C GLN L 178 -96.40 -17.49 -58.77
N GLN L 179 -97.61 -17.53 -58.20
CA GLN L 179 -98.81 -17.76 -59.02
C GLN L 179 -99.03 -16.62 -60.00
N GLU L 180 -98.80 -15.38 -59.55
CA GLU L 180 -98.91 -14.24 -60.44
C GLU L 180 -97.89 -14.32 -61.58
N LYS L 181 -96.66 -14.73 -61.25
CA LYS L 181 -95.62 -14.88 -62.28
C LYS L 181 -96.00 -15.96 -63.28
N GLU L 182 -96.55 -17.07 -62.80
CA GLU L 182 -97.00 -18.14 -63.69
C GLU L 182 -98.12 -17.66 -64.61
N LEU L 183 -99.08 -16.91 -64.06
CA LEU L 183 -100.15 -16.36 -64.87
C LEU L 183 -99.61 -15.40 -65.93
N THR L 184 -98.64 -14.56 -65.55
CA THR L 184 -98.03 -13.65 -66.52
C THR L 184 -97.35 -14.43 -67.64
N GLU L 185 -96.62 -15.50 -67.28
CA GLU L 185 -95.93 -16.30 -68.29
C GLU L 185 -96.92 -16.95 -69.24
N ASN L 186 -98.00 -17.54 -68.72
CA ASN L 186 -98.99 -18.17 -69.59
C ASN L 186 -99.67 -17.15 -70.51
N ILE L 187 -100.04 -15.98 -69.96
CA ILE L 187 -100.68 -14.95 -70.76
C ILE L 187 -99.73 -14.44 -71.84
N LEU L 188 -98.46 -14.23 -71.47
CA LEU L 188 -97.47 -13.78 -72.45
C LEU L 188 -97.27 -14.82 -73.55
N LYS L 189 -97.26 -16.11 -73.18
CA LYS L 189 -97.10 -17.16 -74.19
C LYS L 189 -98.26 -17.17 -75.18
N VAL L 190 -99.49 -17.16 -74.67
CA VAL L 190 -100.66 -17.18 -75.57
C VAL L 190 -100.73 -15.90 -76.39
N LEU L 191 -100.32 -14.76 -75.81
CA LEU L 191 -100.25 -13.51 -76.55
C LEU L 191 -99.23 -13.59 -77.68
N LYS L 192 -98.06 -14.18 -77.41
CA LYS L 192 -97.07 -14.40 -78.47
C LYS L 192 -97.61 -15.31 -79.57
N GLU L 193 -98.47 -16.27 -79.21
CA GLU L 193 -99.02 -17.20 -80.20
C GLU L 193 -99.83 -16.45 -81.27
N GLN L 194 -100.75 -15.59 -80.85
CA GLN L 194 -101.64 -14.89 -81.76
C GLN L 194 -101.27 -13.42 -81.93
N ALA L 195 -99.97 -13.12 -81.92
CA ALA L 195 -99.52 -11.74 -82.10
C ALA L 195 -99.81 -11.24 -83.51
N ALA L 196 -99.62 -12.09 -84.52
CA ALA L 196 -99.83 -11.68 -85.91
C ALA L 196 -101.28 -11.30 -86.16
N ASP L 197 -102.23 -12.07 -85.60
CA ASP L 197 -103.64 -11.74 -85.75
C ASP L 197 -103.96 -10.38 -85.14
N SER L 198 -103.43 -10.11 -83.93
CA SER L 198 -103.68 -8.85 -83.25
C SER L 198 -103.10 -7.67 -84.02
N ILE L 199 -101.87 -7.82 -84.51
CA ILE L 199 -101.23 -6.72 -85.22
C ILE L 199 -101.93 -6.46 -86.55
N LEU L 200 -102.39 -7.52 -87.24
CA LEU L 200 -103.15 -7.35 -88.46
C LEU L 200 -104.48 -6.63 -88.18
N VAL L 201 -105.16 -6.98 -87.09
CA VAL L 201 -106.41 -6.32 -86.72
C VAL L 201 -106.17 -4.84 -86.46
N LEU L 202 -105.11 -4.52 -85.71
CA LEU L 202 -104.81 -3.13 -85.41
C LEU L 202 -104.46 -2.35 -86.68
N GLU L 203 -103.68 -2.95 -87.58
CA GLU L 203 -103.33 -2.29 -88.84
C GLU L 203 -104.56 -2.05 -89.70
N ALA L 204 -105.44 -3.04 -89.81
CA ALA L 204 -106.67 -2.89 -90.59
C ALA L 204 -107.56 -1.80 -90.01
N ALA L 205 -107.69 -1.76 -88.68
CA ALA L 205 -108.47 -0.72 -88.03
C ALA L 205 -107.86 0.66 -88.27
N LEU L 206 -106.54 0.76 -88.22
CA LEU L 206 -105.85 2.02 -88.49
C LEU L 206 -106.09 2.48 -89.92
N LYS L 207 -106.14 1.54 -90.87
CA LYS L 207 -106.35 1.88 -92.27
C LYS L 207 -107.71 2.55 -92.47
N LEU L 208 -108.75 2.01 -91.82
CA LEU L 208 -110.09 2.56 -91.95
C LEU L 208 -110.17 3.95 -91.33
N ASN L 209 -110.90 4.85 -91.99
CA ASN L 209 -111.09 6.22 -91.54
C ASN L 209 -112.56 6.62 -91.66
N LYS L 210 -113.46 5.74 -91.22
CA LYS L 210 -114.88 5.98 -91.32
C LYS L 210 -115.52 6.09 -89.94
N ASP L 211 -114.89 6.84 -89.04
CA ASP L 211 -115.38 7.03 -87.68
C ASP L 211 -116.74 7.73 -87.65
N LEU L 241 -119.42 7.12 -76.27
CA LEU L 241 -118.39 8.10 -75.95
C LEU L 241 -117.26 8.08 -76.98
N LYS L 242 -117.63 8.30 -78.24
CA LYS L 242 -116.65 8.32 -79.32
C LYS L 242 -115.70 9.51 -79.18
N VAL L 243 -114.48 9.33 -79.67
CA VAL L 243 -113.44 10.34 -79.59
C VAL L 243 -112.95 10.63 -81.01
N LYS L 244 -112.07 11.64 -81.11
CA LYS L 244 -111.51 12.04 -82.39
C LYS L 244 -110.73 10.90 -83.03
N THR L 245 -110.97 10.67 -84.32
CA THR L 245 -110.29 9.58 -85.02
C THR L 245 -108.80 9.85 -85.18
N GLU L 246 -108.39 11.11 -85.23
CA GLU L 246 -106.98 11.45 -85.41
C GLU L 246 -106.14 10.97 -84.24
N GLU L 247 -106.60 11.20 -83.02
CA GLU L 247 -105.85 10.77 -81.84
C GLU L 247 -105.76 9.25 -81.75
N MET L 248 -106.88 8.57 -82.03
CA MET L 248 -106.87 7.11 -82.02
C MET L 248 -105.91 6.57 -83.07
N GLN L 249 -105.93 7.14 -84.28
CA GLN L 249 -105.04 6.70 -85.34
C GLN L 249 -103.58 6.95 -84.99
N CYS L 250 -103.28 8.10 -84.38
CA CYS L 250 -101.90 8.42 -83.99
C CYS L 250 -101.41 7.43 -82.96
N GLN L 251 -102.22 7.16 -81.93
CA GLN L 251 -101.81 6.23 -80.89
C GLN L 251 -101.63 4.82 -81.44
N VAL L 252 -102.57 4.35 -82.28
CA VAL L 252 -102.46 2.98 -82.76
C VAL L 252 -101.28 2.82 -83.71
N CYS L 253 -100.99 3.84 -84.54
CA CYS L 253 -99.83 3.73 -85.42
C CYS L 253 -98.52 3.83 -84.63
N TYR L 254 -98.50 4.61 -83.54
CA TYR L 254 -97.32 4.62 -82.68
C TYR L 254 -97.07 3.23 -82.10
N ASP L 255 -98.13 2.59 -81.60
CA ASP L 255 -97.99 1.24 -81.05
C ASP L 255 -97.60 0.24 -82.14
N LEU L 256 -98.14 0.41 -83.36
CA LEU L 256 -97.75 -0.44 -84.48
C LEU L 256 -96.27 -0.29 -84.80
N GLY L 257 -95.77 0.95 -84.81
CA GLY L 257 -94.36 1.18 -85.04
C GLY L 257 -93.49 0.55 -83.97
N ALA L 258 -93.91 0.66 -82.71
CA ALA L 258 -93.17 0.03 -81.63
C ALA L 258 -93.14 -1.49 -81.77
N ALA L 259 -94.29 -2.09 -82.13
CA ALA L 259 -94.35 -3.53 -82.32
C ALA L 259 -93.46 -3.99 -83.46
N TYR L 260 -93.46 -3.25 -84.57
CA TYR L 260 -92.58 -3.58 -85.68
C TYR L 260 -91.11 -3.41 -85.30
N PHE L 261 -90.79 -2.34 -84.57
CA PHE L 261 -89.41 -2.09 -84.16
C PHE L 261 -88.88 -3.21 -83.29
N GLN L 262 -89.69 -3.69 -82.34
CA GLN L 262 -89.32 -4.87 -81.56
C GLN L 262 -89.21 -6.09 -82.47
N GLN L 263 -90.14 -6.25 -83.41
CA GLN L 263 -90.11 -7.36 -84.35
C GLN L 263 -88.97 -7.25 -85.34
N GLY L 264 -88.56 -6.04 -85.69
CA GLY L 264 -87.60 -5.81 -86.74
C GLY L 264 -86.16 -6.08 -86.42
N SER L 265 -85.83 -6.48 -85.19
CA SER L 265 -84.44 -6.79 -84.84
C SER L 265 -83.86 -7.91 -85.70
N THR L 266 -84.71 -8.81 -86.21
CA THR L 266 -84.26 -9.91 -87.04
C THR L 266 -84.74 -9.80 -88.49
N ASN L 267 -85.16 -8.61 -88.93
CA ASN L 267 -85.61 -8.42 -90.32
C ASN L 267 -85.58 -6.94 -90.63
N SER L 268 -84.82 -6.55 -91.67
CA SER L 268 -84.70 -5.15 -92.05
C SER L 268 -85.92 -4.61 -92.78
N ALA L 269 -86.65 -5.46 -93.50
CA ALA L 269 -87.89 -5.02 -94.15
C ALA L 269 -88.92 -4.60 -93.11
N VAL L 270 -89.00 -5.32 -91.98
CA VAL L 270 -89.87 -4.90 -90.90
C VAL L 270 -89.40 -3.56 -90.33
N TYR L 271 -88.08 -3.32 -90.30
CA TYR L 271 -87.57 -2.00 -89.89
C TYR L 271 -88.02 -0.91 -90.86
N GLU L 272 -88.03 -1.22 -92.16
CA GLU L 272 -88.54 -0.24 -93.14
C GLU L 272 -90.01 0.05 -92.91
N ASN L 273 -90.80 -0.99 -92.63
CA ASN L 273 -92.22 -0.81 -92.32
C ASN L 273 -92.40 0.04 -91.06
N ALA L 274 -91.57 -0.21 -90.03
CA ALA L 274 -91.62 0.57 -88.81
C ALA L 274 -91.25 2.03 -89.08
N ARG L 275 -90.25 2.26 -89.93
CA ARG L 275 -89.87 3.62 -90.29
C ARG L 275 -91.02 4.35 -90.97
N GLU L 276 -91.69 3.67 -91.90
CA GLU L 276 -92.86 4.27 -92.57
C GLU L 276 -93.96 4.58 -91.58
N LYS L 277 -94.21 3.65 -90.64
CA LYS L 277 -95.27 3.85 -89.65
C LYS L 277 -94.94 5.03 -88.72
N PHE L 278 -93.68 5.15 -88.30
CA PHE L 278 -93.31 6.26 -87.43
C PHE L 278 -93.34 7.59 -88.17
N PHE L 279 -92.96 7.60 -89.45
CA PHE L 279 -93.10 8.83 -90.23
C PHE L 279 -94.56 9.22 -90.37
N ARG L 280 -95.44 8.24 -90.55
CA ARG L 280 -96.88 8.53 -90.57
C ARG L 280 -97.35 9.09 -89.23
N THR L 281 -96.84 8.52 -88.12
CA THR L 281 -97.18 9.03 -86.79
C THR L 281 -96.74 10.48 -86.61
N LYS L 282 -95.50 10.78 -87.01
CA LYS L 282 -94.98 12.13 -86.90
C LYS L 282 -95.76 13.10 -87.78
N GLU L 283 -96.13 12.66 -88.99
CA GLU L 283 -96.93 13.50 -89.88
C GLU L 283 -98.30 13.78 -89.28
N LEU L 284 -98.93 12.77 -88.67
CA LEU L 284 -100.23 12.97 -88.03
C LEU L 284 -100.12 13.93 -86.86
N ILE L 285 -99.07 13.79 -86.04
CA ILE L 285 -98.85 14.67 -84.90
C ILE L 285 -98.64 16.11 -85.37
N ALA L 286 -97.85 16.28 -86.43
CA ALA L 286 -97.63 17.62 -87.00
C ALA L 286 -98.94 18.21 -87.54
N GLU L 287 -99.74 17.39 -88.22
CA GLU L 287 -100.98 17.86 -88.82
C GLU L 287 -101.98 18.32 -87.77
N ILE L 288 -102.25 17.46 -86.78
CA ILE L 288 -103.22 17.83 -85.75
C ILE L 288 -102.66 18.94 -84.85
N GLY L 289 -101.38 18.88 -84.52
CA GLY L 289 -100.76 19.86 -83.64
C GLY L 289 -101.39 19.93 -82.26
N SER L 290 -101.68 18.78 -81.67
CA SER L 290 -102.40 18.71 -80.41
C SER L 290 -101.44 18.84 -79.23
N LEU L 291 -102.00 19.25 -78.09
CA LEU L 291 -101.23 19.37 -76.86
C LEU L 291 -102.02 18.84 -75.66
N SER L 292 -102.96 17.94 -75.91
CA SER L 292 -103.80 17.39 -74.84
C SER L 292 -103.71 15.87 -74.81
N CYS L 295 -103.18 12.62 -78.40
CA CYS L 295 -103.20 11.97 -77.10
C CYS L 295 -101.82 11.98 -76.47
N THR L 296 -101.69 11.28 -75.34
CA THR L 296 -100.42 11.22 -74.63
C THR L 296 -99.44 10.33 -75.39
N ILE L 297 -98.44 10.95 -76.01
CA ILE L 297 -97.37 10.25 -76.71
C ILE L 297 -96.04 10.76 -76.16
N ASP L 298 -95.15 9.85 -75.80
CA ASP L 298 -93.83 10.23 -75.30
C ASP L 298 -93.04 10.88 -76.43
N GLU L 299 -92.86 12.21 -76.34
CA GLU L 299 -92.17 12.95 -77.39
C GLU L 299 -90.72 12.53 -77.52
N LYS L 300 -90.02 12.34 -76.39
CA LYS L 300 -88.63 11.91 -76.43
C LYS L 300 -88.49 10.53 -77.05
N ARG L 301 -89.40 9.61 -76.70
CA ARG L 301 -89.38 8.28 -77.30
C ARG L 301 -89.66 8.33 -78.79
N LEU L 302 -90.59 9.18 -79.21
CA LEU L 302 -90.88 9.33 -80.63
C LEU L 302 -89.68 9.88 -81.38
N ALA L 303 -89.00 10.88 -80.81
CA ALA L 303 -87.79 11.41 -81.44
C ALA L 303 -86.71 10.36 -81.54
N GLY L 304 -86.54 9.55 -80.49
CA GLY L 304 -85.57 8.47 -80.53
C GLY L 304 -85.89 7.43 -81.59
N TYR L 305 -87.18 7.07 -81.70
CA TYR L 305 -87.60 6.13 -82.74
C TYR L 305 -87.34 6.70 -84.13
N CYS L 306 -87.63 7.99 -84.32
CA CYS L 306 -87.40 8.63 -85.62
C CYS L 306 -85.92 8.62 -85.96
N GLN L 307 -85.05 8.94 -84.99
CA GLN L 307 -83.62 8.93 -85.23
C GLN L 307 -83.13 7.52 -85.57
N ALA L 308 -83.60 6.52 -84.82
CA ALA L 308 -83.20 5.14 -85.06
C ALA L 308 -83.64 4.67 -86.43
N CYS L 309 -84.87 4.98 -86.83
CA CYS L 309 -85.37 4.60 -88.15
C CYS L 309 -84.60 5.30 -89.25
N ASP L 310 -84.28 6.59 -89.06
CA ASP L 310 -83.49 7.32 -90.04
C ASP L 310 -82.12 6.71 -90.22
N VAL L 311 -81.47 6.33 -89.12
CA VAL L 311 -80.16 5.70 -89.20
C VAL L 311 -80.24 4.33 -89.87
N LEU L 312 -81.24 3.51 -89.50
CA LEU L 312 -81.34 2.16 -90.03
C LEU L 312 -81.71 2.14 -91.51
N VAL L 313 -82.74 2.91 -91.89
CA VAL L 313 -83.23 2.93 -93.26
C VAL L 313 -83.43 4.37 -93.73
N PRO L 314 -82.35 5.08 -94.09
CA PRO L 314 -82.50 6.50 -94.46
C PRO L 314 -83.31 6.76 -95.71
N SER L 315 -83.51 5.75 -96.56
CA SER L 315 -84.29 5.84 -97.80
C SER L 315 -83.72 6.89 -98.76
N LEU L 323 -76.83 14.11 -91.96
CA LEU L 323 -76.93 15.44 -91.39
C LEU L 323 -75.82 15.70 -90.39
N THR L 324 -76.01 15.20 -89.17
CA THR L 324 -75.02 15.36 -88.12
C THR L 324 -73.76 14.55 -88.47
N PRO L 325 -72.57 14.96 -88.00
CA PRO L 325 -71.34 14.25 -88.41
C PRO L 325 -71.31 12.78 -88.03
N TYR L 326 -71.94 12.40 -86.90
CA TYR L 326 -72.05 11.00 -86.53
C TYR L 326 -72.79 10.20 -87.60
N SER L 327 -73.95 10.70 -88.01
CA SER L 327 -74.74 10.04 -89.05
C SER L 327 -74.00 10.05 -90.38
N GLN L 328 -73.26 11.13 -90.65
CA GLN L 328 -72.47 11.21 -91.88
C GLN L 328 -71.40 10.13 -91.91
N VAL L 329 -70.70 9.92 -90.78
CA VAL L 329 -69.69 8.87 -90.70
C VAL L 329 -70.33 7.51 -90.87
N HIS L 330 -71.49 7.29 -90.25
CA HIS L 330 -72.18 6.00 -90.39
C HIS L 330 -72.58 5.74 -91.84
N ILE L 331 -73.13 6.75 -92.53
CA ILE L 331 -73.53 6.60 -93.93
C ILE L 331 -72.30 6.33 -94.81
N CYS L 332 -71.23 7.08 -94.59
CA CYS L 332 -70.00 6.89 -95.38
C CYS L 332 -69.40 5.51 -95.16
N LEU L 333 -69.42 5.02 -93.90
CA LEU L 333 -68.96 3.66 -93.62
C LEU L 333 -69.84 2.65 -94.35
N ARG L 334 -71.15 2.88 -94.37
CA ARG L 334 -72.06 1.98 -95.09
C ARG L 334 -71.74 1.94 -96.58
N SER L 335 -71.43 3.11 -97.16
CA SER L 335 -71.13 3.20 -98.59
C SER L 335 -69.66 2.89 -98.88
N GLY L 336 -68.75 3.66 -98.28
CA GLY L 336 -67.33 3.45 -98.47
C GLY L 336 -66.56 4.69 -98.88
N ASN L 337 -67.14 5.87 -98.66
CA ASN L 337 -66.46 7.14 -98.94
C ASN L 337 -65.58 7.49 -97.75
N TYR L 338 -64.46 6.77 -97.63
CA TYR L 338 -63.63 6.83 -96.43
C TYR L 338 -62.87 8.15 -96.31
N GLN L 339 -62.54 8.80 -97.44
CA GLN L 339 -61.85 10.08 -97.38
C GLN L 339 -62.72 11.13 -96.69
N GLU L 340 -64.02 11.11 -96.98
CA GLU L 340 -64.97 11.94 -96.24
C GLU L 340 -64.95 11.62 -94.75
N VAL L 341 -64.74 10.34 -94.40
CA VAL L 341 -64.65 9.96 -93.00
C VAL L 341 -63.44 10.63 -92.36
N ILE L 342 -62.31 10.65 -93.07
CA ILE L 342 -61.13 11.34 -92.55
C ILE L 342 -61.41 12.83 -92.34
N GLN L 343 -62.04 13.47 -93.35
CA GLN L 343 -62.28 14.91 -93.23
C GLN L 343 -63.23 15.24 -92.08
N ILE L 344 -64.27 14.42 -91.90
CA ILE L 344 -65.16 14.57 -90.74
C ILE L 344 -64.38 14.36 -89.45
N PHE L 345 -63.43 13.42 -89.45
CA PHE L 345 -62.63 13.15 -88.26
C PHE L 345 -61.73 14.34 -87.92
N ILE L 346 -61.17 15.00 -88.94
CA ILE L 346 -60.35 16.19 -88.70
C ILE L 346 -61.22 17.31 -88.12
N GLU L 347 -62.42 17.50 -88.70
CA GLU L 347 -63.35 18.48 -88.15
C GLU L 347 -63.72 18.14 -86.71
N ASP L 348 -63.85 16.84 -86.41
CA ASP L 348 -64.16 16.40 -85.06
C ASP L 348 -63.01 16.66 -84.10
N ASN L 349 -61.77 16.47 -84.55
CA ASN L 349 -60.62 16.87 -83.74
C ASN L 349 -60.67 18.35 -83.42
N LEU L 350 -61.03 19.17 -84.41
CA LEU L 350 -61.16 20.60 -84.17
C LEU L 350 -62.27 20.91 -83.16
N THR L 351 -63.43 20.25 -83.27
CA THR L 351 -64.59 20.56 -82.46
C THR L 351 -64.78 19.70 -81.21
N LEU L 352 -64.17 18.52 -81.16
CA LEU L 352 -64.33 17.54 -80.06
C LEU L 352 -65.80 17.23 -79.80
N SER L 353 -66.45 16.71 -80.84
CA SER L 353 -67.89 16.45 -80.81
C SER L 353 -68.23 14.97 -80.66
N LEU L 354 -67.67 14.11 -81.51
CA LEU L 354 -68.04 12.69 -81.52
C LEU L 354 -67.54 12.00 -80.25
N PRO L 355 -68.17 10.89 -79.85
CA PRO L 355 -67.61 10.11 -78.74
C PRO L 355 -66.28 9.48 -79.10
N VAL L 356 -65.40 9.39 -78.11
CA VAL L 356 -64.13 8.69 -78.27
C VAL L 356 -64.37 7.21 -78.55
N GLN L 357 -65.37 6.63 -77.88
CA GLN L 357 -65.68 5.21 -78.05
C GLN L 357 -66.09 4.89 -79.48
N PHE L 358 -66.90 5.75 -80.09
CA PHE L 358 -67.34 5.54 -81.46
C PHE L 358 -66.16 5.58 -82.43
N ARG L 359 -65.23 6.53 -82.23
CA ARG L 359 -64.06 6.63 -83.08
C ARG L 359 -63.16 5.40 -82.93
N GLN L 360 -62.96 4.94 -81.69
CA GLN L 360 -62.17 3.73 -81.49
C GLN L 360 -62.85 2.52 -82.14
N SER L 361 -64.18 2.45 -82.06
CA SER L 361 -64.90 1.32 -82.65
C SER L 361 -64.80 1.30 -84.16
N VAL L 362 -64.95 2.47 -84.81
CA VAL L 362 -64.84 2.51 -86.27
C VAL L 362 -63.40 2.22 -86.69
N LEU L 363 -62.41 2.68 -85.89
CA LEU L 363 -61.03 2.32 -86.15
C LEU L 363 -60.84 0.81 -86.07
N ARG L 364 -61.46 0.17 -85.08
CA ARG L 364 -61.33 -1.27 -84.91
C ARG L 364 -61.95 -2.03 -86.09
N GLU L 365 -63.15 -1.62 -86.51
CA GLU L 365 -63.80 -2.32 -87.61
C GLU L 365 -63.06 -2.08 -88.92
N LEU L 366 -62.51 -0.88 -89.12
CA LEU L 366 -61.70 -0.61 -90.30
C LEU L 366 -60.43 -1.47 -90.30
N PHE L 367 -59.81 -1.63 -89.13
CA PHE L 367 -58.65 -2.51 -89.00
C PHE L 367 -59.03 -3.95 -89.31
N LYS L 368 -60.20 -4.39 -88.85
CA LYS L 368 -60.68 -5.74 -89.14
C LYS L 368 -60.84 -5.95 -90.64
N LYS L 369 -61.47 -4.99 -91.32
CA LYS L 369 -61.64 -5.08 -92.77
C LYS L 369 -60.29 -5.09 -93.48
N ALA L 370 -59.37 -4.24 -93.04
CA ALA L 370 -58.04 -4.18 -93.65
C ALA L 370 -57.30 -5.49 -93.48
N GLN L 371 -57.33 -6.06 -92.27
CA GLN L 371 -56.69 -7.34 -91.99
C GLN L 371 -57.38 -8.49 -92.73
N GLN L 372 -58.64 -8.32 -93.11
CA GLN L 372 -59.35 -9.34 -93.89
C GLN L 372 -59.16 -9.17 -95.39
N GLY L 373 -59.53 -8.00 -95.92
CA GLY L 373 -59.66 -7.83 -97.35
C GLY L 373 -58.70 -6.87 -98.03
N ASN L 374 -59.22 -5.72 -98.48
CA ASN L 374 -58.51 -4.84 -99.40
C ASN L 374 -57.19 -4.35 -98.81
N GLU L 375 -56.15 -4.36 -99.65
CA GLU L 375 -54.84 -3.90 -99.20
C GLU L 375 -54.74 -2.39 -99.17
N ALA L 376 -55.54 -1.69 -99.97
CA ALA L 376 -55.57 -0.23 -99.95
C ALA L 376 -56.09 0.33 -98.64
N LEU L 377 -56.74 -0.49 -97.82
CA LEU L 377 -57.22 -0.08 -96.51
C LEU L 377 -56.10 0.13 -95.48
N ASP L 378 -54.85 -0.23 -95.81
CA ASP L 378 -53.72 0.05 -94.92
C ASP L 378 -53.56 1.55 -94.72
N GLU L 379 -53.54 2.32 -95.80
CA GLU L 379 -53.35 3.76 -95.70
C GLU L 379 -54.52 4.44 -95.01
N ILE L 380 -55.75 4.00 -95.33
CA ILE L 380 -56.92 4.61 -94.70
C ILE L 380 -56.94 4.32 -93.21
N CYS L 381 -56.55 3.09 -92.81
CA CYS L 381 -56.47 2.74 -91.40
C CYS L 381 -55.41 3.56 -90.68
N PHE L 382 -54.25 3.74 -91.32
CA PHE L 382 -53.20 4.58 -90.73
C PHE L 382 -53.71 5.99 -90.53
N LYS L 383 -54.42 6.53 -91.52
CA LYS L 383 -54.87 7.92 -91.45
C LYS L 383 -55.89 8.11 -90.32
N VAL L 384 -56.88 7.21 -90.21
CA VAL L 384 -57.88 7.36 -89.15
C VAL L 384 -57.25 7.09 -87.79
N CYS L 385 -56.26 6.18 -87.73
CA CYS L 385 -55.53 5.93 -86.48
C CYS L 385 -54.75 7.17 -86.05
N ALA L 386 -54.15 7.87 -87.01
CA ALA L 386 -53.45 9.11 -86.69
C ALA L 386 -54.41 10.16 -86.17
N CYS L 387 -55.60 10.27 -86.77
CA CYS L 387 -56.61 11.20 -86.27
C CYS L 387 -56.99 10.88 -84.83
N ASN L 388 -57.24 9.60 -84.55
CA ASN L 388 -57.61 9.18 -83.20
C ASN L 388 -56.49 9.45 -82.20
N THR L 389 -55.25 9.18 -82.62
CA THR L 389 -54.09 9.43 -81.74
C THR L 389 -53.97 10.91 -81.42
N VAL L 390 -54.18 11.77 -82.41
CA VAL L 390 -54.08 13.21 -82.18
C VAL L 390 -55.20 13.67 -81.24
N ARG L 391 -56.42 13.15 -81.41
CA ARG L 391 -57.49 13.53 -80.48
C ARG L 391 -57.19 13.06 -79.05
N ASP L 392 -56.64 11.85 -78.92
CA ASP L 392 -56.27 11.34 -77.59
C ASP L 392 -55.19 12.22 -76.96
N ILE L 393 -54.22 12.66 -77.77
CA ILE L 393 -53.17 13.55 -77.28
C ILE L 393 -53.77 14.86 -76.78
N LEU L 394 -54.67 15.46 -77.57
CA LEU L 394 -55.29 16.71 -77.17
C LEU L 394 -56.12 16.57 -75.89
N GLU L 395 -56.85 15.46 -75.77
CA GLU L 395 -57.64 15.23 -74.56
C GLU L 395 -56.81 14.75 -73.38
N GLY L 396 -55.55 14.38 -73.60
CA GLY L 396 -54.70 13.92 -72.51
C GLY L 396 -54.96 12.48 -72.14
N ARG L 397 -54.76 11.58 -73.10
CA ARG L 397 -54.92 10.15 -72.90
C ARG L 397 -53.80 9.42 -73.62
N THR L 398 -53.61 8.16 -73.24
CA THR L 398 -52.46 7.39 -73.71
C THR L 398 -52.49 7.16 -75.22
N ILE L 399 -51.30 7.10 -75.80
CA ILE L 399 -51.16 6.83 -77.23
C ILE L 399 -51.41 5.35 -77.48
N SER L 400 -52.24 5.05 -78.49
CA SER L 400 -52.66 3.68 -78.75
C SER L 400 -51.49 2.83 -79.26
N VAL L 401 -51.61 1.52 -79.05
CA VAL L 401 -50.62 0.57 -79.53
C VAL L 401 -50.60 0.53 -81.05
N GLN L 402 -51.77 0.69 -81.69
CA GLN L 402 -51.88 0.66 -83.14
C GLN L 402 -51.05 1.77 -83.78
N PHE L 403 -51.07 2.97 -83.20
CA PHE L 403 -50.22 4.04 -83.69
C PHE L 403 -48.74 3.67 -83.56
N ASN L 404 -48.38 3.06 -82.43
CA ASN L 404 -46.99 2.71 -82.18
C ASN L 404 -46.48 1.69 -83.20
N GLN L 405 -47.30 0.69 -83.53
CA GLN L 405 -46.86 -0.28 -84.53
C GLN L 405 -46.94 0.31 -85.94
N LEU L 406 -47.85 1.26 -86.18
CA LEU L 406 -47.92 1.91 -87.48
C LEU L 406 -46.78 2.89 -87.72
N PHE L 407 -46.04 3.26 -86.69
CA PHE L 407 -44.89 4.14 -86.85
C PHE L 407 -43.55 3.39 -86.74
N LEU L 408 -43.59 2.07 -86.68
CA LEU L 408 -42.42 1.31 -87.10
C LEU L 408 -42.28 1.44 -88.61
N ARG L 409 -41.04 1.34 -89.10
CA ARG L 409 -40.60 1.61 -90.48
C ARG L 409 -41.29 2.86 -91.06
N PRO L 410 -41.21 4.03 -90.40
CA PRO L 410 -41.96 5.20 -90.89
C PRO L 410 -41.44 5.71 -92.22
N ASN L 411 -42.36 6.33 -92.96
CA ASN L 411 -42.10 6.87 -94.28
C ASN L 411 -42.31 8.38 -94.27
N LYS L 412 -41.91 9.01 -95.37
CA LYS L 412 -42.10 10.45 -95.53
C LYS L 412 -43.59 10.82 -95.51
N GLU L 413 -44.41 10.05 -96.23
CA GLU L 413 -45.83 10.36 -96.32
C GLU L 413 -46.54 10.21 -94.99
N LYS L 414 -46.14 9.21 -94.19
CA LYS L 414 -46.74 9.01 -92.87
C LYS L 414 -46.52 10.22 -91.96
N ILE L 415 -45.28 10.69 -91.87
CA ILE L 415 -44.96 11.84 -91.03
C ILE L 415 -45.61 13.10 -91.59
N ASP L 416 -45.62 13.24 -92.91
CA ASP L 416 -46.26 14.40 -93.54
C ASP L 416 -47.74 14.46 -93.21
N PHE L 417 -48.44 13.32 -93.29
CA PHE L 417 -49.85 13.30 -92.94
C PHE L 417 -50.06 13.55 -91.46
N LEU L 418 -49.18 13.01 -90.60
CA LEU L 418 -49.30 13.25 -89.16
C LEU L 418 -49.21 14.74 -88.84
N LEU L 419 -48.23 15.41 -89.45
CA LEU L 419 -48.09 16.85 -89.21
C LEU L 419 -49.21 17.65 -89.87
N GLU L 420 -49.74 17.15 -90.99
CA GLU L 420 -50.92 17.77 -91.60
C GLU L 420 -52.10 17.74 -90.64
N VAL L 421 -52.34 16.58 -90.01
CA VAL L 421 -53.44 16.44 -89.06
C VAL L 421 -53.20 17.32 -87.85
N CYS L 422 -51.96 17.35 -87.35
CA CYS L 422 -51.62 18.17 -86.20
C CYS L 422 -51.88 19.65 -86.46
N SER L 423 -51.45 20.14 -87.64
CA SER L 423 -51.71 21.53 -87.99
C SER L 423 -53.20 21.81 -88.17
N ARG L 424 -53.93 20.88 -88.81
CA ARG L 424 -55.36 21.08 -89.03
C ARG L 424 -56.15 21.07 -87.73
N SER L 425 -55.70 20.31 -86.74
CA SER L 425 -56.47 20.11 -85.51
C SER L 425 -56.03 20.99 -84.36
N VAL L 426 -54.82 21.55 -84.38
CA VAL L 426 -54.34 22.32 -83.23
C VAL L 426 -55.10 23.64 -83.10
N ASN L 427 -55.40 24.31 -84.23
CA ASN L 427 -56.07 25.61 -84.28
C ASN L 427 -55.30 26.65 -83.46
N LEU L 428 -54.09 26.94 -83.97
CA LEU L 428 -53.11 27.76 -83.25
C LEU L 428 -53.68 29.13 -82.87
N GLU L 429 -53.40 29.54 -81.64
CA GLU L 429 -53.77 30.80 -80.99
C GLU L 429 -55.26 30.93 -80.72
N LYS L 430 -56.06 29.91 -81.02
CA LYS L 430 -57.46 29.85 -80.60
C LYS L 430 -57.70 28.78 -79.55
N ALA L 431 -56.63 28.22 -78.98
CA ALA L 431 -56.72 27.19 -77.96
C ALA L 431 -55.84 27.58 -76.78
N SER L 432 -56.21 27.10 -75.59
CA SER L 432 -55.48 27.39 -74.37
C SER L 432 -54.05 26.83 -74.44
N GLU L 433 -53.23 27.24 -73.46
CA GLU L 433 -51.86 26.75 -73.36
C GLU L 433 -51.80 25.24 -73.11
N SER L 434 -52.86 24.65 -72.56
CA SER L 434 -52.90 23.20 -72.31
C SER L 434 -52.80 22.42 -73.61
N LEU L 435 -53.61 22.77 -74.61
CA LEU L 435 -53.62 22.06 -75.88
C LEU L 435 -52.29 22.22 -76.61
N LYS L 436 -51.73 23.43 -76.59
CA LYS L 436 -50.43 23.66 -77.23
C LYS L 436 -49.33 22.86 -76.55
N GLY L 437 -49.36 22.80 -75.21
CA GLY L 437 -48.37 22.00 -74.49
C GLY L 437 -48.48 20.53 -74.80
N ASN L 438 -49.72 20.01 -74.86
CA ASN L 438 -49.91 18.60 -75.21
C ASN L 438 -49.40 18.28 -76.61
N MET L 439 -49.71 19.15 -77.58
CA MET L 439 -49.26 18.91 -78.94
C MET L 439 -47.74 19.02 -79.06
N ALA L 440 -47.14 20.00 -78.36
CA ALA L 440 -45.68 20.14 -78.37
C ALA L 440 -45.01 18.93 -77.78
N ALA L 441 -45.53 18.42 -76.65
CA ALA L 441 -44.97 17.23 -76.02
C ALA L 441 -45.11 16.02 -76.93
N PHE L 442 -46.25 15.89 -77.60
CA PHE L 442 -46.46 14.75 -78.50
C PHE L 442 -45.49 14.80 -79.66
N LEU L 443 -45.27 15.98 -80.26
CA LEU L 443 -44.32 16.10 -81.35
C LEU L 443 -42.90 15.79 -80.88
N LYS L 444 -42.55 16.29 -79.68
CA LYS L 444 -41.24 15.98 -79.08
C LYS L 444 -41.04 14.48 -78.94
N ASN L 445 -42.03 13.79 -78.39
CA ASN L 445 -41.86 12.36 -78.10
C ASN L 445 -41.88 11.54 -79.37
N VAL L 446 -42.74 11.88 -80.33
CA VAL L 446 -42.78 11.12 -81.58
C VAL L 446 -41.49 11.34 -82.38
N CYS L 447 -40.90 12.54 -82.34
CA CYS L 447 -39.61 12.72 -83.00
C CYS L 447 -38.51 11.97 -82.26
N LEU L 448 -38.58 11.92 -80.92
CA LEU L 448 -37.62 11.13 -80.15
C LEU L 448 -37.71 9.65 -80.49
N GLY L 449 -38.92 9.15 -80.73
CA GLY L 449 -39.09 7.75 -81.08
C GLY L 449 -38.46 7.37 -82.42
N LEU L 450 -38.35 8.33 -83.33
CA LEU L 450 -37.79 8.07 -84.65
C LEU L 450 -36.32 7.69 -84.56
N GLU L 451 -35.90 6.76 -85.41
CA GLU L 451 -34.52 6.27 -85.40
C GLU L 451 -33.64 6.92 -86.47
N ASP L 452 -34.24 7.42 -87.55
CA ASP L 452 -33.48 7.97 -88.67
C ASP L 452 -33.39 9.49 -88.54
N LEU L 453 -32.19 10.02 -88.80
CA LEU L 453 -31.94 11.45 -88.62
C LEU L 453 -32.76 12.29 -89.60
N GLN L 454 -32.98 11.79 -90.82
CA GLN L 454 -33.70 12.58 -91.81
C GLN L 454 -35.16 12.78 -91.38
N TYR L 455 -35.79 11.76 -90.82
CA TYR L 455 -37.19 11.87 -90.40
C TYR L 455 -37.35 12.86 -89.25
N VAL L 456 -36.50 12.77 -88.23
CA VAL L 456 -36.56 13.73 -87.12
C VAL L 456 -36.25 15.13 -87.63
N PHE L 457 -35.36 15.25 -88.62
CA PHE L 457 -35.07 16.56 -89.19
C PHE L 457 -36.28 17.14 -89.90
N MET L 458 -36.97 16.32 -90.70
CA MET L 458 -38.09 16.87 -91.48
C MET L 458 -39.31 17.14 -90.61
N ILE L 459 -39.54 16.35 -89.55
CA ILE L 459 -40.59 16.76 -88.61
C ILE L 459 -40.16 18.02 -87.87
N SER L 460 -38.86 18.17 -87.57
CA SER L 460 -38.35 19.39 -86.96
C SER L 460 -38.51 20.61 -87.87
N SER L 461 -38.50 20.39 -89.19
CA SER L 461 -38.56 21.49 -90.15
C SER L 461 -39.95 22.10 -90.27
N HIS L 462 -40.98 21.40 -89.85
CA HIS L 462 -42.36 21.86 -90.05
C HIS L 462 -42.63 23.13 -89.25
N GLU L 463 -43.50 23.98 -89.81
CA GLU L 463 -43.80 25.28 -89.19
C GLU L 463 -44.47 25.13 -87.84
N LEU L 464 -45.38 24.16 -87.71
CA LEU L 464 -46.09 23.93 -86.45
C LEU L 464 -45.11 23.56 -85.33
N PHE L 465 -44.17 22.68 -85.63
CA PHE L 465 -43.16 22.28 -84.65
C PHE L 465 -42.32 23.48 -84.23
N ILE L 466 -41.96 24.33 -85.19
CA ILE L 466 -41.12 25.49 -84.90
C ILE L 466 -41.88 26.48 -84.00
N THR L 467 -43.15 26.75 -84.32
CA THR L 467 -43.88 27.76 -83.56
C THR L 467 -44.30 27.25 -82.18
N LEU L 468 -44.57 25.95 -82.03
CA LEU L 468 -45.02 25.44 -80.74
C LEU L 468 -43.91 25.49 -79.69
N LEU L 469 -42.67 25.26 -80.09
CA LEU L 469 -41.54 25.16 -79.18
C LEU L 469 -40.66 26.39 -79.25
N LYS L 470 -40.13 26.80 -78.11
CA LYS L 470 -39.16 27.88 -78.06
C LYS L 470 -37.89 27.48 -78.80
N ASP L 471 -37.05 28.49 -79.10
CA ASP L 471 -35.85 28.24 -79.88
C ASP L 471 -34.86 27.34 -79.14
N GLU L 472 -34.52 27.70 -77.90
CA GLU L 472 -33.45 26.99 -77.19
C GLU L 472 -33.80 25.53 -76.93
N GLU L 473 -35.06 25.24 -76.57
CA GLU L 473 -35.47 23.87 -76.33
C GLU L 473 -35.44 23.05 -77.62
N ARG L 474 -35.85 23.66 -78.74
CA ARG L 474 -35.80 22.97 -80.03
C ARG L 474 -34.37 22.66 -80.43
N LYS L 475 -33.45 23.61 -80.22
CA LYS L 475 -32.04 23.36 -80.53
C LYS L 475 -31.48 22.27 -79.63
N LEU L 476 -31.83 22.28 -78.35
CA LEU L 476 -31.40 21.22 -77.43
C LEU L 476 -31.91 19.86 -77.88
N LEU L 477 -33.19 19.81 -78.31
CA LEU L 477 -33.77 18.55 -78.74
C LEU L 477 -33.08 18.00 -79.98
N VAL L 478 -32.89 18.85 -80.99
CA VAL L 478 -32.25 18.39 -82.22
C VAL L 478 -30.78 18.03 -81.97
N ASP L 479 -30.10 18.75 -81.07
CA ASP L 479 -28.73 18.40 -80.73
C ASP L 479 -28.65 17.06 -80.02
N GLN L 480 -29.60 16.79 -79.10
CA GLN L 480 -29.66 15.50 -78.42
C GLN L 480 -29.92 14.39 -79.42
N MET L 481 -30.82 14.62 -80.39
CA MET L 481 -31.09 13.63 -81.42
C MET L 481 -29.84 13.37 -82.27
N ARG L 482 -29.12 14.43 -82.64
CA ARG L 482 -27.94 14.28 -83.49
C ARG L 482 -26.80 13.57 -82.75
N LYS L 483 -26.65 13.83 -81.45
CA LYS L 483 -25.60 13.18 -80.67
C LYS L 483 -25.88 11.71 -80.37
N ARG L 484 -27.06 11.20 -80.72
CA ARG L 484 -27.37 9.78 -80.50
C ARG L 484 -26.39 8.89 -81.25
N SER L 485 -26.17 9.18 -82.53
CA SER L 485 -25.27 8.40 -83.39
C SER L 485 -24.33 9.35 -84.09
N PRO L 486 -23.37 9.94 -83.36
CA PRO L 486 -22.55 11.02 -83.94
C PRO L 486 -21.61 10.50 -85.03
N ARG L 487 -21.32 11.39 -85.99
CA ARG L 487 -20.33 11.12 -87.01
C ARG L 487 -18.95 11.52 -86.50
N VAL L 488 -18.01 10.59 -86.56
CA VAL L 488 -16.66 10.81 -86.06
C VAL L 488 -15.66 10.34 -87.12
N ASN L 489 -14.62 11.15 -87.33
CA ASN L 489 -13.56 10.83 -88.29
C ASN L 489 -12.24 10.78 -87.55
N LEU L 490 -11.46 9.73 -87.81
CA LEU L 490 -10.22 9.47 -87.09
C LEU L 490 -9.08 9.27 -88.08
N CYS L 491 -7.93 9.87 -87.76
CA CYS L 491 -6.73 9.68 -88.57
C CYS L 491 -6.25 8.23 -88.42
N ILE L 492 -5.73 7.68 -89.52
CA ILE L 492 -5.34 6.28 -89.54
C ILE L 492 -3.86 6.09 -89.91
N LYS L 493 -3.26 7.02 -90.64
CA LYS L 493 -1.85 6.89 -91.00
C LYS L 493 -0.98 6.92 -89.74
N PRO L 494 -0.03 5.99 -89.60
CA PRO L 494 0.85 6.01 -88.41
C PRO L 494 1.67 7.29 -88.33
N VAL L 495 1.93 7.73 -87.10
CA VAL L 495 2.69 8.94 -86.87
C VAL L 495 4.12 8.75 -87.37
N THR L 496 4.62 9.75 -88.09
CA THR L 496 5.99 9.76 -88.59
C THR L 496 6.45 11.19 -88.73
N SER L 497 7.77 11.37 -88.79
CA SER L 497 8.37 12.70 -88.93
C SER L 497 9.51 12.62 -89.93
N PHE L 498 9.28 13.15 -91.13
CA PHE L 498 10.30 13.15 -92.19
C PHE L 498 11.17 14.40 -92.12
N TYR L 499 11.76 14.64 -90.95
CA TYR L 499 12.62 15.79 -90.66
C TYR L 499 11.90 17.12 -90.92
N PRO L 502 15.69 14.84 -95.46
CA PRO L 502 16.89 14.54 -96.24
C PRO L 502 18.10 15.36 -95.81
N ALA L 503 18.25 15.56 -94.49
CA ALA L 503 19.40 16.27 -93.96
C ALA L 503 20.71 15.56 -94.27
N SER L 504 20.68 14.24 -94.40
CA SER L 504 21.86 13.45 -94.72
C SER L 504 21.40 12.15 -95.37
N ALA L 505 22.34 11.23 -95.58
CA ALA L 505 21.98 9.93 -96.15
C ALA L 505 21.50 8.96 -95.08
N SER L 506 22.10 9.01 -93.88
CA SER L 506 21.70 8.11 -92.80
C SER L 506 20.26 8.35 -92.37
N VAL L 507 19.85 9.61 -92.26
CA VAL L 507 18.48 9.93 -91.86
C VAL L 507 17.49 9.49 -92.93
N ASN L 508 17.86 9.63 -94.21
CA ASN L 508 17.00 9.18 -95.30
C ASN L 508 16.85 7.66 -95.27
N ILE L 509 17.95 6.94 -95.03
CA ILE L 509 17.89 5.49 -94.90
C ILE L 509 16.99 5.10 -93.74
N GLY L 510 17.11 5.81 -92.61
CA GLY L 510 16.27 5.52 -91.46
C GLY L 510 14.80 5.74 -91.72
N GLN L 511 14.46 6.85 -92.40
CA GLN L 511 13.07 7.13 -92.74
C GLN L 511 12.51 6.08 -93.69
N LEU L 512 13.30 5.67 -94.68
CA LEU L 512 12.88 4.62 -95.59
C LEU L 512 12.66 3.30 -94.85
N GLU L 513 13.54 2.99 -93.90
CA GLU L 513 13.36 1.78 -93.09
C GLU L 513 12.10 1.86 -92.23
N HIS L 514 11.82 3.06 -91.70
CA HIS L 514 10.59 3.27 -90.93
C HIS L 514 9.37 3.02 -91.79
N GLN L 515 9.38 3.55 -93.02
CA GLN L 515 8.28 3.33 -93.95
C GLN L 515 8.16 1.84 -94.32
N LEU L 516 9.30 1.17 -94.47
CA LEU L 516 9.31 -0.26 -94.76
C LEU L 516 8.66 -1.05 -93.64
N ILE L 517 8.97 -0.71 -92.39
CA ILE L 517 8.37 -1.38 -91.25
C ILE L 517 6.87 -1.14 -91.22
N LEU L 518 6.45 0.12 -91.43
CA LEU L 518 5.04 0.46 -91.33
C LEU L 518 4.21 -0.03 -92.50
N SER L 519 4.78 -0.07 -93.71
CA SER L 519 4.01 -0.40 -94.90
C SER L 519 3.58 -1.87 -94.90
N VAL L 520 2.38 -2.11 -95.43
CA VAL L 520 1.90 -3.49 -95.63
C VAL L 520 1.42 -3.61 -97.06
N ASP L 521 1.81 -2.65 -97.91
CA ASP L 521 1.45 -2.67 -99.32
C ASP L 521 2.63 -3.20 -100.10
N PRO L 522 2.45 -4.25 -100.91
CA PRO L 522 3.60 -4.84 -101.63
C PRO L 522 4.29 -3.90 -102.61
N TRP L 523 3.56 -3.01 -103.27
CA TRP L 523 4.16 -2.12 -104.25
C TRP L 523 5.06 -1.09 -103.58
N ARG L 524 4.57 -0.47 -102.50
CA ARG L 524 5.38 0.48 -101.75
C ARG L 524 6.60 -0.20 -101.14
N ILE L 525 6.43 -1.45 -100.67
CA ILE L 525 7.55 -2.21 -100.11
C ILE L 525 8.62 -2.45 -101.18
N ARG L 526 8.18 -2.84 -102.39
CA ARG L 526 9.12 -3.05 -103.49
C ARG L 526 9.86 -1.77 -103.83
N GLN L 527 9.13 -0.64 -103.88
CA GLN L 527 9.76 0.65 -104.18
C GLN L 527 10.80 1.01 -103.12
N ILE L 528 10.45 0.84 -101.85
CA ILE L 528 11.35 1.20 -100.76
C ILE L 528 12.60 0.32 -100.79
N LEU L 529 12.42 -0.98 -101.01
CA LEU L 529 13.57 -1.89 -101.07
C LEU L 529 14.48 -1.55 -102.25
N ILE L 530 13.89 -1.23 -103.42
CA ILE L 530 14.70 -0.84 -104.58
C ILE L 530 15.50 0.41 -104.28
N GLU L 531 14.85 1.42 -103.69
CA GLU L 531 15.54 2.67 -103.36
C GLU L 531 16.66 2.43 -102.35
N LEU L 532 16.39 1.62 -101.31
CA LEU L 532 17.39 1.36 -100.29
C LEU L 532 18.60 0.61 -100.85
N HIS L 533 18.34 -0.42 -101.67
CA HIS L 533 19.45 -1.13 -102.30
C HIS L 533 20.19 -0.24 -103.28
N GLY L 534 19.52 0.72 -103.90
CA GLY L 534 20.20 1.66 -104.77
C GLY L 534 21.13 2.58 -104.02
N MET L 535 20.69 3.08 -102.86
CA MET L 535 21.47 4.06 -102.10
C MET L 535 22.47 3.45 -101.14
N THR L 536 22.57 2.11 -101.07
CA THR L 536 23.55 1.42 -100.24
C THR L 536 24.19 0.32 -101.07
N SER L 537 25.12 -0.43 -100.46
CA SER L 537 25.78 -1.50 -101.20
C SER L 537 24.90 -2.74 -101.27
N GLU L 538 24.70 -3.41 -100.14
CA GLU L 538 23.59 -4.35 -100.03
C GLU L 538 22.85 -4.18 -98.70
N ARG L 539 23.62 -4.02 -97.60
CA ARG L 539 23.15 -3.74 -96.25
C ARG L 539 22.28 -4.82 -95.61
N GLN L 540 21.99 -5.90 -96.34
CA GLN L 540 21.19 -7.04 -95.87
C GLN L 540 19.91 -6.58 -95.16
N PHE L 541 19.04 -5.91 -95.91
CA PHE L 541 17.88 -5.25 -95.34
C PHE L 541 16.81 -6.21 -94.80
N TRP L 542 16.93 -7.52 -95.06
CA TRP L 542 15.94 -8.46 -94.52
C TRP L 542 15.93 -8.51 -93.00
N THR L 543 17.02 -8.10 -92.35
CA THR L 543 17.15 -8.13 -90.89
C THR L 543 16.82 -6.80 -90.23
N VAL L 544 16.27 -5.83 -90.97
CA VAL L 544 16.03 -4.49 -90.43
C VAL L 544 14.98 -4.50 -89.31
N SER L 545 14.16 -5.55 -89.21
CA SER L 545 13.19 -5.62 -88.12
C SER L 545 13.17 -7.04 -87.58
N ASN L 546 13.37 -7.18 -86.27
CA ASN L 546 13.39 -8.48 -85.62
C ASN L 546 12.01 -9.03 -85.29
N LYS L 547 10.96 -8.23 -85.44
CA LYS L 547 9.59 -8.71 -85.25
C LYS L 547 9.08 -9.47 -86.46
N TRP L 548 9.84 -9.51 -87.54
CA TRP L 548 9.50 -10.27 -88.74
C TRP L 548 9.99 -11.69 -88.57
N GLU L 549 9.10 -12.57 -88.10
CA GLU L 549 9.43 -13.96 -87.84
C GLU L 549 8.84 -14.85 -88.92
N VAL L 550 9.66 -15.75 -89.45
CA VAL L 550 9.27 -16.72 -90.46
C VAL L 550 9.66 -18.08 -89.89
N PRO L 551 8.92 -19.16 -90.16
CA PRO L 551 9.34 -20.48 -89.67
C PRO L 551 10.72 -20.87 -90.19
N SER L 552 11.50 -21.53 -89.33
CA SER L 552 12.89 -21.84 -89.64
C SER L 552 13.02 -22.73 -90.87
N VAL L 553 12.06 -23.63 -91.08
CA VAL L 553 12.09 -24.50 -92.26
C VAL L 553 12.01 -23.67 -93.54
N TYR L 554 11.22 -22.58 -93.51
CA TYR L 554 11.18 -21.65 -94.63
C TYR L 554 12.40 -20.73 -94.63
N SER L 555 12.87 -20.35 -93.44
CA SER L 555 14.02 -19.44 -93.35
C SER L 555 15.27 -20.06 -93.96
N GLY L 556 15.41 -21.39 -93.86
CA GLY L 556 16.56 -22.06 -94.46
C GLY L 556 16.63 -21.88 -95.97
N VAL L 557 15.47 -21.87 -96.64
CA VAL L 557 15.47 -21.79 -98.10
C VAL L 557 15.35 -20.35 -98.60
N ILE L 558 14.68 -19.47 -97.84
CA ILE L 558 14.51 -18.08 -98.28
C ILE L 558 15.86 -17.36 -98.35
N LEU L 559 16.68 -17.51 -97.31
CA LEU L 559 17.96 -16.81 -97.25
C LEU L 559 18.99 -17.38 -98.23
N GLY L 560 18.70 -18.52 -98.87
CA GLY L 560 19.58 -19.08 -99.87
C GLY L 560 19.50 -18.45 -101.23
N ILE L 561 18.62 -17.49 -101.44
CA ILE L 561 18.50 -16.81 -102.73
C ILE L 561 19.75 -15.97 -102.96
N LYS L 562 20.35 -16.12 -104.14
CA LYS L 562 21.62 -15.44 -104.41
C LYS L 562 21.42 -13.92 -104.54
N ASP L 563 20.36 -13.49 -105.22
CA ASP L 563 20.13 -12.07 -105.41
C ASP L 563 19.72 -11.44 -104.08
N ASN L 564 20.37 -10.32 -103.73
CA ASN L 564 20.11 -9.69 -102.43
C ASN L 564 18.71 -9.06 -102.39
N LEU L 565 18.36 -8.30 -103.42
CA LEU L 565 17.08 -7.59 -103.44
C LEU L 565 15.90 -8.57 -103.43
N THR L 566 15.99 -9.63 -104.25
CA THR L 566 14.92 -10.62 -104.29
C THR L 566 14.80 -11.36 -102.96
N ARG L 567 15.94 -11.70 -102.35
CA ARG L 567 15.95 -12.37 -101.05
C ARG L 567 15.25 -11.52 -100.00
N ASP L 568 15.64 -10.25 -99.90
CA ASP L 568 15.06 -9.36 -98.90
C ASP L 568 13.58 -9.15 -99.15
N LEU L 569 13.19 -8.95 -100.42
CA LEU L 569 11.78 -8.72 -100.74
C LEU L 569 10.94 -9.95 -100.41
N VAL L 570 11.41 -11.15 -100.75
CA VAL L 570 10.67 -12.38 -100.47
C VAL L 570 10.52 -12.56 -98.96
N TYR L 571 11.60 -12.36 -98.21
CA TYR L 571 11.55 -12.52 -96.75
C TYR L 571 10.58 -11.52 -96.12
N ILE L 572 10.64 -10.26 -96.56
CA ILE L 572 9.77 -9.22 -96.02
C ILE L 572 8.30 -9.55 -96.33
N LEU L 573 8.01 -9.94 -97.58
CA LEU L 573 6.64 -10.22 -97.96
C LEU L 573 6.09 -11.43 -97.21
N MET L 574 6.89 -12.49 -97.07
CA MET L 574 6.46 -13.67 -96.32
C MET L 574 6.18 -13.32 -94.86
N ALA L 575 7.09 -12.59 -94.22
CA ALA L 575 6.94 -12.26 -92.81
C ALA L 575 5.72 -11.37 -92.58
N LYS L 576 5.54 -10.36 -93.43
CA LYS L 576 4.41 -9.45 -93.27
C LYS L 576 3.09 -10.16 -93.55
N GLY L 577 3.08 -11.07 -94.54
CA GLY L 577 1.89 -11.85 -94.80
C GLY L 577 1.52 -12.74 -93.63
N LEU L 578 2.52 -13.39 -93.02
CA LEU L 578 2.25 -14.24 -91.86
C LEU L 578 1.74 -13.42 -90.69
N HIS L 579 2.33 -12.24 -90.44
CA HIS L 579 1.87 -11.40 -89.35
C HIS L 579 0.45 -10.89 -89.59
N CYS L 580 0.16 -10.46 -90.83
CA CYS L 580 -1.20 -10.02 -91.16
C CYS L 580 -2.21 -11.16 -91.04
N SER L 581 -1.79 -12.39 -91.36
CA SER L 581 -2.65 -13.54 -91.12
C SER L 581 -2.89 -13.74 -89.64
N THR L 582 -1.86 -13.51 -88.82
CA THR L 582 -2.01 -13.65 -87.37
C THR L 582 -3.00 -12.63 -86.80
N VAL L 583 -2.91 -11.38 -87.26
CA VAL L 583 -3.73 -10.30 -86.71
C VAL L 583 -5.04 -10.15 -87.47
N LYS L 584 -5.36 -11.15 -88.30
CA LYS L 584 -6.62 -11.25 -89.06
C LYS L 584 -6.77 -10.12 -90.09
N ASP L 585 -5.66 -9.51 -90.52
CA ASP L 585 -5.68 -8.55 -91.63
C ASP L 585 -5.55 -9.33 -92.94
N PHE L 586 -6.63 -10.05 -93.26
CA PHE L 586 -6.59 -11.05 -94.33
C PHE L 586 -6.46 -10.45 -95.72
N SER L 587 -7.00 -9.25 -95.94
CA SER L 587 -6.91 -8.62 -97.27
C SER L 587 -5.47 -8.27 -97.61
N HIS L 588 -4.78 -7.57 -96.69
CA HIS L 588 -3.39 -7.21 -96.92
C HIS L 588 -2.51 -8.45 -96.97
N ALA L 589 -2.84 -9.46 -96.17
CA ALA L 589 -2.12 -10.73 -96.23
C ALA L 589 -2.25 -11.37 -97.60
N LYS L 590 -3.46 -11.36 -98.15
CA LYS L 590 -3.68 -11.90 -99.50
C LYS L 590 -2.87 -11.15 -100.53
N GLN L 591 -2.85 -9.81 -100.42
CA GLN L 591 -2.07 -9.00 -101.36
C GLN L 591 -0.58 -9.33 -101.28
N LEU L 592 -0.03 -9.38 -100.05
CA LEU L 592 1.39 -9.64 -99.87
C LEU L 592 1.76 -11.05 -100.34
N PHE L 593 0.94 -12.05 -100.02
CA PHE L 593 1.23 -13.42 -100.44
C PHE L 593 1.13 -13.58 -101.96
N ALA L 594 0.16 -12.91 -102.59
CA ALA L 594 0.06 -12.94 -104.04
C ALA L 594 1.27 -12.31 -104.70
N ALA L 595 1.73 -11.16 -104.17
CA ALA L 595 2.92 -10.51 -104.71
C ALA L 595 4.15 -11.40 -104.56
N CYS L 596 4.32 -12.01 -103.38
CA CYS L 596 5.47 -12.89 -103.18
C CYS L 596 5.41 -14.10 -104.09
N LEU L 597 4.21 -14.64 -104.30
CA LEU L 597 4.03 -15.79 -105.19
C LEU L 597 4.43 -15.44 -106.62
N GLU L 598 3.88 -14.34 -107.15
CA GLU L 598 4.20 -13.96 -108.53
C GLU L 598 5.68 -13.57 -108.66
N LEU L 599 6.30 -13.14 -107.56
CA LEU L 599 7.73 -12.84 -107.58
C LEU L 599 8.54 -14.13 -107.68
N VAL L 600 8.22 -15.14 -106.86
CA VAL L 600 9.01 -16.35 -106.81
C VAL L 600 8.74 -17.29 -107.98
N THR L 601 7.59 -17.18 -108.66
CA THR L 601 7.33 -18.05 -109.82
C THR L 601 8.37 -17.85 -110.92
N GLU L 602 8.98 -16.66 -110.99
CA GLU L 602 9.89 -16.35 -112.08
C GLU L 602 11.18 -17.17 -112.01
N PHE L 603 11.64 -17.53 -110.81
CA PHE L 603 12.98 -18.07 -110.68
C PHE L 603 13.12 -19.29 -109.77
N SER L 604 12.02 -19.83 -109.23
CA SER L 604 12.12 -21.00 -108.36
C SER L 604 10.78 -21.72 -108.20
N PRO L 605 10.76 -23.05 -108.37
CA PRO L 605 9.50 -23.79 -108.15
C PRO L 605 9.30 -24.19 -106.70
N LYS L 606 10.39 -24.36 -105.96
CA LYS L 606 10.30 -24.72 -104.54
C LYS L 606 9.60 -23.61 -103.75
N LEU L 607 10.05 -22.37 -103.94
CA LEU L 607 9.39 -21.23 -103.31
C LEU L 607 7.96 -21.08 -103.82
N ARG L 608 7.72 -21.42 -105.09
CA ARG L 608 6.37 -21.36 -105.64
C ARG L 608 5.43 -22.30 -104.88
N GLN L 609 5.88 -23.52 -104.62
CA GLN L 609 5.06 -24.48 -103.88
C GLN L 609 4.87 -24.04 -102.44
N VAL L 610 5.91 -23.44 -101.85
CA VAL L 610 5.81 -22.90 -100.49
C VAL L 610 4.73 -21.82 -100.43
N MET L 611 4.76 -20.89 -101.40
CA MET L 611 3.75 -19.84 -101.45
C MET L 611 2.36 -20.38 -101.74
N LEU L 612 2.26 -21.46 -102.52
CA LEU L 612 0.96 -22.08 -102.76
C LEU L 612 0.38 -22.66 -101.47
N ASN L 613 1.22 -23.35 -100.69
CA ASN L 613 0.77 -23.89 -99.40
C ASN L 613 0.35 -22.77 -98.45
N GLU L 614 1.15 -21.70 -98.39
CA GLU L 614 0.80 -20.56 -97.54
C GLU L 614 -0.49 -19.90 -98.00
N MET L 615 -0.69 -19.80 -99.32
CA MET L 615 -1.92 -19.24 -99.86
C MET L 615 -3.13 -20.09 -99.48
N LEU L 616 -2.98 -21.41 -99.54
CA LEU L 616 -4.07 -22.30 -99.15
C LEU L 616 -4.41 -22.13 -97.67
N LEU L 617 -3.37 -22.06 -96.82
CA LEU L 617 -3.60 -21.85 -95.39
C LEU L 617 -4.31 -20.52 -95.14
N LEU L 618 -3.86 -19.46 -95.81
CA LEU L 618 -4.49 -18.16 -95.65
C LEU L 618 -5.94 -18.17 -96.13
N ASP L 619 -6.22 -18.86 -97.23
CA ASP L 619 -7.59 -18.95 -97.73
C ASP L 619 -8.49 -19.72 -96.77
N ILE L 620 -7.97 -20.79 -96.17
CA ILE L 620 -8.72 -21.51 -95.14
C ILE L 620 -9.05 -20.57 -93.98
N HIS L 621 -8.07 -19.76 -93.55
CA HIS L 621 -8.31 -18.82 -92.45
C HIS L 621 -9.36 -17.79 -92.83
N THR L 622 -9.28 -17.25 -94.05
CA THR L 622 -10.26 -16.26 -94.51
C THR L 622 -11.65 -16.84 -94.55
N HIS L 623 -11.78 -18.07 -95.09
CA HIS L 623 -13.09 -18.69 -95.17
C HIS L 623 -13.66 -18.99 -93.78
N GLU L 624 -12.80 -19.42 -92.85
CA GLU L 624 -13.28 -19.69 -91.50
C GLU L 624 -13.55 -18.40 -90.71
N ALA L 625 -13.01 -17.27 -91.15
CA ALA L 625 -13.26 -16.00 -90.46
C ALA L 625 -14.50 -15.28 -91.01
N GLY L 626 -14.46 -14.91 -92.28
CA GLY L 626 -15.55 -14.18 -92.89
C GLY L 626 -16.76 -15.04 -93.17
N THR L 627 -16.61 -16.00 -94.09
CA THR L 627 -17.71 -16.90 -94.40
C THR L 627 -17.97 -17.88 -93.27
N GLY L 628 -16.94 -18.23 -92.50
CA GLY L 628 -17.13 -19.06 -91.33
C GLY L 628 -17.96 -18.38 -90.27
N GLN L 629 -18.64 -19.20 -89.46
CA GLN L 629 -19.58 -18.75 -88.43
C GLN L 629 -20.78 -18.02 -89.02
N ALA L 630 -21.08 -18.30 -90.29
CA ALA L 630 -22.24 -17.75 -90.96
C ALA L 630 -23.06 -18.79 -91.72
N GLY L 631 -22.53 -20.00 -91.92
CA GLY L 631 -23.28 -21.11 -92.48
C GLY L 631 -23.03 -21.40 -93.95
N GLU L 632 -22.50 -20.46 -94.71
CA GLU L 632 -22.26 -20.71 -96.13
C GLU L 632 -21.12 -21.71 -96.32
N ARG L 633 -21.33 -22.66 -97.24
CA ARG L 633 -20.36 -23.70 -97.53
C ARG L 633 -19.14 -23.10 -98.25
N PRO L 634 -18.03 -23.84 -98.32
CA PRO L 634 -16.87 -23.37 -99.12
C PRO L 634 -17.20 -23.23 -100.60
N PRO L 635 -16.38 -22.50 -101.36
CA PRO L 635 -16.70 -22.29 -102.80
C PRO L 635 -16.65 -23.55 -103.67
N SER L 636 -16.21 -24.69 -103.13
CA SER L 636 -15.99 -25.99 -103.75
C SER L 636 -14.68 -26.05 -104.54
N ASP L 637 -13.99 -24.93 -104.70
CA ASP L 637 -12.61 -24.93 -105.21
C ASP L 637 -11.60 -24.98 -104.07
N LEU L 638 -11.92 -24.37 -102.93
CA LEU L 638 -11.05 -24.46 -101.76
C LEU L 638 -10.93 -25.89 -101.27
N ILE L 639 -12.03 -26.64 -101.31
CA ILE L 639 -12.02 -28.05 -100.90
C ILE L 639 -11.09 -28.86 -101.79
N SER L 640 -11.13 -28.60 -103.09
CA SER L 640 -10.26 -29.30 -104.03
C SER L 640 -8.80 -28.99 -103.76
N ARG L 641 -8.49 -27.72 -103.45
CA ARG L 641 -7.11 -27.35 -103.12
C ARG L 641 -6.65 -28.05 -101.84
N VAL L 642 -7.53 -28.14 -100.83
CA VAL L 642 -7.20 -28.83 -99.58
C VAL L 642 -6.90 -30.30 -99.85
N ARG L 643 -7.76 -30.94 -100.66
CA ARG L 643 -7.56 -32.34 -101.02
C ARG L 643 -6.25 -32.53 -101.78
N GLY L 644 -5.96 -31.60 -102.70
CA GLY L 644 -4.72 -31.68 -103.46
C GLY L 644 -3.49 -31.55 -102.59
N TYR L 645 -3.53 -30.65 -101.60
CA TYR L 645 -2.40 -30.50 -100.68
C TYR L 645 -2.25 -31.73 -99.80
N LEU L 646 -3.37 -32.33 -99.40
CA LEU L 646 -3.28 -33.56 -98.62
C LEU L 646 -2.64 -34.67 -99.44
N GLU L 647 -2.98 -34.76 -100.73
CA GLU L 647 -2.59 -35.89 -101.56
C GLU L 647 -1.41 -35.61 -102.48
N MET L 648 -0.82 -34.41 -102.46
CA MET L 648 0.27 -34.09 -103.39
C MET L 648 1.50 -34.94 -103.15
N ARG L 649 1.90 -35.10 -101.88
CA ARG L 649 3.05 -35.93 -101.46
C ARG L 649 4.34 -35.55 -102.19
N LEU L 650 4.56 -34.25 -102.36
CA LEU L 650 5.79 -33.80 -103.00
C LEU L 650 6.95 -33.96 -102.02
N PRO L 651 7.99 -34.73 -102.36
CA PRO L 651 8.97 -35.15 -101.35
C PRO L 651 10.02 -34.11 -101.01
N ASP L 652 10.45 -33.32 -101.99
CA ASP L 652 11.60 -32.43 -101.85
C ASP L 652 11.19 -31.01 -101.53
N ILE L 653 10.16 -30.84 -100.70
CA ILE L 653 9.64 -29.51 -100.39
C ILE L 653 9.58 -29.31 -98.87
N PRO L 654 9.99 -28.16 -98.37
CA PRO L 654 9.76 -27.86 -96.95
C PRO L 654 8.28 -27.64 -96.69
N LEU L 655 7.85 -27.98 -95.48
CA LEU L 655 6.44 -27.85 -95.14
C LEU L 655 6.29 -27.69 -93.63
N ARG L 656 5.13 -27.19 -93.23
CA ARG L 656 4.77 -27.02 -91.83
C ARG L 656 3.59 -27.93 -91.54
N GLN L 657 3.69 -28.71 -90.46
CA GLN L 657 2.58 -29.60 -90.08
C GLN L 657 1.33 -28.84 -89.66
N VAL L 658 1.45 -27.55 -89.33
CA VAL L 658 0.29 -26.74 -89.00
C VAL L 658 -0.65 -26.63 -90.20
N ILE L 659 -0.12 -26.64 -91.42
CA ILE L 659 -0.97 -26.58 -92.61
C ILE L 659 -1.78 -27.85 -92.75
N ALA L 660 -1.15 -29.01 -92.50
CA ALA L 660 -1.88 -30.28 -92.51
C ALA L 660 -2.93 -30.31 -91.42
N GLU L 661 -2.57 -29.82 -90.23
CA GLU L 661 -3.53 -29.69 -89.12
C GLU L 661 -4.76 -28.90 -89.55
N GLU L 662 -4.52 -27.71 -90.13
CA GLU L 662 -5.61 -26.83 -90.50
C GLU L 662 -6.45 -27.43 -91.62
N CYS L 663 -5.80 -28.11 -92.58
CA CYS L 663 -6.53 -28.76 -93.67
C CYS L 663 -7.45 -29.85 -93.15
N VAL L 664 -6.94 -30.72 -92.26
CA VAL L 664 -7.77 -31.80 -91.73
C VAL L 664 -8.89 -31.23 -90.88
N ALA L 665 -8.59 -30.19 -90.10
CA ALA L 665 -9.63 -29.54 -89.29
C ALA L 665 -10.70 -28.91 -90.17
N PHE L 666 -10.30 -28.29 -91.29
CA PHE L 666 -11.23 -27.72 -92.23
C PHE L 666 -12.13 -28.79 -92.84
N MET L 667 -11.54 -29.92 -93.23
CA MET L 667 -12.33 -31.01 -93.79
C MET L 667 -13.31 -31.58 -92.77
N LEU L 668 -12.92 -31.62 -91.50
CA LEU L 668 -13.81 -32.13 -90.46
C LEU L 668 -14.93 -31.14 -90.15
N ASN L 669 -14.64 -29.84 -90.18
CA ASN L 669 -15.63 -28.82 -89.81
C ASN L 669 -16.82 -28.82 -90.76
N TRP L 670 -16.58 -29.08 -92.05
CA TRP L 670 -17.62 -28.99 -93.06
C TRP L 670 -18.20 -30.35 -93.43
N ARG L 671 -18.07 -31.33 -92.53
CA ARG L 671 -18.70 -32.66 -92.65
C ARG L 671 -18.32 -33.37 -93.95
N GLU L 672 -17.05 -33.26 -94.33
CA GLU L 672 -16.51 -34.02 -95.47
C GLU L 672 -16.09 -35.42 -95.02
N ASN L 673 -17.04 -36.13 -94.41
CA ASN L 673 -16.75 -37.42 -93.79
C ASN L 673 -16.37 -38.47 -94.82
N GLU L 674 -17.06 -38.49 -95.97
CA GLU L 674 -16.85 -39.53 -96.97
C GLU L 674 -15.43 -39.52 -97.51
N TYR L 675 -14.87 -38.33 -97.77
CA TYR L 675 -13.50 -38.23 -98.25
C TYR L 675 -12.52 -38.77 -97.22
N LEU L 676 -12.65 -38.30 -95.98
CA LEU L 676 -11.72 -38.68 -94.92
C LEU L 676 -11.79 -40.16 -94.62
N THR L 677 -12.95 -40.80 -94.80
CA THR L 677 -13.09 -42.19 -94.44
C THR L 677 -12.86 -43.16 -95.60
N LEU L 678 -12.93 -42.70 -96.85
CA LEU L 678 -12.72 -43.56 -98.00
C LEU L 678 -11.55 -43.16 -98.88
N GLN L 679 -11.48 -41.90 -99.31
CA GLN L 679 -10.65 -41.54 -100.44
C GLN L 679 -9.21 -41.19 -100.08
N VAL L 680 -8.92 -40.94 -98.81
CA VAL L 680 -7.54 -40.62 -98.40
C VAL L 680 -6.66 -41.85 -98.60
N PRO L 681 -5.45 -41.70 -99.13
CA PRO L 681 -4.58 -42.86 -99.33
C PRO L 681 -4.01 -43.37 -98.01
N ALA L 682 -3.63 -44.66 -98.02
CA ALA L 682 -3.15 -45.31 -96.80
C ALA L 682 -1.82 -44.70 -96.33
N PHE L 683 -0.92 -44.39 -97.27
CA PHE L 683 0.39 -43.86 -96.91
C PHE L 683 0.28 -42.52 -96.19
N LEU L 684 -0.75 -41.72 -96.52
CA LEU L 684 -0.96 -40.47 -95.80
C LEU L 684 -1.36 -40.74 -94.35
N LEU L 685 -2.18 -41.77 -94.12
CA LEU L 685 -2.49 -42.19 -92.75
C LEU L 685 -1.23 -42.62 -92.01
N GLN L 686 -0.38 -43.42 -92.68
CA GLN L 686 0.83 -43.92 -92.02
C GLN L 686 1.80 -42.79 -91.69
N SER L 687 1.94 -41.82 -92.59
CA SER L 687 2.93 -40.76 -92.36
C SER L 687 2.39 -39.72 -91.38
N ASN L 688 1.30 -39.06 -91.74
CA ASN L 688 0.74 -37.96 -90.96
C ASN L 688 -0.24 -38.52 -89.93
N PRO L 689 -0.14 -38.11 -88.66
CA PRO L 689 -1.10 -38.60 -87.65
C PRO L 689 -2.44 -37.87 -87.65
N TYR L 690 -2.44 -36.58 -88.01
CA TYR L 690 -3.66 -35.80 -88.03
C TYR L 690 -4.65 -36.35 -89.05
N VAL L 691 -4.16 -36.81 -90.20
CA VAL L 691 -5.03 -37.39 -91.22
C VAL L 691 -5.65 -38.68 -90.70
N LYS L 692 -4.88 -39.48 -89.97
CA LYS L 692 -5.42 -40.71 -89.37
C LYS L 692 -6.51 -40.39 -88.37
N LEU L 693 -6.27 -39.39 -87.52
CA LEU L 693 -7.26 -38.99 -86.53
C LEU L 693 -8.52 -38.45 -87.21
N GLY L 694 -8.35 -37.67 -88.28
CA GLY L 694 -9.48 -37.18 -89.03
C GLY L 694 -10.30 -38.30 -89.65
N GLN L 695 -9.61 -39.32 -90.17
CA GLN L 695 -10.29 -40.50 -90.71
C GLN L 695 -11.10 -41.20 -89.63
N LEU L 696 -10.50 -41.38 -88.45
CA LEU L 696 -11.19 -42.03 -87.35
C LEU L 696 -12.42 -41.23 -86.91
N LEU L 697 -12.28 -39.90 -86.79
CA LEU L 697 -13.40 -39.08 -86.33
C LEU L 697 -14.52 -39.02 -87.36
N ALA L 698 -14.18 -38.88 -88.64
CA ALA L 698 -15.20 -38.90 -89.69
C ALA L 698 -15.94 -40.24 -89.71
N ALA L 699 -15.19 -41.34 -89.59
CA ALA L 699 -15.81 -42.67 -89.62
C ALA L 699 -16.74 -42.87 -88.43
N THR L 700 -16.29 -42.51 -87.21
CA THR L 700 -17.14 -42.74 -86.05
C THR L 700 -18.30 -41.75 -85.98
N CYS L 701 -18.20 -40.61 -86.67
CA CYS L 701 -19.34 -39.70 -86.72
C CYS L 701 -20.38 -40.16 -87.72
N LYS L 702 -19.96 -40.63 -88.90
CA LYS L 702 -20.94 -40.97 -89.92
C LYS L 702 -21.67 -42.29 -89.63
N GLU L 703 -21.03 -43.20 -88.90
CA GLU L 703 -21.57 -44.55 -88.72
C GLU L 703 -22.39 -44.71 -87.45
N LEU L 704 -22.74 -43.61 -86.77
CA LEU L 704 -23.45 -43.67 -85.49
C LEU L 704 -24.74 -44.49 -85.50
N PRO L 705 -25.66 -44.36 -86.47
CA PRO L 705 -26.84 -45.25 -86.46
C PRO L 705 -26.50 -46.74 -86.56
N GLY L 706 -25.45 -47.08 -87.31
CA GLY L 706 -25.02 -48.45 -87.45
C GLY L 706 -24.28 -48.92 -86.22
N PRO L 707 -24.86 -49.89 -85.49
CA PRO L 707 -24.28 -50.28 -84.18
C PRO L 707 -22.91 -50.94 -84.23
N LYS L 708 -22.74 -51.96 -85.06
CA LYS L 708 -21.48 -52.70 -85.10
C LYS L 708 -20.34 -51.85 -85.63
N GLU L 709 -20.57 -51.13 -86.73
CA GLU L 709 -19.52 -50.28 -87.31
C GLU L 709 -19.14 -49.16 -86.35
N SER L 710 -20.12 -48.53 -85.69
CA SER L 710 -19.84 -47.50 -84.71
C SER L 710 -19.03 -48.06 -83.56
N ARG L 711 -19.39 -49.26 -83.08
CA ARG L 711 -18.66 -49.89 -81.99
C ARG L 711 -17.21 -50.16 -82.38
N ARG L 712 -16.99 -50.68 -83.59
CA ARG L 712 -15.64 -51.00 -84.06
C ARG L 712 -14.79 -49.73 -84.18
N THR L 713 -15.32 -48.72 -84.86
CA THR L 713 -14.55 -47.50 -85.09
C THR L 713 -14.33 -46.74 -83.79
N ALA L 714 -15.34 -46.75 -82.90
CA ALA L 714 -15.20 -46.12 -81.59
C ALA L 714 -14.14 -46.82 -80.77
N LYS L 715 -14.06 -48.15 -80.87
CA LYS L 715 -13.01 -48.89 -80.18
C LYS L 715 -11.63 -48.53 -80.72
N ASP L 716 -11.50 -48.40 -82.04
CA ASP L 716 -10.23 -47.98 -82.63
C ASP L 716 -9.82 -46.58 -82.17
N LEU L 717 -10.78 -45.65 -82.18
CA LEU L 717 -10.53 -44.29 -81.72
C LEU L 717 -10.16 -44.28 -80.24
N TRP L 718 -10.83 -45.12 -79.45
CA TRP L 718 -10.51 -45.25 -78.04
C TRP L 718 -9.09 -45.74 -77.84
N GLU L 719 -8.67 -46.73 -78.64
CA GLU L 719 -7.32 -47.26 -78.53
C GLU L 719 -6.28 -46.19 -78.83
N VAL L 720 -6.46 -45.43 -79.90
CA VAL L 720 -5.44 -44.44 -80.25
C VAL L 720 -5.40 -43.32 -79.20
N VAL L 721 -6.55 -42.87 -78.71
CA VAL L 721 -6.52 -41.74 -77.77
C VAL L 721 -5.99 -42.19 -76.41
N VAL L 722 -6.31 -43.42 -75.96
CA VAL L 722 -5.75 -43.87 -74.68
C VAL L 722 -4.26 -44.13 -74.84
N GLN L 723 -3.79 -44.52 -76.03
CA GLN L 723 -2.36 -44.57 -76.28
C GLN L 723 -1.74 -43.19 -76.13
N ILE L 724 -2.43 -42.16 -76.62
CA ILE L 724 -1.96 -40.78 -76.50
C ILE L 724 -1.89 -40.37 -75.02
N CYS L 725 -2.96 -40.67 -74.27
CA CYS L 725 -3.02 -40.26 -72.87
C CYS L 725 -2.07 -41.06 -71.99
N SER L 726 -1.86 -42.34 -72.29
CA SER L 726 -1.01 -43.17 -71.46
C SER L 726 0.46 -42.78 -71.62
N VAL L 727 1.25 -43.07 -70.60
CA VAL L 727 2.64 -42.66 -70.53
C VAL L 727 3.48 -43.89 -70.19
N SER L 728 4.73 -43.89 -70.65
CA SER L 728 5.69 -44.90 -70.29
C SER L 728 6.29 -44.61 -68.92
N SER L 729 7.23 -45.46 -68.51
CA SER L 729 7.89 -45.30 -67.22
C SER L 729 9.29 -45.89 -67.24
N ARG L 738 5.65 -44.56 -62.71
CA ARG L 738 4.62 -43.58 -63.04
C ARG L 738 5.20 -42.17 -63.03
N VAL L 739 4.69 -41.31 -63.91
CA VAL L 739 5.15 -39.93 -64.01
C VAL L 739 4.08 -39.12 -64.73
N SER L 740 3.89 -37.88 -64.28
CA SER L 740 2.91 -36.98 -64.87
C SER L 740 3.26 -36.67 -66.32
N LEU L 741 2.27 -36.77 -67.20
CA LEU L 741 2.49 -36.54 -68.62
C LEU L 741 2.65 -35.06 -68.95
N ILE L 742 2.00 -34.17 -68.19
CA ILE L 742 2.09 -32.74 -68.45
C ILE L 742 3.50 -32.22 -68.17
N LYS L 743 4.17 -32.78 -67.16
CA LYS L 743 5.51 -32.31 -66.79
C LYS L 743 6.53 -32.52 -67.90
N GLN L 744 6.51 -33.69 -68.55
CA GLN L 744 7.52 -34.01 -69.54
C GLN L 744 7.18 -33.48 -70.93
N ARG L 745 5.91 -33.63 -71.34
CA ARG L 745 5.34 -33.36 -72.68
C ARG L 745 5.77 -34.45 -73.67
N GLU L 746 6.64 -35.36 -73.25
CA GLU L 746 7.07 -36.47 -74.10
C GLU L 746 6.77 -37.78 -73.37
N SER L 747 7.27 -38.88 -73.94
CA SER L 747 7.18 -40.25 -73.45
C SER L 747 5.77 -40.83 -73.57
N THR L 748 4.85 -40.11 -74.22
CA THR L 748 3.52 -40.63 -74.48
C THR L 748 3.56 -41.80 -75.46
N LEU L 749 2.77 -42.84 -75.16
CA LEU L 749 2.74 -44.03 -75.98
C LEU L 749 2.03 -43.84 -77.32
N GLY L 750 1.31 -42.74 -77.51
CA GLY L 750 0.50 -42.56 -78.69
C GLY L 750 1.27 -42.01 -79.88
N ILE L 751 0.52 -41.75 -80.94
CA ILE L 751 1.08 -41.32 -82.22
C ILE L 751 1.15 -39.81 -82.27
N MET L 752 0.88 -39.14 -81.15
CA MET L 752 0.78 -37.70 -81.13
C MET L 752 0.90 -37.20 -79.70
N TYR L 753 1.57 -36.06 -79.52
CA TYR L 753 1.66 -35.42 -78.22
C TYR L 753 0.27 -35.03 -77.72
N ARG L 754 0.10 -35.11 -76.40
CA ARG L 754 -1.18 -34.74 -75.79
C ARG L 754 -1.52 -33.28 -76.07
N SER L 755 -0.54 -32.39 -75.95
CA SER L 755 -0.74 -30.98 -76.27
C SER L 755 -1.09 -30.81 -77.75
N GLU L 756 -0.45 -31.60 -78.62
CA GLU L 756 -0.75 -31.56 -80.05
C GLU L 756 -2.19 -31.98 -80.31
N LEU L 757 -2.64 -33.05 -79.65
CA LEU L 757 -4.03 -33.51 -79.79
C LEU L 757 -5.00 -32.43 -79.32
N LEU L 758 -4.71 -31.80 -78.18
CA LEU L 758 -5.57 -30.74 -77.66
C LEU L 758 -5.65 -29.58 -78.66
N SER L 759 -4.49 -29.13 -79.15
CA SER L 759 -4.44 -28.01 -80.09
C SER L 759 -5.16 -28.34 -81.39
N PHE L 760 -5.03 -29.58 -81.87
CA PHE L 760 -5.77 -29.99 -83.07
C PHE L 760 -7.27 -29.95 -82.83
N ILE L 761 -7.72 -30.40 -81.65
CA ILE L 761 -9.15 -30.34 -81.34
C ILE L 761 -9.62 -28.89 -81.27
N LYS L 762 -8.76 -27.98 -80.79
CA LYS L 762 -9.11 -26.56 -80.71
C LYS L 762 -9.43 -25.96 -82.08
N LYS L 763 -8.91 -26.53 -83.16
CA LYS L 763 -9.21 -26.03 -84.49
C LYS L 763 -10.57 -26.50 -84.99
N LEU L 764 -11.14 -27.53 -84.38
CA LEU L 764 -12.43 -28.07 -84.78
C LEU L 764 -13.57 -27.22 -84.24
N ARG L 765 -14.65 -27.13 -85.02
CA ARG L 765 -15.85 -26.41 -84.59
C ARG L 765 -17.12 -27.17 -84.94
N GLU L 766 -17.03 -28.40 -85.41
CA GLU L 766 -18.21 -29.19 -85.73
C GLU L 766 -18.85 -29.68 -84.43
N PRO L 767 -20.14 -29.40 -84.19
CA PRO L 767 -20.76 -29.84 -82.91
C PRO L 767 -20.75 -31.34 -82.69
N LEU L 768 -20.95 -32.15 -83.73
CA LEU L 768 -21.02 -33.59 -83.55
C LEU L 768 -19.64 -34.17 -83.22
N VAL L 769 -18.60 -33.70 -83.91
CA VAL L 769 -17.24 -34.17 -83.63
C VAL L 769 -16.82 -33.80 -82.22
N LEU L 770 -17.11 -32.55 -81.82
CA LEU L 770 -16.81 -32.10 -80.46
C LEU L 770 -17.57 -32.91 -79.43
N THR L 771 -18.83 -33.26 -79.74
CA THR L 771 -19.62 -34.10 -78.85
C THR L 771 -18.99 -35.49 -78.71
N ILE L 772 -18.47 -36.04 -79.81
CA ILE L 772 -17.81 -37.34 -79.77
C ILE L 772 -16.57 -37.27 -78.88
N ILE L 773 -15.76 -36.22 -79.05
CA ILE L 773 -14.55 -36.06 -78.24
C ILE L 773 -14.90 -35.90 -76.77
N LEU L 774 -15.93 -35.09 -76.48
CA LEU L 774 -16.35 -34.88 -75.10
C LEU L 774 -16.85 -36.18 -74.47
N SER L 775 -17.66 -36.95 -75.21
CA SER L 775 -18.15 -38.23 -74.70
C SER L 775 -17.01 -39.19 -74.43
N LEU L 776 -16.03 -39.21 -75.33
CA LEU L 776 -14.86 -40.08 -75.16
C LEU L 776 -14.10 -39.72 -73.89
N PHE L 777 -13.78 -38.43 -73.73
CA PHE L 777 -12.99 -38.03 -72.57
C PHE L 777 -13.79 -38.15 -71.28
N VAL L 778 -15.11 -38.00 -71.34
CA VAL L 778 -15.94 -38.22 -70.16
C VAL L 778 -15.92 -39.69 -69.76
N LYS L 779 -16.03 -40.60 -70.72
CA LYS L 779 -15.91 -42.03 -70.43
C LYS L 779 -14.55 -42.35 -69.82
N LEU L 780 -13.48 -41.82 -70.43
CA LEU L 780 -12.12 -42.09 -69.94
C LEU L 780 -11.91 -41.54 -68.53
N HIS L 781 -12.48 -40.36 -68.24
CA HIS L 781 -12.43 -39.81 -66.89
C HIS L 781 -13.20 -40.68 -65.92
N ASN L 782 -14.35 -41.21 -66.36
CA ASN L 782 -15.17 -42.07 -65.51
C ASN L 782 -14.54 -43.44 -65.27
N VAL L 783 -13.58 -43.85 -66.10
CA VAL L 783 -12.88 -45.11 -65.89
C VAL L 783 -12.21 -45.14 -64.52
N ARG L 784 -11.61 -44.01 -64.11
CA ARG L 784 -10.96 -43.87 -62.80
C ARG L 784 -10.62 -42.41 -62.54
N ASP L 790 -19.41 -39.41 -61.19
CA ASP L 790 -19.47 -39.92 -62.56
C ASP L 790 -20.26 -38.98 -63.46
N ILE L 791 -19.75 -38.78 -64.67
CA ILE L 791 -20.35 -37.85 -65.63
C ILE L 791 -21.05 -38.68 -66.70
N THR L 792 -22.10 -38.12 -67.30
CA THR L 792 -22.83 -38.78 -68.37
C THR L 792 -22.75 -37.94 -69.64
N ALA L 793 -22.51 -38.59 -70.77
CA ALA L 793 -22.54 -37.98 -72.08
C ALA L 793 -23.46 -38.77 -72.99
N GLU L 794 -24.02 -38.09 -74.00
CA GLU L 794 -25.06 -38.69 -74.82
C GLU L 794 -24.53 -39.86 -75.65
N HIS L 795 -23.27 -39.81 -76.10
CA HIS L 795 -22.65 -40.89 -76.86
C HIS L 795 -21.66 -41.69 -76.02
N ILE L 796 -21.86 -41.76 -74.70
CA ILE L 796 -20.89 -42.44 -73.84
C ILE L 796 -20.98 -43.96 -73.97
N SER L 797 -22.13 -44.49 -74.43
CA SER L 797 -22.35 -45.92 -74.46
C SER L 797 -21.63 -46.64 -75.58
N ILE L 798 -21.01 -45.91 -76.52
CA ILE L 798 -20.40 -46.57 -77.66
C ILE L 798 -19.00 -47.09 -77.31
N TRP L 799 -18.28 -46.42 -76.41
CA TRP L 799 -16.88 -46.73 -76.17
C TRP L 799 -16.75 -48.05 -75.43
N PRO L 800 -15.64 -48.77 -75.60
CA PRO L 800 -15.43 -50.01 -74.83
C PRO L 800 -15.26 -49.72 -73.34
N SER L 801 -15.76 -50.65 -72.53
CA SER L 801 -15.71 -50.48 -71.08
C SER L 801 -14.36 -50.90 -70.51
N SER L 802 -14.02 -52.19 -70.65
CA SER L 802 -12.74 -52.68 -70.16
C SER L 802 -11.62 -52.28 -71.09
N ILE L 803 -10.48 -51.89 -70.52
CA ILE L 803 -9.34 -51.42 -71.30
C ILE L 803 -8.09 -52.17 -70.86
N PRO L 804 -7.12 -52.38 -71.74
CA PRO L 804 -5.82 -52.88 -71.30
C PRO L 804 -4.89 -51.73 -70.95
N ASN L 805 -3.83 -52.07 -70.20
CA ASN L 805 -2.83 -51.11 -69.70
C ASN L 805 -3.50 -50.00 -68.90
N LEU L 806 -4.36 -50.40 -67.95
CA LEU L 806 -5.12 -49.44 -67.15
C LEU L 806 -4.20 -48.55 -66.32
N GLN L 807 -3.14 -49.12 -65.74
CA GLN L 807 -2.21 -48.33 -64.93
C GLN L 807 -1.41 -47.33 -65.77
N SER L 808 -1.26 -47.57 -67.08
CA SER L 808 -0.47 -46.68 -67.91
C SER L 808 -1.13 -45.32 -68.14
N VAL L 809 -2.47 -45.24 -68.02
CA VAL L 809 -3.17 -43.99 -68.29
C VAL L 809 -2.90 -43.00 -67.18
N ASP L 810 -2.44 -41.81 -67.55
CA ASP L 810 -2.21 -40.72 -66.61
C ASP L 810 -3.52 -39.95 -66.47
N PHE L 811 -4.24 -40.22 -65.39
CA PHE L 811 -5.60 -39.70 -65.24
C PHE L 811 -5.63 -38.23 -64.85
N GLU L 812 -4.57 -37.70 -64.24
CA GLU L 812 -4.51 -36.26 -63.99
C GLU L 812 -4.45 -35.48 -65.30
N ALA L 813 -3.64 -35.95 -66.25
CA ALA L 813 -3.60 -35.34 -67.57
C ALA L 813 -4.95 -35.43 -68.25
N VAL L 814 -5.64 -36.57 -68.10
CA VAL L 814 -6.97 -36.74 -68.69
C VAL L 814 -7.95 -35.76 -68.07
N ALA L 815 -7.86 -35.54 -66.75
CA ALA L 815 -8.72 -34.59 -66.07
C ALA L 815 -8.51 -33.17 -66.59
N ILE L 816 -7.23 -32.77 -66.70
CA ILE L 816 -6.90 -31.44 -67.23
C ILE L 816 -7.42 -31.30 -68.66
N THR L 817 -7.24 -32.36 -69.46
CA THR L 817 -7.66 -32.32 -70.85
C THR L 817 -9.17 -32.19 -70.99
N VAL L 818 -9.92 -32.96 -70.20
CA VAL L 818 -11.38 -32.91 -70.32
C VAL L 818 -11.92 -31.57 -69.82
N LYS L 819 -11.30 -31.01 -68.77
CA LYS L 819 -11.73 -29.68 -68.31
C LYS L 819 -11.48 -28.62 -69.37
N GLU L 820 -10.29 -28.66 -70.00
CA GLU L 820 -10.00 -27.69 -71.06
C GLU L 820 -10.92 -27.89 -72.26
N LEU L 821 -11.22 -29.16 -72.59
CA LEU L 821 -12.10 -29.46 -73.72
C LEU L 821 -13.52 -28.98 -73.48
N VAL L 822 -14.05 -29.18 -72.26
CA VAL L 822 -15.40 -28.73 -71.99
C VAL L 822 -15.46 -27.19 -71.99
N ARG L 823 -14.41 -26.54 -71.48
CA ARG L 823 -14.33 -25.08 -71.58
C ARG L 823 -14.36 -24.62 -73.03
N TYR L 824 -13.54 -25.25 -73.87
CA TYR L 824 -13.47 -24.86 -75.28
C TYR L 824 -14.80 -25.09 -75.99
N THR L 825 -15.43 -26.25 -75.76
CA THR L 825 -16.69 -26.55 -76.42
C THR L 825 -17.79 -25.59 -75.97
N LEU L 826 -17.79 -25.19 -74.70
CA LEU L 826 -18.74 -24.17 -74.26
C LEU L 826 -18.42 -22.83 -74.90
N SER L 827 -17.14 -22.56 -75.18
CA SER L 827 -16.82 -21.35 -75.93
C SER L 827 -17.29 -21.45 -77.38
N ILE L 828 -17.41 -22.68 -77.90
CA ILE L 828 -17.86 -22.89 -79.28
C ILE L 828 -19.39 -22.96 -79.39
N ASN L 829 -20.09 -23.20 -78.28
CA ASN L 829 -21.56 -23.17 -78.29
C ASN L 829 -22.09 -23.04 -76.86
N PRO L 830 -22.15 -21.82 -76.30
CA PRO L 830 -22.56 -21.67 -74.90
C PRO L 830 -23.98 -22.16 -74.60
N ASN L 831 -24.84 -22.26 -75.60
CA ASN L 831 -26.22 -22.69 -75.41
C ASN L 831 -26.40 -24.15 -75.80
N ASN L 832 -25.40 -24.99 -75.56
CA ASN L 832 -25.51 -26.42 -75.82
C ASN L 832 -25.70 -27.10 -74.46
N HIS L 833 -26.92 -27.58 -74.22
CA HIS L 833 -27.29 -28.06 -72.89
C HIS L 833 -26.53 -29.32 -72.49
N SER L 834 -26.20 -30.19 -73.46
CA SER L 834 -25.43 -31.38 -73.15
C SER L 834 -24.05 -31.04 -72.63
N TRP L 835 -23.39 -30.06 -73.27
CA TRP L 835 -22.07 -29.65 -72.83
C TRP L 835 -22.14 -28.92 -71.50
N LEU L 836 -23.21 -28.15 -71.27
CA LEU L 836 -23.41 -27.50 -69.98
C LEU L 836 -23.58 -28.53 -68.87
N ILE L 837 -24.33 -29.61 -69.13
CA ILE L 837 -24.51 -30.66 -68.14
C ILE L 837 -23.19 -31.37 -67.88
N ILE L 838 -22.38 -31.56 -68.94
CA ILE L 838 -21.06 -32.18 -68.77
C ILE L 838 -20.18 -31.30 -67.89
N GLN L 839 -20.19 -29.98 -68.14
CA GLN L 839 -19.41 -29.06 -67.32
C GLN L 839 -19.88 -29.05 -65.87
N ALA L 840 -21.21 -29.10 -65.67
CA ALA L 840 -21.76 -29.14 -64.32
C ALA L 840 -21.33 -30.41 -63.59
N ASP L 841 -21.33 -31.55 -64.28
CA ASP L 841 -20.90 -32.79 -63.66
C ASP L 841 -19.39 -32.76 -63.36
N ILE L 842 -18.62 -32.11 -64.23
CA ILE L 842 -17.18 -31.96 -63.97
C ILE L 842 -16.95 -31.15 -62.72
N TYR L 843 -17.69 -30.04 -62.56
CA TYR L 843 -17.58 -29.25 -61.33
C TYR L 843 -18.03 -30.05 -60.12
N PHE L 844 -19.11 -30.82 -60.27
CA PHE L 844 -19.62 -31.61 -59.15
C PHE L 844 -18.63 -32.68 -58.71
N ALA L 845 -17.91 -33.27 -59.66
CA ALA L 845 -16.90 -34.28 -59.33
C ALA L 845 -15.77 -33.70 -58.50
N THR L 846 -15.48 -32.41 -58.68
CA THR L 846 -14.43 -31.72 -57.93
C THR L 846 -14.97 -30.99 -56.71
N ASN L 847 -16.22 -31.28 -56.32
CA ASN L 847 -16.88 -30.69 -55.14
C ASN L 847 -16.99 -29.18 -55.25
N GLN L 848 -17.11 -28.67 -56.47
CA GLN L 848 -17.40 -27.26 -56.71
C GLN L 848 -18.89 -27.08 -56.92
N TYR L 849 -19.62 -27.18 -55.81
CA TYR L 849 -21.08 -27.33 -55.87
C TYR L 849 -21.76 -26.06 -56.38
N SER L 850 -21.23 -24.88 -56.04
CA SER L 850 -21.80 -23.64 -56.53
C SER L 850 -21.71 -23.55 -58.05
N ALA L 851 -20.54 -23.85 -58.60
CA ALA L 851 -20.36 -23.82 -60.05
C ALA L 851 -21.19 -24.89 -60.73
N ALA L 852 -21.26 -26.08 -60.12
CA ALA L 852 -22.04 -27.17 -60.67
C ALA L 852 -23.51 -26.79 -60.76
N LEU L 853 -24.05 -26.19 -59.70
CA LEU L 853 -25.44 -25.77 -59.69
C LEU L 853 -25.67 -24.64 -60.69
N HIS L 854 -24.68 -23.73 -60.81
CA HIS L 854 -24.75 -22.66 -61.81
C HIS L 854 -24.91 -23.24 -63.22
N TYR L 855 -24.10 -24.23 -63.55
CA TYR L 855 -24.15 -24.78 -64.90
C TYR L 855 -25.38 -25.67 -65.11
N TYR L 856 -25.87 -26.35 -64.06
CA TYR L 856 -27.13 -27.08 -64.18
C TYR L 856 -28.28 -26.13 -64.47
N LEU L 857 -28.33 -25.00 -63.76
CA LEU L 857 -29.36 -24.00 -64.03
C LEU L 857 -29.21 -23.39 -65.41
N GLN L 858 -27.96 -23.22 -65.88
CA GLN L 858 -27.75 -22.73 -67.23
C GLN L 858 -28.29 -23.70 -68.27
N ALA L 859 -28.06 -25.00 -68.07
CA ALA L 859 -28.60 -26.01 -68.97
C ALA L 859 -30.13 -25.98 -68.98
N GLY L 860 -30.73 -25.88 -67.79
CA GLY L 860 -32.18 -25.76 -67.69
C GLY L 860 -32.70 -24.53 -68.42
N ALA L 861 -31.98 -23.41 -68.28
CA ALA L 861 -32.37 -22.17 -68.94
C ALA L 861 -32.23 -22.28 -70.45
N VAL L 862 -31.29 -23.10 -70.92
CA VAL L 862 -31.16 -23.33 -72.36
C VAL L 862 -32.35 -24.13 -72.88
N CYS L 863 -32.69 -25.24 -72.21
CA CYS L 863 -33.69 -26.15 -72.74
C CYS L 863 -35.07 -25.54 -72.84
N SER L 864 -35.49 -24.83 -71.80
CA SER L 864 -36.75 -24.09 -71.83
C SER L 864 -36.49 -22.66 -72.32
N ASP L 865 -37.55 -22.00 -72.76
CA ASP L 865 -37.44 -20.60 -73.10
C ASP L 865 -37.27 -19.83 -71.80
N PHE L 866 -36.01 -19.58 -71.39
CA PHE L 866 -35.63 -19.24 -70.02
C PHE L 866 -36.17 -20.40 -69.19
N PHE L 867 -37.07 -20.18 -68.23
CA PHE L 867 -37.79 -21.28 -67.59
C PHE L 867 -39.30 -21.19 -67.80
N ASN L 868 -39.73 -20.48 -68.86
CA ASN L 868 -41.17 -20.34 -69.12
C ASN L 868 -41.83 -21.67 -69.42
N LYS L 869 -41.18 -22.52 -70.21
CA LYS L 869 -41.69 -23.86 -70.47
C LYS L 869 -41.12 -24.84 -69.46
N ALA L 870 -41.81 -25.97 -69.32
CA ALA L 870 -41.32 -27.03 -68.44
C ALA L 870 -40.02 -27.62 -68.99
N VAL L 871 -39.08 -27.88 -68.10
CA VAL L 871 -37.79 -28.45 -68.51
C VAL L 871 -38.02 -29.87 -69.00
N PRO L 872 -37.44 -30.28 -70.13
CA PRO L 872 -37.66 -31.64 -70.66
C PRO L 872 -37.16 -32.69 -69.67
N PRO L 873 -37.86 -33.84 -69.59
CA PRO L 873 -37.41 -34.89 -68.66
C PRO L 873 -36.04 -35.45 -68.97
N ASP L 874 -35.64 -35.52 -70.24
CA ASP L 874 -34.37 -36.16 -70.59
C ASP L 874 -33.15 -35.31 -70.24
N VAL L 875 -33.33 -34.05 -69.87
CA VAL L 875 -32.23 -33.19 -69.46
C VAL L 875 -32.16 -33.15 -67.95
N TYR L 876 -33.23 -32.68 -67.30
CA TYR L 876 -33.34 -32.72 -65.85
C TYR L 876 -33.88 -34.08 -65.40
N THR L 877 -33.10 -35.12 -65.69
CA THR L 877 -33.37 -36.47 -65.24
C THR L 877 -33.25 -36.53 -63.72
N ASP L 878 -33.71 -37.66 -63.16
CA ASP L 878 -33.62 -37.87 -61.72
C ASP L 878 -32.17 -37.80 -61.22
N GLN L 879 -31.22 -38.24 -62.04
CA GLN L 879 -29.81 -38.17 -61.67
C GLN L 879 -29.35 -36.73 -61.57
N VAL L 880 -29.71 -35.90 -62.57
CA VAL L 880 -29.34 -34.49 -62.57
C VAL L 880 -30.00 -33.76 -61.41
N ILE L 881 -31.27 -34.06 -61.13
CA ILE L 881 -31.97 -33.40 -60.04
C ILE L 881 -31.36 -33.81 -58.71
N LYS L 882 -30.95 -35.07 -58.57
CA LYS L 882 -30.29 -35.52 -57.34
C LYS L 882 -28.93 -34.85 -57.17
N ARG L 883 -28.22 -34.65 -58.28
CA ARG L 883 -26.97 -33.90 -58.24
C ARG L 883 -27.21 -32.48 -57.74
N MET L 884 -28.27 -31.84 -58.25
CA MET L 884 -28.61 -30.50 -57.78
C MET L 884 -29.01 -30.52 -56.30
N ILE L 885 -29.67 -31.61 -55.87
CA ILE L 885 -30.03 -31.77 -54.46
C ILE L 885 -28.78 -31.76 -53.59
N LYS L 886 -27.79 -32.59 -53.97
CA LYS L 886 -26.56 -32.66 -53.18
C LYS L 886 -25.78 -31.36 -53.25
N CYS L 887 -25.81 -30.68 -54.40
CA CYS L 887 -25.19 -29.36 -54.52
C CYS L 887 -25.80 -28.38 -53.52
N CYS L 888 -27.13 -28.29 -53.50
CA CYS L 888 -27.81 -27.39 -52.58
C CYS L 888 -27.56 -27.78 -51.13
N SER L 889 -27.53 -29.08 -50.84
CA SER L 889 -27.30 -29.55 -49.47
C SER L 889 -25.92 -29.14 -48.97
N LEU L 890 -24.89 -29.29 -49.81
CA LEU L 890 -23.55 -28.96 -49.36
C LEU L 890 -23.31 -27.46 -49.23
N LEU L 891 -24.21 -26.62 -49.75
CA LEU L 891 -24.16 -25.18 -49.55
C LEU L 891 -25.06 -24.70 -48.43
N ASN L 892 -25.68 -25.62 -47.68
CA ASN L 892 -26.59 -25.30 -46.57
C ASN L 892 -27.82 -24.52 -47.03
N CYS L 893 -28.23 -24.71 -48.28
CA CYS L 893 -29.50 -24.18 -48.77
C CYS L 893 -30.57 -25.29 -48.68
N HIS L 894 -30.99 -25.53 -47.44
CA HIS L 894 -31.76 -26.73 -47.13
C HIS L 894 -33.21 -26.63 -47.62
N THR L 895 -33.81 -25.44 -47.53
CA THR L 895 -35.15 -25.28 -48.08
C THR L 895 -35.14 -25.46 -49.60
N GLN L 896 -34.06 -25.01 -50.25
CA GLN L 896 -33.90 -25.25 -51.68
C GLN L 896 -33.83 -26.74 -51.99
N VAL L 897 -33.21 -27.51 -51.09
CA VAL L 897 -33.26 -28.97 -51.20
C VAL L 897 -34.70 -29.46 -51.09
N ALA L 898 -35.46 -28.86 -50.16
CA ALA L 898 -36.85 -29.25 -49.99
C ALA L 898 -37.67 -28.98 -51.25
N ILE L 899 -37.36 -27.90 -51.97
CA ILE L 899 -38.07 -27.62 -53.22
C ILE L 899 -37.71 -28.66 -54.27
N LEU L 900 -36.40 -28.81 -54.54
CA LEU L 900 -35.93 -29.68 -55.63
C LEU L 900 -36.30 -31.13 -55.43
N CYS L 901 -36.55 -31.57 -54.18
CA CYS L 901 -37.02 -32.93 -53.94
C CYS L 901 -38.34 -33.22 -54.63
N GLN L 902 -39.14 -32.20 -54.89
CA GLN L 902 -40.42 -32.34 -55.57
C GLN L 902 -40.26 -32.52 -57.07
N PHE L 903 -39.09 -32.20 -57.63
CA PHE L 903 -38.87 -32.36 -59.06
C PHE L 903 -38.81 -33.81 -59.48
N LEU L 904 -38.36 -34.70 -58.58
CA LEU L 904 -38.14 -36.10 -58.90
C LEU L 904 -39.44 -36.80 -59.30
N ARG L 905 -39.28 -37.95 -59.96
CA ARG L 905 -40.44 -38.72 -60.43
C ARG L 905 -41.33 -39.13 -59.27
N GLU L 906 -40.73 -39.65 -58.20
CA GLU L 906 -41.38 -39.78 -56.91
C GLU L 906 -40.64 -38.87 -55.93
N ILE L 907 -41.40 -38.09 -55.15
CA ILE L 907 -40.76 -37.11 -54.26
C ILE L 907 -39.99 -37.84 -53.17
N ASP L 908 -38.72 -37.50 -53.02
CA ASP L 908 -37.83 -38.16 -52.06
C ASP L 908 -38.03 -37.47 -50.72
N TYR L 909 -39.06 -37.91 -50.00
CA TYR L 909 -39.43 -37.29 -48.73
C TYR L 909 -38.36 -37.48 -47.67
N LYS L 910 -37.57 -38.55 -47.75
CA LYS L 910 -36.52 -38.80 -46.76
C LYS L 910 -35.48 -37.68 -46.77
N THR L 911 -34.94 -37.37 -47.95
CA THR L 911 -33.92 -36.32 -48.05
C THR L 911 -34.50 -34.96 -47.68
N ALA L 912 -35.73 -34.68 -48.13
CA ALA L 912 -36.36 -33.39 -47.83
C ALA L 912 -36.56 -33.21 -46.33
N PHE L 913 -37.05 -34.25 -45.65
CA PHE L 913 -37.27 -34.16 -44.21
C PHE L 913 -35.94 -34.06 -43.47
N LYS L 914 -34.92 -34.81 -43.91
CA LYS L 914 -33.62 -34.77 -43.25
C LYS L 914 -32.94 -33.43 -43.47
N SER L 915 -33.25 -32.75 -44.57
CA SER L 915 -32.63 -31.45 -44.85
C SER L 915 -33.35 -30.33 -44.12
N LEU L 916 -34.68 -30.39 -44.07
CA LEU L 916 -35.44 -29.35 -43.36
C LEU L 916 -35.16 -29.37 -41.86
N GLN L 917 -34.75 -30.52 -41.31
CA GLN L 917 -34.38 -30.60 -39.90
C GLN L 917 -33.17 -29.73 -39.56
N GLU L 918 -32.35 -29.38 -40.54
CA GLU L 918 -31.19 -28.53 -40.28
C GLU L 918 -31.63 -27.15 -39.79
N GLN L 919 -30.68 -26.43 -39.21
CA GLN L 919 -30.93 -25.07 -38.74
C GLN L 919 -29.87 -24.07 -39.17
N ASN L 920 -28.78 -24.50 -39.78
CA ASN L 920 -27.76 -23.60 -40.30
C ASN L 920 -28.02 -23.25 -41.77
N SER L 921 -29.25 -22.82 -42.06
CA SER L 921 -29.62 -22.51 -43.43
C SER L 921 -28.94 -21.24 -43.91
N HIS L 922 -28.56 -21.22 -45.18
CA HIS L 922 -28.01 -20.02 -45.80
C HIS L 922 -28.95 -19.43 -46.84
N ASP L 923 -30.18 -19.93 -46.90
CA ASP L 923 -31.20 -19.45 -47.81
C ASP L 923 -32.44 -19.06 -47.00
N ALA L 924 -33.18 -18.07 -47.49
CA ALA L 924 -34.28 -17.46 -46.75
C ALA L 924 -35.40 -18.47 -46.61
N MET L 925 -35.48 -19.10 -45.43
CA MET L 925 -36.31 -20.29 -45.25
C MET L 925 -37.79 -19.97 -45.48
N ASP L 926 -38.30 -18.95 -44.77
CA ASP L 926 -39.73 -18.61 -44.87
C ASP L 926 -40.11 -18.14 -46.27
N SER L 927 -39.19 -17.45 -46.96
CA SER L 927 -39.51 -16.91 -48.29
C SER L 927 -39.73 -18.02 -49.30
N TYR L 928 -39.08 -19.16 -49.15
CA TYR L 928 -39.21 -20.25 -50.10
C TYR L 928 -40.43 -21.13 -49.84
N TYR L 929 -41.17 -20.88 -48.75
CA TYR L 929 -42.36 -21.68 -48.46
C TYR L 929 -43.49 -21.46 -49.47
N ASP L 930 -43.39 -20.41 -50.29
CA ASP L 930 -44.39 -20.19 -51.34
C ASP L 930 -44.25 -21.25 -52.42
N TYR L 931 -43.05 -21.78 -52.62
CA TYR L 931 -42.76 -22.66 -53.75
C TYR L 931 -42.97 -24.14 -53.46
N ILE L 932 -43.29 -24.53 -52.23
CA ILE L 932 -43.69 -25.92 -51.98
C ILE L 932 -45.13 -26.08 -52.43
N TRP L 933 -45.39 -27.11 -53.24
CA TRP L 933 -46.75 -27.45 -53.62
C TRP L 933 -47.23 -28.78 -53.05
N ASP L 934 -46.31 -29.68 -52.70
CA ASP L 934 -46.69 -30.92 -52.04
C ASP L 934 -47.20 -30.62 -50.63
N VAL L 935 -48.30 -31.25 -50.26
CA VAL L 935 -48.93 -30.92 -48.98
C VAL L 935 -48.23 -31.64 -47.82
N THR L 936 -47.59 -32.78 -48.07
CA THR L 936 -46.90 -33.49 -47.01
C THR L 936 -45.62 -32.78 -46.58
N ILE L 937 -44.92 -32.16 -47.54
CA ILE L 937 -43.73 -31.38 -47.22
C ILE L 937 -44.11 -30.22 -46.30
N LEU L 938 -45.20 -29.53 -46.62
CA LEU L 938 -45.67 -28.44 -45.77
C LEU L 938 -46.19 -28.95 -44.43
N GLU L 939 -46.76 -30.16 -44.41
CA GLU L 939 -47.17 -30.76 -43.15
C GLU L 939 -45.99 -30.97 -42.23
N TYR L 940 -44.90 -31.52 -42.77
CA TYR L 940 -43.69 -31.72 -41.99
C TYR L 940 -43.11 -30.38 -41.54
N LEU L 941 -43.20 -29.38 -42.43
CA LEU L 941 -42.72 -28.04 -42.10
C LEU L 941 -43.49 -27.44 -40.91
N THR L 942 -44.82 -27.56 -40.95
CA THR L 942 -45.65 -27.05 -39.87
C THR L 942 -45.35 -27.78 -38.57
N TYR L 943 -45.17 -29.11 -38.64
CA TYR L 943 -44.81 -29.86 -37.44
C TYR L 943 -43.48 -29.40 -36.88
N LEU L 944 -42.49 -29.20 -37.75
CA LEU L 944 -41.17 -28.80 -37.32
C LEU L 944 -41.21 -27.45 -36.61
N HIS L 945 -41.89 -26.48 -37.22
CA HIS L 945 -41.98 -25.16 -36.62
C HIS L 945 -42.77 -25.19 -35.32
N HIS L 946 -43.83 -26.00 -35.25
CA HIS L 946 -44.58 -26.13 -34.02
C HIS L 946 -43.74 -26.74 -32.91
N LYS L 947 -42.97 -27.78 -33.24
CA LYS L 947 -42.12 -28.45 -32.26
C LYS L 947 -41.04 -27.50 -31.75
N ARG L 948 -40.43 -26.74 -32.66
CA ARG L 948 -39.37 -25.82 -32.26
C ARG L 948 -39.90 -24.52 -31.69
N GLY L 949 -41.19 -24.26 -31.80
CA GLY L 949 -41.82 -23.12 -31.17
C GLY L 949 -41.87 -21.85 -31.99
N GLU L 950 -41.24 -21.81 -33.17
CA GLU L 950 -41.35 -20.60 -34.00
C GLU L 950 -42.75 -20.48 -34.59
N THR L 951 -43.63 -19.81 -33.85
CA THR L 951 -45.04 -19.77 -34.19
C THR L 951 -45.28 -19.05 -35.52
N ASP L 952 -44.56 -17.96 -35.77
CA ASP L 952 -44.81 -17.14 -36.95
C ASP L 952 -44.56 -17.90 -38.25
N LYS L 953 -43.42 -18.61 -38.33
CA LYS L 953 -43.15 -19.41 -39.51
C LYS L 953 -44.15 -20.56 -39.64
N ARG L 954 -44.63 -21.07 -38.50
CA ARG L 954 -45.70 -22.05 -38.51
C ARG L 954 -46.97 -21.47 -39.12
N GLN L 955 -47.28 -20.21 -38.79
CA GLN L 955 -48.44 -19.55 -39.39
C GLN L 955 -48.25 -19.40 -40.89
N ILE L 956 -47.04 -19.08 -41.33
CA ILE L 956 -46.77 -18.99 -42.77
C ILE L 956 -46.99 -20.35 -43.44
N ALA L 957 -46.51 -21.42 -42.80
CA ALA L 957 -46.68 -22.76 -43.35
C ALA L 957 -48.16 -23.15 -43.41
N ILE L 958 -48.92 -22.82 -42.36
CA ILE L 958 -50.34 -23.16 -42.31
C ILE L 958 -51.10 -22.36 -43.36
N LYS L 959 -50.72 -21.09 -43.56
CA LYS L 959 -51.30 -20.29 -44.63
C LYS L 959 -51.01 -20.91 -45.99
N ALA L 960 -49.78 -21.40 -46.18
CA ALA L 960 -49.39 -22.06 -47.42
C ALA L 960 -50.24 -23.30 -47.67
N ILE L 961 -50.46 -24.10 -46.61
CA ILE L 961 -51.31 -25.29 -46.75
C ILE L 961 -52.72 -24.87 -47.10
N GLY L 962 -53.21 -23.81 -46.47
CA GLY L 962 -54.59 -23.36 -46.60
C GLY L 962 -54.93 -22.77 -47.95
N GLN L 963 -53.93 -22.58 -48.82
CA GLN L 963 -54.20 -22.11 -50.18
C GLN L 963 -55.12 -23.09 -50.90
N THR L 964 -56.13 -22.53 -51.59
CA THR L 964 -57.14 -23.37 -52.20
C THR L 964 -56.59 -24.19 -53.36
N GLU L 965 -55.64 -23.62 -54.12
CA GLU L 965 -55.10 -24.30 -55.28
C GLU L 965 -54.27 -25.54 -54.91
N LEU L 966 -53.68 -25.55 -53.71
CA LEU L 966 -52.87 -26.67 -53.26
C LEU L 966 -53.66 -27.80 -52.61
N ASN L 967 -55.00 -27.70 -52.53
CA ASN L 967 -55.81 -28.78 -52.00
C ASN L 967 -55.55 -30.08 -52.74
N ALA L 968 -55.04 -31.08 -52.02
CA ALA L 968 -54.53 -32.30 -52.66
C ALA L 968 -55.59 -33.07 -53.43
N SER L 969 -56.88 -32.85 -53.13
CA SER L 969 -57.96 -33.54 -53.82
C SER L 969 -58.59 -32.70 -54.91
N ASN L 970 -57.82 -31.79 -55.49
CA ASN L 970 -58.27 -30.99 -56.62
C ASN L 970 -58.31 -31.85 -57.88
N PRO L 971 -58.89 -31.35 -58.98
CA PRO L 971 -58.68 -32.01 -60.28
C PRO L 971 -57.20 -32.03 -60.63
N GLU L 972 -56.79 -33.12 -61.30
CA GLU L 972 -55.37 -33.40 -61.49
C GLU L 972 -54.65 -32.30 -62.27
N GLU L 973 -55.28 -31.77 -63.33
CA GLU L 973 -54.61 -30.75 -64.13
C GLU L 973 -54.43 -29.44 -63.36
N VAL L 974 -55.33 -29.14 -62.42
CA VAL L 974 -55.18 -27.94 -61.59
C VAL L 974 -53.93 -28.06 -60.72
N LEU L 975 -53.76 -29.22 -60.08
CA LEU L 975 -52.55 -29.46 -59.29
C LEU L 975 -51.31 -29.42 -60.16
N GLN L 976 -51.40 -30.01 -61.36
CA GLN L 976 -50.27 -30.02 -62.28
C GLN L 976 -49.86 -28.61 -62.68
N LEU L 977 -50.85 -27.75 -62.94
CA LEU L 977 -50.56 -26.38 -63.36
C LEU L 977 -50.00 -25.56 -62.21
N ALA L 978 -50.54 -25.75 -60.99
CA ALA L 978 -49.98 -25.06 -59.83
C ALA L 978 -48.54 -25.48 -59.60
N ALA L 979 -48.27 -26.78 -59.69
CA ALA L 979 -46.89 -27.28 -59.56
C ALA L 979 -46.00 -26.69 -60.63
N GLN L 980 -46.51 -26.59 -61.87
CA GLN L 980 -45.71 -26.07 -62.97
C GLN L 980 -45.38 -24.60 -62.76
N ARG L 981 -46.36 -23.79 -62.34
CA ARG L 981 -46.08 -22.37 -62.14
C ARG L 981 -45.12 -22.16 -60.97
N ARG L 982 -45.26 -22.93 -59.89
CA ARG L 982 -44.31 -22.82 -58.79
C ARG L 982 -42.93 -23.27 -59.21
N LYS L 983 -42.86 -24.31 -60.06
CA LYS L 983 -41.59 -24.77 -60.60
C LYS L 983 -40.92 -23.67 -61.42
N LYS L 984 -41.69 -23.01 -62.29
CA LYS L 984 -41.16 -21.93 -63.10
C LYS L 984 -40.63 -20.79 -62.24
N LYS L 985 -41.43 -20.37 -61.26
CA LYS L 985 -41.03 -19.26 -60.39
C LYS L 985 -39.79 -19.60 -59.59
N PHE L 986 -39.73 -20.82 -59.03
CA PHE L 986 -38.58 -21.24 -58.24
C PHE L 986 -37.32 -21.32 -59.08
N LEU L 987 -37.42 -21.88 -60.29
CA LEU L 987 -36.24 -21.99 -61.15
C LEU L 987 -35.77 -20.62 -61.61
N GLN L 988 -36.70 -19.69 -61.87
CA GLN L 988 -36.31 -18.33 -62.21
C GLN L 988 -35.59 -17.66 -61.04
N ALA L 989 -36.09 -17.89 -59.82
CA ALA L 989 -35.42 -17.34 -58.64
C ALA L 989 -34.03 -17.91 -58.48
N MET L 990 -33.87 -19.22 -58.70
CA MET L 990 -32.56 -19.87 -58.63
C MET L 990 -31.63 -19.30 -59.69
N ALA L 991 -32.15 -19.07 -60.89
CA ALA L 991 -31.35 -18.47 -61.96
C ALA L 991 -30.89 -17.08 -61.58
N LYS L 992 -31.78 -16.26 -61.02
CA LYS L 992 -31.38 -14.93 -60.57
C LYS L 992 -30.36 -15.00 -59.45
N LEU L 993 -30.44 -16.01 -58.59
CA LEU L 993 -29.55 -16.11 -57.45
C LEU L 993 -28.14 -16.54 -57.88
N TYR L 994 -28.05 -17.54 -58.76
CA TYR L 994 -26.77 -18.17 -59.07
C TYR L 994 -26.07 -17.64 -60.31
N PHE L 995 -26.80 -17.18 -61.33
CA PHE L 995 -26.16 -16.64 -62.53
C PHE L 995 -25.36 -15.39 -62.22
N MET M 1 72.68 -16.87 31.27
CA MET M 1 73.62 -16.56 32.34
C MET M 1 73.03 -15.52 33.30
N LYS M 2 72.17 -14.64 32.78
CA LYS M 2 71.55 -13.58 33.55
C LYS M 2 70.05 -13.81 33.62
N LEU M 3 69.50 -13.73 34.83
CA LEU M 3 68.07 -13.89 35.05
C LEU M 3 67.54 -12.60 35.68
N TYR M 4 66.54 -12.00 35.04
CA TYR M 4 65.91 -10.79 35.54
C TYR M 4 64.53 -11.14 36.06
N CYS M 5 64.21 -10.70 37.27
CA CYS M 5 62.92 -10.96 37.91
C CYS M 5 62.20 -9.64 38.08
N LEU M 6 60.96 -9.57 37.56
CA LEU M 6 60.23 -8.31 37.56
C LEU M 6 59.11 -8.26 38.60
N SER M 7 58.35 -9.35 38.76
CA SER M 7 57.23 -9.38 39.69
C SER M 7 57.67 -9.95 41.03
N GLY M 8 57.33 -9.26 42.11
CA GLY M 8 57.58 -9.76 43.44
C GLY M 8 56.55 -10.73 43.97
N HIS M 9 55.52 -11.04 43.20
CA HIS M 9 54.50 -11.97 43.66
C HIS M 9 55.03 -13.40 43.64
N PRO M 10 54.68 -14.23 44.63
CA PRO M 10 55.14 -15.63 44.61
C PRO M 10 54.51 -16.45 43.49
N THR M 11 53.18 -16.43 43.37
CA THR M 11 52.48 -17.31 42.46
C THR M 11 52.21 -16.68 41.10
N LEU M 12 52.63 -15.44 40.88
CA LEU M 12 52.44 -14.74 39.61
C LEU M 12 53.79 -14.25 39.10
N PRO M 13 54.68 -15.16 38.68
CA PRO M 13 56.03 -14.75 38.29
C PRO M 13 56.06 -13.95 37.00
N CYS M 14 57.06 -13.07 36.91
CA CYS M 14 57.38 -12.33 35.69
C CYS M 14 58.90 -12.23 35.62
N ASN M 15 59.51 -13.16 34.89
CA ASN M 15 60.96 -13.29 34.88
C ASN M 15 61.47 -13.26 33.44
N VAL M 16 62.68 -12.73 33.28
CA VAL M 16 63.36 -12.69 31.99
C VAL M 16 64.70 -13.39 32.13
N LEU M 17 64.95 -14.37 31.28
CA LEU M 17 66.19 -15.15 31.30
C LEU M 17 67.01 -14.80 30.07
N LYS M 18 68.22 -14.33 30.28
CA LYS M 18 69.17 -14.09 29.19
C LYS M 18 69.97 -15.37 29.01
N PHE M 19 69.68 -16.09 27.93
CA PHE M 19 70.26 -17.43 27.70
C PHE M 19 70.99 -17.43 26.36
N LYS M 20 72.31 -17.33 26.41
CA LYS M 20 73.21 -17.43 25.25
C LYS M 20 72.87 -16.29 24.29
N SER M 21 72.71 -16.52 22.99
CA SER M 21 72.36 -15.48 22.04
C SER M 21 70.86 -15.24 21.93
N THR M 22 70.09 -15.63 22.95
CA THR M 22 68.64 -15.42 22.98
C THR M 22 68.24 -14.97 24.37
N THR M 23 67.08 -14.33 24.46
CA THR M 23 66.53 -13.93 25.75
C THR M 23 65.05 -14.29 25.79
N ILE M 24 64.62 -14.85 26.92
CA ILE M 24 63.29 -15.43 27.07
C ILE M 24 62.57 -14.70 28.21
N MET M 25 61.38 -14.21 27.93
CA MET M 25 60.48 -13.68 28.95
C MET M 25 59.65 -14.85 29.45
N LEU M 26 59.62 -15.05 30.77
CA LEU M 26 59.07 -16.30 31.27
C LEU M 26 57.55 -16.25 31.38
N ASP M 27 57.01 -15.27 32.11
CA ASP M 27 55.56 -15.19 32.29
C ASP M 27 55.17 -13.74 32.51
N CYS M 28 53.88 -13.45 32.33
CA CYS M 28 53.39 -12.09 32.56
C CYS M 28 52.96 -11.89 34.01
N GLY M 29 52.02 -12.69 34.50
CA GLY M 29 51.67 -12.71 35.91
C GLY M 29 51.10 -11.42 36.48
N LEU M 30 49.90 -11.04 36.05
CA LEU M 30 49.24 -9.86 36.60
C LEU M 30 48.98 -10.01 38.09
N ASP M 31 49.36 -8.98 38.84
CA ASP M 31 49.17 -8.94 40.29
C ASP M 31 47.80 -8.31 40.56
N MET M 32 46.82 -9.14 40.89
CA MET M 32 45.45 -8.69 41.12
C MET M 32 45.24 -8.14 42.53
N THR M 33 46.19 -8.34 43.44
CA THR M 33 46.03 -7.92 44.82
C THR M 33 45.91 -6.41 44.97
N SER M 34 46.41 -5.65 43.99
CA SER M 34 46.34 -4.19 44.05
C SER M 34 44.90 -3.68 44.07
N THR M 35 44.01 -4.35 43.34
CA THR M 35 42.62 -3.93 43.23
C THR M 35 41.88 -3.97 44.56
N LEU M 36 42.39 -4.72 45.54
CA LEU M 36 41.71 -4.87 46.82
C LEU M 36 41.59 -3.55 47.57
N ASN M 37 42.52 -2.61 47.33
CA ASN M 37 42.48 -1.32 48.01
C ASN M 37 41.33 -0.46 47.50
N PHE M 38 40.92 -0.63 46.25
CA PHE M 38 39.94 0.24 45.64
C PHE M 38 38.53 -0.12 46.09
N LEU M 39 37.61 0.83 45.87
CA LEU M 39 36.21 0.56 46.19
C LEU M 39 35.63 -0.36 45.10
N PRO M 40 34.73 -1.27 45.47
CA PRO M 40 34.14 -2.17 44.46
C PRO M 40 33.22 -1.44 43.48
N LEU M 41 33.03 -2.09 42.33
CA LEU M 41 32.19 -1.60 41.23
C LEU M 41 30.87 -2.35 41.20
N PRO M 42 29.82 -1.88 41.89
CA PRO M 42 28.54 -2.59 41.85
C PRO M 42 27.91 -2.50 40.46
N LEU M 43 27.20 -3.57 40.10
CA LEU M 43 26.45 -3.56 38.85
C LEU M 43 25.34 -2.52 38.91
N VAL M 44 24.65 -2.43 40.04
CA VAL M 44 23.66 -1.40 40.31
C VAL M 44 24.16 -0.60 41.50
N GLN M 45 24.29 0.73 41.32
CA GLN M 45 24.85 1.61 42.33
C GLN M 45 24.09 1.52 43.63
N SER M 46 24.74 0.99 44.67
CA SER M 46 24.10 0.79 45.96
C SER M 46 24.02 2.09 46.73
N PRO M 47 22.98 2.27 47.54
CA PRO M 47 22.92 3.45 48.42
C PRO M 47 24.07 3.53 49.42
N ARG M 48 24.56 2.37 49.89
CA ARG M 48 25.58 2.33 50.92
C ARG M 48 26.86 3.01 50.46
N LEU M 49 27.31 2.71 49.24
CA LEU M 49 28.53 3.32 48.72
C LEU M 49 28.35 4.83 48.54
N SER M 50 27.17 5.25 48.07
CA SER M 50 26.90 6.66 47.89
C SER M 50 26.94 7.42 49.22
N ASN M 51 26.35 6.85 50.27
CA ASN M 51 26.36 7.50 51.57
C ASN M 51 27.60 7.16 52.39
N LEU M 52 28.53 6.40 51.83
CA LEU M 52 29.75 6.06 52.56
C LEU M 52 30.59 7.31 52.81
N PRO M 53 31.13 7.49 54.01
CA PRO M 53 31.87 8.72 54.31
C PRO M 53 33.21 8.76 53.59
N GLY M 54 33.71 9.99 53.42
CA GLY M 54 35.02 10.22 52.83
C GLY M 54 36.14 9.95 53.81
N TRP M 55 37.22 10.74 53.67
CA TRP M 55 38.34 10.68 54.60
C TRP M 55 39.05 12.02 54.57
N SER M 56 39.61 12.39 55.72
CA SER M 56 40.24 13.70 55.87
C SER M 56 41.47 13.85 54.98
N LEU M 57 41.66 15.06 54.45
CA LEU M 57 42.82 15.38 53.63
C LEU M 57 43.22 16.82 53.88
N LYS M 58 44.46 17.02 54.36
CA LYS M 58 44.94 18.36 54.66
C LYS M 58 45.04 19.21 53.39
N ASP M 59 45.54 18.61 52.31
CA ASP M 59 45.71 19.34 51.05
C ASP M 59 44.38 19.45 50.33
N LEU M 64 38.64 18.55 50.66
CA LEU M 64 39.08 17.74 49.52
C LEU M 64 39.03 16.28 49.96
N ASP M 65 37.85 15.85 50.40
CA ASP M 65 37.66 14.49 50.89
C ASP M 65 37.11 13.54 49.84
N LYS M 66 36.62 14.04 48.71
CA LYS M 66 36.05 13.20 47.66
C LYS M 66 37.05 12.23 47.03
N GLU M 67 38.36 12.47 47.19
CA GLU M 67 39.37 11.58 46.61
C GLU M 67 39.29 10.18 47.20
N LEU M 68 39.03 10.07 48.49
CA LEU M 68 39.08 8.79 49.19
C LEU M 68 37.80 8.58 50.00
N LYS M 69 37.46 7.31 50.22
CA LYS M 69 36.34 6.96 51.08
C LYS M 69 36.80 5.90 52.08
N GLU M 70 36.23 5.94 53.28
CA GLU M 70 36.67 5.07 54.35
C GLU M 70 35.51 4.23 54.88
N CYS M 71 35.80 2.96 55.17
CA CYS M 71 34.85 2.03 55.73
C CYS M 71 35.58 1.14 56.73
N SER M 72 34.99 0.98 57.93
CA SER M 72 35.49 0.07 58.97
C SER M 72 36.94 0.39 59.36
N GLY M 73 37.29 1.66 59.44
CA GLY M 73 38.64 2.04 59.78
C GLY M 73 39.67 1.75 58.71
N HIS M 74 39.24 1.42 57.49
CA HIS M 74 40.13 1.14 56.37
C HIS M 74 39.78 2.09 55.23
N VAL M 75 40.76 2.88 54.80
CA VAL M 75 40.55 3.83 53.72
C VAL M 75 40.62 3.11 52.38
N PHE M 76 39.63 3.35 51.52
CA PHE M 76 39.60 2.73 50.20
C PHE M 76 39.56 3.81 49.12
N VAL M 77 40.19 3.51 47.98
CA VAL M 77 40.21 4.44 46.86
C VAL M 77 38.87 4.38 46.15
N ASP M 78 38.19 5.53 46.05
CA ASP M 78 36.87 5.60 45.44
C ASP M 78 37.03 5.96 43.96
N SER M 79 37.63 5.04 43.22
CA SER M 79 37.87 5.21 41.80
C SER M 79 37.85 3.84 41.13
N VAL M 80 38.12 3.82 39.84
CA VAL M 80 38.15 2.55 39.09
C VAL M 80 39.31 1.70 39.63
N PRO M 81 39.13 0.39 39.80
CA PRO M 81 40.26 -0.45 40.23
C PRO M 81 41.39 -0.43 39.21
N GLU M 82 42.61 -0.48 39.72
CA GLU M 82 43.81 -0.50 38.89
C GLU M 82 44.66 -1.69 39.29
N PHE M 83 45.47 -2.16 38.34
CA PHE M 83 46.20 -3.41 38.50
C PHE M 83 47.69 -3.13 38.60
N CYS M 84 48.36 -3.86 39.48
CA CYS M 84 49.81 -3.73 39.62
C CYS M 84 50.51 -4.57 38.55
N LEU M 85 51.13 -3.90 37.60
CA LEU M 85 51.86 -4.58 36.55
C LEU M 85 53.25 -4.95 37.06
N PRO M 86 53.92 -5.90 36.42
CA PRO M 86 55.33 -6.16 36.76
C PRO M 86 56.21 -4.97 36.42
N GLU M 87 57.36 -4.90 37.09
CA GLU M 87 58.32 -3.83 36.88
C GLU M 87 58.99 -4.08 35.52
N THR M 88 58.27 -3.68 34.47
CA THR M 88 58.71 -3.92 33.10
C THR M 88 59.79 -2.94 32.66
N GLU M 89 59.92 -1.80 33.35
CA GLU M 89 60.91 -0.80 32.98
C GLU M 89 62.35 -1.22 33.30
N LEU M 90 62.54 -2.30 34.06
CA LEU M 90 63.88 -2.76 34.39
C LEU M 90 64.66 -3.18 33.14
N ILE M 91 64.00 -3.88 32.22
CA ILE M 91 64.62 -4.35 30.99
C ILE M 91 63.77 -3.88 29.81
N ASP M 92 64.44 -3.46 28.74
CA ASP M 92 63.71 -3.04 27.54
C ASP M 92 62.99 -4.24 26.96
N LEU M 93 61.66 -4.25 27.09
CA LEU M 93 60.84 -5.36 26.60
C LEU M 93 60.90 -5.51 25.09
N SER M 94 61.31 -4.47 24.36
CA SER M 94 61.46 -4.60 22.91
C SER M 94 62.55 -5.60 22.57
N THR M 95 63.58 -5.72 23.42
CA THR M 95 64.69 -6.62 23.14
C THR M 95 64.27 -8.09 23.15
N VAL M 96 63.40 -8.49 24.08
CA VAL M 96 63.11 -9.91 24.27
C VAL M 96 62.31 -10.42 23.08
N ASP M 97 62.50 -11.69 22.74
CA ASP M 97 61.94 -12.26 21.52
C ASP M 97 60.89 -13.35 21.75
N VAL M 98 60.90 -14.02 22.92
CA VAL M 98 60.04 -15.17 23.15
C VAL M 98 59.34 -15.00 24.50
N ILE M 99 58.09 -15.44 24.56
CA ILE M 99 57.31 -15.48 25.80
C ILE M 99 56.71 -16.87 25.94
N LEU M 100 56.90 -17.49 27.10
CA LEU M 100 56.53 -18.88 27.35
C LEU M 100 55.38 -18.93 28.35
N ILE M 101 54.15 -18.86 27.85
CA ILE M 101 52.98 -18.95 28.73
C ILE M 101 52.94 -20.32 29.40
N SER M 102 52.81 -20.32 30.73
CA SER M 102 52.72 -21.54 31.52
C SER M 102 51.28 -21.93 31.83
N ASN M 103 50.42 -20.98 32.14
CA ASN M 103 49.02 -21.27 32.44
C ASN M 103 48.21 -20.02 32.17
N TYR M 104 46.88 -20.21 32.07
CA TYR M 104 45.96 -19.09 31.83
C TYR M 104 46.02 -18.04 32.92
N HIS M 105 46.42 -18.40 34.14
CA HIS M 105 46.56 -17.39 35.19
C HIS M 105 47.80 -16.54 34.95
N CYS M 106 48.90 -17.14 34.51
CA CYS M 106 50.14 -16.40 34.35
C CYS M 106 50.15 -15.52 33.11
N MET M 107 49.28 -15.80 32.13
CA MET M 107 49.26 -15.00 30.91
C MET M 107 48.46 -13.72 31.05
N MET M 108 47.85 -13.48 32.21
CA MET M 108 47.18 -12.22 32.47
C MET M 108 48.21 -11.08 32.42
N ALA M 109 47.78 -9.90 31.96
CA ALA M 109 48.57 -8.69 31.69
C ALA M 109 49.44 -8.79 30.44
N LEU M 110 49.31 -9.88 29.67
CA LEU M 110 49.97 -9.96 28.37
C LEU M 110 49.66 -8.81 27.41
N PRO M 111 48.42 -8.26 27.31
CA PRO M 111 48.20 -7.09 26.43
C PRO M 111 49.12 -5.92 26.71
N TYR M 112 49.39 -5.64 27.99
CA TYR M 112 50.28 -4.53 28.36
C TYR M 112 51.65 -4.70 27.73
N ILE M 113 52.26 -5.87 27.91
CA ILE M 113 53.60 -6.11 27.39
C ILE M 113 53.59 -6.11 25.86
N THR M 114 52.59 -6.76 25.26
CA THR M 114 52.58 -6.87 23.80
C THR M 114 52.37 -5.53 23.11
N GLU M 115 51.47 -4.70 23.65
CA GLU M 115 51.10 -3.46 22.99
C GLU M 115 51.95 -2.27 23.46
N HIS M 116 51.91 -1.98 24.77
CA HIS M 116 52.50 -0.75 25.27
C HIS M 116 54.01 -0.70 25.08
N THR M 117 54.70 -1.81 25.37
CA THR M 117 56.15 -1.82 25.35
C THR M 117 56.74 -1.86 23.95
N GLY M 118 55.92 -2.09 22.91
CA GLY M 118 56.45 -2.22 21.58
C GLY M 118 57.14 -3.54 21.28
N PHE M 119 56.87 -4.57 22.10
CA PHE M 119 57.43 -5.90 21.87
C PHE M 119 56.99 -6.45 20.52
N THR M 120 57.94 -6.98 19.76
CA THR M 120 57.67 -7.45 18.41
C THR M 120 58.07 -8.91 18.17
N GLY M 121 58.42 -9.65 19.21
CA GLY M 121 58.80 -11.04 19.07
C GLY M 121 57.62 -11.96 18.88
N THR M 122 57.75 -13.19 19.39
CA THR M 122 56.71 -14.20 19.32
C THR M 122 56.35 -14.69 20.70
N VAL M 123 55.19 -15.34 20.81
CA VAL M 123 54.67 -15.87 22.06
C VAL M 123 54.23 -17.31 21.79
N TYR M 124 54.32 -18.15 22.82
CA TYR M 124 53.95 -19.56 22.71
C TYR M 124 53.12 -19.96 23.93
N ALA M 125 52.22 -20.92 23.71
CA ALA M 125 51.30 -21.39 24.75
C ALA M 125 50.65 -22.67 24.26
N THR M 126 49.84 -23.26 25.13
CA THR M 126 48.99 -24.41 24.80
C THR M 126 47.58 -23.93 24.52
N GLU M 127 46.86 -24.70 23.69
CA GLU M 127 45.53 -24.29 23.24
C GLU M 127 44.52 -24.08 24.38
N PRO M 128 44.36 -25.00 25.37
CA PRO M 128 43.43 -24.69 26.47
C PRO M 128 43.79 -23.44 27.25
N THR M 129 45.10 -23.18 27.45
CA THR M 129 45.50 -21.94 28.13
C THR M 129 45.08 -20.72 27.33
N VAL M 130 45.26 -20.76 26.00
CA VAL M 130 44.89 -19.62 25.17
C VAL M 130 43.39 -19.38 25.24
N GLN M 131 42.59 -20.46 25.11
CA GLN M 131 41.14 -20.29 25.13
C GLN M 131 40.63 -19.80 26.48
N ILE M 132 41.10 -20.42 27.57
CA ILE M 132 40.65 -20.04 28.91
C ILE M 132 41.15 -18.65 29.26
N GLY M 133 42.35 -18.29 28.81
CA GLY M 133 42.86 -16.95 29.01
C GLY M 133 42.02 -15.91 28.27
N ARG M 134 41.61 -16.24 27.04
CA ARG M 134 40.70 -15.35 26.30
C ARG M 134 39.40 -15.16 27.07
N LEU M 135 38.86 -16.26 27.61
CA LEU M 135 37.63 -16.18 28.40
C LEU M 135 37.80 -15.28 29.60
N LEU M 136 38.87 -15.48 30.38
CA LEU M 136 39.12 -14.69 31.58
C LEU M 136 39.30 -13.21 31.25
N MET M 137 40.09 -12.92 30.21
CA MET M 137 40.35 -11.53 29.85
C MET M 137 39.09 -10.83 29.38
N GLU M 138 38.30 -11.48 28.52
CA GLU M 138 37.07 -10.85 28.06
C GLU M 138 36.07 -10.68 29.19
N GLU M 139 35.99 -11.65 30.12
CA GLU M 139 35.04 -11.54 31.22
C GLU M 139 35.45 -10.41 32.17
N LEU M 140 36.75 -10.25 32.45
CA LEU M 140 37.17 -9.17 33.33
C LEU M 140 37.02 -7.81 32.67
N VAL M 141 37.30 -7.72 31.37
CA VAL M 141 37.05 -6.49 30.64
C VAL M 141 35.57 -6.15 30.67
N ASN M 142 34.70 -7.15 30.50
CA ASN M 142 33.26 -6.94 30.59
C ASN M 142 32.86 -6.44 31.97
N PHE M 143 33.45 -7.03 33.02
CA PHE M 143 33.16 -6.58 34.39
C PHE M 143 33.55 -5.13 34.59
N ILE M 144 34.72 -4.73 34.08
CA ILE M 144 35.16 -3.35 34.23
C ILE M 144 34.25 -2.39 33.45
N GLU M 145 33.88 -2.77 32.22
CA GLU M 145 33.15 -1.86 31.35
C GLU M 145 31.64 -1.88 31.53
N ARG M 146 31.09 -2.81 32.33
CA ARG M 146 29.65 -2.85 32.56
C ARG M 146 29.16 -1.56 33.20
N VAL M 147 29.87 -1.08 34.22
CA VAL M 147 29.53 0.16 34.91
C VAL M 147 30.81 1.00 34.96
N PRO M 148 31.11 1.75 33.90
CA PRO M 148 32.35 2.55 33.88
C PRO M 148 32.39 3.55 35.03
N LYS M 149 33.59 3.73 35.57
CA LYS M 149 33.84 4.69 36.63
C LYS M 149 35.05 5.53 36.26
N ALA M 150 35.01 6.82 36.62
CA ALA M 150 36.07 7.74 36.26
C ALA M 150 37.32 7.47 37.08
N GLN M 151 38.47 7.86 36.52
CA GLN M 151 39.74 7.84 37.24
C GLN M 151 39.78 9.14 38.07
N SER M 152 39.04 9.11 39.17
CA SER M 152 38.76 10.30 39.97
C SER M 152 39.72 10.48 41.15
N ALA M 153 40.71 9.62 41.30
CA ALA M 153 41.65 9.71 42.42
C ALA M 153 43.04 9.35 41.92
N SER M 154 43.91 10.35 41.82
CA SER M 154 45.28 10.13 41.36
C SER M 154 46.29 10.71 42.35
N LEU M 155 45.94 11.83 43.00
CA LEU M 155 46.85 12.49 43.91
C LEU M 155 47.20 11.63 45.13
N TRP M 156 46.33 10.67 45.49
CA TRP M 156 46.62 9.76 46.60
C TRP M 156 47.85 8.90 46.35
N LYS M 157 48.23 8.69 45.08
CA LYS M 157 49.36 7.82 44.74
C LYS M 157 50.71 8.42 45.12
N ASN M 158 50.76 9.69 45.50
CA ASN M 158 52.02 10.31 45.90
C ASN M 158 52.57 9.64 47.16
N LYS M 159 53.90 9.54 47.22
CA LYS M 159 54.56 8.87 48.34
C LYS M 159 54.28 9.56 49.67
N ASP M 160 54.15 10.89 49.67
CA ASP M 160 53.88 11.64 50.89
C ASP M 160 52.52 11.24 51.48
N ILE M 161 51.50 11.17 50.62
CA ILE M 161 50.17 10.77 51.07
C ILE M 161 50.19 9.32 51.52
N GLN M 162 50.96 8.47 50.83
CA GLN M 162 51.06 7.05 51.20
C GLN M 162 51.65 6.90 52.60
N ARG M 163 52.70 7.68 52.90
CA ARG M 163 53.24 7.68 54.26
C ARG M 163 52.21 8.23 55.24
N LEU M 164 51.48 9.28 54.86
CA LEU M 164 50.41 9.79 55.71
C LEU M 164 49.25 8.81 55.86
N LEU M 165 49.09 7.88 54.92
CA LEU M 165 48.00 6.91 54.98
C LEU M 165 48.34 5.75 55.91
N PRO M 166 47.34 5.01 56.42
CA PRO M 166 47.64 3.90 57.34
C PRO M 166 48.27 2.69 56.66
N SER M 167 48.49 1.64 57.43
CA SER M 167 49.16 0.44 56.92
C SER M 167 48.48 -0.25 55.72
N PRO M 168 47.14 -0.41 55.64
CA PRO M 168 46.59 -1.19 54.50
C PRO M 168 46.88 -0.60 53.13
N LEU M 169 47.22 0.69 53.04
CA LEU M 169 47.69 1.31 51.80
C LEU M 169 49.19 1.53 51.77
N LYS M 170 49.83 1.79 52.92
CA LYS M 170 51.28 1.97 52.94
C LYS M 170 52.05 0.71 52.55
N ASP M 171 51.50 -0.47 52.83
CA ASP M 171 52.15 -1.73 52.44
C ASP M 171 52.27 -1.90 50.93
N ALA M 172 51.42 -1.21 50.16
CA ALA M 172 51.45 -1.31 48.71
C ALA M 172 52.79 -0.87 48.14
N VAL M 173 53.26 -1.59 47.12
CA VAL M 173 54.58 -1.37 46.53
C VAL M 173 54.39 -1.01 45.06
N GLU M 174 55.11 0.04 44.63
CA GLU M 174 55.09 0.54 43.25
C GLU M 174 53.67 0.89 42.79
N VAL M 175 53.02 1.73 43.59
CA VAL M 175 51.67 2.20 43.26
C VAL M 175 51.68 2.99 41.96
N SER M 176 52.75 3.74 41.71
CA SER M 176 52.86 4.53 40.47
C SER M 176 52.80 3.67 39.23
N THR M 177 53.30 2.42 39.31
CA THR M 177 53.27 1.51 38.17
C THR M 177 51.90 0.92 37.89
N TRP M 178 50.91 1.15 38.76
CA TRP M 178 49.59 0.60 38.56
C TRP M 178 48.94 1.21 37.32
N ARG M 179 48.09 0.41 36.67
CA ARG M 179 47.51 0.80 35.39
C ARG M 179 46.02 0.46 35.37
N ARG M 180 45.29 1.21 34.56
CA ARG M 180 43.88 0.94 34.33
C ARG M 180 43.72 -0.25 33.39
N CYS M 181 42.50 -0.80 33.37
CA CYS M 181 42.21 -2.00 32.59
C CYS M 181 42.36 -1.75 31.10
N TYR M 182 42.97 -2.71 30.42
CA TYR M 182 43.00 -2.73 28.96
C TYR M 182 41.61 -2.97 28.38
N THR M 183 41.51 -2.87 27.06
CA THR M 183 40.26 -3.03 26.34
C THR M 183 40.32 -4.28 25.47
N MET M 184 39.14 -4.74 25.07
CA MET M 184 39.03 -5.96 24.26
C MET M 184 39.74 -5.83 22.93
N GLN M 185 39.83 -4.62 22.37
CA GLN M 185 40.62 -4.42 21.15
C GLN M 185 42.09 -4.73 21.39
N GLU M 186 42.63 -4.30 22.52
CA GLU M 186 44.01 -4.64 22.87
C GLU M 186 44.16 -6.14 23.10
N VAL M 187 43.14 -6.78 23.66
CA VAL M 187 43.16 -8.23 23.85
C VAL M 187 43.23 -8.94 22.50
N ASN M 188 42.43 -8.49 21.53
CA ASN M 188 42.47 -9.05 20.18
C ASN M 188 43.84 -8.83 19.54
N SER M 189 44.42 -7.64 19.75
CA SER M 189 45.76 -7.34 19.24
C SER M 189 46.80 -8.27 19.83
N ALA M 190 46.72 -8.52 21.14
CA ALA M 190 47.73 -9.32 21.82
C ALA M 190 47.66 -10.78 21.40
N LEU M 191 46.45 -11.35 21.38
CA LEU M 191 46.27 -12.75 21.04
C LEU M 191 46.58 -13.06 19.57
N SER M 192 46.72 -12.05 18.72
CA SER M 192 47.12 -12.29 17.33
C SER M 192 48.55 -12.80 17.25
N LYS M 193 49.42 -12.40 18.17
CA LYS M 193 50.83 -12.73 18.12
C LYS M 193 51.17 -14.09 18.72
N ILE M 194 50.20 -14.81 19.24
CA ILE M 194 50.47 -16.03 20.00
C ILE M 194 50.54 -17.21 19.03
N GLN M 195 51.39 -18.19 19.36
CA GLN M 195 51.54 -19.42 18.60
C GLN M 195 51.20 -20.61 19.47
N LEU M 196 50.44 -21.55 18.91
CA LEU M 196 49.90 -22.68 19.66
C LEU M 196 50.82 -23.89 19.53
N VAL M 197 51.23 -24.43 20.68
CA VAL M 197 52.09 -25.62 20.73
C VAL M 197 51.58 -26.54 21.84
N GLY M 198 51.56 -27.85 21.54
CA GLY M 198 51.07 -28.83 22.49
C GLY M 198 52.15 -29.29 23.46
N TYR M 199 51.76 -30.21 24.34
CA TYR M 199 52.70 -30.75 25.32
C TYR M 199 53.82 -31.52 24.63
N SER M 200 55.02 -31.41 25.19
CA SER M 200 56.22 -32.13 24.74
C SER M 200 56.50 -31.89 23.26
N GLN M 201 56.34 -30.65 22.83
CA GLN M 201 56.62 -30.24 21.46
C GLN M 201 57.89 -29.40 21.45
N LYS M 202 58.97 -29.96 20.91
CA LYS M 202 60.22 -29.23 20.79
C LYS M 202 60.05 -28.07 19.80
N ILE M 203 60.47 -26.88 20.21
CA ILE M 203 60.45 -25.69 19.36
C ILE M 203 61.85 -25.11 19.33
N GLU M 204 62.39 -24.93 18.13
CA GLU M 204 63.75 -24.43 17.97
C GLU M 204 63.71 -22.93 17.69
N LEU M 205 64.54 -22.18 18.41
CA LEU M 205 64.63 -20.72 18.28
C LEU M 205 65.95 -20.35 17.62
N PHE M 206 65.87 -19.93 16.35
CA PHE M 206 67.02 -19.42 15.59
C PHE M 206 68.14 -20.45 15.46
N GLY M 207 67.79 -21.74 15.50
CA GLY M 207 68.77 -22.81 15.43
C GLY M 207 69.76 -22.83 16.58
N ALA M 208 69.41 -22.26 17.71
CA ALA M 208 70.31 -22.13 18.86
C ALA M 208 69.74 -22.69 20.15
N VAL M 209 68.43 -22.57 20.38
CA VAL M 209 67.82 -22.92 21.65
C VAL M 209 66.58 -23.77 21.39
N GLN M 210 66.46 -24.87 22.14
CA GLN M 210 65.30 -25.75 22.09
C GLN M 210 64.45 -25.52 23.34
N VAL M 211 63.15 -25.32 23.14
CA VAL M 211 62.21 -25.07 24.23
C VAL M 211 61.05 -26.04 24.09
N THR M 212 60.61 -26.59 25.22
CA THR M 212 59.60 -27.61 25.22
C THR M 212 58.71 -27.44 26.45
N PRO M 213 57.38 -27.46 26.29
CA PRO M 213 56.50 -27.50 27.45
C PRO M 213 56.10 -28.92 27.83
N LEU M 214 55.99 -29.16 29.14
CA LEU M 214 55.58 -30.46 29.64
C LEU M 214 54.36 -30.28 30.54
N SER M 215 53.53 -31.33 30.60
CA SER M 215 52.30 -31.32 31.38
C SER M 215 52.54 -31.05 32.86
N SER M 216 52.06 -29.90 33.35
CA SER M 216 52.23 -29.58 34.76
C SER M 216 51.27 -30.34 35.65
N GLY M 217 50.10 -30.73 35.15
CA GLY M 217 49.15 -31.48 35.93
C GLY M 217 48.30 -30.66 36.88
N TYR M 218 48.52 -29.34 36.94
CA TYR M 218 47.73 -28.47 37.81
C TYR M 218 46.36 -28.21 37.22
N ALA M 219 46.33 -27.65 36.00
CA ALA M 219 45.09 -27.42 35.30
C ALA M 219 45.29 -27.82 33.84
N LEU M 220 44.18 -28.15 33.18
CA LEU M 220 44.23 -28.52 31.77
C LEU M 220 44.81 -27.36 30.94
N GLY M 221 45.79 -27.69 30.10
CA GLY M 221 46.54 -26.73 29.34
C GLY M 221 47.76 -26.16 30.05
N SER M 222 47.74 -26.10 31.38
CA SER M 222 48.87 -25.61 32.16
C SER M 222 50.10 -26.48 31.93
N SER M 223 51.24 -25.84 31.70
CA SER M 223 52.44 -26.54 31.30
C SER M 223 53.66 -25.97 32.03
N ASN M 224 54.65 -26.84 32.23
CA ASN M 224 55.95 -26.47 32.75
C ASN M 224 56.97 -26.55 31.62
N TRP M 225 57.74 -25.49 31.46
CA TRP M 225 58.66 -25.35 30.33
C TRP M 225 60.07 -25.80 30.71
N ILE M 226 60.83 -26.18 29.69
CA ILE M 226 62.25 -26.46 29.82
C ILE M 226 62.96 -25.71 28.70
N ILE M 227 64.22 -25.36 28.94
CA ILE M 227 65.06 -24.70 27.95
C ILE M 227 66.35 -25.48 27.85
N GLN M 228 66.75 -25.82 26.62
CA GLN M 228 67.88 -26.70 26.39
C GLN M 228 68.83 -26.10 25.37
N SER M 229 70.12 -26.35 25.57
CA SER M 229 71.16 -26.05 24.60
C SER M 229 72.13 -27.21 24.51
N HIS M 230 71.60 -28.45 24.55
CA HIS M 230 72.35 -29.71 24.52
C HIS M 230 73.24 -29.85 25.75
N TYR M 231 74.30 -29.04 25.84
CA TYR M 231 75.20 -29.10 26.98
C TYR M 231 74.75 -28.22 28.14
N GLU M 232 73.65 -27.49 27.98
CA GLU M 232 73.11 -26.65 29.05
C GLU M 232 71.59 -26.78 29.00
N LYS M 233 70.99 -27.10 30.14
CA LYS M 233 69.55 -27.19 30.26
C LYS M 233 69.08 -26.33 31.42
N VAL M 234 68.05 -25.52 31.19
CA VAL M 234 67.42 -24.72 32.22
C VAL M 234 65.95 -25.11 32.26
N SER M 235 65.47 -25.48 33.44
CA SER M 235 64.11 -25.97 33.63
C SER M 235 63.33 -24.95 34.44
N TYR M 236 62.11 -24.65 34.00
CA TYR M 236 61.22 -23.72 34.67
C TYR M 236 60.01 -24.45 35.22
N VAL M 237 59.79 -24.33 36.52
CA VAL M 237 58.69 -25.00 37.21
C VAL M 237 57.64 -23.94 37.53
N SER M 238 56.38 -24.26 37.24
CA SER M 238 55.23 -23.43 37.53
C SER M 238 54.25 -24.27 38.35
N GLY M 239 53.01 -23.77 38.48
CA GLY M 239 51.96 -24.48 39.18
C GLY M 239 51.78 -25.90 38.65
N SER M 240 52.00 -26.88 39.52
CA SER M 240 51.93 -28.29 39.17
C SER M 240 51.17 -29.03 40.26
N SER M 241 50.57 -30.17 39.89
CA SER M 241 49.81 -30.96 40.85
C SER M 241 50.08 -32.44 40.69
N LEU M 242 50.46 -33.10 41.77
CA LEU M 242 50.62 -34.55 41.79
C LEU M 242 49.37 -35.27 42.27
N LEU M 243 48.32 -34.55 42.62
CA LEU M 243 47.10 -35.15 43.15
C LEU M 243 46.28 -35.79 42.04
N THR M 244 45.23 -36.52 42.45
CA THR M 244 44.31 -37.17 41.52
C THR M 244 43.39 -36.10 40.93
N THR M 245 43.95 -35.33 39.99
CA THR M 245 43.27 -34.21 39.37
C THR M 245 42.88 -34.57 37.94
N HIS M 246 41.88 -33.86 37.42
CA HIS M 246 41.40 -34.13 36.07
C HIS M 246 42.44 -34.01 34.94
N PRO M 247 43.40 -33.00 34.89
CA PRO M 247 44.26 -32.89 33.71
C PRO M 247 45.21 -34.07 33.53
N GLN M 248 45.99 -34.06 32.45
CA GLN M 248 46.97 -35.12 32.21
C GLN M 248 47.99 -35.10 33.35
N PRO M 249 48.36 -36.27 33.89
CA PRO M 249 49.22 -36.31 35.09
C PRO M 249 50.57 -35.65 34.90
N MET M 250 51.05 -35.04 36.00
CA MET M 250 52.29 -34.28 36.01
C MET M 250 53.46 -35.16 35.60
N ASP M 251 54.33 -34.61 34.74
CA ASP M 251 55.51 -35.32 34.27
C ASP M 251 56.68 -34.94 35.16
N GLN M 252 57.44 -35.95 35.58
CA GLN M 252 58.57 -35.76 36.49
C GLN M 252 59.90 -36.17 35.87
N ALA M 253 59.92 -37.15 34.98
CA ALA M 253 61.18 -37.69 34.46
C ALA M 253 61.92 -36.66 33.62
N SER M 254 61.19 -35.90 32.80
CA SER M 254 61.82 -34.99 31.83
C SER M 254 62.63 -33.88 32.48
N LEU M 255 62.33 -33.52 33.73
CA LEU M 255 63.05 -32.44 34.39
C LEU M 255 64.40 -32.87 34.96
N LYS M 256 64.74 -34.15 34.92
CA LYS M 256 65.98 -34.63 35.49
C LYS M 256 67.19 -34.02 34.79
N ASN M 257 68.37 -34.20 35.41
CA ASN M 257 69.68 -33.70 34.95
C ASN M 257 69.63 -32.25 34.47
N SER M 258 68.88 -31.43 35.19
CA SER M 258 68.74 -30.02 34.88
C SER M 258 69.77 -29.20 35.64
N ASP M 259 70.52 -28.37 34.89
CA ASP M 259 71.54 -27.53 35.50
C ASP M 259 70.93 -26.52 36.46
N VAL M 260 70.07 -25.64 35.96
CA VAL M 260 69.46 -24.59 36.76
C VAL M 260 67.94 -24.80 36.73
N LEU M 261 67.33 -24.78 37.91
CA LEU M 261 65.89 -24.93 38.06
C LEU M 261 65.31 -23.65 38.63
N VAL M 262 64.15 -23.26 38.10
CA VAL M 262 63.42 -22.09 38.57
C VAL M 262 62.09 -22.58 39.14
N LEU M 263 61.85 -22.28 40.42
CA LEU M 263 60.67 -22.75 41.12
C LEU M 263 59.69 -21.61 41.31
N THR M 264 58.43 -21.84 40.93
CA THR M 264 57.34 -20.87 41.06
C THR M 264 56.06 -21.63 41.30
N GLY M 265 55.02 -20.90 41.69
CA GLY M 265 53.69 -21.44 41.87
C GLY M 265 53.52 -22.46 42.99
N LEU M 266 54.10 -22.20 44.15
CA LEU M 266 53.81 -23.03 45.31
C LEU M 266 52.51 -22.60 45.96
N THR M 267 51.96 -23.47 46.80
CA THR M 267 50.67 -23.20 47.43
C THR M 267 50.75 -22.04 48.41
N GLN M 268 49.80 -21.12 48.30
CA GLN M 268 49.53 -20.20 49.38
C GLN M 268 48.77 -20.95 50.47
N ILE M 269 49.04 -20.59 51.72
CA ILE M 269 48.64 -21.26 52.97
C ILE M 269 48.81 -22.77 52.78
N PRO M 270 50.06 -23.27 52.76
CA PRO M 270 50.28 -24.70 52.45
C PRO M 270 49.68 -25.69 53.43
N THR M 271 49.35 -25.29 54.66
CA THR M 271 48.81 -26.22 55.64
C THR M 271 47.48 -26.83 55.22
N ALA M 272 46.72 -26.14 54.37
CA ALA M 272 45.38 -26.59 54.00
C ALA M 272 45.43 -27.87 53.17
N ASN M 273 44.62 -28.86 53.54
CA ASN M 273 44.46 -30.07 52.74
C ASN M 273 43.26 -29.87 51.82
N PRO M 274 43.44 -29.90 50.50
CA PRO M 274 42.32 -29.61 49.58
C PRO M 274 41.14 -30.56 49.71
N ASP M 275 41.37 -31.84 49.97
CA ASP M 275 40.27 -32.81 50.06
C ASP M 275 39.40 -32.52 51.28
N GLY M 276 40.03 -32.33 52.44
CA GLY M 276 39.29 -31.97 53.64
C GLY M 276 38.58 -30.63 53.50
N MET M 277 39.21 -29.68 52.82
CA MET M 277 38.59 -28.38 52.58
C MET M 277 37.34 -28.52 51.72
N VAL M 278 37.41 -29.35 50.67
CA VAL M 278 36.25 -29.59 49.82
C VAL M 278 35.13 -30.26 50.60
N GLY M 279 35.47 -31.25 51.44
CA GLY M 279 34.47 -31.90 52.27
C GLY M 279 33.81 -30.93 53.24
N GLU M 280 34.61 -30.08 53.88
CA GLU M 280 34.08 -29.09 54.81
C GLU M 280 33.19 -28.08 54.09
N PHE M 281 33.58 -27.67 52.87
CA PHE M 281 32.77 -26.77 52.07
C PHE M 281 31.44 -27.40 51.69
N CYS M 282 31.45 -28.70 51.36
CA CYS M 282 30.22 -29.43 51.10
C CYS M 282 29.34 -29.46 52.34
N SER M 283 29.94 -29.69 53.51
CA SER M 283 29.19 -29.68 54.78
C SER M 283 28.57 -28.32 55.04
N ASN M 284 29.33 -27.24 54.78
CA ASN M 284 28.84 -25.88 55.02
C ASN M 284 27.64 -25.57 54.13
N LEU M 285 27.74 -25.89 52.84
CA LEU M 285 26.61 -25.61 51.97
C LEU M 285 25.43 -26.51 52.29
N ALA M 286 25.69 -27.74 52.72
CA ALA M 286 24.61 -28.65 53.12
C ALA M 286 23.84 -28.09 54.31
N LEU M 287 24.56 -27.61 55.34
CA LEU M 287 23.86 -27.05 56.49
C LEU M 287 23.18 -25.73 56.15
N THR M 288 23.74 -24.97 55.21
CA THR M 288 23.11 -23.74 54.76
C THR M 288 21.78 -24.04 54.07
N VAL M 289 21.78 -25.04 53.18
CA VAL M 289 20.55 -25.44 52.50
C VAL M 289 19.55 -26.00 53.50
N ARG M 290 20.03 -26.76 54.51
CA ARG M 290 19.15 -27.28 55.53
C ARG M 290 18.47 -26.16 56.31
N ASN M 291 19.23 -25.11 56.65
CA ASN M 291 18.65 -23.94 57.30
C ASN M 291 17.81 -23.09 56.34
N GLY M 292 17.89 -23.35 55.04
CA GLY M 292 17.17 -22.57 54.06
C GLY M 292 17.91 -21.36 53.52
N GLY M 293 19.23 -21.29 53.70
CA GLY M 293 20.01 -20.17 53.21
C GLY M 293 20.54 -20.36 51.80
N ASN M 294 21.30 -19.37 51.35
CA ASN M 294 21.88 -19.34 50.01
C ASN M 294 23.39 -19.22 50.10
N VAL M 295 24.09 -19.95 49.23
CA VAL M 295 25.55 -20.04 49.28
C VAL M 295 26.11 -19.33 48.04
N LEU M 296 27.05 -18.43 48.27
CA LEU M 296 27.73 -17.71 47.19
C LEU M 296 29.18 -18.18 47.13
N VAL M 297 29.63 -18.58 45.95
CA VAL M 297 30.97 -19.13 45.79
C VAL M 297 31.68 -18.35 44.68
N PRO M 298 32.37 -17.26 45.00
CA PRO M 298 33.12 -16.53 43.97
C PRO M 298 34.34 -17.34 43.53
N CYS M 299 34.44 -17.58 42.23
CA CYS M 299 35.52 -18.38 41.68
C CYS M 299 35.59 -18.14 40.18
N TYR M 300 36.75 -18.47 39.60
CA TYR M 300 36.96 -18.33 38.18
C TYR M 300 36.17 -19.43 37.45
N PRO M 301 36.12 -19.39 36.09
CA PRO M 301 35.60 -20.54 35.35
C PRO M 301 36.65 -21.62 35.09
N SER M 302 37.74 -21.60 35.85
CA SER M 302 38.89 -22.46 35.64
C SER M 302 38.63 -23.86 36.20
N GLY M 303 39.68 -24.68 36.32
CA GLY M 303 39.54 -26.04 36.82
C GLY M 303 39.02 -26.16 38.25
N VAL M 304 39.19 -25.12 39.07
CA VAL M 304 38.74 -25.16 40.46
C VAL M 304 37.23 -25.34 40.55
N ILE M 305 36.46 -24.57 39.77
CA ILE M 305 35.00 -24.76 39.80
C ILE M 305 34.66 -26.14 39.24
N TYR M 306 35.43 -26.63 38.26
CA TYR M 306 35.12 -27.92 37.64
C TYR M 306 35.21 -29.06 38.64
N ASP M 307 36.35 -29.19 39.34
CA ASP M 307 36.45 -30.30 40.27
C ASP M 307 35.62 -30.04 41.52
N LEU M 308 35.40 -28.76 41.86
CA LEU M 308 34.50 -28.41 42.96
C LEU M 308 33.09 -28.89 42.68
N LEU M 309 32.57 -28.62 41.48
CA LEU M 309 31.22 -29.05 41.14
C LEU M 309 31.14 -30.56 40.97
N GLU M 310 32.22 -31.20 40.52
CA GLU M 310 32.29 -32.66 40.49
C GLU M 310 32.05 -33.23 41.89
N CYS M 311 32.94 -32.88 42.83
CA CYS M 311 32.77 -33.32 44.21
C CYS M 311 31.43 -32.88 44.80
N LEU M 312 30.93 -31.72 44.35
CA LEU M 312 29.69 -31.18 44.88
C LEU M 312 28.48 -32.00 44.46
N TYR M 313 28.37 -32.32 43.16
CA TYR M 313 27.23 -33.12 42.72
C TYR M 313 27.32 -34.50 43.33
N GLN M 314 28.54 -35.06 43.45
CA GLN M 314 28.68 -36.36 44.10
C GLN M 314 28.21 -36.32 45.54
N TYR M 315 28.58 -35.25 46.27
CA TYR M 315 28.19 -35.12 47.67
C TYR M 315 26.68 -34.99 47.81
N ILE M 316 26.05 -34.13 46.99
CA ILE M 316 24.61 -33.92 47.17
C ILE M 316 23.82 -35.14 46.71
N ASP M 317 24.32 -35.88 45.71
CA ASP M 317 23.70 -37.16 45.36
C ASP M 317 23.82 -38.16 46.51
N SER M 318 24.97 -38.17 47.20
CA SER M 318 25.12 -39.02 48.37
C SER M 318 24.14 -38.61 49.48
N ALA M 319 23.97 -37.30 49.69
CA ALA M 319 23.09 -36.78 50.73
C ALA M 319 21.65 -36.59 50.27
N GLY M 320 21.37 -36.76 48.97
CA GLY M 320 20.02 -36.61 48.46
C GLY M 320 19.47 -35.20 48.53
N LEU M 321 20.34 -34.19 48.52
CA LEU M 321 19.93 -32.78 48.56
C LEU M 321 19.97 -32.15 47.18
N SER M 322 19.62 -32.90 46.15
CA SER M 322 19.65 -32.43 44.76
C SER M 322 18.49 -31.52 44.40
N SER M 323 17.56 -31.26 45.33
CA SER M 323 16.37 -30.47 45.01
C SER M 323 16.72 -29.05 44.59
N VAL M 324 17.65 -28.41 45.30
CA VAL M 324 18.01 -27.02 45.06
C VAL M 324 18.70 -26.88 43.70
N PRO M 325 18.60 -25.74 43.03
CA PRO M 325 19.23 -25.59 41.72
C PRO M 325 20.68 -25.12 41.81
N LEU M 326 21.40 -25.33 40.71
CA LEU M 326 22.76 -24.85 40.54
C LEU M 326 22.76 -23.66 39.59
N TYR M 327 23.37 -22.56 40.02
CA TYR M 327 23.46 -21.34 39.23
C TYR M 327 24.93 -20.95 39.07
N PHE M 328 25.41 -20.98 37.84
CA PHE M 328 26.76 -20.54 37.49
C PHE M 328 26.62 -19.40 36.49
N ILE M 329 26.93 -18.19 36.95
CA ILE M 329 26.71 -16.97 36.17
C ILE M 329 28.07 -16.37 35.82
N SER M 330 28.30 -16.16 34.53
CA SER M 330 29.49 -15.52 33.98
C SER M 330 29.26 -15.27 32.50
N PRO M 331 29.86 -14.23 31.91
CA PRO M 331 29.66 -13.97 30.48
C PRO M 331 30.16 -15.09 29.57
N VAL M 332 31.04 -15.94 30.07
CA VAL M 332 31.66 -17.00 29.27
C VAL M 332 31.45 -18.34 29.96
N ALA M 333 30.36 -18.44 30.74
CA ALA M 333 30.08 -19.67 31.50
C ALA M 333 29.85 -20.85 30.59
N ASN M 334 28.93 -20.71 29.63
CA ASN M 334 28.62 -21.79 28.70
C ASN M 334 29.85 -22.16 27.88
N SER M 335 30.59 -21.15 27.41
CA SER M 335 31.80 -21.38 26.64
C SER M 335 32.83 -22.12 27.48
N SER M 336 32.99 -21.72 28.75
CA SER M 336 33.95 -22.39 29.62
C SER M 336 33.60 -23.86 29.83
N LEU M 337 32.31 -24.15 30.08
CA LEU M 337 31.89 -25.53 30.28
C LEU M 337 32.13 -26.36 29.01
N GLU M 338 31.76 -25.82 27.85
CA GLU M 338 31.93 -26.57 26.61
C GLU M 338 33.39 -26.75 26.25
N PHE M 339 34.23 -25.72 26.52
CA PHE M 339 35.67 -25.85 26.30
C PHE M 339 36.27 -26.90 27.20
N SER M 340 35.83 -26.96 28.47
CA SER M 340 36.28 -28.02 29.36
C SER M 340 35.89 -29.38 28.82
N GLN M 341 34.67 -29.49 28.29
CA GLN M 341 34.19 -30.77 27.77
C GLN M 341 35.01 -31.23 26.57
N ILE M 342 35.24 -30.34 25.59
CA ILE M 342 35.88 -30.77 24.34
C ILE M 342 37.35 -31.14 24.56
N PHE M 343 38.05 -30.41 25.42
CA PHE M 343 39.47 -30.67 25.68
C PHE M 343 39.58 -31.93 26.54
N ALA M 344 39.43 -33.08 25.89
CA ALA M 344 39.52 -34.37 26.55
C ALA M 344 40.89 -35.02 26.46
N GLU M 345 41.66 -34.70 25.40
CA GLU M 345 43.00 -35.26 25.28
C GLU M 345 43.93 -34.76 26.37
N TRP M 346 43.73 -33.52 26.82
CA TRP M 346 44.61 -32.92 27.81
C TRP M 346 44.33 -33.41 29.23
N LEU M 347 43.28 -34.20 29.43
CA LEU M 347 42.88 -34.68 30.74
C LEU M 347 43.66 -35.95 31.13
N CYS M 348 43.32 -36.51 32.29
CA CYS M 348 44.01 -37.67 32.82
C CYS M 348 43.59 -38.95 32.10
N HIS M 349 44.21 -40.06 32.52
CA HIS M 349 43.97 -41.36 31.89
C HIS M 349 42.53 -41.84 32.10
N ASN M 350 41.94 -41.53 33.26
CA ASN M 350 40.56 -41.92 33.51
C ASN M 350 39.61 -41.24 32.53
N LYS M 351 39.82 -39.94 32.30
CA LYS M 351 38.98 -39.21 31.35
C LYS M 351 39.19 -39.70 29.92
N GLN M 352 40.44 -40.03 29.57
CA GLN M 352 40.71 -40.56 28.24
C GLN M 352 40.05 -41.92 28.05
N SER M 353 40.02 -42.74 29.10
CA SER M 353 39.30 -44.01 29.05
C SER M 353 37.81 -43.78 28.89
N LYS M 354 37.27 -42.78 29.60
CA LYS M 354 35.85 -42.44 29.48
C LYS M 354 35.50 -41.98 28.08
N VAL M 355 36.34 -41.12 27.48
CA VAL M 355 36.04 -40.59 26.15
C VAL M 355 36.38 -41.56 25.04
N TYR M 356 37.12 -42.64 25.33
CA TYR M 356 37.22 -43.73 24.38
C TYR M 356 35.82 -44.28 24.07
N LEU M 357 34.99 -44.44 25.10
CA LEU M 357 33.57 -44.68 24.92
C LEU M 357 32.90 -43.41 24.39
N PRO M 358 31.73 -43.52 23.76
CA PRO M 358 31.09 -42.32 23.18
C PRO M 358 30.71 -41.24 24.20
N GLU M 359 30.64 -41.58 25.49
CA GLU M 359 30.25 -40.63 26.52
C GLU M 359 31.26 -39.48 26.60
N PRO M 360 30.81 -38.25 26.85
CA PRO M 360 31.75 -37.13 27.05
C PRO M 360 32.54 -37.31 28.34
N PRO M 361 33.66 -36.54 28.54
CA PRO M 361 34.48 -36.74 29.75
C PRO M 361 33.75 -36.42 31.05
N PHE M 362 33.25 -35.21 31.15
CA PHE M 362 32.62 -34.79 32.39
C PHE M 362 31.14 -35.15 32.38
N PRO M 363 30.54 -35.35 33.57
CA PRO M 363 29.12 -35.73 33.62
C PRO M 363 28.14 -34.58 33.76
N HIS M 364 28.62 -33.34 33.96
CA HIS M 364 27.69 -32.21 34.08
C HIS M 364 26.91 -31.97 32.79
N ALA M 365 27.38 -32.46 31.64
CA ALA M 365 26.59 -32.43 30.42
C ALA M 365 25.29 -33.20 30.59
N GLU M 366 25.33 -34.32 31.33
CA GLU M 366 24.11 -35.07 31.62
C GLU M 366 23.15 -34.24 32.45
N LEU M 367 23.68 -33.49 33.42
CA LEU M 367 22.85 -32.59 34.23
C LEU M 367 22.24 -31.50 33.36
N ILE M 368 23.02 -30.95 32.42
CA ILE M 368 22.50 -29.91 31.53
C ILE M 368 21.38 -30.46 30.65
N GLN M 369 21.57 -31.68 30.13
CA GLN M 369 20.53 -32.33 29.32
C GLN M 369 19.27 -32.59 30.14
N THR M 370 19.43 -33.03 31.38
CA THR M 370 18.31 -33.22 32.30
C THR M 370 17.93 -31.94 33.05
N ASN M 371 18.63 -30.83 32.79
CA ASN M 371 18.34 -29.50 33.30
C ASN M 371 18.59 -29.39 34.81
N LYS M 372 19.42 -30.26 35.37
CA LYS M 372 19.78 -30.21 36.78
C LYS M 372 20.95 -29.28 37.05
N LEU M 373 21.62 -28.81 36.00
CA LEU M 373 22.63 -27.75 36.10
C LEU M 373 22.24 -26.65 35.13
N LYS M 374 22.22 -25.42 35.62
CA LYS M 374 21.76 -24.28 34.82
C LYS M 374 22.78 -23.15 34.90
N HIS M 375 22.98 -22.49 33.79
CA HIS M 375 23.93 -21.38 33.69
C HIS M 375 23.35 -20.32 32.76
N TYR M 376 23.72 -19.07 33.01
CA TYR M 376 23.26 -17.94 32.21
C TYR M 376 24.41 -16.96 32.02
N PRO M 377 24.41 -16.19 30.91
CA PRO M 377 25.51 -15.24 30.68
C PRO M 377 25.60 -14.14 31.73
N SER M 378 24.49 -13.72 32.31
CA SER M 378 24.49 -12.65 33.30
C SER M 378 23.22 -12.77 34.13
N ILE M 379 22.93 -11.73 34.90
CA ILE M 379 21.74 -11.76 35.76
C ILE M 379 20.50 -11.39 34.95
N HIS M 380 20.60 -10.29 34.17
CA HIS M 380 19.48 -9.80 33.39
C HIS M 380 19.05 -10.74 32.28
N GLY M 381 19.96 -11.58 31.80
CA GLY M 381 19.70 -12.44 30.65
C GLY M 381 18.83 -13.65 30.95
N ASP M 382 17.60 -13.42 31.39
CA ASP M 382 16.53 -14.38 31.69
C ASP M 382 16.81 -15.14 32.99
N PHE M 383 17.96 -14.92 33.63
CA PHE M 383 18.22 -15.55 34.92
C PHE M 383 17.29 -15.01 36.00
N SER M 384 16.91 -13.73 35.91
CA SER M 384 15.98 -13.14 36.87
C SER M 384 14.64 -13.87 36.87
N ASN M 385 14.10 -14.18 35.68
CA ASN M 385 12.84 -14.90 35.60
C ASN M 385 12.96 -16.31 36.19
N ASP M 386 14.08 -16.97 35.91
CA ASP M 386 14.28 -18.36 36.35
C ASP M 386 14.94 -18.48 37.71
N PHE M 387 15.22 -17.37 38.39
CA PHE M 387 15.87 -17.44 39.70
C PHE M 387 14.90 -17.91 40.76
N ARG M 388 15.40 -18.72 41.69
CA ARG M 388 14.65 -19.15 42.86
C ARG M 388 15.46 -18.85 44.10
N GLN M 389 14.78 -18.49 45.19
CA GLN M 389 15.47 -18.02 46.38
C GLN M 389 16.41 -19.06 46.99
N PRO M 390 15.98 -20.33 47.32
CA PRO M 390 16.94 -21.29 47.89
C PRO M 390 17.81 -21.92 46.81
N CYS M 391 19.08 -21.56 46.80
CA CYS M 391 19.99 -21.99 45.73
C CYS M 391 21.42 -21.70 46.15
N VAL M 392 22.35 -22.14 45.30
CA VAL M 392 23.78 -21.86 45.44
C VAL M 392 24.27 -21.21 44.16
N VAL M 393 25.06 -20.15 44.30
CA VAL M 393 25.47 -19.31 43.18
C VAL M 393 26.99 -19.29 43.09
N PHE M 394 27.51 -19.59 41.90
CA PHE M 394 28.91 -19.38 41.56
C PHE M 394 28.96 -18.31 40.49
N THR M 395 29.69 -17.22 40.76
CA THR M 395 29.74 -16.09 39.84
C THR M 395 30.83 -15.13 40.27
N GLY M 396 31.01 -14.08 39.45
CA GLY M 396 31.87 -12.96 39.77
C GLY M 396 33.35 -13.27 39.91
N HIS M 397 34.14 -12.24 40.16
CA HIS M 397 35.57 -12.37 40.34
C HIS M 397 35.88 -12.65 41.81
N PRO M 398 36.85 -13.52 42.12
CA PRO M 398 37.18 -13.78 43.54
C PRO M 398 37.79 -12.58 44.27
N SER M 399 38.15 -11.50 43.58
CA SER M 399 38.63 -10.31 44.26
C SER M 399 37.52 -9.48 44.89
N LEU M 400 36.26 -9.73 44.52
CA LEU M 400 35.07 -9.07 45.05
C LEU M 400 35.02 -7.58 44.74
N ARG M 401 35.92 -7.08 43.88
CA ARG M 401 35.92 -5.68 43.50
C ARG M 401 35.11 -5.39 42.24
N PHE M 402 34.62 -6.43 41.58
CA PHE M 402 33.81 -6.32 40.37
C PHE M 402 33.21 -7.69 40.10
N GLY M 403 32.44 -7.79 39.02
CA GLY M 403 31.71 -8.99 38.70
C GLY M 403 30.34 -9.00 39.37
N ASP M 404 29.53 -9.97 38.97
CA ASP M 404 28.19 -10.13 39.52
C ASP M 404 28.20 -10.51 41.01
N VAL M 405 29.36 -10.98 41.50
CA VAL M 405 29.50 -11.31 42.93
C VAL M 405 29.21 -10.10 43.80
N VAL M 406 29.58 -8.90 43.34
CA VAL M 406 29.37 -7.68 44.12
C VAL M 406 27.88 -7.46 44.37
N HIS M 407 27.08 -7.50 43.31
CA HIS M 407 25.64 -7.32 43.45
C HIS M 407 25.02 -8.45 44.25
N PHE M 408 25.45 -9.69 44.01
CA PHE M 408 24.88 -10.83 44.74
C PHE M 408 25.11 -10.71 46.24
N MET M 409 26.36 -10.44 46.65
CA MET M 409 26.67 -10.38 48.07
C MET M 409 26.15 -9.09 48.71
N GLU M 410 25.97 -8.03 47.93
CA GLU M 410 25.26 -6.86 48.42
C GLU M 410 23.80 -7.20 48.71
N LEU M 411 23.20 -8.01 47.83
CA LEU M 411 21.82 -8.45 48.03
C LEU M 411 21.68 -9.31 49.28
N TRP M 412 22.60 -10.24 49.47
CA TRP M 412 22.54 -11.20 50.58
C TRP M 412 23.40 -10.80 51.78
N GLY M 413 24.01 -9.61 51.77
CA GLY M 413 24.88 -9.21 52.88
C GLY M 413 24.16 -9.05 54.21
N LYS M 414 22.92 -8.58 54.19
CA LYS M 414 22.24 -8.26 55.43
C LYS M 414 21.80 -9.51 56.18
N SER M 415 21.34 -10.53 55.45
CA SER M 415 20.75 -11.70 56.08
C SER M 415 21.83 -12.65 56.58
N SER M 416 21.77 -12.99 57.87
CA SER M 416 22.70 -13.96 58.45
C SER M 416 22.40 -15.39 58.04
N LEU M 417 21.17 -15.66 57.60
CA LEU M 417 20.79 -17.00 57.16
C LEU M 417 21.62 -17.46 55.98
N ASN M 418 21.85 -16.58 55.00
CA ASN M 418 22.66 -16.93 53.85
C ASN M 418 24.14 -17.06 54.23
N THR M 419 24.90 -17.72 53.36
CA THR M 419 26.31 -18.01 53.60
C THR M 419 27.12 -17.63 52.36
N VAL M 420 28.40 -17.28 52.58
CA VAL M 420 29.34 -17.01 51.50
C VAL M 420 30.60 -17.82 51.76
N ILE M 421 31.10 -18.49 50.73
CA ILE M 421 32.25 -19.36 50.83
C ILE M 421 33.39 -18.72 50.03
N PHE M 422 34.63 -19.06 50.40
CA PHE M 422 35.81 -18.66 49.64
C PHE M 422 36.61 -19.90 49.31
N THR M 423 37.06 -19.99 48.06
CA THR M 423 37.76 -21.17 47.56
C THR M 423 39.02 -20.85 46.78
N GLU M 424 39.29 -19.58 46.47
CA GLU M 424 40.44 -19.21 45.66
C GLU M 424 41.59 -18.79 46.55
N PRO M 425 42.68 -19.55 46.63
CA PRO M 425 43.83 -19.12 47.45
C PRO M 425 44.71 -18.12 46.72
N ASP M 426 44.16 -16.92 46.52
CA ASP M 426 44.91 -15.86 45.85
C ASP M 426 44.76 -14.50 46.49
N PHE M 427 43.93 -14.36 47.53
CA PHE M 427 43.75 -13.08 48.20
C PHE M 427 43.49 -13.32 49.67
N SER M 428 43.80 -12.31 50.48
CA SER M 428 43.49 -12.33 51.91
C SER M 428 42.03 -11.91 52.07
N TYR M 429 41.17 -12.88 52.43
CA TYR M 429 39.73 -12.65 52.48
C TYR M 429 39.33 -11.61 53.52
N LEU M 430 40.15 -11.39 54.55
CA LEU M 430 39.87 -10.32 55.50
C LEU M 430 39.90 -8.96 54.82
N GLU M 431 40.87 -8.75 53.92
CA GLU M 431 40.91 -7.52 53.15
C GLU M 431 39.71 -7.44 52.20
N ALA M 432 39.33 -8.57 51.60
CA ALA M 432 38.20 -8.59 50.67
C ALA M 432 36.90 -8.22 51.37
N LEU M 433 36.69 -8.72 52.58
CA LEU M 433 35.50 -8.38 53.35
C LEU M 433 35.57 -7.00 54.00
N ALA M 434 36.74 -6.34 53.99
CA ALA M 434 36.87 -5.03 54.62
C ALA M 434 35.92 -3.97 54.04
N PRO M 435 35.79 -3.78 52.71
CA PRO M 435 34.78 -2.83 52.22
C PRO M 435 33.35 -3.21 52.56
N TYR M 436 33.08 -4.48 52.86
CA TYR M 436 31.75 -4.95 53.24
C TYR M 436 31.69 -5.40 54.69
N GLN M 437 32.54 -4.85 55.56
CA GLN M 437 32.66 -5.35 56.94
C GLN M 437 31.36 -5.36 57.74
N PRO M 438 30.55 -4.27 57.82
CA PRO M 438 29.39 -4.36 58.73
C PRO M 438 28.22 -5.19 58.19
N LEU M 439 28.35 -6.51 58.35
CA LEU M 439 27.34 -7.46 57.91
C LEU M 439 27.17 -8.57 58.93
N ALA M 440 25.98 -9.16 58.93
CA ALA M 440 25.68 -10.38 59.66
C ALA M 440 25.89 -11.62 58.82
N MET M 441 26.29 -11.46 57.55
CA MET M 441 26.58 -12.56 56.66
C MET M 441 27.67 -13.47 57.23
N LYS M 442 27.44 -14.78 57.16
CA LYS M 442 28.39 -15.77 57.63
C LYS M 442 29.42 -16.06 56.55
N CYS M 443 30.68 -15.74 56.82
CA CYS M 443 31.77 -15.97 55.86
C CYS M 443 32.71 -17.05 56.36
N ILE M 444 33.05 -17.99 55.49
CA ILE M 444 33.98 -19.06 55.79
C ILE M 444 35.10 -19.03 54.74
N TYR M 445 36.34 -19.00 55.20
CA TYR M 445 37.50 -19.01 54.33
C TYR M 445 38.09 -20.42 54.32
N CYS M 446 37.80 -21.16 53.25
CA CYS M 446 38.30 -22.53 53.08
C CYS M 446 38.88 -22.71 51.68
N PRO M 447 40.04 -22.10 51.41
CA PRO M 447 40.63 -22.18 50.07
C PRO M 447 41.02 -23.60 49.69
N ILE M 448 40.95 -23.88 48.40
CA ILE M 448 41.41 -25.15 47.83
C ILE M 448 42.59 -24.82 46.93
N ASP M 449 43.75 -25.37 47.28
CA ASP M 449 45.00 -25.11 46.57
C ASP M 449 45.56 -26.45 46.12
N THR M 450 45.45 -26.72 44.82
CA THR M 450 45.88 -27.99 44.26
C THR M 450 47.33 -27.99 43.81
N ARG M 451 48.03 -26.87 43.93
CA ARG M 451 49.42 -26.80 43.50
C ARG M 451 50.31 -27.63 44.45
N LEU M 452 51.62 -27.63 44.17
CA LEU M 452 52.53 -28.37 45.02
C LEU M 452 52.81 -27.61 46.32
N ASN M 453 52.69 -28.30 47.44
CA ASN M 453 53.04 -27.73 48.72
C ASN M 453 54.56 -27.90 48.95
N PHE M 454 55.05 -27.40 50.08
CA PHE M 454 56.49 -27.42 50.34
C PHE M 454 57.05 -28.83 50.42
N ILE M 455 56.34 -29.76 51.08
CA ILE M 455 56.87 -31.12 51.19
C ILE M 455 56.88 -31.82 49.82
N GLN M 456 55.86 -31.57 48.99
CA GLN M 456 55.82 -32.19 47.66
C GLN M 456 56.96 -31.70 46.78
N VAL M 457 57.22 -30.39 46.77
CA VAL M 457 58.32 -29.88 45.95
C VAL M 457 59.65 -30.34 46.52
N SER M 458 59.77 -30.45 47.86
CA SER M 458 60.99 -30.98 48.46
C SER M 458 61.23 -32.42 48.01
N LYS M 459 60.16 -33.24 47.99
CA LYS M 459 60.26 -34.61 47.49
C LYS M 459 60.67 -34.63 46.02
N LEU M 460 60.11 -33.71 45.23
CA LEU M 460 60.46 -33.60 43.81
C LEU M 460 61.94 -33.27 43.64
N LEU M 461 62.45 -32.33 44.42
CA LEU M 461 63.86 -31.96 44.33
C LEU M 461 64.76 -33.10 44.77
N LYS M 462 64.40 -33.81 45.85
CA LYS M 462 65.22 -34.93 46.30
C LYS M 462 65.21 -36.07 45.28
N GLU M 463 64.10 -36.24 44.54
CA GLU M 463 64.03 -37.24 43.50
C GLU M 463 64.81 -36.83 42.25
N VAL M 464 64.86 -35.54 41.94
CA VAL M 464 65.52 -35.06 40.72
C VAL M 464 66.97 -34.68 40.98
N GLN M 465 67.24 -33.98 42.08
CA GLN M 465 68.55 -33.46 42.49
C GLN M 465 69.15 -32.51 41.46
N PRO M 466 68.52 -31.37 41.16
CA PRO M 466 69.14 -30.41 40.25
C PRO M 466 70.31 -29.71 40.90
N LEU M 467 71.21 -29.21 40.06
CA LEU M 467 72.43 -28.56 40.56
C LEU M 467 72.10 -27.29 41.33
N HIS M 468 71.20 -26.46 40.81
CA HIS M 468 70.85 -25.19 41.43
C HIS M 468 69.34 -24.99 41.35
N VAL M 469 68.82 -24.20 42.29
CA VAL M 469 67.38 -23.91 42.37
C VAL M 469 67.21 -22.41 42.61
N VAL M 470 66.26 -21.81 41.90
CA VAL M 470 65.94 -20.38 42.01
C VAL M 470 64.46 -20.25 42.32
N CYS M 471 64.14 -19.37 43.27
CA CYS M 471 62.76 -19.15 43.69
C CYS M 471 62.68 -17.78 44.34
N PRO M 472 61.47 -17.22 44.52
CA PRO M 472 61.35 -15.96 45.25
C PRO M 472 61.76 -16.08 46.71
N GLU M 473 62.19 -14.95 47.29
CA GLU M 473 62.61 -14.94 48.69
C GLU M 473 61.47 -15.26 49.66
N GLN M 474 60.22 -15.19 49.20
CA GLN M 474 59.08 -15.53 50.06
C GLN M 474 59.16 -16.97 50.50
N TYR M 475 59.52 -17.88 49.58
CA TYR M 475 59.66 -19.29 49.93
C TYR M 475 60.81 -19.50 50.90
N THR M 476 61.92 -18.77 50.70
CA THR M 476 63.10 -18.87 51.55
C THR M 476 62.82 -18.51 53.01
N GLN M 477 61.81 -17.72 53.26
CA GLN M 477 61.40 -17.36 54.61
C GLN M 477 60.12 -18.11 54.99
N PRO M 478 59.87 -18.32 56.28
CA PRO M 478 58.60 -18.94 56.67
C PRO M 478 57.46 -17.94 56.47
N PRO M 479 56.21 -18.41 56.37
CA PRO M 479 55.10 -17.47 56.14
C PRO M 479 54.92 -16.56 57.34
N PRO M 480 54.47 -15.31 57.11
CA PRO M 480 54.26 -14.39 58.24
C PRO M 480 53.17 -14.83 59.19
N ALA M 481 52.21 -15.64 58.73
CA ALA M 481 51.12 -16.09 59.58
C ALA M 481 51.64 -16.96 60.72
N GLN M 482 52.54 -17.89 60.43
CA GLN M 482 53.14 -18.75 61.45
C GLN M 482 54.45 -18.18 61.97
N SER M 483 55.43 -18.03 61.08
CA SER M 483 56.81 -17.59 61.35
C SER M 483 57.55 -18.51 62.33
N HIS M 484 57.03 -19.71 62.58
CA HIS M 484 57.66 -20.69 63.45
C HIS M 484 57.66 -22.09 62.89
N ARG M 485 56.89 -22.38 61.84
CA ARG M 485 56.78 -23.74 61.29
C ARG M 485 57.94 -23.96 60.32
N MET M 486 59.04 -24.50 60.85
CA MET M 486 60.21 -24.81 60.07
C MET M 486 60.03 -26.02 59.15
N ASP M 487 58.97 -26.80 59.33
CA ASP M 487 58.68 -27.88 58.38
C ASP M 487 58.33 -27.33 57.01
N LEU M 488 57.59 -26.23 56.95
CA LEU M 488 57.24 -25.58 55.68
C LEU M 488 58.39 -24.67 55.24
N MET M 489 59.51 -25.31 54.92
CA MET M 489 60.74 -24.62 54.57
C MET M 489 61.43 -25.42 53.47
N ILE M 490 61.60 -24.82 52.30
CA ILE M 490 62.23 -25.52 51.18
C ILE M 490 63.69 -25.83 51.54
N ASP M 491 64.04 -27.11 51.49
CA ASP M 491 65.35 -27.58 51.91
C ASP M 491 66.14 -28.06 50.69
N CYS M 492 67.36 -27.54 50.55
CA CYS M 492 68.23 -27.88 49.43
C CYS M 492 69.67 -27.96 49.90
N GLN M 493 70.34 -29.06 49.56
CA GLN M 493 71.78 -29.15 49.80
C GLN M 493 72.56 -28.02 49.12
N PRO M 494 72.31 -27.65 47.84
CA PRO M 494 72.90 -26.41 47.31
C PRO M 494 72.36 -25.19 48.05
N PRO M 495 72.99 -24.01 47.92
CA PRO M 495 72.48 -22.84 48.65
C PRO M 495 71.06 -22.44 48.29
N ALA M 496 70.64 -22.63 47.03
CA ALA M 496 69.31 -22.30 46.54
C ALA M 496 68.96 -20.83 46.79
N MET M 497 69.71 -19.96 46.11
CA MET M 497 69.57 -18.52 46.25
C MET M 497 68.16 -18.05 45.86
N SER M 498 67.85 -16.81 46.21
CA SER M 498 66.53 -16.26 45.94
C SER M 498 66.67 -14.80 45.51
N TYR M 499 65.53 -14.13 45.41
CA TYR M 499 65.49 -12.77 44.90
C TYR M 499 64.25 -12.06 45.43
N ARG M 500 64.22 -10.76 45.23
CA ARG M 500 63.08 -9.90 45.54
C ARG M 500 62.58 -9.26 44.24
N ARG M 501 61.62 -8.36 44.38
CA ARG M 501 61.09 -7.66 43.21
C ARG M 501 62.19 -6.80 42.59
N ALA M 502 62.23 -6.80 41.24
CA ALA M 502 63.20 -6.03 40.45
C ALA M 502 64.64 -6.38 40.80
N GLU M 503 64.89 -7.66 41.10
CA GLU M 503 66.21 -8.15 41.46
C GLU M 503 66.81 -8.92 40.29
N VAL M 504 68.02 -8.55 39.91
CA VAL M 504 68.73 -9.20 38.81
C VAL M 504 69.63 -10.28 39.39
N LEU M 505 69.55 -11.48 38.81
CA LEU M 505 70.32 -12.63 39.28
C LEU M 505 71.20 -13.16 38.16
N ALA M 506 72.43 -13.51 38.50
CA ALA M 506 73.39 -14.12 37.58
C ALA M 506 73.44 -15.61 37.85
N LEU M 507 73.20 -16.41 36.81
CA LEU M 507 73.19 -17.86 36.97
C LEU M 507 74.59 -18.36 37.34
N PRO M 508 74.70 -19.34 38.23
CA PRO M 508 76.01 -19.90 38.55
C PRO M 508 76.60 -20.76 37.44
N PHE M 509 75.75 -21.38 36.62
CA PHE M 509 76.23 -22.24 35.54
C PHE M 509 77.06 -21.43 34.54
N LYS M 510 78.24 -21.97 34.19
CA LYS M 510 79.13 -21.31 33.25
C LYS M 510 79.72 -22.31 32.27
N ARG M 511 78.87 -23.18 31.74
CA ARG M 511 79.29 -24.16 30.73
C ARG M 511 79.83 -23.45 29.49
N ARG M 512 80.97 -23.93 28.99
CA ARG M 512 81.71 -23.26 27.92
C ARG M 512 81.97 -24.21 26.76
N TYR M 513 80.92 -24.90 26.31
CA TYR M 513 81.01 -25.73 25.11
C TYR M 513 79.63 -26.07 24.58
N GLU M 514 79.42 -25.78 23.29
CA GLU M 514 78.17 -26.03 22.57
C GLU M 514 78.39 -27.14 21.53
N LYS M 515 77.35 -27.41 20.76
CA LYS M 515 77.34 -28.49 19.78
C LYS M 515 77.90 -28.04 18.44
N ILE M 516 78.36 -29.02 17.65
CA ILE M 516 78.82 -28.80 16.29
C ILE M 516 78.63 -30.12 15.54
N GLU M 517 78.62 -30.05 14.22
CA GLU M 517 78.42 -31.22 13.38
C GLU M 517 79.65 -31.46 12.50
N ILE M 518 79.94 -32.73 12.23
CA ILE M 518 81.08 -33.13 11.42
C ILE M 518 80.60 -34.14 10.37
N MET M 519 81.12 -33.99 9.10
CA MET M 519 80.84 -34.88 7.99
C MET M 519 81.91 -35.99 7.92
N PRO M 520 81.58 -37.17 7.37
CA PRO M 520 82.45 -38.36 7.57
C PRO M 520 83.86 -38.26 6.99
N GLU M 521 84.10 -37.45 5.97
CA GLU M 521 85.43 -37.38 5.36
C GLU M 521 86.47 -36.84 6.34
N LEU M 522 86.10 -35.82 7.13
CA LEU M 522 86.98 -35.31 8.16
C LEU M 522 87.27 -36.39 9.21
N ALA M 523 86.25 -37.17 9.57
CA ALA M 523 86.42 -38.25 10.52
C ALA M 523 87.42 -39.28 10.00
N ASP M 524 87.33 -39.62 8.71
CA ASP M 524 88.27 -40.56 8.10
C ASP M 524 89.68 -39.99 7.96
N SER M 525 89.85 -38.68 8.07
CA SER M 525 91.18 -38.07 7.92
C SER M 525 92.13 -38.52 9.02
N LEU M 526 91.61 -38.90 10.18
CA LEU M 526 92.44 -39.29 11.31
C LEU M 526 92.97 -40.71 11.12
N VAL M 527 94.15 -40.96 11.68
CA VAL M 527 94.75 -42.30 11.72
C VAL M 527 95.21 -42.51 13.16
N PRO M 528 94.31 -42.91 14.08
CA PRO M 528 94.69 -43.02 15.48
C PRO M 528 95.75 -44.09 15.73
N MET M 529 96.59 -43.85 16.72
CA MET M 529 97.66 -44.77 17.12
C MET M 529 97.54 -45.11 18.59
N GLU M 530 97.74 -46.39 18.91
CA GLU M 530 97.65 -46.86 20.28
C GLU M 530 98.76 -46.26 21.13
N ILE M 531 98.43 -45.90 22.38
CA ILE M 531 99.41 -45.33 23.29
C ILE M 531 99.49 -46.16 24.57
N LYS M 532 98.35 -46.35 25.23
CA LYS M 532 98.33 -47.11 26.47
C LYS M 532 98.27 -48.61 26.18
N ILE M 535 93.02 -45.97 24.58
CA ILE M 535 92.88 -44.55 24.28
C ILE M 535 93.38 -44.26 22.87
N SER M 536 92.61 -43.44 22.15
CA SER M 536 92.92 -43.09 20.77
C SER M 536 93.12 -41.58 20.67
N LEU M 537 93.97 -41.18 19.73
CA LEU M 537 94.32 -39.79 19.52
C LEU M 537 94.00 -39.41 18.08
N ALA M 538 93.62 -38.15 17.87
CA ALA M 538 93.31 -37.68 16.53
C ALA M 538 93.45 -36.18 16.43
N THR M 539 93.68 -35.71 15.20
CA THR M 539 93.76 -34.29 14.90
C THR M 539 93.35 -34.10 13.44
N VAL M 540 92.66 -32.99 13.17
CA VAL M 540 92.11 -32.66 11.86
C VAL M 540 92.22 -31.15 11.67
N SER M 541 91.79 -30.68 10.51
CA SER M 541 91.85 -29.24 10.24
C SER M 541 90.78 -28.91 9.19
N ALA M 542 89.73 -28.20 9.60
CA ALA M 542 88.60 -27.92 8.71
C ALA M 542 88.15 -26.46 8.85
N VAL M 543 87.47 -25.99 7.81
CA VAL M 543 86.91 -24.64 7.82
C VAL M 543 85.57 -24.65 8.54
N LEU M 544 85.31 -23.57 9.29
CA LEU M 544 84.09 -23.47 10.08
C LEU M 544 83.02 -22.74 9.28
N HIS M 545 81.86 -23.37 9.16
CA HIS M 545 80.70 -22.79 8.49
C HIS M 545 79.52 -22.81 9.45
N THR M 546 78.84 -21.67 9.56
CA THR M 546 77.71 -21.55 10.47
C THR M 546 76.59 -20.79 9.78
N LYS M 547 75.38 -21.33 9.86
CA LYS M 547 74.18 -20.67 9.36
C LYS M 547 73.04 -21.01 10.30
N ASP M 548 72.31 -19.97 10.74
CA ASP M 548 71.21 -20.10 11.71
C ASP M 548 71.69 -20.75 13.01
N ASN M 549 72.87 -20.32 13.49
CA ASN M 549 73.46 -20.78 14.75
C ASN M 549 73.67 -22.29 14.74
N LYS M 550 74.06 -22.82 13.58
CA LYS M 550 74.36 -24.24 13.40
C LYS M 550 75.78 -24.34 12.86
N HIS M 551 76.74 -24.54 13.76
CA HIS M 551 78.13 -24.62 13.36
C HIS M 551 78.38 -25.96 12.65
N LEU M 552 79.10 -25.88 11.53
CA LEU M 552 79.40 -27.05 10.71
C LEU M 552 80.88 -27.07 10.33
N LEU M 553 81.40 -28.28 10.19
CA LEU M 553 82.78 -28.51 9.80
C LEU M 553 82.82 -29.35 8.54
N GLN M 554 83.50 -28.84 7.52
CA GLN M 554 83.70 -29.52 6.26
C GLN M 554 85.09 -29.13 5.76
N PRO M 555 85.76 -29.98 4.98
CA PRO M 555 87.11 -29.65 4.53
C PRO M 555 87.09 -28.54 3.49
N PRO M 556 88.24 -27.88 3.23
CA PRO M 556 88.23 -26.81 2.22
C PRO M 556 88.06 -27.33 0.79
N PRO M 583 96.72 -27.96 13.37
CA PRO M 583 97.14 -29.13 14.16
C PRO M 583 98.58 -29.00 14.64
N LEU M 584 98.85 -29.41 15.87
CA LEU M 584 100.19 -29.35 16.44
C LEU M 584 100.88 -30.71 16.32
N LEU M 585 102.19 -30.69 16.50
CA LEU M 585 103.02 -31.88 16.37
C LEU M 585 103.66 -32.19 17.72
N SER M 586 103.54 -33.45 18.16
CA SER M 586 104.14 -33.91 19.42
C SER M 586 104.97 -35.14 19.11
N GLY M 587 106.21 -34.92 18.68
CA GLY M 587 107.11 -35.99 18.30
C GLY M 587 107.99 -36.46 19.45
N SER M 588 107.37 -37.04 20.49
CA SER M 588 108.14 -37.55 21.62
C SER M 588 109.00 -38.73 21.18
N ILE M 589 110.30 -38.50 21.10
CA ILE M 589 111.27 -39.47 20.61
C ILE M 589 112.19 -39.85 21.76
N PRO M 590 112.24 -41.11 22.16
CA PRO M 590 113.16 -41.52 23.23
C PRO M 590 114.61 -41.39 22.80
N VAL M 591 115.48 -41.12 23.77
CA VAL M 591 116.89 -40.86 23.48
C VAL M 591 117.58 -42.13 22.99
N GLU M 592 117.38 -43.26 23.69
CA GLU M 592 118.11 -44.48 23.39
C GLU M 592 117.73 -45.04 22.02
N GLN M 593 116.43 -45.07 21.70
CA GLN M 593 115.98 -45.56 20.41
C GLN M 593 116.48 -44.66 19.28
N PHE M 594 116.50 -43.34 19.51
CA PHE M 594 117.03 -42.41 18.52
C PHE M 594 118.52 -42.66 18.27
N VAL M 595 119.28 -42.90 19.35
CA VAL M 595 120.71 -43.19 19.22
C VAL M 595 120.92 -44.48 18.44
N GLN M 596 120.13 -45.52 18.74
CA GLN M 596 120.23 -46.78 18.02
C GLN M 596 119.92 -46.61 16.54
N THR M 597 118.85 -45.87 16.23
CA THR M 597 118.47 -45.64 14.83
C THR M 597 119.54 -44.84 14.10
N LEU M 598 120.10 -43.82 14.75
CA LEU M 598 121.15 -43.01 14.13
C LEU M 598 122.41 -43.84 13.87
N GLU M 599 122.79 -44.70 14.82
CA GLU M 599 123.93 -45.58 14.62
C GLU M 599 123.68 -46.56 13.48
N LYS M 600 122.46 -47.12 13.41
CA LYS M 600 122.12 -48.07 12.37
C LYS M 600 122.07 -47.41 10.99
N HIS M 601 121.72 -46.12 10.94
CA HIS M 601 121.57 -45.41 9.66
C HIS M 601 122.91 -45.29 8.91
N GLY M 602 124.03 -45.36 9.61
CA GLY M 602 125.33 -45.36 8.99
C GLY M 602 125.94 -44.01 8.71
N PHE M 603 125.39 -42.93 9.27
CA PHE M 603 125.98 -41.60 9.13
C PHE M 603 127.36 -41.55 9.78
N SER M 604 128.29 -40.88 9.11
CA SER M 604 129.64 -40.76 9.64
C SER M 604 129.73 -39.59 10.62
N ASP M 605 130.88 -39.51 11.30
CA ASP M 605 131.20 -38.47 12.29
C ASP M 605 130.20 -38.45 13.45
N ILE M 606 130.12 -39.57 14.15
CA ILE M 606 129.24 -39.74 15.30
C ILE M 606 130.06 -39.58 16.58
N LYS M 607 129.68 -38.60 17.40
CA LYS M 607 130.37 -38.32 18.66
C LYS M 607 129.33 -38.28 19.78
N VAL M 608 129.62 -38.97 20.88
CA VAL M 608 128.77 -38.99 22.05
C VAL M 608 129.61 -38.57 23.25
N GLU M 609 129.13 -37.57 23.99
CA GLU M 609 129.82 -37.06 25.16
C GLU M 609 128.81 -36.74 26.26
N ASP M 610 129.26 -36.86 27.51
CA ASP M 610 128.42 -36.56 28.67
C ASP M 610 129.05 -35.39 29.42
N THR M 611 128.37 -34.25 29.40
CA THR M 611 128.82 -33.03 30.05
C THR M 611 127.62 -32.39 30.75
N ALA M 612 127.88 -31.24 31.40
CA ALA M 612 126.83 -30.52 32.10
C ALA M 612 125.81 -29.96 31.11
N LYS M 613 124.75 -29.35 31.68
CA LYS M 613 123.59 -28.77 30.97
C LYS M 613 123.07 -29.69 29.86
N GLY M 614 122.92 -30.98 30.22
CA GLY M 614 122.43 -31.98 29.31
C GLY M 614 123.49 -32.45 28.33
N HIS M 615 123.06 -33.36 27.45
CA HIS M 615 123.96 -33.90 26.43
C HIS M 615 123.92 -33.04 25.18
N ILE M 616 125.10 -32.68 24.69
CA ILE M 616 125.24 -31.89 23.47
C ILE M 616 126.15 -32.66 22.52
N VAL M 617 125.69 -32.84 21.28
CA VAL M 617 126.44 -33.57 20.27
C VAL M 617 126.61 -32.69 19.03
N LEU M 618 127.83 -32.62 18.53
CA LEU M 618 128.14 -31.87 17.32
C LEU M 618 128.27 -32.83 16.15
N LEU M 619 127.41 -32.66 15.14
CA LEU M 619 127.40 -33.51 13.96
C LEU M 619 127.79 -32.68 12.75
N GLN M 620 128.83 -33.11 12.04
CA GLN M 620 129.33 -32.39 10.88
C GLN M 620 128.87 -33.00 9.57
N GLU M 621 127.90 -33.92 9.61
CA GLU M 621 127.38 -34.51 8.37
C GLU M 621 126.75 -33.44 7.47
N ALA M 622 125.93 -32.57 8.06
CA ALA M 622 125.35 -31.45 7.32
C ALA M 622 125.32 -30.18 8.17
N GLU M 623 126.31 -30.02 9.05
CA GLU M 623 126.42 -28.88 9.97
C GLU M 623 125.21 -28.79 10.90
N THR M 624 124.69 -29.95 11.30
CA THR M 624 123.53 -30.02 12.17
C THR M 624 123.95 -30.09 13.63
N LEU M 625 123.12 -29.52 14.50
CA LEU M 625 123.37 -29.52 15.94
C LEU M 625 122.11 -29.95 16.66
N ILE M 626 122.25 -30.90 17.58
CA ILE M 626 121.14 -31.40 18.38
C ILE M 626 121.43 -31.07 19.84
N GLN M 627 120.53 -30.32 20.47
CA GLN M 627 120.68 -29.90 21.85
C GLN M 627 119.52 -30.44 22.68
N ILE M 628 119.85 -31.03 23.83
CA ILE M 628 118.86 -31.54 24.77
C ILE M 628 119.05 -30.77 26.08
N GLU M 629 117.98 -30.12 26.53
CA GLU M 629 118.00 -29.33 27.76
C GLU M 629 116.65 -29.45 28.43
N GLU M 630 116.64 -29.39 29.76
CA GLU M 630 115.39 -29.48 30.50
C GLU M 630 114.52 -28.25 30.24
N ASP M 631 113.21 -28.50 30.07
CA ASP M 631 112.17 -27.48 29.86
C ASP M 631 112.35 -26.73 28.54
N SER M 632 113.06 -27.32 27.57
CA SER M 632 113.27 -26.69 26.28
C SER M 632 113.65 -27.76 25.26
N THR M 633 113.51 -27.41 23.98
CA THR M 633 113.87 -28.30 22.88
C THR M 633 113.96 -27.47 21.61
N HIS M 634 115.03 -27.66 20.84
CA HIS M 634 115.25 -26.96 19.59
C HIS M 634 115.52 -27.98 18.49
N ILE M 635 114.94 -27.75 17.32
CA ILE M 635 115.07 -28.66 16.18
C ILE M 635 115.64 -27.89 15.01
N ILE M 636 116.67 -28.45 14.38
CA ILE M 636 117.35 -27.84 13.24
C ILE M 636 117.29 -28.81 12.07
N CYS M 637 116.82 -28.31 10.92
CA CYS M 637 116.74 -29.11 9.70
C CYS M 637 117.08 -28.23 8.50
N ASP M 638 117.92 -28.74 7.61
CA ASP M 638 118.30 -28.00 6.43
C ASP M 638 117.23 -28.11 5.35
N ASN M 639 117.42 -27.34 4.28
CA ASN M 639 116.45 -27.30 3.19
C ASN M 639 116.77 -28.32 2.09
N ASP M 640 117.79 -29.16 2.28
CA ASP M 640 118.11 -30.20 1.32
C ASP M 640 116.94 -31.19 1.22
N GLU M 641 116.59 -31.55 -0.02
CA GLU M 641 115.40 -32.37 -0.25
C GLU M 641 115.54 -33.76 0.36
N MET M 642 116.70 -34.40 0.13
CA MET M 642 116.93 -35.75 0.64
C MET M 642 116.95 -35.78 2.17
N LEU M 643 117.64 -34.81 2.79
CA LEU M 643 117.69 -34.73 4.25
C LEU M 643 116.30 -34.46 4.83
N ARG M 644 115.52 -33.59 4.16
CA ARG M 644 114.15 -33.34 4.57
C ARG M 644 113.31 -34.60 4.52
N VAL M 645 113.45 -35.40 3.45
CA VAL M 645 112.68 -36.64 3.32
C VAL M 645 113.07 -37.62 4.41
N ARG M 646 114.37 -37.76 4.69
CA ARG M 646 114.81 -38.67 5.74
C ARG M 646 114.29 -38.24 7.11
N LEU M 647 114.36 -36.94 7.41
CA LEU M 647 113.83 -36.45 8.68
C LEU M 647 112.33 -36.67 8.80
N ARG M 648 111.58 -36.40 7.71
CA ARG M 648 110.14 -36.61 7.73
C ARG M 648 109.81 -38.08 7.97
N ASP M 649 110.53 -38.99 7.31
CA ASP M 649 110.31 -40.42 7.53
C ASP M 649 110.64 -40.82 8.97
N LEU M 650 111.74 -40.31 9.51
CA LEU M 650 112.12 -40.62 10.89
C LEU M 650 111.08 -40.13 11.88
N VAL M 651 110.57 -38.91 11.69
CA VAL M 651 109.52 -38.38 12.56
C VAL M 651 108.24 -39.20 12.43
N LEU M 652 107.87 -39.55 11.18
CA LEU M 652 106.64 -40.30 10.94
C LEU M 652 106.65 -41.68 11.59
N LYS M 653 107.83 -42.26 11.80
CA LYS M 653 107.92 -43.55 12.48
C LYS M 653 107.46 -43.46 13.93
N PHE M 654 107.65 -42.31 14.57
CA PHE M 654 107.31 -42.11 15.97
C PHE M 654 106.53 -40.81 16.15
N LEU M 655 105.55 -40.58 15.27
CA LEU M 655 104.73 -39.37 15.30
C LEU M 655 103.42 -39.67 16.02
N GLN M 656 103.08 -38.83 16.99
CA GLN M 656 101.77 -38.86 17.64
C GLN M 656 100.99 -37.63 17.19
N LYS M 657 99.83 -37.86 16.56
CA LYS M 657 99.07 -36.77 15.96
C LYS M 657 98.23 -36.08 17.03
N PHE M 658 98.90 -35.22 17.80
CA PHE M 658 98.26 -34.39 18.82
C PHE M 658 99.23 -33.32 19.31
N MET N 1 90.53 55.98 -16.05
CA MET N 1 90.90 54.60 -15.78
C MET N 1 89.72 53.66 -16.04
N SER N 2 88.66 53.84 -15.23
CA SER N 2 87.43 53.04 -15.31
C SER N 2 87.70 51.54 -15.14
N ALA N 3 88.64 51.21 -14.26
CA ALA N 3 88.91 49.80 -13.97
C ALA N 3 87.80 49.18 -13.14
N GLN N 4 87.31 49.91 -12.14
CA GLN N 4 86.26 49.39 -11.26
C GLN N 4 84.98 49.12 -12.05
N GLY N 5 84.62 50.03 -12.97
CA GLY N 5 83.43 49.83 -13.77
C GLY N 5 83.52 48.59 -14.65
N ASP N 6 84.67 48.41 -15.31
CA ASP N 6 84.87 47.23 -16.15
C ASP N 6 84.84 45.95 -15.33
N CYS N 7 85.47 45.95 -14.16
CA CYS N 7 85.46 44.78 -13.29
C CYS N 7 84.04 44.45 -12.82
N GLU N 8 83.28 45.47 -12.42
CA GLU N 8 81.90 45.26 -11.99
C GLU N 8 81.04 44.73 -13.14
N PHE N 9 81.22 45.28 -14.34
CA PHE N 9 80.48 44.81 -15.51
C PHE N 9 80.81 43.35 -15.82
N LEU N 10 82.09 42.99 -15.76
CA LEU N 10 82.50 41.61 -16.00
C LEU N 10 81.91 40.67 -14.96
N VAL N 11 81.93 41.08 -13.68
CA VAL N 11 81.37 40.26 -12.62
C VAL N 11 79.87 40.07 -12.81
N GLN N 12 79.16 41.16 -13.15
CA GLN N 12 77.72 41.07 -13.37
C GLN N 12 77.39 40.17 -14.56
N ARG N 13 78.17 40.28 -15.64
CA ARG N 13 77.96 39.44 -16.82
C ARG N 13 78.20 37.97 -16.49
N ALA N 14 79.26 37.68 -15.70
CA ALA N 14 79.52 36.31 -15.29
C ALA N 14 78.41 35.78 -14.42
N ARG N 15 77.91 36.59 -13.47
CA ARG N 15 76.83 36.16 -12.59
C ARG N 15 75.54 35.90 -13.35
N GLU N 16 75.20 36.77 -14.31
CA GLU N 16 73.97 36.63 -15.07
C GLU N 16 74.00 35.39 -15.96
N LEU N 17 75.17 34.98 -16.42
CA LEU N 17 75.32 33.83 -17.29
C LEU N 17 75.38 32.50 -16.53
N VAL N 18 75.38 32.54 -15.20
CA VAL N 18 75.39 31.31 -14.40
C VAL N 18 74.18 30.44 -14.69
N PRO N 19 72.95 30.97 -14.72
CA PRO N 19 71.78 30.12 -15.04
C PRO N 19 71.85 29.47 -16.41
N GLN N 20 72.42 30.15 -17.41
CA GLN N 20 72.53 29.56 -18.75
C GLN N 20 73.57 28.44 -18.76
N ASP N 21 74.82 28.77 -18.45
CA ASP N 21 75.93 27.83 -18.40
C ASP N 21 77.15 28.53 -17.81
N LEU N 22 77.87 27.81 -16.94
CA LEU N 22 79.10 28.34 -16.37
C LEU N 22 80.18 28.52 -17.44
N TRP N 23 80.17 27.64 -18.45
CA TRP N 23 81.17 27.69 -19.52
C TRP N 23 81.08 29.00 -20.29
N ALA N 24 79.86 29.47 -20.57
CA ALA N 24 79.68 30.73 -21.28
C ALA N 24 80.25 31.90 -20.49
N ALA N 25 79.97 31.94 -19.19
CA ALA N 25 80.47 33.01 -18.33
C ALA N 25 82.00 32.98 -18.27
N LYS N 26 82.58 31.79 -18.11
CA LYS N 26 84.03 31.65 -18.06
C LYS N 26 84.67 32.10 -19.38
N ALA N 27 84.06 31.71 -20.50
CA ALA N 27 84.56 32.09 -21.82
C ALA N 27 84.50 33.60 -22.01
N TRP N 28 83.39 34.22 -21.61
CA TRP N 28 83.27 35.68 -21.72
C TRP N 28 84.31 36.39 -20.86
N LEU N 29 84.51 35.90 -19.63
CA LEU N 29 85.51 36.50 -18.74
C LEU N 29 86.91 36.37 -19.31
N ILE N 30 87.23 35.20 -19.88
CA ILE N 30 88.56 35.00 -20.46
C ILE N 30 88.75 35.89 -21.68
N THR N 31 87.76 35.91 -22.57
CA THR N 31 87.83 36.71 -23.79
C THR N 31 87.83 38.21 -23.51
N ALA N 32 87.34 38.63 -22.34
CA ALA N 32 87.39 40.05 -21.96
C ALA N 32 88.83 40.56 -21.89
N ARG N 33 89.74 39.76 -21.35
CA ARG N 33 91.19 40.03 -21.25
C ARG N 33 91.38 41.30 -20.42
N SER N 34 92.33 42.18 -20.81
CA SER N 34 92.66 43.42 -20.11
C SER N 34 93.07 43.12 -18.67
N LEU N 35 92.12 43.22 -17.74
CA LEU N 35 92.37 42.87 -16.34
C LEU N 35 92.11 41.37 -16.19
N TYR N 36 93.07 40.59 -16.70
CA TYR N 36 92.94 39.13 -16.73
C TYR N 36 92.80 38.51 -15.34
N PRO N 37 93.59 38.90 -14.34
CA PRO N 37 93.41 38.31 -13.00
C PRO N 37 92.03 38.53 -12.40
N ALA N 38 91.46 39.72 -12.57
CA ALA N 38 90.12 40.00 -12.03
C ALA N 38 89.06 39.15 -12.72
N ASP N 39 89.13 39.04 -14.05
CA ASP N 39 88.20 38.22 -14.80
C ASP N 39 88.33 36.75 -14.43
N PHE N 40 89.57 36.27 -14.26
CA PHE N 40 89.81 34.89 -13.86
C PHE N 40 89.23 34.62 -12.48
N ASN N 41 89.43 35.55 -11.54
CA ASN N 41 88.88 35.39 -10.19
C ASN N 41 87.36 35.39 -10.22
N ILE N 42 86.77 36.25 -11.05
CA ILE N 42 85.30 36.30 -11.17
C ILE N 42 84.78 34.99 -11.74
N GLN N 43 85.44 34.45 -12.76
CA GLN N 43 85.04 33.18 -13.35
C GLN N 43 85.17 32.04 -12.35
N TYR N 44 86.26 32.04 -11.58
CA TYR N 44 86.45 31.01 -10.56
C TYR N 44 85.38 31.09 -9.48
N GLU N 45 85.02 32.30 -9.06
CA GLU N 45 83.96 32.49 -8.08
C GLU N 45 82.63 32.01 -8.63
N MET N 46 82.35 32.30 -9.91
CA MET N 46 81.11 31.85 -10.53
C MET N 46 81.04 30.33 -10.61
N TYR N 47 82.17 29.69 -10.94
CA TYR N 47 82.25 28.24 -11.08
C TYR N 47 82.65 27.55 -9.78
N THR N 48 82.75 28.29 -8.67
CA THR N 48 83.14 27.70 -7.39
C THR N 48 82.14 26.67 -6.92
N ILE N 49 80.84 26.97 -7.03
CA ILE N 49 79.82 26.01 -6.63
C ILE N 49 79.57 24.96 -7.70
N GLU N 50 80.02 25.19 -8.92
CA GLU N 50 79.82 24.23 -10.01
C GLU N 50 80.69 22.99 -9.80
N ARG N 51 80.27 21.90 -10.45
CA ARG N 51 81.01 20.64 -10.37
C ARG N 51 81.16 19.96 -11.73
N ASN N 52 80.91 20.66 -12.84
CA ASN N 52 81.04 20.07 -14.15
C ASN N 52 82.51 19.91 -14.52
N ALA N 53 82.78 18.92 -15.39
CA ALA N 53 84.15 18.68 -15.85
C ALA N 53 84.69 19.86 -16.65
N GLU N 54 83.87 20.42 -17.54
CA GLU N 54 84.29 21.58 -18.31
C GLU N 54 84.53 22.79 -17.41
N ARG N 55 83.63 23.00 -16.44
CA ARG N 55 83.81 24.09 -15.49
C ARG N 55 85.06 23.89 -14.64
N THR N 56 85.32 22.64 -14.23
CA THR N 56 86.53 22.33 -13.45
C THR N 56 87.78 22.61 -14.28
N ALA N 57 87.78 22.22 -15.55
CA ALA N 57 88.93 22.46 -16.42
C ALA N 57 89.15 23.96 -16.62
N THR N 58 88.07 24.72 -16.82
CA THR N 58 88.18 26.17 -16.99
C THR N 58 88.73 26.82 -15.72
N ALA N 59 88.22 26.39 -14.57
CA ALA N 59 88.71 26.92 -13.29
C ALA N 59 90.17 26.59 -13.07
N GLY N 60 90.59 25.37 -13.42
CA GLY N 60 91.99 25.00 -13.30
C GLY N 60 92.89 25.82 -14.21
N ARG N 61 92.45 26.04 -15.46
CA ARG N 61 93.22 26.86 -16.38
C ARG N 61 93.34 28.29 -15.88
N LEU N 62 92.24 28.85 -15.38
CA LEU N 62 92.26 30.21 -14.84
C LEU N 62 93.16 30.31 -13.62
N LEU N 63 93.12 29.30 -12.74
CA LEU N 63 93.97 29.28 -11.56
C LEU N 63 95.44 29.18 -11.94
N TYR N 64 95.76 28.35 -12.94
CA TYR N 64 97.14 28.25 -13.40
C TYR N 64 97.63 29.56 -14.00
N ASP N 65 96.77 30.22 -14.80
CA ASP N 65 97.13 31.51 -15.37
C ASP N 65 97.35 32.56 -14.29
N MET N 66 96.48 32.56 -13.27
CA MET N 66 96.63 33.49 -12.16
C MET N 66 97.91 33.23 -11.37
N PHE N 67 98.23 31.95 -11.13
CA PHE N 67 99.45 31.60 -10.42
C PHE N 67 100.68 32.03 -11.21
N VAL N 68 100.65 31.87 -12.53
CA VAL N 68 101.75 32.32 -13.38
C VAL N 68 101.89 33.85 -13.33
N ASN N 69 100.77 34.57 -13.40
CA ASN N 69 100.83 36.03 -13.47
C ASN N 69 100.74 36.70 -12.09
N PHE N 70 99.64 36.49 -11.38
CA PHE N 70 99.45 37.13 -10.07
C PHE N 70 100.43 36.56 -9.05
N PRO N 71 101.19 37.40 -8.36
CA PRO N 71 102.18 36.88 -7.40
C PRO N 71 101.54 36.45 -6.08
N ASP N 72 100.49 37.16 -5.66
CA ASP N 72 99.84 36.85 -4.39
C ASP N 72 98.38 37.24 -4.47
N GLN N 73 97.49 36.33 -4.08
CA GLN N 73 96.06 36.55 -4.07
C GLN N 73 95.40 35.50 -3.19
N PRO N 74 94.28 35.82 -2.54
CA PRO N 74 93.61 34.83 -1.68
C PRO N 74 92.93 33.70 -2.45
N VAL N 75 92.81 33.81 -3.78
CA VAL N 75 92.16 32.76 -4.56
C VAL N 75 92.94 31.45 -4.49
N VAL N 76 94.27 31.54 -4.57
CA VAL N 76 95.11 30.34 -4.49
C VAL N 76 94.97 29.67 -3.12
N TRP N 77 94.97 30.47 -2.06
CA TRP N 77 94.81 29.93 -0.70
C TRP N 77 93.43 29.29 -0.54
N ARG N 78 92.39 29.92 -1.08
CA ARG N 78 91.04 29.35 -1.01
C ARG N 78 90.97 28.03 -1.76
N GLU N 79 91.60 27.96 -2.94
CA GLU N 79 91.64 26.71 -3.71
C GLU N 79 92.38 25.62 -2.95
N ILE N 80 93.49 25.97 -2.31
CA ILE N 80 94.26 25.00 -1.52
C ILE N 80 93.42 24.49 -0.35
N SER N 81 92.71 25.40 0.33
CA SER N 81 91.86 25.00 1.44
C SER N 81 90.72 24.10 0.97
N ILE N 82 90.13 24.40 -0.18
CA ILE N 82 89.06 23.57 -0.73
C ILE N 82 89.58 22.18 -1.07
N ILE N 83 90.77 22.12 -1.67
CA ILE N 83 91.38 20.83 -2.00
C ILE N 83 91.66 20.02 -0.74
N THR N 84 92.17 20.68 0.30
CA THR N 84 92.43 20.00 1.57
C THR N 84 91.13 19.48 2.19
N SER N 85 90.07 20.29 2.15
CA SER N 85 88.78 19.85 2.67
C SER N 85 88.23 18.66 1.89
N ALA N 86 88.39 18.69 0.56
CA ALA N 86 87.95 17.56 -0.27
C ALA N 86 88.74 16.29 0.06
N LEU N 87 90.05 16.43 0.29
CA LEU N 87 90.89 15.29 0.64
C LEU N 87 90.52 14.69 1.99
N ARG N 88 89.89 15.45 2.88
CA ARG N 88 89.52 14.99 4.21
C ARG N 88 88.23 14.17 4.24
N ASN N 89 87.72 13.75 3.09
CA ASN N 89 86.53 12.92 3.04
C ASN N 89 86.86 11.48 3.45
N ASP N 90 85.83 10.64 3.54
CA ASP N 90 86.00 9.24 3.90
C ASP N 90 86.82 8.52 2.84
N SER N 91 87.71 7.62 3.30
CA SER N 91 88.61 6.87 2.43
C SER N 91 88.05 5.51 2.03
N GLN N 92 86.72 5.37 1.97
CA GLN N 92 86.08 4.11 1.62
C GLN N 92 85.63 4.06 0.17
N ASP N 93 86.29 4.82 -0.71
CA ASP N 93 85.97 4.87 -2.12
C ASP N 93 87.11 5.54 -2.87
N LYS N 94 87.03 5.49 -4.20
CA LYS N 94 88.04 6.10 -5.07
C LYS N 94 87.96 7.62 -5.09
N GLN N 95 86.86 8.20 -4.59
CA GLN N 95 86.70 9.65 -4.57
C GLN N 95 87.76 10.30 -3.68
N THR N 96 88.05 9.70 -2.52
CA THR N 96 89.08 10.24 -1.63
C THR N 96 90.46 10.20 -2.29
N GLN N 97 90.77 9.09 -2.98
CA GLN N 97 92.03 8.98 -3.68
C GLN N 97 92.15 10.02 -4.78
N PHE N 98 91.06 10.21 -5.54
CA PHE N 98 91.06 11.23 -6.61
C PHE N 98 91.26 12.63 -6.04
N LEU N 99 90.57 12.93 -4.93
CA LEU N 99 90.71 14.24 -4.29
C LEU N 99 92.12 14.46 -3.78
N ARG N 100 92.71 13.43 -3.16
CA ARG N 100 94.09 13.53 -2.67
C ARG N 100 95.07 13.74 -3.82
N SER N 101 94.88 13.01 -4.92
CA SER N 101 95.75 13.17 -6.09
C SER N 101 95.63 14.57 -6.67
N LEU N 102 94.40 15.09 -6.76
CA LEU N 102 94.19 16.44 -7.26
C LEU N 102 94.85 17.48 -6.34
N PHE N 103 94.71 17.30 -5.02
CA PHE N 103 95.33 18.22 -4.07
C PHE N 103 96.85 18.19 -4.17
N GLU N 104 97.43 16.99 -4.31
CA GLU N 104 98.88 16.85 -4.42
C GLU N 104 99.44 17.45 -5.71
N THR N 105 98.60 17.65 -6.73
CA THR N 105 99.06 18.21 -8.00
C THR N 105 99.52 19.66 -7.87
N LEU N 106 99.12 20.37 -6.82
CA LEU N 106 99.51 21.75 -6.63
C LEU N 106 101.00 21.84 -6.32
N PRO N 107 101.64 22.96 -6.68
CA PRO N 107 103.07 23.11 -6.39
C PRO N 107 103.35 23.20 -4.89
N GLY N 108 104.55 22.76 -4.51
CA GLY N 108 104.92 22.78 -3.11
C GLY N 108 105.15 24.18 -2.56
N ARG N 109 105.51 25.13 -3.43
CA ARG N 109 105.75 26.50 -2.99
C ARG N 109 104.47 27.13 -2.45
N VAL N 110 103.34 26.92 -3.13
CA VAL N 110 102.08 27.49 -2.69
C VAL N 110 101.66 26.90 -1.35
N GLN N 111 101.81 25.58 -1.20
CA GLN N 111 101.47 24.92 0.06
C GLN N 111 102.36 25.41 1.20
N CYS N 112 103.66 25.56 0.92
CA CYS N 112 104.58 26.06 1.93
C CYS N 112 104.23 27.48 2.35
N GLU N 113 103.92 28.34 1.38
CA GLU N 113 103.53 29.72 1.69
C GLU N 113 102.25 29.76 2.52
N MET N 114 101.26 28.94 2.15
CA MET N 114 100.00 28.88 2.89
C MET N 114 100.24 28.39 4.31
N LEU N 115 101.09 27.37 4.49
CA LEU N 115 101.40 26.86 5.82
C LEU N 115 102.11 27.91 6.66
N LEU N 116 103.05 28.64 6.06
CA LEU N 116 103.75 29.71 6.77
C LEU N 116 102.78 30.81 7.20
N LYS N 117 101.86 31.20 6.30
CA LYS N 117 100.88 32.22 6.63
C LYS N 117 99.96 31.76 7.75
N VAL N 118 99.53 30.49 7.71
CA VAL N 118 98.66 29.93 8.74
C VAL N 118 99.39 29.92 10.08
N THR N 119 100.66 29.51 10.08
CA THR N 119 101.45 29.49 11.32
C THR N 119 101.63 30.89 11.88
N GLU N 120 101.89 31.87 11.01
CA GLU N 120 102.04 33.25 11.46
C GLU N 120 100.74 33.79 12.03
N GLN N 121 99.61 33.47 11.41
CA GLN N 121 98.31 33.96 11.87
C GLN N 121 97.76 33.19 13.06
N CYS N 122 98.36 32.06 13.41
CA CYS N 122 97.86 31.23 14.51
C CYS N 122 98.34 31.82 15.84
N PHE N 123 97.44 32.51 16.54
CA PHE N 123 97.79 33.11 17.81
C PHE N 123 97.89 32.08 18.94
N ASN N 124 97.15 30.97 18.81
CA ASN N 124 97.14 29.94 19.85
C ASN N 124 98.52 29.30 19.98
N THR N 125 98.94 29.09 21.23
CA THR N 125 100.24 28.46 21.49
C THR N 125 100.27 27.02 21.00
N LEU N 126 99.18 26.28 21.21
CA LEU N 126 99.10 24.90 20.74
C LEU N 126 99.17 24.83 19.23
N GLU N 127 98.49 25.74 18.54
CA GLU N 127 98.52 25.79 17.08
C GLU N 127 99.93 26.09 16.58
N ARG N 128 100.62 27.02 17.23
CA ARG N 128 102.00 27.36 16.85
C ARG N 128 102.92 26.16 17.07
N SER N 129 102.75 25.45 18.19
CA SER N 129 103.55 24.26 18.46
C SER N 129 103.30 23.17 17.42
N GLU N 130 102.03 22.97 17.05
CA GLU N 130 101.69 21.98 16.04
C GLU N 130 102.29 22.36 14.68
N MET N 131 102.22 23.64 14.32
CA MET N 131 102.80 24.11 13.07
C MET N 131 104.32 23.91 13.05
N LEU N 132 104.99 24.23 14.16
CA LEU N 132 106.44 24.03 14.24
C LEU N 132 106.80 22.56 14.13
N LEU N 133 106.03 21.69 14.81
CA LEU N 133 106.28 20.25 14.72
C LEU N 133 106.07 19.74 13.30
N LEU N 134 105.02 20.20 12.63
CA LEU N 134 104.76 19.80 11.25
C LEU N 134 105.87 20.27 10.32
N LEU N 135 106.34 21.51 10.49
CA LEU N 135 107.43 22.02 9.68
C LEU N 135 108.71 21.22 9.90
N LEU N 136 109.02 20.89 11.15
CA LEU N 136 110.22 20.11 11.46
C LEU N 136 110.12 18.70 10.89
N ARG N 137 108.94 18.09 10.96
CA ARG N 137 108.77 16.71 10.50
C ARG N 137 108.74 16.62 8.98
N ARG N 138 108.22 17.65 8.30
CA ARG N 138 108.07 17.62 6.86
C ARG N 138 109.42 17.53 6.16
N PHE N 139 110.41 18.30 6.61
CA PHE N 139 111.73 18.35 6.00
C PHE N 139 112.79 18.03 7.02
N PRO N 140 113.52 16.92 6.89
CA PRO N 140 114.63 16.65 7.83
C PRO N 140 115.78 17.64 7.74
N GLU N 141 115.86 18.43 6.65
CA GLU N 141 116.96 19.37 6.48
C GLU N 141 116.95 20.43 7.58
N THR N 142 115.77 20.93 7.95
CA THR N 142 115.67 21.93 9.00
C THR N 142 116.15 21.38 10.34
N VAL N 143 115.75 20.14 10.66
CA VAL N 143 116.17 19.51 11.91
C VAL N 143 117.68 19.29 11.92
N VAL N 144 118.23 18.84 10.78
CA VAL N 144 119.67 18.61 10.68
C VAL N 144 120.44 19.92 10.85
N GLN N 145 119.98 20.99 10.20
CA GLN N 145 120.64 22.29 10.31
C GLN N 145 120.56 22.83 11.73
N HIS N 146 119.40 22.68 12.39
CA HIS N 146 119.24 23.16 13.75
C HIS N 146 120.17 22.42 14.72
N GLY N 147 120.30 21.11 14.55
CA GLY N 147 121.16 20.32 15.41
C GLY N 147 120.55 20.08 16.79
N VAL N 148 121.15 20.70 17.81
CA VAL N 148 120.64 20.56 19.18
C VAL N 148 119.44 21.43 19.47
N GLY N 149 118.98 22.21 18.50
CA GLY N 149 117.83 23.08 18.70
C GLY N 149 116.50 22.37 18.72
N LEU N 150 116.45 21.11 18.28
CA LEU N 150 115.20 20.34 18.30
C LEU N 150 114.70 20.13 19.72
N GLY N 151 115.61 19.81 20.65
CA GLY N 151 115.21 19.64 22.04
C GLY N 151 114.69 20.91 22.65
N GLU N 152 115.35 22.04 22.38
CA GLU N 152 114.89 23.33 22.88
C GLU N 152 113.53 23.70 22.30
N ALA N 153 113.33 23.43 21.00
CA ALA N 153 112.03 23.69 20.38
C ALA N 153 110.94 22.83 20.99
N LEU N 154 111.23 21.55 21.24
CA LEU N 154 110.26 20.66 21.87
C LEU N 154 109.92 21.13 23.28
N LEU N 155 110.94 21.55 24.04
CA LEU N 155 110.70 22.06 25.39
C LEU N 155 109.84 23.32 25.37
N GLU N 156 110.12 24.23 24.42
CA GLU N 156 109.33 25.44 24.29
C GLU N 156 107.89 25.12 23.90
N ALA N 157 107.71 24.16 22.99
CA ALA N 157 106.36 23.74 22.59
C ALA N 157 105.60 23.14 23.75
N GLU N 158 106.27 22.30 24.56
CA GLU N 158 105.62 21.72 25.73
C GLU N 158 105.25 22.78 26.75
N THR N 159 106.13 23.76 26.97
CA THR N 159 105.85 24.84 27.90
C THR N 159 104.68 25.70 27.41
N ILE N 160 104.62 25.95 26.11
CA ILE N 160 103.53 26.74 25.53
C ILE N 160 102.19 26.03 25.67
N GLU N 161 102.19 24.70 25.58
CA GLU N 161 100.97 23.90 25.71
C GLU N 161 100.34 23.95 27.10
N GLU N 162 101.07 24.46 28.10
CA GLU N 162 100.60 24.57 29.50
C GLU N 162 100.32 23.20 30.10
N GLN N 163 101.10 22.19 29.70
CA GLN N 163 100.99 20.83 30.23
C GLN N 163 102.41 20.29 30.36
N GLU N 164 102.99 20.45 31.55
CA GLU N 164 104.36 20.01 31.79
C GLU N 164 104.50 18.49 31.66
N SER N 165 103.52 17.74 32.16
CA SER N 165 103.57 16.28 32.12
C SER N 165 103.50 15.80 30.66
N PRO N 166 104.41 14.93 30.24
CA PRO N 166 104.38 14.43 28.86
C PRO N 166 103.51 13.20 28.65
N VAL N 167 102.64 12.85 29.60
CA VAL N 167 101.78 11.67 29.45
C VAL N 167 100.64 11.89 28.47
N ASN N 168 100.40 13.12 28.04
CA ASN N 168 99.34 13.42 27.10
C ASN N 168 99.61 12.77 25.74
N CYS N 169 98.52 12.39 25.06
CA CYS N 169 98.64 11.76 23.75
C CYS N 169 99.27 12.68 22.71
N PHE N 170 99.08 13.99 22.85
CA PHE N 170 99.65 14.95 21.91
C PHE N 170 101.17 14.90 21.92
N ARG N 171 101.78 14.81 23.11
CA ARG N 171 103.24 14.74 23.21
C ARG N 171 103.77 13.47 22.57
N LYS N 172 103.10 12.34 22.81
CA LYS N 172 103.52 11.08 22.20
C LYS N 172 103.39 11.12 20.68
N LEU N 173 102.29 11.72 20.19
CA LEU N 173 102.11 11.87 18.75
C LEU N 173 103.19 12.75 18.13
N PHE N 174 103.53 13.86 18.80
CA PHE N 174 104.59 14.73 18.30
C PHE N 174 105.94 14.02 18.30
N VAL N 175 106.22 13.24 19.34
CA VAL N 175 107.46 12.48 19.41
C VAL N 175 107.53 11.46 18.29
N CYS N 176 106.41 10.76 18.04
CA CYS N 176 106.37 9.79 16.95
C CYS N 176 106.56 10.46 15.60
N ASP N 177 105.95 11.63 15.40
CA ASP N 177 106.11 12.37 14.15
C ASP N 177 107.56 12.81 13.95
N VAL N 178 108.21 13.27 15.03
CA VAL N 178 109.62 13.64 14.96
C VAL N 178 110.49 12.43 14.62
N LEU N 179 110.21 11.29 15.25
CA LEU N 179 110.92 10.06 14.92
C LEU N 179 110.71 9.63 13.46
N PRO N 180 109.51 9.68 12.89
CA PRO N 180 109.33 9.31 11.48
C PRO N 180 110.14 10.18 10.52
N LEU N 181 110.30 11.47 10.82
CA LEU N 181 111.10 12.35 9.98
C LEU N 181 112.55 11.89 9.92
N ILE N 182 113.11 11.52 11.07
CA ILE N 182 114.47 11.00 11.11
C ILE N 182 114.55 9.64 10.43
N ILE N 183 113.51 8.82 10.58
CA ILE N 183 113.49 7.50 9.97
C ILE N 183 113.46 7.60 8.45
N ASN N 184 112.76 8.61 7.92
CA ASN N 184 112.66 8.79 6.47
C ASN N 184 114.01 9.07 5.82
N ASN N 185 114.83 9.93 6.45
CA ASN N 185 116.14 10.29 5.92
C ASN N 185 117.21 9.53 6.71
N HIS N 186 117.77 8.50 6.10
CA HIS N 186 118.80 7.69 6.75
C HIS N 186 120.20 8.25 6.58
N ASP N 187 120.38 9.27 5.74
CA ASP N 187 121.69 9.87 5.51
C ASP N 187 122.01 10.99 6.50
N VAL N 188 121.07 11.34 7.37
CA VAL N 188 121.27 12.43 8.32
C VAL N 188 122.02 11.92 9.54
N ARG N 189 123.35 12.02 9.50
CA ARG N 189 124.16 11.60 10.64
C ARG N 189 124.09 12.65 11.75
N LEU N 190 124.11 12.18 12.99
CA LEU N 190 124.02 13.03 14.16
C LEU N 190 125.10 12.67 15.17
N PRO N 191 125.51 13.62 16.00
CA PRO N 191 126.56 13.35 16.99
C PRO N 191 126.02 12.53 18.16
N ALA N 192 126.91 12.31 19.15
CA ALA N 192 126.53 11.54 20.33
C ALA N 192 125.45 12.21 21.15
N ASN N 193 125.53 13.54 21.31
CA ASN N 193 124.53 14.28 22.09
C ASN N 193 123.16 14.20 21.45
N LEU N 194 123.09 14.35 20.12
CA LEU N 194 121.82 14.26 19.41
C LEU N 194 121.22 12.87 19.53
N LEU N 195 122.07 11.84 19.41
CA LEU N 195 121.61 10.45 19.55
C LEU N 195 121.08 10.19 20.96
N TYR N 196 121.78 10.71 21.98
CA TYR N 196 121.32 10.54 23.35
C TYR N 196 119.99 11.25 23.58
N LYS N 197 119.83 12.46 23.05
CA LYS N 197 118.58 13.21 23.17
C LYS N 197 117.44 12.46 22.48
N TYR N 198 117.70 11.92 21.28
CA TYR N 198 116.69 11.15 20.56
C TYR N 198 116.30 9.91 21.32
N LEU N 199 117.28 9.21 21.91
CA LEU N 199 116.99 8.02 22.71
C LEU N 199 116.15 8.37 23.93
N ASN N 200 116.48 9.47 24.61
CA ASN N 200 115.70 9.91 25.76
C ASN N 200 114.27 10.26 25.36
N LYS N 201 114.10 10.96 24.24
CA LYS N 201 112.78 11.30 23.75
C LYS N 201 111.98 10.06 23.40
N ALA N 202 112.62 9.08 22.75
CA ALA N 202 111.94 7.83 22.41
C ALA N 202 111.53 7.07 23.65
N ALA N 203 112.40 7.04 24.67
CA ALA N 203 112.08 6.36 25.92
C ALA N 203 110.90 7.04 26.62
N GLU N 204 110.89 8.37 26.65
CA GLU N 204 109.79 9.10 27.25
C GLU N 204 108.48 8.85 26.49
N PHE N 205 108.54 8.84 25.16
CA PHE N 205 107.35 8.58 24.35
C PHE N 205 106.82 7.17 24.59
N TYR N 206 107.72 6.18 24.68
CA TYR N 206 107.30 4.81 24.95
C TYR N 206 106.69 4.68 26.34
N ILE N 207 107.26 5.36 27.33
CA ILE N 207 106.71 5.34 28.69
C ILE N 207 105.32 5.97 28.70
N ASN N 208 105.14 7.08 28.00
CA ASN N 208 103.83 7.73 27.91
C ASN N 208 102.82 6.83 27.21
N TYR N 209 103.25 6.15 26.13
CA TYR N 209 102.34 5.30 25.37
C TYR N 209 101.94 4.06 26.15
N VAL N 210 102.84 3.52 26.97
CA VAL N 210 102.57 2.31 27.75
C VAL N 210 101.43 2.55 28.73
N THR N 211 101.45 3.67 29.44
CA THR N 211 100.39 4.03 30.37
C THR N 211 100.27 5.55 30.41
N ARG N 212 99.04 6.04 30.53
CA ARG N 212 98.76 7.47 30.58
C ARG N 212 97.94 7.79 31.81
N SER N 213 98.12 9.00 32.33
CA SER N 213 97.41 9.43 33.52
C SER N 213 95.91 9.54 33.25
N THR N 214 95.11 9.36 34.29
CA THR N 214 93.66 9.45 34.21
C THR N 214 93.15 10.86 34.51
N GLN N 215 93.99 11.88 34.29
CA GLN N 215 93.58 13.26 34.55
C GLN N 215 92.44 13.67 33.62
N ILE N 216 91.54 14.50 34.14
CA ILE N 216 90.41 14.99 33.37
C ILE N 216 90.07 16.40 33.85
N GLU N 217 89.71 17.26 32.91
CA GLU N 217 89.37 18.66 33.18
C GLU N 217 88.81 19.32 31.92
N SER N 233 93.79 -13.13 11.33
CA SER N 233 92.96 -11.99 11.68
C SER N 233 93.16 -11.59 13.14
N LYS N 234 94.01 -10.58 13.36
CA LYS N 234 94.29 -10.10 14.70
C LYS N 234 94.85 -8.69 14.60
N ARG N 235 94.86 -8.00 15.74
CA ARG N 235 95.38 -6.63 15.81
C ARG N 235 95.79 -6.34 17.25
N SER N 236 96.61 -5.31 17.41
CA SER N 236 97.09 -4.87 18.71
C SER N 236 96.86 -3.37 18.86
N SER N 237 96.46 -2.97 20.05
CA SER N 237 96.18 -1.57 20.39
C SER N 237 96.06 -1.47 21.90
N GLN N 238 95.70 -0.28 22.39
CA GLN N 238 95.52 -0.04 23.81
C GLN N 238 94.42 1.01 23.98
N LYS N 239 94.30 1.54 25.19
CA LYS N 239 93.29 2.54 25.50
C LYS N 239 93.91 3.59 26.42
N TYR N 240 93.33 4.79 26.38
CA TYR N 240 93.76 5.93 27.18
C TYR N 240 92.70 7.02 27.04
N ILE N 241 92.96 8.17 27.67
CA ILE N 241 92.07 9.32 27.62
C ILE N 241 92.86 10.50 27.08
N ILE N 242 92.35 11.13 26.02
CA ILE N 242 93.01 12.27 25.42
C ILE N 242 92.70 13.53 26.21
N GLU N 243 93.54 14.55 26.04
CA GLU N 243 93.41 15.82 26.74
C GLU N 243 92.52 16.76 25.94
N GLY N 244 91.23 16.75 26.26
CA GLY N 244 90.29 17.65 25.62
C GLY N 244 89.94 17.32 24.18
N LEU N 245 90.10 16.06 23.78
CA LEU N 245 89.79 15.65 22.42
C LEU N 245 89.35 14.19 22.44
N THR N 246 88.65 13.80 21.38
CA THR N 246 88.16 12.43 21.27
C THR N 246 89.33 11.46 21.16
N GLU N 247 89.19 10.30 21.81
CA GLU N 247 90.24 9.28 21.76
C GLU N 247 90.45 8.76 20.35
N LYS N 248 89.40 8.73 19.52
CA LYS N 248 89.54 8.32 18.13
C LYS N 248 90.33 9.33 17.29
N SER N 249 90.45 10.58 17.75
CA SER N 249 91.20 11.58 16.98
C SER N 249 92.68 11.25 16.89
N SER N 250 93.22 10.53 17.87
CA SER N 250 94.64 10.17 17.86
C SER N 250 94.80 8.96 16.95
N GLN N 251 95.05 9.24 15.66
CA GLN N 251 95.22 8.19 14.66
C GLN N 251 96.70 7.84 14.58
N ILE N 252 97.13 6.92 15.44
CA ILE N 252 98.50 6.43 15.47
C ILE N 252 98.46 4.91 15.38
N VAL N 253 99.25 4.35 14.48
CA VAL N 253 99.27 2.92 14.21
C VAL N 253 100.65 2.38 14.53
N ASP N 254 100.71 1.38 15.42
CA ASP N 254 101.91 0.61 15.74
C ASP N 254 103.06 1.49 16.23
N PRO N 255 102.94 2.05 17.44
CA PRO N 255 104.08 2.78 18.02
C PRO N 255 105.34 1.94 18.20
N TRP N 256 105.18 0.65 18.51
CA TRP N 256 106.33 -0.25 18.58
C TRP N 256 107.03 -0.36 17.24
N GLU N 257 106.26 -0.41 16.14
CA GLU N 257 106.85 -0.41 14.81
C GLU N 257 107.59 0.90 14.54
N ARG N 258 107.06 2.02 15.04
CA ARG N 258 107.75 3.30 14.92
C ARG N 258 109.09 3.28 15.65
N LEU N 259 109.10 2.71 16.86
CA LEU N 259 110.36 2.57 17.61
C LEU N 259 111.33 1.67 16.86
N PHE N 260 110.83 0.58 16.28
CA PHE N 260 111.68 -0.32 15.49
C PHE N 260 112.26 0.40 14.29
N LYS N 261 111.45 1.21 13.60
CA LYS N 261 111.93 1.98 12.46
C LYS N 261 112.98 3.01 12.87
N ILE N 262 112.79 3.64 14.03
CA ILE N 262 113.77 4.59 14.55
C ILE N 262 115.09 3.88 14.84
N LEU N 263 115.02 2.71 15.47
CA LEU N 263 116.21 1.92 15.74
C LEU N 263 116.90 1.49 14.44
N ASN N 264 116.09 1.13 13.43
CA ASN N 264 116.63 0.76 12.13
C ASN N 264 117.36 1.93 11.48
N VAL N 265 116.77 3.13 11.54
CA VAL N 265 117.41 4.31 10.97
C VAL N 265 118.70 4.64 11.71
N VAL N 266 118.70 4.45 13.03
CA VAL N 266 119.92 4.66 13.81
C VAL N 266 120.99 3.67 13.40
N GLY N 267 120.62 2.40 13.24
CA GLY N 267 121.57 1.39 12.79
C GLY N 267 122.04 1.60 11.37
N MET N 268 121.13 2.07 10.50
CA MET N 268 121.49 2.31 9.10
C MET N 268 122.53 3.42 8.97
N ARG N 269 122.46 4.43 9.83
CA ARG N 269 123.44 5.52 9.81
C ARG N 269 124.85 5.02 10.09
N CYS N 270 125.00 4.13 11.07
CA CYS N 270 126.29 3.59 11.45
C CYS N 270 126.55 2.20 10.88
N GLU N 271 125.72 1.76 9.91
CA GLU N 271 125.82 0.45 9.27
C GLU N 271 125.70 -0.70 10.27
N TRP N 272 124.91 -0.48 11.32
CA TRP N 272 124.63 -1.45 12.40
C TRP N 272 125.90 -1.84 13.13
N TYR N 281 115.60 -20.81 22.15
CA TYR N 281 114.19 -20.74 22.54
C TYR N 281 113.59 -19.39 22.19
N GLY N 282 112.33 -19.40 21.76
CA GLY N 282 111.65 -18.17 21.39
C GLY N 282 112.13 -17.63 20.06
N ASP N 283 111.76 -16.38 19.81
CA ASP N 283 112.13 -15.67 18.58
C ASP N 283 113.09 -14.52 18.86
N ILE N 284 112.70 -13.59 19.73
CA ILE N 284 113.58 -12.48 20.09
C ILE N 284 114.76 -12.97 20.89
N LEU N 285 114.50 -13.86 21.86
CA LEU N 285 115.57 -14.41 22.71
C LEU N 285 116.58 -15.22 21.89
N HIS N 286 116.10 -16.01 20.93
CA HIS N 286 117.00 -16.79 20.09
C HIS N 286 117.92 -15.89 19.26
N ARG N 287 117.35 -14.84 18.66
CA ARG N 287 118.14 -13.91 17.87
C ARG N 287 119.15 -13.17 18.74
N MET N 288 118.72 -12.75 19.94
CA MET N 288 119.63 -12.07 20.86
C MET N 288 120.77 -12.97 21.29
N LYS N 289 120.47 -14.24 21.59
CA LYS N 289 121.50 -15.19 21.98
C LYS N 289 122.48 -15.44 20.84
N ASP N 290 121.96 -15.58 19.61
CA ASP N 290 122.84 -15.79 18.45
C ASP N 290 123.75 -14.58 18.23
N LEU N 291 123.19 -13.37 18.36
CA LEU N 291 123.98 -12.15 18.20
C LEU N 291 125.05 -12.07 19.28
N CYS N 292 124.71 -12.38 20.53
CA CYS N 292 125.69 -12.29 21.60
C CYS N 292 126.77 -13.35 21.43
N ARG N 293 126.37 -14.54 20.95
CA ARG N 293 127.31 -15.63 20.71
C ARG N 293 128.34 -15.23 19.65
N TYR N 294 127.89 -14.57 18.59
CA TYR N 294 128.82 -14.12 17.56
C TYR N 294 129.64 -12.92 18.03
N MET N 295 129.03 -12.04 18.82
CA MET N 295 129.70 -10.82 19.27
C MET N 295 130.83 -11.11 20.26
N ASN N 296 130.59 -12.02 21.20
CA ASN N 296 131.58 -12.32 22.24
C ASN N 296 132.85 -12.92 21.66
N ASN N 297 132.72 -13.85 20.71
CA ASN N 297 133.89 -14.49 20.11
C ASN N 297 134.72 -13.50 19.29
N PHE N 298 134.08 -12.56 18.61
CA PHE N 298 134.79 -11.59 17.78
C PHE N 298 135.29 -10.43 18.62
N ASP N 299 136.57 -10.12 18.51
CA ASP N 299 137.18 -9.02 19.24
C ASP N 299 137.76 -8.03 18.23
N SER N 300 137.00 -6.98 17.95
CA SER N 300 137.42 -5.94 17.02
C SER N 300 136.68 -4.65 17.38
N GLU N 301 137.25 -3.53 16.95
CA GLU N 301 136.65 -2.21 17.22
C GLU N 301 135.29 -2.10 16.54
N ALA N 302 135.25 -2.39 15.23
CA ALA N 302 133.99 -2.37 14.48
C ALA N 302 133.01 -3.41 15.03
N HIS N 303 133.52 -4.61 15.35
CA HIS N 303 132.68 -5.65 15.92
C HIS N 303 132.11 -5.23 17.27
N ALA N 304 132.94 -4.58 18.12
CA ALA N 304 132.45 -4.10 19.41
C ALA N 304 131.39 -3.03 19.24
N LYS N 305 131.59 -2.10 18.29
CA LYS N 305 130.60 -1.06 18.04
C LYS N 305 129.29 -1.65 17.53
N TYR N 306 129.38 -2.64 16.63
CA TYR N 306 128.19 -3.32 16.13
C TYR N 306 127.47 -4.05 17.25
N LYS N 307 128.22 -4.71 18.13
CA LYS N 307 127.63 -5.40 19.26
C LYS N 307 126.93 -4.43 20.21
N ASN N 308 127.55 -3.28 20.47
CA ASN N 308 126.92 -2.28 21.33
C ASN N 308 125.64 -1.74 20.72
N GLN N 309 125.66 -1.45 19.41
CA GLN N 309 124.45 -0.97 18.73
C GLN N 309 123.35 -2.02 18.76
N VAL N 310 123.71 -3.28 18.53
CA VAL N 310 122.74 -4.38 18.55
C VAL N 310 122.16 -4.54 19.96
N VAL N 311 123.01 -4.39 20.98
CA VAL N 311 122.55 -4.49 22.37
C VAL N 311 121.58 -3.37 22.70
N TYR N 312 121.89 -2.14 22.26
CA TYR N 312 120.98 -1.02 22.49
C TYR N 312 119.64 -1.23 21.78
N SER N 313 119.68 -1.68 20.52
CA SER N 313 118.46 -1.94 19.78
C SER N 313 117.63 -3.05 20.42
N THR N 314 118.31 -4.10 20.88
CA THR N 314 117.62 -5.20 21.55
C THR N 314 117.00 -4.76 22.87
N MET N 315 117.70 -3.90 23.62
CA MET N 315 117.16 -3.36 24.86
C MET N 315 115.92 -2.52 24.59
N LEU N 316 115.96 -1.68 23.54
CA LEU N 316 114.79 -0.88 23.18
C LEU N 316 113.62 -1.77 22.76
N VAL N 317 113.90 -2.81 21.97
CA VAL N 317 112.85 -3.71 21.52
C VAL N 317 112.25 -4.47 22.70
N PHE N 318 113.10 -4.91 23.63
CA PHE N 318 112.62 -5.62 24.81
C PHE N 318 111.77 -4.72 25.69
N PHE N 319 112.17 -3.46 25.85
CA PHE N 319 111.37 -2.50 26.61
C PHE N 319 110.02 -2.28 25.96
N LYS N 320 110.00 -2.13 24.63
CA LYS N 320 108.74 -1.96 23.91
C LYS N 320 107.84 -3.18 24.06
N ASN N 321 108.43 -4.39 23.95
CA ASN N 321 107.65 -5.61 24.09
C ASN N 321 107.08 -5.76 25.49
N ALA N 322 107.89 -5.42 26.51
CA ALA N 322 107.41 -5.48 27.89
C ALA N 322 106.28 -4.48 28.13
N PHE N 323 106.41 -3.28 27.56
CA PHE N 323 105.35 -2.27 27.69
C PHE N 323 104.07 -2.74 27.01
N GLN N 324 104.19 -3.34 25.80
CA GLN N 324 103.02 -3.85 25.10
C GLN N 324 102.35 -4.98 25.88
N TYR N 325 103.16 -5.89 26.44
CA TYR N 325 102.61 -6.99 27.23
C TYR N 325 101.90 -6.48 28.47
N VAL N 326 102.50 -5.48 29.14
CA VAL N 326 101.88 -4.88 30.33
C VAL N 326 100.56 -4.21 29.97
N ASN N 327 100.53 -3.49 28.85
CA ASN N 327 99.31 -2.82 28.42
C ASN N 327 98.21 -3.83 28.07
N SER N 328 98.58 -4.92 27.39
CA SER N 328 97.57 -5.88 26.95
C SER N 328 97.07 -6.73 28.11
N ILE N 329 97.96 -7.16 28.99
CA ILE N 329 97.62 -8.11 30.05
C ILE N 329 96.66 -7.49 31.07
N GLN N 330 96.97 -6.29 31.54
CA GLN N 330 96.17 -5.65 32.58
C GLN N 330 96.25 -4.14 32.43
N PRO N 331 95.37 -3.55 31.61
CA PRO N 331 95.38 -2.10 31.43
C PRO N 331 94.53 -1.36 32.45
N SER N 332 94.20 -2.03 33.56
CA SER N 332 93.38 -1.40 34.60
C SER N 332 94.07 -0.17 35.18
N LEU N 333 95.37 -0.27 35.46
CA LEU N 333 96.12 0.89 35.95
C LEU N 333 96.40 1.90 34.86
N PHE N 334 96.25 1.51 33.59
CA PHE N 334 96.55 2.41 32.47
C PHE N 334 95.45 3.46 32.26
N GLN N 335 94.20 3.14 32.56
CA GLN N 335 93.10 4.06 32.32
C GLN N 335 92.10 3.93 33.45
N GLY N 336 90.91 4.52 33.26
CA GLY N 336 89.86 4.47 34.26
C GLY N 336 89.29 3.08 34.38
N PRO N 337 88.76 2.74 35.55
CA PRO N 337 88.14 1.41 35.72
C PRO N 337 86.96 1.15 34.80
N ASN N 338 86.19 2.18 34.47
CA ASN N 338 85.04 2.00 33.58
C ASN N 338 85.45 1.70 32.14
N ALA N 339 86.68 2.04 31.75
CA ALA N 339 87.14 1.80 30.39
C ALA N 339 87.26 0.30 30.12
N PRO N 340 87.00 -0.13 28.88
CA PRO N 340 87.14 -1.56 28.55
C PRO N 340 88.57 -2.05 28.74
N SER N 341 88.68 -3.28 29.22
CA SER N 341 89.96 -3.96 29.49
C SER N 341 89.65 -5.39 29.89
N GLN N 342 90.71 -6.15 30.14
CA GLN N 342 90.58 -7.54 30.56
C GLN N 342 90.17 -7.63 32.02
N VAL N 343 90.12 -8.85 32.53
CA VAL N 343 89.71 -9.09 33.93
C VAL N 343 90.77 -8.50 34.86
N PRO N 344 90.37 -7.85 35.95
CA PRO N 344 91.37 -7.31 36.89
C PRO N 344 92.17 -8.41 37.57
N LEU N 345 93.42 -8.07 37.89
CA LEU N 345 94.33 -9.01 38.52
C LEU N 345 95.43 -8.23 39.23
N VAL N 346 96.14 -8.93 40.11
CA VAL N 346 97.26 -8.36 40.85
C VAL N 346 98.39 -9.37 40.83
N LEU N 347 99.62 -8.87 40.66
CA LEU N 347 100.80 -9.72 40.57
C LEU N 347 101.54 -9.71 41.91
N LEU N 348 101.86 -10.91 42.40
CA LEU N 348 102.60 -11.06 43.64
C LEU N 348 103.59 -12.21 43.50
N GLU N 349 104.81 -11.99 44.00
CA GLU N 349 105.86 -12.99 43.91
C GLU N 349 105.67 -14.03 45.02
N ASP N 350 105.80 -15.30 44.66
CA ASP N 350 105.65 -16.38 45.64
C ASP N 350 106.78 -16.33 46.66
N VAL N 351 106.45 -16.67 47.90
CA VAL N 351 107.41 -16.67 49.00
C VAL N 351 107.42 -18.02 49.69
N SER N 352 107.11 -19.08 48.94
CA SER N 352 107.08 -20.43 49.52
C SER N 352 108.45 -20.86 50.03
N ASN N 353 109.51 -20.59 49.25
CA ASN N 353 110.86 -20.95 49.67
C ASN N 353 111.29 -20.19 50.93
N VAL N 354 111.00 -18.89 50.97
CA VAL N 354 111.35 -18.08 52.13
C VAL N 354 110.53 -18.47 53.35
N TYR N 355 109.25 -18.81 53.16
CA TYR N 355 108.38 -19.15 54.28
C TYR N 355 108.69 -20.49 54.91
N GLY N 356 109.56 -21.30 54.31
CA GLY N 356 109.91 -22.61 54.82
C GLY N 356 110.48 -22.60 56.23
N ASP N 357 109.92 -23.44 57.10
CA ASP N 357 110.39 -23.50 58.49
C ASP N 357 111.83 -24.00 58.58
N VAL N 358 112.18 -25.01 57.79
CA VAL N 358 113.53 -25.57 57.83
C VAL N 358 114.55 -24.55 57.33
N GLU N 359 114.19 -23.78 56.30
CA GLU N 359 115.08 -22.78 55.73
C GLU N 359 115.13 -21.57 56.66
N ILE N 360 115.93 -21.71 57.71
CA ILE N 360 116.11 -20.66 58.71
C ILE N 360 117.51 -20.08 58.54
N ASP N 361 117.59 -18.75 58.40
CA ASP N 361 118.88 -18.08 58.21
C ASP N 361 119.49 -17.77 59.57
N ARG N 362 119.86 -18.84 60.28
CA ARG N 362 120.46 -18.71 61.60
C ARG N 362 121.85 -18.08 61.54
N ASN N 363 122.53 -18.18 60.39
CA ASN N 363 123.86 -17.60 60.23
C ASN N 363 123.83 -16.08 60.37
N LYS N 364 122.84 -15.44 59.75
CA LYS N 364 122.72 -13.98 59.79
C LYS N 364 121.82 -13.47 60.90
N HIS N 365 120.78 -14.23 61.26
CA HIS N 365 119.80 -13.85 62.30
C HIS N 365 119.07 -12.60 61.82
N ILE N 366 118.63 -11.74 62.73
CA ILE N 366 117.85 -10.57 62.39
C ILE N 366 118.71 -9.31 62.29
N HIS N 367 119.62 -9.08 63.24
CA HIS N 367 120.43 -7.86 63.25
C HIS N 367 121.33 -7.73 62.02
N LYS N 368 122.08 -8.79 61.70
CA LYS N 368 122.94 -8.76 60.52
C LYS N 368 122.12 -8.65 59.23
N LYS N 369 120.98 -9.34 59.17
CA LYS N 369 120.11 -9.25 58.01
C LYS N 369 119.58 -7.83 57.83
N ARG N 370 119.18 -7.18 58.94
CA ARG N 370 118.72 -5.80 58.87
C ARG N 370 119.84 -4.87 58.42
N LYS N 371 121.05 -5.09 58.93
CA LYS N 371 122.20 -4.28 58.53
C LYS N 371 122.50 -4.46 57.05
N LEU N 372 122.43 -5.69 56.55
CA LEU N 372 122.63 -5.96 55.13
C LEU N 372 121.55 -5.30 54.29
N ALA N 373 120.30 -5.33 54.76
CA ALA N 373 119.21 -4.65 54.06
C ALA N 373 119.47 -3.14 54.00
N GLU N 374 119.95 -2.55 55.09
CA GLU N 374 120.35 -1.15 55.08
C GLU N 374 121.52 -0.92 54.12
N GLY N 375 122.50 -1.83 54.14
CA GLY N 375 123.61 -1.76 53.22
C GLY N 375 124.57 -0.61 53.42
N ARG N 376 124.57 0.00 54.60
CA ARG N 376 125.43 1.16 54.93
C ARG N 376 125.20 2.31 53.96
N GLU N 377 123.94 2.53 53.60
CA GLU N 377 123.54 3.55 52.64
C GLU N 377 122.34 4.31 53.20
N LYS N 378 122.13 5.51 52.66
CA LYS N 378 121.04 6.37 53.09
C LYS N 378 119.69 5.73 52.79
N THR N 379 118.70 6.06 53.62
CA THR N 379 117.36 5.51 53.50
C THR N 379 116.47 6.30 52.56
N MET N 380 117.00 7.32 51.89
CA MET N 380 116.21 8.13 50.97
C MET N 380 115.78 7.29 49.76
N SER N 381 114.80 7.83 49.02
CA SER N 381 114.26 7.13 47.87
C SER N 381 115.32 6.93 46.78
N SER N 382 115.38 5.70 46.25
CA SER N 382 116.32 5.38 45.20
C SER N 382 115.77 4.24 44.36
N ASP N 383 116.27 4.12 43.14
CA ASP N 383 115.85 3.10 42.19
C ASP N 383 116.89 3.06 41.07
N ASP N 384 116.58 2.30 40.01
CA ASP N 384 117.45 2.14 38.84
C ASP N 384 118.77 1.46 39.21
N GLU N 385 118.68 0.40 40.01
CA GLU N 385 119.85 -0.35 40.43
C GLU N 385 119.91 -1.73 39.79
N ASP N 386 118.85 -2.54 39.96
CA ASP N 386 118.75 -3.89 39.39
C ASP N 386 119.88 -4.78 39.90
N CYS N 387 119.99 -4.87 41.22
CA CYS N 387 121.03 -5.66 41.89
C CYS N 387 120.59 -7.10 42.12
N SER N 388 120.17 -7.77 41.06
CA SER N 388 119.73 -9.16 41.08
C SER N 388 119.53 -9.63 39.65
N ALA N 389 119.79 -10.91 39.43
CA ALA N 389 119.62 -11.55 38.12
C ALA N 389 118.98 -12.91 38.27
N LYS N 390 117.96 -13.00 39.14
CA LYS N 390 117.26 -14.25 39.39
C LYS N 390 116.18 -14.55 38.35
N GLY N 391 115.90 -13.63 37.44
CA GLY N 391 114.86 -13.84 36.45
C GLY N 391 115.18 -14.91 35.44
N ARG N 392 116.48 -15.11 35.16
CA ARG N 392 116.90 -16.11 34.17
C ARG N 392 116.51 -17.51 34.61
N ASN N 393 116.72 -17.85 35.88
CA ASN N 393 116.33 -19.15 36.40
C ASN N 393 114.90 -19.16 36.94
N ARG N 394 114.24 -18.02 37.01
CA ARG N 394 112.87 -17.96 37.52
C ARG N 394 111.89 -18.45 36.47
N HIS N 395 110.81 -19.07 36.95
CA HIS N 395 109.75 -19.60 36.12
C HIS N 395 108.40 -19.21 36.71
N ILE N 396 107.40 -19.05 35.84
CA ILE N 396 106.07 -18.67 36.29
C ILE N 396 105.33 -19.91 36.76
N VAL N 397 104.83 -19.87 37.99
CA VAL N 397 104.08 -20.96 38.60
C VAL N 397 102.67 -20.45 38.87
N VAL N 398 101.67 -21.14 38.31
CA VAL N 398 100.27 -20.76 38.48
C VAL N 398 99.41 -21.95 38.09
N ASN N 399 98.25 -22.06 38.73
CA ASN N 399 97.30 -23.13 38.44
C ASN N 399 96.54 -22.82 37.16
N LYS N 400 96.43 -23.82 36.27
CA LYS N 400 95.70 -23.64 35.03
C LYS N 400 94.22 -23.35 35.26
N ALA N 401 93.64 -23.86 36.35
CA ALA N 401 92.25 -23.59 36.65
C ALA N 401 92.01 -22.14 37.09
N GLU N 402 93.02 -21.47 37.64
CA GLU N 402 92.86 -20.08 38.07
C GLU N 402 92.56 -19.16 36.90
N LEU N 403 93.24 -19.34 35.77
CA LEU N 403 92.99 -18.54 34.58
C LEU N 403 93.20 -19.41 33.36
N ALA N 404 92.28 -19.29 32.39
CA ALA N 404 92.39 -20.06 31.16
C ALA N 404 93.63 -19.66 30.37
N ASN N 405 93.96 -18.37 30.33
CA ASN N 405 95.11 -17.87 29.62
C ASN N 405 96.39 -17.86 30.45
N SER N 406 96.46 -18.71 31.50
CA SER N 406 97.66 -18.78 32.33
C SER N 406 98.88 -19.22 31.54
N THR N 407 98.69 -20.04 30.49
CA THR N 407 99.81 -20.43 29.64
C THR N 407 100.41 -19.23 28.92
N GLU N 408 99.55 -18.33 28.43
CA GLU N 408 100.03 -17.12 27.76
C GLU N 408 100.79 -16.22 28.73
N VAL N 409 100.30 -16.08 29.96
CA VAL N 409 100.98 -15.28 30.97
C VAL N 409 102.35 -15.86 31.29
N LEU N 410 102.42 -17.19 31.43
CA LEU N 410 103.70 -17.84 31.70
C LEU N 410 104.67 -17.67 30.54
N GLU N 411 104.17 -17.78 29.30
CA GLU N 411 105.02 -17.58 28.13
C GLU N 411 105.54 -16.15 28.06
N SER N 412 104.68 -15.17 28.36
CA SER N 412 105.09 -13.77 28.37
C SER N 412 106.13 -13.52 29.46
N PHE N 413 105.94 -14.11 30.64
CA PHE N 413 106.91 -13.97 31.72
C PHE N 413 108.25 -14.59 31.33
N LYS N 414 108.23 -15.75 30.69
CA LYS N 414 109.46 -16.39 30.24
C LYS N 414 110.18 -15.54 29.19
N LEU N 415 109.42 -14.97 28.25
CA LEU N 415 110.02 -14.10 27.24
C LEU N 415 110.63 -12.86 27.86
N ALA N 416 109.93 -12.26 28.83
CA ALA N 416 110.45 -11.09 29.53
C ALA N 416 111.72 -11.42 30.31
N ARG N 417 111.73 -12.60 30.95
CA ARG N 417 112.91 -13.05 31.68
C ARG N 417 114.09 -13.27 30.75
N GLU N 418 113.84 -13.87 29.59
CA GLU N 418 114.89 -14.07 28.59
C GLU N 418 115.44 -12.73 28.09
N SER N 419 114.54 -11.78 27.83
CA SER N 419 114.97 -10.45 27.38
C SER N 419 115.81 -9.75 28.44
N TRP N 420 115.39 -9.85 29.72
CA TRP N 420 116.15 -9.25 30.81
C TRP N 420 117.52 -9.90 30.95
N GLU N 421 117.58 -11.23 30.83
CA GLU N 421 118.85 -11.94 30.91
C GLU N 421 119.78 -11.53 29.76
N LEU N 422 119.22 -11.38 28.56
CA LEU N 422 120.02 -10.90 27.42
C LEU N 422 120.52 -9.49 27.65
N LEU N 423 119.68 -8.62 28.22
CA LEU N 423 120.09 -7.26 28.55
C LEU N 423 121.21 -7.26 29.61
N TYR N 424 121.10 -8.14 30.59
CA TYR N 424 122.09 -8.24 31.66
C TYR N 424 123.23 -9.20 31.32
N SER N 425 123.22 -9.79 30.11
CA SER N 425 124.29 -10.70 29.72
C SER N 425 125.64 -9.99 29.66
N LEU N 426 125.65 -8.78 29.12
CA LEU N 426 126.87 -7.98 29.00
C LEU N 426 126.87 -6.91 30.09
N GLU N 427 128.02 -6.77 30.76
CA GLU N 427 128.13 -5.78 31.84
C GLU N 427 127.96 -4.36 31.32
N PHE N 428 128.56 -4.05 30.17
CA PHE N 428 128.44 -2.72 29.59
C PHE N 428 127.00 -2.40 29.20
N LEU N 429 126.31 -3.38 28.60
CA LEU N 429 124.91 -3.19 28.22
C LEU N 429 124.03 -2.98 29.45
N ASP N 430 124.27 -3.76 30.51
CA ASP N 430 123.51 -3.60 31.75
C ASP N 430 123.76 -2.24 32.38
N LYS N 431 125.02 -1.79 32.38
CA LYS N 431 125.33 -0.47 32.92
C LYS N 431 124.67 0.64 32.11
N GLU N 432 124.68 0.52 30.79
CA GLU N 432 124.02 1.50 29.93
C GLU N 432 122.52 1.53 30.17
N PHE N 433 121.90 0.36 30.32
CA PHE N 433 120.47 0.29 30.59
C PHE N 433 120.13 0.92 31.94
N THR N 434 120.96 0.64 32.96
CA THR N 434 120.75 1.23 34.28
C THR N 434 120.88 2.75 34.23
N ARG N 435 121.89 3.25 33.49
CA ARG N 435 122.07 4.69 33.34
C ARG N 435 120.89 5.33 32.61
N ILE N 436 120.39 4.67 31.57
CA ILE N 436 119.23 5.18 30.83
C ILE N 436 118.00 5.22 31.73
N CYS N 437 117.79 4.16 32.53
CA CYS N 437 116.66 4.12 33.45
C CYS N 437 116.76 5.23 34.50
N LEU N 438 117.97 5.45 35.03
CA LEU N 438 118.16 6.53 36.00
C LEU N 438 117.91 7.90 35.38
N ALA N 439 118.39 8.11 34.15
CA ALA N 439 118.16 9.38 33.45
C ALA N 439 116.70 9.57 33.07
N TRP N 440 115.94 8.49 32.93
CA TRP N 440 114.53 8.58 32.55
C TRP N 440 113.69 9.30 33.61
N LYS N 441 114.14 9.26 34.88
CA LYS N 441 113.45 9.87 36.02
C LYS N 441 112.07 9.24 36.21
N THR N 442 112.08 7.93 36.45
CA THR N 442 110.85 7.16 36.61
C THR N 442 110.07 7.57 37.86
N ASP N 443 110.76 8.09 38.88
CA ASP N 443 110.08 8.47 40.12
C ASP N 443 109.44 9.84 40.05
N THR N 444 109.59 10.57 38.93
CA THR N 444 109.04 11.90 38.80
C THR N 444 107.61 11.88 38.26
N TRP N 445 107.40 11.23 37.12
CA TRP N 445 106.10 11.22 36.45
C TRP N 445 105.31 9.97 36.80
N LEU N 446 103.99 10.11 36.79
CA LEU N 446 103.09 9.00 37.09
C LEU N 446 103.16 7.92 36.01
N TRP N 447 103.15 8.33 34.74
CA TRP N 447 103.28 7.39 33.64
C TRP N 447 104.63 6.70 33.65
N LEU N 448 105.69 7.45 33.93
CA LEU N 448 107.02 6.86 34.06
C LEU N 448 107.07 5.87 35.23
N ARG N 449 106.41 6.21 36.33
CA ARG N 449 106.35 5.31 37.48
C ARG N 449 105.60 4.02 37.12
N ILE N 450 104.51 4.13 36.37
CA ILE N 450 103.76 2.94 35.95
C ILE N 450 104.60 2.07 35.03
N PHE N 451 105.33 2.70 34.09
CA PHE N 451 106.20 1.95 33.19
C PHE N 451 107.31 1.24 33.96
N LEU N 452 107.90 1.95 34.95
CA LEU N 452 108.94 1.35 35.79
C LEU N 452 108.39 0.19 36.60
N THR N 453 107.18 0.33 37.13
CA THR N 453 106.57 -0.76 37.89
C THR N 453 106.32 -1.97 37.00
N ASP N 454 105.86 -1.74 35.76
CA ASP N 454 105.66 -2.85 34.83
C ASP N 454 106.97 -3.54 34.50
N MET N 455 108.02 -2.76 34.26
CA MET N 455 109.34 -3.34 33.97
C MET N 455 109.87 -4.13 35.17
N ILE N 456 109.69 -3.59 36.37
CA ILE N 456 110.13 -4.27 37.60
C ILE N 456 109.36 -5.57 37.80
N ILE N 457 108.05 -5.55 37.53
CA ILE N 457 107.23 -6.75 37.65
C ILE N 457 107.70 -7.81 36.65
N TYR N 458 108.02 -7.37 35.42
CA TYR N 458 108.54 -8.29 34.43
C TYR N 458 109.88 -8.88 34.87
N GLN N 459 110.74 -8.06 35.44
CA GLN N 459 112.05 -8.53 35.90
C GLN N 459 111.95 -9.28 37.22
N GLY N 460 111.33 -8.66 38.23
CA GLY N 460 111.20 -9.30 39.53
C GLY N 460 111.34 -8.37 40.72
N GLN N 461 111.71 -7.12 40.49
CA GLN N 461 111.93 -6.14 41.56
C GLN N 461 110.60 -5.74 42.18
N TYR N 462 110.28 -6.31 43.33
CA TYR N 462 109.03 -5.97 44.01
C TYR N 462 109.08 -4.62 44.71
N LYS N 463 110.29 -4.19 45.13
CA LYS N 463 110.42 -2.91 45.83
C LYS N 463 110.03 -1.73 44.95
N LYS N 464 110.44 -1.75 43.67
CA LYS N 464 110.07 -0.69 42.75
C LYS N 464 108.57 -0.64 42.53
N ALA N 465 107.94 -1.82 42.39
CA ALA N 465 106.49 -1.88 42.23
C ALA N 465 105.77 -1.34 43.45
N ILE N 466 106.26 -1.69 44.65
CA ILE N 466 105.66 -1.19 45.89
C ILE N 466 105.79 0.32 45.98
N ALA N 467 106.97 0.86 45.63
CA ALA N 467 107.17 2.30 45.65
C ALA N 467 106.26 3.01 44.64
N SER N 468 106.10 2.42 43.45
CA SER N 468 105.21 3.00 42.44
C SER N 468 103.76 2.97 42.90
N LEU N 469 103.34 1.89 43.54
CA LEU N 469 101.99 1.80 44.08
C LEU N 469 101.76 2.85 45.17
N HIS N 470 102.75 3.04 46.04
CA HIS N 470 102.65 4.05 47.08
C HIS N 470 102.55 5.45 46.47
N HIS N 471 103.35 5.72 45.43
CA HIS N 471 103.30 7.00 44.74
C HIS N 471 101.94 7.22 44.09
N LEU N 472 101.39 6.18 43.47
CA LEU N 472 100.06 6.28 42.86
C LEU N 472 98.99 6.56 43.91
N ALA N 473 99.08 5.89 45.06
CA ALA N 473 98.13 6.13 46.14
C ALA N 473 98.25 7.56 46.66
N ALA N 474 99.48 8.07 46.79
CA ALA N 474 99.69 9.45 47.21
C ALA N 474 99.11 10.43 46.20
N LEU N 475 99.31 10.16 44.91
CA LEU N 475 98.75 11.01 43.87
C LEU N 475 97.23 11.01 43.91
N GLN N 476 96.63 9.84 44.12
CA GLN N 476 95.17 9.74 44.24
C GLN N 476 94.68 10.53 45.46
N GLY N 477 95.41 10.42 46.58
CA GLY N 477 95.06 11.19 47.76
C GLY N 477 95.18 12.68 47.58
N SER N 478 96.15 13.13 46.78
CA SER N 478 96.34 14.55 46.52
C SER N 478 95.17 15.17 45.76
N ILE N 479 94.33 14.36 45.12
CA ILE N 479 93.15 14.83 44.39
C ILE N 479 92.12 15.35 45.38
N SER N 480 91.07 16.01 44.86
CA SER N 480 90.03 16.59 45.71
C SER N 480 89.29 15.56 46.55
N GLN N 481 89.33 14.28 46.16
CA GLN N 481 88.70 13.23 46.94
C GLN N 481 89.38 13.06 48.30
N PRO N 482 88.68 12.48 49.27
CA PRO N 482 89.25 12.31 50.62
C PRO N 482 90.53 11.49 50.62
N GLN N 483 91.46 11.89 51.47
CA GLN N 483 92.77 11.25 51.57
C GLN N 483 93.02 10.80 53.01
N ILE N 484 93.74 9.69 53.13
CA ILE N 484 94.10 9.10 54.43
C ILE N 484 95.57 8.74 54.41
N THR N 485 96.14 8.58 55.60
CA THR N 485 97.56 8.24 55.76
C THR N 485 97.75 6.73 55.59
N GLY N 486 97.61 6.29 54.35
CA GLY N 486 97.75 4.88 54.00
C GLY N 486 96.73 3.94 54.62
N GLN N 487 95.48 4.37 54.69
CA GLN N 487 94.41 3.56 55.25
C GLN N 487 93.79 2.67 54.18
N GLY N 488 93.16 1.58 54.62
CA GLY N 488 92.50 0.66 53.72
C GLY N 488 91.33 1.30 52.99
N THR N 489 91.37 1.26 51.66
CA THR N 489 90.32 1.85 50.84
C THR N 489 90.40 1.22 49.45
N LEU N 490 89.32 1.42 48.68
CA LEU N 490 89.29 0.91 47.31
C LEU N 490 90.37 1.53 46.44
N GLU N 491 90.60 2.84 46.58
CA GLU N 491 91.67 3.50 45.83
C GLU N 491 93.04 2.95 46.22
N HIS N 492 93.25 2.74 47.52
CA HIS N 492 94.51 2.24 48.05
C HIS N 492 94.57 0.72 48.11
N GLN N 493 93.65 0.03 47.44
CA GLN N 493 93.66 -1.43 47.44
C GLN N 493 94.92 -1.98 46.79
N ARG N 494 95.35 -1.38 45.67
CA ARG N 494 96.57 -1.82 45.01
C ARG N 494 97.79 -1.63 45.91
N ALA N 495 97.85 -0.49 46.61
CA ALA N 495 98.95 -0.24 47.53
C ALA N 495 98.96 -1.25 48.67
N LEU N 496 97.79 -1.57 49.21
CA LEU N 496 97.70 -2.58 50.27
C LEU N 496 98.13 -3.95 49.78
N ILE N 497 97.72 -4.32 48.56
CA ILE N 497 98.11 -5.61 47.99
C ILE N 497 99.62 -5.66 47.80
N GLN N 498 100.21 -4.57 47.28
CA GLN N 498 101.66 -4.52 47.09
C GLN N 498 102.40 -4.61 48.41
N LEU N 499 101.90 -3.92 49.44
CA LEU N 499 102.51 -3.98 50.77
C LEU N 499 102.43 -5.38 51.35
N ALA N 500 101.28 -6.05 51.19
CA ALA N 500 101.14 -7.42 51.68
C ALA N 500 102.08 -8.38 50.95
N THR N 501 102.21 -8.21 49.63
CA THR N 501 103.12 -9.04 48.85
C THR N 501 104.57 -8.82 49.28
N CYS N 502 104.95 -7.56 49.51
CA CYS N 502 106.30 -7.25 49.96
C CYS N 502 106.57 -7.84 51.34
N HIS N 503 105.59 -7.74 52.25
CA HIS N 503 105.74 -8.31 53.59
C HIS N 503 105.88 -9.82 53.54
N PHE N 504 105.07 -10.48 52.70
CA PHE N 504 105.16 -11.93 52.55
C PHE N 504 106.51 -12.35 51.96
N ALA N 505 106.97 -11.62 50.94
CA ALA N 505 108.26 -11.93 50.32
C ALA N 505 109.42 -11.74 51.28
N LEU N 506 109.39 -10.67 52.06
CA LEU N 506 110.47 -10.40 53.01
C LEU N 506 110.28 -11.21 54.28
N GLY N 507 111.37 -11.34 55.04
CA GLY N 507 111.34 -12.06 56.29
C GLY N 507 111.15 -11.17 57.50
N GLU N 508 110.66 -9.95 57.27
CA GLU N 508 110.47 -8.97 58.33
C GLU N 508 109.32 -9.42 59.23
N TYR N 509 109.66 -9.94 60.40
CA TYR N 509 108.64 -10.40 61.33
C TYR N 509 107.92 -9.23 62.01
N ARG N 510 108.67 -8.20 62.39
CA ARG N 510 108.07 -7.04 63.05
C ARG N 510 107.12 -6.30 62.13
N MET N 511 107.52 -6.08 60.87
CA MET N 511 106.66 -5.40 59.91
C MET N 511 105.40 -6.20 59.63
N THR N 512 105.54 -7.52 59.48
CA THR N 512 104.38 -8.38 59.26
C THR N 512 103.42 -8.36 60.44
N CYS N 513 103.97 -8.40 61.67
CA CYS N 513 103.14 -8.33 62.87
C CYS N 513 102.41 -6.99 62.96
N GLU N 514 103.12 -5.90 62.66
CA GLU N 514 102.49 -4.58 62.68
C GLU N 514 101.38 -4.47 61.65
N LYS N 515 101.62 -4.99 60.44
CA LYS N 515 100.60 -4.97 59.40
C LYS N 515 99.38 -5.80 59.78
N VAL N 516 99.61 -6.97 60.38
CA VAL N 516 98.52 -7.83 60.82
C VAL N 516 97.70 -7.14 61.90
N LEU N 517 98.38 -6.51 62.87
CA LEU N 517 97.68 -5.79 63.93
C LEU N 517 96.87 -4.63 63.37
N ASP N 518 97.44 -3.88 62.43
CA ASP N 518 96.72 -2.77 61.80
C ASP N 518 95.50 -3.27 61.04
N LEU N 519 95.64 -4.38 60.31
CA LEU N 519 94.52 -4.94 59.56
C LEU N 519 93.42 -5.42 60.51
N MET N 520 93.80 -6.09 61.60
CA MET N 520 92.81 -6.58 62.56
C MET N 520 92.08 -5.44 63.25
N CYS N 521 92.81 -4.39 63.65
CA CYS N 521 92.18 -3.25 64.31
C CYS N 521 91.24 -2.50 63.37
N TYR N 522 91.64 -2.32 62.12
CA TYR N 522 90.84 -1.61 61.12
C TYR N 522 90.90 -2.40 59.82
N MET N 523 89.89 -3.24 59.58
CA MET N 523 89.83 -4.06 58.38
C MET N 523 88.96 -3.39 57.32
N VAL N 524 89.35 -3.55 56.07
CA VAL N 524 88.65 -2.97 54.92
C VAL N 524 88.28 -4.11 53.97
N LEU N 525 87.02 -4.14 53.56
CA LEU N 525 86.54 -5.17 52.65
C LEU N 525 86.99 -4.90 51.22
N ARG N 545 114.26 -26.02 42.63
CA ARG N 545 114.37 -24.72 42.00
C ARG N 545 114.95 -23.69 42.97
N LYS N 546 115.25 -22.50 42.45
CA LYS N 546 115.81 -21.43 43.26
C LYS N 546 115.39 -20.09 42.67
N GLY N 547 115.49 -19.04 43.49
CA GLY N 547 115.14 -17.71 43.08
C GLY N 547 113.68 -17.37 43.33
N SER N 548 113.37 -16.09 43.14
CA SER N 548 112.02 -15.60 43.37
C SER N 548 111.08 -16.08 42.26
N ASP N 549 109.93 -16.59 42.65
CA ASP N 549 108.93 -17.10 41.73
C ASP N 549 107.87 -16.02 41.45
N LEU N 550 106.96 -16.32 40.54
CA LEU N 550 105.87 -15.42 40.19
C LEU N 550 104.57 -16.22 40.09
N LYS N 551 103.47 -15.55 40.44
CA LYS N 551 102.16 -16.19 40.39
C LYS N 551 101.10 -15.14 40.13
N LEU N 552 99.95 -15.59 39.64
CA LEU N 552 98.82 -14.72 39.34
C LEU N 552 97.67 -15.04 40.29
N LEU N 553 97.12 -14.01 40.92
CA LEU N 553 96.03 -14.15 41.86
C LEU N 553 94.97 -13.10 41.60
N PRO N 554 93.72 -13.36 41.97
CA PRO N 554 92.66 -12.37 41.76
C PRO N 554 92.88 -11.12 42.61
N CYS N 555 92.45 -9.98 42.05
CA CYS N 555 92.58 -8.70 42.73
C CYS N 555 91.34 -8.33 43.55
N THR N 556 90.35 -9.20 43.61
CA THR N 556 89.13 -8.93 44.35
C THR N 556 89.35 -9.11 45.85
N SER N 557 88.26 -9.08 46.62
CA SER N 557 88.33 -9.23 48.08
C SER N 557 88.73 -10.62 48.52
N LYS N 558 88.72 -11.61 47.63
CA LYS N 558 89.13 -12.97 47.99
C LYS N 558 90.59 -13.01 48.44
N ALA N 559 91.47 -12.32 47.71
CA ALA N 559 92.88 -12.26 48.10
C ALA N 559 93.08 -11.39 49.34
N ILE N 560 92.30 -10.32 49.47
CA ILE N 560 92.45 -9.42 50.62
C ILE N 560 92.11 -10.14 51.92
N MET N 561 91.05 -10.94 51.92
CA MET N 561 90.64 -11.68 53.12
C MET N 561 91.73 -12.64 53.61
N PRO N 562 92.36 -13.45 52.76
CA PRO N 562 93.41 -14.35 53.23
C PRO N 562 94.75 -13.68 53.51
N TYR N 563 94.88 -12.38 53.22
CA TYR N 563 96.14 -11.67 53.44
C TYR N 563 96.51 -11.65 54.93
N CYS N 564 95.53 -11.40 55.80
CA CYS N 564 95.78 -11.38 57.24
C CYS N 564 96.26 -12.73 57.75
N LEU N 565 95.59 -13.81 57.31
CA LEU N 565 96.00 -15.15 57.72
C LEU N 565 97.40 -15.49 57.20
N HIS N 566 97.68 -15.14 55.94
CA HIS N 566 99.00 -15.38 55.37
C HIS N 566 100.08 -14.59 56.11
N LEU N 567 99.78 -13.33 56.44
CA LEU N 567 100.73 -12.50 57.17
C LEU N 567 100.99 -13.08 58.57
N MET N 568 99.93 -13.54 59.24
CA MET N 568 100.10 -14.16 60.56
C MET N 568 100.93 -15.43 60.48
N LEU N 569 100.68 -16.26 59.46
CA LEU N 569 101.45 -17.48 59.28
C LEU N 569 102.91 -17.17 59.00
N ALA N 570 103.18 -16.16 58.16
CA ALA N 570 104.56 -15.76 57.88
C ALA N 570 105.26 -15.25 59.13
N CYS N 571 104.55 -14.45 59.93
CA CYS N 571 105.12 -13.94 61.18
C CYS N 571 105.43 -15.08 62.14
N PHE N 572 104.52 -16.04 62.25
CA PHE N 572 104.74 -17.19 63.13
C PHE N 572 105.93 -18.02 62.65
N LYS N 573 106.05 -18.23 61.33
CA LYS N 573 107.18 -18.97 60.80
C LYS N 573 108.50 -18.25 61.07
N LEU N 574 108.50 -16.92 60.90
CA LEU N 574 109.71 -16.13 61.18
C LEU N 574 110.08 -16.20 62.66
N ARG N 575 109.08 -16.12 63.54
CA ARG N 575 109.32 -16.23 64.97
C ARG N 575 109.88 -17.61 65.34
N ALA N 576 109.32 -18.66 64.74
CA ALA N 576 109.81 -20.01 64.98
C ALA N 576 111.25 -20.18 64.49
N PHE N 577 111.55 -19.62 63.32
CA PHE N 577 112.90 -19.72 62.77
C PHE N 577 113.90 -18.82 63.46
N THR N 578 113.45 -17.90 64.31
CA THR N 578 114.35 -16.99 65.02
C THR N 578 115.24 -17.77 65.99
N ASP N 579 116.49 -17.31 66.12
CA ASP N 579 117.44 -17.96 67.01
C ASP N 579 117.00 -17.88 68.47
N ASN N 580 116.46 -16.73 68.88
CA ASN N 580 116.04 -16.51 70.26
C ASN N 580 114.72 -17.24 70.51
N ARG N 581 114.83 -18.55 70.72
CA ARG N 581 113.67 -19.38 71.01
C ARG N 581 113.14 -19.09 72.41
N ASP N 582 111.81 -19.20 72.54
CA ASP N 582 111.14 -18.97 73.82
C ASP N 582 109.94 -19.90 73.90
N ASP N 583 109.52 -20.20 75.13
CA ASP N 583 108.38 -21.09 75.35
C ASP N 583 107.09 -20.47 74.81
N MET N 584 106.85 -19.20 75.12
CA MET N 584 105.65 -18.52 74.61
C MET N 584 105.67 -18.40 73.10
N ALA N 585 106.82 -18.02 72.53
CA ALA N 585 106.94 -17.92 71.08
C ALA N 585 106.75 -19.28 70.41
N LEU N 586 107.32 -20.33 71.00
CA LEU N 586 107.16 -21.68 70.45
C LEU N 586 105.71 -22.11 70.48
N GLY N 587 105.01 -21.84 71.60
CA GLY N 587 103.60 -22.19 71.68
C GLY N 587 102.74 -21.43 70.68
N HIS N 588 103.01 -20.13 70.53
CA HIS N 588 102.28 -19.33 69.55
C HIS N 588 102.53 -19.82 68.13
N VAL N 589 103.78 -20.16 67.81
CA VAL N 589 104.11 -20.68 66.49
C VAL N 589 103.42 -22.01 66.25
N ILE N 590 103.42 -22.90 67.25
CA ILE N 590 102.78 -24.20 67.13
C ILE N 590 101.28 -24.05 66.91
N VAL N 591 100.66 -23.11 67.64
CA VAL N 591 99.23 -22.84 67.46
C VAL N 591 98.97 -22.32 66.06
N LEU N 592 99.86 -21.48 65.53
CA LEU N 592 99.72 -20.90 64.21
C LEU N 592 100.37 -21.73 63.10
N LEU N 593 100.90 -22.92 63.40
CA LEU N 593 101.57 -23.74 62.40
C LEU N 593 100.63 -24.69 61.67
N GLN N 594 99.33 -24.65 61.94
CA GLN N 594 98.37 -25.54 61.29
C GLN N 594 97.90 -24.95 59.96
N GLN N 595 98.88 -24.71 59.07
CA GLN N 595 98.62 -24.17 57.75
C GLN N 595 99.32 -25.00 56.69
N GLU N 596 100.42 -25.64 57.06
CA GLU N 596 101.21 -26.46 56.14
C GLU N 596 101.65 -27.72 56.86
N TRP N 597 101.83 -28.79 56.09
CA TRP N 597 102.27 -30.07 56.61
C TRP N 597 103.20 -30.72 55.59
N PRO N 598 104.05 -31.67 56.04
CA PRO N 598 104.33 -32.27 57.34
C PRO N 598 105.43 -31.56 58.11
N ARG N 599 106.10 -30.60 57.45
CA ARG N 599 107.17 -29.85 58.11
C ARG N 599 106.63 -29.02 59.26
N GLY N 600 105.47 -28.39 59.06
CA GLY N 600 104.86 -27.59 60.12
C GLY N 600 104.46 -28.42 61.32
N GLU N 601 103.91 -29.62 61.08
CA GLU N 601 103.54 -30.51 62.17
C GLU N 601 104.78 -30.95 62.97
N ASN N 602 105.87 -31.27 62.26
CA ASN N 602 107.11 -31.65 62.93
C ASN N 602 107.66 -30.50 63.76
N LEU N 603 107.62 -29.28 63.20
CA LEU N 603 108.09 -28.11 63.94
C LEU N 603 107.25 -27.86 65.18
N PHE N 604 105.92 -28.00 65.05
CA PHE N 604 105.04 -27.82 66.20
C PHE N 604 105.29 -28.88 67.28
N LEU N 605 105.51 -30.14 66.85
CA LEU N 605 105.81 -31.20 67.80
C LEU N 605 107.13 -30.94 68.52
N LYS N 606 108.15 -30.49 67.78
CA LYS N 606 109.43 -30.17 68.39
C LYS N 606 109.30 -29.02 69.38
N ALA N 607 108.52 -27.99 69.02
CA ALA N 607 108.29 -26.87 69.93
C ALA N 607 107.57 -27.31 71.19
N VAL N 608 106.56 -28.18 71.04
CA VAL N 608 105.83 -28.69 72.20
C VAL N 608 106.75 -29.50 73.10
N ASN N 609 107.60 -30.35 72.51
CA ASN N 609 108.54 -31.13 73.30
C ASN N 609 109.53 -30.23 74.03
N LYS N 610 110.01 -29.18 73.35
CA LYS N 610 110.93 -28.23 73.98
C LYS N 610 110.28 -27.50 75.15
N ILE N 611 109.01 -27.08 74.98
CA ILE N 611 108.30 -26.43 76.07
C ILE N 611 107.93 -27.43 77.16
N CYS N 612 107.12 -28.43 76.80
CA CYS N 612 106.72 -29.55 77.66
C CYS N 612 106.03 -29.08 78.94
N GLN N 613 106.80 -28.95 80.02
CA GLN N 613 106.26 -28.66 81.35
C GLN N 613 106.95 -27.44 81.95
N GLN N 614 107.04 -26.37 81.16
CA GLN N 614 107.65 -25.13 81.63
C GLN N 614 106.91 -24.55 82.83
N GLY N 615 105.57 -24.57 82.79
CA GLY N 615 104.79 -24.11 83.91
C GLY N 615 104.61 -22.60 83.95
N ASN N 616 105.70 -21.87 84.12
CA ASN N 616 105.67 -20.42 84.21
C ASN N 616 105.67 -19.82 82.80
N PHE N 617 104.56 -20.02 82.10
CA PHE N 617 104.37 -19.53 80.75
C PHE N 617 103.42 -18.35 80.77
N GLN N 618 103.81 -17.27 80.08
CA GLN N 618 103.00 -16.05 79.99
C GLN N 618 102.17 -16.11 78.72
N TYR N 619 100.85 -16.04 78.88
CA TYR N 619 99.95 -16.09 77.73
C TYR N 619 98.62 -15.47 78.13
N GLU N 620 98.21 -14.42 77.43
CA GLU N 620 96.96 -13.72 77.71
C GLU N 620 95.79 -14.30 76.92
N ASN N 621 95.95 -14.45 75.61
CA ASN N 621 94.90 -14.98 74.73
C ASN N 621 95.46 -16.06 73.82
N PHE N 622 96.23 -16.99 74.42
CA PHE N 622 96.80 -18.10 73.65
C PHE N 622 95.72 -19.00 73.07
N PHE N 623 94.70 -19.30 73.85
CA PHE N 623 93.61 -20.14 73.36
C PHE N 623 92.71 -19.40 72.38
N ASN N 624 92.65 -18.07 72.49
CA ASN N 624 91.81 -17.27 71.60
C ASN N 624 92.26 -17.39 70.16
N TYR N 625 93.58 -17.36 69.92
CA TYR N 625 94.10 -17.45 68.57
C TYR N 625 93.99 -18.86 68.02
N VAL N 626 94.04 -19.86 68.89
CA VAL N 626 93.97 -21.24 68.42
C VAL N 626 92.54 -21.55 68.03
N THR N 627 92.36 -22.03 66.80
CA THR N 627 91.04 -22.41 66.31
C THR N 627 91.12 -23.82 65.74
N ASN N 628 92.30 -24.17 65.22
CA ASN N 628 92.51 -25.48 64.65
C ASN N 628 92.41 -26.56 65.73
N ILE N 629 91.82 -27.70 65.36
CA ILE N 629 91.67 -28.79 66.30
C ILE N 629 92.99 -29.50 66.57
N ASP N 630 93.92 -29.44 65.60
CA ASP N 630 95.22 -30.08 65.78
C ASP N 630 96.00 -29.45 66.93
N MET N 631 95.97 -28.12 67.03
CA MET N 631 96.65 -27.44 68.13
C MET N 631 96.05 -27.82 69.48
N LEU N 632 94.72 -27.90 69.56
CA LEU N 632 94.07 -28.31 70.80
C LEU N 632 94.42 -29.74 71.18
N GLU N 633 94.45 -30.64 70.19
CA GLU N 633 94.83 -32.02 70.45
C GLU N 633 96.27 -32.12 70.93
N GLU N 634 97.17 -31.37 70.30
CA GLU N 634 98.58 -31.36 70.72
C GLU N 634 98.72 -30.82 72.13
N PHE N 635 98.00 -29.75 72.46
CA PHE N 635 98.05 -29.19 73.81
C PHE N 635 97.52 -30.17 74.84
N ALA N 636 96.42 -30.87 74.52
CA ALA N 636 95.87 -31.86 75.42
C ALA N 636 96.84 -33.02 75.64
N TYR N 637 97.50 -33.48 74.57
CA TYR N 637 98.50 -34.53 74.69
C TYR N 637 99.68 -34.09 75.53
N LEU N 638 100.14 -32.84 75.35
CA LEU N 638 101.24 -32.30 76.13
C LEU N 638 100.88 -32.19 77.60
N ARG N 639 99.64 -31.76 77.90
CA ARG N 639 99.20 -31.61 79.28
C ARG N 639 99.12 -32.93 80.02
N THR N 640 98.96 -34.06 79.31
CA THR N 640 98.87 -35.36 79.95
C THR N 640 100.25 -35.83 80.40
N GLN N 641 100.33 -37.06 80.90
CA GLN N 641 101.59 -37.61 81.39
C GLN N 641 102.62 -37.83 80.28
N GLU N 642 102.17 -37.91 79.03
CA GLU N 642 103.07 -38.20 77.92
C GLU N 642 104.09 -37.08 77.71
N GLY N 643 103.62 -35.84 77.65
CA GLY N 643 104.48 -34.72 77.33
C GLY N 643 105.10 -34.02 78.53
N GLY N 644 104.25 -33.49 79.41
CA GLY N 644 104.73 -32.68 80.52
C GLY N 644 104.35 -33.18 81.89
N LYS N 645 103.26 -33.95 81.97
CA LYS N 645 102.72 -34.49 83.22
C LYS N 645 102.39 -33.38 84.22
N ILE N 646 101.88 -32.27 83.71
CA ILE N 646 101.56 -31.10 84.52
C ILE N 646 100.27 -30.49 83.98
N HIS N 647 99.43 -30.00 84.90
CA HIS N 647 98.16 -29.38 84.50
C HIS N 647 98.41 -28.06 83.78
N LEU N 648 97.47 -27.70 82.92
CA LEU N 648 97.56 -26.47 82.14
C LEU N 648 96.17 -25.87 81.99
N GLU N 649 96.09 -24.76 81.25
CA GLU N 649 94.85 -24.05 81.00
C GLU N 649 94.60 -23.96 79.50
N LEU N 650 93.38 -24.30 79.07
CA LEU N 650 93.02 -24.24 77.66
C LEU N 650 91.73 -23.49 77.37
N LEU N 651 90.91 -23.17 78.38
CA LEU N 651 89.68 -22.44 78.16
C LEU N 651 89.97 -20.99 77.78
N PRO N 652 88.99 -20.30 77.18
CA PRO N 652 89.18 -18.88 76.82
C PRO N 652 89.44 -18.04 78.06
N ASN N 653 90.58 -17.35 78.05
CA ASN N 653 91.07 -16.51 79.16
C ASN N 653 91.26 -17.33 80.44
N GLN N 654 91.60 -18.60 80.30
CA GLN N 654 91.79 -19.47 81.47
C GLN N 654 93.08 -19.14 82.22
N GLY N 655 94.12 -18.70 81.51
CA GLY N 655 95.39 -18.40 82.16
C GLY N 655 95.29 -17.27 83.17
N MET N 656 94.58 -16.19 82.81
CA MET N 656 94.41 -15.07 83.74
C MET N 656 93.62 -15.50 84.98
N LEU N 657 92.55 -16.28 84.79
CA LEU N 657 91.75 -16.76 85.91
C LEU N 657 92.55 -17.72 86.79
N ILE N 658 93.34 -18.61 86.16
CA ILE N 658 94.12 -19.58 86.92
C ILE N 658 95.19 -18.90 87.76
N LYS N 659 95.79 -17.83 87.23
CA LYS N 659 96.84 -17.13 87.96
C LYS N 659 96.33 -16.41 89.21
N HIS N 660 95.02 -16.17 89.30
CA HIS N 660 94.44 -15.42 90.40
C HIS N 660 94.18 -16.26 91.65
N HIS N 661 94.26 -17.59 91.57
CA HIS N 661 93.98 -18.43 92.72
C HIS N 661 94.74 -19.73 92.62
N THR N 662 94.93 -20.38 93.76
CA THR N 662 95.63 -21.65 93.80
C THR N 662 94.77 -22.78 93.23
N VAL N 663 95.42 -23.73 92.57
CA VAL N 663 94.74 -24.87 91.99
C VAL N 663 94.38 -25.87 93.09
N THR N 664 93.12 -26.27 93.14
CA THR N 664 92.63 -27.21 94.14
C THR N 664 91.40 -27.92 93.56
N ARG N 665 90.68 -28.64 94.42
CA ARG N 665 89.48 -29.36 93.99
C ARG N 665 88.42 -28.42 93.48
N GLY N 666 88.18 -27.31 94.20
CA GLY N 666 87.23 -26.32 93.74
C GLY N 666 87.67 -25.64 92.45
N ILE N 667 88.96 -25.31 92.36
CA ILE N 667 89.50 -24.74 91.13
C ILE N 667 89.38 -25.73 89.98
N THR N 668 89.60 -27.03 90.27
CA THR N 668 89.45 -28.05 89.24
C THR N 668 88.00 -28.13 88.75
N LYS N 669 87.04 -28.07 89.67
CA LYS N 669 85.63 -28.08 89.28
C LYS N 669 85.26 -26.85 88.48
N GLY N 670 85.78 -25.69 88.88
CA GLY N 670 85.54 -24.47 88.11
C GLY N 670 86.13 -24.54 86.71
N VAL N 671 87.34 -25.10 86.59
CA VAL N 671 87.97 -25.26 85.29
C VAL N 671 87.18 -26.23 84.42
N LYS N 672 86.67 -27.31 85.02
CA LYS N 672 85.84 -28.26 84.29
C LYS N 672 84.55 -27.60 83.79
N GLU N 673 83.92 -26.78 84.65
CA GLU N 673 82.72 -26.06 84.24
C GLU N 673 83.02 -25.08 83.11
N ASP N 674 84.15 -24.37 83.20
CA ASP N 674 84.54 -23.43 82.14
C ASP N 674 84.81 -24.18 80.84
N PHE N 675 85.46 -25.34 80.91
CA PHE N 675 85.73 -26.13 79.71
C PHE N 675 84.42 -26.63 79.09
N ARG N 676 83.47 -27.06 79.92
CA ARG N 676 82.17 -27.49 79.41
C ARG N 676 81.43 -26.34 78.73
N LEU N 677 81.48 -25.14 79.34
CA LEU N 677 80.86 -23.97 78.73
C LEU N 677 81.51 -23.61 77.41
N ALA N 678 82.85 -23.70 77.35
CA ALA N 678 83.58 -23.42 76.11
C ALA N 678 83.22 -24.43 75.03
N MET N 679 83.10 -25.71 75.41
CA MET N 679 82.70 -26.74 74.45
C MET N 679 81.30 -26.50 73.93
N GLU N 680 80.37 -26.11 74.81
CA GLU N 680 79.01 -25.79 74.38
C GLU N 680 78.99 -24.60 73.43
N ARG N 681 79.78 -23.56 73.74
CA ARG N 681 79.88 -22.39 72.86
C ARG N 681 80.45 -22.77 71.51
N GLN N 682 81.49 -23.62 71.49
CA GLN N 682 82.08 -24.08 70.24
C GLN N 682 81.07 -24.89 69.43
N VAL N 683 80.28 -25.74 70.10
CA VAL N 683 79.25 -26.53 69.41
C VAL N 683 78.19 -25.63 68.83
N SER N 684 77.87 -24.53 69.52
CA SER N 684 76.84 -23.59 69.05
C SER N 684 77.22 -22.96 67.71
N ARG N 685 78.49 -22.60 67.54
CA ARG N 685 78.98 -21.93 66.33
C ARG N 685 80.15 -22.70 65.72
N CYS N 686 79.98 -24.02 65.54
CA CYS N 686 81.04 -24.87 64.99
C CYS N 686 81.40 -24.52 63.56
N GLY N 687 80.51 -23.87 62.81
CA GLY N 687 80.78 -23.55 61.43
C GLY N 687 81.71 -22.37 61.21
N GLU N 688 82.08 -21.65 62.27
CA GLU N 688 82.95 -20.50 62.15
C GLU N 688 84.36 -20.91 61.74
N ASN N 689 84.94 -20.12 60.83
CA ASN N 689 86.28 -20.37 60.33
C ASN N 689 87.33 -19.83 61.30
N LEU N 690 88.59 -20.18 61.04
CA LEU N 690 89.69 -19.74 61.89
C LEU N 690 90.12 -18.30 61.62
N MET N 691 89.71 -17.72 60.49
CA MET N 691 90.07 -16.34 60.17
C MET N 691 89.49 -15.36 61.19
N VAL N 692 88.22 -15.56 61.57
CA VAL N 692 87.59 -14.68 62.55
C VAL N 692 88.28 -14.78 63.90
N VAL N 693 88.63 -16.00 64.31
CA VAL N 693 89.32 -16.20 65.59
C VAL N 693 90.68 -15.53 65.58
N LEU N 694 91.43 -15.68 64.48
CA LEU N 694 92.75 -15.06 64.37
C LEU N 694 92.64 -13.53 64.39
N HIS N 695 91.66 -12.99 63.65
CA HIS N 695 91.46 -11.53 63.64
C HIS N 695 91.08 -11.00 65.00
N ARG N 696 90.18 -11.70 65.71
CA ARG N 696 89.78 -11.28 67.05
C ARG N 696 90.95 -11.33 68.02
N PHE N 697 91.76 -12.39 67.95
CA PHE N 697 92.93 -12.48 68.83
C PHE N 697 93.93 -11.38 68.55
N CYS N 698 94.19 -11.09 67.27
CA CYS N 698 95.11 -10.02 66.91
C CYS N 698 94.60 -8.66 67.38
N ILE N 699 93.29 -8.42 67.22
CA ILE N 699 92.69 -7.16 67.66
C ILE N 699 92.80 -7.02 69.17
N ASN N 700 92.52 -8.10 69.90
CA ASN N 700 92.61 -8.07 71.36
C ASN N 700 94.05 -7.81 71.81
N GLU N 701 95.02 -8.47 71.16
CA GLU N 701 96.42 -8.25 71.51
C GLU N 701 96.85 -6.81 71.22
N LYS N 702 96.40 -6.25 70.09
CA LYS N 702 96.72 -4.87 69.76
C LYS N 702 96.10 -3.91 70.77
N ILE N 703 94.86 -4.19 71.19
CA ILE N 703 94.21 -3.32 72.17
C ILE N 703 94.91 -3.40 73.52
N LEU N 704 95.38 -4.60 73.88
CA LEU N 704 95.95 -4.81 75.22
C LEU N 704 97.40 -4.35 75.32
N LEU N 705 98.29 -4.97 74.55
CA LEU N 705 99.74 -4.75 74.70
C LEU N 705 100.42 -4.51 73.36
N LEU N 706 99.91 -3.56 72.58
CA LEU N 706 100.58 -3.18 71.34
C LEU N 706 101.95 -2.59 71.60
N GLN N 707 102.08 -1.73 72.62
CA GLN N 707 103.34 -1.07 72.92
C GLN N 707 104.39 -2.03 73.47
N THR N 708 104.02 -3.25 73.86
CA THR N 708 104.98 -4.21 74.40
C THR N 708 106.01 -4.64 73.36
N LEU N 709 105.68 -4.54 72.08
CA LEU N 709 106.60 -4.93 71.01
C LEU N 709 107.85 -4.05 71.01
N THR N 710 109.00 -4.69 70.88
CA THR N 710 110.34 -4.06 70.83
C THR N 710 110.69 -3.32 72.12
N PRO O 4 76.88 -47.03 7.81
CA PRO O 4 75.59 -46.34 7.78
C PRO O 4 74.69 -46.80 6.63
N GLU O 5 73.64 -47.54 6.99
CA GLU O 5 72.73 -48.09 6.01
C GLU O 5 71.29 -47.90 6.49
N ILE O 6 70.39 -47.66 5.53
CA ILE O 6 68.96 -47.57 5.80
C ILE O 6 68.32 -48.75 5.08
N ARG O 7 67.47 -49.49 5.79
CA ARG O 7 66.83 -50.67 5.26
C ARG O 7 65.33 -50.41 5.19
N VAL O 8 64.77 -50.53 3.99
CA VAL O 8 63.34 -50.33 3.74
C VAL O 8 62.85 -51.43 2.80
N THR O 9 61.73 -52.05 3.14
CA THR O 9 61.14 -53.12 2.32
C THR O 9 59.64 -53.16 2.57
N PRO O 10 58.90 -52.22 1.98
CA PRO O 10 57.44 -52.25 2.16
C PRO O 10 56.83 -53.45 1.45
N LEU O 11 55.73 -53.93 2.01
CA LEU O 11 54.95 -55.01 1.40
C LEU O 11 53.50 -54.58 1.31
N GLY O 12 52.92 -54.71 0.11
CA GLY O 12 51.55 -54.27 -0.08
C GLY O 12 51.43 -52.77 -0.31
N ALA O 13 50.67 -52.39 -1.34
CA ALA O 13 50.41 -51.02 -1.80
C ALA O 13 51.64 -50.33 -2.38
N GLY O 14 52.75 -51.04 -2.54
CA GLY O 14 53.92 -50.42 -3.18
C GLY O 14 53.67 -50.04 -4.62
N GLN O 15 52.94 -50.89 -5.35
CA GLN O 15 52.55 -50.59 -6.72
C GLN O 15 51.04 -50.65 -6.93
N ASP O 16 50.27 -50.68 -5.85
CA ASP O 16 48.81 -50.80 -5.92
C ASP O 16 48.20 -50.03 -4.76
N VAL O 17 46.92 -50.25 -4.50
CA VAL O 17 46.20 -49.62 -3.40
C VAL O 17 45.74 -50.72 -2.45
N GLY O 18 45.84 -50.45 -1.15
CA GLY O 18 45.38 -51.42 -0.17
C GLY O 18 46.51 -52.32 0.32
N ARG O 19 46.29 -52.86 1.52
CA ARG O 19 47.26 -53.73 2.22
C ARG O 19 48.57 -52.98 2.50
N SER O 20 48.48 -51.68 2.79
CA SER O 20 49.67 -50.89 3.06
C SER O 20 50.37 -51.42 4.30
N CYS O 21 51.67 -51.67 4.17
CA CYS O 21 52.47 -52.18 5.29
C CYS O 21 53.92 -51.85 4.97
N ILE O 22 54.51 -50.91 5.71
CA ILE O 22 55.85 -50.43 5.43
C ILE O 22 56.72 -50.79 6.63
N LEU O 23 57.67 -51.69 6.42
CA LEU O 23 58.60 -52.12 7.45
C LEU O 23 59.95 -51.46 7.19
N VAL O 24 60.48 -50.77 8.20
CA VAL O 24 61.74 -50.03 8.09
C VAL O 24 62.55 -50.31 9.35
N SER O 25 63.86 -50.51 9.17
CA SER O 25 64.82 -50.65 10.27
C SER O 25 65.92 -49.62 10.01
N ILE O 26 65.67 -48.39 10.47
CA ILE O 26 66.54 -47.26 10.17
C ILE O 26 67.91 -47.40 10.80
N ALA O 27 67.98 -47.82 12.07
CA ALA O 27 69.25 -48.00 12.77
C ALA O 27 69.18 -49.26 13.62
N GLY O 28 68.61 -50.33 13.08
CA GLY O 28 68.39 -51.54 13.83
C GLY O 28 67.15 -51.53 14.68
N LYS O 29 66.43 -50.41 14.72
CA LYS O 29 65.18 -50.27 15.45
C LYS O 29 64.04 -50.42 14.45
N ASN O 30 63.41 -51.60 14.44
CA ASN O 30 62.29 -51.84 13.56
C ASN O 30 61.12 -50.91 13.89
N VAL O 31 60.55 -50.29 12.87
CA VAL O 31 59.41 -49.39 13.03
C VAL O 31 58.28 -49.88 12.12
N MET O 32 57.10 -50.03 12.69
CA MET O 32 55.93 -50.49 11.94
C MET O 32 55.10 -49.26 11.60
N LEU O 33 55.13 -48.86 10.33
CA LEU O 33 54.51 -47.59 9.94
C LEU O 33 53.03 -47.70 9.61
N ASP O 34 52.54 -48.87 9.20
CA ASP O 34 51.14 -49.03 8.80
C ASP O 34 50.85 -50.52 8.69
N CYS O 35 49.59 -50.89 8.91
CA CYS O 35 49.14 -52.28 8.77
C CYS O 35 47.76 -52.25 8.10
N GLY O 36 47.74 -52.30 6.77
CA GLY O 36 46.52 -52.17 6.01
C GLY O 36 45.94 -53.49 5.53
N MET O 37 44.90 -53.39 4.73
CA MET O 37 44.26 -54.55 4.12
C MET O 37 43.70 -54.14 2.76
N HIS O 38 43.13 -55.12 2.05
CA HIS O 38 42.44 -54.86 0.79
C HIS O 38 41.33 -55.88 0.64
N MET O 39 40.10 -55.41 0.60
CA MET O 39 38.93 -56.27 0.45
C MET O 39 38.97 -57.04 -0.88
N GLY O 40 38.16 -58.10 -0.95
CA GLY O 40 38.15 -58.98 -2.10
C GLY O 40 39.14 -60.12 -2.05
N PHE O 41 40.02 -60.14 -1.04
CA PHE O 41 41.00 -61.22 -0.88
C PHE O 41 40.39 -62.29 0.02
N ASN O 42 39.52 -63.11 -0.59
CA ASN O 42 38.87 -64.20 0.13
C ASN O 42 39.81 -65.35 0.47
N ASP O 43 41.02 -65.37 -0.10
CA ASP O 43 42.00 -66.41 0.18
C ASP O 43 42.90 -66.08 1.36
N ASP O 44 42.41 -65.26 2.30
CA ASP O 44 43.14 -64.83 3.49
C ASP O 44 44.39 -64.03 3.12
N ARG O 45 44.36 -63.34 1.98
CA ARG O 45 45.43 -62.45 1.58
C ARG O 45 45.21 -61.01 2.04
N ARG O 46 44.18 -60.76 2.85
CA ARG O 46 43.87 -59.41 3.30
C ARG O 46 45.00 -58.81 4.12
N PHE O 47 45.59 -59.61 5.00
CA PHE O 47 46.59 -59.16 5.96
C PHE O 47 47.98 -59.36 5.37
N PRO O 48 49.02 -58.70 5.91
CA PRO O 48 50.38 -58.99 5.44
C PRO O 48 50.86 -60.37 5.89
N ASP O 49 52.10 -60.70 5.54
CA ASP O 49 52.70 -61.99 5.88
C ASP O 49 53.45 -61.85 7.20
N PHE O 50 52.81 -62.29 8.29
CA PHE O 50 53.46 -62.27 9.60
C PHE O 50 54.72 -63.13 9.63
N SER O 51 54.81 -64.16 8.77
CA SER O 51 55.98 -65.03 8.75
C SER O 51 57.21 -64.33 8.19
N TYR O 52 57.01 -63.18 7.52
CA TYR O 52 58.10 -62.42 6.93
C TYR O 52 59.08 -61.94 7.99
N ILE O 53 58.57 -61.50 9.14
CA ILE O 53 59.45 -61.10 10.25
C ILE O 53 60.25 -62.30 10.74
N THR O 54 59.57 -63.42 10.98
CA THR O 54 60.14 -64.72 11.38
C THR O 54 58.98 -65.71 11.48
N GLN O 55 59.19 -66.97 11.10
CA GLN O 55 58.17 -68.00 11.24
C GLN O 55 57.86 -68.17 12.72
N ASN O 56 56.65 -67.76 13.12
CA ASN O 56 56.17 -67.77 14.50
C ASN O 56 57.05 -66.86 15.37
N GLY O 57 56.96 -67.01 16.69
CA GLY O 57 57.75 -66.22 17.60
C GLY O 57 57.04 -64.96 18.06
N ARG O 58 57.67 -64.26 19.00
CA ARG O 58 57.11 -63.05 19.56
C ARG O 58 57.45 -61.85 18.68
N LEU O 59 56.41 -61.15 18.21
CA LEU O 59 56.61 -59.95 17.40
C LEU O 59 57.29 -58.85 18.20
N THR O 60 56.96 -58.74 19.49
CA THR O 60 57.54 -57.71 20.37
C THR O 60 59.05 -57.84 20.48
N ASP O 61 59.59 -59.05 20.30
CA ASP O 61 61.04 -59.23 20.30
C ASP O 61 61.68 -58.45 19.16
N PHE O 62 61.05 -58.48 17.97
CA PHE O 62 61.56 -57.82 16.79
C PHE O 62 61.12 -56.36 16.69
N LEU O 63 59.84 -56.08 16.94
CA LEU O 63 59.28 -54.75 16.81
C LEU O 63 59.14 -54.08 18.17
N ASP O 64 59.45 -52.78 18.21
CA ASP O 64 59.28 -51.99 19.42
C ASP O 64 58.44 -50.74 19.21
N CYS O 65 57.99 -50.49 17.97
CA CYS O 65 57.18 -49.32 17.67
C CYS O 65 56.23 -49.66 16.53
N VAL O 66 54.96 -49.25 16.69
CA VAL O 66 53.92 -49.43 15.69
C VAL O 66 53.22 -48.09 15.51
N ILE O 67 52.96 -47.73 14.26
CA ILE O 67 52.37 -46.44 13.90
C ILE O 67 51.16 -46.69 13.00
N ILE O 68 50.11 -45.89 13.17
CA ILE O 68 48.89 -45.97 12.37
C ILE O 68 48.60 -44.58 11.83
N SER O 69 48.21 -44.51 10.56
CA SER O 69 47.94 -43.21 9.93
C SER O 69 46.58 -42.67 10.34
N HIS O 70 45.51 -43.40 10.01
CA HIS O 70 44.15 -42.98 10.34
C HIS O 70 43.24 -44.20 10.33
N PHE O 71 41.96 -43.98 10.64
CA PHE O 71 41.04 -45.08 10.92
C PHE O 71 40.61 -45.87 9.70
N HIS O 72 40.96 -45.43 8.48
CA HIS O 72 40.57 -46.15 7.28
C HIS O 72 41.15 -47.56 7.27
N LEU O 73 40.31 -48.52 6.85
CA LEU O 73 40.69 -49.93 6.88
C LEU O 73 41.91 -50.23 6.01
N ASP O 74 42.13 -49.46 4.93
CA ASP O 74 43.33 -49.68 4.15
C ASP O 74 44.61 -49.25 4.88
N HIS O 75 44.47 -48.57 6.02
CA HIS O 75 45.60 -48.21 6.87
C HIS O 75 45.62 -48.93 8.22
N CYS O 76 44.49 -49.45 8.70
CA CYS O 76 44.49 -50.15 9.99
C CYS O 76 43.61 -51.40 10.02
N GLY O 77 43.25 -51.94 8.85
CA GLY O 77 42.35 -53.09 8.83
C GLY O 77 42.94 -54.36 9.39
N ALA O 78 44.21 -54.63 9.09
CA ALA O 78 44.87 -55.86 9.54
C ALA O 78 45.47 -55.76 10.93
N LEU O 79 45.28 -54.64 11.63
CA LEU O 79 45.83 -54.51 12.99
C LEU O 79 45.36 -55.59 13.98
N PRO O 80 44.04 -56.00 14.06
CA PRO O 80 43.63 -56.93 15.13
C PRO O 80 44.31 -58.29 15.07
N TYR O 81 44.22 -58.97 13.93
CA TYR O 81 44.81 -60.30 13.78
C TYR O 81 46.33 -60.25 13.93
N PHE O 82 46.96 -59.22 13.36
CA PHE O 82 48.41 -59.10 13.45
C PHE O 82 48.85 -58.90 14.90
N SER O 83 48.12 -58.09 15.65
CA SER O 83 48.49 -57.79 17.03
C SER O 83 48.18 -58.94 17.99
N GLU O 84 47.02 -59.58 17.83
CA GLU O 84 46.56 -60.58 18.80
C GLU O 84 46.84 -62.02 18.35
N MET O 85 46.33 -62.41 17.19
CA MET O 85 46.44 -63.81 16.74
C MET O 85 47.89 -64.23 16.57
N VAL O 86 48.70 -63.39 15.92
CA VAL O 86 50.12 -63.67 15.79
C VAL O 86 50.80 -63.54 17.15
N GLY O 87 50.36 -62.57 17.96
CA GLY O 87 50.92 -62.36 19.27
C GLY O 87 51.85 -61.16 19.36
N TYR O 88 51.34 -60.05 19.88
CA TYR O 88 52.11 -58.83 20.01
C TYR O 88 51.55 -58.01 21.17
N ASP O 89 52.44 -57.54 22.05
CA ASP O 89 52.05 -56.68 23.15
C ASP O 89 52.98 -55.49 23.29
N GLY O 90 53.74 -55.17 22.23
CA GLY O 90 54.66 -54.06 22.28
C GLY O 90 53.98 -52.73 22.11
N PRO O 91 54.77 -51.66 22.21
CA PRO O 91 54.21 -50.31 22.11
C PRO O 91 53.56 -50.06 20.76
N ILE O 92 52.43 -49.35 20.79
CA ILE O 92 51.72 -48.92 19.59
C ILE O 92 51.36 -47.45 19.77
N TYR O 93 51.65 -46.64 18.75
CA TYR O 93 51.46 -45.20 18.82
C TYR O 93 50.57 -44.75 17.67
N MET O 94 49.50 -44.03 18.02
CA MET O 94 48.56 -43.48 17.06
C MET O 94 47.77 -42.38 17.75
N THR O 95 47.14 -41.53 16.94
CA THR O 95 46.43 -40.37 17.48
C THR O 95 45.15 -40.75 18.21
N HIS O 96 44.80 -39.93 19.20
CA HIS O 96 43.62 -40.18 20.04
C HIS O 96 42.31 -40.22 19.26
N PRO O 97 41.97 -39.26 18.36
CA PRO O 97 40.71 -39.41 17.62
C PRO O 97 40.66 -40.66 16.76
N THR O 98 41.80 -41.09 16.22
CA THR O 98 41.85 -42.36 15.51
C THR O 98 41.55 -43.52 16.44
N GLN O 99 42.07 -43.46 17.67
CA GLN O 99 41.75 -44.49 18.66
C GLN O 99 40.27 -44.49 19.01
N ALA O 100 39.61 -43.33 18.96
CA ALA O 100 38.18 -43.30 19.23
C ALA O 100 37.34 -43.83 18.06
N ILE O 101 37.74 -43.51 16.83
CA ILE O 101 36.94 -43.85 15.65
C ILE O 101 37.18 -45.31 15.24
N CYS O 102 38.40 -45.80 15.43
CA CYS O 102 38.81 -47.11 14.92
C CYS O 102 38.00 -48.30 15.43
N PRO O 103 37.72 -48.49 16.74
CA PRO O 103 37.19 -49.80 17.19
C PRO O 103 35.84 -50.16 16.61
N ILE O 104 34.90 -49.21 16.59
CA ILE O 104 33.56 -49.47 16.06
C ILE O 104 33.64 -49.79 14.56
N LEU O 105 34.52 -49.12 13.82
CA LEU O 105 34.68 -49.43 12.40
C LEU O 105 35.19 -50.84 12.20
N LEU O 106 36.19 -51.24 12.98
CA LEU O 106 36.73 -52.60 12.90
C LEU O 106 35.67 -53.63 13.26
N GLU O 107 34.89 -53.34 14.31
CA GLU O 107 33.85 -54.26 14.76
C GLU O 107 32.76 -54.41 13.69
N ASP O 108 32.36 -53.30 13.07
CA ASP O 108 31.36 -53.35 12.00
C ASP O 108 31.88 -54.13 10.81
N TYR O 109 33.16 -53.92 10.44
CA TYR O 109 33.76 -54.68 9.35
C TYR O 109 33.83 -56.17 9.69
N ARG O 110 34.15 -56.50 10.95
CA ARG O 110 34.19 -57.88 11.38
C ARG O 110 32.80 -58.51 11.28
N LYS O 111 31.77 -57.77 11.67
CA LYS O 111 30.40 -58.27 11.54
C LYS O 111 30.03 -58.49 10.07
N ILE O 112 30.45 -57.58 9.19
CA ILE O 112 30.19 -57.71 7.76
C ILE O 112 30.88 -58.96 7.22
N ALA O 113 32.11 -59.22 7.67
CA ALA O 113 32.81 -60.44 7.29
C ALA O 113 32.09 -61.67 7.82
N VAL O 114 31.52 -61.59 9.04
CA VAL O 114 30.73 -62.69 9.58
C VAL O 114 29.52 -62.96 8.70
N ASP O 115 28.91 -61.90 8.15
CA ASP O 115 27.78 -62.06 7.24
C ASP O 115 28.16 -62.81 5.97
N LYS O 116 29.44 -62.74 5.57
CA LYS O 116 29.96 -63.52 4.46
C LYS O 116 30.39 -64.92 4.86
N LYS O 117 30.29 -65.26 6.16
CA LYS O 117 30.66 -66.58 6.70
C LYS O 117 32.13 -66.91 6.45
N GLY O 118 32.98 -65.89 6.42
CA GLY O 118 34.42 -66.07 6.30
C GLY O 118 35.15 -65.79 7.60
N GLU O 119 34.45 -65.96 8.72
CA GLU O 119 34.95 -65.62 10.03
C GLU O 119 35.68 -66.78 10.72
N ALA O 120 36.04 -67.83 9.96
CA ALA O 120 36.69 -69.00 10.55
C ALA O 120 38.05 -68.64 11.15
N ASN O 121 38.84 -67.84 10.45
CA ASN O 121 40.18 -67.43 10.87
C ASN O 121 40.27 -65.91 10.84
N PHE O 122 39.30 -65.25 11.45
CA PHE O 122 39.17 -63.80 11.41
C PHE O 122 39.20 -63.25 12.83
N PHE O 123 38.89 -61.96 12.97
CA PHE O 123 39.05 -61.28 14.25
C PHE O 123 37.98 -61.71 15.24
N THR O 124 38.13 -61.22 16.47
CA THR O 124 37.15 -61.36 17.54
C THR O 124 37.02 -60.01 18.24
N SER O 125 35.84 -59.73 18.75
CA SER O 125 35.58 -58.46 19.44
C SER O 125 36.44 -58.32 20.69
N GLN O 126 36.53 -59.39 21.49
CA GLN O 126 37.27 -59.34 22.74
C GLN O 126 38.75 -59.06 22.52
N MET O 127 39.36 -59.69 21.52
CA MET O 127 40.79 -59.45 21.28
C MET O 127 41.03 -58.05 20.73
N ILE O 128 40.09 -57.50 19.95
CA ILE O 128 40.18 -56.12 19.49
C ILE O 128 40.18 -55.17 20.68
N LYS O 129 39.25 -55.40 21.63
CA LYS O 129 39.19 -54.58 22.83
C LYS O 129 40.47 -54.70 23.65
N ASP O 130 40.98 -55.92 23.82
CA ASP O 130 42.21 -56.12 24.59
C ASP O 130 43.39 -55.41 23.95
N CYS O 131 43.52 -55.51 22.62
CA CYS O 131 44.65 -54.89 21.94
C CYS O 131 44.57 -53.38 21.99
N MET O 132 43.39 -52.81 21.71
CA MET O 132 43.27 -51.36 21.70
C MET O 132 43.39 -50.76 23.09
N LYS O 133 42.91 -51.47 24.12
CA LYS O 133 43.14 -51.01 25.50
C LYS O 133 44.62 -50.94 25.82
N LYS O 134 45.44 -51.77 25.17
CA LYS O 134 46.89 -51.75 25.34
C LYS O 134 47.57 -50.72 24.44
N VAL O 135 46.85 -50.15 23.47
CA VAL O 135 47.44 -49.17 22.56
C VAL O 135 47.65 -47.85 23.30
N VAL O 136 48.77 -47.18 23.01
CA VAL O 136 49.11 -45.90 23.62
C VAL O 136 48.75 -44.80 22.65
N ALA O 137 48.02 -43.79 23.14
CA ALA O 137 47.62 -42.69 22.29
C ALA O 137 48.77 -41.70 22.12
N VAL O 138 48.59 -40.76 21.20
CA VAL O 138 49.57 -39.71 20.91
C VAL O 138 48.80 -38.45 20.53
N HIS O 139 49.30 -37.30 20.97
CA HIS O 139 48.75 -36.00 20.62
C HIS O 139 49.45 -35.41 19.40
N LEU O 140 48.84 -34.39 18.83
CA LEU O 140 49.43 -33.72 17.67
C LEU O 140 50.73 -33.04 18.08
N HIS O 141 51.77 -33.22 17.26
CA HIS O 141 53.11 -32.65 17.47
C HIS O 141 53.74 -33.10 18.78
N GLN O 142 53.30 -34.23 19.33
CA GLN O 142 53.84 -34.75 20.58
C GLN O 142 55.15 -35.48 20.28
N THR O 143 56.27 -34.79 20.50
CA THR O 143 57.59 -35.33 20.23
C THR O 143 57.98 -36.32 21.35
N VAL O 144 57.27 -37.44 21.36
CA VAL O 144 57.48 -38.46 22.38
C VAL O 144 58.72 -39.26 22.04
N GLN O 145 59.59 -39.46 23.04
CA GLN O 145 60.79 -40.27 22.88
C GLN O 145 60.41 -41.71 23.21
N VAL O 146 60.11 -42.49 22.17
CA VAL O 146 59.67 -43.87 22.36
C VAL O 146 60.81 -44.81 22.72
N ASP O 147 62.06 -44.40 22.50
CA ASP O 147 63.21 -45.24 22.78
C ASP O 147 64.33 -44.32 23.24
N ASP O 148 65.49 -44.91 23.55
CA ASP O 148 66.64 -44.12 24.01
C ASP O 148 67.11 -43.16 22.92
N GLU O 149 67.12 -43.60 21.67
CA GLU O 149 67.56 -42.77 20.55
C GLU O 149 66.46 -42.44 19.56
N LEU O 150 65.37 -43.21 19.53
CA LEU O 150 64.30 -43.02 18.57
C LEU O 150 63.18 -42.20 19.18
N GLU O 151 62.68 -41.22 18.41
CA GLU O 151 61.55 -40.41 18.81
C GLU O 151 60.52 -40.39 17.68
N ILE O 152 59.28 -40.09 18.05
CA ILE O 152 58.16 -40.06 17.11
C ILE O 152 57.48 -38.70 17.22
N LYS O 153 57.31 -38.02 16.09
CA LYS O 153 56.61 -36.75 16.03
C LYS O 153 55.55 -36.82 14.94
N ALA O 154 54.33 -36.44 15.29
CA ALA O 154 53.20 -36.45 14.37
C ALA O 154 52.92 -35.05 13.85
N TYR O 155 52.38 -35.00 12.63
CA TYR O 155 52.04 -33.74 11.97
C TYR O 155 50.65 -33.87 11.38
N TYR O 156 49.91 -32.76 11.35
CA TYR O 156 48.53 -32.77 10.90
C TYR O 156 48.43 -33.10 9.42
N ALA O 157 47.50 -34.00 9.08
CA ALA O 157 47.28 -34.45 7.71
C ALA O 157 45.98 -33.90 7.13
N GLY O 158 44.88 -33.99 7.87
CA GLY O 158 43.62 -33.42 7.40
C GLY O 158 42.85 -34.26 6.42
N HIS O 159 43.31 -35.47 6.08
CA HIS O 159 42.54 -36.35 5.21
C HIS O 159 41.20 -36.70 5.84
N VAL O 160 41.20 -37.05 7.12
CA VAL O 160 40.01 -37.28 7.93
C VAL O 160 40.33 -36.80 9.35
N LEU O 161 39.30 -36.71 10.19
CA LEU O 161 39.50 -36.29 11.57
C LEU O 161 40.35 -37.32 12.29
N GLY O 162 41.47 -36.88 12.88
CA GLY O 162 42.41 -37.76 13.52
C GLY O 162 43.55 -38.22 12.64
N ALA O 163 43.47 -37.99 11.33
CA ALA O 163 44.55 -38.39 10.43
C ALA O 163 45.77 -37.53 10.69
N ALA O 164 46.95 -38.18 10.67
CA ALA O 164 48.18 -37.46 10.93
C ALA O 164 49.32 -38.13 10.20
N MET O 165 50.37 -37.36 9.95
CA MET O 165 51.59 -37.85 9.31
C MET O 165 52.74 -37.75 10.29
N PHE O 166 53.59 -38.78 10.29
CA PHE O 166 54.59 -38.99 11.33
C PHE O 166 55.99 -38.68 10.82
N GLN O 167 56.76 -37.96 11.62
CA GLN O 167 58.16 -37.63 11.36
C GLN O 167 59.01 -38.49 12.28
N ILE O 168 59.80 -39.39 11.69
CA ILE O 168 60.67 -40.28 12.45
C ILE O 168 62.08 -39.73 12.36
N LYS O 169 62.72 -39.55 13.52
CA LYS O 169 64.09 -39.09 13.57
C LYS O 169 64.87 -39.86 14.61
N VAL O 170 66.07 -40.30 14.24
CA VAL O 170 67.05 -40.86 15.18
C VAL O 170 68.43 -40.35 14.78
N GLY O 171 69.10 -39.65 15.70
CA GLY O 171 70.35 -38.98 15.37
C GLY O 171 70.13 -37.97 14.24
N SER O 172 71.03 -37.98 13.26
CA SER O 172 70.84 -37.15 12.08
C SER O 172 69.92 -37.77 11.05
N GLU O 173 69.49 -39.02 11.26
CA GLU O 173 68.61 -39.68 10.31
C GLU O 173 67.19 -39.12 10.42
N SER O 174 66.45 -39.22 9.31
CA SER O 174 65.11 -38.64 9.25
C SER O 174 64.27 -39.37 8.21
N VAL O 175 63.11 -39.89 8.63
CA VAL O 175 62.17 -40.60 7.77
C VAL O 175 60.78 -40.03 8.04
N VAL O 176 60.04 -39.75 6.97
CA VAL O 176 58.69 -39.20 7.05
C VAL O 176 57.74 -40.06 6.23
N TYR O 177 56.65 -40.49 6.85
CA TYR O 177 55.61 -41.28 6.20
C TYR O 177 54.28 -40.60 6.45
N THR O 178 53.53 -40.36 5.37
CA THR O 178 52.30 -39.58 5.45
C THR O 178 51.04 -40.37 5.17
N GLY O 179 51.06 -41.34 4.29
CA GLY O 179 49.80 -41.97 3.93
C GLY O 179 48.85 -41.00 3.25
N ASP O 180 47.55 -41.08 3.60
CA ASP O 180 46.58 -40.23 2.92
C ASP O 180 46.58 -38.84 3.55
N TYR O 181 46.75 -37.83 2.71
CA TYR O 181 46.71 -36.43 3.09
C TYR O 181 46.11 -35.66 1.93
N ASN O 182 46.09 -34.33 2.05
CA ASN O 182 45.56 -33.43 1.03
C ASN O 182 45.98 -31.98 1.30
N MET O 183 46.54 -31.31 0.31
CA MET O 183 46.76 -29.88 0.44
C MET O 183 45.43 -29.13 0.39
N THR O 184 44.50 -29.59 -0.44
CA THR O 184 43.21 -28.91 -0.56
C THR O 184 42.42 -29.07 0.73
N PRO O 185 42.07 -27.99 1.42
CA PRO O 185 41.32 -28.13 2.67
C PRO O 185 39.90 -28.58 2.45
N ASP O 186 39.36 -29.25 3.46
CA ASP O 186 37.99 -29.74 3.42
C ASP O 186 37.08 -28.69 4.06
N ARG O 187 35.77 -28.88 3.89
CA ARG O 187 34.76 -28.00 4.46
C ARG O 187 34.72 -28.06 5.99
N HIS O 188 35.33 -29.06 6.61
CA HIS O 188 35.35 -29.19 8.06
C HIS O 188 36.70 -29.61 8.59
N LEU O 189 37.76 -29.55 7.77
CA LEU O 189 39.09 -29.97 8.20
C LEU O 189 40.13 -29.00 7.63
N GLY O 190 41.30 -28.99 8.28
CA GLY O 190 42.40 -28.18 7.83
C GLY O 190 43.38 -28.93 6.94
N ALA O 191 44.13 -28.17 6.15
CA ALA O 191 45.12 -28.75 5.27
C ALA O 191 46.34 -29.22 6.04
N ALA O 192 47.05 -30.20 5.46
CA ALA O 192 48.28 -30.70 6.06
C ALA O 192 49.35 -29.62 6.09
N TRP O 193 50.03 -29.50 7.22
CA TRP O 193 51.09 -28.52 7.39
C TRP O 193 52.30 -29.20 8.02
N ILE O 194 53.49 -28.80 7.58
CA ILE O 194 54.73 -29.33 8.12
C ILE O 194 55.82 -28.30 7.86
N ASP O 195 56.78 -28.22 8.78
CA ASP O 195 57.91 -27.31 8.65
C ASP O 195 58.87 -27.83 7.56
N LYS O 196 59.97 -27.10 7.38
CA LYS O 196 61.00 -27.51 6.42
C LYS O 196 61.88 -28.57 7.07
N CYS O 197 61.27 -29.74 7.29
CA CYS O 197 61.91 -30.86 7.97
C CYS O 197 63.12 -31.39 7.19
N ARG O 198 63.09 -31.26 5.87
CA ARG O 198 64.08 -31.79 4.92
C ARG O 198 64.61 -33.18 5.29
N PRO O 199 63.75 -34.20 5.35
CA PRO O 199 64.18 -35.53 5.80
C PRO O 199 64.98 -36.25 4.73
N ASN O 200 65.64 -37.33 5.16
CA ASN O 200 66.41 -38.16 4.25
C ASN O 200 65.51 -38.84 3.23
N LEU O 201 64.37 -39.36 3.68
CA LEU O 201 63.44 -40.08 2.82
C LEU O 201 62.02 -39.62 3.11
N LEU O 202 61.16 -39.72 2.11
CA LEU O 202 59.75 -39.33 2.22
C LEU O 202 58.90 -40.40 1.57
N ILE O 203 57.89 -40.88 2.30
CA ILE O 203 56.94 -41.86 1.81
C ILE O 203 55.59 -41.16 1.63
N THR O 204 55.00 -41.32 0.44
CA THR O 204 53.80 -40.57 0.06
C THR O 204 52.89 -41.46 -0.77
N GLN O 205 51.67 -40.98 -1.02
CA GLN O 205 50.69 -41.64 -1.87
C GLN O 205 50.67 -41.04 -3.27
N SER O 206 50.39 -41.89 -4.24
CA SER O 206 50.41 -41.52 -5.64
C SER O 206 49.06 -41.64 -6.33
N THR O 207 48.00 -42.03 -5.61
CA THR O 207 46.65 -42.31 -6.11
C THR O 207 46.13 -41.36 -7.19
N TYR O 208 46.35 -40.05 -7.05
CA TYR O 208 45.84 -39.09 -8.02
C TYR O 208 46.66 -37.82 -8.01
N SER O 215 38.04 -27.43 -8.86
CA SER O 215 36.68 -26.92 -8.96
C SER O 215 35.82 -27.45 -7.83
N LYS O 216 36.44 -27.60 -6.64
CA LYS O 216 35.74 -28.16 -5.49
C LYS O 216 34.58 -27.28 -5.07
N ARG O 217 34.77 -25.96 -5.05
CA ARG O 217 33.70 -25.04 -4.68
C ARG O 217 32.60 -25.03 -5.74
N CYS O 218 32.99 -25.16 -7.02
CA CYS O 218 31.98 -25.25 -8.08
C CYS O 218 31.16 -26.53 -7.94
N ARG O 219 31.81 -27.65 -7.60
CA ARG O 219 31.09 -28.89 -7.38
C ARG O 219 30.16 -28.77 -6.18
N GLU O 220 30.62 -28.10 -5.12
CA GLU O 220 29.77 -27.87 -3.95
C GLU O 220 28.56 -27.01 -4.32
N ARG O 221 28.77 -25.98 -5.14
CA ARG O 221 27.66 -25.13 -5.57
C ARG O 221 26.66 -25.93 -6.39
N ASP O 222 27.14 -26.78 -7.30
CA ASP O 222 26.25 -27.61 -8.10
C ASP O 222 25.46 -28.58 -7.24
N PHE O 223 26.13 -29.23 -6.29
CA PHE O 223 25.45 -30.17 -5.39
C PHE O 223 24.40 -29.46 -4.56
N LEU O 224 24.73 -28.31 -3.98
CA LEU O 224 23.77 -27.55 -3.17
C LEU O 224 22.60 -27.08 -4.00
N LYS O 225 22.86 -26.62 -5.24
CA LYS O 225 21.78 -26.17 -6.10
C LYS O 225 20.85 -27.33 -6.48
N LYS O 226 21.41 -28.50 -6.77
CA LYS O 226 20.58 -29.65 -7.10
C LYS O 226 19.73 -30.08 -5.90
N VAL O 227 20.33 -30.12 -4.71
CA VAL O 227 19.58 -30.51 -3.51
C VAL O 227 18.50 -29.48 -3.21
N HIS O 228 18.82 -28.19 -3.37
CA HIS O 228 17.86 -27.13 -3.15
C HIS O 228 16.69 -27.23 -4.13
N GLU O 229 16.99 -27.51 -5.40
CA GLU O 229 15.94 -27.68 -6.41
C GLU O 229 15.04 -28.85 -6.07
N THR O 230 15.63 -29.98 -5.63
CA THR O 230 14.84 -31.15 -5.29
C THR O 230 13.92 -30.86 -4.10
N VAL O 231 14.46 -30.25 -3.04
CA VAL O 231 13.64 -29.99 -1.86
C VAL O 231 12.58 -28.93 -2.15
N GLU O 232 12.90 -27.92 -2.96
CA GLU O 232 11.91 -26.93 -3.35
C GLU O 232 10.79 -27.57 -4.16
N ARG O 233 11.14 -28.49 -5.07
CA ARG O 233 10.16 -29.26 -5.81
C ARG O 233 9.45 -30.30 -4.93
N GLY O 234 9.93 -30.53 -3.71
CA GLY O 234 9.37 -31.51 -2.82
C GLY O 234 9.86 -32.92 -3.02
N GLY O 235 10.78 -33.15 -3.95
CA GLY O 235 11.28 -34.49 -4.19
C GLY O 235 12.14 -35.00 -3.05
N LYS O 236 12.14 -36.32 -2.88
CA LYS O 236 12.93 -36.98 -1.86
C LYS O 236 14.12 -37.66 -2.51
N VAL O 237 15.33 -37.32 -2.05
CA VAL O 237 16.57 -37.90 -2.55
C VAL O 237 17.47 -38.18 -1.34
N LEU O 238 18.07 -39.37 -1.34
CA LEU O 238 19.01 -39.77 -0.30
C LEU O 238 20.42 -39.87 -0.87
N ILE O 239 21.40 -39.93 0.02
CA ILE O 239 22.80 -39.97 -0.38
C ILE O 239 23.42 -41.21 0.26
N PRO O 240 23.38 -42.37 -0.42
CA PRO O 240 24.04 -43.56 0.12
C PRO O 240 25.56 -43.47 0.01
N VAL O 241 26.22 -43.24 1.15
CA VAL O 241 27.67 -43.09 1.20
C VAL O 241 28.20 -43.79 2.45
N PHE O 242 29.29 -44.53 2.28
CA PHE O 242 29.88 -45.28 3.39
C PHE O 242 30.96 -44.50 4.11
N ALA O 243 31.65 -43.60 3.41
CA ALA O 243 32.75 -42.84 3.99
C ALA O 243 32.23 -41.93 5.09
N LEU O 244 32.86 -41.98 6.26
CA LEU O 244 32.44 -41.14 7.37
C LEU O 244 32.85 -39.68 7.19
N GLY O 245 34.07 -39.45 6.71
CA GLY O 245 34.56 -38.07 6.54
C GLY O 245 33.75 -37.30 5.52
N ARG O 246 33.51 -37.91 4.36
CA ARG O 246 32.70 -37.26 3.33
C ARG O 246 31.27 -37.04 3.80
N ALA O 247 30.71 -38.01 4.53
CA ALA O 247 29.36 -37.88 5.07
C ALA O 247 29.27 -36.70 6.04
N GLN O 248 30.25 -36.57 6.93
CA GLN O 248 30.24 -35.48 7.90
C GLN O 248 30.44 -34.13 7.20
N GLU O 249 31.32 -34.08 6.19
CA GLU O 249 31.51 -32.85 5.43
C GLU O 249 30.22 -32.44 4.73
N LEU O 250 29.53 -33.40 4.10
CA LEU O 250 28.25 -33.10 3.45
C LEU O 250 27.20 -32.67 4.45
N CYS O 251 27.18 -33.31 5.63
CA CYS O 251 26.23 -32.92 6.68
C CYS O 251 26.46 -31.49 7.13
N ILE O 252 27.73 -31.13 7.36
CA ILE O 252 28.05 -29.76 7.78
C ILE O 252 27.67 -28.76 6.68
N LEU O 253 28.00 -29.10 5.42
CA LEU O 253 27.69 -28.22 4.29
C LEU O 253 26.19 -28.00 4.15
N LEU O 254 25.41 -29.08 4.21
CA LEU O 254 23.97 -28.96 4.10
C LEU O 254 23.37 -28.20 5.28
N GLU O 255 23.87 -28.45 6.49
CA GLU O 255 23.36 -27.78 7.68
C GLU O 255 23.58 -26.26 7.59
N THR O 256 24.81 -25.86 7.26
CA THR O 256 25.10 -24.43 7.16
C THR O 256 24.36 -23.80 5.97
N PHE O 257 24.18 -24.55 4.87
CA PHE O 257 23.43 -24.04 3.73
C PHE O 257 21.98 -23.78 4.11
N TRP O 258 21.34 -24.73 4.80
CA TRP O 258 19.96 -24.55 5.24
C TRP O 258 19.85 -23.39 6.24
N GLU O 259 20.82 -23.30 7.17
CA GLU O 259 20.80 -22.21 8.15
C GLU O 259 20.93 -20.85 7.48
N ARG O 260 21.82 -20.75 6.49
CA ARG O 260 21.96 -19.52 5.72
C ARG O 260 20.70 -19.20 4.94
N MET O 261 20.08 -20.21 4.32
CA MET O 261 18.84 -19.97 3.59
C MET O 261 17.66 -19.66 4.51
N ASN O 262 17.77 -20.01 5.80
CA ASN O 262 16.80 -19.79 6.88
C ASN O 262 15.56 -20.65 6.77
N LEU O 263 15.43 -21.48 5.74
CA LEU O 263 14.26 -22.33 5.59
C LEU O 263 14.29 -23.44 6.64
N LYS O 264 13.16 -24.12 6.79
CA LYS O 264 13.02 -25.15 7.82
C LYS O 264 12.71 -26.52 7.22
N VAL O 265 13.33 -26.84 6.10
CA VAL O 265 13.12 -28.16 5.48
C VAL O 265 13.80 -29.20 6.36
N PRO O 266 13.31 -30.43 6.43
CA PRO O 266 13.96 -31.44 7.25
C PRO O 266 15.16 -32.09 6.57
N ILE O 267 16.06 -32.60 7.39
CA ILE O 267 17.21 -33.38 6.95
C ILE O 267 17.63 -34.24 8.13
N TYR O 268 17.79 -35.54 7.91
CA TYR O 268 18.13 -36.47 8.99
C TYR O 268 19.16 -37.49 8.49
N PHE O 269 19.69 -38.25 9.44
CA PHE O 269 20.61 -39.35 9.15
C PHE O 269 20.21 -40.57 9.94
N SER O 270 20.27 -41.74 9.30
CA SER O 270 19.61 -42.95 9.79
C SER O 270 20.46 -43.75 10.78
N THR O 271 21.64 -44.21 10.34
CA THR O 271 22.43 -45.16 11.10
C THR O 271 22.97 -44.57 12.40
N GLY O 272 22.91 -45.34 13.48
CA GLY O 272 23.47 -44.93 14.74
C GLY O 272 24.97 -44.73 14.74
N LEU O 273 25.68 -45.43 13.83
CA LEU O 273 27.11 -45.16 13.64
C LEU O 273 27.36 -43.70 13.26
N THR O 274 26.44 -43.08 12.51
CA THR O 274 26.54 -41.66 12.23
C THR O 274 26.44 -40.84 13.51
N GLU O 275 25.54 -41.22 14.42
CA GLU O 275 25.43 -40.54 15.70
C GLU O 275 26.71 -40.67 16.53
N LYS O 276 27.29 -41.87 16.53
CA LYS O 276 28.55 -42.08 17.25
C LYS O 276 29.66 -41.21 16.65
N ALA O 277 29.71 -41.16 15.31
CA ALA O 277 30.70 -40.33 14.63
C ALA O 277 30.48 -38.86 14.94
N ASN O 278 29.23 -38.42 15.02
CA ASN O 278 28.94 -37.04 15.39
C ASN O 278 29.40 -36.74 16.81
N HIS O 279 29.19 -37.68 17.73
CA HIS O 279 29.66 -37.51 19.10
C HIS O 279 31.18 -37.37 19.14
N TYR O 280 31.89 -38.23 18.42
CA TYR O 280 33.36 -38.15 18.39
C TYR O 280 33.82 -36.85 17.74
N TYR O 281 33.14 -36.42 16.67
CA TYR O 281 33.51 -35.17 16.00
C TYR O 281 33.33 -33.97 16.91
N LYS O 282 32.16 -33.86 17.56
CA LYS O 282 31.94 -32.72 18.46
C LYS O 282 32.85 -32.77 19.69
N LEU O 283 33.27 -33.96 20.11
CA LEU O 283 34.25 -34.03 21.19
C LEU O 283 35.62 -33.52 20.76
N PHE O 284 36.07 -33.91 19.56
CA PHE O 284 37.41 -33.57 19.08
C PHE O 284 37.39 -32.36 18.16
N ILE O 285 37.11 -31.20 18.77
CA ILE O 285 37.12 -29.95 18.01
C ILE O 285 38.50 -29.58 17.43
N PRO O 286 39.63 -29.69 18.16
CA PRO O 286 40.90 -29.14 17.61
C PRO O 286 41.38 -29.77 16.30
N TRP O 287 40.82 -30.91 15.87
CA TRP O 287 41.23 -31.59 14.66
C TRP O 287 40.33 -31.24 13.48
N THR O 288 39.82 -30.02 13.44
CA THR O 288 38.86 -29.58 12.42
C THR O 288 39.26 -28.21 11.91
N ASN O 289 38.43 -27.66 11.04
CA ASN O 289 38.70 -26.38 10.38
C ASN O 289 38.64 -25.24 11.38
N GLN O 290 39.22 -24.10 10.99
CA GLN O 290 39.31 -22.95 11.89
C GLN O 290 37.94 -22.32 12.16
N LYS O 291 37.03 -22.38 11.18
CA LYS O 291 35.68 -21.85 11.38
C LYS O 291 34.97 -22.61 12.49
N ILE O 292 35.15 -23.93 12.54
CA ILE O 292 34.56 -24.73 13.60
C ILE O 292 35.10 -24.29 14.95
N ARG O 293 36.43 -24.11 15.03
CA ARG O 293 37.06 -23.70 16.29
C ARG O 293 36.57 -22.33 16.74
N LYS O 294 36.43 -21.37 15.81
CA LYS O 294 35.99 -20.04 16.18
C LYS O 294 34.50 -20.01 16.55
N THR O 295 33.66 -20.68 15.74
CA THR O 295 32.22 -20.73 15.97
C THR O 295 31.87 -21.51 17.24
N PHE O 296 32.79 -22.36 17.71
CA PHE O 296 32.61 -23.03 18.99
C PHE O 296 32.39 -22.06 20.15
N VAL O 297 32.98 -20.87 20.06
CA VAL O 297 32.76 -19.84 21.07
C VAL O 297 31.30 -19.42 21.10
N GLN O 298 30.71 -19.16 19.91
CA GLN O 298 29.31 -18.77 19.86
C GLN O 298 28.38 -19.89 20.32
N ARG O 299 28.50 -21.09 19.74
CA ARG O 299 27.72 -22.27 20.09
C ARG O 299 28.19 -23.46 19.25
N ASN O 300 27.85 -24.66 19.72
CA ASN O 300 28.17 -25.88 18.99
C ASN O 300 27.49 -25.90 17.62
N MET O 301 28.25 -26.26 16.58
CA MET O 301 27.79 -26.23 15.20
C MET O 301 27.40 -27.58 14.66
N PHE O 302 27.94 -28.67 15.23
CA PHE O 302 27.51 -30.02 14.88
C PHE O 302 26.10 -30.33 15.35
N GLU O 303 25.56 -29.55 16.29
CA GLU O 303 24.19 -29.71 16.76
C GLU O 303 23.28 -28.75 15.99
N PHE O 304 22.17 -29.28 15.49
CA PHE O 304 21.23 -28.50 14.70
C PHE O 304 19.87 -29.20 14.70
N LYS O 305 18.85 -28.46 14.24
CA LYS O 305 17.50 -29.01 14.14
C LYS O 305 17.38 -30.12 13.11
N HIS O 306 18.38 -30.24 12.24
CA HIS O 306 18.46 -31.27 11.21
C HIS O 306 19.14 -32.49 11.81
N ILE O 307 18.41 -33.19 12.67
CA ILE O 307 19.01 -34.14 13.61
C ILE O 307 18.91 -35.59 13.13
N LYS O 308 18.32 -36.45 13.97
CA LYS O 308 18.33 -37.89 13.80
C LYS O 308 17.06 -38.38 13.10
N ALA O 309 17.12 -39.63 12.63
CA ALA O 309 16.06 -40.19 11.79
C ALA O 309 15.44 -41.42 12.43
N PHE O 310 14.12 -41.37 12.61
CA PHE O 310 13.26 -42.50 12.96
C PHE O 310 12.60 -43.05 11.71
N ASP O 311 11.98 -42.16 10.94
CA ASP O 311 11.37 -42.38 9.63
C ASP O 311 10.21 -43.36 9.65
N ARG O 312 9.69 -43.66 10.84
CA ARG O 312 8.60 -44.63 11.06
C ARG O 312 8.90 -45.99 10.42
N ALA O 313 10.19 -46.33 10.31
CA ALA O 313 10.68 -47.59 9.73
C ALA O 313 10.09 -47.80 8.34
N PHE O 314 10.45 -46.89 7.43
CA PHE O 314 10.02 -46.89 6.02
C PHE O 314 8.51 -46.70 5.89
N ALA O 315 7.92 -45.90 6.78
CA ALA O 315 6.50 -45.58 6.71
C ALA O 315 6.18 -44.11 6.96
N ASP O 316 7.15 -43.21 6.93
CA ASP O 316 6.91 -41.79 7.15
C ASP O 316 6.71 -41.00 5.87
N ASN O 317 6.65 -41.66 4.70
CA ASN O 317 6.38 -41.11 3.37
C ASN O 317 7.52 -40.22 2.88
N PRO O 318 7.60 -39.90 1.58
CA PRO O 318 8.67 -39.01 1.12
C PRO O 318 8.30 -37.54 1.32
N GLY O 319 9.17 -36.67 0.83
CA GLY O 319 8.99 -35.24 0.93
C GLY O 319 10.28 -34.50 0.68
N PRO O 320 10.32 -33.20 0.97
CA PRO O 320 11.57 -32.45 0.83
C PRO O 320 12.59 -32.83 1.89
N MET O 321 13.18 -34.02 1.74
CA MET O 321 13.97 -34.66 2.77
C MET O 321 15.38 -34.94 2.26
N VAL O 322 16.36 -34.81 3.15
CA VAL O 322 17.74 -35.22 2.89
C VAL O 322 18.10 -36.28 3.91
N VAL O 323 18.40 -37.49 3.43
CA VAL O 323 18.68 -38.62 4.31
C VAL O 323 19.98 -39.28 3.89
N PHE O 324 20.62 -39.93 4.85
CA PHE O 324 21.89 -40.63 4.63
C PHE O 324 21.75 -42.07 5.08
N ALA O 325 22.16 -42.99 4.21
CA ALA O 325 22.16 -44.41 4.49
C ALA O 325 23.55 -44.97 4.20
N THR O 326 23.96 -45.96 4.99
CA THR O 326 25.30 -46.54 4.90
C THR O 326 25.21 -48.06 4.80
N PRO O 327 24.75 -48.59 3.66
CA PRO O 327 24.71 -50.05 3.49
C PRO O 327 26.12 -50.62 3.30
N GLY O 328 26.22 -51.92 3.55
CA GLY O 328 27.49 -52.61 3.39
C GLY O 328 28.38 -52.49 4.60
N HIS O 331 27.44 -56.98 0.51
CA HIS O 331 26.93 -55.63 0.69
C HIS O 331 25.43 -55.65 0.92
N ALA O 332 25.01 -55.93 2.16
CA ALA O 332 23.59 -55.97 2.50
C ALA O 332 23.30 -55.32 3.84
N GLY O 333 24.23 -54.57 4.43
CA GLY O 333 24.05 -54.00 5.74
C GLY O 333 23.12 -52.80 5.73
N GLN O 334 22.84 -52.30 6.94
CA GLN O 334 21.98 -51.14 7.20
C GLN O 334 20.54 -51.39 6.77
N SER O 335 19.70 -50.36 6.85
CA SER O 335 18.29 -50.48 6.49
C SER O 335 18.19 -50.49 4.96
N LEU O 336 18.41 -51.67 4.39
CA LEU O 336 18.32 -51.89 2.95
C LEU O 336 16.90 -51.75 2.40
N GLN O 337 15.89 -51.73 3.28
CA GLN O 337 14.50 -51.54 2.87
C GLN O 337 14.20 -50.12 2.42
N ILE O 338 15.14 -49.17 2.56
CA ILE O 338 14.91 -47.79 2.14
C ILE O 338 14.64 -47.73 0.63
N PHE O 339 15.33 -48.57 -0.14
CA PHE O 339 15.10 -48.62 -1.58
C PHE O 339 13.69 -49.09 -1.91
N ARG O 340 13.19 -50.09 -1.17
CA ARG O 340 11.85 -50.60 -1.41
C ARG O 340 10.78 -49.54 -1.14
N LYS O 341 10.92 -48.81 -0.04
CA LYS O 341 9.95 -47.76 0.31
C LYS O 341 9.96 -46.64 -0.72
N TRP O 342 11.15 -46.22 -1.16
CA TRP O 342 11.31 -45.13 -2.10
C TRP O 342 11.43 -45.70 -3.51
N ALA O 343 11.80 -44.85 -4.46
CA ALA O 343 12.01 -45.20 -5.87
C ALA O 343 10.71 -45.66 -6.51
N GLY O 344 10.79 -46.30 -7.67
CA GLY O 344 9.60 -46.73 -8.37
C GLY O 344 9.01 -45.72 -9.33
N ASN O 345 9.55 -44.50 -9.34
CA ASN O 345 9.06 -43.46 -10.24
C ASN O 345 10.17 -42.43 -10.43
N GLU O 346 10.00 -41.60 -11.47
CA GLU O 346 10.96 -40.54 -11.76
C GLU O 346 11.05 -39.53 -10.63
N LYS O 347 9.90 -39.16 -10.05
CA LYS O 347 9.89 -38.20 -8.95
C LYS O 347 10.65 -38.70 -7.73
N ASN O 348 10.51 -39.99 -7.41
CA ASN O 348 11.22 -40.61 -6.29
C ASN O 348 12.67 -40.87 -6.66
N MET O 349 13.42 -39.77 -6.81
CA MET O 349 14.81 -39.83 -7.25
C MET O 349 15.71 -40.44 -6.18
N VAL O 350 16.75 -41.16 -6.63
CA VAL O 350 17.81 -41.66 -5.77
C VAL O 350 19.15 -41.41 -6.46
N ILE O 351 19.94 -40.50 -5.89
CA ILE O 351 21.19 -40.03 -6.50
C ILE O 351 22.35 -40.54 -5.66
N MET O 352 23.30 -41.20 -6.31
CA MET O 352 24.52 -41.69 -5.68
C MET O 352 25.68 -41.41 -6.62
N PRO O 353 26.93 -41.39 -6.10
CA PRO O 353 28.10 -41.14 -6.97
C PRO O 353 28.27 -42.18 -8.09
N MET O 384 15.12 -37.98 -10.97
CA MET O 384 15.23 -39.20 -11.77
C MET O 384 16.63 -39.38 -12.31
N GLN O 385 17.45 -38.33 -12.18
CA GLN O 385 18.80 -38.34 -12.72
C GLN O 385 19.78 -38.85 -11.66
N VAL O 386 21.07 -38.80 -11.98
CA VAL O 386 22.12 -39.23 -11.07
C VAL O 386 23.41 -38.54 -11.49
N GLU O 387 24.17 -38.07 -10.51
CA GLU O 387 25.42 -37.36 -10.78
C GLU O 387 26.46 -37.77 -9.75
N TYR O 388 27.72 -37.49 -10.09
CA TYR O 388 28.85 -37.84 -9.24
C TYR O 388 29.11 -36.68 -8.28
N MET O 389 28.51 -36.76 -7.10
CA MET O 389 28.72 -35.77 -6.06
C MET O 389 29.90 -36.10 -5.16
N SER O 390 30.60 -37.21 -5.43
CA SER O 390 31.72 -37.63 -4.60
C SER O 390 32.82 -36.58 -4.61
N PHE O 391 33.37 -36.30 -3.43
CA PHE O 391 34.45 -35.33 -3.27
C PHE O 391 35.77 -36.07 -3.09
N SER O 392 36.79 -35.65 -3.83
CA SER O 392 38.10 -36.29 -3.79
C SER O 392 38.80 -35.89 -2.51
N ALA O 393 38.70 -36.76 -1.49
CA ALA O 393 39.42 -36.50 -0.23
C ALA O 393 40.92 -36.46 -0.45
N HIS O 394 41.46 -37.39 -1.23
CA HIS O 394 42.87 -37.36 -1.57
C HIS O 394 43.14 -36.25 -2.58
N ALA O 395 44.29 -35.58 -2.41
CA ALA O 395 44.67 -34.51 -3.32
C ALA O 395 45.23 -35.07 -4.63
N ASP O 396 45.35 -34.20 -5.62
CA ASP O 396 45.88 -34.56 -6.93
C ASP O 396 47.40 -34.53 -6.91
N ALA O 397 48.02 -34.69 -8.08
CA ALA O 397 49.48 -34.69 -8.17
C ALA O 397 50.07 -33.33 -7.80
N LYS O 398 49.31 -32.25 -7.99
CA LYS O 398 49.81 -30.91 -7.67
C LYS O 398 50.05 -30.76 -6.18
N GLY O 399 49.19 -31.36 -5.36
CA GLY O 399 49.39 -31.35 -3.92
C GLY O 399 50.65 -32.08 -3.50
N ILE O 400 50.91 -33.23 -4.13
CA ILE O 400 52.13 -33.99 -3.86
C ILE O 400 53.34 -33.19 -4.27
N MET O 401 53.27 -32.52 -5.42
CA MET O 401 54.35 -31.65 -5.88
C MET O 401 54.61 -30.53 -4.88
N GLN O 402 53.56 -29.91 -4.37
CA GLN O 402 53.71 -28.84 -3.39
C GLN O 402 54.36 -29.35 -2.11
N LEU O 403 53.93 -30.53 -1.63
CA LEU O 403 54.49 -31.08 -0.39
C LEU O 403 55.97 -31.41 -0.56
N VAL O 404 56.34 -32.06 -1.67
CA VAL O 404 57.74 -32.42 -1.88
C VAL O 404 58.58 -31.17 -2.10
N GLY O 405 58.03 -30.15 -2.76
CA GLY O 405 58.75 -28.89 -2.89
C GLY O 405 58.97 -28.21 -1.57
N GLN O 406 57.99 -28.29 -0.67
CA GLN O 406 58.12 -27.70 0.65
C GLN O 406 59.16 -28.42 1.49
N ALA O 407 58.98 -29.72 1.71
CA ALA O 407 59.92 -30.50 2.52
C ALA O 407 61.29 -30.60 1.88
N GLU O 408 61.34 -30.87 0.57
CA GLU O 408 62.55 -31.06 -0.23
C GLU O 408 63.45 -32.16 0.36
N PRO O 409 63.04 -33.43 0.33
CA PRO O 409 63.93 -34.51 0.76
C PRO O 409 64.89 -34.91 -0.36
N GLU O 410 66.00 -35.52 0.04
CA GLU O 410 66.97 -35.99 -0.95
C GLU O 410 66.51 -37.26 -1.64
N SER O 411 65.57 -37.99 -1.03
CA SER O 411 65.00 -39.19 -1.62
C SER O 411 63.52 -39.24 -1.27
N VAL O 412 62.73 -39.87 -2.15
CA VAL O 412 61.29 -39.97 -2.00
C VAL O 412 60.91 -41.43 -2.26
N LEU O 413 59.78 -41.86 -1.68
CA LEU O 413 59.29 -43.22 -1.88
C LEU O 413 57.79 -43.15 -2.20
N LEU O 414 57.38 -43.89 -3.22
CA LEU O 414 56.01 -43.84 -3.76
C LEU O 414 55.27 -45.14 -3.48
N VAL O 415 54.13 -45.05 -2.80
CA VAL O 415 53.28 -46.20 -2.48
C VAL O 415 51.82 -45.78 -2.62
N HIS O 416 50.93 -46.77 -2.49
CA HIS O 416 49.49 -46.59 -2.31
C HIS O 416 48.86 -45.78 -3.44
N GLY O 417 48.93 -46.33 -4.64
CA GLY O 417 48.36 -45.69 -5.80
C GLY O 417 48.47 -46.59 -7.02
N GLU O 418 47.86 -46.13 -8.11
CA GLU O 418 47.95 -46.85 -9.37
C GLU O 418 49.38 -46.83 -9.91
N ALA O 419 49.72 -47.89 -10.66
CA ALA O 419 51.05 -48.00 -11.24
C ALA O 419 51.32 -46.88 -12.24
N LYS O 420 50.35 -46.61 -13.11
CA LYS O 420 50.51 -45.55 -14.11
C LYS O 420 50.69 -44.20 -13.44
N LYS O 421 49.89 -43.92 -12.41
CA LYS O 421 49.94 -42.65 -11.72
C LYS O 421 51.31 -42.42 -11.08
N MET O 422 51.82 -43.42 -10.35
CA MET O 422 53.12 -43.24 -9.70
C MET O 422 54.26 -43.20 -10.70
N GLU O 423 54.18 -43.96 -11.80
CA GLU O 423 55.22 -43.87 -12.83
C GLU O 423 55.25 -42.48 -13.45
N PHE O 424 54.08 -41.94 -13.81
CA PHE O 424 54.02 -40.60 -14.38
C PHE O 424 54.49 -39.54 -13.39
N LEU O 425 54.10 -39.69 -12.11
CA LEU O 425 54.52 -38.73 -11.10
C LEU O 425 56.02 -38.79 -10.86
N LYS O 426 56.61 -39.99 -10.85
CA LYS O 426 58.05 -40.13 -10.71
C LYS O 426 58.78 -39.50 -11.90
N GLN O 427 58.28 -39.73 -13.11
CA GLN O 427 58.88 -39.11 -14.29
C GLN O 427 58.79 -37.59 -14.24
N LYS O 428 57.65 -37.06 -13.78
CA LYS O 428 57.51 -35.62 -13.64
C LYS O 428 58.46 -35.05 -12.60
N ILE O 429 58.64 -35.78 -11.47
CA ILE O 429 59.58 -35.36 -10.44
C ILE O 429 61.01 -35.31 -11.00
N GLU O 430 61.39 -36.35 -11.75
CA GLU O 430 62.70 -36.38 -12.38
C GLU O 430 62.87 -35.22 -13.36
N GLN O 431 61.84 -34.94 -14.14
CA GLN O 431 61.92 -33.86 -15.14
C GLN O 431 62.02 -32.49 -14.47
N GLU O 432 61.33 -32.30 -13.34
CA GLU O 432 61.22 -30.95 -12.79
C GLU O 432 62.32 -30.64 -11.79
N LEU O 433 62.71 -31.59 -10.93
CA LEU O 433 63.60 -31.31 -9.82
C LEU O 433 64.97 -31.96 -9.91
N ARG O 434 65.12 -33.05 -10.68
CA ARG O 434 66.33 -33.87 -10.72
C ARG O 434 66.74 -34.34 -9.33
N VAL O 435 65.75 -34.78 -8.57
CA VAL O 435 65.92 -35.28 -7.21
C VAL O 435 65.62 -36.77 -7.23
N ASN O 436 66.44 -37.54 -6.52
CA ASN O 436 66.34 -39.00 -6.54
C ASN O 436 64.98 -39.45 -6.01
N CYS O 437 64.46 -40.53 -6.62
CA CYS O 437 63.15 -41.06 -6.28
C CYS O 437 63.23 -42.59 -6.31
N TYR O 438 62.11 -43.23 -5.98
CA TYR O 438 62.02 -44.68 -5.98
C TYR O 438 60.62 -45.11 -6.38
N MET O 439 60.54 -46.29 -6.99
CA MET O 439 59.28 -46.93 -7.37
C MET O 439 59.32 -48.37 -6.89
N PRO O 440 59.24 -48.60 -5.58
CA PRO O 440 59.34 -49.98 -5.07
C PRO O 440 58.06 -50.77 -5.26
N ALA O 441 58.21 -51.99 -5.73
CA ALA O 441 57.09 -52.91 -5.83
C ALA O 441 56.80 -53.52 -4.46
N ASN O 442 55.71 -54.30 -4.39
CA ASN O 442 55.36 -54.98 -3.16
C ASN O 442 56.45 -55.99 -2.78
N GLY O 443 57.07 -55.77 -1.63
CA GLY O 443 58.15 -56.63 -1.19
C GLY O 443 59.52 -56.24 -1.66
N GLU O 444 59.62 -55.22 -2.53
CA GLU O 444 60.91 -54.74 -3.02
C GLU O 444 61.73 -54.12 -1.90
N THR O 445 62.99 -54.55 -1.78
CA THR O 445 63.90 -54.06 -0.75
C THR O 445 64.66 -52.85 -1.29
N VAL O 446 64.49 -51.71 -0.61
CA VAL O 446 65.16 -50.47 -0.96
C VAL O 446 66.18 -50.13 0.12
N THR O 447 67.42 -49.86 -0.29
CA THR O 447 68.47 -49.47 0.63
C THR O 447 69.00 -48.10 0.24
N LEU O 448 69.18 -47.22 1.23
CA LEU O 448 69.59 -45.85 1.01
C LEU O 448 70.85 -45.56 1.82
N PRO O 449 71.92 -45.03 1.21
CA PRO O 449 73.07 -44.59 2.00
C PRO O 449 72.73 -43.34 2.79
N THR O 450 73.39 -43.18 3.94
CA THR O 450 73.18 -42.01 4.77
C THR O 450 74.49 -41.54 5.39
N SER O 451 74.54 -40.24 5.71
CA SER O 451 75.73 -39.62 6.28
C SER O 451 75.51 -39.35 7.76
N PRO O 452 76.05 -40.17 8.66
CA PRO O 452 75.87 -39.94 10.10
C PRO O 452 76.81 -38.86 10.64
N SER O 453 76.25 -37.70 10.97
CA SER O 453 77.05 -36.63 11.55
C SER O 453 77.57 -37.05 12.92
N ILE O 454 78.80 -36.66 13.24
CA ILE O 454 79.44 -37.03 14.49
C ILE O 454 79.25 -35.89 15.48
N PRO O 455 78.50 -36.07 16.57
CA PRO O 455 78.34 -34.99 17.55
C PRO O 455 79.55 -34.89 18.47
N VAL O 456 80.14 -33.69 18.55
CA VAL O 456 81.26 -33.38 19.43
C VAL O 456 81.07 -31.97 19.97
N GLY O 457 81.83 -31.64 21.01
CA GLY O 457 81.78 -30.31 21.60
C GLY O 457 82.99 -29.46 21.23
N ILE O 458 82.84 -28.14 21.30
CA ILE O 458 83.89 -27.19 20.93
C ILE O 458 84.13 -26.27 22.12
N SER O 459 85.40 -25.99 22.41
CA SER O 459 85.73 -25.02 23.44
C SER O 459 85.21 -23.64 23.06
N LEU O 460 84.66 -22.93 24.05
CA LEU O 460 84.01 -21.64 23.80
C LEU O 460 84.99 -20.60 23.28
N GLY O 461 86.21 -20.57 23.82
CA GLY O 461 87.18 -19.58 23.37
C GLY O 461 87.57 -19.76 21.91
N LEU O 462 87.74 -21.02 21.48
CA LEU O 462 88.08 -21.30 20.08
C LEU O 462 86.97 -20.84 19.15
N LEU O 463 85.71 -21.12 19.53
CA LEU O 463 84.58 -20.70 18.70
C LEU O 463 84.47 -19.18 18.66
N LYS O 464 84.71 -18.51 19.79
CA LYS O 464 84.68 -17.05 19.82
C LYS O 464 85.74 -16.45 18.90
N ARG O 465 86.96 -17.01 18.96
CA ARG O 465 88.04 -16.55 18.07
C ARG O 465 87.70 -16.82 16.61
N GLU O 466 87.11 -17.99 16.33
CA GLU O 466 86.74 -18.33 14.96
C GLU O 466 85.69 -17.38 14.41
N MET O 467 84.68 -17.06 15.22
CA MET O 467 83.64 -16.12 14.79
C MET O 467 84.21 -14.73 14.59
N ALA O 468 85.11 -14.29 15.47
CA ALA O 468 85.75 -12.98 15.31
C ALA O 468 86.58 -12.92 14.03
N GLN O 469 87.32 -13.99 13.73
CA GLN O 469 88.08 -14.03 12.48
C GLN O 469 87.17 -14.04 11.27
N GLY O 470 86.08 -14.82 11.32
CA GLY O 470 85.17 -14.90 10.19
C GLY O 470 84.45 -13.60 9.91
N LEU O 471 84.09 -12.87 10.97
CA LEU O 471 83.38 -11.60 10.80
C LEU O 471 84.26 -10.59 10.06
N LEU O 472 85.53 -10.51 10.41
CA LEU O 472 86.48 -9.60 9.77
C LEU O 472 87.90 -10.09 9.99
N PRO O 478 88.83 -16.47 5.15
CA PRO O 478 90.08 -17.03 4.60
C PRO O 478 90.80 -17.93 5.61
N ARG O 479 90.90 -17.48 6.86
CA ARG O 479 91.54 -18.25 7.90
C ARG O 479 90.76 -19.53 8.17
N LEU O 480 91.48 -20.64 8.30
CA LEU O 480 90.88 -21.93 8.57
C LEU O 480 91.26 -22.36 9.99
N LEU O 481 90.36 -23.11 10.62
CA LEU O 481 90.51 -23.52 12.02
C LEU O 481 91.06 -24.93 12.15
N HIS O 482 91.99 -25.11 13.07
CA HIS O 482 92.55 -26.43 13.34
C HIS O 482 91.51 -27.30 14.05
N GLY O 483 91.90 -28.54 14.33
CA GLY O 483 91.06 -29.46 15.07
C GLY O 483 91.87 -30.47 15.86
N THR O 484 91.59 -30.60 17.16
CA THR O 484 92.28 -31.54 18.02
C THR O 484 91.27 -32.15 18.98
N LEU O 485 91.07 -33.46 18.86
CA LEU O 485 90.06 -34.17 19.63
C LEU O 485 90.69 -35.37 20.32
N ILE O 486 90.06 -35.77 21.43
CA ILE O 486 90.47 -36.93 22.21
C ILE O 486 89.27 -37.86 22.35
N MET O 487 89.50 -39.15 22.08
CA MET O 487 88.45 -40.13 22.28
C MET O 487 88.07 -40.22 23.75
N LYS O 488 86.77 -40.08 24.03
CA LYS O 488 86.24 -40.11 25.39
C LYS O 488 85.32 -41.32 25.55
N GLU O 489 84.86 -41.52 26.78
CA GLU O 489 84.01 -42.66 27.13
C GLU O 489 82.63 -42.47 26.49
N SER O 490 82.39 -43.20 25.40
CA SER O 490 81.14 -43.19 24.62
C SER O 490 80.82 -41.85 23.99
N ASN O 491 81.85 -41.01 23.78
CA ASN O 491 81.66 -39.69 23.18
C ASN O 491 83.01 -39.19 22.69
N PHE O 492 82.98 -38.12 21.91
CA PHE O 492 84.19 -37.46 21.42
C PHE O 492 84.10 -35.97 21.67
N ARG O 493 85.22 -35.38 22.06
CA ARG O 493 85.29 -33.97 22.41
C ARG O 493 86.47 -33.33 21.72
N LEU O 494 86.26 -32.13 21.17
CA LEU O 494 87.33 -31.32 20.61
C LEU O 494 87.84 -30.35 21.67
N VAL O 495 89.14 -30.08 21.63
CA VAL O 495 89.77 -29.22 22.63
C VAL O 495 90.90 -28.45 21.96
N SER O 496 91.08 -27.19 22.36
CA SER O 496 92.12 -26.36 21.78
C SER O 496 93.49 -26.78 22.31
N SER O 497 94.54 -26.29 21.63
CA SER O 497 95.91 -26.63 22.02
C SER O 497 96.25 -26.13 23.43
N GLU O 498 95.90 -24.88 23.73
CA GLU O 498 96.12 -24.34 25.07
C GLU O 498 95.34 -25.10 26.12
N GLN O 499 94.07 -25.39 25.83
CA GLN O 499 93.23 -26.15 26.76
C GLN O 499 93.66 -27.62 26.87
N ALA O 500 94.20 -28.20 25.79
CA ALA O 500 94.68 -29.58 25.83
C ALA O 500 95.84 -29.75 26.80
N LEU O 501 96.60 -28.68 27.06
CA LEU O 501 97.74 -28.75 27.99
C LEU O 501 97.29 -29.03 29.43
N LYS O 502 96.01 -28.81 29.75
CA LYS O 502 95.48 -29.08 31.08
C LYS O 502 95.47 -30.57 31.42
N GLU O 503 95.67 -31.46 30.44
CA GLU O 503 95.69 -32.89 30.68
C GLU O 503 96.83 -33.33 31.61
N LEU O 504 97.87 -32.51 31.75
CA LEU O 504 98.99 -32.80 32.64
C LEU O 504 98.56 -32.92 34.10
N ALA O 507 101.36 -35.61 30.89
CA ALA O 507 102.02 -34.32 30.67
C ALA O 507 101.78 -33.84 29.24
N GLU O 508 102.26 -32.63 28.94
CA GLU O 508 102.13 -32.03 27.61
C GLU O 508 103.49 -31.48 27.21
N HIS O 509 104.31 -32.31 26.56
CA HIS O 509 105.62 -31.92 26.09
C HIS O 509 105.46 -31.38 24.67
N GLN O 510 105.69 -30.08 24.48
CA GLN O 510 105.48 -29.42 23.21
C GLN O 510 106.77 -29.41 22.40
N LEU O 511 106.69 -29.91 21.17
CA LEU O 511 107.82 -29.92 20.24
C LEU O 511 107.43 -29.10 19.01
N ARG O 512 108.34 -28.22 18.59
CA ARG O 512 108.11 -27.32 17.46
C ARG O 512 109.26 -27.42 16.48
N PHE O 513 108.94 -27.52 15.20
CA PHE O 513 109.94 -27.55 14.16
C PHE O 513 110.37 -26.13 13.79
N THR O 514 111.64 -25.98 13.44
CA THR O 514 112.21 -24.68 13.06
C THR O 514 113.15 -24.94 11.88
N CYS O 515 112.61 -24.80 10.67
CA CYS O 515 113.41 -24.97 9.47
C CYS O 515 114.23 -23.70 9.18
N ARG O 516 115.36 -23.88 8.51
CA ARG O 516 116.25 -22.79 8.17
C ARG O 516 116.19 -22.53 6.67
N VAL O 517 115.99 -21.27 6.31
CA VAL O 517 115.96 -20.83 4.91
C VAL O 517 117.23 -20.04 4.65
N HIS O 518 118.01 -20.49 3.67
CA HIS O 518 119.32 -19.92 3.38
C HIS O 518 119.24 -19.09 2.10
N LEU O 519 119.76 -17.87 2.16
CA LEU O 519 119.84 -16.98 1.02
C LEU O 519 121.24 -16.42 0.90
N HIS O 520 121.67 -16.15 -0.33
CA HIS O 520 123.00 -15.63 -0.62
C HIS O 520 122.85 -14.30 -1.33
N ASP O 521 123.13 -13.21 -0.61
CA ASP O 521 123.09 -11.87 -1.18
C ASP O 521 124.00 -10.94 -0.39
N THR O 522 124.57 -9.96 -1.09
CA THR O 522 125.49 -9.02 -0.47
C THR O 522 124.78 -7.84 0.20
N ARG O 523 123.47 -7.72 0.04
CA ARG O 523 122.73 -6.61 0.63
C ARG O 523 122.65 -6.77 2.15
N LYS O 524 122.46 -5.64 2.83
CA LYS O 524 122.38 -5.62 4.28
C LYS O 524 121.09 -6.31 4.74
N GLU O 525 120.94 -6.42 6.07
CA GLU O 525 119.83 -7.18 6.65
C GLU O 525 118.56 -6.34 6.80
N GLN O 526 118.67 -5.21 7.52
CA GLN O 526 117.49 -4.45 7.94
C GLN O 526 116.75 -3.84 6.75
N GLU O 527 117.50 -3.26 5.79
CA GLU O 527 116.87 -2.69 4.60
C GLU O 527 116.21 -3.79 3.75
N THR O 528 116.88 -4.94 3.62
CA THR O 528 116.28 -6.07 2.92
C THR O 528 115.03 -6.55 3.64
N ALA O 529 115.05 -6.54 4.98
CA ALA O 529 113.87 -6.92 5.75
C ALA O 529 112.71 -5.97 5.50
N LEU O 530 112.99 -4.67 5.44
CA LEU O 530 111.96 -3.69 5.14
C LEU O 530 111.39 -3.88 3.74
N ARG O 531 112.27 -4.16 2.76
CA ARG O 531 111.82 -4.42 1.40
C ARG O 531 110.96 -5.67 1.33
N VAL O 532 111.34 -6.73 2.06
CA VAL O 532 110.54 -7.96 2.10
C VAL O 532 109.19 -7.69 2.73
N TYR O 533 109.15 -6.89 3.80
CA TYR O 533 107.90 -6.54 4.45
C TYR O 533 106.98 -5.79 3.50
N SER O 534 107.52 -4.82 2.76
CA SER O 534 106.73 -4.06 1.80
C SER O 534 106.20 -4.97 0.69
N HIS O 535 107.07 -5.85 0.16
CA HIS O 535 106.66 -6.77 -0.90
C HIS O 535 105.56 -7.71 -0.43
N LEU O 536 105.70 -8.26 0.79
CA LEU O 536 104.70 -9.18 1.31
C LEU O 536 103.38 -8.47 1.56
N LYS O 537 103.41 -7.28 2.17
CA LYS O 537 102.17 -6.56 2.45
C LYS O 537 101.50 -6.10 1.16
N SER O 538 102.27 -5.90 0.08
CA SER O 538 101.65 -5.63 -1.21
C SER O 538 101.02 -6.88 -1.81
N VAL O 539 101.71 -8.03 -1.71
CA VAL O 539 101.19 -9.27 -2.29
C VAL O 539 99.99 -9.78 -1.50
N LEU O 540 100.02 -9.68 -0.18
CA LEU O 540 98.99 -10.26 0.68
C LEU O 540 97.69 -9.45 0.75
N LYS O 541 97.54 -8.41 -0.09
CA LYS O 541 96.32 -7.60 -0.18
C LYS O 541 95.92 -6.99 1.17
N ASP O 542 96.92 -6.48 1.90
CA ASP O 542 96.73 -5.78 3.17
C ASP O 542 96.06 -6.66 4.23
N HIS O 543 96.32 -7.97 4.21
CA HIS O 543 95.83 -8.84 5.27
C HIS O 543 96.60 -8.69 6.57
N CYS O 544 97.73 -7.99 6.57
CA CYS O 544 98.53 -7.78 7.77
C CYS O 544 98.24 -6.38 8.30
N VAL O 545 97.69 -6.31 9.51
CA VAL O 545 97.39 -5.03 10.13
C VAL O 545 97.98 -5.03 11.55
N GLN O 546 99.00 -5.85 11.77
CA GLN O 546 99.65 -5.95 13.06
C GLN O 546 101.16 -5.94 12.87
N HIS O 547 101.86 -5.52 13.93
CA HIS O 547 103.31 -5.41 13.91
C HIS O 547 103.87 -5.84 15.26
N LEU O 548 105.16 -6.14 15.28
CA LEU O 548 105.86 -6.56 16.48
C LEU O 548 107.00 -5.60 16.79
N PRO O 549 107.33 -5.39 18.07
CA PRO O 549 108.33 -4.34 18.42
C PRO O 549 109.72 -4.57 17.86
N ASP O 550 110.18 -5.81 17.76
CA ASP O 550 111.54 -6.09 17.31
C ASP O 550 111.61 -6.31 15.80
N GLY O 551 111.03 -5.37 15.06
CA GLY O 551 111.11 -5.34 13.60
C GLY O 551 110.65 -6.60 12.91
N SER O 552 109.72 -7.33 13.53
CA SER O 552 109.23 -8.59 13.02
C SER O 552 107.80 -8.46 12.51
N VAL O 553 107.53 -9.08 11.37
CA VAL O 553 106.20 -9.07 10.76
C VAL O 553 105.70 -10.52 10.74
N THR O 554 104.47 -10.71 11.20
CA THR O 554 103.88 -12.04 11.28
C THR O 554 102.58 -12.10 10.49
N VAL O 555 102.41 -13.19 9.75
CA VAL O 555 101.21 -13.47 8.96
C VAL O 555 100.63 -14.77 9.46
N GLU O 556 99.36 -14.75 9.86
CA GLU O 556 98.64 -15.90 10.44
C GLU O 556 99.33 -16.36 11.71
N SER O 557 100.22 -17.36 11.60
CA SER O 557 100.88 -17.92 12.78
C SER O 557 102.33 -18.27 12.50
N VAL O 558 102.99 -17.51 11.63
CA VAL O 558 104.41 -17.71 11.32
C VAL O 558 105.15 -16.43 11.69
N LEU O 559 106.29 -16.59 12.38
CA LEU O 559 107.09 -15.47 12.86
C LEU O 559 108.33 -15.32 11.99
N LEU O 560 108.55 -14.11 11.49
CA LEU O 560 109.71 -13.76 10.67
C LEU O 560 110.55 -12.75 11.44
N GLN O 561 111.72 -13.16 11.89
CA GLN O 561 112.61 -12.29 12.66
C GLN O 561 114.03 -12.44 12.14
N ALA O 562 114.83 -11.40 12.37
CA ALA O 562 116.22 -11.37 11.93
C ALA O 562 117.09 -11.92 13.06
N ALA O 563 117.88 -12.95 12.74
CA ALA O 563 118.77 -13.59 13.70
C ALA O 563 120.14 -13.79 13.07
N ALA O 564 121.18 -13.54 13.86
CA ALA O 564 122.54 -13.69 13.37
C ALA O 564 122.90 -15.17 13.26
N PRO O 565 123.90 -15.52 12.43
CA PRO O 565 124.34 -16.91 12.35
C PRO O 565 125.09 -17.33 13.61
N SER O 566 125.33 -18.64 13.71
CA SER O 566 126.00 -19.21 14.87
C SER O 566 127.47 -18.78 14.99
N GLU O 567 128.31 -19.20 14.05
CA GLU O 567 129.73 -18.87 14.13
C GLU O 567 130.27 -18.25 12.85
N ASP O 568 129.70 -18.62 11.71
CA ASP O 568 130.22 -18.20 10.41
C ASP O 568 129.86 -16.74 10.14
N PRO O 569 130.84 -15.86 9.92
CA PRO O 569 130.49 -14.50 9.50
C PRO O 569 130.25 -14.36 8.00
N GLY O 570 130.78 -15.27 7.18
CA GLY O 570 130.66 -15.16 5.75
C GLY O 570 129.32 -15.57 5.17
N THR O 571 128.43 -16.13 5.99
CA THR O 571 127.11 -16.58 5.53
C THR O 571 126.06 -16.10 6.52
N LYS O 572 124.92 -15.67 6.00
CA LYS O 572 123.81 -15.18 6.81
C LYS O 572 122.68 -16.19 6.79
N VAL O 573 122.18 -16.55 7.97
CA VAL O 573 121.14 -17.56 8.11
C VAL O 573 120.10 -17.07 9.12
N LEU O 574 118.84 -17.33 8.82
CA LEU O 574 117.72 -17.00 9.70
C LEU O 574 116.93 -18.25 10.03
N LEU O 575 116.19 -18.18 11.13
CA LEU O 575 115.38 -19.30 11.60
C LEU O 575 113.90 -18.94 11.52
N VAL O 576 113.11 -19.85 10.95
CA VAL O 576 111.66 -19.70 10.83
C VAL O 576 110.98 -20.97 11.32
N SER O 577 109.93 -20.80 12.12
CA SER O 577 109.20 -21.93 12.70
C SER O 577 107.74 -21.87 12.27
N TRP O 578 107.17 -23.03 11.97
CA TRP O 578 105.79 -23.12 11.51
C TRP O 578 105.25 -24.52 11.74
N THR O 579 103.91 -24.63 11.65
CA THR O 579 103.24 -25.91 11.67
C THR O 579 103.08 -26.40 10.23
N TYR O 580 102.57 -27.63 10.08
CA TYR O 580 102.46 -28.27 8.76
C TYR O 580 101.57 -27.46 7.81
N GLN O 581 100.40 -27.02 8.32
CA GLN O 581 99.50 -26.20 7.51
C GLN O 581 100.17 -24.90 7.10
N ASP O 582 100.96 -24.30 7.99
CA ASP O 582 101.78 -23.16 7.63
C ASP O 582 103.00 -23.58 6.81
N GLU O 583 103.50 -24.81 7.01
CA GLU O 583 104.70 -25.25 6.30
C GLU O 583 104.45 -25.36 4.80
N GLU O 584 103.29 -25.88 4.41
CA GLU O 584 102.98 -26.01 2.98
C GLU O 584 102.92 -24.63 2.31
N LEU O 585 102.22 -23.69 2.96
CA LEU O 585 102.11 -22.34 2.42
C LEU O 585 103.46 -21.65 2.37
N GLY O 586 104.27 -21.82 3.42
CA GLY O 586 105.60 -21.22 3.44
C GLY O 586 106.51 -21.78 2.36
N SER O 587 106.47 -23.10 2.16
CA SER O 587 107.26 -23.72 1.11
C SER O 587 106.83 -23.23 -0.27
N PHE O 588 105.52 -23.14 -0.49
CA PHE O 588 105.01 -22.64 -1.77
C PHE O 588 105.44 -21.19 -2.00
N LEU O 589 105.35 -20.35 -0.96
CA LEU O 589 105.72 -18.95 -1.10
C LEU O 589 107.22 -18.80 -1.34
N THR O 590 108.05 -19.58 -0.65
CA THR O 590 109.49 -19.53 -0.88
C THR O 590 109.85 -20.00 -2.27
N SER O 591 109.19 -21.05 -2.77
CA SER O 591 109.42 -21.49 -4.14
C SER O 591 109.01 -20.43 -5.14
N LEU O 592 107.88 -19.75 -4.89
CA LEU O 592 107.45 -18.67 -5.77
C LEU O 592 108.46 -17.52 -5.78
N LEU O 593 108.98 -17.17 -4.59
CA LEU O 593 110.00 -16.12 -4.51
C LEU O 593 111.27 -16.53 -5.24
N LYS O 594 111.70 -17.77 -5.07
CA LYS O 594 112.91 -18.25 -5.74
C LYS O 594 112.71 -18.38 -7.25
N LYS O 595 111.45 -18.49 -7.71
CA LYS O 595 111.19 -18.58 -9.14
C LYS O 595 111.65 -17.33 -9.88
N GLY O 596 111.37 -16.16 -9.32
CA GLY O 596 111.79 -14.91 -9.94
C GLY O 596 111.47 -13.68 -9.10
N LEU O 597 112.45 -12.79 -8.96
CA LEU O 597 112.30 -11.53 -8.25
C LEU O 597 113.19 -10.51 -8.94
N PRO O 598 112.93 -9.19 -8.73
CA PRO O 598 113.84 -8.18 -9.29
C PRO O 598 115.20 -8.18 -8.59
N GLN O 599 116.03 -9.17 -8.88
CA GLN O 599 117.34 -9.30 -8.24
C GLN O 599 118.46 -9.07 -9.24
N PRO P 2 79.45 -64.17 70.57
CA PRO P 2 80.71 -64.50 69.88
C PRO P 2 81.34 -63.28 69.22
N THR P 3 81.14 -62.11 69.81
CA THR P 3 81.69 -60.88 69.27
C THR P 3 81.92 -59.90 70.42
N VAL P 4 82.80 -58.93 70.17
CA VAL P 4 83.16 -57.91 71.16
C VAL P 4 83.06 -56.55 70.49
N VAL P 5 82.39 -55.60 71.15
CA VAL P 5 82.22 -54.25 70.66
C VAL P 5 82.81 -53.28 71.67
N VAL P 6 83.68 -52.39 71.21
CA VAL P 6 84.34 -51.40 72.05
C VAL P 6 84.15 -50.02 71.41
N MET P 7 83.76 -49.05 72.22
CA MET P 7 83.53 -47.68 71.76
C MET P 7 84.46 -46.74 72.51
N ASP P 8 85.11 -45.85 71.77
CA ASP P 8 86.03 -44.87 72.34
C ASP P 8 85.32 -43.54 72.57
N VAL P 9 85.46 -42.99 73.76
CA VAL P 9 84.84 -41.73 74.14
C VAL P 9 85.93 -40.72 74.51
N SER P 10 87.07 -40.81 73.84
CA SER P 10 88.19 -39.92 74.12
C SER P 10 87.85 -38.47 73.79
N LEU P 11 88.38 -37.55 74.61
CA LEU P 11 88.13 -36.12 74.41
C LEU P 11 88.78 -35.61 73.12
N SER P 12 89.85 -36.26 72.67
CA SER P 12 90.52 -35.84 71.44
C SER P 12 89.60 -35.99 70.24
N MET P 13 88.82 -37.07 70.20
CA MET P 13 87.89 -37.32 69.10
C MET P 13 86.76 -36.30 69.02
N THR P 14 86.50 -35.56 70.11
CA THR P 14 85.44 -34.55 70.09
C THR P 14 85.72 -33.46 69.07
N ARG P 15 86.97 -33.00 69.01
CA ARG P 15 87.34 -31.97 68.06
C ARG P 15 87.30 -32.53 66.64
N PRO P 16 87.05 -31.68 65.64
CA PRO P 16 87.02 -32.16 64.26
C PRO P 16 88.39 -32.51 63.70
N VAL P 17 88.45 -32.97 62.45
CA VAL P 17 89.74 -33.29 61.84
C VAL P 17 90.56 -32.02 61.65
N SER P 18 90.02 -31.07 60.89
CA SER P 18 90.67 -29.77 60.71
C SER P 18 89.70 -28.61 60.86
N ILE P 19 88.50 -28.71 60.29
CA ILE P 19 87.46 -27.70 60.39
C ILE P 19 86.16 -28.28 60.92
N GLU P 20 85.66 -29.33 60.26
CA GLU P 20 84.42 -29.99 60.64
C GLU P 20 84.51 -31.44 60.20
N GLY P 21 83.45 -32.21 60.46
CA GLY P 21 83.40 -33.60 60.08
C GLY P 21 82.58 -33.84 58.82
N SER P 22 82.54 -35.12 58.42
CA SER P 22 81.76 -35.50 57.25
C SER P 22 80.27 -35.28 57.47
N GLU P 23 79.78 -35.61 58.65
CA GLU P 23 78.36 -35.47 58.99
C GLU P 23 78.07 -34.20 59.77
N GLU P 24 79.02 -33.25 59.81
CA GLU P 24 78.90 -31.99 60.56
C GLU P 24 78.63 -32.24 62.04
N TYR P 25 79.32 -33.23 62.61
CA TYR P 25 79.16 -33.58 64.00
C TYR P 25 80.49 -34.08 64.55
N GLN P 26 80.62 -34.04 65.88
CA GLN P 26 81.83 -34.49 66.54
C GLN P 26 82.04 -35.98 66.34
N ARG P 27 83.31 -36.36 66.08
CA ARG P 27 83.64 -37.77 65.88
C ARG P 27 83.46 -38.58 67.16
N LYS P 28 83.71 -37.97 68.33
CA LYS P 28 83.53 -38.68 69.59
C LYS P 28 82.08 -39.07 69.81
N HIS P 29 81.14 -38.18 69.48
CA HIS P 29 79.72 -38.49 69.62
C HIS P 29 79.33 -39.66 68.72
N LEU P 30 79.81 -39.66 67.47
CA LEU P 30 79.52 -40.75 66.55
C LEU P 30 80.13 -42.06 67.05
N ALA P 31 81.36 -42.00 67.57
CA ALA P 31 82.00 -43.19 68.12
C ALA P 31 81.25 -43.74 69.32
N ALA P 32 80.79 -42.86 70.21
CA ALA P 32 80.00 -43.30 71.36
C ALA P 32 78.68 -43.90 70.91
N HIS P 33 78.02 -43.28 69.93
CA HIS P 33 76.78 -43.82 69.39
C HIS P 33 77.04 -45.15 68.69
N GLY P 34 78.15 -45.23 67.95
CA GLY P 34 78.51 -46.45 67.24
C GLY P 34 77.81 -46.56 65.90
N LEU P 35 78.16 -47.63 65.19
CA LEU P 35 77.58 -47.91 63.88
C LEU P 35 76.16 -48.41 64.10
N THR P 36 75.18 -47.49 64.02
CA THR P 36 73.79 -47.83 64.30
C THR P 36 73.24 -48.87 63.33
N MET P 37 73.49 -48.67 62.03
CA MET P 37 72.94 -49.57 61.02
C MET P 37 73.53 -50.97 61.14
N LEU P 38 74.86 -51.06 61.20
CA LEU P 38 75.52 -52.37 61.28
C LEU P 38 75.17 -53.09 62.57
N PHE P 39 75.17 -52.37 63.71
CA PHE P 39 74.82 -52.99 64.98
C PHE P 39 73.38 -53.48 64.99
N GLU P 40 72.46 -52.66 64.45
CA GLU P 40 71.06 -53.06 64.39
C GLU P 40 70.87 -54.28 63.50
N HIS P 41 71.55 -54.32 62.35
CA HIS P 41 71.45 -55.48 61.46
C HIS P 41 72.00 -56.73 62.12
N MET P 42 73.15 -56.60 62.80
CA MET P 42 73.75 -57.74 63.49
C MET P 42 72.86 -58.24 64.61
N ALA P 43 72.26 -57.33 65.38
CA ALA P 43 71.37 -57.71 66.47
C ALA P 43 70.12 -58.40 65.94
N THR P 44 69.51 -57.85 64.89
CA THR P 44 68.28 -58.42 64.35
C THR P 44 68.53 -59.79 63.73
N ASN P 45 69.55 -59.90 62.87
CA ASN P 45 69.85 -61.19 62.23
C ASN P 45 70.30 -62.23 63.25
N TYR P 46 71.16 -61.84 64.19
CA TYR P 46 71.67 -62.76 65.21
C TYR P 46 70.87 -62.53 66.50
N LYS P 47 69.64 -63.03 66.50
CA LYS P 47 68.79 -62.91 67.69
C LYS P 47 69.30 -63.78 68.84
N LEU P 48 69.94 -64.91 68.52
CA LEU P 48 70.44 -65.83 69.53
C LEU P 48 71.89 -65.53 69.94
N GLU P 49 72.34 -64.29 69.78
CA GLU P 49 73.69 -63.89 70.12
C GLU P 49 73.70 -63.14 71.45
N PHE P 50 74.72 -63.42 72.27
CA PHE P 50 74.89 -62.78 73.56
C PHE P 50 76.33 -62.34 73.73
N THR P 51 76.54 -61.31 74.54
CA THR P 51 77.87 -60.77 74.77
C THR P 51 77.90 -60.10 76.14
N ALA P 52 79.12 -59.88 76.65
CA ALA P 52 79.33 -59.24 77.93
C ALA P 52 80.42 -58.19 77.80
N LEU P 53 80.35 -57.18 78.67
CA LEU P 53 81.29 -56.06 78.69
C LEU P 53 82.09 -56.08 79.97
N VAL P 54 83.42 -56.10 79.85
CA VAL P 54 84.33 -56.06 80.98
C VAL P 54 85.38 -54.99 80.71
N VAL P 55 85.55 -54.07 81.66
CA VAL P 55 86.49 -52.97 81.53
C VAL P 55 87.53 -53.09 82.62
N PHE P 56 88.81 -53.09 82.23
CA PHE P 56 89.91 -53.17 83.18
C PHE P 56 91.16 -52.63 82.48
N SER P 57 91.64 -51.47 82.92
CA SER P 57 92.80 -50.83 82.33
C SER P 57 93.99 -50.77 83.26
N SER P 58 93.82 -50.21 84.46
CA SER P 58 94.92 -50.10 85.41
C SER P 58 94.51 -50.67 86.77
N LEU P 59 93.22 -50.57 87.10
CA LEU P 59 92.70 -51.07 88.37
C LEU P 59 91.31 -51.63 88.14
N TRP P 60 90.91 -52.53 89.03
CA TRP P 60 89.59 -53.16 88.93
C TRP P 60 88.49 -52.13 89.15
N GLU P 61 87.51 -52.14 88.25
CA GLU P 61 86.38 -51.21 88.34
C GLU P 61 85.21 -51.82 87.57
N LEU P 62 84.01 -51.30 87.87
CA LEU P 62 82.81 -51.78 87.22
C LEU P 62 81.78 -50.66 87.20
N MET P 63 81.03 -50.58 86.10
CA MET P 63 79.97 -49.59 85.95
C MET P 63 78.67 -50.16 85.43
N VAL P 64 78.68 -51.31 84.76
CA VAL P 64 77.49 -51.96 84.24
C VAL P 64 77.30 -53.27 84.99
N PRO P 65 76.18 -53.46 85.70
CA PRO P 65 75.97 -54.71 86.43
C PRO P 65 75.78 -55.90 85.50
N PHE P 66 75.74 -57.08 86.09
CA PHE P 66 75.61 -58.33 85.35
C PHE P 66 74.19 -58.44 84.79
N THR P 67 74.07 -58.38 83.47
CA THR P 67 72.77 -58.49 82.81
C THR P 67 72.98 -59.00 81.38
N ARG P 68 72.05 -59.84 80.92
CA ARG P 68 72.14 -60.39 79.58
C ARG P 68 72.02 -59.31 78.51
N ASP P 69 71.11 -58.35 78.72
CA ASP P 69 70.88 -57.31 77.73
C ASP P 69 72.07 -56.35 77.65
N TYR P 70 72.58 -56.14 76.44
CA TYR P 70 73.68 -55.21 76.24
C TYR P 70 73.22 -53.76 76.25
N ASN P 71 71.95 -53.50 75.93
CA ASN P 71 71.45 -52.12 75.91
C ASN P 71 71.49 -51.51 77.31
N THR P 72 71.13 -52.29 78.33
CA THR P 72 71.17 -51.82 79.70
C THR P 72 72.60 -51.49 80.13
N LEU P 73 73.55 -52.35 79.75
CA LEU P 73 74.96 -52.09 80.06
C LEU P 73 75.46 -50.84 79.36
N GLN P 74 75.08 -50.65 78.09
CA GLN P 74 75.48 -49.45 77.35
C GLN P 74 74.90 -48.20 78.00
N GLU P 75 73.63 -48.24 78.41
CA GLU P 75 73.01 -47.11 79.08
C GLU P 75 73.69 -46.81 80.41
N ALA P 76 74.03 -47.85 81.17
CA ALA P 76 74.71 -47.68 82.45
C ALA P 76 76.12 -47.13 82.27
N LEU P 77 76.76 -47.45 81.15
CA LEU P 77 78.12 -46.96 80.89
C LEU P 77 78.18 -45.44 80.80
N SER P 78 77.13 -44.81 80.28
CA SER P 78 77.07 -43.37 80.16
C SER P 78 77.02 -42.70 81.53
N ASN P 79 77.32 -41.40 81.54
CA ASN P 79 77.35 -40.56 82.75
C ASN P 79 78.38 -41.08 83.76
N MET P 80 79.62 -41.14 83.30
CA MET P 80 80.74 -41.60 84.12
C MET P 80 81.93 -40.68 83.91
N ASP P 81 82.80 -40.64 84.91
CA ASP P 81 83.99 -39.78 84.89
C ASP P 81 85.22 -40.61 84.52
N ASP P 82 86.08 -40.02 83.71
CA ASP P 82 87.30 -40.69 83.27
C ASP P 82 88.36 -40.66 84.38
N TYR P 83 89.42 -41.43 84.17
CA TYR P 83 90.51 -41.53 85.13
C TYR P 83 91.84 -41.23 84.44
N ASP P 84 92.80 -40.75 85.22
CA ASP P 84 94.11 -40.37 84.70
C ASP P 84 94.94 -41.64 84.48
N LYS P 85 94.74 -42.23 83.30
CA LYS P 85 95.45 -43.43 82.90
C LYS P 85 95.31 -43.66 81.40
N THR P 86 96.42 -43.88 80.70
CA THR P 86 96.43 -44.12 79.27
C THR P 86 97.39 -45.24 78.92
N CYS P 87 97.48 -46.24 79.79
CA CYS P 87 98.36 -47.37 79.58
C CYS P 87 97.91 -48.20 78.37
N LEU P 88 98.88 -48.60 77.55
CA LEU P 88 98.62 -49.39 76.35
C LEU P 88 99.18 -50.79 76.43
N GLU P 89 100.49 -50.93 76.72
CA GLU P 89 101.09 -52.25 76.83
C GLU P 89 100.52 -53.03 78.00
N SER P 90 100.37 -52.38 79.16
CA SER P 90 99.81 -53.05 80.33
C SER P 90 98.36 -53.45 80.09
N ALA P 91 97.57 -52.57 79.49
CA ALA P 91 96.17 -52.88 79.19
C ALA P 91 96.05 -54.04 78.21
N LEU P 92 96.90 -54.04 77.18
CA LEU P 92 96.89 -55.13 76.20
C LEU P 92 97.29 -56.45 76.85
N VAL P 93 98.31 -56.41 77.71
CA VAL P 93 98.76 -57.62 78.41
C VAL P 93 97.65 -58.16 79.31
N GLY P 94 96.98 -57.26 80.03
CA GLY P 94 95.87 -57.69 80.89
C GLY P 94 94.71 -58.27 80.10
N VAL P 95 94.38 -57.66 78.96
CA VAL P 95 93.31 -58.16 78.10
C VAL P 95 93.67 -59.54 77.56
N CYS P 96 94.93 -59.71 77.12
CA CYS P 96 95.37 -61.01 76.62
C CYS P 96 95.33 -62.07 77.70
N ASN P 97 95.76 -61.71 78.93
CA ASN P 97 95.72 -62.66 80.04
C ASN P 97 94.28 -63.05 80.38
N ILE P 98 93.36 -62.08 80.38
CA ILE P 98 91.96 -62.36 80.67
C ILE P 98 91.37 -63.28 79.60
N VAL P 99 91.69 -63.01 78.32
CA VAL P 99 91.20 -63.82 77.22
C VAL P 99 91.73 -65.25 77.33
N GLN P 100 93.02 -65.39 77.65
CA GLN P 100 93.62 -66.71 77.81
C GLN P 100 92.98 -67.46 78.97
N GLN P 101 92.73 -66.77 80.09
CA GLN P 101 92.11 -67.42 81.24
C GLN P 101 90.68 -67.85 80.94
N GLU P 102 89.93 -67.03 80.19
CA GLU P 102 88.53 -67.31 79.91
C GLU P 102 88.36 -68.39 78.84
N TRP P 103 88.86 -68.12 77.63
CA TRP P 103 88.67 -69.03 76.51
C TRP P 103 89.68 -70.17 76.45
N GLY P 104 90.72 -70.14 77.28
CA GLY P 104 91.70 -71.21 77.23
C GLY P 104 92.57 -71.12 75.97
N GLY P 105 93.24 -72.23 75.68
CA GLY P 105 94.10 -72.32 74.52
C GLY P 105 93.66 -73.33 73.50
N ALA P 106 92.38 -73.72 73.53
CA ALA P 106 91.85 -74.68 72.58
C ALA P 106 90.49 -74.32 72.01
N ILE P 107 89.89 -73.22 72.44
CA ILE P 107 88.58 -72.80 71.93
C ILE P 107 88.81 -71.87 70.74
N PRO P 108 88.32 -72.20 69.55
CA PRO P 108 88.52 -71.32 68.39
C PRO P 108 87.68 -70.06 68.46
N CYS P 109 88.32 -68.91 68.72
CA CYS P 109 87.62 -67.64 68.81
C CYS P 109 88.58 -66.52 68.44
N GLN P 110 88.00 -65.38 68.09
CA GLN P 110 88.76 -64.19 67.71
C GLN P 110 88.52 -63.07 68.72
N VAL P 111 89.58 -62.34 69.04
CA VAL P 111 89.53 -61.23 69.99
C VAL P 111 89.93 -59.97 69.25
N VAL P 112 89.07 -58.95 69.34
CA VAL P 112 89.31 -57.66 68.69
C VAL P 112 89.17 -56.56 69.73
N LEU P 113 90.16 -55.68 69.80
CA LEU P 113 90.16 -54.56 70.74
C LEU P 113 90.23 -53.26 69.95
N VAL P 114 89.31 -52.35 70.25
CA VAL P 114 89.24 -51.04 69.59
C VAL P 114 89.89 -50.02 70.52
N THR P 115 91.09 -49.58 70.16
CA THR P 115 91.83 -48.61 70.96
C THR P 115 92.54 -47.65 70.03
N ASP P 116 92.54 -46.36 70.39
CA ASP P 116 93.22 -45.35 69.58
C ASP P 116 94.73 -45.59 69.54
N GLY P 117 95.31 -45.98 70.66
CA GLY P 117 96.75 -46.20 70.71
C GLY P 117 97.58 -44.96 70.47
N CYS P 118 97.21 -43.85 71.10
CA CYS P 118 97.94 -42.60 70.92
C CYS P 118 99.37 -42.72 71.43
N LEU P 119 100.29 -42.11 70.69
CA LEU P 119 101.71 -42.14 71.03
C LEU P 119 102.34 -40.84 70.53
N GLY P 120 103.67 -40.81 70.45
CA GLY P 120 104.37 -39.64 69.98
C GLY P 120 105.50 -40.02 69.03
N ILE P 121 106.08 -39.00 68.41
CA ILE P 121 107.16 -39.16 67.45
C ILE P 121 108.45 -38.71 68.11
N GLY P 122 109.45 -39.58 68.09
CA GLY P 122 110.74 -39.28 68.71
C GLY P 122 110.74 -39.52 70.21
N ARG P 123 109.89 -38.78 70.93
CA ARG P 123 109.80 -38.95 72.38
C ARG P 123 109.29 -40.35 72.74
N GLY P 124 108.29 -40.83 72.01
CA GLY P 124 107.72 -42.14 72.29
C GLY P 124 108.32 -43.24 71.45
N SER P 125 109.62 -43.15 71.18
CA SER P 125 110.32 -44.15 70.38
C SER P 125 110.60 -45.44 71.15
N LEU P 126 110.40 -45.45 72.47
CA LEU P 126 110.65 -46.65 73.26
C LEU P 126 109.66 -47.76 72.98
N ARG P 127 108.51 -47.45 72.36
CA ARG P 127 107.51 -48.47 72.07
C ARG P 127 107.99 -49.49 71.04
N HIS P 128 108.99 -49.14 70.23
CA HIS P 128 109.51 -50.06 69.22
C HIS P 128 110.15 -51.30 69.84
N SER P 129 110.75 -51.14 71.04
CA SER P 129 111.41 -52.27 71.69
C SER P 129 110.42 -53.38 72.03
N LEU P 130 109.24 -53.00 72.53
CA LEU P 130 108.22 -54.00 72.90
C LEU P 130 107.74 -54.76 71.67
N ALA P 131 107.54 -54.07 70.55
CA ALA P 131 107.05 -54.70 69.34
C ALA P 131 108.03 -55.70 68.73
N THR P 132 109.32 -55.53 69.00
CA THR P 132 110.35 -56.40 68.44
C THR P 132 110.78 -57.42 69.48
N GLN P 133 110.71 -58.70 69.12
CA GLN P 133 111.11 -59.74 70.07
C GLN P 133 112.62 -59.97 70.04
N ASN P 134 113.19 -60.11 68.86
CA ASN P 134 114.64 -60.33 68.73
C ASN P 134 115.40 -59.01 68.57
N GLN P 135 115.18 -58.08 69.50
CA GLN P 135 115.83 -56.77 69.46
C GLN P 135 117.11 -56.83 70.28
N ARG P 136 118.12 -57.49 69.71
CA ARG P 136 119.47 -57.64 70.28
C ARG P 136 119.43 -58.44 71.59
N SER P 137 120.56 -58.49 72.29
CA SER P 137 120.63 -59.26 73.54
C SER P 137 119.86 -58.58 74.67
N GLU P 138 119.71 -57.26 74.64
CA GLU P 138 119.00 -56.55 75.70
C GLU P 138 117.53 -56.96 75.77
N SER P 139 116.89 -57.10 74.61
CA SER P 139 115.48 -57.49 74.52
C SER P 139 115.30 -58.97 74.21
N ASN P 140 116.36 -59.78 74.36
CA ASN P 140 116.26 -61.21 74.09
C ASN P 140 115.24 -61.89 75.00
N ARG P 141 115.24 -61.54 76.29
CA ARG P 141 114.27 -62.11 77.22
C ARG P 141 113.01 -61.25 77.33
N PHE P 142 112.41 -60.95 76.18
CA PHE P 142 111.22 -60.11 76.14
C PHE P 142 109.98 -60.99 76.16
N PRO P 143 109.13 -60.89 77.19
CA PRO P 143 107.89 -61.70 77.21
C PRO P 143 106.96 -61.41 76.05
N LEU P 144 106.94 -60.18 75.54
CA LEU P 144 106.07 -59.80 74.42
C LEU P 144 106.69 -60.22 73.10
N PRO P 145 105.96 -60.95 72.24
CA PRO P 145 104.61 -61.50 72.29
C PRO P 145 104.51 -62.76 73.13
N PHE P 146 103.34 -63.00 73.73
CA PHE P 146 103.14 -64.17 74.56
C PHE P 146 103.14 -65.44 73.71
N PRO P 147 103.52 -66.58 74.30
CA PRO P 147 103.55 -67.86 73.56
C PRO P 147 102.17 -68.47 73.38
N PHE P 148 101.30 -67.77 72.67
CA PHE P 148 99.94 -68.21 72.42
C PHE P 148 99.42 -67.48 71.19
N PRO P 149 98.39 -68.01 70.53
CA PRO P 149 97.85 -67.34 69.34
C PRO P 149 97.05 -66.09 69.68
N SER P 150 97.57 -64.93 69.29
CA SER P 150 96.89 -63.66 69.54
C SER P 150 97.34 -62.66 68.50
N LYS P 151 96.53 -61.62 68.32
CA LYS P 151 96.83 -60.56 67.37
C LYS P 151 96.10 -59.29 67.78
N LEU P 152 96.70 -58.15 67.47
CA LEU P 152 96.14 -56.84 67.77
C LEU P 152 95.93 -56.07 66.47
N TYR P 153 94.74 -55.51 66.31
CA TYR P 153 94.38 -54.75 65.11
C TYR P 153 93.79 -53.41 65.52
N ILE P 154 94.17 -52.36 64.79
CA ILE P 154 93.68 -51.00 65.03
C ILE P 154 93.18 -50.44 63.71
N MET P 155 91.96 -49.92 63.72
CA MET P 155 91.33 -49.35 62.54
C MET P 155 90.84 -47.93 62.83
N CYS P 156 91.19 -47.00 61.95
CA CYS P 156 90.77 -45.60 62.10
C CYS P 156 90.87 -44.91 60.75
N MET P 157 90.23 -43.74 60.66
CA MET P 157 90.24 -42.93 59.46
C MET P 157 90.26 -41.45 59.84
N ALA P 158 91.20 -40.71 59.25
CA ALA P 158 91.35 -39.29 59.54
C ALA P 158 92.10 -38.63 58.39
N ASN P 159 92.05 -37.30 58.37
CA ASN P 159 92.74 -36.53 57.33
C ASN P 159 94.25 -36.63 57.53
N LEU P 160 94.99 -36.37 56.45
CA LEU P 160 96.45 -36.46 56.48
C LEU P 160 97.07 -35.45 57.43
N GLU P 161 96.62 -34.20 57.42
CA GLU P 161 97.16 -33.19 58.32
C GLU P 161 96.85 -33.53 59.78
N GLU P 162 95.60 -33.92 60.06
CA GLU P 162 95.23 -34.31 61.41
C GLU P 162 95.97 -35.56 61.85
N LEU P 163 96.16 -36.52 60.92
CA LEU P 163 96.90 -37.74 61.23
C LEU P 163 98.34 -37.43 61.60
N GLN P 164 98.99 -36.54 60.84
CA GLN P 164 100.37 -36.17 61.16
C GLN P 164 100.45 -35.42 62.48
N SER P 165 99.50 -34.51 62.73
CA SER P 165 99.53 -33.69 63.95
C SER P 165 99.27 -34.51 65.20
N THR P 166 98.22 -35.33 65.19
CA THR P 166 97.82 -36.11 66.35
C THR P 166 98.39 -37.52 66.40
N ASP P 167 99.20 -37.92 65.41
CA ASP P 167 99.79 -39.26 65.33
C ASP P 167 98.71 -40.35 65.27
N SER P 168 97.68 -40.11 64.45
CA SER P 168 96.60 -41.07 64.30
C SER P 168 96.95 -42.18 63.31
N LEU P 169 97.26 -41.79 62.07
CA LEU P 169 97.69 -42.77 61.07
C LEU P 169 99.07 -43.33 61.36
N GLU P 170 99.95 -42.51 61.94
CA GLU P 170 101.27 -43.00 62.33
C GLU P 170 101.18 -44.11 63.37
N CYS P 171 100.28 -43.96 64.34
CA CYS P 171 100.08 -45.01 65.34
C CYS P 171 99.58 -46.29 64.70
N LEU P 172 98.64 -46.17 63.75
CA LEU P 172 98.14 -47.34 63.03
C LEU P 172 99.24 -48.02 62.23
N GLU P 173 100.09 -47.22 61.56
CA GLU P 173 101.19 -47.77 60.80
C GLU P 173 102.19 -48.48 61.71
N ARG P 174 102.48 -47.89 62.88
CA ARG P 174 103.38 -48.52 63.83
C ARG P 174 102.80 -49.83 64.35
N LEU P 175 101.49 -49.85 64.63
CA LEU P 175 100.83 -51.07 65.08
C LEU P 175 100.89 -52.15 63.99
N ILE P 176 100.65 -51.77 62.74
CA ILE P 176 100.76 -52.71 61.63
C ILE P 176 102.19 -53.20 61.49
N ASP P 177 103.17 -52.28 61.58
CA ASP P 177 104.58 -52.65 61.49
C ASP P 177 105.03 -53.48 62.69
N LEU P 178 104.30 -53.44 63.80
CA LEU P 178 104.65 -54.25 64.96
C LEU P 178 104.55 -55.74 64.65
N ASN P 179 103.53 -56.14 63.90
CA ASN P 179 103.33 -57.53 63.50
C ASN P 179 103.99 -57.87 62.17
N ASN P 180 105.07 -57.15 61.82
CA ASN P 180 105.82 -57.35 60.57
C ASN P 180 104.96 -57.07 59.34
N GLY P 181 104.06 -56.10 59.45
CA GLY P 181 103.18 -55.73 58.35
C GLY P 181 102.24 -56.83 57.91
N GLU P 182 101.66 -57.56 58.86
CA GLU P 182 100.73 -58.64 58.57
C GLU P 182 99.30 -58.11 58.41
N GLY P 183 99.13 -57.27 57.40
CA GLY P 183 97.82 -56.70 57.13
C GLY P 183 97.89 -55.73 55.98
N GLN P 184 96.72 -55.22 55.60
CA GLN P 184 96.59 -54.28 54.51
C GLN P 184 96.53 -52.84 55.03
N ILE P 185 96.88 -51.90 54.16
CA ILE P 185 96.87 -50.48 54.47
C ILE P 185 96.12 -49.75 53.37
N PHE P 186 95.19 -48.88 53.75
CA PHE P 186 94.43 -48.12 52.77
C PHE P 186 95.30 -47.07 52.10
N THR P 187 95.11 -46.90 50.80
CA THR P 187 95.89 -45.93 50.03
C THR P 187 95.20 -44.57 49.92
N ILE P 188 93.87 -44.55 49.96
CA ILE P 188 93.13 -43.29 49.83
C ILE P 188 93.34 -42.43 51.07
N ASP P 189 93.28 -41.11 50.89
CA ASP P 189 93.44 -40.17 51.98
C ASP P 189 92.71 -38.88 51.62
N GLY P 190 92.41 -38.09 52.65
CA GLY P 190 91.75 -36.82 52.46
C GLY P 190 90.29 -36.87 52.87
N PRO P 191 89.43 -36.23 52.07
CA PRO P 191 88.00 -36.18 52.41
C PRO P 191 87.20 -37.36 51.89
N LEU P 192 87.89 -38.44 51.51
CA LEU P 192 87.23 -39.63 51.01
C LEU P 192 86.37 -40.27 52.08
N CYS P 193 85.29 -40.91 51.65
CA CYS P 193 84.33 -41.53 52.57
C CYS P 193 84.93 -42.78 53.22
N LEU P 194 84.14 -43.42 54.06
CA LEU P 194 84.53 -44.62 54.80
C LEU P 194 83.54 -45.75 54.54
N LYS P 195 83.20 -45.97 53.27
CA LYS P 195 82.27 -47.02 52.90
C LYS P 195 82.82 -48.43 53.13
N ASN P 196 84.13 -48.58 53.36
CA ASN P 196 84.71 -49.90 53.60
C ASN P 196 84.18 -50.53 54.88
N VAL P 197 83.79 -49.71 55.86
CA VAL P 197 83.26 -50.23 57.12
C VAL P 197 81.96 -50.99 56.88
N GLN P 198 81.07 -50.45 56.04
CA GLN P 198 79.81 -51.12 55.73
C GLN P 198 80.06 -52.44 55.01
N SER P 199 81.01 -52.45 54.07
CA SER P 199 81.34 -53.69 53.35
C SER P 199 81.90 -54.73 54.31
N MET P 200 82.77 -54.31 55.23
CA MET P 200 83.33 -55.25 56.22
C MET P 200 82.25 -55.80 57.13
N PHE P 201 81.32 -54.94 57.56
CA PHE P 201 80.21 -55.40 58.39
C PHE P 201 79.32 -56.38 57.65
N GLY P 202 79.04 -56.11 56.37
CA GLY P 202 78.23 -57.02 55.58
C GLY P 202 78.90 -58.36 55.35
N LYS P 203 80.21 -58.34 55.07
CA LYS P 203 80.96 -59.59 54.88
C LYS P 203 80.99 -60.42 56.15
N LEU P 204 81.16 -59.78 57.31
CA LEU P 204 81.20 -60.48 58.58
C LEU P 204 79.84 -61.00 59.02
N ILE P 205 78.75 -60.57 58.37
CA ILE P 205 77.42 -61.02 58.73
C ILE P 205 76.47 -60.85 57.54
N MET Q 3 99.89 3.83 -70.35
CA MET Q 3 99.14 5.04 -70.65
C MET Q 3 98.23 4.83 -71.86
N SER Q 4 98.85 4.59 -73.02
CA SER Q 4 98.08 4.37 -74.24
C SER Q 4 97.23 3.10 -74.16
N ASP Q 5 97.79 2.03 -73.59
CA ASP Q 5 97.07 0.77 -73.47
C ASP Q 5 95.85 0.92 -72.57
N ILE Q 6 96.00 1.68 -71.48
CA ILE Q 6 94.89 1.91 -70.55
C ILE Q 6 93.76 2.65 -71.25
N ARG Q 7 94.09 3.70 -72.01
CA ARG Q 7 93.07 4.45 -72.75
C ARG Q 7 92.41 3.59 -73.81
N HIS Q 8 93.20 2.75 -74.49
CA HIS Q 8 92.64 1.86 -75.51
C HIS Q 8 91.67 0.86 -74.89
N SER Q 9 92.03 0.30 -73.73
CA SER Q 9 91.15 -0.64 -73.04
C SER Q 9 89.88 0.06 -72.54
N LEU Q 10 90.02 1.28 -72.03
CA LEU Q 10 88.87 1.99 -71.47
C LEU Q 10 87.93 2.49 -72.56
N LEU Q 11 88.45 2.74 -73.77
CA LEU Q 11 87.64 3.27 -74.86
C LEU Q 11 86.54 2.29 -75.25
N ARG Q 12 86.87 1.01 -75.36
CA ARG Q 12 85.93 -0.03 -75.74
C ARG Q 12 85.38 -0.71 -74.51
N ARG Q 13 84.21 -1.36 -74.67
CA ARG Q 13 83.50 -2.14 -73.66
C ARG Q 13 82.92 -1.26 -72.55
N ASP Q 14 81.77 -1.67 -72.00
CA ASP Q 14 81.14 -0.88 -70.95
C ASP Q 14 81.78 -1.15 -69.59
N ALA Q 15 81.98 -2.43 -69.26
CA ALA Q 15 82.54 -2.82 -67.96
C ALA Q 15 84.01 -2.43 -67.92
N LEU Q 16 84.33 -1.36 -67.20
CA LEU Q 16 85.71 -0.89 -67.07
C LEU Q 16 86.39 -1.61 -65.90
N SER Q 17 86.60 -2.91 -66.08
CA SER Q 17 87.27 -3.73 -65.08
C SER Q 17 88.77 -3.48 -65.03
N ALA Q 18 89.36 -2.97 -66.11
CA ALA Q 18 90.78 -2.69 -66.17
C ALA Q 18 91.15 -1.32 -65.61
N ALA Q 19 90.16 -0.52 -65.20
CA ALA Q 19 90.44 0.81 -64.66
C ALA Q 19 91.24 0.73 -63.36
N LYS Q 20 90.98 -0.30 -62.54
CA LYS Q 20 91.70 -0.46 -61.29
C LYS Q 20 93.20 -0.69 -61.52
N GLU Q 21 93.54 -1.51 -62.51
CA GLU Q 21 94.95 -1.77 -62.82
C GLU Q 21 95.63 -0.50 -63.31
N VAL Q 22 94.94 0.29 -64.15
CA VAL Q 22 95.51 1.53 -64.66
C VAL Q 22 95.73 2.52 -63.52
N LEU Q 23 94.75 2.62 -62.61
CA LEU Q 23 94.89 3.52 -61.46
C LEU Q 23 96.04 3.10 -60.56
N TYR Q 24 96.18 1.79 -60.31
CA TYR Q 24 97.27 1.29 -59.48
C TYR Q 24 98.63 1.56 -60.14
N HIS Q 25 98.72 1.36 -61.45
CA HIS Q 25 99.96 1.63 -62.17
C HIS Q 25 100.32 3.11 -62.12
N LEU Q 26 99.31 3.98 -62.30
CA LEU Q 26 99.54 5.42 -62.23
C LEU Q 26 100.00 5.84 -60.84
N ASP Q 27 99.37 5.28 -59.80
CA ASP Q 27 99.76 5.60 -58.43
C ASP Q 27 101.19 5.12 -58.15
N ILE Q 28 101.54 3.92 -58.62
CA ILE Q 28 102.90 3.41 -58.42
C ILE Q 28 103.92 4.28 -59.15
N TYR Q 29 103.60 4.68 -60.37
CA TYR Q 29 104.49 5.55 -61.13
C TYR Q 29 104.65 6.90 -60.45
N PHE Q 30 103.57 7.47 -59.92
CA PHE Q 30 103.65 8.74 -59.21
C PHE Q 30 104.49 8.61 -57.94
N SER Q 31 104.31 7.51 -57.19
CA SER Q 31 105.08 7.32 -55.97
C SER Q 31 106.57 7.13 -56.25
N SER Q 32 106.91 6.35 -57.28
CA SER Q 32 108.31 6.08 -57.60
C SER Q 32 108.96 7.07 -58.54
N GLN Q 33 108.18 7.80 -59.35
CA GLN Q 33 108.70 8.76 -60.31
C GLN Q 33 107.93 10.07 -60.24
N LEU Q 34 107.83 10.64 -59.03
CA LEU Q 34 107.10 11.88 -58.83
C LEU Q 34 107.70 13.03 -59.64
N GLN Q 35 109.03 13.06 -59.77
CA GLN Q 35 109.67 14.09 -60.58
C GLN Q 35 109.25 13.99 -62.05
N SER Q 36 109.14 12.75 -62.55
CA SER Q 36 108.72 12.53 -63.93
C SER Q 36 107.22 12.71 -64.12
N ALA Q 37 106.44 12.69 -63.05
CA ALA Q 37 104.98 12.85 -63.11
C ALA Q 37 104.42 13.12 -61.73
N ASP Q 43 97.55 13.21 -68.86
CA ASP Q 43 97.28 13.60 -70.24
C ASP Q 43 95.78 13.71 -70.50
N LYS Q 44 95.41 13.81 -71.78
CA LYS Q 44 94.01 13.92 -72.16
C LYS Q 44 93.21 12.68 -71.78
N GLY Q 45 93.73 11.51 -72.13
CA GLY Q 45 93.08 10.25 -71.82
C GLY Q 45 92.98 9.99 -70.34
N PRO Q 46 94.09 10.21 -69.60
CA PRO Q 46 94.01 10.08 -68.14
C PRO Q 46 93.02 11.05 -67.51
N VAL Q 47 92.94 12.28 -68.02
CA VAL Q 47 92.00 13.26 -67.49
C VAL Q 47 90.57 12.80 -67.72
N GLU Q 48 90.27 12.33 -68.93
CA GLU Q 48 88.93 11.83 -69.24
C GLU Q 48 88.59 10.61 -68.39
N LEU Q 49 89.56 9.70 -68.21
CA LEU Q 49 89.33 8.51 -67.39
C LEU Q 49 89.04 8.89 -65.94
N LEU Q 50 89.82 9.83 -65.38
CA LEU Q 50 89.59 10.28 -64.02
C LEU Q 50 88.23 10.97 -63.88
N GLU Q 51 87.87 11.78 -64.87
CA GLU Q 51 86.57 12.45 -64.85
C GLU Q 51 85.43 11.43 -64.88
N GLU Q 52 85.54 10.41 -65.73
CA GLU Q 52 84.52 9.37 -65.80
C GLU Q 52 84.45 8.58 -64.49
N PHE Q 53 85.61 8.31 -63.88
CA PHE Q 53 85.64 7.52 -62.66
C PHE Q 53 85.01 8.28 -61.49
N VAL Q 54 85.43 9.54 -61.29
CA VAL Q 54 85.01 10.30 -60.12
C VAL Q 54 83.79 11.16 -60.44
N PHE Q 55 83.95 12.12 -61.34
CA PHE Q 55 82.87 13.05 -61.66
C PHE Q 55 81.76 12.37 -62.46
N GLN Q 56 82.10 11.35 -63.25
CA GLN Q 56 81.16 10.63 -64.12
C GLN Q 56 80.52 11.57 -65.15
N VAL Q 57 81.32 12.52 -65.64
CA VAL Q 57 80.86 13.50 -66.62
C VAL Q 57 81.42 13.09 -67.98
N PRO Q 58 80.57 12.70 -68.95
CA PRO Q 58 81.09 12.34 -70.28
C PRO Q 58 81.62 13.53 -71.06
N LYS Q 59 82.11 13.28 -72.28
CA LYS Q 59 82.60 14.36 -73.13
C LYS Q 59 81.52 15.38 -73.46
N GLU Q 60 80.32 14.89 -73.79
CA GLU Q 60 79.15 15.75 -74.03
C GLU Q 60 78.55 16.10 -72.67
N ARG Q 61 78.97 17.24 -72.13
CA ARG Q 61 78.50 17.69 -70.82
C ARG Q 61 76.99 17.95 -70.82
N SER Q 62 76.47 18.58 -71.88
CA SER Q 62 75.04 18.84 -71.97
C SER Q 62 74.23 17.55 -72.03
N ALA Q 63 74.82 16.47 -72.53
CA ALA Q 63 74.15 15.17 -72.56
C ALA Q 63 74.13 14.56 -71.17
N GLN Q 64 73.62 13.33 -71.09
CA GLN Q 64 73.54 12.64 -69.81
C GLN Q 64 74.94 12.34 -69.27
N PRO Q 65 75.13 12.39 -67.96
CA PRO Q 65 76.44 12.09 -67.36
C PRO Q 65 76.69 10.59 -67.19
N LYS Q 66 76.76 9.89 -68.33
CA LYS Q 66 76.96 8.43 -68.37
C LYS Q 66 75.82 7.70 -67.66
N ARG Q 67 74.58 8.04 -68.05
CA ARG Q 67 73.34 7.47 -67.52
C ARG Q 67 73.19 7.85 -66.06
N LEU Q 68 72.55 6.99 -65.26
CA LEU Q 68 72.34 7.28 -63.84
C LEU Q 68 73.66 7.45 -63.10
N ASN Q 69 74.62 6.54 -63.36
CA ASN Q 69 75.95 6.56 -62.73
C ASN Q 69 75.87 6.55 -61.20
N SER Q 70 74.96 5.74 -60.67
CA SER Q 70 74.76 5.60 -59.23
C SER Q 70 75.14 4.22 -58.72
N LEU Q 71 74.64 3.16 -59.38
CA LEU Q 71 75.02 1.80 -59.00
C LEU Q 71 76.51 1.56 -59.20
N GLN Q 72 77.06 2.01 -60.32
CA GLN Q 72 78.49 1.91 -60.56
C GLN Q 72 79.30 2.95 -59.79
N GLU Q 73 78.66 4.00 -59.28
CA GLU Q 73 79.36 5.01 -58.49
C GLU Q 73 79.92 4.40 -57.20
N LEU Q 74 79.14 3.54 -56.55
CA LEU Q 74 79.63 2.89 -55.33
C LEU Q 74 80.83 1.99 -55.63
N GLN Q 75 80.78 1.25 -56.73
CA GLN Q 75 81.92 0.41 -57.13
C GLN Q 75 83.15 1.25 -57.43
N LEU Q 76 82.96 2.37 -58.14
CA LEU Q 76 84.08 3.26 -58.44
C LEU Q 76 84.67 3.86 -57.16
N LEU Q 77 83.82 4.25 -56.22
CA LEU Q 77 84.29 4.79 -54.95
C LEU Q 77 85.06 3.75 -54.16
N GLU Q 78 84.57 2.50 -54.14
CA GLU Q 78 85.28 1.42 -53.47
C GLU Q 78 86.64 1.15 -54.12
N ILE Q 79 86.69 1.17 -55.45
CA ILE Q 79 87.94 0.96 -56.17
C ILE Q 79 88.93 2.09 -55.85
N MET Q 80 88.45 3.34 -55.83
CA MET Q 80 89.31 4.47 -55.51
C MET Q 80 89.82 4.37 -54.07
N CYS Q 81 88.96 3.96 -53.14
CA CYS Q 81 89.38 3.80 -51.75
C CYS Q 81 90.44 2.71 -51.61
N ASN Q 82 90.24 1.58 -52.32
CA ASN Q 82 91.22 0.50 -52.29
C ASN Q 82 92.55 0.94 -52.88
N TYR Q 83 92.51 1.69 -53.99
CA TYR Q 83 93.73 2.20 -54.61
C TYR Q 83 94.46 3.17 -53.68
N PHE Q 84 93.72 4.06 -53.03
CA PHE Q 84 94.33 4.98 -52.08
C PHE Q 84 94.96 4.24 -50.90
N GLN Q 85 94.27 3.23 -50.38
CA GLN Q 85 94.82 2.42 -49.29
C GLN Q 85 96.08 1.69 -49.72
N GLU Q 86 96.09 1.15 -50.94
CA GLU Q 86 97.27 0.45 -51.45
C GLU Q 86 98.41 1.42 -51.72
N GLN Q 87 98.11 2.69 -52.02
CA GLN Q 87 99.13 3.69 -52.30
C GLN Q 87 100.04 3.93 -51.10
N THR Q 88 99.47 4.48 -50.02
CA THR Q 88 100.17 4.76 -48.76
C THR Q 88 101.40 5.64 -48.96
N LYS Q 89 101.35 6.54 -49.95
CA LYS Q 89 102.47 7.41 -50.29
C LYS Q 89 102.01 8.86 -50.26
N ASP Q 90 102.78 9.71 -49.59
CA ASP Q 90 102.45 11.13 -49.51
C ASP Q 90 102.45 11.78 -50.89
N SER Q 91 103.45 11.47 -51.72
CA SER Q 91 103.54 12.06 -53.05
C SER Q 91 102.38 11.60 -53.93
N VAL Q 92 102.05 10.31 -53.90
CA VAL Q 92 100.97 9.78 -54.73
C VAL Q 92 99.62 10.36 -54.31
N ARG Q 93 99.37 10.39 -52.99
CA ARG Q 93 98.13 10.95 -52.47
C ARG Q 93 98.02 12.44 -52.79
N GLN Q 94 99.12 13.17 -52.65
CA GLN Q 94 99.12 14.60 -52.97
C GLN Q 94 98.85 14.83 -54.45
N ILE Q 95 99.44 14.01 -55.32
CA ILE Q 95 99.22 14.13 -56.75
C ILE Q 95 97.76 13.84 -57.10
N ILE Q 96 97.19 12.79 -56.48
CA ILE Q 96 95.79 12.44 -56.72
C ILE Q 96 94.87 13.57 -56.27
N PHE Q 97 95.13 14.12 -55.07
CA PHE Q 97 94.32 15.20 -54.55
C PHE Q 97 94.41 16.45 -55.43
N SER Q 98 95.63 16.78 -55.87
CA SER Q 98 95.84 17.94 -56.73
C SER Q 98 95.13 17.76 -58.07
N SER Q 99 95.20 16.56 -58.64
CA SER Q 99 94.52 16.29 -59.92
C SER Q 99 93.01 16.39 -59.77
N LEU Q 100 92.47 15.82 -58.68
CA LEU Q 100 91.02 15.79 -58.49
C LEU Q 100 90.46 17.17 -58.17
N PHE Q 101 91.17 17.95 -57.35
CA PHE Q 101 90.68 19.24 -56.89
C PHE Q 101 91.12 20.42 -57.76
N SER Q 102 91.85 20.18 -58.84
CA SER Q 102 92.33 21.28 -59.69
C SER Q 102 91.17 21.91 -60.45
N PRO Q 103 90.90 23.20 -60.28
CA PRO Q 103 89.82 23.83 -61.04
C PRO Q 103 90.17 23.93 -62.53
N GLN Q 104 89.12 23.94 -63.35
CA GLN Q 104 89.30 24.10 -64.78
C GLN Q 104 88.29 25.07 -65.40
N GLY Q 105 87.41 25.67 -64.61
CA GLY Q 105 86.43 26.58 -65.15
C GLY Q 105 85.18 25.90 -65.65
N ASN Q 106 84.72 24.86 -64.96
CA ASN Q 106 83.53 24.11 -65.35
C ASN Q 106 83.04 23.32 -64.15
N LYS Q 107 81.88 22.69 -64.31
CA LYS Q 107 81.27 21.88 -63.27
C LYS Q 107 82.03 20.58 -63.00
N ALA Q 108 82.99 20.22 -63.85
CA ALA Q 108 83.77 19.01 -63.64
C ALA Q 108 84.56 19.07 -62.33
N ASP Q 109 85.14 20.23 -62.02
CA ASP Q 109 85.86 20.39 -60.75
C ASP Q 109 84.94 20.23 -59.56
N ASP Q 110 83.73 20.80 -59.62
CA ASP Q 110 82.77 20.67 -58.54
C ASP Q 110 82.32 19.22 -58.36
N SER Q 111 82.08 18.52 -59.47
CA SER Q 111 81.68 17.12 -59.40
C SER Q 111 82.80 16.26 -58.82
N ARG Q 112 84.05 16.54 -59.22
CA ARG Q 112 85.19 15.82 -58.67
C ARG Q 112 85.34 16.09 -57.18
N MET Q 113 85.10 17.33 -56.75
CA MET Q 113 85.15 17.66 -55.33
C MET Q 113 84.05 16.93 -54.56
N SER Q 114 82.85 16.82 -55.14
CA SER Q 114 81.77 16.08 -54.51
C SER Q 114 82.11 14.60 -54.39
N LEU Q 115 82.71 14.02 -55.43
CA LEU Q 115 83.15 12.63 -55.38
C LEU Q 115 84.23 12.44 -54.33
N LEU Q 116 85.14 13.41 -54.22
CA LEU Q 116 86.18 13.36 -53.20
C LEU Q 116 85.58 13.42 -51.80
N GLY Q 117 84.55 14.25 -51.61
CA GLY Q 117 83.86 14.29 -50.34
C GLY Q 117 83.16 12.98 -50.00
N LYS Q 118 82.55 12.35 -51.00
CA LYS Q 118 81.93 11.04 -50.80
C LYS Q 118 82.97 10.00 -50.41
N LEU Q 119 84.13 10.03 -51.08
CA LEU Q 119 85.22 9.13 -50.75
C LEU Q 119 85.76 9.40 -49.35
N VAL Q 120 85.78 10.67 -48.94
CA VAL Q 120 86.20 11.04 -47.60
C VAL Q 120 85.24 10.49 -46.57
N SER Q 121 83.93 10.58 -46.85
CA SER Q 121 82.94 9.99 -45.94
C SER Q 121 83.10 8.48 -45.84
N MET Q 122 83.36 7.82 -46.98
CA MET Q 122 83.59 6.37 -46.97
C MET Q 122 84.83 6.02 -46.17
N ALA Q 123 85.90 6.81 -46.32
CA ALA Q 123 87.13 6.58 -45.56
C ALA Q 123 86.91 6.80 -44.07
N VAL Q 124 86.13 7.82 -43.71
CA VAL Q 124 85.79 8.08 -42.31
C VAL Q 124 85.01 6.91 -41.73
N ALA Q 125 84.11 6.34 -42.53
CA ALA Q 125 83.41 5.11 -42.14
C ALA Q 125 84.39 3.96 -41.93
N VAL Q 126 85.40 3.85 -42.79
CA VAL Q 126 86.43 2.81 -42.65
C VAL Q 126 87.63 3.22 -41.80
N CYS Q 127 87.71 4.51 -41.39
CA CYS Q 127 88.81 5.05 -40.58
C CYS Q 127 90.16 4.88 -41.26
N ARG Q 128 90.18 5.08 -42.57
CA ARG Q 128 91.40 4.97 -43.37
C ARG Q 128 92.27 6.20 -43.11
N ILE Q 129 93.40 6.00 -42.41
CA ILE Q 129 94.28 7.12 -42.08
C ILE Q 129 94.88 7.79 -43.32
N PRO Q 130 95.50 7.07 -44.25
CA PRO Q 130 96.05 7.74 -45.45
C PRO Q 130 95.00 8.38 -46.34
N VAL Q 131 93.84 7.71 -46.52
CA VAL Q 131 92.76 8.28 -47.31
C VAL Q 131 92.23 9.55 -46.64
N LEU Q 132 92.08 9.53 -45.31
CA LEU Q 132 91.64 10.72 -44.59
C LEU Q 132 92.63 11.86 -44.73
N GLU Q 133 93.93 11.55 -44.64
CA GLU Q 133 94.96 12.58 -44.80
C GLU Q 133 94.92 13.19 -46.19
N CYS Q 134 94.79 12.33 -47.23
CA CYS Q 134 94.71 12.83 -48.61
C CYS Q 134 93.47 13.68 -48.82
N ALA Q 135 92.33 13.25 -48.25
CA ALA Q 135 91.09 14.00 -48.36
C ALA Q 135 91.20 15.35 -47.66
N ALA Q 136 91.83 15.37 -46.48
CA ALA Q 136 92.02 16.62 -45.76
C ALA Q 136 92.92 17.57 -46.53
N SER Q 137 93.98 17.05 -47.15
CA SER Q 137 94.85 17.88 -47.98
C SER Q 137 94.09 18.44 -49.18
N TRP Q 138 93.24 17.61 -49.81
CA TRP Q 138 92.44 18.06 -50.93
C TRP Q 138 91.45 19.15 -50.51
N LEU Q 139 90.81 18.96 -49.35
CA LEU Q 139 89.89 19.97 -48.81
C LEU Q 139 90.61 21.28 -48.51
N GLN Q 140 91.85 21.20 -48.01
CA GLN Q 140 92.64 22.39 -47.79
C GLN Q 140 92.94 23.13 -49.09
N ARG Q 141 92.94 22.42 -50.22
CA ARG Q 141 93.15 23.01 -51.54
C ARG Q 141 91.84 23.12 -52.33
N THR Q 142 90.74 23.45 -51.66
CA THR Q 142 89.44 23.55 -52.28
C THR Q 142 88.82 24.92 -52.01
N PRO Q 143 87.90 25.35 -52.86
CA PRO Q 143 87.29 26.68 -52.71
C PRO Q 143 86.24 26.70 -51.62
N VAL Q 144 85.68 27.89 -51.37
CA VAL Q 144 84.69 28.09 -50.32
C VAL Q 144 83.43 27.29 -50.62
N VAL Q 145 82.95 27.37 -51.88
CA VAL Q 145 81.72 26.68 -52.26
C VAL Q 145 81.90 25.17 -52.16
N TYR Q 146 83.03 24.66 -52.67
CA TYR Q 146 83.30 23.23 -52.61
C TYR Q 146 83.42 22.73 -51.18
N CYS Q 147 84.12 23.49 -50.32
CA CYS Q 147 84.26 23.11 -48.93
C CYS Q 147 82.92 23.11 -48.21
N VAL Q 148 82.10 24.14 -48.47
CA VAL Q 148 80.77 24.21 -47.85
C VAL Q 148 79.90 23.05 -48.29
N ARG Q 149 79.93 22.73 -49.59
CA ARG Q 149 79.14 21.61 -50.10
C ARG Q 149 79.59 20.29 -49.50
N LEU Q 150 80.92 20.08 -49.40
CA LEU Q 150 81.44 18.85 -48.82
C LEU Q 150 81.05 18.72 -47.36
N ALA Q 151 81.18 19.81 -46.58
CA ALA Q 151 80.82 19.79 -45.17
C ALA Q 151 79.33 19.52 -44.99
N LYS Q 152 78.49 20.17 -45.82
CA LYS Q 152 77.05 19.96 -45.74
C LYS Q 152 76.67 18.52 -46.08
N ALA Q 153 77.29 17.96 -47.11
CA ALA Q 153 77.01 16.58 -47.50
C ALA Q 153 77.44 15.62 -46.41
N LEU Q 154 78.62 15.84 -45.82
CA LEU Q 154 79.11 14.98 -44.74
C LEU Q 154 78.19 15.05 -43.53
N VAL Q 155 77.74 16.27 -43.16
CA VAL Q 155 76.86 16.44 -42.02
C VAL Q 155 75.51 15.77 -42.28
N ASP Q 156 74.98 15.92 -43.49
CA ASP Q 156 73.71 15.30 -43.85
C ASP Q 156 73.82 13.77 -43.80
N ASP Q 157 74.92 13.22 -44.32
CA ASP Q 157 75.13 11.77 -44.27
C ASP Q 157 75.25 11.28 -42.83
N TYR Q 158 75.98 12.02 -42.00
CA TYR Q 158 76.17 11.61 -40.61
C TYR Q 158 74.91 11.80 -39.76
N CYS Q 159 73.98 12.65 -40.20
CA CYS Q 159 72.75 12.88 -39.45
C CYS Q 159 71.58 12.04 -39.93
N CYS Q 160 71.55 11.64 -41.20
CA CYS Q 160 70.43 10.92 -41.78
C CYS Q 160 70.66 9.42 -41.93
N LEU Q 161 71.87 8.91 -41.65
CA LEU Q 161 72.13 7.48 -41.80
C LEU Q 161 71.30 6.64 -40.84
N VAL Q 162 71.32 7.00 -39.55
CA VAL Q 162 70.58 6.31 -38.49
C VAL Q 162 70.77 7.07 -37.18
N PRO Q 163 69.93 6.83 -36.17
CA PRO Q 163 70.15 7.47 -34.86
C PRO Q 163 71.46 7.00 -34.23
N GLY Q 164 72.10 7.92 -33.52
CA GLY Q 164 73.39 7.62 -32.92
C GLY Q 164 74.56 7.56 -33.88
N SER Q 165 74.37 7.98 -35.14
CA SER Q 165 75.44 7.94 -36.12
C SER Q 165 76.58 8.91 -35.81
N ILE Q 166 76.33 9.89 -34.94
CA ILE Q 166 77.39 10.83 -34.53
C ILE Q 166 78.51 10.10 -33.80
N GLN Q 167 78.21 8.95 -33.17
CA GLN Q 167 79.23 8.16 -32.51
C GLN Q 167 80.29 7.67 -33.50
N THR Q 168 79.84 7.27 -34.71
CA THR Q 168 80.77 6.88 -35.75
C THR Q 168 81.64 8.05 -36.16
N LEU Q 169 81.05 9.24 -36.30
CA LEU Q 169 81.82 10.44 -36.63
C LEU Q 169 82.80 10.78 -35.52
N LYS Q 170 82.35 10.69 -34.27
CA LYS Q 170 83.24 10.96 -33.13
C LYS Q 170 84.38 9.95 -33.06
N GLN Q 171 84.07 8.66 -33.31
CA GLN Q 171 85.11 7.63 -33.30
C GLN Q 171 86.12 7.87 -34.42
N ILE Q 172 85.63 8.26 -35.61
CA ILE Q 172 86.52 8.57 -36.72
C ILE Q 172 87.40 9.76 -36.39
N PHE Q 173 86.82 10.79 -35.76
CA PHE Q 173 87.58 11.97 -35.37
C PHE Q 173 88.66 11.62 -34.35
N SER Q 174 88.32 10.78 -33.37
CA SER Q 174 89.29 10.36 -32.36
C SER Q 174 90.42 9.54 -32.99
N ALA Q 175 90.07 8.60 -33.87
CA ALA Q 175 91.09 7.77 -34.51
C ALA Q 175 91.88 8.55 -35.55
N SER Q 176 91.21 9.34 -36.38
CA SER Q 176 91.87 10.15 -37.41
C SER Q 176 91.87 11.61 -37.02
N PRO Q 177 93.02 12.18 -36.64
CA PRO Q 177 93.04 13.59 -36.21
C PRO Q 177 93.03 14.56 -37.38
N ARG Q 178 93.67 14.18 -38.49
CA ARG Q 178 93.72 15.04 -39.67
C ARG Q 178 92.32 15.27 -40.23
N PHE Q 179 91.53 14.20 -40.34
CA PHE Q 179 90.16 14.32 -40.82
C PHE Q 179 89.32 15.16 -39.88
N CYS Q 180 89.52 14.99 -38.57
CA CYS Q 180 88.80 15.79 -37.58
C CYS Q 180 89.13 17.28 -37.72
N CYS Q 181 90.42 17.60 -37.91
CA CYS Q 181 90.83 18.99 -38.08
C CYS Q 181 90.24 19.57 -39.37
N GLN Q 182 90.24 18.79 -40.45
CA GLN Q 182 89.65 19.25 -41.71
C GLN Q 182 88.16 19.50 -41.56
N PHE Q 183 87.46 18.59 -40.86
CA PHE Q 183 86.02 18.76 -40.62
C PHE Q 183 85.76 19.99 -39.77
N ILE Q 184 86.60 20.23 -38.75
CA ILE Q 184 86.44 21.40 -37.89
C ILE Q 184 86.62 22.69 -38.70
N THR Q 185 87.65 22.71 -39.56
CA THR Q 185 87.89 23.89 -40.40
C THR Q 185 86.73 24.12 -41.37
N SER Q 186 86.23 23.04 -41.98
CA SER Q 186 85.10 23.16 -42.90
C SER Q 186 83.85 23.66 -42.19
N VAL Q 187 83.60 23.15 -40.97
CA VAL Q 187 82.44 23.56 -40.20
C VAL Q 187 82.57 25.04 -39.82
N THR Q 188 83.75 25.46 -39.39
CA THR Q 188 83.96 26.85 -39.01
C THR Q 188 83.76 27.78 -40.20
N ALA Q 189 84.28 27.39 -41.37
CA ALA Q 189 84.11 28.21 -42.57
C ALA Q 189 82.66 28.25 -43.03
N LEU Q 190 81.95 27.13 -42.96
CA LEU Q 190 80.59 27.04 -43.51
C LEU Q 190 79.49 27.28 -42.49
N TYR Q 191 79.49 26.54 -41.38
CA TYR Q 191 78.40 26.63 -40.39
C TYR Q 191 78.43 28.00 -39.71
N ASP Q 192 77.42 28.81 -39.99
CA ASP Q 192 77.30 30.12 -39.36
C ASP Q 192 75.92 30.42 -38.81
N LEU Q 193 74.88 29.68 -39.25
CA LEU Q 193 73.48 29.88 -38.81
C LEU Q 193 72.93 31.23 -39.23
N SER Q 194 73.50 31.82 -40.28
CA SER Q 194 73.01 33.10 -40.79
C SER Q 194 71.59 32.98 -41.33
N SER Q 195 71.27 31.86 -41.96
CA SER Q 195 69.95 31.61 -42.51
C SER Q 195 69.49 30.22 -42.08
N ASP Q 196 68.16 30.03 -42.10
CA ASP Q 196 67.57 28.76 -41.68
C ASP Q 196 68.00 27.61 -42.57
N ASP Q 197 68.29 27.88 -43.85
CA ASP Q 197 68.79 26.85 -44.75
C ASP Q 197 70.14 26.31 -44.29
N LEU Q 198 71.01 27.19 -43.79
CA LEU Q 198 72.32 26.82 -43.27
C LEU Q 198 72.32 26.63 -41.76
N ILE Q 199 71.19 26.21 -41.19
CA ILE Q 199 71.10 26.04 -39.72
C ILE Q 199 72.00 24.90 -39.29
N PRO Q 200 72.88 25.11 -38.31
CA PRO Q 200 73.74 24.03 -37.81
C PRO Q 200 72.92 22.92 -37.17
N PRO Q 201 73.35 21.67 -37.34
CA PRO Q 201 72.62 20.54 -36.74
C PRO Q 201 73.13 20.22 -35.34
N MET Q 202 72.28 19.54 -34.58
CA MET Q 202 72.64 19.11 -33.23
C MET Q 202 73.81 18.12 -33.27
N ASP Q 203 73.74 17.13 -34.17
CA ASP Q 203 74.87 16.21 -34.35
C ASP Q 203 76.10 16.94 -34.87
N LEU Q 204 75.91 17.89 -35.81
CA LEU Q 204 77.02 18.69 -36.29
C LEU Q 204 77.60 19.56 -35.18
N LEU Q 205 76.74 20.10 -34.31
CA LEU Q 205 77.22 20.89 -33.17
C LEU Q 205 78.03 20.03 -32.20
N GLU Q 206 77.56 18.81 -31.93
CA GLU Q 206 78.31 17.91 -31.07
C GLU Q 206 79.66 17.53 -31.68
N MET Q 207 79.68 17.29 -32.99
CA MET Q 207 80.93 16.99 -33.68
C MET Q 207 81.89 18.17 -33.63
N ILE Q 208 81.36 19.39 -33.79
CA ILE Q 208 82.17 20.60 -33.73
C ILE Q 208 82.75 20.78 -32.32
N VAL Q 209 81.94 20.51 -31.29
CA VAL Q 209 82.41 20.60 -29.92
C VAL Q 209 83.51 19.60 -29.65
N THR Q 210 83.32 18.35 -30.11
CA THR Q 210 84.35 17.32 -29.94
C THR Q 210 85.63 17.69 -30.66
N TRP Q 211 85.51 18.26 -31.86
CA TRP Q 211 86.68 18.70 -32.62
C TRP Q 211 87.40 19.84 -31.90
N ILE Q 212 86.64 20.81 -31.39
CA ILE Q 212 87.23 21.94 -30.66
C ILE Q 212 87.90 21.47 -29.38
N PHE Q 213 87.43 20.36 -28.80
CA PHE Q 213 87.98 19.86 -27.55
C PHE Q 213 89.46 19.47 -27.69
N GLU Q 214 89.77 18.64 -28.69
CA GLU Q 214 91.13 18.12 -28.84
C GLU Q 214 91.71 18.36 -30.23
N ASP Q 215 90.91 18.21 -31.28
CA ASP Q 215 91.38 18.40 -32.64
C ASP Q 215 91.98 19.79 -32.89
N PRO Q 216 91.43 20.87 -32.33
CA PRO Q 216 92.01 22.21 -32.58
C PRO Q 216 93.47 22.34 -32.19
N ARG Q 217 93.92 21.62 -31.16
CA ARG Q 217 95.34 21.57 -30.84
C ARG Q 217 96.15 20.98 -31.99
N LEU Q 218 95.62 19.94 -32.64
CA LEU Q 218 96.28 19.36 -33.81
C LEU Q 218 96.34 20.36 -34.96
N ILE Q 219 95.26 21.13 -35.15
CA ILE Q 219 95.24 22.15 -36.20
C ILE Q 219 96.29 23.22 -35.91
N LEU Q 220 96.40 23.65 -34.66
CA LEU Q 220 97.42 24.64 -34.28
C LEU Q 220 98.82 24.08 -34.49
N ILE Q 221 99.02 22.80 -34.16
CA ILE Q 221 100.32 22.16 -34.35
C ILE Q 221 100.68 22.11 -35.84
N THR Q 222 99.70 21.75 -36.67
CA THR Q 222 99.92 21.72 -38.12
C THR Q 222 100.24 23.11 -38.66
N PHE Q 223 99.53 24.12 -38.18
CA PHE Q 223 99.81 25.50 -38.59
C PHE Q 223 101.20 25.93 -38.18
N LEU Q 224 101.63 25.56 -36.97
CA LEU Q 224 102.98 25.91 -36.51
C LEU Q 224 104.06 25.15 -37.27
N ASN Q 225 103.76 23.93 -37.71
CA ASN Q 225 104.75 23.12 -38.43
C ASN Q 225 105.18 23.76 -39.75
N THR Q 226 104.23 24.30 -40.50
CA THR Q 226 104.52 24.96 -41.76
C THR Q 226 103.76 26.27 -41.81
N PRO Q 227 104.43 27.40 -42.05
CA PRO Q 227 103.73 28.69 -42.06
C PRO Q 227 102.74 28.82 -43.21
N ILE Q 228 101.73 29.65 -42.99
CA ILE Q 228 100.69 29.94 -43.97
C ILE Q 228 100.51 31.44 -44.07
N ALA Q 229 99.91 31.88 -45.17
CA ALA Q 229 99.68 33.29 -45.41
C ALA Q 229 98.68 33.85 -44.40
N ALA Q 230 98.82 35.14 -44.11
CA ALA Q 230 97.91 35.81 -43.18
C ALA Q 230 96.48 35.85 -43.70
N ASN Q 231 96.29 35.79 -45.01
CA ASN Q 231 94.95 35.77 -45.60
C ASN Q 231 94.93 34.73 -46.71
N LEU Q 232 93.74 34.22 -47.00
CA LEU Q 232 93.55 33.22 -48.03
C LEU Q 232 92.38 33.62 -48.91
N PRO Q 233 92.39 33.23 -50.18
CA PRO Q 233 91.30 33.62 -51.09
C PRO Q 233 90.05 32.79 -50.81
N ILE Q 234 89.01 33.47 -50.30
CA ILE Q 234 87.70 32.91 -49.98
C ILE Q 234 87.82 31.87 -48.88
N GLY Q 235 88.79 32.07 -47.98
CA GLY Q 235 89.01 31.16 -46.86
C GLY Q 235 89.26 29.71 -47.26
N PHE Q 236 90.45 29.44 -47.82
CA PHE Q 236 90.80 28.10 -48.31
C PHE Q 236 91.12 27.17 -47.14
N LEU Q 237 90.07 26.79 -46.42
CA LEU Q 237 90.12 25.93 -45.23
C LEU Q 237 91.02 26.53 -44.15
N GLU Q 238 90.56 27.66 -43.62
CA GLU Q 238 91.27 28.36 -42.54
C GLU Q 238 91.47 27.44 -41.34
N LEU Q 239 92.71 27.43 -40.82
CA LEU Q 239 93.12 26.42 -39.85
C LEU Q 239 92.37 26.56 -38.52
N THR Q 240 92.54 27.70 -37.85
CA THR Q 240 91.91 27.90 -36.54
C THR Q 240 90.40 27.96 -36.67
N PRO Q 241 89.65 27.15 -35.93
CA PRO Q 241 88.18 27.21 -36.00
C PRO Q 241 87.52 28.09 -34.96
N LEU Q 242 88.29 28.85 -34.18
CA LEU Q 242 87.70 29.65 -33.10
C LEU Q 242 86.78 30.74 -33.63
N VAL Q 243 87.21 31.45 -34.69
CA VAL Q 243 86.43 32.57 -35.22
C VAL Q 243 85.11 32.08 -35.80
N GLY Q 244 85.16 31.00 -36.60
CA GLY Q 244 83.94 30.47 -37.18
C GLY Q 244 82.97 29.95 -36.15
N LEU Q 245 83.47 29.22 -35.15
CA LEU Q 245 82.63 28.71 -34.07
C LEU Q 245 82.02 29.84 -33.27
N ILE Q 246 82.80 30.89 -32.98
CA ILE Q 246 82.29 32.03 -32.23
C ILE Q 246 81.19 32.74 -33.01
N ARG Q 247 81.41 32.96 -34.31
CA ARG Q 247 80.39 33.61 -35.14
C ARG Q 247 79.12 32.77 -35.22
N TRP Q 248 79.27 31.46 -35.40
CA TRP Q 248 78.11 30.57 -35.47
C TRP Q 248 77.34 30.57 -34.16
N CYS Q 249 78.06 30.53 -33.03
CA CYS Q 249 77.41 30.54 -31.72
C CYS Q 249 76.69 31.87 -31.47
N VAL Q 250 77.29 32.98 -31.89
CA VAL Q 250 76.65 34.28 -31.72
C VAL Q 250 75.38 34.36 -32.56
N LYS Q 251 75.44 33.88 -33.80
CA LYS Q 251 74.27 33.95 -34.67
C LYS Q 251 73.19 32.94 -34.27
N ALA Q 252 73.58 31.85 -33.61
CA ALA Q 252 72.65 30.80 -33.21
C ALA Q 252 71.56 31.29 -32.26
N PRO Q 253 71.88 32.02 -31.18
CA PRO Q 253 70.81 32.56 -30.32
C PRO Q 253 69.91 33.54 -31.04
N LEU Q 254 70.49 34.44 -31.84
CA LEU Q 254 69.68 35.38 -32.61
C LEU Q 254 68.80 34.65 -33.62
N ALA Q 255 69.34 33.62 -34.28
CA ALA Q 255 68.56 32.83 -35.24
C ALA Q 255 67.41 32.11 -34.53
N TYR Q 256 67.68 31.53 -33.35
CA TYR Q 256 66.65 30.85 -32.60
C TYR Q 256 65.55 31.82 -32.16
N LYS Q 257 65.94 33.01 -31.72
CA LYS Q 257 64.96 34.04 -31.36
C LYS Q 257 64.13 34.46 -32.57
N ARG Q 258 64.78 34.63 -33.72
CA ARG Q 258 64.06 34.97 -34.95
C ARG Q 258 63.15 33.84 -35.40
N LYS Q 259 63.62 32.59 -35.30
CA LYS Q 259 62.84 31.43 -35.70
C LYS Q 259 61.58 31.26 -34.83
N GLY Q 278 58.35 31.68 -27.95
CA GLY Q 278 59.39 30.96 -28.66
C GLY Q 278 60.77 31.15 -28.05
N VAL Q 279 60.97 30.54 -26.88
CA VAL Q 279 62.26 30.61 -26.19
C VAL Q 279 62.77 29.20 -25.95
N GLY Q 280 61.97 28.38 -25.29
CA GLY Q 280 62.32 27.00 -25.00
C GLY Q 280 62.06 26.01 -26.12
N MET Q 281 61.52 26.47 -27.25
CA MET Q 281 61.26 25.58 -28.37
C MET Q 281 62.55 24.99 -28.93
N ASP Q 282 63.59 25.81 -29.04
CA ASP Q 282 64.91 25.37 -29.51
C ASP Q 282 65.90 25.66 -28.38
N ARG Q 283 66.01 24.72 -27.45
CA ARG Q 283 66.92 24.85 -26.31
C ARG Q 283 68.21 24.08 -26.50
N ASP Q 284 68.17 22.95 -27.22
CA ASP Q 284 69.38 22.18 -27.49
C ASP Q 284 70.37 22.98 -28.32
N SER Q 285 69.88 23.73 -29.32
CA SER Q 285 70.73 24.55 -30.15
C SER Q 285 71.44 25.63 -29.35
N HIS Q 286 70.73 26.27 -28.41
CA HIS Q 286 71.34 27.32 -27.59
C HIS Q 286 72.44 26.75 -26.70
N LEU Q 287 72.19 25.61 -26.05
CA LEU Q 287 73.19 24.98 -25.20
C LEU Q 287 74.40 24.53 -26.00
N LEU Q 288 74.16 23.94 -27.17
CA LEU Q 288 75.25 23.51 -28.04
C LEU Q 288 76.08 24.70 -28.51
N TYR Q 289 75.42 25.82 -28.84
CA TYR Q 289 76.12 27.02 -29.26
C TYR Q 289 76.96 27.59 -28.12
N SER Q 290 76.42 27.59 -26.90
CA SER Q 290 77.17 28.06 -25.75
C SER Q 290 78.40 27.20 -25.49
N LYS Q 291 78.24 25.87 -25.58
CA LYS Q 291 79.37 24.96 -25.39
C LYS Q 291 80.42 25.16 -26.46
N LEU Q 292 79.99 25.32 -27.72
CA LEU Q 292 80.92 25.54 -28.82
C LEU Q 292 81.67 26.86 -28.67
N HIS Q 293 80.96 27.90 -28.23
CA HIS Q 293 81.59 29.20 -28.00
C HIS Q 293 82.63 29.11 -26.89
N LEU Q 294 82.30 28.39 -25.80
CA LEU Q 294 83.25 28.21 -24.71
C LEU Q 294 84.48 27.44 -25.17
N SER Q 295 84.28 26.37 -25.95
CA SER Q 295 85.40 25.59 -26.46
C SER Q 295 86.28 26.43 -27.39
N VAL Q 296 85.65 27.23 -28.26
CA VAL Q 296 86.40 28.07 -29.19
C VAL Q 296 87.19 29.13 -28.42
N LEU Q 297 86.57 29.73 -27.40
CA LEU Q 297 87.26 30.72 -26.59
C LEU Q 297 88.45 30.11 -25.84
N GLN Q 298 88.25 28.90 -25.29
CA GLN Q 298 89.35 28.22 -24.60
C GLN Q 298 90.49 27.89 -25.55
N VAL Q 299 90.16 27.43 -26.76
CA VAL Q 299 91.18 27.11 -27.76
C VAL Q 299 91.94 28.38 -28.17
N LEU Q 300 91.21 29.47 -28.37
CA LEU Q 300 91.83 30.74 -28.74
C LEU Q 300 92.73 31.26 -27.62
N MET Q 301 92.29 31.13 -26.37
CA MET Q 301 93.08 31.56 -25.23
C MET Q 301 94.37 30.74 -25.12
N THR Q 302 94.26 29.41 -25.30
CA THR Q 302 95.44 28.56 -25.27
C THR Q 302 96.41 28.91 -26.39
N LEU Q 303 95.88 29.14 -27.60
CA LEU Q 303 96.72 29.50 -28.74
C LEU Q 303 97.41 30.84 -28.51
N GLN Q 304 96.69 31.81 -27.95
CA GLN Q 304 97.28 33.10 -27.62
C GLN Q 304 98.37 32.95 -26.57
N LEU Q 305 98.11 32.17 -25.51
CA LEU Q 305 99.10 31.98 -24.45
C LEU Q 305 100.35 31.27 -24.98
N HIS Q 306 100.18 30.41 -25.98
CA HIS Q 306 101.30 29.66 -26.53
C HIS Q 306 102.10 30.48 -27.54
N LEU Q 307 101.43 31.28 -28.37
CA LEU Q 307 102.07 31.95 -29.49
C LEU Q 307 102.47 33.41 -29.23
N THR Q 308 101.85 34.10 -28.27
CA THR Q 308 102.19 35.51 -28.04
C THR Q 308 103.63 35.70 -27.61
N GLU Q 309 104.23 34.69 -26.95
CA GLU Q 309 105.63 34.77 -26.56
C GLU Q 309 106.55 34.88 -27.77
N LYS Q 310 106.19 34.26 -28.89
CA LYS Q 310 106.96 34.34 -30.12
C LYS Q 310 106.28 35.30 -31.09
N ASN Q 311 106.92 35.51 -32.24
CA ASN Q 311 106.44 36.40 -33.28
C ASN Q 311 105.74 35.66 -34.41
N LEU Q 312 105.38 34.39 -34.20
CA LEU Q 312 104.77 33.58 -35.25
C LEU Q 312 103.42 34.15 -35.70
N TYR Q 313 102.62 34.63 -34.76
CA TYR Q 313 101.30 35.17 -35.05
C TYR Q 313 101.11 36.50 -34.35
N GLY Q 314 100.07 37.22 -34.76
CA GLY Q 314 99.78 38.51 -34.17
C GLY Q 314 99.29 39.57 -35.13
N ARG Q 315 99.65 39.45 -36.42
CA ARG Q 315 99.17 40.39 -37.42
C ARG Q 315 97.65 40.32 -37.55
N LEU Q 316 97.14 39.15 -37.97
CA LEU Q 316 95.70 38.90 -38.04
C LEU Q 316 95.40 37.46 -37.63
N GLY Q 317 96.19 36.91 -36.70
CA GLY Q 317 96.08 35.51 -36.35
C GLY Q 317 96.48 34.64 -37.53
N LEU Q 318 95.69 33.59 -37.77
CA LEU Q 318 95.90 32.74 -38.94
C LEU Q 318 94.59 32.31 -39.59
N ILE Q 319 93.45 32.81 -39.13
CA ILE Q 319 92.16 32.36 -39.62
C ILE Q 319 91.13 33.45 -39.32
N LEU Q 320 90.06 33.49 -40.14
CA LEU Q 320 88.93 34.41 -40.11
C LEU Q 320 88.11 34.27 -41.38
N PHE Q 321 88.78 34.27 -42.54
CA PHE Q 321 88.22 34.14 -43.88
C PHE Q 321 87.38 35.35 -44.30
N ASP Q 322 87.40 36.43 -43.50
CA ASP Q 322 86.66 37.67 -43.76
C ASP Q 322 85.16 37.41 -43.91
N HIS Q 323 84.65 36.49 -43.09
CA HIS Q 323 83.23 36.13 -43.12
C HIS Q 323 82.51 36.44 -41.82
N MET Q 324 83.23 36.81 -40.76
CA MET Q 324 82.60 37.08 -39.47
C MET Q 324 81.69 38.31 -39.55
N VAL Q 325 82.15 39.36 -40.25
CA VAL Q 325 81.37 40.60 -40.33
C VAL Q 325 80.02 40.38 -41.00
N PRO Q 326 79.93 39.69 -42.15
CA PRO Q 326 78.61 39.49 -42.77
C PRO Q 326 77.67 38.66 -41.93
N LEU Q 327 78.17 37.58 -41.32
CA LEU Q 327 77.34 36.76 -40.45
C LEU Q 327 76.85 37.54 -39.24
N VAL Q 328 77.73 38.37 -38.65
CA VAL Q 328 77.35 39.18 -37.50
C VAL Q 328 76.29 40.20 -37.90
N GLU Q 329 76.46 40.83 -39.07
CA GLU Q 329 75.48 41.80 -39.56
C GLU Q 329 74.13 41.13 -39.80
N GLU Q 330 74.14 39.94 -40.42
CA GLU Q 330 72.90 39.21 -40.66
C GLU Q 330 72.21 38.84 -39.35
N ILE Q 331 72.99 38.39 -38.37
CA ILE Q 331 72.44 38.01 -37.07
C ILE Q 331 71.83 39.23 -36.38
N ASN Q 332 72.53 40.37 -36.43
CA ASN Q 332 72.01 41.60 -35.84
C ASN Q 332 70.72 42.05 -36.53
N ARG Q 333 70.68 41.95 -37.86
CA ARG Q 333 69.47 42.32 -38.60
C ARG Q 333 68.30 41.41 -38.24
N LEU Q 334 68.57 40.10 -38.13
CA LEU Q 334 67.51 39.16 -37.75
C LEU Q 334 67.01 39.42 -36.34
N ALA Q 335 67.92 39.71 -35.41
CA ALA Q 335 67.57 39.98 -34.03
C ALA Q 335 66.97 41.36 -33.82
N ASP Q 336 67.09 42.26 -34.80
CA ASP Q 336 66.56 43.62 -34.68
C ASP Q 336 65.03 43.61 -34.54
N GLU Q 337 64.35 42.75 -35.28
CA GLU Q 337 62.90 42.65 -35.22
C GLU Q 337 62.47 42.18 -33.85
N LEU Q 338 61.71 43.03 -33.14
CA LEU Q 338 61.25 42.77 -31.76
C LEU Q 338 62.42 42.56 -30.82
N ASN Q 339 63.50 43.33 -31.03
CA ASN Q 339 64.70 43.20 -30.21
C ASN Q 339 64.47 43.55 -28.76
N PRO Q 340 63.85 44.66 -28.40
CA PRO Q 340 63.71 45.00 -26.98
C PRO Q 340 62.49 44.37 -26.32
N LEU Q 341 61.46 44.07 -27.11
CA LEU Q 341 60.21 43.59 -26.54
C LEU Q 341 60.25 42.11 -26.20
N ASN Q 342 60.43 41.25 -27.20
CA ASN Q 342 60.40 39.80 -27.03
C ASN Q 342 61.78 39.17 -26.90
N ALA Q 343 62.71 39.54 -27.78
CA ALA Q 343 64.05 38.98 -27.80
C ALA Q 343 65.06 39.77 -26.99
N SER Q 344 64.62 40.42 -25.90
CA SER Q 344 65.51 41.24 -25.07
C SER Q 344 66.62 40.42 -24.46
N GLN Q 345 66.28 39.25 -23.91
CA GLN Q 345 67.29 38.36 -23.34
C GLN Q 345 68.23 37.85 -24.42
N GLU Q 346 67.68 37.43 -25.56
CA GLU Q 346 68.51 36.95 -26.67
C GLU Q 346 69.40 38.07 -27.22
N ILE Q 347 68.85 39.30 -27.32
CA ILE Q 347 69.64 40.43 -27.81
C ILE Q 347 70.78 40.73 -26.85
N GLU Q 348 70.51 40.70 -25.54
CA GLU Q 348 71.56 40.95 -24.55
C GLU Q 348 72.62 39.87 -24.59
N LEU Q 349 72.22 38.61 -24.74
CA LEU Q 349 73.19 37.51 -24.84
C LEU Q 349 74.06 37.66 -26.09
N SER Q 350 73.44 37.99 -27.23
CA SER Q 350 74.19 38.18 -28.46
C SER Q 350 75.14 39.36 -28.35
N LEU Q 351 74.70 40.46 -27.73
CA LEU Q 351 75.56 41.62 -27.54
C LEU Q 351 76.75 41.30 -26.65
N ASP Q 352 76.51 40.55 -25.57
CA ASP Q 352 77.60 40.15 -24.68
C ASP Q 352 78.59 39.25 -25.41
N ARG Q 353 78.09 38.30 -26.20
CA ARG Q 353 78.96 37.41 -26.97
C ARG Q 353 79.78 38.19 -27.99
N LEU Q 354 79.16 39.14 -28.69
CA LEU Q 354 79.87 39.96 -29.67
C LEU Q 354 80.92 40.82 -29.00
N ALA Q 355 80.61 41.41 -27.84
CA ALA Q 355 81.58 42.21 -27.11
C ALA Q 355 82.76 41.38 -26.65
N GLN Q 356 82.49 40.16 -26.15
CA GLN Q 356 83.55 39.26 -25.74
C GLN Q 356 84.44 38.87 -26.92
N ALA Q 357 83.80 38.58 -28.07
CA ALA Q 357 84.56 38.24 -29.28
C ALA Q 357 85.43 39.39 -29.73
N LEU Q 358 84.89 40.62 -29.70
CA LEU Q 358 85.67 41.79 -30.09
C LEU Q 358 86.83 42.02 -29.15
N GLN Q 359 86.60 41.85 -27.84
CA GLN Q 359 87.68 42.01 -26.85
C GLN Q 359 88.77 40.98 -27.06
N VAL Q 360 88.37 39.72 -27.35
CA VAL Q 360 89.34 38.66 -27.61
C VAL Q 360 90.13 38.96 -28.88
N ALA Q 361 89.44 39.45 -29.92
CA ALA Q 361 90.09 39.78 -31.18
C ALA Q 361 91.12 40.89 -30.99
N MET Q 362 90.76 41.93 -30.23
CA MET Q 362 91.70 43.00 -29.92
C MET Q 362 92.89 42.49 -29.11
N ALA Q 363 92.62 41.63 -28.13
CA ALA Q 363 93.72 41.09 -27.31
C ALA Q 363 94.57 40.08 -28.08
N SER Q 364 93.96 39.31 -29.00
CA SER Q 364 94.70 38.30 -29.74
C SER Q 364 95.40 38.86 -30.96
N GLY Q 365 95.28 40.16 -31.24
CA GLY Q 365 95.95 40.72 -32.39
C GLY Q 365 95.21 40.57 -33.69
N ALA Q 366 93.98 40.06 -33.68
CA ALA Q 366 93.22 39.87 -34.91
C ALA Q 366 92.91 41.21 -35.59
N LEU Q 367 92.83 42.29 -34.81
CA LEU Q 367 92.57 43.61 -35.38
C LEU Q 367 93.70 44.01 -36.32
N LEU Q 368 93.34 44.70 -37.40
CA LEU Q 368 94.33 45.10 -38.42
C LEU Q 368 95.37 46.04 -37.83
N CYS Q 369 94.95 47.22 -37.37
CA CYS Q 369 95.84 48.22 -36.84
C CYS Q 369 95.66 48.45 -35.35
N THR Q 370 94.44 48.74 -34.90
CA THR Q 370 94.15 49.00 -33.50
C THR Q 370 92.70 48.61 -33.24
N ARG Q 371 92.18 49.02 -32.08
CA ARG Q 371 90.82 48.72 -31.69
C ARG Q 371 89.82 49.76 -32.22
N ASP Q 372 90.19 50.52 -33.25
CA ASP Q 372 89.28 51.50 -33.84
C ASP Q 372 88.07 50.81 -34.46
N ASP Q 373 88.28 49.66 -35.10
CA ASP Q 373 87.17 48.89 -35.65
C ASP Q 373 86.22 48.42 -34.56
N LEU Q 374 86.77 48.00 -33.42
CA LEU Q 374 85.93 47.61 -32.29
C LEU Q 374 85.10 48.78 -31.77
N ARG Q 375 85.71 49.96 -31.70
CA ARG Q 375 84.98 51.15 -31.26
C ARG Q 375 83.88 51.51 -32.24
N THR Q 376 84.15 51.41 -33.55
CA THR Q 376 83.13 51.69 -34.56
C THR Q 376 81.99 50.69 -34.47
N LEU Q 377 82.31 49.40 -34.28
CA LEU Q 377 81.28 48.38 -34.14
C LEU Q 377 80.43 48.62 -32.90
N CYS Q 378 81.06 49.00 -31.79
CA CYS Q 378 80.32 49.31 -30.57
C CYS Q 378 79.42 50.52 -30.76
N SER Q 379 79.91 51.54 -31.46
CA SER Q 379 79.11 52.73 -31.74
C SER Q 379 77.90 52.41 -32.61
N ARG Q 380 78.09 51.58 -33.64
CA ARG Q 380 76.95 51.19 -34.47
C ARG Q 380 76.03 50.19 -33.78
N LEU Q 381 76.54 49.43 -32.82
CA LEU Q 381 75.73 48.46 -32.10
C LEU Q 381 74.80 49.16 -31.12
N PRO Q 382 73.80 48.43 -30.60
CA PRO Q 382 72.86 49.04 -29.63
C PRO Q 382 73.51 49.42 -28.31
N HIS Q 383 72.71 49.95 -27.37
CA HIS Q 383 73.24 50.46 -26.11
C HIS Q 383 73.96 49.37 -25.32
N ASN Q 384 75.26 49.58 -25.12
CA ASN Q 384 76.10 48.66 -24.36
C ASN Q 384 77.25 49.49 -23.77
N ASN Q 385 77.09 49.88 -22.50
CA ASN Q 385 78.10 50.70 -21.85
C ASN Q 385 79.33 49.90 -21.44
N LEU Q 386 79.16 48.61 -21.13
CA LEU Q 386 80.25 47.79 -20.63
C LEU Q 386 81.36 47.61 -21.67
N LEU Q 387 81.02 47.66 -22.96
CA LEU Q 387 82.02 47.51 -24.00
C LEU Q 387 83.05 48.64 -23.98
N GLN Q 388 82.60 49.86 -23.65
CA GLN Q 388 83.50 51.01 -23.57
C GLN Q 388 84.56 50.80 -22.50
N LEU Q 389 84.16 50.30 -21.33
CA LEU Q 389 85.12 50.00 -20.27
C LEU Q 389 85.97 48.79 -20.63
N VAL Q 390 85.39 47.82 -21.35
CA VAL Q 390 86.13 46.63 -21.76
C VAL Q 390 87.28 46.99 -22.70
N ILE Q 391 87.02 47.90 -23.64
CA ILE Q 391 88.05 48.33 -24.59
C ILE Q 391 89.21 49.01 -23.86
N SER Q 392 88.90 49.89 -22.91
CA SER Q 392 89.93 50.59 -22.16
C SER Q 392 90.52 49.71 -21.08
N ASP R 10 -129.01 -14.86 -52.44
CA ASP R 10 -127.92 -14.90 -51.47
C ASP R 10 -126.93 -13.79 -51.71
N SER R 11 -126.20 -13.88 -52.84
CA SER R 11 -125.20 -12.87 -53.19
C SER R 11 -125.82 -11.50 -53.40
N LEU R 12 -127.09 -11.45 -53.83
CA LEU R 12 -127.77 -10.16 -53.99
C LEU R 12 -127.91 -9.44 -52.65
N TYR R 13 -128.29 -10.18 -51.61
CA TYR R 13 -128.42 -9.59 -50.28
C TYR R 13 -127.03 -9.29 -49.73
N PRO R 14 -126.71 -8.03 -49.42
CA PRO R 14 -125.32 -7.69 -49.07
C PRO R 14 -124.81 -8.25 -47.75
N ILE R 15 -125.58 -8.06 -46.67
CA ILE R 15 -125.04 -8.18 -45.30
C ILE R 15 -124.53 -9.58 -45.02
N ALA R 16 -125.41 -10.59 -45.08
CA ALA R 16 -125.06 -11.93 -44.62
C ALA R 16 -123.95 -12.53 -45.49
N VAL R 17 -124.12 -12.48 -46.81
CA VAL R 17 -123.15 -13.08 -47.72
C VAL R 17 -121.81 -12.37 -47.61
N LEU R 18 -121.83 -11.03 -47.59
CA LEU R 18 -120.60 -10.26 -47.53
C LEU R 18 -119.83 -10.54 -46.24
N ILE R 19 -120.52 -10.52 -45.09
CA ILE R 19 -119.83 -10.72 -43.82
C ILE R 19 -119.34 -12.17 -43.70
N ASP R 20 -120.13 -13.13 -44.22
CA ASP R 20 -119.69 -14.52 -44.20
C ASP R 20 -118.43 -14.73 -45.04
N GLU R 21 -118.39 -14.15 -46.24
CA GLU R 21 -117.21 -14.28 -47.08
C GLU R 21 -116.01 -13.57 -46.46
N LEU R 22 -116.23 -12.43 -45.81
CA LEU R 22 -115.15 -11.75 -45.11
C LEU R 22 -114.62 -12.60 -43.96
N ARG R 23 -115.52 -13.29 -43.25
CA ARG R 23 -115.11 -14.24 -42.21
C ARG R 23 -114.26 -15.35 -42.83
N ASN R 24 -114.64 -15.83 -44.01
CA ASN R 24 -113.86 -16.86 -44.70
C ASN R 24 -112.47 -16.39 -45.12
N GLU R 25 -112.23 -15.09 -45.12
CA GLU R 25 -110.93 -14.54 -45.50
C GLU R 25 -109.96 -14.61 -44.32
N ASP R 26 -108.81 -13.96 -44.45
CA ASP R 26 -107.80 -13.97 -43.40
C ASP R 26 -108.24 -13.04 -42.27
N VAL R 27 -107.68 -13.30 -41.07
CA VAL R 27 -108.18 -12.72 -39.83
C VAL R 27 -108.07 -11.20 -39.84
N GLN R 28 -106.99 -10.65 -40.41
CA GLN R 28 -106.86 -9.19 -40.46
C GLN R 28 -107.94 -8.56 -41.33
N LEU R 29 -108.31 -9.23 -42.42
CA LEU R 29 -109.44 -8.78 -43.22
C LEU R 29 -110.73 -8.84 -42.41
N ARG R 30 -110.85 -9.82 -41.50
CA ARG R 30 -112.01 -9.88 -40.62
C ARG R 30 -112.03 -8.67 -39.67
N LEU R 31 -110.86 -8.29 -39.14
CA LEU R 31 -110.80 -7.07 -38.32
C LEU R 31 -111.23 -5.85 -39.12
N ASN R 32 -110.76 -5.75 -40.37
CA ASN R 32 -111.21 -4.68 -41.25
C ASN R 32 -112.72 -4.71 -41.45
N SER R 33 -113.28 -5.93 -41.56
CA SER R 33 -114.73 -6.09 -41.68
C SER R 33 -115.45 -5.61 -40.42
N ILE R 34 -114.84 -5.78 -39.25
CA ILE R 34 -115.46 -5.38 -37.99
C ILE R 34 -115.66 -3.86 -37.96
N LYS R 35 -114.64 -3.11 -38.37
CA LYS R 35 -114.81 -1.67 -38.52
C LYS R 35 -115.81 -1.34 -39.63
N LYS R 36 -115.87 -2.18 -40.67
CA LYS R 36 -116.82 -2.04 -41.76
C LYS R 36 -118.27 -2.30 -41.33
N LEU R 37 -118.49 -2.84 -40.12
CA LEU R 37 -119.84 -3.17 -39.65
C LEU R 37 -120.71 -1.92 -39.59
N SER R 38 -120.13 -0.77 -39.27
CA SER R 38 -120.90 0.47 -39.23
C SER R 38 -121.41 0.83 -40.62
N THR R 39 -120.58 0.64 -41.65
CA THR R 39 -120.95 1.02 -43.01
C THR R 39 -122.12 0.19 -43.54
N ILE R 40 -122.10 -1.13 -43.34
CA ILE R 40 -123.21 -1.98 -43.79
C ILE R 40 -124.49 -1.60 -43.04
N ALA R 41 -124.37 -1.24 -41.76
CA ALA R 41 -125.52 -0.77 -41.00
C ALA R 41 -126.06 0.53 -41.60
N LEU R 42 -125.17 1.45 -41.97
CA LEU R 42 -125.60 2.72 -42.58
C LEU R 42 -126.30 2.48 -43.91
N ALA R 43 -125.75 1.61 -44.75
CA ALA R 43 -126.34 1.35 -46.07
C ALA R 43 -127.70 0.70 -45.96
N LEU R 44 -127.80 -0.38 -45.18
CA LEU R 44 -129.06 -1.08 -45.00
C LEU R 44 -129.98 -0.29 -44.05
N GLY R 45 -131.27 -0.62 -44.11
CA GLY R 45 -132.21 -0.04 -43.18
C GLY R 45 -131.92 -0.49 -41.76
N VAL R 46 -132.27 0.37 -40.79
CA VAL R 46 -132.04 0.06 -39.38
C VAL R 46 -132.84 -1.18 -38.95
N GLU R 47 -134.10 -1.27 -39.38
CA GLU R 47 -134.89 -2.46 -39.11
C GLU R 47 -134.30 -3.70 -39.77
N ARG R 48 -133.84 -3.55 -41.02
CA ARG R 48 -133.11 -4.62 -41.70
C ARG R 48 -131.86 -4.98 -40.93
N THR R 49 -131.10 -3.96 -40.51
CA THR R 49 -129.86 -4.15 -39.75
C THR R 49 -130.08 -5.03 -38.53
N ARG R 50 -130.97 -4.60 -37.63
CA ARG R 50 -131.22 -5.39 -36.43
C ARG R 50 -131.77 -6.78 -36.79
N SER R 51 -132.95 -6.82 -37.44
CA SER R 51 -133.72 -8.05 -37.60
C SER R 51 -132.95 -9.12 -38.37
N GLU R 52 -132.03 -8.73 -39.24
CA GLU R 52 -131.26 -9.68 -40.01
C GLU R 52 -129.89 -9.94 -39.40
N LEU R 53 -129.09 -8.88 -39.20
CA LEU R 53 -127.70 -9.08 -38.80
C LEU R 53 -127.58 -9.56 -37.36
N LEU R 54 -128.34 -8.98 -36.42
CA LEU R 54 -128.16 -9.32 -35.02
C LEU R 54 -128.41 -10.80 -34.71
N PRO R 55 -129.44 -11.49 -35.25
CA PRO R 55 -129.49 -12.95 -35.09
C PRO R 55 -128.25 -13.66 -35.62
N PHE R 56 -127.70 -13.19 -36.75
CA PHE R 56 -126.47 -13.78 -37.28
C PHE R 56 -125.29 -13.52 -36.34
N LEU R 57 -125.22 -12.31 -35.77
CA LEU R 57 -124.19 -12.03 -34.77
C LEU R 57 -124.39 -12.79 -33.47
N THR R 58 -125.60 -13.31 -33.23
CA THR R 58 -125.92 -14.00 -31.98
C THR R 58 -125.24 -15.37 -31.88
N ASP R 59 -124.81 -15.95 -32.99
CA ASP R 59 -124.24 -17.29 -32.95
C ASP R 59 -123.34 -17.49 -34.17
N THR R 60 -122.78 -18.70 -34.29
CA THR R 60 -121.87 -19.09 -35.37
C THR R 60 -120.61 -18.24 -35.35
N ILE R 61 -119.99 -18.16 -34.17
CA ILE R 61 -118.74 -17.43 -33.97
C ILE R 61 -117.67 -18.41 -33.53
N TYR R 62 -116.59 -18.49 -34.29
CA TYR R 62 -115.49 -19.41 -34.03
C TYR R 62 -114.16 -18.70 -34.24
N ASP R 63 -114.09 -17.43 -33.84
CA ASP R 63 -112.92 -16.57 -34.04
C ASP R 63 -112.54 -15.93 -32.71
N GLU R 64 -112.41 -16.78 -31.68
CA GLU R 64 -112.16 -16.32 -30.31
C GLU R 64 -110.87 -15.52 -30.17
N ASP R 65 -109.89 -15.73 -31.06
CA ASP R 65 -108.54 -15.21 -30.86
C ASP R 65 -108.50 -13.68 -30.82
N GLU R 66 -108.92 -13.02 -31.91
CA GLU R 66 -108.65 -11.60 -32.08
C GLU R 66 -109.89 -10.75 -32.26
N VAL R 67 -110.80 -11.13 -33.17
CA VAL R 67 -111.82 -10.21 -33.66
C VAL R 67 -112.90 -9.91 -32.64
N LEU R 68 -113.01 -10.71 -31.57
CA LEU R 68 -114.14 -10.57 -30.65
C LEU R 68 -114.09 -9.27 -29.85
N LEU R 69 -112.90 -8.82 -29.44
CA LEU R 69 -112.79 -7.56 -28.73
C LEU R 69 -113.21 -6.39 -29.61
N ALA R 70 -112.76 -6.39 -30.87
CA ALA R 70 -113.17 -5.37 -31.82
C ALA R 70 -114.67 -5.43 -32.08
N LEU R 71 -115.22 -6.64 -32.16
CA LEU R 71 -116.66 -6.81 -32.36
C LEU R 71 -117.45 -6.23 -31.20
N ALA R 72 -117.01 -6.49 -29.97
CA ALA R 72 -117.67 -5.94 -28.79
C ALA R 72 -117.59 -4.42 -28.78
N GLU R 73 -116.42 -3.89 -29.15
CA GLU R 73 -116.24 -2.44 -29.23
C GLU R 73 -117.17 -1.84 -30.27
N GLN R 74 -117.29 -2.49 -31.44
CA GLN R 74 -118.18 -2.00 -32.49
C GLN R 74 -119.63 -2.01 -32.04
N LEU R 75 -120.06 -3.08 -31.36
CA LEU R 75 -121.42 -3.13 -30.83
C LEU R 75 -121.66 -2.02 -29.81
N GLY R 76 -120.64 -1.70 -29.00
CA GLY R 76 -120.76 -0.60 -28.07
C GLY R 76 -120.85 0.77 -28.73
N THR R 77 -120.49 0.88 -30.01
CA THR R 77 -120.51 2.15 -30.71
C THR R 77 -121.84 2.46 -31.39
N PHE R 78 -122.82 1.57 -31.31
CA PHE R 78 -124.10 1.76 -32.01
C PHE R 78 -124.92 2.83 -31.29
N THR R 79 -124.58 4.08 -31.56
CA THR R 79 -125.31 5.21 -30.99
C THR R 79 -126.67 5.37 -31.67
N THR R 80 -126.65 5.56 -32.99
CA THR R 80 -127.87 5.70 -33.77
C THR R 80 -128.02 4.67 -34.88
N LEU R 81 -126.98 3.85 -35.14
CA LEU R 81 -127.07 2.85 -36.19
C LEU R 81 -128.16 1.83 -35.92
N VAL R 82 -128.26 1.36 -34.67
CA VAL R 82 -129.36 0.49 -34.29
C VAL R 82 -130.69 1.26 -34.27
N GLY R 83 -130.64 2.57 -33.98
CA GLY R 83 -131.81 3.42 -34.10
C GLY R 83 -132.15 4.19 -32.82
N GLY R 84 -132.05 3.55 -31.67
CA GLY R 84 -132.37 4.16 -30.41
C GLY R 84 -132.55 3.13 -29.31
N PRO R 85 -132.86 3.57 -28.08
CA PRO R 85 -133.00 2.63 -26.95
C PRO R 85 -134.01 1.52 -27.19
N GLU R 86 -135.13 1.86 -27.85
CA GLU R 86 -136.14 0.88 -28.24
C GLU R 86 -135.57 -0.20 -29.16
N TYR R 87 -134.41 0.07 -29.78
CA TYR R 87 -133.68 -0.95 -30.52
C TYR R 87 -132.34 -1.29 -29.88
N VAL R 88 -131.83 -0.47 -28.94
CA VAL R 88 -130.65 -0.89 -28.19
C VAL R 88 -130.97 -2.10 -27.33
N HIS R 89 -132.20 -2.20 -26.82
CA HIS R 89 -132.53 -3.42 -26.08
C HIS R 89 -132.58 -4.64 -27.00
N CYS R 90 -132.90 -4.44 -28.29
CA CYS R 90 -132.74 -5.51 -29.26
C CYS R 90 -131.28 -5.79 -29.55
N LEU R 91 -130.42 -4.76 -29.41
CA LEU R 91 -128.98 -4.92 -29.54
C LEU R 91 -128.38 -5.68 -28.35
N LEU R 92 -129.09 -5.72 -27.23
CA LEU R 92 -128.58 -6.37 -26.03
C LEU R 92 -128.29 -7.88 -26.20
N PRO R 93 -129.20 -8.73 -26.72
CA PRO R 93 -128.94 -10.20 -26.74
C PRO R 93 -127.64 -10.61 -27.44
N PRO R 94 -127.25 -10.04 -28.60
CA PRO R 94 -125.96 -10.48 -29.17
C PRO R 94 -124.75 -10.20 -28.29
N LEU R 95 -124.74 -9.10 -27.53
CA LEU R 95 -123.68 -8.90 -26.55
C LEU R 95 -123.72 -9.96 -25.47
N GLU R 96 -124.92 -10.37 -25.06
CA GLU R 96 -125.07 -11.46 -24.09
C GLU R 96 -124.47 -12.75 -24.62
N SER R 97 -124.72 -13.05 -25.90
CA SER R 97 -124.14 -14.23 -26.53
C SER R 97 -122.61 -14.15 -26.53
N LEU R 98 -122.07 -12.98 -26.86
CA LEU R 98 -120.63 -12.77 -26.78
C LEU R 98 -120.15 -12.64 -25.35
N ALA R 99 -121.02 -12.25 -24.41
CA ALA R 99 -120.63 -12.20 -23.01
C ALA R 99 -120.28 -13.58 -22.45
N THR R 100 -120.80 -14.66 -23.03
CA THR R 100 -120.49 -16.01 -22.59
C THR R 100 -119.19 -16.55 -23.17
N VAL R 101 -118.43 -15.73 -23.92
CA VAL R 101 -117.15 -16.18 -24.48
C VAL R 101 -116.21 -16.55 -23.35
N GLU R 102 -115.46 -17.65 -23.54
CA GLU R 102 -114.58 -18.14 -22.50
C GLU R 102 -113.39 -17.20 -22.26
N GLU R 103 -112.92 -16.51 -23.29
CA GLU R 103 -111.80 -15.58 -23.13
C GLU R 103 -112.19 -14.42 -22.22
N THR R 104 -111.27 -14.06 -21.31
CA THR R 104 -111.57 -13.08 -20.26
C THR R 104 -111.65 -11.65 -20.78
N VAL R 105 -110.69 -11.25 -21.61
CA VAL R 105 -110.65 -9.87 -22.13
C VAL R 105 -111.86 -9.58 -22.99
N VAL R 106 -112.33 -10.59 -23.73
CA VAL R 106 -113.55 -10.45 -24.54
C VAL R 106 -114.72 -10.12 -23.63
N ARG R 107 -114.85 -10.84 -22.51
CA ARG R 107 -115.91 -10.56 -21.55
C ARG R 107 -115.77 -9.15 -20.96
N ASP R 108 -114.52 -8.73 -20.72
CA ASP R 108 -114.28 -7.39 -20.17
C ASP R 108 -114.79 -6.31 -21.12
N LYS R 109 -114.42 -6.42 -22.40
CA LYS R 109 -114.92 -5.44 -23.37
C LYS R 109 -116.43 -5.57 -23.55
N ALA R 110 -116.96 -6.80 -23.43
CA ALA R 110 -118.40 -7.02 -23.52
C ALA R 110 -119.15 -6.28 -22.41
N VAL R 111 -118.69 -6.43 -21.16
CA VAL R 111 -119.36 -5.75 -20.06
C VAL R 111 -119.16 -4.24 -20.17
N GLU R 112 -118.02 -3.79 -20.72
CA GLU R 112 -117.83 -2.37 -20.97
C GLU R 112 -118.89 -1.82 -21.93
N SER R 113 -119.08 -2.51 -23.06
CA SER R 113 -120.11 -2.09 -24.03
C SER R 113 -121.51 -2.17 -23.42
N LEU R 114 -121.76 -3.20 -22.60
CA LEU R 114 -123.05 -3.35 -21.93
C LEU R 114 -123.32 -2.19 -20.99
N ARG R 115 -122.31 -1.79 -20.22
CA ARG R 115 -122.46 -0.64 -19.32
C ARG R 115 -122.73 0.64 -20.12
N ALA R 116 -122.01 0.83 -21.22
CA ALA R 116 -122.21 2.01 -22.06
C ALA R 116 -123.64 2.08 -22.59
N ILE R 117 -124.13 0.98 -23.17
CA ILE R 117 -125.49 0.99 -23.72
C ILE R 117 -126.53 1.11 -22.61
N SER R 118 -126.27 0.50 -21.44
CA SER R 118 -127.17 0.65 -20.30
C SER R 118 -127.29 2.10 -19.87
N HIS R 119 -126.18 2.82 -19.87
CA HIS R 119 -126.22 4.27 -19.67
C HIS R 119 -127.02 4.96 -20.77
N GLU R 120 -126.89 4.48 -22.01
CA GLU R 120 -127.63 5.05 -23.13
C GLU R 120 -129.13 4.77 -23.02
N HIS R 121 -129.51 3.65 -22.39
CA HIS R 121 -130.91 3.26 -22.23
C HIS R 121 -131.72 4.32 -21.49
N SER R 122 -133.04 4.27 -21.68
CA SER R 122 -133.97 5.03 -20.88
C SER R 122 -134.27 4.22 -19.61
N PRO R 123 -134.81 4.85 -18.52
CA PRO R 123 -135.03 4.10 -17.26
C PRO R 123 -135.94 2.88 -17.35
N SER R 124 -137.16 3.08 -17.84
CA SER R 124 -138.12 1.99 -17.96
C SER R 124 -137.62 0.90 -18.90
N ASP R 125 -137.05 1.30 -20.04
CA ASP R 125 -136.45 0.33 -20.95
C ASP R 125 -135.30 -0.41 -20.27
N LEU R 126 -134.45 0.33 -19.54
CA LEU R 126 -133.29 -0.27 -18.86
C LEU R 126 -133.74 -1.38 -17.92
N GLU R 127 -134.68 -1.08 -17.01
CA GLU R 127 -135.17 -2.12 -16.11
C GLU R 127 -135.82 -3.26 -16.91
N ALA R 128 -136.89 -2.94 -17.66
CA ALA R 128 -137.74 -3.98 -18.27
C ALA R 128 -136.98 -4.87 -19.25
N HIS R 129 -135.85 -4.42 -19.78
CA HIS R 129 -135.08 -5.22 -20.73
C HIS R 129 -133.81 -5.80 -20.15
N PHE R 130 -133.01 -5.01 -19.43
CA PHE R 130 -131.74 -5.52 -18.91
C PHE R 130 -131.95 -6.43 -17.72
N VAL R 131 -132.95 -6.17 -16.86
CA VAL R 131 -133.14 -7.00 -15.66
C VAL R 131 -133.36 -8.46 -16.00
N PRO R 132 -134.23 -8.86 -16.97
CA PRO R 132 -134.26 -10.28 -17.37
C PRO R 132 -132.92 -10.81 -17.83
N LEU R 133 -132.15 -10.00 -18.55
CA LEU R 133 -130.82 -10.40 -18.99
C LEU R 133 -129.89 -10.60 -17.79
N VAL R 134 -129.98 -9.71 -16.80
CA VAL R 134 -129.15 -9.85 -15.60
C VAL R 134 -129.49 -11.14 -14.87
N LYS R 135 -130.79 -11.45 -14.76
CA LYS R 135 -131.20 -12.72 -14.15
C LYS R 135 -130.70 -13.91 -14.94
N ARG R 136 -130.80 -13.84 -16.28
CA ARG R 136 -130.37 -14.95 -17.14
C ARG R 136 -128.88 -15.21 -17.01
N LEU R 137 -128.06 -14.14 -17.05
CA LEU R 137 -126.62 -14.31 -16.87
C LEU R 137 -126.29 -14.80 -15.47
N ALA R 138 -127.01 -14.29 -14.45
CA ALA R 138 -126.82 -14.76 -13.09
C ALA R 138 -127.22 -16.23 -12.95
N GLY R 139 -128.31 -16.62 -13.59
CA GLY R 139 -128.80 -17.98 -13.55
C GLY R 139 -128.24 -18.91 -14.61
N GLY R 140 -127.29 -18.43 -15.41
CA GLY R 140 -126.75 -19.26 -16.48
C GLY R 140 -125.98 -20.45 -15.95
N ASP R 141 -126.01 -21.54 -16.74
CA ASP R 141 -125.26 -22.74 -16.38
C ASP R 141 -123.76 -22.52 -16.44
N TRP R 142 -123.30 -21.65 -17.34
CA TRP R 142 -121.89 -21.31 -17.44
C TRP R 142 -121.51 -20.30 -16.37
N PHE R 143 -120.42 -20.58 -15.64
CA PHE R 143 -119.90 -19.62 -14.67
C PHE R 143 -119.44 -18.33 -15.34
N THR R 144 -119.07 -18.40 -16.63
CA THR R 144 -118.63 -17.21 -17.36
C THR R 144 -119.74 -16.18 -17.44
N SER R 145 -120.98 -16.65 -17.60
CA SER R 145 -122.13 -15.75 -17.63
C SER R 145 -122.28 -14.99 -16.32
N ARG R 146 -122.09 -15.68 -15.19
CA ARG R 146 -122.19 -15.02 -13.90
C ARG R 146 -121.05 -14.02 -13.68
N THR R 147 -119.83 -14.38 -14.10
CA THR R 147 -118.71 -13.45 -14.00
C THR R 147 -118.95 -12.20 -14.83
N SER R 148 -119.54 -12.37 -16.02
CA SER R 148 -119.95 -11.21 -16.80
C SER R 148 -121.04 -10.41 -16.10
N ALA R 149 -122.03 -11.11 -15.52
CA ALA R 149 -123.16 -10.47 -14.84
C ALA R 149 -122.72 -9.61 -13.66
N CYS R 150 -121.59 -9.97 -13.04
CA CYS R 150 -121.04 -9.24 -11.91
C CYS R 150 -120.90 -7.74 -12.19
N GLY R 151 -120.42 -7.39 -13.38
CA GLY R 151 -120.21 -5.98 -13.70
C GLY R 151 -121.49 -5.18 -13.79
N LEU R 152 -122.55 -5.78 -14.33
CA LEU R 152 -123.77 -5.04 -14.66
C LEU R 152 -124.62 -4.68 -13.44
N PHE R 153 -124.36 -5.27 -12.27
CA PHE R 153 -125.16 -4.94 -11.10
C PHE R 153 -125.01 -3.49 -10.65
N SER R 154 -123.94 -2.82 -11.05
CA SER R 154 -123.71 -1.45 -10.60
C SER R 154 -124.50 -0.43 -11.40
N VAL R 155 -124.69 -0.67 -12.70
CA VAL R 155 -125.23 0.36 -13.58
C VAL R 155 -126.75 0.51 -13.47
N CYS R 156 -127.46 -0.56 -13.13
CA CYS R 156 -128.92 -0.47 -13.13
C CYS R 156 -129.44 0.28 -11.92
N TYR R 157 -128.73 0.21 -10.79
CA TYR R 157 -129.24 0.66 -9.50
C TYR R 157 -129.69 2.13 -9.44
N PRO R 158 -128.93 3.13 -9.88
CA PRO R 158 -129.35 4.53 -9.64
C PRO R 158 -130.45 5.03 -10.57
N ARG R 159 -131.12 4.16 -11.32
CA ARG R 159 -132.24 4.58 -12.16
C ARG R 159 -133.48 3.70 -12.04
N VAL R 160 -133.36 2.46 -11.58
CA VAL R 160 -134.49 1.54 -11.51
C VAL R 160 -135.23 1.71 -10.19
N SER R 161 -136.43 1.13 -10.10
CA SER R 161 -137.34 1.35 -8.97
C SER R 161 -136.88 0.53 -7.76
N SER R 162 -137.62 0.67 -6.66
CA SER R 162 -137.19 0.11 -5.38
C SER R 162 -137.29 -1.41 -5.33
N ALA R 163 -138.41 -1.97 -5.80
CA ALA R 163 -138.59 -3.42 -5.77
C ALA R 163 -137.56 -4.13 -6.64
N VAL R 164 -137.36 -3.64 -7.86
CA VAL R 164 -136.33 -4.22 -8.73
C VAL R 164 -134.94 -3.98 -8.15
N LYS R 165 -134.71 -2.84 -7.48
CA LYS R 165 -133.45 -2.62 -6.76
C LYS R 165 -133.19 -3.74 -5.75
N ALA R 166 -134.20 -4.03 -4.91
CA ALA R 166 -134.05 -5.06 -3.90
C ALA R 166 -133.86 -6.44 -4.52
N GLU R 167 -134.58 -6.71 -5.62
CA GLU R 167 -134.41 -7.98 -6.32
C GLU R 167 -133.00 -8.12 -6.89
N LEU R 168 -132.47 -7.03 -7.43
CA LEU R 168 -131.10 -7.01 -7.94
C LEU R 168 -130.10 -7.28 -6.82
N ARG R 169 -130.29 -6.63 -5.67
CA ARG R 169 -129.40 -6.87 -4.53
C ARG R 169 -129.44 -8.31 -4.09
N GLN R 170 -130.66 -8.89 -4.02
CA GLN R 170 -130.80 -10.30 -3.64
C GLN R 170 -130.10 -11.21 -4.64
N TYR R 171 -130.23 -10.92 -5.95
CA TYR R 171 -129.59 -11.75 -6.96
C TYR R 171 -128.08 -11.68 -6.86
N PHE R 172 -127.53 -10.48 -6.61
CA PHE R 172 -126.08 -10.38 -6.40
C PHE R 172 -125.66 -11.17 -5.17
N ARG R 173 -126.43 -11.09 -4.08
CA ARG R 173 -126.12 -11.81 -2.86
C ARG R 173 -126.15 -13.33 -3.07
N ASN R 174 -127.14 -13.82 -3.83
CA ASN R 174 -127.21 -15.24 -4.19
C ASN R 174 -126.00 -15.64 -5.03
N LEU R 175 -125.57 -14.75 -5.92
CA LEU R 175 -124.44 -15.02 -6.81
C LEU R 175 -123.16 -15.24 -6.01
N CYS R 176 -122.97 -14.47 -4.94
CA CYS R 176 -121.78 -14.61 -4.09
C CYS R 176 -121.66 -15.98 -3.44
N SER R 177 -122.77 -16.70 -3.29
CA SER R 177 -122.79 -18.05 -2.73
C SER R 177 -122.35 -19.13 -3.71
N ASP R 178 -122.05 -18.77 -4.97
CA ASP R 178 -121.71 -19.76 -5.99
C ASP R 178 -120.47 -20.55 -5.59
N ASP R 179 -120.49 -21.85 -5.89
CA ASP R 179 -119.41 -22.73 -5.46
C ASP R 179 -118.12 -22.48 -6.24
N THR R 180 -118.22 -22.19 -7.54
CA THR R 180 -117.02 -21.99 -8.35
C THR R 180 -116.31 -20.71 -7.93
N PRO R 181 -114.99 -20.75 -7.69
CA PRO R 181 -114.32 -19.56 -7.12
C PRO R 181 -114.14 -18.40 -8.09
N MET R 182 -114.19 -18.63 -9.41
CA MET R 182 -114.12 -17.53 -10.36
C MET R 182 -115.29 -16.57 -10.21
N VAL R 183 -116.49 -17.11 -9.99
CA VAL R 183 -117.68 -16.27 -9.81
C VAL R 183 -117.55 -15.42 -8.56
N ARG R 184 -117.07 -16.01 -7.46
CA ARG R 184 -116.88 -15.26 -6.24
C ARG R 184 -115.79 -14.20 -6.40
N ARG R 185 -114.74 -14.52 -7.16
CA ARG R 185 -113.69 -13.54 -7.44
C ARG R 185 -114.25 -12.35 -8.21
N ALA R 186 -115.05 -12.62 -9.24
CA ALA R 186 -115.67 -11.55 -10.02
C ALA R 186 -116.59 -10.70 -9.16
N ALA R 187 -117.40 -11.35 -8.32
CA ALA R 187 -118.31 -10.64 -7.42
C ALA R 187 -117.54 -9.75 -6.45
N ALA R 188 -116.44 -10.27 -5.89
CA ALA R 188 -115.63 -9.48 -4.97
C ALA R 188 -115.00 -8.29 -5.66
N SER R 189 -114.47 -8.49 -6.88
CA SER R 189 -113.84 -7.38 -7.61
C SER R 189 -114.85 -6.29 -7.93
N LYS R 190 -116.06 -6.68 -8.35
CA LYS R 190 -117.08 -5.70 -8.67
C LYS R 190 -117.87 -5.23 -7.46
N LEU R 191 -117.55 -5.75 -6.27
CA LEU R 191 -118.31 -5.40 -5.06
C LEU R 191 -118.10 -3.95 -4.67
N GLY R 192 -116.94 -3.37 -4.99
CA GLY R 192 -116.64 -2.01 -4.54
C GLY R 192 -117.59 -0.97 -5.11
N GLU R 193 -117.76 -0.96 -6.43
CA GLU R 193 -118.65 -0.01 -7.06
C GLU R 193 -120.11 -0.31 -6.72
N PHE R 194 -120.44 -1.61 -6.66
CA PHE R 194 -121.79 -2.04 -6.32
C PHE R 194 -122.21 -1.53 -4.95
N ALA R 195 -121.37 -1.74 -3.94
CA ALA R 195 -121.66 -1.20 -2.61
C ALA R 195 -121.56 0.31 -2.58
N LYS R 196 -120.73 0.89 -3.46
CA LYS R 196 -120.59 2.33 -3.53
C LYS R 196 -121.89 3.01 -3.95
N VAL R 197 -122.60 2.41 -4.91
CA VAL R 197 -123.83 3.04 -5.39
C VAL R 197 -125.06 2.59 -4.59
N LEU R 198 -124.97 1.51 -3.83
CA LEU R 198 -126.10 1.04 -3.04
C LEU R 198 -126.34 1.93 -1.82
N GLU R 199 -127.54 1.80 -1.25
CA GLU R 199 -127.94 2.55 -0.07
C GLU R 199 -127.28 1.95 1.18
N LEU R 200 -126.86 2.83 2.09
CA LEU R 200 -126.01 2.42 3.22
C LEU R 200 -126.67 1.37 4.12
N ASP R 201 -127.95 1.54 4.45
CA ASP R 201 -128.64 0.54 5.25
C ASP R 201 -128.73 -0.79 4.51
N ASN R 202 -129.07 -0.73 3.21
CA ASN R 202 -129.09 -1.92 2.38
C ASN R 202 -127.70 -2.53 2.25
N VAL R 203 -126.67 -1.67 2.12
CA VAL R 203 -125.28 -2.12 2.07
C VAL R 203 -124.98 -2.98 3.29
N LYS R 204 -125.19 -2.42 4.49
CA LYS R 204 -125.02 -3.12 5.75
C LYS R 204 -125.75 -4.45 5.74
N SER R 205 -127.09 -4.38 5.66
CA SER R 205 -127.95 -5.53 5.90
C SER R 205 -127.69 -6.66 4.91
N GLU R 206 -127.58 -6.34 3.62
CA GLU R 206 -127.40 -7.37 2.61
C GLU R 206 -125.95 -7.80 2.51
N ILE R 207 -125.05 -6.86 2.23
CA ILE R 207 -123.67 -7.21 1.88
C ILE R 207 -122.91 -7.69 3.10
N ILE R 208 -122.91 -6.88 4.18
CA ILE R 208 -121.84 -6.99 5.20
C ILE R 208 -121.74 -8.34 5.89
N PRO R 209 -122.87 -9.03 6.30
CA PRO R 209 -122.71 -10.40 6.83
C PRO R 209 -122.03 -11.35 5.84
N MET R 210 -122.59 -11.45 4.63
CA MET R 210 -122.03 -12.36 3.65
C MET R 210 -120.76 -11.81 3.01
N PHE R 211 -120.53 -10.50 3.03
CA PHE R 211 -119.21 -9.99 2.65
C PHE R 211 -118.14 -10.47 3.63
N SER R 212 -118.45 -10.45 4.93
CA SER R 212 -117.54 -11.01 5.92
C SER R 212 -117.37 -12.51 5.73
N ASN R 213 -118.46 -13.20 5.37
CA ASN R 213 -118.37 -14.62 5.02
C ASN R 213 -117.43 -14.83 3.84
N LEU R 214 -117.51 -13.96 2.84
CA LEU R 214 -116.62 -14.01 1.69
C LEU R 214 -115.17 -13.79 2.12
N ALA R 215 -114.94 -12.85 3.03
CA ALA R 215 -113.59 -12.62 3.56
C ALA R 215 -113.03 -13.84 4.28
N SER R 216 -113.91 -14.68 4.86
CA SER R 216 -113.51 -15.91 5.51
C SER R 216 -113.43 -17.12 4.57
N ASP R 217 -113.65 -16.93 3.27
CA ASP R 217 -113.63 -18.04 2.32
C ASP R 217 -112.24 -18.66 2.26
N GLU R 218 -112.21 -19.97 1.99
CA GLU R 218 -110.96 -20.73 1.95
C GLU R 218 -110.08 -20.39 0.75
N GLN R 219 -110.61 -19.67 -0.25
CA GLN R 219 -109.85 -19.33 -1.44
C GLN R 219 -109.08 -18.04 -1.17
N ASP R 220 -107.74 -18.13 -1.26
CA ASP R 220 -106.89 -16.97 -0.97
C ASP R 220 -107.14 -15.80 -1.91
N SER R 221 -107.26 -16.06 -3.22
CA SER R 221 -107.51 -15.01 -4.20
C SER R 221 -108.81 -14.27 -3.89
N VAL R 222 -109.86 -15.02 -3.53
CA VAL R 222 -111.13 -14.41 -3.11
C VAL R 222 -110.91 -13.52 -1.90
N ARG R 223 -109.97 -13.89 -1.02
CA ARG R 223 -109.69 -13.07 0.14
C ARG R 223 -108.93 -11.80 -0.23
N LEU R 224 -108.04 -11.87 -1.21
CA LEU R 224 -107.37 -10.65 -1.71
C LEU R 224 -108.38 -9.66 -2.25
N LEU R 225 -109.29 -10.15 -3.08
CA LEU R 225 -110.30 -9.27 -3.66
C LEU R 225 -111.30 -8.81 -2.59
N ALA R 226 -111.52 -9.63 -1.55
CA ALA R 226 -112.33 -9.21 -0.43
C ALA R 226 -111.66 -8.07 0.35
N VAL R 227 -110.33 -8.11 0.47
CA VAL R 227 -109.60 -7.01 1.10
C VAL R 227 -109.73 -5.75 0.25
N GLU R 228 -109.63 -5.90 -1.08
CA GLU R 228 -109.87 -4.77 -1.99
C GLU R 228 -111.24 -4.16 -1.75
N ALA R 229 -112.28 -5.00 -1.69
CA ALA R 229 -113.61 -4.51 -1.40
C ALA R 229 -113.69 -3.84 -0.02
N CYS R 230 -113.02 -4.44 0.98
CA CYS R 230 -113.04 -3.91 2.34
C CYS R 230 -112.47 -2.50 2.42
N VAL R 231 -111.30 -2.28 1.81
CA VAL R 231 -110.73 -0.94 1.80
C VAL R 231 -111.59 0.00 0.95
N ASN R 232 -112.28 -0.54 -0.06
CA ASN R 232 -113.17 0.27 -0.89
C ASN R 232 -114.37 0.80 -0.10
N ILE R 233 -114.95 -0.02 0.77
CA ILE R 233 -116.19 0.34 1.47
C ILE R 233 -115.92 0.82 2.90
N ALA R 234 -114.74 1.34 3.18
CA ALA R 234 -114.37 1.78 4.51
C ALA R 234 -114.82 3.20 4.86
N GLN R 235 -115.72 3.79 4.08
CA GLN R 235 -116.09 5.18 4.32
C GLN R 235 -117.58 5.46 4.23
N LEU R 236 -118.42 4.48 3.90
CA LEU R 236 -119.84 4.74 3.71
C LEU R 236 -120.69 4.48 4.95
N LEU R 237 -120.20 3.70 5.91
CA LEU R 237 -121.02 3.32 7.04
C LEU R 237 -120.94 4.37 8.15
N PRO R 238 -121.93 4.43 9.04
CA PRO R 238 -121.79 5.29 10.22
C PRO R 238 -120.77 4.69 11.19
N GLN R 239 -120.27 5.54 12.09
CA GLN R 239 -119.04 5.24 12.84
C GLN R 239 -119.16 4.00 13.71
N GLU R 240 -120.20 3.93 14.55
CA GLU R 240 -120.34 2.78 15.46
C GLU R 240 -120.59 1.49 14.68
N ASP R 241 -121.45 1.55 13.65
CA ASP R 241 -121.68 0.36 12.83
C ASP R 241 -120.44 0.02 12.02
N LEU R 242 -119.70 1.05 11.58
CA LEU R 242 -118.42 0.83 10.89
C LEU R 242 -117.48 0.03 11.78
N GLU R 243 -117.35 0.44 13.05
CA GLU R 243 -116.54 -0.31 14.00
C GLU R 243 -117.00 -1.75 14.07
N ALA R 244 -118.28 -1.96 14.47
CA ALA R 244 -118.78 -3.29 14.77
C ALA R 244 -118.76 -4.22 13.56
N LEU R 245 -118.79 -3.66 12.33
CA LEU R 245 -118.87 -4.47 11.13
C LEU R 245 -117.54 -4.60 10.39
N VAL R 246 -116.58 -3.71 10.61
CA VAL R 246 -115.34 -3.69 9.86
C VAL R 246 -114.17 -4.19 10.69
N MET R 247 -114.05 -3.75 11.95
CA MET R 247 -112.86 -4.07 12.75
C MET R 247 -112.63 -5.57 12.94
N PRO R 248 -113.62 -6.41 13.28
CA PRO R 248 -113.34 -7.87 13.31
C PRO R 248 -112.85 -8.41 11.98
N THR R 249 -113.47 -8.00 10.88
CA THR R 249 -113.00 -8.41 9.56
C THR R 249 -111.62 -7.85 9.25
N LEU R 250 -111.35 -6.61 9.68
CA LEU R 250 -110.05 -5.99 9.42
C LEU R 250 -108.93 -6.77 10.10
N ARG R 251 -109.09 -7.06 11.40
CA ARG R 251 -108.06 -7.84 12.10
C ARG R 251 -107.99 -9.27 11.59
N GLN R 252 -109.13 -9.85 11.19
CA GLN R 252 -109.12 -11.19 10.61
C GLN R 252 -108.29 -11.23 9.33
N ALA R 253 -108.49 -10.25 8.44
CA ALA R 253 -107.75 -10.20 7.20
C ALA R 253 -106.28 -9.91 7.44
N ALA R 254 -106.00 -9.00 8.38
CA ALA R 254 -104.61 -8.59 8.65
C ALA R 254 -103.77 -9.75 9.16
N GLU R 255 -104.32 -10.57 10.07
CA GLU R 255 -103.63 -11.73 10.60
C GLU R 255 -103.92 -13.01 9.83
N ASP R 256 -104.33 -12.92 8.57
CA ASP R 256 -104.63 -14.10 7.76
C ASP R 256 -103.37 -14.91 7.51
N LYS R 257 -103.55 -16.23 7.37
CA LYS R 257 -102.42 -17.14 7.11
C LYS R 257 -101.73 -16.81 5.79
N SER R 258 -102.51 -16.67 4.71
CA SER R 258 -101.96 -16.43 3.39
C SER R 258 -101.18 -15.11 3.35
N TRP R 259 -99.90 -15.20 2.98
CA TRP R 259 -99.04 -14.01 2.91
C TRP R 259 -99.55 -12.99 1.90
N ARG R 260 -100.23 -13.46 0.84
CA ARG R 260 -100.78 -12.56 -0.16
C ARG R 260 -101.85 -11.66 0.43
N VAL R 261 -102.69 -12.22 1.30
CA VAL R 261 -103.75 -11.44 1.95
C VAL R 261 -103.15 -10.35 2.82
N ARG R 262 -102.12 -10.68 3.60
CA ARG R 262 -101.47 -9.69 4.45
C ARG R 262 -100.78 -8.62 3.62
N TYR R 263 -100.17 -9.02 2.49
CA TYR R 263 -99.56 -8.06 1.58
C TYR R 263 -100.59 -7.08 1.05
N MET R 264 -101.76 -7.60 0.64
CA MET R 264 -102.81 -6.73 0.11
C MET R 264 -103.37 -5.82 1.20
N VAL R 265 -103.48 -6.33 2.43
CA VAL R 265 -103.95 -5.49 3.55
C VAL R 265 -102.98 -4.34 3.78
N ALA R 266 -101.68 -4.64 3.79
CA ALA R 266 -100.69 -3.59 4.00
C ALA R 266 -100.62 -2.61 2.83
N ASP R 267 -100.88 -3.09 1.60
CA ASP R 267 -100.76 -2.24 0.42
C ASP R 267 -101.77 -1.12 0.42
N LYS R 268 -103.01 -1.40 0.86
CA LYS R 268 -104.10 -0.44 0.85
C LYS R 268 -104.37 0.12 2.23
N PHE R 269 -103.34 0.29 3.05
CA PHE R 269 -103.53 0.69 4.44
C PHE R 269 -103.87 2.17 4.60
N THR R 270 -103.27 3.04 3.78
CA THR R 270 -103.41 4.49 4.02
C THR R 270 -104.84 4.97 3.86
N GLU R 271 -105.55 4.55 2.79
CA GLU R 271 -106.91 5.02 2.59
C GLU R 271 -107.87 4.34 3.56
N LEU R 272 -107.58 3.10 3.96
CA LEU R 272 -108.33 2.45 5.02
C LEU R 272 -108.21 3.22 6.32
N GLN R 273 -106.99 3.68 6.64
CA GLN R 273 -106.75 4.46 7.85
C GLN R 273 -107.46 5.80 7.80
N LYS R 274 -107.31 6.54 6.70
CA LYS R 274 -107.91 7.87 6.57
C LYS R 274 -109.43 7.84 6.59
N ALA R 275 -110.05 6.71 6.26
CA ALA R 275 -111.49 6.65 6.12
C ALA R 275 -112.24 6.26 7.40
N VAL R 276 -111.55 5.70 8.40
CA VAL R 276 -112.26 5.17 9.57
C VAL R 276 -111.79 5.86 10.85
N GLY R 277 -111.40 7.13 10.74
CA GLY R 277 -111.15 7.95 11.91
C GLY R 277 -109.81 7.68 12.56
N PRO R 278 -109.23 8.71 13.22
CA PRO R 278 -107.89 8.55 13.80
C PRO R 278 -107.81 7.62 14.99
N GLU R 279 -108.66 7.86 16.00
CA GLU R 279 -108.56 7.14 17.27
C GLU R 279 -108.84 5.65 17.10
N ILE R 280 -109.83 5.30 16.27
CA ILE R 280 -110.16 3.89 16.02
C ILE R 280 -108.98 3.19 15.38
N THR R 281 -108.37 3.82 14.37
CA THR R 281 -107.19 3.25 13.71
C THR R 281 -106.06 3.04 14.69
N LYS R 282 -105.74 4.08 15.47
CA LYS R 282 -104.73 3.96 16.53
C LYS R 282 -104.98 2.74 17.40
N THR R 283 -106.16 2.70 18.04
CA THR R 283 -106.44 1.68 19.06
C THR R 283 -106.39 0.27 18.49
N ASP R 284 -107.12 0.01 17.39
CA ASP R 284 -107.25 -1.35 16.91
C ASP R 284 -106.44 -1.63 15.65
N LEU R 285 -105.40 -0.83 15.39
CA LEU R 285 -104.43 -1.17 14.35
C LEU R 285 -102.98 -0.97 14.78
N VAL R 286 -102.70 -0.34 15.93
CA VAL R 286 -101.31 -0.31 16.40
C VAL R 286 -100.67 -1.68 16.56
N PRO R 287 -101.38 -2.78 17.04
CA PRO R 287 -100.66 -4.07 17.07
C PRO R 287 -100.55 -4.71 15.68
N ALA R 288 -101.61 -4.57 14.87
CA ALA R 288 -101.63 -5.15 13.54
C ALA R 288 -100.58 -4.53 12.63
N PHE R 289 -100.44 -3.20 12.65
CA PHE R 289 -99.46 -2.55 11.78
C PHE R 289 -98.04 -2.96 12.13
N GLN R 290 -97.72 -2.99 13.43
CA GLN R 290 -96.42 -3.47 13.88
C GLN R 290 -96.22 -4.93 13.50
N ASN R 291 -97.29 -5.74 13.59
CA ASN R 291 -97.24 -7.12 13.15
C ASN R 291 -96.93 -7.22 11.66
N LEU R 292 -97.51 -6.31 10.85
CA LEU R 292 -97.27 -6.34 9.40
C LEU R 292 -95.80 -6.08 9.09
N MET R 293 -95.18 -5.13 9.77
CA MET R 293 -93.75 -4.90 9.57
C MET R 293 -92.88 -6.00 10.19
N LYS R 294 -93.43 -6.82 11.07
CA LYS R 294 -92.65 -7.87 11.71
C LYS R 294 -92.87 -9.25 11.09
N ASP R 295 -93.59 -9.32 9.96
CA ASP R 295 -93.91 -10.59 9.32
C ASP R 295 -92.65 -11.27 8.78
N CYS R 296 -92.83 -12.52 8.33
CA CYS R 296 -91.74 -13.36 7.87
C CYS R 296 -91.55 -13.35 6.36
N GLU R 297 -92.27 -12.53 5.61
CA GLU R 297 -92.10 -12.43 4.17
C GLU R 297 -91.81 -10.99 3.78
N ALA R 298 -90.95 -10.82 2.78
CA ALA R 298 -90.47 -9.50 2.40
C ALA R 298 -91.54 -8.64 1.72
N GLU R 299 -92.53 -9.26 1.09
CA GLU R 299 -93.51 -8.49 0.30
C GLU R 299 -94.33 -7.57 1.20
N VAL R 300 -94.95 -8.14 2.24
CA VAL R 300 -95.79 -7.35 3.13
C VAL R 300 -94.96 -6.35 3.92
N ARG R 301 -93.73 -6.73 4.29
CA ARG R 301 -92.84 -5.81 5.00
C ARG R 301 -92.50 -4.60 4.14
N ALA R 302 -92.20 -4.85 2.85
CA ALA R 302 -91.92 -3.76 1.92
C ALA R 302 -93.13 -2.85 1.74
N ALA R 303 -94.31 -3.45 1.59
CA ALA R 303 -95.54 -2.66 1.44
C ALA R 303 -95.78 -1.79 2.67
N ALA R 304 -95.66 -2.39 3.86
CA ALA R 304 -95.86 -1.64 5.10
C ALA R 304 -94.84 -0.52 5.24
N SER R 305 -93.57 -0.80 4.89
CA SER R 305 -92.53 0.23 4.94
C SER R 305 -92.86 1.38 4.01
N HIS R 306 -93.39 1.07 2.82
CA HIS R 306 -93.86 2.14 1.93
C HIS R 306 -94.97 2.96 2.57
N LYS R 307 -95.90 2.29 3.24
CA LYS R 307 -97.05 2.97 3.83
C LYS R 307 -96.79 3.59 5.19
N VAL R 308 -95.57 3.47 5.74
CA VAL R 308 -95.30 3.96 7.11
C VAL R 308 -95.56 5.46 7.22
N LYS R 309 -95.04 6.25 6.27
CA LYS R 309 -95.11 7.70 6.37
C LYS R 309 -96.55 8.20 6.31
N GLU R 310 -97.32 7.69 5.33
CA GLU R 310 -98.73 8.05 5.24
C GLU R 310 -99.51 7.57 6.45
N PHE R 311 -99.15 6.40 7.00
CA PHE R 311 -99.79 5.91 8.22
C PHE R 311 -99.56 6.86 9.37
N CYS R 312 -98.32 7.34 9.52
CA CYS R 312 -97.97 8.21 10.64
C CYS R 312 -98.59 9.60 10.51
N GLU R 313 -98.47 10.22 9.33
CA GLU R 313 -98.81 11.63 9.17
C GLU R 313 -100.29 11.94 9.40
N ASN R 314 -101.17 10.95 9.22
CA ASN R 314 -102.61 11.19 9.33
C ASN R 314 -103.17 10.92 10.72
N LEU R 315 -102.35 10.44 11.67
CA LEU R 315 -102.84 10.19 13.02
C LEU R 315 -103.14 11.49 13.76
N SER R 316 -103.86 11.36 14.86
CA SER R 316 -104.16 12.50 15.72
C SER R 316 -102.90 12.99 16.41
N ALA R 317 -102.61 14.29 16.27
CA ALA R 317 -101.35 14.87 16.71
C ALA R 317 -101.12 14.79 18.21
N ASP R 318 -102.18 14.70 19.03
CA ASP R 318 -102.02 14.71 20.48
C ASP R 318 -101.21 13.51 20.98
N CYS R 319 -101.49 12.32 20.45
CA CYS R 319 -100.83 11.09 20.86
C CYS R 319 -100.04 10.45 19.73
N ARG R 320 -99.75 11.20 18.67
CA ARG R 320 -99.03 10.65 17.52
C ARG R 320 -97.58 10.34 17.87
N GLU R 321 -96.90 11.28 18.55
CA GLU R 321 -95.50 11.08 18.91
C GLU R 321 -95.34 9.90 19.86
N ASN R 322 -96.25 9.78 20.82
CA ASN R 322 -96.16 8.69 21.80
C ASN R 322 -96.31 7.33 21.14
N VAL R 323 -97.34 7.15 20.31
CA VAL R 323 -97.56 5.86 19.66
C VAL R 323 -96.41 5.55 18.71
N ILE R 324 -95.91 6.56 17.98
CA ILE R 324 -94.77 6.39 17.09
C ILE R 324 -93.57 5.86 17.86
N MET R 325 -93.10 6.64 18.84
CA MET R 325 -91.89 6.31 19.58
C MET R 325 -92.04 5.00 20.36
N SER R 326 -93.26 4.65 20.77
CA SER R 326 -93.44 3.45 21.57
C SER R 326 -93.47 2.19 20.70
N GLN R 327 -94.29 2.18 19.66
CA GLN R 327 -94.49 0.98 18.85
C GLN R 327 -93.60 0.94 17.61
N ILE R 328 -93.68 1.97 16.77
CA ILE R 328 -93.12 1.89 15.43
C ILE R 328 -91.59 1.89 15.46
N LEU R 329 -90.97 2.78 16.25
CA LEU R 329 -89.52 2.97 16.22
C LEU R 329 -88.70 1.70 16.47
N PRO R 330 -88.97 0.86 17.49
CA PRO R 330 -88.24 -0.42 17.58
C PRO R 330 -88.39 -1.29 16.34
N CYS R 331 -89.60 -1.31 15.74
CA CYS R 331 -89.83 -2.10 14.56
C CYS R 331 -89.00 -1.59 13.38
N ILE R 332 -88.93 -0.27 13.21
CA ILE R 332 -88.10 0.31 12.14
C ILE R 332 -86.63 0.01 12.39
N LYS R 333 -86.19 0.11 13.66
CA LYS R 333 -84.80 -0.19 14.00
C LYS R 333 -84.46 -1.63 13.62
N GLU R 334 -85.34 -2.57 13.95
CA GLU R 334 -85.13 -3.97 13.58
C GLU R 334 -85.23 -4.15 12.07
N LEU R 335 -86.00 -3.30 11.40
CA LEU R 335 -86.22 -3.44 9.96
C LEU R 335 -85.02 -2.94 9.16
N VAL R 336 -84.31 -1.92 9.64
CA VAL R 336 -83.17 -1.36 8.91
C VAL R 336 -82.08 -2.41 8.72
N SER R 337 -81.95 -3.35 9.65
CA SER R 337 -80.94 -4.38 9.59
C SER R 337 -81.40 -5.64 8.86
N ASP R 338 -82.56 -5.61 8.21
CA ASP R 338 -83.11 -6.79 7.55
C ASP R 338 -82.17 -7.28 6.44
N ALA R 339 -82.06 -8.61 6.33
CA ALA R 339 -81.17 -9.22 5.34
C ALA R 339 -81.61 -8.89 3.92
N ASN R 340 -82.92 -8.95 3.66
CA ASN R 340 -83.47 -8.63 2.35
C ASN R 340 -83.23 -7.16 2.03
N GLN R 341 -82.59 -6.88 0.90
CA GLN R 341 -82.26 -5.50 0.57
C GLN R 341 -83.48 -4.72 0.08
N HIS R 342 -84.45 -5.42 -0.52
CA HIS R 342 -85.61 -4.73 -1.09
C HIS R 342 -86.47 -4.05 -0.03
N VAL R 343 -86.65 -4.69 1.13
CA VAL R 343 -87.42 -4.06 2.21
C VAL R 343 -86.68 -2.85 2.73
N LYS R 344 -85.35 -2.91 2.78
CA LYS R 344 -84.57 -1.74 3.19
C LYS R 344 -84.74 -0.61 2.20
N SER R 345 -84.75 -0.92 0.90
CA SER R 345 -84.97 0.11 -0.12
C SER R 345 -86.36 0.71 0.00
N ALA R 346 -87.37 -0.13 0.25
CA ALA R 346 -88.73 0.35 0.46
C ALA R 346 -88.83 1.26 1.67
N LEU R 347 -88.20 0.86 2.78
CA LEU R 347 -88.18 1.70 3.97
C LEU R 347 -87.46 3.01 3.72
N ALA R 348 -86.32 2.96 3.03
CA ALA R 348 -85.46 4.14 2.84
C ALA R 348 -86.16 5.27 2.06
N SER R 349 -87.22 4.95 1.31
CA SER R 349 -87.90 5.96 0.51
C SER R 349 -88.51 7.06 1.39
N VAL R 350 -89.13 6.68 2.51
CA VAL R 350 -89.90 7.61 3.32
C VAL R 350 -89.57 7.50 4.80
N ILE R 351 -88.44 6.84 5.14
CA ILE R 351 -88.04 6.73 6.54
C ILE R 351 -87.76 8.11 7.14
N MET R 352 -87.16 9.01 6.37
CA MET R 352 -86.83 10.34 6.83
C MET R 352 -87.96 11.34 6.63
N GLY R 353 -89.12 10.88 6.15
CA GLY R 353 -90.30 11.73 6.15
C GLY R 353 -90.92 11.91 7.52
N LEU R 354 -90.61 11.02 8.47
CA LEU R 354 -91.16 11.12 9.82
C LEU R 354 -90.48 12.20 10.65
N SER R 355 -89.29 12.64 10.24
CA SER R 355 -88.50 13.62 11.00
C SER R 355 -89.23 14.93 11.33
N PRO R 356 -89.94 15.61 10.40
CA PRO R 356 -90.74 16.77 10.85
C PRO R 356 -91.79 16.44 11.88
N ILE R 357 -92.37 15.24 11.79
CA ILE R 357 -93.42 14.82 12.71
C ILE R 357 -92.84 14.55 14.10
N LEU R 358 -91.71 13.83 14.16
CA LEU R 358 -91.12 13.45 15.43
C LEU R 358 -90.61 14.68 16.20
N GLY R 359 -89.83 15.51 15.54
CA GLY R 359 -89.23 16.68 16.16
C GLY R 359 -87.72 16.65 16.05
N LYS R 360 -87.11 17.73 16.52
CA LYS R 360 -85.67 17.92 16.39
C LYS R 360 -84.89 16.88 17.21
N ASP R 361 -85.13 16.85 18.52
CA ASP R 361 -84.39 15.97 19.42
C ASP R 361 -84.66 14.50 19.12
N ASN R 362 -85.91 14.15 18.85
CA ASN R 362 -86.25 12.76 18.53
C ASN R 362 -85.56 12.29 17.26
N THR R 363 -85.52 13.14 16.22
CA THR R 363 -84.80 12.78 15.00
C THR R 363 -83.30 12.64 15.27
N ILE R 364 -82.71 13.57 16.04
CA ILE R 364 -81.27 13.51 16.31
C ILE R 364 -80.92 12.24 17.08
N GLU R 365 -81.78 11.84 18.01
CA GLU R 365 -81.47 10.66 18.83
C GLU R 365 -81.74 9.38 18.05
N HIS R 366 -83.00 9.19 17.62
CA HIS R 366 -83.42 7.91 17.06
C HIS R 366 -83.08 7.80 15.58
N LEU R 367 -83.39 8.83 14.81
CA LEU R 367 -83.41 8.70 13.35
C LEU R 367 -82.05 8.94 12.70
N LEU R 368 -81.22 9.80 13.28
CA LEU R 368 -79.90 10.09 12.68
C LEU R 368 -79.01 8.86 12.52
N PRO R 369 -78.80 8.00 13.55
CA PRO R 369 -78.00 6.78 13.29
C PRO R 369 -78.60 5.87 12.24
N LEU R 370 -79.93 5.82 12.15
CA LEU R 370 -80.59 5.05 11.09
C LEU R 370 -80.24 5.63 9.72
N PHE R 371 -80.25 6.96 9.59
CA PHE R 371 -79.89 7.59 8.33
C PHE R 371 -78.45 7.28 7.97
N LEU R 372 -77.54 7.37 8.95
CA LEU R 372 -76.13 7.07 8.69
C LEU R 372 -75.94 5.61 8.28
N ALA R 373 -76.70 4.70 8.89
CA ALA R 373 -76.67 3.30 8.50
C ALA R 373 -77.16 3.12 7.07
N GLN R 374 -78.24 3.83 6.70
CA GLN R 374 -78.77 3.73 5.34
C GLN R 374 -77.77 4.22 4.30
N LEU R 375 -77.11 5.35 4.58
CA LEU R 375 -76.15 5.91 3.63
C LEU R 375 -74.99 4.95 3.36
N LYS R 376 -74.59 4.16 4.36
CA LYS R 376 -73.50 3.21 4.23
C LYS R 376 -73.99 1.79 3.96
N ASP R 377 -75.09 1.64 3.23
CA ASP R 377 -75.65 0.34 2.94
C ASP R 377 -75.15 -0.15 1.58
N GLU R 378 -74.99 -1.47 1.47
CA GLU R 378 -74.46 -2.07 0.24
C GLU R 378 -75.40 -1.88 -0.94
N CYS R 379 -76.71 -2.03 -0.74
CA CYS R 379 -77.67 -1.97 -1.84
C CYS R 379 -77.78 -0.55 -2.39
N PRO R 380 -77.48 -0.34 -3.67
CA PRO R 380 -77.60 1.02 -4.24
C PRO R 380 -79.02 1.57 -4.25
N GLU R 381 -80.03 0.70 -4.31
CA GLU R 381 -81.42 1.17 -4.27
C GLU R 381 -81.71 1.86 -2.94
N VAL R 382 -81.17 1.30 -1.86
CA VAL R 382 -81.32 1.90 -0.54
C VAL R 382 -80.72 3.29 -0.51
N ARG R 383 -79.50 3.42 -1.06
CA ARG R 383 -78.82 4.71 -1.08
C ARG R 383 -79.57 5.71 -1.94
N LEU R 384 -80.16 5.26 -3.05
CA LEU R 384 -80.97 6.14 -3.88
C LEU R 384 -82.17 6.68 -3.11
N ASN R 385 -82.90 5.78 -2.43
CA ASN R 385 -84.13 6.18 -1.75
C ASN R 385 -83.86 7.15 -0.61
N ILE R 386 -82.88 6.85 0.24
CA ILE R 386 -82.62 7.66 1.43
C ILE R 386 -82.20 9.09 1.07
N ILE R 387 -81.34 9.25 0.06
CA ILE R 387 -80.83 10.57 -0.30
C ILE R 387 -81.94 11.47 -0.88
N SER R 388 -83.03 10.87 -1.37
CA SER R 388 -83.98 11.60 -2.22
C SER R 388 -84.77 12.69 -1.49
N ASN R 389 -84.70 12.77 -0.16
CA ASN R 389 -85.52 13.73 0.57
C ASN R 389 -84.70 14.38 1.70
N LEU R 390 -83.47 14.81 1.39
CA LEU R 390 -82.68 15.54 2.38
C LEU R 390 -83.20 16.94 2.67
N ASP R 391 -84.08 17.47 1.82
CA ASP R 391 -84.56 18.85 1.98
C ASP R 391 -85.31 19.02 3.30
N CYS R 392 -86.24 18.10 3.59
CA CYS R 392 -87.07 18.22 4.78
C CYS R 392 -86.25 18.05 6.05
N VAL R 393 -85.36 17.06 6.09
CA VAL R 393 -84.56 16.82 7.29
C VAL R 393 -83.60 17.98 7.51
N ASN R 394 -83.02 18.54 6.43
CA ASN R 394 -82.14 19.69 6.58
C ASN R 394 -82.93 20.90 7.07
N GLU R 395 -84.18 21.05 6.60
CA GLU R 395 -85.01 22.17 7.04
C GLU R 395 -85.37 22.05 8.52
N VAL R 396 -85.69 20.85 8.99
CA VAL R 396 -86.16 20.73 10.37
C VAL R 396 -85.05 20.52 11.39
N ILE R 397 -83.86 20.15 10.96
CA ILE R 397 -82.79 19.81 11.91
C ILE R 397 -81.80 20.98 11.98
N GLY R 398 -81.71 21.74 10.90
CA GLY R 398 -80.72 22.81 10.91
C GLY R 398 -79.41 22.38 10.28
N ILE R 399 -78.74 23.35 9.66
CA ILE R 399 -77.53 23.06 8.90
C ILE R 399 -76.37 22.63 9.81
N ARG R 400 -76.33 23.13 11.06
CA ARG R 400 -75.20 22.85 11.94
C ARG R 400 -75.13 21.37 12.31
N GLN R 401 -76.24 20.80 12.78
CA GLN R 401 -76.27 19.40 13.20
C GLN R 401 -76.00 18.47 12.03
N LEU R 402 -76.62 18.74 10.88
CA LEU R 402 -76.40 17.91 9.70
C LEU R 402 -74.96 17.98 9.22
N SER R 403 -74.39 19.20 9.20
CA SER R 403 -73.01 19.38 8.78
C SER R 403 -72.05 18.64 9.72
N GLN R 404 -72.29 18.72 11.02
CA GLN R 404 -71.45 17.97 11.96
C GLN R 404 -71.67 16.46 11.80
N SER R 405 -72.88 16.05 11.40
CA SER R 405 -73.27 14.65 11.44
C SER R 405 -73.18 13.96 10.07
N LEU R 406 -73.89 14.47 9.07
CA LEU R 406 -74.05 13.74 7.82
C LEU R 406 -73.11 14.20 6.70
N LEU R 407 -72.42 15.33 6.87
CA LEU R 407 -71.58 15.86 5.78
C LEU R 407 -70.48 14.91 5.32
N PRO R 408 -69.65 14.29 6.19
CA PRO R 408 -68.69 13.30 5.68
C PRO R 408 -69.36 12.13 4.98
N ALA R 409 -70.52 11.70 5.48
CA ALA R 409 -71.27 10.63 4.82
C ALA R 409 -71.75 11.08 3.45
N ILE R 410 -72.20 12.34 3.33
CA ILE R 410 -72.62 12.89 2.04
C ILE R 410 -71.44 12.88 1.07
N VAL R 411 -70.27 13.32 1.55
CA VAL R 411 -69.08 13.37 0.71
C VAL R 411 -68.68 11.97 0.26
N GLU R 412 -68.77 10.99 1.16
CA GLU R 412 -68.48 9.61 0.79
C GLU R 412 -69.46 9.09 -0.25
N LEU R 413 -70.75 9.46 -0.10
CA LEU R 413 -71.76 9.09 -1.09
C LEU R 413 -71.49 9.72 -2.45
N ALA R 414 -70.91 10.92 -2.48
CA ALA R 414 -70.62 11.60 -3.73
C ALA R 414 -69.64 10.82 -4.62
N GLU R 415 -68.87 9.90 -4.05
CA GLU R 415 -67.93 9.07 -4.79
C GLU R 415 -68.51 7.72 -5.19
N ASP R 416 -69.83 7.56 -5.12
CA ASP R 416 -70.44 6.26 -5.31
C ASP R 416 -70.34 5.83 -6.78
N ALA R 417 -70.39 4.51 -7.00
CA ALA R 417 -70.32 3.97 -8.34
C ALA R 417 -71.54 4.36 -9.17
N LYS R 418 -72.74 4.18 -8.61
CA LYS R 418 -73.97 4.47 -9.34
C LYS R 418 -74.12 5.97 -9.57
N TRP R 419 -74.17 6.37 -10.84
CA TRP R 419 -74.31 7.77 -11.19
C TRP R 419 -75.62 8.39 -10.72
N ARG R 420 -76.68 7.58 -10.61
CA ARG R 420 -77.94 8.10 -10.09
C ARG R 420 -77.78 8.59 -8.66
N VAL R 421 -77.03 7.85 -7.84
CA VAL R 421 -76.72 8.27 -6.47
C VAL R 421 -75.96 9.59 -6.49
N ARG R 422 -74.97 9.70 -7.39
CA ARG R 422 -74.16 10.90 -7.47
C ARG R 422 -75.01 12.12 -7.83
N LEU R 423 -75.91 11.99 -8.81
CA LEU R 423 -76.73 13.14 -9.17
C LEU R 423 -77.75 13.45 -8.08
N ALA R 424 -78.19 12.43 -7.34
CA ALA R 424 -79.02 12.69 -6.16
C ALA R 424 -78.27 13.54 -5.14
N ILE R 425 -76.98 13.26 -4.94
CA ILE R 425 -76.15 14.09 -4.09
C ILE R 425 -75.96 15.48 -4.70
N ILE R 426 -75.87 15.56 -6.04
CA ILE R 426 -75.58 16.83 -6.72
C ILE R 426 -76.67 17.86 -6.46
N GLU R 427 -77.93 17.43 -6.50
CA GLU R 427 -79.08 18.34 -6.52
C GLU R 427 -79.17 19.21 -5.27
N TYR R 428 -78.51 18.84 -4.17
CA TYR R 428 -78.61 19.55 -2.91
C TYR R 428 -77.51 20.59 -2.71
N MET R 429 -76.54 20.67 -3.62
CA MET R 429 -75.50 21.69 -3.48
C MET R 429 -76.06 23.11 -3.47
N PRO R 430 -77.06 23.51 -4.30
CA PRO R 430 -77.69 24.81 -4.05
C PRO R 430 -78.34 24.92 -2.68
N LEU R 431 -78.96 23.84 -2.21
CA LEU R 431 -79.63 23.84 -0.91
C LEU R 431 -78.61 24.00 0.22
N LEU R 432 -77.54 23.20 0.19
CA LEU R 432 -76.48 23.33 1.18
C LEU R 432 -75.82 24.69 1.09
N ALA R 433 -75.62 25.19 -0.13
CA ALA R 433 -74.99 26.50 -0.35
C ALA R 433 -75.80 27.62 0.27
N GLY R 434 -77.13 27.59 0.11
CA GLY R 434 -77.97 28.63 0.68
C GLY R 434 -77.90 28.72 2.19
N GLN R 435 -77.79 27.58 2.87
CA GLN R 435 -77.81 27.53 4.32
C GLN R 435 -76.42 27.46 4.94
N LEU R 436 -75.36 27.68 4.17
CA LEU R 436 -74.00 27.56 4.67
C LEU R 436 -73.14 28.65 4.06
N GLY R 437 -72.09 29.05 4.79
CA GLY R 437 -71.28 30.16 4.35
C GLY R 437 -70.39 29.80 3.17
N VAL R 438 -69.88 30.84 2.52
CA VAL R 438 -69.08 30.67 1.31
C VAL R 438 -67.73 30.01 1.63
N GLU R 439 -67.12 30.35 2.77
CA GLU R 439 -65.76 29.90 3.07
C GLU R 439 -65.72 28.39 3.29
N PHE R 440 -66.65 27.87 4.09
CA PHE R 440 -66.66 26.44 4.40
C PHE R 440 -66.95 25.60 3.16
N PHE R 441 -67.91 26.03 2.33
CA PHE R 441 -68.19 25.34 1.08
C PHE R 441 -66.97 25.38 0.16
N ASP R 442 -66.30 26.54 0.11
CA ASP R 442 -65.13 26.70 -0.75
C ASP R 442 -64.00 25.78 -0.32
N GLU R 443 -63.80 25.63 0.99
CA GLU R 443 -62.70 24.82 1.51
C GLU R 443 -63.07 23.35 1.73
N LYS R 444 -64.31 22.95 1.51
CA LYS R 444 -64.73 21.57 1.67
C LYS R 444 -65.24 20.93 0.39
N LEU R 445 -66.14 21.60 -0.32
CA LEU R 445 -66.92 20.97 -1.39
C LEU R 445 -66.66 21.54 -2.77
N ASN R 446 -65.96 22.67 -2.89
CA ASN R 446 -65.76 23.31 -4.19
C ASN R 446 -64.96 22.39 -5.13
N SER R 447 -63.84 21.84 -4.64
CA SER R 447 -63.09 20.88 -5.44
C SER R 447 -63.92 19.63 -5.73
N LEU R 448 -64.77 19.23 -4.78
CA LEU R 448 -65.69 18.13 -5.01
C LEU R 448 -66.68 18.46 -6.11
N CYS R 449 -67.18 19.70 -6.12
CA CYS R 449 -68.07 20.15 -7.19
C CYS R 449 -67.36 20.10 -8.53
N MET R 450 -66.08 20.53 -8.57
CA MET R 450 -65.30 20.45 -9.80
C MET R 450 -65.09 19.01 -10.22
N ALA R 451 -65.01 18.08 -9.26
CA ALA R 451 -64.78 16.67 -9.57
C ALA R 451 -65.91 16.09 -10.40
N TRP R 452 -67.14 16.59 -10.22
CA TRP R 452 -68.27 16.05 -10.97
C TRP R 452 -68.20 16.46 -12.44
N LEU R 453 -67.58 17.60 -12.74
CA LEU R 453 -67.50 18.07 -14.12
C LEU R 453 -66.71 17.11 -15.02
N VAL R 454 -65.76 16.35 -14.48
CA VAL R 454 -64.96 15.44 -15.30
C VAL R 454 -65.53 14.04 -15.27
N ASP R 455 -66.74 13.88 -14.73
CA ASP R 455 -67.33 12.57 -14.57
C ASP R 455 -67.66 11.95 -15.93
N HIS R 456 -67.63 10.62 -15.97
CA HIS R 456 -67.89 9.89 -17.21
C HIS R 456 -69.31 10.11 -17.71
N VAL R 457 -70.30 9.95 -16.83
CA VAL R 457 -71.70 10.07 -17.22
C VAL R 457 -72.04 11.50 -17.57
N TYR R 458 -72.82 11.69 -18.65
CA TYR R 458 -73.19 13.03 -19.09
C TYR R 458 -74.19 13.68 -18.15
N ALA R 459 -75.12 12.89 -17.58
CA ALA R 459 -76.11 13.41 -16.64
C ALA R 459 -75.43 14.09 -15.45
N ILE R 460 -74.36 13.47 -14.95
CA ILE R 460 -73.60 14.05 -13.85
C ILE R 460 -73.01 15.39 -14.27
N ARG R 461 -72.45 15.46 -15.47
CA ARG R 461 -71.80 16.68 -15.92
C ARG R 461 -72.81 17.81 -16.09
N GLU R 462 -73.97 17.54 -16.68
CA GLU R 462 -74.97 18.60 -16.85
C GLU R 462 -75.58 19.00 -15.52
N ALA R 463 -75.77 18.05 -14.59
CA ALA R 463 -76.25 18.39 -13.25
C ALA R 463 -75.26 19.30 -12.54
N ALA R 464 -73.96 18.97 -12.62
CA ALA R 464 -72.92 19.82 -12.03
C ALA R 464 -72.90 21.18 -12.70
N THR R 465 -73.18 21.23 -14.00
CA THR R 465 -73.20 22.50 -14.73
C THR R 465 -74.33 23.40 -14.22
N SER R 466 -75.53 22.82 -14.06
CA SER R 466 -76.65 23.57 -13.51
C SER R 466 -76.36 24.03 -12.08
N ASN R 467 -75.73 23.16 -11.30
CA ASN R 467 -75.37 23.53 -9.93
C ASN R 467 -74.34 24.65 -9.91
N LEU R 468 -73.41 24.65 -10.88
CA LEU R 468 -72.46 25.76 -11.00
C LEU R 468 -73.18 27.06 -11.27
N LYS R 469 -74.21 27.02 -12.14
CA LYS R 469 -75.04 28.20 -12.36
C LYS R 469 -75.67 28.68 -11.05
N LYS R 470 -76.23 27.74 -10.28
CA LYS R 470 -76.86 28.09 -9.01
C LYS R 470 -75.85 28.71 -8.04
N LEU R 471 -74.66 28.12 -7.95
CA LEU R 471 -73.64 28.62 -7.03
C LEU R 471 -73.17 30.02 -7.43
N VAL R 472 -72.96 30.25 -8.73
CA VAL R 472 -72.47 31.56 -9.14
C VAL R 472 -73.54 32.63 -8.91
N GLU R 473 -74.82 32.30 -9.15
CA GLU R 473 -75.84 33.29 -8.84
C GLU R 473 -76.04 33.44 -7.33
N LYS R 474 -75.61 32.47 -6.53
CA LYS R 474 -75.76 32.52 -5.08
C LYS R 474 -74.53 33.07 -4.36
N PHE R 475 -73.36 32.46 -4.58
CA PHE R 475 -72.13 32.84 -3.90
C PHE R 475 -71.37 33.96 -4.58
N GLY R 476 -72.02 34.75 -5.42
CA GLY R 476 -71.38 35.92 -6.00
C GLY R 476 -70.60 35.62 -7.26
N LYS R 477 -69.93 36.67 -7.75
CA LYS R 477 -69.25 36.64 -9.04
C LYS R 477 -67.74 36.52 -8.92
N GLU R 478 -67.12 37.39 -8.12
CA GLU R 478 -65.66 37.35 -7.93
C GLU R 478 -65.21 36.04 -7.27
N TRP R 479 -66.08 35.44 -6.46
CA TRP R 479 -65.81 34.13 -5.89
C TRP R 479 -65.70 33.06 -6.98
N ALA R 480 -66.60 33.09 -7.95
CA ALA R 480 -66.51 32.16 -9.08
C ALA R 480 -65.24 32.38 -9.88
N HIS R 481 -64.86 33.65 -10.08
CA HIS R 481 -63.59 33.94 -10.76
C HIS R 481 -62.40 33.41 -9.97
N ALA R 482 -62.48 33.43 -8.64
CA ALA R 482 -61.36 32.97 -7.84
C ALA R 482 -61.32 31.45 -7.71
N THR R 483 -62.47 30.79 -7.87
CA THR R 483 -62.58 29.36 -7.63
C THR R 483 -62.96 28.57 -8.87
N ILE R 484 -64.02 28.96 -9.58
CA ILE R 484 -64.62 28.09 -10.59
C ILE R 484 -63.95 28.28 -11.95
N ILE R 485 -63.75 29.55 -12.33
CA ILE R 485 -63.31 29.87 -13.70
C ILE R 485 -61.95 29.25 -14.06
N PRO R 486 -60.91 29.25 -13.19
CA PRO R 486 -59.66 28.56 -13.57
C PRO R 486 -59.83 27.10 -13.91
N LYS R 487 -60.68 26.36 -13.19
CA LYS R 487 -60.89 24.96 -13.51
C LYS R 487 -61.56 24.80 -14.87
N VAL R 488 -62.51 25.68 -15.19
CA VAL R 488 -63.17 25.65 -16.49
C VAL R 488 -62.16 25.92 -17.61
N LEU R 489 -61.28 26.91 -17.41
CA LEU R 489 -60.23 27.19 -18.37
C LEU R 489 -59.28 26.01 -18.54
N ALA R 490 -58.92 25.36 -17.42
CA ALA R 490 -58.09 24.15 -17.48
C ALA R 490 -58.79 23.07 -18.28
N MET R 491 -60.12 22.96 -18.13
CA MET R 491 -60.89 21.98 -18.87
C MET R 491 -60.92 22.29 -20.36
N SER R 492 -60.82 23.57 -20.72
CA SER R 492 -60.80 23.96 -22.14
C SER R 492 -59.61 23.36 -22.88
N GLY R 493 -58.50 23.11 -22.20
CA GLY R 493 -57.36 22.48 -22.83
C GLY R 493 -57.37 20.97 -22.93
N ASP R 494 -58.46 20.34 -22.50
CA ASP R 494 -58.53 18.88 -22.44
C ASP R 494 -58.43 18.29 -23.84
N PRO R 495 -57.72 17.17 -24.02
CA PRO R 495 -57.74 16.50 -25.33
C PRO R 495 -59.08 15.88 -25.66
N ASN R 496 -59.72 15.19 -24.72
CA ASN R 496 -61.02 14.58 -24.95
C ASN R 496 -62.06 15.66 -25.21
N TYR R 497 -62.88 15.45 -26.24
CA TYR R 497 -63.82 16.48 -26.68
C TYR R 497 -64.98 16.67 -25.70
N LEU R 498 -65.40 15.60 -25.01
CA LEU R 498 -66.56 15.71 -24.11
C LEU R 498 -66.31 16.68 -22.97
N HIS R 499 -65.07 16.77 -22.48
CA HIS R 499 -64.74 17.75 -21.45
C HIS R 499 -64.85 19.16 -22.01
N ARG R 500 -64.46 19.36 -23.27
CA ARG R 500 -64.62 20.66 -23.90
C ARG R 500 -66.10 21.00 -24.07
N MET R 501 -66.94 19.99 -24.33
CA MET R 501 -68.37 20.25 -24.42
C MET R 501 -68.97 20.59 -23.07
N THR R 502 -68.44 19.97 -22.01
CA THR R 502 -68.81 20.37 -20.66
C THR R 502 -68.41 21.81 -20.40
N THR R 503 -67.24 22.22 -20.92
CA THR R 503 -66.81 23.61 -20.80
C THR R 503 -67.77 24.55 -21.52
N LEU R 504 -68.19 24.18 -22.73
CA LEU R 504 -69.11 25.04 -23.48
C LEU R 504 -70.47 25.14 -22.79
N PHE R 505 -70.97 24.03 -22.24
CA PHE R 505 -72.23 24.08 -21.49
C PHE R 505 -72.07 24.96 -20.24
N CYS R 506 -70.90 24.86 -19.59
CA CYS R 506 -70.62 25.71 -18.44
C CYS R 506 -70.61 27.18 -18.84
N ILE R 507 -70.03 27.51 -20.00
CA ILE R 507 -70.05 28.89 -20.49
C ILE R 507 -71.48 29.34 -20.71
N ASN R 508 -72.31 28.45 -21.29
CA ASN R 508 -73.71 28.77 -21.53
C ASN R 508 -74.44 29.12 -20.25
N VAL R 509 -74.32 28.26 -19.22
CA VAL R 509 -75.06 28.51 -18.00
C VAL R 509 -74.49 29.70 -17.22
N LEU R 510 -73.16 29.82 -17.16
CA LEU R 510 -72.55 30.89 -16.37
C LEU R 510 -72.83 32.26 -16.95
N SER R 511 -72.70 32.40 -18.28
CA SER R 511 -72.69 33.71 -18.94
C SER R 511 -73.95 34.53 -18.66
N GLU R 512 -75.08 33.85 -18.41
CA GLU R 512 -76.31 34.57 -18.10
C GLU R 512 -76.20 35.35 -16.80
N VAL R 513 -75.51 34.79 -15.80
CA VAL R 513 -75.46 35.39 -14.46
C VAL R 513 -74.02 35.63 -14.02
N CYS R 514 -73.12 35.84 -14.96
CA CYS R 514 -71.71 36.10 -14.65
C CYS R 514 -71.31 37.55 -14.87
N GLY R 515 -72.24 38.40 -15.31
CA GLY R 515 -71.93 39.81 -15.50
C GLY R 515 -71.27 40.04 -16.84
N GLN R 516 -71.58 41.18 -17.49
CA GLN R 516 -71.15 41.42 -18.86
C GLN R 516 -69.62 41.48 -18.99
N ASP R 517 -68.98 42.29 -18.15
CA ASP R 517 -67.53 42.52 -18.26
C ASP R 517 -66.73 41.25 -17.97
N ILE R 518 -67.08 40.54 -16.89
CA ILE R 518 -66.44 39.27 -16.56
C ILE R 518 -66.63 38.28 -17.71
N THR R 519 -67.88 38.18 -18.20
CA THR R 519 -68.21 37.23 -19.26
C THR R 519 -67.36 37.46 -20.50
N THR R 520 -67.33 38.69 -21.01
CA THR R 520 -66.50 38.95 -22.19
C THR R 520 -65.02 38.69 -21.87
N LYS R 521 -64.44 39.42 -20.91
CA LYS R 521 -62.99 39.44 -20.74
C LYS R 521 -62.42 38.12 -20.25
N HIS R 522 -63.26 37.18 -19.81
CA HIS R 522 -62.79 35.83 -19.49
C HIS R 522 -63.21 34.81 -20.54
N MET R 523 -64.52 34.68 -20.80
CA MET R 523 -65.00 33.60 -21.64
C MET R 523 -64.61 33.81 -23.09
N LEU R 524 -64.72 35.04 -23.61
CA LEU R 524 -64.58 35.27 -25.04
C LEU R 524 -63.21 34.85 -25.60
N PRO R 525 -62.05 35.19 -24.97
CA PRO R 525 -60.79 34.59 -25.45
C PRO R 525 -60.80 33.07 -25.39
N THR R 526 -61.46 32.50 -24.38
CA THR R 526 -61.54 31.05 -24.23
C THR R 526 -62.45 30.45 -25.29
N VAL R 527 -63.61 31.08 -25.53
CA VAL R 527 -64.57 30.50 -26.46
C VAL R 527 -64.07 30.63 -27.90
N LEU R 528 -63.46 31.77 -28.22
CA LEU R 528 -63.00 32.04 -29.59
C LEU R 528 -61.89 31.11 -30.03
N ARG R 529 -60.96 30.78 -29.13
CA ARG R 529 -59.86 29.86 -29.49
C ARG R 529 -60.40 28.48 -29.82
N MET R 530 -61.45 28.05 -29.12
CA MET R 530 -62.05 26.74 -29.32
C MET R 530 -62.69 26.57 -30.70
N ALA R 531 -62.89 27.65 -31.44
CA ALA R 531 -63.53 27.59 -32.75
C ALA R 531 -62.69 26.89 -33.81
N GLY R 532 -61.36 26.80 -33.62
CA GLY R 532 -60.53 26.15 -34.61
C GLY R 532 -60.28 24.68 -34.39
N ASP R 533 -61.03 24.06 -33.49
CA ASP R 533 -60.83 22.66 -33.13
C ASP R 533 -61.16 21.76 -34.33
N PRO R 534 -60.38 20.71 -34.56
CA PRO R 534 -60.69 19.80 -35.69
C PRO R 534 -62.03 19.08 -35.58
N VAL R 535 -62.52 18.79 -34.38
CA VAL R 535 -63.75 18.02 -34.24
C VAL R 535 -64.94 18.93 -34.53
N ALA R 536 -65.79 18.50 -35.47
CA ALA R 536 -66.94 19.30 -35.91
C ALA R 536 -67.93 19.54 -34.78
N ASN R 537 -68.06 18.57 -33.87
CA ASN R 537 -68.89 18.71 -32.68
C ASN R 537 -68.53 19.98 -31.92
N VAL R 538 -67.23 20.19 -31.75
CA VAL R 538 -66.75 21.35 -31.01
C VAL R 538 -67.15 22.63 -31.73
N ARG R 539 -67.01 22.66 -33.05
CA ARG R 539 -67.29 23.88 -33.82
C ARG R 539 -68.76 24.25 -33.75
N PHE R 540 -69.65 23.27 -33.96
CA PHE R 540 -71.07 23.62 -33.92
C PHE R 540 -71.53 23.93 -32.50
N ASN R 541 -70.92 23.31 -31.49
CA ASN R 541 -71.23 23.70 -30.12
C ASN R 541 -70.75 25.12 -29.81
N VAL R 542 -69.61 25.52 -30.38
CA VAL R 542 -69.14 26.91 -30.24
C VAL R 542 -70.14 27.87 -30.87
N ALA R 543 -70.63 27.52 -32.07
CA ALA R 543 -71.63 28.35 -32.74
C ALA R 543 -72.89 28.48 -31.89
N LYS R 544 -73.35 27.37 -31.34
CA LYS R 544 -74.54 27.38 -30.50
C LYS R 544 -74.31 28.22 -29.24
N SER R 545 -73.12 28.10 -28.64
CA SER R 545 -72.79 28.86 -27.45
C SER R 545 -72.77 30.36 -27.73
N LEU R 546 -72.20 30.77 -28.87
CA LEU R 546 -72.19 32.17 -29.24
C LEU R 546 -73.61 32.67 -29.49
N GLN R 547 -74.45 31.84 -30.11
CA GLN R 547 -75.85 32.21 -30.30
C GLN R 547 -76.56 32.42 -28.96
N LYS R 548 -76.30 31.54 -27.99
CA LYS R 548 -76.99 31.60 -26.71
C LYS R 548 -76.52 32.78 -25.87
N ILE R 549 -75.21 32.98 -25.75
CA ILE R 549 -74.67 34.01 -24.88
C ILE R 549 -74.51 35.33 -25.63
N GLY R 550 -75.03 35.40 -26.85
CA GLY R 550 -75.03 36.60 -27.66
C GLY R 550 -75.59 37.85 -27.01
N PRO R 551 -76.89 37.88 -26.70
CA PRO R 551 -77.50 39.14 -26.20
C PRO R 551 -76.98 39.61 -24.85
N ILE R 552 -76.31 38.74 -24.09
CA ILE R 552 -75.96 39.03 -22.69
C ILE R 552 -74.66 39.81 -22.56
N LEU R 553 -73.86 39.92 -23.62
CA LEU R 553 -72.56 40.57 -23.55
C LEU R 553 -72.59 41.92 -24.27
N ASP R 554 -71.46 42.61 -24.26
CA ASP R 554 -71.37 43.95 -24.82
C ASP R 554 -71.47 43.88 -26.35
N ASN R 555 -71.91 45.00 -26.95
CA ASN R 555 -72.30 45.02 -28.36
C ASN R 555 -71.11 45.17 -29.30
N SER R 556 -70.18 46.08 -28.99
CA SER R 556 -69.00 46.26 -29.83
C SER R 556 -68.19 44.98 -29.90
N THR R 557 -67.95 44.36 -28.75
CA THR R 557 -67.27 43.07 -28.71
C THR R 557 -68.07 42.01 -29.45
N LEU R 558 -69.41 42.02 -29.27
CA LEU R 558 -70.30 41.11 -29.98
C LEU R 558 -70.02 41.12 -31.48
N GLN R 559 -70.18 42.29 -32.10
CA GLN R 559 -69.90 42.43 -33.53
C GLN R 559 -68.48 41.98 -33.85
N SER R 560 -67.49 42.72 -33.30
CA SER R 560 -66.10 42.60 -33.77
C SER R 560 -65.53 41.20 -33.58
N GLU R 561 -65.91 40.50 -32.50
CA GLU R 561 -65.39 39.16 -32.26
C GLU R 561 -66.27 38.08 -32.86
N VAL R 562 -67.58 38.09 -32.56
CA VAL R 562 -68.44 36.97 -32.92
C VAL R 562 -68.67 36.91 -34.43
N LYS R 563 -68.89 38.07 -35.08
CA LYS R 563 -69.31 38.04 -36.49
C LYS R 563 -68.28 37.41 -37.44
N PRO R 564 -66.96 37.73 -37.38
CA PRO R 564 -66.01 37.06 -38.30
C PRO R 564 -65.94 35.56 -38.13
N ILE R 565 -65.90 35.06 -36.89
CA ILE R 565 -65.73 33.62 -36.69
C ILE R 565 -67.02 32.88 -37.09
N LEU R 566 -68.18 33.47 -36.86
CA LEU R 566 -69.41 32.86 -37.35
C LEU R 566 -69.45 32.85 -38.87
N GLU R 567 -68.93 33.91 -39.50
CA GLU R 567 -68.80 33.90 -40.96
C GLU R 567 -67.88 32.78 -41.41
N LYS R 568 -66.79 32.56 -40.68
CA LYS R 568 -65.88 31.46 -40.96
C LYS R 568 -66.59 30.10 -40.84
N LEU R 569 -67.40 29.94 -39.78
CA LEU R 569 -68.09 28.68 -39.55
C LEU R 569 -69.17 28.42 -40.58
N THR R 570 -69.77 29.48 -41.15
CA THR R 570 -70.81 29.28 -42.16
C THR R 570 -70.28 28.56 -43.40
N GLN R 571 -69.05 28.88 -43.80
CA GLN R 571 -68.42 28.23 -44.94
C GLN R 571 -67.66 26.94 -44.57
N ASP R 572 -67.68 26.54 -43.31
CA ASP R 572 -67.05 25.28 -42.89
C ASP R 572 -67.75 24.12 -43.57
N GLN R 573 -66.98 23.07 -43.90
CA GLN R 573 -67.50 22.01 -44.76
C GLN R 573 -68.64 21.22 -44.11
N ASP R 574 -68.58 20.98 -42.80
CA ASP R 574 -69.57 20.12 -42.16
C ASP R 574 -70.95 20.78 -42.14
N VAL R 575 -71.98 19.97 -42.42
CA VAL R 575 -73.33 20.48 -42.63
C VAL R 575 -73.90 21.09 -41.34
N ASP R 576 -73.72 20.40 -40.22
CA ASP R 576 -74.27 20.86 -38.94
C ASP R 576 -73.65 22.19 -38.53
N VAL R 577 -72.34 22.35 -38.74
CA VAL R 577 -71.66 23.61 -38.44
C VAL R 577 -72.26 24.73 -39.28
N LYS R 578 -72.50 24.45 -40.57
CA LYS R 578 -73.15 25.41 -41.46
C LYS R 578 -74.50 25.84 -40.91
N TYR R 579 -75.35 24.87 -40.56
CA TYR R 579 -76.71 25.17 -40.12
C TYR R 579 -76.70 26.00 -38.84
N PHE R 580 -75.87 25.60 -37.86
CA PHE R 580 -75.87 26.30 -36.59
C PHE R 580 -75.25 27.69 -36.70
N ALA R 581 -74.21 27.84 -37.54
CA ALA R 581 -73.65 29.16 -37.77
C ALA R 581 -74.65 30.08 -38.45
N GLN R 582 -75.39 29.57 -39.45
CA GLN R 582 -76.43 30.37 -40.10
C GLN R 582 -77.51 30.77 -39.10
N GLU R 583 -77.93 29.82 -38.24
CA GLU R 583 -78.93 30.12 -37.22
C GLU R 583 -78.43 31.19 -36.25
N ALA R 584 -77.17 31.10 -35.85
CA ALA R 584 -76.59 32.10 -34.94
C ALA R 584 -76.57 33.47 -35.59
N LEU R 585 -76.16 33.54 -36.87
CA LEU R 585 -76.15 34.82 -37.58
C LEU R 585 -77.55 35.42 -37.68
N THR R 586 -78.55 34.58 -37.99
CA THR R 586 -79.92 35.08 -38.05
C THR R 586 -80.39 35.58 -36.69
N VAL R 587 -80.03 34.87 -35.61
CA VAL R 587 -80.43 35.29 -34.27
C VAL R 587 -79.81 36.63 -33.92
N LEU R 588 -78.52 36.78 -34.19
CA LEU R 588 -77.83 38.04 -33.87
C LEU R 588 -78.37 39.20 -34.69
N SER R 589 -78.63 38.97 -35.99
CA SER R 589 -79.14 39.95 -36.95
C SER R 589 -78.23 41.17 -37.06
N PHE S 8 -87.32 23.62 -43.76
CA PHE S 8 -87.90 22.30 -44.01
C PHE S 8 -87.32 21.27 -43.07
N THR S 9 -86.94 21.70 -41.87
CA THR S 9 -86.37 20.81 -40.86
C THR S 9 -86.96 20.99 -39.47
N LYS S 10 -87.75 22.05 -39.23
CA LYS S 10 -88.36 22.26 -37.92
C LYS S 10 -89.31 21.12 -37.55
N GLU S 11 -90.03 20.59 -38.54
CA GLU S 11 -90.90 19.44 -38.30
C GLU S 11 -90.09 18.24 -37.82
N LEU S 12 -88.87 18.06 -38.33
CA LEU S 12 -88.05 16.93 -37.93
C LEU S 12 -87.56 17.08 -36.49
N ASP S 13 -87.17 18.29 -36.09
CA ASP S 13 -86.83 18.53 -34.69
C ASP S 13 -88.03 18.32 -33.79
N GLN S 14 -89.22 18.73 -34.25
CA GLN S 14 -90.45 18.50 -33.49
C GLN S 14 -90.71 17.00 -33.33
N TRP S 15 -90.46 16.22 -34.39
CA TRP S 15 -90.60 14.77 -34.31
C TRP S 15 -89.62 14.17 -33.31
N ILE S 16 -88.37 14.65 -33.33
CA ILE S 16 -87.36 14.16 -32.39
C ILE S 16 -87.78 14.47 -30.94
N GLU S 17 -88.26 15.70 -30.70
CA GLU S 17 -88.76 16.07 -29.38
C GLU S 17 -89.95 15.20 -28.97
N GLN S 18 -90.87 14.96 -29.91
CA GLN S 18 -92.03 14.12 -29.65
C GLN S 18 -91.62 12.69 -29.34
N LEU S 19 -90.66 12.16 -30.09
CA LEU S 19 -90.23 10.77 -29.90
C LEU S 19 -89.52 10.58 -28.57
N ASN S 20 -88.78 11.60 -28.10
CA ASN S 20 -88.12 11.52 -26.80
C ASN S 20 -89.11 11.35 -25.64
N GLU S 21 -90.36 11.75 -25.83
CA GLU S 21 -91.42 11.51 -24.87
C GLU S 21 -92.16 10.20 -25.12
N CYS S 22 -91.68 9.40 -26.08
CA CYS S 22 -92.22 8.07 -26.42
C CYS S 22 -93.64 8.20 -26.98
N LYS S 23 -93.79 9.04 -28.00
CA LYS S 23 -95.05 9.20 -28.73
C LYS S 23 -94.80 8.92 -30.21
N GLN S 24 -95.35 7.81 -30.70
CA GLN S 24 -95.12 7.38 -32.07
C GLN S 24 -95.70 8.37 -33.07
N LEU S 25 -95.06 8.43 -34.24
CA LEU S 25 -95.53 9.29 -35.32
C LEU S 25 -96.67 8.61 -36.08
N SER S 26 -97.37 9.40 -36.89
CA SER S 26 -98.42 8.88 -37.74
C SER S 26 -97.83 8.20 -38.96
N GLU S 27 -98.68 7.47 -39.70
CA GLU S 27 -98.22 6.67 -40.83
C GLU S 27 -97.59 7.54 -41.92
N SER S 28 -98.21 8.68 -42.22
CA SER S 28 -97.65 9.59 -43.23
C SER S 28 -96.28 10.11 -42.81
N GLN S 29 -96.14 10.45 -41.52
CA GLN S 29 -94.85 10.90 -40.99
C GLN S 29 -93.79 9.82 -41.14
N VAL S 30 -94.14 8.57 -40.83
CA VAL S 30 -93.20 7.46 -40.96
C VAL S 30 -92.83 7.25 -42.42
N LYS S 31 -93.80 7.41 -43.33
CA LYS S 31 -93.52 7.27 -44.76
C LYS S 31 -92.53 8.32 -45.23
N SER S 32 -92.76 9.57 -44.84
CA SER S 32 -91.83 10.65 -45.21
C SER S 32 -90.44 10.42 -44.60
N LEU S 33 -90.40 9.96 -43.35
CA LEU S 33 -89.13 9.69 -42.68
C LEU S 33 -88.37 8.57 -43.39
N CYS S 34 -89.07 7.50 -43.76
CA CYS S 34 -88.43 6.39 -44.47
C CYS S 34 -87.94 6.84 -45.84
N GLU S 35 -88.71 7.69 -46.53
CA GLU S 35 -88.27 8.23 -47.82
C GLU S 35 -86.97 9.02 -47.66
N LYS S 36 -86.94 9.93 -46.67
CA LYS S 36 -85.74 10.73 -46.44
C LYS S 36 -84.55 9.85 -46.07
N ALA S 37 -84.77 8.85 -45.20
CA ALA S 37 -83.70 7.97 -44.78
C ALA S 37 -83.15 7.16 -45.95
N LYS S 38 -84.04 6.64 -46.80
CA LYS S 38 -83.60 5.94 -48.01
C LYS S 38 -82.77 6.85 -48.90
N GLU S 39 -83.22 8.09 -49.09
CA GLU S 39 -82.43 9.03 -49.89
C GLU S 39 -81.12 9.42 -49.21
N ILE S 40 -80.97 9.16 -47.91
CA ILE S 40 -79.73 9.42 -47.21
C ILE S 40 -78.83 8.19 -47.16
N LEU S 41 -79.41 7.00 -46.92
CA LEU S 41 -78.59 5.80 -46.73
C LEU S 41 -77.99 5.29 -48.03
N THR S 42 -78.62 5.58 -49.18
CA THR S 42 -78.08 5.11 -50.46
C THR S 42 -76.68 5.65 -50.75
N LYS S 43 -76.34 6.80 -50.17
CA LYS S 43 -75.03 7.40 -50.38
C LYS S 43 -73.99 6.91 -49.37
N GLU S 44 -74.23 5.76 -48.75
CA GLU S 44 -73.32 5.20 -47.76
C GLU S 44 -72.83 3.84 -48.22
N SER S 45 -71.51 3.66 -48.17
CA SER S 45 -70.91 2.38 -48.53
C SER S 45 -71.22 1.32 -47.48
N ASN S 46 -71.03 0.06 -47.86
CA ASN S 46 -71.24 -1.05 -46.92
C ASN S 46 -70.27 -0.96 -45.75
N VAL S 47 -69.08 -0.40 -45.97
CA VAL S 47 -68.14 -0.12 -44.89
C VAL S 47 -68.15 1.39 -44.69
N GLN S 48 -69.00 1.86 -43.77
CA GLN S 48 -69.17 3.29 -43.57
C GLN S 48 -68.00 3.83 -42.76
N GLU S 49 -67.23 4.75 -43.37
CA GLU S 49 -66.15 5.40 -42.65
C GLU S 49 -66.73 6.33 -41.58
N VAL S 50 -66.13 6.28 -40.39
CA VAL S 50 -66.59 7.07 -39.26
C VAL S 50 -65.38 7.75 -38.66
N ARG S 51 -65.52 9.04 -38.36
CA ARG S 51 -64.45 9.78 -37.70
C ARG S 51 -64.24 9.25 -36.29
N CYS S 52 -63.01 9.43 -35.79
CA CYS S 52 -62.62 8.78 -34.54
C CYS S 52 -63.46 9.13 -33.30
N PRO S 53 -63.88 10.42 -33.02
CA PRO S 53 -64.64 10.63 -31.78
C PRO S 53 -66.09 10.15 -31.96
N VAL S 54 -66.42 9.03 -31.33
CA VAL S 54 -67.74 8.42 -31.49
C VAL S 54 -67.95 7.49 -30.31
N THR S 55 -69.20 7.42 -29.84
CA THR S 55 -69.61 6.51 -28.78
C THR S 55 -70.26 5.29 -29.42
N VAL S 56 -69.55 4.16 -29.38
CA VAL S 56 -70.06 2.92 -29.96
C VAL S 56 -71.03 2.27 -28.98
N CYS S 57 -72.23 1.94 -29.48
CA CYS S 57 -73.28 1.33 -28.68
C CYS S 57 -73.75 0.04 -29.35
N GLY S 58 -73.99 -0.97 -28.53
CA GLY S 58 -74.43 -2.25 -29.06
C GLY S 58 -75.92 -2.34 -29.30
N ASP S 59 -76.52 -3.47 -28.92
CA ASP S 59 -77.93 -3.71 -29.17
C ASP S 59 -78.81 -2.86 -28.26
N VAL S 60 -79.98 -2.49 -28.77
CA VAL S 60 -81.01 -1.82 -27.99
C VAL S 60 -82.27 -2.67 -27.87
N HIS S 61 -82.67 -3.33 -28.97
CA HIS S 61 -83.79 -4.27 -29.01
C HIS S 61 -85.08 -3.63 -28.50
N GLY S 62 -85.29 -2.37 -28.88
CA GLY S 62 -86.56 -1.70 -28.64
C GLY S 62 -86.82 -1.33 -27.21
N GLN S 63 -85.86 -1.53 -26.31
CA GLN S 63 -86.00 -1.12 -24.92
C GLN S 63 -85.77 0.39 -24.86
N PHE S 64 -86.86 1.13 -25.13
CA PHE S 64 -86.76 2.56 -25.39
C PHE S 64 -86.29 3.34 -24.17
N HIS S 65 -86.86 3.05 -22.99
CA HIS S 65 -86.45 3.74 -21.78
C HIS S 65 -84.97 3.49 -21.49
N ASP S 66 -84.50 2.29 -21.81
CA ASP S 66 -83.07 2.00 -21.70
C ASP S 66 -82.26 2.76 -22.75
N LEU S 67 -82.84 3.02 -23.92
CA LEU S 67 -82.16 3.86 -24.89
C LEU S 67 -82.03 5.29 -24.38
N MET S 68 -83.06 5.80 -23.71
CA MET S 68 -82.99 7.11 -23.09
C MET S 68 -81.97 7.12 -21.95
N GLU S 69 -81.89 6.02 -21.21
CA GLU S 69 -80.83 5.84 -20.21
C GLU S 69 -79.46 5.95 -20.86
N LEU S 70 -79.29 5.28 -22.01
CA LEU S 70 -78.03 5.32 -22.75
C LEU S 70 -77.71 6.76 -23.18
N PHE S 71 -78.72 7.49 -23.65
CA PHE S 71 -78.50 8.87 -24.05
C PHE S 71 -78.11 9.74 -22.87
N ARG S 72 -78.74 9.54 -21.72
CA ARG S 72 -78.34 10.28 -20.53
C ARG S 72 -76.93 9.93 -20.09
N ILE S 73 -76.50 8.68 -20.34
CA ILE S 73 -75.13 8.28 -20.02
C ILE S 73 -74.13 8.97 -20.94
N GLY S 74 -74.23 8.71 -22.25
CA GLY S 74 -73.28 9.22 -23.22
C GLY S 74 -73.51 10.62 -23.75
N GLY S 75 -74.65 11.22 -23.48
CA GLY S 75 -74.98 12.55 -23.94
C GLY S 75 -76.01 12.51 -25.07
N LYS S 76 -76.56 13.69 -25.33
CA LYS S 76 -77.57 13.85 -26.37
C LYS S 76 -76.91 14.14 -27.70
N SER S 77 -77.34 13.43 -28.74
CA SER S 77 -76.93 13.80 -30.10
C SER S 77 -77.57 15.13 -30.46
N PRO S 78 -76.94 15.92 -31.34
CA PRO S 78 -75.73 15.72 -32.13
C PRO S 78 -74.44 16.06 -31.37
N ASP S 79 -74.56 16.45 -30.10
CA ASP S 79 -73.38 16.80 -29.31
C ASP S 79 -72.47 15.60 -29.07
N THR S 80 -72.98 14.38 -29.20
CA THR S 80 -72.21 13.16 -29.05
C THR S 80 -72.44 12.29 -30.28
N ASN S 81 -71.36 11.93 -30.98
CA ASN S 81 -71.48 11.00 -32.09
C ASN S 81 -71.78 9.60 -31.58
N TYR S 82 -72.64 8.89 -32.30
CA TYR S 82 -73.08 7.57 -31.90
C TYR S 82 -72.92 6.59 -33.06
N LEU S 83 -72.94 5.31 -32.73
CA LEU S 83 -72.80 4.26 -33.74
C LEU S 83 -73.52 3.03 -33.19
N PHE S 84 -74.68 2.73 -33.74
CA PHE S 84 -75.50 1.61 -33.28
C PHE S 84 -75.31 0.42 -34.22
N MET S 85 -74.91 -0.71 -33.66
CA MET S 85 -74.63 -1.92 -34.44
C MET S 85 -75.83 -2.86 -34.44
N GLY S 86 -76.94 -2.36 -34.95
CA GLY S 86 -78.08 -3.19 -35.25
C GLY S 86 -78.93 -3.52 -34.04
N ASP S 87 -79.96 -4.32 -34.31
CA ASP S 87 -80.93 -4.82 -33.33
C ASP S 87 -81.60 -3.66 -32.58
N TYR S 88 -82.35 -2.85 -33.35
CA TYR S 88 -83.17 -1.80 -32.79
C TYR S 88 -84.62 -2.23 -32.64
N VAL S 89 -84.90 -3.51 -32.84
CA VAL S 89 -86.26 -4.04 -32.91
C VAL S 89 -86.29 -5.40 -32.24
N ASN S 90 -87.52 -5.88 -31.98
CA ASN S 90 -87.82 -7.18 -31.38
C ASN S 90 -87.34 -7.29 -29.93
N ARG S 91 -87.90 -8.26 -29.19
CA ARG S 91 -87.53 -8.54 -27.80
C ARG S 91 -87.75 -7.33 -26.88
N GLY S 92 -88.68 -6.46 -27.26
CA GLY S 92 -88.94 -5.25 -26.49
C GLY S 92 -90.33 -4.74 -26.77
N TYR S 93 -90.89 -4.02 -25.80
CA TYR S 93 -92.25 -3.51 -25.90
C TYR S 93 -92.34 -2.16 -26.58
N TYR S 94 -91.21 -1.57 -26.98
CA TYR S 94 -91.20 -0.25 -27.60
C TYR S 94 -90.26 -0.23 -28.80
N SER S 95 -90.33 -1.28 -29.63
CA SER S 95 -89.48 -1.36 -30.82
C SER S 95 -89.75 -0.22 -31.79
N VAL S 96 -91.03 0.08 -32.02
CA VAL S 96 -91.42 1.08 -33.01
C VAL S 96 -90.87 2.46 -32.64
N GLU S 97 -91.05 2.85 -31.37
CA GLU S 97 -90.55 4.15 -30.91
C GLU S 97 -89.03 4.23 -31.03
N THR S 98 -88.34 3.15 -30.63
CA THR S 98 -86.89 3.11 -30.67
C THR S 98 -86.37 3.27 -32.10
N VAL S 99 -86.90 2.47 -33.03
CA VAL S 99 -86.42 2.51 -34.41
C VAL S 99 -86.78 3.84 -35.06
N THR S 100 -87.97 4.38 -34.75
CA THR S 100 -88.36 5.67 -35.31
C THR S 100 -87.45 6.79 -34.82
N LEU S 101 -87.12 6.78 -33.53
CA LEU S 101 -86.21 7.79 -32.98
C LEU S 101 -84.84 7.69 -33.62
N LEU S 102 -84.32 6.46 -33.76
CA LEU S 102 -82.99 6.29 -34.36
C LEU S 102 -82.98 6.74 -35.82
N VAL S 103 -84.03 6.39 -36.58
CA VAL S 103 -84.08 6.79 -37.98
C VAL S 103 -84.23 8.30 -38.11
N ALA S 104 -85.01 8.92 -37.22
CA ALA S 104 -85.16 10.38 -37.25
C ALA S 104 -83.85 11.07 -36.93
N LEU S 105 -83.10 10.55 -35.96
CA LEU S 105 -81.78 11.09 -35.65
C LEU S 105 -80.83 10.91 -36.84
N LYS S 106 -80.92 9.77 -37.53
CA LYS S 106 -80.11 9.54 -38.72
C LYS S 106 -80.44 10.56 -39.80
N VAL S 107 -81.72 10.83 -40.02
CA VAL S 107 -82.11 11.79 -41.06
C VAL S 107 -81.63 13.19 -40.68
N ARG S 108 -81.85 13.59 -39.43
CA ARG S 108 -81.55 14.96 -39.02
C ARG S 108 -80.04 15.22 -38.93
N TYR S 109 -79.28 14.26 -38.40
CA TYR S 109 -77.87 14.45 -38.08
C TYR S 109 -77.02 13.34 -38.70
N ARG S 110 -77.14 13.13 -40.02
CA ARG S 110 -76.50 11.99 -40.70
C ARG S 110 -75.01 11.89 -40.45
N GLU S 111 -74.32 13.02 -40.22
CA GLU S 111 -72.90 12.96 -39.91
C GLU S 111 -72.64 12.55 -38.46
N ARG S 112 -73.58 12.85 -37.57
CA ARG S 112 -73.36 12.65 -36.14
C ARG S 112 -73.91 11.33 -35.60
N ILE S 113 -74.37 10.43 -36.46
CA ILE S 113 -74.89 9.14 -36.01
C ILE S 113 -74.86 8.19 -37.20
N THR S 114 -74.46 6.94 -36.92
CA THR S 114 -74.39 5.89 -37.92
C THR S 114 -75.13 4.68 -37.39
N ILE S 115 -76.02 4.12 -38.20
CA ILE S 115 -76.80 2.95 -37.82
C ILE S 115 -76.49 1.82 -38.79
N LEU S 116 -76.02 0.71 -38.26
CA LEU S 116 -75.65 -0.47 -39.02
C LEU S 116 -76.73 -1.53 -38.95
N ARG S 117 -76.85 -2.31 -40.01
CA ARG S 117 -77.87 -3.36 -40.07
C ARG S 117 -77.57 -4.47 -39.06
N GLY S 118 -78.62 -4.93 -38.38
CA GLY S 118 -78.53 -6.06 -37.48
C GLY S 118 -79.11 -7.33 -38.09
N ASN S 119 -79.00 -8.42 -37.32
CA ASN S 119 -79.57 -9.68 -37.77
C ASN S 119 -81.07 -9.75 -37.57
N HIS S 120 -81.63 -8.88 -36.75
CA HIS S 120 -83.07 -8.74 -36.60
C HIS S 120 -83.66 -7.77 -37.59
N GLU S 121 -82.82 -7.10 -38.39
CA GLU S 121 -83.27 -6.20 -39.44
C GLU S 121 -83.63 -7.00 -40.71
N SER S 122 -84.63 -7.85 -40.57
CA SER S 122 -85.02 -8.78 -41.62
C SER S 122 -86.52 -8.99 -41.53
N ARG S 123 -87.14 -9.27 -42.68
CA ARG S 123 -88.59 -9.45 -42.71
C ARG S 123 -89.03 -10.66 -41.90
N GLN S 124 -88.31 -11.79 -42.02
CA GLN S 124 -88.71 -13.01 -41.34
C GLN S 124 -88.58 -12.86 -39.82
N ILE S 125 -87.46 -12.30 -39.37
CA ILE S 125 -87.20 -12.16 -37.95
C ILE S 125 -88.20 -11.21 -37.32
N THR S 126 -88.52 -10.11 -37.99
CA THR S 126 -89.54 -9.19 -37.49
C THR S 126 -90.92 -9.85 -37.47
N GLN S 127 -91.23 -10.67 -38.47
CA GLN S 127 -92.51 -11.37 -38.49
C GLN S 127 -92.64 -12.33 -37.31
N VAL S 128 -91.54 -12.99 -36.95
CA VAL S 128 -91.62 -14.02 -35.90
C VAL S 128 -91.54 -13.39 -34.51
N TYR S 129 -90.57 -12.51 -34.28
CA TYR S 129 -90.19 -12.11 -32.94
C TYR S 129 -90.95 -10.90 -32.41
N GLY S 130 -91.95 -10.42 -33.13
CA GLY S 130 -92.92 -9.50 -32.56
C GLY S 130 -92.77 -8.03 -32.87
N PHE S 131 -91.82 -7.64 -33.73
CA PHE S 131 -91.84 -6.28 -34.24
C PHE S 131 -93.03 -6.07 -35.17
N TYR S 132 -93.33 -7.08 -35.98
CA TYR S 132 -94.52 -7.04 -36.83
C TYR S 132 -95.79 -6.93 -36.01
N ASP S 133 -95.88 -7.72 -34.92
CA ASP S 133 -97.05 -7.65 -34.05
C ASP S 133 -97.16 -6.29 -33.36
N GLU S 134 -96.03 -5.73 -32.93
CA GLU S 134 -96.05 -4.42 -32.30
C GLU S 134 -96.51 -3.35 -33.29
N CYS S 135 -96.01 -3.40 -34.52
CA CYS S 135 -96.48 -2.46 -35.55
C CYS S 135 -97.96 -2.63 -35.81
N LEU S 136 -98.43 -3.89 -35.88
CA LEU S 136 -99.83 -4.19 -36.13
C LEU S 136 -100.71 -3.60 -35.03
N ARG S 137 -100.31 -3.78 -33.77
CA ARG S 137 -101.09 -3.23 -32.67
C ARG S 137 -101.08 -1.71 -32.67
N LYS S 138 -99.88 -1.12 -32.74
CA LYS S 138 -99.72 0.32 -32.63
C LYS S 138 -100.21 1.10 -33.85
N TYR S 139 -100.49 0.43 -34.97
CA TYR S 139 -100.97 1.14 -36.15
C TYR S 139 -102.14 0.49 -36.87
N GLY S 140 -102.64 -0.65 -36.39
CA GLY S 140 -103.81 -1.27 -36.98
C GLY S 140 -103.65 -1.80 -38.38
N ASN S 141 -102.41 -1.97 -38.86
CA ASN S 141 -102.10 -2.46 -40.20
C ASN S 141 -100.61 -2.69 -40.30
N ALA S 142 -100.19 -3.30 -41.42
CA ALA S 142 -98.81 -3.66 -41.66
C ALA S 142 -98.05 -2.64 -42.49
N ASN S 143 -98.65 -1.49 -42.80
CA ASN S 143 -98.01 -0.51 -43.69
C ASN S 143 -96.72 0.04 -43.09
N VAL S 144 -96.75 0.39 -41.81
CA VAL S 144 -95.56 0.91 -41.13
C VAL S 144 -94.47 -0.15 -41.06
N TRP S 145 -94.86 -1.42 -40.80
CA TRP S 145 -93.88 -2.50 -40.79
C TRP S 145 -93.24 -2.67 -42.15
N LYS S 146 -94.06 -2.58 -43.21
CA LYS S 146 -93.51 -2.66 -44.57
C LYS S 146 -92.54 -1.53 -44.84
N TYR S 147 -92.89 -0.30 -44.44
CA TYR S 147 -92.01 0.85 -44.67
C TYR S 147 -90.68 0.67 -43.94
N PHE S 148 -90.73 0.19 -42.69
CA PHE S 148 -89.49 0.04 -41.93
C PHE S 148 -88.64 -1.10 -42.47
N THR S 149 -89.25 -2.25 -42.75
CA THR S 149 -88.48 -3.37 -43.30
C THR S 149 -87.91 -3.08 -44.68
N ASP S 150 -88.55 -2.21 -45.46
CA ASP S 150 -87.93 -1.75 -46.69
C ASP S 150 -86.69 -0.92 -46.40
N LEU S 151 -86.74 -0.09 -45.36
CA LEU S 151 -85.60 0.73 -44.98
C LEU S 151 -84.41 -0.11 -44.50
N PHE S 152 -84.69 -1.24 -43.83
CA PHE S 152 -83.63 -2.06 -43.25
C PHE S 152 -82.69 -2.62 -44.31
N ASP S 153 -83.16 -2.75 -45.56
CA ASP S 153 -82.30 -3.22 -46.64
C ASP S 153 -81.17 -2.23 -46.94
N TYR S 154 -81.36 -0.96 -46.60
CA TYR S 154 -80.41 0.10 -46.97
C TYR S 154 -79.39 0.38 -45.88
N LEU S 155 -79.55 -0.22 -44.70
CA LEU S 155 -78.63 0.04 -43.60
C LEU S 155 -77.26 -0.56 -43.91
N PRO S 156 -76.17 0.17 -43.68
CA PRO S 156 -74.84 -0.38 -43.98
C PRO S 156 -74.54 -1.62 -43.15
N LEU S 157 -73.83 -2.56 -43.77
CA LEU S 157 -73.51 -3.81 -43.08
C LEU S 157 -72.54 -3.59 -41.92
N THR S 158 -71.53 -2.74 -42.12
CA THR S 158 -70.47 -2.55 -41.13
C THR S 158 -70.09 -1.07 -41.09
N ALA S 159 -69.08 -0.77 -40.27
CA ALA S 159 -68.50 0.56 -40.17
C ALA S 159 -66.99 0.42 -40.02
N LEU S 160 -66.29 1.55 -39.97
CA LEU S 160 -64.84 1.53 -39.85
C LEU S 160 -64.40 2.83 -39.18
N VAL S 161 -64.07 2.76 -37.90
CA VAL S 161 -63.72 3.96 -37.12
C VAL S 161 -62.22 4.20 -37.27
N ASP S 162 -61.87 5.29 -37.93
CA ASP S 162 -60.49 5.78 -38.09
C ASP S 162 -59.58 4.74 -38.76
N GLY S 163 -60.14 3.82 -39.53
CA GLY S 163 -59.35 2.81 -40.22
C GLY S 163 -58.74 1.75 -39.32
N GLN S 164 -59.07 1.75 -38.03
CA GLN S 164 -58.55 0.79 -37.07
C GLN S 164 -59.65 -0.07 -36.46
N ILE S 165 -60.69 0.56 -35.92
CA ILE S 165 -61.77 -0.16 -35.26
C ILE S 165 -62.80 -0.56 -36.30
N PHE S 166 -63.12 -1.84 -36.35
CA PHE S 166 -64.06 -2.39 -37.31
C PHE S 166 -65.33 -2.77 -36.56
N CYS S 167 -66.41 -2.02 -36.77
CA CYS S 167 -67.66 -2.22 -36.05
C CYS S 167 -68.65 -2.94 -36.96
N LEU S 168 -69.13 -4.09 -36.51
CA LEU S 168 -70.17 -4.83 -37.22
C LEU S 168 -71.00 -5.56 -36.19
N HIS S 169 -72.27 -5.80 -36.54
CA HIS S 169 -73.19 -6.45 -35.59
C HIS S 169 -72.72 -7.85 -35.24
N GLY S 170 -72.48 -8.68 -36.25
CA GLY S 170 -72.14 -10.07 -36.05
C GLY S 170 -70.64 -10.32 -36.06
N GLY S 171 -70.25 -11.50 -36.56
CA GLY S 171 -68.87 -11.90 -36.62
C GLY S 171 -68.31 -11.87 -38.02
N LEU S 172 -67.27 -12.68 -38.23
CA LEU S 172 -66.63 -12.81 -39.53
C LEU S 172 -67.25 -13.96 -40.32
N SER S 173 -66.79 -14.13 -41.56
CA SER S 173 -67.27 -15.17 -42.45
C SER S 173 -66.09 -15.90 -43.07
N PRO S 174 -66.21 -17.21 -43.31
CA PRO S 174 -65.14 -17.94 -44.00
C PRO S 174 -64.86 -17.42 -45.41
N SER S 175 -65.87 -16.93 -46.11
CA SER S 175 -65.68 -16.40 -47.45
C SER S 175 -65.27 -14.93 -47.46
N ILE S 176 -65.30 -14.25 -46.32
CA ILE S 176 -64.90 -12.85 -46.22
C ILE S 176 -63.59 -12.76 -45.46
N ASP S 177 -62.56 -12.21 -46.11
CA ASP S 177 -61.30 -11.96 -45.43
C ASP S 177 -60.69 -10.62 -45.84
N THR S 178 -61.49 -9.72 -46.40
CA THR S 178 -61.02 -8.40 -46.81
C THR S 178 -62.18 -7.42 -46.72
N LEU S 179 -61.87 -6.19 -46.30
CA LEU S 179 -62.86 -5.12 -46.28
C LEU S 179 -63.37 -4.79 -47.68
N ASP S 180 -62.54 -5.01 -48.70
CA ASP S 180 -62.97 -4.77 -50.08
C ASP S 180 -64.10 -5.72 -50.46
N HIS S 181 -64.06 -6.95 -49.95
CA HIS S 181 -65.15 -7.89 -50.19
C HIS S 181 -66.46 -7.39 -49.59
N ILE S 182 -66.39 -6.86 -48.36
CA ILE S 182 -67.59 -6.32 -47.71
C ILE S 182 -68.10 -5.12 -48.49
N ARG S 183 -67.20 -4.24 -48.95
CA ARG S 183 -67.60 -3.09 -49.76
C ARG S 183 -68.26 -3.51 -51.07
N ALA S 184 -67.89 -4.66 -51.60
CA ALA S 184 -68.41 -5.14 -52.87
C ALA S 184 -69.73 -5.89 -52.74
N LEU S 185 -70.25 -6.06 -51.53
CA LEU S 185 -71.51 -6.77 -51.38
C LEU S 185 -72.69 -5.90 -51.82
N ASP S 186 -73.79 -6.57 -52.15
CA ASP S 186 -75.04 -5.92 -52.51
C ASP S 186 -75.94 -6.03 -51.29
N ARG S 187 -75.90 -5.02 -50.43
CA ARG S 187 -76.61 -5.08 -49.17
C ARG S 187 -78.12 -4.87 -49.32
N LEU S 188 -78.56 -4.25 -50.41
CA LEU S 188 -79.98 -3.91 -50.60
C LEU S 188 -80.76 -5.18 -50.95
N GLN S 189 -80.99 -6.01 -49.93
CA GLN S 189 -81.74 -7.25 -50.08
C GLN S 189 -82.00 -7.83 -48.70
N GLU S 190 -82.89 -8.82 -48.67
CA GLU S 190 -83.17 -9.57 -47.46
C GLU S 190 -81.92 -10.31 -47.01
N VAL S 191 -81.77 -10.49 -45.69
CA VAL S 191 -80.67 -11.27 -45.14
C VAL S 191 -80.86 -12.72 -45.58
N PRO S 192 -79.92 -13.30 -46.33
CA PRO S 192 -80.12 -14.69 -46.78
C PRO S 192 -79.98 -15.71 -45.67
N HIS S 193 -80.17 -16.98 -46.02
CA HIS S 193 -79.99 -18.07 -45.06
C HIS S 193 -78.55 -18.57 -45.01
N GLU S 194 -77.66 -17.98 -45.81
CA GLU S 194 -76.25 -18.34 -45.88
C GLU S 194 -75.54 -17.26 -46.71
N GLY S 195 -74.25 -17.46 -46.93
CA GLY S 195 -73.49 -16.55 -47.75
C GLY S 195 -72.80 -15.47 -46.93
N PRO S 196 -72.18 -14.50 -47.61
CA PRO S 196 -71.36 -13.49 -46.93
C PRO S 196 -72.07 -12.67 -45.87
N MET S 197 -73.13 -11.94 -46.25
CA MET S 197 -73.72 -10.99 -45.32
C MET S 197 -74.49 -11.69 -44.20
N CYS S 198 -75.08 -12.87 -44.47
CA CYS S 198 -75.74 -13.64 -43.43
C CYS S 198 -74.76 -14.00 -42.31
N ASP S 199 -73.59 -14.52 -42.69
CA ASP S 199 -72.56 -14.81 -41.69
C ASP S 199 -72.07 -13.52 -41.05
N LEU S 200 -71.95 -12.45 -41.84
CA LEU S 200 -71.47 -11.17 -41.32
C LEU S 200 -72.37 -10.64 -40.22
N LEU S 201 -73.67 -10.91 -40.31
CA LEU S 201 -74.64 -10.45 -39.31
C LEU S 201 -74.95 -11.47 -38.22
N TRP S 202 -74.65 -12.75 -38.43
CA TRP S 202 -75.06 -13.79 -37.49
C TRP S 202 -73.92 -14.49 -36.76
N SER S 203 -72.67 -14.28 -37.15
CA SER S 203 -71.57 -15.03 -36.57
C SER S 203 -71.13 -14.47 -35.22
N ASP S 204 -70.55 -15.34 -34.41
CA ASP S 204 -70.07 -15.04 -33.07
C ASP S 204 -68.63 -15.51 -32.94
N PRO S 205 -67.86 -14.95 -32.01
CA PRO S 205 -66.58 -15.54 -31.65
C PRO S 205 -66.77 -16.70 -30.69
N ASP S 206 -65.66 -17.39 -30.41
CA ASP S 206 -65.69 -18.53 -29.50
C ASP S 206 -64.26 -18.84 -29.10
N ASP S 207 -64.11 -19.47 -27.93
CA ASP S 207 -62.85 -20.03 -27.49
C ASP S 207 -62.62 -21.32 -28.28
N ARG S 208 -62.10 -21.16 -29.49
CA ARG S 208 -62.13 -22.20 -30.49
C ARG S 208 -60.88 -22.07 -31.35
N GLY S 209 -60.55 -23.13 -32.07
CA GLY S 209 -59.55 -23.06 -33.11
C GLY S 209 -60.17 -23.25 -34.48
N GLY S 210 -60.09 -22.23 -35.33
CA GLY S 210 -60.65 -22.31 -36.65
C GLY S 210 -62.14 -21.97 -36.68
N TRP S 211 -62.82 -22.48 -37.69
CA TRP S 211 -64.23 -22.20 -37.88
C TRP S 211 -65.09 -23.29 -37.23
N GLY S 212 -66.40 -23.04 -37.23
CA GLY S 212 -67.35 -23.97 -36.66
C GLY S 212 -68.79 -23.55 -36.89
N ILE S 213 -69.68 -24.53 -37.05
CA ILE S 213 -71.10 -24.24 -37.24
C ILE S 213 -71.68 -23.61 -35.97
N SER S 214 -72.38 -22.50 -36.15
CA SER S 214 -72.90 -21.74 -35.03
C SER S 214 -74.03 -22.52 -34.34
N PRO S 215 -74.19 -22.35 -33.02
CA PRO S 215 -75.37 -22.93 -32.35
C PRO S 215 -76.69 -22.38 -32.88
N ARG S 216 -76.70 -21.15 -33.36
CA ARG S 216 -77.85 -20.58 -34.05
C ARG S 216 -78.07 -21.31 -35.38
N GLY S 217 -79.16 -20.93 -36.07
CA GLY S 217 -79.46 -21.53 -37.34
C GLY S 217 -78.67 -20.99 -38.51
N ALA S 218 -77.79 -20.03 -38.27
CA ALA S 218 -77.04 -19.39 -39.34
C ALA S 218 -75.73 -18.86 -38.78
N GLY S 219 -74.81 -18.55 -39.69
CA GLY S 219 -73.52 -18.03 -39.31
C GLY S 219 -72.52 -19.11 -38.91
N TYR S 220 -71.37 -18.63 -38.43
CA TYR S 220 -70.27 -19.48 -38.03
C TYR S 220 -69.69 -19.00 -36.70
N THR S 221 -68.91 -19.86 -36.06
CA THR S 221 -68.16 -19.50 -34.86
C THR S 221 -66.69 -19.49 -35.21
N PHE S 222 -66.02 -18.37 -34.95
CA PHE S 222 -64.62 -18.19 -35.31
C PHE S 222 -63.75 -18.08 -34.07
N GLY S 223 -62.60 -18.74 -34.12
CA GLY S 223 -61.68 -18.73 -33.01
C GLY S 223 -60.76 -17.53 -33.01
N GLN S 224 -59.82 -17.55 -32.06
CA GLN S 224 -58.90 -16.43 -31.89
C GLN S 224 -57.98 -16.26 -33.09
N ASP S 225 -57.49 -17.38 -33.64
CA ASP S 225 -56.58 -17.33 -34.79
C ASP S 225 -57.25 -16.68 -36.00
N ILE S 226 -58.55 -16.93 -36.19
CA ILE S 226 -59.29 -16.33 -37.29
C ILE S 226 -59.29 -14.81 -37.17
N SER S 227 -59.64 -14.30 -35.99
CA SER S 227 -59.69 -12.86 -35.78
C SER S 227 -58.29 -12.25 -35.88
N GLU S 228 -57.27 -12.98 -35.43
CA GLU S 228 -55.90 -12.50 -35.54
C GLU S 228 -55.49 -12.34 -37.00
N THR S 229 -55.77 -13.37 -37.82
CA THR S 229 -55.42 -13.30 -39.24
C THR S 229 -56.20 -12.20 -39.95
N PHE S 230 -57.50 -12.07 -39.64
CA PHE S 230 -58.30 -11.02 -40.25
C PHE S 230 -57.76 -9.64 -39.90
N ASN S 231 -57.47 -9.42 -38.61
CA ASN S 231 -56.95 -8.14 -38.14
C ASN S 231 -55.61 -7.81 -38.79
N HIS S 232 -54.71 -8.80 -38.85
CA HIS S 232 -53.40 -8.55 -39.44
C HIS S 232 -53.50 -8.27 -40.93
N ALA S 233 -54.35 -9.02 -41.63
CA ALA S 233 -54.50 -8.84 -43.08
C ALA S 233 -55.10 -7.47 -43.40
N ASN S 234 -56.08 -7.04 -42.62
CA ASN S 234 -56.81 -5.82 -42.91
C ASN S 234 -56.28 -4.60 -42.17
N GLY S 235 -55.20 -4.75 -41.40
CA GLY S 235 -54.67 -3.63 -40.65
C GLY S 235 -55.62 -3.08 -39.61
N LEU S 236 -56.41 -3.96 -38.99
CA LEU S 236 -57.35 -3.57 -37.95
C LEU S 236 -56.80 -3.95 -36.58
N THR S 237 -56.95 -3.03 -35.62
CA THR S 237 -56.54 -3.30 -34.26
C THR S 237 -57.62 -3.99 -33.44
N LEU S 238 -58.89 -3.76 -33.76
CA LEU S 238 -59.99 -4.27 -32.95
C LEU S 238 -61.19 -4.53 -33.84
N VAL S 239 -61.99 -5.51 -33.47
CA VAL S 239 -63.23 -5.85 -34.16
C VAL S 239 -64.35 -5.72 -33.13
N SER S 240 -64.98 -4.55 -33.10
CA SER S 240 -66.13 -4.34 -32.22
C SER S 240 -67.33 -5.14 -32.71
N ARG S 241 -68.13 -5.63 -31.78
CA ARG S 241 -69.20 -6.56 -32.11
C ARG S 241 -70.29 -6.39 -31.06
N ALA S 242 -71.54 -6.75 -31.42
CA ALA S 242 -72.65 -6.54 -30.51
C ALA S 242 -73.72 -7.64 -30.57
N HIS S 243 -73.42 -8.80 -31.13
CA HIS S 243 -74.47 -9.78 -31.39
C HIS S 243 -74.88 -10.58 -30.16
N GLN S 244 -74.05 -10.62 -29.11
CA GLN S 244 -74.26 -11.55 -28.02
C GLN S 244 -74.46 -10.83 -26.68
N LEU S 245 -75.23 -11.47 -25.81
CA LEU S 245 -75.47 -10.97 -24.46
C LEU S 245 -74.18 -10.99 -23.64
N VAL S 246 -74.05 -10.00 -22.76
CA VAL S 246 -72.89 -9.86 -21.88
C VAL S 246 -73.38 -9.42 -20.50
N MET S 247 -73.20 -10.28 -19.50
CA MET S 247 -73.65 -9.96 -18.15
C MET S 247 -72.92 -8.74 -17.59
N GLU S 248 -71.61 -8.65 -17.83
CA GLU S 248 -70.81 -7.53 -17.36
C GLU S 248 -71.04 -6.25 -18.16
N GLY S 249 -71.77 -6.32 -19.27
CA GLY S 249 -71.99 -5.17 -20.12
C GLY S 249 -71.09 -5.14 -21.34
N TYR S 250 -69.81 -5.48 -21.15
CA TYR S 250 -68.89 -5.63 -22.27
C TYR S 250 -67.90 -6.73 -21.90
N ASN S 251 -67.21 -7.25 -22.91
CA ASN S 251 -66.34 -8.41 -22.69
C ASN S 251 -65.32 -8.49 -23.80
N TRP S 252 -64.04 -8.39 -23.45
CA TRP S 252 -62.98 -8.58 -24.43
C TRP S 252 -62.86 -10.04 -24.81
N CYS S 253 -62.41 -10.29 -26.03
CA CYS S 253 -62.27 -11.65 -26.53
C CYS S 253 -61.00 -11.75 -27.36
N HIS S 254 -60.43 -12.95 -27.40
CA HIS S 254 -59.36 -13.31 -28.33
C HIS S 254 -58.14 -12.40 -28.20
N ASP S 255 -57.66 -12.26 -26.96
CA ASP S 255 -56.49 -11.44 -26.63
C ASP S 255 -56.65 -10.00 -27.11
N ARG S 256 -57.81 -9.40 -26.77
CA ARG S 256 -58.14 -8.00 -27.03
C ARG S 256 -58.23 -7.69 -28.52
N ASN S 257 -58.57 -8.69 -29.33
CA ASN S 257 -58.84 -8.49 -30.75
C ASN S 257 -60.30 -8.24 -31.06
N VAL S 258 -61.21 -8.74 -30.21
CA VAL S 258 -62.66 -8.61 -30.41
C VAL S 258 -63.28 -8.25 -29.07
N VAL S 259 -64.16 -7.24 -29.06
CA VAL S 259 -64.91 -6.86 -27.88
C VAL S 259 -66.39 -6.90 -28.22
N THR S 260 -67.17 -7.60 -27.39
CA THR S 260 -68.61 -7.65 -27.55
C THR S 260 -69.23 -6.58 -26.65
N ILE S 261 -70.02 -5.69 -27.25
CA ILE S 261 -70.66 -4.60 -26.53
C ILE S 261 -72.16 -4.81 -26.56
N PHE S 262 -72.77 -4.89 -25.38
CA PHE S 262 -74.21 -5.00 -25.26
C PHE S 262 -74.74 -3.75 -24.57
N SER S 263 -75.62 -3.01 -25.25
CA SER S 263 -76.10 -1.73 -24.75
C SER S 263 -77.55 -1.80 -24.28
N ALA S 264 -78.07 -3.01 -24.06
CA ALA S 264 -79.43 -3.18 -23.55
C ALA S 264 -79.37 -3.69 -22.12
N PRO S 265 -79.60 -2.84 -21.11
CA PRO S 265 -79.73 -3.35 -19.74
C PRO S 265 -81.00 -4.18 -19.63
N ASN S 266 -80.85 -5.42 -19.17
CA ASN S 266 -81.77 -6.54 -19.38
C ASN S 266 -81.95 -6.86 -20.87
N TYR S 267 -82.50 -8.01 -21.19
CA TYR S 267 -82.65 -8.36 -22.61
C TYR S 267 -84.09 -8.62 -22.99
N CYS S 268 -84.85 -9.27 -22.12
CA CYS S 268 -86.31 -9.35 -22.25
C CYS S 268 -86.95 -8.88 -20.96
N TYR S 269 -86.32 -7.93 -20.28
CA TYR S 269 -86.68 -7.42 -18.95
C TYR S 269 -86.62 -8.50 -17.89
N ARG S 270 -85.86 -9.56 -18.15
CA ARG S 270 -85.72 -10.68 -17.23
C ARG S 270 -84.30 -11.18 -17.05
N CYS S 271 -83.38 -10.95 -17.99
CA CYS S 271 -82.02 -11.48 -17.87
C CYS S 271 -81.21 -10.77 -16.80
N GLY S 272 -81.54 -9.52 -16.47
CA GLY S 272 -80.80 -8.79 -15.46
C GLY S 272 -79.39 -8.40 -15.81
N ASN S 273 -78.98 -8.53 -17.07
CA ASN S 273 -77.61 -8.20 -17.45
C ASN S 273 -77.36 -6.71 -17.40
N GLN S 274 -76.11 -6.35 -17.13
CA GLN S 274 -75.70 -4.96 -17.22
C GLN S 274 -75.50 -4.59 -18.70
N ALA S 275 -75.26 -3.31 -18.94
CA ALA S 275 -75.00 -2.79 -20.28
C ALA S 275 -73.75 -1.95 -20.24
N ALA S 276 -73.22 -1.63 -21.43
CA ALA S 276 -72.02 -0.81 -21.55
C ALA S 276 -71.96 -0.27 -22.96
N ILE S 277 -71.27 0.86 -23.10
CA ILE S 277 -70.99 1.50 -24.39
C ILE S 277 -69.53 1.93 -24.41
N MET S 278 -68.85 1.65 -25.52
CA MET S 278 -67.48 2.13 -25.70
C MET S 278 -67.49 3.59 -26.14
N GLU S 279 -66.53 4.36 -25.65
CA GLU S 279 -66.45 5.79 -25.93
C GLU S 279 -65.06 6.08 -26.50
N LEU S 280 -64.96 6.11 -27.82
CA LEU S 280 -63.70 6.48 -28.47
C LEU S 280 -63.56 8.00 -28.49
N ASP S 281 -62.45 8.50 -27.94
CA ASP S 281 -62.21 9.93 -27.86
C ASP S 281 -61.47 10.38 -29.11
N ASP S 282 -60.90 11.59 -29.06
CA ASP S 282 -60.24 12.19 -30.21
C ASP S 282 -58.95 11.46 -30.63
N THR S 283 -58.43 10.53 -29.80
CA THR S 283 -57.19 9.82 -30.14
C THR S 283 -57.36 8.31 -29.96
N LEU S 284 -58.59 7.82 -30.06
CA LEU S 284 -58.96 6.40 -29.87
C LEU S 284 -58.59 5.86 -28.49
N LYS S 285 -58.42 6.72 -27.49
CA LYS S 285 -58.29 6.27 -26.11
C LYS S 285 -59.64 5.80 -25.61
N TYR S 286 -59.92 4.50 -25.73
CA TYR S 286 -61.24 3.98 -25.47
C TYR S 286 -61.59 4.05 -23.99
N SER S 287 -62.89 3.91 -23.72
CA SER S 287 -63.42 3.87 -22.37
C SER S 287 -64.86 3.34 -22.39
N PHE S 288 -65.14 2.36 -21.54
CA PHE S 288 -66.46 1.73 -21.47
C PHE S 288 -67.23 2.33 -20.31
N LEU S 289 -68.46 2.77 -20.57
CA LEU S 289 -69.32 3.38 -19.56
C LEU S 289 -70.49 2.44 -19.34
N GLN S 290 -70.43 1.66 -18.27
CA GLN S 290 -71.50 0.74 -17.95
C GLN S 290 -72.66 1.47 -17.29
N PHE S 291 -73.86 0.90 -17.42
CA PHE S 291 -75.04 1.46 -16.78
C PHE S 291 -76.07 0.35 -16.56
N ASP S 292 -76.96 0.61 -15.60
CA ASP S 292 -78.05 -0.23 -15.13
C ASP S 292 -79.37 0.23 -15.74
N PRO S 293 -80.39 -0.64 -15.79
CA PRO S 293 -81.68 -0.21 -16.37
C PRO S 293 -82.31 0.94 -15.60
N ALA S 294 -82.90 1.87 -16.34
CA ALA S 294 -83.49 3.06 -15.74
C ALA S 294 -84.72 2.68 -14.90
N PRO S 295 -85.03 3.46 -13.86
CA PRO S 295 -86.24 3.16 -13.07
C PRO S 295 -87.51 3.32 -13.89
N ARG S 296 -88.48 2.46 -13.60
CA ARG S 296 -89.75 2.43 -14.31
C ARG S 296 -90.90 2.61 -13.33
N ARG S 297 -92.08 2.85 -13.88
CA ARG S 297 -93.28 3.04 -13.07
C ARG S 297 -93.86 1.68 -12.65
N ASP T 1 -12.27 44.87 24.39
CA ASP T 1 -13.00 45.81 25.22
C ASP T 1 -12.17 46.15 26.46
N VAL T 2 -12.48 47.28 27.10
CA VAL T 2 -11.74 47.76 28.26
C VAL T 2 -12.73 48.01 29.39
N SER T 3 -12.21 48.05 30.61
CA SER T 3 -13.00 48.27 31.80
C SER T 3 -12.56 49.56 32.49
N VAL T 4 -13.55 50.36 32.91
CA VAL T 4 -13.27 51.66 33.51
C VAL T 4 -12.51 51.51 34.84
N TRP T 5 -12.92 50.58 35.69
CA TRP T 5 -12.29 50.36 36.98
C TRP T 5 -11.95 48.88 37.08
N GLU T 6 -10.70 48.58 37.46
CA GLU T 6 -10.25 47.20 37.50
C GLU T 6 -10.65 46.53 38.82
N GLU T 7 -10.59 47.27 39.92
CA GLU T 7 -10.96 46.77 41.24
C GLU T 7 -12.42 47.04 41.57
N ASN T 8 -13.28 47.19 40.56
CA ASN T 8 -14.70 47.39 40.81
C ASN T 8 -15.34 46.09 41.28
N TRP T 9 -16.11 46.16 42.36
CA TRP T 9 -16.77 44.98 42.92
C TRP T 9 -18.15 44.73 42.33
N GLU T 10 -18.72 45.69 41.60
CA GLU T 10 -20.06 45.55 41.07
C GLU T 10 -20.12 44.68 39.82
N ASP T 11 -18.97 44.28 39.27
CA ASP T 11 -18.92 43.31 38.19
C ASP T 11 -19.53 41.99 38.65
N ASP T 12 -20.69 41.64 38.11
CA ASP T 12 -21.42 40.46 38.56
C ASP T 12 -21.72 39.53 37.39
N ILE T 13 -20.85 39.53 36.37
CA ILE T 13 -20.99 38.58 35.27
C ILE T 13 -20.81 37.15 35.78
N VAL T 14 -19.89 36.95 36.72
CA VAL T 14 -19.66 35.66 37.35
C VAL T 14 -20.17 35.78 38.78
N GLN T 15 -21.24 35.05 39.09
CA GLN T 15 -21.81 35.02 40.43
C GLN T 15 -21.63 33.63 41.02
N ASP T 16 -20.98 33.56 42.18
CA ASP T 16 -20.77 32.30 42.85
C ASP T 16 -22.06 31.82 43.50
N ASP T 17 -22.04 30.56 43.95
CA ASP T 17 -23.24 29.95 44.54
C ASP T 17 -23.71 30.70 45.78
N PHE T 18 -22.77 31.13 46.63
CA PHE T 18 -23.11 31.86 47.85
C PHE T 18 -23.84 33.15 47.50
N ASN T 19 -23.26 33.95 46.62
CA ASN T 19 -23.91 35.19 46.19
C ASN T 19 -25.16 34.91 45.37
N GLN T 20 -25.20 33.82 44.59
CA GLN T 20 -26.42 33.46 43.86
C GLN T 20 -27.59 33.25 44.82
N GLN T 21 -27.39 32.42 45.85
CA GLN T 21 -28.47 32.20 46.81
C GLN T 21 -28.78 33.48 47.58
N LEU T 22 -27.74 34.24 47.96
CA LEU T 22 -27.94 35.47 48.73
C LEU T 22 -28.77 36.50 47.97
N ARG T 23 -28.51 36.67 46.67
CA ARG T 23 -29.33 37.58 45.88
C ARG T 23 -30.77 37.10 45.78
N LEU T 24 -30.96 35.83 45.41
CA LEU T 24 -32.31 35.27 45.30
C LEU T 24 -33.06 35.26 46.63
N GLU T 25 -32.32 35.21 47.75
CA GLU T 25 -32.94 35.11 49.06
C GLU T 25 -33.80 36.34 49.38
N MET T 26 -33.35 37.51 48.99
CA MET T 26 -33.91 38.78 49.43
C MET T 26 -34.10 39.73 48.26
N GLU T 27 -34.67 39.21 47.17
CA GLU T 27 -35.09 40.00 46.01
C GLU T 27 -36.31 39.36 45.36
N SER U 655 90.89 -45.78 10.58
CA SER U 655 90.61 -44.36 10.78
C SER U 655 89.55 -44.16 11.86
N LEU U 656 89.36 -42.91 12.28
CA LEU U 656 88.32 -42.60 13.26
C LEU U 656 86.93 -42.92 12.70
N TRP U 657 86.70 -42.55 11.43
CA TRP U 657 85.42 -42.87 10.79
C TRP U 657 85.22 -44.38 10.74
N SER U 658 86.28 -45.13 10.40
CA SER U 658 86.17 -46.58 10.29
C SER U 658 85.74 -47.19 11.62
N ASN U 659 86.42 -46.77 12.71
CA ASN U 659 86.11 -47.29 14.03
C ASN U 659 84.69 -46.90 14.44
N ARG U 660 84.30 -45.66 14.14
CA ARG U 660 82.99 -45.15 14.51
C ARG U 660 81.90 -45.91 13.77
N ILE U 661 82.11 -46.22 12.50
CA ILE U 661 81.13 -47.01 11.74
C ILE U 661 81.07 -48.43 12.30
N ASN U 662 82.21 -48.99 12.72
CA ASN U 662 82.20 -50.31 13.34
C ASN U 662 81.36 -50.29 14.61
N THR U 663 81.49 -49.23 15.41
CA THR U 663 80.71 -49.11 16.63
C THR U 663 79.22 -49.02 16.27
N ALA U 664 78.89 -48.22 15.24
CA ALA U 664 77.51 -48.10 14.80
C ALA U 664 76.98 -49.42 14.28
N ASN U 665 77.81 -50.14 13.52
CA ASN U 665 77.38 -51.44 12.98
C ASN U 665 77.24 -52.46 14.10
N SER U 666 78.13 -52.38 15.11
CA SER U 666 78.07 -53.30 16.24
C SER U 666 76.74 -53.22 16.98
N ARG U 667 76.06 -52.07 16.90
CA ARG U 667 74.71 -51.90 17.43
C ARG U 667 73.74 -52.60 16.48
N LYS U 668 73.54 -53.90 16.72
CA LYS U 668 72.72 -54.75 15.87
C LYS U 668 71.75 -55.53 16.73
N HIS U 669 70.74 -56.09 16.06
CA HIS U 669 69.65 -56.82 16.71
C HIS U 669 69.18 -57.89 15.74
N GLN U 670 67.98 -58.41 15.96
CA GLN U 670 67.43 -59.48 15.15
C GLN U 670 67.20 -59.03 13.71
N GLU U 671 66.98 -60.01 12.84
CA GLU U 671 66.75 -59.78 11.42
C GLU U 671 65.52 -60.57 10.99
N PHE U 672 65.05 -60.31 9.78
CA PHE U 672 63.95 -61.06 9.19
C PHE U 672 64.44 -62.06 8.14
N ALA U 673 63.86 -63.27 8.19
CA ALA U 673 64.20 -64.33 7.26
C ALA U 673 63.90 -63.98 5.81
N GLY U 674 62.96 -63.06 5.55
CA GLY U 674 62.59 -62.78 4.17
C GLY U 674 63.57 -61.86 3.47
N ARG U 675 64.17 -60.93 4.20
CA ARG U 675 65.23 -60.09 3.65
C ARG U 675 66.48 -60.90 3.36
N LEU U 676 66.82 -61.82 4.26
CA LEU U 676 67.89 -62.78 4.00
C LEU U 676 67.64 -63.61 2.75
N ASN U 677 66.39 -64.03 2.54
CA ASN U 677 66.01 -64.81 1.37
C ASN U 677 65.78 -63.98 0.12
N SER U 678 65.80 -62.65 0.24
CA SER U 678 65.37 -61.79 -0.86
C SER U 678 66.49 -61.67 -1.91
N VAL U 679 66.17 -62.07 -3.13
CA VAL U 679 67.02 -61.87 -4.31
C VAL U 679 66.14 -61.17 -5.34
N ASN U 680 66.69 -60.13 -5.98
CA ASN U 680 66.02 -59.20 -6.94
C ASN U 680 65.19 -58.21 -6.14
N ASN U 681 65.41 -58.14 -4.83
CA ASN U 681 64.83 -57.24 -3.84
C ASN U 681 63.39 -57.61 -3.50
N ARG U 682 62.56 -57.89 -4.50
CA ARG U 682 61.15 -58.22 -4.28
C ARG U 682 61.04 -59.46 -3.39
N ALA U 683 60.08 -59.45 -2.48
CA ALA U 683 59.90 -60.53 -1.52
C ALA U 683 58.59 -61.25 -1.77
N GLU U 684 58.55 -62.52 -1.35
CA GLU U 684 57.39 -63.38 -1.53
C GLU U 684 56.56 -63.42 -0.27
N LEU U 685 55.27 -63.15 -0.40
CA LEU U 685 54.33 -63.19 0.72
C LEU U 685 53.37 -64.36 0.48
N TYR U 686 53.02 -65.06 1.55
CA TYR U 686 52.18 -66.26 1.50
C TYR U 686 52.69 -67.27 0.46
N GLN U 687 53.92 -67.72 0.70
CA GLN U 687 54.60 -68.64 -0.21
C GLN U 687 53.80 -69.92 -0.46
N HIS U 688 53.07 -70.39 0.57
CA HIS U 688 52.23 -71.58 0.42
C HIS U 688 51.15 -71.37 -0.64
N LEU U 689 50.59 -70.16 -0.70
CA LEU U 689 49.54 -69.86 -1.69
C LEU U 689 50.13 -69.70 -3.08
ZN ZN V . 44.49 -43.34 3.71
ZN ZN W . 42.57 -42.11 4.05
MN MN X . -78.17 -9.72 -32.70
MN MN Y . -79.24 -9.07 -30.24
#